data_4V44
#
_entry.id   4V44
#
_cell.length_a   107.600
_cell.length_b   207.300
_cell.length_c   510.300
_cell.angle_alpha   90.00
_cell.angle_beta   95.00
_cell.angle_gamma   90.00
#
_symmetry.space_group_name_H-M   'P 1 21 1'
#
loop_
_entity.id
_entity.type
_entity.pdbx_description
1 polymer Beta-Galactosidase
2 branched 2-deoxy-2-fluoro-beta-D-galactopyranose-(1-4)-beta-D-glucopyranose
3 non-polymer 'MAGNESIUM ION'
4 non-polymer 'SODIUM ION'
5 water water
#
_entity_poly.entity_id   1
_entity_poly.type   'polypeptide(L)'
_entity_poly.pdbx_seq_one_letter_code
;TMITDSLAVVLQRRDWENPGVTQLNRLAAHPPFASWRNSEEARTDRPSQQLRSLNGEWRFAWFPAPEAVPESWLECDLPE
ADTVVVPSNWQMHGYDAPIYTNVTYPITVNPPFVPTENPTGCYSLTFNVDESWLQEGQTRIIFDGVNSAFHLWCNGRWVG
YGQDSRLPSEFDLSAFLRAGENRLAVMVLRWSDGSYLEDQDMWRMSGIFRDVSLLHKPTTQISDFHVATRFNDDFSRAVL
EAEVQMCGELRDYLRVTVSLWQGETQVASGTAPFGGEIIDERGGYADRVTLRLNVENPKLWSAEIPNLYRAVVELHTADG
TLIEAEACDVGFREVRIENGLLLLNGKPLLIRGVNRHEHHPLHGQVMDEQTMVQDILLMKQNNFNAVRCSHYPNHPLWYT
LCDRYGLYVVDEANIETHGMVPMNRLTDDPRWLPAMSERVTRMVQRDRNHPSVIIWSLGNESGHGANHDALYRWIKSVDP
SRPVQYEGGGADTTATDIICPMYARVDEDQPFPAVPKWSIKKWLSLPGETRPLILCEYAHAMGNSLGGFAKYWQAFRQYP
RLQGGFVWDWVDQSLIKYDENGNPWSAYGGDFGDTPNDRQFCMNGLVFADRTPHPALTEAKHQQQFFQFRLSGQTIEVTS
EYLFRHSDNELLHWMVALDGKPLASGEVPLDVAPQGKQLIELPELPQPESAGQLWLTVRVVQPNATAWSEAGHISAWQQW
RLAENLSVTLPAASHAIPHLTTSEMDF(CME)IELGNKRWQFNRQSGFLSQMWIGDKKQLLTPLRDQFTRAPLDNDIGVS
EATRIDPNAWVERWKAAGHYQAEAALLQCTADTLADAVLITTAHAWQHQGKTLFISRKTYRIDGSGQMAITVDVEVASDT
PHPARIGLNCQLAQVAERVNWLGLGPQENYPDRLTAA(CME)FDRWDLPLSDMYTPYVFPSENGLRCGTRELNYGPHQWR
GDFQFNISRYSQQQLMETSHRHLLHAEEGTWLNIDGFHMGIGGDDSWSPSVSAEFQLSAGRYHYQLVW(CME)QK
;
_entity_poly.pdbx_strand_id   A,B,C,D,E,F,G,H,I,J,K,L,M,N,O,P
#
loop_
_chem_comp.id
_chem_comp.type
_chem_comp.name
_chem_comp.formula
2FG D-saccharide, beta linking 2-deoxy-2-fluoro-beta-D-galactopyranose 'C6 H11 F O5'
BGC D-saccharide, beta linking beta-D-glucopyranose 'C6 H12 O6'
MG non-polymer 'MAGNESIUM ION' 'Mg 2'
NA non-polymer 'SODIUM ION' 'Na 1'
#
# COMPACT_ATOMS: atom_id res chain seq x y z
N ILE A 3 79.03 197.80 -6.43
CA ILE A 3 80.44 198.17 -6.16
C ILE A 3 81.50 197.42 -6.99
N THR A 4 81.30 196.11 -7.02
CA THR A 4 82.16 195.29 -7.80
C THR A 4 81.63 195.42 -9.19
N ASP A 5 80.47 196.06 -9.33
CA ASP A 5 79.89 196.30 -10.62
C ASP A 5 80.41 197.64 -11.13
N SER A 6 81.30 198.20 -10.34
CA SER A 6 81.84 199.49 -10.64
C SER A 6 82.89 199.48 -11.73
N LEU A 7 82.77 200.47 -12.59
CA LEU A 7 83.75 200.66 -13.62
C LEU A 7 85.12 200.55 -13.01
N ALA A 8 85.29 201.35 -12.02
CA ALA A 8 86.55 201.43 -11.37
C ALA A 8 87.17 200.07 -11.16
N VAL A 9 86.28 199.19 -10.81
CA VAL A 9 86.66 197.84 -10.51
C VAL A 9 86.78 196.96 -11.77
N VAL A 10 85.72 196.93 -12.55
CA VAL A 10 85.71 196.18 -13.76
C VAL A 10 86.92 196.51 -14.63
N LEU A 11 87.08 197.75 -14.96
CA LEU A 11 88.17 198.12 -15.81
C LEU A 11 89.50 197.90 -15.17
N GLN A 12 89.45 197.47 -13.95
CA GLN A 12 90.70 197.29 -13.33
C GLN A 12 91.53 196.28 -14.10
N ARG A 13 90.87 195.16 -14.36
CA ARG A 13 91.52 194.06 -15.01
C ARG A 13 92.04 194.28 -16.43
N ARG A 14 91.37 195.13 -17.20
CA ARG A 14 91.86 195.37 -18.53
C ARG A 14 91.91 194.09 -19.34
N ASP A 15 90.75 193.50 -19.41
CA ASP A 15 90.55 192.30 -20.13
C ASP A 15 90.88 192.46 -21.60
N TRP A 16 90.69 193.68 -22.06
CA TRP A 16 90.95 194.04 -23.43
C TRP A 16 92.43 194.14 -23.74
N GLU A 17 93.27 193.78 -22.78
CA GLU A 17 94.68 193.76 -23.06
C GLU A 17 95.22 192.41 -22.64
N ASN A 18 94.36 191.42 -22.80
CA ASN A 18 94.72 190.10 -22.41
C ASN A 18 94.06 189.03 -23.24
N PRO A 19 94.90 188.51 -24.14
CA PRO A 19 94.62 187.43 -25.06
C PRO A 19 94.08 186.22 -24.29
N GLY A 20 94.41 186.18 -23.01
CA GLY A 20 93.92 185.11 -22.17
C GLY A 20 92.44 185.33 -21.90
N VAL A 21 91.98 186.56 -22.01
CA VAL A 21 90.59 186.70 -21.77
C VAL A 21 89.91 187.15 -23.01
N THR A 22 89.04 186.30 -23.49
CA THR A 22 88.38 186.63 -24.72
C THR A 22 86.89 186.78 -24.56
N GLN A 23 86.44 186.37 -23.41
CA GLN A 23 85.05 186.46 -23.09
C GLN A 23 84.88 186.26 -21.60
N LEU A 24 83.69 186.60 -21.10
CA LEU A 24 83.34 186.45 -19.69
C LEU A 24 81.87 186.18 -19.60
N ASN A 25 81.54 185.04 -19.09
CA ASN A 25 80.13 184.71 -18.96
C ASN A 25 79.34 184.67 -20.23
N ARG A 26 80.02 184.56 -21.35
CA ARG A 26 79.32 184.47 -22.62
C ARG A 26 78.82 183.06 -22.80
N LEU A 27 77.62 182.89 -23.33
CA LEU A 27 77.11 181.53 -23.53
C LEU A 27 77.79 180.86 -24.71
N ALA A 28 77.45 179.60 -24.89
CA ALA A 28 78.00 178.83 -25.98
C ALA A 28 77.31 179.07 -27.30
N ALA A 29 78.14 178.91 -28.35
CA ALA A 29 77.78 179.08 -29.74
C ALA A 29 76.85 178.00 -30.28
N HIS A 30 76.12 178.27 -31.35
CA HIS A 30 75.20 177.29 -31.90
C HIS A 30 74.50 177.90 -33.09
N PRO A 31 73.79 177.06 -33.77
CA PRO A 31 73.04 177.53 -34.88
C PRO A 31 71.88 178.35 -34.36
N PRO A 32 71.32 179.05 -35.27
CA PRO A 32 70.22 179.93 -35.08
C PRO A 32 68.94 179.34 -34.54
N PHE A 33 68.52 179.95 -33.44
CA PHE A 33 67.29 179.61 -32.74
C PHE A 33 66.24 180.71 -32.81
N ALA A 34 64.97 180.28 -32.71
CA ALA A 34 63.82 181.16 -32.72
C ALA A 34 62.91 180.80 -31.55
N SER A 35 63.04 179.56 -31.12
CA SER A 35 62.22 179.08 -30.03
C SER A 35 60.77 179.12 -30.40
N TRP A 36 60.43 178.74 -31.62
CA TRP A 36 59.03 178.74 -31.93
C TRP A 36 58.35 177.89 -30.90
N ARG A 37 57.10 178.26 -30.65
CA ARG A 37 56.31 177.48 -29.73
C ARG A 37 55.18 176.81 -30.50
N ASN A 38 55.27 176.86 -31.81
CA ASN A 38 54.30 176.21 -32.68
C ASN A 38 55.02 175.69 -33.90
N SER A 39 54.74 174.42 -34.20
CA SER A 39 55.35 173.78 -35.32
C SER A 39 55.19 174.53 -36.65
N GLU A 40 53.94 174.68 -37.06
CA GLU A 40 53.65 175.34 -38.30
C GLU A 40 54.46 176.58 -38.53
N GLU A 41 54.52 177.37 -37.49
CA GLU A 41 55.26 178.60 -37.60
C GLU A 41 56.69 178.34 -37.96
N ALA A 42 57.30 177.56 -37.10
CA ALA A 42 58.66 177.19 -37.34
C ALA A 42 58.74 176.63 -38.74
N ARG A 43 57.82 175.78 -39.05
CA ARG A 43 57.85 175.17 -40.34
C ARG A 43 57.84 176.12 -41.49
N THR A 44 57.03 177.14 -41.37
CA THR A 44 56.89 178.11 -42.43
C THR A 44 57.72 179.31 -42.14
N ASP A 45 58.69 179.10 -41.30
CA ASP A 45 59.56 180.17 -40.96
C ASP A 45 58.82 181.45 -40.65
N ARG A 46 57.80 181.39 -39.79
CA ARG A 46 57.16 182.64 -39.45
C ARG A 46 58.05 183.34 -38.46
N PRO A 47 57.52 184.29 -37.75
CA PRO A 47 58.37 184.97 -36.81
C PRO A 47 58.03 184.59 -35.42
N SER A 48 59.05 184.32 -34.64
CA SER A 48 58.80 183.92 -33.29
C SER A 48 58.81 185.10 -32.37
N GLN A 49 57.92 185.00 -31.42
CA GLN A 49 57.80 186.02 -30.44
C GLN A 49 58.77 185.78 -29.33
N GLN A 50 59.44 184.63 -29.30
CA GLN A 50 60.40 184.47 -28.22
C GLN A 50 61.69 185.16 -28.64
N LEU A 51 61.56 185.74 -29.81
CA LEU A 51 62.62 186.48 -30.39
C LEU A 51 62.26 187.93 -30.57
N ARG A 52 63.06 188.80 -29.96
CA ARG A 52 62.75 190.20 -30.04
C ARG A 52 63.92 191.09 -30.38
N SER A 53 63.69 191.98 -31.34
CA SER A 53 64.77 192.87 -31.71
C SER A 53 64.87 194.09 -30.87
N LEU A 54 66.09 194.51 -30.59
CA LEU A 54 66.31 195.69 -29.80
C LEU A 54 66.89 196.77 -30.66
N ASN A 55 66.78 196.51 -31.94
CA ASN A 55 67.31 197.49 -32.85
C ASN A 55 66.39 198.66 -32.84
N GLY A 56 67.02 199.83 -32.95
CA GLY A 56 66.31 201.07 -33.00
C GLY A 56 67.12 202.18 -32.39
N GLU A 57 66.38 203.11 -31.82
CA GLU A 57 67.00 204.26 -31.20
C GLU A 57 67.60 203.92 -29.88
N TRP A 58 68.81 204.36 -29.68
CA TRP A 58 69.50 204.07 -28.45
C TRP A 58 70.23 205.30 -28.01
N ARG A 59 70.88 205.24 -26.89
CA ARG A 59 71.57 206.43 -26.46
C ARG A 59 73.03 206.24 -26.46
N PHE A 60 73.69 207.19 -27.09
CA PHE A 60 75.09 207.06 -27.27
C PHE A 60 75.93 208.18 -26.72
N ALA A 61 77.13 207.83 -26.31
CA ALA A 61 78.05 208.84 -25.86
C ALA A 61 79.45 208.34 -26.06
N TRP A 62 80.30 209.21 -26.52
CA TRP A 62 81.63 208.83 -26.86
C TRP A 62 82.72 209.37 -25.97
N PHE A 63 83.75 208.60 -25.74
CA PHE A 63 84.85 209.05 -24.90
C PHE A 63 86.13 208.57 -25.47
N PRO A 64 87.09 209.40 -25.35
CA PRO A 64 88.47 209.20 -25.78
C PRO A 64 89.14 208.03 -25.08
N ALA A 65 88.57 207.60 -23.96
CA ALA A 65 89.13 206.49 -23.22
C ALA A 65 88.11 205.94 -22.27
N PRO A 66 88.30 204.70 -21.96
CA PRO A 66 87.41 203.98 -21.08
C PRO A 66 87.42 204.61 -19.69
N GLU A 67 88.64 204.86 -19.23
CA GLU A 67 88.89 205.46 -17.93
C GLU A 67 88.09 206.77 -17.74
N ALA A 68 87.85 207.50 -18.81
CA ALA A 68 87.07 208.70 -18.70
C ALA A 68 85.58 208.44 -18.53
N VAL A 69 85.15 207.21 -18.38
CA VAL A 69 83.72 207.08 -18.22
C VAL A 69 83.27 207.34 -16.77
N PRO A 70 82.01 207.75 -16.63
CA PRO A 70 81.40 208.12 -15.37
C PRO A 70 80.43 207.12 -14.84
N GLU A 71 80.73 206.77 -13.61
CA GLU A 71 80.03 205.80 -12.87
C GLU A 71 78.53 205.99 -12.94
N SER A 72 78.20 207.24 -13.01
CA SER A 72 76.81 207.63 -13.14
C SER A 72 76.19 206.90 -14.28
N TRP A 73 77.00 206.79 -15.34
CA TRP A 73 76.61 206.19 -16.58
C TRP A 73 75.86 204.90 -16.33
N LEU A 74 76.37 204.19 -15.34
CA LEU A 74 75.85 202.90 -14.96
C LEU A 74 74.44 202.96 -14.47
N GLU A 75 74.22 204.04 -13.76
CA GLU A 75 72.96 204.29 -13.16
C GLU A 75 72.08 205.11 -14.01
N CYS A 76 72.66 206.21 -14.45
CA CYS A 76 71.88 207.14 -15.17
C CYS A 76 72.40 207.45 -16.51
N ASP A 77 71.42 207.65 -17.39
CA ASP A 77 71.68 208.06 -18.74
C ASP A 77 72.37 209.40 -18.74
N LEU A 78 73.09 209.71 -19.78
CA LEU A 78 73.72 211.00 -19.71
C LEU A 78 72.89 212.11 -20.29
N PRO A 79 73.31 213.29 -19.93
CA PRO A 79 72.66 214.48 -20.35
C PRO A 79 73.11 214.78 -21.76
N GLU A 80 74.42 214.66 -21.91
CA GLU A 80 75.10 214.90 -23.16
C GLU A 80 75.01 213.70 -24.10
N ALA A 81 74.24 212.72 -23.70
CA ALA A 81 74.06 211.57 -24.55
C ALA A 81 73.25 211.96 -25.76
N ASP A 82 73.50 211.28 -26.88
CA ASP A 82 72.76 211.51 -28.09
C ASP A 82 71.87 210.36 -28.37
N THR A 83 70.91 210.59 -29.19
CA THR A 83 70.08 209.48 -29.54
C THR A 83 70.54 209.00 -30.87
N VAL A 84 70.81 207.69 -30.95
CA VAL A 84 71.35 207.05 -32.14
C VAL A 84 70.62 205.79 -32.53
N VAL A 85 70.79 205.47 -33.81
CA VAL A 85 70.23 204.25 -34.29
C VAL A 85 71.24 203.13 -34.28
N VAL A 86 70.73 202.00 -33.84
CA VAL A 86 71.51 200.82 -33.75
C VAL A 86 70.80 199.75 -34.56
N PRO A 87 71.57 198.97 -35.33
CA PRO A 87 73.04 198.98 -35.34
C PRO A 87 73.65 200.05 -36.20
N SER A 88 74.93 200.32 -35.90
CA SER A 88 75.65 201.33 -36.64
C SER A 88 77.13 201.45 -36.29
N ASN A 89 77.83 202.24 -37.13
CA ASN A 89 79.24 202.49 -36.88
C ASN A 89 79.41 203.91 -36.44
N TRP A 90 79.92 204.02 -35.27
CA TRP A 90 80.05 205.33 -34.75
C TRP A 90 80.82 206.32 -35.61
N GLN A 91 81.82 205.85 -36.34
CA GLN A 91 82.57 206.74 -37.20
C GLN A 91 81.64 207.30 -38.25
N MET A 92 80.59 206.54 -38.52
CA MET A 92 79.65 206.97 -39.53
C MET A 92 78.78 208.12 -39.05
N HIS A 93 78.90 208.42 -37.77
CA HIS A 93 78.12 209.48 -37.17
C HIS A 93 78.96 210.64 -36.77
N GLY A 94 80.18 210.64 -37.25
CA GLY A 94 81.08 211.72 -36.99
C GLY A 94 81.76 211.60 -35.66
N TYR A 95 81.51 210.54 -34.89
CA TYR A 95 82.19 210.52 -33.62
C TYR A 95 83.71 210.56 -33.61
N ASP A 96 84.27 209.86 -34.56
CA ASP A 96 85.71 209.83 -34.80
C ASP A 96 85.88 209.38 -36.22
N ALA A 97 87.15 209.28 -36.61
CA ALA A 97 87.45 208.90 -37.97
C ALA A 97 87.58 207.42 -38.24
N PRO A 98 87.18 207.07 -39.44
CA PRO A 98 87.34 205.72 -39.92
C PRO A 98 88.73 205.71 -40.48
N ILE A 99 89.40 204.60 -40.32
CA ILE A 99 90.74 204.50 -40.84
C ILE A 99 90.85 203.49 -41.96
N TYR A 100 91.69 203.90 -42.90
CA TYR A 100 91.98 203.06 -44.00
C TYR A 100 93.45 202.75 -44.22
N THR A 101 93.87 201.64 -43.62
CA THR A 101 95.17 201.02 -43.83
C THR A 101 94.85 199.60 -44.28
N ASN A 102 95.86 199.00 -44.91
CA ASN A 102 95.77 197.66 -45.43
C ASN A 102 96.54 196.64 -44.60
N VAL A 103 97.85 196.82 -44.58
CA VAL A 103 98.70 195.92 -43.86
C VAL A 103 99.05 196.43 -42.49
N THR A 104 99.56 197.64 -42.50
CA THR A 104 99.98 198.30 -41.31
C THR A 104 98.87 198.46 -40.30
N TYR A 105 99.17 198.04 -39.08
CA TYR A 105 98.20 198.15 -38.03
C TYR A 105 97.91 199.61 -37.74
N PRO A 106 96.64 199.87 -37.47
CA PRO A 106 96.19 201.18 -37.14
C PRO A 106 96.82 201.64 -35.84
N ILE A 107 97.17 200.70 -34.99
CA ILE A 107 97.77 201.09 -33.74
C ILE A 107 99.19 200.60 -33.67
N THR A 108 99.85 200.99 -32.61
CA THR A 108 101.23 200.56 -32.44
C THR A 108 101.32 199.11 -32.11
N VAL A 109 102.32 198.50 -32.71
CA VAL A 109 102.46 197.09 -32.48
C VAL A 109 103.14 196.67 -31.20
N ASN A 110 102.31 196.30 -30.24
CA ASN A 110 102.85 195.89 -28.99
C ASN A 110 101.90 195.02 -28.22
N PRO A 111 101.63 193.93 -28.84
CA PRO A 111 100.75 192.97 -28.27
C PRO A 111 101.28 192.59 -26.90
N PRO A 112 100.32 192.43 -26.03
CA PRO A 112 98.92 192.52 -26.42
C PRO A 112 98.35 193.84 -26.04
N PHE A 113 99.20 194.83 -26.09
CA PHE A 113 98.80 196.15 -25.71
C PHE A 113 98.20 196.98 -26.78
N VAL A 114 97.14 197.61 -26.33
CA VAL A 114 96.35 198.56 -27.05
C VAL A 114 96.75 199.96 -26.54
N PRO A 115 96.42 201.00 -27.26
CA PRO A 115 96.78 202.35 -26.85
C PRO A 115 95.85 202.94 -25.81
N THR A 116 96.48 203.63 -24.85
CA THR A 116 95.82 204.26 -23.72
C THR A 116 94.59 205.06 -24.12
N GLU A 117 94.71 205.74 -25.25
CA GLU A 117 93.59 206.49 -25.77
C GLU A 117 92.81 205.56 -26.65
N ASN A 118 91.81 204.99 -26.07
CA ASN A 118 91.08 204.07 -26.82
C ASN A 118 89.63 204.43 -26.73
N PRO A 119 89.22 204.92 -27.83
CA PRO A 119 87.87 205.40 -28.05
C PRO A 119 86.82 204.47 -27.55
N THR A 120 86.06 204.97 -26.60
CA THR A 120 85.00 204.21 -26.02
C THR A 120 83.61 204.69 -26.41
N GLY A 121 82.72 203.77 -26.68
CA GLY A 121 81.37 204.15 -27.05
C GLY A 121 80.38 203.60 -26.06
N CYS A 122 79.72 204.49 -25.32
CA CYS A 122 78.75 204.04 -24.35
C CYS A 122 77.37 204.04 -24.90
N TYR A 123 76.89 202.84 -25.06
CA TYR A 123 75.57 202.65 -25.59
C TYR A 123 74.68 202.27 -24.46
N SER A 124 73.44 202.71 -24.53
CA SER A 124 72.51 202.44 -23.46
C SER A 124 71.11 202.30 -23.96
N LEU A 125 70.39 201.46 -23.28
CA LEU A 125 69.05 201.27 -23.69
C LEU A 125 68.11 200.78 -22.62
N THR A 126 67.00 201.50 -22.61
CA THR A 126 65.96 201.26 -21.66
C THR A 126 64.79 200.61 -22.32
N PHE A 127 64.37 199.52 -21.72
CA PHE A 127 63.29 198.80 -22.32
C PHE A 127 62.54 198.03 -21.28
N ASN A 128 61.40 197.63 -21.80
CA ASN A 128 60.42 196.93 -21.08
C ASN A 128 60.38 195.49 -21.40
N VAL A 129 60.13 194.71 -20.37
CA VAL A 129 60.06 193.29 -20.51
C VAL A 129 58.74 192.75 -20.06
N ASP A 130 58.14 191.90 -20.88
CA ASP A 130 56.91 191.28 -20.41
C ASP A 130 57.32 190.45 -19.20
N GLU A 131 56.44 190.36 -18.24
CA GLU A 131 56.81 189.60 -17.08
C GLU A 131 56.60 188.13 -17.27
N SER A 132 55.69 187.79 -18.18
CA SER A 132 55.47 186.39 -18.39
C SER A 132 56.82 185.71 -18.63
N TRP A 133 57.66 186.43 -19.34
CA TRP A 133 58.99 186.00 -19.65
C TRP A 133 59.79 185.90 -18.37
N LEU A 134 59.45 186.80 -17.49
CA LEU A 134 60.14 186.88 -16.25
C LEU A 134 59.76 185.74 -15.33
N GLN A 135 58.60 185.17 -15.59
CA GLN A 135 58.16 184.09 -14.75
C GLN A 135 58.94 182.84 -15.01
N GLU A 136 58.67 182.27 -16.16
CA GLU A 136 59.33 181.03 -16.54
C GLU A 136 60.34 181.18 -17.68
N GLY A 137 61.11 180.12 -17.90
CA GLY A 137 62.06 180.07 -18.98
C GLY A 137 63.32 180.90 -18.77
N GLN A 138 64.02 181.06 -19.90
CA GLN A 138 65.25 181.79 -19.93
C GLN A 138 65.32 182.86 -20.98
N THR A 139 65.87 183.95 -20.50
CA THR A 139 66.00 185.09 -21.31
C THR A 139 67.42 185.57 -21.47
N ARG A 140 67.77 185.60 -22.74
CA ARG A 140 69.08 186.03 -23.09
C ARG A 140 69.09 187.04 -24.20
N ILE A 141 70.20 187.74 -24.13
CA ILE A 141 70.46 188.73 -25.10
C ILE A 141 71.51 188.30 -26.09
N ILE A 142 71.37 188.85 -27.28
CA ILE A 142 72.28 188.51 -28.34
C ILE A 142 72.77 189.65 -29.20
N PHE A 143 74.08 189.76 -29.18
CA PHE A 143 74.77 190.73 -30.00
C PHE A 143 75.35 190.08 -31.24
N ASP A 144 74.73 190.35 -32.37
CA ASP A 144 75.24 189.79 -33.58
C ASP A 144 76.58 190.29 -34.00
N GLY A 145 76.96 191.46 -33.54
CA GLY A 145 78.24 192.02 -33.90
C GLY A 145 78.56 193.36 -33.24
N VAL A 146 79.69 193.33 -32.50
CA VAL A 146 80.24 194.46 -31.76
C VAL A 146 81.75 194.54 -31.94
N ASN A 147 82.19 195.62 -32.47
CA ASN A 147 83.59 195.76 -32.76
C ASN A 147 84.23 196.86 -31.93
N SER A 148 85.33 196.55 -31.23
CA SER A 148 85.96 195.25 -31.26
C SER A 148 85.72 194.40 -30.03
N ALA A 149 85.69 195.05 -28.88
CA ALA A 149 85.49 194.38 -27.59
C ALA A 149 84.45 195.13 -26.74
N PHE A 150 83.94 194.48 -25.69
CA PHE A 150 82.99 195.20 -24.86
C PHE A 150 82.54 194.50 -23.61
N HIS A 151 82.13 195.37 -22.65
CA HIS A 151 81.62 195.03 -21.33
C HIS A 151 80.14 195.26 -21.26
N LEU A 152 79.49 194.52 -20.42
CA LEU A 152 78.06 194.71 -20.42
C LEU A 152 77.40 194.73 -19.04
N TRP A 153 76.43 195.65 -18.93
CA TRP A 153 75.65 195.80 -17.71
C TRP A 153 74.18 195.84 -17.95
N CYS A 154 73.50 195.30 -16.97
CA CYS A 154 72.07 195.27 -17.03
C CYS A 154 71.50 195.62 -15.70
N ASN A 155 70.67 196.67 -15.77
CA ASN A 155 70.03 197.22 -14.59
C ASN A 155 71.11 197.49 -13.55
N GLY A 156 72.22 198.09 -13.99
CA GLY A 156 73.29 198.46 -13.08
C GLY A 156 74.25 197.36 -12.73
N ARG A 157 73.86 196.16 -13.12
CA ARG A 157 74.70 195.03 -12.82
C ARG A 157 75.62 194.58 -13.95
N TRP A 158 76.88 194.33 -13.56
CA TRP A 158 77.87 193.87 -14.51
C TRP A 158 77.54 192.47 -15.00
N VAL A 159 77.63 192.27 -16.30
CA VAL A 159 77.23 190.97 -16.82
C VAL A 159 78.31 190.14 -17.47
N GLY A 160 78.98 190.71 -18.44
CA GLY A 160 79.98 189.95 -19.10
C GLY A 160 80.83 190.80 -20.01
N TYR A 161 81.68 190.07 -20.72
CA TYR A 161 82.64 190.64 -21.63
C TYR A 161 82.73 189.77 -22.84
N GLY A 162 83.16 190.36 -23.96
CA GLY A 162 83.30 189.61 -25.22
C GLY A 162 84.30 190.18 -26.23
N GLN A 163 84.91 189.28 -27.03
CA GLN A 163 85.87 189.63 -28.09
C GLN A 163 85.41 188.97 -29.41
N ASP A 164 86.01 189.38 -30.53
CA ASP A 164 85.70 188.89 -31.86
C ASP A 164 84.53 189.64 -32.48
N SER A 165 84.89 190.66 -33.22
CA SER A 165 83.88 191.49 -33.84
C SER A 165 82.97 190.79 -34.79
N ARG A 166 83.30 189.61 -35.30
CA ARG A 166 82.40 189.05 -36.30
C ARG A 166 81.44 187.97 -35.92
N LEU A 167 81.49 187.51 -34.68
CA LEU A 167 80.52 186.51 -34.28
C LEU A 167 79.67 186.98 -33.12
N PRO A 168 78.54 186.35 -32.95
CA PRO A 168 77.58 186.65 -31.93
C PRO A 168 78.08 186.42 -30.54
N SER A 169 77.49 187.20 -29.62
CA SER A 169 77.78 187.10 -28.22
C SER A 169 76.47 186.96 -27.47
N GLU A 170 76.40 185.92 -26.66
CA GLU A 170 75.19 185.72 -25.95
C GLU A 170 75.35 185.66 -24.47
N PHE A 171 74.35 186.28 -23.85
CA PHE A 171 74.23 186.28 -22.42
C PHE A 171 72.83 186.10 -21.91
N ASP A 172 72.81 185.38 -20.79
CA ASP A 172 71.64 185.07 -20.01
C ASP A 172 71.38 186.22 -19.08
N LEU A 173 70.24 186.85 -19.32
CA LEU A 173 69.85 188.01 -18.56
C LEU A 173 68.91 187.71 -17.40
N SER A 174 68.36 186.51 -17.52
CA SER A 174 67.40 185.91 -16.63
C SER A 174 67.48 186.43 -15.18
N ALA A 175 68.69 186.52 -14.67
CA ALA A 175 68.84 186.99 -13.31
C ALA A 175 68.93 188.49 -13.15
N PHE A 176 68.86 189.30 -14.22
CA PHE A 176 69.00 190.72 -14.00
C PHE A 176 67.80 191.48 -14.41
N LEU A 177 66.86 190.75 -14.90
CA LEU A 177 65.71 191.45 -15.33
C LEU A 177 64.67 191.67 -14.27
N ARG A 178 64.08 192.86 -14.37
CA ARG A 178 62.98 193.31 -13.53
C ARG A 178 61.81 193.40 -14.44
N ALA A 179 60.62 193.32 -13.88
CA ALA A 179 59.50 193.49 -14.76
C ALA A 179 59.42 194.96 -15.11
N GLY A 180 58.92 195.19 -16.31
CA GLY A 180 58.82 196.54 -16.80
C GLY A 180 60.13 197.07 -17.33
N GLU A 181 60.52 198.19 -16.75
CA GLU A 181 61.68 198.90 -17.19
C GLU A 181 63.03 198.38 -16.82
N ASN A 182 63.83 198.17 -17.87
CA ASN A 182 65.20 197.76 -17.68
C ASN A 182 66.10 198.60 -18.52
N ARG A 183 67.34 198.63 -18.06
CA ARG A 183 68.34 199.40 -18.75
C ARG A 183 69.65 198.63 -18.97
N LEU A 184 70.08 198.70 -20.25
CA LEU A 184 71.32 198.12 -20.70
C LEU A 184 72.42 199.14 -20.85
N ALA A 185 73.59 198.77 -20.40
CA ALA A 185 74.74 199.64 -20.59
C ALA A 185 75.92 198.88 -21.11
N VAL A 186 76.19 199.19 -22.37
CA VAL A 186 77.22 198.58 -23.13
C VAL A 186 78.36 199.47 -23.43
N MET A 187 79.49 199.10 -22.90
CA MET A 187 80.64 199.88 -23.17
C MET A 187 81.48 199.15 -24.20
N VAL A 188 81.62 199.77 -25.36
CA VAL A 188 82.34 199.21 -26.50
C VAL A 188 83.70 199.82 -26.74
N LEU A 189 84.72 199.02 -27.09
CA LEU A 189 86.03 199.61 -27.33
C LEU A 189 86.64 199.39 -28.69
N ARG A 190 87.30 200.44 -29.17
CA ARG A 190 87.94 200.35 -30.47
C ARG A 190 89.01 199.31 -30.46
N TRP A 191 90.06 199.55 -29.73
CA TRP A 191 91.12 198.59 -29.66
C TRP A 191 90.96 197.60 -28.55
N SER A 192 91.49 196.39 -28.77
CA SER A 192 91.50 195.29 -27.81
C SER A 192 92.55 194.31 -28.26
N ASP A 193 92.85 193.30 -27.48
CA ASP A 193 93.83 192.36 -27.96
C ASP A 193 93.33 191.72 -29.27
N GLY A 194 91.98 191.57 -29.39
CA GLY A 194 91.30 191.03 -30.58
C GLY A 194 91.73 191.73 -31.86
N SER A 195 92.04 192.98 -31.70
CA SER A 195 92.45 193.78 -32.82
C SER A 195 93.67 193.17 -33.46
N TYR A 196 94.58 192.66 -32.64
CA TYR A 196 95.74 192.06 -33.24
C TYR A 196 95.37 190.94 -34.24
N LEU A 197 94.19 190.35 -34.11
CA LEU A 197 93.75 189.31 -34.99
C LEU A 197 92.79 189.80 -36.00
N GLU A 198 92.70 191.11 -36.13
CA GLU A 198 91.73 191.59 -37.10
C GLU A 198 92.33 192.62 -38.03
N ASP A 199 93.47 192.30 -38.62
CA ASP A 199 94.13 193.26 -39.49
C ASP A 199 93.70 193.27 -40.94
N GLN A 200 92.44 192.96 -41.22
CA GLN A 200 91.98 192.97 -42.62
C GLN A 200 92.15 194.29 -43.33
N ASP A 201 92.54 194.25 -44.62
CA ASP A 201 92.65 195.46 -45.42
C ASP A 201 91.26 195.97 -45.78
N MET A 202 90.75 196.78 -44.85
CA MET A 202 89.43 197.37 -44.94
C MET A 202 89.43 198.60 -44.06
N TRP A 203 88.29 199.28 -44.04
CA TRP A 203 88.15 200.44 -43.21
C TRP A 203 88.07 199.95 -41.79
N ARG A 204 88.78 200.66 -40.92
CA ARG A 204 88.75 200.30 -39.52
C ARG A 204 87.68 201.16 -38.84
N MET A 205 86.63 200.53 -38.41
CA MET A 205 85.53 201.18 -37.76
C MET A 205 85.23 200.55 -36.42
N SER A 206 84.04 200.85 -35.85
CA SER A 206 83.63 200.31 -34.55
C SER A 206 82.21 200.61 -34.17
N GLY A 207 81.74 199.84 -33.18
CA GLY A 207 80.39 199.99 -32.68
C GLY A 207 79.56 198.73 -32.69
N ILE A 208 78.26 198.93 -32.53
CA ILE A 208 77.33 197.83 -32.54
C ILE A 208 76.70 197.85 -33.89
N PHE A 209 77.39 197.13 -34.76
CA PHE A 209 77.04 197.15 -36.16
C PHE A 209 76.20 196.02 -36.63
N ARG A 210 75.81 195.16 -35.71
CA ARG A 210 74.93 194.09 -36.10
C ARG A 210 73.79 194.03 -35.11
N ASP A 211 72.74 193.38 -35.52
CA ASP A 211 71.55 193.22 -34.72
C ASP A 211 71.75 192.86 -33.27
N VAL A 212 70.72 193.27 -32.49
CA VAL A 212 70.59 193.02 -31.06
C VAL A 212 69.23 192.46 -30.78
N SER A 213 69.23 191.36 -29.99
CA SER A 213 67.98 190.71 -29.73
C SER A 213 67.85 190.02 -28.42
N LEU A 214 66.60 189.60 -28.21
CA LEU A 214 66.24 188.90 -27.03
C LEU A 214 65.58 187.64 -27.37
N LEU A 215 66.04 186.66 -26.65
CA LEU A 215 65.49 185.37 -26.85
C LEU A 215 65.01 184.72 -25.58
N HIS A 216 63.78 184.27 -25.72
CA HIS A 216 63.10 183.61 -24.65
C HIS A 216 63.03 182.13 -24.90
N LYS A 217 63.71 181.41 -24.03
CA LYS A 217 63.71 179.98 -24.17
C LYS A 217 63.28 179.28 -22.91
N PRO A 218 62.65 178.12 -23.11
CA PRO A 218 62.20 177.27 -22.03
C PRO A 218 63.40 176.82 -21.21
N THR A 219 63.19 176.48 -19.96
CA THR A 219 64.29 176.05 -19.11
C THR A 219 64.90 174.75 -19.58
N THR A 220 64.02 173.93 -20.08
CA THR A 220 64.41 172.69 -20.66
C THR A 220 64.24 172.89 -22.15
N GLN A 221 65.36 172.98 -22.85
CA GLN A 221 65.32 173.30 -24.26
C GLN A 221 66.36 172.60 -25.11
N ILE A 222 66.17 172.82 -26.40
CA ILE A 222 67.08 172.38 -27.42
C ILE A 222 68.30 173.25 -27.36
N SER A 223 69.44 172.66 -27.07
CA SER A 223 70.63 173.46 -26.94
C SER A 223 71.46 173.54 -28.21
N ASP A 224 71.25 172.56 -29.10
CA ASP A 224 72.03 172.49 -30.31
C ASP A 224 71.63 171.34 -31.19
N PHE A 225 71.85 171.49 -32.48
CA PHE A 225 71.55 170.41 -33.39
C PHE A 225 72.35 170.47 -34.66
N HIS A 226 72.63 169.30 -35.25
CA HIS A 226 73.36 169.22 -36.51
C HIS A 226 72.69 168.30 -37.45
N VAL A 227 72.88 168.64 -38.69
CA VAL A 227 72.34 167.90 -39.76
C VAL A 227 73.39 167.38 -40.69
N ALA A 228 73.15 166.20 -41.26
CA ALA A 228 74.08 165.58 -42.19
C ALA A 228 73.40 164.70 -43.19
N THR A 229 73.91 164.73 -44.42
CA THR A 229 73.36 163.90 -45.47
C THR A 229 74.34 162.91 -46.03
N ARG A 230 73.86 161.71 -46.24
CA ARG A 230 74.71 160.70 -46.79
C ARG A 230 74.06 160.11 -48.01
N PHE A 231 74.84 159.68 -49.00
CA PHE A 231 74.18 159.13 -50.19
C PHE A 231 74.69 157.79 -50.63
N ASN A 232 73.94 157.21 -51.55
CA ASN A 232 74.36 155.98 -52.17
C ASN A 232 75.18 156.40 -53.37
N ASP A 233 75.94 155.49 -53.90
CA ASP A 233 76.79 155.78 -55.03
C ASP A 233 76.15 156.60 -56.13
N ASP A 234 74.84 156.57 -56.28
CA ASP A 234 74.31 157.34 -57.38
C ASP A 234 73.39 158.45 -56.93
N PHE A 235 73.35 158.68 -55.64
CA PHE A 235 72.50 159.72 -55.14
C PHE A 235 71.05 159.40 -55.34
N SER A 236 70.74 158.13 -55.44
CA SER A 236 69.36 157.82 -55.61
C SER A 236 68.67 157.72 -54.26
N ARG A 237 69.49 157.67 -53.21
CA ARG A 237 69.00 157.58 -51.84
C ARG A 237 69.93 158.23 -50.85
N ALA A 238 69.31 158.93 -49.92
CA ALA A 238 70.05 159.62 -48.91
C ALA A 238 69.62 159.32 -47.50
N VAL A 239 70.47 159.75 -46.60
CA VAL A 239 70.14 159.63 -45.25
C VAL A 239 70.34 160.92 -44.54
N LEU A 240 69.25 161.40 -43.99
CA LEU A 240 69.36 162.58 -43.24
C LEU A 240 69.64 162.19 -41.81
N GLU A 241 70.69 162.71 -41.28
CA GLU A 241 70.99 162.33 -39.95
C GLU A 241 71.13 163.56 -39.08
N ALA A 242 70.31 163.58 -38.02
CA ALA A 242 70.27 164.73 -37.12
C ALA A 242 70.61 164.42 -35.70
N GLU A 243 71.43 165.27 -35.15
CA GLU A 243 71.80 165.07 -33.80
C GLU A 243 71.35 166.25 -33.02
N VAL A 244 70.69 165.92 -31.92
CA VAL A 244 70.13 166.94 -31.09
C VAL A 244 70.58 166.88 -29.68
N GLN A 245 70.84 168.07 -29.17
CA GLN A 245 71.23 168.18 -27.80
C GLN A 245 70.29 169.08 -27.06
N MET A 246 70.07 168.70 -25.81
CA MET A 246 69.20 169.45 -24.94
C MET A 246 69.91 169.94 -23.70
N CYS A 247 69.31 170.97 -23.15
CA CYS A 247 69.76 171.56 -21.93
C CYS A 247 68.58 171.56 -21.02
N GLY A 248 68.80 171.34 -19.75
CA GLY A 248 67.69 171.35 -18.83
C GLY A 248 67.50 170.15 -17.92
N GLU A 249 66.25 169.92 -17.61
CA GLU A 249 65.86 168.86 -16.74
C GLU A 249 65.56 167.60 -17.49
N LEU A 250 66.44 166.66 -17.37
CA LEU A 250 66.22 165.43 -18.06
C LEU A 250 65.12 164.60 -17.45
N ARG A 251 64.19 164.17 -18.30
CA ARG A 251 63.05 163.37 -17.90
C ARG A 251 62.68 162.40 -18.97
N ASP A 252 62.32 161.24 -18.54
CA ASP A 252 61.95 160.18 -19.46
C ASP A 252 60.73 160.41 -20.32
N TYR A 253 60.00 161.49 -20.15
CA TYR A 253 58.86 161.61 -21.02
C TYR A 253 59.16 162.52 -22.17
N LEU A 254 60.41 162.94 -22.21
CA LEU A 254 60.86 163.81 -23.25
C LEU A 254 61.07 163.07 -24.52
N ARG A 255 60.72 163.76 -25.58
CA ARG A 255 60.87 163.23 -26.89
C ARG A 255 61.34 164.26 -27.89
N VAL A 256 61.78 163.74 -29.02
CA VAL A 256 62.23 164.57 -30.08
C VAL A 256 61.72 164.07 -31.38
N THR A 257 61.26 165.02 -32.15
CA THR A 257 60.77 164.67 -33.43
C THR A 257 61.33 165.55 -34.49
N VAL A 258 61.75 164.85 -35.53
CA VAL A 258 62.35 165.51 -36.62
C VAL A 258 61.61 165.13 -37.84
N SER A 259 61.18 166.17 -38.52
CA SER A 259 60.40 166.01 -39.69
C SER A 259 60.97 166.78 -40.85
N LEU A 260 60.85 166.11 -41.97
CA LEU A 260 61.35 166.66 -43.15
C LEU A 260 60.23 167.02 -44.06
N TRP A 261 60.37 168.21 -44.57
CA TRP A 261 59.37 168.72 -45.45
C TRP A 261 59.85 169.23 -46.77
N GLN A 262 59.00 168.95 -47.72
CA GLN A 262 59.17 169.37 -49.07
C GLN A 262 58.04 170.32 -49.37
N GLY A 263 58.26 171.52 -48.90
CA GLY A 263 57.24 172.50 -49.06
C GLY A 263 56.04 172.09 -48.24
N GLU A 264 55.01 171.68 -48.94
CA GLU A 264 53.79 171.32 -48.27
C GLU A 264 53.80 169.92 -47.76
N THR A 265 54.57 169.12 -48.42
CA THR A 265 54.63 167.75 -48.08
C THR A 265 55.64 167.35 -47.04
N GLN A 266 55.16 166.46 -46.20
CA GLN A 266 56.03 165.94 -45.22
C GLN A 266 56.60 164.68 -45.78
N VAL A 267 57.91 164.68 -45.89
CA VAL A 267 58.66 163.62 -46.50
C VAL A 267 59.12 162.55 -45.56
N ALA A 268 59.40 162.97 -44.33
CA ALA A 268 59.86 162.01 -43.36
C ALA A 268 59.86 162.58 -41.99
N SER A 269 59.63 161.65 -41.09
CA SER A 269 59.61 162.00 -39.71
C SER A 269 60.23 160.92 -38.88
N GLY A 270 60.63 161.33 -37.70
CA GLY A 270 61.22 160.42 -36.77
C GLY A 270 61.08 160.95 -35.37
N THR A 271 60.83 160.02 -34.46
CA THR A 271 60.67 160.42 -33.09
C THR A 271 61.44 159.55 -32.17
N ALA A 272 61.96 160.16 -31.11
CA ALA A 272 62.70 159.39 -30.15
C ALA A 272 62.98 160.15 -28.89
N PRO A 273 63.42 159.38 -27.92
CA PRO A 273 63.75 159.83 -26.60
C PRO A 273 65.24 160.01 -26.50
N PHE A 274 65.66 160.83 -25.55
CA PHE A 274 67.07 161.09 -25.39
C PHE A 274 67.86 159.88 -25.02
N GLY A 275 69.16 160.00 -25.21
CA GLY A 275 70.07 158.91 -24.91
C GLY A 275 70.65 158.34 -26.18
N GLY A 276 71.99 158.48 -26.27
CA GLY A 276 72.80 158.03 -27.39
C GLY A 276 73.40 156.63 -27.26
N GLU A 277 74.17 156.25 -28.29
CA GLU A 277 74.82 154.97 -28.28
C GLU A 277 76.06 155.10 -27.46
N ILE A 278 76.57 153.97 -27.01
CA ILE A 278 77.75 153.98 -26.21
C ILE A 278 78.88 154.55 -26.98
N ILE A 279 79.67 155.37 -26.33
CA ILE A 279 80.76 155.93 -27.07
C ILE A 279 82.07 155.53 -26.46
N ASP A 280 82.08 155.26 -25.17
CA ASP A 280 83.33 154.88 -24.62
C ASP A 280 83.11 154.07 -23.39
N GLU A 281 84.16 153.88 -22.63
CA GLU A 281 84.03 153.10 -21.44
C GLU A 281 82.99 153.59 -20.43
N ARG A 282 82.67 154.90 -20.43
CA ARG A 282 81.70 155.44 -19.50
C ARG A 282 80.28 155.45 -19.98
N GLY A 283 80.05 155.17 -21.25
CA GLY A 283 78.70 155.14 -21.77
C GLY A 283 78.54 156.10 -22.93
N GLY A 284 77.36 156.74 -22.99
CA GLY A 284 77.01 157.71 -24.01
C GLY A 284 76.47 159.05 -23.47
N TYR A 285 75.81 159.80 -24.35
CA TYR A 285 75.21 161.08 -24.02
C TYR A 285 73.74 160.84 -23.75
N ALA A 286 73.39 161.04 -22.51
CA ALA A 286 72.04 160.88 -22.05
C ALA A 286 71.16 161.99 -22.57
N ASP A 287 71.83 163.12 -22.74
CA ASP A 287 71.22 164.34 -23.19
C ASP A 287 71.39 164.57 -24.66
N ARG A 288 71.51 163.52 -25.44
CA ARG A 288 71.58 163.75 -26.86
C ARG A 288 70.80 162.68 -27.53
N VAL A 289 70.54 162.90 -28.78
CA VAL A 289 69.83 161.90 -29.53
C VAL A 289 70.07 162.11 -31.01
N THR A 290 70.10 161.03 -31.76
CA THR A 290 70.37 161.15 -33.16
C THR A 290 69.36 160.46 -34.03
N LEU A 291 68.79 161.16 -34.98
CA LEU A 291 67.84 160.47 -35.80
C LEU A 291 68.33 160.32 -37.19
N ARG A 292 67.84 159.28 -37.81
CA ARG A 292 68.23 159.03 -39.16
C ARG A 292 67.05 158.89 -40.07
N LEU A 293 66.89 159.82 -41.00
CA LEU A 293 65.77 159.73 -41.91
C LEU A 293 66.22 159.29 -43.26
N ASN A 294 65.46 158.39 -43.81
CA ASN A 294 65.79 157.93 -45.13
C ASN A 294 65.03 158.69 -46.16
N VAL A 295 65.70 159.01 -47.26
CA VAL A 295 65.03 159.71 -48.32
C VAL A 295 65.31 159.14 -49.68
N GLU A 296 64.24 158.78 -50.36
CA GLU A 296 64.41 158.26 -51.68
C GLU A 296 64.39 159.36 -52.70
N ASN A 297 65.23 159.21 -53.70
CA ASN A 297 65.31 160.18 -54.77
C ASN A 297 65.23 161.61 -54.32
N PRO A 298 66.09 161.94 -53.40
CA PRO A 298 66.14 163.28 -52.88
C PRO A 298 66.46 164.22 -54.01
N LYS A 299 66.06 165.47 -53.80
CA LYS A 299 66.33 166.53 -54.73
C LYS A 299 67.58 167.23 -54.26
N LEU A 300 68.55 167.25 -55.13
CA LEU A 300 69.80 167.81 -54.74
C LEU A 300 69.93 169.29 -54.80
N TRP A 301 70.71 169.79 -53.88
CA TRP A 301 70.92 171.19 -53.86
C TRP A 301 72.17 171.56 -54.63
N SER A 302 72.18 172.71 -55.29
CA SER A 302 73.38 173.13 -56.01
C SER A 302 73.26 174.59 -56.37
N ALA A 303 74.37 175.22 -56.74
CA ALA A 303 74.21 176.62 -57.09
C ALA A 303 73.34 176.69 -58.32
N GLU A 304 73.40 175.64 -59.14
CA GLU A 304 72.58 175.56 -60.32
C GLU A 304 71.09 175.45 -59.96
N ILE A 305 70.76 174.67 -58.94
CA ILE A 305 69.38 174.49 -58.50
C ILE A 305 69.36 174.22 -57.04
N PRO A 306 69.09 175.26 -56.35
CA PRO A 306 69.09 175.23 -54.92
C PRO A 306 67.89 174.53 -54.36
N ASN A 307 67.72 173.27 -54.67
CA ASN A 307 66.60 172.61 -54.07
C ASN A 307 66.75 172.57 -52.58
N LEU A 308 65.70 172.98 -51.87
CA LEU A 308 65.72 172.94 -50.42
C LEU A 308 64.63 172.12 -49.76
N TYR A 309 64.91 171.74 -48.51
CA TYR A 309 63.93 171.03 -47.71
C TYR A 309 63.87 171.74 -46.39
N ARG A 310 62.79 171.50 -45.66
CA ARG A 310 62.70 172.10 -44.36
C ARG A 310 62.68 171.07 -43.27
N ALA A 311 63.46 171.38 -42.23
CA ALA A 311 63.55 170.44 -41.16
C ALA A 311 63.09 171.04 -39.87
N VAL A 312 62.28 170.21 -39.18
CA VAL A 312 61.75 170.59 -37.90
C VAL A 312 62.06 169.67 -36.77
N VAL A 313 62.58 170.36 -35.77
CA VAL A 313 62.99 169.77 -34.55
C VAL A 313 62.08 170.19 -33.43
N GLU A 314 61.28 169.23 -33.01
CA GLU A 314 60.35 169.46 -31.95
C GLU A 314 60.67 168.65 -30.74
N LEU A 315 60.83 169.42 -29.68
CA LEU A 315 61.11 168.96 -28.36
C LEU A 315 59.79 168.91 -27.62
N HIS A 316 59.35 167.71 -27.32
CA HIS A 316 58.10 167.62 -26.65
C HIS A 316 58.03 166.45 -25.70
N THR A 317 56.89 166.33 -25.05
CA THR A 317 56.69 165.26 -24.11
C THR A 317 56.02 164.13 -24.80
N ALA A 318 56.02 163.00 -24.13
CA ALA A 318 55.41 161.82 -24.67
C ALA A 318 53.94 161.98 -24.97
N ASP A 319 53.25 162.71 -24.08
CA ASP A 319 51.83 162.95 -24.23
C ASP A 319 51.56 163.66 -25.53
N GLY A 320 52.51 164.47 -25.95
CA GLY A 320 52.34 165.19 -27.21
C GLY A 320 52.44 166.68 -27.01
N THR A 321 52.72 167.06 -25.80
CA THR A 321 52.84 168.46 -25.56
C THR A 321 54.16 169.00 -26.03
N LEU A 322 54.11 170.03 -26.85
CA LEU A 322 55.32 170.59 -27.36
C LEU A 322 55.99 171.56 -26.42
N ILE A 323 57.28 171.39 -26.20
CA ILE A 323 58.01 172.32 -25.37
C ILE A 323 58.50 173.50 -26.22
N GLU A 324 59.02 173.17 -27.39
CA GLU A 324 59.53 174.19 -28.30
C GLU A 324 59.97 173.56 -29.59
N ALA A 325 60.25 174.43 -30.53
CA ALA A 325 60.68 173.97 -31.85
C ALA A 325 61.74 174.83 -32.49
N GLU A 326 62.52 174.14 -33.29
CA GLU A 326 63.57 174.78 -34.03
C GLU A 326 63.56 174.20 -35.41
N ALA A 327 64.11 174.99 -36.32
CA ALA A 327 64.10 174.49 -37.66
C ALA A 327 65.22 175.04 -38.49
N CYS A 328 65.30 174.51 -39.72
CA CYS A 328 66.29 174.95 -40.67
C CYS A 328 66.04 174.40 -42.04
N ASP A 329 66.63 175.11 -43.00
CA ASP A 329 66.51 174.65 -44.35
C ASP A 329 67.57 173.63 -44.63
N VAL A 330 67.21 172.64 -45.40
CA VAL A 330 68.16 171.62 -45.67
C VAL A 330 68.37 171.39 -47.13
N GLY A 331 69.65 171.18 -47.46
CA GLY A 331 70.05 170.94 -48.82
C GLY A 331 70.85 169.65 -48.95
N PHE A 332 70.42 168.82 -49.86
CA PHE A 332 71.11 167.57 -50.06
C PHE A 332 72.23 167.71 -51.05
N ARG A 333 73.44 167.60 -50.55
CA ARG A 333 74.61 167.71 -51.42
C ARG A 333 75.80 167.14 -50.73
N GLU A 334 76.68 166.66 -51.58
CA GLU A 334 77.91 166.08 -51.12
C GLU A 334 79.12 166.75 -51.74
N VAL A 335 80.01 167.15 -50.85
CA VAL A 335 81.21 167.82 -51.25
C VAL A 335 82.39 166.96 -50.96
N ARG A 336 83.16 166.66 -51.98
CA ARG A 336 84.32 165.86 -51.71
C ARG A 336 85.47 166.01 -52.67
N ILE A 337 86.62 165.78 -52.11
CA ILE A 337 87.81 165.84 -52.91
C ILE A 337 88.25 164.45 -53.24
N GLU A 338 88.27 164.18 -54.50
CA GLU A 338 88.67 162.87 -54.85
C GLU A 338 89.61 162.83 -56.01
N ASN A 339 90.69 162.14 -55.79
CA ASN A 339 91.67 162.01 -56.82
C ASN A 339 92.11 163.33 -57.42
N GLY A 340 92.35 164.31 -56.57
CA GLY A 340 92.81 165.60 -57.03
C GLY A 340 91.66 166.49 -57.40
N LEU A 341 90.44 165.99 -57.29
CA LEU A 341 89.38 166.88 -57.68
C LEU A 341 88.35 167.19 -56.68
N LEU A 342 87.91 168.41 -56.74
CA LEU A 342 86.88 168.84 -55.86
C LEU A 342 85.56 168.56 -56.55
N LEU A 343 84.79 167.73 -55.87
CA LEU A 343 83.54 167.33 -56.41
C LEU A 343 82.37 167.72 -55.63
N LEU A 344 81.35 168.00 -56.41
CA LEU A 344 80.09 168.30 -55.86
C LEU A 344 79.04 167.42 -56.43
N ASN A 345 78.45 166.69 -55.55
CA ASN A 345 77.44 165.75 -55.95
C ASN A 345 77.94 164.91 -57.07
N GLY A 346 79.20 164.53 -56.98
CA GLY A 346 79.69 163.68 -58.03
C GLY A 346 80.44 164.40 -59.11
N LYS A 347 80.10 165.63 -59.38
CA LYS A 347 80.82 166.31 -60.42
C LYS A 347 81.82 167.28 -59.86
N PRO A 348 82.70 167.61 -60.74
CA PRO A 348 83.82 168.47 -60.52
C PRO A 348 83.45 169.87 -60.81
N LEU A 349 83.62 170.68 -59.81
CA LEU A 349 83.26 172.05 -59.93
C LEU A 349 84.21 172.90 -60.68
N LEU A 350 83.67 174.04 -61.08
CA LEU A 350 84.40 175.09 -61.70
C LEU A 350 83.94 176.40 -61.07
N ILE A 351 84.71 176.83 -60.11
CA ILE A 351 84.38 177.99 -59.36
C ILE A 351 84.52 179.29 -60.09
N ARG A 352 83.38 179.95 -60.26
CA ARG A 352 83.36 181.28 -60.82
C ARG A 352 83.11 182.20 -59.64
N GLY A 353 84.16 182.42 -58.85
CA GLY A 353 83.99 183.15 -57.62
C GLY A 353 84.51 184.55 -57.52
N VAL A 354 84.13 185.13 -56.39
CA VAL A 354 84.54 186.48 -56.05
C VAL A 354 84.58 186.64 -54.56
N ASN A 355 85.48 187.51 -54.13
CA ASN A 355 85.64 187.82 -52.73
C ASN A 355 84.74 189.00 -52.48
N ARG A 356 84.15 189.05 -51.29
CA ARG A 356 83.25 190.14 -50.99
C ARG A 356 83.25 190.59 -49.55
N HIS A 357 83.45 191.87 -49.38
CA HIS A 357 83.39 192.41 -48.04
C HIS A 357 81.99 192.92 -47.71
N GLU A 358 81.75 193.12 -46.42
CA GLU A 358 80.46 193.66 -45.98
C GLU A 358 80.63 195.17 -45.92
N HIS A 359 80.25 195.89 -46.99
CA HIS A 359 80.47 197.33 -47.07
C HIS A 359 79.40 198.12 -47.79
N HIS A 360 79.04 199.21 -47.13
CA HIS A 360 78.04 200.15 -47.56
C HIS A 360 78.59 201.54 -47.49
N PRO A 361 78.54 202.22 -48.63
CA PRO A 361 79.05 203.58 -48.83
C PRO A 361 78.49 204.56 -47.81
N LEU A 362 77.26 204.25 -47.33
CA LEU A 362 76.55 205.04 -46.33
C LEU A 362 76.56 204.44 -44.96
N HIS A 363 76.26 203.17 -44.86
CA HIS A 363 76.22 202.55 -43.56
C HIS A 363 77.51 202.06 -43.00
N GLY A 364 78.56 202.07 -43.80
CA GLY A 364 79.83 201.57 -43.34
C GLY A 364 79.77 200.04 -43.37
N GLN A 365 80.05 199.41 -42.24
CA GLN A 365 79.99 197.96 -42.21
C GLN A 365 78.66 197.37 -41.84
N VAL A 366 77.61 198.15 -41.92
CA VAL A 366 76.31 197.62 -41.56
C VAL A 366 75.53 197.06 -42.72
N MET A 367 75.09 195.82 -42.58
CA MET A 367 74.37 195.17 -43.68
C MET A 367 72.86 195.05 -43.59
N ASP A 368 72.21 194.89 -44.73
CA ASP A 368 70.78 194.70 -44.74
C ASP A 368 70.30 193.89 -45.91
N GLU A 369 69.19 193.24 -45.67
CA GLU A 369 68.56 192.41 -46.66
C GLU A 369 68.70 192.94 -48.07
N GLN A 370 68.16 194.11 -48.23
CA GLN A 370 68.16 194.75 -49.50
C GLN A 370 69.47 194.65 -50.26
N THR A 371 70.51 195.16 -49.62
CA THR A 371 71.82 195.16 -50.21
C THR A 371 72.26 193.76 -50.61
N MET A 372 72.25 192.90 -49.59
CA MET A 372 72.59 191.52 -49.79
C MET A 372 71.94 191.01 -51.04
N VAL A 373 70.64 191.11 -51.08
CA VAL A 373 70.00 190.65 -52.28
C VAL A 373 70.52 191.32 -53.56
N GLN A 374 70.75 192.58 -53.47
CA GLN A 374 71.24 193.20 -54.68
C GLN A 374 72.46 192.47 -55.18
N ASP A 375 73.41 192.33 -54.26
CA ASP A 375 74.62 191.68 -54.58
C ASP A 375 74.38 190.31 -55.20
N ILE A 376 73.61 189.55 -54.49
CA ILE A 376 73.35 188.24 -55.00
C ILE A 376 72.83 188.28 -56.39
N LEU A 377 71.82 189.07 -56.61
CA LEU A 377 71.32 189.11 -57.96
C LEU A 377 72.34 189.48 -58.98
N LEU A 378 73.09 190.47 -58.66
CA LEU A 378 74.11 190.87 -59.60
C LEU A 378 75.06 189.77 -59.93
N MET A 379 75.59 189.18 -58.89
CA MET A 379 76.51 188.12 -59.10
C MET A 379 75.92 187.08 -60.00
N LYS A 380 74.77 186.61 -59.59
CA LYS A 380 74.14 185.60 -60.40
C LYS A 380 74.01 186.05 -61.80
N GLN A 381 73.64 187.28 -61.95
CA GLN A 381 73.47 187.79 -63.29
C GLN A 381 74.73 187.87 -64.11
N ASN A 382 75.86 187.96 -63.43
CA ASN A 382 77.10 188.03 -64.14
C ASN A 382 77.88 186.76 -64.16
N ASN A 383 77.17 185.68 -64.03
CA ASN A 383 77.77 184.39 -64.09
C ASN A 383 78.69 184.01 -62.96
N PHE A 384 78.44 184.50 -61.77
CA PHE A 384 79.26 184.04 -60.67
C PHE A 384 78.57 182.90 -59.96
N ASN A 385 79.29 181.99 -59.29
CA ASN A 385 78.56 180.92 -58.61
C ASN A 385 79.04 180.72 -57.24
N ALA A 386 79.98 181.54 -56.84
CA ALA A 386 80.50 181.33 -55.52
C ALA A 386 81.07 182.58 -54.94
N VAL A 387 81.14 182.57 -53.64
CA VAL A 387 81.69 183.74 -53.00
C VAL A 387 82.46 183.37 -51.77
N ARG A 388 83.46 184.19 -51.51
CA ARG A 388 84.29 184.01 -50.37
C ARG A 388 84.08 185.14 -49.38
N CYS A 389 83.82 184.78 -48.13
CA CYS A 389 83.61 185.75 -47.07
C CYS A 389 84.91 186.37 -46.58
N SER A 390 85.47 187.19 -47.44
CA SER A 390 86.70 187.81 -47.03
C SER A 390 86.37 188.86 -46.00
N HIS A 391 86.84 188.71 -44.76
CA HIS A 391 87.63 187.61 -44.25
C HIS A 391 87.16 187.41 -42.81
N TYR A 392 85.90 187.08 -42.67
CA TYR A 392 85.27 186.90 -41.39
C TYR A 392 83.90 186.42 -41.71
N PRO A 393 83.28 185.93 -40.70
CA PRO A 393 81.95 185.38 -40.85
C PRO A 393 80.98 186.48 -41.16
N ASN A 394 80.01 186.17 -41.95
CA ASN A 394 79.09 187.21 -42.33
C ASN A 394 77.82 187.23 -41.52
N HIS A 395 77.06 188.24 -41.85
CA HIS A 395 75.78 188.40 -41.29
C HIS A 395 74.96 187.20 -41.73
N PRO A 396 74.53 186.56 -40.72
CA PRO A 396 73.75 185.35 -40.76
C PRO A 396 72.76 185.32 -41.89
N LEU A 397 72.07 186.39 -42.09
CA LEU A 397 71.10 186.33 -43.14
C LEU A 397 71.69 185.91 -44.50
N TRP A 398 72.90 186.37 -44.73
CA TRP A 398 73.62 186.09 -45.93
C TRP A 398 73.53 184.63 -46.34
N TYR A 399 73.96 183.80 -45.39
CA TYR A 399 73.96 182.37 -45.60
C TYR A 399 72.64 181.84 -46.05
N THR A 400 71.63 182.39 -45.46
CA THR A 400 70.33 181.92 -45.85
C THR A 400 70.03 182.25 -47.29
N LEU A 401 70.34 183.49 -47.59
CA LEU A 401 70.10 183.93 -48.91
C LEU A 401 70.81 183.09 -49.91
N CYS A 402 72.08 182.82 -49.58
CA CYS A 402 72.85 182.02 -50.51
C CYS A 402 72.25 180.66 -50.63
N ASP A 403 71.80 180.15 -49.49
CA ASP A 403 71.20 178.84 -49.47
C ASP A 403 70.02 178.86 -50.41
N ARG A 404 69.29 179.96 -50.32
CA ARG A 404 68.10 180.09 -51.13
C ARG A 404 68.30 180.39 -52.57
N TYR A 405 69.17 181.33 -52.84
CA TYR A 405 69.44 181.74 -54.19
C TYR A 405 70.30 180.83 -55.02
N GLY A 406 71.25 180.17 -54.36
CA GLY A 406 72.15 179.25 -55.01
C GLY A 406 73.54 179.82 -55.24
N LEU A 407 74.39 179.86 -54.21
CA LEU A 407 75.76 180.33 -54.37
C LEU A 407 76.68 179.51 -53.52
N TYR A 408 77.83 179.07 -54.05
CA TYR A 408 78.73 178.31 -53.19
C TYR A 408 79.45 179.29 -52.30
N VAL A 409 79.58 178.93 -51.05
CA VAL A 409 80.26 179.82 -50.13
C VAL A 409 81.39 179.20 -49.36
N VAL A 410 82.37 180.07 -49.17
CA VAL A 410 83.51 179.75 -48.36
C VAL A 410 83.43 180.57 -47.09
N ASP A 411 83.18 179.90 -45.98
CA ASP A 411 83.08 180.55 -44.69
C ASP A 411 84.47 180.71 -44.10
N GLU A 412 84.83 181.92 -43.69
CA GLU A 412 86.16 182.17 -43.24
C GLU A 412 86.26 182.76 -41.86
N ALA A 413 87.14 182.18 -41.07
CA ALA A 413 87.34 182.67 -39.73
C ALA A 413 87.95 184.07 -39.68
N ASN A 414 87.55 184.82 -38.65
CA ASN A 414 87.97 186.17 -38.43
C ASN A 414 89.38 186.25 -37.87
N ILE A 415 90.37 185.95 -38.71
CA ILE A 415 91.73 186.07 -38.25
C ILE A 415 92.69 186.58 -39.31
N GLU A 416 93.26 187.77 -39.13
CA GLU A 416 94.26 188.29 -40.05
C GLU A 416 95.30 189.00 -39.21
N THR A 417 96.55 188.62 -39.36
CA THR A 417 97.62 189.25 -38.61
C THR A 417 98.65 189.76 -39.56
N HIS A 418 98.10 190.18 -40.67
CA HIS A 418 98.92 190.66 -41.74
C HIS A 418 100.12 191.51 -41.34
N GLY A 419 99.93 192.49 -40.46
CA GLY A 419 100.99 193.41 -40.07
C GLY A 419 102.08 192.82 -39.20
N MET A 420 101.91 191.61 -38.71
CA MET A 420 102.96 191.10 -37.88
C MET A 420 104.24 190.90 -38.64
N VAL A 421 105.28 190.56 -37.93
CA VAL A 421 106.55 190.31 -38.57
C VAL A 421 107.42 189.38 -37.75
N PRO A 422 107.69 188.19 -38.28
CA PRO A 422 107.13 187.78 -39.54
C PRO A 422 105.65 187.53 -39.34
N MET A 423 104.94 187.49 -40.45
CA MET A 423 103.53 187.30 -40.45
C MET A 423 102.96 186.29 -39.45
N ASN A 424 103.67 185.22 -39.13
CA ASN A 424 103.10 184.21 -38.25
C ASN A 424 103.46 184.29 -36.77
N ARG A 425 104.03 185.42 -36.42
CA ARG A 425 104.46 185.69 -35.09
C ARG A 425 103.46 185.25 -34.02
N LEU A 426 102.20 185.57 -34.25
CA LEU A 426 101.20 185.17 -33.29
C LEU A 426 100.71 183.74 -33.49
N THR A 427 100.43 183.40 -34.76
CA THR A 427 99.93 182.10 -35.18
C THR A 427 100.80 180.94 -34.82
N ASP A 428 102.05 181.26 -34.62
CA ASP A 428 102.91 180.20 -34.20
C ASP A 428 103.08 180.19 -32.67
N ASP A 429 102.18 180.87 -31.95
CA ASP A 429 102.32 180.96 -30.51
C ASP A 429 101.11 180.52 -29.76
N PRO A 430 101.43 179.46 -29.04
CA PRO A 430 100.56 178.71 -28.21
C PRO A 430 99.72 179.66 -27.43
N ARG A 431 100.40 180.67 -26.92
CA ARG A 431 99.68 181.67 -26.17
C ARG A 431 98.48 182.20 -26.87
N TRP A 432 98.55 182.30 -28.19
CA TRP A 432 97.40 182.82 -28.89
C TRP A 432 96.48 181.77 -29.38
N LEU A 433 96.91 180.57 -29.15
CA LEU A 433 96.10 179.51 -29.62
C LEU A 433 94.62 179.65 -29.25
N PRO A 434 94.35 179.60 -28.00
CA PRO A 434 92.99 179.72 -27.48
C PRO A 434 92.18 180.84 -28.12
N ALA A 435 92.79 181.98 -28.24
CA ALA A 435 92.12 183.07 -28.92
C ALA A 435 91.68 182.63 -30.31
N MET A 436 92.67 182.13 -31.05
CA MET A 436 92.42 181.67 -32.40
C MET A 436 91.33 180.61 -32.42
N SER A 437 91.46 179.69 -31.51
CA SER A 437 90.53 178.59 -31.46
C SER A 437 89.11 179.05 -31.46
N GLU A 438 88.89 179.97 -30.54
CA GLU A 438 87.54 180.48 -30.34
C GLU A 438 86.98 180.96 -31.63
N ARG A 439 87.86 181.64 -32.33
CA ARG A 439 87.52 182.19 -33.60
C ARG A 439 87.10 181.13 -34.61
N VAL A 440 87.70 179.96 -34.55
CA VAL A 440 87.28 178.98 -35.54
C VAL A 440 86.08 178.17 -35.12
N THR A 441 86.25 177.61 -33.94
CA THR A 441 85.25 176.74 -33.37
C THR A 441 83.89 177.33 -33.46
N ARG A 442 83.81 178.55 -32.95
CA ARG A 442 82.56 179.25 -32.92
C ARG A 442 81.90 179.39 -34.30
N MET A 443 82.71 179.72 -35.29
CA MET A 443 82.14 179.87 -36.61
C MET A 443 81.45 178.58 -37.02
N VAL A 444 82.19 177.54 -36.76
CA VAL A 444 81.69 176.26 -37.16
C VAL A 444 80.38 175.91 -36.52
N GLN A 445 80.37 176.11 -35.22
CA GLN A 445 79.16 175.79 -34.51
C GLN A 445 78.00 176.59 -35.01
N ARG A 446 78.30 177.77 -35.46
CA ARG A 446 77.21 178.54 -35.92
C ARG A 446 76.68 178.19 -37.30
N ASP A 447 77.60 178.03 -38.26
CA ASP A 447 77.21 177.89 -39.63
C ASP A 447 77.12 176.54 -40.29
N ARG A 448 77.54 175.57 -39.55
CA ARG A 448 77.60 174.26 -40.12
C ARG A 448 76.37 173.64 -40.72
N ASN A 449 75.19 174.16 -40.50
CA ASN A 449 74.11 173.46 -41.15
C ASN A 449 73.68 174.06 -42.48
N HIS A 450 74.36 175.08 -42.94
CA HIS A 450 73.96 175.66 -44.21
C HIS A 450 74.54 174.98 -45.43
N PRO A 451 73.70 174.44 -46.27
CA PRO A 451 74.19 173.79 -47.48
C PRO A 451 75.11 174.67 -48.32
N SER A 452 74.88 175.96 -48.38
CA SER A 452 75.74 176.78 -49.22
C SER A 452 77.19 176.81 -48.81
N VAL A 453 77.43 176.53 -47.54
CA VAL A 453 78.82 176.57 -47.14
C VAL A 453 79.43 175.30 -47.59
N ILE A 454 80.48 175.40 -48.40
CA ILE A 454 81.09 174.18 -48.83
C ILE A 454 82.54 174.05 -48.47
N ILE A 455 83.12 175.11 -47.95
CA ILE A 455 84.50 175.05 -47.58
C ILE A 455 84.75 175.94 -46.41
N TRP A 456 85.51 175.44 -45.49
CA TRP A 456 85.88 176.21 -44.35
C TRP A 456 87.26 176.77 -44.62
N SER A 457 87.51 177.96 -44.13
CA SER A 457 88.78 178.63 -44.28
C SER A 457 89.24 179.18 -42.93
N LEU A 458 90.52 178.98 -42.60
CA LEU A 458 91.04 179.42 -41.31
C LEU A 458 91.39 180.88 -41.25
N GLY A 459 90.95 181.67 -42.20
CA GLY A 459 91.33 183.04 -42.09
C GLY A 459 92.11 183.49 -43.27
N ASN A 460 92.94 184.51 -43.04
CA ASN A 460 93.71 185.13 -44.09
C ASN A 460 95.00 185.83 -43.64
N GLU A 461 95.94 185.94 -44.55
CA GLU A 461 97.25 186.53 -44.35
C GLU A 461 97.77 186.57 -42.94
N SER A 462 98.04 185.40 -42.38
CA SER A 462 98.55 185.30 -41.01
C SER A 462 99.70 184.33 -40.95
N GLY A 463 100.38 184.18 -42.08
CA GLY A 463 101.48 183.27 -42.18
C GLY A 463 101.00 181.84 -41.96
N HIS A 464 101.89 181.03 -41.47
CA HIS A 464 101.56 179.67 -41.17
C HIS A 464 102.16 179.29 -39.85
N GLY A 465 101.31 178.87 -38.92
CA GLY A 465 101.81 178.49 -37.63
C GLY A 465 101.11 177.26 -37.10
N ALA A 466 101.74 176.68 -36.12
CA ALA A 466 101.22 175.46 -35.55
C ALA A 466 99.76 175.63 -35.17
N ASN A 467 99.45 176.83 -34.72
CA ASN A 467 98.09 177.06 -34.33
C ASN A 467 97.15 176.66 -35.47
N HIS A 468 97.62 176.93 -36.67
CA HIS A 468 96.84 176.60 -37.85
C HIS A 468 96.62 175.11 -38.00
N ASP A 469 97.73 174.40 -37.92
CA ASP A 469 97.65 172.96 -38.04
C ASP A 469 96.65 172.38 -37.08
N ALA A 470 96.78 172.81 -35.85
CA ALA A 470 95.87 172.29 -34.87
C ALA A 470 94.43 172.58 -35.23
N LEU A 471 94.19 173.78 -35.67
CA LEU A 471 92.82 174.12 -35.98
C LEU A 471 92.27 173.40 -37.18
N TYR A 472 93.13 173.31 -38.16
CA TYR A 472 92.78 172.59 -39.34
C TYR A 472 92.28 171.21 -38.95
N ARG A 473 93.09 170.56 -38.16
CA ARG A 473 92.74 169.25 -37.73
C ARG A 473 91.41 169.17 -36.99
N TRP A 474 91.23 170.11 -36.09
CA TRP A 474 90.04 170.14 -35.30
C TRP A 474 88.83 170.09 -36.20
N ILE A 475 88.85 170.92 -37.18
CA ILE A 475 87.71 170.93 -38.03
C ILE A 475 87.51 169.60 -38.67
N LYS A 476 88.60 169.14 -39.25
CA LYS A 476 88.55 167.90 -39.94
C LYS A 476 87.83 166.88 -39.11
N SER A 477 88.09 166.92 -37.85
CA SER A 477 87.45 165.94 -37.01
C SER A 477 86.02 166.26 -36.73
N VAL A 478 85.75 167.50 -36.59
CA VAL A 478 84.40 167.81 -36.26
C VAL A 478 83.47 167.81 -37.46
N ASP A 479 83.97 168.30 -38.58
CA ASP A 479 83.18 168.37 -39.78
C ASP A 479 83.99 167.95 -40.96
N PRO A 480 83.73 166.73 -41.23
CA PRO A 480 84.35 166.02 -42.28
C PRO A 480 83.61 166.22 -43.57
N SER A 481 82.50 166.91 -43.53
CA SER A 481 81.72 167.10 -44.74
C SER A 481 82.29 168.13 -45.69
N ARG A 482 83.15 169.01 -45.19
CA ARG A 482 83.73 170.03 -46.04
C ARG A 482 85.21 170.09 -45.85
N PRO A 483 85.83 170.46 -46.93
CA PRO A 483 87.26 170.61 -47.00
C PRO A 483 87.65 171.90 -46.34
N VAL A 484 88.92 171.95 -46.01
CA VAL A 484 89.44 173.12 -45.38
C VAL A 484 90.57 173.77 -46.15
N GLN A 485 90.52 175.07 -46.32
CA GLN A 485 91.63 175.70 -46.99
C GLN A 485 92.21 176.86 -46.22
N TYR A 486 93.46 177.15 -46.51
CA TYR A 486 94.17 178.25 -45.91
C TYR A 486 95.36 178.56 -46.76
N GLU A 487 95.49 179.81 -47.16
CA GLU A 487 96.56 180.20 -48.05
C GLU A 487 97.88 180.55 -47.36
N GLY A 488 97.80 181.03 -46.15
CA GLY A 488 98.97 181.48 -45.49
C GLY A 488 100.17 180.59 -45.58
N GLY A 489 101.30 181.25 -45.60
CA GLY A 489 102.54 180.56 -45.60
C GLY A 489 102.88 179.79 -46.83
N GLY A 490 102.40 180.19 -48.01
CA GLY A 490 102.81 179.45 -49.18
C GLY A 490 101.71 178.79 -49.99
N ALA A 491 100.50 178.80 -49.47
CA ALA A 491 99.32 178.27 -50.14
C ALA A 491 99.24 176.78 -50.34
N ASP A 492 100.25 176.07 -49.88
CA ASP A 492 100.21 174.64 -50.07
C ASP A 492 100.69 173.88 -48.86
N THR A 493 100.54 174.50 -47.71
CA THR A 493 100.98 173.91 -46.46
C THR A 493 100.13 172.74 -46.04
N THR A 494 100.53 172.18 -44.91
CA THR A 494 99.85 171.04 -44.34
C THR A 494 98.50 171.46 -43.82
N ALA A 495 98.32 172.74 -43.81
CA ALA A 495 97.07 173.21 -43.28
C ALA A 495 96.02 173.43 -44.34
N THR A 496 96.21 172.99 -45.56
CA THR A 496 95.15 173.25 -46.52
C THR A 496 94.85 172.04 -47.36
N ASP A 497 93.58 171.86 -47.67
CA ASP A 497 93.21 170.73 -48.49
C ASP A 497 93.29 171.11 -49.93
N ILE A 498 93.49 172.39 -50.21
CA ILE A 498 93.53 172.85 -51.57
C ILE A 498 94.64 173.83 -51.77
N ILE A 499 95.24 173.84 -52.94
CA ILE A 499 96.25 174.84 -53.20
C ILE A 499 95.47 176.08 -53.56
N CYS A 500 95.55 177.07 -52.68
CA CYS A 500 94.76 178.26 -52.86
C CYS A 500 95.54 179.52 -52.77
N PRO A 501 96.37 179.71 -53.74
CA PRO A 501 97.16 180.91 -53.74
C PRO A 501 96.34 182.12 -54.10
N MET A 502 97.03 183.22 -54.00
CA MET A 502 96.48 184.47 -54.36
C MET A 502 97.46 185.20 -55.26
N TYR A 503 96.97 185.55 -56.43
CA TYR A 503 97.78 186.28 -57.37
C TYR A 503 98.88 185.55 -58.09
N ALA A 504 98.78 184.23 -58.13
CA ALA A 504 99.72 183.47 -58.92
C ALA A 504 99.38 183.71 -60.41
N ARG A 505 100.41 183.76 -61.24
CA ARG A 505 100.17 184.01 -62.64
C ARG A 505 99.91 182.75 -63.43
N VAL A 506 99.35 182.95 -64.62
CA VAL A 506 99.04 181.78 -65.41
C VAL A 506 100.28 181.04 -65.85
N ASP A 507 101.18 181.75 -66.46
CA ASP A 507 102.34 181.09 -66.96
C ASP A 507 103.62 181.54 -66.35
N GLU A 508 103.59 182.61 -65.60
CA GLU A 508 104.83 183.12 -65.09
C GLU A 508 105.00 182.88 -63.61
N ASP A 509 106.19 182.47 -63.22
CA ASP A 509 106.50 182.19 -61.85
C ASP A 509 107.02 183.43 -61.15
N GLN A 510 106.73 183.52 -59.86
CA GLN A 510 107.19 184.59 -59.00
C GLN A 510 107.72 183.90 -57.78
N PRO A 511 108.99 183.71 -57.89
CA PRO A 511 109.77 182.96 -56.98
C PRO A 511 110.23 183.72 -55.76
N PHE A 512 109.31 184.15 -54.95
CA PHE A 512 109.79 184.75 -53.77
C PHE A 512 110.32 183.67 -52.88
N PRO A 513 111.32 184.08 -52.17
CA PRO A 513 111.94 183.26 -51.17
C PRO A 513 110.88 182.86 -50.19
N ALA A 514 110.99 181.62 -49.78
CA ALA A 514 110.09 181.02 -48.83
C ALA A 514 108.68 180.87 -49.31
N VAL A 515 108.15 181.81 -50.03
CA VAL A 515 106.78 181.66 -50.41
C VAL A 515 106.61 182.14 -51.82
N PRO A 516 107.20 181.39 -52.67
CA PRO A 516 107.16 181.69 -54.09
C PRO A 516 105.78 181.44 -54.62
N LYS A 517 105.43 182.13 -55.68
CA LYS A 517 104.17 181.90 -56.37
C LYS A 517 104.46 181.36 -57.77
N TRP A 518 104.31 180.06 -57.92
CA TRP A 518 104.55 179.45 -59.21
C TRP A 518 103.46 179.71 -60.20
N SER A 519 103.78 179.58 -61.48
CA SER A 519 102.73 179.67 -62.47
C SER A 519 101.75 178.58 -62.05
N ILE A 520 100.48 178.87 -62.17
CA ILE A 520 99.58 177.87 -61.70
C ILE A 520 99.67 176.57 -62.42
N LYS A 521 100.02 176.58 -63.70
CA LYS A 521 100.13 175.29 -64.37
C LYS A 521 101.29 174.52 -63.84
N LYS A 522 102.33 175.20 -63.47
CA LYS A 522 103.45 174.47 -62.97
C LYS A 522 103.19 173.96 -61.57
N TRP A 523 102.57 174.79 -60.80
CA TRP A 523 102.36 174.44 -59.43
C TRP A 523 101.76 173.09 -59.31
N LEU A 524 100.78 172.84 -60.13
CA LEU A 524 100.11 171.55 -60.05
C LEU A 524 100.98 170.32 -60.09
N SER A 525 102.02 170.39 -60.92
CA SER A 525 102.93 169.32 -61.29
C SER A 525 104.14 169.15 -60.41
N LEU A 526 104.29 169.98 -59.40
CA LEU A 526 105.44 169.78 -58.57
C LEU A 526 105.42 168.38 -58.02
N PRO A 527 106.62 167.88 -57.86
CA PRO A 527 106.82 166.53 -57.39
C PRO A 527 106.09 166.33 -56.12
N GLY A 528 105.24 165.33 -56.14
CA GLY A 528 104.48 165.00 -54.98
C GLY A 528 103.16 165.73 -54.88
N GLU A 529 102.99 166.88 -55.59
CA GLU A 529 101.73 167.59 -55.43
C GLU A 529 100.56 166.85 -56.04
N THR A 530 99.39 166.86 -55.41
CA THR A 530 98.24 166.16 -55.96
C THR A 530 96.90 166.89 -55.80
N ARG A 531 96.90 167.94 -55.01
CA ARG A 531 95.70 168.68 -54.71
C ARG A 531 95.15 169.49 -55.85
N PRO A 532 93.91 169.89 -55.68
CA PRO A 532 93.30 170.74 -56.67
C PRO A 532 93.78 172.13 -56.37
N LEU A 533 93.69 172.99 -57.38
CA LEU A 533 94.06 174.36 -57.19
C LEU A 533 92.97 175.31 -57.54
N ILE A 534 92.69 176.21 -56.60
CA ILE A 534 91.69 177.23 -56.72
C ILE A 534 92.24 178.49 -56.12
N LEU A 535 92.29 179.56 -56.90
CA LEU A 535 92.88 180.74 -56.33
C LEU A 535 91.94 181.43 -55.39
N CYS A 536 92.45 181.66 -54.20
CA CYS A 536 91.62 182.32 -53.22
C CYS A 536 91.47 183.78 -53.62
N GLU A 537 92.47 184.29 -54.32
CA GLU A 537 92.36 185.66 -54.81
C GLU A 537 93.13 185.83 -56.08
N TYR A 538 92.45 186.44 -57.04
CA TYR A 538 93.07 186.72 -58.30
C TYR A 538 92.36 187.80 -59.10
N ALA A 539 93.13 188.29 -60.08
CA ALA A 539 92.69 189.33 -60.99
C ALA A 539 92.28 190.58 -60.25
N HIS A 540 93.24 191.24 -59.61
CA HIS A 540 93.00 192.43 -58.82
C HIS A 540 92.21 193.49 -59.58
N ALA A 541 90.93 193.68 -59.24
CA ALA A 541 90.11 194.61 -60.01
C ALA A 541 90.18 196.11 -59.67
N MET A 542 91.37 196.60 -59.37
CA MET A 542 91.57 197.98 -59.00
C MET A 542 91.57 198.97 -60.16
N GLY A 543 90.47 199.70 -60.26
CA GLY A 543 90.34 200.70 -61.30
C GLY A 543 90.22 200.11 -62.67
N ASN A 544 90.93 200.71 -63.62
CA ASN A 544 90.91 200.19 -64.98
C ASN A 544 91.77 198.93 -65.01
N SER A 545 91.16 197.80 -64.70
CA SER A 545 91.86 196.56 -64.58
C SER A 545 91.16 195.38 -65.23
N LEU A 546 91.61 194.20 -64.82
CA LEU A 546 91.13 192.95 -65.35
C LEU A 546 91.80 192.51 -66.64
N GLY A 547 92.89 193.16 -67.01
CA GLY A 547 93.56 192.74 -68.22
C GLY A 547 94.15 191.36 -67.98
N GLY A 548 93.94 190.43 -68.93
CA GLY A 548 94.48 189.09 -68.76
C GLY A 548 93.48 188.07 -68.25
N PHE A 549 92.37 188.53 -67.82
CA PHE A 549 91.36 187.65 -67.29
C PHE A 549 91.13 186.38 -68.14
N ALA A 550 91.01 186.56 -69.43
CA ALA A 550 90.79 185.41 -70.27
C ALA A 550 91.87 184.35 -70.22
N LYS A 551 93.11 184.78 -70.03
CA LYS A 551 94.19 183.84 -69.90
C LYS A 551 93.88 182.81 -68.81
N TYR A 552 93.34 183.27 -67.68
CA TYR A 552 93.02 182.37 -66.62
C TYR A 552 91.91 181.44 -67.02
N TRP A 553 90.88 182.03 -67.56
CA TRP A 553 89.77 181.21 -67.92
C TRP A 553 90.15 180.14 -68.87
N GLN A 554 91.07 180.48 -69.71
CA GLN A 554 91.38 179.43 -70.59
C GLN A 554 92.13 178.33 -69.94
N ALA A 555 93.02 178.70 -69.06
CA ALA A 555 93.75 177.66 -68.40
C ALA A 555 92.80 176.83 -67.59
N PHE A 556 91.91 177.53 -66.90
CA PHE A 556 91.01 176.81 -66.06
C PHE A 556 90.31 175.76 -66.86
N ARG A 557 89.84 176.19 -68.00
CA ARG A 557 89.14 175.26 -68.83
C ARG A 557 90.00 174.14 -69.34
N GLN A 558 91.29 174.34 -69.48
CA GLN A 558 92.05 173.23 -70.01
C GLN A 558 92.66 172.30 -68.99
N TYR A 559 92.79 172.71 -67.74
CA TYR A 559 93.39 171.83 -66.79
C TYR A 559 92.44 171.44 -65.72
N PRO A 560 92.13 170.19 -65.75
CA PRO A 560 91.20 169.57 -64.84
C PRO A 560 91.37 169.98 -63.42
N ARG A 561 92.60 169.94 -62.93
CA ARG A 561 92.87 170.31 -61.57
C ARG A 561 92.84 171.79 -61.32
N LEU A 562 92.70 172.61 -62.34
CA LEU A 562 92.60 174.02 -62.03
C LEU A 562 91.13 174.26 -61.94
N GLN A 563 90.60 174.39 -60.75
CA GLN A 563 89.17 174.54 -60.64
C GLN A 563 88.57 175.91 -60.43
N GLY A 564 89.30 176.97 -60.83
CA GLY A 564 88.76 178.33 -60.74
C GLY A 564 89.39 179.22 -59.68
N GLY A 565 88.61 180.21 -59.24
CA GLY A 565 89.10 181.14 -58.23
C GLY A 565 88.08 182.20 -57.92
N PHE A 566 88.47 183.06 -57.00
CA PHE A 566 87.67 184.16 -56.54
C PHE A 566 88.39 185.43 -56.85
N VAL A 567 87.69 186.24 -57.61
CA VAL A 567 88.22 187.50 -57.99
C VAL A 567 88.29 188.43 -56.81
N TRP A 568 89.25 189.32 -56.90
CA TRP A 568 89.41 190.29 -55.87
C TRP A 568 89.18 191.69 -56.38
N ASP A 569 88.06 192.32 -56.03
CA ASP A 569 86.97 191.81 -55.24
C ASP A 569 85.65 192.40 -55.73
N TRP A 570 84.57 192.19 -54.99
CA TRP A 570 83.26 192.65 -55.41
C TRP A 570 82.97 194.13 -55.58
N VAL A 571 82.98 194.89 -54.48
CA VAL A 571 82.70 196.33 -54.46
C VAL A 571 83.85 197.19 -53.99
N ASP A 572 83.80 198.44 -54.43
CA ASP A 572 84.80 199.37 -53.96
C ASP A 572 84.45 199.73 -52.52
N GLN A 573 85.47 199.90 -51.69
CA GLN A 573 85.24 200.25 -50.31
C GLN A 573 85.35 201.75 -50.21
N SER A 574 84.43 202.42 -50.88
CA SER A 574 84.42 203.85 -50.83
C SER A 574 83.26 204.37 -50.02
N LEU A 575 83.55 205.49 -49.39
CA LEU A 575 82.57 206.15 -48.57
C LEU A 575 82.18 207.50 -49.14
N ILE A 576 80.99 207.92 -48.73
CA ILE A 576 80.48 209.19 -49.15
C ILE A 576 80.85 210.33 -48.21
N LYS A 577 81.08 211.49 -48.80
CA LYS A 577 81.39 212.70 -48.10
C LYS A 577 80.61 213.80 -48.77
N TYR A 578 80.58 214.95 -48.13
CA TYR A 578 79.87 216.06 -48.74
C TYR A 578 80.66 217.31 -48.89
N ASP A 579 80.34 217.99 -49.98
CA ASP A 579 80.96 219.26 -50.18
C ASP A 579 80.01 220.23 -49.51
N GLU A 580 80.49 221.46 -49.36
CA GLU A 580 79.75 222.56 -48.76
C GLU A 580 78.39 222.75 -49.42
N ASN A 581 78.29 222.40 -50.69
CA ASN A 581 77.00 222.54 -51.34
C ASN A 581 76.14 221.32 -51.06
N GLY A 582 76.57 220.58 -50.03
CA GLY A 582 75.89 219.37 -49.58
C GLY A 582 75.90 218.32 -50.66
N ASN A 583 77.01 218.35 -51.40
CA ASN A 583 77.20 217.40 -52.46
C ASN A 583 78.06 216.28 -51.98
N PRO A 584 77.54 215.11 -52.28
CA PRO A 584 78.14 213.85 -51.90
C PRO A 584 79.26 213.48 -52.86
N TRP A 585 80.28 212.88 -52.32
CA TRP A 585 81.35 212.43 -53.17
C TRP A 585 82.08 211.28 -52.55
N SER A 586 82.58 210.41 -53.41
CA SER A 586 83.27 209.21 -53.00
C SER A 586 84.66 209.46 -52.48
N ALA A 587 84.83 209.00 -51.25
CA ALA A 587 86.05 209.16 -50.51
C ALA A 587 86.81 207.85 -50.31
N TYR A 588 88.10 208.04 -50.09
CA TYR A 588 88.98 206.93 -49.85
C TYR A 588 90.03 207.20 -48.80
N GLY A 589 91.02 206.33 -48.74
CA GLY A 589 92.08 206.44 -47.78
C GLY A 589 92.59 207.87 -47.68
N GLY A 590 92.71 208.31 -46.42
CA GLY A 590 93.21 209.63 -46.06
C GLY A 590 92.18 210.74 -46.15
N ASP A 591 91.03 210.44 -46.75
CA ASP A 591 89.96 211.40 -46.92
C ASP A 591 89.31 211.85 -45.62
N PHE A 592 89.65 211.22 -44.50
CA PHE A 592 89.10 211.59 -43.21
C PHE A 592 90.23 212.02 -42.33
N GLY A 593 91.33 212.37 -42.96
CA GLY A 593 92.49 212.79 -42.23
C GLY A 593 93.08 211.58 -41.51
N ASP A 594 92.52 210.41 -41.85
CA ASP A 594 92.94 209.15 -41.30
C ASP A 594 94.37 208.90 -41.69
N THR A 595 95.17 208.63 -40.68
CA THR A 595 96.56 208.35 -40.86
C THR A 595 97.01 207.30 -39.89
N PRO A 596 97.84 206.36 -40.39
CA PRO A 596 98.28 206.39 -41.77
C PRO A 596 97.23 205.80 -42.69
N ASN A 597 97.42 205.91 -43.99
CA ASN A 597 96.39 205.33 -44.83
C ASN A 597 96.95 204.80 -46.13
N ASP A 598 96.09 204.03 -46.82
CA ASP A 598 96.45 203.39 -48.08
C ASP A 598 95.67 203.86 -49.31
N ARG A 599 95.36 205.14 -49.33
CA ARG A 599 94.67 205.76 -50.45
C ARG A 599 93.57 204.93 -51.09
N GLN A 600 93.67 204.79 -52.43
CA GLN A 600 92.72 204.07 -53.28
C GLN A 600 92.71 202.56 -53.11
N PHE A 601 93.71 202.06 -52.40
CA PHE A 601 93.78 200.64 -52.22
C PHE A 601 92.51 200.00 -51.75
N CYS A 602 91.64 200.75 -51.12
CA CYS A 602 90.38 200.20 -50.66
C CYS A 602 89.42 200.06 -51.85
N MET A 603 89.89 200.47 -53.03
CA MET A 603 89.02 200.37 -54.19
C MET A 603 89.44 199.35 -55.25
N ASN A 604 88.83 198.14 -55.15
CA ASN A 604 89.22 197.11 -56.09
C ASN A 604 88.05 196.31 -56.62
N GLY A 605 86.86 196.88 -56.58
CA GLY A 605 85.71 196.13 -56.98
C GLY A 605 85.38 196.14 -58.42
N LEU A 606 84.46 195.24 -58.72
CA LEU A 606 83.92 195.11 -60.05
C LEU A 606 82.76 196.08 -60.19
N VAL A 607 82.28 196.55 -59.05
CA VAL A 607 81.23 197.51 -59.02
C VAL A 607 81.57 198.61 -58.08
N PHE A 608 80.92 199.69 -58.35
CA PHE A 608 81.01 200.87 -57.56
C PHE A 608 80.21 200.59 -56.30
N ALA A 609 80.58 201.30 -55.23
CA ALA A 609 79.86 201.10 -53.97
C ALA A 609 78.34 201.15 -54.12
N ASP A 610 77.86 201.97 -55.05
CA ASP A 610 76.43 202.08 -55.27
C ASP A 610 75.93 200.87 -55.99
N ARG A 611 76.89 200.02 -56.29
CA ARG A 611 76.59 198.82 -57.00
C ARG A 611 76.40 199.08 -58.47
N THR A 612 77.21 199.97 -58.94
CA THR A 612 77.18 200.17 -60.35
C THR A 612 78.48 199.68 -60.85
N PRO A 613 78.29 198.87 -61.83
CA PRO A 613 79.28 198.14 -62.53
C PRO A 613 80.37 198.98 -63.09
N HIS A 614 81.54 198.38 -63.08
CA HIS A 614 82.68 198.86 -63.73
C HIS A 614 82.62 198.11 -65.04
N PRO A 615 83.32 198.59 -66.03
CA PRO A 615 83.24 197.89 -67.29
C PRO A 615 83.79 196.47 -67.20
N ALA A 616 84.79 196.29 -66.36
CA ALA A 616 85.40 194.98 -66.21
C ALA A 616 84.40 193.86 -65.98
N LEU A 617 83.36 194.20 -65.25
CA LEU A 617 82.36 193.22 -64.93
C LEU A 617 81.94 192.41 -66.12
N THR A 618 81.86 193.10 -67.20
CA THR A 618 81.42 192.46 -68.42
C THR A 618 82.36 191.40 -68.91
N GLU A 619 83.64 191.76 -68.90
CA GLU A 619 84.61 190.80 -69.33
C GLU A 619 84.39 189.57 -68.49
N ALA A 620 84.20 189.81 -67.20
CA ALA A 620 83.97 188.66 -66.34
C ALA A 620 82.79 187.82 -66.75
N LYS A 621 81.69 188.50 -66.89
CA LYS A 621 80.51 187.80 -67.25
C LYS A 621 80.72 186.95 -68.48
N HIS A 622 81.34 187.54 -69.45
CA HIS A 622 81.58 186.83 -70.70
C HIS A 622 82.45 185.61 -70.52
N GLN A 623 83.62 185.80 -69.90
CA GLN A 623 84.54 184.69 -69.67
C GLN A 623 83.93 183.60 -68.82
N GLN A 624 82.94 183.94 -68.00
CA GLN A 624 82.38 182.96 -67.12
C GLN A 624 81.14 182.30 -67.66
N GLN A 625 80.75 182.64 -68.87
CA GLN A 625 79.53 182.04 -69.36
C GLN A 625 79.50 180.55 -69.26
N PHE A 626 78.29 180.03 -69.14
CA PHE A 626 78.09 178.62 -69.01
C PHE A 626 77.97 177.92 -70.32
N PHE A 627 78.00 178.66 -71.42
CA PHE A 627 77.90 177.99 -72.70
C PHE A 627 79.05 178.33 -73.56
N GLN A 628 79.54 177.35 -74.27
CA GLN A 628 80.64 177.57 -75.16
C GLN A 628 80.30 177.15 -76.56
N PHE A 629 80.75 177.99 -77.48
CA PHE A 629 80.50 177.80 -78.90
C PHE A 629 81.68 177.54 -79.77
N ARG A 630 81.38 176.77 -80.79
CA ARG A 630 82.30 176.42 -81.82
C ARG A 630 81.59 176.57 -83.11
N LEU A 631 82.32 177.11 -84.05
CA LEU A 631 81.76 177.32 -85.32
C LEU A 631 82.44 176.49 -86.36
N SER A 632 81.66 175.73 -87.07
CA SER A 632 82.23 174.94 -88.13
C SER A 632 81.38 175.01 -89.37
N GLY A 633 81.90 175.77 -90.32
CA GLY A 633 81.15 175.92 -91.52
C GLY A 633 79.80 176.58 -91.20
N GLN A 634 78.72 175.85 -91.35
CA GLN A 634 77.43 176.48 -91.08
C GLN A 634 76.87 175.97 -89.79
N THR A 635 77.73 175.26 -89.08
CA THR A 635 77.30 174.70 -87.85
C THR A 635 77.86 175.27 -86.62
N ILE A 636 76.95 175.50 -85.71
CA ILE A 636 77.39 175.94 -84.45
C ILE A 636 77.31 174.84 -83.45
N GLU A 637 78.43 174.65 -82.79
CA GLU A 637 78.47 173.67 -81.76
C GLU A 637 78.36 174.31 -80.41
N VAL A 638 77.42 173.82 -79.61
CA VAL A 638 77.21 174.40 -78.31
C VAL A 638 77.53 173.44 -77.25
N THR A 639 78.23 173.94 -76.25
CA THR A 639 78.60 173.10 -75.16
C THR A 639 78.17 173.72 -73.85
N SER A 640 77.61 172.85 -73.01
CA SER A 640 77.08 173.22 -71.71
C SER A 640 78.08 172.99 -70.62
N GLU A 641 78.28 174.02 -69.82
CA GLU A 641 79.16 173.92 -68.69
C GLU A 641 78.31 173.77 -67.43
N TYR A 642 77.05 173.41 -67.62
CA TYR A 642 76.22 173.17 -66.46
C TYR A 642 76.47 171.73 -66.06
N LEU A 643 76.50 171.46 -64.77
CA LEU A 643 76.76 170.10 -64.32
C LEU A 643 75.48 169.41 -64.04
N PHE A 644 74.50 170.20 -63.68
CA PHE A 644 73.25 169.62 -63.29
C PHE A 644 72.05 170.02 -64.08
N ARG A 645 71.98 171.21 -64.65
CA ARG A 645 70.74 171.48 -65.35
C ARG A 645 70.72 171.31 -66.82
N HIS A 646 69.51 171.36 -67.31
CA HIS A 646 69.32 171.25 -68.71
C HIS A 646 68.99 172.63 -69.24
N SER A 647 69.31 172.95 -70.50
CA SER A 647 69.05 174.28 -71.05
C SER A 647 67.58 174.55 -71.15
N ASP A 648 66.93 174.57 -70.04
CA ASP A 648 65.51 174.75 -70.07
C ASP A 648 64.95 176.16 -70.05
N ASN A 649 65.79 177.17 -70.23
CA ASN A 649 65.27 178.52 -70.27
C ASN A 649 66.20 179.25 -71.19
N GLU A 650 66.46 178.58 -72.30
CA GLU A 650 67.41 179.11 -73.23
C GLU A 650 67.07 179.20 -74.70
N LEU A 651 67.22 180.43 -75.12
CA LEU A 651 67.04 180.78 -76.49
C LEU A 651 68.30 181.30 -77.12
N LEU A 652 68.57 180.75 -78.27
CA LEU A 652 69.73 181.19 -78.97
C LEU A 652 69.41 182.08 -80.15
N HIS A 653 69.80 183.32 -80.08
CA HIS A 653 69.57 184.23 -81.17
C HIS A 653 70.81 184.41 -81.97
N TRP A 654 70.71 184.31 -83.26
CA TRP A 654 71.89 184.54 -84.04
C TRP A 654 71.62 185.57 -85.08
N MET A 655 72.68 186.07 -85.66
CA MET A 655 72.49 187.06 -86.67
C MET A 655 73.74 187.50 -87.40
N VAL A 656 73.53 187.82 -88.67
CA VAL A 656 74.57 188.20 -89.57
C VAL A 656 74.52 189.62 -90.06
N ALA A 657 75.69 190.26 -90.07
CA ALA A 657 75.75 191.63 -90.53
C ALA A 657 77.03 191.94 -91.25
N LEU A 658 76.86 192.90 -92.14
CA LEU A 658 77.93 193.35 -92.95
C LEU A 658 78.28 194.71 -92.48
N ASP A 659 79.48 194.84 -91.97
CA ASP A 659 79.85 196.13 -91.43
C ASP A 659 78.73 196.78 -90.63
N GLY A 660 78.00 195.98 -89.86
CA GLY A 660 76.97 196.59 -89.07
C GLY A 660 75.60 196.47 -89.69
N LYS A 661 75.56 196.07 -90.95
CA LYS A 661 74.29 195.93 -91.56
C LYS A 661 73.87 194.51 -91.52
N PRO A 662 72.81 194.37 -90.79
CA PRO A 662 72.14 193.13 -90.50
C PRO A 662 71.55 192.59 -91.75
N LEU A 663 71.81 191.34 -92.01
CA LEU A 663 71.30 190.72 -93.19
C LEU A 663 70.42 189.55 -92.87
N ALA A 664 70.57 188.99 -91.67
CA ALA A 664 69.79 187.83 -91.28
C ALA A 664 69.89 187.59 -89.81
N SER A 665 68.78 187.11 -89.26
CA SER A 665 68.65 186.79 -87.85
C SER A 665 67.95 185.50 -87.74
N GLY A 666 68.10 184.88 -86.59
CA GLY A 666 67.48 183.61 -86.33
C GLY A 666 67.32 183.38 -84.85
N GLU A 667 66.43 182.46 -84.54
CA GLU A 667 66.19 182.12 -83.18
C GLU A 667 66.14 180.65 -82.98
N VAL A 668 66.93 180.15 -82.05
CA VAL A 668 66.86 178.75 -81.81
C VAL A 668 66.98 178.40 -80.38
N PRO A 669 66.02 177.63 -80.01
CA PRO A 669 65.86 177.09 -78.68
C PRO A 669 66.92 176.05 -78.42
N LEU A 670 67.52 176.19 -77.25
CA LEU A 670 68.55 175.28 -76.81
C LEU A 670 68.04 174.07 -76.08
N ASP A 671 68.70 172.99 -76.36
CA ASP A 671 68.38 171.74 -75.74
C ASP A 671 69.65 171.02 -75.41
N VAL A 672 70.27 171.39 -74.30
CA VAL A 672 71.52 170.75 -73.95
C VAL A 672 71.58 170.27 -72.54
N ALA A 673 72.02 169.04 -72.46
CA ALA A 673 72.20 168.43 -71.17
C ALA A 673 73.47 168.94 -70.55
N PRO A 674 73.45 169.01 -69.24
CA PRO A 674 74.63 169.41 -68.53
C PRO A 674 75.76 168.67 -69.17
N GLN A 675 76.81 169.41 -69.43
CA GLN A 675 77.99 168.88 -70.04
C GLN A 675 77.81 168.30 -71.41
N GLY A 676 76.72 168.64 -72.05
CA GLY A 676 76.50 168.11 -73.39
C GLY A 676 76.75 169.12 -74.48
N LYS A 677 76.59 168.63 -75.70
CA LYS A 677 76.76 169.41 -76.90
C LYS A 677 75.48 169.46 -77.73
N GLN A 678 75.28 170.57 -78.43
CA GLN A 678 74.14 170.71 -79.30
C GLN A 678 74.65 171.30 -80.60
N LEU A 679 74.17 170.70 -81.69
CA LEU A 679 74.56 171.15 -83.01
C LEU A 679 73.60 172.06 -83.65
N ILE A 680 74.12 173.12 -84.19
CA ILE A 680 73.19 174.01 -84.77
C ILE A 680 73.48 174.32 -86.17
N GLU A 681 72.49 173.87 -86.93
CA GLU A 681 72.50 174.00 -88.35
C GLU A 681 72.01 175.32 -88.88
N LEU A 682 72.91 175.93 -89.61
CA LEU A 682 72.56 177.20 -90.16
C LEU A 682 71.99 177.14 -91.54
N PRO A 683 70.96 177.92 -91.67
CA PRO A 683 70.29 178.12 -92.92
C PRO A 683 71.32 178.74 -93.81
N GLU A 684 71.13 178.59 -95.10
CA GLU A 684 72.07 179.17 -96.01
C GLU A 684 72.31 180.63 -95.79
N LEU A 685 73.58 180.92 -95.72
CA LEU A 685 73.99 182.27 -95.46
C LEU A 685 74.17 183.08 -96.69
N PRO A 686 73.87 184.33 -96.48
CA PRO A 686 73.94 185.36 -97.47
C PRO A 686 75.37 185.63 -97.91
N GLN A 687 75.52 185.91 -99.20
CA GLN A 687 76.84 186.18 -99.74
C GLN A 687 76.88 187.49 -100.48
N PRO A 688 76.82 188.54 -99.69
CA PRO A 688 76.87 189.91 -100.13
C PRO A 688 78.03 190.13 -101.08
N GLU A 689 77.83 191.10 -101.94
CA GLU A 689 78.82 191.44 -102.91
C GLU A 689 79.70 192.55 -102.43
N SER A 690 78.99 193.51 -101.89
CA SER A 690 79.53 194.71 -101.30
C SER A 690 80.76 194.43 -100.48
N ALA A 691 81.61 195.41 -100.37
CA ALA A 691 82.80 195.20 -99.62
C ALA A 691 82.51 195.36 -98.17
N GLY A 692 83.32 194.68 -97.37
CA GLY A 692 83.18 194.74 -95.93
C GLY A 692 83.42 193.42 -95.25
N GLN A 693 83.27 193.47 -93.93
CA GLN A 693 83.44 192.34 -93.04
C GLN A 693 82.11 191.77 -92.65
N LEU A 694 82.03 190.49 -92.85
CA LEU A 694 80.85 189.76 -92.52
C LEU A 694 81.00 189.08 -91.18
N TRP A 695 80.09 189.37 -90.28
CA TRP A 695 80.21 188.78 -88.97
C TRP A 695 78.99 188.11 -88.43
N LEU A 696 79.25 187.00 -87.76
CA LEU A 696 78.21 186.26 -87.15
C LEU A 696 78.17 186.44 -85.64
N THR A 697 76.98 186.66 -85.12
CA THR A 697 76.86 186.80 -83.71
C THR A 697 75.73 186.03 -83.08
N VAL A 698 76.05 185.34 -81.98
CA VAL A 698 75.06 184.61 -81.21
C VAL A 698 74.92 185.12 -79.79
N ARG A 699 73.71 185.00 -79.33
CA ARG A 699 73.37 185.42 -78.00
C ARG A 699 72.47 184.40 -77.35
N VAL A 700 72.56 184.33 -76.04
CA VAL A 700 71.72 183.41 -75.33
C VAL A 700 70.78 184.14 -74.42
N VAL A 701 69.51 183.81 -74.66
CA VAL A 701 68.50 184.42 -73.88
C VAL A 701 67.60 183.56 -73.08
N GLN A 702 67.27 184.17 -71.95
CA GLN A 702 66.37 183.61 -70.99
C GLN A 702 65.04 184.27 -71.09
N PRO A 703 64.22 183.59 -71.85
CA PRO A 703 62.87 183.97 -72.14
C PRO A 703 62.10 184.25 -70.89
N ASN A 704 62.10 183.32 -69.94
CA ASN A 704 61.36 183.50 -68.71
C ASN A 704 62.18 184.04 -67.58
N ALA A 705 61.58 184.87 -66.74
CA ALA A 705 62.37 185.38 -65.64
C ALA A 705 62.62 184.30 -64.63
N THR A 706 63.56 184.59 -63.75
CA THR A 706 63.94 183.67 -62.70
C THR A 706 63.99 184.44 -61.44
N ALA A 707 64.30 183.72 -60.41
CA ALA A 707 64.37 184.40 -59.16
C ALA A 707 65.44 185.40 -59.11
N TRP A 708 66.39 185.29 -60.03
CA TRP A 708 67.47 186.25 -59.96
C TRP A 708 67.66 186.98 -61.22
N SER A 709 66.77 186.73 -62.17
CA SER A 709 66.88 187.38 -63.44
C SER A 709 65.53 187.63 -64.07
N GLU A 710 65.53 188.72 -64.84
CA GLU A 710 64.37 189.16 -65.60
C GLU A 710 64.15 188.36 -66.82
N ALA A 711 63.01 188.56 -67.42
CA ALA A 711 62.85 187.80 -68.62
C ALA A 711 63.64 188.48 -69.71
N GLY A 712 64.09 187.69 -70.67
CA GLY A 712 64.90 188.25 -71.73
C GLY A 712 66.35 188.55 -71.31
N HIS A 713 66.82 187.88 -70.28
CA HIS A 713 68.17 188.10 -69.85
C HIS A 713 69.16 187.45 -70.80
N ILE A 714 70.25 188.19 -71.04
CA ILE A 714 71.31 187.64 -71.89
C ILE A 714 72.34 186.96 -71.04
N SER A 715 72.54 185.69 -71.26
CA SER A 715 73.48 184.99 -70.42
C SER A 715 74.80 184.69 -71.09
N ALA A 716 74.80 184.74 -72.41
CA ALA A 716 76.04 184.41 -73.07
C ALA A 716 76.05 184.86 -74.50
N TRP A 717 77.24 185.13 -74.99
CA TRP A 717 77.33 185.50 -76.35
C TRP A 717 78.65 185.15 -76.93
N GLN A 718 78.70 185.22 -78.24
CA GLN A 718 79.92 184.92 -78.94
C GLN A 718 79.82 185.37 -80.37
N GLN A 719 80.95 185.81 -80.92
CA GLN A 719 80.85 186.22 -82.30
C GLN A 719 81.99 185.76 -83.20
N TRP A 720 81.74 185.68 -84.50
CA TRP A 720 82.79 185.27 -85.42
C TRP A 720 82.82 186.08 -86.70
N ARG A 721 84.00 186.16 -87.31
CA ARG A 721 84.08 186.91 -88.55
C ARG A 721 83.98 185.96 -89.69
N LEU A 722 82.92 186.05 -90.44
CA LEU A 722 82.74 185.11 -91.51
C LEU A 722 83.56 185.35 -92.72
N ALA A 723 83.51 186.55 -93.23
CA ALA A 723 84.28 186.80 -94.41
C ALA A 723 84.66 188.23 -94.52
N GLU A 724 85.39 188.44 -95.60
CA GLU A 724 85.87 189.76 -95.91
C GLU A 724 85.88 189.99 -97.38
N ASN A 725 85.39 191.14 -97.77
CA ASN A 725 85.40 191.50 -99.17
C ASN A 725 86.23 192.72 -99.27
N LEU A 726 87.46 192.54 -99.70
CA LEU A 726 88.36 193.66 -99.85
C LEU A 726 87.84 194.63 -100.89
N SER A 727 87.96 195.93 -100.60
CA SER A 727 87.49 196.93 -101.54
C SER A 727 88.51 197.30 -102.57
N VAL A 728 88.13 197.04 -103.80
CA VAL A 728 89.02 197.32 -104.90
C VAL A 728 88.56 198.53 -105.65
N THR A 729 87.78 199.34 -105.01
CA THR A 729 87.35 200.45 -105.78
C THR A 729 88.16 201.69 -105.62
N LEU A 730 87.94 202.51 -106.62
CA LEU A 730 88.58 203.76 -106.74
C LEU A 730 87.62 204.88 -106.62
N PRO A 731 88.17 205.87 -105.95
CA PRO A 731 87.55 207.13 -105.71
C PRO A 731 87.37 207.80 -107.07
N ALA A 732 86.15 208.25 -107.32
CA ALA A 732 85.89 208.90 -108.57
C ALA A 732 86.66 210.23 -108.61
N ALA A 733 86.85 210.72 -109.83
CA ALA A 733 87.56 211.97 -110.02
C ALA A 733 86.86 213.14 -109.36
N SER A 734 87.71 214.10 -109.04
CA SER A 734 87.30 215.34 -108.44
C SER A 734 87.43 216.39 -109.53
N HIS A 735 86.60 217.40 -109.45
CA HIS A 735 86.67 218.39 -110.49
C HIS A 735 87.65 219.48 -110.17
N ALA A 736 88.28 219.34 -109.03
CA ALA A 736 89.21 220.35 -108.64
C ALA A 736 90.21 219.81 -107.70
N ILE A 737 91.16 220.64 -107.37
CA ILE A 737 92.13 220.20 -106.44
C ILE A 737 92.52 221.30 -105.52
N PRO A 738 92.85 220.88 -104.32
CA PRO A 738 93.18 221.80 -103.29
C PRO A 738 94.19 222.80 -103.77
N HIS A 739 94.12 223.93 -103.13
CA HIS A 739 95.00 224.96 -103.50
C HIS A 739 95.91 225.34 -102.36
N LEU A 740 97.19 225.09 -102.62
CA LEU A 740 98.24 225.35 -101.65
C LEU A 740 98.63 226.77 -101.57
N THR A 741 99.19 227.20 -100.47
CA THR A 741 99.58 228.59 -100.32
C THR A 741 100.61 228.72 -99.25
N THR A 742 101.82 229.06 -99.64
CA THR A 742 102.85 229.19 -98.67
C THR A 742 102.81 230.51 -97.98
N SER A 743 103.56 230.60 -96.92
CA SER A 743 103.70 231.78 -96.09
C SER A 743 104.93 231.52 -95.25
N GLU A 744 105.28 232.42 -94.40
CA GLU A 744 106.47 232.12 -93.64
C GLU A 744 106.17 231.18 -92.52
N MET A 745 105.01 231.43 -91.95
CA MET A 745 104.50 230.73 -90.81
C MET A 745 103.79 229.50 -91.18
N ASP A 746 103.34 229.43 -92.40
CA ASP A 746 102.64 228.23 -92.64
C ASP A 746 102.30 227.94 -94.05
N PHE A 747 101.52 226.88 -94.16
CA PHE A 747 101.05 226.42 -95.41
C PHE A 747 99.54 226.42 -95.40
N CME A 748 98.92 226.88 -96.50
CA CME A 748 97.48 226.90 -96.55
CB CME A 748 96.78 228.23 -96.57
SG CME A 748 96.49 228.61 -94.87
SD CME A 748 94.55 228.61 -94.56
CE CME A 748 94.64 229.69 -93.12
CZ CME A 748 93.63 230.85 -93.15
OH CME A 748 94.26 232.07 -92.84
C CME A 748 96.85 226.09 -97.58
O CME A 748 97.01 226.28 -98.79
N ILE A 749 96.05 225.21 -97.10
CA ILE A 749 95.36 224.41 -98.06
C ILE A 749 93.92 224.76 -98.05
N GLU A 750 93.45 225.05 -99.24
CA GLU A 750 92.09 225.42 -99.38
C GLU A 750 91.38 224.61 -100.40
N LEU A 751 90.10 224.45 -100.16
CA LEU A 751 89.26 223.72 -101.06
C LEU A 751 87.82 223.99 -100.72
N GLY A 752 87.22 224.92 -101.42
CA GLY A 752 85.85 225.27 -101.11
C GLY A 752 85.84 226.01 -99.79
N ASN A 753 84.86 225.68 -98.98
CA ASN A 753 84.71 226.25 -97.65
C ASN A 753 85.77 225.67 -96.71
N LYS A 754 86.32 224.52 -97.11
CA LYS A 754 87.32 223.88 -96.31
C LYS A 754 88.72 224.47 -96.43
N ARG A 755 89.37 224.55 -95.28
CA ARG A 755 90.71 225.07 -95.17
C ARG A 755 91.49 224.38 -94.06
N TRP A 756 92.77 224.14 -94.34
CA TRP A 756 93.63 223.49 -93.38
C TRP A 756 94.91 224.24 -93.22
N GLN A 757 95.37 224.39 -92.01
CA GLN A 757 96.62 225.07 -91.90
C GLN A 757 97.71 224.35 -91.09
N PHE A 758 98.92 224.34 -91.64
CA PHE A 758 100.02 223.70 -90.92
C PHE A 758 101.05 224.68 -90.49
N ASN A 759 101.29 224.78 -89.21
CA ASN A 759 102.29 225.70 -88.74
C ASN A 759 103.67 225.21 -89.10
N ARG A 760 104.40 226.09 -89.73
CA ARG A 760 105.72 225.76 -90.18
C ARG A 760 106.75 225.69 -89.10
N GLN A 761 106.47 226.21 -87.95
CA GLN A 761 107.53 226.10 -86.98
C GLN A 761 107.40 224.82 -86.21
N SER A 762 106.17 224.46 -85.91
CA SER A 762 105.88 223.31 -85.12
C SER A 762 105.77 222.08 -85.97
N GLY A 763 105.41 222.31 -87.20
CA GLY A 763 105.22 221.18 -88.05
C GLY A 763 103.88 220.48 -87.81
N PHE A 764 102.92 221.10 -87.12
CA PHE A 764 101.67 220.40 -86.97
C PHE A 764 100.55 221.06 -87.65
N LEU A 765 99.51 220.28 -87.84
CA LEU A 765 98.30 220.79 -88.39
C LEU A 765 97.71 221.59 -87.25
N SER A 766 97.80 222.90 -87.37
CA SER A 766 97.36 223.84 -86.34
C SER A 766 95.91 224.21 -86.32
N GLN A 767 95.27 224.26 -87.48
CA GLN A 767 93.87 224.63 -87.44
C GLN A 767 93.23 224.23 -88.70
N MET A 768 91.93 224.17 -88.65
CA MET A 768 91.22 223.87 -89.82
C MET A 768 89.85 224.44 -89.70
N TRP A 769 89.29 224.85 -90.84
CA TRP A 769 87.99 225.49 -90.86
C TRP A 769 87.05 224.87 -91.78
N ILE A 770 85.82 225.01 -91.41
CA ILE A 770 84.74 224.64 -92.27
C ILE A 770 83.94 225.89 -92.30
N GLY A 771 83.98 226.52 -93.45
CA GLY A 771 83.34 227.80 -93.53
C GLY A 771 84.26 228.72 -92.74
N ASP A 772 83.68 229.46 -91.85
CA ASP A 772 84.40 230.40 -91.03
C ASP A 772 84.60 229.84 -89.63
N LYS A 773 84.27 228.57 -89.49
CA LYS A 773 84.39 227.94 -88.19
C LYS A 773 85.67 227.20 -88.00
N LYS A 774 86.39 227.62 -86.98
CA LYS A 774 87.62 226.95 -86.63
C LYS A 774 87.21 225.62 -86.05
N GLN A 775 88.03 224.58 -86.21
CA GLN A 775 87.59 223.31 -85.71
C GLN A 775 88.36 222.78 -84.56
N LEU A 776 89.53 223.33 -84.33
CA LEU A 776 90.31 222.80 -83.25
C LEU A 776 90.72 223.81 -82.25
N LEU A 777 90.72 223.41 -81.01
CA LEU A 777 91.21 224.29 -79.97
C LEU A 777 92.67 223.98 -79.74
N THR A 778 93.09 222.84 -80.22
CA THR A 778 94.45 222.42 -80.06
C THR A 778 94.92 221.70 -81.29
N PRO A 779 96.19 221.85 -81.59
CA PRO A 779 96.80 221.22 -82.76
C PRO A 779 96.87 219.69 -82.64
N LEU A 780 96.86 219.05 -83.78
CA LEU A 780 96.90 217.63 -83.87
C LEU A 780 98.29 217.13 -83.61
N ARG A 781 98.44 216.33 -82.56
CA ARG A 781 99.76 215.83 -82.33
C ARG A 781 99.95 214.45 -81.81
N ASP A 782 101.20 214.03 -81.99
CA ASP A 782 101.62 212.72 -81.60
C ASP A 782 101.51 212.61 -80.12
N GLN A 783 101.18 211.44 -79.67
CA GLN A 783 101.08 211.26 -78.26
C GLN A 783 101.60 209.90 -77.90
N PHE A 784 102.47 209.87 -76.90
CA PHE A 784 103.05 208.60 -76.51
C PHE A 784 102.76 208.15 -75.09
N THR A 785 102.03 208.95 -74.33
CA THR A 785 101.79 208.57 -72.97
C THR A 785 100.32 208.43 -72.63
N ARG A 786 100.10 208.03 -71.37
CA ARG A 786 98.76 207.95 -70.86
C ARG A 786 98.69 208.39 -69.40
N ALA A 787 97.49 208.80 -68.98
CA ALA A 787 97.24 209.15 -67.61
C ALA A 787 97.18 207.81 -66.91
N PRO A 788 98.27 207.56 -66.18
CA PRO A 788 98.53 206.33 -65.48
C PRO A 788 97.36 205.65 -64.84
N LEU A 789 97.31 204.36 -65.04
CA LEU A 789 96.29 203.58 -64.40
C LEU A 789 96.80 203.21 -63.04
N ASP A 790 95.87 202.73 -62.25
CA ASP A 790 96.25 202.30 -60.92
C ASP A 790 97.37 201.31 -61.06
N ASN A 791 97.15 200.39 -61.98
CA ASN A 791 98.14 199.37 -62.28
C ASN A 791 99.47 199.99 -62.75
N ASP A 792 99.42 201.12 -63.45
CA ASP A 792 100.66 201.71 -63.90
C ASP A 792 101.49 202.27 -62.76
N ILE A 793 100.78 202.56 -61.67
CA ILE A 793 101.37 203.18 -60.51
C ILE A 793 101.78 202.20 -59.44
N GLY A 794 100.90 201.27 -59.14
CA GLY A 794 101.16 200.28 -58.13
C GLY A 794 101.25 200.91 -56.77
N VAL A 795 102.38 200.75 -56.15
CA VAL A 795 102.49 201.32 -54.83
C VAL A 795 103.49 202.45 -54.76
N SER A 796 103.82 202.97 -55.91
CA SER A 796 104.75 204.06 -55.90
C SER A 796 104.12 205.27 -55.23
N GLU A 797 104.93 205.86 -54.37
CA GLU A 797 104.54 207.02 -53.64
C GLU A 797 105.59 208.07 -53.77
N ALA A 798 105.12 209.31 -53.70
CA ALA A 798 105.99 210.47 -53.80
C ALA A 798 107.17 210.34 -52.84
N THR A 799 106.83 209.97 -51.62
CA THR A 799 107.79 209.75 -50.56
C THR A 799 108.63 208.52 -50.86
N ARG A 800 107.92 207.44 -51.17
CA ARG A 800 108.50 206.15 -51.44
C ARG A 800 108.16 205.64 -52.82
N ILE A 801 109.03 206.03 -53.72
CA ILE A 801 108.93 205.68 -55.11
C ILE A 801 109.31 204.23 -55.41
N ASP A 802 108.56 203.63 -56.35
CA ASP A 802 108.83 202.29 -56.82
C ASP A 802 109.29 202.31 -58.27
N PRO A 803 110.60 202.32 -58.36
CA PRO A 803 111.35 202.35 -59.58
C PRO A 803 110.89 201.35 -60.63
N ASN A 804 110.21 200.28 -60.26
CA ASN A 804 109.82 199.42 -61.35
C ASN A 804 108.47 199.72 -61.91
N ALA A 805 107.71 200.52 -61.20
CA ALA A 805 106.43 200.86 -61.73
C ALA A 805 106.58 201.54 -63.08
N TRP A 806 105.68 201.17 -63.98
CA TRP A 806 105.66 201.71 -65.29
C TRP A 806 105.76 203.20 -65.25
N VAL A 807 104.84 203.74 -64.47
CA VAL A 807 104.81 205.16 -64.37
C VAL A 807 106.16 205.74 -64.00
N GLU A 808 106.77 205.06 -63.06
CA GLU A 808 108.05 205.48 -62.60
C GLU A 808 109.04 205.48 -63.72
N ARG A 809 109.02 204.43 -64.47
CA ARG A 809 109.96 204.34 -65.58
C ARG A 809 109.72 205.36 -66.67
N TRP A 810 108.45 205.53 -66.98
CA TRP A 810 108.09 206.43 -68.00
C TRP A 810 108.56 207.81 -67.63
N LYS A 811 108.35 208.10 -66.35
CA LYS A 811 108.71 209.38 -65.82
C LYS A 811 110.19 209.57 -65.94
N ALA A 812 110.88 208.63 -65.37
CA ALA A 812 112.30 208.73 -65.40
C ALA A 812 112.87 208.84 -66.78
N ALA A 813 112.18 208.23 -67.74
CA ALA A 813 112.67 208.26 -69.10
C ALA A 813 112.40 209.61 -69.75
N GLY A 814 111.52 210.38 -69.15
CA GLY A 814 111.23 211.67 -69.71
C GLY A 814 110.11 211.57 -70.70
N HIS A 815 109.45 210.43 -70.73
CA HIS A 815 108.36 210.31 -71.67
C HIS A 815 107.36 211.40 -71.51
N TYR A 816 107.06 211.69 -70.26
CA TYR A 816 106.07 212.69 -69.96
C TYR A 816 106.53 214.07 -70.27
N GLN A 817 107.80 214.25 -70.54
CA GLN A 817 108.16 215.61 -70.81
C GLN A 817 109.17 215.82 -71.93
N ALA A 818 109.12 214.92 -72.88
CA ALA A 818 110.04 215.07 -73.96
C ALA A 818 109.55 216.15 -74.85
N GLU A 819 110.52 216.70 -75.51
CA GLU A 819 110.36 217.80 -76.41
C GLU A 819 110.46 217.39 -77.84
N ALA A 820 109.40 217.73 -78.56
CA ALA A 820 109.40 217.45 -79.98
C ALA A 820 110.30 218.42 -80.74
N ALA A 821 110.91 217.95 -81.82
CA ALA A 821 111.78 218.78 -82.63
C ALA A 821 111.51 218.57 -84.12
N LEU A 822 111.19 219.63 -84.83
CA LEU A 822 110.94 219.48 -86.24
C LEU A 822 112.22 219.10 -86.94
N LEU A 823 112.15 218.02 -87.67
CA LEU A 823 113.29 217.63 -88.41
C LEU A 823 113.06 218.05 -89.83
N GLN A 824 111.79 218.06 -90.21
CA GLN A 824 111.48 218.43 -91.55
C GLN A 824 110.00 218.56 -91.81
N CYS A 825 109.70 219.48 -92.72
CA CYS A 825 108.32 219.77 -93.06
C CYS A 825 108.24 220.29 -94.46
N THR A 826 107.57 219.57 -95.33
CA THR A 826 107.48 220.02 -96.69
C THR A 826 106.12 219.85 -97.31
N ALA A 827 105.92 220.68 -98.32
CA ALA A 827 104.69 220.70 -99.05
C ALA A 827 104.94 220.55 -100.52
N ASP A 828 103.99 219.91 -101.18
CA ASP A 828 104.15 219.64 -102.58
C ASP A 828 102.83 219.47 -103.26
N THR A 829 102.81 219.91 -104.52
CA THR A 829 101.59 219.81 -105.28
C THR A 829 101.66 218.74 -106.31
N LEU A 830 100.71 217.86 -106.18
CA LEU A 830 100.63 216.78 -107.08
C LEU A 830 99.51 217.05 -108.03
N ALA A 831 99.41 216.18 -108.99
CA ALA A 831 98.38 216.37 -109.95
C ALA A 831 97.01 216.28 -109.37
N ASP A 832 96.83 215.49 -108.32
CA ASP A 832 95.49 215.30 -107.82
C ASP A 832 95.30 215.65 -106.39
N ALA A 833 96.38 216.12 -105.76
CA ALA A 833 96.28 216.50 -104.38
C ALA A 833 97.48 217.27 -103.92
N VAL A 834 97.40 217.62 -102.66
CA VAL A 834 98.49 218.29 -102.02
C VAL A 834 99.09 217.36 -100.98
N LEU A 835 100.40 217.42 -100.94
CA LEU A 835 101.11 216.54 -100.08
C LEU A 835 102.03 217.22 -99.12
N ILE A 836 101.84 216.88 -97.86
CA ILE A 836 102.67 217.41 -96.82
C ILE A 836 103.45 216.34 -96.11
N THR A 837 104.71 216.65 -95.84
CA THR A 837 105.45 215.68 -95.08
C THR A 837 106.24 216.27 -93.95
N THR A 838 106.23 215.54 -92.83
CA THR A 838 106.92 215.99 -91.65
C THR A 838 107.72 214.90 -91.00
N ALA A 839 108.57 215.37 -90.10
CA ALA A 839 109.40 214.46 -89.35
C ALA A 839 109.79 215.15 -88.09
N HIS A 840 109.50 214.50 -86.97
CA HIS A 840 109.85 215.08 -85.71
C HIS A 840 110.61 214.11 -84.87
N ALA A 841 111.23 214.64 -83.83
CA ALA A 841 111.95 213.80 -82.92
C ALA A 841 111.66 214.20 -81.49
N TRP A 842 111.34 213.23 -80.64
CA TRP A 842 111.17 213.62 -79.27
C TRP A 842 112.43 213.28 -78.55
N GLN A 843 112.95 214.27 -77.85
CA GLN A 843 114.16 214.00 -77.13
C GLN A 843 114.10 214.40 -75.70
N HIS A 844 115.08 213.88 -75.01
CA HIS A 844 115.14 214.18 -73.62
C HIS A 844 116.52 214.00 -73.14
N GLN A 845 117.06 215.09 -72.67
CA GLN A 845 118.41 215.08 -72.20
C GLN A 845 119.36 214.48 -73.20
N GLY A 846 119.21 214.91 -74.45
CA GLY A 846 120.10 214.44 -75.49
C GLY A 846 119.73 213.10 -76.10
N LYS A 847 118.79 212.40 -75.49
CA LYS A 847 118.44 211.15 -76.09
C LYS A 847 117.20 211.29 -76.93
N THR A 848 117.21 210.56 -78.00
CA THR A 848 116.06 210.57 -78.87
C THR A 848 115.20 209.37 -78.56
N LEU A 849 113.98 209.64 -78.08
CA LEU A 849 113.07 208.57 -77.73
C LEU A 849 112.29 208.09 -78.90
N PHE A 850 111.69 209.03 -79.59
CA PHE A 850 110.90 208.65 -80.73
C PHE A 850 111.12 209.50 -81.92
N ILE A 851 110.72 208.90 -83.02
CA ILE A 851 110.76 209.58 -84.27
C ILE A 851 109.47 209.33 -84.99
N SER A 852 108.87 210.43 -85.36
CA SER A 852 107.60 210.37 -86.03
C SER A 852 107.66 211.00 -87.41
N ARG A 853 107.36 210.17 -88.38
CA ARG A 853 107.37 210.63 -89.75
C ARG A 853 106.00 210.50 -90.37
N LYS A 854 105.48 211.62 -90.86
CA LYS A 854 104.16 211.56 -91.45
C LYS A 854 104.04 212.14 -92.82
N THR A 855 102.88 211.86 -93.40
CA THR A 855 102.45 212.40 -94.66
C THR A 855 100.97 212.68 -94.60
N TYR A 856 100.66 213.86 -95.09
CA TYR A 856 99.30 214.25 -95.13
C TYR A 856 98.98 214.52 -96.55
N ARG A 857 97.91 213.88 -96.99
CA ARG A 857 97.56 214.06 -98.35
C ARG A 857 96.10 214.35 -98.54
N ILE A 858 95.89 215.56 -99.04
CA ILE A 858 94.58 216.12 -99.27
C ILE A 858 94.24 216.20 -100.71
N ASP A 859 93.17 215.53 -101.05
CA ASP A 859 92.74 215.50 -102.42
C ASP A 859 91.57 216.40 -102.66
N GLY A 860 91.15 216.31 -103.91
CA GLY A 860 90.04 217.08 -104.40
C GLY A 860 88.72 216.62 -103.83
N SER A 861 88.72 215.50 -103.14
CA SER A 861 87.46 215.09 -102.58
C SER A 861 87.32 215.71 -101.20
N GLY A 862 88.39 216.35 -100.74
CA GLY A 862 88.37 216.98 -99.44
C GLY A 862 88.72 216.04 -98.29
N GLN A 863 89.32 214.91 -98.62
CA GLN A 863 89.70 214.02 -97.56
C GLN A 863 91.15 214.13 -97.26
N MET A 864 91.44 213.97 -96.01
CA MET A 864 92.81 214.02 -95.61
C MET A 864 93.27 212.68 -95.11
N ALA A 865 94.25 212.16 -95.82
CA ALA A 865 94.80 210.88 -95.46
C ALA A 865 96.09 211.09 -94.74
N ILE A 866 96.17 210.44 -93.61
CA ILE A 866 97.33 210.56 -92.80
C ILE A 866 98.05 209.27 -92.65
N THR A 867 99.33 209.41 -92.66
CA THR A 867 100.16 208.26 -92.56
C THR A 867 101.25 208.50 -91.56
N VAL A 868 101.31 207.54 -90.63
CA VAL A 868 102.27 207.64 -89.57
C VAL A 868 103.16 206.46 -89.41
N ASP A 869 104.44 206.80 -89.30
CA ASP A 869 105.45 205.79 -89.06
C ASP A 869 106.35 206.24 -87.96
N VAL A 870 106.37 205.43 -86.91
CA VAL A 870 107.17 205.72 -85.75
C VAL A 870 108.26 204.73 -85.43
N GLU A 871 109.33 205.30 -84.88
CA GLU A 871 110.46 204.54 -84.44
C GLU A 871 110.62 204.82 -82.99
N VAL A 872 110.83 203.74 -82.22
CA VAL A 872 111.03 203.85 -80.81
C VAL A 872 112.36 203.30 -80.36
N ALA A 873 113.12 204.08 -79.63
CA ALA A 873 114.40 203.57 -79.17
C ALA A 873 114.21 202.28 -78.41
N SER A 874 114.98 201.33 -78.80
CA SER A 874 114.89 200.04 -78.17
C SER A 874 115.24 200.14 -76.71
N ASP A 875 116.00 201.15 -76.35
CA ASP A 875 116.35 201.16 -74.97
C ASP A 875 115.49 202.03 -74.11
N THR A 876 114.39 202.47 -74.65
CA THR A 876 113.52 203.22 -73.79
C THR A 876 112.39 202.30 -73.38
N PRO A 877 111.73 202.61 -72.31
CA PRO A 877 110.64 201.79 -71.86
C PRO A 877 109.49 201.84 -72.83
N HIS A 878 108.87 200.70 -73.06
CA HIS A 878 107.78 200.72 -73.98
C HIS A 878 106.75 201.68 -73.52
N PRO A 879 106.36 202.48 -74.45
CA PRO A 879 105.40 203.53 -74.30
C PRO A 879 104.01 202.98 -74.15
N ALA A 880 103.21 203.73 -73.41
CA ALA A 880 101.84 203.40 -73.12
C ALA A 880 101.00 203.32 -74.35
N ARG A 881 101.37 204.16 -75.29
CA ARG A 881 100.59 204.20 -76.51
C ARG A 881 101.28 204.96 -77.60
N ILE A 882 100.68 204.83 -78.79
CA ILE A 882 101.16 205.46 -80.00
C ILE A 882 100.01 205.97 -80.83
N GLY A 883 99.85 207.30 -80.78
CA GLY A 883 98.76 207.91 -81.47
C GLY A 883 98.87 209.40 -81.58
N LEU A 884 97.69 209.95 -81.76
CA LEU A 884 97.58 211.36 -81.90
C LEU A 884 96.47 211.89 -81.08
N ASN A 885 96.53 213.19 -80.92
CA ASN A 885 95.46 213.81 -80.20
C ASN A 885 95.28 215.27 -80.52
N CYS A 886 94.13 215.72 -80.11
CA CYS A 886 93.81 217.10 -80.30
C CYS A 886 92.52 217.41 -79.56
N GLN A 887 92.33 218.73 -79.39
CA GLN A 887 91.16 219.21 -78.73
C GLN A 887 90.25 219.81 -79.76
N LEU A 888 89.14 219.15 -79.98
CA LEU A 888 88.21 219.68 -80.95
C LEU A 888 87.41 220.79 -80.36
N ALA A 889 87.16 221.79 -81.18
CA ALA A 889 86.38 222.91 -80.74
C ALA A 889 84.90 222.54 -80.53
N GLN A 890 84.41 221.65 -81.33
CA GLN A 890 83.04 221.25 -81.21
C GLN A 890 82.79 220.33 -80.02
N VAL A 891 81.51 220.22 -79.70
CA VAL A 891 81.04 219.36 -78.64
C VAL A 891 79.68 218.79 -79.01
N ALA A 892 79.57 217.49 -79.20
CA ALA A 892 78.29 216.91 -79.60
C ALA A 892 77.66 215.99 -78.60
N GLU A 893 76.49 215.53 -78.96
CA GLU A 893 75.69 214.69 -78.10
C GLU A 893 76.01 213.21 -78.12
N ARG A 894 76.12 212.73 -79.33
CA ARG A 894 76.37 211.35 -79.53
C ARG A 894 77.72 211.06 -80.15
N VAL A 895 78.03 209.76 -80.08
CA VAL A 895 79.23 209.19 -80.60
C VAL A 895 78.85 207.92 -81.30
N ASN A 896 79.33 207.81 -82.50
CA ASN A 896 78.94 206.69 -83.27
C ASN A 896 80.14 206.08 -83.92
N TRP A 897 80.24 204.78 -83.74
CA TRP A 897 81.37 204.11 -84.30
C TRP A 897 81.09 202.70 -84.68
N LEU A 898 81.97 202.26 -85.53
CA LEU A 898 81.99 200.94 -86.03
C LEU A 898 83.28 200.31 -85.57
N GLY A 899 83.11 199.46 -84.56
CA GLY A 899 84.22 198.79 -83.93
C GLY A 899 83.74 198.00 -82.73
N LEU A 900 84.66 197.82 -81.79
CA LEU A 900 84.39 197.05 -80.60
C LEU A 900 83.61 197.80 -79.59
N GLY A 901 82.49 197.23 -79.18
CA GLY A 901 81.69 197.95 -78.22
C GLY A 901 80.72 197.05 -77.50
N PRO A 902 79.92 197.68 -76.69
CA PRO A 902 79.88 199.12 -76.55
C PRO A 902 80.71 199.64 -75.40
N GLN A 903 81.06 198.79 -74.47
CA GLN A 903 81.83 199.32 -73.36
C GLN A 903 83.30 199.51 -73.59
N GLU A 904 83.87 200.26 -72.67
CA GLU A 904 85.29 200.49 -72.59
C GLU A 904 86.01 199.15 -72.79
N ASN A 905 87.02 199.12 -73.65
CA ASN A 905 87.77 197.90 -73.88
C ASN A 905 89.22 198.17 -74.18
N TYR A 906 90.05 197.29 -73.71
CA TYR A 906 91.47 197.43 -73.91
C TYR A 906 92.03 196.17 -74.53
N PRO A 907 93.22 196.32 -75.04
CA PRO A 907 93.92 195.27 -75.74
C PRO A 907 93.92 193.98 -74.98
N ASP A 908 94.26 194.03 -73.70
CA ASP A 908 94.23 192.81 -72.92
C ASP A 908 92.92 192.64 -72.19
N ARG A 909 91.91 193.39 -72.58
CA ARG A 909 90.60 193.22 -71.95
C ARG A 909 89.53 193.57 -72.95
N LEU A 910 89.28 192.67 -73.91
CA LEU A 910 88.29 193.03 -74.90
C LEU A 910 87.52 191.84 -75.44
N THR A 911 87.73 190.69 -74.91
CA THR A 911 86.99 189.57 -75.44
C THR A 911 85.50 189.72 -75.27
N ALA A 912 85.08 190.48 -74.29
CA ALA A 912 83.66 190.55 -74.14
C ALA A 912 82.99 191.50 -75.10
N ALA A 913 83.80 192.37 -75.68
CA ALA A 913 83.30 193.39 -76.61
C ALA A 913 82.88 192.82 -77.95
N CME A 914 81.98 193.52 -78.67
CA CME A 914 81.54 193.09 -79.95
CB CME A 914 80.14 192.54 -79.95
SG CME A 914 80.07 190.97 -79.08
SD CME A 914 78.10 191.08 -78.67
CE CME A 914 78.01 192.34 -77.35
CZ CME A 914 76.59 192.35 -76.74
OH CME A 914 75.71 191.70 -77.67
C CME A 914 81.75 194.08 -81.01
O CME A 914 81.73 195.31 -80.83
N PHE A 915 81.98 193.52 -82.17
CA PHE A 915 82.21 194.33 -83.31
C PHE A 915 80.91 194.68 -83.97
N ASP A 916 80.56 195.93 -83.87
CA ASP A 916 79.33 196.33 -84.48
C ASP A 916 79.29 197.84 -84.63
N ARG A 917 78.09 198.35 -84.87
CA ARG A 917 77.92 199.75 -84.96
C ARG A 917 77.32 200.26 -83.69
N TRP A 918 78.05 201.13 -83.03
CA TRP A 918 77.60 201.64 -81.77
C TRP A 918 77.34 203.11 -81.83
N ASP A 919 76.34 203.51 -81.06
CA ASP A 919 75.97 204.89 -80.96
C ASP A 919 75.62 205.17 -79.53
N LEU A 920 76.37 206.07 -78.91
CA LEU A 920 76.12 206.43 -77.54
C LEU A 920 76.31 207.89 -77.33
N PRO A 921 75.93 208.28 -76.16
CA PRO A 921 76.04 209.63 -75.73
C PRO A 921 77.41 209.79 -75.16
N LEU A 922 77.94 210.94 -75.49
CA LEU A 922 79.24 211.32 -75.09
C LEU A 922 79.60 210.93 -73.66
N SER A 923 78.63 211.10 -72.81
CA SER A 923 78.81 210.81 -71.41
C SER A 923 79.21 209.37 -71.17
N ASP A 924 78.66 208.52 -72.00
CA ASP A 924 78.94 207.13 -71.87
C ASP A 924 80.34 206.79 -72.32
N MET A 925 80.98 207.74 -72.97
CA MET A 925 82.31 207.40 -73.39
C MET A 925 83.32 207.71 -72.31
N TYR A 926 82.81 207.90 -71.08
CA TYR A 926 83.69 208.20 -69.99
C TYR A 926 83.49 207.29 -68.81
N THR A 927 84.62 206.89 -68.23
CA THR A 927 84.63 205.99 -67.10
C THR A 927 85.17 206.67 -65.88
N PRO A 928 84.19 206.98 -65.06
CA PRO A 928 84.23 207.67 -63.77
C PRO A 928 84.89 206.86 -62.66
N TYR A 929 86.07 206.38 -62.96
CA TYR A 929 86.82 205.70 -61.97
C TYR A 929 87.05 206.73 -60.87
N VAL A 930 86.71 206.36 -59.64
CA VAL A 930 86.88 207.29 -58.54
C VAL A 930 88.24 207.97 -58.58
N PHE A 931 89.25 207.16 -58.70
CA PHE A 931 90.56 207.73 -58.83
C PHE A 931 90.79 207.76 -60.33
N PRO A 932 90.95 208.94 -60.88
CA PRO A 932 91.00 209.12 -62.31
C PRO A 932 92.29 208.74 -63.02
N SER A 933 92.10 208.28 -64.28
CA SER A 933 93.18 207.87 -65.20
C SER A 933 92.69 207.63 -66.63
N GLU A 934 93.61 207.28 -67.54
CA GLU A 934 93.21 206.95 -68.89
C GLU A 934 92.01 205.99 -68.81
N ASN A 935 91.00 206.18 -69.65
CA ASN A 935 89.83 205.31 -69.61
C ASN A 935 88.95 205.48 -70.82
N GLY A 936 87.92 204.68 -70.88
CA GLY A 936 86.94 204.74 -71.96
C GLY A 936 87.39 204.31 -73.34
N LEU A 937 88.59 203.81 -73.45
CA LEU A 937 89.00 203.38 -74.77
C LEU A 937 88.10 202.32 -75.40
N ARG A 938 88.05 202.38 -76.71
CA ARG A 938 87.41 201.35 -77.53
C ARG A 938 88.37 201.01 -78.64
N CYS A 939 88.64 199.73 -78.83
CA CYS A 939 89.57 199.29 -79.84
C CYS A 939 88.89 198.70 -81.06
N GLY A 940 89.74 198.38 -82.02
CA GLY A 940 89.33 197.77 -83.26
C GLY A 940 88.31 198.56 -84.00
N THR A 941 88.56 199.85 -84.08
CA THR A 941 87.66 200.72 -84.74
C THR A 941 88.08 201.05 -86.13
N ARG A 942 87.05 201.06 -86.94
CA ARG A 942 87.23 201.29 -88.33
C ARG A 942 86.68 202.59 -88.85
N GLU A 943 85.63 203.06 -88.18
CA GLU A 943 84.97 204.30 -88.52
C GLU A 943 84.46 204.96 -87.27
N LEU A 944 84.76 206.26 -87.17
CA LEU A 944 84.35 207.05 -86.03
C LEU A 944 83.73 208.34 -86.49
N ASN A 945 82.58 208.63 -85.91
CA ASN A 945 81.81 209.82 -86.24
C ASN A 945 81.45 210.68 -85.06
N TYR A 946 81.81 211.95 -85.14
CA TYR A 946 81.49 212.91 -84.10
C TYR A 946 81.31 214.26 -84.76
N GLY A 947 80.10 214.75 -84.67
CA GLY A 947 79.79 215.99 -85.32
C GLY A 947 79.85 215.76 -86.81
N PRO A 948 80.35 216.75 -87.48
CA PRO A 948 80.56 216.74 -88.91
C PRO A 948 81.73 215.87 -89.27
N HIS A 949 82.50 215.42 -88.28
CA HIS A 949 83.66 214.61 -88.55
C HIS A 949 83.48 213.15 -88.63
N GLN A 950 84.43 212.61 -89.38
CA GLN A 950 84.53 211.20 -89.59
C GLN A 950 85.97 210.76 -89.75
N TRP A 951 86.30 209.70 -89.03
CA TRP A 951 87.62 209.17 -89.17
C TRP A 951 87.56 207.74 -89.58
N ARG A 952 88.50 207.38 -90.40
CA ARG A 952 88.56 206.04 -90.86
C ARG A 952 89.92 205.45 -90.88
N GLY A 953 89.90 204.18 -90.53
CA GLY A 953 91.10 203.40 -90.49
C GLY A 953 90.95 202.17 -89.64
N ASP A 954 91.97 201.97 -88.85
CA ASP A 954 91.97 200.85 -87.95
C ASP A 954 92.66 201.29 -86.69
N PHE A 955 91.87 201.74 -85.74
CA PHE A 955 92.52 202.25 -84.55
C PHE A 955 91.64 202.04 -83.37
N GLN A 956 92.14 202.63 -82.28
CA GLN A 956 91.45 202.66 -81.03
C GLN A 956 91.41 204.10 -80.62
N PHE A 957 90.40 204.43 -79.83
CA PHE A 957 90.30 205.80 -79.42
C PHE A 957 89.50 205.94 -78.19
N ASN A 958 89.53 207.16 -77.71
CA ASN A 958 88.73 207.62 -76.61
C ASN A 958 88.39 209.07 -76.88
N ILE A 959 87.29 209.50 -76.27
CA ILE A 959 86.82 210.83 -76.45
C ILE A 959 86.05 211.36 -75.25
N SER A 960 86.47 212.51 -74.75
CA SER A 960 85.82 213.06 -73.57
C SER A 960 86.13 214.55 -73.45
N ARG A 961 85.80 215.11 -72.27
CA ARG A 961 86.07 216.51 -72.01
C ARG A 961 87.21 216.70 -71.09
N TYR A 962 88.01 215.66 -70.94
CA TYR A 962 89.10 215.85 -70.04
C TYR A 962 90.39 215.49 -70.68
N SER A 963 91.34 216.37 -70.55
CA SER A 963 92.62 216.08 -71.10
C SER A 963 93.26 215.03 -70.20
N GLN A 964 94.23 214.34 -70.78
CA GLN A 964 94.96 213.34 -70.03
C GLN A 964 95.64 214.06 -68.87
N GLN A 965 96.13 215.25 -69.15
CA GLN A 965 96.77 215.97 -68.09
C GLN A 965 95.83 216.22 -66.95
N GLN A 966 94.62 216.64 -67.25
CA GLN A 966 93.71 216.86 -66.16
C GLN A 966 93.59 215.59 -65.33
N LEU A 967 93.24 214.53 -66.03
CA LEU A 967 93.05 213.23 -65.40
C LEU A 967 94.22 212.84 -64.56
N MET A 968 95.35 213.11 -65.13
CA MET A 968 96.54 212.75 -64.47
C MET A 968 96.80 213.58 -63.24
N GLU A 969 96.36 214.81 -63.27
CA GLU A 969 96.62 215.69 -62.16
C GLU A 969 95.56 215.73 -61.10
N THR A 970 94.40 215.15 -61.34
CA THR A 970 93.31 215.13 -60.38
C THR A 970 93.22 213.82 -59.61
N SER A 971 93.00 213.91 -58.31
CA SER A 971 92.92 212.70 -57.50
C SER A 971 91.53 212.16 -57.30
N HIS A 972 90.52 212.99 -57.47
CA HIS A 972 89.20 212.45 -57.27
C HIS A 972 88.36 212.83 -58.40
N ARG A 973 87.48 211.93 -58.74
CA ARG A 973 86.61 212.17 -59.85
C ARG A 973 85.81 213.44 -59.69
N HIS A 974 85.34 213.66 -58.47
CA HIS A 974 84.51 214.80 -58.21
C HIS A 974 85.17 216.13 -58.52
N LEU A 975 86.49 216.11 -58.65
CA LEU A 975 87.16 217.36 -58.97
C LEU A 975 87.42 217.60 -60.44
N LEU A 976 86.88 216.78 -61.29
CA LEU A 976 87.17 217.10 -62.64
C LEU A 976 86.13 218.02 -63.16
N HIS A 977 86.59 218.86 -64.04
CA HIS A 977 85.72 219.78 -64.66
C HIS A 977 85.91 219.65 -66.15
N ALA A 978 84.81 219.66 -66.86
CA ALA A 978 84.91 219.55 -68.29
C ALA A 978 85.74 220.67 -68.87
N GLU A 979 86.48 220.36 -69.91
CA GLU A 979 87.29 221.35 -70.56
C GLU A 979 86.50 221.92 -71.72
N GLU A 980 87.08 222.93 -72.31
CA GLU A 980 86.46 223.65 -73.38
C GLU A 980 85.82 222.90 -74.53
N GLY A 981 86.50 222.00 -75.18
CA GLY A 981 85.78 221.37 -76.28
C GLY A 981 85.71 219.90 -76.03
N THR A 982 86.12 219.15 -77.02
CA THR A 982 86.17 217.71 -76.89
C THR A 982 87.58 217.21 -77.14
N TRP A 983 88.07 216.45 -76.18
CA TRP A 983 89.39 215.86 -76.30
C TRP A 983 89.31 214.51 -76.97
N LEU A 984 90.18 214.38 -77.96
CA LEU A 984 90.18 213.16 -78.73
C LEU A 984 91.54 212.52 -78.87
N ASN A 985 91.57 211.25 -78.48
CA ASN A 985 92.75 210.46 -78.61
C ASN A 985 92.52 209.29 -79.54
N ILE A 986 93.32 209.29 -80.60
CA ILE A 986 93.33 208.25 -81.58
C ILE A 986 94.66 207.53 -81.59
N ASP A 987 94.55 206.27 -81.20
CA ASP A 987 95.70 205.45 -81.09
C ASP A 987 95.84 204.40 -82.16
N GLY A 988 97.06 204.34 -82.68
CA GLY A 988 97.40 203.32 -83.63
C GLY A 988 97.67 202.07 -82.79
N PHE A 989 98.20 202.29 -81.59
CA PHE A 989 98.49 201.21 -80.69
C PHE A 989 98.43 201.66 -79.28
N HIS A 990 98.06 200.71 -78.44
CA HIS A 990 97.95 201.01 -77.05
C HIS A 990 98.33 199.84 -76.18
N MET A 991 99.12 200.10 -75.16
CA MET A 991 99.58 199.06 -74.25
C MET A 991 98.47 198.40 -73.45
N GLY A 992 98.71 197.20 -72.96
CA GLY A 992 97.69 196.53 -72.19
C GLY A 992 97.54 197.21 -70.83
N ILE A 993 96.57 196.78 -70.03
CA ILE A 993 96.34 197.39 -68.74
C ILE A 993 96.78 196.54 -67.57
N GLY A 994 96.92 195.23 -67.80
CA GLY A 994 97.38 194.34 -66.76
C GLY A 994 96.33 194.15 -65.69
N GLY A 995 96.80 193.68 -64.53
CA GLY A 995 95.92 193.47 -63.42
C GLY A 995 96.16 192.23 -62.63
N ASP A 996 97.10 191.39 -63.08
CA ASP A 996 97.36 190.16 -62.33
C ASP A 996 97.48 190.45 -60.84
N ASP A 997 98.00 191.64 -60.57
CA ASP A 997 98.13 192.25 -59.27
C ASP A 997 98.34 193.71 -59.47
N SER A 998 98.15 194.47 -58.40
CA SER A 998 98.28 195.90 -58.54
C SER A 998 99.47 196.47 -57.79
N TRP A 999 100.47 195.65 -57.52
CA TRP A 999 101.62 196.21 -56.84
C TRP A 999 102.95 195.81 -57.45
N SER A 1000 102.85 195.38 -58.70
CA SER A 1000 103.94 194.98 -59.56
C SER A 1000 103.46 195.06 -60.97
N PRO A 1001 104.42 195.05 -61.86
CA PRO A 1001 104.11 195.14 -63.27
C PRO A 1001 103.43 193.87 -63.68
N SER A 1002 102.22 194.01 -64.21
CA SER A 1002 101.44 192.88 -64.56
C SER A 1002 101.03 192.80 -66.01
N VAL A 1003 101.53 193.70 -66.85
CA VAL A 1003 101.14 193.63 -68.26
C VAL A 1003 101.98 192.61 -69.01
N SER A 1004 101.36 191.62 -69.66
CA SER A 1004 102.19 190.69 -70.38
C SER A 1004 102.81 191.20 -71.63
N ALA A 1005 103.95 190.60 -71.85
CA ALA A 1005 104.74 190.91 -72.99
C ALA A 1005 103.93 191.05 -74.24
N GLU A 1006 103.02 190.13 -74.51
CA GLU A 1006 102.25 190.31 -75.73
C GLU A 1006 101.55 191.62 -75.74
N PHE A 1007 101.41 192.27 -74.60
CA PHE A 1007 100.71 193.53 -74.68
C PHE A 1007 101.54 194.73 -74.56
N GLN A 1008 102.84 194.57 -74.63
CA GLN A 1008 103.72 195.71 -74.55
C GLN A 1008 104.08 196.18 -75.94
N LEU A 1009 104.25 197.50 -76.09
CA LEU A 1009 104.59 198.08 -77.39
C LEU A 1009 106.09 197.99 -77.54
N SER A 1010 106.53 196.81 -77.85
CA SER A 1010 107.93 196.57 -77.94
C SER A 1010 108.50 196.39 -79.34
N ALA A 1011 107.67 196.56 -80.36
CA ALA A 1011 108.11 196.34 -81.72
C ALA A 1011 109.20 197.23 -82.25
N GLY A 1012 109.36 198.43 -81.73
CA GLY A 1012 110.39 199.27 -82.27
C GLY A 1012 109.89 200.11 -83.44
N ARG A 1013 109.08 199.52 -84.27
CA ARG A 1013 108.59 200.30 -85.36
C ARG A 1013 107.12 200.13 -85.51
N TYR A 1014 106.42 201.23 -85.69
CA TYR A 1014 104.99 201.16 -85.85
C TYR A 1014 104.50 202.02 -86.99
N HIS A 1015 103.45 201.52 -87.61
CA HIS A 1015 102.85 202.20 -88.72
C HIS A 1015 101.34 202.27 -88.61
N TYR A 1016 100.77 203.40 -89.01
CA TYR A 1016 99.32 203.52 -89.04
C TYR A 1016 98.86 204.63 -89.95
N GLN A 1017 97.63 204.47 -90.42
CA GLN A 1017 97.03 205.39 -91.35
C GLN A 1017 95.63 205.77 -91.03
N LEU A 1018 95.30 206.92 -91.49
CA LEU A 1018 94.03 207.43 -91.16
C LEU A 1018 93.43 208.34 -92.16
N VAL A 1019 92.11 208.38 -92.09
CA VAL A 1019 91.40 209.27 -92.95
C VAL A 1019 90.41 210.17 -92.28
N TRP A 1020 90.54 211.45 -92.55
CA TRP A 1020 89.68 212.40 -91.89
C TRP A 1020 88.86 213.24 -92.90
N CME A 1021 87.60 213.35 -92.63
CA CME A 1021 86.64 214.15 -93.40
CB CME A 1021 86.06 213.39 -94.56
SG CME A 1021 86.70 211.73 -94.50
SD CME A 1021 85.07 210.71 -94.93
CE CME A 1021 83.92 211.89 -94.19
CZ CME A 1021 83.13 212.69 -95.23
OH CME A 1021 81.75 212.62 -94.89
C CME A 1021 85.46 214.64 -92.64
O CME A 1021 85.19 214.23 -91.54
N GLN A 1022 84.78 215.54 -93.34
CA GLN A 1022 83.62 216.18 -92.88
C GLN A 1022 82.46 215.94 -93.76
N LYS A 1023 81.27 216.13 -93.19
CA LYS A 1023 80.01 215.96 -93.88
C LYS A 1023 79.26 217.28 -93.84
N ILE B 3 120.96 113.48 -95.86
CA ILE B 3 119.57 113.35 -96.36
C ILE B 3 118.52 114.19 -95.60
N THR B 4 118.63 114.10 -94.29
CA THR B 4 117.76 114.86 -93.46
C THR B 4 118.40 116.22 -93.42
N ASP B 5 119.61 116.31 -93.97
CA ASP B 5 120.29 117.57 -94.05
C ASP B 5 119.91 118.24 -95.36
N SER B 6 119.02 117.57 -96.06
CA SER B 6 118.59 118.03 -97.34
C SER B 6 117.63 119.19 -97.31
N LEU B 7 117.89 120.13 -98.20
CA LEU B 7 117.00 121.24 -98.35
C LEU B 7 115.58 120.73 -98.38
N ALA B 8 115.40 119.84 -99.29
CA ALA B 8 114.11 119.30 -99.51
C ALA B 8 113.38 119.02 -98.23
N VAL B 9 114.17 118.52 -97.31
CA VAL B 9 113.66 118.14 -96.03
C VAL B 9 113.58 119.31 -95.05
N VAL B 10 114.69 120.00 -94.88
CA VAL B 10 114.73 121.14 -94.02
C VAL B 10 113.61 122.13 -94.34
N LEU B 11 113.58 122.57 -95.56
CA LEU B 11 112.57 123.54 -95.92
C LEU B 11 111.19 123.00 -95.84
N GLN B 12 111.12 121.74 -95.53
CA GLN B 12 109.82 121.20 -95.49
C GLN B 12 108.98 121.94 -94.47
N ARG B 13 109.56 122.04 -93.30
CA ARG B 13 108.88 122.64 -92.17
C ARG B 13 108.49 124.11 -92.30
N ARG B 14 109.28 124.90 -93.03
CA ARG B 14 108.89 126.28 -93.17
C ARG B 14 108.81 126.98 -91.83
N ASP B 15 109.93 126.90 -91.17
CA ASP B 15 110.09 127.50 -89.88
C ASP B 15 109.89 129.00 -89.93
N TRP B 16 110.19 129.55 -91.09
CA TRP B 16 110.05 130.96 -91.34
C TRP B 16 108.61 131.39 -91.50
N GLU B 17 107.69 130.47 -91.29
CA GLU B 17 106.30 130.87 -91.33
C GLU B 17 105.64 130.37 -90.06
N ASN B 18 106.44 130.37 -89.01
CA ASN B 18 105.95 129.90 -87.76
C ASN B 18 106.58 130.57 -86.57
N PRO B 19 105.78 131.48 -86.03
CA PRO B 19 106.05 132.28 -84.85
C PRO B 19 106.43 131.38 -83.69
N GLY B 20 106.02 130.12 -83.79
CA GLY B 20 106.36 129.14 -82.77
C GLY B 20 107.84 128.78 -82.92
N VAL B 21 108.38 128.97 -84.10
CA VAL B 21 109.77 128.64 -84.17
C VAL B 21 110.56 129.86 -84.45
N THR B 22 111.40 130.19 -83.50
CA THR B 22 112.16 131.39 -83.68
C THR B 22 113.64 131.12 -83.74
N GLN B 23 113.98 129.91 -83.41
CA GLN B 23 115.35 129.49 -83.45
C GLN B 23 115.40 127.97 -83.37
N LEU B 24 116.57 127.41 -83.68
CA LEU B 24 116.81 125.98 -83.64
C LEU B 24 118.24 125.75 -83.28
N ASN B 25 118.45 125.11 -82.18
CA ASN B 25 119.82 124.84 -81.77
C ASN B 25 120.70 126.03 -81.55
N ARG B 26 120.09 127.20 -81.38
CA ARG B 26 120.86 128.40 -81.13
C ARG B 26 121.28 128.40 -79.68
N LEU B 27 122.50 128.81 -79.37
CA LEU B 27 122.92 128.86 -77.98
C LEU B 27 122.28 130.02 -77.25
N ALA B 28 122.54 130.07 -75.95
CA ALA B 28 122.00 131.13 -75.12
C ALA B 28 122.80 132.40 -75.19
N ALA B 29 122.06 133.49 -74.99
CA ALA B 29 122.52 134.87 -75.00
C ALA B 29 123.41 135.23 -73.81
N HIS B 30 124.23 136.26 -73.93
CA HIS B 30 125.11 136.64 -72.85
C HIS B 30 125.94 137.82 -73.31
N PRO B 31 126.64 138.37 -72.35
CA PRO B 31 127.50 139.45 -72.66
C PRO B 31 128.67 138.93 -73.46
N PRO B 32 129.34 139.84 -74.02
CA PRO B 32 130.49 139.64 -74.85
C PRO B 32 131.68 138.96 -74.23
N PHE B 33 132.06 137.87 -74.90
CA PHE B 33 133.20 137.05 -74.55
C PHE B 33 134.34 137.15 -75.56
N ALA B 34 135.56 136.91 -75.06
CA ALA B 34 136.78 136.90 -75.86
C ALA B 34 137.57 135.65 -75.55
N SER B 35 137.32 135.12 -74.37
CA SER B 35 138.02 133.93 -73.94
C SER B 35 139.49 134.18 -73.86
N TRP B 36 139.89 135.33 -73.34
CA TRP B 36 141.30 135.52 -73.22
C TRP B 36 141.85 134.38 -72.43
N ARG B 37 143.10 134.07 -72.73
CA ARG B 37 143.76 133.02 -72.00
C ARG B 37 144.89 133.63 -71.17
N ASN B 38 144.90 134.95 -71.11
CA ASN B 38 145.87 135.67 -70.33
C ASN B 38 145.21 136.90 -69.74
N SER B 39 145.42 137.06 -68.44
CA SER B 39 144.85 138.16 -67.73
C SER B 39 145.16 139.53 -68.33
N GLU B 40 146.45 139.86 -68.37
CA GLU B 40 146.87 141.13 -68.88
C GLU B 40 146.17 141.53 -70.15
N GLU B 41 146.09 140.58 -71.04
CA GLU B 41 145.46 140.85 -72.30
C GLU B 41 144.05 141.29 -72.10
N ALA B 42 143.32 140.43 -71.44
CA ALA B 42 141.95 140.74 -71.15
C ALA B 42 141.93 142.08 -70.45
N ARG B 43 142.82 142.24 -69.52
CA ARG B 43 142.83 143.47 -68.79
C ARG B 43 142.99 144.70 -69.64
N THR B 44 143.86 144.60 -70.61
CA THR B 44 144.14 145.74 -71.46
C THR B 44 143.39 145.62 -72.74
N ASP B 45 142.35 144.83 -72.67
CA ASP B 45 141.54 144.67 -73.83
C ASP B 45 142.35 144.40 -75.08
N ARG B 46 143.30 143.48 -75.03
CA ARG B 46 143.99 143.19 -76.26
C ARG B 46 143.09 142.35 -77.10
N PRO B 47 143.64 141.68 -78.08
CA PRO B 47 142.77 140.88 -78.90
C PRO B 47 142.98 139.43 -78.64
N SER B 48 141.88 138.72 -78.51
CA SER B 48 142.02 137.32 -78.22
C SER B 48 142.02 136.52 -79.48
N GLN B 49 142.82 135.49 -79.40
CA GLN B 49 142.96 134.61 -80.50
C GLN B 49 141.89 133.56 -80.44
N GLN B 50 141.13 133.47 -79.34
CA GLN B 50 140.09 132.46 -79.36
C GLN B 50 138.89 133.03 -80.08
N LEU B 51 139.14 134.24 -80.55
CA LEU B 51 138.19 134.96 -81.29
C LEU B 51 138.66 135.25 -82.69
N ARG B 52 137.90 134.79 -83.66
CA ARG B 52 138.31 134.96 -85.03
C ARG B 52 137.23 135.47 -85.95
N SER B 53 137.59 136.48 -86.74
CA SER B 53 136.62 137.03 -87.65
C SER B 53 136.55 136.29 -88.95
N LEU B 54 135.34 136.16 -89.47
CA LEU B 54 135.15 135.49 -90.73
C LEU B 54 134.72 136.48 -91.77
N ASN B 55 134.90 137.73 -91.38
CA ASN B 55 134.51 138.76 -92.30
C ASN B 55 135.51 138.78 -93.41
N GLY B 56 134.97 139.04 -94.60
CA GLY B 56 135.77 139.14 -95.78
C GLY B 56 135.00 138.71 -97.00
N GLU B 57 135.76 138.15 -97.93
CA GLU B 57 135.19 137.70 -99.16
C GLU B 57 134.47 136.40 -98.98
N TRP B 58 133.29 136.34 -99.53
CA TRP B 58 132.49 135.15 -99.41
C TRP B 58 131.82 134.88 -100.72
N ARG B 59 131.09 133.80 -100.80
CA ARG B 59 130.47 133.55 -102.07
C ARG B 59 128.98 133.65 -101.97
N PHE B 60 128.46 134.41 -102.91
CA PHE B 60 127.06 134.68 -102.86
C PHE B 60 126.27 134.30 -104.07
N ALA B 61 125.02 133.95 -103.84
CA ALA B 61 124.14 133.67 -104.94
C ALA B 61 122.74 133.94 -104.52
N TRP B 62 122.00 134.53 -105.40
CA TRP B 62 120.66 134.95 -105.08
C TRP B 62 119.55 134.20 -105.77
N PHE B 63 118.45 133.97 -105.10
CA PHE B 63 117.33 133.28 -105.70
C PHE B 63 116.07 133.90 -105.25
N PRO B 64 115.16 133.92 -106.16
CA PRO B 64 113.81 134.44 -106.00
C PRO B 64 113.00 133.69 -104.95
N ALA B 65 113.46 132.50 -104.59
CA ALA B 65 112.77 131.72 -103.59
C ALA B 65 113.67 130.64 -103.07
N PRO B 66 113.37 130.24 -101.87
CA PRO B 66 114.13 129.24 -101.20
C PRO B 66 114.07 127.90 -101.95
N GLU B 67 112.83 127.56 -102.33
CA GLU B 67 112.55 126.36 -103.07
C GLU B 67 113.43 126.23 -104.32
N ALA B 68 113.79 127.33 -104.92
CA ALA B 68 114.65 127.27 -106.08
C ALA B 68 116.11 126.95 -105.74
N VAL B 69 116.43 126.66 -104.50
CA VAL B 69 117.83 126.37 -104.29
C VAL B 69 118.19 124.93 -104.66
N PRO B 70 119.47 124.73 -105.00
CA PRO B 70 120.00 123.46 -105.45
C PRO B 70 120.86 122.76 -104.43
N GLU B 71 120.44 121.53 -104.23
CA GLU B 71 121.02 120.66 -103.29
C GLU B 71 122.52 120.63 -103.37
N SER B 72 122.96 120.79 -104.59
CA SER B 72 124.37 120.83 -104.86
C SER B 72 125.03 121.86 -103.99
N TRP B 73 124.28 122.96 -103.84
CA TRP B 73 124.72 124.10 -103.10
C TRP B 73 125.35 123.70 -101.79
N LEU B 74 124.72 122.68 -101.21
CA LEU B 74 125.12 122.15 -99.92
C LEU B 74 126.49 121.57 -99.93
N GLU B 75 126.73 120.93 -101.06
CA GLU B 75 127.96 120.24 -101.29
C GLU B 75 128.96 121.11 -101.98
N CYS B 76 128.49 121.69 -103.05
CA CYS B 76 129.40 122.42 -103.85
C CYS B 76 129.00 123.82 -104.07
N ASP B 77 130.05 124.63 -104.13
CA ASP B 77 129.92 126.04 -104.42
C ASP B 77 129.32 126.21 -105.79
N LEU B 78 128.70 127.33 -106.06
CA LEU B 78 128.17 127.41 -107.38
C LEU B 78 129.12 128.02 -108.37
N PRO B 79 128.75 127.80 -109.61
CA PRO B 79 129.53 128.28 -110.72
C PRO B 79 129.21 129.75 -110.91
N GLU B 80 127.90 129.99 -110.87
CA GLU B 80 127.33 131.30 -111.03
C GLU B 80 127.40 132.12 -109.75
N ALA B 81 128.06 131.57 -108.75
CA ALA B 81 128.22 132.29 -107.52
C ALA B 81 129.15 133.47 -107.73
N ASP B 82 128.93 134.53 -106.98
CA ASP B 82 129.77 135.71 -107.05
C ASP B 82 130.58 135.82 -105.80
N THR B 83 131.62 136.58 -105.90
CA THR B 83 132.39 136.75 -104.72
C THR B 83 131.99 138.07 -104.14
N VAL B 84 131.62 138.05 -102.84
CA VAL B 84 131.14 139.22 -102.14
C VAL B 84 131.80 139.45 -100.80
N VAL B 85 131.70 140.69 -100.37
CA VAL B 85 132.21 141.03 -99.08
C VAL B 85 131.12 140.99 -98.03
N VAL B 86 131.50 140.40 -96.92
CA VAL B 86 130.64 140.29 -95.80
C VAL B 86 131.33 140.92 -94.61
N PRO B 87 130.55 141.69 -93.82
CA PRO B 87 129.10 141.82 -93.94
C PRO B 87 128.63 142.81 -94.96
N SER B 88 127.36 142.63 -95.33
CA SER B 88 126.77 143.52 -96.31
C SER B 88 125.28 143.30 -96.56
N ASN B 89 124.71 144.26 -97.31
CA ASN B 89 123.30 144.14 -97.68
C ASN B 89 123.20 143.85 -99.15
N TRP B 90 122.62 142.73 -99.39
CA TRP B 90 122.55 142.35 -100.75
C TRP B 90 121.91 143.35 -101.71
N GLN B 91 120.94 144.11 -101.24
CA GLN B 91 120.32 145.10 -102.11
C GLN B 91 121.36 146.12 -102.49
N MET B 92 122.38 146.24 -101.64
CA MET B 92 123.42 147.21 -101.91
C MET B 92 124.32 146.76 -103.04
N HIS B 93 124.13 145.52 -103.47
CA HIS B 93 124.94 144.96 -104.52
C HIS B 93 124.16 144.74 -105.78
N GLY B 94 122.99 145.31 -105.81
CA GLY B 94 122.16 145.22 -106.96
C GLY B 94 121.36 143.94 -107.02
N TYR B 95 121.49 143.06 -106.02
CA TYR B 95 120.72 141.84 -106.17
C TYR B 95 119.20 141.96 -106.31
N ASP B 96 118.65 142.89 -105.55
CA ASP B 96 117.24 143.24 -105.60
C ASP B 96 117.15 144.61 -105.03
N ALA B 97 115.92 145.10 -104.98
CA ALA B 97 115.67 146.44 -104.49
C ALA B 97 115.47 146.58 -103.00
N PRO B 98 115.92 147.73 -102.51
CA PRO B 98 115.70 148.08 -101.15
C PRO B 98 114.35 148.76 -101.17
N ILE B 99 113.59 148.54 -100.13
CA ILE B 99 112.30 149.17 -100.07
C ILE B 99 112.19 150.19 -98.97
N TYR B 100 111.46 151.23 -99.34
CA TYR B 100 111.19 152.26 -98.42
C TYR B 100 109.72 152.57 -98.20
N THR B 101 109.17 151.91 -97.17
CA THR B 101 107.85 152.17 -96.62
C THR B 101 108.09 152.47 -95.15
N ASN B 102 107.09 153.11 -94.56
CA ASN B 102 107.12 153.51 -93.17
C ASN B 102 106.23 152.65 -92.29
N VAL B 103 104.94 152.75 -92.57
CA VAL B 103 103.97 152.03 -91.78
C VAL B 103 103.56 150.73 -92.44
N THR B 104 103.14 150.90 -93.68
CA THR B 104 102.68 149.80 -94.47
C THR B 104 103.72 148.74 -94.65
N TYR B 105 103.31 147.51 -94.37
CA TYR B 105 104.20 146.39 -94.52
C TYR B 105 104.58 146.21 -95.97
N PRO B 106 105.84 145.87 -96.17
CA PRO B 106 106.37 145.62 -97.49
C PRO B 106 105.68 144.42 -98.10
N ILE B 107 105.20 143.51 -97.27
CA ILE B 107 104.53 142.37 -97.82
C ILE B 107 103.08 142.35 -97.43
N THR B 108 102.38 141.39 -97.96
CA THR B 108 100.97 141.29 -97.64
C THR B 108 100.75 140.85 -96.24
N VAL B 109 99.75 141.46 -95.63
CA VAL B 109 99.48 141.13 -94.26
C VAL B 109 98.69 139.88 -94.02
N ASN B 110 99.41 138.83 -93.69
CA ASN B 110 98.76 137.57 -93.43
C ASN B 110 99.58 136.67 -92.58
N PRO B 111 99.82 137.17 -91.42
CA PRO B 111 100.58 136.46 -90.46
C PRO B 111 99.94 135.10 -90.25
N PRO B 112 100.81 134.14 -90.10
CA PRO B 112 102.24 134.41 -90.07
C PRO B 112 102.87 134.10 -91.38
N PHE B 113 102.09 134.32 -92.42
CA PHE B 113 102.58 134.03 -93.73
C PHE B 113 103.30 135.11 -94.42
N VAL B 114 104.37 134.64 -95.01
CA VAL B 114 105.28 135.38 -95.84
C VAL B 114 104.95 135.03 -97.30
N PRO B 115 105.40 135.81 -98.25
CA PRO B 115 105.11 135.55 -99.66
C PRO B 115 106.01 134.49 -100.27
N THR B 116 105.36 133.66 -101.09
CA THR B 116 105.98 132.53 -101.78
C THR B 116 107.30 132.91 -102.45
N GLU B 117 107.32 134.10 -103.02
CA GLU B 117 108.52 134.60 -103.65
C GLU B 117 109.28 135.33 -102.60
N ASN B 118 110.19 134.63 -102.02
CA ASN B 118 110.91 135.23 -100.98
C ASN B 118 112.37 135.06 -101.25
N PRO B 119 112.90 136.15 -101.61
CA PRO B 119 114.28 136.31 -101.98
C PRO B 119 115.23 135.65 -101.03
N THR B 120 115.95 134.69 -101.57
CA THR B 120 116.91 133.97 -100.79
C THR B 120 118.35 134.29 -101.14
N GLY B 121 119.20 134.39 -100.14
CA GLY B 121 120.59 134.70 -100.39
C GLY B 121 121.47 133.59 -99.88
N CYS B 122 122.13 132.88 -100.79
CA CYS B 122 122.99 131.79 -100.37
C CYS B 122 124.40 132.24 -100.22
N TYR B 123 124.80 132.26 -98.99
CA TYR B 123 126.14 132.66 -98.66
C TYR B 123 126.91 131.43 -98.33
N SER B 124 128.19 131.46 -98.69
CA SER B 124 129.02 130.28 -98.45
C SER B 124 130.43 130.66 -98.18
N LEU B 125 131.04 129.85 -97.35
CA LEU B 125 132.39 130.14 -97.04
C LEU B 125 133.21 128.95 -96.60
N THR B 126 134.36 128.92 -97.23
CA THR B 126 135.31 127.88 -97.02
C THR B 126 136.48 128.39 -96.22
N PHE B 127 136.78 127.67 -95.17
CA PHE B 127 137.84 128.11 -94.34
C PHE B 127 138.46 126.94 -93.61
N ASN B 128 139.60 127.34 -93.10
CA ASN B 128 140.48 126.47 -92.40
C ASN B 128 140.43 126.67 -90.93
N VAL B 129 140.54 125.56 -90.24
CA VAL B 129 140.52 125.56 -88.82
C VAL B 129 141.76 124.96 -88.23
N ASP B 130 142.36 125.65 -87.27
CA ASP B 130 143.49 125.04 -86.62
C ASP B 130 142.95 123.80 -85.93
N GLU B 131 143.74 122.76 -85.88
CA GLU B 131 143.23 121.58 -85.26
C GLU B 131 143.36 121.62 -83.76
N SER B 132 144.29 122.41 -83.28
CA SER B 132 144.43 122.49 -81.85
C SER B 132 143.06 122.77 -81.26
N TRP B 133 142.33 123.60 -81.96
CA TRP B 133 140.98 123.97 -81.58
C TRP B 133 140.09 122.76 -81.66
N LEU B 134 140.43 121.94 -82.61
CA LEU B 134 139.67 120.77 -82.85
C LEU B 134 139.89 119.74 -81.78
N GLN B 135 141.02 119.84 -81.12
CA GLN B 135 141.32 118.88 -80.10
C GLN B 135 140.47 119.08 -78.89
N GLU B 136 140.78 120.16 -78.18
CA GLU B 136 140.06 120.47 -76.97
C GLU B 136 139.15 121.70 -77.08
N GLY B 137 138.33 121.88 -76.05
CA GLY B 137 137.44 123.02 -75.96
C GLY B 137 136.25 123.00 -76.89
N GLN B 138 135.65 124.19 -76.99
CA GLN B 138 134.47 124.37 -77.79
C GLN B 138 134.56 125.52 -78.76
N THR B 139 134.06 125.18 -79.92
CA THR B 139 134.07 126.10 -80.99
C THR B 139 132.70 126.41 -81.54
N ARG B 140 132.45 127.70 -81.47
CA ARG B 140 131.21 128.17 -81.95
C ARG B 140 131.34 129.38 -82.86
N ILE B 141 130.28 129.47 -83.63
CA ILE B 141 130.17 130.53 -84.55
C ILE B 141 129.16 131.56 -84.09
N ILE B 142 129.43 132.79 -84.51
CA ILE B 142 128.59 133.88 -84.14
C ILE B 142 128.23 134.87 -85.21
N PHE B 143 126.94 134.97 -85.43
CA PHE B 143 126.39 135.92 -86.34
C PHE B 143 125.86 137.13 -85.63
N ASP B 144 126.56 138.24 -85.76
CA ASP B 144 126.11 139.43 -85.11
C ASP B 144 124.84 139.99 -85.66
N GLY B 145 124.52 139.66 -86.89
CA GLY B 145 123.31 140.17 -87.50
C GLY B 145 123.04 139.66 -88.91
N VAL B 146 121.87 139.02 -89.03
CA VAL B 146 121.35 138.43 -90.25
C VAL B 146 119.87 138.74 -90.42
N ASN B 147 119.54 139.39 -91.48
CA ASN B 147 118.18 139.80 -91.67
C ASN B 147 117.56 139.12 -92.89
N SER B 148 116.39 138.49 -92.71
CA SER B 148 115.68 138.45 -91.46
C SER B 148 115.76 137.13 -90.72
N ALA B 149 115.75 136.04 -91.47
CA ALA B 149 115.83 134.69 -90.92
C ALA B 149 116.85 133.83 -91.67
N PHE B 150 117.23 132.70 -91.09
CA PHE B 150 118.16 131.86 -91.82
C PHE B 150 118.47 130.51 -91.21
N HIS B 151 118.87 129.61 -92.15
CA HIS B 151 119.26 128.22 -91.89
C HIS B 151 120.75 128.06 -92.04
N LEU B 152 121.28 127.11 -91.34
CA LEU B 152 122.70 127.02 -91.42
C LEU B 152 123.27 125.60 -91.53
N TRP B 153 124.30 125.49 -92.40
CA TRP B 153 124.99 124.23 -92.61
C TRP B 153 126.47 124.37 -92.52
N CYS B 154 127.05 123.28 -92.03
CA CYS B 154 128.47 123.23 -91.90
C CYS B 154 128.96 121.89 -92.33
N ASN B 155 129.86 121.99 -93.32
CA ASN B 155 130.46 120.82 -93.94
C ASN B 155 129.34 119.90 -94.37
N GLY B 156 128.31 120.47 -95.00
CA GLY B 156 127.20 119.68 -95.53
C GLY B 156 126.15 119.32 -94.53
N ARG B 157 126.47 119.57 -93.28
CA ARG B 157 125.53 119.23 -92.23
C ARG B 157 124.66 120.39 -91.75
N TRP B 158 123.36 120.09 -91.62
CA TRP B 158 122.41 121.06 -91.13
C TRP B 158 122.67 121.40 -89.68
N VAL B 159 122.67 122.68 -89.35
CA VAL B 159 123.00 123.04 -87.99
C VAL B 159 121.92 123.70 -87.18
N GLY B 160 121.37 124.76 -87.70
CA GLY B 160 120.36 125.44 -86.95
C GLY B 160 119.64 126.48 -87.76
N TYR B 161 118.79 127.18 -87.03
CA TYR B 161 117.96 128.22 -87.57
C TYR B 161 117.88 129.35 -86.60
N GLY B 162 117.58 130.55 -87.10
CA GLY B 162 117.48 131.75 -86.26
C GLY B 162 116.59 132.88 -86.79
N GLN B 163 115.97 133.64 -85.87
CA GLN B 163 115.13 134.80 -86.18
C GLN B 163 115.63 136.01 -85.36
N ASP B 164 115.14 137.21 -85.71
CA ASP B 164 115.52 138.46 -85.07
C ASP B 164 116.78 139.05 -85.67
N SER B 165 116.54 139.90 -86.65
CA SER B 165 117.66 140.51 -87.34
C SER B 165 118.59 141.32 -86.51
N ARG B 166 118.21 141.75 -85.30
CA ARG B 166 119.13 142.61 -84.60
C ARG B 166 119.98 142.08 -83.49
N LEU B 167 119.81 140.81 -83.15
CA LEU B 167 120.67 140.25 -82.13
C LEU B 167 121.47 139.07 -82.66
N PRO B 168 122.53 138.75 -81.97
CA PRO B 168 123.44 137.69 -82.30
C PRO B 168 122.83 136.33 -82.25
N SER B 169 123.39 135.44 -83.06
CA SER B 169 123.00 134.07 -83.12
C SER B 169 124.23 133.20 -82.96
N GLU B 170 124.16 132.30 -82.00
CA GLU B 170 125.31 131.48 -81.79
C GLU B 170 125.03 130.02 -81.87
N PHE B 171 126.04 129.38 -82.49
CA PHE B 171 126.04 127.95 -82.61
C PHE B 171 127.40 127.33 -82.40
N ASP B 172 127.28 126.14 -81.78
CA ASP B 172 128.36 125.25 -81.46
C ASP B 172 128.64 124.40 -82.66
N LEU B 173 129.83 124.62 -83.20
CA LEU B 173 130.25 123.93 -84.40
C LEU B 173 131.09 122.68 -84.16
N SER B 174 131.55 122.64 -82.91
CA SER B 174 132.41 121.63 -82.34
C SER B 174 132.25 120.25 -82.99
N ALA B 175 131.03 119.84 -83.21
CA ALA B 175 130.82 118.54 -83.82
C ALA B 175 130.81 118.53 -85.33
N PHE B 176 131.02 119.66 -86.02
CA PHE B 176 130.96 119.57 -87.47
C PHE B 176 132.25 119.96 -88.11
N LEU B 177 133.17 120.30 -87.28
CA LEU B 177 134.40 120.70 -87.85
C LEU B 177 135.37 119.59 -88.09
N ARG B 178 136.05 119.74 -89.23
CA ARG B 178 137.11 118.87 -89.67
C ARG B 178 138.35 119.68 -89.61
N ALA B 179 139.49 119.03 -89.51
CA ALA B 179 140.67 119.84 -89.51
C ALA B 179 140.89 120.30 -90.95
N GLY B 180 141.49 121.47 -91.02
CA GLY B 180 141.73 122.07 -92.31
C GLY B 180 140.49 122.75 -92.88
N GLU B 181 140.15 122.30 -94.07
CA GLU B 181 139.08 122.89 -94.81
C GLU B 181 137.67 122.58 -94.42
N ASN B 182 136.93 123.66 -94.16
CA ASN B 182 135.53 123.56 -93.86
C ASN B 182 134.76 124.53 -94.69
N ARG B 183 133.50 124.18 -94.83
CA ARG B 183 132.60 125.01 -95.59
C ARG B 183 131.26 125.27 -94.91
N LEU B 184 130.93 126.58 -94.88
CA LEU B 184 129.69 127.07 -94.35
C LEU B 184 128.69 127.40 -95.41
N ALA B 185 127.45 127.00 -95.16
CA ALA B 185 126.40 127.35 -96.09
C ALA B 185 125.20 127.90 -95.35
N VAL B 186 125.04 129.21 -95.57
CA VAL B 186 124.02 129.98 -94.95
C VAL B 186 122.98 130.44 -95.90
N MET B 187 121.78 129.98 -95.64
CA MET B 187 120.72 130.41 -96.47
C MET B 187 119.91 131.43 -95.71
N VAL B 188 119.90 132.66 -96.22
CA VAL B 188 119.23 133.79 -95.62
C VAL B 188 117.93 134.19 -96.29
N LEU B 189 116.88 134.54 -95.52
CA LEU B 189 115.65 134.94 -96.17
C LEU B 189 115.12 136.33 -95.86
N ARG B 190 114.58 136.95 -96.89
CA ARG B 190 114.02 138.28 -96.73
C ARG B 190 112.88 138.25 -95.77
N TRP B 191 111.80 137.63 -96.16
CA TRP B 191 110.68 137.57 -95.28
C TRP B 191 110.68 136.36 -94.38
N SER B 192 110.08 136.51 -93.20
CA SER B 192 109.92 135.47 -92.20
C SER B 192 108.84 135.91 -91.26
N ASP B 193 108.41 135.07 -90.34
CA ASP B 193 107.40 135.54 -89.42
C ASP B 193 107.95 136.73 -88.63
N GLY B 194 109.28 136.74 -88.38
CA GLY B 194 110.00 137.82 -87.69
C GLY B 194 109.73 139.19 -88.29
N SER B 195 109.50 139.16 -89.57
CA SER B 195 109.22 140.38 -90.29
C SER B 195 108.02 141.06 -89.70
N TYR B 196 107.02 140.27 -89.32
CA TYR B 196 105.86 140.90 -88.76
C TYR B 196 106.21 141.77 -87.54
N LEU B 197 107.34 141.49 -86.87
CA LEU B 197 107.76 142.24 -85.73
C LEU B 197 108.83 143.21 -86.05
N GLU B 198 109.02 143.45 -87.34
CA GLU B 198 110.09 144.38 -87.67
C GLU B 198 109.64 145.43 -88.64
N ASP B 199 108.53 146.10 -88.33
CA ASP B 199 108.00 147.09 -89.25
C ASP B 199 108.54 148.49 -89.10
N GLN B 200 109.79 148.65 -88.69
CA GLN B 200 110.35 149.99 -88.53
C GLN B 200 110.33 150.84 -89.79
N ASP B 201 110.03 152.14 -89.64
CA ASP B 201 110.06 153.05 -90.79
C ASP B 201 111.51 153.34 -91.16
N MET B 202 112.01 152.46 -92.03
CA MET B 202 113.37 152.49 -92.51
C MET B 202 113.40 151.73 -93.82
N TRP B 203 114.58 151.69 -94.42
CA TRP B 203 114.74 150.95 -95.65
C TRP B 203 114.67 149.49 -95.29
N ARG B 204 113.96 148.74 -96.11
CA ARG B 204 113.87 147.32 -95.89
C ARG B 204 114.94 146.64 -96.74
N MET B 205 115.92 146.06 -96.07
CA MET B 205 117.00 145.40 -96.71
C MET B 205 117.17 143.99 -96.21
N SER B 206 118.34 143.35 -96.46
CA SER B 206 118.61 141.98 -96.04
C SER B 206 120.01 141.52 -96.26
N GLY B 207 120.35 140.43 -95.57
CA GLY B 207 121.66 139.84 -95.67
C GLY B 207 122.41 139.68 -94.37
N ILE B 208 123.70 139.43 -94.50
CA ILE B 208 124.55 139.27 -93.33
C ILE B 208 125.27 140.57 -93.19
N PHE B 209 124.60 141.43 -92.44
CA PHE B 209 125.04 142.78 -92.30
C PHE B 209 125.83 143.08 -91.08
N ARG B 210 126.09 142.05 -90.29
CA ARG B 210 126.91 142.28 -89.12
C ARG B 210 127.97 141.21 -89.08
N ASP B 211 129.00 141.47 -88.33
CA ASP B 211 130.11 140.57 -88.17
C ASP B 211 129.77 139.11 -87.96
N VAL B 212 130.77 138.30 -88.38
CA VAL B 212 130.79 136.85 -88.25
C VAL B 212 132.08 136.40 -87.62
N SER B 213 131.94 135.52 -86.62
CA SER B 213 133.12 135.12 -85.91
C SER B 213 133.11 133.73 -85.34
N LEU B 214 134.30 133.41 -84.87
CA LEU B 214 134.52 132.14 -84.25
C LEU B 214 135.12 132.32 -82.92
N LEU B 215 134.53 131.54 -82.04
CA LEU B 215 135.00 131.59 -80.71
C LEU B 215 135.33 130.23 -80.16
N HIS B 216 136.54 130.23 -79.61
CA HIS B 216 137.09 129.06 -79.01
C HIS B 216 137.07 129.16 -77.52
N LYS B 217 136.27 128.29 -76.92
CA LYS B 217 136.18 128.31 -75.50
C LYS B 217 136.46 126.96 -74.88
N PRO B 218 137.02 127.00 -73.68
CA PRO B 218 137.32 125.81 -72.90
C PRO B 218 136.04 125.06 -72.61
N THR B 219 136.14 123.78 -72.37
CA THR B 219 134.96 122.97 -72.10
C THR B 219 134.28 123.37 -70.81
N THR B 220 135.13 123.73 -69.88
CA THR B 220 134.70 124.22 -68.62
C THR B 220 134.98 125.70 -68.68
N GLN B 221 133.93 126.50 -68.77
CA GLN B 221 134.10 127.92 -68.95
C GLN B 221 133.07 128.79 -68.24
N ILE B 222 133.37 130.08 -68.34
CA ILE B 222 132.51 131.12 -67.85
C ILE B 222 131.35 131.23 -68.81
N SER B 223 130.16 130.98 -68.33
CA SER B 223 129.02 131.02 -69.22
C SER B 223 128.29 132.35 -69.21
N ASP B 224 128.49 133.12 -68.15
CA ASP B 224 127.80 134.40 -68.03
C ASP B 224 128.18 135.13 -66.77
N PHE B 225 128.07 136.44 -66.81
CA PHE B 225 128.34 137.22 -65.64
C PHE B 225 127.64 138.56 -65.63
N HIS B 226 127.33 139.07 -64.43
CA HIS B 226 126.69 140.36 -64.28
C HIS B 226 127.35 141.16 -63.23
N VAL B 227 127.27 142.43 -63.47
CA VAL B 227 127.85 143.39 -62.58
C VAL B 227 126.82 144.34 -62.06
N ALA B 228 127.02 144.78 -60.81
CA ALA B 228 126.12 145.73 -60.18
C ALA B 228 126.80 146.59 -59.16
N THR B 229 126.38 147.85 -59.11
CA THR B 229 126.94 148.78 -58.16
C THR B 229 125.94 149.33 -57.17
N ARG B 230 126.34 149.40 -55.94
CA ARG B 230 125.46 149.91 -54.94
C ARG B 230 126.15 151.01 -54.18
N PHE B 231 125.43 152.03 -53.73
CA PHE B 231 126.12 153.11 -53.02
C PHE B 231 125.56 153.47 -51.68
N ASN B 232 126.32 154.28 -50.97
CA ASN B 232 125.86 154.82 -49.73
C ASN B 232 125.16 156.11 -50.08
N ASP B 233 124.37 156.61 -49.16
CA ASP B 233 123.62 157.83 -49.41
C ASP B 233 124.41 158.94 -50.08
N ASP B 234 125.72 158.98 -49.96
CA ASP B 234 126.39 160.10 -50.58
C ASP B 234 127.34 159.69 -51.67
N PHE B 235 127.31 158.41 -52.01
CA PHE B 235 128.20 157.95 -53.04
C PHE B 235 129.63 158.01 -52.60
N SER B 236 129.85 157.97 -51.31
CA SER B 236 131.22 158.00 -50.90
C SER B 236 131.79 156.59 -50.87
N ARG B 237 130.90 155.61 -50.98
CA ARG B 237 131.29 154.21 -50.98
C ARG B 237 130.33 153.35 -51.78
N ALA B 238 130.93 152.44 -52.53
CA ALA B 238 130.18 151.56 -53.36
C ALA B 238 130.48 150.10 -53.16
N VAL B 239 129.59 149.31 -53.74
CA VAL B 239 129.82 147.93 -53.72
C VAL B 239 129.67 147.36 -55.08
N LEU B 240 130.74 146.77 -55.53
CA LEU B 240 130.67 146.14 -56.79
C LEU B 240 130.26 144.70 -56.54
N GLU B 241 129.21 144.30 -57.19
CA GLU B 241 128.79 142.97 -56.96
C GLU B 241 128.68 142.23 -58.26
N ALA B 242 129.42 141.11 -58.34
CA ALA B 242 129.48 140.32 -59.56
C ALA B 242 129.02 138.90 -59.40
N GLU B 243 128.21 138.51 -60.36
CA GLU B 243 127.74 137.18 -60.31
C GLU B 243 128.22 136.47 -61.53
N VAL B 244 128.78 135.31 -61.26
CA VAL B 244 129.34 134.53 -62.31
C VAL B 244 128.79 133.14 -62.42
N GLN B 245 128.58 132.77 -63.66
CA GLN B 245 128.09 131.45 -63.92
C GLN B 245 129.04 130.73 -64.82
N MET B 246 129.14 129.43 -64.56
CA MET B 246 130.00 128.57 -65.32
C MET B 246 129.25 127.43 -65.97
N CYS B 247 129.88 126.92 -67.00
CA CYS B 247 129.38 125.81 -67.74
C CYS B 247 130.49 124.82 -67.74
N GLY B 248 130.16 123.54 -67.67
CA GLY B 248 131.21 122.54 -67.69
C GLY B 248 131.24 121.52 -66.56
N GLU B 249 132.44 121.09 -66.29
CA GLU B 249 132.68 120.11 -65.29
C GLU B 249 132.96 120.72 -63.95
N LEU B 250 132.00 120.57 -63.07
CA LEU B 250 132.18 121.14 -61.78
C LEU B 250 133.17 120.38 -60.93
N ARG B 251 134.13 121.10 -60.37
CA ARG B 251 135.17 120.55 -59.54
C ARG B 251 135.54 121.49 -58.45
N ASP B 252 135.79 120.94 -57.31
CA ASP B 252 136.14 121.72 -56.15
C ASP B 252 137.43 122.51 -56.22
N TYR B 253 138.23 122.38 -57.25
CA TYR B 253 139.44 123.17 -57.21
C TYR B 253 139.28 124.41 -58.03
N LEU B 254 138.07 124.58 -58.53
CA LEU B 254 137.77 125.73 -59.32
C LEU B 254 137.59 126.94 -58.49
N ARG B 255 138.08 128.02 -59.05
CA ARG B 255 137.97 129.30 -58.41
C ARG B 255 137.66 130.41 -59.37
N VAL B 256 137.26 131.53 -58.78
CA VAL B 256 136.94 132.69 -59.53
C VAL B 256 137.52 133.89 -58.88
N THR B 257 138.09 134.70 -59.71
CA THR B 257 138.66 135.90 -59.21
C THR B 257 138.24 137.08 -60.03
N VAL B 258 137.85 138.08 -59.27
CA VAL B 258 137.38 139.27 -59.85
C VAL B 258 138.17 140.39 -59.31
N SER B 259 138.72 141.13 -60.25
CA SER B 259 139.58 142.21 -59.93
C SER B 259 139.15 143.48 -60.63
N LEU B 260 139.30 144.51 -59.85
CA LEU B 260 138.93 145.78 -60.32
C LEU B 260 140.13 146.62 -60.52
N TRP B 261 140.12 147.25 -61.66
CA TRP B 261 141.21 148.09 -62.01
C TRP B 261 140.86 149.48 -62.43
N GLN B 262 141.76 150.33 -62.01
CA GLN B 262 141.73 151.72 -62.30
C GLN B 262 142.94 152.02 -63.15
N GLY B 263 142.77 151.68 -64.40
CA GLY B 263 143.87 151.84 -65.29
C GLY B 263 144.98 150.89 -64.88
N GLU B 264 146.02 151.47 -64.34
CA GLU B 264 147.17 150.69 -63.96
C GLU B 264 147.02 150.04 -62.61
N THR B 265 146.23 150.70 -61.82
CA THR B 265 146.05 150.23 -60.50
C THR B 265 144.94 149.25 -60.26
N GLN B 266 145.29 148.30 -59.43
CA GLN B 266 144.31 147.35 -59.06
C GLN B 266 143.70 147.85 -57.79
N VAL B 267 142.41 148.05 -57.87
CA VAL B 267 141.61 148.62 -56.81
C VAL B 267 141.01 147.64 -55.86
N ALA B 268 140.68 146.47 -56.41
CA ALA B 268 140.08 145.46 -55.58
C ALA B 268 140.03 144.15 -56.28
N SER B 269 140.12 143.15 -55.41
CA SER B 269 140.07 141.81 -55.89
C SER B 269 139.31 140.94 -54.95
N GLY B 270 138.86 139.83 -55.48
CA GLY B 270 138.13 138.88 -54.70
C GLY B 270 138.22 137.53 -55.36
N THR B 271 138.33 136.52 -54.50
CA THR B 271 138.42 135.19 -55.02
C THR B 271 137.52 134.25 -54.29
N ALA B 272 136.97 133.30 -55.03
CA ALA B 272 136.11 132.32 -54.41
C ALA B 272 135.80 131.16 -55.31
N PRO B 273 135.23 130.18 -54.66
CA PRO B 273 134.84 128.93 -55.25
C PRO B 273 133.37 128.96 -55.53
N PHE B 274 132.94 128.13 -56.48
CA PHE B 274 131.55 128.10 -56.83
C PHE B 274 130.64 127.70 -55.72
N GLY B 275 129.37 127.99 -55.90
CA GLY B 275 128.37 127.68 -54.92
C GLY B 275 127.84 128.93 -54.27
N GLY B 276 126.53 129.12 -54.47
CA GLY B 276 125.77 130.27 -53.98
C GLY B 276 125.06 130.06 -52.64
N GLU B 277 124.34 131.10 -52.23
CA GLU B 277 123.60 131.03 -50.99
C GLU B 277 122.32 130.33 -51.29
N ILE B 278 121.69 129.83 -50.24
CA ILE B 278 120.46 129.12 -50.41
C ILE B 278 119.43 130.02 -50.98
N ILE B 279 118.65 129.51 -51.90
CA ILE B 279 117.67 130.38 -52.45
C ILE B 279 116.30 129.84 -52.20
N ASP B 280 116.18 128.55 -52.05
CA ASP B 280 114.86 128.06 -51.82
C ASP B 280 114.94 126.75 -51.12
N GLU B 281 113.81 126.07 -51.07
CA GLU B 281 113.80 124.79 -50.38
C GLU B 281 114.80 123.76 -50.90
N ARG B 282 115.22 123.85 -52.19
CA ARG B 282 116.16 122.90 -52.75
C ARG B 282 117.60 123.26 -52.61
N GLY B 283 117.90 124.49 -52.20
CA GLY B 283 119.29 124.89 -52.05
C GLY B 283 119.58 126.12 -52.87
N GLY B 284 120.82 126.14 -53.41
CA GLY B 284 121.31 127.21 -54.26
C GLY B 284 121.90 126.75 -55.61
N TYR B 285 122.68 127.64 -56.23
CA TYR B 285 123.36 127.38 -57.49
C TYR B 285 124.78 126.97 -57.18
N ALA B 286 125.05 125.73 -57.47
CA ALA B 286 126.35 125.16 -57.26
C ALA B 286 127.34 125.71 -58.27
N ASP B 287 126.77 126.03 -59.41
CA ASP B 287 127.50 126.54 -60.53
C ASP B 287 127.44 128.02 -60.64
N ARG B 288 127.31 128.71 -59.53
CA ARG B 288 127.36 130.15 -59.64
C ARG B 288 128.11 130.65 -58.46
N VAL B 289 128.47 131.89 -58.53
CA VAL B 289 129.16 132.51 -57.43
C VAL B 289 129.05 134.01 -57.52
N THR B 290 128.98 134.66 -56.37
CA THR B 290 128.83 136.09 -56.37
C THR B 290 129.85 136.80 -55.54
N LEU B 291 130.54 137.76 -56.11
CA LEU B 291 131.50 138.44 -55.30
C LEU B 291 131.09 139.84 -55.04
N ARG B 292 131.55 140.34 -53.92
CA ARG B 292 131.23 141.68 -53.57
C ARG B 292 132.47 142.48 -53.26
N LEU B 293 132.76 143.47 -54.09
CA LEU B 293 133.93 144.28 -53.85
C LEU B 293 133.55 145.62 -53.30
N ASN B 294 134.28 146.03 -52.31
CA ASN B 294 134.02 147.31 -51.75
C ASN B 294 134.91 148.34 -52.36
N VAL B 295 134.34 149.52 -52.62
CA VAL B 295 135.14 150.59 -53.17
C VAL B 295 134.91 151.90 -52.49
N GLU B 296 136.00 152.47 -52.01
CA GLU B 296 135.89 153.75 -51.36
C GLU B 296 136.06 154.85 -52.36
N ASN B 297 135.29 155.90 -52.19
CA ASN B 297 135.35 157.06 -53.05
C ASN B 297 135.51 156.73 -54.51
N PRO B 298 134.60 155.91 -54.98
CA PRO B 298 134.62 155.52 -56.35
C PRO B 298 134.45 156.76 -57.22
N LYS B 299 134.92 156.62 -58.44
CA LYS B 299 134.81 157.66 -59.43
C LYS B 299 133.58 157.35 -60.25
N LEU B 300 132.68 158.30 -60.25
CA LEU B 300 131.44 158.06 -60.92
C LEU B 300 131.43 158.25 -62.39
N TRP B 301 130.62 157.45 -63.04
CA TRP B 301 130.52 157.57 -64.44
C TRP B 301 129.35 158.47 -64.81
N SER B 302 129.47 159.23 -65.90
CA SER B 302 128.37 160.08 -66.33
C SER B 302 128.61 160.55 -67.74
N ALA B 303 127.59 161.05 -68.40
CA ALA B 303 127.87 161.52 -69.75
C ALA B 303 128.83 162.68 -69.64
N GLU B 304 128.76 163.40 -68.54
CA GLU B 304 129.65 164.50 -68.29
C GLU B 304 131.10 164.01 -68.12
N ILE B 305 131.29 162.91 -67.41
CA ILE B 305 132.62 162.36 -67.19
C ILE B 305 132.51 160.89 -67.05
N PRO B 306 132.82 160.26 -68.13
CA PRO B 306 132.70 158.85 -68.24
C PRO B 306 133.81 158.12 -67.50
N ASN B 307 133.91 158.30 -66.22
CA ASN B 307 134.93 157.57 -65.55
C ASN B 307 134.67 156.09 -65.65
N LEU B 308 135.69 155.35 -66.07
CA LEU B 308 135.56 153.89 -66.15
C LEU B 308 136.53 153.07 -65.33
N TYR B 309 136.15 151.83 -65.09
CA TYR B 309 137.01 150.91 -64.40
C TYR B 309 137.03 149.64 -65.22
N ARG B 310 138.03 148.81 -64.98
CA ARG B 310 138.07 147.56 -65.70
C ARG B 310 137.93 146.39 -64.77
N ALA B 311 137.11 145.46 -65.23
CA ALA B 311 136.88 144.32 -64.41
C ALA B 311 137.28 143.04 -65.08
N VAL B 312 137.96 142.23 -64.27
CA VAL B 312 138.43 140.96 -64.74
C VAL B 312 137.98 139.76 -63.96
N VAL B 313 137.44 138.88 -64.76
CA VAL B 313 136.90 137.65 -64.32
C VAL B 313 137.76 136.50 -64.79
N GLU B 314 138.44 135.93 -63.82
CA GLU B 314 139.32 134.83 -64.10
C GLU B 314 138.85 133.59 -63.42
N LEU B 315 138.68 132.61 -64.29
CA LEU B 315 138.28 131.28 -63.98
C LEU B 315 139.52 130.44 -63.91
N HIS B 316 139.85 130.01 -62.73
CA HIS B 316 141.04 129.22 -62.62
C HIS B 316 140.95 128.16 -61.53
N THR B 317 142.02 127.42 -61.40
CA THR B 317 142.09 126.38 -60.41
C THR B 317 142.72 126.92 -59.17
N ALA B 318 142.59 126.15 -58.12
CA ALA B 318 143.14 126.53 -56.85
C ALA B 318 144.64 126.73 -56.89
N ASP B 319 145.31 125.85 -57.66
CA ASP B 319 146.76 125.92 -57.78
C ASP B 319 147.18 127.24 -58.36
N GLY B 320 146.31 127.82 -59.18
CA GLY B 320 146.63 129.11 -59.76
C GLY B 320 146.62 129.06 -61.26
N THR B 321 146.28 127.92 -61.78
CA THR B 321 146.26 127.80 -63.19
C THR B 321 145.01 128.42 -63.78
N LEU B 322 145.20 129.32 -64.72
CA LEU B 322 144.07 129.97 -65.32
C LEU B 322 143.40 129.18 -66.40
N ILE B 323 142.09 129.04 -66.33
CA ILE B 323 141.38 128.36 -67.38
C ILE B 323 141.03 129.35 -68.51
N GLU B 324 140.58 130.53 -68.11
CA GLU B 324 140.22 131.56 -69.07
C GLU B 324 139.82 132.82 -68.36
N ALA B 325 139.67 133.85 -69.15
CA ALA B 325 139.31 135.15 -68.60
C ALA B 325 138.36 135.95 -69.46
N GLU B 326 137.59 136.75 -68.76
CA GLU B 326 136.66 137.62 -69.39
C GLU B 326 136.72 138.94 -68.68
N ALA B 327 136.30 139.96 -69.42
CA ALA B 327 136.37 141.24 -68.79
C ALA B 327 135.35 142.20 -69.33
N CYS B 328 135.32 143.38 -68.70
CA CYS B 328 134.44 144.44 -69.11
C CYS B 328 134.74 145.73 -68.43
N ASP B 329 134.28 146.79 -69.08
CA ASP B 329 134.46 148.09 -68.48
C ASP B 329 133.36 148.36 -67.51
N VAL B 330 133.70 149.01 -66.43
CA VAL B 330 132.71 149.25 -65.45
C VAL B 330 132.57 150.71 -65.11
N GLY B 331 131.31 151.11 -64.95
CA GLY B 331 130.99 152.49 -64.61
C GLY B 331 130.12 152.55 -63.38
N PHE B 332 130.55 153.35 -62.42
CA PHE B 332 129.78 153.50 -61.22
C PHE B 332 128.75 154.58 -61.34
N ARG B 333 127.50 154.16 -61.36
CA ARG B 333 126.41 155.12 -61.46
C ARG B 333 125.14 154.49 -61.03
N GLU B 334 124.28 155.35 -60.55
CA GLU B 334 122.99 154.95 -60.08
C GLU B 334 121.89 155.71 -60.77
N VAL B 335 120.96 154.95 -61.31
CA VAL B 335 119.84 155.49 -62.03
C VAL B 335 118.59 155.21 -61.27
N ARG B 336 117.87 156.28 -60.92
CA ARG B 336 116.64 156.03 -60.24
C ARG B 336 115.58 157.08 -60.37
N ILE B 337 114.37 156.58 -60.27
CA ILE B 337 113.26 157.49 -60.33
C ILE B 337 112.74 157.71 -58.96
N GLU B 338 112.79 158.95 -58.56
CA GLU B 338 112.31 159.21 -57.26
C GLU B 338 111.47 160.43 -57.18
N ASN B 339 110.33 160.23 -56.58
CA ASN B 339 109.43 161.33 -56.42
C ASN B 339 109.12 162.07 -57.70
N GLY B 340 108.89 161.33 -58.77
CA GLY B 340 108.56 161.94 -60.04
C GLY B 340 109.79 162.30 -60.81
N LEU B 341 110.96 162.05 -60.24
CA LEU B 341 112.11 162.45 -61.04
C LEU B 341 113.09 161.38 -61.36
N LEU B 342 113.62 161.52 -62.54
CA LEU B 342 114.61 160.61 -62.97
C LEU B 342 115.95 161.16 -62.55
N LEU B 343 116.61 160.35 -61.73
CA LEU B 343 117.85 160.75 -61.21
C LEU B 343 119.01 159.91 -61.59
N LEU B 344 120.09 160.64 -61.72
CA LEU B 344 121.33 160.02 -62.00
C LEU B 344 122.35 160.44 -60.99
N ASN B 345 122.82 159.44 -60.30
CA ASN B 345 123.79 159.67 -59.27
C ASN B 345 123.29 160.75 -58.37
N GLY B 346 122.02 160.73 -58.07
CA GLY B 346 121.54 161.73 -57.17
C GLY B 346 120.93 162.93 -57.83
N LYS B 347 121.37 163.28 -59.02
CA LYS B 347 120.78 164.42 -59.63
C LYS B 347 119.82 164.04 -60.72
N PRO B 348 119.03 165.02 -61.03
CA PRO B 348 117.96 164.96 -61.97
C PRO B 348 118.46 165.33 -63.31
N LEU B 349 118.27 164.43 -64.21
CA LEU B 349 118.75 164.64 -65.54
C LEU B 349 117.90 165.54 -66.39
N LEU B 350 118.56 165.99 -67.44
CA LEU B 350 117.96 166.77 -68.47
C LEU B 350 118.46 166.22 -69.79
N ILE B 351 117.65 165.37 -70.37
CA ILE B 351 118.02 164.70 -71.57
C ILE B 351 118.04 165.54 -72.80
N ARG B 352 119.22 165.68 -73.37
CA ARG B 352 119.37 166.36 -74.63
C ARG B 352 119.61 165.24 -75.64
N GLY B 353 118.52 164.57 -76.01
CA GLY B 353 118.65 163.40 -76.84
C GLY B 353 118.23 163.46 -78.26
N VAL B 354 118.58 162.36 -78.93
CA VAL B 354 118.24 162.17 -80.32
C VAL B 354 118.11 160.71 -80.63
N ASN B 355 117.25 160.43 -81.59
CA ASN B 355 117.00 159.08 -82.04
C ASN B 355 117.97 158.87 -83.18
N ARG B 356 118.47 157.65 -83.30
CA ARG B 356 119.43 157.37 -84.35
C ARG B 356 119.35 155.98 -84.94
N HIS B 357 119.24 155.94 -86.24
CA HIS B 357 119.24 154.66 -86.90
C HIS B 357 120.64 154.26 -87.33
N GLU B 358 120.81 152.98 -87.64
CA GLU B 358 122.10 152.49 -88.13
C GLU B 358 122.03 152.57 -89.66
N HIS B 359 122.54 153.68 -90.24
CA HIS B 359 122.43 153.91 -91.68
C HIS B 359 123.60 154.61 -92.32
N HIS B 360 124.00 154.02 -93.45
CA HIS B 360 125.09 154.45 -94.27
C HIS B 360 124.64 154.54 -95.70
N PRO B 361 124.82 155.73 -96.26
CA PRO B 361 124.44 156.09 -97.62
C PRO B 361 124.99 155.12 -98.66
N LEU B 362 126.15 154.51 -98.31
CA LEU B 362 126.85 153.55 -99.14
C LEU B 362 126.69 152.13 -98.68
N HIS B 363 126.89 151.89 -97.41
CA HIS B 363 126.79 150.54 -96.92
C HIS B 363 125.44 150.06 -96.57
N GLY B 364 124.45 150.93 -96.58
CA GLY B 364 123.10 150.52 -96.19
C GLY B 364 123.07 150.42 -94.68
N GLN B 365 122.66 149.25 -94.17
CA GLN B 365 122.61 149.10 -92.73
C GLN B 365 123.86 148.57 -92.09
N VAL B 366 124.97 148.64 -92.79
CA VAL B 366 126.19 148.11 -92.21
C VAL B 366 127.02 149.17 -91.49
N MET B 367 127.36 148.88 -90.24
CA MET B 367 128.10 149.86 -89.46
C MET B 367 129.58 149.64 -89.25
N ASP B 368 130.30 150.71 -88.92
CA ASP B 368 131.71 150.60 -88.65
C ASP B 368 132.22 151.65 -87.70
N GLU B 369 133.26 151.26 -87.00
CA GLU B 369 133.89 152.12 -86.04
C GLU B 369 133.89 153.58 -86.45
N GLN B 370 134.53 153.79 -87.56
CA GLN B 370 134.66 155.12 -88.06
C GLN B 370 133.40 155.96 -87.98
N THR B 371 132.37 155.46 -88.62
CA THR B 371 131.10 156.15 -88.65
C THR B 371 130.60 156.46 -87.25
N MET B 372 130.47 155.37 -86.49
CA MET B 372 130.04 155.46 -85.13
C MET B 372 130.74 156.61 -84.46
N VAL B 373 132.04 156.56 -84.48
CA VAL B 373 132.73 157.66 -83.86
C VAL B 373 132.37 159.03 -84.43
N GLN B 374 132.21 159.06 -85.72
CA GLN B 374 131.86 160.36 -86.26
C GLN B 374 130.62 160.88 -85.57
N ASP B 375 129.62 160.03 -85.57
CA ASP B 375 128.39 160.40 -84.97
C ASP B 375 128.57 160.88 -83.54
N ILE B 376 129.23 160.04 -82.79
CA ILE B 376 129.42 160.41 -81.42
C ILE B 376 130.05 161.76 -81.30
N LEU B 377 131.12 161.96 -82.01
CA LEU B 377 131.72 163.26 -81.88
C LEU B 377 130.82 164.39 -82.22
N LEU B 378 130.11 164.22 -83.29
CA LEU B 378 129.19 165.27 -83.67
C LEU B 378 128.20 165.58 -82.61
N MET B 379 127.55 164.53 -82.15
CA MET B 379 126.58 164.71 -81.13
C MET B 379 127.15 165.47 -79.98
N LYS B 380 128.23 164.93 -79.48
CA LYS B 380 128.83 165.59 -78.36
C LYS B 380 129.10 167.02 -78.67
N GLN B 381 129.57 167.24 -79.84
CA GLN B 381 129.88 168.60 -80.21
C GLN B 381 128.68 169.53 -80.30
N ASN B 382 127.51 168.95 -80.52
CA ASN B 382 126.35 169.76 -80.62
C ASN B 382 125.47 169.73 -79.39
N ASN B 383 126.09 169.44 -78.29
CA ASN B 383 125.40 169.44 -77.04
C ASN B 383 124.37 168.36 -76.84
N PHE B 384 124.57 167.19 -77.42
CA PHE B 384 123.65 166.13 -77.12
C PHE B 384 124.20 165.27 -76.00
N ASN B 385 123.37 164.59 -75.22
CA ASN B 385 123.96 163.76 -74.17
C ASN B 385 123.37 162.41 -74.13
N ALA B 386 122.47 162.17 -75.04
CA ALA B 386 121.84 160.88 -75.00
C ALA B 386 121.33 160.45 -76.32
N VAL B 387 121.16 159.16 -76.45
CA VAL B 387 120.66 158.68 -77.70
C VAL B 387 119.77 157.48 -77.50
N ARG B 388 118.82 157.38 -78.42
CA ARG B 388 117.91 156.28 -78.39
C ARG B 388 118.12 155.39 -79.59
N CYS B 389 118.26 154.10 -79.34
CA CYS B 389 118.46 153.11 -80.38
C CYS B 389 117.18 152.80 -81.13
N SER B 390 116.74 153.76 -81.90
CA SER B 390 115.54 153.51 -82.64
C SER B 390 115.86 152.54 -83.76
N HIS B 391 115.31 151.35 -83.75
CA HIS B 391 114.40 150.80 -82.76
C HIS B 391 114.75 149.32 -82.66
N TYR B 392 115.96 149.05 -82.27
CA TYR B 392 116.49 147.71 -82.18
C TYR B 392 117.83 147.88 -81.58
N PRO B 393 118.35 146.78 -81.14
CA PRO B 393 119.63 146.78 -80.49
C PRO B 393 120.71 147.10 -81.50
N ASN B 394 121.70 147.78 -81.05
CA ASN B 394 122.72 148.18 -81.98
C ASN B 394 123.93 147.28 -82.00
N HIS B 395 124.78 147.64 -82.92
CA HIS B 395 126.03 147.00 -83.05
C HIS B 395 126.79 147.26 -81.76
N PRO B 396 127.09 146.17 -81.19
CA PRO B 396 127.79 146.04 -79.93
C PRO B 396 128.85 147.09 -79.72
N LEU B 397 129.63 147.32 -80.72
CA LEU B 397 130.66 148.29 -80.50
C LEU B 397 130.15 149.64 -79.99
N TRP B 398 129.00 150.01 -80.52
CA TRP B 398 128.33 151.23 -80.17
C TRP B 398 128.36 151.50 -78.67
N TYR B 399 127.80 150.51 -77.97
CA TYR B 399 127.70 150.60 -76.53
C TYR B 399 129.02 150.89 -75.87
N THR B 400 130.02 150.28 -76.40
CA THR B 400 131.30 150.52 -75.81
C THR B 400 131.73 151.96 -75.99
N LEU B 401 131.53 152.39 -77.21
CA LEU B 401 131.91 153.72 -77.51
C LEU B 401 131.20 154.69 -76.63
N CYS B 402 129.90 154.44 -76.47
CA CYS B 402 129.14 155.35 -75.64
C CYS B 402 129.66 155.30 -74.24
N ASP B 403 129.98 154.09 -73.81
CA ASP B 403 130.48 153.91 -72.47
C ASP B 403 131.72 154.76 -72.33
N ARG B 404 132.53 154.70 -73.37
CA ARG B 404 133.78 155.42 -73.35
C ARG B 404 133.70 156.90 -73.53
N TYR B 405 132.92 157.32 -74.49
CA TYR B 405 132.78 158.72 -74.80
C TYR B 405 131.91 159.53 -73.86
N GLY B 406 130.87 158.88 -73.33
CA GLY B 406 129.96 159.53 -72.43
C GLY B 406 128.64 159.91 -73.07
N LEU B 407 127.72 158.96 -73.26
CA LEU B 407 126.41 159.27 -73.80
C LEU B 407 125.36 158.43 -73.12
N TYR B 408 124.23 159.00 -72.71
CA TYR B 408 123.22 158.15 -72.10
C TYR B 408 122.51 157.41 -73.20
N VAL B 409 122.26 156.15 -72.97
CA VAL B 409 121.58 155.37 -73.98
C VAL B 409 120.36 154.64 -73.51
N VAL B 410 119.43 154.60 -74.46
CA VAL B 410 118.21 153.85 -74.30
C VAL B 410 118.27 152.66 -75.23
N ASP B 411 118.37 151.49 -74.65
CA ASP B 411 118.44 150.25 -75.41
C ASP B 411 117.03 149.79 -75.72
N GLU B 412 116.74 149.52 -76.98
CA GLU B 412 115.39 149.20 -77.36
C GLU B 412 115.24 147.89 -78.08
N ALA B 413 114.25 147.12 -77.64
CA ALA B 413 113.99 145.85 -78.27
C ALA B 413 113.49 145.97 -79.70
N ASN B 414 113.87 144.99 -80.51
CA ASN B 414 113.53 144.92 -81.90
C ASN B 414 112.09 144.48 -82.13
N ILE B 415 111.16 145.36 -81.81
CA ILE B 415 109.77 145.03 -82.07
C ILE B 415 108.94 146.20 -82.54
N GLU B 416 108.44 146.18 -83.78
CA GLU B 416 107.55 147.21 -84.28
C GLU B 416 106.51 146.52 -85.13
N THR B 417 105.24 146.74 -84.82
CA THR B 417 104.16 146.13 -85.59
C THR B 417 103.25 147.21 -86.07
N HIS B 418 103.91 148.30 -86.35
CA HIS B 418 103.21 149.47 -86.77
C HIS B 418 102.05 149.24 -87.74
N GLY B 419 102.24 148.43 -88.77
CA GLY B 419 101.24 148.22 -89.80
C GLY B 419 100.04 147.39 -89.38
N MET B 420 100.08 146.78 -88.20
CA MET B 420 98.93 145.99 -87.85
C MET B 420 97.72 146.83 -87.65
N VAL B 421 96.60 146.18 -87.46
CA VAL B 421 95.37 146.89 -87.23
C VAL B 421 94.37 146.07 -86.44
N PRO B 422 94.05 146.49 -85.23
CA PRO B 422 94.67 147.66 -84.67
C PRO B 422 96.12 147.34 -84.34
N MET B 423 96.89 148.39 -84.14
CA MET B 423 98.29 148.25 -83.86
C MET B 423 98.71 147.13 -82.91
N ASN B 424 97.89 146.77 -81.94
CA ASN B 424 98.33 145.76 -80.97
C ASN B 424 97.86 144.32 -81.21
N ARG B 425 97.36 144.12 -82.42
CA ARG B 425 96.86 142.85 -82.83
C ARG B 425 97.73 141.69 -82.42
N LEU B 426 99.03 141.83 -82.64
CA LEU B 426 99.93 140.77 -82.27
C LEU B 426 100.32 140.79 -80.80
N THR B 427 100.67 142.01 -80.33
CA THR B 427 101.10 142.28 -78.96
C THR B 427 100.13 141.88 -77.90
N ASP B 428 98.88 141.82 -78.32
CA ASP B 428 97.93 141.36 -77.36
C ASP B 428 97.66 139.86 -77.51
N ASP B 429 98.53 139.13 -78.19
CA ASP B 429 98.30 137.72 -78.43
C ASP B 429 99.43 136.84 -77.97
N PRO B 430 98.97 136.06 -77.02
CA PRO B 430 99.72 135.10 -76.28
C PRO B 430 100.57 134.34 -77.25
N ARG B 431 99.93 133.98 -78.35
CA ARG B 431 100.66 133.27 -79.36
C ARG B 431 101.95 133.92 -79.74
N TRP B 432 102.00 135.24 -79.72
CA TRP B 432 103.21 135.89 -80.10
C TRP B 432 104.09 136.22 -78.94
N LEU B 433 103.56 135.91 -77.81
CA LEU B 433 104.33 136.22 -76.66
C LEU B 433 105.78 135.75 -76.72
N PRO B 434 105.95 134.48 -76.79
CA PRO B 434 107.27 133.87 -76.86
C PRO B 434 108.22 134.54 -77.86
N ALA B 435 107.69 134.81 -79.02
CA ALA B 435 108.50 135.53 -79.99
C ALA B 435 108.99 136.83 -79.39
N MET B 436 108.03 137.61 -78.90
CA MET B 436 108.35 138.88 -78.29
C MET B 436 109.35 138.72 -77.17
N SER B 437 109.09 137.74 -76.34
CA SER B 437 109.94 137.53 -75.20
C SER B 437 111.38 137.46 -75.56
N GLU B 438 111.60 136.60 -76.55
CA GLU B 438 112.95 136.35 -76.98
C GLU B 438 113.65 137.62 -77.30
N ARG B 439 112.87 138.45 -77.97
CA ARG B 439 113.34 139.74 -78.37
C ARG B 439 113.76 140.62 -77.20
N VAL B 440 113.07 140.50 -76.08
CA VAL B 440 113.49 141.36 -74.98
C VAL B 440 114.59 140.77 -74.14
N THR B 441 114.30 139.56 -73.71
CA THR B 441 115.18 138.85 -72.83
C THR B 441 116.58 138.87 -73.33
N ARG B 442 116.72 138.47 -74.57
CA ARG B 442 118.01 138.42 -75.19
C ARG B 442 118.78 139.74 -75.16
N MET B 443 118.07 140.81 -75.45
CA MET B 443 118.73 142.10 -75.42
C MET B 443 119.35 142.33 -74.07
N VAL B 444 118.53 142.04 -73.10
CA VAL B 444 118.97 142.29 -71.77
C VAL B 444 120.20 141.51 -71.39
N GLN B 445 120.12 140.23 -71.71
CA GLN B 445 121.25 139.42 -71.38
C GLN B 445 122.51 139.89 -72.05
N ARG B 446 122.32 140.47 -73.20
CA ARG B 446 123.50 140.91 -73.85
C ARG B 446 124.10 142.21 -73.33
N ASP B 447 123.24 143.21 -73.15
CA ASP B 447 123.73 144.54 -72.85
C ASP B 447 123.75 145.06 -71.45
N ARG B 448 123.22 144.27 -70.57
CA ARG B 448 123.10 144.73 -69.23
C ARG B 448 124.32 145.17 -68.47
N ASN B 449 125.51 144.91 -68.94
CA ASN B 449 126.59 145.40 -68.11
C ASN B 449 127.15 146.74 -68.54
N HIS B 450 126.58 147.35 -69.57
CA HIS B 450 127.12 148.62 -70.00
C HIS B 450 126.58 149.81 -69.23
N PRO B 451 127.43 150.54 -68.57
CA PRO B 451 126.98 151.72 -67.84
C PRO B 451 126.20 152.72 -68.70
N SER B 452 126.52 152.85 -69.96
CA SER B 452 125.79 153.84 -70.75
C SER B 452 124.32 153.54 -70.92
N VAL B 453 123.96 152.28 -70.78
CA VAL B 453 122.58 152.00 -70.95
C VAL B 453 121.90 152.38 -69.68
N ILE B 454 120.92 153.27 -69.77
CA ILE B 454 120.25 153.64 -68.55
C ILE B 454 118.78 153.39 -68.55
N ILE B 455 118.24 153.00 -69.70
CA ILE B 455 116.84 152.74 -69.77
C ILE B 455 116.56 151.69 -70.79
N TRP B 456 115.71 150.77 -70.42
CA TRP B 456 115.31 149.75 -71.31
C TRP B 456 114.01 150.18 -71.93
N SER B 457 113.80 149.81 -73.18
CA SER B 457 112.60 150.13 -73.92
C SER B 457 112.08 148.87 -74.62
N LEU B 458 110.77 148.62 -74.53
CA LEU B 458 110.19 147.42 -75.13
C LEU B 458 109.95 147.51 -76.62
N GLY B 459 110.52 148.50 -77.28
CA GLY B 459 110.22 148.53 -78.67
C GLY B 459 109.57 149.83 -79.06
N ASN B 460 108.80 149.75 -80.14
CA ASN B 460 108.16 150.90 -80.72
C ASN B 460 106.88 150.61 -81.53
N GLU B 461 106.04 151.62 -81.63
CA GLU B 461 104.76 151.56 -82.32
C GLU B 461 104.14 150.20 -82.53
N SER B 462 103.75 149.57 -81.42
CA SER B 462 103.14 148.24 -81.50
C SER B 462 101.91 148.19 -80.61
N GLY B 463 101.30 149.34 -80.40
CA GLY B 463 100.15 149.45 -79.55
C GLY B 463 100.52 149.07 -78.14
N HIS B 464 99.53 148.57 -77.43
CA HIS B 464 99.73 148.14 -76.09
C HIS B 464 99.02 146.84 -75.88
N GLY B 465 99.77 145.80 -75.48
CA GLY B 465 99.16 144.53 -75.26
C GLY B 465 99.71 143.85 -74.05
N ALA B 466 98.97 142.87 -73.60
CA ALA B 466 99.36 142.15 -72.42
C ALA B 466 100.80 141.67 -72.52
N ASN B 467 101.16 141.31 -73.74
CA ASN B 467 102.51 140.84 -73.91
C ASN B 467 103.49 141.86 -73.34
N HIS B 468 103.12 143.11 -73.53
CA HIS B 468 103.97 144.19 -73.04
C HIS B 468 104.08 144.19 -71.53
N ASP B 469 102.93 144.15 -70.91
CA ASP B 469 102.91 144.12 -69.47
C ASP B 469 103.78 143.03 -68.90
N ALA B 470 103.61 141.86 -69.46
CA ALA B 470 104.40 140.77 -68.97
C ALA B 470 105.89 141.05 -69.12
N LEU B 471 106.24 141.57 -70.27
CA LEU B 471 107.65 141.80 -70.49
C LEU B 471 108.24 142.89 -69.63
N TYR B 472 107.44 143.91 -69.49
CA TYR B 472 107.82 145.00 -68.65
C TYR B 472 108.20 144.44 -67.27
N ARG B 473 107.28 143.68 -66.76
CA ARG B 473 107.50 143.09 -65.48
C ARG B 473 108.76 142.25 -65.38
N TRP B 474 108.95 141.42 -66.39
CA TRP B 474 110.07 140.55 -66.41
C TRP B 474 111.34 141.34 -66.20
N ILE B 475 111.45 142.40 -66.94
CA ILE B 475 112.65 143.14 -66.78
C ILE B 475 112.80 143.66 -65.39
N LYS B 476 111.72 144.27 -64.96
CA LYS B 476 111.73 144.85 -63.66
C LYS B 476 112.31 143.88 -62.67
N SER B 477 111.96 142.64 -62.85
CA SER B 477 112.48 141.67 -61.91
C SER B 477 113.90 141.31 -62.16
N VAL B 478 114.24 141.27 -63.39
CA VAL B 478 115.58 140.86 -63.64
C VAL B 478 116.59 141.98 -63.46
N ASP B 479 116.22 143.17 -63.87
CA ASP B 479 117.10 144.30 -63.78
C ASP B 479 116.34 145.50 -63.30
N PRO B 480 116.54 145.65 -62.04
CA PRO B 480 115.93 146.68 -61.28
C PRO B 480 116.79 147.92 -61.31
N SER B 481 117.94 147.84 -61.93
CA SER B 481 118.81 148.99 -61.94
C SER B 481 118.39 150.09 -62.92
N ARG B 482 117.57 149.74 -63.91
CA ARG B 482 117.12 150.71 -64.87
C ARG B 482 115.64 150.64 -65.06
N PRO B 483 115.12 151.79 -65.36
CA PRO B 483 113.73 152.00 -65.59
C PRO B 483 113.37 151.49 -66.96
N VAL B 484 112.09 151.26 -67.13
CA VAL B 484 111.62 150.77 -68.39
C VAL B 484 110.60 151.69 -69.03
N GLN B 485 110.75 151.97 -70.31
CA GLN B 485 109.75 152.78 -70.94
C GLN B 485 109.20 152.16 -72.20
N TYR B 486 107.99 152.58 -72.55
CA TYR B 486 107.33 152.12 -73.74
C TYR B 486 106.23 153.09 -74.06
N GLU B 487 106.22 153.61 -75.26
CA GLU B 487 105.24 154.62 -75.63
C GLU B 487 103.91 154.08 -76.13
N GLY B 488 103.95 152.91 -76.72
CA GLY B 488 102.76 152.37 -77.31
C GLY B 488 101.51 152.48 -76.50
N GLY B 489 100.44 152.65 -77.22
CA GLY B 489 99.14 152.69 -76.63
C GLY B 489 98.84 153.88 -75.77
N GLY B 490 99.44 155.04 -76.02
CA GLY B 490 99.05 156.18 -75.20
C GLY B 490 100.15 156.82 -74.39
N ALA B 491 101.33 156.20 -74.37
CA ALA B 491 102.52 156.73 -73.71
C ALA B 491 102.49 156.80 -72.21
N ASP B 492 101.41 156.36 -71.61
CA ASP B 492 101.35 156.42 -70.17
C ASP B 492 100.74 155.19 -69.55
N THR B 493 100.84 154.08 -70.28
CA THR B 493 100.27 152.83 -69.83
C THR B 493 101.01 152.25 -68.66
N THR B 494 100.49 151.10 -68.22
CA THR B 494 101.03 150.38 -67.10
C THR B 494 102.37 149.79 -67.48
N ALA B 495 102.65 149.88 -68.74
CA ALA B 495 103.88 149.30 -69.18
C ALA B 495 105.03 150.28 -69.23
N THR B 496 104.89 151.48 -68.68
CA THR B 496 106.03 152.37 -68.78
C THR B 496 106.31 153.08 -67.48
N ASP B 497 107.57 153.27 -67.18
CA ASP B 497 107.92 153.95 -65.96
C ASP B 497 107.98 155.42 -66.21
N ILE B 498 107.89 155.83 -67.46
CA ILE B 498 107.97 157.23 -67.79
C ILE B 498 106.97 157.59 -68.83
N ILE B 499 106.44 158.80 -68.77
CA ILE B 499 105.55 159.23 -69.80
C ILE B 499 106.43 159.64 -70.95
N CYS B 500 106.36 158.86 -72.02
CA CYS B 500 107.25 159.07 -73.14
C CYS B 500 106.55 159.16 -74.44
N PRO B 501 105.82 160.21 -74.60
CA PRO B 501 105.11 160.38 -75.85
C PRO B 501 106.05 160.78 -76.96
N MET B 502 105.43 160.83 -78.11
CA MET B 502 106.09 161.27 -79.28
C MET B 502 105.24 162.29 -79.97
N TYR B 503 105.83 163.44 -80.19
CA TYR B 503 105.15 164.51 -80.89
C TYR B 503 104.06 165.24 -80.16
N ALA B 504 104.07 165.16 -78.83
CA ALA B 504 103.13 165.96 -78.08
C ALA B 504 103.59 167.42 -78.14
N ARG B 505 102.64 168.33 -78.18
CA ARG B 505 102.99 169.72 -78.28
C ARG B 505 103.22 170.39 -76.95
N VAL B 506 103.86 171.54 -76.99
CA VAL B 506 104.15 172.19 -75.74
C VAL B 506 102.91 172.66 -75.04
N ASP B 507 102.11 173.40 -75.76
CA ASP B 507 100.92 173.92 -75.13
C ASP B 507 99.65 173.46 -75.72
N GLU B 508 99.70 172.81 -76.84
CA GLU B 508 98.46 172.44 -77.48
C GLU B 508 98.17 170.97 -77.40
N ASP B 509 96.94 170.65 -77.11
CA ASP B 509 96.50 169.27 -76.98
C ASP B 509 96.03 168.74 -78.30
N GLN B 510 96.23 167.45 -78.50
CA GLN B 510 95.79 166.71 -79.68
C GLN B 510 95.12 165.49 -79.14
N PRO B 511 93.86 165.68 -79.02
CA PRO B 511 92.96 164.77 -78.42
C PRO B 511 92.46 163.66 -79.32
N PHE B 512 93.35 162.82 -79.75
CA PHE B 512 92.83 161.75 -80.49
C PHE B 512 92.16 160.81 -79.54
N PRO B 513 91.15 160.22 -80.08
CA PRO B 513 90.40 159.20 -79.40
C PRO B 513 91.36 158.11 -79.02
N ALA B 514 91.12 157.60 -77.84
CA ALA B 514 91.90 156.53 -77.28
C ALA B 514 93.33 156.89 -76.97
N VAL B 515 93.98 157.64 -77.83
CA VAL B 515 95.36 157.90 -77.55
C VAL B 515 95.66 159.32 -77.87
N PRO B 516 95.08 160.16 -77.09
CA PRO B 516 95.25 161.57 -77.26
C PRO B 516 96.65 161.97 -76.86
N LYS B 517 97.12 163.07 -77.41
CA LYS B 517 98.41 163.63 -77.05
C LYS B 517 98.17 164.99 -76.39
N TRP B 518 98.25 165.02 -75.09
CA TRP B 518 98.05 166.26 -74.37
C TRP B 518 99.23 167.18 -74.47
N SER B 519 98.99 168.48 -74.24
CA SER B 519 100.11 169.37 -74.17
C SER B 519 100.97 168.77 -73.05
N ILE B 520 102.27 168.83 -73.25
CA ILE B 520 103.07 168.20 -72.24
C ILE B 520 102.92 168.81 -70.88
N LYS B 521 102.67 170.10 -70.80
CA LYS B 521 102.52 170.67 -69.47
C LYS B 521 101.27 170.16 -68.81
N LYS B 522 100.27 169.94 -69.60
CA LYS B 522 99.06 169.46 -69.00
C LYS B 522 99.18 168.01 -68.60
N TRP B 523 99.80 167.26 -69.46
CA TRP B 523 99.89 165.87 -69.23
C TRP B 523 100.37 165.57 -67.85
N LEU B 524 101.38 166.30 -67.46
CA LEU B 524 101.95 166.04 -66.15
C LEU B 524 101.00 166.05 -64.98
N SER B 525 100.03 166.96 -65.04
CA SER B 525 99.08 167.30 -64.01
C SER B 525 97.79 166.51 -64.00
N LEU B 526 97.64 165.59 -64.93
CA LEU B 526 96.43 164.84 -64.89
C LEU B 526 96.29 164.16 -63.55
N PRO B 527 95.05 164.06 -63.14
CA PRO B 527 94.73 163.49 -61.87
C PRO B 527 95.34 162.15 -61.72
N GLY B 528 96.10 162.01 -60.68
CA GLY B 528 96.76 160.78 -60.40
C GLY B 528 98.12 160.63 -61.07
N GLU B 529 98.42 161.42 -62.11
CA GLU B 529 99.72 161.24 -62.76
C GLU B 529 100.88 161.68 -61.89
N THR B 530 101.98 160.97 -61.88
CA THR B 530 103.13 161.36 -61.05
C THR B 530 104.49 161.16 -61.70
N ARG B 531 104.52 160.47 -62.83
CA ARG B 531 105.74 160.14 -63.51
C ARG B 531 106.43 161.30 -64.17
N PRO B 532 107.68 161.08 -64.50
CA PRO B 532 108.42 162.07 -65.21
C PRO B 532 108.03 161.95 -66.65
N LEU B 533 108.25 163.02 -67.41
CA LEU B 533 107.96 162.98 -68.81
C LEU B 533 109.15 163.33 -69.65
N ILE B 534 109.41 162.45 -70.60
CA ILE B 534 110.51 162.58 -71.55
C ILE B 534 110.00 162.14 -72.89
N LEU B 535 110.09 163.02 -73.88
CA LEU B 535 109.54 162.60 -75.16
C LEU B 535 110.46 161.65 -75.85
N CYS B 536 109.89 160.53 -76.23
CA CYS B 536 110.69 159.55 -76.92
C CYS B 536 110.98 160.07 -78.33
N GLU B 537 110.08 160.90 -78.84
CA GLU B 537 110.31 161.48 -80.14
C GLU B 537 109.65 162.82 -80.26
N TYR B 538 110.45 163.78 -80.73
CA TYR B 538 109.94 165.10 -80.92
C TYR B 538 110.78 165.93 -81.87
N ALA B 539 110.13 167.01 -82.31
CA ALA B 539 110.70 167.98 -83.23
C ALA B 539 111.15 167.31 -84.51
N HIS B 540 110.19 166.82 -85.30
CA HIS B 540 110.47 166.12 -86.54
C HIS B 540 111.38 166.91 -87.47
N ALA B 541 112.65 166.48 -87.60
CA ALA B 541 113.58 167.26 -88.40
C ALA B 541 113.59 167.07 -89.92
N MET B 542 112.43 166.91 -90.52
CA MET B 542 112.30 166.68 -91.92
C MET B 542 112.45 167.92 -92.81
N GLY B 543 113.61 168.00 -93.45
CA GLY B 543 113.89 169.10 -94.35
C GLY B 543 114.07 170.40 -93.62
N ASN B 544 113.48 171.46 -94.18
CA ASN B 544 113.56 172.76 -93.53
C ASN B 544 112.61 172.75 -92.34
N SER B 545 113.12 172.29 -91.19
CA SER B 545 112.32 172.11 -90.02
C SER B 545 112.97 172.60 -88.74
N LEU B 546 112.40 172.13 -87.64
CA LEU B 546 112.83 172.49 -86.32
C LEU B 546 112.23 173.80 -85.80
N GLY B 547 111.21 174.31 -86.49
CA GLY B 547 110.61 175.53 -86.00
C GLY B 547 109.91 175.21 -84.68
N GLY B 548 110.11 176.05 -83.67
CA GLY B 548 109.46 175.81 -82.38
C GLY B 548 110.34 175.13 -81.34
N PHE B 549 111.47 174.66 -81.78
CA PHE B 549 112.35 173.98 -80.88
C PHE B 549 112.55 174.68 -79.53
N ALA B 550 112.77 175.97 -79.57
CA ALA B 550 112.97 176.69 -78.35
C ALA B 550 111.82 176.63 -77.36
N LYS B 551 110.60 176.58 -77.89
CA LYS B 551 109.45 176.45 -77.04
C LYS B 551 109.61 175.24 -76.10
N TYR B 552 110.10 174.14 -76.63
CA TYR B 552 110.27 172.97 -75.81
C TYR B 552 111.33 173.20 -74.77
N TRP B 553 112.44 173.71 -75.25
CA TRP B 553 113.52 173.91 -74.32
C TRP B 553 113.13 174.79 -73.19
N GLN B 554 112.30 175.72 -73.51
CA GLN B 554 111.97 176.52 -72.41
C GLN B 554 111.09 175.83 -71.42
N ALA B 555 110.17 175.07 -71.93
CA ALA B 555 109.33 174.38 -71.01
C ALA B 555 110.15 173.43 -70.20
N PHE B 556 111.04 172.74 -70.90
CA PHE B 556 111.83 171.77 -70.21
C PHE B 556 112.50 172.41 -69.05
N ARG B 557 113.08 173.55 -69.33
CA ARG B 557 113.78 174.22 -68.28
C ARG B 557 112.87 174.70 -67.18
N GLN B 558 111.62 174.96 -67.44
CA GLN B 558 110.82 175.45 -66.35
C GLN B 558 110.07 174.40 -65.56
N TYR B 559 109.87 173.21 -66.10
CA TYR B 559 109.14 172.24 -65.34
C TYR B 559 109.99 171.06 -65.00
N PRO B 560 110.21 170.96 -63.74
CA PRO B 560 111.01 169.93 -63.14
C PRO B 560 110.77 168.56 -63.70
N ARG B 561 109.51 168.18 -63.79
CA ARG B 561 109.17 166.88 -64.29
C ARG B 561 109.29 166.76 -65.79
N LEU B 562 109.57 167.83 -66.50
CA LEU B 562 109.75 167.64 -67.92
C LEU B 562 111.22 167.46 -68.07
N GLN B 563 111.68 166.24 -68.27
CA GLN B 563 113.10 166.03 -68.34
C GLN B 563 113.77 165.91 -69.69
N GLY B 564 113.16 166.44 -70.75
CA GLY B 564 113.79 166.43 -72.07
C GLY B 564 113.15 165.52 -73.10
N GLY B 565 113.97 165.11 -74.07
CA GLY B 565 113.47 164.23 -75.11
C GLY B 565 114.54 163.93 -76.14
N PHE B 566 114.15 163.12 -77.11
CA PHE B 566 115.00 162.71 -78.18
C PHE B 566 114.40 163.18 -79.47
N VAL B 567 115.20 163.95 -80.14
CA VAL B 567 114.80 164.48 -81.40
C VAL B 567 114.70 163.40 -82.44
N TRP B 568 113.82 163.64 -83.38
CA TRP B 568 113.67 162.71 -84.46
C TRP B 568 114.03 163.34 -85.78
N ASP B 569 115.16 162.96 -86.37
CA ASP B 569 116.15 162.03 -85.85
C ASP B 569 117.54 162.47 -86.31
N TRP B 570 118.56 161.64 -86.10
CA TRP B 570 119.93 161.99 -86.44
C TRP B 570 120.33 162.27 -87.86
N VAL B 571 120.30 161.23 -88.71
CA VAL B 571 120.67 161.32 -90.14
C VAL B 571 119.56 161.03 -91.12
N ASP B 572 119.73 161.58 -92.31
CA ASP B 572 118.77 161.26 -93.34
C ASP B 572 119.04 159.84 -93.82
N GLN B 573 117.98 159.11 -94.13
CA GLN B 573 118.14 157.76 -94.60
C GLN B 573 118.13 157.78 -96.09
N SER B 574 119.14 158.44 -96.64
CA SER B 574 119.25 158.52 -98.07
C SER B 574 120.39 157.67 -98.58
N LEU B 575 120.13 157.17 -99.77
CA LEU B 575 121.10 156.33 -100.44
C LEU B 575 121.63 156.99 -101.69
N ILE B 576 122.80 156.53 -102.09
CA ILE B 576 123.44 157.02 -103.27
C ILE B 576 123.09 156.22 -104.52
N LYS B 577 122.98 156.93 -105.62
CA LYS B 577 122.73 156.36 -106.91
C LYS B 577 123.62 157.07 -107.89
N TYR B 578 123.69 156.52 -109.10
CA TYR B 578 124.51 157.17 -110.08
C TYR B 578 123.84 157.50 -111.37
N ASP B 579 124.29 158.62 -111.91
CA ASP B 579 123.78 158.97 -113.20
C ASP B 579 124.74 158.32 -114.17
N GLU B 580 124.34 158.32 -115.43
CA GLU B 580 125.11 157.76 -116.53
C GLU B 580 126.54 158.32 -116.57
N ASN B 581 126.70 159.55 -116.11
CA ASN B 581 128.04 160.11 -116.09
C ASN B 581 128.79 159.65 -114.85
N GLY B 582 128.23 158.59 -114.23
CA GLY B 582 128.78 157.99 -113.04
C GLY B 582 128.77 158.97 -111.90
N ASN B 583 127.73 159.79 -111.92
CA ASN B 583 127.55 160.77 -110.90
C ASN B 583 126.58 160.27 -109.88
N PRO B 584 127.02 160.42 -108.65
CA PRO B 584 126.30 159.99 -107.48
C PRO B 584 125.24 160.99 -107.09
N TRP B 585 124.14 160.49 -106.61
CA TRP B 585 123.11 161.37 -106.16
C TRP B 585 122.25 160.70 -105.12
N SER B 586 121.75 161.53 -104.22
CA SER B 586 120.95 161.06 -103.11
C SER B 586 119.55 160.68 -103.50
N ALA B 587 119.25 159.44 -103.17
CA ALA B 587 117.99 158.81 -103.48
C ALA B 587 117.14 158.56 -102.25
N TYR B 588 115.84 158.46 -102.54
CA TYR B 588 114.87 158.19 -101.52
C TYR B 588 113.77 157.25 -101.95
N GLY B 589 112.72 157.19 -101.15
CA GLY B 589 111.60 156.33 -101.44
C GLY B 589 111.20 156.40 -102.89
N GLY B 590 111.01 155.19 -103.46
CA GLY B 590 110.59 154.99 -104.84
C GLY B 590 111.71 155.10 -105.86
N ASP B 591 112.87 155.57 -105.43
CA ASP B 591 114.01 155.74 -106.30
C ASP B 591 114.60 154.44 -106.83
N PHE B 592 114.13 153.30 -106.32
CA PHE B 592 114.61 152.01 -106.77
C PHE B 592 113.46 151.26 -107.37
N GLY B 593 112.44 152.02 -107.73
CA GLY B 593 111.25 151.41 -108.28
C GLY B 593 110.53 150.64 -107.20
N ASP B 594 111.03 150.84 -105.96
CA ASP B 594 110.48 150.20 -104.79
C ASP B 594 109.06 150.67 -104.60
N THR B 595 108.18 149.71 -104.48
CA THR B 595 106.79 149.98 -104.28
C THR B 595 106.19 148.95 -103.35
N PRO B 596 105.34 149.43 -102.43
CA PRO B 596 104.99 150.84 -102.36
C PRO B 596 106.06 151.63 -101.61
N ASN B 597 105.99 152.93 -101.60
CA ASN B 597 107.02 153.63 -100.89
C ASN B 597 106.52 154.93 -100.28
N ASP B 598 107.36 155.48 -99.39
CA ASP B 598 107.05 156.70 -98.67
C ASP B 598 107.95 157.90 -98.96
N ARG B 599 108.36 158.01 -100.21
CA ARG B 599 109.17 159.12 -100.68
C ARG B 599 110.25 159.60 -99.72
N GLN B 600 110.24 160.92 -99.46
CA GLN B 600 111.20 161.63 -98.60
C GLN B 600 111.07 161.32 -97.12
N PHE B 601 109.98 160.64 -96.75
CA PHE B 601 109.81 160.35 -95.37
C PHE B 601 110.99 159.73 -94.68
N CYS B 602 111.86 159.10 -95.44
CA CYS B 602 113.05 158.51 -94.85
C CYS B 602 114.07 159.59 -94.53
N MET B 603 113.72 160.84 -94.86
CA MET B 603 114.68 161.92 -94.59
C MET B 603 114.25 162.90 -93.51
N ASN B 604 114.75 162.65 -92.28
CA ASN B 604 114.38 163.52 -91.19
C ASN B 604 115.51 163.88 -90.28
N GLY B 605 116.73 163.80 -90.76
CA GLY B 605 117.85 164.05 -89.90
C GLY B 605 118.30 165.46 -89.75
N LEU B 606 119.15 165.60 -88.78
CA LEU B 606 119.78 166.86 -88.48
C LEU B 606 121.02 167.00 -89.36
N VAL B 607 121.44 165.87 -89.89
CA VAL B 607 122.55 165.85 -90.78
C VAL B 607 122.22 165.03 -91.98
N PHE B 608 122.98 165.36 -92.99
CA PHE B 608 122.91 164.66 -94.24
C PHE B 608 123.59 163.33 -94.04
N ALA B 609 123.21 162.35 -94.86
CA ALA B 609 123.82 161.04 -94.74
C ALA B 609 125.34 161.07 -94.66
N ASP B 610 125.95 162.03 -95.38
CA ASP B 610 127.39 162.15 -95.37
C ASP B 610 127.85 162.71 -94.07
N ARG B 611 126.85 163.01 -93.25
CA ARG B 611 127.12 163.59 -91.97
C ARG B 611 127.43 165.05 -92.07
N THR B 612 126.72 165.67 -92.97
CA THR B 612 126.88 167.07 -93.04
C THR B 612 125.58 167.63 -92.60
N PRO B 613 125.78 168.52 -91.68
CA PRO B 613 124.79 169.22 -90.95
C PRO B 613 123.81 169.95 -91.80
N HIS B 614 122.61 169.98 -91.28
CA HIS B 614 121.55 170.75 -91.79
C HIS B 614 121.65 171.99 -90.90
N PRO B 615 121.06 173.07 -91.34
CA PRO B 615 121.19 174.25 -90.52
C PRO B 615 120.53 174.07 -89.14
N ALA B 616 119.45 173.30 -89.12
CA ALA B 616 118.74 173.09 -87.88
C ALA B 616 119.65 172.68 -86.72
N LEU B 617 120.65 171.90 -87.05
CA LEU B 617 121.54 171.41 -86.05
C LEU B 617 121.99 172.49 -85.10
N THR B 618 122.20 173.63 -85.67
CA THR B 618 122.67 174.73 -84.91
C THR B 618 121.70 175.21 -83.86
N GLU B 619 120.45 175.33 -84.29
CA GLU B 619 119.45 175.75 -83.37
C GLU B 619 119.52 174.78 -82.21
N ALA B 620 119.64 173.51 -82.56
CA ALA B 620 119.71 172.54 -81.49
C ALA B 620 120.85 172.78 -80.54
N LYS B 621 122.01 172.90 -81.13
CA LYS B 621 123.16 173.10 -80.31
C LYS B 621 122.98 174.25 -79.37
N HIS B 622 122.47 175.33 -79.90
CA HIS B 622 122.27 176.52 -79.09
C HIS B 622 121.31 176.30 -77.96
N GLN B 623 120.11 175.79 -78.28
CA GLN B 623 119.10 175.54 -77.27
C GLN B 623 119.56 174.54 -76.22
N GLN B 624 120.50 173.68 -76.57
CA GLN B 624 120.95 172.68 -75.64
C GLN B 624 122.16 173.06 -74.86
N GLN B 625 122.66 174.27 -75.05
CA GLN B 625 123.86 174.60 -74.33
C GLN B 625 123.78 174.36 -72.85
N PHE B 626 124.93 174.11 -72.28
CA PHE B 626 125.02 173.83 -70.87
C PHE B 626 125.18 175.07 -70.05
N PHE B 627 125.28 176.22 -70.68
CA PHE B 627 125.43 177.43 -69.89
C PHE B 627 124.38 178.41 -70.22
N GLN B 628 123.87 179.06 -69.21
CA GLN B 628 122.86 180.05 -69.42
C GLN B 628 123.26 181.37 -68.85
N PHE B 629 122.94 182.40 -69.62
CA PHE B 629 123.28 183.77 -69.29
C PHE B 629 122.15 184.71 -69.03
N ARG B 630 122.46 185.63 -68.15
CA ARG B 630 121.59 186.69 -67.77
C ARG B 630 122.41 187.93 -67.74
N LEU B 631 121.78 188.96 -68.23
CA LEU B 631 122.46 190.21 -68.29
C LEU B 631 121.79 191.22 -67.42
N SER B 632 122.56 191.80 -66.53
CA SER B 632 122.02 192.82 -65.70
C SER B 632 122.95 193.99 -65.59
N GLY B 633 122.57 195.04 -66.29
CA GLY B 633 123.41 196.19 -66.28
C GLY B 633 124.77 195.83 -66.87
N GLN B 634 125.81 195.82 -66.06
CA GLN B 634 127.10 195.51 -66.62
C GLN B 634 127.54 194.14 -66.20
N THR B 635 126.59 193.43 -65.62
CA THR B 635 126.89 192.14 -65.14
C THR B 635 126.28 191.00 -65.87
N ILE B 636 127.13 190.05 -66.13
CA ILE B 636 126.64 188.87 -66.72
C ILE B 636 126.55 187.78 -65.71
N GLU B 637 125.39 187.20 -65.65
CA GLU B 637 125.20 186.10 -64.77
C GLU B 637 125.26 184.80 -65.54
N VAL B 638 126.11 183.89 -65.05
CA VAL B 638 126.25 182.63 -65.74
C VAL B 638 125.79 181.51 -64.91
N THR B 639 125.06 180.62 -65.55
CA THR B 639 124.55 179.48 -64.85
C THR B 639 124.93 178.22 -65.55
N SER B 640 125.37 177.25 -64.73
CA SER B 640 125.83 175.96 -65.18
C SER B 640 124.73 174.93 -65.12
N GLU B 641 124.56 174.25 -66.24
CA GLU B 641 123.60 173.18 -66.30
C GLU B 641 124.33 171.85 -66.21
N TYR B 642 125.57 171.91 -65.77
CA TYR B 642 126.29 170.67 -65.58
C TYR B 642 125.90 170.17 -64.20
N LEU B 643 125.78 168.87 -64.05
CA LEU B 643 125.38 168.32 -62.77
C LEU B 643 126.58 167.88 -62.02
N PHE B 644 127.59 167.51 -62.77
CA PHE B 644 128.76 166.97 -62.15
C PHE B 644 130.05 167.70 -62.39
N ARG B 645 130.25 168.37 -63.51
CA ARG B 645 131.54 168.98 -63.64
C ARG B 645 131.66 170.43 -63.33
N HIS B 646 132.90 170.83 -63.25
CA HIS B 646 133.18 172.19 -63.00
C HIS B 646 133.66 172.82 -64.31
N SER B 647 133.45 174.12 -64.51
CA SER B 647 133.84 174.76 -65.78
C SER B 647 135.34 174.77 -65.94
N ASP B 648 135.90 173.61 -66.02
CA ASP B 648 137.32 173.56 -66.10
C ASP B 648 137.97 173.61 -67.46
N ASN B 649 137.24 173.94 -68.50
CA ASN B 649 137.85 174.08 -69.80
C ASN B 649 137.05 175.13 -70.51
N GLU B 650 136.83 176.19 -69.74
CA GLU B 650 135.99 177.23 -70.25
C GLU B 650 136.44 178.66 -70.18
N LEU B 651 136.40 179.21 -71.37
CA LEU B 651 136.72 180.59 -71.59
C LEU B 651 135.54 181.36 -72.11
N LEU B 652 135.31 182.48 -71.49
CA LEU B 652 134.25 183.30 -71.94
C LEU B 652 134.72 184.53 -72.68
N HIS B 653 134.41 184.59 -73.96
CA HIS B 653 134.79 185.73 -74.74
C HIS B 653 133.62 186.65 -74.92
N TRP B 654 133.81 187.91 -74.69
CA TRP B 654 132.71 188.79 -74.93
C TRP B 654 133.13 189.90 -75.83
N MET B 655 132.15 190.60 -76.35
CA MET B 655 132.49 191.68 -77.23
C MET B 655 131.33 192.54 -77.67
N VAL B 656 131.65 193.82 -77.86
CA VAL B 656 130.70 194.82 -78.22
C VAL B 656 130.89 195.43 -79.58
N ALA B 657 129.78 195.59 -80.29
CA ALA B 657 129.86 196.17 -81.61
C ALA B 657 128.66 197.02 -81.95
N LEU B 658 128.95 197.98 -82.80
CA LEU B 658 127.98 198.90 -83.25
C LEU B 658 127.69 198.58 -84.66
N ASP B 659 126.48 198.18 -84.91
CA ASP B 659 126.17 197.80 -86.26
C ASP B 659 127.28 196.96 -86.91
N GLY B 660 127.87 196.07 -86.14
CA GLY B 660 128.91 195.26 -86.76
C GLY B 660 130.29 195.76 -86.50
N LYS B 661 130.40 196.97 -85.97
CA LYS B 661 131.70 197.46 -85.69
C LYS B 661 132.01 197.27 -84.25
N PRO B 662 133.00 196.44 -84.12
CA PRO B 662 133.55 195.99 -82.86
C PRO B 662 134.19 197.14 -82.17
N LEU B 663 133.86 197.31 -80.92
CA LEU B 663 134.40 198.38 -80.16
C LEU B 663 135.17 197.89 -78.98
N ALA B 664 134.89 196.66 -78.54
CA ALA B 664 135.56 196.11 -77.38
C ALA B 664 135.33 194.64 -77.29
N SER B 665 136.36 193.97 -76.78
CA SER B 665 136.37 192.53 -76.59
C SER B 665 136.97 192.26 -75.28
N GLY B 666 136.69 191.06 -74.78
CA GLY B 666 137.19 190.64 -73.50
C GLY B 666 137.23 189.14 -73.40
N GLU B 667 138.01 188.69 -72.46
CA GLU B 667 138.14 187.28 -72.23
C GLU B 667 138.06 186.94 -70.78
N VAL B 668 137.18 186.05 -70.43
CA VAL B 668 137.12 185.68 -69.05
C VAL B 668 136.87 184.23 -68.84
N PRO B 669 137.76 183.72 -68.05
CA PRO B 669 137.77 182.33 -67.64
C PRO B 669 136.63 182.07 -66.70
N LEU B 670 135.95 180.97 -66.98
CA LEU B 670 134.83 180.53 -66.20
C LEU B 670 135.20 179.67 -65.02
N ASP B 671 134.48 179.90 -63.96
CA ASP B 671 134.66 179.15 -62.76
C ASP B 671 133.32 178.86 -62.16
N VAL B 672 132.64 177.84 -62.67
CA VAL B 672 131.33 177.53 -62.15
C VAL B 672 131.14 176.09 -61.82
N ALA B 673 130.60 175.93 -60.63
CA ALA B 673 130.28 174.61 -60.17
C ALA B 673 129.01 174.14 -60.81
N PRO B 674 128.95 172.85 -61.00
CA PRO B 674 127.76 172.28 -61.54
C PRO B 674 126.62 172.92 -60.82
N GLN B 675 125.65 173.34 -61.61
CA GLN B 675 124.48 173.99 -61.09
C GLN B 675 124.72 175.27 -60.38
N GLY B 676 125.88 175.86 -60.57
CA GLY B 676 126.14 177.12 -59.92
C GLY B 676 126.05 178.32 -60.84
N LYS B 677 126.27 179.47 -60.22
CA LYS B 677 126.25 180.75 -60.89
C LYS B 677 127.58 181.48 -60.79
N GLN B 678 127.91 182.26 -61.81
CA GLN B 678 129.11 183.04 -61.80
C GLN B 678 128.74 184.43 -62.28
N LEU B 679 129.26 185.41 -61.55
CA LEU B 679 128.99 186.79 -61.90
C LEU B 679 130.07 187.44 -62.68
N ILE B 680 129.66 188.11 -63.72
CA ILE B 680 130.68 188.69 -64.48
C ILE B 680 130.54 190.14 -64.68
N GLU B 681 131.54 190.76 -64.11
CA GLU B 681 131.64 192.19 -64.10
C GLU B 681 132.25 192.80 -65.32
N LEU B 682 131.47 193.64 -65.92
CA LEU B 682 131.95 194.28 -67.11
C LEU B 682 132.60 195.59 -66.89
N PRO B 683 133.70 195.71 -67.57
CA PRO B 683 134.47 196.92 -67.61
C PRO B 683 133.56 197.94 -68.21
N GLU B 684 133.83 199.20 -67.93
CA GLU B 684 132.99 200.22 -68.48
C GLU B 684 132.85 200.15 -69.97
N LEU B 685 131.60 200.20 -70.36
CA LEU B 685 131.28 200.11 -71.74
C LEU B 685 131.24 201.41 -72.44
N PRO B 686 131.62 201.29 -73.68
CA PRO B 686 131.69 202.37 -74.62
C PRO B 686 130.33 202.93 -74.94
N GLN B 687 130.28 204.26 -75.10
CA GLN B 687 129.05 204.93 -75.40
C GLN B 687 129.15 205.78 -76.64
N PRO B 688 129.23 205.07 -77.75
CA PRO B 688 129.31 205.65 -79.07
C PRO B 688 128.24 206.70 -79.29
N GLU B 689 128.58 207.62 -80.15
CA GLU B 689 127.68 208.70 -80.47
C GLU B 689 126.85 208.38 -81.66
N SER B 690 127.59 207.87 -82.62
CA SER B 690 127.11 207.44 -83.92
C SER B 690 125.79 206.71 -83.79
N ALA B 691 125.02 206.74 -84.84
CA ALA B 691 123.76 206.07 -84.78
C ALA B 691 123.96 204.62 -85.06
N GLY B 692 123.03 203.83 -84.50
CA GLY B 692 123.09 202.40 -84.69
C GLY B 692 122.71 201.62 -83.45
N GLN B 693 122.76 200.30 -83.62
CA GLN B 693 122.44 199.34 -82.60
C GLN B 693 123.70 198.80 -81.98
N LEU B 694 123.69 198.87 -80.68
CA LEU B 694 124.78 198.39 -79.91
C LEU B 694 124.50 197.01 -79.37
N TRP B 695 125.36 196.07 -79.68
CA TRP B 695 125.10 194.73 -79.23
C TRP B 695 126.23 194.04 -78.53
N LEU B 696 125.82 193.29 -77.51
CA LEU B 696 126.77 192.53 -76.76
C LEU B 696 126.71 191.06 -77.08
N THR B 697 127.88 190.47 -77.26
CA THR B 697 127.90 189.06 -77.53
C THR B 697 128.92 188.28 -76.76
N VAL B 698 128.48 187.15 -76.20
CA VAL B 698 129.36 186.25 -75.47
C VAL B 698 129.43 184.88 -76.10
N ARG B 699 130.60 184.30 -75.95
CA ARG B 699 130.86 183.00 -76.46
C ARG B 699 131.63 182.19 -75.45
N VAL B 700 131.45 180.89 -75.52
CA VAL B 700 132.17 180.03 -74.62
C VAL B 700 133.09 179.12 -75.36
N VAL B 701 134.34 179.22 -74.92
CA VAL B 701 135.33 178.43 -75.55
C VAL B 701 136.11 177.49 -74.70
N GLN B 702 136.41 176.40 -75.39
CA GLN B 702 137.18 175.32 -74.86
C GLN B 702 138.57 175.37 -75.42
N PRO B 703 139.39 176.00 -74.62
CA PRO B 703 140.77 176.22 -74.88
C PRO B 703 141.48 174.94 -75.23
N ASN B 704 141.33 173.93 -74.39
CA ASN B 704 141.99 172.66 -74.64
C ASN B 704 141.13 171.64 -75.34
N ALA B 705 141.73 170.84 -76.20
CA ALA B 705 140.90 169.86 -76.86
C ALA B 705 140.50 168.78 -75.90
N THR B 706 139.53 167.99 -76.34
CA THR B 706 139.01 166.91 -75.55
C THR B 706 138.93 165.72 -76.43
N ALA B 707 138.48 164.66 -75.84
CA ALA B 707 138.38 163.48 -76.62
C ALA B 707 137.38 163.62 -77.71
N TRP B 708 136.50 164.59 -77.57
CA TRP B 708 135.48 164.69 -78.60
C TRP B 708 135.43 166.03 -79.21
N SER B 709 136.38 166.87 -78.82
CA SER B 709 136.41 168.20 -79.36
C SER B 709 137.81 168.75 -79.46
N GLU B 710 137.96 169.60 -80.47
CA GLU B 710 139.19 170.30 -80.76
C GLU B 710 139.44 171.44 -79.83
N ALA B 711 140.64 171.95 -79.89
CA ALA B 711 140.82 173.08 -79.02
C ALA B 711 140.16 174.28 -79.64
N GLY B 712 139.72 175.19 -78.80
CA GLY B 712 139.03 176.35 -79.30
C GLY B 712 137.59 176.08 -79.74
N HIS B 713 137.00 175.03 -79.21
CA HIS B 713 135.64 174.74 -79.56
C HIS B 713 134.68 175.69 -78.89
N ILE B 714 133.66 176.08 -79.66
CA ILE B 714 132.63 176.96 -79.12
C ILE B 714 131.50 176.13 -78.59
N SER B 715 131.22 176.26 -77.32
CA SER B 715 130.17 175.44 -76.76
C SER B 715 128.89 176.18 -76.48
N ALA B 716 128.98 177.50 -76.41
CA ALA B 716 127.78 178.22 -76.11
C ALA B 716 127.90 179.68 -76.42
N TRP B 717 126.77 180.28 -76.72
CA TRP B 717 126.81 181.68 -76.96
C TRP B 717 125.51 182.32 -76.66
N GLN B 718 125.57 183.63 -76.59
CA GLN B 718 124.39 184.39 -76.32
C GLN B 718 124.61 185.86 -76.62
N GLN B 719 123.57 186.53 -77.08
CA GLN B 719 123.80 187.92 -77.36
C GLN B 719 122.69 188.87 -76.89
N TRP B 720 123.03 190.13 -76.67
CA TRP B 720 122.02 191.08 -76.25
C TRP B 720 122.14 192.43 -76.93
N ARG B 721 121.01 193.14 -77.04
CA ARG B 721 121.09 194.44 -77.66
C ARG B 721 121.18 195.49 -76.60
N LEU B 722 122.31 196.15 -76.56
CA LEU B 722 122.49 197.11 -75.51
C LEU B 722 121.78 198.40 -75.69
N ALA B 723 121.96 199.01 -76.83
CA ALA B 723 121.30 200.26 -77.01
C ALA B 723 121.03 200.54 -78.46
N GLU B 724 120.40 201.68 -78.61
CA GLU B 724 120.04 202.15 -79.92
C GLU B 724 120.15 203.63 -80.02
N ASN B 725 120.75 204.09 -81.08
CA ASN B 725 120.87 205.50 -81.31
C ASN B 725 120.14 205.77 -82.58
N LEU B 726 118.94 206.29 -82.43
CA LEU B 726 118.14 206.60 -83.60
C LEU B 726 118.80 207.68 -84.43
N SER B 727 118.75 207.51 -85.74
CA SER B 727 119.37 208.50 -86.63
C SER B 727 118.45 209.64 -86.96
N VAL B 728 118.89 210.81 -86.56
CA VAL B 728 118.12 211.99 -86.79
C VAL B 728 118.70 212.80 -87.90
N THR B 729 119.50 212.18 -88.71
CA THR B 729 120.06 213.02 -89.72
C THR B 729 119.33 213.03 -91.01
N LEU B 730 119.69 214.08 -91.71
CA LEU B 730 119.15 214.35 -92.99
C LEU B 730 120.18 214.27 -94.05
N PRO B 731 119.66 213.74 -95.14
CA PRO B 731 120.36 213.56 -96.37
C PRO B 731 120.68 214.95 -96.89
N ALA B 732 121.94 215.13 -97.24
CA ALA B 732 122.33 216.42 -97.76
C ALA B 732 121.68 216.64 -99.12
N ALA B 733 121.60 217.91 -99.50
CA ALA B 733 121.00 218.26 -100.76
C ALA B 733 121.74 217.66 -101.95
N SER B 734 120.95 217.49 -102.99
CA SER B 734 121.40 216.98 -104.25
C SER B 734 121.43 218.15 -105.19
N HIS B 735 122.31 218.11 -106.15
CA HIS B 735 122.39 219.23 -107.05
C HIS B 735 121.47 219.09 -108.22
N ALA B 736 120.76 217.99 -108.24
CA ALA B 736 119.87 217.77 -109.33
C ALA B 736 118.78 216.87 -108.95
N ILE B 737 117.87 216.69 -109.87
CA ILE B 737 116.80 215.81 -109.59
C ILE B 737 116.42 215.01 -110.79
N PRO B 738 115.98 213.82 -110.51
CA PRO B 738 115.65 212.90 -111.54
C PRO B 738 114.75 213.54 -112.56
N HIS B 739 114.84 213.00 -113.73
CA HIS B 739 114.08 213.53 -114.77
C HIS B 739 113.12 212.51 -115.32
N LEU B 740 111.84 212.84 -115.14
CA LEU B 740 110.76 211.99 -115.55
C LEU B 740 110.47 212.07 -117.01
N THR B 741 109.85 211.05 -117.57
CA THR B 741 109.56 211.06 -118.99
C THR B 741 108.47 210.08 -119.29
N THR B 742 107.33 210.60 -119.66
CA THR B 742 106.23 209.72 -119.95
C THR B 742 106.31 209.17 -121.33
N SER B 743 105.50 208.17 -121.57
CA SER B 743 105.39 207.46 -122.82
C SER B 743 104.09 206.70 -122.73
N GLU B 744 103.74 205.96 -123.72
CA GLU B 744 102.49 205.28 -123.58
C GLU B 744 102.63 204.06 -122.73
N MET B 745 103.76 203.42 -122.96
CA MET B 745 104.13 202.20 -122.34
C MET B 745 104.77 202.39 -121.03
N ASP B 746 105.32 203.57 -120.82
CA ASP B 746 105.95 203.64 -119.55
C ASP B 746 106.35 204.99 -119.11
N PHE B 747 107.06 204.94 -118.00
CA PHE B 747 107.58 206.10 -117.39
C PHE B 747 109.08 205.98 -117.29
N CME B 748 109.82 207.05 -117.60
CA CME B 748 111.25 207.00 -117.52
CB CME B 748 112.04 207.08 -118.80
SG CME B 748 112.24 205.40 -119.31
SD CME B 748 114.14 204.95 -119.22
CE CME B 748 114.04 203.61 -120.44
CZ CME B 748 115.13 203.67 -121.51
OH CME B 748 114.57 203.51 -122.80
C CME B 748 111.90 207.89 -116.58
O CME B 748 111.84 209.12 -116.67
N ILE B 749 112.60 207.28 -115.69
CA ILE B 749 113.29 208.11 -114.76
C ILE B 749 114.74 208.02 -115.03
N GLU B 750 115.32 209.18 -115.17
CA GLU B 750 116.71 209.25 -115.44
C GLU B 750 117.43 210.14 -114.48
N LEU B 751 118.67 209.79 -114.26
CA LEU B 751 119.53 210.54 -113.39
C LEU B 751 120.95 210.11 -113.60
N GLY B 752 121.67 210.84 -114.43
CA GLY B 752 123.03 210.46 -114.71
C GLY B 752 123.00 209.22 -115.57
N ASN B 753 123.90 208.31 -115.25
CA ASN B 753 123.99 207.03 -115.92
C ASN B 753 122.82 206.14 -115.52
N LYS B 754 122.22 206.46 -114.37
CA LYS B 754 121.13 205.69 -113.88
C LYS B 754 119.79 205.98 -114.55
N ARG B 755 119.06 204.90 -114.77
CA ARG B 755 117.75 204.93 -115.39
C ARG B 755 116.85 203.84 -114.86
N TRP B 756 115.58 204.18 -114.68
CA TRP B 756 114.60 203.25 -114.18
C TRP B 756 113.37 203.25 -115.03
N GLN B 757 112.85 202.10 -115.32
CA GLN B 757 111.63 202.15 -116.08
C GLN B 757 110.45 201.36 -115.52
N PHE B 758 109.28 202.00 -115.54
CA PHE B 758 108.09 201.32 -115.04
C PHE B 758 107.10 201.07 -116.12
N ASN B 759 106.78 199.82 -116.35
CA ASN B 759 105.82 199.51 -117.38
C ASN B 759 104.44 199.94 -116.96
N ARG B 760 103.82 200.69 -117.82
CA ARG B 760 102.51 201.21 -117.53
C ARG B 760 101.40 200.22 -117.64
N GLN B 761 101.63 199.10 -118.25
CA GLN B 761 100.51 198.21 -118.30
C GLN B 761 100.49 197.32 -117.09
N SER B 762 101.66 196.90 -116.68
CA SER B 762 101.81 195.99 -115.58
C SER B 762 101.89 196.71 -114.28
N GLY B 763 102.36 197.93 -114.37
CA GLY B 763 102.52 198.65 -113.15
C GLY B 763 103.79 198.24 -112.40
N PHE B 764 104.74 197.54 -113.01
CA PHE B 764 105.92 197.23 -112.25
C PHE B 764 107.13 197.88 -112.76
N LEU B 765 108.12 197.92 -111.91
CA LEU B 765 109.40 198.42 -112.27
C LEU B 765 109.97 197.32 -113.14
N SER B 766 109.99 197.55 -114.43
CA SER B 766 110.41 196.58 -115.43
C SER B 766 111.89 196.48 -115.71
N GLN B 767 112.60 197.58 -115.61
CA GLN B 767 114.01 197.47 -115.89
C GLN B 767 114.72 198.63 -115.32
N MET B 768 116.00 198.48 -115.18
CA MET B 768 116.77 199.55 -114.73
C MET B 768 118.17 199.37 -115.22
N TRP B 769 118.83 200.50 -115.48
CA TRP B 769 120.17 200.47 -116.02
C TRP B 769 121.13 201.26 -115.26
N ILE B 770 122.35 200.81 -115.37
CA ILE B 770 123.45 201.55 -114.84
C ILE B 770 124.34 201.62 -116.02
N GLY B 771 124.44 202.82 -116.55
CA GLY B 771 125.16 202.96 -117.76
C GLY B 771 124.26 202.34 -118.81
N ASP B 772 124.83 201.47 -119.59
CA ASP B 772 124.12 200.79 -120.65
C ASP B 772 123.79 199.37 -120.25
N LYS B 773 124.00 199.08 -118.97
CA LYS B 773 123.75 197.76 -118.47
C LYS B 773 122.41 197.61 -117.85
N LYS B 774 121.64 196.68 -118.41
CA LYS B 774 120.34 196.38 -117.86
C LYS B 774 120.60 195.65 -116.56
N GLN B 775 119.73 195.78 -115.57
CA GLN B 775 120.04 195.15 -114.33
C GLN B 775 119.16 194.01 -113.96
N LEU B 776 118.01 193.92 -114.60
CA LEU B 776 117.13 192.86 -114.23
C LEU B 776 116.72 192.00 -115.35
N LEU B 777 116.61 190.72 -115.08
CA LEU B 777 116.10 189.82 -116.08
C LEU B 777 114.62 189.66 -115.89
N THR B 778 114.14 190.08 -114.73
CA THR B 778 112.74 189.98 -114.42
C THR B 778 112.32 191.18 -113.63
N PRO B 779 111.08 191.59 -113.83
CA PRO B 779 110.52 192.74 -113.12
C PRO B 779 110.32 192.49 -111.64
N LEU B 780 110.38 193.57 -110.89
CA LEU B 780 110.24 193.53 -109.47
C LEU B 780 108.80 193.34 -109.09
N ARG B 781 108.51 192.25 -108.41
CA ARG B 781 107.15 192.07 -108.01
C ARG B 781 106.82 191.45 -106.70
N ASP B 782 105.56 191.70 -106.36
CA ASP B 782 105.02 191.22 -105.13
C ASP B 782 105.01 189.72 -105.14
N GLN B 783 105.23 189.15 -104.00
CA GLN B 783 105.20 187.73 -103.94
C GLN B 783 104.56 187.28 -102.66
N PHE B 784 103.63 186.36 -102.79
CA PHE B 784 102.92 185.90 -101.61
C PHE B 784 103.09 184.44 -101.27
N THR B 785 103.80 183.70 -102.08
CA THR B 785 103.92 182.29 -101.82
C THR B 785 105.35 181.82 -101.62
N ARG B 786 105.45 180.52 -101.32
CA ARG B 786 106.74 179.90 -101.20
C ARG B 786 106.74 178.49 -101.77
N ALA B 787 107.94 178.01 -102.13
CA ALA B 787 108.11 176.66 -102.60
C ALA B 787 108.00 175.85 -101.33
N PRO B 788 106.86 175.19 -101.22
CA PRO B 788 106.45 174.40 -100.08
C PRO B 788 107.53 173.62 -99.39
N LEU B 789 107.50 173.70 -98.09
CA LEU B 789 108.40 172.91 -97.31
C LEU B 789 107.78 171.56 -97.10
N ASP B 790 108.61 170.66 -96.63
CA ASP B 790 108.10 169.33 -96.36
C ASP B 790 106.92 169.48 -95.43
N ASN B 791 107.13 170.29 -94.41
CA ASN B 791 106.10 170.58 -93.44
C ASN B 791 104.86 171.21 -94.11
N ASP B 792 105.05 172.00 -95.16
CA ASP B 792 103.89 172.59 -95.79
C ASP B 792 103.02 171.57 -96.51
N ILE B 793 103.67 170.47 -96.85
CA ILE B 793 103.05 169.41 -97.61
C ILE B 793 102.48 168.28 -96.77
N GLY B 794 103.28 167.84 -95.81
CA GLY B 794 102.87 166.77 -94.94
C GLY B 794 102.73 165.49 -95.70
N VAL B 795 101.54 164.94 -95.67
CA VAL B 795 101.38 163.69 -96.37
C VAL B 795 100.47 163.80 -97.56
N SER B 796 100.25 165.01 -98.00
CA SER B 796 99.40 165.18 -99.14
C SER B 796 100.08 164.58 -100.37
N GLU B 797 99.25 163.84 -101.08
CA GLU B 797 99.68 163.18 -102.29
C GLU B 797 98.72 163.49 -103.38
N ALA B 798 99.27 163.49 -104.59
CA ALA B 798 98.50 163.75 -105.79
C ALA B 798 97.24 162.89 -105.83
N THR B 799 97.47 161.62 -105.55
CA THR B 799 96.43 160.62 -105.50
C THR B 799 95.52 160.88 -104.30
N ARG B 800 96.17 161.03 -103.15
CA ARG B 800 95.52 161.22 -101.88
C ARG B 800 95.91 162.53 -101.22
N ILE B 801 95.14 163.53 -101.60
CA ILE B 801 95.32 164.86 -101.11
C ILE B 801 94.86 165.06 -99.66
N ASP B 802 95.62 165.89 -98.93
CA ASP B 802 95.30 166.25 -97.56
C ASP B 802 94.94 167.73 -97.48
N PRO B 803 93.65 167.93 -97.57
CA PRO B 803 92.99 169.20 -97.52
C PRO B 803 93.44 170.12 -96.41
N ASN B 804 94.03 169.60 -95.34
CA ASN B 804 94.43 170.58 -94.35
C ASN B 804 95.84 171.04 -94.50
N ALA B 805 96.59 170.36 -95.33
CA ALA B 805 97.94 170.81 -95.53
C ALA B 805 97.93 172.22 -96.08
N TRP B 806 98.86 173.02 -95.57
CA TRP B 806 99.01 174.37 -95.98
C TRP B 806 99.03 174.46 -97.47
N VAL B 807 99.92 173.67 -98.01
CA VAL B 807 100.05 173.69 -99.45
C VAL B 807 98.72 173.48 -100.15
N GLU B 808 98.00 172.53 -99.60
CA GLU B 808 96.72 172.22 -100.14
C GLU B 808 95.81 173.40 -100.10
N ARG B 809 95.81 174.07 -98.98
CA ARG B 809 94.95 175.22 -98.86
C ARG B 809 95.35 176.37 -99.75
N TRP B 810 96.63 176.60 -99.80
CA TRP B 810 97.14 177.66 -100.59
C TRP B 810 96.74 177.46 -102.02
N LYS B 811 96.88 176.20 -102.41
CA LYS B 811 96.59 175.81 -103.76
C LYS B 811 95.13 176.06 -104.03
N ALA B 812 94.33 175.47 -103.20
CA ALA B 812 92.93 175.63 -103.38
C ALA B 812 92.48 177.05 -103.40
N ALA B 813 93.19 177.89 -102.66
CA ALA B 813 92.81 179.28 -102.60
C ALA B 813 93.22 180.02 -103.85
N GLY B 814 94.10 179.42 -104.63
CA GLY B 814 94.52 180.06 -105.83
C GLY B 814 95.70 180.96 -105.57
N HIS B 815 96.28 180.84 -104.39
CA HIS B 815 97.42 181.68 -104.11
C HIS B 815 98.48 181.54 -105.14
N TYR B 816 98.71 180.29 -105.52
CA TYR B 816 99.75 180.01 -106.47
C TYR B 816 99.42 180.47 -107.84
N GLN B 817 98.17 180.85 -108.08
CA GLN B 817 97.94 181.27 -109.43
C GLN B 817 97.04 182.48 -109.60
N ALA B 818 97.09 183.35 -108.62
CA ALA B 818 96.27 184.51 -108.74
C ALA B 818 96.90 185.44 -109.69
N GLU B 819 96.02 186.23 -110.24
CA GLU B 819 96.32 187.20 -111.22
C GLU B 819 96.29 188.60 -110.70
N ALA B 820 97.42 189.26 -110.89
CA ALA B 820 97.51 190.65 -110.48
C ALA B 820 96.74 191.55 -111.44
N ALA B 821 96.18 192.63 -110.91
CA ALA B 821 95.43 193.58 -111.71
C ALA B 821 95.79 195.01 -111.34
N LEU B 822 96.24 195.79 -112.32
CA LEU B 822 96.57 197.16 -112.01
C LEU B 822 95.33 197.93 -111.66
N LEU B 823 95.37 198.54 -110.51
CA LEU B 823 94.27 199.34 -110.12
C LEU B 823 94.62 200.76 -110.40
N GLN B 824 95.91 201.04 -110.29
CA GLN B 824 96.35 202.39 -110.50
C GLN B 824 97.84 202.53 -110.51
N CYS B 825 98.28 203.50 -111.32
CA CYS B 825 99.70 203.75 -111.48
C CYS B 825 99.92 205.18 -111.87
N THR B 826 100.59 205.93 -111.02
CA THR B 826 100.81 207.31 -111.33
C THR B 826 102.20 207.80 -111.02
N ALA B 827 102.53 208.86 -111.73
CA ALA B 827 103.81 209.50 -111.61
C ALA B 827 103.66 210.95 -111.34
N ASP B 828 104.61 211.49 -110.58
CA ASP B 828 104.52 212.86 -110.19
C ASP B 828 105.88 213.42 -109.87
N THR B 829 106.02 214.70 -110.18
CA THR B 829 107.27 215.36 -109.93
C THR B 829 107.21 216.29 -108.78
N LEU B 830 108.08 216.00 -107.85
CA LEU B 830 108.14 216.80 -106.68
C LEU B 830 109.35 217.67 -106.79
N ALA B 831 109.45 218.54 -105.83
CA ALA B 831 110.56 219.43 -105.86
C ALA B 831 111.88 218.75 -105.73
N ASP B 832 111.92 217.62 -105.05
CA ASP B 832 113.20 216.99 -104.82
C ASP B 832 113.31 215.59 -105.28
N ALA B 833 112.23 215.10 -105.87
CA ALA B 833 112.26 213.76 -106.38
C ALA B 833 111.08 213.45 -107.26
N VAL B 834 111.09 212.23 -107.73
CA VAL B 834 110.02 211.75 -108.52
C VAL B 834 109.27 210.68 -107.73
N LEU B 835 107.97 210.74 -107.89
CA LEU B 835 107.14 209.87 -107.15
C LEU B 835 106.20 209.04 -107.97
N ILE B 836 106.27 207.74 -107.73
CA ILE B 836 105.41 206.83 -108.41
C ILE B 836 104.51 206.10 -107.47
N THR B 837 103.27 205.95 -107.89
CA THR B 837 102.40 205.17 -107.04
C THR B 837 101.58 204.14 -107.79
N THR B 838 101.46 202.98 -107.17
CA THR B 838 100.72 201.91 -107.77
C THR B 838 99.79 201.22 -106.81
N ALA B 839 98.91 200.44 -107.41
CA ALA B 839 97.96 199.68 -106.64
C ALA B 839 97.53 198.52 -107.46
N HIS B 840 97.71 197.34 -106.91
CA HIS B 840 97.30 196.16 -107.62
C HIS B 840 96.42 195.29 -106.78
N ALA B 841 95.75 194.37 -107.46
CA ALA B 841 94.93 193.44 -106.75
C ALA B 841 95.13 192.03 -107.26
N TRP B 842 95.31 191.07 -106.37
CA TRP B 842 95.42 189.74 -106.86
C TRP B 842 94.09 189.08 -106.68
N GLN B 843 93.59 188.52 -107.76
CA GLN B 843 92.31 187.88 -107.63
C GLN B 843 92.30 186.50 -108.17
N HIS B 844 91.24 185.83 -107.78
CA HIS B 844 91.10 184.49 -108.21
C HIS B 844 89.68 184.10 -108.17
N GLN B 845 89.19 183.78 -109.35
CA GLN B 845 87.81 183.41 -109.46
C GLN B 845 86.89 184.43 -108.83
N GLY B 846 87.17 185.70 -109.13
CA GLY B 846 86.33 186.76 -108.62
C GLY B 846 86.63 187.21 -107.21
N LYS B 847 87.47 186.47 -106.51
CA LYS B 847 87.78 186.92 -105.20
C LYS B 847 89.08 187.67 -105.17
N THR B 848 89.09 188.69 -104.34
CA THR B 848 90.29 189.46 -104.19
C THR B 848 91.05 188.97 -102.99
N LEU B 849 92.24 188.42 -103.20
CA LEU B 849 93.05 187.90 -102.11
C LEU B 849 93.87 188.96 -101.48
N PHE B 850 94.59 189.69 -102.31
CA PHE B 850 95.43 190.72 -101.77
C PHE B 850 95.37 192.00 -102.52
N ILE B 851 95.79 193.01 -101.80
CA ILE B 851 95.89 194.31 -102.35
C ILE B 851 97.21 194.89 -101.95
N SER B 852 97.91 195.31 -102.98
CA SER B 852 99.21 195.88 -102.76
C SER B 852 99.30 197.31 -103.26
N ARG B 853 99.62 198.18 -102.33
CA ARG B 853 99.74 199.58 -102.65
C ARG B 853 101.14 200.07 -102.38
N LYS B 854 101.76 200.62 -103.40
CA LYS B 854 103.12 201.09 -103.20
C LYS B 854 103.39 202.50 -103.64
N THR B 855 104.56 202.96 -103.22
CA THR B 855 105.12 204.23 -103.63
C THR B 855 106.59 204.06 -103.82
N TYR B 856 107.03 204.64 -104.91
CA TYR B 856 108.42 204.60 -105.22
C TYR B 856 108.86 206.02 -105.32
N ARG B 857 109.91 206.32 -104.58
CA ARG B 857 110.37 207.65 -104.61
C ARG B 857 111.86 207.75 -104.78
N ILE B 858 112.19 208.33 -105.93
CA ILE B 858 113.55 208.51 -106.37
C ILE B 858 113.99 209.92 -106.29
N ASP B 859 115.04 210.11 -105.52
CA ASP B 859 115.56 211.43 -105.34
C ASP B 859 116.81 211.66 -106.12
N GLY B 860 117.31 212.86 -105.88
CA GLY B 860 118.50 213.32 -106.53
C GLY B 860 119.73 212.62 -106.04
N SER B 861 119.61 211.84 -105.00
CA SER B 861 120.80 211.15 -104.57
C SER B 861 120.89 209.83 -105.29
N GLY B 862 119.83 209.50 -106.04
CA GLY B 862 119.80 208.27 -106.80
C GLY B 862 119.30 207.08 -105.99
N GLN B 863 118.64 207.35 -104.88
CA GLN B 863 118.12 206.25 -104.12
C GLN B 863 116.67 206.07 -104.35
N MET B 864 116.27 204.84 -104.32
CA MET B 864 114.89 204.55 -104.51
C MET B 864 114.30 203.97 -103.25
N ALA B 865 113.33 204.70 -102.74
CA ALA B 865 112.67 204.28 -101.54
C ALA B 865 111.34 203.68 -101.89
N ILE B 866 111.14 202.51 -101.36
CA ILE B 866 109.94 201.80 -101.64
C ILE B 866 109.12 201.61 -100.42
N THR B 867 107.85 201.73 -100.64
CA THR B 867 106.94 201.58 -99.57
C THR B 867 105.79 200.71 -99.96
N VAL B 868 105.60 199.70 -99.12
CA VAL B 868 104.58 198.73 -99.37
C VAL B 868 103.60 198.53 -98.27
N ASP B 869 102.33 198.56 -98.69
CA ASP B 869 101.25 198.30 -97.79
C ASP B 869 100.31 197.33 -98.40
N VAL B 870 100.14 196.21 -97.69
CA VAL B 870 99.28 195.15 -98.15
C VAL B 870 98.10 194.83 -97.27
N GLU B 871 97.05 194.42 -97.96
CA GLU B 871 95.84 194.01 -97.31
C GLU B 871 95.59 192.60 -97.73
N VAL B 872 95.25 191.77 -96.75
CA VAL B 872 94.95 190.38 -97.01
C VAL B 872 93.56 190.00 -96.59
N ALA B 873 92.80 189.39 -97.48
CA ALA B 873 91.46 189.00 -97.09
C ALA B 873 91.50 188.13 -95.88
N SER B 874 90.69 188.48 -94.95
CA SER B 874 90.65 187.73 -93.73
C SER B 874 90.20 186.32 -93.98
N ASP B 875 89.49 186.11 -95.07
CA ASP B 875 89.04 184.77 -95.24
C ASP B 875 89.90 183.92 -96.12
N THR B 876 91.07 184.41 -96.43
CA THR B 876 91.93 183.56 -97.20
C THR B 876 92.95 182.98 -96.25
N PRO B 877 93.56 181.90 -96.61
CA PRO B 877 94.55 181.28 -95.77
C PRO B 877 95.76 182.17 -95.64
N HIS B 878 96.31 182.24 -94.46
CA HIS B 878 97.46 183.07 -94.32
C HIS B 878 98.54 182.62 -95.25
N PRO B 879 99.04 183.59 -95.93
CA PRO B 879 100.07 183.45 -96.93
C PRO B 879 101.40 183.14 -96.31
N ALA B 880 102.19 182.41 -97.06
CA ALA B 880 103.51 181.98 -96.68
C ALA B 880 104.42 183.14 -96.41
N ARG B 881 104.18 184.17 -97.19
CA ARG B 881 105.05 185.31 -97.06
C ARG B 881 104.50 186.53 -97.76
N ILE B 882 105.17 187.65 -97.48
CA ILE B 882 104.83 188.96 -98.03
C ILE B 882 106.07 189.73 -98.38
N GLY B 883 106.32 189.79 -99.69
CA GLY B 883 107.50 190.44 -100.16
C GLY B 883 107.51 190.68 -101.64
N LEU B 884 108.73 190.82 -102.10
CA LEU B 884 108.96 191.07 -103.47
C LEU B 884 110.04 190.22 -104.00
N ASN B 885 110.07 190.18 -105.31
CA ASN B 885 111.13 189.45 -105.92
C ASN B 885 111.42 189.87 -107.33
N CYS B 886 112.58 189.41 -107.74
CA CYS B 886 113.01 189.69 -109.07
C CYS B 886 114.26 188.90 -109.37
N GLN B 887 114.54 188.82 -110.67
CA GLN B 887 115.69 188.13 -111.15
C GLN B 887 116.72 189.13 -111.58
N LEU B 888 117.79 189.20 -110.83
CA LEU B 888 118.81 190.14 -111.20
C LEU B 888 119.66 189.58 -112.32
N ALA B 889 120.02 190.47 -113.21
CA ALA B 889 120.87 190.07 -114.32
C ALA B 889 122.29 189.71 -113.88
N GLN B 890 122.77 190.39 -112.88
CA GLN B 890 124.09 190.12 -112.40
C GLN B 890 124.20 188.85 -111.58
N VAL B 891 125.44 188.41 -111.41
CA VAL B 891 125.76 187.24 -110.63
C VAL B 891 127.09 187.47 -109.94
N ALA B 892 127.13 187.52 -108.62
CA ALA B 892 128.38 187.78 -107.93
C ALA B 892 128.87 186.64 -107.07
N GLU B 893 130.03 186.87 -106.49
CA GLU B 893 130.71 185.87 -105.70
C GLU B 893 130.28 185.79 -104.24
N ARG B 894 130.22 186.95 -103.66
CA ARG B 894 129.88 187.06 -102.28
C ARG B 894 128.57 187.75 -102.02
N VAL B 895 128.16 187.58 -100.76
CA VAL B 895 126.96 188.14 -100.22
C VAL B 895 127.29 188.71 -98.87
N ASN B 896 126.89 189.93 -98.68
CA ASN B 896 127.25 190.56 -97.47
C ASN B 896 126.06 191.24 -96.89
N TRP B 897 125.86 190.95 -95.62
CA TRP B 897 124.74 191.55 -94.98
C TRP B 897 124.93 191.77 -93.52
N LEU B 898 124.07 192.65 -93.06
CA LEU B 898 124.01 193.04 -91.70
C LEU B 898 122.64 192.61 -91.21
N GLY B 899 122.67 191.52 -90.44
CA GLY B 899 121.48 190.93 -89.91
C GLY B 899 121.80 189.63 -89.21
N LEU B 900 120.81 188.75 -89.18
CA LEU B 900 120.93 187.48 -88.51
C LEU B 900 121.70 186.48 -89.29
N GLY B 901 122.75 185.94 -88.70
CA GLY B 901 123.52 184.99 -89.44
C GLY B 901 124.36 184.11 -88.55
N PRO B 902 125.15 183.30 -89.21
CA PRO B 902 125.27 183.28 -90.65
C PRO B 902 124.41 182.25 -91.33
N GLN B 903 123.93 181.28 -90.58
CA GLN B 903 123.12 180.29 -91.27
C GLN B 903 121.69 180.66 -91.53
N GLU B 904 121.12 179.84 -92.41
CA GLU B 904 119.71 179.91 -92.74
C GLU B 904 118.93 180.04 -91.44
N ASN B 905 117.97 180.96 -91.39
CA ASN B 905 117.14 181.14 -90.21
C ASN B 905 115.75 181.58 -90.54
N TYR B 906 114.83 181.10 -89.76
CA TYR B 906 113.45 181.43 -89.98
C TYR B 906 112.84 181.98 -88.71
N PRO B 907 111.69 182.59 -88.89
CA PRO B 907 110.97 183.24 -87.83
C PRO B 907 110.83 182.38 -86.62
N ASP B 908 110.40 181.14 -86.81
CA ASP B 908 110.28 180.26 -85.66
C ASP B 908 111.53 179.40 -85.49
N ARG B 909 112.61 179.78 -86.13
CA ARG B 909 113.85 179.04 -85.93
C ARG B 909 115.01 179.98 -86.11
N LEU B 910 115.27 180.83 -85.11
CA LEU B 910 116.35 181.76 -85.30
C LEU B 910 117.07 182.14 -84.03
N THR B 911 116.74 181.52 -82.95
CA THR B 911 117.43 181.89 -81.73
C THR B 911 118.91 181.62 -81.80
N ALA B 912 119.31 180.69 -82.62
CA ALA B 912 120.73 180.42 -82.62
C ALA B 912 121.52 181.42 -83.42
N ALA B 913 120.83 182.13 -84.29
CA ALA B 913 121.47 183.11 -85.17
C ALA B 913 121.94 184.35 -84.46
N CME B 914 122.93 185.05 -85.02
CA CME B 914 123.44 186.26 -84.45
CB CME B 914 124.80 186.10 -83.80
SG CME B 914 124.68 185.08 -82.33
SD CME B 914 126.62 184.54 -82.34
CE CME B 914 126.71 183.33 -83.71
CZ CME B 914 128.08 182.62 -83.69
OH CME B 914 128.96 183.41 -82.89
C CME B 914 123.38 187.42 -85.33
O CME B 914 123.48 187.34 -86.57
N PHE B 915 123.19 188.52 -84.69
CA PHE B 915 123.10 189.76 -85.41
C PHE B 915 124.46 190.34 -85.61
N ASP B 916 124.91 190.32 -86.84
CA ASP B 916 126.20 190.87 -87.10
C ASP B 916 126.36 191.14 -88.57
N ARG B 917 127.61 191.34 -88.98
CA ARG B 917 127.90 191.53 -90.36
C ARG B 917 128.43 190.26 -90.94
N TRP B 918 127.72 189.75 -91.91
CA TRP B 918 128.12 188.51 -92.50
C TRP B 918 128.48 188.69 -93.94
N ASP B 919 129.46 187.87 -94.34
CA ASP B 919 129.92 187.87 -95.70
C ASP B 919 130.18 186.45 -96.09
N LEU B 920 129.46 185.97 -97.10
CA LEU B 920 129.63 184.62 -97.56
C LEU B 920 129.54 184.55 -99.05
N PRO B 921 129.86 183.40 -99.52
CA PRO B 921 129.81 183.10 -100.90
C PRO B 921 128.41 182.66 -101.22
N LEU B 922 128.01 183.12 -102.36
CA LEU B 922 126.71 182.87 -102.85
C LEU B 922 126.22 181.44 -102.63
N SER B 923 127.14 180.53 -102.82
CA SER B 923 126.84 179.12 -102.67
C SER B 923 126.32 178.80 -101.29
N ASP B 924 126.85 179.51 -100.32
CA ASP B 924 126.47 179.27 -98.98
C ASP B 924 125.08 179.80 -98.70
N MET B 925 124.56 180.58 -99.61
CA MET B 925 123.24 181.08 -99.33
C MET B 925 122.18 180.11 -99.80
N TYR B 926 122.61 178.86 -100.07
CA TYR B 926 121.68 177.88 -100.54
C TYR B 926 121.72 176.61 -99.72
N THR B 927 120.53 176.09 -99.46
CA THR B 927 120.39 174.89 -98.67
C THR B 927 119.80 173.78 -99.51
N PRO B 928 120.74 172.92 -99.82
CA PRO B 928 120.67 171.70 -100.62
C PRO B 928 119.86 170.58 -99.97
N TYR B 929 118.68 170.93 -99.54
CA TYR B 929 117.81 169.93 -99.01
C TYR B 929 117.59 168.95 -100.16
N VAL B 930 117.79 167.67 -99.88
CA VAL B 930 117.62 166.68 -100.92
C VAL B 930 116.32 166.88 -101.68
N PHE B 931 115.25 167.02 -100.93
CA PHE B 931 114.01 167.29 -101.57
C PHE B 931 113.89 168.80 -101.47
N PRO B 932 113.87 169.47 -102.61
CA PRO B 932 113.91 170.91 -102.65
C PRO B 932 112.66 171.68 -102.30
N SER B 933 112.91 172.87 -101.72
CA SER B 933 111.87 173.83 -101.29
C SER B 933 112.45 175.20 -100.88
N GLU B 934 111.57 176.14 -100.51
CA GLU B 934 112.05 177.42 -100.02
C GLU B 934 113.16 177.16 -99.00
N ASN B 935 114.25 177.94 -99.04
CA ASN B 935 115.34 177.72 -98.10
C ASN B 935 116.31 178.88 -98.11
N GLY B 936 117.28 178.79 -97.23
CA GLY B 936 118.34 179.78 -97.14
C GLY B 936 117.96 181.15 -96.59
N LEU B 937 116.74 181.31 -96.17
CA LEU B 937 116.40 182.60 -95.65
C LEU B 937 117.26 183.08 -94.48
N ARG B 938 117.40 184.39 -94.41
CA ARG B 938 118.02 185.04 -93.27
C ARG B 938 117.13 186.20 -92.88
N CYS B 939 116.79 186.28 -91.61
CA CYS B 939 115.90 187.33 -91.13
C CYS B 939 116.62 188.43 -90.40
N GLY B 940 115.82 189.43 -90.05
CA GLY B 940 116.26 190.57 -89.30
C GLY B 940 117.40 191.29 -89.95
N THR B 941 117.24 191.50 -91.24
CA THR B 941 118.26 192.17 -91.98
C THR B 941 117.96 193.60 -92.20
N ARG B 942 119.04 194.34 -92.06
CA ARG B 942 118.98 195.76 -92.18
C ARG B 942 119.67 196.34 -93.39
N GLU B 943 120.70 195.64 -93.85
CA GLU B 943 121.47 196.03 -95.00
C GLU B 943 121.93 194.81 -95.74
N LEU B 944 121.73 194.84 -97.05
CA LEU B 944 122.10 193.76 -97.92
C LEU B 944 122.84 194.27 -99.12
N ASN B 945 123.97 193.64 -99.40
CA ASN B 945 124.84 194.00 -100.48
C ASN B 945 125.18 192.88 -101.42
N TYR B 946 124.92 193.10 -102.70
CA TYR B 946 125.23 192.13 -103.74
C TYR B 946 125.56 192.89 -105.00
N GLY B 947 126.80 192.75 -105.42
CA GLY B 947 127.24 193.48 -106.58
C GLY B 947 127.27 194.95 -106.20
N PRO B 948 126.89 195.74 -107.16
CA PRO B 948 126.80 197.18 -107.03
C PRO B 948 125.57 197.55 -106.20
N HIS B 949 124.72 196.58 -105.91
CA HIS B 949 123.52 196.86 -105.15
C HIS B 949 123.60 196.82 -103.68
N GLN B 950 122.68 197.58 -103.14
CA GLN B 950 122.49 197.68 -101.73
C GLN B 950 121.04 197.90 -101.37
N TRP B 951 120.57 197.12 -100.40
CA TRP B 951 119.23 197.31 -99.95
C TRP B 951 119.23 197.58 -98.49
N ARG B 952 118.32 198.46 -98.12
CA ARG B 952 118.19 198.79 -96.74
C ARG B 952 116.79 198.87 -96.25
N GLY B 953 116.70 198.40 -95.02
CA GLY B 953 115.44 198.39 -94.32
C GLY B 953 115.44 197.42 -93.18
N ASP B 954 114.35 196.70 -93.11
CA ASP B 954 114.21 195.71 -92.10
C ASP B 954 113.47 194.56 -92.68
N PHE B 955 114.21 193.57 -93.17
CA PHE B 955 113.52 192.50 -93.83
C PHE B 955 114.29 191.24 -93.68
N GLN B 956 113.76 190.25 -94.40
CA GLN B 956 114.36 188.95 -94.50
C GLN B 956 114.48 188.68 -95.97
N PHE B 957 115.45 187.85 -96.30
CA PHE B 957 115.62 187.55 -97.70
C PHE B 957 116.34 186.27 -97.90
N ASN B 958 116.36 185.91 -99.17
CA ASN B 958 117.10 184.79 -99.67
C ASN B 958 117.58 185.17 -101.06
N ILE B 959 118.65 184.51 -101.47
CA ILE B 959 119.24 184.77 -102.75
C ILE B 959 119.95 183.57 -103.34
N SER B 960 119.57 183.20 -104.55
CA SER B 960 120.18 182.03 -105.18
C SER B 960 119.97 182.06 -106.67
N ARG B 961 120.26 180.92 -107.33
CA ARG B 961 120.07 180.82 -108.76
C ARG B 961 118.88 180.00 -109.10
N TYR B 962 118.01 179.83 -108.15
CA TYR B 962 116.87 179.03 -108.48
C TYR B 962 115.60 179.73 -108.15
N SER B 963 114.71 179.76 -109.11
CA SER B 963 113.45 180.37 -108.85
C SER B 963 112.68 179.44 -107.93
N GLN B 964 111.70 180.03 -107.25
CA GLN B 964 110.84 179.26 -106.39
C GLN B 964 110.14 178.22 -107.25
N GLN B 965 109.76 178.65 -108.43
CA GLN B 965 109.10 177.71 -109.30
C GLN B 965 109.98 176.52 -109.59
N GLN B 966 111.24 176.77 -109.89
CA GLN B 966 112.07 175.63 -110.16
C GLN B 966 112.04 174.69 -108.98
N LEU B 967 112.37 175.25 -107.82
CA LEU B 967 112.42 174.50 -106.58
C LEU B 967 111.16 173.72 -106.35
N MET B 968 110.09 174.41 -106.64
CA MET B 968 108.83 173.82 -106.43
C MET B 968 108.55 172.69 -107.38
N GLU B 969 109.08 172.80 -108.57
CA GLU B 969 108.80 171.79 -109.57
C GLU B 969 109.79 170.66 -109.64
N THR B 970 110.91 170.75 -108.96
CA THR B 970 111.92 169.70 -108.96
C THR B 970 111.87 168.82 -107.72
N SER B 971 111.99 167.51 -107.93
CA SER B 971 111.92 166.61 -106.79
C SER B 971 113.26 166.25 -106.18
N HIS B 972 114.33 166.40 -106.91
CA HIS B 972 115.59 166.05 -106.32
C HIS B 972 116.54 167.14 -106.53
N ARG B 973 117.38 167.34 -105.55
CA ARG B 973 118.34 168.39 -105.63
C ARG B 973 119.22 168.28 -106.85
N HIS B 974 119.60 167.06 -107.14
CA HIS B 974 120.51 166.83 -108.25
C HIS B 974 119.96 167.31 -109.58
N LEU B 975 118.67 167.55 -109.65
CA LEU B 975 118.10 168.03 -110.89
C LEU B 975 117.98 169.52 -111.03
N LEU B 976 118.51 170.24 -110.09
CA LEU B 976 118.34 171.65 -110.30
C LEU B 976 119.49 172.17 -111.09
N HIS B 977 119.15 173.14 -111.88
CA HIS B 977 120.12 173.77 -112.67
C HIS B 977 120.04 175.26 -112.43
N ALA B 978 121.18 175.88 -112.28
CA ALA B 978 121.18 177.30 -112.05
C ALA B 978 120.48 178.03 -113.16
N GLU B 979 119.79 179.10 -112.79
CA GLU B 979 119.10 179.89 -113.77
C GLU B 979 120.02 181.04 -114.18
N GLU B 980 119.56 181.76 -115.18
CA GLU B 980 120.30 182.83 -115.75
C GLU B 980 120.98 183.85 -114.85
N GLY B 981 120.28 184.48 -113.93
CA GLY B 981 121.02 185.46 -113.17
C GLY B 981 120.97 185.07 -111.72
N THR B 982 120.58 186.03 -110.91
CA THR B 982 120.40 185.76 -109.50
C THR B 982 118.99 186.08 -109.07
N TRP B 983 118.37 185.10 -108.44
CA TRP B 983 117.03 185.27 -107.92
C TRP B 983 117.06 185.82 -106.52
N LEU B 984 116.26 186.86 -106.36
CA LEU B 984 116.22 187.50 -105.07
C LEU B 984 114.84 187.71 -104.51
N ASN B 985 114.68 187.19 -103.30
CA ASN B 985 113.45 187.36 -102.57
C ASN B 985 113.67 188.15 -101.31
N ILE B 986 112.95 189.26 -101.25
CA ILE B 986 112.94 190.15 -100.13
C ILE B 986 111.56 190.20 -99.50
N ASP B 987 111.54 189.69 -98.28
CA ASP B 987 110.33 189.60 -97.55
C ASP B 987 110.20 190.58 -96.42
N GLY B 988 109.02 191.19 -96.39
CA GLY B 988 108.67 192.07 -95.32
C GLY B 988 108.26 191.14 -94.18
N PHE B 989 107.66 190.02 -94.54
CA PHE B 989 107.22 189.04 -93.57
C PHE B 989 107.21 187.68 -94.14
N HIS B 990 107.45 186.73 -93.25
CA HIS B 990 107.48 185.37 -93.67
C HIS B 990 106.95 184.44 -92.61
N MET B 991 106.11 183.51 -93.02
CA MET B 991 105.51 182.54 -92.11
C MET B 991 106.51 181.60 -91.45
N GLY B 992 106.15 181.03 -90.32
CA GLY B 992 107.06 180.13 -89.67
C GLY B 992 107.16 178.83 -90.46
N ILE B 993 108.04 177.92 -90.03
CA ILE B 993 108.22 176.67 -90.75
C ILE B 993 107.63 175.47 -90.04
N GLY B 994 107.42 175.59 -88.73
CA GLY B 994 106.82 174.52 -87.97
C GLY B 994 107.77 173.35 -87.81
N GLY B 995 107.18 172.20 -87.49
CA GLY B 995 107.97 171.01 -87.34
C GLY B 995 107.57 170.13 -86.18
N ASP B 996 106.61 170.57 -85.37
CA ASP B 996 106.21 169.74 -84.24
C ASP B 996 106.00 168.30 -84.68
N ASP B 997 105.56 168.18 -85.93
CA ASP B 997 105.37 166.95 -86.65
C ASP B 997 105.29 167.30 -88.10
N SER B 998 105.46 166.28 -88.95
CA SER B 998 105.44 166.56 -90.37
C SER B 998 104.25 165.96 -91.08
N TRP B 999 103.16 165.70 -90.36
CA TRP B 999 102.02 165.17 -91.05
C TRP B 999 100.71 165.84 -90.68
N SER B 1000 100.88 167.04 -90.12
CA SER B 1000 99.82 167.94 -89.72
C SER B 1000 100.41 169.31 -89.63
N PRO B 1001 99.51 170.27 -89.62
CA PRO B 1001 99.92 171.65 -89.55
C PRO B 1001 100.55 171.89 -88.19
N SER B 1002 101.79 172.34 -88.21
CA SER B 1002 102.52 172.52 -86.99
C SER B 1002 103.02 173.92 -86.76
N VAL B 1003 102.65 174.88 -87.61
CA VAL B 1003 103.14 176.24 -87.37
C VAL B 1003 102.28 176.97 -86.35
N SER B 1004 102.87 177.47 -85.26
CA SER B 1004 102.03 178.16 -84.32
C SER B 1004 101.55 179.50 -84.75
N ALA B 1005 100.38 179.75 -84.22
CA ALA B 1005 99.69 180.97 -84.48
C ALA B 1005 100.59 182.16 -84.44
N GLU B 1006 101.46 182.28 -83.44
CA GLU B 1006 102.33 183.45 -83.45
C GLU B 1006 103.12 183.52 -84.70
N PHE B 1007 103.22 182.43 -85.45
CA PHE B 1007 104.01 182.56 -86.64
C PHE B 1007 103.27 182.62 -87.91
N GLN B 1008 101.97 182.78 -87.84
CA GLN B 1008 101.18 182.87 -89.02
C GLN B 1008 100.96 184.32 -89.39
N LEU B 1009 100.89 184.60 -90.68
CA LEU B 1009 100.69 185.97 -91.16
C LEU B 1009 99.20 186.23 -91.16
N SER B 1010 98.71 186.47 -90.00
CA SER B 1010 97.29 186.65 -89.84
C SER B 1010 96.82 188.07 -89.56
N ALA B 1011 97.72 189.03 -89.58
CA ALA B 1011 97.38 190.39 -89.27
C ALA B 1011 96.39 191.08 -90.18
N GLY B 1012 96.29 190.68 -91.43
CA GLY B 1012 95.36 191.38 -92.28
C GLY B 1012 96.00 192.57 -92.97
N ARG B 1013 96.83 193.28 -92.24
CA ARG B 1013 97.45 194.40 -92.89
C ARG B 1013 98.90 194.42 -92.60
N TYR B 1014 99.70 194.64 -93.64
CA TYR B 1014 101.12 194.68 -93.47
C TYR B 1014 101.76 195.84 -94.17
N HIS B 1015 102.82 196.33 -93.55
CA HIS B 1015 103.54 197.44 -94.08
C HIS B 1015 105.04 197.23 -94.06
N TYR B 1016 105.72 197.68 -95.11
CA TYR B 1016 107.17 197.61 -95.13
C TYR B 1016 107.78 198.57 -96.12
N GLN B 1017 109.03 198.93 -95.83
CA GLN B 1017 109.76 199.89 -96.62
C GLN B 1017 111.15 199.50 -96.93
N LEU B 1018 111.60 200.04 -98.01
CA LEU B 1018 112.86 199.64 -98.45
C LEU B 1018 113.61 200.66 -99.23
N VAL B 1019 114.92 200.50 -99.20
CA VAL B 1019 115.76 201.39 -99.95
C VAL B 1019 116.76 200.71 -100.84
N TRP B 1020 116.74 201.10 -102.10
CA TRP B 1020 117.61 200.47 -103.04
C TRP B 1020 118.56 201.48 -103.72
N CME B 1021 119.82 201.12 -103.78
CA CME B 1021 120.87 201.89 -104.44
CB CME B 1021 121.49 202.91 -103.53
SG CME B 1021 120.72 202.77 -101.94
SD CME B 1021 122.30 202.98 -100.77
CE CME B 1021 123.48 202.25 -101.94
CZ CME B 1021 124.40 203.29 -102.58
OH CME B 1021 125.73 202.85 -102.47
C CME B 1021 122.04 201.08 -104.91
O CME B 1021 122.19 199.93 -104.59
N GLN B 1022 122.82 201.80 -105.70
CA GLN B 1022 123.99 201.31 -106.31
C GLN B 1022 125.19 202.06 -105.90
N LYS B 1023 126.35 201.43 -106.07
CA LYS B 1023 127.64 202.00 -105.74
C LYS B 1023 128.48 202.01 -107.02
N ILE C 3 106.73 111.02 -97.83
CA ILE C 3 108.19 110.97 -97.54
C ILE C 3 108.67 111.89 -96.40
N THR C 4 108.20 113.10 -96.48
CA THR C 4 108.52 114.06 -95.47
C THR C 4 107.55 113.75 -94.38
N ASP C 5 106.58 112.88 -94.66
CA ASP C 5 105.63 112.44 -93.66
C ASP C 5 106.21 111.23 -92.96
N SER C 6 107.42 110.90 -93.34
CA SER C 6 108.07 109.75 -92.81
C SER C 6 108.61 109.93 -91.41
N LEU C 7 108.39 108.89 -90.62
CA LEU C 7 108.94 108.87 -89.30
C LEU C 7 110.38 109.30 -89.36
N ALA C 8 111.07 108.60 -90.19
CA ALA C 8 112.47 108.83 -90.31
C ALA C 8 112.82 110.29 -90.32
N VAL C 9 111.95 110.99 -91.00
CA VAL C 9 112.11 112.40 -91.19
C VAL C 9 111.56 113.22 -90.00
N VAL C 10 110.31 112.97 -89.68
CA VAL C 10 109.68 113.65 -88.59
C VAL C 10 110.52 113.54 -87.32
N LEU C 11 110.81 112.34 -86.92
CA LEU C 11 111.56 112.17 -85.70
C LEU C 11 112.95 112.71 -85.80
N GLN C 12 113.26 113.18 -86.96
CA GLN C 12 114.59 113.65 -87.08
C GLN C 12 114.83 114.77 -86.09
N ARG C 13 113.90 115.71 -86.14
CA ARG C 13 114.02 116.90 -85.34
C ARG C 13 113.99 116.72 -83.82
N ARG C 14 113.28 115.71 -83.33
CA ARG C 14 113.29 115.51 -81.90
C ARG C 14 112.75 116.73 -81.17
N ASP C 15 111.55 117.06 -81.57
CA ASP C 15 110.84 118.16 -81.00
C ASP C 15 110.62 117.98 -79.52
N TRP C 16 110.55 116.73 -79.11
CA TRP C 16 110.36 116.37 -77.74
C TRP C 16 111.60 116.58 -76.90
N GLU C 17 112.63 117.15 -77.49
CA GLU C 17 113.79 117.46 -76.68
C GLU C 17 114.14 118.90 -76.92
N ASN C 18 113.09 119.68 -77.14
CA ASN C 18 113.28 121.07 -77.41
C ASN C 18 112.14 121.93 -76.93
N PRO C 19 112.45 122.57 -75.80
CA PRO C 19 111.61 123.52 -75.08
C PRO C 19 111.16 124.62 -76.03
N GLY C 20 111.91 124.80 -77.10
CA GLY C 20 111.56 125.78 -78.10
C GLY C 20 110.37 125.26 -78.90
N VAL C 21 110.19 123.96 -78.93
CA VAL C 21 109.05 123.53 -79.66
C VAL C 21 108.07 122.89 -78.75
N THR C 22 106.93 123.51 -78.65
CA THR C 22 105.95 122.98 -77.75
C THR C 22 104.69 122.52 -78.45
N GLN C 23 104.62 122.89 -79.70
CA GLN C 23 103.51 122.51 -80.52
C GLN C 23 103.86 122.75 -81.97
N LEU C 24 103.05 122.19 -82.87
CA LEU C 24 103.22 122.33 -84.30
C LEU C 24 101.88 122.28 -84.96
N ASN C 25 101.52 123.35 -85.58
CA ASN C 25 100.23 123.38 -86.25
C ASN C 25 99.03 123.19 -85.37
N ARG C 26 99.20 123.38 -84.07
CA ARG C 26 98.08 123.25 -83.15
C ARG C 26 97.25 124.52 -83.23
N LEU C 27 95.94 124.41 -83.20
CA LEU C 27 95.10 125.61 -83.25
C LEU C 27 95.14 126.34 -81.93
N ALA C 28 94.49 127.49 -81.92
CA ALA C 28 94.42 128.31 -80.73
C ALA C 28 93.36 127.86 -79.76
N ALA C 29 93.68 128.14 -78.49
CA ALA C 29 92.87 127.83 -77.33
C ALA C 29 91.59 128.65 -77.21
N HIS C 30 90.60 128.18 -76.48
CA HIS C 30 89.35 128.92 -76.35
C HIS C 30 88.41 128.10 -75.50
N PRO C 31 87.33 128.75 -75.16
CA PRO C 31 86.34 128.06 -74.38
C PRO C 31 85.66 127.04 -75.28
N PRO C 32 84.97 126.20 -74.62
CA PRO C 32 84.25 125.11 -75.18
C PRO C 32 83.15 125.44 -76.18
N PHE C 33 83.32 124.82 -77.34
CA PHE C 33 82.41 124.92 -78.46
C PHE C 33 81.66 123.62 -78.75
N ALA C 34 80.47 123.77 -79.32
CA ALA C 34 79.61 122.66 -79.73
C ALA C 34 79.15 122.88 -81.15
N SER C 35 79.15 124.14 -81.55
CA SER C 35 78.72 124.48 -82.88
C SER C 35 77.28 124.12 -83.08
N TRP C 36 76.44 124.36 -82.09
CA TRP C 36 75.06 124.04 -82.33
C TRP C 36 74.64 124.76 -83.56
N ARG C 37 73.68 124.16 -84.24
CA ARG C 37 73.15 124.79 -85.42
C ARG C 37 71.70 125.17 -85.17
N ASN C 38 71.30 125.08 -83.90
CA ASN C 38 69.97 125.46 -83.49
C ASN C 38 70.05 126.05 -82.10
N SER C 39 69.41 127.22 -81.98
CA SER C 39 69.40 127.92 -80.73
C SER C 39 68.92 127.08 -79.54
N GLU C 40 67.68 126.65 -79.62
CA GLU C 40 67.10 125.89 -78.55
C GLU C 40 68.01 124.83 -77.99
N GLU C 41 68.63 124.12 -78.90
CA GLU C 41 69.52 123.08 -78.49
C GLU C 41 70.62 123.62 -77.63
N ALA C 42 71.32 124.55 -78.22
CA ALA C 42 72.38 125.18 -77.50
C ALA C 42 71.80 125.70 -76.20
N ARG C 43 70.66 126.31 -76.28
CA ARG C 43 70.09 126.85 -75.09
C ARG C 43 69.86 125.85 -74.00
N THR C 44 69.40 124.69 -74.37
CA THR C 44 69.09 123.66 -73.41
C THR C 44 70.20 122.68 -73.32
N ASP C 45 71.35 123.14 -73.76
CA ASP C 45 72.49 122.29 -73.71
C ASP C 45 72.21 120.90 -74.23
N ARG C 46 71.59 120.79 -75.40
CA ARG C 46 71.42 119.45 -75.92
C ARG C 46 72.74 119.01 -76.48
N PRO C 47 72.73 118.01 -77.31
CA PRO C 47 73.99 117.57 -77.83
C PRO C 47 74.13 117.94 -79.26
N SER C 48 75.28 118.46 -79.61
CA SER C 48 75.46 118.86 -80.98
C SER C 48 76.08 117.76 -81.78
N GLN C 49 75.61 117.73 -83.00
CA GLN C 49 76.08 116.75 -83.91
C GLN C 49 77.32 117.24 -84.59
N GLN C 50 77.68 118.52 -84.41
CA GLN C 50 78.93 118.93 -85.05
C GLN C 50 80.08 118.51 -84.17
N LEU C 51 79.66 117.85 -83.11
CA LEU C 51 80.56 117.33 -82.15
C LEU C 51 80.48 115.83 -82.07
N ARG C 52 81.60 115.18 -82.31
CA ARG C 52 81.60 113.74 -82.30
C ARG C 52 82.73 113.12 -81.52
N SER C 53 82.37 112.15 -80.67
CA SER C 53 83.38 111.49 -79.89
C SER C 53 84.06 110.36 -80.60
N LEU C 54 85.35 110.23 -80.39
CA LEU C 54 86.10 109.17 -81.00
C LEU C 54 86.54 108.19 -79.95
N ASN C 55 85.90 108.36 -78.81
CA ASN C 55 86.27 107.47 -77.74
C ASN C 55 85.69 106.13 -78.05
N GLY C 56 86.47 105.12 -77.68
CA GLY C 56 86.08 103.76 -77.85
C GLY C 56 87.28 102.88 -78.07
N GLU C 57 87.03 101.84 -78.85
CA GLU C 57 88.07 100.88 -79.15
C GLU C 57 89.03 101.41 -80.17
N TRP C 58 90.29 101.25 -79.88
CA TRP C 58 91.31 101.74 -80.77
C TRP C 58 92.40 100.72 -80.86
N ARG C 59 93.38 100.98 -81.67
CA ARG C 59 94.42 99.98 -81.76
C ARG C 59 95.71 100.49 -81.21
N PHE C 60 96.26 99.66 -80.35
CA PHE C 60 97.44 100.08 -79.67
C PHE C 60 98.64 99.19 -79.83
N ALA C 61 99.80 99.81 -79.78
CA ALA C 61 101.02 99.05 -79.81
C ALA C 61 102.10 99.83 -79.12
N TRP C 62 102.88 99.14 -78.35
CA TRP C 62 103.88 99.76 -77.55
C TRP C 62 105.31 99.52 -77.94
N PHE C 63 106.16 100.51 -77.80
CA PHE C 63 107.56 100.34 -78.14
C PHE C 63 108.39 101.06 -77.15
N PRO C 64 109.49 100.45 -76.88
CA PRO C 64 110.54 100.93 -75.98
C PRO C 64 111.15 102.25 -76.41
N ALA C 65 110.95 102.61 -77.68
CA ALA C 65 111.49 103.84 -78.20
C ALA C 65 110.80 104.21 -79.47
N PRO C 66 110.82 105.48 -79.72
CA PRO C 66 110.20 106.03 -80.90
C PRO C 66 110.86 105.49 -82.17
N GLU C 67 112.19 105.53 -82.13
CA GLU C 67 113.02 105.05 -83.22
C GLU C 67 112.65 103.62 -83.65
N ALA C 68 112.20 102.81 -82.72
CA ALA C 68 111.79 101.48 -83.07
C ALA C 68 110.45 101.42 -83.80
N VAL C 69 109.85 102.54 -84.14
CA VAL C 69 108.60 102.37 -84.83
C VAL C 69 108.78 102.09 -86.34
N PRO C 70 107.79 101.42 -86.92
CA PRO C 70 107.79 100.99 -88.30
C PRO C 70 106.90 101.79 -89.19
N GLU C 71 107.56 102.26 -90.23
CA GLU C 71 106.99 103.09 -91.21
C GLU C 71 105.65 102.58 -91.69
N SER C 72 105.59 101.29 -91.72
CA SER C 72 104.37 100.61 -92.11
C SER C 72 103.23 101.13 -91.31
N TRP C 73 103.55 101.35 -90.02
CA TRP C 73 102.59 101.79 -89.04
C TRP C 73 101.74 102.90 -89.58
N LEU C 74 102.41 103.76 -90.34
CA LEU C 74 101.80 104.93 -90.95
C LEU C 74 100.72 104.59 -91.90
N GLU C 75 101.03 103.52 -92.62
CA GLU C 75 100.17 103.04 -93.65
C GLU C 75 99.23 102.00 -93.15
N CYS C 76 99.82 101.04 -92.49
CA CYS C 76 99.05 99.93 -92.09
C CYS C 76 99.10 99.67 -90.64
N ASP C 77 97.93 99.20 -90.19
CA ASP C 77 97.75 98.80 -88.81
C ASP C 77 98.66 97.65 -88.51
N LEU C 78 99.00 97.45 -87.26
CA LEU C 78 99.87 96.33 -87.05
C LEU C 78 99.14 95.03 -86.80
N PRO C 79 99.92 94.01 -86.93
CA PRO C 79 99.43 92.67 -86.73
C PRO C 79 99.37 92.40 -85.25
N GLU C 80 100.47 92.78 -84.63
CA GLU C 80 100.67 92.64 -83.21
C GLU C 80 99.99 93.73 -82.41
N ALA C 81 99.23 94.56 -83.10
CA ALA C 81 98.50 95.61 -82.43
C ALA C 81 97.40 94.99 -81.60
N ASP C 82 97.06 95.64 -80.49
CA ASP C 82 96.00 95.18 -79.63
C ASP C 82 94.85 96.13 -79.73
N THR C 83 93.71 95.65 -79.33
CA THR C 83 92.60 96.53 -79.36
C THR C 83 92.41 97.04 -77.96
N VAL C 84 92.34 98.37 -77.84
CA VAL C 84 92.25 99.04 -76.56
C VAL C 84 91.17 100.10 -76.50
N VAL C 85 90.78 100.38 -75.28
CA VAL C 85 89.82 101.42 -75.07
C VAL C 85 90.49 102.73 -74.75
N VAL C 86 89.96 103.75 -75.38
CA VAL C 86 90.43 105.08 -75.22
C VAL C 86 89.26 105.93 -74.78
N PRO C 87 89.51 106.82 -73.78
CA PRO C 87 90.83 107.11 -73.23
C PRO C 87 91.30 106.16 -72.17
N SER C 88 92.61 106.19 -71.96
CA SER C 88 93.20 105.32 -70.97
C SER C 88 94.70 105.54 -70.74
N ASN C 89 95.19 104.88 -69.68
CA ASN C 89 96.61 104.95 -69.37
C ASN C 89 97.23 103.62 -69.67
N TRP C 90 98.16 103.68 -70.55
CA TRP C 90 98.74 102.45 -70.94
C TRP C 90 99.35 101.60 -69.83
N GLN C 91 99.87 102.25 -68.78
CA GLN C 91 100.42 101.49 -67.68
C GLN C 91 99.31 100.69 -67.03
N MET C 92 98.10 101.20 -67.20
CA MET C 92 96.96 100.52 -66.61
C MET C 92 96.62 99.24 -67.34
N HIS C 93 97.27 99.03 -68.47
CA HIS C 93 97.02 97.87 -69.28
C HIS C 93 98.17 96.94 -69.29
N GLY C 94 99.08 97.17 -68.40
CA GLY C 94 100.23 96.34 -68.27
C GLY C 94 101.32 96.65 -69.25
N TYR C 95 101.15 97.66 -70.09
CA TYR C 95 102.23 97.90 -71.02
C TYR C 95 103.62 98.18 -70.45
N ASP C 96 103.62 98.95 -69.38
CA ASP C 96 104.83 99.26 -68.63
C ASP C 96 104.35 99.68 -67.26
N ALA C 97 105.32 100.01 -66.43
CA ALA C 97 105.00 100.40 -65.06
C ALA C 97 104.70 101.85 -64.82
N PRO C 98 103.81 102.05 -63.87
CA PRO C 98 103.49 103.37 -63.42
C PRO C 98 104.54 103.65 -62.37
N ILE C 99 104.96 104.89 -62.31
CA ILE C 99 105.94 105.24 -61.32
C ILE C 99 105.42 106.20 -60.29
N TYR C 100 105.91 105.93 -59.08
CA TYR C 100 105.57 106.75 -57.98
C TYR C 100 106.76 107.35 -57.24
N THR C 101 107.12 108.56 -57.68
CA THR C 101 108.08 109.44 -57.01
C THR C 101 107.32 110.73 -56.76
N ASN C 102 107.86 111.50 -55.83
CA ASN C 102 107.29 112.76 -55.42
C ASN C 102 108.07 113.96 -55.94
N VAL C 103 109.30 114.06 -55.46
CA VAL C 103 110.14 115.17 -55.85
C VAL C 103 111.08 114.81 -56.97
N THR C 104 111.80 113.73 -56.71
CA THR C 104 112.77 113.25 -57.64
C THR C 104 112.18 112.90 -58.99
N TYR C 105 112.80 113.44 -60.02
CA TYR C 105 112.35 113.18 -61.36
C TYR C 105 112.51 111.70 -61.69
N PRO C 106 111.53 111.20 -62.39
CA PRO C 106 111.52 109.82 -62.83
C PRO C 106 112.68 109.58 -63.79
N ILE C 107 113.10 110.62 -64.48
CA ILE C 107 114.20 110.43 -65.39
C ILE C 107 115.40 111.21 -64.94
N THR C 108 116.47 111.04 -65.66
CA THR C 108 117.69 111.74 -65.32
C THR C 108 117.57 113.20 -65.65
N VAL C 109 118.12 113.98 -64.74
CA VAL C 109 118.04 115.40 -64.94
C VAL C 109 119.02 116.02 -65.89
N ASN C 110 118.57 116.25 -67.09
CA ASN C 110 119.42 116.83 -68.07
C ASN C 110 118.67 117.50 -69.17
N PRO C 111 117.95 118.48 -68.74
CA PRO C 111 117.15 119.27 -69.62
C PRO C 111 118.06 119.81 -70.70
N PRO C 112 117.49 119.82 -71.88
CA PRO C 112 116.10 119.40 -72.04
C PRO C 112 116.02 118.02 -72.56
N PHE C 113 116.99 117.22 -72.16
CA PHE C 113 117.04 115.88 -72.62
C PHE C 113 116.28 114.89 -71.83
N VAL C 114 115.63 114.06 -72.61
CA VAL C 114 114.86 112.94 -72.20
C VAL C 114 115.72 111.68 -72.49
N PRO C 115 115.38 110.55 -71.91
CA PRO C 115 116.15 109.33 -72.10
C PRO C 115 115.82 108.60 -73.40
N THR C 116 116.89 108.13 -74.03
CA THR C 116 116.86 107.43 -75.30
C THR C 116 115.77 106.36 -75.36
N GLU C 117 115.60 105.67 -74.25
CA GLU C 117 114.56 104.66 -74.16
C GLU C 117 113.33 105.36 -73.66
N ASN C 118 112.53 105.73 -74.60
CA ASN C 118 111.38 106.44 -74.21
C ASN C 118 110.18 105.78 -74.81
N PRO C 119 109.51 105.15 -73.94
CA PRO C 119 108.32 104.39 -74.23
C PRO C 119 107.36 105.10 -75.12
N THR C 120 107.13 104.49 -76.27
CA THR C 120 106.23 105.05 -77.22
C THR C 120 104.93 104.27 -77.37
N GLY C 121 103.83 104.96 -77.49
CA GLY C 121 102.56 104.27 -77.62
C GLY C 121 101.90 104.65 -78.93
N CYS C 122 101.78 103.68 -79.84
CA CYS C 122 101.18 103.96 -81.11
C CYS C 122 99.73 103.64 -81.12
N TYR C 123 98.97 104.69 -81.18
CA TYR C 123 97.54 104.57 -81.20
C TYR C 123 97.08 104.81 -82.60
N SER C 124 96.02 104.10 -82.97
CA SER C 124 95.52 104.22 -84.33
C SER C 124 94.04 104.04 -84.39
N LEU C 125 93.47 104.74 -85.32
CA LEU C 125 92.06 104.61 -85.45
C LEU C 125 91.50 104.95 -86.81
N THR C 126 90.67 104.01 -87.21
CA THR C 126 90.02 104.08 -88.48
C THR C 126 88.58 104.43 -88.34
N PHE C 127 88.19 105.42 -89.07
CA PHE C 127 86.83 105.86 -88.96
C PHE C 127 86.38 106.52 -90.22
N ASN C 128 85.08 106.62 -90.18
CA ASN C 128 84.30 107.14 -91.25
C ASN C 128 83.83 108.51 -91.00
N VAL C 129 83.83 109.27 -92.07
CA VAL C 129 83.41 110.64 -92.03
C VAL C 129 82.26 110.91 -92.96
N ASP C 130 81.23 111.58 -92.45
CA ASP C 130 80.17 111.93 -93.36
C ASP C 130 80.79 112.89 -94.36
N GLU C 131 80.34 112.84 -95.59
CA GLU C 131 80.94 113.71 -96.55
C GLU C 131 80.36 115.10 -96.50
N SER C 132 79.13 115.19 -96.02
CA SER C 132 78.54 116.49 -95.94
C SER C 132 79.52 117.43 -95.25
N TRP C 133 80.18 116.86 -94.25
CA TRP C 133 81.18 117.56 -93.48
C TRP C 133 82.35 117.90 -94.36
N LEU C 134 82.56 117.00 -95.28
CA LEU C 134 83.67 117.12 -96.17
C LEU C 134 83.41 118.21 -97.19
N GLN C 135 82.15 118.49 -97.40
CA GLN C 135 81.83 119.50 -98.38
C GLN C 135 82.17 120.86 -97.91
N GLU C 136 81.37 121.32 -96.95
CA GLU C 136 81.56 122.64 -96.40
C GLU C 136 82.08 122.66 -94.97
N GLY C 137 82.45 123.84 -94.51
CA GLY C 137 82.91 124.04 -93.15
C GLY C 137 84.29 123.51 -92.84
N GLN C 138 84.54 123.44 -91.53
CA GLN C 138 85.80 123.00 -91.01
C GLN C 138 85.70 121.91 -89.98
N THR C 139 86.62 121.00 -90.18
CA THR C 139 86.69 119.87 -89.34
C THR C 139 88.01 119.69 -88.65
N ARG C 140 87.85 119.68 -87.34
CA ARG C 140 89.00 119.52 -86.51
C ARG C 140 88.82 118.48 -85.44
N ILE C 141 90.00 118.05 -85.07
CA ILE C 141 90.09 117.07 -84.04
C ILE C 141 90.57 117.68 -82.75
N ILE C 142 90.12 117.06 -81.67
CA ILE C 142 90.47 117.51 -80.37
C ILE C 142 90.84 116.48 -79.34
N PHE C 143 92.06 116.64 -78.87
CA PHE C 143 92.58 115.80 -77.81
C PHE C 143 92.50 116.48 -76.48
N ASP C 144 91.59 116.04 -75.64
CA ASP C 144 91.46 116.65 -74.35
C ASP C 144 92.63 116.42 -73.44
N GLY C 145 93.41 115.38 -73.69
CA GLY C 145 94.55 115.09 -72.86
C GLY C 145 95.38 113.88 -73.30
N VAL C 146 96.66 114.18 -73.56
CA VAL C 146 97.67 113.25 -74.01
C VAL C 146 98.98 113.47 -73.28
N ASN C 147 99.42 112.49 -72.58
CA ASN C 147 100.62 112.64 -71.79
C ASN C 147 101.73 111.75 -72.27
N SER C 148 102.92 112.33 -72.52
CA SER C 148 103.20 113.73 -72.30
C SER C 148 103.25 114.57 -73.57
N ALA C 149 103.80 113.99 -74.63
CA ALA C 149 103.94 114.66 -75.92
C ALA C 149 103.48 113.75 -77.07
N PHE C 150 103.28 114.32 -78.26
CA PHE C 150 102.88 113.46 -79.35
C PHE C 150 102.79 114.11 -80.71
N HIS C 151 102.97 113.22 -81.72
CA HIS C 151 102.93 113.51 -83.15
C HIS C 151 101.66 112.96 -83.75
N LEU C 152 101.23 113.59 -84.81
CA LEU C 152 99.99 113.12 -85.32
C LEU C 152 99.91 113.02 -86.84
N TRP C 153 99.27 111.92 -87.30
CA TRP C 153 99.06 111.66 -88.70
C TRP C 153 97.65 111.30 -89.03
N CYS C 154 97.28 111.74 -90.22
CA CYS C 154 95.96 111.46 -90.69
C CYS C 154 96.02 111.05 -92.13
N ASN C 155 95.48 109.85 -92.34
CA ASN C 155 95.45 109.24 -93.64
C ASN C 155 96.87 109.26 -94.19
N GLY C 156 97.84 108.89 -93.36
CA GLY C 156 99.22 108.80 -93.79
C GLY C 156 99.98 110.09 -93.79
N ARG C 157 99.23 111.17 -93.62
CA ARG C 157 99.85 112.46 -93.62
C ARG C 157 100.16 113.04 -92.24
N TRP C 158 101.39 113.57 -92.13
CA TRP C 158 101.83 114.19 -90.91
C TRP C 158 101.05 115.46 -90.62
N VAL C 159 100.60 115.61 -89.39
CA VAL C 159 99.77 116.77 -89.10
C VAL C 159 100.31 117.76 -88.13
N GLY C 160 100.69 117.31 -86.96
CA GLY C 160 101.18 118.24 -85.99
C GLY C 160 101.78 117.54 -84.81
N TYR C 161 102.13 118.39 -83.86
CA TYR C 161 102.77 117.99 -82.63
C TYR C 161 102.22 118.81 -81.51
N GLY C 162 102.33 118.28 -80.28
CA GLY C 162 101.81 118.95 -79.09
C GLY C 162 102.47 118.56 -77.76
N GLN C 163 102.54 119.54 -76.82
CA GLN C 163 103.08 119.35 -75.47
C GLN C 163 102.03 119.83 -74.45
N ASP C 164 102.24 119.49 -73.16
CA ASP C 164 101.35 119.84 -72.06
C ASP C 164 100.23 118.84 -71.90
N SER C 165 100.51 117.87 -71.05
CA SER C 165 99.54 116.82 -70.83
C SER C 165 98.21 117.25 -70.30
N ARG C 166 98.06 118.45 -69.76
CA ARG C 166 96.77 118.76 -69.18
C ARG C 166 95.80 119.62 -69.92
N LEU C 167 96.20 120.15 -71.07
CA LEU C 167 95.26 120.94 -71.85
C LEU C 167 95.03 120.34 -73.22
N PRO C 168 93.94 120.74 -73.83
CA PRO C 168 93.51 120.28 -75.12
C PRO C 168 94.44 120.69 -76.22
N SER C 169 94.41 119.84 -77.27
CA SER C 169 95.17 120.07 -78.47
C SER C 169 94.25 119.97 -79.65
N GLU C 170 94.26 121.02 -80.46
CA GLU C 170 93.39 120.98 -81.59
C GLU C 170 94.07 121.16 -82.90
N PHE C 171 93.53 120.37 -83.83
CA PHE C 171 93.96 120.42 -85.20
C PHE C 171 92.84 120.31 -86.20
N ASP C 172 93.09 121.06 -87.27
CA ASP C 172 92.26 121.17 -88.44
C ASP C 172 92.61 120.04 -89.37
N LEU C 173 91.63 119.16 -89.54
CA LEU C 173 91.81 117.98 -90.35
C LEU C 173 91.33 118.13 -91.79
N SER C 174 90.52 119.18 -91.92
CA SER C 174 89.86 119.60 -93.13
C SER C 174 90.59 119.19 -94.42
N ALA C 175 91.89 119.38 -94.44
CA ALA C 175 92.62 119.02 -95.63
C ALA C 175 93.10 117.59 -95.69
N PHE C 176 92.81 116.73 -94.69
CA PHE C 176 93.34 115.39 -94.80
C PHE C 176 92.26 114.36 -94.85
N LEU C 177 91.07 114.86 -94.77
CA LEU C 177 90.03 113.90 -94.78
C LEU C 177 89.53 113.53 -96.14
N ARG C 178 89.22 112.23 -96.23
CA ARG C 178 88.64 111.61 -97.41
C ARG C 178 87.26 111.21 -96.99
N ALA C 179 86.38 111.07 -97.96
CA ALA C 179 85.09 110.62 -97.55
C ALA C 179 85.20 109.15 -97.22
N GLY C 180 84.35 108.75 -96.28
CA GLY C 180 84.37 107.39 -95.82
C GLY C 180 85.48 107.12 -94.82
N GLU C 181 86.28 106.15 -95.18
CA GLU C 181 87.31 105.69 -94.31
C GLU C 181 88.56 106.49 -94.17
N ASN C 182 88.85 106.83 -92.90
CA ASN C 182 90.06 107.52 -92.57
C ASN C 182 90.75 106.85 -91.43
N ARG C 183 92.04 107.11 -91.39
CA ARG C 183 92.85 106.54 -90.36
C ARG C 183 93.79 107.55 -89.69
N LEU C 184 93.71 107.52 -88.33
CA LEU C 184 94.54 108.33 -87.47
C LEU C 184 95.69 107.56 -86.88
N ALA C 185 96.84 108.20 -86.88
CA ALA C 185 97.99 107.57 -86.26
C ALA C 185 98.70 108.55 -85.35
N VAL C 186 98.54 108.24 -84.07
CA VAL C 186 99.06 109.02 -83.00
C VAL C 186 100.18 108.37 -82.27
N MET C 187 101.30 109.01 -82.34
CA MET C 187 102.42 108.48 -81.64
C MET C 187 102.63 109.32 -80.40
N VAL C 188 102.45 108.69 -79.24
CA VAL C 188 102.56 109.33 -77.94
C VAL C 188 103.83 109.01 -77.19
N LEU C 189 104.44 109.99 -76.51
CA LEU C 189 105.67 109.68 -75.78
C LEU C 189 105.67 109.96 -74.29
N ARG C 190 106.30 109.06 -73.56
CA ARG C 190 106.38 109.21 -72.12
C ARG C 190 107.12 110.46 -71.77
N TRP C 191 108.41 110.48 -72.05
CA TRP C 191 109.17 111.65 -71.75
C TRP C 191 109.22 112.65 -72.86
N SER C 192 109.36 113.92 -72.52
CA SER C 192 109.49 115.05 -73.43
C SER C 192 110.05 116.20 -72.65
N ASP C 193 110.39 117.29 -73.31
CA ASP C 193 110.90 118.39 -72.52
C ASP C 193 109.82 118.85 -71.51
N GLY C 194 108.53 118.70 -71.92
CA GLY C 194 107.35 119.03 -71.08
C GLY C 194 107.42 118.36 -69.71
N SER C 195 108.02 117.22 -69.71
CA SER C 195 108.15 116.47 -68.49
C SER C 195 108.88 117.29 -67.46
N TYR C 196 109.90 118.03 -67.89
CA TYR C 196 110.60 118.82 -66.92
C TYR C 196 109.65 119.78 -66.18
N LEU C 197 108.50 120.12 -66.76
CA LEU C 197 107.55 120.99 -66.14
C LEU C 197 106.41 120.26 -65.55
N GLU C 198 106.57 118.96 -65.42
CA GLU C 198 105.44 118.23 -64.87
C GLU C 198 105.86 117.30 -63.75
N ASP C 199 106.59 117.84 -62.77
CA ASP C 199 107.07 117.00 -61.70
C ASP C 199 106.14 116.82 -60.52
N GLN C 200 104.84 116.85 -60.74
CA GLN C 200 103.89 116.66 -59.61
C GLN C 200 104.07 115.37 -58.84
N ASP C 201 103.94 115.44 -57.50
CA ASP C 201 104.02 114.24 -56.67
C ASP C 201 102.73 113.42 -56.86
N MET C 202 102.79 112.57 -57.87
CA MET C 202 101.70 111.71 -58.26
C MET C 202 102.29 110.55 -59.04
N TRP C 203 101.41 109.64 -59.46
CA TRP C 203 101.85 108.53 -60.24
C TRP C 203 102.21 109.06 -61.61
N ARG C 204 103.32 108.57 -62.12
CA ARG C 204 103.74 108.97 -63.44
C ARG C 204 103.21 107.94 -64.44
N MET C 205 102.28 108.37 -65.26
CA MET C 205 101.68 107.52 -66.24
C MET C 205 101.77 108.13 -67.62
N SER C 206 100.96 107.62 -68.58
CA SER C 206 100.97 108.12 -69.96
C SER C 206 99.89 107.55 -70.84
N GLY C 207 99.67 108.25 -71.95
CA GLY C 207 98.67 107.84 -72.92
C GLY C 207 97.64 108.89 -73.26
N ILE C 208 96.58 108.42 -73.89
CA ILE C 208 95.48 109.30 -74.26
C ILE C 208 94.43 109.08 -73.25
N PHE C 209 94.56 109.88 -72.20
CA PHE C 209 93.74 109.72 -71.05
C PHE C 209 92.56 110.62 -70.96
N ARG C 210 92.37 111.42 -71.99
CA ARG C 210 91.19 112.25 -71.98
C ARG C 210 90.52 112.12 -73.34
N ASP C 211 89.27 112.51 -73.37
CA ASP C 211 88.47 112.45 -74.56
C ASP C 211 89.11 112.92 -75.85
N VAL C 212 88.56 112.34 -76.93
CA VAL C 212 88.91 112.62 -78.31
C VAL C 212 87.67 112.90 -79.12
N SER C 213 87.73 114.00 -79.87
CA SER C 213 86.55 114.38 -80.60
C SER C 213 86.77 115.10 -81.90
N LEU C 214 85.64 115.24 -82.56
CA LEU C 214 85.61 115.92 -83.82
C LEU C 214 84.60 116.99 -83.79
N LEU C 215 85.07 118.08 -84.33
CA LEU C 215 84.22 119.21 -84.38
C LEU C 215 84.12 119.80 -85.76
N HIS C 216 82.86 119.97 -86.12
CA HIS C 216 82.50 120.52 -87.38
C HIS C 216 82.02 121.93 -87.23
N LYS C 217 82.80 122.83 -87.80
CA LYS C 217 82.45 124.22 -87.72
C LYS C 217 82.37 124.87 -89.07
N PRO C 218 81.48 125.86 -89.17
CA PRO C 218 81.30 126.66 -90.37
C PRO C 218 82.58 127.38 -90.68
N THR C 219 82.77 127.74 -91.93
CA THR C 219 83.99 128.43 -92.33
C THR C 219 84.09 129.81 -91.72
N THR C 220 82.93 130.39 -91.60
CA THR C 220 82.80 131.66 -90.97
C THR C 220 82.13 131.35 -89.64
N GLN C 221 82.90 131.47 -88.56
CA GLN C 221 82.41 131.08 -87.27
C GLN C 221 82.88 131.94 -86.11
N ILE C 222 82.28 131.61 -84.97
CA ILE C 222 82.62 132.19 -83.71
C ILE C 222 83.94 131.60 -83.27
N SER C 223 84.95 132.44 -83.15
CA SER C 223 86.25 131.93 -82.79
C SER C 223 86.53 131.97 -81.30
N ASP C 224 85.80 132.82 -80.59
CA ASP C 224 86.04 132.99 -79.16
C ASP C 224 85.10 133.99 -78.55
N PHE C 225 84.84 133.83 -77.26
CA PHE C 225 84.01 134.76 -76.57
C PHE C 225 84.27 134.81 -75.09
N HIS C 226 84.05 135.98 -74.48
CA HIS C 226 84.22 136.16 -73.05
C HIS C 226 83.07 136.87 -72.46
N VAL C 227 82.85 136.51 -71.22
CA VAL C 227 81.79 137.07 -70.46
C VAL C 227 82.30 137.75 -69.22
N ALA C 228 81.60 138.82 -68.83
CA ALA C 228 81.96 139.58 -67.64
C ALA C 228 80.78 140.24 -66.99
N THR C 229 80.79 140.25 -65.66
CA THR C 229 79.73 140.89 -64.92
C THR C 229 80.19 142.04 -64.07
N ARG C 230 79.42 143.09 -64.09
CA ARG C 230 79.76 144.23 -63.31
C ARG C 230 78.59 144.62 -62.44
N PHE C 231 78.83 145.14 -61.24
CA PHE C 231 77.68 145.49 -60.40
C PHE C 231 77.68 146.88 -59.85
N ASN C 232 76.53 147.24 -59.29
CA ASN C 232 76.42 148.49 -58.61
C ASN C 232 76.80 148.20 -57.17
N ASP C 233 77.09 149.23 -56.44
CA ASP C 233 77.51 149.07 -55.05
C ASP C 233 76.69 148.08 -54.24
N ASP C 234 75.45 147.81 -54.60
CA ASP C 234 74.72 146.89 -53.75
C ASP C 234 74.30 145.64 -54.47
N PHE C 235 74.81 145.47 -55.68
CA PHE C 235 74.44 144.30 -56.43
C PHE C 235 72.98 144.29 -56.79
N SER C 236 72.40 145.45 -56.85
CA SER C 236 71.02 145.46 -57.23
C SER C 236 70.88 145.49 -58.74
N ARG C 237 72.00 145.75 -59.41
CA ARG C 237 72.05 145.81 -60.86
C ARG C 237 73.40 145.42 -61.41
N ALA C 238 73.34 144.65 -62.48
CA ALA C 238 74.53 144.18 -63.12
C ALA C 238 74.60 144.46 -64.60
N VAL C 239 75.81 144.27 -65.09
CA VAL C 239 75.98 144.38 -66.47
C VAL C 239 76.70 143.21 -67.01
N LEU C 240 76.02 142.53 -67.92
CA LEU C 240 76.66 141.44 -68.53
C LEU C 240 77.36 141.95 -69.77
N GLU C 241 78.62 141.70 -69.85
CA GLU C 241 79.31 142.19 -70.98
C GLU C 241 80.02 141.08 -71.69
N ALA C 242 79.69 140.92 -72.98
CA ALA C 242 80.23 139.85 -73.79
C ALA C 242 81.00 140.30 -75.00
N GLU C 243 82.13 139.67 -75.16
CA GLU C 243 82.92 140.00 -76.28
C GLU C 243 83.05 138.79 -77.14
N VAL C 244 82.80 139.03 -78.41
CA VAL C 244 82.82 137.96 -79.35
C VAL C 244 83.74 138.18 -80.50
N GLN C 245 84.43 137.11 -80.83
CA GLN C 245 85.32 137.16 -81.95
C GLN C 245 84.94 136.11 -82.95
N MET C 246 85.13 136.50 -84.21
CA MET C 246 84.83 135.63 -85.32
C MET C 246 86.03 135.37 -86.19
N CYS C 247 85.92 134.27 -86.88
CA CYS C 247 86.91 133.84 -87.82
C CYS C 247 86.17 133.63 -89.10
N GLY C 248 86.81 133.96 -90.21
CA GLY C 248 86.14 133.75 -91.49
C GLY C 248 86.05 134.94 -92.43
N GLU C 249 84.99 134.91 -93.20
CA GLU C 249 84.73 135.91 -94.19
C GLU C 249 83.91 137.02 -93.65
N LEU C 250 84.55 138.15 -93.47
CA LEU C 250 83.81 139.26 -92.94
C LEU C 250 82.88 139.87 -93.94
N ARG C 251 81.63 140.04 -93.52
CA ARG C 251 80.58 140.59 -94.35
C ARG C 251 79.63 141.41 -93.52
N ASP C 252 79.21 142.49 -94.10
CA ASP C 252 78.31 143.40 -93.43
C ASP C 252 76.94 142.87 -93.07
N TYR C 253 76.58 141.67 -93.48
CA TYR C 253 75.25 141.27 -93.08
C TYR C 253 75.29 140.38 -91.87
N LEU C 254 76.50 140.24 -91.35
CA LEU C 254 76.70 139.43 -90.19
C LEU C 254 76.26 140.14 -88.96
N ARG C 255 75.70 139.32 -88.09
CA ARG C 255 75.23 139.81 -86.83
C ARG C 255 75.50 138.85 -85.70
N VAL C 256 75.37 139.40 -84.51
CA VAL C 256 75.57 138.63 -83.32
C VAL C 256 74.51 138.95 -82.34
N THR C 257 74.01 137.88 -81.75
CA THR C 257 73.01 138.06 -80.77
C THR C 257 73.32 137.28 -79.54
N VAL C 258 73.16 137.98 -78.44
CA VAL C 258 73.44 137.42 -77.18
C VAL C 258 72.23 137.57 -76.34
N SER C 259 71.82 136.43 -75.84
CA SER C 259 70.63 136.35 -75.06
C SER C 259 70.89 135.67 -73.74
N LEU C 260 70.23 136.24 -72.78
CA LEU C 260 70.34 135.74 -71.47
C LEU C 260 69.08 135.11 -71.03
N TRP C 261 69.28 133.95 -70.47
CA TRP C 261 68.16 133.21 -70.01
C TRP C 261 68.22 132.74 -68.59
N GLN C 262 67.03 132.78 -68.04
CA GLN C 262 66.77 132.34 -66.72
C GLN C 262 65.85 131.16 -66.83
N GLY C 263 66.47 130.06 -67.13
CA GLY C 263 65.71 128.88 -67.32
C GLY C 263 64.85 129.06 -68.57
N GLU C 264 63.57 129.20 -68.31
CA GLU C 264 62.63 129.33 -69.40
C GLU C 264 62.53 130.73 -69.92
N THR C 265 62.82 131.64 -69.04
CA THR C 265 62.70 133.00 -69.39
C THR C 265 63.91 133.66 -69.98
N GLN C 266 63.59 134.47 -70.97
CA GLN C 266 64.62 135.21 -71.57
C GLN C 266 64.65 136.54 -70.87
N VAL C 267 65.79 136.80 -70.29
CA VAL C 267 66.03 137.97 -69.48
C VAL C 267 66.56 139.16 -70.21
N ALA C 268 67.36 138.89 -71.22
CA ALA C 268 67.92 139.95 -71.99
C ALA C 268 68.55 139.47 -73.24
N SER C 269 68.49 140.38 -74.20
CA SER C 269 69.06 140.10 -75.47
C SER C 269 69.68 141.33 -76.04
N GLY C 270 70.57 141.07 -76.98
CA GLY C 270 71.27 142.13 -77.65
C GLY C 270 71.77 141.66 -78.98
N THR C 271 71.67 142.56 -79.94
CA THR C 271 72.13 142.20 -81.25
C THR C 271 72.98 143.26 -81.85
N ALA C 272 73.97 142.83 -82.61
CA ALA C 272 74.83 143.79 -83.26
C ALA C 272 75.72 143.17 -84.31
N PRO C 273 76.31 144.07 -85.05
CA PRO C 273 77.20 143.76 -86.14
C PRO C 273 78.61 143.91 -85.67
N PHE C 274 79.52 143.24 -86.36
CA PHE C 274 80.91 143.30 -85.98
C PHE C 274 81.51 144.67 -86.06
N GLY C 275 82.63 144.83 -85.40
CA GLY C 275 83.32 146.09 -85.37
C GLY C 275 83.26 146.71 -83.99
N GLY C 276 84.45 146.87 -83.42
CA GLY C 276 84.67 147.41 -82.08
C GLY C 276 84.96 148.92 -82.03
N GLU C 277 85.19 149.39 -80.81
CA GLU C 277 85.51 150.79 -80.61
C GLU C 277 86.96 150.96 -80.90
N ILE C 278 87.34 152.20 -81.16
CA ILE C 278 88.70 152.48 -81.47
C ILE C 278 89.57 152.12 -80.31
N ILE C 279 90.70 151.53 -80.59
CA ILE C 279 91.53 151.18 -79.49
C ILE C 279 92.85 151.89 -79.57
N ASP C 280 93.27 152.21 -80.76
CA ASP C 280 94.53 152.88 -80.83
C ASP C 280 94.60 153.68 -82.07
N GLU C 281 95.80 154.13 -82.39
CA GLU C 281 95.95 154.94 -83.57
C GLU C 281 95.49 154.28 -84.87
N ARG C 282 95.50 152.93 -84.96
CA ARG C 282 95.09 152.25 -86.17
C ARG C 282 93.63 151.91 -86.25
N GLY C 283 92.89 152.07 -85.16
CA GLY C 283 91.47 151.77 -85.19
C GLY C 283 91.10 150.75 -84.13
N GLY C 284 90.15 149.88 -84.51
CA GLY C 284 89.66 148.80 -83.66
C GLY C 284 89.68 147.41 -84.32
N TYR C 285 88.92 146.48 -83.72
CA TYR C 285 88.77 145.13 -84.21
C TYR C 285 87.49 145.06 -85.02
N ALA C 286 87.68 144.85 -86.29
CA ALA C 286 86.59 144.74 -87.21
C ALA C 286 85.86 143.44 -87.02
N ASP C 287 86.63 142.47 -86.58
CA ASP C 287 86.19 141.14 -86.36
C ASP C 287 85.85 140.87 -84.93
N ARG C 288 85.44 141.89 -84.20
CA ARG C 288 85.02 141.60 -82.84
C ARG C 288 83.83 142.44 -82.55
N VAL C 289 83.18 142.11 -81.49
CA VAL C 289 82.05 142.90 -81.08
C VAL C 289 81.75 142.67 -79.61
N THR C 290 81.27 143.69 -78.94
CA THR C 290 81.01 143.57 -77.54
C THR C 290 79.62 143.98 -77.14
N LEU C 291 78.91 143.12 -76.45
CA LEU C 291 77.60 143.55 -76.07
C LEU C 291 77.48 143.72 -74.60
N ARG C 292 76.59 144.61 -74.24
CA ARG C 292 76.40 144.87 -72.86
C ARG C 292 74.96 144.71 -72.46
N LEU C 293 74.67 143.72 -71.62
CA LEU C 293 73.31 143.52 -71.20
C LEU C 293 73.11 143.98 -69.80
N ASN C 294 72.01 144.66 -69.60
CA ASN C 294 71.72 145.13 -68.27
C ASN C 294 70.82 144.15 -67.58
N VAL C 295 71.09 143.93 -66.30
CA VAL C 295 70.24 143.06 -65.54
C VAL C 295 69.86 143.60 -64.20
N GLU C 296 68.57 143.68 -63.97
CA GLU C 296 68.11 144.17 -62.70
C GLU C 296 67.96 143.04 -61.74
N ASN C 297 68.31 143.31 -60.50
CA ASN C 297 68.19 142.33 -59.44
C ASN C 297 68.61 140.94 -59.84
N PRO C 298 69.80 140.85 -60.37
CA PRO C 298 70.32 139.59 -60.78
C PRO C 298 70.38 138.66 -59.57
N LYS C 299 70.38 137.38 -59.88
CA LYS C 299 70.50 136.36 -58.88
C LYS C 299 71.96 135.97 -58.83
N LEU C 300 72.52 136.11 -57.65
CA LEU C 300 73.91 135.85 -57.53
C LEU C 300 74.33 134.44 -57.38
N TRP C 301 75.49 134.16 -57.92
CA TRP C 301 75.98 132.84 -57.81
C TRP C 301 76.91 132.71 -56.61
N SER C 302 76.92 131.55 -55.96
CA SER C 302 77.82 131.36 -54.83
C SER C 302 77.90 129.89 -54.49
N ALA C 303 78.89 129.50 -53.71
CA ALA C 303 78.93 128.08 -53.40
C ALA C 303 77.70 127.76 -52.59
N GLU C 304 77.23 128.75 -51.85
CA GLU C 304 76.02 128.60 -51.05
C GLU C 304 74.79 128.40 -51.95
N ILE C 305 74.70 129.15 -53.04
CA ILE C 305 73.59 129.06 -53.97
C ILE C 305 74.05 129.39 -55.33
N PRO C 306 74.30 128.35 -56.05
CA PRO C 306 74.82 128.45 -57.37
C PRO C 306 73.79 128.92 -58.37
N ASN C 307 73.25 130.08 -58.19
CA ASN C 307 72.32 130.52 -59.18
C ASN C 307 72.99 130.67 -60.51
N LEU C 308 72.41 130.07 -61.54
CA LEU C 308 72.96 130.20 -62.89
C LEU C 308 72.05 130.79 -63.94
N TYR C 309 72.66 131.29 -65.00
CA TYR C 309 71.93 131.81 -66.13
C TYR C 309 72.52 131.17 -67.36
N ARG C 310 71.77 131.21 -68.45
CA ARG C 310 72.30 130.68 -69.67
C ARG C 310 72.47 131.73 -70.71
N ALA C 311 73.62 131.64 -71.37
CA ALA C 311 73.89 132.63 -72.37
C ALA C 311 74.10 132.01 -73.71
N VAL C 312 73.44 132.69 -74.67
CA VAL C 312 73.52 132.27 -76.05
C VAL C 312 74.02 133.29 -77.03
N VAL C 313 75.01 132.78 -77.72
CA VAL C 313 75.70 133.50 -78.73
C VAL C 313 75.39 132.96 -80.09
N GLU C 314 74.62 133.75 -80.81
CA GLU C 314 74.23 133.36 -82.13
C GLU C 314 74.79 134.30 -83.16
N LEU C 315 75.50 133.62 -84.05
CA LEU C 315 76.14 134.20 -85.19
C LEU C 315 75.21 134.01 -86.36
N HIS C 316 74.67 135.09 -86.85
CA HIS C 316 73.76 134.94 -87.95
C HIS C 316 73.82 136.12 -88.90
N THR C 317 73.00 136.03 -89.93
CA THR C 317 72.93 137.08 -90.91
C THR C 317 71.82 138.00 -90.55
N ALA C 318 71.83 139.14 -91.22
CA ALA C 318 70.83 140.14 -90.98
C ALA C 318 69.41 139.65 -91.26
N ASP C 319 69.28 138.83 -92.31
CA ASP C 319 68.00 138.28 -92.70
C ASP C 319 67.42 137.46 -91.57
N GLY C 320 68.31 136.86 -90.79
CA GLY C 320 67.83 136.07 -89.67
C GLY C 320 68.33 134.65 -89.76
N THR C 321 69.11 134.39 -90.77
CA THR C 321 69.61 133.07 -90.90
C THR C 321 70.75 132.79 -89.95
N LEU C 322 70.62 131.73 -89.17
CA LEU C 322 71.64 131.41 -88.24
C LEU C 322 72.81 130.67 -88.81
N ILE C 323 74.02 131.13 -88.54
CA ILE C 323 75.18 130.41 -89.01
C ILE C 323 75.57 129.33 -88.00
N GLU C 324 75.52 129.70 -86.72
CA GLU C 324 75.87 128.77 -85.66
C GLU C 324 75.66 129.40 -84.32
N ALA C 325 75.75 128.56 -83.31
CA ALA C 325 75.54 129.04 -81.95
C ALA C 325 76.45 128.39 -80.92
N GLU C 326 76.70 129.20 -79.91
CA GLU C 326 77.51 128.76 -78.81
C GLU C 326 76.86 129.26 -77.56
N ALA C 327 77.19 128.56 -76.48
CA ALA C 327 76.57 128.98 -75.26
C ALA C 327 77.40 128.63 -74.05
N CYS C 328 76.91 129.11 -72.91
CA CYS C 328 77.54 128.85 -71.64
C CYS C 328 76.69 129.26 -70.48
N ASP C 329 77.02 128.64 -69.34
CA ASP C 329 76.30 129.00 -68.15
C ASP C 329 76.93 130.21 -67.54
N VAL C 330 76.10 131.06 -66.99
CA VAL C 330 76.63 132.26 -66.42
C VAL C 330 76.24 132.44 -65.00
N GLY C 331 77.22 132.90 -64.22
CA GLY C 331 77.03 133.15 -62.81
C GLY C 331 77.42 134.57 -62.44
N PHE C 332 76.51 135.25 -61.79
CA PHE C 332 76.79 136.60 -61.38
C PHE C 332 77.46 136.65 -60.04
N ARG C 333 78.71 137.04 -60.05
CA ARG C 333 79.47 137.14 -58.82
C ARG C 333 80.67 137.99 -59.03
N GLU C 334 81.06 138.61 -57.92
CA GLU C 334 82.20 139.46 -57.90
C GLU C 334 83.20 139.03 -56.87
N VAL C 335 84.43 138.87 -57.33
CA VAL C 335 85.52 138.45 -56.49
C VAL C 335 86.50 139.57 -56.36
N ARG C 336 86.74 139.98 -55.12
CA ARG C 336 87.71 141.01 -54.96
C ARG C 336 88.42 141.06 -53.65
N ILE C 337 89.64 141.56 -53.74
CA ILE C 337 90.41 141.73 -52.55
C ILE C 337 90.39 143.15 -52.14
N GLU C 338 89.88 143.36 -50.96
CA GLU C 338 89.84 144.70 -50.54
C GLU C 338 90.24 144.88 -49.11
N ASN C 339 91.15 145.79 -48.94
CA ASN C 339 91.61 146.08 -47.62
C ASN C 339 92.07 144.86 -46.85
N GLY C 340 92.82 144.00 -47.51
CA GLY C 340 93.35 142.81 -46.88
C GLY C 340 92.36 141.68 -46.93
N LEU C 341 91.20 141.91 -47.51
CA LEU C 341 90.29 140.79 -47.51
C LEU C 341 89.79 140.32 -48.81
N LEU C 342 89.64 139.04 -48.88
CA LEU C 342 89.13 138.45 -50.05
C LEU C 342 87.63 138.40 -49.93
N LEU C 343 87.00 139.08 -50.87
CA LEU C 343 85.59 139.17 -50.86
C LEU C 343 84.90 138.57 -52.02
N LEU C 344 83.76 138.05 -51.65
CA LEU C 344 82.89 137.52 -52.63
C LEU C 344 81.53 138.12 -52.51
N ASN C 345 81.17 138.76 -53.58
CA ASN C 345 79.90 139.43 -53.63
C ASN C 345 79.77 140.30 -52.42
N GLY C 346 80.84 140.95 -52.05
CA GLY C 346 80.72 141.83 -50.92
C GLY C 346 81.15 141.23 -49.61
N LYS C 347 81.02 139.94 -49.45
CA LYS C 347 81.43 139.39 -48.20
C LYS C 347 82.74 138.68 -48.31
N PRO C 348 83.28 138.50 -47.15
CA PRO C 348 84.56 137.91 -46.90
C PRO C 348 84.42 136.45 -46.73
N LEU C 349 85.12 135.75 -47.57
CA LEU C 349 85.04 134.34 -47.54
C LEU C 349 85.82 133.67 -46.45
N LEU C 350 85.42 132.42 -46.26
CA LEU C 350 86.08 131.52 -45.37
C LEU C 350 86.18 130.18 -46.08
N ILE C 351 87.33 129.97 -46.66
CA ILE C 351 87.56 128.80 -47.45
C ILE C 351 87.69 127.52 -46.68
N ARG C 352 86.75 126.63 -46.93
CA ARG C 352 86.81 125.30 -46.36
C ARG C 352 87.23 124.42 -47.51
N GLY C 353 88.51 124.46 -47.85
CA GLY C 353 88.98 123.77 -49.02
C GLY C 353 89.79 122.52 -48.87
N VAL C 354 89.99 121.94 -50.05
CA VAL C 354 90.78 120.74 -50.17
C VAL C 354 91.41 120.66 -51.53
N ASN C 355 92.57 120.02 -51.56
CA ASN C 355 93.29 119.82 -52.79
C ASN C 355 92.84 118.49 -53.32
N ARG C 356 92.76 118.37 -54.63
CA ARG C 356 92.29 117.14 -55.21
C ARG C 356 92.93 116.77 -56.53
N HIS C 357 93.46 115.57 -56.59
CA HIS C 357 94.01 115.10 -57.82
C HIS C 357 92.99 114.32 -58.63
N GLU C 358 93.28 114.14 -59.91
CA GLU C 358 92.40 113.36 -60.77
C GLU C 358 92.92 111.92 -60.72
N HIS C 359 92.32 111.09 -59.85
CA HIS C 359 92.81 109.73 -59.63
C HIS C 359 91.75 108.69 -59.34
N HIS C 360 91.91 107.57 -60.05
CA HIS C 360 91.04 106.43 -60.00
C HIS C 360 91.87 105.19 -59.82
N PRO C 361 91.55 104.47 -58.75
CA PRO C 361 92.22 103.24 -58.34
C PRO C 361 92.31 102.22 -59.45
N LEU C 362 91.32 102.27 -60.37
CA LEU C 362 91.21 101.40 -61.53
C LEU C 362 91.61 102.06 -62.82
N HIS C 363 91.10 103.24 -63.06
CA HIS C 363 91.41 103.89 -64.30
C HIS C 363 92.67 104.68 -64.35
N GLY C 364 93.34 104.85 -63.21
CA GLY C 364 94.54 105.64 -63.19
C GLY C 364 94.14 107.12 -63.24
N GLN C 365 94.67 107.85 -64.21
CA GLN C 365 94.32 109.24 -64.30
C GLN C 365 93.13 109.56 -65.16
N VAL C 366 92.32 108.57 -65.45
CA VAL C 366 91.17 108.83 -66.30
C VAL C 366 89.90 109.15 -65.53
N MET C 367 89.30 110.27 -65.87
CA MET C 367 88.10 110.69 -65.14
C MET C 367 86.75 110.49 -65.78
N ASP C 368 85.70 110.46 -64.97
CA ASP C 368 84.36 110.33 -65.51
C ASP C 368 83.31 110.96 -64.64
N GLU C 369 82.26 111.36 -65.30
CA GLU C 369 81.16 111.99 -64.64
C GLU C 369 80.86 111.44 -63.27
N GLN C 370 80.57 110.17 -63.29
CA GLN C 370 80.23 109.49 -62.07
C GLN C 370 81.11 109.83 -60.89
N THR C 371 82.39 109.58 -61.08
CA THR C 371 83.36 109.84 -60.04
C THR C 371 83.30 111.27 -59.55
N MET C 372 83.49 112.17 -60.53
CA MET C 372 83.43 113.57 -60.27
C MET C 372 82.25 113.86 -59.36
N VAL C 373 81.10 113.48 -59.81
CA VAL C 373 79.98 113.74 -58.95
C VAL C 373 80.10 113.14 -57.55
N GLN C 374 80.63 111.95 -57.50
CA GLN C 374 80.76 111.39 -56.19
C GLN C 374 81.51 112.34 -55.29
N ASP C 375 82.67 112.72 -55.80
CA ASP C 375 83.50 113.61 -55.06
C ASP C 375 82.76 114.86 -54.62
N ILE C 376 82.16 115.48 -55.59
CA ILE C 376 81.46 116.67 -55.26
C ILE C 376 80.47 116.45 -54.16
N LEU C 377 79.65 115.45 -54.31
CA LEU C 377 78.71 115.24 -53.25
C LEU C 377 79.33 115.04 -51.91
N LEU C 378 80.35 114.25 -51.89
CA LEU C 378 81.00 114.02 -50.63
C LEU C 378 81.50 115.29 -50.01
N MET C 379 82.23 116.03 -50.79
CA MET C 379 82.75 117.26 -50.29
C MET C 379 81.66 118.09 -49.71
N LYS C 380 80.68 118.33 -50.54
CA LYS C 380 79.60 119.14 -50.05
C LYS C 380 79.05 118.60 -48.79
N GLN C 381 78.92 117.31 -48.75
CA GLN C 381 78.38 116.71 -47.56
C GLN C 381 79.23 116.86 -46.33
N ASN C 382 80.52 117.05 -46.52
CA ASN C 382 81.39 117.21 -45.39
C ASN C 382 81.81 118.63 -45.14
N ASN C 383 80.98 119.52 -45.56
CA ASN C 383 81.23 120.92 -45.31
C ASN C 383 82.39 121.53 -46.03
N PHE C 384 82.72 121.06 -47.22
CA PHE C 384 83.77 121.74 -47.94
C PHE C 384 83.16 122.75 -48.89
N ASN C 385 83.86 123.81 -49.27
CA ASN C 385 83.22 124.74 -50.21
C ASN C 385 84.13 125.10 -51.32
N ALA C 386 85.30 124.53 -51.30
CA ALA C 386 86.22 124.91 -52.34
C ALA C 386 87.22 123.84 -52.62
N VAL C 387 87.77 123.94 -53.80
CA VAL C 387 88.74 122.95 -54.14
C VAL C 387 89.83 123.53 -55.01
N ARG C 388 91.00 122.95 -54.85
CA ARG C 388 92.14 123.37 -55.62
C ARG C 388 92.56 122.27 -56.57
N CYS C 389 92.70 122.62 -57.84
CA CYS C 389 93.12 121.70 -58.86
C CYS C 389 94.60 121.39 -58.81
N SER C 390 94.98 120.67 -57.77
CA SER C 390 96.38 120.34 -57.67
C SER C 390 96.69 119.30 -58.72
N HIS C 391 97.54 119.61 -59.69
CA HIS C 391 98.21 120.89 -59.91
C HIS C 391 98.28 121.05 -61.42
N TYR C 392 97.12 121.11 -62.04
CA TYR C 392 96.99 121.20 -63.46
C TYR C 392 95.54 121.37 -63.69
N PRO C 393 95.24 121.77 -64.89
CA PRO C 393 93.87 122.01 -65.26
C PRO C 393 93.11 120.71 -65.30
N ASN C 394 91.88 120.77 -64.94
CA ASN C 394 91.12 119.55 -64.90
C ASN C 394 90.28 119.28 -66.12
N HIS C 395 89.71 118.12 -66.06
CA HIS C 395 88.79 117.72 -67.05
C HIS C 395 87.62 118.69 -66.99
N PRO C 396 87.47 119.28 -68.11
CA PRO C 396 86.49 120.29 -68.41
C PRO C 396 85.17 120.06 -67.73
N LEU C 397 84.71 118.85 -67.78
CA LEU C 397 83.43 118.65 -67.16
C LEU C 397 83.35 119.12 -65.70
N TRP C 398 84.47 118.91 -65.01
CA TRP C 398 84.62 119.29 -63.63
C TRP C 398 84.05 120.66 -63.35
N TYR C 399 84.62 121.61 -64.10
CA TYR C 399 84.24 123.00 -63.95
C TYR C 399 82.76 123.21 -64.05
N THR C 400 82.18 122.50 -64.95
CA THR C 400 80.78 122.65 -65.09
C THR C 400 80.04 122.20 -63.86
N LEU C 401 80.47 121.03 -63.42
CA LEU C 401 79.86 120.48 -62.27
C LEU C 401 79.95 121.41 -61.11
N CYS C 402 81.15 121.96 -60.95
CA CYS C 402 81.33 122.86 -59.84
C CYS C 402 80.45 124.05 -59.99
N ASP C 403 80.36 124.51 -61.23
CA ASP C 403 79.53 125.65 -61.52
C ASP C 403 78.12 125.34 -61.08
N ARG C 404 77.74 124.12 -61.40
CA ARG C 404 76.39 123.70 -61.10
C ARG C 404 76.09 123.37 -59.67
N TYR C 405 76.99 122.63 -59.06
CA TYR C 405 76.82 122.21 -57.70
C TYR C 405 77.09 123.24 -56.63
N GLY C 406 78.05 124.12 -56.92
CA GLY C 406 78.42 125.18 -56.01
C GLY C 406 79.71 124.90 -55.25
N LEU C 407 80.87 125.10 -55.89
CA LEU C 407 82.14 124.92 -55.21
C LEU C 407 83.12 125.98 -55.68
N TYR C 408 83.86 126.61 -54.79
CA TYR C 408 84.82 127.59 -55.27
C TYR C 408 86.02 126.83 -55.79
N VAL C 409 86.53 127.28 -56.92
CA VAL C 409 87.67 126.61 -57.47
C VAL C 409 88.85 127.50 -57.79
N VAL C 410 89.99 126.87 -57.58
CA VAL C 410 91.26 127.46 -57.90
C VAL C 410 91.83 126.71 -59.08
N ASP C 411 91.88 127.37 -60.23
CA ASP C 411 92.40 126.77 -61.44
C ASP C 411 93.91 126.94 -61.46
N GLU C 412 94.65 125.86 -61.67
CA GLU C 412 96.07 125.93 -61.58
C GLU C 412 96.81 125.44 -62.80
N ALA C 413 97.78 126.23 -63.22
CA ALA C 413 98.56 125.86 -64.38
C ALA C 413 99.43 124.63 -64.14
N ASN C 414 99.61 123.87 -65.22
CA ASN C 414 100.37 122.66 -65.22
C ASN C 414 101.88 122.90 -65.21
N ILE C 415 102.38 123.37 -64.08
CA ILE C 415 103.81 123.57 -63.99
C ILE C 415 104.39 123.21 -62.63
N GLU C 416 105.22 122.18 -62.53
CA GLU C 416 105.90 121.85 -61.30
C GLU C 416 107.30 121.42 -61.66
N THR C 417 108.30 122.05 -61.06
CA THR C 417 109.68 121.70 -61.33
C THR C 417 110.37 121.37 -60.05
N HIS C 418 109.55 120.79 -59.22
CA HIS C 418 109.99 120.44 -57.90
C HIS C 418 111.41 119.89 -57.79
N GLY C 419 111.78 118.94 -58.65
CA GLY C 419 113.08 118.29 -58.58
C GLY C 419 114.26 119.14 -59.00
N MET C 420 114.02 120.31 -59.56
CA MET C 420 115.18 121.07 -59.96
C MET C 420 115.99 121.51 -58.77
N VAL C 421 117.13 122.10 -59.06
CA VAL C 421 117.98 122.58 -58.00
C VAL C 421 118.87 123.71 -58.46
N PRO C 422 118.66 124.91 -57.92
CA PRO C 422 117.60 125.12 -56.98
C PRO C 422 116.27 125.06 -57.72
N MET C 423 115.22 124.90 -56.95
CA MET C 423 113.90 124.77 -57.50
C MET C 423 113.54 125.70 -58.66
N ASN C 424 114.07 126.90 -58.72
CA ASN C 424 113.66 127.81 -59.80
C ASN C 424 114.55 127.88 -61.03
N ARG C 425 115.44 126.91 -61.11
CA ARG C 425 116.39 126.81 -62.17
C ARG C 425 115.79 127.09 -63.54
N LEU C 426 114.63 126.49 -63.80
CA LEU C 426 113.99 126.72 -65.07
C LEU C 426 113.18 128.00 -65.12
N THR C 427 112.38 128.20 -64.06
CA THR C 427 111.49 129.34 -63.89
C THR C 427 112.16 130.68 -63.94
N ASP C 428 113.43 130.64 -63.65
CA ASP C 428 114.13 131.88 -63.76
C ASP C 428 114.85 132.00 -65.11
N ASP C 429 114.46 131.19 -66.10
CA ASP C 429 115.14 131.20 -67.37
C ASP C 429 114.22 131.41 -68.54
N PRO C 430 114.56 132.55 -69.12
CA PRO C 430 113.91 133.14 -70.23
C PRO C 430 113.65 132.07 -71.25
N ARG C 431 114.67 131.26 -71.43
CA ARG C 431 114.52 130.17 -72.36
C ARG C 431 113.29 129.35 -72.13
N TRP C 432 112.88 129.21 -70.88
CA TRP C 432 111.70 128.42 -70.65
C TRP C 432 110.46 129.21 -70.57
N LEU C 433 110.67 130.50 -70.66
CA LEU C 433 109.53 131.34 -70.57
C LEU C 433 108.36 130.90 -71.46
N PRO C 434 108.58 130.95 -72.73
CA PRO C 434 107.58 130.56 -73.72
C PRO C 434 106.84 129.27 -73.38
N ALA C 435 107.60 128.29 -73.00
CA ALA C 435 106.97 127.04 -72.59
C ALA C 435 105.98 127.31 -71.48
N MET C 436 106.49 127.97 -70.43
CA MET C 436 105.64 128.29 -69.30
C MET C 436 104.43 129.11 -69.72
N SER C 437 104.68 130.07 -70.56
CA SER C 437 103.62 130.94 -70.98
C SER C 437 102.44 130.19 -71.50
N GLU C 438 102.79 129.28 -72.41
CA GLU C 438 101.76 128.52 -73.06
C GLU C 438 100.87 127.86 -72.07
N ARG C 439 101.55 127.35 -71.07
CA ARG C 439 100.89 126.68 -70.00
C ARG C 439 99.91 127.57 -69.26
N VAL C 440 100.21 128.85 -69.12
CA VAL C 440 99.26 129.67 -68.40
C VAL C 440 98.15 130.22 -69.28
N THR C 441 98.63 130.86 -70.32
CA THR C 441 97.74 131.52 -71.24
C THR C 441 96.63 130.65 -71.66
N ARG C 442 97.00 129.48 -72.12
CA ARG C 442 96.03 128.53 -72.58
C ARG C 442 94.96 128.17 -71.56
N MET C 443 95.39 127.98 -70.32
CA MET C 443 94.41 127.65 -69.30
C MET C 443 93.37 128.74 -69.22
N VAL C 444 93.90 129.92 -69.23
CA VAL C 444 93.02 131.03 -69.09
C VAL C 444 92.00 131.13 -70.18
N GLN C 445 92.52 131.00 -71.39
CA GLN C 445 91.62 131.09 -72.50
C GLN C 445 90.56 130.03 -72.45
N ARG C 446 90.92 128.93 -71.87
CA ARG C 446 89.93 127.92 -71.83
C ARG C 446 88.87 128.08 -70.76
N ASP C 447 89.30 128.38 -69.54
CA ASP C 447 88.40 128.37 -68.41
C ASP C 447 87.80 129.63 -67.88
N ARG C 448 88.23 130.71 -68.46
CA ARG C 448 87.79 131.96 -67.94
C ARG C 448 86.32 132.28 -67.85
N ASN C 449 85.47 131.53 -68.49
CA ASN C 449 84.09 131.94 -68.32
C ASN C 449 83.34 131.21 -67.23
N HIS C 450 84.00 130.33 -66.51
CA HIS C 450 83.29 129.61 -65.47
C HIS C 450 83.22 130.34 -64.15
N PRO C 451 82.03 130.64 -63.69
CA PRO C 451 81.88 131.33 -62.41
C PRO C 451 82.58 130.61 -61.26
N SER C 452 82.64 129.31 -61.25
CA SER C 452 83.28 128.65 -60.11
C SER C 452 84.75 128.96 -59.96
N VAL C 453 85.38 129.33 -61.05
CA VAL C 453 86.77 129.61 -60.90
C VAL C 453 86.89 130.96 -60.30
N ILE C 454 87.56 131.05 -59.16
CA ILE C 454 87.69 132.36 -58.57
C ILE C 454 89.10 132.82 -58.36
N ILE C 455 90.04 131.92 -58.59
CA ILE C 455 91.42 132.29 -58.42
C ILE C 455 92.28 131.53 -59.37
N TRP C 456 93.19 132.24 -59.98
CA TRP C 456 94.11 131.61 -60.85
C TRP C 456 95.37 131.37 -60.07
N SER C 457 96.04 130.28 -60.39
CA SER C 457 97.29 129.88 -59.75
C SER C 457 98.32 129.52 -60.81
N LEU C 458 99.56 130.00 -60.66
CA LEU C 458 100.60 129.75 -61.63
C LEU C 458 101.26 128.39 -61.52
N GLY C 459 100.67 127.49 -60.77
CA GLY C 459 101.37 126.24 -60.68
C GLY C 459 101.71 125.90 -59.27
N ASN C 460 102.77 125.11 -59.14
CA ASN C 460 103.21 124.61 -57.86
C ASN C 460 104.70 124.23 -57.77
N GLU C 461 105.23 124.27 -56.57
CA GLU C 461 106.61 123.99 -56.26
C GLU C 461 107.62 124.13 -57.36
N SER C 462 107.81 125.36 -57.82
CA SER C 462 108.76 125.63 -58.90
C SER C 462 109.61 126.83 -58.56
N GLY C 463 109.77 127.06 -57.27
CA GLY C 463 110.53 128.19 -56.79
C GLY C 463 109.87 129.48 -57.22
N HIS C 464 110.69 130.50 -57.37
CA HIS C 464 110.20 131.76 -57.81
C HIS C 464 111.15 132.32 -58.83
N GLY C 465 110.63 132.60 -60.02
CA GLY C 465 111.49 133.15 -61.05
C GLY C 465 110.78 134.22 -61.84
N ALA C 466 111.60 134.98 -62.53
CA ALA C 466 111.07 136.08 -63.30
C ALA C 466 109.93 135.63 -64.20
N ASN C 467 110.08 134.40 -64.69
CA ASN C 467 109.04 133.91 -65.55
C ASN C 467 107.69 134.05 -64.86
N HIS C 468 107.73 133.82 -63.55
CA HIS C 468 106.52 133.91 -62.77
C HIS C 468 105.94 135.31 -62.76
N ASP C 469 106.81 136.24 -62.44
CA ASP C 469 106.38 137.62 -62.41
C ASP C 469 105.72 138.04 -63.70
N ALA C 470 106.38 137.70 -64.77
CA ALA C 470 105.81 138.07 -66.04
C ALA C 470 104.43 137.46 -66.23
N LEU C 471 104.32 136.20 -65.87
CA LEU C 471 103.04 135.56 -66.09
C LEU C 471 101.94 136.08 -65.21
N TYR C 472 102.33 136.32 -63.98
CA TYR C 472 101.42 136.88 -63.04
C TYR C 472 100.81 138.15 -63.64
N ARG C 473 101.69 138.98 -64.08
CA ARG C 473 101.26 140.21 -64.67
C ARG C 473 100.31 140.04 -65.85
N TRP C 474 100.70 139.13 -66.72
CA TRP C 474 99.92 138.89 -67.89
C TRP C 474 98.48 138.63 -67.52
N ILE C 475 98.32 137.76 -66.57
CA ILE C 475 96.97 137.48 -66.22
C ILE C 475 96.26 138.70 -65.73
N LYS C 476 96.93 139.35 -64.80
CA LYS C 476 96.36 140.53 -64.22
C LYS C 476 95.80 141.40 -65.30
N SER C 477 96.52 141.48 -66.37
CA SER C 477 96.03 142.34 -67.42
C SER C 477 94.93 141.73 -68.21
N VAL C 478 95.00 140.48 -68.39
CA VAL C 478 93.97 139.91 -69.19
C VAL C 478 92.68 139.65 -68.43
N ASP C 479 92.82 139.22 -67.19
CA ASP C 479 91.67 138.92 -66.37
C ASP C 479 91.87 139.45 -64.99
N PRO C 480 91.27 140.57 -64.88
CA PRO C 480 91.30 141.34 -63.68
C PRO C 480 90.18 140.92 -62.77
N SER C 481 89.34 140.01 -63.20
CA SER C 481 88.24 139.60 -62.37
C SER C 481 88.62 138.67 -61.22
N ARG C 482 89.77 138.01 -61.33
CA ARG C 482 90.20 137.11 -60.31
C ARG C 482 91.62 137.38 -59.93
N PRO C 483 91.87 137.09 -58.69
CA PRO C 483 93.15 137.25 -58.07
C PRO C 483 94.03 136.11 -58.49
N VAL C 484 95.32 136.34 -58.32
CA VAL C 484 96.27 135.34 -58.68
C VAL C 484 97.14 134.92 -57.52
N GLN C 485 97.33 133.63 -57.34
CA GLN C 485 98.21 133.21 -56.27
C GLN C 485 99.27 132.25 -56.73
N TYR C 486 100.35 132.22 -55.98
CA TYR C 486 101.46 131.31 -56.25
C TYR C 486 102.29 131.24 -55.00
N GLU C 487 102.53 130.02 -54.54
CA GLU C 487 103.25 129.83 -53.30
C GLU C 487 104.77 129.80 -53.43
N GLY C 488 105.24 129.38 -54.56
CA GLY C 488 106.65 129.22 -54.73
C GLY C 488 107.51 130.35 -54.23
N GLY C 489 108.66 129.94 -53.75
CA GLY C 489 109.64 130.87 -53.32
C GLY C 489 109.31 131.65 -52.07
N GLY C 490 108.53 131.09 -51.15
CA GLY C 490 108.30 131.84 -49.93
C GLY C 490 106.87 132.21 -49.62
N ALA C 491 105.97 131.96 -50.56
CA ALA C 491 104.53 132.19 -50.40
C ALA C 491 104.07 133.61 -50.29
N ASP C 492 105.00 134.55 -50.36
CA ASP C 492 104.57 135.93 -50.25
C ASP C 492 105.30 136.84 -51.22
N THR C 493 105.73 136.25 -52.32
CA THR C 493 106.47 136.99 -53.33
C THR C 493 105.60 137.96 -54.07
N THR C 494 106.25 138.66 -55.00
CA THR C 494 105.61 139.66 -55.82
C THR C 494 104.67 138.98 -56.79
N ALA C 495 104.78 137.69 -56.82
CA ALA C 495 103.96 136.99 -57.77
C ALA C 495 102.67 136.49 -57.17
N THR C 496 102.28 136.92 -55.98
CA THR C 496 101.03 136.39 -55.47
C THR C 496 100.17 137.45 -54.85
N ASP C 497 98.89 137.35 -55.04
CA ASP C 497 98.00 138.32 -54.47
C ASP C 497 97.61 137.90 -53.09
N ILE C 498 97.98 136.68 -52.72
CA ILE C 498 97.60 136.18 -51.41
C ILE C 498 98.74 135.44 -50.79
N ILE C 499 98.85 135.50 -49.48
CA ILE C 499 99.87 134.73 -48.82
C ILE C 499 99.31 133.33 -48.74
N CYS C 500 99.92 132.44 -49.49
CA CYS C 500 99.40 131.09 -49.58
C CYS C 500 100.42 130.04 -49.32
N PRO C 501 100.85 129.97 -48.11
CA PRO C 501 101.82 128.97 -47.76
C PRO C 501 101.20 127.60 -47.71
N MET C 502 102.11 126.69 -47.50
CA MET C 502 101.75 125.32 -47.33
C MET C 502 102.45 124.79 -46.11
N TYR C 503 101.66 124.27 -45.20
CA TYR C 503 102.20 123.68 -44.01
C TYR C 503 102.76 124.59 -42.95
N ALA C 504 102.37 125.86 -42.98
CA ALA C 504 102.75 126.76 -41.92
C ALA C 504 101.96 126.39 -40.66
N ARG C 505 102.57 126.52 -39.51
CA ARG C 505 101.89 126.14 -38.30
C ARG C 505 101.09 127.27 -37.70
N VAL C 506 100.19 126.92 -36.80
CA VAL C 506 99.36 127.94 -36.23
C VAL C 506 100.15 128.90 -35.39
N ASP C 507 100.90 128.36 -34.46
CA ASP C 507 101.62 129.24 -33.58
C ASP C 507 103.10 129.09 -33.65
N GLU C 508 103.58 128.09 -34.32
CA GLU C 508 105.00 127.89 -34.31
C GLU C 508 105.65 128.23 -35.63
N ASP C 509 106.78 128.89 -35.55
CA ASP C 509 107.52 129.31 -36.72
C ASP C 509 108.51 128.26 -37.13
N GLN C 510 108.74 128.16 -38.42
CA GLN C 510 109.71 127.26 -39.02
C GLN C 510 110.50 128.11 -39.98
N PRO C 511 111.55 128.56 -39.41
CA PRO C 511 112.44 129.50 -39.99
C PRO C 511 113.48 128.93 -40.92
N PHE C 512 113.03 128.35 -42.00
CA PHE C 512 114.04 127.93 -42.89
C PHE C 512 114.62 129.14 -43.56
N PRO C 513 115.88 128.99 -43.83
CA PRO C 513 116.61 129.97 -44.55
C PRO C 513 115.93 130.19 -45.86
N ALA C 514 115.92 131.45 -46.24
CA ALA C 514 115.35 131.88 -47.48
C ALA C 514 113.85 131.71 -47.57
N VAL C 515 113.31 130.63 -47.07
CA VAL C 515 111.90 130.47 -47.23
C VAL C 515 111.33 129.90 -45.97
N PRO C 516 111.39 130.71 -44.98
CA PRO C 516 110.89 130.32 -43.68
C PRO C 516 109.38 130.26 -43.72
N LYS C 517 108.82 129.46 -42.84
CA LYS C 517 107.38 129.38 -42.68
C LYS C 517 107.00 129.91 -41.30
N TRP C 518 106.52 131.12 -41.26
CA TRP C 518 106.14 131.70 -40.00
C TRP C 518 104.84 131.16 -39.47
N SER C 519 104.63 131.29 -38.16
CA SER C 519 103.33 130.94 -37.64
C SER C 519 102.38 131.81 -38.44
N ILE C 520 101.24 131.25 -38.79
CA ILE C 520 100.38 132.05 -39.59
C ILE C 520 99.92 133.31 -38.94
N LYS C 521 99.76 133.31 -37.62
CA LYS C 521 99.32 134.55 -37.00
C LYS C 521 100.40 135.59 -37.09
N LYS C 522 101.62 135.16 -37.01
CA LYS C 522 102.66 136.14 -37.09
C LYS C 522 102.83 136.65 -38.51
N TRP C 523 102.74 135.74 -39.42
CA TRP C 523 102.98 136.11 -40.78
C TRP C 523 102.19 137.31 -41.16
N LEU C 524 100.96 137.30 -40.76
CA LEU C 524 100.11 138.42 -41.14
C LEU C 524 100.61 139.80 -40.81
N SER C 525 101.25 139.92 -39.67
CA SER C 525 101.70 141.13 -39.02
C SER C 525 103.09 141.61 -39.39
N LEU C 526 103.77 140.87 -40.23
CA LEU C 526 105.07 141.36 -40.58
C LEU C 526 104.96 142.75 -41.15
N PRO C 527 105.99 143.50 -40.86
CA PRO C 527 106.05 144.88 -41.27
C PRO C 527 105.83 144.99 -42.73
N GLY C 528 104.85 145.78 -43.06
CA GLY C 528 104.51 146.01 -44.43
C GLY C 528 103.52 145.00 -44.99
N GLU C 529 103.35 143.82 -44.36
CA GLU C 529 102.42 142.85 -44.95
C GLU C 529 100.97 143.30 -44.85
N THR C 530 100.16 143.08 -45.87
CA THR C 530 98.76 143.48 -45.81
C THR C 530 97.77 142.50 -46.44
N ARG C 531 98.30 141.50 -47.14
CA ARG C 531 97.48 140.55 -47.84
C ARG C 531 96.74 139.58 -46.96
N PRO C 532 95.78 138.93 -47.56
CA PRO C 532 95.04 137.92 -46.86
C PRO C 532 95.87 136.69 -46.90
N LEU C 533 95.61 135.77 -45.97
CA LEU C 533 96.32 134.53 -45.96
C LEU C 533 95.40 133.35 -46.01
N ILE C 534 95.71 132.47 -46.96
CA ILE C 534 94.98 131.24 -47.19
C ILE C 534 95.97 130.16 -47.50
N LEU C 535 95.96 129.10 -46.71
CA LEU C 535 96.96 128.10 -46.98
C LEU C 535 96.61 127.28 -48.18
N CYS C 536 97.56 127.22 -49.09
CA CYS C 536 97.31 126.44 -50.27
C CYS C 536 97.35 124.96 -49.92
N GLU C 537 98.09 124.64 -48.87
CA GLU C 537 98.12 123.26 -48.42
C GLU C 537 98.37 123.19 -46.95
N TYR C 538 97.54 122.40 -46.29
CA TYR C 538 97.69 122.20 -44.88
C TYR C 538 96.99 120.96 -44.37
N ALA C 539 97.42 120.59 -43.15
CA ALA C 539 96.91 119.44 -42.44
C ALA C 539 97.09 118.17 -43.25
N HIS C 540 98.34 117.76 -43.45
CA HIS C 540 98.68 116.58 -44.23
C HIS C 540 97.90 115.34 -43.79
N ALA C 541 96.92 114.91 -44.58
CA ALA C 541 96.10 113.78 -44.14
C ALA C 541 96.62 112.35 -44.37
N MET C 542 97.91 112.15 -44.19
CA MET C 542 98.53 110.87 -44.41
C MET C 542 98.31 109.84 -43.30
N GLY C 543 97.44 108.89 -43.59
CA GLY C 543 97.16 107.82 -42.64
C GLY C 543 96.40 108.30 -41.45
N ASN C 544 96.82 107.82 -40.27
CA ASN C 544 96.18 108.26 -39.05
C ASN C 544 96.67 109.67 -38.73
N SER C 545 95.98 110.66 -39.29
CA SER C 545 96.40 112.03 -39.18
C SER C 545 95.27 113.00 -38.88
N LEU C 546 95.57 114.26 -39.13
CA LEU C 546 94.67 115.36 -38.86
C LEU C 546 94.70 115.86 -37.42
N GLY C 547 95.69 115.44 -36.65
CA GLY C 547 95.75 115.93 -35.30
C GLY C 547 96.07 117.42 -35.35
N GLY C 548 95.33 118.22 -34.58
CA GLY C 548 95.59 119.66 -34.58
C GLY C 548 94.66 120.47 -35.46
N PHE C 549 93.90 119.80 -36.26
CA PHE C 549 93.01 120.47 -37.15
C PHE C 549 92.22 121.62 -36.50
N ALA C 550 91.66 121.36 -35.35
CA ALA C 550 90.89 122.39 -34.68
C ALA C 550 91.66 123.65 -34.36
N LYS C 551 92.94 123.51 -34.06
CA LYS C 551 93.76 124.66 -33.81
C LYS C 551 93.66 125.65 -34.98
N TYR C 552 93.69 125.15 -36.20
CA TYR C 552 93.61 126.02 -37.34
C TYR C 552 92.26 126.67 -37.41
N TRP C 553 91.25 125.83 -37.27
CA TRP C 553 89.93 126.38 -37.39
C TRP C 553 89.69 127.46 -36.39
N GLN C 554 90.29 127.29 -35.26
CA GLN C 554 90.01 128.33 -34.37
C GLN C 554 90.70 129.60 -34.73
N ALA C 555 91.91 129.47 -35.20
CA ALA C 555 92.58 130.67 -35.58
C ALA C 555 91.85 131.32 -36.70
N PHE C 556 91.45 130.48 -37.66
CA PHE C 556 90.78 131.03 -38.80
C PHE C 556 89.64 131.88 -38.35
N ARG C 557 88.88 131.29 -37.45
CA ARG C 557 87.73 132.01 -36.99
C ARG C 557 88.08 133.26 -36.23
N GLN C 558 89.23 133.34 -35.61
CA GLN C 558 89.48 134.55 -34.87
C GLN C 558 90.21 135.63 -35.62
N TYR C 559 90.89 135.33 -36.71
CA TYR C 559 91.59 136.37 -37.39
C TYR C 559 91.04 136.60 -38.76
N PRO C 560 90.48 137.74 -38.89
CA PRO C 560 89.85 138.21 -40.10
C PRO C 560 90.62 137.91 -41.34
N ARG C 561 91.90 138.24 -41.33
CA ARG C 561 92.74 138.00 -42.49
C ARG C 561 93.13 136.56 -42.67
N LEU C 562 92.79 135.68 -41.75
CA LEU C 562 93.12 134.30 -42.03
C LEU C 562 91.88 133.76 -42.66
N GLN C 563 91.87 133.58 -43.96
CA GLN C 563 90.66 133.13 -44.59
C GLN C 563 90.49 131.67 -44.96
N GLY C 564 91.24 130.78 -44.28
CA GLY C 564 91.07 129.34 -44.53
C GLY C 564 92.23 128.66 -45.23
N GLY C 565 91.91 127.55 -45.90
CA GLY C 565 92.92 126.81 -46.62
C GLY C 565 92.35 125.56 -47.25
N PHE C 566 93.23 124.85 -47.93
CA PHE C 566 92.92 123.63 -48.61
C PHE C 566 93.73 122.53 -48.02
N VAL C 567 92.99 121.56 -47.55
CA VAL C 567 93.60 120.43 -46.96
C VAL C 567 94.31 119.60 -47.99
N TRP C 568 95.34 118.92 -47.52
CA TRP C 568 96.07 118.05 -48.39
C TRP C 568 95.98 116.61 -47.94
N ASP C 569 95.24 115.78 -48.66
CA ASP C 569 94.43 116.09 -49.83
C ASP C 569 93.19 115.21 -49.85
N TRP C 570 92.44 115.21 -50.94
CA TRP C 570 91.20 114.45 -51.02
C TRP C 570 91.20 112.96 -50.93
N VAL C 571 91.78 112.27 -51.93
CA VAL C 571 91.85 110.81 -51.99
C VAL C 571 93.24 110.22 -51.97
N ASP C 572 93.32 108.98 -51.53
CA ASP C 572 94.60 108.32 -51.57
C ASP C 572 94.88 107.95 -53.02
N GLN C 573 96.15 108.05 -53.40
CA GLN C 573 96.53 107.72 -54.75
C GLN C 573 97.00 106.30 -54.76
N SER C 574 96.07 105.41 -54.46
CA SER C 574 96.39 104.02 -54.46
C SER C 574 95.76 103.31 -55.62
N LEU C 575 96.49 102.31 -56.06
CA LEU C 575 96.07 101.49 -57.17
C LEU C 575 95.79 100.06 -56.74
N ILE C 576 94.97 99.42 -57.55
CA ILE C 576 94.63 98.04 -57.30
C ILE C 576 95.55 97.06 -58.00
N LYS C 577 95.80 95.96 -57.31
CA LYS C 577 96.59 94.87 -57.82
C LYS C 577 95.87 93.60 -57.44
N TYR C 578 96.34 92.50 -58.03
CA TYR C 578 95.71 91.25 -57.68
C TYR C 578 96.64 90.18 -57.20
N ASP C 579 96.09 89.39 -56.29
CA ASP C 579 96.85 88.28 -55.83
C ASP C 579 96.45 87.15 -56.78
N GLU C 580 97.22 86.08 -56.69
CA GLU C 580 97.01 84.88 -57.48
C GLU C 580 95.58 84.36 -57.38
N ASN C 581 94.93 84.61 -56.25
CA ASN C 581 93.56 84.18 -56.12
C ASN C 581 92.62 85.19 -56.75
N GLY C 582 93.23 86.06 -57.57
CA GLY C 582 92.52 87.11 -58.28
C GLY C 582 91.91 88.08 -57.31
N ASN C 583 92.64 88.26 -56.21
CA ASN C 583 92.21 89.16 -55.19
C ASN C 583 92.91 90.48 -55.35
N PRO C 584 92.09 91.50 -55.31
CA PRO C 584 92.50 92.86 -55.47
C PRO C 584 93.06 93.41 -54.18
N TRP C 585 94.06 94.26 -54.31
CA TRP C 585 94.60 94.87 -53.14
C TRP C 585 95.25 96.19 -53.49
N SER C 586 95.19 97.10 -52.53
CA SER C 586 95.70 98.43 -52.68
C SER C 586 97.21 98.51 -52.64
N ALA C 587 97.73 99.06 -53.73
CA ALA C 587 99.14 99.20 -53.96
C ALA C 587 99.61 100.65 -53.91
N TYR C 588 100.89 100.76 -53.62
CA TYR C 588 101.53 102.04 -53.55
C TYR C 588 102.94 102.06 -54.12
N GLY C 589 103.66 103.13 -53.83
CA GLY C 589 105.00 103.28 -54.33
C GLY C 589 105.81 102.01 -54.19
N GLY C 590 106.48 101.67 -55.29
CA GLY C 590 107.35 100.50 -55.40
C GLY C 590 106.62 99.19 -55.66
N ASP C 591 105.30 99.21 -55.54
CA ASP C 591 104.48 98.03 -55.75
C ASP C 591 104.48 97.53 -57.18
N PHE C 592 105.07 98.27 -58.11
CA PHE C 592 105.13 97.86 -59.50
C PHE C 592 106.57 97.72 -59.88
N GLY C 593 107.40 97.58 -58.87
CA GLY C 593 108.82 97.47 -59.10
C GLY C 593 109.36 98.80 -59.59
N ASP C 594 108.47 99.80 -59.51
CA ASP C 594 108.78 101.15 -59.92
C ASP C 594 109.87 101.68 -59.04
N THR C 595 110.90 102.16 -59.69
CA THR C 595 112.03 102.73 -59.00
C THR C 595 112.57 103.90 -59.78
N PRO C 596 112.93 104.96 -59.03
CA PRO C 596 112.83 104.96 -57.58
C PRO C 596 111.40 105.27 -57.14
N ASN C 597 111.11 105.14 -55.86
CA ASN C 597 109.74 105.44 -55.49
C ASN C 597 109.65 106.00 -54.08
N ASP C 598 108.45 106.55 -53.79
CA ASP C 598 108.17 107.18 -52.52
C ASP C 598 107.11 106.49 -51.65
N ARG C 599 107.10 105.17 -51.71
CA ARG C 599 106.19 104.37 -50.91
C ARG C 599 104.78 104.91 -50.76
N GLN C 600 104.35 105.00 -49.48
CA GLN C 600 103.01 105.45 -49.08
C GLN C 600 102.75 106.94 -49.28
N PHE C 601 103.81 107.67 -49.59
CA PHE C 601 103.62 109.08 -49.78
C PHE C 601 102.51 109.46 -50.71
N CYS C 602 102.13 108.57 -51.60
CA CYS C 602 101.03 108.86 -52.50
C CYS C 602 99.70 108.73 -51.77
N MET C 603 99.77 108.38 -50.48
CA MET C 603 98.53 108.23 -49.74
C MET C 603 98.30 109.26 -48.64
N ASN C 604 97.52 110.31 -48.99
CA ASN C 604 97.29 111.35 -48.02
C ASN C 604 95.87 111.85 -47.99
N GLY C 605 94.93 111.05 -48.45
CA GLY C 605 93.58 111.52 -48.54
C GLY C 605 92.74 111.36 -47.33
N LEU C 606 91.62 112.03 -47.42
CA LEU C 606 90.61 111.97 -46.40
C LEU C 606 89.72 110.76 -46.66
N VAL C 607 89.82 110.28 -47.88
CA VAL C 607 89.09 109.11 -48.27
C VAL C 607 89.98 108.16 -48.98
N PHE C 608 89.52 106.94 -48.93
CA PHE C 608 90.16 105.87 -49.59
C PHE C 608 89.85 106.02 -51.08
N ALA C 609 90.73 105.46 -51.91
CA ALA C 609 90.51 105.57 -53.34
C ALA C 609 89.09 105.20 -53.77
N ASP C 610 88.49 104.23 -53.07
CA ASP C 610 87.14 103.81 -53.39
C ASP C 610 86.16 104.84 -52.95
N ARG C 611 86.73 105.87 -52.35
CA ARG C 611 85.93 106.94 -51.84
C ARG C 611 85.27 106.57 -50.54
N THR C 612 86.02 105.85 -49.76
CA THR C 612 85.51 105.57 -48.47
C THR C 612 86.40 106.31 -47.54
N PRO C 613 85.68 107.00 -46.73
CA PRO C 613 86.16 107.89 -45.73
C PRO C 613 87.12 107.28 -44.77
N HIS C 614 88.04 108.12 -44.38
CA HIS C 614 88.94 107.86 -43.32
C HIS C 614 88.23 108.52 -42.15
N PRO C 615 88.60 108.15 -40.96
CA PRO C 615 87.90 108.74 -39.84
C PRO C 615 88.11 110.26 -39.77
N ALA C 616 89.31 110.69 -40.17
CA ALA C 616 89.63 112.10 -40.14
C ALA C 616 88.56 112.99 -40.76
N LEU C 617 87.97 112.48 -41.82
CA LEU C 617 86.99 113.23 -42.52
C LEU C 617 85.97 113.88 -41.61
N THR C 618 85.65 113.13 -40.61
CA THR C 618 84.67 113.59 -39.67
C THR C 618 85.10 114.80 -38.89
N GLU C 619 86.33 114.74 -38.41
CA GLU C 619 86.85 115.85 -37.69
C GLU C 619 86.68 117.05 -38.59
N ALA C 620 87.04 116.84 -39.84
CA ALA C 620 86.91 117.96 -40.77
C ALA C 620 85.50 118.50 -40.86
N LYS C 621 84.61 117.59 -41.11
CA LYS C 621 83.25 118.01 -41.25
C LYS C 621 82.81 118.82 -40.06
N HIS C 622 83.13 118.33 -38.90
CA HIS C 622 82.73 119.01 -37.69
C HIS C 622 83.32 120.39 -37.57
N GLN C 623 84.65 120.50 -37.69
CA GLN C 623 85.32 121.78 -37.60
C GLN C 623 84.85 122.77 -38.67
N GLN C 624 84.35 122.25 -39.78
CA GLN C 624 83.94 123.14 -40.84
C GLN C 624 82.48 123.49 -40.81
N GLN C 625 81.76 123.01 -39.82
CA GLN C 625 80.35 123.32 -39.85
C GLN C 625 80.02 124.77 -40.01
N PHE C 626 78.88 125.02 -40.59
CA PHE C 626 78.44 126.35 -40.84
C PHE C 626 77.69 126.95 -39.68
N PHE C 627 77.46 126.18 -38.64
CA PHE C 627 76.75 126.75 -37.51
C PHE C 627 77.53 126.62 -36.27
N GLN C 628 77.49 127.64 -35.46
CA GLN C 628 78.21 127.61 -34.23
C GLN C 628 77.30 127.88 -33.06
N PHE C 629 77.54 127.12 -32.01
CA PHE C 629 76.74 127.17 -30.80
C PHE C 629 77.42 127.63 -29.55
N ARG C 630 76.61 128.27 -28.75
CA ARG C 630 76.99 128.76 -27.46
C ARG C 630 75.89 128.39 -26.53
N LEU C 631 76.32 127.98 -25.37
CA LEU C 631 75.38 127.59 -24.39
C LEU C 631 75.43 128.49 -23.19
N SER C 632 74.30 129.04 -22.85
CA SER C 632 74.25 129.86 -21.69
C SER C 632 73.03 129.56 -20.86
N GLY C 633 73.32 128.88 -19.76
CA GLY C 633 72.23 128.50 -18.92
C GLY C 633 71.28 127.59 -19.69
N GLN C 634 70.08 128.07 -19.99
CA GLN C 634 69.15 127.20 -20.70
C GLN C 634 69.02 127.64 -22.13
N THR C 635 69.91 128.55 -22.49
CA THR C 635 69.85 129.06 -23.80
C THR C 635 70.94 128.68 -24.72
N ILE C 636 70.51 128.32 -25.89
CA ILE C 636 71.47 128.04 -26.88
C ILE C 636 71.53 129.15 -27.87
N GLU C 637 72.75 129.62 -28.07
CA GLU C 637 72.95 130.63 -29.04
C GLU C 637 73.50 130.04 -30.33
N VAL C 638 72.83 130.36 -31.42
CA VAL C 638 73.26 129.82 -32.68
C VAL C 638 73.74 130.88 -33.59
N THR C 639 74.85 130.59 -34.23
CA THR C 639 75.41 131.54 -35.14
C THR C 639 75.63 130.91 -36.48
N SER C 640 75.26 131.68 -37.51
CA SER C 640 75.34 131.28 -38.90
C SER C 640 76.61 131.77 -39.54
N GLU C 641 77.30 130.85 -40.17
CA GLU C 641 78.49 131.19 -40.89
C GLU C 641 78.16 131.22 -42.38
N TYR C 642 76.87 131.28 -42.68
CA TYR C 642 76.51 131.40 -44.08
C TYR C 642 76.58 132.88 -44.41
N LEU C 643 77.01 133.22 -45.60
CA LEU C 643 77.12 134.62 -45.97
C LEU C 643 75.93 135.03 -46.73
N PHE C 644 75.35 134.08 -47.41
CA PHE C 644 74.24 134.39 -48.26
C PHE C 644 72.94 133.70 -47.96
N ARG C 645 72.92 132.50 -47.41
CA ARG C 645 71.61 131.94 -47.23
C ARG C 645 71.01 132.02 -45.88
N HIS C 646 69.75 131.70 -45.87
CA HIS C 646 69.03 131.69 -44.65
C HIS C 646 68.83 130.24 -44.23
N SER C 647 68.73 129.94 -42.93
CA SER C 647 68.57 128.55 -42.46
C SER C 647 67.27 127.97 -42.92
N ASP C 648 67.10 127.86 -44.20
CA ASP C 648 65.84 127.38 -44.68
C ASP C 648 65.66 125.89 -44.87
N ASN C 649 66.55 125.08 -44.36
CA ASN C 649 66.37 123.66 -44.46
C ASN C 649 67.02 123.09 -43.24
N GLU C 650 66.69 123.75 -42.13
CA GLU C 650 67.33 123.38 -40.91
C GLU C 650 66.49 123.15 -39.68
N LEU C 651 66.74 121.96 -39.18
CA LEU C 651 66.14 121.50 -37.96
C LEU C 651 67.16 121.24 -36.88
N LEU C 652 66.86 121.78 -35.74
CA LEU C 652 67.73 121.56 -34.65
C LEU C 652 67.19 120.57 -33.64
N HIS C 653 67.85 119.43 -33.52
CA HIS C 653 67.43 118.45 -32.57
C HIS C 653 68.29 118.50 -31.35
N TRP C 654 67.69 118.50 -30.19
CA TRP C 654 68.52 118.50 -29.03
C TRP C 654 68.12 117.38 -28.13
N MET C 655 68.96 117.09 -27.18
CA MET C 655 68.64 116.03 -26.28
C MET C 655 69.58 115.84 -25.12
N VAL C 656 68.99 115.42 -24.01
CA VAL C 656 69.69 115.22 -22.77
C VAL C 656 69.77 113.80 -22.29
N ALA C 657 70.95 113.42 -21.81
CA ALA C 657 71.13 112.09 -21.33
C ALA C 657 72.09 112.01 -20.17
N LEU C 658 71.82 111.00 -19.37
CA LEU C 658 72.58 110.74 -18.20
C LEU C 658 73.37 109.52 -18.47
N ASP C 659 74.66 109.66 -18.49
CA ASP C 659 75.47 108.52 -18.80
C ASP C 659 74.90 107.70 -19.95
N GLY C 660 74.36 108.36 -20.95
CA GLY C 660 73.85 107.58 -22.06
C GLY C 660 72.36 107.37 -21.99
N LYS C 661 71.77 107.69 -20.86
CA LYS C 661 70.37 107.52 -20.77
C LYS C 661 69.69 108.82 -21.02
N PRO C 662 68.98 108.76 -22.09
CA PRO C 662 68.22 109.84 -22.65
C PRO C 662 67.10 110.19 -21.73
N LEU C 663 66.97 111.44 -21.44
CA LEU C 663 65.93 111.88 -20.56
C LEU C 663 65.00 112.85 -21.22
N ALA C 664 65.46 113.48 -22.30
CA ALA C 664 64.65 114.47 -22.99
C ALA C 664 65.23 114.80 -24.32
N SER C 665 64.34 115.06 -25.26
CA SER C 665 64.67 115.42 -26.62
C SER C 665 63.80 116.53 -27.03
N GLY C 666 64.23 117.22 -28.07
CA GLY C 666 63.49 118.35 -28.58
C GLY C 666 63.85 118.61 -30.01
N GLU C 667 62.96 119.33 -30.66
CA GLU C 667 63.18 119.68 -32.04
C GLU C 667 62.89 121.12 -32.29
N VAL C 668 63.84 121.82 -32.87
CA VAL C 668 63.56 123.19 -33.17
C VAL C 668 64.13 123.63 -34.46
N PRO C 669 63.23 124.19 -35.20
CA PRO C 669 63.46 124.75 -36.51
C PRO C 669 64.28 125.99 -36.38
N LEU C 670 65.30 126.06 -37.24
CA LEU C 670 66.19 127.17 -37.29
C LEU C 670 65.74 128.28 -38.19
N ASP C 671 66.00 129.47 -37.73
CA ASP C 671 65.66 130.65 -38.46
C ASP C 671 66.78 131.65 -38.32
N VAL C 672 67.83 131.48 -39.10
CA VAL C 672 68.95 132.39 -38.98
C VAL C 672 69.44 132.92 -40.28
N ALA C 673 69.59 134.24 -40.23
CA ALA C 673 70.10 134.93 -41.38
C ALA C 673 71.59 134.74 -41.46
N PRO C 674 72.08 134.73 -42.68
CA PRO C 674 73.48 134.61 -42.88
C PRO C 674 74.11 135.56 -41.90
N GLN C 675 75.12 135.04 -41.23
CA GLN C 675 75.85 135.79 -40.25
C GLN C 675 75.04 136.25 -39.07
N GLY C 676 73.89 135.65 -38.87
CA GLY C 676 73.09 136.05 -37.73
C GLY C 676 73.12 135.06 -36.59
N LYS C 677 72.41 135.44 -35.54
CA LYS C 677 72.28 134.66 -34.33
C LYS C 677 70.84 134.29 -34.05
N GLN C 678 70.64 133.13 -33.43
CA GLN C 678 69.32 132.70 -33.04
C GLN C 678 69.42 132.18 -31.63
N LEU C 679 68.46 132.61 -30.82
CA LEU C 679 68.41 132.20 -29.44
C LEU C 679 67.50 131.06 -29.18
N ILE C 680 68.01 130.11 -28.44
CA ILE C 680 67.14 129.02 -28.21
C ILE C 680 66.94 128.70 -26.80
N GLU C 681 65.67 128.89 -26.49
CA GLU C 681 65.18 128.69 -25.17
C GLU C 681 64.83 127.27 -24.80
N LEU C 682 65.51 126.84 -23.77
CA LEU C 682 65.25 125.50 -23.36
C LEU C 682 64.22 125.35 -22.28
N PRO C 683 63.40 124.38 -22.52
CA PRO C 683 62.38 123.97 -21.61
C PRO C 683 63.11 123.55 -20.37
N GLU C 684 62.43 123.58 -19.26
CA GLU C 684 63.08 123.18 -18.04
C GLU C 684 63.68 121.80 -18.12
N LEU C 685 64.92 121.80 -17.69
CA LEU C 685 65.67 120.59 -17.73
C LEU C 685 65.56 119.77 -16.50
N PRO C 686 65.64 118.50 -16.76
CA PRO C 686 65.56 117.46 -15.78
C PRO C 686 66.75 117.48 -14.84
N GLN C 687 66.46 117.18 -13.57
CA GLN C 687 67.50 117.16 -12.56
C GLN C 687 67.55 115.86 -11.83
N PRO C 688 68.02 114.86 -12.54
CA PRO C 688 68.20 113.52 -12.07
C PRO C 688 68.94 113.49 -10.75
N GLU C 689 68.64 112.46 -9.99
CA GLU C 689 69.25 112.29 -8.70
C GLU C 689 70.48 111.44 -8.78
N SER C 690 70.24 110.36 -9.53
CA SER C 690 71.20 109.34 -9.83
C SER C 690 72.55 109.92 -10.13
N ALA C 691 73.57 109.14 -9.89
CA ALA C 691 74.89 109.64 -10.14
C ALA C 691 75.19 109.50 -11.59
N GLY C 692 76.08 110.37 -12.05
CA GLY C 692 76.50 110.36 -13.43
C GLY C 692 76.68 111.74 -14.02
N GLN C 693 77.06 111.72 -15.31
CA GLN C 693 77.30 112.90 -16.09
C GLN C 693 76.11 113.20 -16.98
N LEU C 694 75.69 114.42 -16.86
CA LEU C 694 74.59 114.89 -17.63
C LEU C 694 75.08 115.65 -18.85
N TRP C 695 74.65 115.22 -20.00
CA TRP C 695 75.12 115.89 -21.19
C TRP C 695 74.07 116.31 -22.18
N LEU C 696 74.32 117.49 -22.74
CA LEU C 696 73.45 118.02 -23.72
C LEU C 696 74.02 117.91 -25.12
N THR C 697 73.17 117.47 -26.04
CA THR C 697 73.63 117.38 -27.40
C THR C 697 72.68 117.91 -28.42
N VAL C 698 73.22 118.71 -29.35
CA VAL C 698 72.45 119.26 -30.45
C VAL C 698 72.96 118.79 -31.80
N ARG C 699 72.02 118.67 -32.70
CA ARG C 699 72.30 118.26 -34.04
C ARG C 699 71.51 119.10 -35.01
N VAL C 700 72.06 119.25 -36.19
CA VAL C 700 71.37 120.00 -37.20
C VAL C 700 71.01 119.13 -38.36
N VAL C 701 69.71 119.18 -38.64
CA VAL C 701 69.22 118.40 -39.72
C VAL C 701 68.52 119.08 -40.82
N GLN C 702 68.77 118.48 -41.97
CA GLN C 702 68.21 118.89 -43.22
C GLN C 702 67.10 117.95 -43.60
N PRO C 703 65.94 118.40 -43.22
CA PRO C 703 64.69 117.72 -43.44
C PRO C 703 64.52 117.34 -44.89
N ASN C 704 64.68 118.31 -45.79
CA ASN C 704 64.51 118.03 -47.21
C ASN C 704 65.79 117.74 -47.92
N ALA C 705 65.74 116.85 -48.90
CA ALA C 705 66.96 116.57 -49.61
C ALA C 705 67.33 117.73 -50.49
N THR C 706 68.57 117.69 -50.95
CA THR C 706 69.11 118.72 -51.80
C THR C 706 69.78 118.05 -52.93
N ALA C 707 70.30 118.86 -53.79
CA ALA C 707 70.97 118.29 -54.91
C ALA C 707 72.17 117.53 -54.51
N TRP C 708 72.66 117.80 -53.30
CA TRP C 708 73.88 117.11 -52.93
C TRP C 708 73.73 116.37 -51.67
N SER C 709 72.53 116.37 -51.13
CA SER C 709 72.29 115.70 -49.89
C SER C 709 70.89 115.12 -49.80
N GLU C 710 70.83 114.03 -49.06
CA GLU C 710 69.61 113.30 -48.77
C GLU C 710 68.78 113.98 -47.74
N ALA C 711 67.57 113.52 -47.61
CA ALA C 711 66.81 114.16 -46.58
C ALA C 711 67.28 113.62 -45.25
N GLY C 712 67.16 114.43 -44.23
CA GLY C 712 67.61 114.01 -42.93
C GLY C 712 69.14 114.05 -42.75
N HIS C 713 69.80 114.84 -43.56
CA HIS C 713 71.22 114.94 -43.45
C HIS C 713 71.62 115.74 -42.22
N ILE C 714 72.68 115.26 -41.56
CA ILE C 714 73.20 115.95 -40.40
C ILE C 714 74.30 116.89 -40.82
N SER C 715 74.12 118.16 -40.58
CA SER C 715 75.14 119.08 -41.03
C SER C 715 76.00 119.63 -39.93
N ALA C 716 75.52 119.51 -38.71
CA ALA C 716 76.33 120.06 -37.65
C ALA C 716 75.90 119.55 -36.29
N TRP C 717 76.85 119.52 -35.39
CA TRP C 717 76.50 119.11 -34.09
C TRP C 717 77.41 119.71 -33.07
N GLN C 718 76.97 119.59 -31.83
CA GLN C 718 77.75 120.10 -30.74
C GLN C 718 77.23 119.57 -29.43
N GLN C 719 78.13 119.36 -28.48
CA GLN C 719 77.63 118.86 -27.24
C GLN C 719 78.21 119.51 -25.97
N TRP C 720 77.50 119.46 -24.87
CA TRP C 720 78.01 120.04 -23.65
C TRP C 720 77.74 119.20 -22.42
N ARG C 721 78.60 119.34 -21.42
CA ARG C 721 78.36 118.56 -20.21
C ARG C 721 77.65 119.41 -19.21
N LEU C 722 76.42 119.06 -18.92
CA LEU C 722 75.66 119.88 -18.03
C LEU C 722 76.01 119.77 -16.59
N ALA C 723 76.02 118.56 -16.10
CA ALA C 723 76.33 118.42 -14.70
C ALA C 723 76.96 117.10 -14.41
N GLU C 724 77.25 116.99 -13.13
CA GLU C 724 77.85 115.79 -12.61
C GLU C 724 77.37 115.49 -11.23
N ASN C 725 77.03 114.25 -11.02
CA ASN C 725 76.61 113.84 -9.72
C ASN C 725 77.58 112.81 -9.27
N LEU C 726 78.48 113.24 -8.41
CA LEU C 726 79.49 112.32 -7.90
C LEU C 726 78.84 111.21 -7.10
N SER C 727 79.34 109.99 -7.28
CA SER C 727 78.78 108.86 -6.55
C SER C 727 79.39 108.68 -5.20
N VAL C 728 78.54 108.78 -4.20
CA VAL C 728 78.99 108.64 -2.85
C VAL C 728 78.56 107.33 -2.29
N THR C 729 78.27 106.39 -3.14
CA THR C 729 77.84 105.18 -2.55
C THR C 729 78.90 104.16 -2.35
N LEU C 730 78.50 103.27 -1.48
CA LEU C 730 79.32 102.18 -1.09
C LEU C 730 78.74 100.87 -1.52
N PRO C 731 79.70 100.06 -1.90
CA PRO C 731 79.49 98.71 -2.31
C PRO C 731 78.96 97.96 -1.10
N ALA C 732 77.88 97.25 -1.31
CA ALA C 732 77.32 96.49 -0.23
C ALA C 732 78.27 95.35 0.15
N ALA C 733 78.12 94.85 1.37
CA ALA C 733 78.95 93.78 1.85
C ALA C 733 78.82 92.52 1.01
N SER C 734 79.91 91.77 1.07
CA SER C 734 80.03 90.51 0.39
C SER C 734 79.97 89.47 1.49
N HIS C 735 79.48 88.30 1.15
CA HIS C 735 79.37 87.29 2.18
C HIS C 735 80.61 86.47 2.28
N ALA C 736 81.58 86.79 1.45
CA ALA C 736 82.77 86.02 1.48
C ALA C 736 83.91 86.81 0.96
N ILE C 737 85.07 86.22 1.04
CA ILE C 737 86.20 86.91 0.53
C ILE C 737 87.13 85.96 -0.15
N PRO C 738 87.78 86.50 -1.14
CA PRO C 738 88.66 85.74 -1.94
C PRO C 738 89.61 84.94 -1.09
N HIS C 739 90.04 83.87 -1.67
CA HIS C 739 90.92 83.03 -0.97
C HIS C 739 92.24 82.92 -1.66
N LEU C 740 93.25 83.42 -0.95
CA LEU C 740 94.61 83.43 -1.45
C LEU C 740 95.30 82.13 -1.33
N THR C 741 96.32 81.89 -2.14
CA THR C 741 97.01 80.63 -2.08
C THR C 741 98.38 80.77 -2.68
N THR C 742 99.39 80.68 -1.85
CA THR C 742 100.71 80.83 -2.37
C THR C 742 101.23 79.57 -2.96
N SER C 743 102.31 79.69 -3.66
CA SER C 743 103.00 78.62 -4.35
C SER C 743 104.37 79.17 -4.67
N GLU C 744 105.20 78.41 -5.30
CA GLU C 744 106.48 78.99 -5.58
C GLU C 744 106.43 79.91 -6.76
N MET C 745 105.66 79.44 -7.71
CA MET C 745 105.47 80.07 -8.97
C MET C 745 104.42 81.10 -8.94
N ASP C 746 103.54 81.00 -7.98
CA ASP C 746 102.55 82.03 -8.06
C ASP C 746 101.66 82.16 -6.89
N PHE C 747 100.69 83.01 -7.12
CA PHE C 747 99.70 83.31 -6.15
C PHE C 747 98.35 82.98 -6.72
N CME C 748 97.48 82.35 -5.92
CA CME C 748 96.16 82.02 -6.41
CB CME C 748 95.82 80.56 -6.61
SG CME C 748 96.27 80.22 -8.29
SD CME C 748 94.63 79.81 -9.29
CE CME C 748 95.48 78.85 -10.57
CZ CME C 748 94.80 77.51 -10.87
OH CME C 748 95.76 76.46 -10.88
C CME C 748 95.03 82.62 -5.73
O CME C 748 94.77 82.40 -4.54
N ILE C 749 94.29 83.33 -6.50
CA ILE C 749 93.14 83.92 -5.90
C ILE C 749 91.93 83.26 -6.42
N GLU C 750 91.11 82.82 -5.50
CA GLU C 750 89.92 82.16 -5.85
C GLU C 750 88.72 82.75 -5.20
N LEU C 751 87.62 82.65 -5.90
CA LEU C 751 86.36 83.14 -5.42
C LEU C 751 85.26 82.58 -6.27
N GLY C 752 84.66 81.50 -5.81
CA GLY C 752 83.61 80.88 -6.60
C GLY C 752 84.26 80.22 -7.79
N ASN C 753 83.59 80.39 -8.92
CA ASN C 753 84.09 79.86 -10.19
C ASN C 753 85.26 80.70 -10.68
N LYS C 754 85.36 81.91 -10.15
CA LYS C 754 86.43 82.80 -10.54
C LYS C 754 87.76 82.51 -9.88
N ARG C 755 88.80 82.64 -10.70
CA ARG C 755 90.16 82.42 -10.28
C ARG C 755 91.13 83.32 -11.04
N TRP C 756 92.12 83.81 -10.32
CA TRP C 756 93.13 84.68 -10.90
C TRP C 756 94.50 84.23 -10.55
N GLN C 757 95.40 84.24 -11.49
CA GLN C 757 96.71 83.85 -11.11
C GLN C 757 97.85 84.83 -11.48
N PHE C 758 98.73 85.07 -10.52
CA PHE C 758 99.84 85.97 -10.78
C PHE C 758 101.15 85.25 -10.77
N ASN C 759 101.86 85.27 -11.86
CA ASN C 759 103.15 84.61 -11.89
C ASN C 759 104.16 85.36 -11.06
N ARG C 760 104.77 84.63 -10.18
CA ARG C 760 105.72 85.22 -9.28
C ARG C 760 107.04 85.56 -9.88
N GLN C 761 107.32 85.05 -11.05
CA GLN C 761 108.62 85.43 -11.55
C GLN C 761 108.51 86.68 -12.35
N SER C 762 107.43 86.79 -13.10
CA SER C 762 107.21 87.90 -13.98
C SER C 762 106.54 89.02 -13.28
N GLY C 763 105.80 88.66 -12.26
CA GLY C 763 105.06 89.69 -11.59
C GLY C 763 103.79 90.09 -12.34
N PHE C 764 103.32 89.31 -13.32
CA PHE C 764 102.10 89.73 -13.94
C PHE C 764 100.98 88.82 -13.71
N LEU C 765 99.79 89.34 -13.95
CA LEU C 765 98.61 88.57 -13.87
C LEU C 765 98.67 87.72 -15.11
N SER C 766 98.99 86.45 -14.94
CA SER C 766 99.19 85.50 -16.03
C SER C 766 97.96 84.82 -16.57
N GLN C 767 96.97 84.57 -15.74
CA GLN C 767 95.80 83.93 -16.29
C GLN C 767 94.66 84.11 -15.37
N MET C 768 93.50 83.89 -15.89
CA MET C 768 92.36 83.98 -15.09
C MET C 768 91.29 83.13 -15.70
N TRP C 769 90.45 82.56 -14.84
CA TRP C 769 89.41 81.66 -15.28
C TRP C 769 88.08 82.02 -14.80
N ILE C 770 87.14 81.61 -15.60
CA ILE C 770 85.77 81.71 -15.22
C ILE C 770 85.30 80.32 -15.45
N GLY C 771 85.04 79.65 -14.35
CA GLY C 771 84.72 78.27 -14.47
C GLY C 771 86.05 77.60 -14.83
N ASP C 772 86.01 76.81 -15.85
CA ASP C 772 87.17 76.08 -16.31
C ASP C 772 87.75 76.74 -17.55
N LYS C 773 87.23 77.92 -17.85
CA LYS C 773 87.68 78.62 -19.02
C LYS C 773 88.75 79.64 -18.74
N LYS C 774 89.87 79.43 -19.41
CA LYS C 774 90.97 80.36 -19.29
C LYS C 774 90.53 81.61 -20.02
N GLN C 775 90.98 82.78 -19.60
CA GLN C 775 90.49 83.95 -20.27
C GLN C 775 91.50 84.69 -21.08
N LEU C 776 92.76 84.41 -20.82
CA LEU C 776 93.76 85.15 -21.56
C LEU C 776 94.71 84.31 -22.30
N LEU C 777 95.08 84.75 -23.47
CA LEU C 777 96.10 84.06 -24.21
C LEU C 777 97.44 84.68 -23.90
N THR C 778 97.39 85.86 -23.32
CA THR C 778 98.59 86.58 -22.99
C THR C 778 98.40 87.30 -21.69
N PRO C 779 99.48 87.42 -20.93
CA PRO C 779 99.44 88.11 -19.65
C PRO C 779 99.23 89.62 -19.78
N LEU C 780 98.65 90.18 -18.75
CA LEU C 780 98.34 91.57 -18.71
C LEU C 780 99.58 92.37 -18.43
N ARG C 781 99.94 93.23 -19.37
CA ARG C 781 101.10 94.02 -19.12
C ARG C 781 101.16 95.43 -19.58
N ASP C 782 102.14 96.10 -18.95
CA ASP C 782 102.39 97.49 -19.20
C ASP C 782 102.81 97.65 -20.63
N GLN C 783 102.42 98.74 -21.20
CA GLN C 783 102.82 98.97 -22.55
C GLN C 783 103.13 100.43 -22.74
N PHE C 784 104.28 100.69 -23.34
CA PHE C 784 104.68 102.07 -23.53
C PHE C 784 104.83 102.52 -24.97
N THR C 785 104.64 101.63 -25.91
CA THR C 785 104.85 102.02 -27.28
C THR C 785 103.61 101.85 -28.15
N ARG C 786 103.80 102.26 -29.42
CA ARG C 786 102.76 102.07 -30.40
C ARG C 786 103.34 101.70 -31.75
N ALA C 787 102.49 101.07 -32.58
CA ALA C 787 102.86 100.74 -33.93
C ALA C 787 102.78 102.07 -34.65
N PRO C 788 103.97 102.59 -34.92
CA PRO C 788 104.21 103.87 -35.52
C PRO C 788 103.24 104.32 -36.57
N LEU C 789 102.84 105.56 -36.44
CA LEU C 789 101.99 106.14 -37.45
C LEU C 789 102.87 106.67 -38.54
N ASP C 790 102.22 106.98 -39.64
CA ASP C 790 102.97 107.54 -40.73
C ASP C 790 103.71 108.75 -40.22
N ASN C 791 102.98 109.56 -39.47
CA ASN C 791 103.54 110.74 -38.87
C ASN C 791 104.69 110.39 -37.91
N ASP C 792 104.63 109.25 -37.24
CA ASP C 792 105.71 108.92 -36.34
C ASP C 792 107.01 108.60 -37.07
N ILE C 793 106.83 108.22 -38.33
CA ILE C 793 107.94 107.81 -39.17
C ILE C 793 108.50 108.90 -40.04
N GLY C 794 107.60 109.64 -40.68
CA GLY C 794 108.00 110.71 -41.54
C GLY C 794 108.72 110.18 -42.76
N VAL C 795 109.95 110.62 -42.92
CA VAL C 795 110.66 110.14 -44.07
C VAL C 795 111.83 109.26 -43.72
N SER C 796 111.82 108.77 -42.51
CA SER C 796 112.90 107.91 -42.14
C SER C 796 112.84 106.62 -42.96
N GLU C 797 114.01 106.26 -43.43
CA GLU C 797 114.18 105.08 -44.22
C GLU C 797 115.31 104.28 -43.67
N ALA C 798 115.19 102.98 -43.86
CA ALA C 798 116.19 102.02 -43.42
C ALA C 798 117.58 102.45 -43.86
N THR C 799 117.65 102.80 -45.12
CA THR C 799 118.85 103.27 -45.76
C THR C 799 119.23 104.64 -45.21
N ARG C 800 118.24 105.52 -45.23
CA ARG C 800 118.38 106.89 -44.81
C ARG C 800 117.46 107.25 -43.67
N ILE C 801 117.99 107.00 -42.50
CA ILE C 801 117.31 107.26 -41.26
C ILE C 801 117.23 108.73 -40.89
N ASP C 802 116.08 109.12 -40.31
CA ASP C 802 115.84 110.46 -39.83
C ASP C 802 115.73 110.46 -38.31
N PRO C 803 116.87 110.73 -37.73
CA PRO C 803 117.11 110.81 -36.32
C PRO C 803 116.09 111.62 -35.55
N ASN C 804 115.38 112.54 -36.19
CA ASN C 804 114.43 113.25 -35.36
C ASN C 804 113.07 112.63 -35.34
N ALA C 805 112.82 111.73 -36.24
CA ALA C 805 111.54 111.09 -36.23
C ALA C 805 111.32 110.39 -34.89
N TRP C 806 110.10 110.52 -34.41
CA TRP C 806 109.71 109.92 -33.18
C TRP C 806 110.14 108.49 -33.14
N VAL C 807 109.71 107.81 -34.17
CA VAL C 807 110.04 106.41 -34.24
C VAL C 807 111.51 106.16 -34.06
N GLU C 808 112.27 107.00 -34.73
CA GLU C 808 113.68 106.89 -34.65
C GLU C 808 114.16 107.04 -33.24
N ARG C 809 113.63 108.03 -32.58
CA ARG C 809 114.06 108.26 -31.22
C ARG C 809 113.65 107.16 -30.26
N TRP C 810 112.43 106.71 -30.45
CA TRP C 810 111.92 105.68 -29.60
C TRP C 810 112.78 104.47 -29.72
N LYS C 811 113.13 104.21 -30.97
CA LYS C 811 113.92 103.06 -31.29
C LYS C 811 115.26 103.19 -30.62
N ALA C 812 115.89 104.28 -30.91
CA ALA C 812 117.18 104.49 -30.35
C ALA C 812 117.20 104.44 -28.86
N ALA C 813 116.09 104.82 -28.25
CA ALA C 813 116.03 104.83 -26.80
C ALA C 813 115.84 103.44 -26.26
N GLY C 814 115.45 102.52 -27.12
CA GLY C 814 115.26 101.17 -26.67
C GLY C 814 113.86 100.97 -26.16
N HIS C 815 113.00 101.94 -26.43
CA HIS C 815 111.63 101.79 -25.96
C HIS C 815 111.03 100.51 -26.46
N TYR C 816 111.29 100.23 -27.71
CA TYR C 816 110.73 99.06 -28.32
C TYR C 816 111.31 97.80 -27.82
N GLN C 817 112.41 97.88 -27.10
CA GLN C 817 112.93 96.62 -26.66
C GLN C 817 113.47 96.57 -25.24
N ALA C 818 112.87 97.39 -24.40
CA ALA C 818 113.33 97.38 -23.06
C ALA C 818 112.79 96.18 -22.38
N GLU C 819 113.54 95.81 -21.38
CA GLU C 819 113.30 94.67 -20.57
C GLU C 819 112.78 95.01 -19.22
N ALA C 820 111.62 94.42 -18.93
CA ALA C 820 111.04 94.62 -17.63
C ALA C 820 111.77 93.83 -16.56
N ALA C 821 111.82 94.36 -15.35
CA ALA C 821 112.47 93.71 -14.24
C ALA C 821 111.63 93.78 -12.97
N LEU C 822 111.31 92.63 -12.40
CA LEU C 822 110.54 92.66 -11.18
C LEU C 822 111.34 93.27 -10.07
N LEU C 823 110.78 94.26 -9.46
CA LEU C 823 111.45 94.85 -8.36
C LEU C 823 110.80 94.32 -7.12
N GLN C 824 109.52 94.02 -7.23
CA GLN C 824 108.82 93.53 -6.09
C GLN C 824 107.41 93.07 -6.40
N CYS C 825 106.99 92.06 -5.64
CA CYS C 825 105.69 91.46 -5.84
C CYS C 825 105.21 90.86 -4.55
N THR C 826 104.12 91.40 -4.02
CA THR C 826 103.63 90.86 -2.78
C THR C 826 102.14 90.71 -2.72
N ALA C 827 101.77 89.80 -1.83
CA ALA C 827 100.39 89.48 -1.61
C ALA C 827 100.03 89.60 -0.16
N ASP C 828 98.79 90.00 0.08
CA ASP C 828 98.35 90.22 1.42
C ASP C 828 96.87 90.06 1.55
N THR C 829 96.49 89.58 2.72
CA THR C 829 95.08 89.38 2.98
C THR C 829 94.52 90.38 3.92
N LEU C 830 93.53 91.04 3.41
CA LEU C 830 92.89 92.04 4.18
C LEU C 830 91.58 91.49 4.65
N ALA C 831 90.94 92.26 5.47
CA ALA C 831 89.69 91.81 5.98
C ALA C 831 88.65 91.63 4.93
N ASP C 832 88.71 92.41 3.86
CA ASP C 832 87.65 92.34 2.89
C ASP C 832 88.10 92.02 1.50
N ALA C 833 89.39 91.83 1.35
CA ALA C 833 89.90 91.51 0.04
C ALA C 833 91.32 91.04 0.09
N VAL C 834 91.79 90.74 -1.10
CA VAL C 834 93.16 90.36 -1.26
C VAL C 834 93.89 91.44 -2.02
N LEU C 835 95.11 91.67 -1.58
CA LEU C 835 95.88 92.71 -2.13
C LEU C 835 97.21 92.30 -2.66
N ILE C 836 97.43 92.66 -3.91
CA ILE C 836 98.69 92.37 -4.55
C ILE C 836 99.41 93.61 -4.94
N THR C 837 100.72 93.59 -4.72
CA THR C 837 101.45 94.74 -5.17
C THR C 837 102.72 94.40 -5.92
N THR C 838 102.96 95.15 -6.98
CA THR C 838 104.13 94.93 -7.79
C THR C 838 104.87 96.18 -8.14
N ALA C 839 106.07 95.98 -8.63
CA ALA C 839 106.89 97.07 -9.05
C ALA C 839 107.87 96.54 -10.05
N HIS C 840 107.87 97.16 -11.21
CA HIS C 840 108.79 96.74 -12.23
C HIS C 840 109.57 97.90 -12.77
N ALA C 841 110.64 97.56 -13.47
CA ALA C 841 111.45 98.58 -14.08
C ALA C 841 111.80 98.20 -15.50
N TRP C 842 111.62 99.12 -16.44
CA TRP C 842 112.06 98.77 -17.76
C TRP C 842 113.39 99.42 -17.97
N GLN C 843 114.34 98.60 -18.38
CA GLN C 843 115.64 99.15 -18.61
C GLN C 843 116.20 98.82 -19.94
N HIS C 844 117.23 99.56 -20.23
CA HIS C 844 117.86 99.36 -21.49
C HIS C 844 119.26 99.86 -21.43
N GLN C 845 120.16 98.92 -21.62
CA GLN C 845 121.54 99.25 -21.55
C GLN C 845 121.89 99.99 -20.29
N GLY C 846 121.39 99.48 -19.17
CA GLY C 846 121.70 100.07 -17.89
C GLY C 846 120.86 101.27 -17.52
N LYS C 847 120.08 101.78 -18.45
CA LYS C 847 119.27 102.89 -18.07
C LYS C 847 117.87 102.45 -17.76
N THR C 848 117.32 103.11 -16.77
CA THR C 848 115.97 102.81 -16.40
C THR C 848 115.04 103.81 -17.06
N LEU C 849 114.18 103.32 -17.95
CA LEU C 849 113.25 104.18 -18.66
C LEU C 849 112.01 104.43 -17.87
N PHE C 850 111.41 103.34 -17.42
CA PHE C 850 110.20 103.49 -16.68
C PHE C 850 110.13 102.64 -15.46
N ILE C 851 109.23 103.09 -14.61
CA ILE C 851 108.95 102.38 -13.42
C ILE C 851 107.46 102.30 -13.25
N SER C 852 107.02 101.08 -13.08
CA SER C 852 105.63 100.84 -12.94
C SER C 852 105.30 100.17 -11.61
N ARG C 853 104.49 100.86 -10.85
CA ARG C 853 104.08 100.35 -9.56
C ARG C 853 102.59 100.15 -9.51
N LYS C 854 102.18 98.93 -9.21
CA LYS C 854 100.75 98.67 -9.17
C LYS C 854 100.25 98.01 -7.92
N THR C 855 98.93 98.01 -7.82
CA THR C 855 98.20 97.32 -6.79
C THR C 855 96.96 96.74 -7.40
N TYR C 856 96.74 95.49 -7.01
CA TYR C 856 95.59 94.82 -7.48
C TYR C 856 94.82 94.42 -6.27
N ARG C 857 93.56 94.79 -6.29
CA ARG C 857 92.77 94.47 -5.15
C ARG C 857 91.45 93.86 -5.52
N ILE C 858 91.34 92.61 -5.09
CA ILE C 858 90.18 91.77 -5.35
C ILE C 858 89.36 91.56 -4.14
N ASP C 859 88.13 91.96 -4.25
CA ASP C 859 87.22 91.82 -3.14
C ASP C 859 86.27 90.69 -3.32
N GLY C 860 85.40 90.63 -2.32
CA GLY C 860 84.40 89.62 -2.26
C GLY C 860 83.32 89.81 -3.30
N SER C 861 83.32 90.93 -3.97
CA SER C 861 82.30 91.08 -4.98
C SER C 861 82.83 90.52 -6.28
N GLY C 862 84.11 90.16 -6.29
CA GLY C 862 84.71 89.59 -7.48
C GLY C 862 85.25 90.65 -8.45
N GLN C 863 85.43 91.86 -7.95
CA GLN C 863 85.97 92.87 -8.83
C GLN C 863 87.41 93.08 -8.55
N MET C 864 88.10 93.37 -9.62
CA MET C 864 89.50 93.63 -9.47
C MET C 864 89.80 95.07 -9.80
N ALA C 865 90.31 95.75 -8.80
CA ALA C 865 90.67 97.13 -8.98
C ALA C 865 92.15 97.24 -9.15
N ILE C 866 92.50 97.94 -10.19
CA ILE C 866 93.87 98.12 -10.51
C ILE C 866 94.30 99.52 -10.42
N THR C 867 95.48 99.67 -9.92
CA THR C 867 96.01 100.97 -9.75
C THR C 867 97.42 101.03 -10.26
N VAL C 868 97.62 102.01 -11.12
CA VAL C 868 98.90 102.18 -11.75
C VAL C 868 99.51 103.53 -11.60
N ASP C 869 100.77 103.48 -11.22
CA ASP C 869 101.55 104.69 -11.09
C ASP C 869 102.87 104.50 -11.76
N VAL C 870 103.11 105.35 -12.75
CA VAL C 870 104.32 105.30 -13.52
C VAL C 870 105.22 106.51 -13.44
N GLU C 871 106.51 106.21 -13.53
CA GLU C 871 107.52 107.21 -13.54
C GLU C 871 108.27 107.05 -14.83
N VAL C 872 108.52 108.19 -15.48
CA VAL C 872 109.24 108.19 -16.72
C VAL C 872 110.48 109.04 -16.65
N ALA C 873 111.63 108.48 -17.03
CA ALA C 873 112.83 109.28 -16.99
C ALA C 873 112.66 110.53 -17.79
N SER C 874 113.01 111.60 -17.18
CA SER C 874 112.87 112.86 -17.85
C SER C 874 113.76 112.92 -19.06
N ASP C 875 114.79 112.12 -19.08
CA ASP C 875 115.63 112.25 -20.23
C ASP C 875 115.36 111.27 -21.32
N THR C 876 114.27 110.57 -21.22
CA THR C 876 113.97 109.70 -22.31
C THR C 876 112.90 110.38 -23.14
N PRO C 877 112.77 109.98 -24.37
CA PRO C 877 111.77 110.57 -25.23
C PRO C 877 110.39 110.24 -24.75
N HIS C 878 109.50 111.20 -24.81
CA HIS C 878 108.16 110.90 -24.37
C HIS C 878 107.62 109.76 -25.16
N PRO C 879 107.09 108.85 -24.40
CA PRO C 879 106.51 107.64 -24.87
C PRO C 879 105.19 107.88 -25.54
N ALA C 880 104.91 107.02 -26.51
CA ALA C 880 103.71 107.05 -27.31
C ALA C 880 102.48 106.90 -26.47
N ARG C 881 102.64 106.10 -25.43
CA ARG C 881 101.50 105.84 -24.61
C ARG C 881 101.88 105.19 -23.30
N ILE C 882 100.88 105.12 -22.43
CA ILE C 882 100.99 104.55 -21.10
C ILE C 882 99.75 103.77 -20.74
N GLY C 883 99.91 102.44 -20.80
CA GLY C 883 98.81 101.58 -20.55
C GLY C 883 99.19 100.13 -20.37
N LEU C 884 98.18 99.35 -20.63
CA LEU C 884 98.33 97.93 -20.48
C LEU C 884 97.75 97.23 -21.64
N ASN C 885 98.15 95.98 -21.73
CA ASN C 885 97.58 95.18 -22.76
C ASN C 885 97.62 93.70 -22.48
N CYS C 886 96.83 93.04 -23.29
CA CYS C 886 96.76 91.62 -23.18
C CYS C 886 95.95 91.06 -24.33
N GLN C 887 96.12 89.76 -24.53
CA GLN C 887 95.42 89.06 -25.55
C GLN C 887 94.35 88.23 -24.92
N LEU C 888 93.11 88.63 -25.15
CA LEU C 888 92.04 87.87 -24.58
C LEU C 888 91.77 86.63 -25.40
N ALA C 889 91.46 85.56 -24.69
CA ALA C 889 91.15 84.32 -25.35
C ALA C 889 89.82 84.38 -26.11
N GLN C 890 88.90 85.11 -25.58
CA GLN C 890 87.62 85.22 -26.23
C GLN C 890 87.62 86.11 -27.45
N VAL C 891 86.56 85.97 -28.24
CA VAL C 891 86.35 86.75 -29.42
C VAL C 891 84.87 87.00 -29.60
N ALA C 892 84.40 88.24 -29.51
CA ALA C 892 82.99 88.51 -29.64
C ALA C 892 82.59 89.33 -30.84
N GLU C 893 81.30 89.51 -30.96
CA GLU C 893 80.71 90.20 -32.08
C GLU C 893 80.68 91.70 -32.00
N ARG C 894 80.22 92.14 -30.84
CA ARG C 894 80.06 93.53 -30.60
C ARG C 894 80.99 94.07 -29.55
N VAL C 895 81.01 95.40 -29.54
CA VAL C 895 81.78 96.19 -28.62
C VAL C 895 80.90 97.31 -28.16
N ASN C 896 80.86 97.46 -26.87
CA ASN C 896 79.99 98.44 -26.35
C ASN C 896 80.70 99.25 -25.31
N TRP C 897 80.57 100.55 -25.49
CA TRP C 897 81.23 101.42 -24.57
C TRP C 897 80.53 102.72 -24.37
N LEU C 898 80.92 103.29 -23.26
CA LEU C 898 80.46 104.55 -22.84
C LEU C 898 81.65 105.47 -22.81
N GLY C 899 81.70 106.32 -23.84
CA GLY C 899 82.79 107.23 -24.03
C GLY C 899 82.63 107.97 -25.35
N LEU C 900 83.77 108.39 -25.88
CA LEU C 900 83.82 109.15 -27.10
C LEU C 900 83.63 108.30 -28.32
N GLY C 901 82.65 108.62 -29.12
CA GLY C 901 82.44 107.81 -30.29
C GLY C 901 81.65 108.51 -31.35
N PRO C 902 81.36 107.76 -32.39
CA PRO C 902 81.69 106.37 -32.48
C PRO C 902 82.98 106.09 -33.22
N GLN C 903 83.46 107.04 -33.98
CA GLN C 903 84.69 106.75 -34.70
C GLN C 903 85.97 106.86 -33.92
N GLU C 904 86.98 106.29 -34.54
CA GLU C 904 88.34 106.38 -34.07
C GLU C 904 88.62 107.83 -33.67
N ASN C 905 89.22 108.03 -32.50
CA ASN C 905 89.54 109.37 -32.04
C ASN C 905 90.79 109.41 -31.22
N TYR C 906 91.52 110.47 -31.37
CA TYR C 906 92.76 110.62 -30.65
C TYR C 906 92.75 111.94 -29.91
N PRO C 907 93.69 112.02 -28.98
CA PRO C 907 93.83 113.15 -28.11
C PRO C 907 93.82 114.45 -28.85
N ASP C 908 94.61 114.55 -29.91
CA ASP C 908 94.62 115.77 -30.68
C ASP C 908 93.68 115.69 -31.87
N ARG C 909 92.78 114.72 -31.86
CA ARG C 909 91.80 114.64 -32.93
C ARG C 909 90.54 114.02 -32.39
N LEU C 910 89.76 114.80 -31.63
CA LEU C 910 88.57 114.19 -31.08
C LEU C 910 87.42 115.15 -30.89
N THR C 911 87.55 116.34 -31.36
CA THR C 911 86.45 117.25 -31.18
C THR C 911 85.21 116.80 -31.88
N ALA C 912 85.35 116.02 -32.92
CA ALA C 912 84.13 115.65 -33.59
C ALA C 912 83.38 114.53 -32.92
N ALA C 913 84.09 113.83 -32.05
CA ALA C 913 83.51 112.68 -31.34
C ALA C 913 82.51 113.07 -30.27
N CME C 914 81.58 112.17 -29.92
CA CME C 914 80.61 112.42 -28.91
CB CME C 914 79.22 112.66 -29.45
SG CME C 914 79.15 114.23 -30.34
SD CME C 914 77.54 113.72 -31.44
CE CME C 914 78.24 112.54 -32.67
CZ CME C 914 77.18 112.25 -33.76
OH CME C 914 75.90 112.65 -33.25
C CME C 914 80.62 111.46 -27.81
O CME C 914 80.93 110.26 -27.95
N PHE C 915 80.28 112.00 -26.68
CA PHE C 915 80.24 111.19 -25.51
C PHE C 915 78.90 110.54 -25.37
N ASP C 916 78.88 109.24 -25.55
CA ASP C 916 77.64 108.57 -25.43
C ASP C 916 77.87 107.08 -25.26
N ARG C 917 76.81 106.31 -25.46
CA ARG C 917 76.92 104.89 -25.40
C ARG C 917 76.97 104.34 -26.78
N TRP C 918 78.07 103.68 -27.09
CA TRP C 918 78.23 103.16 -28.41
C TRP C 918 78.30 101.66 -28.40
N ASP C 919 77.76 101.10 -29.47
CA ASP C 919 77.77 99.67 -29.66
C ASP C 919 78.06 99.40 -31.11
N LEU C 920 79.15 98.71 -31.36
CA LEU C 920 79.52 98.38 -32.72
C LEU C 920 80.08 97.00 -32.79
N PRO C 921 80.26 96.60 -34.01
CA PRO C 921 80.82 95.33 -34.32
C PRO C 921 82.30 95.49 -34.34
N LEU C 922 82.89 94.48 -33.79
CA LEU C 922 84.30 94.40 -33.66
C LEU C 922 85.08 94.93 -34.86
N SER C 923 84.55 94.59 -36.01
CA SER C 923 85.18 94.99 -37.26
C SER C 923 85.32 96.49 -37.38
N ASP C 924 84.32 97.16 -36.83
CA ASP C 924 84.32 98.59 -36.90
C ASP C 924 85.34 99.19 -35.97
N MET C 925 85.88 98.37 -35.08
CA MET C 925 86.86 98.96 -34.22
C MET C 925 88.24 98.93 -34.84
N TYR C 926 88.28 98.70 -36.15
CA TYR C 926 89.54 98.65 -36.82
C TYR C 926 89.61 99.56 -38.03
N THR C 927 90.75 100.22 -38.14
CA THR C 927 90.98 101.15 -39.23
C THR C 927 92.08 100.67 -40.13
N PRO C 928 91.56 100.19 -41.24
CA PRO C 928 92.22 99.60 -42.40
C PRO C 928 93.06 100.59 -43.21
N TYR C 929 93.92 101.29 -42.51
CA TYR C 929 94.80 102.17 -43.18
C TYR C 929 95.64 101.27 -44.07
N VAL C 930 95.72 101.62 -45.35
CA VAL C 930 96.49 100.79 -46.28
C VAL C 930 97.84 100.42 -45.70
N PHE C 931 98.53 101.43 -45.23
CA PHE C 931 99.79 101.14 -44.62
C PHE C 931 99.44 101.09 -43.13
N PRO C 932 99.64 99.94 -42.52
CA PRO C 932 99.20 99.72 -41.18
C PRO C 932 100.01 100.31 -40.05
N SER C 933 99.27 100.65 -38.96
CA SER C 933 99.82 101.24 -37.73
C SER C 933 98.79 101.30 -36.59
N GLU C 934 99.20 101.79 -35.42
CA GLU C 934 98.27 101.97 -34.33
C GLU C 934 97.01 102.64 -34.88
N ASN C 935 95.82 102.20 -34.47
CA ASN C 935 94.60 102.80 -34.99
C ASN C 935 93.39 102.38 -34.18
N GLY C 936 92.26 102.95 -34.53
CA GLY C 936 90.99 102.61 -33.90
C GLY C 936 90.79 103.07 -32.47
N LEU C 937 91.72 103.81 -31.93
CA LEU C 937 91.51 104.25 -30.58
C LEU C 937 90.23 105.05 -30.35
N ARG C 938 89.71 104.92 -29.15
CA ARG C 938 88.61 105.74 -28.68
C ARG C 938 88.98 106.24 -27.30
N CYS C 939 88.87 107.53 -27.07
CA CYS C 939 89.24 108.11 -25.80
C CYS C 939 88.05 108.46 -24.95
N GLY C 940 88.40 108.92 -23.74
CA GLY C 940 87.43 109.37 -22.78
C GLY C 940 86.39 108.33 -22.44
N THR C 941 86.88 107.13 -22.24
CA THR C 941 86.01 106.05 -21.93
C THR C 941 85.94 105.75 -20.47
N ARG C 942 84.72 105.49 -20.10
CA ARG C 942 84.42 105.22 -18.73
C ARG C 942 83.99 103.81 -18.42
N GLU C 943 83.41 103.16 -19.41
CA GLU C 943 82.95 101.80 -19.30
C GLU C 943 83.10 101.11 -20.64
N LEU C 944 83.69 99.91 -20.57
CA LEU C 944 83.92 99.11 -21.75
C LEU C 944 83.47 97.69 -21.52
N ASN C 945 82.70 97.19 -22.48
CA ASN C 945 82.15 95.85 -22.42
C ASN C 945 82.44 94.99 -23.61
N TYR C 946 83.02 93.83 -23.36
CA TYR C 946 83.33 92.88 -24.40
C TYR C 946 83.22 91.49 -23.82
N GLY C 947 82.26 90.75 -24.34
CA GLY C 947 82.00 89.43 -23.82
C GLY C 947 81.46 89.61 -22.41
N PRO C 948 81.87 88.71 -21.57
CA PRO C 948 81.52 88.69 -20.17
C PRO C 948 82.27 89.78 -19.42
N HIS C 949 83.23 90.43 -20.07
CA HIS C 949 84.00 91.45 -19.42
C HIS C 949 83.49 92.84 -19.45
N GLN C 950 83.95 93.53 -18.42
CA GLN C 950 83.65 94.91 -18.24
C GLN C 950 84.80 95.64 -17.57
N TRP C 951 85.13 96.79 -18.16
CA TRP C 951 86.16 97.57 -17.55
C TRP C 951 85.63 98.93 -17.24
N ARG C 952 86.11 99.44 -16.13
CA ARG C 952 85.69 100.75 -15.73
C ARG C 952 86.80 101.61 -15.23
N GLY C 953 86.62 102.86 -15.60
CA GLY C 953 87.56 103.89 -15.21
C GLY C 953 87.47 105.09 -16.10
N ASP C 954 88.64 105.54 -16.46
CA ASP C 954 88.73 106.68 -17.33
C ASP C 954 89.91 106.48 -18.22
N PHE C 955 89.66 105.91 -19.39
CA PHE C 955 90.79 105.61 -20.23
C PHE C 955 90.40 105.68 -21.66
N GLN C 956 91.38 105.27 -22.46
CA GLN C 956 91.22 105.16 -23.88
C GLN C 956 91.66 103.77 -24.22
N PHE C 957 91.11 103.27 -25.32
CA PHE C 957 91.48 101.93 -25.70
C PHE C 957 91.24 101.68 -27.13
N ASN C 958 91.71 100.52 -27.52
CA ASN C 958 91.50 99.96 -28.83
C ASN C 958 91.41 98.46 -28.66
N ILE C 959 90.73 97.84 -29.61
CA ILE C 959 90.53 96.42 -29.58
C ILE C 959 90.40 95.81 -30.96
N SER C 960 91.22 94.80 -31.23
CA SER C 960 91.18 94.18 -32.54
C SER C 960 91.84 92.81 -32.49
N ARG C 961 92.09 92.24 -33.68
CA ARG C 961 92.74 90.95 -33.78
C ARG C 961 94.16 91.06 -34.19
N TYR C 962 94.70 92.24 -34.07
CA TYR C 962 96.06 92.35 -34.49
C TYR C 962 96.92 92.94 -33.43
N SER C 963 98.02 92.29 -33.17
CA SER C 963 98.90 92.81 -32.20
C SER C 963 99.58 94.03 -32.82
N GLN C 964 100.09 94.88 -31.94
CA GLN C 964 100.81 96.04 -32.40
C GLN C 964 102.01 95.55 -33.19
N GLN C 965 102.61 94.48 -32.70
CA GLN C 965 103.74 93.97 -33.43
C GLN C 965 103.37 93.57 -34.83
N GLN C 966 102.24 92.90 -34.99
CA GLN C 966 101.89 92.54 -36.34
C GLN C 966 101.81 93.79 -37.18
N LEU C 967 101.00 94.72 -36.71
CA LEU C 967 100.79 95.97 -37.41
C LEU C 967 102.08 96.64 -37.76
N MET C 968 102.94 96.60 -36.80
CA MET C 968 104.18 97.24 -36.98
C MET C 968 105.06 96.54 -37.98
N GLU C 969 104.91 95.25 -38.08
CA GLU C 969 105.75 94.51 -38.98
C GLU C 969 105.19 94.29 -40.37
N THR C 970 103.94 94.60 -40.59
CA THR C 970 103.31 94.43 -41.90
C THR C 970 103.22 95.72 -42.69
N SER C 971 103.53 95.67 -43.98
CA SER C 971 103.50 96.87 -44.79
C SER C 971 102.19 97.10 -45.52
N HIS C 972 101.40 96.07 -45.71
CA HIS C 972 100.17 96.33 -46.41
C HIS C 972 99.07 95.71 -45.66
N ARG C 973 97.96 96.40 -45.70
CA ARG C 973 96.82 95.91 -45.00
C ARG C 973 96.42 94.50 -45.40
N HIS C 974 96.50 94.26 -46.70
CA HIS C 974 96.10 92.98 -47.22
C HIS C 974 96.88 91.82 -46.63
N LEU C 975 98.00 92.10 -46.02
CA LEU C 975 98.76 91.02 -45.43
C LEU C 975 98.50 90.75 -43.96
N LEU C 976 97.53 91.40 -43.41
CA LEU C 976 97.35 91.08 -42.02
C LEU C 976 96.41 89.93 -41.90
N HIS C 977 96.70 89.17 -40.90
CA HIS C 977 95.88 88.05 -40.61
C HIS C 977 95.47 88.14 -39.16
N ALA C 978 94.20 87.87 -38.92
CA ALA C 978 93.74 87.92 -37.56
C ALA C 978 94.51 86.98 -36.67
N GLU C 979 94.73 87.39 -35.43
CA GLU C 979 95.43 86.57 -34.50
C GLU C 979 94.42 85.78 -33.70
N GLU C 980 94.93 84.89 -32.90
CA GLU C 980 94.14 84.00 -32.11
C GLU C 980 92.97 84.54 -31.33
N GLY C 981 93.14 85.53 -30.50
CA GLY C 981 91.94 85.93 -29.77
C GLY C 981 91.66 87.36 -30.07
N THR C 982 91.48 88.14 -29.02
CA THR C 982 91.28 89.55 -29.19
C THR C 982 92.35 90.33 -28.44
N TRP C 983 92.98 91.23 -29.17
CA TRP C 983 94.00 92.08 -28.59
C TRP C 983 93.39 93.35 -28.03
N LEU C 984 93.77 93.60 -26.79
CA LEU C 984 93.22 94.75 -26.14
C LEU C 984 94.25 95.66 -25.51
N ASN C 985 94.15 96.93 -25.91
CA ASN C 985 95.00 97.95 -25.36
C ASN C 985 94.19 99.00 -24.63
N ILE C 986 94.52 99.11 -23.36
CA ILE C 986 93.93 100.08 -22.47
C ILE C 986 94.98 101.06 -22.00
N ASP C 987 94.76 102.29 -22.44
CA ASP C 987 95.66 103.35 -22.14
C ASP C 987 95.15 104.34 -21.13
N GLY C 988 96.05 104.63 -20.19
CA GLY C 988 95.78 105.65 -19.21
C GLY C 988 96.07 106.96 -19.94
N PHE C 989 97.04 106.92 -20.85
CA PHE C 989 97.40 108.09 -21.61
C PHE C 989 97.97 107.72 -22.92
N HIS C 990 97.74 108.60 -23.88
CA HIS C 990 98.22 108.36 -25.19
C HIS C 990 98.64 109.63 -25.89
N MET C 991 99.78 109.59 -26.53
CA MET C 991 100.32 110.74 -27.24
C MET C 991 99.47 111.19 -28.43
N GLY C 992 99.60 112.45 -28.82
CA GLY C 992 98.81 112.92 -29.94
C GLY C 992 99.33 112.29 -31.24
N ILE C 993 98.66 112.55 -32.36
CA ILE C 993 99.07 111.97 -33.63
C ILE C 993 99.72 112.95 -34.56
N GLY C 994 99.48 114.24 -34.35
CA GLY C 994 100.09 115.27 -35.17
C GLY C 994 99.50 115.28 -36.56
N GLY C 995 100.26 115.89 -37.47
CA GLY C 995 99.82 115.95 -38.84
C GLY C 995 100.07 117.28 -39.53
N ASP C 996 100.56 118.27 -38.78
CA ASP C 996 100.81 119.56 -39.43
C ASP C 996 101.54 119.38 -40.74
N ASP C 997 102.37 118.33 -40.76
CA ASP C 997 103.10 117.85 -41.91
C ASP C 997 103.53 116.45 -41.59
N SER C 998 103.92 115.72 -42.63
CA SER C 998 104.30 114.34 -42.40
C SER C 998 105.77 114.08 -42.62
N TRP C 999 106.61 115.11 -42.52
CA TRP C 999 108.01 114.85 -42.71
C TRP C 999 108.90 115.49 -41.66
N SER C 1000 108.24 115.82 -40.55
CA SER C 1000 108.83 116.41 -39.37
C SER C 1000 107.88 116.16 -38.23
N PRO C 1001 108.41 116.32 -37.05
CA PRO C 1001 107.64 116.10 -35.86
C PRO C 1001 106.59 117.18 -35.78
N SER C 1002 105.34 116.75 -35.73
CA SER C 1002 104.25 117.67 -35.74
C SER C 1002 103.33 117.58 -34.55
N VAL C 1003 103.65 116.77 -33.56
CA VAL C 1003 102.76 116.68 -32.40
C VAL C 1003 103.02 117.82 -31.42
N SER C 1004 102.00 118.63 -31.09
CA SER C 1004 102.29 119.68 -30.14
C SER C 1004 102.49 119.25 -28.73
N ALA C 1005 103.31 120.06 -28.12
CA ALA C 1005 103.67 119.86 -26.76
C ALA C 1005 102.51 119.50 -25.90
N GLU C 1006 101.37 120.19 -26.03
CA GLU C 1006 100.27 119.79 -25.18
C GLU C 1006 99.92 118.36 -25.37
N PHE C 1007 100.36 117.75 -26.46
CA PHE C 1007 99.97 116.37 -26.62
C PHE C 1007 101.03 115.37 -26.37
N GLN C 1008 102.14 115.81 -25.83
CA GLN C 1008 103.21 114.89 -25.53
C GLN C 1008 103.11 114.44 -24.10
N LEU C 1009 103.50 113.18 -23.84
CA LEU C 1009 103.45 112.63 -22.50
C LEU C 1009 104.73 113.02 -21.80
N SER C 1010 104.75 114.24 -21.39
CA SER C 1010 105.94 114.78 -20.79
C SER C 1010 105.88 115.01 -19.27
N ALA C 1011 104.80 114.63 -18.63
CA ALA C 1011 104.63 114.85 -17.22
C ALA C 1011 105.62 114.19 -16.29
N GLY C 1012 106.21 113.07 -16.68
CA GLY C 1012 107.13 112.44 -15.76
C GLY C 1012 106.43 111.47 -14.84
N ARG C 1013 105.25 111.83 -14.38
CA ARG C 1013 104.57 110.91 -13.53
C ARG C 1013 103.15 110.76 -13.95
N TYR C 1014 102.69 109.52 -14.01
CA TYR C 1014 101.33 109.27 -14.40
C TYR C 1014 100.65 108.27 -13.49
N HIS C 1015 99.36 108.50 -13.33
CA HIS C 1015 98.56 107.65 -12.51
C HIS C 1015 97.25 107.27 -13.16
N TYR C 1016 96.83 106.03 -12.97
CA TYR C 1016 95.54 105.60 -13.47
C TYR C 1016 95.02 104.37 -12.77
N GLN C 1017 93.70 104.24 -12.81
CA GLN C 1017 93.01 103.17 -12.13
C GLN C 1017 91.96 102.51 -12.94
N LEU C 1018 91.74 101.30 -12.59
CA LEU C 1018 90.83 100.55 -13.36
C LEU C 1018 90.11 99.47 -12.64
N VAL C 1019 88.95 99.15 -13.19
CA VAL C 1019 88.18 98.09 -12.62
C VAL C 1019 87.73 97.04 -13.59
N TRP C 1020 88.03 95.80 -13.25
CA TRP C 1020 87.71 94.73 -14.14
C TRP C 1020 86.78 93.69 -13.48
N CME C 1021 85.76 93.32 -14.21
CA CME C 1021 84.78 92.29 -13.82
CB CME C 1021 83.66 92.85 -13.00
SG CME C 1021 83.90 94.61 -12.86
SD CME C 1021 82.04 95.23 -13.11
CE CME C 1021 81.54 93.88 -14.19
CZ CME C 1021 80.61 92.88 -13.50
OH CME C 1021 79.48 92.66 -14.31
C CME C 1021 84.10 91.60 -14.95
O CME C 1021 84.18 92.00 -16.09
N GLN C 1022 83.42 90.54 -14.53
CA GLN C 1022 82.69 89.69 -15.37
C GLN C 1022 81.26 89.64 -14.99
N LYS C 1023 80.44 89.22 -15.96
CA LYS C 1023 79.01 89.09 -15.79
C LYS C 1023 78.64 87.64 -16.08
N ILE D 3 92.85 197.84 -2.28
CA ILE D 3 91.39 197.64 -2.36
C ILE D 3 90.90 196.63 -3.42
N THR D 4 91.46 196.82 -4.60
CA THR D 4 91.15 195.92 -5.67
C THR D 4 92.04 194.75 -5.42
N ASP D 5 92.96 194.88 -4.46
CA ASP D 5 93.82 193.79 -4.08
C ASP D 5 93.13 193.00 -2.99
N SER D 6 91.93 193.42 -2.70
CA SER D 6 91.17 192.81 -1.66
C SER D 6 90.56 191.47 -2.00
N LEU D 7 90.68 190.58 -1.05
CA LEU D 7 90.06 189.28 -1.20
C LEU D 7 88.65 189.48 -1.70
N ALA D 8 87.97 190.26 -0.96
CA ALA D 8 86.59 190.50 -1.27
C ALA D 8 86.35 190.68 -2.74
N VAL D 9 87.29 191.38 -3.31
CA VAL D 9 87.23 191.71 -4.69
C VAL D 9 87.77 190.60 -5.60
N VAL D 10 88.99 190.17 -5.32
CA VAL D 10 89.59 189.12 -6.07
C VAL D 10 88.68 187.90 -6.15
N LEU D 11 88.29 187.40 -5.02
CA LEU D 11 87.47 186.22 -5.02
C LEU D 11 86.13 186.45 -5.63
N GLN D 12 85.91 187.67 -5.99
CA GLN D 12 84.62 187.92 -6.53
C GLN D 12 84.40 187.07 -7.76
N ARG D 13 85.39 187.15 -8.64
CA ARG D 13 85.32 186.48 -9.90
C ARG D 13 85.25 184.95 -9.88
N ARG D 14 85.86 184.32 -8.89
CA ARG D 14 85.76 182.88 -8.85
C ARG D 14 86.34 182.26 -10.10
N ASP D 15 87.58 182.61 -10.31
CA ASP D 15 88.33 182.12 -11.42
C ASP D 15 88.46 180.62 -11.40
N TRP D 16 88.43 180.08 -10.19
CA TRP D 16 88.52 178.67 -9.97
C TRP D 16 87.26 177.93 -10.34
N GLU D 17 86.29 178.63 -10.92
CA GLU D 17 85.11 177.95 -11.37
C GLU D 17 84.87 178.36 -12.81
N ASN D 18 85.98 178.59 -13.49
CA ASN D 18 85.91 179.01 -14.85
C ASN D 18 87.06 178.55 -15.69
N PRO D 19 86.73 177.52 -16.47
CA PRO D 19 87.60 176.85 -17.43
C PRO D 19 88.17 177.88 -18.39
N GLY D 20 87.49 179.01 -18.50
CA GLY D 20 87.96 180.08 -19.35
C GLY D 20 89.16 180.74 -18.68
N VAL D 21 89.25 180.62 -17.37
CA VAL D 21 90.40 181.24 -16.80
C VAL D 21 91.28 180.21 -16.19
N THR D 22 92.46 180.12 -16.75
CA THR D 22 93.36 179.10 -16.26
C THR D 22 94.61 179.68 -15.67
N GLN D 23 94.77 180.95 -15.89
CA GLN D 23 95.90 181.65 -15.37
C GLN D 23 95.64 183.14 -15.46
N LEU D 24 96.45 183.93 -14.76
CA LEU D 24 96.37 185.38 -14.76
C LEU D 24 97.75 185.93 -14.56
N ASN D 25 98.21 186.65 -15.54
CA ASN D 25 99.54 187.23 -15.41
C ASN D 25 100.67 186.27 -15.24
N ARG D 26 100.44 185.02 -15.59
CA ARG D 26 101.49 184.02 -15.49
C ARG D 26 102.41 184.18 -16.69
N LEU D 27 103.70 184.06 -16.50
CA LEU D 27 104.62 184.19 -17.64
C LEU D 27 104.57 182.95 -18.51
N ALA D 28 105.28 183.02 -19.61
CA ALA D 28 105.35 181.92 -20.55
C ALA D 28 106.33 180.85 -20.14
N ALA D 29 105.96 179.63 -20.57
CA ALA D 29 106.68 178.39 -20.35
C ALA D 29 108.00 178.28 -21.10
N HIS D 30 108.92 177.46 -20.65
CA HIS D 30 110.20 177.33 -21.32
C HIS D 30 111.04 176.34 -20.55
N PRO D 31 112.14 176.00 -21.15
CA PRO D 31 113.05 175.12 -20.50
C PRO D 31 113.69 175.84 -19.36
N PRO D 32 114.28 175.07 -18.55
CA PRO D 32 114.98 175.46 -17.36
C PRO D 32 116.14 176.43 -17.52
N PHE D 33 115.99 177.52 -16.79
CA PHE D 33 116.97 178.58 -16.72
C PHE D 33 117.64 178.69 -15.34
N ALA D 34 118.88 179.21 -15.36
CA ALA D 34 119.67 179.44 -14.17
C ALA D 34 120.22 180.86 -14.21
N SER D 35 120.33 181.38 -15.41
CA SER D 35 120.85 182.71 -15.59
C SER D 35 122.27 182.78 -15.11
N TRP D 36 123.08 181.78 -15.40
CA TRP D 36 124.44 181.90 -14.99
C TRP D 36 124.97 183.17 -15.55
N ARG D 37 125.92 183.73 -14.82
CA ARG D 37 126.56 184.93 -15.29
C ARG D 37 128.01 184.63 -15.61
N ASN D 38 128.33 183.35 -15.61
CA ASN D 38 129.67 182.89 -15.96
C ASN D 38 129.56 181.58 -16.72
N SER D 39 130.27 181.54 -17.84
CA SER D 39 130.25 180.38 -18.67
C SER D 39 130.61 179.08 -17.94
N GLU D 40 131.82 179.04 -17.43
CA GLU D 40 132.29 177.85 -16.75
C GLU D 40 131.28 177.25 -15.82
N GLU D 41 130.67 178.11 -15.05
CA GLU D 41 129.70 177.65 -14.11
C GLU D 41 128.60 176.92 -14.81
N ALA D 42 127.98 177.65 -15.72
CA ALA D 42 126.93 177.06 -16.49
C ALA D 42 127.46 175.79 -17.09
N ARG D 43 128.64 175.86 -17.63
CA ARG D 43 129.19 174.71 -18.25
C ARG D 43 129.30 173.50 -17.37
N THR D 44 129.70 173.74 -16.15
CA THR D 44 129.90 172.64 -15.22
C THR D 44 128.71 172.53 -14.32
N ASP D 45 127.63 173.07 -14.79
CA ASP D 45 126.43 173.01 -14.02
C ASP D 45 126.64 173.37 -12.57
N ARG D 46 127.31 174.48 -12.30
CA ARG D 46 127.43 174.85 -10.91
C ARG D 46 126.11 175.43 -10.48
N PRO D 47 126.10 176.16 -9.40
CA PRO D 47 124.83 176.70 -8.98
C PRO D 47 124.81 178.16 -9.20
N SER D 48 123.71 178.64 -9.76
CA SER D 48 123.62 180.05 -10.02
C SER D 48 122.98 180.77 -8.88
N GLN D 49 123.51 181.95 -8.69
CA GLN D 49 123.03 182.77 -7.64
C GLN D 49 121.86 183.57 -8.14
N GLN D 50 121.57 183.55 -9.44
CA GLN D 50 120.39 184.30 -9.85
C GLN D 50 119.17 183.46 -9.60
N LEU D 51 119.49 182.31 -9.03
CA LEU D 51 118.51 181.35 -8.67
C LEU D 51 118.49 181.11 -7.19
N ARG D 52 117.34 181.35 -6.59
CA ARG D 52 117.24 181.20 -5.17
C ARG D 52 116.03 180.43 -4.70
N SER D 53 116.29 179.47 -3.80
CA SER D 53 115.20 178.68 -3.29
C SER D 53 114.49 179.31 -2.13
N LEU D 54 113.18 179.17 -2.10
CA LEU D 54 112.39 179.70 -1.03
C LEU D 54 111.84 178.59 -0.20
N ASN D 55 112.42 177.44 -0.45
CA ASN D 55 111.94 176.30 0.30
C ASN D 55 112.44 176.44 1.69
N GLY D 56 111.59 176.00 2.61
CA GLY D 56 111.89 176.02 4.01
C GLY D 56 110.65 176.21 4.84
N GLU D 57 110.86 176.87 5.96
CA GLU D 57 109.79 177.12 6.88
C GLU D 57 108.92 178.26 6.40
N TRP D 58 107.65 178.03 6.47
CA TRP D 58 106.70 179.02 6.00
C TRP D 58 105.56 179.07 6.96
N ARG D 59 104.63 179.96 6.74
CA ARG D 59 103.54 180.00 7.67
C ARG D 59 102.26 179.59 7.04
N PHE D 60 101.61 178.69 7.73
CA PHE D 60 100.43 178.12 7.17
C PHE D 60 99.18 178.26 7.99
N ALA D 61 98.06 178.34 7.31
CA ALA D 61 96.79 178.37 8.00
C ALA D 61 95.75 177.82 7.08
N TRP D 62 94.87 177.04 7.65
CA TRP D 62 93.88 176.37 6.87
C TRP D 62 92.46 176.82 7.06
N PHE D 63 91.66 176.83 6.03
CA PHE D 63 90.28 177.24 6.14
C PHE D 63 89.45 176.39 5.27
N PRO D 64 88.29 176.11 5.78
CA PRO D 64 87.24 175.33 5.16
C PRO D 64 86.74 175.94 3.85
N ALA D 65 87.03 177.22 3.65
CA ALA D 65 86.60 177.89 2.44
C ALA D 65 87.37 179.16 2.25
N PRO D 66 87.45 179.54 1.01
CA PRO D 66 88.17 180.73 0.64
C PRO D 66 87.55 181.97 1.27
N GLU D 67 86.22 182.02 1.15
CA GLU D 67 85.42 183.10 1.69
C GLU D 67 85.72 183.35 3.17
N ALA D 68 86.06 182.32 3.91
CA ALA D 68 86.41 182.50 5.30
C ALA D 68 87.78 183.14 5.51
N VAL D 69 88.45 183.56 4.47
CA VAL D 69 89.74 184.16 4.78
C VAL D 69 89.62 185.63 5.21
N PRO D 70 90.60 186.08 6.00
CA PRO D 70 90.64 187.41 6.57
C PRO D 70 91.63 188.32 5.93
N GLU D 71 91.06 189.44 5.54
CA GLU D 71 91.73 190.47 4.86
C GLU D 71 93.06 190.81 5.49
N SER D 72 93.03 190.70 6.78
CA SER D 72 94.22 190.94 7.57
C SER D 72 95.35 190.13 7.03
N TRP D 73 94.98 188.90 6.66
CA TRP D 73 95.90 187.92 6.17
C TRP D 73 96.86 188.52 5.18
N LEU D 74 96.29 189.40 4.37
CA LEU D 74 97.01 190.07 3.31
C LEU D 74 98.11 190.93 3.81
N GLU D 75 97.76 191.55 4.92
CA GLU D 75 98.65 192.47 5.57
C GLU D 75 99.49 191.81 6.61
N CYS D 76 98.79 191.10 7.45
CA CYS D 76 99.47 190.53 8.55
C CYS D 76 99.34 189.07 8.66
N ASP D 77 100.45 188.49 9.13
CA ASP D 77 100.53 187.08 9.40
C ASP D 77 99.52 186.72 10.46
N LEU D 78 99.11 185.48 10.50
CA LEU D 78 98.15 185.22 11.54
C LEU D 78 98.78 184.78 12.84
N PRO D 79 97.94 184.85 13.83
CA PRO D 79 98.34 184.49 15.17
C PRO D 79 98.29 182.99 15.28
N GLU D 80 97.19 182.48 14.77
CA GLU D 80 96.91 181.06 14.74
C GLU D 80 97.62 180.34 13.61
N ALA D 81 98.47 181.07 12.91
CA ALA D 81 99.22 180.46 11.85
C ALA D 81 100.24 179.51 12.43
N ASP D 82 100.56 178.45 11.69
CA ASP D 82 101.55 177.49 12.11
C ASP D 82 102.76 177.62 11.25
N THR D 83 103.83 177.10 11.76
CA THR D 83 104.99 177.15 10.96
C THR D 83 105.14 175.82 10.31
N VAL D 84 105.29 175.82 8.98
CA VAL D 84 105.37 174.61 8.18
C VAL D 84 106.50 174.60 7.19
N VAL D 85 106.84 173.40 6.80
CA VAL D 85 107.86 173.24 5.80
C VAL D 85 107.26 173.09 4.43
N VAL D 86 107.88 173.80 3.51
CA VAL D 86 107.50 173.80 2.16
C VAL D 86 108.69 173.38 1.33
N PRO D 87 108.46 172.51 0.33
CA PRO D 87 107.13 172.06 -0.11
C PRO D 87 106.55 170.94 0.70
N SER D 88 105.22 170.82 0.57
CA SER D 88 104.52 169.78 1.30
C SER D 88 103.04 169.66 0.97
N ASN D 89 102.45 168.56 1.48
CA ASN D 89 101.03 168.35 1.28
C ASN D 89 100.33 168.54 2.60
N TRP D 90 99.46 169.49 2.58
CA TRP D 90 98.81 169.77 3.81
C TRP D 90 98.10 168.62 4.49
N GLN D 91 97.57 167.69 3.71
CA GLN D 91 96.91 166.54 4.31
C GLN D 91 97.92 165.76 5.09
N MET D 92 99.18 165.90 4.69
CA MET D 92 100.23 165.17 5.37
C MET D 92 100.54 165.75 6.73
N HIS D 93 99.93 166.89 7.01
CA HIS D 93 100.15 167.56 8.27
C HIS D 93 98.94 167.54 9.14
N GLY D 94 97.99 166.72 8.75
CA GLY D 94 96.78 166.58 9.50
C GLY D 94 95.77 167.66 9.23
N TYR D 95 96.06 168.58 8.32
CA TYR D 95 95.05 169.60 8.12
C TYR D 95 93.65 169.15 7.70
N ASP D 96 93.64 168.15 6.83
CA ASP D 96 92.42 167.52 6.35
C ASP D 96 92.85 166.18 5.83
N ALA D 97 91.86 165.44 5.35
CA ALA D 97 92.12 164.11 4.84
C ALA D 97 92.51 164.00 3.39
N PRO D 98 93.36 163.02 3.15
CA PRO D 98 93.75 162.69 1.81
C PRO D 98 92.67 161.74 1.35
N ILE D 99 92.32 161.84 0.09
CA ILE D 99 91.31 160.96 -0.42
C ILE D 99 91.84 159.98 -1.45
N TYR D 100 91.27 158.79 -1.34
CA TYR D 100 91.60 157.78 -2.26
C TYR D 100 90.42 157.17 -3.00
N THR D 101 90.16 157.75 -4.18
CA THR D 101 89.23 157.24 -5.17
C THR D 101 90.05 157.08 -6.44
N ASN D 102 89.51 156.26 -7.34
CA ASN D 102 90.15 155.96 -8.60
C ASN D 102 89.47 156.65 -9.78
N VAL D 103 88.22 156.25 -10.01
CA VAL D 103 87.48 156.79 -11.11
C VAL D 103 86.59 157.93 -10.69
N THR D 104 85.78 157.62 -9.70
CA THR D 104 84.83 158.55 -9.17
C THR D 104 85.47 159.80 -8.65
N TYR D 105 84.94 160.92 -9.10
CA TYR D 105 85.45 162.19 -8.67
C TYR D 105 85.21 162.38 -7.19
N PRO D 106 86.19 162.97 -6.55
CA PRO D 106 86.14 163.26 -5.14
C PRO D 106 85.01 164.26 -4.87
N ILE D 107 84.70 165.08 -5.85
CA ILE D 107 83.64 166.03 -5.63
C ILE D 107 82.47 165.73 -6.53
N THR D 108 81.43 166.51 -6.33
CA THR D 108 80.26 166.31 -7.15
C THR D 108 80.48 166.77 -8.56
N VAL D 109 79.93 165.99 -9.47
CA VAL D 109 80.13 166.32 -10.84
C VAL D 109 79.22 167.39 -11.41
N ASN D 110 79.77 168.58 -11.48
CA ASN D 110 79.00 169.67 -12.00
C ASN D 110 79.86 170.79 -12.52
N PRO D 111 80.61 170.41 -13.49
CA PRO D 111 81.49 171.32 -14.13
C PRO D 111 80.69 172.51 -14.60
N PRO D 112 81.33 173.64 -14.44
CA PRO D 112 82.69 173.68 -13.93
C PRO D 112 82.71 174.05 -12.50
N PHE D 113 81.69 173.62 -11.81
CA PHE D 113 81.56 173.95 -10.43
C PHE D 113 82.21 173.01 -9.48
N VAL D 114 82.84 173.66 -8.55
CA VAL D 114 83.52 173.09 -7.42
C VAL D 114 82.59 173.29 -6.20
N PRO D 115 82.82 172.58 -5.13
CA PRO D 115 81.99 172.70 -3.93
C PRO D 115 82.34 173.89 -3.06
N THR D 116 81.27 174.53 -2.58
CA THR D 116 81.32 175.73 -1.74
C THR D 116 82.34 175.60 -0.62
N GLU D 117 82.41 174.41 -0.04
CA GLU D 117 83.37 174.15 1.01
C GLU D 117 84.61 173.67 0.34
N ASN D 118 85.49 174.58 0.12
CA ASN D 118 86.65 174.20 -0.55
C ASN D 118 87.85 174.66 0.23
N PRO D 119 88.43 173.69 0.80
CA PRO D 119 89.57 173.82 1.66
C PRO D 119 90.63 174.71 1.11
N THR D 120 90.88 175.79 1.84
CA THR D 120 91.87 176.73 1.46
C THR D 120 93.11 176.71 2.33
N GLY D 121 94.27 176.84 1.72
CA GLY D 121 95.49 176.83 2.48
C GLY D 121 96.24 178.14 2.30
N CYS D 122 96.35 178.92 3.37
CA CYS D 122 97.03 180.18 3.26
C CYS D 122 98.46 180.06 3.66
N TYR D 123 99.28 180.20 2.66
CA TYR D 123 100.70 180.10 2.87
C TYR D 123 101.26 181.49 2.82
N SER D 124 102.28 181.72 3.62
CA SER D 124 102.86 183.06 3.67
C SER D 124 104.32 183.01 3.95
N LEU D 125 105.00 183.97 3.39
CA LEU D 125 106.40 184.00 3.61
C LEU D 125 107.05 185.36 3.46
N THR D 126 107.84 185.60 4.48
CA THR D 126 108.55 186.83 4.60
C THR D 126 110.00 186.64 4.31
N PHE D 127 110.50 187.46 3.43
CA PHE D 127 111.86 187.31 3.06
C PHE D 127 112.43 188.60 2.58
N ASN D 128 113.74 188.49 2.54
CA ASN D 128 114.60 189.56 2.19
C ASN D 128 115.15 189.43 0.83
N VAL D 129 115.26 190.57 0.19
CA VAL D 129 115.77 190.64 -1.15
C VAL D 129 116.97 191.53 -1.24
N ASP D 130 118.02 191.03 -1.90
CA ASP D 130 119.14 191.90 -2.10
C ASP D 130 118.64 193.03 -2.98
N GLU D 131 119.15 194.22 -2.76
CA GLU D 131 118.66 195.30 -3.56
C GLU D 131 119.34 195.36 -4.91
N SER D 132 120.54 194.82 -4.98
CA SER D 132 121.20 194.84 -6.25
C SER D 132 120.25 194.30 -7.31
N TRP D 133 119.50 193.29 -6.90
CA TRP D 133 118.52 192.67 -7.73
C TRP D 133 117.42 193.65 -8.03
N LEU D 134 117.19 194.47 -7.06
CA LEU D 134 116.15 195.44 -7.16
C LEU D 134 116.52 196.55 -8.10
N GLN D 135 117.82 196.72 -8.29
CA GLN D 135 118.25 197.78 -9.16
C GLN D 135 117.99 197.46 -10.59
N GLU D 136 118.76 196.51 -11.09
CA GLU D 136 118.63 196.12 -12.48
C GLU D 136 118.03 194.72 -12.68
N GLY D 137 117.71 194.41 -13.93
CA GLY D 137 117.20 193.11 -14.29
C GLY D 137 115.77 192.84 -13.88
N GLN D 138 115.45 191.54 -13.98
CA GLN D 138 114.13 191.06 -13.66
C GLN D 138 114.10 189.92 -12.69
N THR D 139 113.14 190.07 -11.82
CA THR D 139 112.96 189.13 -10.78
C THR D 139 111.59 188.51 -10.77
N ARG D 140 111.67 187.20 -10.89
CA ARG D 140 110.48 186.43 -10.88
C ARG D 140 110.52 185.24 -9.96
N ILE D 141 109.31 184.89 -9.64
CA ILE D 141 109.10 183.78 -8.79
C ILE D 141 108.58 182.58 -9.56
N ILE D 142 108.94 181.42 -9.03
CA ILE D 142 108.55 180.19 -9.64
C ILE D 142 108.06 179.10 -8.75
N PHE D 143 106.83 178.72 -9.03
CA PHE D 143 106.20 177.62 -8.35
C PHE D 143 106.26 176.35 -9.16
N ASP D 144 107.08 175.44 -8.75
CA ASP D 144 107.18 174.20 -9.49
C ASP D 144 105.95 173.35 -9.43
N GLY D 145 105.13 173.53 -8.40
CA GLY D 145 103.93 172.74 -8.28
C GLY D 145 103.06 173.11 -7.09
N VAL D 146 101.81 173.48 -7.43
CA VAL D 146 100.76 173.88 -6.52
C VAL D 146 99.42 173.26 -6.90
N ASN D 147 98.88 172.49 -6.02
CA ASN D 147 97.66 171.80 -6.33
C ASN D 147 96.51 172.25 -5.45
N SER D 148 95.39 172.62 -6.08
CA SER D 148 95.19 172.57 -7.51
C SER D 148 95.26 173.91 -8.20
N ALA D 149 94.74 174.94 -7.55
CA ALA D 149 94.70 176.31 -8.08
C ALA D 149 95.16 177.31 -7.04
N PHE D 150 95.47 178.55 -7.46
CA PHE D 150 95.86 179.52 -6.47
C PHE D 150 96.07 180.94 -6.96
N HIS D 151 95.88 181.85 -5.98
CA HIS D 151 96.03 183.30 -6.11
C HIS D 151 97.28 183.77 -5.43
N LEU D 152 97.81 184.85 -5.92
CA LEU D 152 99.04 185.24 -5.31
C LEU D 152 99.20 186.74 -5.05
N TRP D 153 99.78 187.02 -3.87
CA TRP D 153 100.05 188.39 -3.45
C TRP D 153 101.46 188.59 -2.97
N CYS D 154 101.91 189.78 -3.25
CA CYS D 154 103.24 190.15 -2.85
C CYS D 154 103.23 191.54 -2.29
N ASN D 155 103.70 191.59 -1.05
CA ASN D 155 103.76 192.83 -0.30
C ASN D 155 102.37 193.47 -0.35
N GLY D 156 101.35 192.65 -0.12
CA GLY D 156 99.98 193.15 -0.07
C GLY D 156 99.31 193.33 -1.41
N ARG D 157 100.12 193.23 -2.44
CA ARG D 157 99.58 193.40 -3.76
C ARG D 157 99.23 192.12 -4.50
N TRP D 158 98.04 192.14 -5.12
CA TRP D 158 97.59 191.00 -5.89
C TRP D 158 98.42 190.80 -7.13
N VAL D 159 98.82 189.56 -7.39
CA VAL D 159 99.71 189.35 -8.51
C VAL D 159 99.17 188.52 -9.64
N GLY D 160 98.71 187.34 -9.34
CA GLY D 160 98.23 186.51 -10.39
C GLY D 160 97.51 185.29 -9.86
N TYR D 161 97.17 184.46 -10.84
CA TYR D 161 96.44 183.24 -10.60
C TYR D 161 96.99 182.17 -11.50
N GLY D 162 96.79 180.91 -11.11
CA GLY D 162 97.28 179.77 -11.88
C GLY D 162 96.52 178.44 -11.68
N GLN D 163 96.48 177.61 -12.75
CA GLN D 163 95.86 176.29 -12.73
C GLN D 163 96.87 175.25 -13.27
N ASP D 164 96.57 173.96 -13.08
CA ASP D 164 97.42 172.86 -13.49
C ASP D 164 98.46 172.53 -12.44
N SER D 165 98.08 171.59 -11.60
CA SER D 165 98.96 171.20 -10.53
C SER D 165 100.29 170.66 -10.92
N ARG D 166 100.48 170.22 -12.17
CA ARG D 166 101.76 169.61 -12.45
C ARG D 166 102.82 170.37 -13.17
N LEU D 167 102.52 171.59 -13.59
CA LEU D 167 103.56 172.38 -14.24
C LEU D 167 103.81 173.68 -13.49
N PRO D 168 104.97 174.24 -13.75
CA PRO D 168 105.43 175.47 -13.14
C PRO D 168 104.58 176.65 -13.47
N SER D 169 104.60 177.60 -12.52
CA SER D 169 103.93 178.87 -12.66
C SER D 169 104.91 179.97 -12.39
N GLU D 170 105.01 180.88 -13.33
CA GLU D 170 105.94 181.95 -13.13
C GLU D 170 105.33 183.31 -13.20
N PHE D 171 105.88 184.12 -12.28
CA PHE D 171 105.52 185.50 -12.21
C PHE D 171 106.70 186.42 -11.93
N ASP D 172 106.55 187.57 -12.59
CA ASP D 172 107.45 188.70 -12.50
C ASP D 172 107.06 189.52 -11.31
N LEU D 173 108.00 189.55 -10.36
CA LEU D 173 107.78 190.25 -9.11
C LEU D 173 108.35 191.66 -9.08
N SER D 174 109.23 191.85 -10.06
CA SER D 174 109.98 193.06 -10.30
C SER D 174 109.30 194.33 -9.80
N ALA D 175 108.02 194.46 -10.07
CA ALA D 175 107.32 195.65 -9.62
C ALA D 175 106.75 195.59 -8.23
N PHE D 176 106.93 194.49 -7.47
CA PHE D 176 106.33 194.49 -6.15
C PHE D 176 107.34 194.36 -5.06
N LEU D 177 108.55 194.27 -5.48
CA LEU D 177 109.54 194.10 -4.49
C LEU D 177 110.07 195.39 -3.93
N ARG D 178 110.30 195.33 -2.62
CA ARG D 178 110.90 196.39 -1.84
C ARG D 178 112.23 195.86 -1.41
N ALA D 179 113.15 196.76 -1.11
CA ALA D 179 114.39 196.22 -0.64
C ALA D 179 114.16 195.75 0.79
N GLY D 180 114.93 194.73 1.13
CA GLY D 180 114.80 194.13 2.42
C GLY D 180 113.62 193.17 2.52
N GLU D 181 112.78 193.47 3.48
CA GLU D 181 111.67 192.62 3.78
C GLU D 181 110.47 192.65 2.89
N ASN D 182 110.13 191.44 2.41
CA ASN D 182 108.96 191.27 1.60
C ASN D 182 108.17 190.10 2.12
N ARG D 183 106.89 190.16 1.78
CA ARG D 183 105.99 189.13 2.18
C ARG D 183 105.10 188.62 1.05
N LEU D 184 105.09 187.28 0.94
CA LEU D 184 104.27 186.55 0.00
C LEU D 184 103.05 185.95 0.62
N ALA D 185 101.93 186.09 -0.07
CA ALA D 185 100.72 185.47 0.40
C ALA D 185 100.03 184.71 -0.70
N VAL D 186 100.10 183.39 -0.52
CA VAL D 186 99.57 182.45 -1.45
C VAL D 186 98.38 181.73 -0.95
N MET D 187 97.30 181.94 -1.63
CA MET D 187 96.13 181.25 -1.24
C MET D 187 95.90 180.12 -2.23
N VAL D 188 95.97 178.89 -1.71
CA VAL D 188 95.84 177.67 -2.49
C VAL D 188 94.50 176.96 -2.34
N LEU D 189 93.93 176.43 -3.42
CA LEU D 189 92.65 175.75 -3.27
C LEU D 189 92.59 174.30 -3.70
N ARG D 190 91.85 173.52 -2.93
CA ARG D 190 91.72 172.12 -3.23
C ARG D 190 91.03 171.94 -4.55
N TRP D 191 89.77 172.29 -4.62
CA TRP D 191 89.08 172.16 -5.85
C TRP D 191 89.14 173.38 -6.73
N SER D 192 89.08 173.17 -8.05
CA SER D 192 89.06 174.20 -9.07
C SER D 192 88.55 173.58 -10.33
N ASP D 193 88.31 174.37 -11.36
CA ASP D 193 87.84 173.74 -12.58
C ASP D 193 88.89 172.72 -13.07
N GLY D 194 90.18 173.02 -12.80
CA GLY D 194 91.32 172.15 -13.15
C GLY D 194 91.16 170.73 -12.63
N SER D 195 90.48 170.65 -11.53
CA SER D 195 90.23 169.36 -10.93
C SER D 195 89.50 168.47 -11.91
N TYR D 196 88.57 169.04 -12.65
CA TYR D 196 87.87 168.20 -13.59
C TYR D 196 88.83 167.50 -14.56
N LEU D 197 90.04 168.05 -14.76
CA LEU D 197 91.00 167.47 -15.64
C LEU D 197 92.06 166.73 -14.91
N GLU D 198 91.81 166.48 -13.64
CA GLU D 198 92.86 165.79 -12.91
C GLU D 198 92.32 164.60 -12.13
N ASP D 199 91.58 163.74 -12.81
CA ASP D 199 90.98 162.61 -12.12
C ASP D 199 91.83 161.36 -12.01
N GLN D 200 93.14 161.51 -11.94
CA GLN D 200 94.00 160.31 -11.82
C GLN D 200 93.71 159.43 -10.63
N ASP D 201 93.77 158.10 -10.83
CA ASP D 201 93.57 157.16 -9.73
C ASP D 201 94.81 157.18 -8.84
N MET D 202 94.75 158.09 -7.88
CA MET D 202 95.80 158.33 -6.92
C MET D 202 95.18 159.02 -5.72
N TRP D 203 96.01 159.29 -4.72
CA TRP D 203 95.54 159.97 -3.56
C TRP D 203 95.29 161.40 -3.96
N ARG D 204 94.19 161.93 -3.48
CA ARG D 204 93.87 163.31 -3.77
C ARG D 204 94.38 164.16 -2.61
N MET D 205 95.37 164.97 -2.89
CA MET D 205 95.97 165.81 -1.91
C MET D 205 95.99 167.26 -2.36
N SER D 206 96.82 168.10 -1.71
CA SER D 206 96.92 169.53 -2.06
C SER D 206 98.00 170.28 -1.34
N GLY D 207 98.33 171.44 -1.90
CA GLY D 207 99.35 172.30 -1.32
C GLY D 207 100.46 172.68 -2.27
N ILE D 208 101.52 173.19 -1.67
CA ILE D 208 102.69 173.59 -2.44
C ILE D 208 103.67 172.49 -2.27
N PHE D 209 103.53 171.55 -3.18
CA PHE D 209 104.28 170.33 -3.09
C PHE D 209 105.52 170.27 -3.93
N ARG D 210 105.81 171.36 -4.60
CA ARG D 210 107.04 171.38 -5.36
C ARG D 210 107.77 172.66 -5.03
N ASP D 211 109.05 172.66 -5.36
CA ASP D 211 109.91 173.80 -5.11
C ASP D 211 109.36 175.16 -5.48
N VAL D 212 109.93 176.15 -4.75
CA VAL D 212 109.67 177.56 -4.91
C VAL D 212 110.96 178.31 -5.03
N SER D 213 111.03 179.19 -6.04
CA SER D 213 112.26 179.88 -6.27
C SER D 213 112.16 181.25 -6.85
N LEU D 214 113.33 181.86 -6.86
CA LEU D 214 113.48 183.17 -7.39
C LEU D 214 114.56 183.19 -8.40
N LEU D 215 114.18 183.87 -9.45
CA LEU D 215 115.10 184.00 -10.52
C LEU D 215 115.31 185.41 -10.95
N HIS D 216 116.61 185.70 -11.01
CA HIS D 216 117.07 186.99 -11.40
C HIS D 216 117.62 186.96 -12.79
N LYS D 217 116.94 187.68 -13.66
CA LYS D 217 117.38 187.71 -15.03
C LYS D 217 117.58 189.12 -15.53
N PRO D 218 118.54 189.26 -16.44
CA PRO D 218 118.83 190.53 -17.09
C PRO D 218 117.61 190.99 -17.86
N THR D 219 117.51 192.28 -18.09
CA THR D 219 116.37 192.83 -18.80
C THR D 219 116.32 192.36 -20.24
N THR D 220 117.51 192.24 -20.77
CA THR D 220 117.70 191.73 -22.08
C THR D 220 118.27 190.34 -21.88
N GLN D 221 117.45 189.34 -22.17
CA GLN D 221 117.85 187.98 -21.89
C GLN D 221 117.37 186.95 -22.88
N ILE D 222 117.89 185.75 -22.65
CA ILE D 222 117.52 184.57 -23.38
C ILE D 222 116.14 184.16 -22.92
N SER D 223 115.19 184.18 -23.83
CA SER D 223 113.84 183.85 -23.43
C SER D 223 113.48 182.39 -23.65
N ASP D 224 114.22 181.73 -24.54
CA ASP D 224 113.92 180.35 -24.86
C ASP D 224 114.89 179.79 -25.87
N PHE D 225 115.06 178.47 -25.83
CA PHE D 225 115.92 177.83 -26.78
C PHE D 225 115.58 176.38 -27.00
N HIS D 226 115.85 175.88 -28.22
CA HIS D 226 115.62 174.49 -28.55
C HIS D 226 116.77 173.91 -29.26
N VAL D 227 116.89 172.63 -29.02
CA VAL D 227 117.95 171.87 -29.60
C VAL D 227 117.43 170.74 -30.44
N ALA D 228 118.17 170.42 -31.50
CA ALA D 228 117.80 169.34 -32.39
C ALA D 228 118.98 168.70 -33.05
N THR D 229 118.90 167.38 -33.21
CA THR D 229 119.96 166.64 -33.85
C THR D 229 119.53 165.95 -35.12
N ARG D 230 120.37 166.03 -36.11
CA ARG D 230 120.06 165.39 -37.35
C ARG D 230 121.20 164.50 -37.76
N PHE D 231 120.95 163.38 -38.42
CA PHE D 231 122.07 162.52 -38.79
C PHE D 231 122.13 162.10 -40.22
N ASN D 232 123.27 161.52 -40.57
CA ASN D 232 123.43 160.96 -41.88
C ASN D 232 122.94 159.53 -41.76
N ASP D 233 122.68 158.92 -42.89
CA ASP D 233 122.19 157.57 -42.90
C ASP D 233 122.89 156.60 -41.95
N ASP D 234 124.13 156.86 -41.58
CA ASP D 234 124.75 155.88 -40.72
C ASP D 234 125.12 156.43 -39.36
N PHE D 235 124.68 157.65 -39.09
CA PHE D 235 125.00 158.25 -37.84
C PHE D 235 126.47 158.52 -37.70
N SER D 236 127.13 158.66 -38.83
CA SER D 236 128.53 158.96 -38.69
C SER D 236 128.75 160.46 -38.55
N ARG D 237 127.69 161.21 -38.81
CA ARG D 237 127.72 162.66 -38.71
C ARG D 237 126.38 163.25 -38.35
N ALA D 238 126.45 164.23 -37.46
CA ALA D 238 125.26 164.88 -37.00
C ALA D 238 125.28 166.39 -37.13
N VAL D 239 124.11 166.92 -36.96
CA VAL D 239 124.01 168.32 -36.93
C VAL D 239 123.24 168.78 -35.74
N LEU D 240 123.92 169.57 -34.94
CA LEU D 240 123.25 170.11 -33.83
C LEU D 240 122.66 171.42 -34.26
N GLU D 241 121.38 171.55 -34.05
CA GLU D 241 120.79 172.77 -34.48
C GLU D 241 120.05 173.40 -33.33
N ALA D 242 120.44 174.64 -33.02
CA ALA D 242 119.87 175.37 -31.90
C ALA D 242 119.20 176.67 -32.26
N GLU D 243 118.04 176.83 -31.68
CA GLU D 243 117.33 178.02 -31.96
C GLU D 243 117.17 178.75 -30.67
N VAL D 244 117.51 180.03 -30.75
CA VAL D 244 117.45 180.85 -29.58
C VAL D 244 116.62 182.07 -29.74
N GLN D 245 115.88 182.32 -28.68
CA GLN D 245 115.06 183.49 -28.66
C GLN D 245 115.42 184.37 -27.50
N MET D 246 115.32 185.66 -27.75
CA MET D 246 115.63 186.65 -26.75
C MET D 246 114.46 187.56 -26.46
N CYS D 247 114.53 188.14 -25.29
CA CYS D 247 113.58 189.08 -24.83
C CYS D 247 114.36 190.28 -24.45
N GLY D 248 113.81 191.46 -24.68
CA GLY D 248 114.52 192.66 -24.30
C GLY D 248 114.75 193.72 -25.38
N GLU D 249 115.84 194.42 -25.19
CA GLU D 249 116.22 195.48 -26.07
C GLU D 249 117.08 195.01 -27.19
N LEU D 250 116.51 194.99 -28.35
CA LEU D 250 117.28 194.55 -29.47
C LEU D 250 118.32 195.55 -29.92
N ARG D 251 119.55 195.07 -30.06
CA ARG D 251 120.67 195.88 -30.46
C ARG D 251 121.62 195.10 -31.30
N ASP D 252 122.15 195.75 -32.28
CA ASP D 252 123.07 195.12 -33.21
C ASP D 252 124.39 194.62 -32.63
N TYR D 253 124.68 194.88 -31.38
CA TYR D 253 125.97 194.38 -30.94
C TYR D 253 125.80 193.08 -30.20
N LEU D 254 124.55 192.63 -30.18
CA LEU D 254 124.24 191.40 -29.52
C LEU D 254 124.66 190.23 -30.32
N ARG D 255 125.13 189.25 -29.58
CA ARG D 255 125.55 188.02 -30.16
C ARG D 255 125.15 186.82 -29.35
N VAL D 256 125.25 185.67 -30.02
CA VAL D 256 124.95 184.43 -29.40
C VAL D 256 125.97 183.42 -29.75
N THR D 257 126.36 182.70 -28.73
CA THR D 257 127.32 181.68 -28.94
C THR D 257 126.90 180.40 -28.31
N VAL D 258 127.04 179.38 -29.13
CA VAL D 258 126.66 178.08 -28.71
C VAL D 258 127.82 177.19 -28.89
N SER D 259 128.13 176.55 -27.78
CA SER D 259 129.26 175.69 -27.73
C SER D 259 128.90 174.33 -27.20
N LEU D 260 129.55 173.39 -27.83
CA LEU D 260 129.33 172.05 -27.49
C LEU D 260 130.51 171.48 -26.83
N TRP D 261 130.23 170.81 -25.75
CA TRP D 261 131.25 170.21 -24.99
C TRP D 261 131.10 168.75 -24.70
N GLN D 262 132.25 168.14 -24.72
CA GLN D 262 132.41 166.75 -24.41
C GLN D 262 133.26 166.69 -23.16
N GLY D 263 132.58 166.92 -22.08
CA GLY D 263 133.27 166.95 -20.84
C GLY D 263 134.21 168.14 -20.84
N GLU D 264 135.48 167.82 -20.93
CA GLU D 264 136.48 168.86 -20.89
C GLU D 264 136.70 169.52 -22.20
N THR D 265 136.44 168.76 -23.22
CA THR D 265 136.66 169.24 -24.53
C THR D 265 135.53 169.97 -25.20
N GLN D 266 135.94 171.01 -25.87
CA GLN D 266 134.99 171.75 -26.61
C GLN D 266 135.01 171.20 -28.00
N VAL D 267 133.86 170.70 -28.39
CA VAL D 267 133.67 170.04 -29.66
C VAL D 267 133.25 170.92 -30.79
N ALA D 268 132.50 171.95 -30.45
CA ALA D 268 132.04 172.85 -31.46
C ALA D 268 131.45 174.09 -30.89
N SER D 269 131.63 175.13 -31.69
CA SER D 269 131.12 176.39 -31.31
C SER D 269 130.60 177.13 -32.49
N GLY D 270 129.75 178.08 -32.20
CA GLY D 270 129.16 178.90 -33.23
C GLY D 270 128.70 180.20 -32.64
N THR D 271 128.90 181.25 -33.42
CA THR D 271 128.49 182.54 -32.95
C THR D 271 127.75 183.29 -33.99
N ALA D 272 126.78 184.07 -33.54
CA ALA D 272 126.01 184.87 -34.47
C ALA D 272 125.14 185.89 -33.80
N PRO D 273 124.66 186.75 -34.64
CA PRO D 273 123.81 187.86 -34.27
C PRO D 273 122.38 187.49 -34.56
N PHE D 274 121.47 188.16 -33.88
CA PHE D 274 120.07 187.88 -34.06
C PHE D 274 119.58 188.13 -35.45
N GLY D 275 118.42 187.55 -35.74
CA GLY D 275 117.82 187.70 -37.04
C GLY D 275 117.86 186.40 -37.80
N GLY D 276 116.64 185.91 -38.09
CA GLY D 276 116.38 184.65 -38.79
C GLY D 276 116.20 184.78 -40.30
N GLU D 277 115.93 183.64 -40.91
CA GLU D 277 115.70 183.60 -42.34
C GLU D 277 114.27 183.99 -42.56
N ILE D 278 113.99 184.40 -43.79
CA ILE D 278 112.67 184.82 -44.12
C ILE D 278 111.73 183.68 -43.94
N ILE D 279 110.57 183.96 -43.39
CA ILE D 279 109.67 182.87 -43.21
C ILE D 279 108.40 183.12 -43.98
N ASP D 280 108.07 184.36 -44.20
CA ASP D 280 106.86 184.57 -44.94
C ASP D 280 106.90 185.89 -45.59
N GLU D 281 105.75 186.32 -46.08
CA GLU D 281 105.72 187.60 -46.76
C GLU D 281 106.20 188.79 -45.95
N ARG D 282 106.12 188.73 -44.60
CA ARG D 282 106.54 189.84 -43.76
C ARG D 282 107.98 189.79 -43.33
N GLY D 283 108.67 188.69 -43.56
CA GLY D 283 110.07 188.60 -43.18
C GLY D 283 110.30 187.43 -42.26
N GLY D 284 111.22 187.65 -41.29
CA GLY D 284 111.59 186.67 -40.29
C GLY D 284 111.51 187.18 -38.84
N TYR D 285 112.19 186.44 -37.94
CA TYR D 285 112.28 186.78 -36.53
C TYR D 285 113.58 187.50 -36.30
N ALA D 286 113.44 188.76 -35.97
CA ALA D 286 114.57 189.60 -35.69
C ALA D 286 115.21 189.22 -34.38
N ASP D 287 114.35 188.73 -33.51
CA ASP D 287 114.69 188.34 -32.19
C ASP D 287 114.94 186.87 -32.06
N ARG D 288 115.38 186.23 -33.12
CA ARG D 288 115.69 184.82 -32.95
C ARG D 288 116.92 184.55 -33.75
N VAL D 289 117.50 183.42 -33.50
CA VAL D 289 118.65 183.04 -34.25
C VAL D 289 118.85 181.54 -34.16
N THR D 290 119.36 180.95 -35.23
CA THR D 290 119.54 179.52 -35.23
C THR D 290 120.92 179.10 -35.60
N LEU D 291 121.54 178.27 -34.79
CA LEU D 291 122.86 177.86 -35.17
C LEU D 291 122.90 176.41 -35.50
N ARG D 292 123.83 176.10 -36.35
CA ARG D 292 123.98 174.74 -36.76
C ARG D 292 125.37 174.24 -36.55
N LEU D 293 125.55 173.29 -35.64
CA LEU D 293 126.87 172.77 -35.41
C LEU D 293 127.02 171.41 -36.00
N ASN D 294 128.15 171.22 -36.63
CA ASN D 294 128.39 169.93 -37.22
C ASN D 294 129.20 169.09 -36.28
N VAL D 295 128.85 167.81 -36.21
CA VAL D 295 129.59 166.91 -35.37
C VAL D 295 129.93 165.62 -36.04
N GLU D 296 131.22 165.32 -36.06
CA GLU D 296 131.65 164.09 -36.66
C GLU D 296 131.66 163.00 -35.63
N ASN D 297 131.26 161.82 -36.05
CA ASN D 297 131.26 160.66 -35.18
C ASN D 297 130.78 160.94 -33.78
N PRO D 298 129.62 161.51 -33.71
CA PRO D 298 129.03 161.83 -32.45
C PRO D 298 128.83 160.54 -31.67
N LYS D 299 128.78 160.71 -30.36
CA LYS D 299 128.53 159.62 -29.45
C LYS D 299 127.06 159.62 -29.17
N LEU D 300 126.45 158.50 -29.46
CA LEU D 300 125.03 158.43 -29.31
C LEU D 300 124.52 158.17 -27.94
N TRP D 301 123.38 158.74 -27.67
CA TRP D 301 122.79 158.53 -26.40
C TRP D 301 121.80 157.38 -26.46
N SER D 302 121.66 156.61 -25.39
CA SER D 302 120.70 155.52 -25.36
C SER D 302 120.51 155.04 -23.96
N ALA D 303 119.45 154.29 -23.70
CA ALA D 303 119.31 153.83 -22.33
C ALA D 303 120.46 152.92 -22.03
N GLU D 304 120.95 152.26 -23.07
CA GLU D 304 122.11 151.38 -22.93
C GLU D 304 123.37 152.18 -22.56
N ILE D 305 123.56 153.33 -23.18
CA ILE D 305 124.72 154.17 -22.92
C ILE D 305 124.35 155.59 -23.12
N PRO D 306 124.08 156.21 -22.03
CA PRO D 306 123.63 157.56 -22.03
C PRO D 306 124.74 158.54 -22.33
N ASN D 307 125.35 158.46 -23.47
CA ASN D 307 126.36 159.42 -23.73
C ASN D 307 125.76 160.81 -23.79
N LEU D 308 126.37 161.73 -23.04
CA LEU D 308 125.90 163.11 -23.06
C LEU D 308 126.91 164.16 -23.48
N TYR D 309 126.38 165.31 -23.89
CA TYR D 309 127.21 166.42 -24.25
C TYR D 309 126.64 167.62 -23.52
N ARG D 310 127.45 168.66 -23.40
CA ARG D 310 126.94 169.85 -22.76
C ARG D 310 126.90 171.01 -23.71
N ALA D 311 125.79 171.72 -23.62
CA ALA D 311 125.63 172.83 -24.51
C ALA D 311 125.47 174.12 -23.77
N VAL D 312 126.21 175.11 -24.30
CA VAL D 312 126.18 176.43 -23.74
C VAL D 312 125.80 177.52 -24.67
N VAL D 313 124.82 178.23 -24.15
CA VAL D 313 124.22 179.34 -24.80
C VAL D 313 124.57 180.61 -24.10
N GLU D 314 125.43 181.37 -24.76
CA GLU D 314 125.86 182.61 -24.21
C GLU D 314 125.43 183.77 -25.05
N LEU D 315 124.73 184.63 -24.33
CA LEU D 315 124.19 185.86 -24.82
C LEU D 315 125.16 186.96 -24.46
N HIS D 316 125.80 187.51 -25.44
CA HIS D 316 126.75 188.53 -25.13
C HIS D 316 126.83 189.60 -26.20
N THR D 317 127.69 190.56 -25.95
CA THR D 317 127.88 191.64 -26.88
C THR D 317 129.02 191.32 -27.78
N ALA D 318 129.13 192.10 -28.82
CA ALA D 318 130.18 191.91 -29.79
C ALA D 318 131.56 192.04 -29.19
N ASP D 319 131.70 193.00 -28.25
CA ASP D 319 132.97 193.24 -27.59
C ASP D 319 133.42 192.01 -26.86
N GLY D 320 132.46 191.22 -26.41
CA GLY D 320 132.82 190.00 -25.71
C GLY D 320 132.23 189.97 -24.31
N THR D 321 131.50 191.00 -24.00
CA THR D 321 130.93 191.02 -22.71
C THR D 321 129.72 190.11 -22.59
N LEU D 322 129.75 189.22 -21.62
CA LEU D 322 128.64 188.32 -21.47
C LEU D 322 127.47 188.89 -20.73
N ILE D 323 126.27 188.74 -21.30
CA ILE D 323 125.10 189.20 -20.60
C ILE D 323 124.58 188.11 -19.67
N GLU D 324 124.59 186.87 -20.16
CA GLU D 324 124.12 185.74 -19.38
C GLU D 324 124.30 184.47 -20.13
N ALA D 325 124.11 183.38 -19.41
CA ALA D 325 124.27 182.07 -20.03
C ALA D 325 123.27 181.04 -19.55
N GLU D 326 123.00 180.13 -20.46
CA GLU D 326 122.13 179.04 -20.20
C GLU D 326 122.73 177.81 -20.79
N ALA D 327 122.31 176.69 -20.22
CA ALA D 327 122.88 175.48 -20.73
C ALA D 327 121.97 174.30 -20.58
N CYS D 328 122.43 173.18 -21.14
CA CYS D 328 121.72 171.94 -21.05
C CYS D 328 122.53 170.78 -21.54
N ASP D 329 122.10 169.60 -21.07
CA ASP D 329 122.78 168.41 -21.50
C ASP D 329 122.19 167.97 -22.81
N VAL D 330 123.04 167.46 -23.66
CA VAL D 330 122.56 167.06 -24.94
C VAL D 330 122.89 165.62 -25.25
N GLY D 331 121.91 164.96 -25.85
CA GLY D 331 122.04 163.59 -26.25
C GLY D 331 121.72 163.39 -27.71
N PHE D 332 122.63 162.75 -28.40
CA PHE D 332 122.43 162.50 -29.81
C PHE D 332 121.69 161.22 -30.04
N ARG D 333 120.46 161.35 -30.50
CA ARG D 333 119.64 160.18 -30.78
C ARG D 333 118.52 160.55 -31.67
N GLU D 334 118.11 159.54 -32.42
CA GLU D 334 117.03 159.68 -33.33
C GLU D 334 115.95 158.66 -33.08
N VAL D 335 114.75 159.18 -32.95
CA VAL D 335 113.59 158.37 -32.69
C VAL D 335 112.68 158.41 -33.86
N ARG D 336 112.39 157.24 -34.41
CA ARG D 336 111.48 157.25 -35.51
C ARG D 336 110.70 156.00 -35.76
N ILE D 337 109.54 156.21 -36.31
CA ILE D 337 108.71 155.09 -36.64
C ILE D 337 108.80 154.83 -38.10
N GLU D 338 109.27 153.66 -38.41
CA GLU D 338 109.37 153.37 -39.79
C GLU D 338 108.91 152.00 -40.14
N ASN D 339 108.06 151.97 -41.11
CA ASN D 339 107.54 150.72 -41.57
C ASN D 339 106.96 149.86 -40.47
N GLY D 340 106.19 150.47 -39.59
CA GLY D 340 105.56 149.75 -38.52
C GLY D 340 106.46 149.62 -37.33
N LEU D 341 107.67 150.15 -37.42
CA LEU D 341 108.50 149.98 -36.25
C LEU D 341 109.04 151.21 -35.62
N LEU D 342 109.11 151.12 -34.33
CA LEU D 342 109.64 152.20 -33.58
C LEU D 342 111.13 151.98 -33.47
N LEU D 343 111.84 152.95 -34.00
CA LEU D 343 113.26 152.87 -34.01
C LEU D 343 113.96 153.91 -33.25
N LEU D 344 115.05 153.42 -32.71
CA LEU D 344 115.94 154.27 -32.01
C LEU D 344 117.32 154.16 -32.55
N ASN D 345 117.79 155.26 -33.04
CA ASN D 345 119.09 155.29 -33.64
C ASN D 345 119.21 154.19 -34.61
N GLY D 346 118.17 153.94 -35.37
CA GLY D 346 118.28 152.90 -36.34
C GLY D 346 117.76 151.57 -35.92
N LYS D 347 117.79 151.27 -34.65
CA LYS D 347 117.28 149.98 -34.26
C LYS D 347 115.93 150.10 -33.62
N PRO D 348 115.31 148.96 -33.60
CA PRO D 348 113.99 148.74 -33.12
C PRO D 348 114.02 148.41 -31.68
N LEU D 349 113.32 149.20 -30.94
CA LEU D 349 113.30 149.04 -29.53
C LEU D 349 112.44 147.93 -29.03
N LEU D 350 112.73 147.58 -27.79
CA LEU D 350 111.97 146.64 -27.03
C LEU D 350 111.83 147.22 -25.63
N ILE D 351 110.70 147.84 -25.43
CA ILE D 351 110.43 148.51 -24.20
C ILE D 351 110.17 147.63 -23.03
N ARG D 352 111.06 147.72 -22.05
CA ARG D 352 110.88 147.02 -20.80
C ARG D 352 110.48 148.11 -19.82
N GLY D 353 109.22 148.52 -19.91
CA GLY D 353 108.77 149.65 -19.12
C GLY D 353 107.88 149.42 -17.95
N VAL D 354 107.70 150.53 -17.25
CA VAL D 354 106.84 150.57 -16.09
C VAL D 354 106.28 151.95 -15.91
N ASN D 355 105.08 151.99 -15.34
CA ASN D 355 104.41 153.23 -15.06
C ASN D 355 104.81 153.59 -13.65
N ARG D 356 104.95 154.88 -13.39
CA ARG D 356 105.36 155.30 -12.07
C ARG D 356 104.78 156.62 -11.61
N HIS D 357 104.18 156.57 -10.44
CA HIS D 357 103.65 157.77 -9.87
C HIS D 357 104.68 158.44 -8.96
N GLU D 358 104.43 159.72 -8.66
CA GLU D 358 105.31 160.44 -7.74
C GLU D 358 104.70 160.27 -6.35
N HIS D 359 105.18 159.28 -5.58
CA HIS D 359 104.60 158.95 -4.28
C HIS D 359 105.57 158.49 -3.22
N HIS D 360 105.38 159.10 -2.05
CA HIS D 360 106.17 158.87 -0.87
C HIS D 360 105.25 158.60 0.31
N PRO D 361 105.46 157.45 0.93
CA PRO D 361 104.69 156.95 2.07
C PRO D 361 104.60 157.96 3.19
N LEU D 362 105.64 158.82 3.28
CA LEU D 362 105.75 159.88 4.29
C LEU D 362 105.47 161.25 3.75
N HIS D 363 106.06 161.59 2.63
CA HIS D 363 105.85 162.90 2.09
C HIS D 363 104.65 163.11 1.24
N GLY D 364 103.96 162.03 0.91
CA GLY D 364 102.79 162.17 0.06
C GLY D 364 103.30 162.33 -1.37
N GLN D 365 102.86 163.41 -2.03
CA GLN D 365 103.32 163.62 -3.39
C GLN D 365 104.56 164.45 -3.54
N VAL D 366 105.32 164.58 -2.48
CA VAL D 366 106.53 165.37 -2.57
C VAL D 366 107.77 164.57 -2.90
N MET D 367 108.47 164.99 -3.94
CA MET D 367 109.65 164.23 -4.36
C MET D 367 111.02 164.77 -4.02
N ASP D 368 112.02 163.90 -4.01
CA ASP D 368 113.38 164.34 -3.75
C ASP D 368 114.41 163.47 -4.40
N GLU D 369 115.52 164.11 -4.66
CA GLU D 369 116.64 163.45 -5.30
C GLU D 369 116.81 162.02 -4.87
N GLN D 370 117.02 161.88 -3.59
CA GLN D 370 117.24 160.60 -3.03
C GLN D 370 116.33 159.51 -3.54
N THR D 371 115.05 159.74 -3.36
CA THR D 371 114.05 158.80 -3.78
C THR D 371 114.17 158.45 -5.26
N MET D 372 114.10 159.53 -6.05
CA MET D 372 114.23 159.42 -7.46
C MET D 372 115.37 158.48 -7.78
N VAL D 373 116.52 158.80 -7.29
CA VAL D 373 117.61 157.92 -7.56
C VAL D 373 117.37 156.47 -7.13
N GLN D 374 116.77 156.33 -5.99
CA GLN D 374 116.54 154.98 -5.58
C GLN D 374 115.80 154.23 -6.66
N ASP D 375 114.70 154.84 -7.06
CA ASP D 375 113.89 154.25 -8.06
C ASP D 375 114.69 153.90 -9.30
N ILE D 376 115.37 154.89 -9.78
CA ILE D 376 116.13 154.64 -10.96
C ILE D 376 117.04 153.47 -10.80
N LEU D 377 117.80 153.48 -9.73
CA LEU D 377 118.67 152.34 -9.58
C LEU D 377 117.97 151.02 -9.57
N LEU D 378 116.90 150.98 -8.85
CA LEU D 378 116.17 149.74 -8.81
C LEU D 378 115.73 149.28 -10.15
N MET D 379 115.08 150.19 -10.85
CA MET D 379 114.61 149.85 -12.15
C MET D 379 115.72 149.30 -12.98
N LYS D 380 116.77 150.08 -13.06
CA LYS D 380 117.88 149.63 -13.86
C LYS D 380 118.32 148.28 -13.42
N GLN D 381 118.36 148.10 -12.14
CA GLN D 381 118.79 146.82 -11.65
C GLN D 381 117.89 145.66 -11.98
N ASN D 382 116.62 145.95 -12.22
CA ASN D 382 115.71 144.90 -12.54
C ASN D 382 115.37 144.82 -14.01
N ASN D 383 116.28 145.29 -14.80
CA ASN D 383 116.11 145.20 -16.22
C ASN D 383 115.02 146.04 -16.83
N PHE D 384 114.74 147.19 -16.25
CA PHE D 384 113.77 148.04 -16.91
C PHE D 384 114.50 149.06 -17.76
N ASN D 385 113.89 149.59 -18.84
CA ASN D 385 114.63 150.58 -19.61
C ASN D 385 113.82 151.77 -19.91
N ALA D 386 112.61 151.76 -19.41
CA ALA D 386 111.78 152.89 -19.73
C ALA D 386 110.73 153.12 -18.70
N VAL D 387 110.24 154.33 -18.70
CA VAL D 387 109.22 154.63 -17.74
C VAL D 387 108.23 155.61 -18.30
N ARG D 388 107.01 155.47 -17.81
CA ARG D 388 105.96 156.33 -18.20
C ARG D 388 105.51 157.19 -17.04
N CYS D 389 105.46 158.49 -17.27
CA CYS D 389 105.03 159.44 -16.25
C CYS D 389 103.53 159.45 -16.05
N SER D 390 103.05 158.37 -15.47
CA SER D 390 101.64 158.31 -15.23
C SER D 390 101.31 159.27 -14.11
N HIS D 391 100.54 160.32 -14.37
CA HIS D 391 99.97 160.71 -15.64
C HIS D 391 100.00 162.23 -15.65
N TYR D 392 101.18 162.77 -15.57
CA TYR D 392 101.39 164.20 -15.50
C TYR D 392 102.87 164.35 -15.56
N PRO D 393 103.26 165.56 -15.81
CA PRO D 393 104.65 165.88 -15.93
C PRO D 393 105.32 165.74 -14.59
N ASN D 394 106.54 165.31 -14.61
CA ASN D 394 107.20 165.10 -13.35
C ASN D 394 108.09 166.23 -12.92
N HIS D 395 108.59 166.01 -11.73
CA HIS D 395 109.53 166.91 -11.17
C HIS D 395 110.75 166.88 -12.08
N PRO D 396 111.00 168.03 -12.53
CA PRO D 396 112.06 168.37 -13.44
C PRO D 396 113.32 167.60 -13.21
N LEU D 397 113.71 167.50 -11.98
CA LEU D 397 114.94 166.78 -11.76
C LEU D 397 114.96 165.37 -12.38
N TRP D 398 113.81 164.74 -12.31
CA TRP D 398 113.61 163.42 -12.84
C TRP D 398 114.23 163.24 -14.21
N TYR D 399 113.77 164.12 -15.10
CA TYR D 399 114.24 164.09 -16.47
C TYR D 399 115.74 164.13 -16.58
N THR D 400 116.31 164.92 -15.75
CA THR D 400 117.74 164.99 -15.80
C THR D 400 118.38 163.67 -15.43
N LEU D 401 117.85 163.14 -14.35
CA LEU D 401 118.36 161.90 -13.89
C LEU D 401 118.26 160.85 -14.94
N CYS D 402 117.09 160.82 -15.58
CA CYS D 402 116.92 159.82 -16.60
C CYS D 402 117.88 160.04 -17.72
N ASP D 403 118.07 161.33 -18.03
CA ASP D 403 118.98 161.67 -19.09
C ASP D 403 120.33 161.12 -18.74
N ARG D 404 120.67 161.29 -17.47
CA ARG D 404 121.97 160.86 -17.00
C ARG D 404 122.16 159.40 -16.81
N TYR D 405 121.17 158.77 -16.20
CA TYR D 405 121.25 157.37 -15.92
C TYR D 405 120.99 156.44 -17.08
N GLY D 406 120.11 156.86 -17.97
CA GLY D 406 119.76 156.09 -19.14
C GLY D 406 118.41 155.40 -19.03
N LEU D 407 117.31 156.11 -19.22
CA LEU D 407 115.99 155.50 -19.20
C LEU D 407 115.11 156.13 -20.25
N TYR D 408 114.37 155.35 -21.02
CA TYR D 408 113.49 155.99 -21.99
C TYR D 408 112.29 156.50 -21.26
N VAL D 409 111.87 157.69 -21.62
CA VAL D 409 110.71 158.25 -20.96
C VAL D 409 109.62 158.73 -21.88
N VAL D 410 108.43 158.52 -21.34
CA VAL D 410 107.22 158.99 -21.97
C VAL D 410 106.67 160.11 -21.13
N ASP D 411 106.72 161.32 -21.66
CA ASP D 411 106.22 162.49 -20.97
C ASP D 411 104.73 162.61 -21.23
N GLU D 412 103.95 162.76 -20.18
CA GLU D 412 102.51 162.76 -20.34
C GLU D 412 101.82 163.96 -19.77
N ALA D 413 100.93 164.52 -20.57
CA ALA D 413 100.18 165.68 -20.12
C ALA D 413 99.23 165.37 -18.98
N ASN D 414 99.05 166.37 -18.12
CA ASN D 414 98.21 166.30 -16.96
C ASN D 414 96.73 166.40 -17.29
N ILE D 415 96.20 165.35 -17.91
CA ILE D 415 94.79 165.37 -18.20
C ILE D 415 94.11 164.02 -18.04
N GLU D 416 93.20 163.87 -17.07
CA GLU D 416 92.44 162.65 -16.90
C GLU D 416 91.04 163.05 -16.52
N THR D 417 90.05 162.58 -17.27
CA THR D 417 88.66 162.90 -16.99
C THR D 417 87.90 161.64 -16.84
N HIS D 418 88.62 160.69 -16.30
CA HIS D 418 88.09 159.38 -16.12
C HIS D 418 86.64 159.29 -15.68
N GLY D 419 86.25 160.07 -14.67
CA GLY D 419 84.92 160.02 -14.10
C GLY D 419 83.81 160.59 -14.96
N MET D 420 84.15 161.25 -16.05
CA MET D 420 83.08 161.80 -16.83
C MET D 420 82.22 160.72 -17.44
N VAL D 421 81.15 161.13 -18.06
CA VAL D 421 80.28 160.18 -18.71
C VAL D 421 79.49 160.80 -19.83
N PRO D 422 79.74 160.37 -21.07
CA PRO D 422 80.76 159.40 -21.32
C PRO D 422 82.12 160.05 -21.09
N MET D 423 83.12 159.21 -20.96
CA MET D 423 84.45 159.65 -20.70
C MET D 423 84.94 160.89 -21.46
N ASN D 424 84.50 161.12 -22.68
CA ASN D 424 85.02 162.25 -23.45
C ASN D 424 84.19 163.54 -23.45
N ARG D 425 83.26 163.55 -22.52
CA ARG D 425 82.36 164.66 -22.37
C ARG D 425 83.05 166.01 -22.45
N LEU D 426 84.18 166.14 -21.77
CA LEU D 426 84.90 167.38 -21.82
C LEU D 426 85.80 167.52 -23.03
N THR D 427 86.55 166.44 -23.30
CA THR D 427 87.51 166.34 -24.41
C THR D 427 86.93 166.56 -25.77
N ASP D 428 85.64 166.34 -25.83
CA ASP D 428 85.03 166.63 -27.09
C ASP D 428 84.40 168.03 -27.11
N ASP D 429 84.79 168.90 -26.17
CA ASP D 429 84.18 170.20 -26.09
C ASP D 429 85.17 171.33 -26.12
N PRO D 430 84.94 172.04 -27.20
CA PRO D 430 85.68 173.18 -27.63
C PRO D 430 85.92 174.05 -26.44
N ARG D 431 84.86 174.21 -25.68
CA ARG D 431 84.99 175.00 -24.49
C ARG D 431 86.15 174.63 -23.64
N TRP D 432 86.48 173.35 -23.60
CA TRP D 432 87.59 172.96 -22.78
C TRP D 432 88.89 172.89 -23.50
N LEU D 433 88.76 173.14 -24.77
CA LEU D 433 89.94 173.06 -25.54
C LEU D 433 91.12 173.83 -24.95
N PRO D 434 90.97 175.11 -24.88
CA PRO D 434 92.00 175.98 -24.32
C PRO D 434 92.64 175.47 -23.03
N ALA D 435 91.80 175.04 -22.14
CA ALA D 435 92.32 174.46 -20.91
C ALA D 435 93.27 173.33 -21.24
N MET D 436 92.75 172.39 -22.04
CA MET D 436 93.55 171.25 -22.44
C MET D 436 94.83 171.67 -23.11
N SER D 437 94.69 172.61 -24.01
CA SER D 437 95.83 173.07 -24.75
C SER D 437 96.98 173.43 -23.88
N GLU D 438 96.62 174.26 -22.92
CA GLU D 438 97.63 174.78 -22.02
C GLU D 438 98.42 173.66 -21.42
N ARG D 439 97.65 172.66 -21.07
CA ARG D 439 98.21 171.49 -20.48
C ARG D 439 99.21 170.78 -21.37
N VAL D 440 98.98 170.81 -22.68
CA VAL D 440 99.95 170.11 -23.51
C VAL D 440 101.13 170.97 -23.90
N THR D 441 100.76 172.11 -24.45
CA THR D 441 101.73 173.04 -24.95
C THR D 441 102.82 173.29 -23.97
N ARG D 442 102.39 173.64 -22.78
CA ARG D 442 103.33 173.95 -21.73
C ARG D 442 104.31 172.83 -21.43
N MET D 443 103.80 171.61 -21.40
CA MET D 443 104.69 170.51 -21.13
C MET D 443 105.81 170.48 -22.15
N VAL D 444 105.36 170.63 -23.35
CA VAL D 444 106.30 170.56 -24.42
C VAL D 444 107.38 171.60 -24.33
N GLN D 445 106.91 172.81 -24.11
CA GLN D 445 107.88 173.87 -24.03
C GLN D 445 108.86 173.64 -22.92
N ARG D 446 108.40 172.99 -21.90
CA ARG D 446 109.32 172.78 -20.84
C ARG D 446 110.33 171.66 -21.06
N ASP D 447 109.85 170.51 -21.52
CA ASP D 447 110.69 169.33 -21.57
C ASP D 447 111.34 168.91 -22.83
N ARG D 448 111.02 169.60 -23.88
CA ARG D 448 111.51 169.20 -25.16
C ARG D 448 112.99 169.06 -25.38
N ASN D 449 113.82 169.56 -24.52
CA ASN D 449 115.21 169.35 -24.87
C ASN D 449 115.86 168.15 -24.21
N HIS D 450 115.09 167.38 -23.46
CA HIS D 450 115.70 166.23 -22.82
C HIS D 450 115.76 164.99 -23.68
N PRO D 451 116.94 164.50 -23.96
CA PRO D 451 117.06 163.30 -24.76
C PRO D 451 116.25 162.11 -24.23
N SER D 452 116.10 161.98 -22.92
CA SER D 452 115.37 160.82 -22.43
C SER D 452 113.91 160.79 -22.84
N VAL D 453 113.37 161.94 -23.14
CA VAL D 453 111.99 161.91 -23.51
C VAL D 453 111.93 161.45 -24.92
N ILE D 454 111.20 160.37 -25.17
CA ILE D 454 111.14 159.93 -26.54
C ILE D 454 109.75 159.85 -27.10
N ILE D 455 108.75 160.05 -26.26
CA ILE D 455 107.40 160.01 -26.72
C ILE D 455 106.55 160.92 -25.91
N TRP D 456 105.72 161.65 -26.61
CA TRP D 456 104.80 162.52 -25.95
C TRP D 456 103.49 161.78 -25.85
N SER D 457 102.76 162.02 -24.79
CA SER D 457 101.47 161.43 -24.53
C SER D 457 100.47 162.50 -24.13
N LEU D 458 99.26 162.48 -24.69
CA LEU D 458 98.26 163.48 -24.39
C LEU D 458 97.51 163.27 -23.10
N GLY D 459 97.99 162.40 -22.25
CA GLY D 459 97.21 162.22 -21.06
C GLY D 459 96.76 160.81 -20.90
N ASN D 460 95.65 160.66 -20.19
CA ASN D 460 95.12 159.36 -19.85
C ASN D 460 93.61 159.33 -19.57
N GLU D 461 93.02 158.17 -19.78
CA GLU D 461 91.60 157.90 -19.61
C GLU D 461 90.68 159.09 -19.70
N SER D 462 90.58 159.67 -20.88
CA SER D 462 89.71 160.83 -21.08
C SER D 462 88.92 160.67 -22.37
N GLY D 463 88.71 159.42 -22.74
CA GLY D 463 88.00 159.11 -23.95
C GLY D 463 88.77 159.63 -25.15
N HIS D 464 88.03 159.93 -26.20
CA HIS D 464 88.62 160.48 -27.37
C HIS D 464 87.77 161.61 -27.88
N GLY D 465 88.35 162.79 -28.00
CA GLY D 465 87.61 163.91 -28.48
C GLY D 465 88.42 164.76 -29.42
N ALA D 466 87.69 165.58 -30.15
CA ALA D 466 88.33 166.42 -31.12
C ALA D 466 89.48 167.19 -30.51
N ASN D 467 89.29 167.57 -29.25
CA ASN D 467 90.33 168.31 -28.61
C ASN D 467 91.65 167.55 -28.74
N HIS D 468 91.53 166.24 -28.66
CA HIS D 468 92.70 165.39 -28.76
C HIS D 468 93.37 165.49 -30.12
N ASP D 469 92.55 165.33 -31.13
CA ASP D 469 93.06 165.41 -32.47
C ASP D 469 93.82 166.70 -32.70
N ALA D 470 93.19 167.77 -32.29
CA ALA D 470 93.86 169.03 -32.48
C ALA D 470 95.19 169.08 -31.78
N LEU D 471 95.21 168.59 -30.57
CA LEU D 471 96.45 168.65 -29.84
C LEU D 471 97.53 167.77 -30.38
N TYR D 472 97.09 166.60 -30.76
CA TYR D 472 97.99 165.67 -31.37
C TYR D 472 98.72 166.35 -32.52
N ARG D 473 97.90 166.94 -33.36
CA ARG D 473 98.45 167.62 -34.50
C ARG D 473 99.45 168.72 -34.14
N TRP D 474 99.05 169.51 -33.17
CA TRP D 474 99.87 170.60 -32.75
C TRP D 474 101.26 170.11 -32.46
N ILE D 475 101.33 169.08 -31.69
CA ILE D 475 102.63 168.62 -31.37
C ILE D 475 103.39 168.22 -32.58
N LYS D 476 102.71 167.40 -33.36
CA LYS D 476 103.33 166.91 -34.55
C LYS D 476 104.00 168.04 -35.28
N SER D 477 103.35 169.16 -35.28
CA SER D 477 103.94 170.26 -36.00
C SER D 477 105.06 170.91 -35.26
N VAL D 478 104.91 170.96 -33.98
CA VAL D 478 105.93 171.63 -33.27
C VAL D 478 107.16 170.77 -33.02
N ASP D 479 106.93 169.51 -32.74
CA ASP D 479 108.01 168.60 -32.46
C ASP D 479 107.77 167.29 -33.15
N PRO D 480 108.44 167.26 -34.23
CA PRO D 480 108.40 166.16 -35.13
C PRO D 480 109.43 165.13 -34.74
N SER D 481 110.23 165.43 -33.74
CA SER D 481 111.27 164.48 -33.36
C SER D 481 110.75 163.29 -32.58
N ARG D 482 109.58 163.39 -31.98
CA ARG D 482 109.02 162.30 -31.22
C ARG D 482 107.61 162.04 -31.61
N PRO D 483 107.29 160.78 -31.49
CA PRO D 483 105.98 160.28 -31.78
C PRO D 483 105.05 160.62 -30.65
N VAL D 484 103.78 160.56 -30.98
CA VAL D 484 102.78 160.86 -30.01
C VAL D 484 101.82 159.72 -29.77
N GLN D 485 101.54 159.42 -28.51
CA GLN D 485 100.58 158.38 -28.26
C GLN D 485 99.49 158.79 -27.33
N TYR D 486 98.37 158.11 -27.44
CA TYR D 486 97.23 158.35 -26.59
C TYR D 486 96.32 157.14 -26.68
N GLU D 487 95.98 156.59 -25.55
CA GLU D 487 95.18 155.37 -25.52
C GLU D 487 93.67 155.59 -25.57
N GLY D 488 93.23 156.70 -25.06
CA GLY D 488 91.83 156.94 -24.97
C GLY D 488 91.02 156.60 -26.20
N GLY D 489 89.83 156.17 -25.91
CA GLY D 489 88.88 155.89 -26.94
C GLY D 489 89.19 154.71 -27.81
N GLY D 490 89.89 153.69 -27.32
CA GLY D 490 90.10 152.54 -28.19
C GLY D 490 91.54 152.19 -28.51
N ALA D 491 92.46 153.04 -28.10
CA ALA D 491 93.91 152.82 -28.26
C ALA D 491 94.45 152.83 -29.66
N ASP D 492 93.59 153.05 -30.63
CA ASP D 492 94.09 153.06 -31.99
C ASP D 492 93.49 154.16 -32.83
N THR D 493 93.09 155.22 -32.16
CA THR D 493 92.45 156.34 -32.83
C THR D 493 93.42 157.13 -33.65
N THR D 494 92.86 158.16 -34.29
CA THR D 494 93.62 159.04 -35.15
C THR D 494 94.55 159.87 -34.32
N ALA D 495 94.35 159.78 -33.04
CA ALA D 495 95.18 160.59 -32.21
C ALA D 495 96.41 159.88 -31.70
N THR D 496 96.75 158.72 -32.21
CA THR D 496 97.93 158.08 -31.67
C THR D 496 98.82 157.53 -32.74
N ASP D 497 100.11 157.63 -32.54
CA ASP D 497 101.03 157.10 -33.53
C ASP D 497 101.31 155.67 -33.23
N ILE D 498 100.85 155.18 -32.08
CA ILE D 498 101.12 153.82 -31.70
C ILE D 498 99.91 153.20 -31.10
N ILE D 499 99.73 151.90 -31.30
CA ILE D 499 98.62 151.24 -30.67
C ILE D 499 99.09 150.97 -29.26
N CYS D 500 98.46 151.66 -28.32
CA CYS D 500 98.90 151.59 -26.95
C CYS D 500 97.81 151.28 -25.99
N PRO D 501 97.31 150.10 -26.08
CA PRO D 501 96.25 149.71 -25.18
C PRO D 501 96.77 149.46 -23.79
N MET D 502 95.80 149.23 -22.96
CA MET D 502 96.06 148.89 -21.62
C MET D 502 95.25 147.66 -21.24
N TYR D 503 95.96 146.66 -20.79
CA TYR D 503 95.33 145.44 -20.36
C TYR D 503 94.77 144.52 -21.42
N ALA D 504 95.25 144.68 -22.64
CA ALA D 504 94.86 143.73 -23.67
C ALA D 504 95.57 142.39 -23.39
N ARG D 505 94.89 141.30 -23.68
CA ARG D 505 95.48 140.02 -23.40
C ARG D 505 96.33 139.50 -24.53
N VAL D 506 97.15 138.51 -24.22
CA VAL D 506 98.01 137.99 -25.25
C VAL D 506 97.25 137.30 -26.34
N ASP D 507 96.42 136.38 -25.95
CA ASP D 507 95.71 135.64 -26.97
C ASP D 507 94.23 135.79 -26.90
N GLU D 508 93.72 136.38 -25.86
CA GLU D 508 92.29 136.43 -25.74
C GLU D 508 91.74 137.82 -25.97
N ASP D 509 90.66 137.87 -26.72
CA ASP D 509 90.01 139.13 -27.04
C ASP D 509 88.97 139.47 -26.02
N GLN D 510 88.80 140.77 -25.79
CA GLN D 510 87.80 141.32 -24.89
C GLN D 510 87.13 142.41 -25.68
N PRO D 511 86.08 141.95 -26.26
CA PRO D 511 85.29 142.68 -27.17
C PRO D 511 84.27 143.60 -26.56
N PHE D 512 84.73 144.59 -25.86
CA PHE D 512 83.74 145.49 -25.40
C PHE D 512 83.29 146.32 -26.57
N PRO D 513 82.04 146.64 -26.47
CA PRO D 513 81.40 147.50 -27.41
C PRO D 513 82.17 148.79 -27.44
N ALA D 514 82.28 149.29 -28.65
CA ALA D 514 82.95 150.54 -28.91
C ALA D 514 84.43 150.52 -28.64
N VAL D 515 84.87 149.88 -27.59
CA VAL D 515 86.28 149.94 -27.32
C VAL D 515 86.74 148.60 -26.86
N PRO D 516 86.68 147.70 -27.78
CA PRO D 516 87.09 146.34 -27.51
C PRO D 516 88.58 146.28 -27.35
N LYS D 517 89.04 145.28 -26.62
CA LYS D 517 90.46 145.04 -26.47
C LYS D 517 90.80 143.69 -27.11
N TRP D 518 91.35 143.76 -28.30
CA TRP D 518 91.71 142.54 -28.99
C TRP D 518 92.95 141.88 -28.44
N SER D 519 93.09 140.58 -28.68
CA SER D 519 94.33 139.94 -28.31
C SER D 519 95.39 140.77 -29.04
N ILE D 520 96.49 140.99 -28.37
CA ILE D 520 97.45 141.82 -29.03
C ILE D 520 97.96 141.28 -30.32
N LYS D 521 98.05 139.96 -30.46
CA LYS D 521 98.53 139.44 -31.73
C LYS D 521 97.52 139.71 -32.82
N LYS D 522 96.28 139.66 -32.46
CA LYS D 522 95.32 139.90 -33.49
C LYS D 522 95.25 141.36 -33.86
N TRP D 523 95.33 142.18 -32.86
CA TRP D 523 95.19 143.58 -33.08
C TRP D 523 96.07 144.04 -34.19
N LEU D 524 97.28 143.57 -34.16
CA LEU D 524 98.23 144.01 -35.16
C LEU D 524 97.80 143.85 -36.60
N SER D 525 97.11 142.76 -36.88
CA SER D 525 96.70 142.27 -38.19
C SER D 525 95.37 142.77 -38.70
N LEU D 526 94.69 143.59 -37.92
CA LEU D 526 93.44 144.06 -38.44
C LEU D 526 93.68 144.76 -39.76
N PRO D 527 92.67 144.61 -40.59
CA PRO D 527 92.73 145.16 -41.93
C PRO D 527 93.05 146.60 -41.86
N GLY D 528 94.09 146.95 -42.56
CA GLY D 528 94.52 148.32 -42.61
C GLY D 528 95.47 148.72 -41.49
N GLU D 529 95.52 147.96 -40.38
CA GLU D 529 96.42 148.38 -39.31
C GLU D 529 97.89 148.24 -39.67
N THR D 530 98.73 149.19 -39.29
CA THR D 530 100.15 149.09 -39.62
C THR D 530 101.10 149.55 -38.51
N ARG D 531 100.56 150.17 -37.48
CA ARG D 531 101.33 150.71 -36.40
C ARG D 531 101.97 149.70 -35.50
N PRO D 532 102.92 150.17 -34.73
CA PRO D 532 103.55 149.32 -33.76
C PRO D 532 102.63 149.28 -32.59
N LEU D 533 102.79 148.25 -31.75
CA LEU D 533 102.00 148.16 -30.57
C LEU D 533 102.84 148.02 -29.34
N ILE D 534 102.53 148.90 -28.37
CA ILE D 534 103.19 148.96 -27.09
C ILE D 534 102.15 149.21 -26.05
N LEU D 535 102.04 148.32 -25.07
CA LEU D 535 100.99 148.54 -24.11
C LEU D 535 101.35 149.63 -23.14
N CYS D 536 100.46 150.58 -23.05
CA CYS D 536 100.70 151.67 -22.13
C CYS D 536 100.56 151.16 -20.71
N GLU D 537 99.74 150.13 -20.55
CA GLU D 537 99.59 149.53 -19.23
C GLU D 537 99.26 148.09 -19.33
N TYR D 538 100.01 147.31 -18.56
CA TYR D 538 99.76 145.89 -18.53
C TYR D 538 100.35 145.21 -17.31
N ALA D 539 99.84 144.00 -17.10
CA ALA D 539 100.23 143.14 -16.01
C ALA D 539 100.01 143.81 -14.66
N HIS D 540 98.75 144.04 -14.32
CA HIS D 540 98.37 144.72 -13.08
C HIS D 540 99.04 144.10 -11.86
N ALA D 541 100.03 144.79 -11.28
CA ALA D 541 100.75 144.19 -10.16
C ALA D 541 100.17 144.30 -8.75
N MET D 542 98.85 144.18 -8.63
CA MET D 542 98.17 144.30 -7.38
C MET D 542 98.25 143.08 -6.46
N GLY D 543 99.08 143.22 -5.44
CA GLY D 543 99.24 142.16 -4.47
C GLY D 543 99.96 140.97 -5.02
N ASN D 544 99.45 139.77 -4.70
CA ASN D 544 100.04 138.56 -5.23
C ASN D 544 99.62 138.42 -6.69
N SER D 545 100.41 139.04 -7.57
CA SER D 545 100.08 139.09 -8.97
C SER D 545 101.25 138.83 -9.89
N LEU D 546 101.05 139.23 -11.14
CA LEU D 546 102.01 139.03 -12.20
C LEU D 546 101.93 137.66 -12.86
N GLY D 547 100.87 136.91 -12.58
CA GLY D 547 100.78 135.61 -13.21
C GLY D 547 100.56 135.83 -14.71
N GLY D 548 101.31 135.11 -15.55
CA GLY D 548 101.14 135.27 -16.99
C GLY D 548 102.17 136.18 -17.64
N PHE D 549 102.92 136.86 -16.84
CA PHE D 549 103.91 137.75 -17.37
C PHE D 549 104.74 137.17 -18.53
N ALA D 550 105.21 135.98 -18.36
CA ALA D 550 106.01 135.38 -19.40
C ALA D 550 105.31 135.24 -20.74
N LYS D 551 104.00 135.00 -20.71
CA LYS D 551 103.26 134.92 -21.93
C LYS D 551 103.48 136.17 -22.77
N TYR D 552 103.49 137.34 -22.15
CA TYR D 552 103.69 138.56 -22.88
C TYR D 552 105.08 138.61 -23.44
N TRP D 553 106.02 138.34 -22.56
CA TRP D 553 107.36 138.42 -23.02
C TRP D 553 107.63 137.53 -24.18
N GLN D 554 106.96 136.43 -24.17
CA GLN D 554 107.26 135.63 -25.28
C GLN D 554 106.68 136.16 -26.55
N ALA D 555 105.49 136.69 -26.44
CA ALA D 555 104.92 137.22 -27.63
C ALA D 555 105.76 138.37 -28.11
N PHE D 556 106.14 139.20 -27.15
CA PHE D 556 106.90 140.36 -27.54
C PHE D 556 108.07 139.93 -28.35
N ARG D 557 108.74 138.93 -27.82
CA ARG D 557 109.90 138.48 -28.51
C ARG D 557 109.60 137.87 -29.86
N GLN D 558 108.43 137.33 -30.07
CA GLN D 558 108.22 136.74 -31.37
C GLN D 558 107.61 137.64 -32.41
N TYR D 559 106.96 138.72 -32.03
CA TYR D 559 106.37 139.56 -33.03
C TYR D 559 107.01 140.92 -33.07
N PRO D 560 107.65 141.12 -34.17
CA PRO D 560 108.38 142.33 -34.46
C PRO D 560 107.65 143.59 -34.08
N ARG D 561 106.40 143.68 -34.48
CA ARG D 561 105.62 144.85 -34.17
C ARG D 561 105.14 144.91 -32.75
N LEU D 562 105.37 143.89 -31.95
CA LEU D 562 104.96 144.05 -30.57
C LEU D 562 106.20 144.54 -29.89
N GLN D 563 106.27 145.81 -29.57
CA GLN D 563 107.48 146.32 -28.99
C GLN D 563 107.56 146.52 -27.49
N GLY D 564 106.73 145.80 -26.72
CA GLY D 564 106.80 145.88 -25.26
C GLY D 564 105.65 146.58 -24.57
N GLY D 565 105.93 147.10 -23.38
CA GLY D 565 104.92 147.81 -22.62
C GLY D 565 105.44 148.28 -21.29
N PHE D 566 104.55 148.92 -20.56
CA PHE D 566 104.82 149.45 -19.27
C PHE D 566 103.91 148.81 -18.28
N VAL D 567 104.55 148.19 -17.33
CA VAL D 567 103.84 147.53 -16.30
C VAL D 567 103.13 148.51 -15.40
N TRP D 568 102.05 148.03 -14.85
CA TRP D 568 101.29 148.84 -13.94
C TRP D 568 101.28 148.25 -12.55
N ASP D 569 102.00 148.83 -11.60
CA ASP D 569 102.88 149.97 -11.75
C ASP D 569 104.06 149.82 -10.78
N TRP D 570 104.87 150.87 -10.63
CA TRP D 570 106.06 150.79 -9.80
C TRP D 570 105.96 150.54 -8.32
N VAL D 571 105.38 151.50 -7.56
CA VAL D 571 105.22 151.42 -6.11
C VAL D 571 103.79 151.42 -5.63
N ASP D 572 103.61 150.86 -4.44
CA ASP D 572 102.29 150.91 -3.84
C ASP D 572 102.06 152.33 -3.35
N GLN D 573 100.83 152.79 -3.48
CA GLN D 573 100.50 154.12 -3.03
C GLN D 573 99.93 154.01 -1.64
N SER D 574 100.80 153.57 -0.74
CA SER D 574 100.38 153.44 0.63
C SER D 574 101.03 154.48 1.49
N LEU D 575 100.25 154.86 2.49
CA LEU D 575 100.68 155.85 3.44
C LEU D 575 100.84 155.25 4.82
N ILE D 576 101.66 155.94 5.61
CA ILE D 576 101.90 155.54 6.97
C ILE D 576 100.95 156.18 7.96
N LYS D 577 100.60 155.40 8.96
CA LYS D 577 99.76 155.83 10.05
C LYS D 577 100.37 155.28 11.32
N TYR D 578 99.86 155.79 12.44
CA TYR D 578 100.40 155.27 13.68
C TYR D 578 99.38 154.73 14.63
N ASP D 579 99.82 153.72 15.35
CA ASP D 579 98.96 153.19 16.36
C ASP D 579 99.33 154.00 17.60
N GLU D 580 98.50 153.84 18.62
CA GLU D 580 98.66 154.48 19.91
C GLU D 580 100.06 154.25 20.50
N ASN D 581 100.65 153.12 20.16
CA ASN D 581 101.98 152.86 20.66
C ASN D 581 103.02 153.53 19.77
N GLY D 582 102.51 154.47 18.97
CA GLY D 582 103.32 155.25 18.04
C GLY D 582 103.95 154.34 17.01
N ASN D 583 103.18 153.31 16.67
CA ASN D 583 103.62 152.37 15.69
C ASN D 583 103.01 152.71 14.36
N PRO D 584 103.89 152.73 13.40
CA PRO D 584 103.58 153.05 12.03
C PRO D 584 102.99 151.86 11.31
N TRP D 585 102.05 152.14 10.44
CA TRP D 585 101.49 151.07 9.66
C TRP D 585 100.95 151.59 8.35
N SER D 586 101.02 150.73 7.35
CA SER D 586 100.61 151.06 6.02
C SER D 586 99.10 151.11 5.84
N ALA D 587 98.69 152.28 5.38
CA ALA D 587 97.30 152.61 5.18
C ALA D 587 96.93 152.73 3.72
N TYR D 588 95.64 152.53 3.49
CA TYR D 588 95.08 152.64 2.17
C TYR D 588 93.71 153.30 2.14
N GLY D 589 93.04 153.16 1.01
CA GLY D 589 91.74 153.75 0.83
C GLY D 589 90.86 153.52 2.03
N GLY D 590 90.22 154.62 2.44
CA GLY D 590 89.28 154.66 3.56
C GLY D 590 89.94 154.74 4.93
N ASP D 591 91.25 154.55 4.98
CA ASP D 591 92.00 154.58 6.22
C ASP D 591 92.05 155.96 6.88
N PHE D 592 91.56 157.00 6.20
CA PHE D 592 91.54 158.34 6.75
C PHE D 592 90.12 158.79 6.85
N GLY D 593 89.23 157.81 6.83
CA GLY D 593 87.82 158.11 6.89
C GLY D 593 87.39 158.77 5.59
N ASP D 594 88.35 158.75 4.63
CA ASP D 594 88.14 159.31 3.31
C ASP D 594 87.04 158.55 2.63
N THR D 595 86.08 159.31 2.16
CA THR D 595 84.96 158.75 1.46
C THR D 595 84.53 159.68 0.34
N PRO D 596 84.21 159.08 -0.81
CA PRO D 596 84.23 157.62 -0.96
C PRO D 596 85.65 157.14 -1.23
N ASN D 597 85.87 155.84 -1.21
CA ASN D 597 87.23 155.41 -1.48
C ASN D 597 87.28 154.07 -2.18
N ASP D 598 88.49 153.76 -2.68
CA ASP D 598 88.75 152.55 -3.43
C ASP D 598 89.71 151.55 -2.78
N ARG D 599 89.65 151.47 -1.46
CA ARG D 599 90.44 150.54 -0.68
C ARG D 599 91.88 150.36 -1.16
N GLN D 600 92.26 149.08 -1.35
CA GLN D 600 93.59 148.64 -1.77
C GLN D 600 93.96 148.99 -3.20
N PHE D 601 92.97 149.43 -3.97
CA PHE D 601 93.25 149.75 -5.33
C PHE D 601 94.44 150.65 -5.55
N CYS D 602 94.81 151.41 -4.55
CA CYS D 602 95.97 152.28 -4.67
C CYS D 602 97.24 151.45 -4.54
N MET D 603 97.09 150.14 -4.33
CA MET D 603 98.28 149.32 -4.19
C MET D 603 98.51 148.32 -5.32
N ASN D 604 99.37 148.73 -6.27
CA ASN D 604 99.62 147.86 -7.40
C ASN D 604 101.07 147.80 -7.81
N GLY D 605 101.97 148.11 -6.91
CA GLY D 605 103.36 148.17 -7.28
C GLY D 605 104.12 146.89 -7.21
N LEU D 606 105.29 146.99 -7.79
CA LEU D 606 106.24 145.91 -7.79
C LEU D 606 107.06 145.99 -6.51
N VAL D 607 106.99 147.16 -5.91
CA VAL D 607 107.66 147.38 -4.65
C VAL D 607 106.74 148.05 -3.69
N PHE D 608 107.12 147.84 -2.47
CA PHE D 608 106.45 148.43 -1.36
C PHE D 608 106.85 149.90 -1.34
N ALA D 609 105.98 150.72 -0.75
CA ALA D 609 106.28 152.14 -0.68
C ALA D 609 107.69 152.43 -0.19
N ASP D 610 108.19 151.61 0.73
CA ASP D 610 109.53 151.80 1.27
C ASP D 610 110.55 151.41 0.25
N ARG D 611 110.01 150.95 -0.87
CA ARG D 611 110.85 150.50 -1.93
C ARG D 611 111.42 149.15 -1.67
N THR D 612 110.58 148.34 -1.09
CA THR D 612 111.00 147.00 -0.91
C THR D 612 110.12 146.21 -1.79
N PRO D 613 110.83 145.43 -2.54
CA PRO D 613 110.35 144.56 -3.55
C PRO D 613 109.32 143.60 -3.11
N HIS D 614 108.43 143.34 -4.03
CA HIS D 614 107.46 142.33 -3.93
C HIS D 614 108.15 141.20 -4.67
N PRO D 615 107.70 139.99 -4.46
CA PRO D 615 108.37 138.91 -5.13
C PRO D 615 108.25 139.00 -6.66
N ALA D 616 107.11 139.53 -7.11
CA ALA D 616 106.88 139.64 -8.53
C ALA D 616 108.04 140.30 -9.29
N LEU D 617 108.65 141.26 -8.63
CA LEU D 617 109.72 141.97 -9.24
C LEU D 617 110.72 141.07 -9.92
N THR D 618 110.95 139.98 -9.27
CA THR D 618 111.90 139.04 -9.77
C THR D 618 111.51 138.42 -11.07
N GLU D 619 110.25 138.01 -11.13
CA GLU D 619 109.77 137.44 -12.35
C GLU D 619 110.06 138.45 -13.44
N ALA D 620 109.76 139.69 -13.12
CA ALA D 620 110.01 140.72 -14.12
C ALA D 620 111.45 140.78 -14.56
N LYS D 621 112.30 140.89 -13.57
CA LYS D 621 113.68 140.98 -13.90
C LYS D 621 114.12 139.86 -14.81
N HIS D 622 113.69 138.67 -14.47
CA HIS D 622 114.08 137.51 -15.24
C HIS D 622 113.57 137.58 -16.67
N GLN D 623 112.27 137.80 -16.83
CA GLN D 623 111.68 137.87 -18.15
C GLN D 623 112.26 139.01 -18.99
N GLN D 624 112.80 140.02 -18.34
CA GLN D 624 113.31 141.15 -19.07
C GLN D 624 114.79 141.07 -19.33
N GLN D 625 115.43 140.01 -18.92
CA GLN D 625 116.86 139.98 -19.14
C GLN D 625 117.28 140.26 -20.55
N PHE D 626 118.47 140.80 -20.66
CA PHE D 626 119.01 141.15 -21.94
C PHE D 626 119.73 140.02 -22.60
N PHE D 627 119.85 138.89 -21.94
CA PHE D 627 120.54 137.79 -22.59
C PHE D 627 119.68 136.59 -22.63
N GLN D 628 119.74 135.89 -23.74
CA GLN D 628 118.97 134.70 -23.88
C GLN D 628 119.83 133.52 -24.22
N PHE D 629 119.48 132.40 -23.59
CA PHE D 629 120.20 131.17 -23.72
C PHE D 629 119.49 130.02 -24.36
N ARG D 630 120.31 129.24 -25.02
CA ARG D 630 119.89 128.04 -25.67
C ARG D 630 120.91 127.00 -25.34
N LEU D 631 120.40 125.84 -25.08
CA LEU D 631 121.25 124.76 -24.74
C LEU D 631 121.19 123.68 -25.77
N SER D 632 122.35 123.32 -26.27
CA SER D 632 122.39 122.25 -27.22
C SER D 632 123.53 121.32 -26.94
N GLY D 633 123.15 120.17 -26.40
CA GLY D 633 124.17 119.24 -26.05
C GLY D 633 125.08 119.86 -25.01
N GLN D 634 126.33 120.13 -25.37
CA GLN D 634 127.23 120.68 -24.38
C GLN D 634 127.47 122.14 -24.65
N THR D 635 126.67 122.65 -25.57
CA THR D 635 126.84 124.00 -25.95
C THR D 635 125.77 124.94 -25.53
N ILE D 636 126.23 126.04 -25.01
CA ILE D 636 125.31 127.04 -24.69
C ILE D 636 125.38 128.15 -25.68
N GLU D 637 124.21 128.48 -26.20
CA GLU D 637 124.13 129.55 -27.12
C GLU D 637 123.61 130.79 -26.42
N VAL D 638 124.35 131.88 -26.59
CA VAL D 638 123.96 133.09 -25.95
C VAL D 638 123.60 134.14 -26.93
N THR D 639 122.51 134.81 -26.63
CA THR D 639 122.06 135.85 -27.51
C THR D 639 121.87 137.13 -26.76
N SER D 640 122.35 138.21 -27.39
CA SER D 640 122.32 139.55 -26.84
C SER D 640 121.12 140.31 -27.35
N GLU D 641 120.40 140.88 -26.40
CA GLU D 641 119.28 141.71 -26.73
C GLU D 641 119.68 143.17 -26.58
N TYR D 642 120.98 143.40 -26.53
CA TYR D 642 121.43 144.78 -26.48
C TYR D 642 121.49 145.26 -27.92
N LEU D 643 121.13 146.51 -28.16
CA LEU D 643 121.13 147.02 -29.51
C LEU D 643 122.39 147.75 -29.77
N PHE D 644 122.95 148.29 -28.72
CA PHE D 644 124.12 149.10 -28.87
C PHE D 644 125.35 148.65 -28.14
N ARG D 645 125.25 147.99 -27.00
CA ARG D 645 126.52 147.67 -26.38
C ARG D 645 127.05 146.29 -26.58
N HIS D 646 128.29 146.18 -26.18
CA HIS D 646 128.94 144.91 -26.26
C HIS D 646 129.02 144.34 -24.85
N SER D 647 129.04 143.02 -24.69
CA SER D 647 129.07 142.41 -23.35
C SER D 647 130.35 142.71 -22.64
N ASP D 648 130.59 143.96 -22.39
CA ASP D 648 131.84 144.32 -21.79
C ASP D 648 131.93 144.34 -20.29
N ASN D 649 130.95 143.80 -19.59
CA ASN D 649 131.05 143.74 -18.15
C ASN D 649 130.29 142.51 -17.76
N GLU D 650 130.60 141.46 -18.51
CA GLU D 650 129.89 140.24 -18.32
C GLU D 650 130.64 138.95 -18.16
N LEU D 651 130.29 138.34 -17.05
CA LEU D 651 130.78 137.05 -16.70
C LEU D 651 129.70 136.02 -16.62
N LEU D 652 129.97 134.92 -17.25
CA LEU D 652 129.03 133.87 -17.20
C LEU D 652 129.45 132.72 -16.29
N HIS D 653 128.70 132.53 -15.22
CA HIS D 653 129.02 131.46 -14.31
C HIS D 653 128.09 130.31 -14.55
N TRP D 654 128.62 129.13 -14.65
CA TRP D 654 127.74 128.02 -14.81
C TRP D 654 128.03 126.98 -13.78
N MET D 655 127.11 126.06 -13.64
CA MET D 655 127.33 125.04 -12.67
C MET D 655 126.30 123.92 -12.66
N VAL D 656 126.80 122.74 -12.32
CA VAL D 656 126.03 121.54 -12.30
C VAL D 656 125.83 120.91 -10.95
N ALA D 657 124.61 120.48 -10.69
CA ALA D 657 124.30 119.86 -9.44
C ALA D 657 123.29 118.76 -9.54
N LEU D 658 123.45 117.85 -8.60
CA LEU D 658 122.61 116.71 -8.52
C LEU D 658 121.77 116.89 -7.32
N ASP D 659 120.48 117.01 -7.56
CA ASP D 659 119.61 117.25 -6.43
C ASP D 659 120.19 118.26 -5.45
N GLY D 660 120.82 119.29 -5.96
CA GLY D 660 121.33 120.28 -5.04
C GLY D 660 122.80 120.10 -4.75
N LYS D 661 123.35 118.98 -5.15
CA LYS D 661 124.74 118.79 -4.92
C LYS D 661 125.51 119.12 -6.14
N PRO D 662 126.27 120.15 -5.93
CA PRO D 662 127.13 120.77 -6.90
C PRO D 662 128.23 119.82 -7.27
N LEU D 663 128.42 119.66 -8.54
CA LEU D 663 129.43 118.76 -9.00
C LEU D 663 130.46 119.47 -9.83
N ALA D 664 130.11 120.63 -10.38
CA ALA D 664 131.00 121.37 -11.24
C ALA D 664 130.52 122.76 -11.46
N SER D 665 131.48 123.66 -11.56
CA SER D 665 131.24 125.07 -11.78
C SER D 665 132.21 125.55 -12.79
N GLY D 666 131.89 126.68 -13.39
CA GLY D 666 132.72 127.25 -14.41
C GLY D 666 132.46 128.73 -14.54
N GLU D 667 133.42 129.39 -15.14
CA GLU D 667 133.30 130.81 -15.34
C GLU D 667 133.70 131.19 -16.73
N VAL D 668 132.83 131.89 -17.42
CA VAL D 668 133.21 132.31 -18.73
C VAL D 668 132.74 133.68 -19.06
N PRO D 669 133.72 134.42 -19.48
CA PRO D 669 133.58 135.78 -19.91
C PRO D 669 132.84 135.84 -21.22
N LEU D 670 131.89 136.75 -21.24
CA LEU D 670 131.08 136.98 -22.40
C LEU D 670 131.65 137.96 -23.38
N ASP D 671 131.44 137.64 -24.62
CA ASP D 671 131.89 138.47 -25.70
C ASP D 671 130.84 138.49 -26.76
N VAL D 672 129.82 139.32 -26.57
CA VAL D 672 128.76 139.36 -27.56
C VAL D 672 128.38 140.74 -27.99
N ALA D 673 128.31 140.84 -29.29
CA ALA D 673 127.90 142.07 -29.88
C ALA D 673 126.42 142.22 -29.78
N PRO D 674 126.00 143.47 -29.67
CA PRO D 674 124.60 143.75 -29.62
C PRO D 674 123.98 142.90 -30.71
N GLN D 675 122.90 142.25 -30.32
CA GLN D 675 122.18 141.39 -31.21
C GLN D 675 122.95 140.22 -31.74
N GLY D 676 124.05 139.89 -31.10
CA GLY D 676 124.81 138.75 -31.57
C GLY D 676 124.65 137.52 -30.72
N LYS D 677 125.32 136.47 -31.17
CA LYS D 677 125.33 135.18 -30.51
C LYS D 677 126.74 134.77 -30.09
N GLN D 678 126.83 134.02 -29.00
CA GLN D 678 128.10 133.52 -28.53
C GLN D 678 127.88 132.07 -28.16
N LEU D 679 128.83 131.25 -28.62
CA LEU D 679 128.77 129.83 -28.35
C LEU D 679 129.60 129.39 -27.20
N ILE D 680 128.98 128.60 -26.37
CA ILE D 680 129.76 128.22 -25.26
C ILE D 680 129.87 126.77 -25.09
N GLU D 681 131.13 126.40 -25.22
CA GLU D 681 131.53 125.04 -25.14
C GLU D 681 131.76 124.51 -23.76
N LEU D 682 131.02 123.48 -23.47
CA LEU D 682 131.15 122.91 -22.17
C LEU D 682 132.11 121.77 -22.09
N PRO D 683 132.87 121.86 -21.03
CA PRO D 683 133.82 120.85 -20.67
C PRO D 683 133.00 119.62 -20.43
N GLU D 684 133.62 118.47 -20.54
CA GLU D 684 132.88 117.26 -20.31
C GLU D 684 132.20 117.23 -18.98
N LEU D 685 130.94 116.88 -19.09
CA LEU D 685 130.11 116.84 -17.93
C LEU D 685 130.11 115.53 -17.25
N PRO D 686 129.96 115.66 -15.96
CA PRO D 686 129.92 114.58 -15.03
C PRO D 686 128.68 113.71 -15.22
N GLN D 687 128.88 112.41 -15.04
CA GLN D 687 127.80 111.47 -15.20
C GLN D 687 127.61 110.61 -13.98
N PRO D 688 127.13 111.24 -12.95
CA PRO D 688 126.83 110.64 -11.67
C PRO D 688 126.02 109.37 -11.83
N GLU D 689 126.20 108.49 -10.88
CA GLU D 689 125.52 107.23 -10.88
C GLU D 689 124.25 107.30 -10.09
N SER D 690 124.46 107.91 -8.93
CA SER D 690 123.45 108.16 -7.94
C SER D 690 122.14 108.61 -8.57
N ALA D 691 121.07 108.34 -7.88
CA ALA D 691 119.80 108.73 -8.43
C ALA D 691 119.57 110.17 -8.14
N GLY D 692 118.76 110.77 -9.02
CA GLY D 692 118.42 112.17 -8.88
C GLY D 692 118.37 112.91 -10.20
N GLN D 693 118.06 114.20 -10.07
CA GLN D 693 117.94 115.13 -11.17
C GLN D 693 119.18 115.95 -11.30
N LEU D 694 119.68 115.95 -12.51
CA LEU D 694 120.85 116.69 -12.82
C LEU D 694 120.48 118.00 -13.47
N TRP D 695 120.94 119.09 -12.90
CA TRP D 695 120.58 120.36 -13.46
C TRP D 695 121.71 121.32 -13.71
N LEU D 696 121.56 122.01 -14.83
CA LEU D 696 122.51 123.00 -15.20
C LEU D 696 122.02 124.41 -14.98
N THR D 697 122.88 125.23 -14.39
CA THR D 697 122.49 126.59 -14.18
C THR D 697 123.53 127.61 -14.55
N VAL D 698 123.09 128.63 -15.26
CA VAL D 698 123.95 129.74 -15.65
C VAL D 698 123.48 131.07 -15.08
N ARG D 699 124.47 131.88 -14.80
CA ARG D 699 124.23 133.20 -14.27
C ARG D 699 125.12 134.20 -14.95
N VAL D 700 124.64 135.42 -15.01
CA VAL D 700 125.44 136.45 -15.59
C VAL D 700 125.80 137.50 -14.60
N VAL D 701 127.11 137.70 -14.53
CA VAL D 701 127.60 138.66 -13.61
C VAL D 701 128.41 139.78 -14.13
N GLN D 702 128.18 140.88 -13.42
CA GLN D 702 128.84 142.12 -13.66
C GLN D 702 129.90 142.35 -12.62
N PRO D 703 131.07 141.94 -13.05
CA PRO D 703 132.27 142.02 -12.27
C PRO D 703 132.50 143.40 -11.73
N ASN D 704 132.44 144.41 -12.60
CA ASN D 704 132.68 145.77 -12.17
C ASN D 704 131.42 146.54 -11.87
N ALA D 705 131.47 147.41 -10.88
CA ALA D 705 130.27 148.15 -10.60
C ALA D 705 130.02 149.17 -11.68
N THR D 706 128.81 149.69 -11.66
CA THR D 706 128.39 150.68 -12.63
C THR D 706 127.74 151.77 -11.88
N ALA D 707 127.31 152.74 -12.62
CA ALA D 707 126.68 153.83 -11.98
C ALA D 707 125.39 153.43 -11.34
N TRP D 708 124.86 152.30 -11.77
CA TRP D 708 123.59 151.93 -11.19
C TRP D 708 123.62 150.59 -10.59
N SER D 709 124.79 149.98 -10.57
CA SER D 709 124.92 148.66 -10.02
C SER D 709 126.26 148.44 -9.38
N GLU D 710 126.22 147.58 -8.37
CA GLU D 710 127.37 147.15 -7.62
C GLU D 710 128.19 146.14 -8.35
N ALA D 711 129.36 145.89 -7.83
CA ALA D 711 130.10 144.89 -8.53
C ALA D 711 129.53 143.54 -8.16
N GLY D 712 129.65 142.61 -9.07
CA GLY D 712 129.10 141.29 -8.82
C GLY D 712 127.56 141.22 -8.96
N HIS D 713 127.00 142.14 -9.72
CA HIS D 713 125.59 142.12 -9.90
C HIS D 713 125.17 141.01 -10.84
N ILE D 714 124.05 140.37 -10.50
CA ILE D 714 123.52 139.32 -11.35
C ILE D 714 122.51 139.91 -12.29
N SER D 715 122.75 139.79 -13.57
CA SER D 715 121.83 140.39 -14.50
C SER D 715 120.95 139.41 -15.22
N ALA D 716 121.34 138.15 -15.20
CA ALA D 716 120.53 137.19 -15.90
C ALA D 716 120.85 135.79 -15.52
N TRP D 717 119.85 134.94 -15.64
CA TRP D 717 120.10 133.58 -15.36
C TRP D 717 119.19 132.68 -16.11
N GLN D 718 119.54 131.42 -16.10
CA GLN D 718 118.74 130.43 -16.77
C GLN D 718 119.16 129.04 -16.36
N GLN D 719 118.19 128.14 -16.30
CA GLN D 719 118.60 126.82 -15.91
C GLN D 719 117.99 125.67 -16.72
N TRP D 720 118.64 124.53 -16.75
CA TRP D 720 118.11 123.41 -17.49
C TRP D 720 118.25 122.08 -16.77
N ARG D 721 117.35 121.15 -17.07
CA ARG D 721 117.47 119.86 -16.42
C ARG D 721 118.18 118.92 -17.32
N LEU D 722 119.36 118.51 -16.93
CA LEU D 722 120.12 117.66 -17.80
C LEU D 722 119.70 116.24 -17.85
N ALA D 723 119.58 115.63 -16.71
CA ALA D 723 119.18 114.26 -16.75
C ALA D 723 118.47 113.87 -15.50
N GLU D 724 118.09 112.60 -15.55
CA GLU D 724 117.39 112.00 -14.44
C GLU D 724 117.78 110.57 -14.27
N ASN D 725 118.02 110.21 -13.05
CA ASN D 725 118.35 108.84 -12.75
C ASN D 725 117.28 108.35 -11.83
N LEU D 726 116.37 107.60 -12.40
CA LEU D 726 115.28 107.05 -11.60
C LEU D 726 115.81 106.11 -10.55
N SER D 727 115.24 106.19 -9.35
CA SER D 727 115.69 105.31 -8.27
C SER D 727 114.98 103.99 -8.27
N VAL D 728 115.79 102.97 -8.43
CA VAL D 728 115.27 101.64 -8.46
C VAL D 728 115.57 100.92 -7.19
N THR D 729 115.85 101.65 -6.16
CA THR D 729 116.16 100.90 -4.99
C THR D 729 115.03 100.67 -4.07
N LEU D 730 115.32 99.69 -3.24
CA LEU D 730 114.42 99.23 -2.25
C LEU D 730 114.94 99.49 -0.88
N PRO D 731 113.94 99.84 -0.10
CA PRO D 731 114.08 100.10 1.30
C PRO D 731 114.49 98.78 1.95
N ALA D 732 115.54 98.87 2.75
CA ALA D 732 115.98 97.67 3.42
C ALA D 732 114.94 97.24 4.44
N ALA D 733 115.00 95.96 4.81
CA ALA D 733 114.07 95.42 5.79
C ALA D 733 114.16 96.12 7.13
N SER D 734 113.03 96.05 7.80
CA SER D 734 112.85 96.59 9.12
C SER D 734 112.79 95.39 10.04
N HIS D 735 113.22 95.58 11.26
CA HIS D 735 113.22 94.46 12.16
C HIS D 735 111.91 94.34 12.89
N ALA D 736 111.02 95.25 12.60
CA ALA D 736 109.78 95.22 13.28
C ALA D 736 108.72 95.89 12.49
N ILE D 737 107.53 95.81 13.00
CA ILE D 737 106.47 96.45 12.32
C ILE D 737 105.51 97.09 13.27
N PRO D 738 104.97 98.17 12.80
CA PRO D 738 104.07 98.94 13.60
C PRO D 738 103.03 98.07 14.23
N HIS D 739 102.56 98.56 15.34
CA HIS D 739 101.60 97.83 16.04
C HIS D 739 100.30 98.58 16.16
N LEU D 740 99.30 97.99 15.52
CA LEU D 740 97.97 98.57 15.47
C LEU D 740 97.18 98.36 16.71
N THR D 741 96.20 99.19 16.97
CA THR D 741 95.41 99.04 18.18
C THR D 741 94.11 99.74 18.02
N THR D 742 93.05 98.97 17.96
CA THR D 742 91.76 99.58 17.79
C THR D 742 91.21 100.07 19.08
N SER D 743 90.16 100.85 18.97
CA SER D 743 89.44 101.45 20.06
C SER D 743 88.14 101.91 19.47
N GLU D 744 87.29 102.51 20.24
CA GLU D 744 86.07 102.92 19.61
C GLU D 744 86.24 104.18 18.83
N MET D 745 87.04 105.03 19.45
CA MET D 745 87.33 106.34 18.97
C MET D 745 88.44 106.35 18.01
N ASP D 746 89.26 105.34 18.05
CA ASP D 746 90.31 105.46 17.10
C ASP D 746 91.14 104.26 16.90
N PHE D 747 92.19 104.52 16.13
CA PHE D 747 93.14 103.53 15.79
C PHE D 747 94.50 103.98 16.26
N CME D 748 95.29 103.06 16.85
CA CME D 748 96.60 103.44 17.32
CB CME D 748 96.85 103.47 18.80
SG CME D 748 96.48 105.12 19.29
SD CME D 748 98.13 105.97 19.90
CE CME D 748 97.28 107.19 20.94
CZ CME D 748 97.89 107.32 22.35
OH CME D 748 96.86 107.29 23.33
C CME D 748 97.73 102.75 16.71
O CME D 748 97.91 101.54 16.82
N ILE D 749 98.55 103.55 16.14
CA ILE D 749 99.70 102.95 15.55
C ILE D 749 100.90 103.33 16.34
N GLU D 750 101.62 102.31 16.72
CA GLU D 750 102.80 102.53 17.49
C GLU D 750 103.99 101.87 16.90
N LEU D 751 105.12 102.50 17.15
CA LEU D 751 106.38 101.98 16.69
C LEU D 751 107.49 102.70 17.39
N GLY D 752 107.99 102.11 18.45
CA GLY D 752 109.04 102.76 19.21
C GLY D 752 108.41 103.91 19.95
N ASN D 753 109.14 105.01 19.96
CA ASN D 753 108.69 106.25 20.58
C ASN D 753 107.60 106.88 19.74
N LYS D 754 107.54 106.50 18.46
CA LYS D 754 106.57 107.04 17.57
C LYS D 754 105.18 106.44 17.70
N ARG D 755 104.20 107.32 17.60
CA ARG D 755 102.80 106.97 17.69
C ARG D 755 101.94 107.87 16.83
N TRP D 756 100.94 107.27 16.20
CA TRP D 756 100.04 107.99 15.33
C TRP D 756 98.61 107.68 15.66
N GLN D 757 97.77 108.67 15.70
CA GLN D 757 96.41 108.32 15.96
C GLN D 757 95.37 108.86 14.97
N PHE D 758 94.45 107.99 14.57
CA PHE D 758 93.42 108.41 13.65
C PHE D 758 92.06 108.40 14.27
N ASN D 759 91.42 109.54 14.33
CA ASN D 759 90.09 109.58 14.91
C ASN D 759 89.11 108.89 14.02
N ARG D 760 88.39 107.97 14.61
CA ARG D 760 87.43 107.19 13.88
C ARG D 760 86.17 107.91 13.53
N GLN D 761 85.92 109.03 14.15
CA GLN D 761 84.68 109.65 13.74
C GLN D 761 84.91 110.57 12.59
N SER D 762 86.04 111.26 12.62
CA SER D 762 86.37 112.23 11.64
C SER D 762 87.08 111.61 10.48
N GLY D 763 87.74 110.52 10.78
CA GLY D 763 88.51 109.92 9.73
C GLY D 763 89.83 110.63 9.49
N PHE D 764 90.31 111.48 10.39
CA PHE D 764 91.58 112.08 10.11
C PHE D 764 92.63 111.68 11.06
N LEU D 765 93.85 111.91 10.64
CA LEU D 765 94.98 111.68 11.48
C LEU D 765 94.93 112.82 12.44
N SER D 766 94.53 112.54 13.66
CA SER D 766 94.32 113.53 14.71
C SER D 766 95.53 113.92 15.52
N GLN D 767 96.46 113.02 15.73
CA GLN D 767 97.60 113.42 16.50
C GLN D 767 98.70 112.46 16.29
N MET D 768 99.88 112.89 16.63
CA MET D 768 100.98 112.04 16.53
C MET D 768 102.02 112.49 17.50
N TRP D 769 102.77 111.53 18.02
CA TRP D 769 103.77 111.81 19.03
C TRP D 769 105.10 111.28 18.70
N ILE D 770 106.05 111.99 19.23
CA ILE D 770 107.40 111.53 19.18
C ILE D 770 107.79 111.59 20.62
N GLY D 771 107.93 110.41 21.18
CA GLY D 771 108.17 110.37 22.57
C GLY D 771 106.84 110.73 23.20
N ASP D 772 106.88 111.65 24.11
CA ASP D 772 105.69 112.11 24.80
C ASP D 772 105.23 113.44 24.26
N LYS D 773 105.84 113.84 23.15
CA LYS D 773 105.50 115.09 22.54
C LYS D 773 104.48 114.99 21.45
N LYS D 774 103.38 115.70 21.65
CA LYS D 774 102.35 115.74 20.66
C LYS D 774 102.91 116.57 19.53
N GLN D 775 102.51 116.31 18.29
CA GLN D 775 103.12 117.06 17.22
C GLN D 775 102.20 118.00 16.52
N LEU D 776 100.91 117.80 16.68
CA LEU D 776 100.01 118.66 15.97
C LEU D 776 99.05 119.36 16.84
N LEU D 777 98.76 120.59 16.49
CA LEU D 777 97.74 121.33 17.21
C LEU D 777 96.43 121.15 16.47
N THR D 778 96.53 120.70 15.24
CA THR D 778 95.36 120.51 14.43
C THR D 778 95.53 119.29 13.57
N PRO D 779 94.43 118.62 13.31
CA PRO D 779 94.44 117.41 12.50
C PRO D 779 94.75 117.69 11.02
N LEU D 780 95.31 116.68 10.39
CA LEU D 780 95.70 116.77 9.02
C LEU D 780 94.50 116.66 8.12
N ARG D 781 94.26 117.69 7.35
CA ARG D 781 93.13 117.59 6.47
C ARG D 781 93.19 118.21 5.12
N ASP D 782 92.23 117.71 4.33
CA ASP D 782 92.09 118.12 2.97
C ASP D 782 91.76 119.57 2.93
N GLN D 783 92.25 120.24 1.94
CA GLN D 783 91.93 121.62 1.83
C GLN D 783 91.73 121.98 0.39
N PHE D 784 90.64 122.66 0.12
CA PHE D 784 90.34 123.02 -1.26
C PHE D 784 90.29 124.50 -1.56
N THR D 785 90.48 125.34 -0.56
CA THR D 785 90.36 126.75 -0.81
C THR D 785 91.63 127.53 -0.48
N ARG D 786 91.55 128.85 -0.76
CA ARG D 786 92.61 129.73 -0.41
C ARG D 786 92.10 131.08 0.08
N ALA D 787 92.94 131.77 0.83
CA ALA D 787 92.63 133.10 1.29
C ALA D 787 92.82 133.94 0.04
N PRO D 788 91.69 134.35 -0.51
CA PRO D 788 91.56 135.09 -1.73
C PRO D 788 92.62 136.12 -2.00
N LEU D 789 93.09 136.10 -3.23
CA LEU D 789 94.03 137.11 -3.63
C LEU D 789 93.24 138.30 -4.11
N ASP D 790 93.97 139.38 -4.26
CA ASP D 790 93.32 140.56 -4.75
C ASP D 790 92.64 140.23 -6.04
N ASN D 791 93.38 139.53 -6.87
CA ASN D 791 92.87 139.08 -8.15
C ASN D 791 91.64 138.17 -7.97
N ASP D 792 91.60 137.38 -6.90
CA ASP D 792 90.45 136.52 -6.74
C ASP D 792 89.18 137.29 -6.43
N ILE D 793 89.40 138.49 -5.90
CA ILE D 793 88.32 139.35 -5.47
C ILE D 793 87.86 140.36 -6.49
N GLY D 794 88.84 141.02 -7.10
CA GLY D 794 88.56 142.01 -8.10
C GLY D 794 87.87 143.19 -7.49
N VAL D 795 86.69 143.48 -7.98
CA VAL D 795 86.01 144.62 -7.43
C VAL D 795 84.77 144.26 -6.66
N SER D 796 84.68 143.00 -6.30
CA SER D 796 83.53 142.60 -5.54
C SER D 796 83.55 143.28 -4.18
N GLU D 797 82.38 143.77 -3.84
CA GLU D 797 82.18 144.45 -2.59
C GLU D 797 80.97 143.89 -1.92
N ALA D 798 81.02 143.95 -0.60
CA ALA D 798 79.94 143.46 0.24
C ALA D 798 78.60 144.03 -0.22
N THR D 799 78.62 145.33 -0.44
CA THR D 799 77.49 146.08 -0.91
C THR D 799 77.16 145.69 -2.35
N ARG D 800 78.22 145.74 -3.17
CA ARG D 800 78.14 145.48 -4.58
C ARG D 800 79.02 144.32 -5.00
N ILE D 801 78.41 143.17 -4.91
CA ILE D 801 79.04 141.92 -5.25
C ILE D 801 79.21 141.71 -6.75
N ASP D 802 80.34 141.10 -7.12
CA ASP D 802 80.64 140.75 -8.51
C ASP D 802 80.67 139.24 -8.66
N PRO D 803 79.52 138.76 -9.05
CA PRO D 803 79.22 137.38 -9.30
C PRO D 803 80.24 136.65 -10.13
N ASN D 804 81.04 137.33 -10.92
CA ASN D 804 81.98 136.52 -11.66
C ASN D 804 83.31 136.35 -10.98
N ALA D 805 83.54 137.14 -9.96
CA ALA D 805 84.78 136.98 -9.26
C ALA D 805 84.88 135.57 -8.69
N TRP D 806 86.08 135.03 -8.79
CA TRP D 806 86.36 133.71 -8.32
C TRP D 806 85.84 133.56 -6.92
N VAL D 807 86.27 134.49 -6.10
CA VAL D 807 85.85 134.43 -4.73
C VAL D 807 84.36 134.31 -4.60
N GLU D 808 83.70 135.11 -5.40
CA GLU D 808 82.28 135.11 -5.38
C GLU D 808 81.73 133.75 -5.72
N ARG D 809 82.30 133.18 -6.73
CA ARG D 809 81.82 131.86 -7.13
C ARG D 809 82.10 130.78 -6.12
N TRP D 810 83.29 130.84 -5.58
CA TRP D 810 83.69 129.87 -4.64
C TRP D 810 82.75 129.90 -3.45
N LYS D 811 82.46 131.14 -3.08
CA LYS D 811 81.60 131.39 -1.96
C LYS D 811 80.25 130.82 -2.23
N ALA D 812 79.71 131.26 -3.32
CA ALA D 812 78.41 130.80 -3.68
C ALA D 812 78.31 129.31 -3.78
N ALA D 813 79.41 128.69 -4.16
CA ALA D 813 79.39 127.25 -4.32
C ALA D 813 79.45 126.54 -2.99
N GLY D 814 79.83 127.28 -1.96
CA GLY D 814 79.91 126.68 -0.65
C GLY D 814 81.27 126.09 -0.43
N HIS D 815 82.20 126.40 -1.32
CA HIS D 815 83.52 125.84 -1.13
C HIS D 815 84.06 126.15 0.23
N TYR D 816 83.86 127.39 0.62
CA TYR D 816 84.38 127.84 1.88
C TYR D 816 83.68 127.24 3.04
N GLN D 817 82.55 126.59 2.82
CA GLN D 817 81.91 126.07 3.99
C GLN D 817 81.32 124.69 3.86
N ALA D 818 81.91 123.90 2.99
CA ALA D 818 81.39 122.58 2.83
C ALA D 818 81.81 121.76 3.98
N GLU D 819 80.98 120.78 4.19
CA GLU D 819 81.10 119.84 5.26
C GLU D 819 81.58 118.50 4.80
N ALA D 820 82.68 118.09 5.43
CA ALA D 820 83.20 116.78 5.13
C ALA D 820 82.36 115.68 5.75
N ALA D 821 82.28 114.53 5.10
CA ALA D 821 81.53 113.41 5.59
C ALA D 821 82.29 112.10 5.43
N LEU D 822 82.51 111.40 6.53
CA LEU D 822 83.22 110.15 6.42
C LEU D 822 82.40 109.16 5.64
N LEU D 823 83.00 108.62 4.62
CA LEU D 823 82.31 107.62 3.88
C LEU D 823 82.85 106.30 4.31
N GLN D 824 84.12 106.30 4.70
CA GLN D 824 84.73 105.07 5.10
C GLN D 824 86.11 105.25 5.67
N CYS D 825 86.42 104.37 6.62
CA CYS D 825 87.69 104.42 7.31
C CYS D 825 88.06 103.06 7.79
N THR D 826 89.15 102.52 7.28
CA THR D 826 89.54 101.21 7.71
C THR D 826 91.01 101.03 7.93
N ALA D 827 91.27 100.03 8.76
CA ALA D 827 92.62 99.70 9.14
C ALA D 827 92.90 98.26 8.88
N ASP D 828 94.16 97.99 8.54
CA ASP D 828 94.53 96.64 8.20
C ASP D 828 95.98 96.42 8.43
N THR D 829 96.28 95.18 8.82
CA THR D 829 97.65 94.82 9.07
C THR D 829 98.22 93.95 8.02
N LEU D 830 99.28 94.47 7.47
CA LEU D 830 99.95 93.77 6.44
C LEU D 830 101.19 93.16 7.01
N ALA D 831 101.84 92.40 6.19
CA ALA D 831 103.03 91.77 6.66
C ALA D 831 104.10 92.73 7.01
N ASP D 832 104.14 93.87 6.35
CA ASP D 832 105.25 94.77 6.59
C ASP D 832 104.87 96.14 7.02
N ALA D 833 103.57 96.36 7.14
CA ALA D 833 103.12 97.64 7.58
C ALA D 833 101.66 97.63 7.95
N VAL D 834 101.23 98.81 8.35
CA VAL D 834 99.86 99.02 8.66
C VAL D 834 99.24 99.93 7.62
N LEU D 835 98.02 99.58 7.28
CA LEU D 835 97.35 100.29 6.26
C LEU D 835 96.02 100.85 6.64
N ILE D 836 95.89 102.14 6.40
CA ILE D 836 94.66 102.82 6.69
C ILE D 836 94.03 103.39 5.46
N THR D 837 92.72 103.24 5.37
CA THR D 837 92.08 103.85 4.24
C THR D 837 90.84 104.63 4.59
N THR D 838 90.71 105.77 3.94
CA THR D 838 89.58 106.63 4.18
C THR D 838 88.95 107.14 2.92
N ALA D 839 87.76 107.69 3.12
CA ALA D 839 87.03 108.26 2.03
C ALA D 839 86.08 109.26 2.59
N HIS D 840 86.17 110.48 2.11
CA HIS D 840 85.29 111.51 2.58
C HIS D 840 84.61 112.21 1.44
N ALA D 841 83.56 112.92 1.79
CA ALA D 841 82.87 113.69 0.79
C ALA D 841 82.56 115.09 1.29
N TRP D 842 82.85 116.10 0.50
CA TRP D 842 82.46 117.40 0.95
C TRP D 842 81.19 117.75 0.27
N GLN D 843 80.21 118.14 1.06
CA GLN D 843 78.97 118.51 0.47
C GLN D 843 78.45 119.82 0.90
N HIS D 844 77.50 120.25 0.13
CA HIS D 844 76.92 121.51 0.43
C HIS D 844 75.56 121.59 -0.15
N GLN D 845 74.61 121.73 0.74
CA GLN D 845 73.25 121.79 0.33
C GLN D 845 72.88 120.63 -0.57
N GLY D 846 73.29 119.44 -0.15
CA GLY D 846 72.94 118.25 -0.89
C GLY D 846 73.84 117.95 -2.07
N LYS D 847 74.69 118.88 -2.44
CA LYS D 847 75.56 118.57 -3.53
C LYS D 847 76.91 118.13 -3.04
N THR D 848 77.45 117.19 -3.77
CA THR D 848 78.76 116.70 -3.44
C THR D 848 79.79 117.40 -4.29
N LEU D 849 80.66 118.19 -3.67
CA LEU D 849 81.68 118.92 -4.39
C LEU D 849 82.89 118.10 -4.65
N PHE D 850 83.39 117.50 -3.57
CA PHE D 850 84.57 116.70 -3.73
C PHE D 850 84.51 115.40 -3.02
N ILE D 851 85.39 114.55 -3.50
CA ILE D 851 85.57 113.27 -2.90
C ILE D 851 87.02 113.01 -2.75
N SER D 852 87.38 112.70 -1.53
CA SER D 852 88.75 112.44 -1.23
C SER D 852 88.96 111.05 -0.68
N ARG D 853 89.79 110.31 -1.41
CA ARG D 853 90.08 108.96 -1.01
C ARG D 853 91.55 108.79 -0.72
N LYS D 854 91.86 108.33 0.48
CA LYS D 854 93.26 108.19 0.81
C LYS D 854 93.64 106.84 1.37
N THR D 855 94.96 106.67 1.43
CA THR D 855 95.59 105.53 2.05
C THR D 855 96.82 106.00 2.76
N TYR D 856 96.93 105.48 3.97
CA TYR D 856 98.06 105.80 4.76
C TYR D 856 98.74 104.51 5.07
N ARG D 857 100.02 104.48 4.79
CA ARG D 857 100.72 103.27 5.03
C ARG D 857 102.02 103.49 5.75
N ILE D 858 102.02 102.94 6.95
CA ILE D 858 103.13 103.04 7.87
C ILE D 858 103.87 101.77 8.01
N ASP D 859 105.14 101.84 7.70
CA ASP D 859 105.96 100.67 7.77
C ASP D 859 106.85 100.68 8.96
N GLY D 860 107.66 99.63 8.97
CA GLY D 860 108.60 99.40 10.03
C GLY D 860 109.74 100.38 10.02
N SER D 861 109.84 101.17 8.98
CA SER D 861 110.92 102.12 8.99
C SER D 861 110.44 103.40 9.65
N GLY D 862 109.13 103.44 9.95
CA GLY D 862 108.57 104.60 10.59
C GLY D 862 108.15 105.69 9.62
N GLN D 863 108.02 105.35 8.36
CA GLN D 863 107.59 106.34 7.41
C GLN D 863 106.16 106.19 7.08
N MET D 864 105.54 107.31 6.87
CA MET D 864 104.16 107.28 6.52
C MET D 864 103.96 107.78 5.11
N ALA D 865 103.45 106.89 4.30
CA ALA D 865 103.20 107.22 2.93
C ALA D 865 101.74 107.50 2.74
N ILE D 866 101.49 108.62 2.13
CA ILE D 866 100.15 109.04 1.92
C ILE D 866 99.81 109.12 0.48
N THR D 867 98.62 108.71 0.22
CA THR D 867 98.16 108.71 -1.12
C THR D 867 96.80 109.30 -1.21
N VAL D 868 96.71 110.28 -2.11
CA VAL D 868 95.48 110.99 -2.28
C VAL D 868 94.96 111.03 -3.67
N ASP D 869 93.67 110.71 -3.74
CA ASP D 869 92.96 110.77 -5.00
C ASP D 869 91.67 111.49 -4.82
N VAL D 870 91.54 112.58 -5.58
CA VAL D 870 90.37 113.41 -5.51
C VAL D 870 89.55 113.50 -6.77
N GLU D 871 88.26 113.65 -6.54
CA GLU D 871 87.31 113.81 -7.61
C GLU D 871 86.63 115.12 -7.35
N VAL D 872 86.49 115.91 -8.41
CA VAL D 872 85.83 117.18 -8.34
C VAL D 872 84.65 117.28 -9.25
N ALA D 873 83.50 117.66 -8.73
CA ALA D 873 82.34 117.77 -9.60
C ALA D 873 82.63 118.69 -10.74
N SER D 874 82.33 118.22 -11.89
CA SER D 874 82.58 118.99 -13.07
C SER D 874 81.76 120.27 -13.05
N ASP D 875 80.68 120.27 -12.31
CA ASP D 875 79.92 121.47 -12.37
C ASP D 875 80.19 122.43 -11.25
N THR D 876 81.23 122.19 -10.52
CA THR D 876 81.52 123.17 -9.52
C THR D 876 82.68 124.00 -10.03
N PRO D 877 82.85 125.17 -9.50
CA PRO D 877 83.93 126.03 -9.94
C PRO D 877 85.26 125.43 -9.58
N HIS D 878 86.21 125.54 -10.47
CA HIS D 878 87.49 124.98 -10.14
C HIS D 878 88.00 125.62 -8.89
N PRO D 879 88.43 124.74 -8.04
CA PRO D 879 88.96 125.03 -6.74
C PRO D 879 90.32 125.66 -6.83
N ALA D 880 90.59 126.50 -5.86
CA ALA D 880 91.83 127.23 -5.74
C ALA D 880 93.00 126.32 -5.60
N ARG D 881 92.73 125.21 -4.94
CA ARG D 881 93.81 124.29 -4.69
C ARG D 881 93.32 122.96 -4.22
N ILE D 882 94.28 122.03 -4.17
CA ILE D 882 94.05 120.64 -3.76
C ILE D 882 95.22 120.14 -2.95
N GLY D 883 94.97 120.07 -1.63
CA GLY D 883 96.00 119.67 -0.74
C GLY D 883 95.51 119.35 0.65
N LEU D 884 96.47 119.47 1.52
CA LEU D 884 96.23 119.19 2.90
C LEU D 884 96.82 120.24 3.76
N ASN D 885 96.36 120.22 4.98
CA ASN D 885 96.92 121.12 5.91
C ASN D 885 96.77 120.70 7.35
N CYS D 886 97.56 121.38 8.15
CA CYS D 886 97.51 121.12 9.55
C CYS D 886 98.36 122.16 10.27
N GLN D 887 98.11 122.23 11.58
CA GLN D 887 98.82 123.13 12.43
C GLN D 887 99.81 122.35 13.24
N LEU D 888 101.06 122.55 12.95
CA LEU D 888 102.06 121.85 13.71
C LEU D 888 102.29 122.51 15.03
N ALA D 889 102.49 121.67 16.03
CA ALA D 889 102.74 122.18 17.36
C ALA D 889 104.11 122.87 17.46
N GLN D 890 105.06 122.36 16.73
CA GLN D 890 106.37 122.93 16.78
C GLN D 890 106.49 124.24 16.01
N VAL D 891 107.58 124.95 16.31
CA VAL D 891 107.91 126.18 15.66
C VAL D 891 109.41 126.30 15.53
N ALA D 892 109.95 126.32 14.32
CA ALA D 892 111.39 126.38 14.14
C ALA D 892 111.91 127.63 13.49
N GLU D 893 113.21 127.69 13.40
CA GLU D 893 113.90 128.84 12.87
C GLU D 893 114.03 128.91 11.37
N ARG D 894 114.45 127.79 10.84
CA ARG D 894 114.69 127.69 9.45
C ARG D 894 113.74 126.74 8.73
N VAL D 895 113.80 126.88 7.42
CA VAL D 895 113.04 126.11 6.49
C VAL D 895 113.97 125.71 5.38
N ASN D 896 113.95 124.44 5.09
CA ASN D 896 114.86 123.95 4.12
C ASN D 896 114.14 123.06 3.17
N TRP D 897 114.37 123.36 1.90
CA TRP D 897 113.71 122.58 0.91
C TRP D 897 114.49 122.48 -0.37
N LEU D 898 114.08 121.46 -1.08
CA LEU D 898 114.61 121.14 -2.35
C LEU D 898 113.46 121.28 -3.34
N GLY D 899 113.53 122.39 -4.07
CA GLY D 899 112.53 122.74 -5.02
C GLY D 899 112.79 124.11 -5.60
N LEU D 900 111.70 124.76 -6.03
CA LEU D 900 111.79 126.06 -6.65
C LEU D 900 111.98 127.15 -5.67
N GLY D 901 113.02 127.94 -5.85
CA GLY D 901 113.23 129.00 -4.90
C GLY D 901 114.13 130.08 -5.45
N PRO D 902 114.42 131.01 -4.57
CA PRO D 902 114.00 130.98 -3.19
C PRO D 902 112.74 131.76 -2.91
N GLN D 903 112.36 132.64 -3.81
CA GLN D 903 111.16 133.40 -3.51
C GLN D 903 109.86 132.71 -3.78
N GLU D 904 108.85 133.34 -3.22
CA GLU D 904 107.46 132.96 -3.43
C GLU D 904 107.26 132.72 -4.92
N ASN D 905 106.62 131.62 -5.30
CA ASN D 905 106.36 131.33 -6.69
C ASN D 905 105.07 130.58 -6.88
N TYR D 906 104.42 130.89 -7.97
CA TYR D 906 103.16 130.26 -8.27
C TYR D 906 103.20 129.66 -9.66
N PRO D 907 102.24 128.81 -9.89
CA PRO D 907 102.12 128.07 -11.12
C PRO D 907 102.25 128.95 -12.33
N ASP D 908 101.53 130.05 -12.35
CA ASP D 908 101.65 130.94 -13.49
C ASP D 908 102.65 132.06 -13.22
N ARG D 909 103.47 131.89 -12.21
CA ARG D 909 104.50 132.89 -11.96
C ARG D 909 105.69 132.21 -11.32
N LEU D 910 106.47 131.49 -12.13
CA LEU D 910 107.58 130.80 -11.52
C LEU D 910 108.80 130.65 -12.42
N THR D 911 108.76 131.25 -13.56
CA THR D 911 109.91 131.10 -14.42
C THR D 911 111.15 131.67 -13.81
N ALA D 912 111.02 132.63 -12.94
CA ALA D 912 112.24 133.19 -12.43
C ALA D 912 112.88 132.36 -11.35
N ALA D 913 112.09 131.47 -10.78
CA ALA D 913 112.55 130.60 -9.69
C ALA D 913 113.52 129.53 -10.13
N CME D 914 114.36 129.04 -9.22
CA CME D 914 115.29 128.00 -9.53
CB CME D 914 116.72 128.48 -9.61
SG CME D 914 116.94 129.52 -11.07
SD CME D 914 118.56 130.46 -10.36
CE CME D 914 117.86 131.60 -9.08
CZ CME D 914 118.96 132.59 -8.62
OH CME D 914 120.23 132.04 -9.01
C CME D 914 115.15 126.81 -8.68
O CME D 914 114.78 126.84 -7.50
N PHE D 915 115.47 125.72 -9.31
CA PHE D 915 115.39 124.47 -8.64
C PHE D 915 116.68 124.18 -7.93
N ASP D 916 116.62 124.22 -6.62
CA ASP D 916 117.81 123.97 -5.88
C ASP D 916 117.47 123.65 -4.44
N ARG D 917 118.49 123.71 -3.60
CA ARG D 917 118.28 123.51 -2.21
C ARG D 917 118.27 124.83 -1.51
N TRP D 918 117.15 125.13 -0.89
CA TRP D 918 117.03 126.40 -0.24
C TRP D 918 116.86 126.23 1.25
N ASP D 919 117.41 127.20 1.95
CA ASP D 919 117.33 127.24 3.39
C ASP D 919 117.10 128.68 3.80
N LEU D 920 115.97 128.92 4.44
CA LEU D 920 115.66 130.25 4.89
C LEU D 920 115.01 130.22 6.24
N PRO D 921 114.87 131.39 6.75
CA PRO D 921 114.25 131.60 8.02
C PRO D 921 112.79 131.72 7.77
N LEU D 922 112.10 131.12 8.68
CA LEU D 922 110.68 131.06 8.65
C LEU D 922 110.01 132.36 8.21
N SER D 923 110.58 133.43 8.70
CA SER D 923 110.04 134.75 8.42
C SER D 923 110.01 135.02 6.92
N ASP D 924 111.02 134.50 6.25
CA ASP D 924 111.11 134.71 4.85
C ASP D 924 110.08 133.91 4.09
N MET D 925 109.44 132.99 4.77
CA MET D 925 108.46 132.24 4.04
C MET D 925 107.11 132.93 4.05
N TYR D 926 107.13 134.22 4.42
CA TYR D 926 105.91 134.96 4.47
C TYR D 926 105.97 136.25 3.69
N THR D 927 104.88 136.51 2.98
CA THR D 927 104.78 137.69 2.15
C THR D 927 103.69 138.60 2.67
N PRO D 928 104.23 139.63 3.29
CA PRO D 928 103.60 140.75 3.96
C PRO D 928 102.87 141.71 3.02
N TYR D 929 102.03 141.14 2.20
CA TYR D 929 101.23 141.95 1.34
C TYR D 929 100.39 142.80 2.28
N VAL D 930 100.40 144.11 2.07
CA VAL D 930 99.63 144.98 2.94
C VAL D 930 98.23 144.46 3.17
N PHE D 931 97.58 144.14 2.07
CA PHE D 931 96.28 143.57 2.22
C PHE D 931 96.54 142.08 2.13
N PRO D 932 96.24 141.37 3.20
CA PRO D 932 96.59 139.97 3.30
C PRO D 932 95.76 138.97 2.54
N SER D 933 96.46 137.89 2.12
CA SER D 933 95.89 136.75 1.38
C SER D 933 96.86 135.56 1.27
N GLU D 934 96.41 134.47 0.62
CA GLU D 934 97.30 133.36 0.39
C GLU D 934 98.63 133.89 -0.15
N ASN D 935 99.76 133.37 0.32
CA ASN D 935 101.05 133.87 -0.15
C ASN D 935 102.18 132.95 0.26
N GLY D 936 103.36 133.29 -0.21
CA GLY D 936 104.56 132.56 0.13
C GLY D 936 104.72 131.18 -0.46
N LEU D 937 103.81 130.76 -1.31
CA LEU D 937 103.98 129.46 -1.87
C LEU D 937 105.30 129.25 -2.63
N ARG D 938 105.74 128.01 -2.59
CA ARG D 938 106.87 127.56 -3.40
C ARG D 938 106.45 126.26 -4.05
N CYS D 939 106.65 126.16 -5.36
CA CYS D 939 106.24 124.98 -6.09
C CYS D 939 107.40 124.10 -6.46
N GLY D 940 107.02 122.97 -7.06
CA GLY D 940 107.97 122.00 -7.55
C GLY D 940 108.91 121.50 -6.50
N THR D 941 108.34 121.19 -5.36
CA THR D 941 109.12 120.73 -4.26
C THR D 941 109.09 119.25 -4.12
N ARG D 942 110.28 118.77 -3.83
CA ARG D 942 110.48 117.37 -3.69
C ARG D 942 110.79 116.89 -2.29
N GLU D 943 111.38 117.78 -1.51
CA GLU D 943 111.75 117.50 -0.14
C GLU D 943 111.62 118.75 0.67
N LEU D 944 110.96 118.61 1.82
CA LEU D 944 110.74 119.70 2.73
C LEU D 944 111.08 119.29 4.14
N ASN D 945 111.86 120.15 4.79
CA ASN D 945 112.32 119.93 6.15
C ASN D 945 112.03 121.04 7.10
N TYR D 946 111.37 120.70 8.20
CA TYR D 946 111.05 121.66 9.24
C TYR D 946 111.04 120.93 10.55
N GLY D 947 111.99 121.31 11.41
CA GLY D 947 112.11 120.64 12.67
C GLY D 947 112.60 119.23 12.38
N PRO D 948 112.08 118.33 13.15
CA PRO D 948 112.36 116.92 13.04
C PRO D 948 111.65 116.32 11.84
N HIS D 949 110.77 117.11 11.20
CA HIS D 949 110.02 116.60 10.07
C HIS D 949 110.63 116.75 8.73
N GLN D 950 110.16 115.83 7.91
CA GLN D 950 110.54 115.77 6.54
C GLN D 950 109.41 115.25 5.67
N TRP D 951 109.18 115.97 4.57
CA TRP D 951 108.17 115.51 3.67
C TRP D 951 108.77 115.32 2.31
N ARG D 952 108.27 114.29 1.66
CA ARG D 952 108.75 114.02 0.35
C ARG D 952 107.68 113.65 -0.62
N GLY D 953 107.96 114.16 -1.81
CA GLY D 953 107.08 113.92 -2.93
C GLY D 953 107.29 114.93 -4.02
N ASP D 954 106.16 115.41 -4.51
CA ASP D 954 106.20 116.40 -5.55
C ASP D 954 105.06 117.33 -5.31
N PHE D 955 105.33 118.42 -4.62
CA PHE D 955 104.23 119.28 -4.29
C PHE D 955 104.70 120.69 -4.20
N GLN D 956 103.75 121.49 -3.75
CA GLN D 956 103.97 122.89 -3.49
C GLN D 956 103.47 123.11 -2.09
N PHE D 957 104.03 124.11 -1.44
CA PHE D 957 103.61 124.37 -0.10
C PHE D 957 103.90 125.76 0.31
N ASN D 958 103.37 126.05 1.48
CA ASN D 958 103.61 127.27 2.19
C ASN D 958 103.61 126.94 3.67
N ILE D 959 104.28 127.79 4.42
CA ILE D 959 104.39 127.60 5.84
C ILE D 959 104.55 128.90 6.61
N SER D 960 103.69 129.11 7.59
CA SER D 960 103.75 130.35 8.35
C SER D 960 103.01 130.19 9.66
N ARG D 961 102.78 131.33 10.34
CA ARG D 961 102.06 131.33 11.59
C ARG D 961 100.67 131.84 11.44
N TYR D 962 100.20 131.87 10.23
CA TYR D 962 98.87 132.38 10.08
C TYR D 962 98.00 131.44 9.33
N SER D 963 96.85 131.18 9.88
CA SER D 963 95.95 130.32 9.20
C SER D 963 95.39 131.11 8.03
N GLN D 964 94.88 130.36 7.05
CA GLN D 964 94.27 130.98 5.91
C GLN D 964 93.08 131.78 6.41
N GLN D 965 92.39 131.22 7.38
CA GLN D 965 91.27 131.96 7.90
C GLN D 965 91.69 133.29 8.46
N GLN D 966 92.78 133.31 9.22
CA GLN D 966 93.17 134.58 9.74
C GLN D 966 93.38 135.55 8.59
N LEU D 967 94.22 135.13 7.67
CA LEU D 967 94.56 135.95 6.52
C LEU D 967 93.34 136.44 5.80
N MET D 968 92.42 135.53 5.70
CA MET D 968 91.24 135.85 5.00
C MET D 968 90.38 136.83 5.76
N GLU D 969 90.44 136.78 7.07
CA GLU D 969 89.60 137.65 7.84
C GLU D 969 90.21 138.97 8.24
N THR D 970 91.50 139.15 8.03
CA THR D 970 92.19 140.38 8.38
C THR D 970 92.39 141.30 7.18
N SER D 971 92.16 142.59 7.37
CA SER D 971 92.31 143.53 6.26
C SER D 971 93.67 144.19 6.18
N HIS D 972 94.40 144.23 7.27
CA HIS D 972 95.67 144.87 7.16
C HIS D 972 96.69 144.01 7.76
N ARG D 973 97.85 144.05 7.15
CA ARG D 973 98.92 143.23 7.63
C ARG D 973 99.24 143.46 9.09
N HIS D 974 99.21 144.72 9.47
CA HIS D 974 99.56 145.09 10.82
C HIS D 974 98.68 144.43 11.86
N LEU D 975 97.54 143.92 11.45
CA LEU D 975 96.67 143.26 12.41
C LEU D 975 96.84 141.77 12.54
N LEU D 976 97.83 141.22 11.89
CA LEU D 976 97.91 139.81 12.08
C LEU D 976 98.76 139.51 13.25
N HIS D 977 98.38 138.45 13.89
CA HIS D 977 99.10 138.00 15.01
C HIS D 977 99.44 136.55 14.80
N ALA D 978 100.67 136.20 15.11
CA ALA D 978 101.06 134.83 14.94
C ALA D 978 100.18 133.90 15.74
N GLU D 979 99.93 132.73 15.17
CA GLU D 979 99.13 131.76 15.86
C GLU D 979 100.05 130.82 16.61
N GLU D 980 99.42 129.97 17.39
CA GLU D 980 100.12 129.04 18.23
C GLU D 980 101.28 128.24 17.68
N GLY D 981 101.13 127.52 16.59
CA GLY D 981 102.30 126.78 16.19
C GLY D 981 102.70 127.22 14.83
N THR D 982 102.86 126.24 13.94
CA THR D 982 103.17 126.53 12.57
C THR D 982 102.12 125.94 11.65
N TRP D 983 101.58 126.80 10.81
CA TRP D 983 100.60 126.37 9.84
C TRP D 983 101.26 125.91 8.56
N LEU D 984 100.83 124.74 8.14
CA LEU D 984 101.42 124.17 6.96
C LEU D 984 100.42 123.70 5.94
N ASN D 985 100.62 124.22 4.73
CA ASN D 985 99.81 123.83 3.61
C ASN D 985 100.65 123.18 2.54
N ILE D 986 100.26 121.93 2.26
CA ILE D 986 100.86 121.12 1.25
C ILE D 986 99.86 120.82 0.16
N ASP D 987 100.18 121.37 -1.00
CA ASP D 987 99.34 121.23 -2.13
C ASP D 987 99.86 120.30 -3.20
N GLY D 988 98.93 119.46 -3.64
CA GLY D 988 99.21 118.59 -4.74
C GLY D 988 99.05 119.46 -5.99
N PHE D 989 98.13 120.41 -5.91
CA PHE D 989 97.89 121.31 -7.01
C PHE D 989 97.37 122.60 -6.53
N HIS D 990 97.70 123.63 -7.29
CA HIS D 990 97.28 124.95 -6.94
C HIS D 990 96.98 125.79 -8.15
N MET D 991 95.87 126.49 -8.11
CA MET D 991 95.45 127.35 -9.21
C MET D 991 96.39 128.52 -9.48
N GLY D 992 96.36 129.05 -10.69
CA GLY D 992 97.23 130.18 -10.98
C GLY D 992 96.74 131.42 -10.25
N ILE D 993 97.50 132.52 -10.35
CA ILE D 993 97.11 133.74 -9.66
C ILE D 993 96.59 134.82 -10.58
N GLY D 994 96.90 134.72 -11.86
CA GLY D 994 96.40 135.68 -12.83
C GLY D 994 97.07 137.02 -12.66
N GLY D 995 96.40 138.04 -13.21
CA GLY D 995 96.91 139.38 -13.10
C GLY D 995 96.78 140.21 -14.36
N ASP D 996 96.32 139.61 -15.45
CA ASP D 996 96.20 140.39 -16.68
C ASP D 996 95.52 141.72 -16.40
N ASP D 997 94.63 141.68 -15.41
CA ASP D 997 93.92 142.81 -14.85
C ASP D 997 93.40 142.38 -13.52
N SER D 998 93.01 143.36 -12.72
CA SER D 998 92.53 143.01 -11.39
C SER D 998 91.06 143.29 -11.20
N TRP D 999 90.29 143.36 -12.28
CA TRP D 999 88.88 143.59 -12.08
C TRP D 999 87.99 142.67 -12.88
N SER D 1000 88.60 141.57 -13.30
CA SER D 1000 87.99 140.49 -14.04
C SER D 1000 88.86 139.28 -13.85
N PRO D 1001 88.27 138.15 -14.17
CA PRO D 1001 88.97 136.90 -14.03
C PRO D 1001 90.09 136.86 -15.05
N SER D 1002 91.30 136.70 -14.55
CA SER D 1002 92.44 136.75 -15.41
C SER D 1002 93.30 135.50 -15.38
N VAL D 1003 92.86 134.44 -14.71
CA VAL D 1003 93.68 133.23 -14.69
C VAL D 1003 93.45 132.40 -15.94
N SER D 1004 94.50 132.08 -16.71
CA SER D 1004 94.24 131.28 -17.88
C SER D 1004 93.92 129.84 -17.61
N ALA D 1005 93.13 129.37 -18.54
CA ALA D 1005 92.69 128.02 -18.51
C ALA D 1005 93.78 127.05 -18.17
N GLU D 1006 94.95 127.19 -18.77
CA GLU D 1006 95.98 126.23 -18.39
C GLU D 1006 96.25 126.26 -16.94
N PHE D 1007 95.83 127.30 -16.25
CA PHE D 1007 96.13 127.28 -14.85
C PHE D 1007 95.00 127.01 -13.94
N GLN D 1008 93.90 126.58 -14.49
CA GLN D 1008 92.76 126.26 -13.68
C GLN D 1008 92.74 124.78 -13.38
N LEU D 1009 92.26 124.42 -12.18
CA LEU D 1009 92.20 123.02 -11.77
C LEU D 1009 90.93 122.44 -12.31
N SER D 1010 90.95 122.17 -13.57
CA SER D 1010 89.77 121.70 -14.24
C SER D 1010 89.77 120.22 -14.63
N ALA D 1011 90.78 119.48 -14.25
CA ALA D 1011 90.89 118.08 -14.61
C ALA D 1011 89.82 117.16 -14.11
N GLY D 1012 89.17 117.46 -13.01
CA GLY D 1012 88.17 116.54 -12.54
C GLY D 1012 88.75 115.47 -11.61
N ARG D 1013 89.92 115.00 -11.96
CA ARG D 1013 90.48 114.01 -11.09
C ARG D 1013 91.92 114.32 -10.82
N TYR D 1014 92.29 114.23 -9.56
CA TYR D 1014 93.65 114.50 -9.18
C TYR D 1014 94.22 113.47 -8.24
N HIS D 1015 95.51 113.25 -8.42
CA HIS D 1015 96.22 112.29 -7.62
C HIS D 1015 97.53 112.82 -7.09
N TYR D 1016 97.86 112.48 -5.85
CA TYR D 1016 99.14 112.86 -5.29
C TYR D 1016 99.54 112.00 -4.12
N GLN D 1017 100.84 111.95 -3.91
CA GLN D 1017 101.42 111.12 -2.87
C GLN D 1017 102.47 111.79 -2.07
N LEU D 1018 102.59 111.32 -0.89
CA LEU D 1018 103.49 111.95 -0.02
C LEU D 1018 104.11 111.07 1.02
N VAL D 1019 105.27 111.51 1.46
CA VAL D 1019 105.93 110.79 2.51
C VAL D 1019 106.37 111.62 3.68
N TRP D 1020 105.97 111.17 4.85
CA TRP D 1020 106.26 111.92 6.04
C TRP D 1020 107.09 111.11 7.05
N CME D 1021 108.11 111.73 7.56
CA CME D 1021 109.00 111.18 8.59
CB CME D 1021 110.11 110.35 8.02
SG CME D 1021 109.98 110.41 6.24
SD CME D 1021 111.88 110.61 5.76
CE CME D 1021 112.36 111.51 7.25
CZ CME D 1021 113.18 110.66 8.22
OH CME D 1021 114.33 111.38 8.60
C CME D 1021 109.70 112.19 9.43
O CME D 1021 109.70 113.37 9.16
N GLN D 1022 110.28 111.62 10.49
CA GLN D 1022 111.00 112.32 11.47
C GLN D 1022 112.39 111.86 11.56
N LYS D 1023 113.25 112.72 12.13
CA LYS D 1023 114.65 112.45 12.32
C LYS D 1023 114.94 112.56 13.82
N ILE E 3 -39.11 -4.27 67.80
CA ILE E 3 -40.59 -4.40 67.76
C ILE E 3 -41.15 -5.41 66.75
N THR E 4 -40.60 -5.30 65.56
CA THR E 4 -40.99 -6.21 64.52
C THR E 4 -40.16 -7.44 64.80
N ASP E 5 -39.21 -7.31 65.74
CA ASP E 5 -38.41 -8.43 66.14
C ASP E 5 -39.12 -9.14 67.28
N SER E 6 -40.29 -8.64 67.58
CA SER E 6 -41.06 -9.17 68.66
C SER E 6 -41.76 -10.48 68.37
N LEU E 7 -41.67 -11.35 69.35
CA LEU E 7 -42.36 -12.60 69.26
C LEU E 7 -43.76 -12.35 68.78
N ALA E 8 -44.39 -11.50 69.50
CA ALA E 8 -45.75 -11.19 69.22
C ALA E 8 -46.02 -11.06 67.75
N VAL E 9 -45.05 -10.44 67.13
CA VAL E 9 -45.12 -10.16 65.74
C VAL E 9 -44.66 -11.33 64.87
N VAL E 10 -43.47 -11.82 65.14
CA VAL E 10 -42.94 -12.93 64.42
C VAL E 10 -43.92 -14.10 64.41
N LEU E 11 -44.30 -14.54 65.56
CA LEU E 11 -45.20 -15.66 65.62
C LEU E 11 -46.54 -15.37 65.02
N GLN E 12 -46.69 -14.16 64.63
CA GLN E 12 -47.98 -13.85 64.10
C GLN E 12 -48.27 -14.74 62.90
N ARG E 13 -47.29 -14.74 62.02
CA ARG E 13 -47.42 -15.45 60.77
C ARG E 13 -47.58 -16.98 60.85
N ARG E 14 -46.99 -17.60 61.86
CA ARG E 14 -47.17 -19.04 61.95
C ARG E 14 -46.65 -19.74 60.72
N ASP E 15 -45.40 -19.47 60.48
CA ASP E 15 -44.70 -20.03 59.37
C ASP E 15 -44.65 -21.54 59.45
N TRP E 16 -44.69 -22.03 60.68
CA TRP E 16 -44.67 -23.44 60.95
C TRP E 16 -45.99 -24.11 60.63
N GLU E 17 -46.92 -23.38 60.05
CA GLU E 17 -48.15 -24.02 59.65
C GLU E 17 -48.39 -23.65 58.20
N ASN E 18 -47.29 -23.51 57.49
CA ASN E 18 -47.37 -23.14 56.12
C ASN E 18 -46.26 -23.70 55.27
N PRO E 19 -46.66 -24.74 54.54
CA PRO E 19 -45.85 -25.48 53.58
C PRO E 19 -45.25 -24.53 52.58
N GLY E 20 -45.86 -23.36 52.44
CA GLY E 20 -45.35 -22.35 51.54
C GLY E 20 -44.10 -21.73 52.16
N VAL E 21 -43.98 -21.81 53.47
CA VAL E 21 -42.79 -21.24 54.00
C VAL E 21 -41.97 -22.29 54.62
N THR E 22 -40.80 -22.48 54.04
CA THR E 22 -39.96 -23.52 54.56
C THR E 22 -38.66 -22.99 55.10
N GLN E 23 -38.44 -21.75 54.83
CA GLN E 23 -37.25 -21.08 55.31
C GLN E 23 -37.43 -19.59 55.16
N LEU E 24 -36.56 -18.83 55.81
CA LEU E 24 -36.56 -17.38 55.76
C LEU E 24 -35.15 -16.90 55.91
N ASN E 25 -34.67 -16.24 54.91
CA ASN E 25 -33.31 -15.73 54.98
C ASN E 25 -32.23 -16.75 55.17
N ARG E 26 -32.55 -18.00 54.87
CA ARG E 26 -31.53 -19.05 54.99
C ARG E 26 -30.64 -18.99 53.76
N LEU E 27 -29.34 -19.18 53.94
CA LEU E 27 -28.45 -19.16 52.78
C LEU E 27 -28.59 -20.41 51.95
N ALA E 28 -27.89 -20.42 50.83
CA ALA E 28 -27.92 -21.56 49.95
C ALA E 28 -26.99 -22.67 50.38
N ALA E 29 -27.44 -23.89 50.00
CA ALA E 29 -26.79 -25.14 50.26
C ALA E 29 -25.49 -25.36 49.48
N HIS E 30 -24.60 -26.23 49.96
CA HIS E 30 -23.35 -26.45 49.27
C HIS E 30 -22.55 -27.45 50.06
N PRO E 31 -21.48 -27.87 49.45
CA PRO E 31 -20.62 -28.79 50.11
C PRO E 31 -19.90 -28.06 51.22
N PRO E 32 -19.34 -28.84 52.04
CA PRO E 32 -18.60 -28.44 53.20
C PRO E 32 -17.39 -27.54 52.99
N PHE E 33 -17.46 -26.42 53.68
CA PHE E 33 -16.42 -25.41 53.69
C PHE E 33 -15.72 -25.29 55.04
N ALA E 34 -14.46 -24.84 54.99
CA ALA E 34 -13.63 -24.61 56.15
C ALA E 34 -12.99 -23.24 56.05
N SER E 35 -12.89 -22.77 54.82
CA SER E 35 -12.30 -21.48 54.59
C SER E 35 -10.86 -21.46 55.04
N TRP E 36 -10.12 -22.52 54.76
CA TRP E 36 -8.75 -22.47 55.15
C TRP E 36 -8.15 -21.25 54.53
N ARG E 37 -7.16 -20.71 55.22
CA ARG E 37 -6.46 -19.57 54.70
C ARG E 37 -5.04 -19.98 54.36
N ASN E 38 -4.79 -21.27 54.39
CA ASN E 38 -3.49 -21.82 54.04
C ASN E 38 -3.69 -23.14 53.35
N SER E 39 -3.02 -23.26 52.21
CA SER E 39 -3.11 -24.46 51.43
C SER E 39 -2.80 -25.75 52.20
N GLU E 40 -1.58 -25.85 52.70
CA GLU E 40 -1.18 -27.02 53.40
C GLU E 40 -2.20 -27.52 54.38
N GLU E 41 -2.74 -26.60 55.12
CA GLU E 41 -3.73 -26.97 56.10
C GLU E 41 -4.88 -27.66 55.45
N ALA E 42 -5.47 -26.94 54.53
CA ALA E 42 -6.56 -27.50 53.80
C ALA E 42 -6.12 -28.82 53.23
N ARG E 43 -4.95 -28.83 52.68
CA ARG E 43 -4.48 -30.04 52.08
C ARG E 43 -4.42 -31.21 53.01
N THR E 44 -3.98 -30.96 54.21
CA THR E 44 -3.83 -32.02 55.19
C THR E 44 -5.00 -32.04 56.11
N ASP E 45 -6.05 -31.44 55.64
CA ASP E 45 -7.24 -31.42 56.43
C ASP E 45 -6.98 -31.01 57.86
N ARG E 46 -6.24 -29.93 58.08
CA ARG E 46 -6.08 -29.52 59.46
C ARG E 46 -7.35 -28.85 59.87
N PRO E 47 -7.30 -28.08 60.94
CA PRO E 47 -8.53 -27.44 61.34
C PRO E 47 -8.47 -25.99 61.07
N SER E 48 -9.56 -25.48 60.52
CA SER E 48 -9.56 -24.08 60.20
C SER E 48 -10.15 -23.28 61.33
N GLN E 49 -9.54 -22.13 61.47
CA GLN E 49 -9.96 -21.23 62.48
C GLN E 49 -11.08 -20.39 61.98
N GLN E 50 -11.41 -20.45 60.68
CA GLN E 50 -12.54 -19.65 60.27
C GLN E 50 -13.81 -20.41 60.57
N LEU E 51 -13.53 -21.55 61.17
CA LEU E 51 -14.56 -22.43 61.59
C LEU E 51 -14.56 -22.61 63.08
N ARG E 52 -15.69 -22.29 63.70
CA ARG E 52 -15.77 -22.39 65.13
C ARG E 52 -17.01 -23.07 65.65
N SER E 53 -16.78 -24.00 66.58
CA SER E 53 -17.92 -24.70 67.14
C SER E 53 -18.56 -23.99 68.28
N LEU E 54 -19.88 -24.07 68.34
CA LEU E 54 -20.61 -23.44 69.40
C LEU E 54 -21.21 -24.48 70.29
N ASN E 55 -20.70 -25.68 70.07
CA ASN E 55 -21.22 -26.76 70.87
C ASN E 55 -20.69 -26.59 72.25
N GLY E 56 -21.55 -26.94 73.20
CA GLY E 56 -21.22 -26.90 74.59
C GLY E 56 -22.43 -26.60 75.42
N GLU E 57 -22.15 -25.91 76.52
CA GLU E 57 -23.19 -25.56 77.45
C GLU E 57 -24.00 -24.41 76.95
N TRP E 58 -25.29 -24.56 77.04
CA TRP E 58 -26.18 -23.53 76.56
C TRP E 58 -27.30 -23.38 77.55
N ARG E 59 -28.18 -22.44 77.30
CA ARG E 59 -29.25 -22.30 78.25
C ARG E 59 -30.56 -22.67 77.65
N PHE E 60 -31.25 -23.50 78.39
CA PHE E 60 -32.48 -24.02 77.88
C PHE E 60 -33.69 -23.77 78.72
N ALA E 61 -34.82 -23.66 78.04
CA ALA E 61 -36.06 -23.53 78.76
C ALA E 61 -37.17 -24.05 77.89
N TRP E 62 -38.07 -24.76 78.50
CA TRP E 62 -39.12 -25.41 77.77
C TRP E 62 -40.50 -24.86 77.97
N PHE E 63 -41.32 -24.84 76.95
CA PHE E 63 -42.67 -24.35 77.07
C PHE E 63 -43.57 -25.19 76.25
N PRO E 64 -44.73 -25.38 76.79
CA PRO E 64 -45.83 -26.12 76.21
C PRO E 64 -46.32 -25.54 74.90
N ALA E 65 -45.98 -24.28 74.64
CA ALA E 65 -46.39 -23.63 73.42
C ALA E 65 -45.55 -22.42 73.17
N PRO E 66 -45.47 -22.09 71.91
CA PRO E 66 -44.69 -20.96 71.47
C PRO E 66 -45.23 -19.67 72.07
N GLU E 67 -46.56 -19.54 71.98
CA GLU E 67 -47.29 -18.40 72.48
C GLU E 67 -46.94 -18.11 73.95
N ALA E 68 -46.65 -19.13 74.72
CA ALA E 68 -46.26 -18.91 76.09
C ALA E 68 -44.86 -18.34 76.25
N VAL E 69 -44.17 -18.00 75.20
CA VAL E 69 -42.85 -17.47 75.45
C VAL E 69 -42.89 -15.98 75.83
N PRO E 70 -41.86 -15.57 76.58
CA PRO E 70 -41.73 -14.21 77.10
C PRO E 70 -40.70 -13.38 76.40
N GLU E 71 -41.22 -12.25 75.99
CA GLU E 71 -40.50 -11.29 75.24
C GLU E 71 -39.15 -11.00 75.84
N SER E 72 -39.15 -11.06 77.13
CA SER E 72 -37.94 -10.86 77.89
C SER E 72 -36.86 -11.75 77.37
N TRP E 73 -37.31 -12.97 77.04
CA TRP E 73 -36.46 -14.02 76.58
C TRP E 73 -35.48 -13.52 75.55
N LEU E 74 -36.03 -12.64 74.71
CA LEU E 74 -35.29 -12.04 73.61
C LEU E 74 -34.12 -11.23 74.07
N GLU E 75 -34.42 -10.55 75.16
CA GLU E 75 -33.46 -9.66 75.76
C GLU E 75 -32.64 -10.33 76.80
N CYS E 76 -33.37 -10.97 77.68
CA CYS E 76 -32.70 -11.53 78.79
C CYS E 76 -32.91 -12.97 78.96
N ASP E 77 -31.83 -13.60 79.43
CA ASP E 77 -31.82 -14.99 79.76
C ASP E 77 -32.83 -15.27 80.85
N LEU E 78 -33.30 -16.47 80.95
CA LEU E 78 -34.25 -16.65 82.01
C LEU E 78 -33.63 -17.06 83.31
N PRO E 79 -34.44 -16.91 84.32
CA PRO E 79 -34.04 -17.24 85.66
C PRO E 79 -34.15 -18.74 85.83
N GLU E 80 -35.30 -19.20 85.35
CA GLU E 80 -35.66 -20.60 85.39
C GLU E 80 -35.02 -21.40 84.28
N ALA E 81 -34.15 -20.75 83.53
CA ALA E 81 -33.45 -21.44 82.49
C ALA E 81 -32.48 -22.43 83.08
N ASP E 82 -32.23 -23.52 82.38
CA ASP E 82 -31.29 -24.53 82.82
C ASP E 82 -30.09 -24.50 81.94
N THR E 83 -29.04 -25.06 82.45
CA THR E 83 -27.89 -25.10 81.61
C THR E 83 -27.83 -26.47 81.02
N VAL E 84 -27.71 -26.52 79.69
CA VAL E 84 -27.72 -27.76 78.94
C VAL E 84 -26.61 -27.88 77.93
N VAL E 85 -26.34 -29.11 77.58
CA VAL E 85 -25.36 -29.37 76.56
C VAL E 85 -26.00 -29.53 75.21
N VAL E 86 -25.34 -28.90 74.25
CA VAL E 86 -25.76 -28.92 72.91
C VAL E 86 -24.61 -29.44 72.08
N PRO E 87 -24.91 -30.35 71.12
CA PRO E 87 -26.27 -30.72 70.73
C PRO E 87 -26.90 -31.78 71.59
N SER E 88 -28.24 -31.83 71.48
CA SER E 88 -28.98 -32.80 72.26
C SER E 88 -30.47 -32.85 71.96
N ASN E 89 -31.11 -33.89 72.52
CA ASN E 89 -32.56 -34.02 72.37
C ASN E 89 -33.21 -33.74 73.69
N TRP E 90 -34.03 -32.74 73.65
CA TRP E 90 -34.63 -32.38 74.87
C TRP E 90 -35.39 -33.47 75.61
N GLN E 91 -35.99 -34.39 74.88
CA GLN E 91 -36.70 -35.47 75.54
C GLN E 91 -35.71 -36.29 76.33
N MET E 92 -34.46 -36.24 75.90
CA MET E 92 -33.44 -36.99 76.58
C MET E 92 -33.08 -36.39 77.92
N HIS E 93 -33.61 -35.20 78.17
CA HIS E 93 -33.33 -34.50 79.40
C HIS E 93 -34.53 -34.42 80.28
N GLY E 94 -35.52 -35.19 79.95
CA GLY E 94 -36.71 -35.23 80.72
C GLY E 94 -37.67 -34.11 80.42
N TYR E 95 -37.35 -33.24 79.48
CA TYR E 95 -38.31 -32.18 79.26
C TYR E 95 -39.73 -32.57 78.87
N ASP E 96 -39.82 -33.58 78.05
CA ASP E 96 -41.08 -34.17 77.63
C ASP E 96 -40.74 -35.55 77.14
N ALA E 97 -41.78 -36.25 76.71
CA ALA E 97 -41.60 -37.61 76.25
C ALA E 97 -41.25 -37.79 74.79
N PRO E 98 -40.47 -38.83 74.57
CA PRO E 98 -40.13 -39.24 73.24
C PRO E 98 -41.27 -40.13 72.85
N ILE E 99 -41.64 -40.07 71.59
CA ILE E 99 -42.70 -40.91 71.13
C ILE E 99 -42.24 -41.94 70.13
N TYR E 100 -42.88 -43.09 70.30
CA TYR E 100 -42.63 -44.17 69.41
C TYR E 100 -43.85 -44.73 68.72
N THR E 101 -44.11 -44.18 67.52
CA THR E 101 -45.08 -44.67 66.57
C THR E 101 -44.29 -44.93 65.29
N ASN E 102 -44.90 -45.75 64.44
CA ASN E 102 -44.32 -46.14 63.18
C ASN E 102 -44.97 -45.46 61.98
N VAL E 103 -46.25 -45.78 61.81
CA VAL E 103 -46.98 -45.24 60.69
C VAL E 103 -47.79 -44.05 61.07
N THR E 104 -48.60 -44.27 62.10
CA THR E 104 -49.47 -43.28 62.60
C THR E 104 -48.76 -42.04 63.07
N TYR E 105 -49.24 -40.90 62.57
CA TYR E 105 -48.65 -39.65 62.95
C TYR E 105 -48.86 -39.39 64.42
N PRO E 106 -47.82 -38.83 65.02
CA PRO E 106 -47.83 -38.49 66.41
C PRO E 106 -48.89 -37.42 66.68
N ILE E 107 -49.18 -36.63 65.67
CA ILE E 107 -50.18 -35.61 65.88
C ILE E 107 -51.37 -35.86 65.01
N THR E 108 -52.37 -35.03 65.18
CA THR E 108 -53.58 -35.18 64.40
C THR E 108 -53.35 -34.80 62.98
N VAL E 109 -53.96 -35.58 62.11
CA VAL E 109 -53.78 -35.31 60.72
C VAL E 109 -54.62 -34.22 60.13
N ASN E 110 -54.02 -33.06 60.00
CA ASN E 110 -54.73 -31.95 59.44
C ASN E 110 -53.83 -30.91 58.87
N PRO E 111 -53.11 -31.36 57.90
CA PRO E 111 -52.19 -30.53 57.21
C PRO E 111 -52.93 -29.31 56.70
N PRO E 112 -52.24 -28.22 56.81
CA PRO E 112 -50.86 -28.23 57.29
C PRO E 112 -50.79 -27.82 58.71
N PHE E 113 -51.83 -28.15 59.43
CA PHE E 113 -51.91 -27.77 60.80
C PHE E 113 -51.29 -28.71 61.77
N VAL E 114 -50.61 -28.06 62.67
CA VAL E 114 -49.93 -28.62 63.81
C VAL E 114 -50.82 -28.31 65.04
N PRO E 115 -50.61 -29.00 66.14
CA PRO E 115 -51.41 -28.79 67.33
C PRO E 115 -50.97 -27.59 68.15
N THR E 116 -52.00 -26.87 68.63
CA THR E 116 -51.86 -25.66 69.42
C THR E 116 -50.82 -25.79 70.53
N GLU E 117 -50.81 -26.96 71.15
CA GLU E 117 -49.85 -27.23 72.19
C GLU E 117 -48.65 -27.81 71.52
N ASN E 118 -47.72 -26.96 71.24
CA ASN E 118 -46.60 -27.44 70.57
C ASN E 118 -45.37 -27.01 71.31
N PRO E 119 -44.83 -27.99 71.91
CA PRO E 119 -43.67 -27.90 72.74
C PRO E 119 -42.57 -27.08 72.14
N THR E 120 -42.25 -26.00 72.82
CA THR E 120 -41.21 -25.13 72.38
C THR E 120 -39.96 -25.19 73.23
N GLY E 121 -38.81 -25.14 72.59
CA GLY E 121 -37.56 -25.20 73.34
C GLY E 121 -36.76 -23.95 73.08
N CYS E 122 -36.58 -23.13 74.12
CA CYS E 122 -35.82 -21.91 73.95
C CYS E 122 -34.40 -22.10 74.33
N TYR E 123 -33.59 -22.05 73.31
CA TYR E 123 -32.17 -22.21 73.50
C TYR E 123 -31.54 -20.86 73.38
N SER E 124 -30.49 -20.66 74.15
CA SER E 124 -29.84 -19.36 74.14
C SER E 124 -28.37 -19.49 74.40
N LEU E 125 -27.66 -18.58 73.79
CA LEU E 125 -26.25 -18.63 73.99
C LEU E 125 -25.54 -17.32 73.77
N THR E 126 -24.70 -17.08 74.76
CA THR E 126 -23.93 -15.89 74.81
C THR E 126 -22.49 -16.17 74.52
N PHE E 127 -21.97 -15.42 73.60
CA PHE E 127 -20.62 -15.67 73.21
C PHE E 127 -19.99 -14.43 72.67
N ASN E 128 -18.69 -14.61 72.61
CA ASN E 128 -17.78 -13.61 72.20
C ASN E 128 -17.27 -13.82 70.83
N VAL E 129 -17.11 -12.71 70.14
CA VAL E 129 -16.62 -12.73 68.80
C VAL E 129 -15.37 -11.92 68.65
N ASP E 130 -14.37 -12.49 67.99
CA ASP E 130 -13.20 -11.69 67.74
C ASP E 130 -13.66 -10.57 66.82
N GLU E 131 -13.07 -9.41 66.98
CA GLU E 131 -13.52 -8.34 66.14
C GLU E 131 -12.87 -8.37 64.79
N SER E 132 -11.71 -8.98 64.72
CA SER E 132 -11.06 -9.04 63.44
C SER E 132 -12.06 -9.56 62.42
N TRP E 133 -12.86 -10.51 62.88
CA TRP E 133 -13.90 -11.11 62.09
C TRP E 133 -14.95 -10.08 61.77
N LEU E 134 -15.11 -9.21 62.73
CA LEU E 134 -16.08 -8.19 62.60
C LEU E 134 -15.67 -7.14 61.61
N GLN E 135 -14.38 -7.04 61.39
CA GLN E 135 -13.90 -6.05 60.47
C GLN E 135 -14.22 -6.41 59.06
N GLU E 136 -13.51 -7.42 58.57
CA GLU E 136 -13.69 -7.85 57.22
C GLU E 136 -14.37 -9.22 57.08
N GLY E 137 -14.73 -9.56 55.85
CA GLY E 137 -15.32 -10.84 55.54
C GLY E 137 -16.77 -11.02 55.99
N GLN E 138 -17.15 -12.29 55.96
CA GLN E 138 -18.48 -12.69 56.32
C GLN E 138 -18.55 -13.79 57.33
N THR E 139 -19.49 -13.54 58.21
CA THR E 139 -19.71 -14.44 59.28
C THR E 139 -21.11 -14.98 59.35
N ARG E 140 -21.11 -16.30 59.28
CA ARG E 140 -22.34 -16.99 59.33
C ARG E 140 -22.34 -18.15 60.30
N ILE E 141 -23.57 -18.41 60.66
CA ILE E 141 -23.83 -19.47 61.56
C ILE E 141 -24.42 -20.66 60.85
N ILE E 142 -24.12 -21.82 61.42
CA ILE E 142 -24.59 -23.05 60.85
C ILE E 142 -25.13 -24.08 61.80
N PHE E 143 -26.37 -24.41 61.56
CA PHE E 143 -27.06 -25.44 62.29
C PHE E 143 -27.10 -26.73 61.52
N ASP E 144 -26.30 -27.69 61.95
CA ASP E 144 -26.29 -28.95 61.27
C ASP E 144 -27.57 -29.74 61.39
N GLY E 145 -28.37 -29.46 62.40
CA GLY E 145 -29.60 -30.17 62.59
C GLY E 145 -30.43 -29.71 63.78
N VAL E 146 -31.66 -29.28 63.44
CA VAL E 146 -32.66 -28.78 64.36
C VAL E 146 -34.04 -29.35 64.02
N ASN E 147 -34.61 -30.05 64.95
CA ASN E 147 -35.86 -30.68 64.69
C ASN E 147 -36.96 -30.13 65.57
N SER E 148 -38.09 -29.71 64.95
CA SER E 148 -38.31 -29.81 63.53
C SER E 148 -38.18 -28.50 62.78
N ALA E 149 -38.64 -27.42 63.40
CA ALA E 149 -38.61 -26.08 62.82
C ALA E 149 -38.07 -25.06 63.81
N PHE E 150 -37.70 -23.87 63.33
CA PHE E 150 -37.24 -22.87 64.28
C PHE E 150 -36.96 -21.50 63.74
N HIS E 151 -37.06 -20.54 64.69
CA HIS E 151 -36.85 -19.11 64.49
C HIS E 151 -35.55 -18.68 65.13
N LEU E 152 -34.97 -17.65 64.59
CA LEU E 152 -33.71 -17.31 65.16
C LEU E 152 -33.46 -15.81 65.36
N TRP E 153 -32.84 -15.51 66.51
CA TRP E 153 -32.48 -14.15 66.87
C TRP E 153 -31.06 -14.01 67.32
N CYS E 154 -30.54 -12.86 66.98
CA CYS E 154 -29.19 -12.55 67.34
C CYS E 154 -29.11 -11.14 67.84
N ASN E 155 -28.61 -11.08 69.08
CA ASN E 155 -28.47 -9.82 69.78
C ASN E 155 -29.82 -9.11 69.73
N GLY E 156 -30.89 -9.85 70.00
CA GLY E 156 -32.22 -9.27 70.06
C GLY E 156 -32.91 -9.11 68.74
N ARG E 157 -32.12 -9.30 67.69
CA ARG E 157 -32.67 -9.15 66.37
C ARG E 157 -33.11 -10.43 65.70
N TRP E 158 -34.32 -10.36 65.10
CA TRP E 158 -34.85 -11.50 64.38
C TRP E 158 -34.05 -11.79 63.13
N VAL E 159 -33.72 -13.06 62.92
CA VAL E 159 -32.88 -13.36 61.78
C VAL E 159 -33.48 -14.21 60.70
N GLY E 160 -34.00 -15.34 61.06
CA GLY E 160 -34.56 -16.19 60.05
C GLY E 160 -35.32 -17.34 60.64
N TYR E 161 -35.73 -18.19 59.71
CA TYR E 161 -36.52 -19.35 59.99
C TYR E 161 -36.06 -20.49 59.12
N GLY E 162 -36.32 -21.71 59.57
CA GLY E 162 -35.91 -22.92 58.83
C GLY E 162 -36.74 -24.19 59.10
N GLN E 163 -36.86 -25.05 58.07
CA GLN E 163 -37.55 -26.34 58.15
C GLN E 163 -36.61 -27.45 57.64
N ASP E 164 -36.97 -28.72 57.88
CA ASP E 164 -36.20 -29.88 57.49
C ASP E 164 -35.15 -30.23 58.53
N SER E 165 -35.58 -31.10 59.42
CA SER E 165 -34.69 -31.50 60.49
C SER E 165 -33.41 -32.15 60.10
N ARG E 166 -33.26 -32.63 58.87
CA ARG E 166 -32.02 -33.33 58.59
C ARG E 166 -30.94 -32.66 57.81
N LEU E 167 -31.18 -31.44 57.35
CA LEU E 167 -30.12 -30.74 56.66
C LEU E 167 -29.77 -29.43 57.35
N PRO E 168 -28.59 -28.94 57.04
CA PRO E 168 -28.05 -27.72 57.60
C PRO E 168 -28.82 -26.50 57.25
N SER E 169 -28.73 -25.52 58.15
CA SER E 169 -29.33 -24.23 57.97
C SER E 169 -28.29 -23.17 58.19
N GLU E 170 -28.16 -22.30 57.21
CA GLU E 170 -27.17 -21.29 57.35
C GLU E 170 -27.69 -19.90 57.24
N PHE E 171 -27.10 -19.09 58.11
CA PHE E 171 -27.37 -17.68 58.14
C PHE E 171 -26.14 -16.82 58.35
N ASP E 172 -26.23 -15.69 57.66
CA ASP E 172 -25.27 -14.61 57.68
C ASP E 172 -25.58 -13.73 58.85
N LEU E 173 -24.63 -13.72 59.78
CA LEU E 173 -24.78 -12.96 61.00
C LEU E 173 -24.13 -11.58 60.97
N SER E 174 -23.27 -11.48 59.97
CA SER E 174 -22.46 -10.33 59.66
C SER E 174 -23.05 -9.00 60.12
N ALA E 175 -24.32 -8.81 59.88
CA ALA E 175 -24.94 -7.57 60.29
C ALA E 175 -25.48 -7.55 61.70
N PHE E 176 -25.36 -8.61 62.49
CA PHE E 176 -25.93 -8.53 63.82
C PHE E 176 -24.91 -8.68 64.89
N LEU E 177 -23.71 -8.86 64.45
CA LEU E 177 -22.72 -9.04 65.44
C LEU E 177 -22.10 -7.76 65.94
N ARG E 178 -21.84 -7.79 67.24
CA ARG E 178 -21.17 -6.73 67.96
C ARG E 178 -19.87 -7.32 68.40
N ALA E 179 -18.90 -6.47 68.64
CA ALA E 179 -17.67 -7.05 69.12
C ALA E 179 -17.90 -7.47 70.56
N GLY E 180 -17.18 -8.51 70.93
CA GLY E 180 -17.32 -9.05 72.25
C GLY E 180 -18.54 -9.94 72.40
N GLU E 181 -19.35 -9.55 73.36
CA GLU E 181 -20.50 -10.32 73.73
C GLU E 181 -21.72 -10.26 72.85
N ASN E 182 -22.12 -11.47 72.42
CA ASN E 182 -23.33 -11.61 71.66
C ASN E 182 -24.17 -12.70 72.22
N ARG E 183 -25.45 -12.58 71.90
CA ARG E 183 -26.40 -13.55 72.36
C ARG E 183 -27.34 -14.05 71.27
N LEU E 184 -27.43 -15.39 71.22
CA LEU E 184 -28.30 -16.10 70.32
C LEU E 184 -29.55 -16.60 70.99
N ALA E 185 -30.66 -16.43 70.30
CA ALA E 185 -31.91 -16.96 70.82
C ALA E 185 -32.66 -17.71 69.76
N VAL E 186 -32.65 -19.02 69.99
CA VAL E 186 -33.26 -19.97 69.12
C VAL E 186 -34.48 -20.61 69.67
N MET E 187 -35.55 -20.37 68.99
CA MET E 187 -36.76 -20.98 69.43
C MET E 187 -37.07 -22.12 68.50
N VAL E 188 -37.06 -23.33 69.05
CA VAL E 188 -37.28 -24.57 68.32
C VAL E 188 -38.65 -25.20 68.54
N LEU E 189 -39.27 -25.73 67.48
CA LEU E 189 -40.58 -26.33 67.68
C LEU E 189 -40.74 -27.79 67.31
N ARG E 190 -41.49 -28.50 68.13
CA ARG E 190 -41.73 -29.91 67.88
C ARG E 190 -42.44 -30.09 66.58
N TRP E 191 -43.68 -29.67 66.52
CA TRP E 191 -44.41 -29.81 65.30
C TRP E 191 -44.28 -28.63 64.38
N SER E 192 -44.40 -28.88 63.08
CA SER E 192 -44.36 -27.89 62.01
C SER E 192 -44.95 -28.53 60.79
N ASP E 193 -45.16 -27.76 59.74
CA ASP E 193 -45.69 -28.42 58.56
C ASP E 193 -44.72 -29.50 58.08
N GLY E 194 -43.40 -29.27 58.31
CA GLY E 194 -42.31 -30.21 57.98
C GLY E 194 -42.55 -31.61 58.56
N SER E 195 -43.21 -31.62 59.67
CA SER E 195 -43.52 -32.85 60.32
C SER E 195 -44.32 -33.74 59.39
N TYR E 196 -45.24 -33.15 58.65
CA TYR E 196 -45.99 -33.98 57.76
C TYR E 196 -45.09 -34.77 56.79
N LEU E 197 -43.87 -34.30 56.56
CA LEU E 197 -42.95 -34.97 55.68
C LEU E 197 -41.93 -35.74 56.41
N GLU E 198 -42.16 -35.93 57.70
CA GLU E 198 -41.15 -36.65 58.44
C GLU E 198 -41.73 -37.77 59.27
N ASP E 199 -42.54 -38.62 58.64
CA ASP E 199 -43.18 -39.68 59.38
C ASP E 199 -42.40 -40.97 59.52
N GLN E 200 -41.07 -40.90 59.57
CA GLN E 200 -40.28 -42.14 59.72
C GLN E 200 -40.60 -42.96 60.94
N ASP E 201 -40.62 -44.30 60.79
CA ASP E 201 -40.85 -45.18 61.93
C ASP E 201 -39.59 -45.20 62.80
N MET E 202 -39.58 -44.25 63.73
CA MET E 202 -38.51 -44.03 64.66
C MET E 202 -39.06 -43.26 65.84
N TRP E 203 -38.19 -43.01 66.81
CA TRP E 203 -38.60 -42.25 67.95
C TRP E 203 -38.77 -40.83 67.50
N ARG E 204 -39.84 -40.22 67.98
CA ARG E 204 -40.08 -38.84 67.66
C ARG E 204 -39.51 -37.97 68.77
N MET E 205 -38.47 -37.23 68.44
CA MET E 205 -37.80 -36.39 69.37
C MET E 205 -37.71 -34.96 68.86
N SER E 206 -36.83 -34.14 69.46
CA SER E 206 -36.66 -32.73 69.06
C SER E 206 -35.51 -32.03 69.72
N GLY E 207 -35.13 -30.91 69.12
CA GLY E 207 -34.06 -30.09 69.64
C GLY E 207 -32.94 -29.81 68.66
N ILE E 208 -31.84 -29.33 69.21
CA ILE E 208 -30.67 -29.03 68.41
C ILE E 208 -29.74 -30.17 68.61
N PHE E 209 -29.96 -31.15 67.74
CA PHE E 209 -29.27 -32.40 67.85
C PHE E 209 -28.07 -32.56 67.01
N ARG E 210 -27.72 -31.51 66.28
CA ARG E 210 -26.52 -31.60 65.50
C ARG E 210 -25.70 -30.35 65.76
N ASP E 211 -24.43 -30.43 65.42
CA ASP E 211 -23.50 -29.35 65.60
C ASP E 211 -23.98 -27.97 65.18
N VAL E 212 -23.35 -26.99 65.87
CA VAL E 212 -23.52 -25.56 65.66
C VAL E 212 -22.19 -24.90 65.49
N SER E 213 -22.10 -24.06 64.44
CA SER E 213 -20.83 -23.45 64.17
C SER E 213 -20.87 -22.11 63.53
N LEU E 214 -19.66 -21.57 63.47
CA LEU E 214 -19.46 -20.28 62.89
C LEU E 214 -18.40 -20.35 61.86
N LEU E 215 -18.76 -19.70 60.79
CA LEU E 215 -17.85 -19.67 59.71
C LEU E 215 -17.57 -18.28 59.22
N HIS E 216 -16.26 -18.07 59.13
CA HIS E 216 -15.73 -16.82 58.68
C HIS E 216 -15.21 -16.93 57.28
N LYS E 217 -15.88 -16.22 56.39
CA LYS E 217 -15.46 -16.27 55.02
C LYS E 217 -15.21 -14.89 54.46
N PRO E 218 -14.25 -14.83 53.51
CA PRO E 218 -13.90 -13.62 52.82
C PRO E 218 -15.10 -13.11 52.06
N THR E 219 -15.13 -11.83 51.78
CA THR E 219 -16.26 -11.25 51.06
C THR E 219 -16.36 -11.77 49.64
N THR E 220 -15.19 -11.98 49.09
CA THR E 220 -15.07 -12.54 47.80
C THR E 220 -14.57 -13.95 48.06
N GLN E 221 -15.45 -14.92 47.82
CA GLN E 221 -15.12 -16.29 48.15
C GLN E 221 -15.68 -17.33 47.20
N ILE E 222 -15.23 -18.54 47.46
CA ILE E 222 -15.68 -19.72 46.78
C ILE E 222 -17.06 -20.03 47.29
N SER E 223 -18.03 -20.00 46.40
CA SER E 223 -19.38 -20.23 46.84
C SER E 223 -19.84 -21.68 46.68
N ASP E 224 -19.15 -22.42 45.81
CA ASP E 224 -19.53 -23.78 45.54
C ASP E 224 -18.62 -24.44 44.55
N PHE E 225 -18.53 -25.76 44.63
CA PHE E 225 -17.72 -26.49 43.69
C PHE E 225 -18.15 -27.93 43.52
N HIS E 226 -17.94 -28.48 42.33
CA HIS E 226 -18.26 -29.86 42.05
C HIS E 226 -17.14 -30.54 41.35
N VAL E 227 -17.08 -31.81 41.64
CA VAL E 227 -16.08 -32.66 41.08
C VAL E 227 -16.69 -33.78 40.28
N ALA E 228 -16.00 -34.18 39.23
CA ALA E 228 -16.44 -35.27 38.38
C ALA E 228 -15.31 -36.00 37.72
N THR E 229 -15.47 -37.33 37.62
CA THR E 229 -14.47 -38.15 36.99
C THR E 229 -14.96 -38.87 35.75
N ARG E 230 -14.14 -38.87 34.74
CA ARG E 230 -14.51 -39.53 33.54
C ARG E 230 -13.42 -40.50 33.14
N PHE E 231 -13.77 -41.63 32.54
CA PHE E 231 -12.70 -42.58 32.18
C PHE E 231 -12.69 -43.04 30.76
N ASN E 232 -11.59 -43.69 30.41
CA ASN E 232 -11.50 -44.31 29.12
C ASN E 232 -12.05 -45.71 29.30
N ASP E 233 -12.37 -46.35 28.20
CA ASP E 233 -12.95 -47.68 28.25
C ASP E 233 -12.28 -48.63 29.23
N ASP E 234 -11.01 -48.44 29.57
CA ASP E 234 -10.44 -49.41 30.46
C ASP E 234 -10.01 -48.83 31.78
N PHE E 235 -10.38 -47.58 32.01
CA PHE E 235 -10.00 -46.96 33.24
C PHE E 235 -8.51 -46.77 33.34
N SER E 236 -7.86 -46.70 32.20
CA SER E 236 -6.44 -46.49 32.29
C SER E 236 -6.14 -45.00 32.37
N ARG E 237 -7.17 -44.20 32.10
CA ARG E 237 -7.04 -42.75 32.14
C ARG E 237 -8.33 -42.08 32.51
N ALA E 238 -8.20 -41.07 33.35
CA ALA E 238 -9.34 -40.32 33.80
C ALA E 238 -9.23 -38.83 33.62
N VAL E 239 -10.37 -38.22 33.80
CA VAL E 239 -10.40 -36.82 33.77
C VAL E 239 -11.10 -36.27 34.94
N LEU E 240 -10.37 -35.50 35.71
CA LEU E 240 -10.99 -34.89 36.81
C LEU E 240 -11.51 -33.55 36.35
N GLU E 241 -12.77 -33.34 36.56
CA GLU E 241 -13.30 -32.10 36.10
C GLU E 241 -13.98 -31.39 37.23
N ALA E 242 -13.51 -30.16 37.49
CA ALA E 242 -14.02 -29.36 38.60
C ALA E 242 -14.63 -28.05 38.20
N GLU E 243 -15.76 -27.79 38.79
CA GLU E 243 -16.41 -26.57 38.49
C GLU E 243 -16.51 -25.78 39.75
N VAL E 244 -16.09 -24.53 39.61
CA VAL E 244 -16.08 -23.67 40.73
C VAL E 244 -16.85 -22.41 40.56
N GLN E 245 -17.55 -22.07 41.61
CA GLN E 245 -18.30 -20.86 41.60
C GLN E 245 -17.86 -19.96 42.73
N MET E 246 -17.89 -18.67 42.42
CA MET E 246 -17.52 -17.66 43.38
C MET E 246 -18.62 -16.69 43.65
N CYS E 247 -18.49 -16.07 44.79
CA CYS E 247 -19.39 -15.05 45.23
C CYS E 247 -18.52 -13.88 45.55
N GLY E 248 -19.02 -12.69 45.29
CA GLY E 248 -18.23 -11.52 45.61
C GLY E 248 -17.97 -10.51 44.49
N GLU E 249 -16.83 -9.87 44.63
CA GLU E 249 -16.41 -8.86 43.71
C GLU E 249 -15.59 -9.43 42.59
N LEU E 250 -16.19 -9.46 41.43
CA LEU E 250 -15.47 -9.99 40.32
C LEU E 250 -14.39 -9.07 39.82
N ARG E 251 -13.19 -9.62 39.68
CA ARG E 251 -12.03 -8.88 39.22
C ARG E 251 -11.15 -9.76 38.39
N ASP E 252 -10.60 -9.17 37.38
CA ASP E 252 -9.74 -9.89 36.47
C ASP E 252 -8.44 -10.44 37.03
N TYR E 253 -8.10 -10.15 38.27
CA TYR E 253 -6.84 -10.71 38.70
C TYR E 253 -7.07 -11.96 39.49
N LEU E 254 -8.34 -12.35 39.55
CA LEU E 254 -8.70 -13.53 40.27
C LEU E 254 -8.37 -14.75 39.51
N ARG E 255 -7.95 -15.73 40.27
CA ARG E 255 -7.60 -17.00 39.73
C ARG E 255 -8.05 -18.14 40.60
N VAL E 256 -8.03 -19.32 39.97
CA VAL E 256 -8.39 -20.52 40.65
C VAL E 256 -7.43 -21.61 40.32
N THR E 257 -7.07 -22.30 41.36
CA THR E 257 -6.17 -23.39 41.17
C THR E 257 -6.66 -24.61 41.85
N VAL E 258 -6.58 -25.67 41.08
CA VAL E 258 -7.03 -26.92 41.54
C VAL E 258 -5.92 -27.89 41.39
N SER E 259 -5.62 -28.51 42.51
CA SER E 259 -4.54 -29.42 42.59
C SER E 259 -4.98 -30.74 43.17
N LEU E 260 -4.40 -31.73 42.56
CA LEU E 260 -4.68 -33.05 42.96
C LEU E 260 -3.51 -33.67 43.61
N TRP E 261 -3.82 -34.28 44.73
CA TRP E 261 -2.81 -34.90 45.48
C TRP E 261 -3.04 -36.34 45.86
N GLN E 262 -1.93 -37.01 45.83
CA GLN E 262 -1.83 -38.39 46.19
C GLN E 262 -0.97 -38.46 47.42
N GLY E 263 -1.62 -38.15 48.51
CA GLY E 263 -0.90 -38.11 49.72
C GLY E 263 0.11 -36.98 49.67
N GLU E 264 1.35 -37.37 49.56
CA GLU E 264 2.41 -36.39 49.55
C GLU E 264 2.65 -35.79 48.20
N THR E 265 2.31 -36.59 47.22
CA THR E 265 2.54 -36.16 45.89
C THR E 265 1.44 -35.40 45.21
N GLN E 266 1.90 -34.40 44.51
CA GLN E 266 0.98 -33.65 43.75
C GLN E 266 0.94 -34.24 42.38
N VAL E 267 -0.24 -34.68 42.02
CA VAL E 267 -0.50 -35.38 40.80
C VAL E 267 -0.90 -34.53 39.63
N ALA E 268 -1.58 -33.43 39.95
CA ALA E 268 -2.00 -32.56 38.91
C ALA E 268 -2.51 -31.27 39.45
N SER E 269 -2.29 -30.27 38.61
CA SER E 269 -2.73 -28.97 38.94
C SER E 269 -3.23 -28.24 37.73
N GLY E 270 -4.02 -27.23 38.00
CA GLY E 270 -4.58 -26.42 36.97
C GLY E 270 -4.95 -25.08 37.51
N THR E 271 -4.71 -24.08 36.68
CA THR E 271 -5.03 -22.74 37.11
C THR E 271 -5.75 -21.98 36.06
N ALA E 272 -6.68 -21.14 36.50
CA ALA E 272 -7.40 -20.33 35.55
C ALA E 272 -8.20 -19.24 36.19
N PRO E 273 -8.65 -18.38 35.32
CA PRO E 273 -9.43 -17.22 35.67
C PRO E 273 -10.88 -17.51 35.41
N PHE E 274 -11.74 -16.77 36.09
CA PHE E 274 -13.16 -16.98 35.94
C PHE E 274 -13.67 -16.75 34.56
N GLY E 275 -14.85 -17.27 34.31
CA GLY E 275 -15.47 -17.13 33.01
C GLY E 275 -15.54 -18.46 32.31
N GLY E 276 -16.78 -18.90 32.06
CA GLY E 276 -17.12 -20.16 31.42
C GLY E 276 -17.33 -20.08 29.90
N GLU E 277 -17.68 -21.23 29.33
CA GLU E 277 -17.94 -21.31 27.92
C GLU E 277 -19.34 -20.84 27.70
N ILE E 278 -19.62 -20.47 26.47
CA ILE E 278 -20.93 -19.98 26.16
C ILE E 278 -21.93 -21.05 26.39
N ILE E 279 -23.05 -20.68 26.95
CA ILE E 279 -24.02 -21.72 27.19
C ILE E 279 -25.28 -21.43 26.44
N ASP E 280 -25.56 -20.18 26.17
CA ASP E 280 -26.76 -19.94 25.45
C ASP E 280 -26.66 -18.64 24.74
N GLU E 281 -27.79 -18.16 24.26
CA GLU E 281 -27.76 -16.91 23.52
C GLU E 281 -27.20 -15.71 24.29
N ARG E 282 -27.26 -15.73 25.64
CA ARG E 282 -26.75 -14.61 26.42
C ARG E 282 -25.31 -14.73 26.82
N GLY E 283 -24.69 -15.87 26.63
CA GLY E 283 -23.29 -16.03 26.99
C GLY E 283 -23.10 -17.18 27.95
N GLY E 284 -22.16 -16.97 28.89
CA GLY E 284 -21.82 -17.94 29.93
C GLY E 284 -21.84 -17.37 31.36
N TYR E 285 -21.20 -18.10 32.28
CA TYR E 285 -21.06 -17.72 33.66
C TYR E 285 -19.71 -17.08 33.85
N ALA E 286 -19.76 -15.79 34.13
CA ALA E 286 -18.59 -15.01 34.34
C ALA E 286 -17.94 -15.37 35.66
N ASP E 287 -18.81 -15.77 36.56
CA ASP E 287 -18.46 -16.13 37.89
C ASP E 287 -18.31 -17.61 38.08
N ARG E 288 -17.92 -18.32 37.04
CA ARG E 288 -17.68 -19.73 37.26
C ARG E 288 -16.49 -20.09 36.45
N VAL E 289 -15.97 -21.24 36.73
CA VAL E 289 -14.85 -21.73 35.97
C VAL E 289 -14.74 -23.24 36.11
N THR E 290 -14.28 -23.89 35.07
CA THR E 290 -14.19 -25.32 35.11
C THR E 290 -12.84 -25.84 34.73
N LEU E 291 -12.25 -26.67 35.57
CA LEU E 291 -10.96 -27.17 35.18
C LEU E 291 -11.02 -28.63 34.90
N ARG E 292 -10.12 -29.03 34.04
CA ARG E 292 -10.07 -30.42 33.69
C ARG E 292 -8.70 -30.99 33.90
N LEU E 293 -8.55 -31.90 34.83
CA LEU E 293 -7.26 -32.49 35.07
C LEU E 293 -7.19 -33.88 34.52
N ASN E 294 -6.08 -34.16 33.87
CA ASN E 294 -5.93 -35.48 33.34
C ASN E 294 -5.16 -36.33 34.29
N VAL E 295 -5.57 -37.58 34.41
CA VAL E 295 -4.87 -38.48 35.28
C VAL E 295 -4.62 -39.83 34.66
N GLU E 296 -3.35 -40.20 34.62
CA GLU E 296 -3.01 -41.47 34.07
C GLU E 296 -3.03 -42.52 35.14
N ASN E 297 -3.50 -43.69 34.77
CA ASN E 297 -3.56 -44.82 35.68
C ASN E 297 -3.99 -44.46 37.07
N PRO E 298 -5.12 -43.81 37.14
CA PRO E 298 -5.65 -43.43 38.42
C PRO E 298 -5.90 -44.65 39.25
N LYS E 299 -5.93 -44.43 40.54
CA LYS E 299 -6.22 -45.46 41.49
C LYS E 299 -7.68 -45.38 41.81
N LEU E 300 -8.36 -46.48 41.57
CA LEU E 300 -9.79 -46.45 41.75
C LEU E 300 -10.28 -46.65 43.14
N TRP E 301 -11.38 -45.99 43.41
CA TRP E 301 -11.96 -46.13 44.70
C TRP E 301 -13.01 -47.21 44.70
N SER E 302 -13.16 -47.94 45.80
CA SER E 302 -14.19 -48.96 45.88
C SER E 302 -14.38 -49.38 47.31
N ALA E 303 -15.47 -50.06 47.62
CA ALA E 303 -15.62 -50.46 49.01
C ALA E 303 -14.50 -51.43 49.32
N GLU E 304 -14.07 -52.15 48.31
CA GLU E 304 -12.97 -53.08 48.46
C GLU E 304 -11.66 -52.35 48.77
N ILE E 305 -11.40 -51.22 48.10
CA ILE E 305 -10.19 -50.45 48.31
C ILE E 305 -10.49 -49.02 48.05
N PRO E 306 -10.70 -48.35 49.12
CA PRO E 306 -11.07 -46.97 49.08
C PRO E 306 -9.92 -46.07 48.73
N ASN E 307 -9.34 -46.23 47.58
CA ASN E 307 -8.27 -45.33 47.26
C ASN E 307 -8.80 -43.93 47.16
N LEU E 308 -8.13 -43.01 47.86
CA LEU E 308 -8.52 -41.60 47.80
C LEU E 308 -7.46 -40.63 47.32
N TYR E 309 -7.94 -39.47 46.87
CA TYR E 309 -7.05 -38.41 46.45
C TYR E 309 -7.53 -37.17 47.15
N ARG E 310 -6.66 -36.16 47.21
CA ARG E 310 -7.09 -34.92 47.81
C ARG E 310 -7.09 -33.80 46.82
N ALA E 311 -8.15 -33.03 46.89
CA ALA E 311 -8.26 -31.95 45.98
C ALA E 311 -8.34 -30.62 46.66
N VAL E 312 -7.55 -29.71 46.08
CA VAL E 312 -7.50 -28.36 46.59
C VAL E 312 -7.84 -27.28 45.62
N VAL E 313 -8.77 -26.50 46.14
CA VAL E 313 -9.31 -25.38 45.44
C VAL E 313 -8.87 -24.10 46.10
N GLU E 314 -7.99 -23.42 45.40
CA GLU E 314 -7.47 -22.19 45.89
C GLU E 314 -7.86 -21.05 45.00
N LEU E 315 -8.49 -20.12 45.70
CA LEU E 315 -8.97 -18.88 45.18
C LEU E 315 -7.94 -17.82 45.49
N HIS E 316 -7.29 -17.34 44.46
CA HIS E 316 -6.28 -16.37 44.72
C HIS E 316 -6.16 -15.35 43.60
N THR E 317 -5.24 -14.43 43.80
CA THR E 317 -5.01 -13.40 42.84
C THR E 317 -3.90 -13.82 41.93
N ALA E 318 -3.78 -13.08 40.84
CA ALA E 318 -2.75 -13.38 39.87
C ALA E 318 -1.35 -13.30 40.45
N ASP E 319 -1.15 -12.31 41.34
CA ASP E 319 0.15 -12.12 41.96
C ASP E 319 0.55 -13.35 42.73
N GLY E 320 -0.44 -14.07 43.24
CA GLY E 320 -0.14 -15.27 43.97
C GLY E 320 -0.70 -15.22 45.38
N THR E 321 -1.36 -14.15 45.66
CA THR E 321 -1.91 -14.04 46.97
C THR E 321 -3.17 -14.86 47.13
N LEU E 322 -3.17 -15.72 48.14
CA LEU E 322 -4.31 -16.55 48.35
C LEU E 322 -5.46 -15.89 49.09
N ILE E 323 -6.65 -15.99 48.55
CA ILE E 323 -7.79 -15.43 49.24
C ILE E 323 -8.34 -16.46 50.23
N GLU E 324 -8.43 -17.71 49.79
CA GLU E 324 -8.94 -18.78 50.62
C GLU E 324 -8.84 -20.09 49.92
N ALA E 325 -9.09 -21.14 50.67
CA ALA E 325 -9.01 -22.47 50.12
C ALA E 325 -10.06 -23.42 50.66
N GLU E 326 -10.39 -24.36 49.78
CA GLU E 326 -11.33 -25.38 50.11
C GLU E 326 -10.80 -26.66 49.55
N ALA E 327 -11.28 -27.73 50.16
CA ALA E 327 -10.78 -29.00 49.69
C ALA E 327 -11.75 -30.13 49.91
N CYS E 328 -11.37 -31.28 49.38
CA CYS E 328 -12.15 -32.48 49.53
C CYS E 328 -11.41 -33.70 49.09
N ASP E 329 -11.91 -34.83 49.60
CA ASP E 329 -11.30 -36.07 49.20
C ASP E 329 -11.94 -36.54 47.93
N VAL E 330 -11.13 -37.12 47.08
CA VAL E 330 -11.66 -37.55 45.83
C VAL E 330 -11.43 -39.00 45.56
N GLY E 331 -12.46 -39.63 45.01
CA GLY E 331 -12.41 -41.03 44.67
C GLY E 331 -12.77 -41.26 43.21
N PHE E 332 -11.91 -41.97 42.53
CA PHE E 332 -12.16 -42.26 41.14
C PHE E 332 -12.98 -43.51 40.97
N ARG E 333 -14.20 -43.32 40.53
CA ARG E 333 -15.08 -44.46 40.32
C ARG E 333 -16.20 -44.07 39.43
N GLU E 334 -16.69 -45.07 38.73
CA GLU E 334 -17.77 -44.91 37.83
C GLU E 334 -18.91 -45.84 38.14
N VAL E 335 -20.08 -45.26 38.28
CA VAL E 335 -21.28 -45.99 38.59
C VAL E 335 -22.20 -45.94 37.43
N ARG E 336 -22.57 -47.11 36.93
CA ARG E 336 -23.50 -47.09 35.85
C ARG E 336 -24.35 -48.31 35.67
N ILE E 337 -25.51 -48.05 35.12
CA ILE E 337 -26.41 -49.13 34.85
C ILE E 337 -26.36 -49.45 33.40
N GLU E 338 -25.96 -50.66 33.13
CA GLU E 338 -25.90 -51.01 31.76
C GLU E 338 -26.46 -52.36 31.48
N ASN E 339 -27.33 -52.37 30.52
CA ASN E 339 -27.93 -53.61 30.13
C ASN E 339 -28.53 -54.40 31.27
N GLY E 340 -29.25 -53.71 32.14
CA GLY E 340 -29.90 -54.35 33.25
C GLY E 340 -28.98 -54.48 34.43
N LEU E 341 -27.74 -54.04 34.29
CA LEU E 341 -26.90 -54.21 35.45
C LEU E 341 -26.28 -52.99 36.02
N LEU E 342 -26.20 -53.02 37.32
CA LEU E 342 -25.58 -51.95 38.00
C LEU E 342 -24.11 -52.25 38.11
N LEU E 343 -23.35 -51.35 37.51
CA LEU E 343 -21.95 -51.52 37.49
C LEU E 343 -21.16 -50.49 38.19
N LEU E 344 -20.08 -51.01 38.74
CA LEU E 344 -19.15 -50.18 39.38
C LEU E 344 -17.78 -50.41 38.82
N ASN E 345 -17.27 -49.35 38.28
CA ASN E 345 -15.98 -49.41 37.66
C ASN E 345 -15.94 -50.57 36.73
N GLY E 346 -17.01 -50.78 36.00
CA GLY E 346 -16.97 -51.85 35.05
C GLY E 346 -17.56 -53.14 35.55
N LYS E 347 -17.51 -53.39 36.83
CA LYS E 347 -18.10 -54.62 37.27
C LYS E 347 -19.42 -54.41 37.93
N PRO E 348 -20.09 -55.51 38.01
CA PRO E 348 -21.43 -55.63 38.53
C PRO E 348 -21.38 -55.91 39.97
N LEU E 349 -22.03 -55.05 40.70
CA LEU E 349 -22.02 -55.17 42.11
C LEU E 349 -22.94 -56.21 42.66
N LEU E 350 -22.65 -56.52 43.92
CA LEU E 350 -23.43 -57.39 44.73
C LEU E 350 -23.51 -56.74 46.10
N ILE E 351 -24.61 -56.05 46.31
CA ILE E 351 -24.81 -55.32 47.51
C ILE E 351 -25.09 -56.14 48.72
N ARG E 352 -24.18 -56.06 49.67
CA ARG E 352 -24.37 -56.70 50.96
C ARG E 352 -24.69 -55.55 51.90
N GLY E 353 -25.93 -55.08 51.82
CA GLY E 353 -26.29 -53.90 52.57
C GLY E 353 -27.18 -54.03 53.76
N VAL E 354 -27.28 -52.89 54.42
CA VAL E 354 -28.11 -52.75 55.60
C VAL E 354 -28.59 -51.33 55.73
N ASN E 355 -29.77 -51.21 56.32
CA ASN E 355 -30.36 -49.92 56.58
C ASN E 355 -29.92 -49.53 57.95
N ARG E 356 -29.69 -48.25 58.17
CA ARG E 356 -29.23 -47.80 59.45
C ARG E 356 -29.73 -46.44 59.88
N HIS E 357 -30.31 -46.40 61.06
CA HIS E 357 -30.76 -45.15 61.59
C HIS E 357 -29.68 -44.51 62.46
N GLU E 358 -29.84 -43.21 62.71
CA GLU E 358 -28.90 -42.51 63.59
C GLU E 358 -29.50 -42.58 65.00
N HIS E 359 -29.05 -43.58 65.79
CA HIS E 359 -29.63 -43.82 67.11
C HIS E 359 -28.66 -44.29 68.17
N HIS E 360 -28.79 -43.64 69.33
CA HIS E 360 -28.00 -43.87 70.50
C HIS E 360 -28.90 -44.02 71.69
N PRO E 361 -28.74 -45.16 72.36
CA PRO E 361 -29.52 -45.58 73.53
C PRO E 361 -29.54 -44.51 74.62
N LEU E 362 -28.44 -43.72 74.66
CA LEU E 362 -28.25 -42.64 75.61
C LEU E 362 -28.47 -41.27 75.03
N HIS E 363 -27.88 -41.01 73.89
CA HIS E 363 -28.02 -39.71 73.30
C HIS E 363 -29.22 -39.47 72.47
N GLY E 364 -29.99 -40.51 72.19
CA GLY E 364 -31.16 -40.34 71.35
C GLY E 364 -30.68 -40.25 69.90
N GLN E 365 -31.07 -39.19 69.22
CA GLN E 365 -30.63 -39.05 67.85
C GLN E 365 -29.34 -38.30 67.64
N VAL E 366 -28.55 -38.17 68.68
CA VAL E 366 -27.31 -37.45 68.53
C VAL E 366 -26.11 -38.34 68.21
N MET E 367 -25.41 -38.00 67.14
CA MET E 367 -24.28 -38.84 66.73
C MET E 367 -22.89 -38.36 67.03
N ASP E 368 -21.93 -39.29 67.05
CA ASP E 368 -20.55 -38.92 67.28
C ASP E 368 -19.58 -39.88 66.64
N GLU E 369 -18.44 -39.31 66.33
CA GLU E 369 -17.38 -40.06 65.70
C GLU E 369 -17.28 -41.48 66.18
N GLN E 370 -17.06 -41.58 67.45
CA GLN E 370 -16.89 -42.85 68.07
C GLN E 370 -17.88 -43.91 67.61
N THR E 371 -19.14 -43.59 67.81
CA THR E 371 -20.20 -44.49 67.45
C THR E 371 -20.13 -44.90 65.98
N MET E 372 -20.15 -43.85 65.15
CA MET E 372 -20.05 -44.03 63.74
C MET E 372 -18.98 -45.04 63.43
N VAL E 373 -17.79 -44.75 63.90
CA VAL E 373 -16.76 -45.72 63.63
C VAL E 373 -17.08 -47.12 64.13
N GLN E 374 -17.67 -47.18 65.29
CA GLN E 374 -17.97 -48.52 65.76
C GLN E 374 -18.77 -49.26 64.71
N ASP E 375 -19.85 -48.60 64.31
CA ASP E 375 -20.71 -49.18 63.34
C ASP E 375 -19.95 -49.62 62.11
N ILE E 376 -19.22 -48.69 61.57
CA ILE E 376 -18.50 -49.02 60.39
C ILE E 376 -17.65 -50.24 60.58
N LEU E 377 -16.88 -50.24 61.63
CA LEU E 377 -16.06 -51.42 61.81
C LEU E 377 -16.83 -52.69 61.89
N LEU E 378 -17.90 -52.65 62.63
CA LEU E 378 -18.69 -53.83 62.74
C LEU E 378 -19.19 -54.32 61.42
N MET E 379 -19.80 -53.41 60.70
CA MET E 379 -20.31 -53.77 59.42
C MET E 379 -19.25 -54.42 58.59
N LYS E 380 -18.16 -53.70 58.46
CA LYS E 380 -17.10 -54.25 57.67
C LYS E 380 -16.72 -55.60 58.14
N GLN E 381 -16.68 -55.73 59.43
CA GLN E 381 -16.31 -57.02 59.97
C GLN E 381 -17.28 -58.13 59.69
N ASN E 382 -18.53 -57.78 59.47
CA ASN E 382 -19.50 -58.78 59.20
C ASN E 382 -19.88 -58.91 57.75
N ASN E 383 -18.96 -58.52 56.92
CA ASN E 383 -19.17 -58.65 55.50
C ASN E 383 -20.21 -57.77 54.88
N PHE E 384 -20.42 -56.58 55.42
CA PHE E 384 -21.35 -55.70 54.75
C PHE E 384 -20.59 -54.76 53.84
N ASN E 385 -21.18 -54.24 52.76
CA ASN E 385 -20.40 -53.33 51.94
C ASN E 385 -21.15 -52.10 51.61
N ALA E 386 -22.35 -52.02 52.13
CA ALA E 386 -23.13 -50.87 51.78
C ALA E 386 -24.13 -50.53 52.82
N VAL E 387 -24.55 -49.30 52.78
CA VAL E 387 -25.53 -48.90 53.75
C VAL E 387 -26.48 -47.88 53.18
N ARG E 388 -27.69 -47.94 53.69
CA ARG E 388 -28.70 -47.04 53.28
C ARG E 388 -29.08 -46.11 54.42
N CYS E 389 -29.06 -44.81 54.14
CA CYS E 389 -29.42 -43.80 55.12
C CYS E 389 -30.91 -43.71 55.36
N SER E 390 -31.44 -44.74 55.99
CA SER E 390 -32.84 -44.70 56.25
C SER E 390 -33.10 -43.67 57.34
N HIS E 391 -33.82 -42.61 57.05
CA HIS E 391 -34.38 -42.23 55.78
C HIS E 391 -34.27 -40.71 55.71
N TYR E 392 -33.06 -40.23 55.74
CA TYR E 392 -32.76 -38.82 55.75
C TYR E 392 -31.28 -38.76 55.66
N PRO E 393 -30.83 -37.58 55.36
CA PRO E 393 -29.42 -37.35 55.21
C PRO E 393 -28.74 -37.47 56.53
N ASN E 394 -27.54 -37.98 56.51
CA ASN E 394 -26.87 -38.18 57.76
C ASN E 394 -25.91 -37.09 58.14
N HIS E 395 -25.41 -37.28 59.32
CA HIS E 395 -24.40 -36.42 59.82
C HIS E 395 -23.20 -36.55 58.90
N PRO E 396 -22.90 -35.44 58.40
CA PRO E 396 -21.83 -35.18 57.46
C PRO E 396 -20.62 -36.03 57.70
N LEU E 397 -20.21 -36.11 58.92
CA LEU E 397 -19.02 -36.88 59.14
C LEU E 397 -19.08 -38.31 58.58
N TRP E 398 -20.28 -38.87 58.69
CA TRP E 398 -20.56 -40.20 58.22
C TRP E 398 -19.97 -40.47 56.85
N TYR E 399 -20.40 -39.60 55.93
CA TYR E 399 -19.96 -39.70 54.55
C TYR E 399 -18.47 -39.76 54.41
N THR E 400 -17.84 -38.97 55.21
CA THR E 400 -16.41 -38.99 55.13
C THR E 400 -15.84 -40.32 55.53
N LEU E 401 -16.38 -40.78 56.64
CA LEU E 401 -15.93 -42.02 57.15
C LEU E 401 -16.10 -43.11 56.13
N CYS E 402 -17.28 -43.10 55.52
CA CYS E 402 -17.53 -44.13 54.54
C CYS E 402 -16.58 -43.99 53.40
N ASP E 403 -16.33 -42.74 53.03
CA ASP E 403 -15.43 -42.49 51.95
C ASP E 403 -14.10 -43.10 52.29
N ARG E 404 -13.73 -42.90 53.55
CA ARG E 404 -12.45 -43.39 54.01
C ARG E 404 -12.34 -44.85 54.25
N TYR E 405 -13.34 -45.40 54.91
CA TYR E 405 -13.34 -46.79 55.24
C TYR E 405 -13.67 -47.75 54.12
N GLY E 406 -14.55 -47.31 53.22
CA GLY E 406 -14.95 -48.11 52.10
C GLY E 406 -16.35 -48.72 52.26
N LEU E 407 -17.42 -47.94 52.06
CA LEU E 407 -18.76 -48.48 52.14
C LEU E 407 -19.63 -47.84 51.07
N TYR E 408 -20.43 -48.60 50.35
CA TYR E 408 -21.28 -47.95 49.36
C TYR E 408 -22.44 -47.35 50.10
N VAL E 409 -22.80 -46.15 49.71
CA VAL E 409 -23.91 -45.50 50.37
C VAL E 409 -24.99 -45.00 49.45
N VAL E 410 -26.19 -45.12 50.02
CA VAL E 410 -27.38 -44.61 49.39
C VAL E 410 -27.85 -43.42 50.20
N ASP E 411 -27.73 -42.24 49.61
CA ASP E 411 -28.15 -41.01 50.27
C ASP E 411 -29.64 -40.81 50.03
N GLU E 412 -30.40 -40.59 51.10
CA GLU E 412 -31.82 -40.51 50.96
C GLU E 412 -32.43 -39.24 51.49
N ALA E 413 -33.31 -38.67 50.69
CA ALA E 413 -33.98 -37.45 51.10
C ALA E 413 -34.94 -37.66 52.28
N ASN E 414 -35.03 -36.62 53.09
CA ASN E 414 -35.84 -36.60 54.28
C ASN E 414 -37.33 -36.43 53.97
N ILE E 415 -37.93 -37.47 53.40
CA ILE E 415 -39.35 -37.39 53.14
C ILE E 415 -40.10 -38.68 53.37
N GLU E 416 -40.99 -38.73 54.35
CA GLU E 416 -41.82 -39.91 54.58
C GLU E 416 -43.19 -39.41 54.97
N THR E 417 -44.21 -39.85 54.25
CA THR E 417 -45.57 -39.45 54.56
C THR E 417 -46.41 -40.66 54.76
N HIS E 418 -45.72 -41.62 55.33
CA HIS E 418 -46.32 -42.89 55.57
C HIS E 418 -47.77 -42.88 56.04
N GLY E 419 -48.10 -42.04 57.03
CA GLY E 419 -49.42 -42.00 57.62
C GLY E 419 -50.51 -41.40 56.75
N MET E 420 -50.16 -40.80 55.63
CA MET E 420 -51.21 -40.23 54.86
C MET E 420 -52.13 -41.27 54.30
N VAL E 421 -53.20 -40.82 53.68
CA VAL E 421 -54.14 -41.75 53.09
C VAL E 421 -54.91 -41.11 51.96
N PRO E 422 -54.70 -41.61 50.74
CA PRO E 422 -53.74 -42.65 50.51
C PRO E 422 -52.34 -42.07 50.69
N MET E 423 -51.40 -42.96 50.83
CA MET E 423 -50.03 -42.58 51.05
C MET E 423 -49.50 -41.41 50.22
N ASN E 424 -49.96 -41.20 49.01
CA ASN E 424 -49.37 -40.14 48.19
C ASN E 424 -50.13 -38.80 48.16
N ARG E 425 -51.04 -38.69 49.09
CA ARG E 425 -51.87 -37.53 49.22
C ARG E 425 -51.11 -36.23 49.07
N LEU E 426 -49.97 -36.14 49.73
CA LEU E 426 -49.18 -34.93 49.61
C LEU E 426 -48.30 -34.90 48.38
N THR E 427 -47.61 -36.03 48.15
CA THR E 427 -46.68 -36.23 47.03
C THR E 427 -47.27 -36.02 45.67
N ASP E 428 -48.58 -36.17 45.64
CA ASP E 428 -49.19 -35.90 44.38
C ASP E 428 -49.74 -34.47 44.32
N ASP E 429 -49.29 -33.59 45.21
CA ASP E 429 -49.82 -32.24 45.26
C ASP E 429 -48.78 -31.18 45.16
N PRO E 430 -48.99 -30.50 44.06
CA PRO E 430 -48.19 -29.42 43.57
C PRO E 430 -47.87 -28.52 44.72
N ARG E 431 -48.91 -28.28 45.50
CA ARG E 431 -48.71 -27.44 46.66
C ARG E 431 -47.56 -27.85 47.50
N TRP E 432 -47.30 -29.15 47.58
CA TRP E 432 -46.20 -29.56 48.40
C TRP E 432 -44.92 -29.73 47.65
N LEU E 433 -45.06 -29.53 46.38
CA LEU E 433 -43.90 -29.70 45.58
C LEU E 433 -42.66 -28.98 46.13
N PRO E 434 -42.74 -27.71 46.16
CA PRO E 434 -41.65 -26.88 46.64
C PRO E 434 -41.02 -27.36 47.95
N ALA E 435 -41.86 -27.72 48.87
CA ALA E 435 -41.36 -28.27 50.11
C ALA E 435 -40.46 -29.47 49.82
N MET E 436 -41.06 -30.40 49.07
CA MET E 436 -40.33 -31.60 48.70
C MET E 436 -39.04 -31.28 47.98
N SER E 437 -39.15 -30.37 47.05
CA SER E 437 -38.00 -30.01 46.26
C SER E 437 -36.82 -29.68 47.10
N GLU E 438 -37.11 -28.79 48.05
CA GLU E 438 -36.05 -28.30 48.90
C GLU E 438 -35.31 -29.43 49.53
N ARG E 439 -36.13 -30.38 49.94
CA ARG E 439 -35.63 -31.56 50.55
C ARG E 439 -34.68 -32.35 49.67
N VAL E 440 -34.94 -32.37 48.37
CA VAL E 440 -34.03 -33.15 47.55
C VAL E 440 -32.81 -32.37 47.11
N THR E 441 -33.12 -31.23 46.51
CA THR E 441 -32.11 -30.39 45.96
C THR E 441 -31.00 -30.15 46.90
N ARG E 442 -31.39 -29.73 48.09
CA ARG E 442 -30.41 -29.44 49.11
C ARG E 442 -29.49 -30.61 49.44
N MET E 443 -30.05 -31.79 49.54
CA MET E 443 -29.23 -32.93 49.83
C MET E 443 -28.14 -33.06 48.80
N VAL E 444 -28.61 -32.93 47.58
CA VAL E 444 -27.69 -33.10 46.50
C VAL E 444 -26.55 -32.12 46.53
N GLN E 445 -26.95 -30.88 46.72
CA GLN E 445 -25.92 -29.87 46.74
C GLN E 445 -24.93 -30.11 47.84
N ARG E 446 -25.40 -30.71 48.88
CA ARG E 446 -24.48 -30.92 49.93
C ARG E 446 -23.54 -32.10 49.75
N ASP E 447 -24.09 -33.23 49.34
CA ASP E 447 -23.33 -34.46 49.31
C ASP E 447 -22.72 -34.98 48.06
N ARG E 448 -23.02 -34.29 47.00
CA ARG E 448 -22.58 -34.78 45.73
C ARG E 448 -21.12 -35.01 45.47
N ASN E 449 -20.24 -34.53 46.31
CA ASN E 449 -18.87 -34.83 45.94
C ASN E 449 -18.28 -36.04 46.63
N HIS E 450 -19.07 -36.74 47.43
CA HIS E 450 -18.51 -37.89 48.10
C HIS E 450 -18.55 -39.16 47.29
N PRO E 451 -17.40 -39.73 47.01
CA PRO E 451 -17.37 -40.98 46.24
C PRO E 451 -18.23 -42.09 46.85
N SER E 452 -18.36 -42.16 48.15
CA SER E 452 -19.15 -43.26 48.70
C SER E 452 -20.61 -43.23 48.33
N VAL E 453 -21.10 -42.05 47.99
CA VAL E 453 -22.48 -42.02 47.65
C VAL E 453 -22.60 -42.52 46.26
N ILE E 454 -23.38 -43.57 46.07
CA ILE E 454 -23.51 -44.06 44.71
C ILE E 454 -24.91 -44.07 44.18
N ILE E 455 -25.86 -43.79 45.04
CA ILE E 455 -27.24 -43.78 44.60
C ILE E 455 -28.01 -42.79 45.39
N TRP E 456 -28.82 -42.04 44.68
CA TRP E 456 -29.66 -41.09 45.33
C TRP E 456 -31.02 -41.75 45.47
N SER E 457 -31.71 -41.42 46.54
CA SER E 457 -33.03 -41.94 46.83
C SER E 457 -33.95 -40.79 47.22
N LEU E 458 -35.18 -40.77 46.68
CA LEU E 458 -36.11 -39.69 46.95
C LEU E 458 -36.85 -39.82 48.27
N GLY E 459 -36.40 -40.69 49.14
CA GLY E 459 -37.16 -40.77 50.35
C GLY E 459 -37.68 -42.15 50.58
N ASN E 460 -38.79 -42.20 51.32
CA ASN E 460 -39.39 -43.45 51.72
C ASN E 460 -40.90 -43.39 52.02
N GLU E 461 -41.55 -44.53 51.88
CA GLU E 461 -42.98 -44.69 52.07
C GLU E 461 -43.85 -43.47 51.96
N SER E 462 -43.92 -42.92 50.75
CA SER E 462 -44.73 -41.72 50.52
C SER E 462 -45.55 -41.89 49.26
N GLY E 463 -45.85 -43.14 48.93
CA GLY E 463 -46.60 -43.46 47.75
C GLY E 463 -45.82 -43.02 46.53
N HIS E 464 -46.56 -42.71 45.48
CA HIS E 464 -45.97 -42.25 44.27
C HIS E 464 -46.77 -41.10 43.74
N GLY E 465 -46.11 -39.96 43.55
CA GLY E 465 -46.80 -38.81 43.05
C GLY E 465 -45.96 -38.05 42.06
N ALA E 466 -46.66 -37.22 41.32
CA ALA E 466 -45.99 -36.45 40.30
C ALA E 466 -44.79 -35.72 40.86
N ASN E 467 -44.94 -35.29 42.11
CA ASN E 467 -43.84 -34.58 42.69
C ASN E 467 -42.57 -35.42 42.57
N HIS E 468 -42.76 -36.72 42.72
CA HIS E 468 -41.64 -37.63 42.61
C HIS E 468 -41.00 -37.62 41.25
N ASP E 469 -41.85 -37.78 40.26
CA ASP E 469 -41.37 -37.77 38.90
C ASP E 469 -40.53 -36.55 38.61
N ALA E 470 -41.09 -35.43 38.99
CA ALA E 470 -40.36 -34.21 38.74
C ALA E 470 -39.01 -34.22 39.42
N LEU E 471 -39.00 -34.66 40.64
CA LEU E 471 -37.75 -34.64 41.35
C LEU E 471 -36.71 -35.60 40.82
N TYR E 472 -37.23 -36.76 40.49
CA TYR E 472 -36.41 -37.76 39.90
C TYR E 472 -35.67 -37.16 38.71
N ARG E 473 -36.45 -36.57 37.87
CA ARG E 473 -35.90 -35.96 36.70
C ARG E 473 -34.83 -34.91 36.99
N TRP E 474 -35.16 -34.06 37.94
CA TRP E 474 -34.28 -33.00 38.30
C TRP E 474 -32.91 -33.55 38.58
N ILE E 475 -32.89 -34.57 39.39
CA ILE E 475 -31.60 -35.09 39.71
C ILE E 475 -30.90 -35.58 38.49
N LYS E 476 -31.63 -36.38 37.76
CA LYS E 476 -31.06 -36.95 36.57
C LYS E 476 -30.34 -35.89 35.80
N SER E 477 -30.93 -34.74 35.76
CA SER E 477 -30.28 -33.70 34.99
C SER E 477 -29.13 -33.08 35.69
N VAL E 478 -29.24 -32.97 36.96
CA VAL E 478 -28.17 -32.34 37.63
C VAL E 478 -26.99 -33.26 37.88
N ASP E 479 -27.29 -34.50 38.22
CA ASP E 479 -26.27 -35.46 38.51
C ASP E 479 -26.59 -36.77 37.89
N PRO E 480 -25.94 -36.88 36.80
CA PRO E 480 -26.06 -38.01 35.94
C PRO E 480 -25.08 -39.08 36.35
N SER E 481 -24.25 -38.80 37.32
CA SER E 481 -23.26 -39.78 37.71
C SER E 481 -23.82 -40.92 38.55
N ARG E 482 -24.98 -40.72 39.17
CA ARG E 482 -25.57 -41.75 39.98
C ARG E 482 -27.00 -41.94 39.63
N PRO E 483 -27.40 -43.17 39.81
CA PRO E 483 -28.74 -43.61 39.57
C PRO E 483 -29.62 -43.17 40.69
N VAL E 484 -30.91 -43.17 40.39
CA VAL E 484 -31.87 -42.77 41.37
C VAL E 484 -32.88 -43.86 41.66
N GLN E 485 -33.14 -44.09 42.95
CA GLN E 485 -34.16 -45.07 43.24
C GLN E 485 -35.21 -44.55 44.19
N TYR E 486 -36.38 -45.18 44.13
CA TYR E 486 -37.48 -44.83 44.98
C TYR E 486 -38.46 -45.99 44.94
N GLU E 487 -38.80 -46.49 46.12
CA GLU E 487 -39.67 -47.65 46.19
C GLU E 487 -41.16 -47.35 46.17
N GLY E 488 -41.53 -46.20 46.65
CA GLY E 488 -42.91 -45.87 46.76
C GLY E 488 -43.77 -46.21 45.56
N GLY E 489 -44.98 -46.57 45.88
CA GLY E 489 -45.96 -46.83 44.87
C GLY E 489 -45.73 -48.05 44.04
N GLY E 490 -45.09 -49.10 44.56
CA GLY E 490 -44.96 -50.29 43.75
C GLY E 490 -43.56 -50.74 43.42
N ALA E 491 -42.56 -49.91 43.77
CA ALA E 491 -41.15 -50.23 43.59
C ALA E 491 -40.63 -50.31 42.18
N ASP E 492 -41.49 -50.07 41.21
CA ASP E 492 -41.02 -50.15 39.85
C ASP E 492 -41.57 -49.05 38.98
N THR E 493 -41.91 -47.94 39.62
CA THR E 493 -42.49 -46.80 38.92
C THR E 493 -41.50 -46.11 38.03
N THR E 494 -42.01 -45.07 37.38
CA THR E 494 -41.22 -44.27 36.47
C THR E 494 -40.23 -43.45 37.24
N ALA E 495 -40.40 -43.49 38.53
CA ALA E 495 -39.51 -42.70 39.32
C ALA E 495 -38.32 -43.46 39.84
N THR E 496 -38.05 -44.67 39.36
CA THR E 496 -36.89 -45.34 39.91
C THR E 496 -36.06 -45.98 38.84
N ASP E 497 -34.76 -45.96 39.01
CA ASP E 497 -33.90 -46.57 38.03
C ASP E 497 -33.69 -48.01 38.39
N ILE E 498 -34.15 -48.42 39.55
CA ILE E 498 -33.95 -49.77 39.99
C ILE E 498 -35.19 -50.31 40.62
N ILE E 499 -35.44 -51.59 40.48
CA ILE E 499 -36.57 -52.17 41.15
C ILE E 499 -36.10 -52.40 42.57
N CYS E 500 -36.66 -51.65 43.49
CA CYS E 500 -36.20 -51.69 44.86
C CYS E 500 -37.30 -51.91 45.85
N PRO E 501 -37.85 -53.06 45.81
CA PRO E 501 -38.92 -53.35 46.74
C PRO E 501 -38.38 -53.57 48.13
N MET E 502 -39.35 -53.72 48.98
CA MET E 502 -39.08 -54.02 50.35
C MET E 502 -39.94 -55.18 50.77
N TYR E 503 -39.29 -56.21 51.25
CA TYR E 503 -39.98 -57.37 51.75
C TYR E 503 -40.62 -58.30 50.73
N ALA E 504 -40.15 -58.22 49.50
CA ALA E 504 -40.61 -59.18 48.51
C ALA E 504 -39.97 -60.54 48.83
N ARG E 505 -40.71 -61.60 48.60
CA ARG E 505 -40.19 -62.90 48.92
C ARG E 505 -39.40 -63.52 47.78
N VAL E 506 -38.63 -64.54 48.12
CA VAL E 506 -37.82 -65.14 47.10
C VAL E 506 -38.65 -65.83 46.05
N ASP E 507 -39.51 -66.70 46.49
CA ASP E 507 -40.29 -67.42 45.52
C ASP E 507 -41.75 -67.19 45.61
N GLU E 508 -42.22 -66.54 46.63
CA GLU E 508 -43.63 -66.39 46.77
C GLU E 508 -44.11 -64.99 46.50
N ASP E 509 -45.20 -64.89 45.77
CA ASP E 509 -45.79 -63.62 45.41
C ASP E 509 -46.77 -63.17 46.45
N GLN E 510 -46.87 -61.87 46.61
CA GLN E 510 -47.81 -61.22 47.51
C GLN E 510 -48.44 -60.13 46.69
N PRO E 511 -49.53 -60.55 46.15
CA PRO E 511 -50.30 -59.80 45.23
C PRO E 511 -51.25 -58.81 45.82
N PHE E 512 -50.72 -57.83 46.48
CA PHE E 512 -51.64 -56.85 46.92
C PHE E 512 -52.07 -56.05 45.73
N PRO E 513 -53.30 -55.64 45.84
CA PRO E 513 -53.90 -54.78 44.87
C PRO E 513 -53.07 -53.54 44.79
N ALA E 514 -52.96 -53.09 43.55
CA ALA E 514 -52.22 -51.90 43.24
C ALA E 514 -50.74 -51.99 43.48
N VAL E 515 -50.32 -52.62 44.54
CA VAL E 515 -48.90 -52.63 44.78
C VAL E 515 -48.51 -53.98 45.28
N PRO E 516 -48.63 -54.90 44.40
CA PRO E 516 -48.30 -56.27 44.71
C PRO E 516 -46.81 -56.42 44.85
N LYS E 517 -46.39 -57.41 45.61
CA LYS E 517 -44.98 -57.73 45.75
C LYS E 517 -44.74 -59.11 45.15
N TRP E 518 -44.21 -59.13 43.96
CA TRP E 518 -43.93 -60.39 43.30
C TRP E 518 -42.73 -61.10 43.87
N SER E 519 -42.65 -62.41 43.66
CA SER E 519 -41.45 -63.10 44.03
C SER E 519 -40.36 -62.36 43.26
N ILE E 520 -39.23 -62.18 43.90
CA ILE E 520 -38.24 -61.43 43.18
C ILE E 520 -37.79 -62.06 41.90
N LYS E 521 -37.77 -63.37 41.82
CA LYS E 521 -37.35 -63.96 40.56
C LYS E 521 -38.36 -63.69 39.49
N LYS E 522 -39.60 -63.65 39.86
CA LYS E 522 -40.57 -63.40 38.84
C LYS E 522 -40.56 -61.94 38.42
N TRP E 523 -40.42 -61.10 39.38
CA TRP E 523 -40.48 -59.71 39.10
C TRP E 523 -39.60 -59.34 37.97
N LEU E 524 -38.42 -59.88 38.00
CA LEU E 524 -37.47 -59.53 36.96
C LEU E 524 -37.93 -59.72 35.53
N SER E 525 -38.69 -60.78 35.31
CA SER E 525 -39.15 -61.28 34.03
C SER E 525 -40.46 -60.74 33.53
N LEU E 526 -41.08 -59.85 34.29
CA LEU E 526 -42.30 -59.34 33.77
C LEU E 526 -42.07 -58.70 32.43
N PRO E 527 -43.09 -58.81 31.61
CA PRO E 527 -43.03 -58.33 30.26
C PRO E 527 -42.63 -56.89 30.26
N GLY E 528 -41.59 -56.63 29.53
CA GLY E 528 -41.08 -55.30 29.42
C GLY E 528 -40.09 -54.92 30.50
N GLU E 529 -40.06 -55.63 31.64
CA GLU E 529 -39.12 -55.22 32.68
C GLU E 529 -37.66 -55.46 32.30
N THR E 530 -36.76 -54.55 32.63
CA THR E 530 -35.35 -54.74 32.28
C THR E 530 -34.35 -54.30 33.34
N ARG E 531 -34.85 -53.61 34.35
CA ARG E 531 -34.01 -53.07 35.40
C ARG E 531 -33.42 -54.07 36.33
N PRO E 532 -32.43 -53.64 37.07
CA PRO E 532 -31.83 -54.49 38.05
C PRO E 532 -32.72 -54.42 39.24
N LEU E 533 -32.61 -55.43 40.12
CA LEU E 533 -33.37 -55.43 41.32
C LEU E 533 -32.52 -55.56 42.54
N ILE E 534 -32.77 -54.65 43.47
CA ILE E 534 -32.07 -54.57 44.73
C ILE E 534 -33.08 -54.23 45.79
N LEU E 535 -33.20 -55.07 46.81
CA LEU E 535 -34.22 -54.74 47.77
C LEU E 535 -33.78 -53.65 48.69
N CYS E 536 -34.62 -52.65 48.76
CA CYS E 536 -34.29 -51.54 49.63
C CYS E 536 -34.44 -51.99 51.07
N GLU E 537 -35.32 -52.95 51.29
CA GLU E 537 -35.46 -53.49 52.64
C GLU E 537 -35.89 -54.91 52.60
N TYR E 538 -35.17 -55.72 53.38
CA TYR E 538 -35.48 -57.11 53.47
C TYR E 538 -34.91 -57.77 54.71
N ALA E 539 -35.50 -58.94 54.98
CA ALA E 539 -35.13 -59.79 56.09
C ALA E 539 -35.28 -59.05 57.41
N HIS E 540 -36.52 -58.73 57.77
CA HIS E 540 -36.82 -57.99 58.98
C HIS E 540 -36.17 -58.59 60.23
N ALA E 541 -35.13 -57.94 60.76
CA ALA E 541 -34.42 -58.55 61.88
C ALA E 541 -34.98 -58.35 63.29
N MET E 542 -36.29 -58.39 63.44
CA MET E 542 -36.94 -58.18 64.70
C MET E 542 -36.91 -59.36 65.66
N GLY E 543 -36.06 -59.24 66.66
CA GLY E 543 -35.93 -60.28 67.68
C GLY E 543 -35.30 -61.53 67.16
N ASN E 544 -35.87 -62.66 67.53
CA ASN E 544 -35.35 -63.93 67.04
C ASN E 544 -35.81 -64.10 65.59
N SER E 545 -35.00 -63.56 64.68
CA SER E 545 -35.37 -63.54 63.28
C SER E 545 -34.23 -63.90 62.35
N LEU E 546 -34.43 -63.54 61.09
CA LEU E 546 -33.51 -63.84 60.02
C LEU E 546 -33.68 -65.24 59.43
N GLY E 547 -34.77 -65.91 59.75
CA GLY E 547 -34.95 -67.22 59.16
C GLY E 547 -35.18 -67.05 57.67
N GLY E 548 -34.50 -67.84 56.84
CA GLY E 548 -34.68 -67.73 55.40
C GLY E 548 -33.61 -66.90 54.68
N PHE E 549 -32.81 -66.24 55.45
CA PHE E 549 -31.78 -65.42 54.88
C PHE E 549 -31.01 -66.08 53.72
N ALA E 550 -30.61 -67.31 53.94
CA ALA E 550 -29.87 -67.99 52.90
C ALA E 550 -30.60 -68.14 51.58
N LYS E 551 -31.92 -68.30 51.65
CA LYS E 551 -32.70 -68.38 50.45
C LYS E 551 -32.42 -67.17 49.54
N TYR E 552 -32.34 -65.99 50.12
CA TYR E 552 -32.08 -64.82 49.35
C TYR E 552 -30.70 -64.86 48.75
N TRP E 553 -29.76 -65.16 49.62
CA TRP E 553 -28.41 -65.17 49.13
C TRP E 553 -28.23 -66.11 48.00
N GLN E 554 -28.95 -67.17 48.08
CA GLN E 554 -28.72 -68.03 46.99
C GLN E 554 -29.30 -67.52 45.72
N ALA E 555 -30.46 -66.92 45.83
CA ALA E 555 -31.02 -66.40 44.62
C ALA E 555 -30.13 -65.32 44.08
N PHE E 556 -29.68 -64.48 45.00
CA PHE E 556 -28.86 -63.38 44.56
C PHE E 556 -27.73 -63.91 43.75
N ARG E 557 -27.11 -64.93 44.29
CA ARG E 557 -25.99 -65.47 43.60
C ARG E 557 -26.35 -66.11 42.29
N GLN E 558 -27.56 -66.58 42.12
CA GLN E 558 -27.83 -67.21 40.85
C GLN E 558 -28.40 -66.31 39.79
N TYR E 559 -28.98 -65.18 40.13
CA TYR E 559 -29.55 -64.35 39.11
C TYR E 559 -28.84 -63.04 39.00
N PRO E 560 -28.20 -62.91 37.89
CA PRO E 560 -27.42 -61.76 37.54
C PRO E 560 -28.06 -60.46 37.89
N ARG E 561 -29.32 -60.30 37.50
CA ARG E 561 -30.03 -59.08 37.78
C ARG E 561 -30.48 -58.94 39.21
N LEU E 562 -30.28 -59.94 40.04
CA LEU E 562 -30.65 -59.71 41.42
C LEU E 562 -29.38 -59.26 42.06
N GLN E 563 -29.23 -57.98 42.32
CA GLN E 563 -27.98 -57.53 42.86
C GLN E 563 -27.85 -57.27 44.36
N GLY E 564 -28.71 -57.90 45.17
CA GLY E 564 -28.60 -57.78 46.62
C GLY E 564 -29.69 -56.99 47.30
N GLY E 565 -29.36 -56.43 48.46
CA GLY E 565 -30.33 -55.65 49.21
C GLY E 565 -29.74 -55.16 50.51
N PHE E 566 -30.58 -54.44 51.24
CA PHE E 566 -30.25 -53.87 52.51
C PHE E 566 -31.18 -54.42 53.53
N VAL E 567 -30.55 -55.04 54.50
CA VAL E 567 -31.28 -55.63 55.56
C VAL E 567 -31.92 -54.58 56.43
N TRP E 568 -33.02 -54.98 57.03
CA TRP E 568 -33.70 -54.07 57.91
C TRP E 568 -33.72 -54.62 59.33
N ASP E 569 -32.95 -54.05 60.24
CA ASP E 569 -32.01 -52.95 60.04
C ASP E 569 -30.81 -53.14 60.98
N TRP E 570 -29.95 -52.14 61.08
CA TRP E 570 -28.75 -52.25 61.89
C TRP E 570 -28.84 -52.43 63.39
N VAL E 571 -29.34 -51.42 64.10
CA VAL E 571 -29.48 -51.44 65.57
C VAL E 571 -30.89 -51.34 66.08
N ASP E 572 -31.07 -51.83 67.29
CA ASP E 572 -32.38 -51.70 67.90
C ASP E 572 -32.52 -50.25 68.34
N GLN E 573 -33.73 -49.71 68.22
CA GLN E 573 -33.97 -48.36 68.62
C GLN E 573 -34.51 -48.37 70.02
N SER E 574 -33.66 -48.84 70.93
CA SER E 574 -34.06 -48.89 72.31
C SER E 574 -33.33 -47.85 73.12
N LEU E 575 -34.07 -47.40 74.11
CA LEU E 575 -33.56 -46.40 75.01
C LEU E 575 -33.40 -46.95 76.42
N ILE E 576 -32.53 -46.28 77.16
CA ILE E 576 -32.29 -46.65 78.53
C ILE E 576 -33.17 -45.91 79.51
N LYS E 577 -33.56 -46.62 80.56
CA LYS E 577 -34.34 -46.10 81.64
C LYS E 577 -33.74 -46.63 82.91
N TYR E 578 -34.19 -46.07 84.03
CA TYR E 578 -33.67 -46.56 85.28
C TYR E 578 -34.69 -47.00 86.27
N ASP E 579 -34.30 -48.02 87.01
CA ASP E 579 -35.16 -48.45 88.06
C ASP E 579 -34.72 -47.63 89.26
N GLU E 580 -35.54 -47.70 90.30
CA GLU E 580 -35.31 -47.01 91.55
C GLU E 580 -33.92 -47.31 92.12
N ASN E 581 -33.40 -48.49 91.83
CA ASN E 581 -32.07 -48.80 92.31
C ASN E 581 -31.02 -48.22 91.39
N GLY E 582 -31.49 -47.29 90.55
CA GLY E 582 -30.65 -46.60 89.59
C GLY E 582 -30.10 -47.57 88.57
N ASN E 583 -30.93 -48.56 88.29
CA ASN E 583 -30.57 -49.57 87.34
C ASN E 583 -31.19 -49.25 86.01
N PRO E 584 -30.32 -49.32 85.03
CA PRO E 584 -30.65 -49.02 83.66
C PRO E 584 -31.32 -50.21 83.00
N TRP E 585 -32.25 -49.91 82.13
CA TRP E 585 -32.89 -50.97 81.41
C TRP E 585 -33.43 -50.47 80.09
N SER E 586 -33.43 -51.37 79.12
CA SER E 586 -33.86 -51.08 77.78
C SER E 586 -35.34 -50.94 77.63
N ALA E 587 -35.71 -49.77 77.14
CA ALA E 587 -37.07 -49.37 76.95
C ALA E 587 -37.48 -49.28 75.48
N TYR E 588 -38.79 -49.41 75.30
CA TYR E 588 -39.36 -49.32 73.98
C TYR E 588 -40.69 -48.59 73.95
N GLY E 589 -41.38 -48.72 72.84
CA GLY E 589 -42.65 -48.07 72.65
C GLY E 589 -43.53 -48.20 73.87
N GLY E 590 -44.09 -47.06 74.26
CA GLY E 590 -45.00 -46.92 75.40
C GLY E 590 -44.32 -46.82 76.75
N ASP E 591 -43.02 -47.09 76.78
CA ASP E 591 -42.24 -47.05 78.00
C ASP E 591 -42.10 -45.66 78.61
N PHE E 592 -42.54 -44.63 77.89
CA PHE E 592 -42.48 -43.26 78.40
C PHE E 592 -43.87 -42.72 78.50
N GLY E 593 -44.80 -43.65 78.54
CA GLY E 593 -46.19 -43.27 78.60
C GLY E 593 -46.61 -42.64 77.29
N ASP E 594 -45.68 -42.75 76.32
CA ASP E 594 -45.88 -42.23 74.99
C ASP E 594 -47.04 -42.95 74.35
N THR E 595 -47.96 -42.16 73.87
CA THR E 595 -49.13 -42.68 73.21
C THR E 595 -49.53 -41.77 72.07
N PRO E 596 -49.90 -42.40 70.94
CA PRO E 596 -49.96 -43.85 70.85
C PRO E 596 -48.57 -44.43 70.58
N ASN E 597 -48.45 -45.73 70.64
CA ASN E 597 -47.12 -46.25 70.36
C ASN E 597 -47.15 -47.61 69.72
N ASP E 598 -45.97 -48.00 69.21
CA ASP E 598 -45.80 -49.26 68.50
C ASP E 598 -44.88 -50.28 69.17
N ARG E 599 -44.92 -50.32 70.49
CA ARG E 599 -44.16 -51.26 71.29
C ARG E 599 -42.75 -51.55 70.80
N GLN E 600 -42.46 -52.85 70.65
CA GLN E 600 -41.15 -53.37 70.22
C GLN E 600 -40.79 -53.11 68.77
N PHE E 601 -41.77 -52.63 68.01
CA PHE E 601 -41.50 -52.38 66.62
C PHE E 601 -40.27 -51.57 66.35
N CYS E 602 -39.83 -50.79 67.32
CA CYS E 602 -38.63 -50.00 67.14
C CYS E 602 -37.40 -50.88 67.28
N MET E 603 -37.62 -52.17 67.54
CA MET E 603 -36.49 -53.06 67.70
C MET E 603 -36.33 -54.11 66.61
N ASN E 604 -35.47 -53.79 65.61
CA ASN E 604 -35.30 -54.71 64.52
C ASN E 604 -33.86 -54.87 64.07
N GLY E 605 -32.92 -54.58 64.95
CA GLY E 605 -31.55 -54.61 64.55
C GLY E 605 -30.85 -55.92 64.66
N LEU E 606 -29.69 -55.92 64.05
CA LEU E 606 -28.81 -57.05 64.09
C LEU E 606 -27.96 -56.97 65.34
N VAL E 607 -27.94 -55.78 65.90
CA VAL E 607 -27.23 -55.55 67.14
C VAL E 607 -28.09 -54.80 68.08
N PHE E 608 -27.70 -54.98 69.31
CA PHE E 608 -28.31 -54.31 70.40
C PHE E 608 -27.84 -52.86 70.36
N ALA E 609 -28.64 -51.98 70.94
CA ALA E 609 -28.26 -50.57 70.94
C ALA E 609 -26.83 -50.34 71.40
N ASP E 610 -26.36 -51.16 72.34
CA ASP E 610 -25.00 -51.03 72.84
C ASP E 610 -24.03 -51.51 71.82
N ARG E 611 -24.61 -51.98 70.73
CA ARG E 611 -23.82 -52.51 69.67
C ARG E 611 -23.33 -53.90 69.97
N THR E 612 -24.19 -54.63 70.62
CA THR E 612 -23.84 -55.98 70.82
C THR E 612 -24.79 -56.76 69.99
N PRO E 613 -24.14 -57.61 69.27
CA PRO E 613 -24.68 -58.49 68.29
C PRO E 613 -25.76 -59.35 68.80
N HIS E 614 -26.68 -59.59 67.90
CA HIS E 614 -27.71 -60.54 68.05
C HIS E 614 -27.10 -61.75 67.34
N PRO E 615 -27.61 -62.92 67.62
CA PRO E 615 -27.02 -64.06 66.97
C PRO E 615 -27.16 -64.02 65.45
N ALA E 616 -28.27 -63.45 65.00
CA ALA E 616 -28.53 -63.36 63.57
C ALA E 616 -27.35 -62.81 62.77
N LEU E 617 -26.68 -61.87 63.38
CA LEU E 617 -25.58 -61.23 62.72
C LEU E 617 -24.65 -62.22 62.06
N THR E 618 -24.48 -63.29 62.76
CA THR E 618 -23.58 -64.30 62.27
C THR E 618 -24.03 -64.95 61.00
N GLU E 619 -25.32 -65.29 60.98
CA GLU E 619 -25.85 -65.88 59.79
C GLU E 619 -25.53 -64.93 58.66
N ALA E 620 -25.75 -63.66 58.94
CA ALA E 620 -25.46 -62.68 57.90
C ALA E 620 -24.03 -62.73 57.43
N LYS E 621 -23.16 -62.64 58.38
CA LYS E 621 -21.78 -62.63 58.04
C LYS E 621 -21.42 -63.81 57.17
N HIS E 622 -21.91 -64.95 57.56
CA HIS E 622 -21.61 -66.16 56.82
C HIS E 622 -22.13 -66.12 55.40
N GLN E 623 -23.43 -65.83 55.25
CA GLN E 623 -24.04 -65.77 53.94
C GLN E 623 -23.41 -64.71 53.05
N GLN E 624 -22.81 -63.70 53.66
CA GLN E 624 -22.24 -62.64 52.86
C GLN E 624 -20.78 -62.81 52.59
N GLN E 625 -20.19 -63.90 53.03
CA GLN E 625 -18.78 -64.02 52.78
C GLN E 625 -18.36 -63.80 51.36
N PHE E 626 -17.14 -63.36 51.20
CA PHE E 626 -16.61 -63.08 49.90
C PHE E 626 -15.97 -64.26 49.27
N PHE E 627 -15.91 -65.38 49.97
CA PHE E 627 -15.29 -66.53 49.37
C PHE E 627 -16.22 -67.69 49.37
N GLN E 628 -16.21 -68.43 48.30
CA GLN E 628 -17.06 -69.57 48.21
C GLN E 628 -16.28 -70.82 47.90
N PHE E 629 -16.68 -71.88 48.58
CA PHE E 629 -16.03 -73.17 48.49
C PHE E 629 -16.81 -74.30 47.92
N ARG E 630 -16.06 -75.15 47.26
CA ARG E 630 -16.55 -76.35 46.67
C ARG E 630 -15.59 -77.43 47.02
N LEU E 631 -16.17 -78.55 47.33
CA LEU E 631 -15.36 -79.66 47.70
C LEU E 631 -15.50 -80.78 46.72
N SER E 632 -14.38 -81.21 46.21
CA SER E 632 -14.42 -82.32 45.30
C SER E 632 -13.33 -83.31 45.60
N GLY E 633 -13.76 -84.41 46.19
CA GLY E 633 -12.79 -85.38 46.56
C GLY E 633 -11.82 -84.77 47.56
N GLN E 634 -10.57 -84.59 47.16
CA GLN E 634 -9.61 -84.05 48.11
C GLN E 634 -9.30 -82.63 47.77
N THR E 635 -10.10 -82.11 46.85
CA THR E 635 -9.86 -80.78 46.42
C THR E 635 -10.86 -79.77 46.82
N ILE E 636 -10.32 -78.68 47.29
CA ILE E 636 -11.18 -77.61 47.58
C ILE E 636 -11.07 -76.55 46.55
N GLU E 637 -12.23 -76.18 46.05
CA GLU E 637 -12.27 -75.13 45.09
C GLU E 637 -12.70 -73.84 45.74
N VAL E 638 -11.90 -72.80 45.51
CA VAL E 638 -12.22 -71.53 46.12
C VAL E 638 -12.53 -70.52 45.10
N THR E 639 -13.57 -69.77 45.39
CA THR E 639 -13.98 -68.75 44.49
C THR E 639 -14.09 -67.43 45.19
N SER E 640 -13.56 -66.41 44.51
CA SER E 640 -13.51 -65.04 45.00
C SER E 640 -14.66 -64.23 44.49
N GLU E 641 -15.34 -63.59 45.43
CA GLU E 641 -16.41 -62.71 45.08
C GLU E 641 -15.92 -61.27 45.17
N TYR E 642 -14.61 -61.11 45.18
CA TYR E 642 -14.09 -59.77 45.17
C TYR E 642 -14.03 -59.34 43.72
N LEU E 643 -14.32 -58.08 43.44
CA LEU E 643 -14.32 -57.63 42.07
C LEU E 643 -13.03 -56.97 41.75
N PHE E 644 -12.42 -56.43 42.78
CA PHE E 644 -11.22 -55.70 42.58
C PHE E 644 -9.99 -56.19 43.30
N ARG E 645 -10.10 -56.80 44.45
CA ARG E 645 -8.84 -57.17 45.07
C ARG E 645 -8.39 -58.57 44.92
N HIS E 646 -7.16 -58.75 45.29
CA HIS E 646 -6.59 -60.05 45.25
C HIS E 646 -6.51 -60.57 46.67
N SER E 647 -6.56 -61.89 46.89
CA SER E 647 -6.53 -62.45 48.25
C SER E 647 -5.21 -62.19 48.92
N ASP E 648 -4.91 -60.94 49.12
CA ASP E 648 -3.64 -60.64 49.68
C ASP E 648 -3.51 -60.57 51.19
N ASN E 649 -4.50 -61.02 51.92
CA ASN E 649 -4.38 -61.04 53.36
C ASN E 649 -5.19 -62.20 53.82
N GLU E 650 -4.96 -63.30 53.10
CA GLU E 650 -5.73 -64.47 53.36
C GLU E 650 -5.05 -65.80 53.54
N LEU E 651 -5.42 -66.33 54.68
CA LEU E 651 -4.99 -67.64 55.08
C LEU E 651 -6.13 -68.60 55.22
N LEU E 652 -5.92 -69.74 54.63
CA LEU E 652 -6.93 -70.73 54.73
C LEU E 652 -6.57 -71.86 55.68
N HIS E 653 -7.29 -71.97 56.77
CA HIS E 653 -7.02 -73.03 57.71
C HIS E 653 -8.01 -74.13 57.53
N TRP E 654 -7.54 -75.34 57.47
CA TRP E 654 -8.50 -76.41 57.37
C TRP E 654 -8.25 -77.41 58.44
N MET E 655 -9.22 -78.28 58.63
CA MET E 655 -9.04 -79.27 59.64
C MET E 655 -10.12 -80.33 59.71
N VAL E 656 -9.69 -81.52 60.08
CA VAL E 656 -10.53 -82.68 60.16
C VAL E 656 -10.73 -83.24 61.54
N ALA E 657 -11.98 -83.58 61.83
CA ALA E 657 -12.28 -84.14 63.13
C ALA E 657 -13.36 -85.18 63.08
N LEU E 658 -13.23 -86.08 64.05
CA LEU E 658 -14.13 -87.16 64.20
C LEU E 658 -14.95 -86.88 65.39
N ASP E 659 -16.22 -86.70 65.19
CA ASP E 659 -17.05 -86.36 66.31
C ASP E 659 -16.40 -85.35 67.25
N GLY E 660 -15.71 -84.37 66.68
CA GLY E 660 -15.13 -83.38 67.56
C GLY E 660 -13.67 -83.63 67.82
N LYS E 661 -13.18 -84.80 67.45
CA LYS E 661 -11.81 -85.07 67.68
C LYS E 661 -11.05 -84.82 66.43
N PRO E 662 -10.22 -83.83 66.59
CA PRO E 662 -9.35 -83.30 65.57
C PRO E 662 -8.32 -84.32 65.22
N LEU E 663 -8.16 -84.54 63.95
CA LEU E 663 -7.21 -85.51 63.50
C LEU E 663 -6.17 -84.91 62.63
N ALA E 664 -6.47 -83.74 62.05
CA ALA E 664 -5.55 -83.09 61.15
C ALA E 664 -5.95 -81.68 60.89
N SER E 665 -4.94 -80.83 60.72
CA SER E 665 -5.10 -79.43 60.45
C SER E 665 -4.14 -79.05 59.40
N GLY E 666 -4.41 -77.93 58.76
CA GLY E 666 -3.56 -77.43 57.72
C GLY E 666 -3.74 -75.97 57.53
N GLU E 667 -2.76 -75.37 56.89
CA GLU E 667 -2.79 -73.96 56.63
C GLU E 667 -2.41 -73.66 55.22
N VAL E 668 -3.25 -72.93 54.51
CA VAL E 668 -2.87 -72.59 53.19
C VAL E 668 -3.27 -71.21 52.81
N PRO E 669 -2.27 -70.55 52.35
CA PRO E 669 -2.33 -69.19 51.88
C PRO E 669 -3.09 -69.13 50.57
N LEU E 670 -4.00 -68.17 50.53
CA LEU E 670 -4.82 -67.94 49.38
C LEU E 670 -4.21 -67.04 48.35
N ASP E 671 -4.46 -67.39 47.13
CA ASP E 671 -3.99 -66.63 46.02
C ASP E 671 -5.06 -66.58 44.97
N VAL E 672 -6.03 -65.70 45.14
CA VAL E 672 -7.10 -65.63 44.18
C VAL E 672 -7.40 -64.25 43.71
N ALA E 673 -7.50 -64.20 42.40
CA ALA E 673 -7.84 -62.97 41.76
C ALA E 673 -9.32 -62.72 41.89
N PRO E 674 -9.66 -61.46 41.96
CA PRO E 674 -11.05 -61.09 42.03
C PRO E 674 -11.73 -61.94 40.98
N GLN E 675 -12.84 -62.52 41.42
CA GLN E 675 -13.63 -63.37 40.57
C GLN E 675 -12.95 -64.60 40.07
N GLY E 676 -11.85 -64.97 40.70
CA GLY E 676 -11.16 -66.16 40.26
C GLY E 676 -11.37 -67.36 41.17
N LYS E 677 -10.77 -68.45 40.75
CA LYS E 677 -10.82 -69.72 41.45
C LYS E 677 -9.43 -70.19 41.87
N GLN E 678 -9.36 -70.90 42.98
CA GLN E 678 -8.11 -71.45 43.45
C GLN E 678 -8.40 -72.88 43.87
N LEU E 679 -7.52 -73.77 43.44
CA LEU E 679 -7.65 -75.16 43.76
C LEU E 679 -6.83 -75.60 44.90
N ILE E 680 -7.46 -76.32 45.78
CA ILE E 680 -6.69 -76.72 46.89
C ILE E 680 -6.66 -78.16 47.12
N GLU E 681 -5.43 -78.60 46.97
CA GLU E 681 -5.10 -79.99 47.09
C GLU E 681 -4.86 -80.48 48.50
N LEU E 682 -5.66 -81.45 48.84
CA LEU E 682 -5.53 -81.97 50.16
C LEU E 682 -4.64 -83.16 50.27
N PRO E 683 -3.85 -83.08 51.30
CA PRO E 683 -2.96 -84.13 51.68
C PRO E 683 -3.84 -85.29 52.00
N GLU E 684 -3.29 -86.48 51.91
CA GLU E 684 -4.09 -87.64 52.21
C GLU E 684 -4.75 -87.58 53.55
N LEU E 685 -6.02 -87.86 53.48
CA LEU E 685 -6.83 -87.81 54.66
C LEU E 685 -6.88 -89.09 55.39
N PRO E 686 -7.01 -88.90 56.67
CA PRO E 686 -7.09 -89.95 57.65
C PRO E 686 -8.37 -90.75 57.51
N GLN E 687 -8.25 -92.06 57.73
CA GLN E 687 -9.39 -92.94 57.63
C GLN E 687 -9.60 -93.73 58.88
N PRO E 688 -10.03 -93.03 59.90
CA PRO E 688 -10.33 -93.56 61.20
C PRO E 688 -11.21 -94.80 61.11
N GLU E 689 -11.05 -95.63 62.09
CA GLU E 689 -11.81 -96.86 62.15
C GLU E 689 -13.05 -96.70 62.96
N SER E 690 -12.80 -96.05 64.09
CA SER E 690 -13.77 -95.71 65.09
C SER E 690 -15.06 -95.22 64.46
N ALA E 691 -16.13 -95.39 65.18
CA ALA E 691 -17.38 -94.95 64.65
C ALA E 691 -17.53 -93.48 64.88
N GLY E 692 -18.32 -92.87 63.99
CA GLY E 692 -18.58 -91.46 64.09
C GLY E 692 -18.62 -90.77 62.74
N GLN E 693 -18.85 -89.46 62.83
CA GLN E 693 -18.93 -88.56 61.69
C GLN E 693 -17.65 -87.82 61.51
N LEU E 694 -17.18 -87.89 60.30
CA LEU E 694 -15.98 -87.23 59.93
C LEU E 694 -16.29 -85.93 59.24
N TRP E 695 -15.76 -84.85 59.75
CA TRP E 695 -16.05 -83.58 59.16
C TRP E 695 -14.88 -82.70 58.85
N LEU E 696 -15.01 -82.04 57.71
CA LEU E 696 -14.01 -81.13 57.27
C LEU E 696 -14.41 -79.69 57.45
N THR E 697 -13.50 -78.89 57.99
CA THR E 697 -13.81 -77.50 58.16
C THR E 697 -12.71 -76.56 57.73
N VAL E 698 -13.12 -75.54 56.98
CA VAL E 698 -12.20 -74.50 56.54
C VAL E 698 -12.59 -73.13 57.07
N ARG E 699 -11.55 -72.35 57.29
CA ARG E 699 -11.70 -71.02 57.77
C ARG E 699 -10.76 -70.09 57.04
N VAL E 700 -11.17 -68.85 56.95
CA VAL E 700 -10.34 -67.88 56.30
C VAL E 700 -9.90 -66.82 57.26
N VAL E 701 -8.57 -66.70 57.28
CA VAL E 701 -8.01 -65.74 58.17
C VAL E 701 -7.15 -64.69 57.58
N GLN E 702 -7.30 -63.55 58.25
CA GLN E 702 -6.58 -62.35 57.95
C GLN E 702 -5.49 -62.16 58.96
N PRO E 703 -4.35 -62.64 58.53
CA PRO E 703 -3.13 -62.60 59.28
C PRO E 703 -2.81 -61.21 59.76
N ASN E 704 -2.83 -60.24 58.85
CA ASN E 704 -2.51 -58.88 59.23
C ASN E 704 -3.71 -58.03 59.52
N ALA E 705 -3.59 -57.13 60.48
CA ALA E 705 -4.75 -56.30 60.75
C ALA E 705 -4.96 -55.32 59.64
N THR E 706 -6.14 -54.72 59.65
CA THR E 706 -6.52 -53.75 58.66
C THR E 706 -7.10 -52.60 59.37
N ALA E 707 -7.48 -51.63 58.60
CA ALA E 707 -8.04 -50.48 59.21
C ALA E 707 -9.33 -50.79 59.89
N TRP E 708 -9.93 -51.91 59.52
CA TRP E 708 -11.21 -52.18 60.13
C TRP E 708 -11.25 -53.49 60.79
N SER E 709 -10.11 -54.16 60.80
CA SER E 709 -10.05 -55.46 61.40
C SER E 709 -8.70 -55.74 62.03
N GLU E 710 -8.79 -56.56 63.07
CA GLU E 710 -7.64 -57.03 63.83
C GLU E 710 -6.89 -58.11 63.12
N ALA E 711 -5.73 -58.40 63.62
CA ALA E 711 -5.07 -59.47 62.95
C ALA E 711 -5.70 -60.76 63.38
N GLY E 712 -5.65 -61.75 62.51
CA GLY E 712 -6.27 -63.02 62.82
C GLY E 712 -7.80 -63.00 62.71
N HIS E 713 -8.33 -62.09 61.93
CA HIS E 713 -9.74 -62.03 61.77
C HIS E 713 -10.25 -63.14 60.87
N ILE E 714 -11.39 -63.71 61.27
CA ILE E 714 -12.00 -64.76 60.47
C ILE E 714 -13.00 -64.15 59.52
N SER E 715 -12.78 -64.33 58.25
CA SER E 715 -13.69 -63.71 57.31
C SER E 715 -14.64 -64.66 56.65
N ALA E 716 -14.32 -65.94 56.70
CA ALA E 716 -15.20 -66.87 56.05
C ALA E 716 -14.96 -68.28 56.49
N TRP E 717 -16.00 -69.08 56.42
CA TRP E 717 -15.82 -70.44 56.75
C TRP E 717 -16.80 -71.31 56.05
N GLN E 718 -16.51 -72.59 56.11
CA GLN E 718 -17.39 -73.55 55.49
C GLN E 718 -17.04 -74.94 55.95
N GLN E 719 -18.05 -75.79 56.06
CA GLN E 719 -17.71 -77.11 56.49
C GLN E 719 -18.41 -78.25 55.73
N TRP E 720 -17.82 -79.44 55.74
CA TRP E 720 -18.43 -80.55 55.05
C TRP E 720 -18.34 -81.86 55.82
N ARG E 721 -19.30 -82.75 55.58
CA ARG E 721 -19.25 -84.01 56.28
C ARG E 721 -18.60 -85.04 55.39
N LEU E 722 -17.44 -85.49 55.78
CA LEU E 722 -16.74 -86.41 54.94
C LEU E 722 -17.25 -87.80 54.94
N ALA E 723 -17.39 -88.36 56.11
CA ALA E 723 -17.86 -89.71 56.14
C ALA E 723 -18.58 -90.02 57.41
N GLU E 724 -19.02 -91.26 57.42
CA GLU E 724 -19.73 -91.78 58.55
C GLU E 724 -19.43 -93.21 58.77
N ASN E 725 -19.17 -93.55 60.01
CA ASN E 725 -18.91 -94.92 60.36
C ASN E 725 -19.99 -95.31 61.32
N LEU E 726 -20.96 -96.03 60.79
CA LEU E 726 -22.06 -96.48 61.63
C LEU E 726 -21.56 -97.41 62.70
N SER E 727 -22.10 -97.26 63.92
CA SER E 727 -21.68 -98.11 65.01
C SER E 727 -22.45 -99.39 65.08
N VAL E 728 -21.71 -100.47 64.94
CA VAL E 728 -22.32 -101.77 64.97
C VAL E 728 -22.03 -102.46 66.26
N THR E 729 -21.69 -101.70 67.27
CA THR E 729 -21.39 -102.41 68.45
C THR E 729 -22.52 -102.55 69.41
N LEU E 730 -22.26 -103.51 70.26
CA LEU E 730 -23.17 -103.88 71.29
C LEU E 730 -22.61 -103.60 72.63
N PRO E 731 -23.56 -103.17 73.43
CA PRO E 731 -23.39 -102.86 74.81
C PRO E 731 -23.04 -104.17 75.50
N ALA E 732 -21.97 -104.13 76.27
CA ALA E 732 -21.58 -105.32 76.98
C ALA E 732 -22.62 -105.64 78.05
N ALA E 733 -22.63 -106.90 78.47
CA ALA E 733 -23.56 -107.35 79.47
C ALA E 733 -23.41 -106.62 80.80
N SER E 734 -24.53 -106.59 81.48
CA SER E 734 -24.65 -105.99 82.78
C SER E 734 -24.76 -107.15 83.74
N HIS E 735 -24.29 -106.94 84.96
CA HIS E 735 -24.35 -108.03 85.89
C HIS E 735 -25.64 -108.05 86.66
N ALA E 736 -26.48 -107.09 86.35
CA ALA E 736 -27.71 -107.03 87.05
C ALA E 736 -28.74 -106.33 86.26
N ILE E 737 -29.93 -106.31 86.79
CA ILE E 737 -30.96 -105.65 86.10
C ILE E 737 -31.87 -104.92 87.04
N PRO E 738 -32.36 -103.82 86.54
CA PRO E 738 -33.19 -102.98 87.32
C PRO E 738 -34.27 -103.76 88.02
N HIS E 739 -34.68 -103.20 89.10
CA HIS E 739 -35.66 -103.85 89.86
C HIS E 739 -36.93 -103.02 89.96
N LEU E 740 -37.97 -103.58 89.37
CA LEU E 740 -39.25 -102.92 89.32
C LEU E 740 -40.03 -103.04 90.59
N THR E 741 -40.96 -102.15 90.83
CA THR E 741 -41.73 -102.20 92.05
C THR E 741 -43.00 -101.43 91.89
N THR E 742 -44.10 -102.15 91.88
CA THR E 742 -45.35 -101.48 91.71
C THR E 742 -45.85 -100.91 92.99
N SER E 743 -46.85 -100.07 92.87
CA SER E 743 -47.51 -99.39 93.95
C SER E 743 -48.80 -98.87 93.37
N GLU E 744 -49.60 -98.20 94.13
CA GLU E 744 -50.82 -97.75 93.51
C GLU E 744 -50.59 -96.53 92.68
N MET E 745 -49.72 -95.71 93.25
CA MET E 745 -49.37 -94.42 92.71
C MET E 745 -48.28 -94.52 91.73
N ASP E 746 -47.52 -95.58 91.80
CA ASP E 746 -46.48 -95.54 90.82
C ASP E 746 -45.72 -96.80 90.66
N PHE E 747 -44.69 -96.64 89.86
CA PHE E 747 -43.79 -97.69 89.54
C PHE E 747 -42.40 -97.30 89.96
N CME E 748 -41.66 -98.23 90.58
CA CME E 748 -40.32 -97.91 91.00
CB CME E 748 -40.03 -97.85 92.48
SG CME E 748 -40.30 -96.16 92.91
SD CME E 748 -38.59 -95.38 93.46
CE CME E 748 -39.34 -94.07 94.46
CZ CME E 748 -38.70 -93.93 95.85
OH CME E 748 -39.71 -93.88 96.85
C CME E 748 -39.24 -98.70 90.40
O CME E 748 -39.13 -99.91 90.56
N ILE E 749 -38.39 -97.96 89.78
CA ILE E 749 -37.28 -98.66 89.20
C ILE E 749 -36.05 -98.31 89.95
N GLU E 750 -35.37 -99.36 90.36
CA GLU E 750 -34.19 -99.17 91.10
C GLU E 750 -33.04 -99.93 90.51
N LEU E 751 -31.87 -99.36 90.71
CA LEU E 751 -30.65 -99.95 90.25
C LEU E 751 -29.48 -99.27 90.91
N GLY E 752 -29.00 -99.86 91.98
CA GLY E 752 -27.90 -99.24 92.69
C GLY E 752 -28.44 -98.03 93.40
N ASN E 753 -27.66 -96.97 93.35
CA ASN E 753 -28.02 -95.69 93.93
C ASN E 753 -29.09 -95.01 93.08
N LYS E 754 -29.19 -95.45 91.82
CA LYS E 754 -30.16 -94.90 90.92
C LYS E 754 -31.57 -95.41 91.10
N ARG E 755 -32.50 -94.47 91.00
CA ARG E 755 -33.92 -94.74 91.12
C ARG E 755 -34.75 -93.83 90.23
N TRP E 756 -35.80 -94.39 89.65
CA TRP E 756 -36.68 -93.64 88.78
C TRP E 756 -38.09 -93.87 89.15
N GLN E 757 -38.88 -92.83 89.16
CA GLN E 757 -40.25 -93.09 89.46
C GLN E 757 -41.28 -92.53 88.46
N PHE E 758 -42.26 -93.36 88.12
CA PHE E 758 -43.29 -92.91 87.20
C PHE E 758 -44.62 -92.82 87.85
N ASN E 759 -45.20 -91.65 87.87
CA ASN E 759 -46.51 -91.51 88.48
C ASN E 759 -47.56 -92.18 87.63
N ARG E 760 -48.31 -93.03 88.28
CA ARG E 760 -49.32 -93.78 87.59
C ARG E 760 -50.55 -93.00 87.23
N GLN E 761 -50.74 -91.85 87.81
CA GLN E 761 -51.93 -91.18 87.41
C GLN E 761 -51.67 -90.32 86.21
N SER E 762 -50.51 -89.69 86.20
CA SER E 762 -50.14 -88.77 85.16
C SER E 762 -49.50 -89.48 84.02
N GLY E 763 -48.89 -90.60 84.35
CA GLY E 763 -48.19 -91.28 83.32
C GLY E 763 -46.82 -90.65 83.03
N PHE E 764 -46.29 -89.79 83.88
CA PHE E 764 -44.98 -89.29 83.56
C PHE E 764 -43.94 -89.71 84.51
N LEU E 765 -42.71 -89.57 84.05
CA LEU E 765 -41.59 -89.83 84.87
C LEU E 765 -41.54 -88.64 85.80
N SER E 766 -41.95 -88.86 87.03
CA SER E 766 -42.07 -87.82 88.05
C SER E 766 -40.83 -87.46 88.81
N GLN E 767 -39.95 -88.41 89.05
CA GLN E 767 -38.76 -88.05 89.78
C GLN E 767 -37.73 -89.08 89.59
N MET E 768 -36.52 -88.69 89.89
CA MET E 768 -35.48 -89.62 89.80
C MET E 768 -34.39 -89.20 90.74
N TRP E 769 -33.68 -90.19 91.28
CA TRP E 769 -32.65 -89.92 92.25
C TRP E 769 -31.36 -90.52 91.93
N ILE E 770 -30.36 -89.86 92.42
CA ILE E 770 -29.04 -90.39 92.35
C ILE E 770 -28.62 -90.31 93.77
N GLY E 771 -28.52 -91.47 94.38
CA GLY E 771 -28.26 -91.47 95.78
C GLY E 771 -29.56 -91.01 96.40
N ASP E 772 -29.46 -90.05 97.28
CA ASP E 772 -30.60 -89.51 97.97
C ASP E 772 -31.00 -88.18 97.38
N LYS E 773 -30.38 -87.86 96.25
CA LYS E 773 -30.67 -86.60 95.60
C LYS E 773 -31.71 -86.69 94.53
N LYS E 774 -32.76 -85.91 94.73
CA LYS E 774 -33.81 -85.85 93.75
C LYS E 774 -33.23 -85.09 92.58
N GLN E 775 -33.66 -85.38 91.37
CA GLN E 775 -33.04 -84.71 90.26
C GLN E 775 -33.92 -83.75 89.53
N LEU E 776 -35.22 -83.87 89.74
CA LEU E 776 -36.07 -82.97 89.00
C LEU E 776 -36.98 -82.19 89.86
N LEU E 777 -37.20 -80.96 89.47
CA LEU E 777 -38.17 -80.15 90.17
C LEU E 777 -39.50 -80.27 89.47
N THR E 778 -39.46 -80.77 88.26
CA THR E 778 -40.65 -80.92 87.47
C THR E 778 -40.57 -82.18 86.66
N PRO E 779 -41.70 -82.80 86.45
CA PRO E 779 -41.78 -84.04 85.68
C PRO E 779 -41.48 -83.83 84.19
N LEU E 780 -40.99 -84.89 83.59
CA LEU E 780 -40.63 -84.89 82.21
C LEU E 780 -41.85 -84.96 81.35
N ARG E 781 -42.05 -83.94 80.53
CA ARG E 781 -43.20 -84.01 79.67
C ARG E 781 -43.13 -83.46 78.29
N ASP E 782 -44.13 -83.92 77.55
CA ASP E 782 -44.28 -83.56 76.18
C ASP E 782 -44.52 -82.09 76.09
N GLN E 783 -44.02 -81.49 75.06
CA GLN E 783 -44.26 -80.09 74.90
C GLN E 783 -44.48 -79.78 73.45
N PHE E 784 -45.53 -79.05 73.17
CA PHE E 784 -45.84 -78.72 71.79
C PHE E 784 -45.80 -77.26 71.43
N THR E 785 -45.55 -76.39 72.40
CA THR E 785 -45.58 -74.99 72.10
C THR E 785 -44.27 -74.27 72.37
N ARG E 786 -44.29 -72.98 72.05
CA ARG E 786 -43.17 -72.13 72.34
C ARG E 786 -43.60 -70.75 72.78
N ALA E 787 -42.70 -70.07 73.50
CA ALA E 787 -42.93 -68.70 73.90
C ALA E 787 -42.72 -67.92 72.63
N PRO E 788 -43.83 -67.48 72.08
CA PRO E 788 -43.94 -66.78 70.82
C PRO E 788 -42.84 -65.82 70.49
N LEU E 789 -42.38 -65.91 69.27
CA LEU E 789 -41.41 -64.98 68.80
C LEU E 789 -42.13 -63.76 68.30
N ASP E 790 -41.34 -62.73 68.09
CA ASP E 790 -41.93 -61.53 67.57
C ASP E 790 -42.68 -61.87 66.30
N ASN E 791 -41.98 -62.65 65.48
CA ASN E 791 -42.55 -63.11 64.23
C ASN E 791 -43.82 -63.95 64.47
N ASP E 792 -43.88 -64.68 65.57
CA ASP E 792 -45.08 -65.48 65.79
C ASP E 792 -46.30 -64.62 66.09
N ILE E 793 -46.00 -63.42 66.57
CA ILE E 793 -47.02 -62.48 66.98
C ILE E 793 -47.44 -61.48 65.93
N GLY E 794 -46.43 -60.91 65.28
CA GLY E 794 -46.68 -59.94 64.25
C GLY E 794 -47.28 -58.69 64.83
N VAL E 795 -48.45 -58.37 64.35
CA VAL E 795 -49.06 -57.17 64.87
C VAL E 795 -50.30 -57.43 65.67
N SER E 796 -50.46 -58.67 66.08
CA SER E 796 -51.61 -58.97 66.87
C SER E 796 -51.53 -58.24 68.21
N GLU E 797 -52.66 -57.66 68.55
CA GLU E 797 -52.80 -56.93 69.77
C GLU E 797 -54.02 -57.40 70.48
N ALA E 798 -53.94 -57.29 71.80
CA ALA E 798 -55.03 -57.68 72.68
C ALA E 798 -56.35 -57.06 72.23
N THR E 799 -56.25 -55.78 71.95
CA THR E 799 -57.35 -54.97 71.49
C THR E 799 -57.73 -55.39 70.06
N ARG E 800 -56.69 -55.44 69.22
CA ARG E 800 -56.81 -55.75 67.83
C ARG E 800 -56.01 -56.96 67.43
N ILE E 801 -56.67 -58.08 67.58
CA ILE E 801 -56.13 -59.38 67.27
C ILE E 801 -56.01 -59.66 65.78
N ASP E 802 -54.91 -60.34 65.41
CA ASP E 802 -54.66 -60.76 64.04
C ASP E 802 -54.72 -62.27 63.94
N PRO E 803 -55.91 -62.70 63.58
CA PRO E 803 -56.29 -64.07 63.41
C PRO E 803 -55.33 -64.90 62.58
N ASN E 804 -54.50 -64.29 61.75
CA ASN E 804 -53.62 -65.18 61.03
C ASN E 804 -52.30 -65.40 61.70
N ALA E 805 -52.00 -64.58 62.67
CA ALA E 805 -50.76 -64.78 63.36
C ALA E 805 -50.73 -66.18 63.97
N TRP E 806 -49.57 -66.79 63.87
CA TRP E 806 -49.35 -68.10 64.40
C TRP E 806 -49.85 -68.17 65.81
N VAL E 807 -49.35 -67.23 66.57
CA VAL E 807 -49.73 -67.22 67.95
C VAL E 807 -51.23 -67.24 68.12
N GLU E 808 -51.87 -66.45 67.30
CA GLU E 808 -53.28 -66.36 67.35
C GLU E 808 -53.91 -67.70 67.08
N ARG E 809 -53.40 -68.34 66.08
CA ARG E 809 -53.96 -69.63 65.74
C ARG E 809 -53.73 -70.70 66.78
N TRP E 810 -52.51 -70.69 67.30
CA TRP E 810 -52.16 -71.65 68.28
C TRP E 810 -53.07 -71.51 69.47
N LYS E 811 -53.28 -70.24 69.79
CA LYS E 811 -54.10 -69.91 70.93
C LYS E 811 -55.48 -70.41 70.70
N ALA E 812 -56.02 -69.97 69.60
CA ALA E 812 -57.36 -70.37 69.29
C ALA E 812 -57.54 -71.85 69.25
N ALA E 813 -56.49 -72.57 68.87
CA ALA E 813 -56.59 -73.99 68.77
C ALA E 813 -56.54 -74.65 70.13
N GLY E 814 -56.09 -73.89 71.12
CA GLY E 814 -56.02 -74.45 72.44
C GLY E 814 -54.70 -75.12 72.67
N HIS E 815 -53.78 -74.90 71.75
CA HIS E 815 -52.48 -75.53 71.94
C HIS E 815 -51.89 -75.19 73.28
N TYR E 816 -52.02 -73.93 73.62
CA TYR E 816 -51.45 -73.46 74.85
C TYR E 816 -52.16 -73.98 76.05
N GLN E 817 -53.32 -74.56 75.86
CA GLN E 817 -53.96 -75.01 77.08
C GLN E 817 -54.64 -76.36 77.01
N ALA E 818 -54.11 -77.20 76.16
CA ALA E 818 -54.71 -78.49 76.05
C ALA E 818 -54.32 -79.30 77.24
N GLU E 819 -55.19 -80.23 77.50
CA GLU E 819 -55.10 -81.12 78.59
C GLU E 819 -54.71 -82.50 78.19
N ALA E 820 -53.63 -82.95 78.81
CA ALA E 820 -53.18 -84.30 78.54
C ALA E 820 -54.08 -85.33 79.24
N ALA E 821 -54.22 -86.49 78.62
CA ALA E 821 -55.04 -87.56 79.17
C ALA E 821 -54.35 -88.90 79.04
N LEU E 822 -54.15 -89.58 80.17
CA LEU E 822 -53.51 -90.87 80.09
C LEU E 822 -54.40 -91.86 79.38
N LEU E 823 -53.86 -92.45 78.37
CA LEU E 823 -54.61 -93.44 77.67
C LEU E 823 -54.14 -94.77 78.14
N GLN E 824 -52.87 -94.82 78.50
CA GLN E 824 -52.32 -96.06 78.95
C GLN E 824 -50.92 -95.95 79.49
N CYS E 825 -50.64 -96.81 80.47
CA CYS E 825 -49.36 -96.81 81.13
C CYS E 825 -49.06 -98.17 81.66
N THR E 826 -48.02 -98.79 81.15
CA THR E 826 -47.69 -100.11 81.62
C THR E 826 -46.23 -100.35 81.83
N ALA E 827 -46.00 -101.33 82.69
CA ALA E 827 -44.66 -101.73 83.06
C ALA E 827 -44.47 -103.20 82.85
N ASP E 828 -43.25 -103.55 82.50
CA ASP E 828 -42.95 -104.92 82.20
C ASP E 828 -41.51 -105.23 82.41
N THR E 829 -41.28 -106.46 82.84
CA THR E 829 -39.92 -106.89 83.09
C THR E 829 -39.42 -107.82 82.05
N LEU E 830 -38.35 -107.39 81.46
CA LEU E 830 -37.74 -108.17 80.45
C LEU E 830 -36.53 -108.82 81.02
N ALA E 831 -35.94 -109.66 80.22
CA ALA E 831 -34.79 -110.33 80.69
C ALA E 831 -33.65 -109.43 80.99
N ASP E 832 -33.54 -108.31 80.28
CA ASP E 832 -32.39 -107.47 80.46
C ASP E 832 -32.69 -106.07 80.85
N ALA E 833 -33.98 -105.77 80.99
CA ALA E 833 -34.34 -104.45 81.38
C ALA E 833 -35.79 -104.35 81.78
N VAL E 834 -36.14 -103.15 82.14
CA VAL E 834 -37.49 -102.85 82.47
C VAL E 834 -38.08 -101.94 81.41
N LEU E 835 -39.32 -102.24 81.10
CA LEU E 835 -39.98 -101.53 80.06
C LEU E 835 -41.25 -100.88 80.45
N ILE E 836 -41.32 -99.59 80.16
CA ILE E 836 -42.50 -98.83 80.45
C ILE E 836 -43.13 -98.28 79.21
N THR E 837 -44.44 -98.35 79.15
CA THR E 837 -45.07 -97.76 78.00
C THR E 837 -46.26 -96.88 78.34
N THR E 838 -46.34 -95.76 77.65
CA THR E 838 -47.41 -94.83 77.88
C THR E 838 -48.04 -94.33 76.61
N ALA E 839 -49.19 -93.71 76.80
CA ALA E 839 -49.91 -93.14 75.72
C ALA E 839 -50.80 -92.07 76.26
N HIS E 840 -50.63 -90.87 75.72
CA HIS E 840 -51.45 -89.79 76.16
C HIS E 840 -52.11 -89.08 75.02
N ALA E 841 -53.11 -88.29 75.36
CA ALA E 841 -53.79 -87.53 74.34
C ALA E 841 -54.01 -86.10 74.80
N TRP E 842 -53.67 -85.13 73.96
CA TRP E 842 -53.97 -83.80 74.37
C TRP E 842 -55.24 -83.40 73.69
N GLN E 843 -56.18 -82.92 74.49
CA GLN E 843 -57.41 -82.52 73.89
C GLN E 843 -57.84 -81.16 74.29
N HIS E 844 -58.79 -80.70 73.53
CA HIS E 844 -59.28 -79.40 73.78
C HIS E 844 -60.65 -79.27 73.22
N GLN E 845 -61.57 -79.03 74.13
CA GLN E 845 -62.94 -78.92 73.73
C GLN E 845 -63.39 -80.09 72.90
N GLY E 846 -63.04 -81.28 73.36
CA GLY E 846 -63.47 -82.47 72.66
C GLY E 846 -62.61 -82.87 71.48
N LYS E 847 -61.71 -82.01 71.06
CA LYS E 847 -60.88 -82.40 69.97
C LYS E 847 -59.56 -82.90 70.46
N THR E 848 -59.08 -83.90 69.75
CA THR E 848 -57.80 -84.45 70.08
C THR E 848 -56.76 -83.84 69.17
N LEU E 849 -55.82 -83.08 69.76
CA LEU E 849 -54.78 -82.44 68.98
C LEU E 849 -53.63 -83.34 68.74
N PHE E 850 -53.13 -83.93 69.82
CA PHE E 850 -52.01 -84.80 69.68
C PHE E 850 -52.12 -86.06 70.44
N ILE E 851 -51.30 -86.98 69.98
CA ILE E 851 -51.19 -88.24 70.62
C ILE E 851 -49.74 -88.58 70.74
N SER E 852 -49.38 -88.87 71.97
CA SER E 852 -48.02 -89.19 72.27
C SER E 852 -47.88 -90.58 72.86
N ARG E 853 -47.12 -91.39 72.15
CA ARG E 853 -46.88 -92.74 72.59
C ARG E 853 -45.43 -92.98 72.86
N LYS E 854 -45.11 -93.41 74.08
CA LYS E 854 -43.72 -93.62 74.38
C LYS E 854 -43.40 -94.96 74.99
N THR E 855 -42.10 -95.21 75.04
CA THR E 855 -41.52 -96.35 75.69
C THR E 855 -40.25 -95.93 76.36
N TYR E 856 -40.15 -96.41 77.58
CA TYR E 856 -38.98 -96.13 78.34
C TYR E 856 -38.37 -97.43 78.68
N ARG E 857 -37.10 -97.54 78.38
CA ARG E 857 -36.46 -98.79 78.66
C ARG E 857 -35.14 -98.61 79.34
N ILE E 858 -35.14 -99.12 80.57
CA ILE E 858 -34.01 -99.06 81.47
C ILE E 858 -33.34 -100.36 81.63
N ASP E 859 -32.08 -100.37 81.30
CA ASP E 859 -31.32 -101.58 81.39
C ASP E 859 -30.40 -101.58 82.58
N GLY E 860 -29.66 -102.67 82.61
CA GLY E 860 -28.72 -102.91 83.66
C GLY E 860 -27.53 -102.00 83.59
N SER E 861 -27.40 -101.25 82.51
CA SER E 861 -26.26 -100.37 82.47
C SER E 861 -26.66 -99.05 83.09
N GLY E 862 -27.96 -98.92 83.41
CA GLY E 862 -28.45 -97.70 84.02
C GLY E 862 -28.82 -96.62 83.01
N GLN E 863 -28.99 -97.01 81.76
CA GLN E 863 -29.38 -96.03 80.80
C GLN E 863 -30.83 -96.11 80.49
N MET E 864 -31.39 -94.97 80.25
CA MET E 864 -32.78 -94.93 79.92
C MET E 864 -32.97 -94.47 78.50
N ALA E 865 -33.55 -95.36 77.73
CA ALA E 865 -33.81 -95.06 76.36
C ALA E 865 -35.25 -94.72 76.18
N ILE E 866 -35.46 -93.61 75.55
CA ILE E 866 -36.77 -93.12 75.33
C ILE E 866 -37.13 -93.08 73.89
N THR E 867 -38.35 -93.43 73.67
CA THR E 867 -38.83 -93.45 72.35
C THR E 867 -40.17 -92.78 72.25
N VAL E 868 -40.22 -91.84 71.32
CA VAL E 868 -41.41 -91.06 71.14
C VAL E 868 -41.96 -91.05 69.76
N ASP E 869 -43.27 -91.29 69.72
CA ASP E 869 -43.98 -91.24 68.48
C ASP E 869 -45.23 -90.45 68.66
N VAL E 870 -45.31 -89.38 67.86
CA VAL E 870 -46.45 -88.48 67.92
C VAL E 870 -47.27 -88.39 66.67
N GLU E 871 -48.55 -88.17 66.91
CA GLU E 871 -49.51 -87.98 65.86
C GLU E 871 -50.11 -86.63 66.08
N VAL E 872 -50.23 -85.87 64.99
CA VAL E 872 -50.81 -84.58 65.03
C VAL E 872 -52.01 -84.44 64.13
N ALA E 873 -53.12 -83.98 64.67
CA ALA E 873 -54.29 -83.83 63.82
C ALA E 873 -53.97 -82.96 62.63
N SER E 874 -54.33 -83.47 61.51
CA SER E 874 -54.05 -82.75 60.30
C SER E 874 -54.80 -81.43 60.28
N ASP E 875 -55.85 -81.35 61.04
CA ASP E 875 -56.56 -80.10 60.95
C ASP E 875 -56.22 -79.11 62.01
N THR E 876 -55.17 -79.38 62.74
CA THR E 876 -54.80 -78.39 63.70
C THR E 876 -53.61 -77.64 63.14
N PRO E 877 -53.37 -76.46 63.61
CA PRO E 877 -52.24 -75.69 63.12
C PRO E 877 -50.95 -76.34 63.48
N HIS E 878 -50.01 -76.33 62.57
CA HIS E 878 -48.75 -76.94 62.90
C HIS E 878 -48.18 -76.30 64.11
N PRO E 879 -47.78 -77.16 64.98
CA PRO E 879 -47.22 -76.84 66.26
C PRO E 879 -45.83 -76.31 66.13
N ALA E 880 -45.48 -75.44 67.05
CA ALA E 880 -44.20 -74.78 67.12
C ALA E 880 -43.07 -75.76 67.27
N ARG E 881 -43.39 -76.82 67.99
CA ARG E 881 -42.36 -77.79 68.25
C ARG E 881 -42.92 -79.08 68.78
N ILE E 882 -42.03 -80.06 68.84
CA ILE E 882 -42.31 -81.40 69.32
C ILE E 882 -41.16 -81.94 70.12
N GLY E 883 -41.39 -81.94 71.45
CA GLY E 883 -40.36 -82.38 72.34
C GLY E 883 -40.84 -82.60 73.75
N LEU E 884 -39.85 -82.52 74.60
CA LEU E 884 -40.09 -82.73 75.99
C LEU E 884 -39.41 -81.69 76.80
N ASN E 885 -39.86 -81.64 78.03
CA ASN E 885 -39.22 -80.73 78.91
C ASN E 885 -39.37 -81.08 80.37
N CYS E 886 -38.53 -80.42 81.12
CA CYS E 886 -38.56 -80.62 82.53
C CYS E 886 -37.64 -79.61 83.20
N GLN E 887 -37.86 -79.48 84.51
CA GLN E 887 -37.08 -78.59 85.31
C GLN E 887 -36.13 -79.39 86.13
N LEU E 888 -34.86 -79.28 85.81
CA LEU E 888 -33.89 -80.02 86.57
C LEU E 888 -33.60 -79.31 87.88
N ALA E 889 -33.43 -80.11 88.89
CA ALA E 889 -33.12 -79.57 90.20
C ALA E 889 -31.70 -78.97 90.25
N GLN E 890 -30.81 -79.55 89.53
CA GLN E 890 -29.47 -79.06 89.52
C GLN E 890 -29.28 -77.78 88.71
N VAL E 891 -28.16 -77.14 88.96
CA VAL E 891 -27.77 -75.93 88.25
C VAL E 891 -26.27 -75.92 88.09
N ALA E 892 -25.75 -75.97 86.87
CA ALA E 892 -24.32 -76.00 86.67
C ALA E 892 -23.74 -74.81 85.95
N GLU E 893 -22.45 -74.82 85.84
CA GLU E 893 -21.69 -73.73 85.25
C GLU E 893 -21.60 -73.73 83.75
N ARG E 894 -21.26 -74.90 83.25
CA ARG E 894 -21.05 -75.07 81.86
C ARG E 894 -22.06 -75.97 81.20
N VAL E 895 -22.02 -75.89 79.88
CA VAL E 895 -22.85 -76.66 79.00
C VAL E 895 -21.96 -77.15 77.88
N ASN E 896 -22.06 -78.43 77.66
CA ASN E 896 -21.20 -79.00 76.68
C ASN E 896 -21.98 -79.89 75.78
N TRP E 897 -21.77 -79.65 74.50
CA TRP E 897 -22.49 -80.43 73.55
C TRP E 897 -21.75 -80.62 72.26
N LEU E 898 -22.22 -81.64 71.60
CA LEU E 898 -21.75 -82.04 70.33
C LEU E 898 -22.90 -81.86 69.36
N GLY E 899 -22.78 -80.79 68.59
CA GLY E 899 -23.79 -80.43 67.64
C GLY E 899 -23.45 -79.09 67.00
N LEU E 900 -24.51 -78.40 66.56
CA LEU E 900 -24.36 -77.14 65.89
C LEU E 900 -24.10 -76.01 66.83
N GLY E 901 -23.02 -75.30 66.60
CA GLY E 901 -22.72 -74.22 67.50
C GLY E 901 -21.77 -73.21 66.90
N PRO E 902 -21.41 -72.27 67.73
CA PRO E 902 -21.80 -72.22 69.12
C PRO E 902 -23.02 -71.36 69.39
N GLN E 903 -23.36 -70.49 68.47
CA GLN E 903 -24.51 -69.65 68.76
C GLN E 903 -25.86 -70.27 68.53
N GLU E 904 -26.83 -69.58 69.09
CA GLU E 904 -28.23 -69.89 68.92
C GLU E 904 -28.47 -70.16 67.44
N ASN E 905 -29.18 -71.24 67.13
CA ASN E 905 -29.49 -71.57 65.74
C ASN E 905 -30.82 -72.24 65.61
N TYR E 906 -31.48 -71.93 64.52
CA TYR E 906 -32.78 -72.50 64.27
C TYR E 906 -32.79 -73.16 62.91
N PRO E 907 -33.81 -73.97 62.72
CA PRO E 907 -33.99 -74.73 61.53
C PRO E 907 -33.84 -73.93 60.28
N ASP E 908 -34.50 -72.78 60.23
CA ASP E 908 -34.36 -71.94 59.06
C ASP E 908 -33.28 -70.87 59.26
N ARG E 909 -32.45 -71.05 60.26
CA ARG E 909 -31.36 -70.10 60.46
C ARG E 909 -30.20 -70.82 61.10
N LEU E 910 -29.48 -71.61 60.31
CA LEU E 910 -28.39 -72.34 60.92
C LEU E 910 -27.21 -72.59 60.01
N THR E 911 -27.24 -72.05 58.84
CA THR E 911 -26.11 -72.29 57.96
C THR E 911 -24.82 -71.76 58.53
N ALA E 912 -24.89 -70.77 59.36
CA ALA E 912 -23.63 -70.26 59.84
C ALA E 912 -23.02 -71.09 60.93
N ALA E 913 -23.84 -71.91 61.55
CA ALA E 913 -23.41 -72.75 62.67
C ALA E 913 -22.51 -73.90 62.25
N CME E 914 -21.68 -74.41 63.17
CA CME E 914 -20.82 -75.51 62.89
CB CME E 914 -19.37 -75.12 62.74
SG CME E 914 -19.12 -74.14 61.26
SD CME E 914 -17.43 -73.27 61.90
CE CME E 914 -18.04 -72.05 63.14
CZ CME E 914 -16.89 -71.10 63.54
OH CME E 914 -15.64 -71.74 63.15
C CME E 914 -21.00 -76.66 63.78
O CME E 914 -21.36 -76.56 64.96
N PHE E 915 -20.75 -77.79 63.18
CA PHE E 915 -20.90 -79.00 63.90
C PHE E 915 -19.62 -79.33 64.60
N ASP E 916 -19.64 -79.24 65.90
CA ASP E 916 -18.45 -79.54 66.63
C ASP E 916 -18.79 -79.78 68.09
N ARG E 917 -17.75 -79.74 68.91
CA ARG E 917 -17.93 -79.88 70.32
C ARG E 917 -17.86 -78.54 70.97
N TRP E 918 -18.94 -78.14 71.59
CA TRP E 918 -18.98 -76.85 72.20
C TRP E 918 -19.13 -76.96 73.68
N ASP E 919 -18.51 -75.99 74.33
CA ASP E 919 -18.57 -75.89 75.77
C ASP E 919 -18.70 -74.44 76.13
N LEU E 920 -19.80 -74.09 76.79
CA LEU E 920 -20.03 -72.73 77.19
C LEU E 920 -20.65 -72.68 78.55
N PRO E 921 -20.71 -71.49 79.03
CA PRO E 921 -21.29 -71.19 80.29
C PRO E 921 -22.75 -70.99 80.06
N LEU E 922 -23.46 -71.53 81.01
CA LEU E 922 -24.87 -71.49 81.01
C LEU E 922 -25.48 -70.18 80.53
N SER E 923 -24.84 -69.13 80.97
CA SER E 923 -25.31 -67.80 80.64
C SER E 923 -25.35 -67.57 79.14
N ASP E 924 -24.39 -68.18 78.48
CA ASP E 924 -24.31 -68.03 77.06
C ASP E 924 -25.40 -68.79 76.35
N MET E 925 -26.08 -69.65 77.07
CA MET E 925 -27.12 -70.36 76.40
C MET E 925 -28.43 -69.60 76.41
N TYR E 926 -28.32 -68.30 76.72
CA TYR E 926 -29.51 -67.50 76.77
C TYR E 926 -29.39 -66.24 75.94
N THR E 927 -30.48 -65.94 75.23
CA THR E 927 -30.53 -64.79 74.36
C THR E 927 -31.55 -63.80 74.87
N PRO E 928 -30.93 -62.78 75.44
CA PRO E 928 -31.49 -61.60 76.07
C PRO E 928 -32.19 -60.64 75.10
N TYR E 929 -33.07 -61.19 74.33
CA TYR E 929 -33.84 -60.37 73.46
C TYR E 929 -34.61 -59.44 74.38
N VAL E 930 -34.53 -58.14 74.11
CA VAL E 930 -35.23 -57.20 74.95
C VAL E 930 -36.65 -57.62 75.24
N PHE E 931 -37.35 -57.95 74.17
CA PHE E 931 -38.67 -58.44 74.35
C PHE E 931 -38.50 -59.95 74.32
N PRO E 932 -38.82 -60.60 75.42
CA PRO E 932 -38.55 -62.01 75.58
C PRO E 932 -39.44 -62.99 74.86
N SER E 933 -38.81 -64.13 74.48
CA SER E 933 -39.46 -65.25 73.79
C SER E 933 -38.56 -66.49 73.70
N GLU E 934 -39.09 -67.58 73.11
CA GLU E 934 -38.28 -68.76 72.91
C GLU E 934 -36.93 -68.32 72.33
N ASN E 935 -35.81 -68.88 72.79
CA ASN E 935 -34.51 -68.48 72.28
C ASN E 935 -33.42 -69.44 72.70
N GLY E 936 -32.24 -69.18 72.21
CA GLY E 936 -31.07 -69.97 72.55
C GLY E 936 -31.00 -71.39 72.01
N LEU E 937 -31.95 -71.77 71.20
CA LEU E 937 -31.87 -73.11 70.68
C LEU E 937 -30.57 -73.43 69.91
N ARG E 938 -30.21 -74.69 69.98
CA ARG E 938 -29.12 -75.24 69.18
C ARG E 938 -29.63 -76.53 68.58
N CYS E 939 -29.48 -76.69 67.28
CA CYS E 939 -29.96 -77.88 66.61
C CYS E 939 -28.85 -78.83 66.24
N GLY E 940 -29.30 -79.95 65.69
CA GLY E 940 -28.44 -81.00 65.22
C GLY E 940 -27.50 -81.50 66.28
N THR E 941 -28.06 -81.74 67.44
CA THR E 941 -27.28 -82.21 68.54
C THR E 941 -27.39 -83.67 68.74
N ARG E 942 -26.23 -84.21 69.02
CA ARG E 942 -26.10 -85.61 69.21
C ARG E 942 -25.79 -86.06 70.61
N GLU E 943 -25.13 -85.18 71.36
CA GLU E 943 -24.75 -85.42 72.73
C GLU E 943 -24.79 -84.14 73.50
N LEU E 944 -25.44 -84.20 74.66
CA LEU E 944 -25.58 -83.06 75.53
C LEU E 944 -25.23 -83.43 76.95
N ASN E 945 -24.40 -82.60 77.55
CA ASN E 945 -23.92 -82.80 78.90
C ASN E 945 -24.12 -81.63 79.83
N TYR E 946 -24.78 -81.89 80.95
CA TYR E 946 -25.02 -80.87 81.95
C TYR E 946 -25.04 -81.55 83.30
N GLY E 947 -24.07 -81.19 84.11
CA GLY E 947 -23.94 -81.83 85.39
C GLY E 947 -23.55 -83.27 85.15
N PRO E 948 -24.10 -84.11 85.97
CA PRO E 948 -23.92 -85.54 85.91
C PRO E 948 -24.68 -86.13 84.74
N HIS E 949 -25.53 -85.34 84.10
CA HIS E 949 -26.32 -85.84 83.01
C HIS E 949 -25.73 -85.78 81.65
N GLN E 950 -26.27 -86.69 80.88
CA GLN E 950 -25.93 -86.82 79.50
C GLN E 950 -27.10 -87.31 78.67
N TRP E 951 -27.31 -86.63 77.55
CA TRP E 951 -28.35 -87.06 76.67
C TRP E 951 -27.80 -87.34 75.33
N ARG E 952 -28.37 -88.36 74.73
CA ARG E 952 -27.93 -88.72 73.41
C ARG E 952 -29.04 -89.04 72.47
N GLY E 953 -28.76 -88.60 71.27
CA GLY E 953 -29.68 -88.83 70.17
C GLY E 953 -29.43 -87.88 69.03
N ASP E 954 -30.53 -87.36 68.56
CA ASP E 954 -30.47 -86.41 67.47
C ASP E 954 -31.55 -85.41 67.70
N PHE E 955 -31.20 -84.31 68.35
CA PHE E 955 -32.24 -83.37 68.66
C PHE E 955 -31.69 -81.99 68.69
N GLN E 956 -32.59 -81.11 69.11
CA GLN E 956 -32.29 -79.73 69.33
C GLN E 956 -32.75 -79.42 70.71
N PHE E 957 -32.11 -78.43 71.31
CA PHE E 957 -32.49 -78.10 72.66
C PHE E 957 -32.11 -76.71 73.01
N ASN E 958 -32.60 -76.35 74.17
CA ASN E 958 -32.28 -75.11 74.83
C ASN E 958 -32.28 -75.39 76.32
N ILE E 959 -31.53 -74.56 77.03
CA ILE E 959 -31.41 -74.70 78.46
C ILE E 959 -31.15 -73.38 79.17
N SER E 960 -31.99 -73.08 80.14
CA SER E 960 -31.84 -71.83 80.87
C SER E 960 -32.56 -71.89 82.19
N ARG E 961 -32.72 -70.71 82.82
CA ARG E 961 -33.40 -70.63 84.09
C ARG E 961 -34.76 -70.03 83.95
N TYR E 962 -35.26 -70.03 82.74
CA TYR E 962 -36.55 -69.45 82.60
C TYR E 962 -37.49 -70.36 81.90
N SER E 963 -38.64 -70.54 82.49
CA SER E 963 -39.61 -71.36 81.85
C SER E 963 -40.14 -70.60 80.66
N GLN E 964 -40.71 -71.35 79.73
CA GLN E 964 -41.32 -70.75 78.58
C GLN E 964 -42.44 -69.86 79.06
N GLN E 965 -43.15 -70.33 80.07
CA GLN E 965 -44.21 -69.52 80.59
C GLN E 965 -43.70 -68.19 81.08
N GLN E 966 -42.61 -68.21 81.81
CA GLN E 966 -42.12 -66.95 82.28
C GLN E 966 -41.89 -66.03 81.10
N LEU E 967 -41.09 -66.53 80.18
CA LEU E 967 -40.73 -65.78 78.98
C LEU E 967 -41.94 -65.25 78.27
N MET E 968 -42.90 -66.10 78.22
CA MET E 968 -44.08 -65.75 77.54
C MET E 968 -44.87 -64.69 78.26
N GLU E 969 -44.79 -64.70 79.57
CA GLU E 969 -45.56 -63.75 80.33
C GLU E 969 -44.86 -62.45 80.67
N THR E 970 -43.57 -62.35 80.42
CA THR E 970 -42.81 -61.14 80.71
C THR E 970 -42.57 -60.29 79.48
N SER E 971 -42.73 -58.98 79.61
CA SER E 971 -42.55 -58.10 78.46
C SER E 971 -41.17 -57.52 78.33
N HIS E 972 -40.41 -57.48 79.41
CA HIS E 972 -39.10 -56.92 79.26
C HIS E 972 -38.12 -57.81 79.87
N ARG E 973 -36.98 -57.86 79.24
CA ARG E 973 -35.94 -58.73 79.73
C ARG E 973 -35.58 -58.46 81.17
N HIS E 974 -35.53 -57.18 81.50
CA HIS E 974 -35.14 -56.79 82.83
C HIS E 974 -36.03 -57.35 83.91
N LEU E 975 -37.20 -57.81 83.54
CA LEU E 975 -38.08 -58.38 84.54
C LEU E 975 -38.00 -59.87 84.73
N LEU E 976 -37.06 -60.50 84.09
CA LEU E 976 -37.05 -61.91 84.32
C LEU E 976 -36.19 -62.21 85.50
N HIS E 977 -36.63 -63.22 86.18
CA HIS E 977 -35.90 -63.67 87.30
C HIS E 977 -35.65 -65.14 87.14
N ALA E 978 -34.44 -65.56 87.44
CA ALA E 978 -34.13 -66.95 87.32
C ALA E 978 -35.05 -67.80 88.17
N GLU E 979 -35.38 -68.97 87.66
CA GLU E 979 -36.22 -69.87 88.39
C GLU E 979 -35.34 -70.82 89.16
N GLU E 980 -35.99 -71.61 89.99
CA GLU E 980 -35.34 -72.55 90.84
C GLU E 980 -34.23 -73.42 90.31
N GLY E 981 -34.45 -74.18 89.25
CA GLY E 981 -33.32 -75.00 88.86
C GLY E 981 -32.92 -74.65 87.47
N THR E 982 -32.85 -75.66 86.63
CA THR E 982 -32.55 -75.44 85.24
C THR E 982 -33.65 -76.01 84.37
N TRP E 983 -34.15 -75.15 83.49
CA TRP E 983 -35.18 -75.56 82.56
C TRP E 983 -34.58 -76.10 81.29
N LEU E 984 -35.07 -77.27 80.93
CA LEU E 984 -34.55 -77.91 79.76
C LEU E 984 -35.59 -78.36 78.77
N ASN E 985 -35.39 -77.89 77.54
CA ASN E 985 -36.23 -78.28 76.45
C ASN E 985 -35.46 -79.02 75.40
N ILE E 986 -35.93 -80.25 75.18
CA ILE E 986 -35.39 -81.13 74.17
C ILE E 986 -36.43 -81.42 73.11
N ASP E 987 -36.10 -80.93 71.94
CA ASP E 987 -36.97 -81.06 70.82
C ASP E 987 -36.53 -82.06 69.79
N GLY E 988 -37.52 -82.87 69.40
CA GLY E 988 -37.31 -83.80 68.33
C GLY E 988 -37.44 -82.96 67.06
N PHE E 989 -38.30 -81.96 67.10
CA PHE E 989 -38.52 -81.08 65.98
C PHE E 989 -38.96 -79.75 66.42
N HIS E 990 -38.58 -78.77 65.61
CA HIS E 990 -38.92 -77.43 65.91
C HIS E 990 -39.19 -76.61 64.68
N MET E 991 -40.26 -75.84 64.72
CA MET E 991 -40.65 -75.00 63.59
C MET E 991 -39.65 -73.91 63.26
N GLY E 992 -39.68 -73.41 62.03
CA GLY E 992 -38.75 -72.36 61.68
C GLY E 992 -39.16 -71.06 62.35
N ILE E 993 -38.34 -70.01 62.21
CA ILE E 993 -38.63 -68.74 62.85
C ILE E 993 -39.13 -67.67 61.91
N GLY E 994 -38.85 -67.84 60.62
CA GLY E 994 -39.30 -66.89 59.63
C GLY E 994 -38.56 -65.58 59.72
N GLY E 995 -39.19 -64.55 59.15
CA GLY E 995 -38.59 -63.24 59.19
C GLY E 995 -38.70 -62.45 57.92
N ASP E 996 -39.22 -63.07 56.86
CA ASP E 996 -39.32 -62.32 55.60
C ASP E 996 -39.92 -60.94 55.84
N ASP E 997 -40.79 -60.90 56.85
CA ASP E 997 -41.41 -59.70 57.37
C ASP E 997 -41.94 -60.06 58.72
N SER E 998 -42.25 -59.03 59.51
CA SER E 998 -42.73 -59.30 60.85
C SER E 998 -44.18 -58.92 61.06
N TRP E 999 -44.96 -58.85 59.99
CA TRP E 999 -46.34 -58.53 60.21
C TRP E 999 -47.31 -59.43 59.46
N SER E 1000 -46.77 -60.58 59.08
CA SER E 1000 -47.45 -61.66 58.39
C SER E 1000 -46.65 -62.91 58.60
N PRO E 1001 -47.31 -64.01 58.34
CA PRO E 1001 -46.68 -65.29 58.51
C PRO E 1001 -45.59 -65.42 57.48
N SER E 1002 -44.38 -65.64 57.96
CA SER E 1002 -43.25 -65.69 57.08
C SER E 1002 -42.47 -66.98 57.14
N VAL E 1003 -42.95 -67.99 57.87
CA VAL E 1003 -42.20 -69.24 57.91
C VAL E 1003 -42.51 -70.12 56.70
N SER E 1004 -41.49 -70.51 55.93
CA SER E 1004 -41.83 -71.35 54.80
C SER E 1004 -42.21 -72.75 55.12
N ALA E 1005 -43.05 -73.21 54.23
CA ALA E 1005 -43.57 -74.53 54.32
C ALA E 1005 -42.52 -75.54 54.68
N GLU E 1006 -41.36 -75.50 54.05
CA GLU E 1006 -40.37 -76.50 54.44
C GLU E 1006 -40.07 -76.43 55.89
N PHE E 1007 -40.43 -75.34 56.56
CA PHE E 1007 -40.09 -75.31 57.95
C PHE E 1007 -41.21 -75.50 58.88
N GLN E 1008 -42.36 -75.89 58.37
CA GLN E 1008 -43.50 -76.11 59.22
C GLN E 1008 -43.59 -77.57 59.57
N LEU E 1009 -44.06 -77.86 60.79
CA LEU E 1009 -44.19 -79.23 61.26
C LEU E 1009 -45.51 -79.76 60.76
N SER E 1010 -45.53 -80.08 59.51
CA SER E 1010 -46.75 -80.51 58.89
C SER E 1010 -46.84 -82.00 58.56
N ALA E 1011 -45.86 -82.78 58.95
CA ALA E 1011 -45.84 -84.19 58.63
C ALA E 1011 -46.96 -85.04 59.19
N GLY E 1012 -47.55 -84.65 60.30
CA GLY E 1012 -48.60 -85.50 60.83
C GLY E 1012 -48.06 -86.55 61.77
N ARG E 1013 -46.93 -87.11 61.42
CA ARG E 1013 -46.39 -88.10 62.32
C ARG E 1013 -44.95 -87.86 62.55
N TYR E 1014 -44.55 -87.93 63.81
CA TYR E 1014 -43.18 -87.71 64.15
C TYR E 1014 -42.64 -88.75 65.11
N HIS E 1015 -41.37 -89.04 64.93
CA HIS E 1015 -40.71 -90.01 65.75
C HIS E 1015 -39.36 -89.54 66.24
N TYR E 1016 -39.03 -89.85 67.48
CA TYR E 1016 -37.71 -89.52 68.00
C TYR E 1016 -37.34 -90.36 69.20
N GLN E 1017 -36.03 -90.49 69.39
CA GLN E 1017 -35.48 -91.30 70.44
C GLN E 1017 -34.38 -90.65 71.19
N LEU E 1018 -34.25 -91.10 72.40
CA LEU E 1018 -33.31 -90.49 73.23
C LEU E 1018 -32.72 -91.35 74.28
N VAL E 1019 -31.52 -90.96 74.69
CA VAL E 1019 -30.89 -91.68 75.75
C VAL E 1019 -30.39 -90.84 76.88
N TRP E 1020 -30.78 -91.22 78.08
CA TRP E 1020 -30.42 -90.44 79.22
C TRP E 1020 -29.62 -91.25 80.25
N CME E 1021 -28.55 -90.68 80.72
CA CME E 1021 -27.68 -91.25 81.76
CB CME E 1021 -26.63 -92.14 81.19
SG CME E 1021 -26.79 -92.15 79.42
SD CME E 1021 -24.89 -92.08 78.90
CE CME E 1021 -24.33 -91.15 80.34
CZ CME E 1021 -23.54 -92.00 81.33
OH CME E 1021 -22.34 -91.34 81.66
C CME E 1021 -26.91 -90.24 82.55
O CME E 1021 -26.84 -89.08 82.22
N GLN E 1022 -26.34 -90.80 83.62
CA GLN E 1022 -25.56 -90.11 84.55
C GLN E 1022 -24.19 -90.64 84.64
N LYS E 1023 -23.28 -89.81 85.15
CA LYS E 1023 -21.89 -90.15 85.33
C LYS E 1023 -21.57 -90.00 86.81
N ILE F 3 -31.68 -95.48 -24.43
CA ILE F 3 -30.22 -95.59 -24.16
C ILE F 3 -29.67 -94.66 -23.07
N THR F 4 -30.09 -93.42 -23.20
CA THR F 4 -29.70 -92.44 -22.22
C THR F 4 -30.68 -92.66 -21.11
N ASP F 5 -31.68 -93.48 -21.35
CA ASP F 5 -32.64 -93.82 -20.32
C ASP F 5 -32.13 -95.04 -19.58
N SER F 6 -30.94 -95.44 -19.96
CA SER F 6 -30.35 -96.60 -19.39
C SER F 6 -29.78 -96.41 -18.00
N LEU F 7 -30.04 -97.40 -17.18
CA LEU F 7 -29.48 -97.39 -15.85
C LEU F 7 -28.03 -97.05 -15.94
N ALA F 8 -27.38 -97.82 -16.74
CA ALA F 8 -25.97 -97.67 -16.90
C ALA F 8 -25.54 -96.23 -16.98
N VAL F 9 -26.38 -95.51 -17.67
CA VAL F 9 -26.14 -94.13 -17.92
C VAL F 9 -26.63 -93.24 -16.78
N VAL F 10 -27.89 -93.39 -16.42
CA VAL F 10 -28.46 -92.64 -15.35
C VAL F 10 -27.61 -92.74 -14.08
N LEU F 11 -27.38 -93.94 -13.64
CA LEU F 11 -26.62 -94.10 -12.42
C LEU F 11 -25.22 -93.64 -12.56
N GLN F 12 -24.89 -93.25 -13.74
CA GLN F 12 -23.54 -92.85 -13.90
C GLN F 12 -23.22 -91.71 -12.97
N ARG F 13 -24.10 -90.71 -13.04
CA ARG F 13 -23.91 -89.51 -12.28
C ARG F 13 -23.92 -89.62 -10.75
N ARG F 14 -24.68 -90.57 -10.22
CA ARG F 14 -24.65 -90.71 -8.78
C ARG F 14 -25.12 -89.44 -8.09
N ASP F 15 -26.31 -89.06 -8.49
CA ASP F 15 -26.95 -87.90 -7.97
C ASP F 15 -27.15 -88.00 -6.48
N TRP F 16 -27.29 -89.23 -6.02
CA TRP F 16 -27.48 -89.52 -4.63
C TRP F 16 -26.22 -89.35 -3.82
N GLU F 17 -25.16 -88.85 -4.44
CA GLU F 17 -23.98 -88.58 -3.67
C GLU F 17 -23.55 -87.16 -3.97
N ASN F 18 -24.55 -86.34 -4.20
CA ASN F 18 -24.30 -84.98 -4.53
C ASN F 18 -25.37 -84.03 -4.07
N PRO F 19 -25.01 -83.37 -2.98
CA PRO F 19 -25.79 -82.34 -2.29
C PRO F 19 -26.19 -81.26 -3.28
N GLY F 20 -25.44 -81.17 -4.37
CA GLY F 20 -25.76 -80.21 -5.40
C GLY F 20 -26.99 -80.70 -6.16
N VAL F 21 -27.24 -81.98 -6.13
CA VAL F 21 -28.42 -82.38 -6.84
C VAL F 21 -29.41 -82.93 -5.88
N THR F 22 -30.52 -82.24 -5.80
CA THR F 22 -31.52 -82.67 -4.87
C THR F 22 -32.80 -83.08 -5.54
N GLN F 23 -32.87 -82.77 -6.79
CA GLN F 23 -34.02 -83.11 -7.58
C GLN F 23 -33.66 -82.95 -9.05
N LEU F 24 -34.52 -83.51 -9.92
CA LEU F 24 -34.36 -83.43 -11.35
C LEU F 24 -35.71 -83.43 -11.98
N ASN F 25 -36.02 -82.38 -12.65
CA ASN F 25 -37.32 -82.30 -13.30
C ASN F 25 -38.52 -82.39 -12.41
N ARG F 26 -38.31 -82.14 -11.12
CA ARG F 26 -39.43 -82.17 -10.18
C ARG F 26 -40.18 -80.87 -10.31
N LEU F 27 -41.51 -80.91 -10.25
CA LEU F 27 -42.27 -79.67 -10.33
C LEU F 27 -42.18 -78.88 -9.05
N ALA F 28 -42.76 -77.70 -9.08
CA ALA F 28 -42.77 -76.82 -7.93
C ALA F 28 -43.84 -77.17 -6.93
N ALA F 29 -43.49 -76.87 -5.67
CA ALA F 29 -44.29 -77.08 -4.49
C ALA F 29 -45.52 -76.18 -4.40
N HIS F 30 -46.53 -76.56 -3.63
CA HIS F 30 -47.73 -75.75 -3.52
C HIS F 30 -48.70 -76.48 -2.62
N PRO F 31 -49.74 -75.76 -2.29
CA PRO F 31 -50.76 -76.35 -1.49
C PRO F 31 -51.50 -77.38 -2.32
N PRO F 32 -52.22 -78.15 -1.62
CA PRO F 32 -53.02 -79.22 -2.13
C PRO F 32 -54.11 -78.87 -3.12
N PHE F 33 -53.99 -79.54 -4.27
CA PHE F 33 -54.91 -79.43 -5.37
C PHE F 33 -55.73 -80.70 -5.59
N ALA F 34 -56.92 -80.50 -6.17
CA ALA F 34 -57.85 -81.58 -6.51
C ALA F 34 -58.31 -81.39 -7.94
N SER F 35 -58.25 -80.16 -8.39
CA SER F 35 -58.68 -79.84 -9.72
C SER F 35 -60.14 -80.14 -9.89
N TRP F 36 -60.95 -79.81 -8.91
CA TRP F 36 -62.35 -80.05 -9.11
C TRP F 36 -62.75 -79.35 -10.37
N ARG F 37 -63.75 -79.93 -11.02
CA ARG F 37 -64.26 -79.32 -12.22
C ARG F 37 -65.68 -78.84 -11.96
N ASN F 38 -66.07 -78.87 -10.68
CA ASN F 38 -67.37 -78.40 -10.26
C ASN F 38 -67.24 -77.74 -8.91
N SER F 39 -67.81 -76.55 -8.83
CA SER F 39 -67.76 -75.80 -7.62
C SER F 39 -68.27 -76.55 -6.38
N GLU F 40 -69.54 -76.92 -6.43
CA GLU F 40 -70.14 -77.60 -5.32
C GLU F 40 -69.28 -78.67 -4.73
N GLU F 41 -68.72 -79.46 -5.61
CA GLU F 41 -67.89 -80.54 -5.17
C GLU F 41 -66.75 -80.02 -4.35
N ALA F 42 -66.00 -79.15 -4.99
CA ALA F 42 -64.90 -78.56 -4.31
C ALA F 42 -65.42 -77.96 -3.02
N ARG F 43 -66.52 -77.29 -3.12
CA ARG F 43 -67.05 -76.68 -1.95
C ARG F 43 -67.33 -77.60 -0.81
N THR F 44 -67.86 -78.76 -1.13
CA THR F 44 -68.21 -79.73 -0.12
C THR F 44 -67.15 -80.77 0.00
N ASP F 45 -65.99 -80.39 -0.47
CA ASP F 45 -64.90 -81.30 -0.39
C ASP F 45 -65.26 -82.68 -0.87
N ARG F 46 -65.90 -82.81 -2.03
CA ARG F 46 -66.15 -84.16 -2.48
C ARG F 46 -64.87 -84.70 -3.03
N PRO F 47 -64.95 -85.74 -3.83
CA PRO F 47 -63.71 -86.26 -4.34
C PRO F 47 -63.58 -85.96 -5.79
N SER F 48 -62.40 -85.51 -6.18
CA SER F 48 -62.22 -85.19 -7.55
C SER F 48 -61.68 -86.35 -8.32
N GLN F 49 -62.16 -86.41 -9.53
CA GLN F 49 -61.76 -87.45 -10.41
C GLN F 49 -60.51 -87.06 -11.11
N GLN F 50 -60.06 -85.79 -10.99
CA GLN F 50 -58.82 -85.49 -11.67
C GLN F 50 -57.67 -85.93 -10.78
N LEU F 51 -58.12 -86.52 -9.70
CA LEU F 51 -57.23 -87.05 -8.72
C LEU F 51 -57.41 -88.54 -8.57
N ARG F 52 -56.31 -89.26 -8.80
CA ARG F 52 -56.39 -90.69 -8.74
C ARG F 52 -55.29 -91.35 -7.94
N SER F 53 -55.71 -92.26 -7.05
CA SER F 53 -54.71 -92.94 -6.27
C SER F 53 -54.11 -94.14 -6.93
N LEU F 54 -52.83 -94.33 -6.72
CA LEU F 54 -52.15 -95.46 -7.30
C LEU F 54 -51.74 -96.41 -6.22
N ASN F 55 -52.35 -96.17 -5.08
CA ASN F 55 -52.03 -97.03 -3.97
C ASN F 55 -52.69 -98.34 -4.22
N GLY F 56 -51.96 -99.38 -3.81
CA GLY F 56 -52.42 -100.73 -3.94
C GLY F 56 -51.28 -101.68 -4.13
N GLU F 57 -51.60 -102.74 -4.86
CA GLU F 57 -50.62 -103.76 -5.13
C GLU F 57 -49.65 -103.33 -6.19
N TRP F 58 -48.40 -103.55 -5.90
CA TRP F 58 -47.36 -103.16 -6.82
C TRP F 58 -46.33 -104.24 -6.88
N ARG F 59 -45.35 -104.07 -7.72
CA ARG F 59 -44.36 -105.13 -7.77
C ARG F 59 -43.05 -104.68 -7.26
N PHE F 60 -42.52 -105.50 -6.38
CA PHE F 60 -41.32 -105.11 -5.73
C PHE F 60 -40.17 -106.07 -5.86
N ALA F 61 -38.98 -105.51 -5.85
CA ALA F 61 -37.80 -106.35 -5.87
C ALA F 61 -36.67 -105.61 -5.21
N TRP F 62 -35.92 -106.32 -4.43
CA TRP F 62 -34.88 -105.70 -3.67
C TRP F 62 -33.46 -106.04 -4.07
N PHE F 63 -32.56 -105.10 -3.99
CA PHE F 63 -31.18 -105.36 -4.33
C PHE F 63 -30.30 -104.65 -3.39
N PRO F 64 -29.22 -105.31 -3.10
CA PRO F 64 -28.16 -104.86 -2.23
C PRO F 64 -27.47 -103.59 -2.73
N ALA F 65 -27.66 -103.28 -4.00
CA ALA F 65 -27.07 -102.09 -4.58
C ALA F 65 -27.74 -101.74 -5.86
N PRO F 66 -27.66 -100.48 -6.16
CA PRO F 66 -28.27 -99.95 -7.36
C PRO F 66 -27.65 -100.58 -8.60
N GLU F 67 -26.32 -100.62 -8.59
CA GLU F 67 -25.54 -101.18 -9.66
C GLU F 67 -26.00 -102.61 -10.03
N ALA F 68 -26.47 -103.35 -9.06
CA ALA F 68 -26.96 -104.67 -9.36
C ALA F 68 -28.31 -104.68 -10.06
N VAL F 69 -28.85 -103.56 -10.44
CA VAL F 69 -30.12 -103.68 -11.12
C VAL F 69 -29.98 -104.03 -12.60
N PRO F 70 -31.02 -104.66 -13.14
CA PRO F 70 -31.05 -105.15 -14.51
C PRO F 70 -31.92 -104.33 -15.42
N GLU F 71 -31.25 -103.95 -16.49
CA GLU F 71 -31.79 -103.13 -17.50
C GLU F 71 -33.15 -103.58 -17.95
N SER F 72 -33.29 -104.87 -17.92
CA SER F 72 -34.54 -105.49 -18.26
C SER F 72 -35.65 -104.88 -17.46
N TRP F 73 -35.30 -104.61 -16.19
CA TRP F 73 -36.20 -104.09 -15.23
C TRP F 73 -37.01 -102.95 -15.81
N LEU F 74 -36.31 -102.17 -16.61
CA LEU F 74 -36.85 -100.98 -17.24
C LEU F 74 -37.97 -101.30 -18.18
N GLU F 75 -37.72 -102.40 -18.85
CA GLU F 75 -38.63 -102.89 -19.85
C GLU F 75 -39.62 -103.85 -19.29
N CYS F 76 -39.06 -104.82 -18.60
CA CYS F 76 -39.89 -105.86 -18.14
C CYS F 76 -39.84 -106.07 -16.68
N ASP F 77 -41.03 -106.43 -16.20
CA ASP F 77 -41.21 -106.77 -14.81
C ASP F 77 -40.37 -107.97 -14.47
N LEU F 78 -40.02 -108.14 -13.22
CA LEU F 78 -39.21 -109.29 -12.98
C LEU F 78 -40.00 -110.53 -12.66
N PRO F 79 -39.29 -111.61 -12.76
CA PRO F 79 -39.85 -112.91 -12.51
C PRO F 79 -39.91 -113.12 -11.01
N GLU F 80 -38.76 -112.76 -10.42
CA GLU F 80 -38.55 -112.86 -8.99
C GLU F 80 -39.17 -111.70 -8.23
N ALA F 81 -39.89 -110.85 -8.95
CA ALA F 81 -40.55 -109.76 -8.31
C ALA F 81 -41.67 -110.27 -7.45
N ASP F 82 -41.95 -109.55 -6.35
CA ASP F 82 -43.03 -109.91 -5.47
C ASP F 82 -44.14 -108.92 -5.60
N THR F 83 -45.28 -109.31 -5.15
CA THR F 83 -46.34 -108.37 -5.21
C THR F 83 -46.49 -107.79 -3.84
N VAL F 84 -46.47 -106.46 -3.77
CA VAL F 84 -46.52 -105.73 -2.51
C VAL F 84 -47.53 -104.62 -2.49
N VAL F 85 -47.89 -104.26 -1.28
CA VAL F 85 -48.78 -103.15 -1.10
C VAL F 85 -48.03 -101.87 -0.84
N VAL F 86 -48.52 -100.85 -1.51
CA VAL F 86 -47.97 -99.55 -1.40
C VAL F 86 -49.09 -98.61 -0.98
N PRO F 87 -48.78 -97.70 -0.04
CA PRO F 87 -47.43 -97.47 0.48
C PRO F 87 -47.01 -98.39 1.59
N SER F 88 -45.68 -98.43 1.77
CA SER F 88 -45.13 -99.29 2.79
C SER F 88 -43.63 -99.15 3.01
N ASN F 89 -43.15 -99.79 4.09
CA ASN F 89 -41.73 -99.79 4.37
C ASN F 89 -41.18 -101.16 4.13
N TRP F 90 -40.27 -101.19 3.22
CA TRP F 90 -39.76 -102.47 2.89
C TRP F 90 -39.19 -103.30 4.02
N GLN F 91 -38.62 -102.65 5.02
CA GLN F 91 -38.09 -103.39 6.16
C GLN F 91 -39.23 -104.09 6.85
N MET F 92 -40.42 -103.53 6.67
CA MET F 92 -41.58 -104.12 7.31
C MET F 92 -42.01 -105.39 6.63
N HIS F 93 -41.39 -105.69 5.50
CA HIS F 93 -41.72 -106.86 4.74
C HIS F 93 -40.61 -107.87 4.76
N GLY F 94 -39.69 -107.65 5.64
CA GLY F 94 -38.58 -108.54 5.79
C GLY F 94 -37.49 -108.33 4.78
N TYR F 95 -37.61 -107.34 3.90
CA TYR F 95 -36.53 -107.21 2.95
C TYR F 95 -35.13 -106.98 3.48
N ASP F 96 -35.06 -106.18 4.53
CA ASP F 96 -33.83 -105.89 5.25
C ASP F 96 -34.26 -105.40 6.60
N ALA F 97 -33.26 -105.08 7.41
CA ALA F 97 -33.54 -104.63 8.76
C ALA F 97 -33.76 -103.15 8.94
N PRO F 98 -34.61 -102.87 9.90
CA PRO F 98 -34.86 -101.51 10.30
C PRO F 98 -33.79 -101.25 11.33
N ILE F 99 -33.29 -100.04 11.32
CA ILE F 99 -32.28 -99.70 12.28
C ILE F 99 -32.73 -98.68 13.30
N TYR F 100 -32.24 -98.92 14.50
CA TYR F 100 -32.52 -98.03 15.56
C TYR F 100 -31.29 -97.47 16.26
N THR F 101 -30.86 -96.30 15.78
CA THR F 101 -29.85 -95.46 16.39
C THR F 101 -30.53 -94.12 16.60
N ASN F 102 -29.94 -93.34 17.49
CA ASN F 102 -30.43 -92.03 17.85
C ASN F 102 -29.58 -90.90 17.27
N VAL F 103 -28.35 -90.86 17.73
CA VAL F 103 -27.45 -89.82 17.30
C VAL F 103 -26.55 -90.26 16.18
N THR F 104 -25.88 -91.37 16.46
CA THR F 104 -24.96 -91.95 15.55
C THR F 104 -25.59 -92.32 14.22
N TYR F 105 -24.95 -91.86 13.17
CA TYR F 105 -25.44 -92.15 11.85
C TYR F 105 -25.36 -93.65 11.57
N PRO F 106 -26.39 -94.11 10.90
CA PRO F 106 -26.48 -95.50 10.52
C PRO F 106 -25.35 -95.85 9.56
N ILE F 107 -24.87 -94.87 8.82
CA ILE F 107 -23.80 -95.16 7.91
C ILE F 107 -22.56 -94.42 8.31
N THR F 108 -21.50 -94.69 7.58
CA THR F 108 -20.25 -94.04 7.88
C THR F 108 -20.29 -92.59 7.50
N VAL F 109 -19.67 -91.81 8.36
CA VAL F 109 -19.69 -90.39 8.11
C VAL F 109 -18.68 -89.88 7.12
N ASN F 110 -19.14 -89.67 5.91
CA ASN F 110 -18.27 -89.18 4.90
C ASN F 110 -19.00 -88.50 3.79
N PRO F 111 -19.65 -87.46 4.19
CA PRO F 111 -20.41 -86.68 3.28
C PRO F 111 -19.49 -86.23 2.16
N PRO F 112 -20.09 -86.25 0.99
CA PRO F 112 -21.49 -86.58 0.87
C PRO F 112 -21.66 -87.99 0.40
N PHE F 113 -20.74 -88.81 0.82
CA PHE F 113 -20.76 -90.18 0.42
C PHE F 113 -21.56 -91.09 1.27
N VAL F 114 -22.27 -91.91 0.53
CA VAL F 114 -23.10 -92.98 0.99
C VAL F 114 -22.32 -94.28 0.75
N PRO F 115 -22.70 -95.37 1.38
CA PRO F 115 -22.01 -96.64 1.22
C PRO F 115 -22.40 -97.39 -0.04
N THR F 116 -21.37 -97.96 -0.66
CA THR F 116 -21.46 -98.71 -1.91
C THR F 116 -22.61 -99.72 -1.91
N GLU F 117 -22.80 -100.35 -0.76
CA GLU F 117 -23.88 -101.28 -0.61
C GLU F 117 -25.07 -100.50 -0.14
N ASN F 118 -25.87 -100.12 -1.08
CA ASN F 118 -26.96 -99.34 -0.70
C ASN F 118 -28.21 -99.95 -1.27
N PRO F 119 -28.90 -100.50 -0.36
CA PRO F 119 -30.13 -101.20 -0.59
C PRO F 119 -31.07 -100.49 -1.50
N THR F 120 -31.35 -101.11 -2.63
CA THR F 120 -32.24 -100.56 -3.59
C THR F 120 -33.57 -101.27 -3.69
N GLY F 121 -34.63 -100.52 -3.82
CA GLY F 121 -35.95 -101.13 -3.92
C GLY F 121 -36.59 -100.78 -5.23
N CYS F 122 -36.78 -101.78 -6.10
CA CYS F 122 -37.38 -101.52 -7.38
C CYS F 122 -38.85 -101.76 -7.35
N TYR F 123 -39.55 -100.66 -7.45
CA TYR F 123 -40.98 -100.70 -7.44
C TYR F 123 -41.45 -100.49 -8.84
N SER F 124 -42.55 -101.16 -9.17
CA SER F 124 -43.07 -101.06 -10.52
C SER F 124 -44.55 -101.17 -10.56
N LEU F 125 -45.10 -100.47 -11.52
CA LEU F 125 -46.52 -100.53 -11.62
C LEU F 125 -47.07 -100.21 -12.99
N THR F 126 -47.97 -101.11 -13.34
CA THR F 126 -48.61 -101.07 -14.61
C THR F 126 -50.04 -100.63 -14.46
N PHE F 127 -50.39 -99.65 -15.24
CA PHE F 127 -51.71 -99.13 -15.12
C PHE F 127 -52.14 -98.50 -16.41
N ASN F 128 -53.45 -98.32 -16.36
CA ASN F 128 -54.20 -97.80 -17.43
C ASN F 128 -54.59 -96.39 -17.24
N VAL F 129 -54.57 -95.68 -18.35
CA VAL F 129 -54.92 -94.29 -18.34
C VAL F 129 -56.06 -94.00 -19.27
N ASP F 130 -57.04 -93.25 -18.79
CA ASP F 130 -58.09 -92.87 -19.69
C ASP F 130 -57.43 -91.99 -20.74
N GLU F 131 -57.90 -92.07 -21.96
CA GLU F 131 -57.26 -91.26 -22.96
C GLU F 131 -57.77 -89.85 -22.97
N SER F 132 -58.98 -89.67 -22.48
CA SER F 132 -59.50 -88.34 -22.45
C SER F 132 -58.45 -87.42 -21.79
N TRP F 133 -57.81 -87.99 -20.78
CA TRP F 133 -56.76 -87.31 -20.06
C TRP F 133 -55.59 -87.09 -20.97
N LEU F 134 -55.44 -88.04 -21.84
CA LEU F 134 -54.34 -88.00 -22.75
C LEU F 134 -54.55 -86.96 -23.82
N GLN F 135 -55.80 -86.61 -24.04
CA GLN F 135 -56.08 -85.63 -25.05
C GLN F 135 -55.66 -84.25 -24.63
N GLU F 136 -56.41 -83.72 -23.69
CA GLU F 136 -56.14 -82.39 -23.20
C GLU F 136 -55.60 -82.35 -21.77
N GLY F 137 -55.16 -81.17 -21.36
CA GLY F 137 -54.66 -80.94 -20.02
C GLY F 137 -53.31 -81.53 -19.71
N GLN F 138 -53.06 -81.57 -18.40
CA GLN F 138 -51.81 -82.06 -17.88
C GLN F 138 -51.96 -83.09 -16.80
N THR F 139 -51.09 -84.06 -16.98
CA THR F 139 -51.08 -85.15 -16.09
C THR F 139 -49.76 -85.37 -15.40
N ARG F 140 -49.90 -85.33 -14.09
CA ARG F 140 -48.75 -85.52 -13.28
C ARG F 140 -48.97 -86.50 -12.16
N ILE F 141 -47.81 -86.99 -11.77
CA ILE F 141 -47.77 -87.92 -10.72
C ILE F 141 -47.22 -87.30 -9.45
N ILE F 142 -47.70 -87.85 -8.35
CA ILE F 142 -47.30 -87.35 -7.06
C ILE F 142 -46.98 -88.37 -6.01
N PHE F 143 -45.75 -88.25 -5.55
CA PHE F 143 -45.26 -89.07 -4.47
C PHE F 143 -45.28 -88.33 -3.16
N ASP F 144 -46.20 -88.70 -2.31
CA ASP F 144 -46.28 -88.03 -1.03
C ASP F 144 -45.12 -88.29 -0.13
N GLY F 145 -44.40 -89.39 -0.35
CA GLY F 145 -43.26 -89.69 0.48
C GLY F 145 -42.52 -90.96 0.08
N VAL F 146 -41.22 -90.74 -0.21
CA VAL F 146 -40.27 -91.76 -0.63
C VAL F 146 -38.94 -91.57 0.08
N ASN F 147 -38.54 -92.56 0.81
CA ASN F 147 -37.33 -92.44 1.58
C ASN F 147 -36.27 -93.42 1.12
N SER F 148 -35.06 -92.92 0.83
CA SER F 148 -34.70 -91.52 1.00
C SER F 148 -34.61 -90.75 -0.30
N ALA F 149 -34.11 -91.39 -1.35
CA ALA F 149 -33.95 -90.79 -2.67
C ALA F 149 -34.47 -91.71 -3.77
N PHE F 150 -34.67 -91.18 -4.97
CA PHE F 150 -35.13 -92.06 -6.03
C PHE F 150 -35.19 -91.46 -7.42
N HIS F 151 -35.08 -92.40 -8.38
CA HIS F 151 -35.13 -92.17 -9.83
C HIS F 151 -36.43 -92.66 -10.40
N LEU F 152 -36.84 -92.05 -11.47
CA LEU F 152 -38.12 -92.49 -11.95
C LEU F 152 -38.22 -92.64 -13.47
N TRP F 153 -38.93 -93.72 -13.86
CA TRP F 153 -39.18 -94.02 -15.26
C TRP F 153 -40.61 -94.31 -15.55
N CYS F 154 -40.97 -93.91 -16.74
CA CYS F 154 -42.32 -94.13 -17.19
C CYS F 154 -42.30 -94.60 -18.62
N ASN F 155 -42.91 -95.78 -18.77
CA ASN F 155 -42.99 -96.44 -20.05
C ASN F 155 -41.57 -96.52 -20.61
N GLY F 156 -40.62 -96.91 -19.78
CA GLY F 156 -39.25 -97.10 -20.22
C GLY F 156 -38.41 -95.85 -20.28
N ARG F 157 -39.11 -94.73 -20.14
CA ARG F 157 -38.42 -93.47 -20.21
C ARG F 157 -38.05 -92.86 -18.85
N TRP F 158 -36.79 -92.38 -18.79
CA TRP F 158 -36.30 -91.74 -17.59
C TRP F 158 -37.00 -90.43 -17.35
N VAL F 159 -37.43 -90.20 -16.13
CA VAL F 159 -38.19 -88.99 -15.87
C VAL F 159 -37.57 -87.99 -14.95
N GLY F 160 -37.21 -88.41 -13.77
CA GLY F 160 -36.65 -87.48 -12.84
C GLY F 160 -36.07 -88.16 -11.64
N TYR F 161 -35.66 -87.28 -10.73
CA TYR F 161 -35.03 -87.67 -9.50
C TYR F 161 -35.51 -86.78 -8.40
N GLY F 162 -35.43 -87.27 -7.16
CA GLY F 162 -35.89 -86.51 -5.99
C GLY F 162 -35.22 -86.87 -4.64
N GLN F 163 -35.10 -85.87 -3.76
CA GLN F 163 -34.55 -86.04 -2.40
C GLN F 163 -35.54 -85.46 -1.38
N ASP F 164 -35.34 -85.75 -0.08
CA ASP F 164 -36.19 -85.31 1.00
C ASP F 164 -37.36 -86.25 1.21
N SER F 165 -37.13 -87.18 2.11
CA SER F 165 -38.16 -88.16 2.39
C SER F 165 -39.46 -87.65 2.90
N ARG F 166 -39.53 -86.41 3.40
CA ARG F 166 -40.79 -86.02 3.98
C ARG F 166 -41.72 -85.13 3.21
N LEU F 167 -41.31 -84.67 2.05
CA LEU F 167 -42.21 -83.86 1.25
C LEU F 167 -42.49 -84.49 -0.10
N PRO F 168 -43.57 -84.07 -0.70
CA PRO F 168 -44.04 -84.55 -1.98
C PRO F 168 -43.11 -84.25 -3.11
N SER F 169 -43.19 -85.13 -4.11
CA SER F 169 -42.44 -84.99 -5.33
C SER F 169 -43.39 -85.08 -6.50
N GLU F 170 -43.33 -84.09 -7.35
CA GLU F 170 -44.23 -84.11 -8.47
C GLU F 170 -43.54 -84.03 -9.79
N PHE F 171 -44.14 -84.83 -10.69
CA PHE F 171 -43.72 -84.86 -12.05
C PHE F 171 -44.88 -84.94 -13.04
N ASP F 172 -44.59 -84.24 -14.13
CA ASP F 172 -45.44 -84.14 -15.31
C ASP F 172 -45.16 -85.33 -16.18
N LEU F 173 -46.19 -86.16 -16.31
CA LEU F 173 -46.09 -87.37 -17.08
C LEU F 173 -46.57 -87.26 -18.52
N SER F 174 -47.33 -86.17 -18.69
CA SER F 174 -47.97 -85.77 -19.90
C SER F 174 -47.30 -86.27 -21.17
N ALA F 175 -45.99 -86.14 -21.23
CA ALA F 175 -45.29 -86.60 -22.41
C ALA F 175 -44.89 -88.06 -22.41
N PHE F 176 -45.21 -88.86 -21.38
CA PHE F 176 -44.77 -90.23 -21.43
C PHE F 176 -45.90 -91.20 -21.42
N LEU F 177 -47.06 -90.63 -21.36
CA LEU F 177 -48.16 -91.52 -21.31
C LEU F 177 -48.69 -91.93 -22.65
N ARG F 178 -49.09 -93.20 -22.68
CA ARG F 178 -49.70 -93.84 -23.82
C ARG F 178 -51.10 -94.14 -23.38
N ALA F 179 -52.00 -94.27 -24.33
CA ALA F 179 -53.32 -94.63 -23.89
C ALA F 179 -53.28 -96.10 -23.48
N GLY F 180 -54.13 -96.40 -22.53
CA GLY F 180 -54.19 -97.74 -22.01
C GLY F 180 -53.08 -98.03 -21.01
N GLU F 181 -52.34 -99.06 -21.34
CA GLU F 181 -51.32 -99.56 -20.47
C GLU F 181 -50.03 -98.81 -20.37
N ASN F 182 -49.70 -98.44 -19.12
CA ASN F 182 -48.45 -97.80 -18.85
C ASN F 182 -47.79 -98.47 -17.69
N ARG F 183 -46.48 -98.27 -17.66
CA ARG F 183 -45.68 -98.85 -16.61
C ARG F 183 -44.69 -97.86 -16.00
N LEU F 184 -44.75 -97.84 -14.65
CA LEU F 184 -43.86 -97.05 -13.83
C LEU F 184 -42.75 -97.85 -13.23
N ALA F 185 -41.56 -97.28 -13.27
CA ALA F 185 -40.43 -97.93 -12.62
C ALA F 185 -39.67 -96.96 -11.77
N VAL F 186 -39.82 -97.22 -10.48
CA VAL F 186 -39.24 -96.42 -9.44
C VAL F 186 -38.15 -97.10 -8.70
N MET F 187 -37.00 -96.54 -8.82
CA MET F 187 -35.91 -97.10 -8.11
C MET F 187 -35.63 -96.23 -6.91
N VAL F 188 -35.82 -96.79 -5.72
CA VAL F 188 -35.67 -96.11 -4.45
C VAL F 188 -34.40 -96.47 -3.69
N LEU F 189 -33.73 -95.49 -3.07
CA LEU F 189 -32.51 -95.84 -2.33
C LEU F 189 -32.47 -95.51 -0.86
N ARG F 190 -31.87 -96.40 -0.10
CA ARG F 190 -31.77 -96.20 1.33
C ARG F 190 -30.95 -94.99 1.62
N TRP F 191 -29.68 -95.06 1.33
CA TRP F 191 -28.85 -93.91 1.57
C TRP F 191 -28.75 -92.97 0.40
N SER F 192 -28.54 -91.69 0.70
CA SER F 192 -28.36 -90.61 -0.26
C SER F 192 -27.71 -89.46 0.46
N ASP F 193 -27.33 -88.43 -0.24
CA ASP F 193 -26.76 -87.31 0.49
C ASP F 193 -27.79 -86.76 1.48
N GLY F 194 -29.09 -86.85 1.11
CA GLY F 194 -30.24 -86.43 1.95
C GLY F 194 -30.19 -87.03 3.33
N SER F 195 -29.66 -88.21 3.39
CA SER F 195 -29.55 -88.91 4.64
C SER F 195 -28.75 -88.09 5.62
N TYR F 196 -27.71 -87.43 5.15
CA TYR F 196 -26.95 -86.64 6.07
C TYR F 196 -27.83 -85.59 6.79
N LEU F 197 -28.97 -85.23 6.20
CA LEU F 197 -29.86 -84.26 6.80
C LEU F 197 -31.03 -84.91 7.43
N GLU F 198 -30.94 -86.21 7.61
CA GLU F 198 -32.10 -86.86 8.21
C GLU F 198 -31.72 -87.76 9.37
N ASP F 199 -30.95 -87.23 10.31
CA ASP F 199 -30.50 -88.04 11.41
C ASP F 199 -31.42 -88.12 12.61
N GLN F 200 -32.73 -88.03 12.41
CA GLN F 200 -33.65 -88.12 13.55
C GLN F 200 -33.53 -89.39 14.36
N ASP F 201 -33.65 -89.26 15.71
CA ASP F 201 -33.63 -90.43 16.58
C ASP F 201 -34.96 -91.16 16.45
N MET F 202 -34.97 -92.06 15.47
CA MET F 202 -36.10 -92.88 15.12
C MET F 202 -35.59 -94.10 14.39
N TRP F 203 -36.52 -94.97 14.02
CA TRP F 203 -36.16 -96.14 13.28
C TRP F 203 -35.80 -95.69 11.89
N ARG F 204 -34.72 -96.26 11.38
CA ARG F 204 -34.30 -95.94 10.04
C ARG F 204 -34.89 -96.97 9.09
N MET F 205 -35.81 -96.53 8.27
CA MET F 205 -36.47 -97.38 7.33
C MET F 205 -36.37 -96.84 5.91
N SER F 206 -37.21 -97.34 5.00
CA SER F 206 -37.21 -96.90 3.59
C SER F 206 -38.33 -97.44 2.76
N GLY F 207 -38.52 -96.77 1.62
CA GLY F 207 -39.55 -97.17 0.68
C GLY F 207 -40.52 -96.08 0.31
N ILE F 208 -41.63 -96.51 -0.29
CA ILE F 208 -42.67 -95.59 -0.68
C ILE F 208 -43.73 -95.71 0.36
N PHE F 209 -43.54 -94.88 1.36
CA PHE F 209 -44.35 -94.94 2.53
C PHE F 209 -45.48 -93.97 2.59
N ARG F 210 -45.63 -93.20 1.53
CA ARG F 210 -46.76 -92.31 1.51
C ARG F 210 -47.46 -92.46 0.18
N ASP F 211 -48.69 -91.99 0.14
CA ASP F 211 -49.51 -92.06 -1.04
C ASP F 211 -48.86 -91.68 -2.35
N VAL F 212 -49.46 -92.27 -3.40
CA VAL F 212 -49.10 -92.06 -4.80
C VAL F 212 -50.34 -91.75 -5.58
N SER F 213 -50.23 -90.68 -6.40
CA SER F 213 -51.39 -90.27 -7.13
C SER F 213 -51.16 -89.62 -8.45
N LEU F 214 -52.29 -89.44 -9.11
CA LEU F 214 -52.30 -88.82 -10.39
C LEU F 214 -53.26 -87.69 -10.40
N LEU F 215 -52.72 -86.65 -10.98
CA LEU F 215 -53.50 -85.47 -11.08
C LEU F 215 -53.59 -84.94 -12.47
N HIS F 216 -54.85 -84.70 -12.82
CA HIS F 216 -55.20 -84.19 -14.11
C HIS F 216 -55.59 -82.75 -14.01
N LYS F 217 -54.76 -81.91 -14.63
CA LYS F 217 -55.05 -80.51 -14.60
C LYS F 217 -55.10 -79.91 -15.97
N PRO F 218 -55.94 -78.88 -16.10
CA PRO F 218 -56.10 -78.12 -17.33
C PRO F 218 -54.77 -77.49 -17.69
N THR F 219 -54.59 -77.20 -18.96
CA THR F 219 -53.33 -76.59 -19.40
C THR F 219 -53.14 -75.19 -18.84
N THR F 220 -54.28 -74.54 -18.74
CA THR F 220 -54.33 -73.25 -18.16
C THR F 220 -54.99 -73.46 -16.81
N GLN F 221 -54.20 -73.33 -15.75
CA GLN F 221 -54.69 -73.65 -14.43
C GLN F 221 -54.15 -72.77 -13.32
N ILE F 222 -54.76 -73.01 -12.17
CA ILE F 222 -54.36 -72.40 -10.93
C ILE F 222 -53.07 -73.05 -10.49
N SER F 223 -52.02 -72.27 -10.40
CA SER F 223 -50.75 -72.85 -10.04
C SER F 223 -50.44 -72.76 -8.55
N ASP F 224 -51.11 -71.82 -7.87
CA ASP F 224 -50.85 -71.61 -6.46
C ASP F 224 -51.72 -70.54 -5.87
N PHE F 225 -51.96 -70.64 -4.57
CA PHE F 225 -52.73 -69.62 -3.92
C PHE F 225 -52.45 -69.53 -2.44
N HIS F 226 -52.59 -68.33 -1.87
CA HIS F 226 -52.39 -68.10 -0.46
C HIS F 226 -53.49 -67.31 0.12
N VAL F 227 -53.72 -67.60 1.37
CA VAL F 227 -54.73 -66.95 2.13
C VAL F 227 -54.17 -66.25 3.32
N ALA F 228 -54.80 -65.12 3.68
CA ALA F 228 -54.38 -64.34 4.83
C ALA F 228 -55.51 -63.59 5.46
N THR F 229 -55.48 -63.52 6.79
CA THR F 229 -56.49 -62.79 7.51
C THR F 229 -55.96 -61.63 8.32
N ARG F 230 -56.67 -60.55 8.25
CA ARG F 230 -56.25 -59.40 8.99
C ARG F 230 -57.38 -58.91 9.85
N PHE F 231 -57.10 -58.35 11.03
CA PHE F 231 -58.23 -57.91 11.86
C PHE F 231 -58.14 -56.50 12.36
N ASN F 232 -59.25 -56.05 12.91
CA ASN F 232 -59.28 -54.77 13.55
C ASN F 232 -58.89 -55.02 14.99
N ASP F 233 -58.54 -53.98 15.68
CA ASP F 233 -58.12 -54.11 17.06
C ASP F 233 -58.97 -55.02 17.93
N ASP F 234 -60.23 -55.23 17.59
CA ASP F 234 -61.00 -56.07 18.48
C ASP F 234 -61.50 -57.33 17.82
N PHE F 235 -61.03 -57.57 16.62
CA PHE F 235 -61.46 -58.75 15.92
C PHE F 235 -62.91 -58.68 15.58
N SER F 236 -63.44 -57.49 15.48
CA SER F 236 -64.83 -57.43 15.11
C SER F 236 -64.98 -57.46 13.60
N ARG F 237 -63.86 -57.28 12.91
CA ARG F 237 -63.83 -57.29 11.46
C ARG F 237 -62.52 -57.78 10.91
N ALA F 238 -62.64 -58.59 9.88
CA ALA F 238 -61.48 -59.14 9.24
C ALA F 238 -61.41 -58.93 7.75
N VAL F 239 -60.23 -59.21 7.26
CA VAL F 239 -60.06 -59.16 5.87
C VAL F 239 -59.42 -60.40 5.36
N LEU F 240 -60.14 -61.07 4.50
CA LEU F 240 -59.59 -62.22 3.92
C LEU F 240 -58.87 -61.79 2.66
N GLU F 241 -57.62 -62.13 2.58
CA GLU F 241 -56.93 -61.72 1.42
C GLU F 241 -56.30 -62.90 0.75
N ALA F 242 -56.65 -63.09 -0.54
CA ALA F 242 -56.19 -64.23 -1.31
C ALA F 242 -55.41 -63.87 -2.54
N GLU F 243 -54.31 -64.57 -2.68
CA GLU F 243 -53.52 -64.33 -3.83
C GLU F 243 -53.47 -65.57 -4.63
N VAL F 244 -53.74 -65.38 -5.91
CA VAL F 244 -53.77 -66.48 -6.81
C VAL F 244 -52.85 -66.36 -7.98
N GLN F 245 -52.25 -67.48 -8.27
CA GLN F 245 -51.37 -67.53 -9.40
C GLN F 245 -51.82 -68.59 -10.35
N MET F 246 -51.62 -68.27 -11.64
CA MET F 246 -51.99 -69.18 -12.69
C MET F 246 -50.82 -69.54 -13.57
N CYS F 247 -51.00 -70.65 -14.22
CA CYS F 247 -50.06 -71.18 -15.15
C CYS F 247 -50.82 -71.39 -16.41
N GLY F 248 -50.18 -71.14 -17.55
CA GLY F 248 -50.87 -71.37 -18.79
C GLY F 248 -50.91 -70.22 -19.79
N GLU F 249 -51.98 -70.23 -20.55
CA GLU F 249 -52.19 -69.24 -21.57
C GLU F 249 -52.95 -68.07 -21.07
N LEU F 250 -52.25 -66.97 -20.95
CA LEU F 250 -52.91 -65.80 -20.46
C LEU F 250 -53.83 -65.18 -21.47
N ARG F 251 -55.06 -64.93 -21.05
CA ARG F 251 -56.08 -64.34 -21.88
C ARG F 251 -56.96 -63.44 -21.08
N ASP F 252 -57.34 -62.37 -21.69
CA ASP F 252 -58.17 -61.38 -21.05
C ASP F 252 -59.58 -61.82 -20.65
N TYR F 253 -60.01 -63.00 -21.00
CA TYR F 253 -61.36 -63.32 -20.59
C TYR F 253 -61.35 -64.16 -19.33
N LEU F 254 -60.13 -64.34 -18.83
CA LEU F 254 -59.96 -65.11 -17.63
C LEU F 254 -60.35 -64.34 -16.43
N ARG F 255 -60.94 -65.06 -15.52
CA ARG F 255 -61.36 -64.51 -14.28
C ARG F 255 -61.12 -65.44 -13.11
N VAL F 256 -61.21 -64.83 -11.93
CA VAL F 256 -61.04 -65.56 -10.72
C VAL F 256 -62.07 -65.15 -9.73
N THR F 257 -62.61 -66.16 -9.11
CA THR F 257 -63.59 -65.89 -8.12
C THR F 257 -63.31 -66.64 -6.86
N VAL F 258 -63.41 -65.88 -5.79
CA VAL F 258 -63.15 -66.40 -4.52
C VAL F 258 -64.32 -66.15 -3.66
N SER F 259 -64.80 -67.25 -3.11
CA SER F 259 -65.97 -67.22 -2.30
C SER F 259 -65.74 -67.87 -0.97
N LEU F 260 -66.36 -67.22 -0.02
CA LEU F 260 -66.24 -67.67 1.30
C LEU F 260 -67.53 -68.20 1.78
N TRP F 261 -67.41 -69.34 2.39
CA TRP F 261 -68.56 -70.01 2.89
C TRP F 261 -68.50 -70.42 4.33
N GLN F 262 -69.67 -70.29 4.89
CA GLN F 262 -69.94 -70.66 6.24
C GLN F 262 -70.93 -71.80 6.19
N GLY F 263 -70.37 -72.94 5.92
CA GLY F 263 -71.20 -74.08 5.78
C GLY F 263 -72.06 -73.90 4.55
N GLU F 264 -73.33 -73.68 4.81
CA GLU F 264 -74.28 -73.54 3.74
C GLU F 264 -74.31 -72.17 3.15
N THR F 265 -73.96 -71.23 3.99
CA THR F 265 -74.01 -69.89 3.59
C THR F 265 -72.78 -69.31 2.95
N GLN F 266 -73.06 -68.55 1.94
CA GLN F 266 -71.99 -67.88 1.30
C GLN F 266 -71.87 -66.52 1.93
N VAL F 267 -70.71 -66.31 2.50
CA VAL F 267 -70.41 -65.12 3.26
C VAL F 267 -69.81 -63.99 2.47
N ALA F 268 -69.06 -64.35 1.45
CA ALA F 268 -68.44 -63.35 0.64
C ALA F 268 -67.86 -63.91 -0.60
N SER F 269 -67.88 -63.05 -1.59
CA SER F 269 -67.35 -63.41 -2.86
C SER F 269 -66.66 -62.25 -3.50
N GLY F 270 -65.80 -62.59 -4.43
CA GLY F 270 -65.06 -61.59 -5.15
C GLY F 270 -64.60 -62.15 -6.46
N THR F 271 -64.66 -61.29 -7.47
CA THR F 271 -64.24 -61.73 -8.77
C THR F 271 -63.34 -60.74 -9.42
N ALA F 272 -62.38 -61.26 -10.17
CA ALA F 272 -61.48 -60.38 -10.88
C ALA F 272 -60.65 -61.08 -11.90
N PRO F 273 -60.02 -60.26 -12.68
CA PRO F 273 -59.16 -60.66 -13.77
C PRO F 273 -57.73 -60.57 -13.32
N PHE F 274 -56.88 -61.31 -13.99
CA PHE F 274 -55.48 -61.31 -13.64
C PHE F 274 -54.81 -59.99 -13.78
N GLY F 275 -53.67 -59.87 -13.14
CA GLY F 275 -52.91 -58.65 -13.17
C GLY F 275 -52.92 -57.97 -11.82
N GLY F 276 -51.70 -57.86 -11.27
CA GLY F 276 -51.43 -57.27 -9.95
C GLY F 276 -51.07 -55.78 -9.97
N GLU F 277 -50.79 -55.27 -8.77
CA GLU F 277 -50.41 -53.89 -8.64
C GLU F 277 -48.94 -53.81 -8.96
N ILE F 278 -48.49 -52.61 -9.27
CA ILE F 278 -47.12 -52.42 -9.60
C ILE F 278 -46.27 -52.78 -8.45
N ILE F 279 -45.17 -53.45 -8.71
CA ILE F 279 -44.35 -53.80 -7.60
C ILE F 279 -43.00 -53.17 -7.73
N ASP F 280 -42.57 -52.91 -8.95
CA ASP F 280 -41.27 -52.32 -9.05
C ASP F 280 -41.17 -51.58 -10.33
N GLU F 281 -39.95 -51.21 -10.66
CA GLU F 281 -39.77 -50.46 -11.89
C GLU F 281 -40.28 -51.15 -13.17
N ARG F 282 -40.36 -52.50 -13.18
CA ARG F 282 -40.83 -53.21 -14.37
C ARG F 282 -42.30 -53.46 -14.41
N GLY F 283 -43.03 -53.22 -13.33
CA GLY F 283 -44.46 -53.44 -13.32
C GLY F 283 -44.86 -54.39 -12.22
N GLY F 284 -45.86 -55.22 -12.54
CA GLY F 284 -46.39 -56.24 -11.65
C GLY F 284 -46.48 -57.65 -12.25
N TYR F 285 -47.28 -58.51 -11.61
CA TYR F 285 -47.51 -59.87 -12.04
C TYR F 285 -48.80 -59.90 -12.83
N ALA F 286 -48.64 -60.17 -14.09
CA ALA F 286 -49.75 -60.26 -15.00
C ALA F 286 -50.56 -61.50 -14.75
N ASP F 287 -49.83 -62.49 -14.27
CA ASP F 287 -50.35 -63.79 -13.99
C ASP F 287 -50.67 -63.98 -12.54
N ARG F 288 -51.02 -62.92 -11.85
CA ARG F 288 -51.43 -63.12 -10.48
C ARG F 288 -52.56 -62.20 -10.21
N VAL F 289 -53.22 -62.45 -9.12
CA VAL F 289 -54.31 -61.59 -8.74
C VAL F 289 -54.59 -61.74 -7.25
N THR F 290 -55.00 -60.66 -6.63
CA THR F 290 -55.24 -60.72 -5.21
C THR F 290 -56.60 -60.21 -4.82
N LEU F 291 -57.35 -60.99 -4.08
CA LEU F 291 -58.64 -60.48 -3.71
C LEU F 291 -58.71 -60.24 -2.25
N ARG F 292 -59.55 -59.29 -1.92
CA ARG F 292 -59.71 -58.96 -0.54
C ARG F 292 -61.16 -59.02 -0.11
N LEU F 293 -61.48 -59.95 0.77
CA LEU F 293 -62.85 -60.07 1.21
C LEU F 293 -63.00 -59.54 2.59
N ASN F 294 -64.05 -58.79 2.78
CA ASN F 294 -64.30 -58.25 4.09
C ASN F 294 -65.24 -59.14 4.83
N VAL F 295 -64.98 -59.32 6.12
CA VAL F 295 -65.85 -60.12 6.92
C VAL F 295 -66.18 -59.50 8.25
N GLU F 296 -67.47 -59.34 8.48
CA GLU F 296 -67.89 -58.77 9.73
C GLU F 296 -68.08 -59.85 10.74
N ASN F 297 -67.69 -59.56 11.98
CA ASN F 297 -67.86 -60.48 13.07
C ASN F 297 -67.53 -61.91 12.72
N PRO F 298 -66.35 -62.08 12.19
CA PRO F 298 -65.91 -63.40 11.83
C PRO F 298 -65.87 -64.27 13.07
N LYS F 299 -65.95 -65.56 12.82
CA LYS F 299 -65.87 -66.55 13.85
C LYS F 299 -64.44 -67.02 13.90
N LEU F 300 -63.86 -66.85 15.07
CA LEU F 300 -62.48 -67.18 15.18
C LEU F 300 -62.14 -68.62 15.39
N TRP F 301 -61.02 -68.99 14.84
CA TRP F 301 -60.59 -70.33 15.00
C TRP F 301 -59.66 -70.46 16.20
N SER F 302 -59.69 -71.58 16.90
CA SER F 302 -58.80 -71.78 18.02
C SER F 302 -58.79 -73.23 18.42
N ALA F 303 -57.80 -73.66 19.20
CA ALA F 303 -57.85 -75.06 19.57
C ALA F 303 -59.09 -75.27 20.41
N GLU F 304 -59.48 -74.23 21.12
CA GLU F 304 -60.69 -74.28 21.93
C GLU F 304 -61.95 -74.44 21.05
N ILE F 305 -62.01 -73.74 19.93
CA ILE F 305 -63.13 -73.80 19.03
C ILE F 305 -62.68 -73.56 17.64
N PRO F 306 -62.50 -74.64 16.97
CA PRO F 306 -61.99 -74.62 15.64
C PRO F 306 -63.00 -74.13 14.63
N ASN F 307 -63.48 -72.93 14.77
CA ASN F 307 -64.40 -72.49 13.77
C ASN F 307 -63.73 -72.43 12.43
N LEU F 308 -64.36 -73.04 11.43
CA LEU F 308 -63.82 -73.00 10.08
C LEU F 308 -64.72 -72.39 9.00
N TYR F 309 -64.09 -71.98 7.92
CA TYR F 309 -64.81 -71.46 6.78
C TYR F 309 -64.27 -72.18 5.58
N ARG F 310 -65.04 -72.14 4.49
CA ARG F 310 -64.55 -72.76 3.30
C ARG F 310 -64.34 -71.76 2.20
N ALA F 311 -63.21 -71.94 1.54
CA ALA F 311 -62.90 -71.01 0.50
C ALA F 311 -62.75 -71.68 -0.83
N VAL F 312 -63.37 -71.01 -1.82
CA VAL F 312 -63.34 -71.49 -3.17
C VAL F 312 -62.79 -70.55 -4.19
N VAL F 313 -61.85 -71.14 -4.87
CA VAL F 313 -61.12 -70.50 -5.91
C VAL F 313 -61.49 -71.08 -7.25
N GLU F 314 -62.22 -70.28 -7.99
CA GLU F 314 -62.65 -70.69 -9.29
C GLU F 314 -62.06 -69.85 -10.36
N LEU F 315 -61.41 -70.59 -11.25
CA LEU F 315 -60.75 -70.10 -12.41
C LEU F 315 -61.69 -70.29 -13.57
N HIS F 316 -62.19 -69.19 -14.09
CA HIS F 316 -63.11 -69.33 -15.17
C HIS F 316 -63.01 -68.20 -16.16
N THR F 317 -63.85 -68.28 -17.18
CA THR F 317 -63.87 -67.27 -18.21
C THR F 317 -64.92 -66.27 -17.88
N ALA F 318 -64.86 -65.17 -18.59
CA ALA F 318 -65.80 -64.10 -18.38
C ALA F 318 -67.23 -64.53 -18.62
N ASP F 319 -67.43 -65.38 -19.64
CA ASP F 319 -68.75 -65.87 -19.98
C ASP F 319 -69.35 -66.61 -18.82
N GLY F 320 -68.50 -67.23 -18.02
CA GLY F 320 -68.99 -67.94 -16.86
C GLY F 320 -68.58 -69.40 -16.90
N THR F 321 -67.83 -69.73 -17.91
CA THR F 321 -67.41 -71.09 -17.98
C THR F 321 -66.27 -71.39 -17.04
N LEU F 322 -66.46 -72.41 -16.22
CA LEU F 322 -65.43 -72.74 -15.28
C LEU F 322 -64.31 -73.58 -15.84
N ILE F 323 -63.08 -73.18 -15.60
CA ILE F 323 -61.96 -73.97 -16.06
C ILE F 323 -61.62 -75.03 -15.00
N GLU F 324 -61.63 -74.61 -13.74
CA GLU F 324 -61.32 -75.51 -12.65
C GLU F 324 -61.48 -74.82 -11.34
N ALA F 325 -61.43 -75.61 -10.30
CA ALA F 325 -61.58 -75.07 -8.96
C ALA F 325 -60.70 -75.72 -7.91
N GLU F 326 -60.38 -74.90 -6.93
CA GLU F 326 -59.60 -75.34 -5.83
C GLU F 326 -60.19 -74.76 -4.59
N ALA F 327 -59.89 -75.42 -3.49
CA ALA F 327 -60.47 -74.92 -2.28
C ALA F 327 -59.65 -75.26 -1.07
N CYS F 328 -60.09 -74.71 0.07
CA CYS F 328 -59.46 -74.96 1.33
C CYS F 328 -60.27 -74.46 2.48
N ASP F 329 -59.95 -75.03 3.64
CA ASP F 329 -60.64 -74.59 4.83
C ASP F 329 -59.93 -73.40 5.39
N VAL F 330 -60.70 -72.48 5.91
CA VAL F 330 -60.09 -71.30 6.41
C VAL F 330 -60.45 -71.04 7.84
N GLY F 331 -59.44 -70.59 8.58
CA GLY F 331 -59.60 -70.28 9.98
C GLY F 331 -59.12 -68.87 10.28
N PHE F 332 -59.99 -68.11 10.92
CA PHE F 332 -59.63 -66.77 11.27
C PHE F 332 -58.93 -66.70 12.60
N ARG F 333 -57.65 -66.37 12.56
CA ARG F 333 -56.88 -66.27 13.78
C ARG F 333 -55.64 -65.50 13.52
N GLU F 334 -55.19 -64.87 14.59
CA GLU F 334 -54.01 -64.08 14.56
C GLU F 334 -53.02 -64.51 15.60
N VAL F 335 -51.81 -64.76 15.13
CA VAL F 335 -50.74 -65.21 15.97
C VAL F 335 -49.70 -64.15 16.06
N ARG F 336 -49.41 -63.71 17.27
CA ARG F 336 -48.37 -62.73 17.36
C ARG F 336 -47.64 -62.65 18.66
N ILE F 337 -46.41 -62.23 18.54
CA ILE F 337 -45.61 -62.06 19.71
C ILE F 337 -45.54 -60.62 20.07
N GLU F 338 -46.03 -60.34 21.24
CA GLU F 338 -45.99 -58.97 21.61
C GLU F 338 -45.56 -58.76 23.02
N ASN F 339 -44.60 -57.90 23.14
CA ASN F 339 -44.10 -57.59 24.44
C ASN F 339 -43.69 -58.80 25.26
N GLY F 340 -43.00 -59.72 24.62
CA GLY F 340 -42.54 -60.91 25.30
C GLY F 340 -43.58 -61.99 25.31
N LEU F 341 -44.75 -61.72 24.74
CA LEU F 341 -45.71 -62.78 24.80
C LEU F 341 -46.25 -63.27 23.51
N LEU F 342 -46.48 -64.56 23.50
CA LEU F 342 -47.03 -65.16 22.36
C LEU F 342 -48.54 -65.11 22.50
N LEU F 343 -49.13 -64.44 21.54
CA LEU F 343 -50.54 -64.27 21.57
C LEU F 343 -51.28 -64.87 20.45
N LEU F 344 -52.45 -65.31 20.84
CA LEU F 344 -53.35 -65.85 19.90
C LEU F 344 -54.67 -65.14 20.00
N ASN F 345 -55.02 -64.54 18.91
CA ASN F 345 -56.24 -63.80 18.86
C ASN F 345 -56.31 -62.88 20.03
N GLY F 346 -55.20 -62.27 20.36
CA GLY F 346 -55.26 -61.33 21.45
C GLY F 346 -54.85 -61.91 22.78
N LYS F 347 -55.05 -63.18 22.99
CA LYS F 347 -54.65 -63.70 24.27
C LYS F 347 -53.38 -64.50 24.17
N PRO F 348 -52.83 -64.65 25.33
CA PRO F 348 -51.59 -65.31 25.58
C PRO F 348 -51.80 -66.74 25.81
N LEU F 349 -51.16 -67.52 25.00
CA LEU F 349 -51.31 -68.92 25.09
C LEU F 349 -50.56 -69.59 26.20
N LEU F 350 -51.02 -70.80 26.45
CA LEU F 350 -50.41 -71.70 27.37
C LEU F 350 -50.39 -73.07 26.71
N ILE F 351 -49.26 -73.37 26.13
CA ILE F 351 -49.10 -74.58 25.39
C ILE F 351 -49.04 -75.84 26.20
N ARG F 352 -50.03 -76.68 26.01
CA ARG F 352 -50.03 -77.98 26.63
C ARG F 352 -49.69 -78.95 25.50
N GLY F 353 -48.40 -78.99 25.16
CA GLY F 353 -48.00 -79.75 24.00
C GLY F 353 -47.26 -81.03 24.20
N VAL F 354 -47.10 -81.67 23.04
CA VAL F 354 -46.39 -82.93 22.97
C VAL F 354 -45.78 -83.09 21.60
N ASN F 355 -44.66 -83.80 21.59
CA ASN F 355 -43.96 -84.09 20.36
C ASN F 355 -44.50 -85.41 19.89
N ARG F 356 -44.61 -85.57 18.59
CA ARG F 356 -45.15 -86.81 18.05
C ARG F 356 -44.55 -87.26 16.75
N HIS F 357 -44.10 -88.49 16.75
CA HIS F 357 -43.58 -89.04 15.51
C HIS F 357 -44.66 -89.79 14.75
N GLU F 358 -44.39 -90.04 13.48
CA GLU F 358 -45.34 -90.81 12.66
C GLU F 358 -44.90 -92.27 12.76
N HIS F 359 -45.53 -93.03 13.68
CA HIS F 359 -45.11 -94.41 13.95
C HIS F 359 -46.23 -95.37 14.30
N HIS F 360 -46.14 -96.52 13.62
CA HIS F 360 -47.07 -97.60 13.73
C HIS F 360 -46.31 -98.89 13.96
N PRO F 361 -46.65 -99.55 15.05
CA PRO F 361 -46.05 -100.80 15.51
C PRO F 361 -46.03 -101.87 14.44
N LEU F 362 -47.03 -101.79 13.54
CA LEU F 362 -47.20 -102.70 12.42
C LEU F 362 -46.79 -102.12 11.10
N HIS F 363 -47.24 -100.92 10.80
CA HIS F 363 -46.90 -100.34 9.53
C HIS F 363 -45.60 -99.63 9.44
N GLY F 364 -44.92 -99.44 10.56
CA GLY F 364 -43.66 -98.73 10.54
C GLY F 364 -43.98 -97.24 10.44
N GLN F 365 -43.42 -96.57 9.43
CA GLN F 365 -43.70 -95.17 9.28
C GLN F 365 -44.88 -94.82 8.42
N VAL F 366 -45.75 -95.77 8.18
CA VAL F 366 -46.90 -95.48 7.34
C VAL F 366 -48.13 -95.06 8.11
N MET F 367 -48.68 -93.91 7.73
CA MET F 367 -49.84 -93.40 8.46
C MET F 367 -51.21 -93.56 7.84
N ASP F 368 -52.25 -93.48 8.66
CA ASP F 368 -53.60 -93.56 8.15
C ASP F 368 -54.59 -92.84 9.01
N GLU F 369 -55.63 -92.41 8.34
CA GLU F 369 -56.70 -91.69 8.98
C GLU F 369 -57.00 -92.18 10.38
N GLN F 370 -57.36 -93.42 10.43
CA GLN F 370 -57.72 -94.04 11.66
C GLN F 370 -56.80 -93.70 12.82
N THR F 371 -55.54 -94.02 12.63
CA THR F 371 -54.54 -93.78 13.65
C THR F 371 -54.51 -92.32 14.07
N MET F 372 -54.29 -91.48 13.06
CA MET F 372 -54.28 -90.07 13.26
C MET F 372 -55.41 -89.67 14.17
N VAL F 373 -56.59 -90.01 13.75
CA VAL F 373 -57.69 -89.64 14.61
C VAL F 373 -57.57 -90.20 16.03
N GLN F 374 -57.11 -91.41 16.13
CA GLN F 374 -57.01 -91.92 17.46
C GLN F 374 -56.18 -90.98 18.31
N ASP F 375 -55.01 -90.69 17.77
CA ASP F 375 -54.13 -89.82 18.46
C ASP F 375 -54.78 -88.52 18.86
N ILE F 376 -55.37 -87.90 17.87
CA ILE F 376 -55.99 -86.65 18.16
C ILE F 376 -56.97 -86.78 19.28
N LEU F 377 -57.85 -87.74 19.17
CA LEU F 377 -58.79 -87.85 20.26
C LEU F 377 -58.17 -88.02 21.60
N LEU F 378 -57.18 -88.87 21.64
CA LEU F 378 -56.53 -89.09 22.91
C LEU F 378 -55.96 -87.82 23.47
N MET F 379 -55.19 -87.16 22.64
CA MET F 379 -54.60 -85.94 23.08
C MET F 379 -55.63 -85.02 23.64
N LYS F 380 -56.61 -84.76 22.81
CA LYS F 380 -57.64 -83.87 23.28
C LYS F 380 -58.21 -84.34 24.57
N GLN F 381 -58.40 -85.61 24.67
CA GLN F 381 -58.95 -86.13 25.89
C GLN F 381 -58.07 -85.97 27.10
N ASN F 382 -56.79 -85.87 26.89
CA ASN F 382 -55.89 -85.71 27.99
C ASN F 382 -55.39 -84.31 28.19
N ASN F 383 -56.17 -83.39 27.74
CA ASN F 383 -55.84 -82.01 27.93
C ASN F 383 -54.65 -81.49 27.16
N PHE F 384 -54.37 -82.03 26.00
CA PHE F 384 -53.30 -81.43 25.23
C PHE F 384 -53.87 -80.43 24.25
N ASN F 385 -53.10 -79.42 23.82
CA ASN F 385 -53.70 -78.51 22.85
C ASN F 385 -52.80 -78.24 21.71
N ALA F 386 -51.66 -78.88 21.74
CA ALA F 386 -50.73 -78.59 20.68
C ALA F 386 -49.81 -79.72 20.42
N VAL F 387 -49.26 -79.72 19.24
CA VAL F 387 -48.35 -80.77 18.92
C VAL F 387 -47.25 -80.28 18.01
N ARG F 388 -46.11 -80.92 18.18
CA ARG F 388 -44.97 -80.60 17.40
C ARG F 388 -44.61 -81.75 16.48
N CYS F 389 -44.47 -81.46 15.21
CA CYS F 389 -44.11 -82.45 14.21
C CYS F 389 -42.65 -82.85 14.27
N SER F 390 -42.30 -83.54 15.32
CA SER F 390 -40.93 -83.94 15.42
C SER F 390 -40.69 -85.04 14.42
N HIS F 391 -39.83 -84.82 13.42
CA HIS F 391 -39.10 -83.60 13.14
C HIS F 391 -39.05 -83.49 11.62
N TYR F 392 -40.21 -83.40 11.02
CA TYR F 392 -40.36 -83.35 9.59
C TYR F 392 -41.80 -83.11 9.37
N PRO F 393 -42.09 -82.74 8.16
CA PRO F 393 -43.44 -82.44 7.79
C PRO F 393 -44.27 -83.70 7.82
N ASN F 394 -45.50 -83.55 8.20
CA ASN F 394 -46.31 -84.73 8.29
C ASN F 394 -47.18 -85.00 7.09
N HIS F 395 -47.83 -86.12 7.20
CA HIS F 395 -48.79 -86.51 6.25
C HIS F 395 -49.89 -85.47 6.28
N PRO F 396 -50.02 -84.92 5.14
CA PRO F 396 -50.96 -83.87 4.81
C PRO F 396 -52.27 -84.00 5.51
N LEU F 397 -52.81 -85.18 5.53
CA LEU F 397 -54.08 -85.29 6.16
C LEU F 397 -54.11 -84.75 7.61
N TRP F 398 -53.01 -84.99 8.29
CA TRP F 398 -52.81 -84.57 9.64
C TRP F 398 -53.29 -83.15 9.89
N TYR F 399 -52.67 -82.27 9.08
CA TYR F 399 -52.98 -80.87 9.18
C TYR F 399 -54.45 -80.57 9.09
N THR F 400 -55.08 -81.28 8.23
CA THR F 400 -56.48 -81.05 8.10
C THR F 400 -57.23 -81.43 9.36
N LEU F 401 -56.85 -82.58 9.84
CA LEU F 401 -57.48 -83.05 11.02
C LEU F 401 -57.31 -82.09 12.14
N CYS F 402 -56.09 -81.59 12.26
CA CYS F 402 -55.84 -80.67 13.34
C CYS F 402 -56.66 -79.43 13.14
N ASP F 403 -56.74 -79.02 11.87
CA ASP F 403 -57.51 -77.84 11.56
C ASP F 403 -58.92 -78.06 12.01
N ARG F 404 -59.38 -79.27 11.76
CA ARG F 404 -60.75 -79.60 12.10
C ARG F 404 -61.04 -79.86 13.54
N TYR F 405 -60.16 -80.62 14.16
CA TYR F 405 -60.35 -80.97 15.55
C TYR F 405 -60.00 -79.91 16.56
N GLY F 406 -59.00 -79.10 16.23
CA GLY F 406 -58.57 -78.03 17.10
C GLY F 406 -57.27 -78.34 17.84
N LEU F 407 -56.11 -78.24 17.18
CA LEU F 407 -54.84 -78.46 17.85
C LEU F 407 -53.81 -77.49 17.33
N TYR F 408 -53.03 -76.85 18.19
CA TYR F 408 -52.02 -75.96 17.65
C TYR F 408 -50.88 -76.80 17.15
N VAL F 409 -50.36 -76.42 16.00
CA VAL F 409 -49.26 -77.19 15.46
C VAL F 409 -48.05 -76.38 15.09
N VAL F 410 -46.93 -77.07 15.32
CA VAL F 410 -45.64 -76.56 14.95
C VAL F 410 -45.13 -77.39 13.80
N ASP F 411 -45.06 -76.79 12.63
CA ASP F 411 -44.59 -77.46 11.43
C ASP F 411 -43.07 -77.37 11.39
N GLU F 412 -42.40 -78.51 11.21
CA GLU F 412 -40.97 -78.51 11.29
C GLU F 412 -40.28 -79.08 10.07
N ALA F 413 -39.28 -78.38 9.61
CA ALA F 413 -38.53 -78.84 8.47
C ALA F 413 -37.74 -80.10 8.74
N ASN F 414 -37.61 -80.91 7.70
CA ASN F 414 -36.92 -82.17 7.74
C ASN F 414 -35.40 -82.01 7.72
N ILE F 415 -34.85 -81.52 8.83
CA ILE F 415 -33.42 -81.40 8.89
C ILE F 415 -32.84 -81.73 10.25
N GLU F 416 -32.06 -82.80 10.38
CA GLU F 416 -31.38 -83.13 11.62
C GLU F 416 -30.02 -83.66 11.26
N THR F 417 -28.97 -83.05 11.82
CA THR F 417 -27.62 -83.48 11.54
C THR F 417 -26.94 -83.80 12.83
N HIS F 418 -27.77 -84.30 13.70
CA HIS F 418 -27.34 -84.62 15.02
C HIS F 418 -25.95 -85.24 15.14
N GLY F 419 -25.64 -86.25 14.31
CA GLY F 419 -24.39 -86.97 14.39
C GLY F 419 -23.16 -86.21 13.92
N MET F 420 -23.33 -85.05 13.32
CA MET F 420 -22.15 -84.37 12.88
C MET F 420 -21.29 -83.93 14.03
N VAL F 421 -20.13 -83.42 13.71
CA VAL F 421 -19.23 -82.94 14.75
C VAL F 421 -18.30 -81.89 14.22
N PRO F 422 -18.43 -80.66 14.72
CA PRO F 422 -19.46 -80.34 15.66
C PRO F 422 -20.80 -80.37 14.94
N MET F 423 -21.85 -80.44 15.72
CA MET F 423 -23.18 -80.50 15.20
C MET F 423 -23.50 -79.61 14.00
N ASN F 424 -22.91 -78.45 13.88
CA ASN F 424 -23.29 -77.56 12.78
C ASN F 424 -22.40 -77.58 11.53
N ARG F 425 -21.58 -78.61 11.49
CA ARG F 425 -20.65 -78.80 10.42
C ARG F 425 -21.25 -78.56 9.05
N LEU F 426 -22.44 -79.09 8.83
CA LEU F 426 -23.09 -78.87 7.55
C LEU F 426 -23.83 -77.56 7.45
N THR F 427 -24.60 -77.27 8.51
CA THR F 427 -25.42 -76.07 8.65
C THR F 427 -24.68 -74.78 8.54
N ASP F 428 -23.42 -74.87 8.82
CA ASP F 428 -22.65 -73.69 8.64
C ASP F 428 -21.94 -73.66 7.28
N ASP F 429 -22.38 -74.49 6.34
CA ASP F 429 -21.73 -74.57 5.06
C ASP F 429 -22.65 -74.35 3.89
N PRO F 430 -22.26 -73.27 3.26
CA PRO F 430 -22.88 -72.69 2.13
C PRO F 430 -23.22 -73.78 1.16
N ARG F 431 -22.25 -74.65 1.01
CA ARG F 431 -22.47 -75.77 0.13
C ARG F 431 -23.74 -76.50 0.39
N TRP F 432 -24.14 -76.58 1.65
CA TRP F 432 -25.35 -77.28 1.94
C TRP F 432 -26.55 -76.41 1.99
N LEU F 433 -26.28 -75.15 1.84
CA LEU F 433 -27.36 -74.25 1.92
C LEU F 433 -28.56 -74.65 1.06
N PRO F 434 -28.36 -74.67 -0.21
CA PRO F 434 -29.40 -75.03 -1.16
C PRO F 434 -30.20 -76.27 -0.77
N ALA F 435 -29.49 -77.28 -0.36
CA ALA F 435 -30.18 -78.46 0.11
C ALA F 435 -31.15 -78.10 1.22
N MET F 436 -30.59 -77.43 2.22
CA MET F 436 -31.39 -77.01 3.36
C MET F 436 -32.57 -76.16 2.92
N SER F 437 -32.27 -75.23 2.04
CA SER F 437 -33.29 -74.32 1.59
C SER F 437 -34.52 -75.03 1.12
N GLU F 438 -34.23 -75.98 0.25
CA GLU F 438 -35.31 -76.72 -0.36
C GLU F 438 -36.23 -77.28 0.67
N ARG F 439 -35.55 -77.78 1.68
CA ARG F 439 -36.23 -78.37 2.78
C ARG F 439 -37.16 -77.40 3.51
N VAL F 440 -36.78 -76.13 3.58
CA VAL F 440 -37.68 -75.24 4.28
C VAL F 440 -38.76 -74.66 3.40
N THR F 441 -38.28 -74.10 2.31
CA THR F 441 -39.12 -73.42 1.38
C THR F 441 -40.31 -74.25 1.01
N ARG F 442 -40.00 -75.46 0.60
CA ARG F 442 -41.03 -76.36 0.19
C ARG F 442 -42.11 -76.62 1.24
N MET F 443 -41.66 -76.79 2.48
CA MET F 443 -42.64 -77.02 3.52
C MET F 443 -43.62 -75.87 3.56
N VAL F 444 -43.03 -74.72 3.51
CA VAL F 444 -43.84 -73.55 3.61
C VAL F 444 -44.87 -73.44 2.52
N GLN F 445 -44.37 -73.66 1.32
CA GLN F 445 -45.28 -73.56 0.21
C GLN F 445 -46.39 -74.54 0.32
N ARG F 446 -46.09 -75.65 0.94
CA ARG F 446 -47.14 -76.60 1.03
C ARG F 446 -48.18 -76.33 2.11
N ASP F 447 -47.71 -76.00 3.31
CA ASP F 447 -48.59 -75.92 4.46
C ASP F 447 -49.12 -74.61 4.93
N ARG F 448 -48.63 -73.58 4.31
CA ARG F 448 -48.99 -72.29 4.78
C ARG F 448 -50.44 -71.88 4.86
N ASN F 449 -51.35 -72.61 4.28
CA ASN F 449 -52.69 -72.11 4.45
C ASN F 449 -53.47 -72.76 5.57
N HIS F 450 -52.84 -73.64 6.33
CA HIS F 450 -53.58 -74.27 7.39
C HIS F 450 -53.60 -73.48 8.69
N PRO F 451 -54.76 -73.10 9.15
CA PRO F 451 -54.85 -72.36 10.39
C PRO F 451 -54.18 -73.05 11.57
N SER F 452 -54.19 -74.37 11.63
CA SER F 452 -53.57 -75.01 12.78
C SER F 452 -52.08 -74.78 12.91
N VAL F 453 -51.44 -74.49 11.81
CA VAL F 453 -50.04 -74.28 11.92
C VAL F 453 -49.84 -72.92 12.46
N ILE F 454 -49.15 -72.82 13.59
CA ILE F 454 -48.94 -71.50 14.13
C ILE F 454 -47.50 -71.12 14.30
N ILE F 455 -46.61 -72.07 14.09
CA ILE F 455 -45.22 -71.77 14.23
C ILE F 455 -44.42 -72.62 13.31
N TRP F 456 -43.47 -71.99 12.66
CA TRP F 456 -42.60 -72.70 11.79
C TRP F 456 -41.35 -72.99 12.58
N SER F 457 -40.73 -74.13 12.29
CA SER F 457 -39.51 -74.56 12.93
C SER F 457 -38.52 -75.02 11.87
N LEU F 458 -37.25 -74.60 12.00
CA LEU F 458 -36.24 -74.95 11.02
C LEU F 458 -35.66 -76.34 11.18
N GLY F 459 -36.29 -77.18 11.98
CA GLY F 459 -35.66 -78.47 12.11
C GLY F 459 -35.30 -78.76 13.52
N ASN F 460 -34.29 -79.60 13.68
CA ASN F 460 -33.87 -80.08 14.97
C ASN F 460 -32.40 -80.54 15.05
N GLU F 461 -31.85 -80.48 16.26
CA GLU F 461 -30.48 -80.83 16.56
C GLU F 461 -29.49 -80.78 15.43
N SER F 462 -29.24 -79.59 14.93
CA SER F 462 -28.29 -79.42 13.83
C SER F 462 -27.36 -78.25 14.10
N GLY F 463 -27.17 -77.98 15.39
CA GLY F 463 -26.34 -76.88 15.81
C GLY F 463 -26.94 -75.58 15.33
N HIS F 464 -26.07 -74.61 15.13
CA HIS F 464 -26.49 -73.34 14.63
C HIS F 464 -25.53 -72.88 13.59
N GLY F 465 -26.03 -72.61 12.39
CA GLY F 465 -25.18 -72.17 11.33
C GLY F 465 -25.83 -71.08 10.51
N ALA F 466 -24.97 -70.41 9.78
CA ALA F 466 -25.46 -69.31 8.96
C ALA F 466 -26.63 -69.73 8.10
N ASN F 467 -26.57 -70.98 7.66
CA ASN F 467 -27.63 -71.45 6.83
C ASN F 467 -28.96 -71.21 7.54
N HIS F 468 -28.93 -71.38 8.85
CA HIS F 468 -30.12 -71.19 9.63
C HIS F 468 -30.61 -69.75 9.60
N ASP F 469 -29.69 -68.87 9.87
CA ASP F 469 -30.04 -67.47 9.85
C ASP F 469 -30.70 -67.07 8.55
N ALA F 470 -30.07 -67.49 7.48
CA ALA F 470 -30.64 -67.14 6.21
C ALA F 470 -32.05 -67.68 6.06
N LEU F 471 -32.23 -68.90 6.47
CA LEU F 471 -33.54 -69.48 6.30
C LEU F 471 -34.60 -68.86 7.17
N TYR F 472 -34.18 -68.60 8.38
CA TYR F 472 -35.04 -67.95 9.30
C TYR F 472 -35.59 -66.68 8.67
N ARG F 473 -34.66 -65.91 8.16
CA ARG F 473 -35.04 -64.68 7.54
C ARG F 473 -36.00 -64.85 6.38
N TRP F 474 -35.69 -65.81 5.55
CA TRP F 474 -36.49 -66.07 4.39
C TRP F 474 -37.93 -66.22 4.79
N ILE F 475 -38.13 -67.03 5.78
CA ILE F 475 -39.49 -67.22 6.16
C ILE F 475 -40.12 -65.94 6.60
N LYS F 476 -39.40 -65.31 7.50
CA LYS F 476 -39.91 -64.08 8.03
C LYS F 476 -40.43 -63.21 6.93
N SER F 477 -39.72 -63.21 5.84
CA SER F 477 -40.18 -62.38 4.76
C SER F 477 -41.32 -62.95 4.02
N VAL F 478 -41.33 -64.21 3.89
CA VAL F 478 -42.39 -64.76 3.13
C VAL F 478 -43.68 -64.91 3.91
N ASP F 479 -43.55 -65.29 5.17
CA ASP F 479 -44.70 -65.50 6.01
C ASP F 479 -44.45 -64.92 7.37
N PRO F 480 -44.98 -63.77 7.44
CA PRO F 480 -44.91 -62.95 8.60
C PRO F 480 -46.03 -63.27 9.54
N SER F 481 -46.92 -64.15 9.16
CA SER F 481 -48.04 -64.45 10.02
C SER F 481 -47.69 -65.37 11.19
N ARG F 482 -46.58 -66.09 11.11
CA ARG F 482 -46.19 -66.97 12.16
C ARG F 482 -44.75 -66.78 12.51
N PRO F 483 -44.50 -67.02 13.76
CA PRO F 483 -43.20 -66.91 14.35
C PRO F 483 -42.39 -68.12 13.97
N VAL F 484 -41.09 -67.94 14.12
CA VAL F 484 -40.20 -69.01 13.79
C VAL F 484 -39.34 -69.43 14.96
N GLN F 485 -39.22 -70.74 15.19
CA GLN F 485 -38.35 -71.15 16.25
C GLN F 485 -37.35 -72.19 15.82
N TYR F 486 -36.27 -72.25 16.56
CA TYR F 486 -35.22 -73.22 16.32
C TYR F 486 -34.37 -73.30 17.57
N GLU F 487 -34.20 -74.50 18.07
CA GLU F 487 -33.48 -74.69 19.31
C GLU F 487 -31.96 -74.81 19.17
N GLY F 488 -31.53 -75.30 18.04
CA GLY F 488 -30.13 -75.55 17.86
C GLY F 488 -29.20 -74.45 18.32
N GLY F 489 -28.07 -74.91 18.78
CA GLY F 489 -27.04 -74.01 19.16
C GLY F 489 -27.30 -73.17 20.39
N GLY F 490 -28.10 -73.64 21.33
CA GLY F 490 -28.27 -72.83 22.53
C GLY F 490 -29.67 -72.36 22.84
N ALA F 491 -30.60 -72.60 21.92
CA ALA F 491 -32.02 -72.29 22.09
C ALA F 491 -32.39 -70.84 22.15
N ASP F 492 -31.42 -69.95 22.02
CA ASP F 492 -31.76 -68.55 22.09
C ASP F 492 -31.01 -67.73 21.08
N THR F 493 -30.63 -68.38 19.99
CA THR F 493 -29.87 -67.73 18.94
C THR F 493 -30.68 -66.74 18.17
N THR F 494 -30.00 -66.12 17.22
CA THR F 494 -30.61 -65.12 16.35
C THR F 494 -31.58 -65.78 15.43
N ALA F 495 -31.54 -67.08 15.44
CA ALA F 495 -32.43 -67.76 14.54
C ALA F 495 -33.73 -68.16 15.17
N THR F 496 -34.08 -67.67 16.35
CA THR F 496 -35.35 -68.11 16.89
C THR F 496 -36.13 -66.97 17.47
N ASP F 497 -37.43 -67.01 17.31
CA ASP F 497 -38.25 -65.96 17.85
C ASP F 497 -38.64 -66.31 19.25
N ILE F 498 -38.34 -67.53 19.67
CA ILE F 498 -38.72 -67.95 21.00
C ILE F 498 -37.62 -68.73 21.64
N ILE F 499 -37.49 -68.62 22.94
CA ILE F 499 -36.50 -69.42 23.62
C ILE F 499 -37.13 -70.78 23.77
N CYS F 500 -36.59 -71.74 23.05
CA CYS F 500 -37.19 -73.06 23.01
C CYS F 500 -36.23 -74.16 23.30
N PRO F 501 -35.79 -74.19 24.52
CA PRO F 501 -34.86 -75.24 24.89
C PRO F 501 -35.56 -76.56 25.01
N MET F 502 -34.69 -77.52 25.24
CA MET F 502 -35.14 -78.85 25.48
C MET F 502 -34.45 -79.38 26.72
N TYR F 503 -35.25 -79.81 27.66
CA TYR F 503 -34.74 -80.39 28.86
C TYR F 503 -34.11 -79.46 29.88
N ALA F 504 -34.43 -78.17 29.79
CA ALA F 504 -33.97 -77.26 30.81
C ALA F 504 -34.78 -77.53 32.09
N ARG F 505 -34.14 -77.39 33.24
CA ARG F 505 -34.81 -77.68 34.46
C ARG F 505 -35.55 -76.47 35.03
N VAL F 506 -36.45 -76.74 35.95
CA VAL F 506 -37.21 -75.66 36.49
C VAL F 506 -36.36 -74.71 37.28
N ASP F 507 -35.64 -75.25 38.23
CA ASP F 507 -34.85 -74.38 39.05
C ASP F 507 -33.39 -74.60 38.97
N GLU F 508 -32.96 -75.66 38.34
CA GLU F 508 -31.56 -75.94 38.33
C GLU F 508 -30.91 -75.70 37.00
N ASP F 509 -29.75 -75.09 37.03
CA ASP F 509 -29.01 -74.77 35.85
C ASP F 509 -28.08 -75.89 35.47
N GLN F 510 -27.87 -76.05 34.17
CA GLN F 510 -26.96 -77.03 33.60
C GLN F 510 -26.15 -76.27 32.61
N PRO F 511 -25.05 -75.85 33.14
CA PRO F 511 -24.13 -74.99 32.51
C PRO F 511 -23.13 -75.67 31.60
N PHE F 512 -23.63 -76.25 30.55
CA PHE F 512 -22.66 -76.77 29.66
C PHE F 512 -22.02 -75.62 28.94
N PRO F 513 -20.79 -75.85 28.66
CA PRO F 513 -20.00 -74.94 27.89
C PRO F 513 -20.68 -74.75 26.58
N ALA F 514 -20.63 -73.51 26.14
CA ALA F 514 -21.20 -73.09 24.90
C ALA F 514 -22.70 -73.18 24.83
N VAL F 515 -23.28 -74.21 25.38
CA VAL F 515 -24.71 -74.30 25.24
C VAL F 515 -25.30 -74.78 26.53
N PRO F 516 -25.18 -73.93 27.49
CA PRO F 516 -25.68 -74.23 28.80
C PRO F 516 -27.19 -74.22 28.79
N LYS F 517 -27.78 -74.94 29.72
CA LYS F 517 -29.22 -74.94 29.89
C LYS F 517 -29.55 -74.34 31.26
N TRP F 518 -29.96 -73.10 31.25
CA TRP F 518 -30.30 -72.44 32.49
C TRP F 518 -31.61 -72.89 33.05
N SER F 519 -31.80 -72.69 34.36
CA SER F 519 -33.10 -72.95 34.91
C SER F 519 -34.03 -72.05 34.09
N ILE F 520 -35.19 -72.57 33.77
CA ILE F 520 -36.02 -71.75 32.95
C ILE F 520 -36.40 -70.44 33.55
N LYS F 521 -36.54 -70.38 34.86
CA LYS F 521 -36.90 -69.09 35.44
C LYS F 521 -35.76 -68.12 35.30
N LYS F 522 -34.57 -68.61 35.37
CA LYS F 522 -33.48 -67.71 35.25
C LYS F 522 -33.29 -67.25 33.82
N TRP F 523 -33.45 -68.18 32.94
CA TRP F 523 -33.21 -67.90 31.56
C TRP F 523 -33.93 -66.67 31.14
N LEU F 524 -35.16 -66.59 31.55
CA LEU F 524 -35.96 -65.45 31.14
C LEU F 524 -35.37 -64.08 31.41
N SER F 525 -34.71 -63.95 32.54
CA SER F 525 -34.18 -62.74 33.13
C SER F 525 -32.78 -62.36 32.73
N LEU F 526 -32.15 -63.17 31.90
CA LEU F 526 -30.83 -62.77 31.52
C LEU F 526 -30.87 -61.40 30.89
N PRO F 527 -29.78 -60.70 31.13
CA PRO F 527 -29.67 -59.34 30.67
C PRO F 527 -29.90 -59.27 29.22
N GLY F 528 -30.84 -58.45 28.86
CA GLY F 528 -31.18 -58.25 27.48
C GLY F 528 -32.23 -59.23 26.97
N GLU F 529 -32.46 -60.37 27.66
CA GLU F 529 -33.44 -61.30 27.12
C GLU F 529 -34.87 -60.77 27.22
N THR F 530 -35.70 -60.99 26.22
CA THR F 530 -37.08 -60.50 26.28
C THR F 530 -38.13 -61.46 25.70
N ARG F 531 -37.67 -62.51 25.04
CA ARG F 531 -38.55 -63.46 24.39
C ARG F 531 -39.33 -64.32 25.31
N PRO F 532 -40.34 -64.95 24.76
CA PRO F 532 -41.13 -65.89 25.51
C PRO F 532 -40.35 -67.17 25.51
N LEU F 533 -40.66 -68.03 26.47
CA LEU F 533 -40.02 -69.31 26.53
C LEU F 533 -41.00 -70.43 26.54
N ILE F 534 -40.75 -71.37 25.63
CA ILE F 534 -41.57 -72.56 25.45
C ILE F 534 -40.64 -73.71 25.18
N LEU F 535 -40.70 -74.74 26.01
CA LEU F 535 -39.75 -75.80 25.77
C LEU F 535 -40.17 -76.64 24.61
N CYS F 536 -39.24 -76.80 23.69
CA CYS F 536 -39.54 -77.61 22.54
C CYS F 536 -39.58 -79.06 22.96
N GLU F 537 -38.85 -79.39 24.01
CA GLU F 537 -38.89 -80.75 24.52
C GLU F 537 -38.62 -80.77 25.99
N TYR F 538 -39.49 -81.49 26.69
CA TYR F 538 -39.32 -81.64 28.10
C TYR F 538 -40.09 -82.82 28.67
N ALA F 539 -39.66 -83.16 29.90
CA ALA F 539 -40.23 -84.25 30.67
C ALA F 539 -40.13 -85.56 29.91
N HIS F 540 -38.91 -86.04 29.71
CA HIS F 540 -38.65 -87.27 28.98
C HIS F 540 -39.48 -88.45 29.49
N ALA F 541 -40.50 -88.86 28.73
CA ALA F 541 -41.38 -89.91 29.22
C ALA F 541 -40.94 -91.37 29.04
N MET F 542 -39.67 -91.65 29.21
CA MET F 542 -39.13 -92.97 29.04
C MET F 542 -39.39 -93.94 30.19
N GLY F 543 -40.31 -94.85 29.95
CA GLY F 543 -40.64 -95.86 30.94
C GLY F 543 -41.35 -95.29 32.13
N ASN F 544 -40.95 -95.74 33.32
CA ASN F 544 -41.54 -95.21 34.53
C ASN F 544 -40.96 -93.82 34.79
N SER F 545 -41.61 -92.83 34.19
CA SER F 545 -41.11 -91.48 34.24
C SER F 545 -42.17 -90.43 34.52
N LEU F 546 -41.81 -89.20 34.21
CA LEU F 546 -42.64 -88.04 34.44
C LEU F 546 -42.57 -87.49 35.85
N GLY F 547 -41.59 -87.93 36.63
CA GLY F 547 -41.49 -87.39 37.96
C GLY F 547 -41.08 -85.92 37.85
N GLY F 548 -41.76 -85.05 38.59
CA GLY F 548 -41.43 -83.64 38.53
C GLY F 548 -42.32 -82.80 37.63
N PHE F 549 -43.12 -83.47 36.86
CA PHE F 549 -43.99 -82.78 35.96
C PHE F 549 -44.71 -81.56 36.56
N ALA F 550 -45.26 -81.75 37.73
CA ALA F 550 -45.96 -80.65 38.37
C ALA F 550 -45.13 -79.41 38.62
N LYS F 551 -43.84 -79.62 38.92
CA LYS F 551 -42.95 -78.51 39.11
C LYS F 551 -43.01 -77.56 37.90
N TYR F 552 -43.03 -78.11 36.70
CA TYR F 552 -43.09 -77.30 35.52
C TYR F 552 -44.40 -76.57 35.44
N TRP F 553 -45.44 -77.34 35.63
CA TRP F 553 -46.72 -76.71 35.51
C TRP F 553 -46.90 -75.58 36.46
N GLN F 554 -46.30 -75.75 37.58
CA GLN F 554 -46.50 -74.66 38.45
C GLN F 554 -45.75 -73.44 38.02
N ALA F 555 -44.56 -73.66 37.54
CA ALA F 555 -43.81 -72.51 37.11
C ALA F 555 -44.54 -71.87 35.96
N PHE F 556 -44.99 -72.72 35.05
CA PHE F 556 -45.64 -72.18 33.90
C PHE F 556 -46.73 -71.27 34.32
N ARG F 557 -47.51 -71.77 35.25
CA ARG F 557 -48.60 -70.97 35.70
C ARG F 557 -48.18 -69.71 36.40
N GLN F 558 -47.02 -69.67 37.00
CA GLN F 558 -46.69 -68.44 37.69
C GLN F 558 -45.92 -67.43 36.89
N TYR F 559 -45.27 -67.82 35.80
CA TYR F 559 -44.52 -66.85 35.07
C TYR F 559 -45.07 -66.65 33.69
N PRO F 560 -45.57 -65.48 33.53
CA PRO F 560 -46.18 -65.03 32.31
C PRO F 560 -45.45 -65.42 31.07
N ARG F 561 -44.16 -65.17 31.06
CA ARG F 561 -43.36 -65.50 29.90
C ARG F 561 -43.04 -66.96 29.77
N LEU F 562 -43.42 -67.79 30.72
CA LEU F 562 -43.17 -69.19 30.51
C LEU F 562 -44.45 -69.69 29.91
N GLN F 563 -44.49 -69.92 28.62
CA GLN F 563 -45.73 -70.32 28.02
C GLN F 563 -45.99 -71.79 27.72
N GLY F 564 -45.29 -72.69 28.42
CA GLY F 564 -45.53 -74.12 28.24
C GLY F 564 -44.42 -74.90 27.55
N GLY F 565 -44.82 -76.01 26.94
CA GLY F 565 -43.86 -76.85 26.24
C GLY F 565 -44.51 -78.08 25.66
N PHE F 566 -43.68 -78.87 25.00
CA PHE F 566 -44.07 -80.08 24.37
C PHE F 566 -43.31 -81.22 25.00
N VAL F 567 -44.09 -82.12 25.52
CA VAL F 567 -43.54 -83.26 26.15
C VAL F 567 -42.90 -84.18 25.15
N TRP F 568 -41.90 -84.89 25.64
CA TRP F 568 -41.23 -85.82 24.80
C TRP F 568 -41.40 -87.24 25.31
N ASP F 569 -42.20 -88.06 24.62
CA ASP F 569 -43.00 -87.75 23.45
C ASP F 569 -44.29 -88.57 23.49
N TRP F 570 -45.05 -88.56 22.41
CA TRP F 570 -46.33 -89.25 22.37
C TRP F 570 -46.41 -90.74 22.52
N VAL F 571 -45.88 -91.50 21.55
CA VAL F 571 -45.90 -92.97 21.55
C VAL F 571 -44.54 -93.62 21.57
N ASP F 572 -44.53 -94.85 22.06
CA ASP F 572 -43.29 -95.59 22.04
C ASP F 572 -43.04 -96.03 20.60
N GLN F 573 -41.78 -96.01 20.20
CA GLN F 573 -41.44 -96.41 18.86
C GLN F 573 -41.05 -97.86 18.90
N SER F 574 -42.03 -98.68 19.26
CA SER F 574 -41.78 -100.10 19.31
C SER F 574 -42.48 -100.81 18.18
N LEU F 575 -41.80 -101.87 17.78
CA LEU F 575 -42.29 -102.71 16.71
C LEU F 575 -42.64 -104.10 17.20
N ILE F 576 -43.51 -104.73 16.44
CA ILE F 576 -43.93 -106.07 16.73
C ILE F 576 -43.07 -107.14 16.08
N LYS F 577 -42.87 -108.22 16.80
CA LYS F 577 -42.15 -109.37 16.34
C LYS F 577 -42.93 -110.58 16.77
N TYR F 578 -42.53 -111.73 16.23
CA TYR F 578 -43.22 -112.93 16.63
C TYR F 578 -42.35 -114.02 17.15
N ASP F 579 -42.93 -114.74 18.09
CA ASP F 579 -42.23 -115.88 18.58
C ASP F 579 -42.70 -117.02 17.70
N GLU F 580 -42.00 -118.13 17.82
CA GLU F 580 -42.28 -119.35 17.08
C GLU F 580 -43.75 -119.78 17.22
N ASN F 581 -44.35 -119.45 18.35
CA ASN F 581 -45.74 -119.79 18.51
C ASN F 581 -46.64 -118.76 17.85
N GLY F 582 -45.99 -117.96 16.99
CA GLY F 582 -46.65 -116.90 16.25
C GLY F 582 -47.19 -115.85 17.18
N ASN F 583 -46.44 -115.68 18.25
CA ASN F 583 -46.81 -114.71 19.24
C ASN F 583 -46.04 -113.44 19.03
N PRO F 584 -46.80 -112.38 19.03
CA PRO F 584 -46.31 -111.03 18.81
C PRO F 584 -45.70 -110.47 20.07
N TRP F 585 -44.66 -109.70 19.89
CA TRP F 585 -44.06 -109.06 21.03
C TRP F 585 -43.35 -107.79 20.62
N SER F 586 -43.34 -106.85 21.54
CA SER F 586 -42.76 -105.55 21.32
C SER F 586 -41.25 -105.56 21.35
N ALA F 587 -40.72 -105.09 20.23
CA ALA F 587 -39.31 -105.03 19.97
C ALA F 587 -38.76 -103.61 19.97
N TYR F 588 -37.46 -103.56 20.23
CA TYR F 588 -36.75 -102.32 20.24
C TYR F 588 -35.36 -102.41 19.65
N GLY F 589 -34.58 -101.38 19.88
CA GLY F 589 -33.23 -101.32 19.36
C GLY F 589 -32.50 -102.62 19.55
N GLY F 590 -31.85 -103.04 18.46
CA GLY F 590 -31.05 -104.27 18.39
C GLY F 590 -31.86 -105.54 18.19
N ASP F 591 -33.17 -105.44 18.32
CA ASP F 591 -34.06 -106.58 18.17
C ASP F 591 -34.12 -107.14 16.76
N PHE F 592 -33.50 -106.46 15.80
CA PHE F 592 -33.48 -106.94 14.42
C PHE F 592 -32.06 -107.18 14.02
N GLY F 593 -31.22 -107.32 15.04
CA GLY F 593 -29.82 -107.52 14.79
C GLY F 593 -29.21 -106.25 14.25
N ASP F 594 -30.04 -105.20 14.29
CA ASP F 594 -29.66 -103.88 13.82
C ASP F 594 -28.53 -103.38 14.67
N THR F 595 -27.48 -102.98 14.00
CA THR F 595 -26.31 -102.45 14.64
C THR F 595 -25.71 -101.35 13.81
N PRO F 596 -25.29 -100.27 14.50
CA PRO F 596 -25.36 -100.21 15.96
C PRO F 596 -26.77 -99.81 16.40
N ASN F 597 -27.05 -99.86 17.68
CA ASN F 597 -28.39 -99.48 18.06
C ASN F 597 -28.43 -98.85 19.44
N ASP F 598 -29.59 -98.23 19.73
CA ASP F 598 -29.82 -97.53 20.98
C ASP F 598 -30.91 -98.12 21.88
N ARG F 599 -30.99 -99.44 21.87
CA ARG F 599 -31.93 -100.16 22.72
C ARG F 599 -33.31 -99.53 22.87
N GLN F 600 -33.72 -99.37 24.14
CA GLN F 600 -35.01 -98.82 24.55
C GLN F 600 -35.20 -97.33 24.28
N PHE F 601 -34.10 -96.67 23.93
CA PHE F 601 -34.21 -95.26 23.69
C PHE F 601 -35.32 -94.86 22.76
N CYS F 602 -35.76 -95.76 21.91
CA CYS F 602 -36.85 -95.45 21.01
C CYS F 602 -38.17 -95.47 21.76
N MET F 603 -38.11 -95.77 23.06
CA MET F 603 -39.35 -95.83 23.82
C MET F 603 -39.50 -94.74 24.88
N ASN F 604 -40.22 -93.66 24.50
CA ASN F 604 -40.38 -92.56 25.43
C ASN F 604 -41.77 -91.98 25.45
N GLY F 605 -42.75 -92.75 25.04
CA GLY F 605 -44.09 -92.21 24.94
C GLY F 605 -44.91 -92.27 26.17
N LEU F 606 -46.00 -91.55 26.06
CA LEU F 606 -47.00 -91.51 27.09
C LEU F 606 -47.96 -92.66 26.89
N VAL F 607 -47.90 -93.21 25.69
CA VAL F 607 -48.71 -94.35 25.37
C VAL F 607 -47.87 -95.38 24.68
N PHE F 608 -48.40 -96.55 24.79
CA PHE F 608 -47.83 -97.70 24.16
C PHE F 608 -48.16 -97.59 22.68
N ALA F 609 -47.32 -98.23 21.87
CA ALA F 609 -47.56 -98.17 20.43
C ALA F 609 -49.00 -98.48 20.03
N ASP F 610 -49.64 -99.37 20.78
CA ASP F 610 -51.01 -99.73 20.49
C ASP F 610 -51.93 -98.63 20.90
N ARG F 611 -51.30 -97.61 21.45
CA ARG F 611 -52.02 -96.48 21.93
C ARG F 611 -52.69 -96.75 23.25
N THR F 612 -51.97 -97.49 24.05
CA THR F 612 -52.47 -97.68 25.36
C THR F 612 -51.53 -96.96 26.25
N PRO F 613 -52.20 -96.19 27.04
CA PRO F 613 -51.65 -95.29 27.99
C PRO F 613 -50.72 -95.92 28.96
N HIS F 614 -49.75 -95.12 29.31
CA HIS F 614 -48.84 -95.39 30.36
C HIS F 614 -49.50 -94.65 31.52
N PRO F 615 -49.15 -94.99 32.72
CA PRO F 615 -49.79 -94.30 33.81
C PRO F 615 -49.48 -92.79 33.83
N ALA F 616 -48.28 -92.45 33.38
CA ALA F 616 -47.89 -91.06 33.36
C ALA F 616 -48.91 -90.14 32.71
N LEU F 617 -49.54 -90.66 31.69
CA LEU F 617 -50.49 -89.88 30.97
C LEU F 617 -51.45 -89.15 31.86
N THR F 618 -51.80 -89.83 32.90
CA THR F 618 -52.74 -89.27 33.82
C THR F 618 -52.23 -88.06 34.55
N GLU F 619 -50.99 -88.18 35.01
CA GLU F 619 -50.42 -87.06 35.69
C GLU F 619 -50.52 -85.89 34.73
N ALA F 620 -50.19 -86.17 33.49
CA ALA F 620 -50.27 -85.08 32.52
C ALA F 620 -51.65 -84.48 32.43
N LYS F 621 -52.59 -85.34 32.22
CA LYS F 621 -53.92 -84.85 32.08
C LYS F 621 -54.30 -83.97 33.24
N HIS F 622 -53.99 -84.43 34.41
CA HIS F 622 -54.34 -83.68 35.61
C HIS F 622 -53.67 -82.33 35.66
N GLN F 623 -52.35 -82.30 35.51
CA GLN F 623 -51.60 -81.05 35.54
C GLN F 623 -52.02 -80.09 34.44
N GLN F 624 -52.58 -80.61 33.35
CA GLN F 624 -52.95 -79.76 32.27
C GLN F 624 -54.39 -79.33 32.30
N GLN F 625 -55.12 -79.72 33.31
CA GLN F 625 -56.51 -79.34 33.29
C GLN F 625 -56.75 -77.88 33.07
N PHE F 626 -57.90 -77.59 32.50
CA PHE F 626 -58.26 -76.24 32.20
C PHE F 626 -58.96 -75.56 33.33
N PHE F 627 -59.21 -76.27 34.42
CA PHE F 627 -59.87 -75.62 35.52
C PHE F 627 -59.08 -75.74 36.76
N GLN F 628 -59.05 -74.68 37.52
CA GLN F 628 -58.33 -74.69 38.76
C GLN F 628 -59.20 -74.33 39.91
N PHE F 629 -58.99 -75.07 41.00
CA PHE F 629 -59.76 -74.92 42.21
C PHE F 629 -59.04 -74.45 43.43
N ARG F 630 -59.80 -73.73 44.22
CA ARG F 630 -59.38 -73.21 45.48
C ARG F 630 -60.48 -73.48 46.45
N LEU F 631 -60.06 -73.86 47.60
CA LEU F 631 -61.01 -74.16 48.62
C LEU F 631 -60.89 -73.21 49.77
N SER F 632 -61.99 -72.59 50.11
CA SER F 632 -61.98 -71.72 51.24
C SER F 632 -63.19 -71.91 52.10
N GLY F 633 -62.94 -72.56 53.21
CA GLY F 633 -64.03 -72.85 54.08
C GLY F 633 -65.04 -73.73 53.35
N GLN F 634 -66.21 -73.20 53.05
CA GLN F 634 -67.19 -74.05 52.39
C GLN F 634 -67.32 -73.66 50.96
N THR F 635 -66.39 -72.81 50.55
CA THR F 635 -66.45 -72.34 49.21
C THR F 635 -65.39 -72.83 48.30
N ILE F 636 -65.85 -73.22 47.14
CA ILE F 636 -64.92 -73.59 46.16
C ILE F 636 -64.81 -72.53 45.12
N GLU F 637 -63.57 -72.14 44.89
CA GLU F 637 -63.33 -71.17 43.87
C GLU F 637 -62.84 -71.84 42.62
N VAL F 638 -63.50 -71.53 41.50
CA VAL F 638 -63.12 -72.15 40.27
C VAL F 638 -62.60 -71.16 39.31
N THR F 639 -61.51 -71.54 38.67
CA THR F 639 -60.92 -70.66 37.71
C THR F 639 -60.74 -71.36 36.40
N SER F 640 -61.09 -70.61 35.34
CA SER F 640 -61.05 -71.07 33.97
C SER F 640 -59.77 -70.68 33.29
N GLU F 641 -59.13 -71.66 32.70
CA GLU F 641 -57.94 -71.43 31.94
C GLU F 641 -58.29 -71.43 30.46
N TYR F 642 -59.57 -71.31 30.17
CA TYR F 642 -59.94 -71.23 28.78
C TYR F 642 -59.81 -69.76 28.38
N LEU F 643 -59.36 -69.50 27.17
CA LEU F 643 -59.18 -68.13 26.74
C LEU F 643 -60.36 -67.68 25.97
N PHE F 644 -61.01 -68.63 25.35
CA PHE F 644 -62.10 -68.29 24.50
C PHE F 644 -63.44 -68.88 24.84
N ARG F 645 -63.51 -70.06 25.44
CA ARG F 645 -64.85 -70.54 25.66
C ARG F 645 -65.43 -70.37 27.02
N HIS F 646 -66.71 -70.61 27.05
CA HIS F 646 -67.40 -70.54 28.29
C HIS F 646 -67.68 -71.95 28.76
N SER F 647 -67.79 -72.19 30.08
CA SER F 647 -68.00 -73.55 30.59
C SER F 647 -69.35 -74.09 30.19
N ASP F 648 -69.55 -74.22 28.92
CA ASP F 648 -70.83 -74.65 28.46
C ASP F 648 -71.10 -76.13 28.34
N ASN F 649 -70.24 -76.97 28.87
CA ASN F 649 -70.51 -78.39 28.85
C ASN F 649 -69.87 -78.95 30.08
N GLU F 650 -70.14 -78.23 31.15
CA GLU F 650 -69.52 -78.57 32.40
C GLU F 650 -70.35 -78.71 33.64
N LEU F 651 -70.16 -79.90 34.19
CA LEU F 651 -70.76 -80.26 35.42
C LEU F 651 -69.75 -80.53 36.50
N LEU F 652 -70.01 -79.94 37.62
CA LEU F 652 -69.13 -80.16 38.71
C LEU F 652 -69.70 -81.08 39.76
N HIS F 653 -69.11 -82.24 39.92
CA HIS F 653 -69.57 -83.17 40.92
C HIS F 653 -68.69 -83.11 42.12
N TRP F 654 -69.27 -83.02 43.28
CA TRP F 654 -68.43 -83.03 44.44
C TRP F 654 -68.88 -84.08 45.39
N MET F 655 -68.04 -84.39 46.35
CA MET F 655 -68.43 -85.38 47.29
C MET F 655 -67.47 -85.59 48.44
N VAL F 656 -68.06 -85.92 49.58
CA VAL F 656 -67.36 -86.10 50.81
C VAL F 656 -67.36 -87.51 51.35
N ALA F 657 -66.19 -87.93 51.83
CA ALA F 657 -66.07 -89.26 52.37
C ALA F 657 -65.11 -89.34 53.52
N LEU F 658 -65.43 -90.30 54.37
CA LEU F 658 -64.66 -90.56 55.54
C LEU F 658 -63.95 -91.82 55.31
N ASP F 659 -62.65 -91.76 55.26
CA ASP F 659 -61.90 -92.96 54.99
C ASP F 659 -62.54 -93.79 53.90
N GLY F 660 -63.05 -93.14 52.87
CA GLY F 660 -63.63 -93.95 51.80
C GLY F 660 -65.13 -94.06 51.89
N LYS F 661 -65.67 -93.66 53.01
CA LYS F 661 -67.09 -93.74 53.13
C LYS F 661 -67.70 -92.42 52.84
N PRO F 662 -68.42 -92.48 51.78
CA PRO F 662 -69.13 -91.38 51.18
C PRO F 662 -70.21 -90.94 52.10
N LEU F 663 -70.27 -89.67 52.34
CA LEU F 663 -71.27 -89.14 53.21
C LEU F 663 -72.15 -88.15 52.52
N ALA F 664 -71.67 -87.58 51.41
CA ALA F 664 -72.43 -86.58 50.70
C ALA F 664 -71.86 -86.34 49.34
N SER F 665 -72.75 -86.07 48.40
CA SER F 665 -72.41 -85.79 47.03
C SER F 665 -73.23 -84.65 46.58
N GLY F 666 -72.77 -84.02 45.50
CA GLY F 666 -73.46 -82.88 44.95
C GLY F 666 -73.11 -82.69 43.51
N GLU F 667 -73.95 -81.95 42.85
CA GLU F 667 -73.75 -81.67 41.44
C GLU F 667 -73.95 -80.22 41.14
N VAL F 668 -72.98 -79.60 40.52
CA VAL F 668 -73.17 -78.24 40.18
C VAL F 668 -72.60 -77.88 38.85
N PRO F 669 -73.49 -77.31 38.11
CA PRO F 669 -73.23 -76.82 36.77
C PRO F 669 -72.34 -75.61 36.83
N LEU F 670 -71.35 -75.64 35.97
CA LEU F 670 -70.39 -74.57 35.86
C LEU F 670 -70.80 -73.48 34.91
N ASP F 671 -70.45 -72.30 35.33
CA ASP F 671 -70.73 -71.12 34.54
C ASP F 671 -69.57 -70.19 34.64
N VAL F 672 -68.53 -70.45 33.85
CA VAL F 672 -67.37 -69.60 33.92
C VAL F 672 -66.87 -69.15 32.59
N ALA F 673 -66.64 -67.85 32.58
CA ALA F 673 -66.11 -67.24 31.40
C ALA F 673 -64.63 -67.51 31.31
N PRO F 674 -64.17 -67.60 30.08
CA PRO F 674 -62.77 -67.79 29.86
C PRO F 674 -62.08 -66.85 30.81
N GLN F 675 -61.08 -67.40 31.48
CA GLN F 675 -60.31 -66.66 32.42
C GLN F 675 -61.07 -66.10 33.59
N GLY F 676 -62.25 -66.62 33.84
CA GLY F 676 -63.01 -66.13 34.96
C GLY F 676 -63.02 -67.08 36.14
N LYS F 677 -63.69 -66.61 37.18
CA LYS F 677 -63.84 -67.34 38.43
C LYS F 677 -65.30 -67.61 38.75
N GLN F 678 -65.55 -68.73 39.41
CA GLN F 678 -66.89 -69.06 39.83
C GLN F 678 -66.80 -69.54 41.26
N LEU F 679 -67.73 -69.02 42.06
CA LEU F 679 -67.78 -69.39 43.46
C LEU F 679 -68.76 -70.45 43.79
N ILE F 680 -68.29 -71.40 44.56
CA ILE F 680 -69.20 -72.42 44.83
C ILE F 680 -69.41 -72.66 46.26
N GLU F 681 -70.65 -72.41 46.59
CA GLU F 681 -71.13 -72.51 47.92
C GLU F 681 -71.56 -73.89 48.34
N LEU F 682 -70.90 -74.32 49.38
CA LEU F 682 -71.22 -75.63 49.86
C LEU F 682 -72.25 -75.67 50.95
N PRO F 683 -73.12 -76.62 50.75
CA PRO F 683 -74.15 -76.92 51.70
C PRO F 683 -73.43 -77.33 52.95
N GLU F 684 -74.09 -77.21 54.07
CA GLU F 684 -73.45 -77.60 55.29
C GLU F 684 -72.93 -79.00 55.26
N LEU F 685 -71.68 -79.07 55.68
CA LEU F 685 -71.00 -80.32 55.67
C LEU F 685 -71.15 -81.08 56.95
N PRO F 686 -71.14 -82.36 56.73
CA PRO F 686 -71.26 -83.36 57.76
C PRO F 686 -70.06 -83.36 58.68
N GLN F 687 -70.34 -83.60 59.96
CA GLN F 687 -69.29 -83.62 60.96
C GLN F 687 -69.31 -84.90 61.75
N PRO F 688 -68.90 -85.95 61.07
CA PRO F 688 -68.79 -87.29 61.60
C PRO F 688 -68.04 -87.30 62.91
N GLU F 689 -68.38 -88.27 63.71
CA GLU F 689 -67.76 -88.42 65.00
C GLU F 689 -66.60 -89.36 64.94
N SER F 690 -66.90 -90.44 64.25
CA SER F 690 -66.00 -91.53 63.98
C SER F 690 -64.62 -91.04 63.64
N ALA F 691 -63.65 -91.86 63.90
CA ALA F 691 -62.31 -91.44 63.61
C ALA F 691 -62.03 -91.68 62.16
N GLY F 692 -61.09 -90.87 61.65
CA GLY F 692 -60.70 -90.96 60.27
C GLY F 692 -60.45 -89.62 59.63
N GLN F 693 -60.10 -89.71 58.33
CA GLN F 693 -59.80 -88.58 57.49
C GLN F 693 -60.98 -88.25 56.61
N LEU F 694 -61.34 -87.00 56.68
CA LEU F 694 -62.41 -86.51 55.91
C LEU F 694 -61.90 -85.82 54.66
N TRP F 695 -62.37 -86.27 53.52
CA TRP F 695 -61.88 -85.69 52.30
C TRP F 695 -62.92 -85.25 51.31
N LEU F 696 -62.61 -84.11 50.70
CA LEU F 696 -63.46 -83.57 49.71
C LEU F 696 -62.92 -83.77 48.31
N THR F 697 -63.80 -84.19 47.41
CA THR F 697 -63.38 -84.37 46.06
C THR F 697 -64.31 -83.83 45.02
N VAL F 698 -63.73 -83.10 44.07
CA VAL F 698 -64.48 -82.56 42.94
C VAL F 698 -64.01 -83.10 41.60
N ARG F 699 -64.98 -83.20 40.73
CA ARG F 699 -64.74 -83.68 39.40
C ARG F 699 -65.50 -82.85 38.40
N VAL F 700 -64.96 -82.77 37.21
CA VAL F 700 -65.62 -82.03 36.18
C VAL F 700 -66.04 -82.92 35.06
N VAL F 701 -67.34 -82.80 34.80
CA VAL F 701 -67.88 -83.61 33.76
C VAL F 701 -68.57 -82.93 32.65
N GLN F 702 -68.37 -83.60 31.51
CA GLN F 702 -68.93 -83.20 30.25
C GLN F 702 -70.08 -84.08 29.93
N PRO F 703 -71.22 -83.56 30.29
CA PRO F 703 -72.50 -84.18 30.12
C PRO F 703 -72.71 -84.60 28.69
N ASN F 704 -72.52 -83.68 27.75
CA ASN F 704 -72.73 -84.01 26.35
C ASN F 704 -71.47 -84.41 25.63
N ALA F 705 -71.58 -85.33 24.69
CA ALA F 705 -70.39 -85.71 23.98
C ALA F 705 -69.96 -84.60 23.05
N THR F 706 -68.74 -84.73 22.58
CA THR F 706 -68.15 -83.77 21.68
C THR F 706 -67.54 -84.53 20.57
N ALA F 707 -66.99 -83.78 19.66
CA ALA F 707 -66.37 -84.44 18.57
C ALA F 707 -65.20 -85.24 18.98
N TRP F 708 -64.68 -84.95 20.17
CA TRP F 708 -63.50 -85.70 20.55
C TRP F 708 -63.67 -86.38 21.85
N SER F 709 -64.87 -86.28 22.40
CA SER F 709 -65.13 -86.90 23.67
C SER F 709 -66.55 -87.38 23.80
N GLU F 710 -66.65 -88.43 24.59
CA GLU F 710 -67.92 -89.08 24.92
C GLU F 710 -68.70 -88.32 25.94
N ALA F 711 -69.93 -88.70 26.09
CA ALA F 711 -70.63 -87.98 27.11
C ALA F 711 -70.19 -88.48 28.45
N GLY F 712 -70.24 -87.63 29.44
CA GLY F 712 -69.79 -88.02 30.75
C GLY F 712 -68.26 -88.07 30.90
N HIS F 713 -67.57 -87.33 30.06
CA HIS F 713 -66.14 -87.33 30.16
C HIS F 713 -65.68 -86.50 31.35
N ILE F 714 -64.64 -87.01 32.01
CA ILE F 714 -64.06 -86.29 33.14
C ILE F 714 -62.92 -85.44 32.66
N SER F 715 -63.02 -84.16 32.85
CA SER F 715 -61.96 -83.31 32.35
C SER F 715 -61.06 -82.77 33.41
N ALA F 716 -61.52 -82.80 34.66
CA ALA F 716 -60.67 -82.27 35.68
C ALA F 716 -61.11 -82.69 37.05
N TRP F 717 -60.15 -82.74 37.94
CA TRP F 717 -60.50 -83.07 39.27
C TRP F 717 -59.56 -82.49 40.26
N GLN F 718 -59.98 -82.54 41.50
CA GLN F 718 -59.16 -82.02 42.56
C GLN F 718 -59.69 -82.47 43.90
N GLN F 719 -58.78 -82.69 44.83
CA GLN F 719 -59.30 -83.11 46.11
C GLN F 719 -58.66 -82.45 47.33
N TRP F 720 -59.36 -82.40 48.45
CA TRP F 720 -58.80 -81.80 49.64
C TRP F 720 -59.09 -82.58 50.91
N ARG F 721 -58.22 -82.46 51.89
CA ARG F 721 -58.48 -83.15 53.13
C ARG F 721 -59.14 -82.23 54.10
N LEU F 722 -60.36 -82.51 54.43
CA LEU F 722 -61.07 -81.61 55.30
C LEU F 722 -60.71 -81.69 56.74
N ALA F 723 -60.75 -82.86 57.27
CA ALA F 723 -60.43 -82.96 58.67
C ALA F 723 -59.89 -84.30 59.01
N GLU F 724 -59.58 -84.38 60.29
CA GLU F 724 -59.04 -85.58 60.84
C GLU F 724 -59.52 -85.80 62.24
N ASN F 725 -59.92 -87.01 62.51
CA ASN F 725 -60.35 -87.35 63.84
C ASN F 725 -59.43 -88.41 64.32
N LEU F 726 -58.49 -88.00 65.14
CA LEU F 726 -57.54 -88.95 65.68
C LEU F 726 -58.23 -89.98 66.53
N SER F 727 -57.80 -91.23 66.39
CA SER F 727 -58.41 -92.31 67.18
C SER F 727 -57.79 -92.47 68.54
N VAL F 728 -58.61 -92.27 69.53
CA VAL F 728 -58.16 -92.38 70.88
C VAL F 728 -58.65 -93.65 71.51
N THR F 729 -59.01 -94.60 70.69
CA THR F 729 -59.50 -95.76 71.35
C THR F 729 -58.49 -96.83 71.57
N LEU F 730 -58.93 -97.67 72.48
CA LEU F 730 -58.18 -98.78 72.91
C LEU F 730 -58.84 -100.07 72.54
N PRO F 731 -57.93 -100.94 72.18
CA PRO F 731 -58.21 -102.30 71.84
C PRO F 731 -58.76 -102.96 73.08
N ALA F 732 -59.89 -103.62 72.90
CA ALA F 732 -60.48 -104.31 74.04
C ALA F 732 -59.57 -105.47 74.44
N ALA F 733 -59.75 -105.91 75.68
CA ALA F 733 -58.97 -107.01 76.19
C ALA F 733 -59.18 -108.29 75.42
N SER F 734 -58.13 -109.10 75.48
CA SER F 734 -58.09 -110.40 74.87
C SER F 734 -58.19 -111.38 76.01
N HIS F 735 -58.76 -112.54 75.72
CA HIS F 735 -58.91 -113.50 76.78
C HIS F 735 -57.72 -114.39 76.92
N ALA F 736 -56.76 -114.15 76.06
CA ALA F 736 -55.59 -114.98 76.11
C ALA F 736 -54.43 -114.29 75.53
N ILE F 737 -53.30 -114.94 75.63
CA ILE F 737 -52.14 -114.34 75.09
C ILE F 737 -51.27 -115.35 74.43
N PRO F 738 -50.61 -114.89 73.40
CA PRO F 738 -49.78 -115.74 72.63
C PRO F 738 -48.86 -116.56 73.50
N HIS F 739 -48.50 -117.67 72.95
CA HIS F 739 -47.67 -118.53 73.69
C HIS F 739 -46.36 -118.75 72.99
N LEU F 740 -45.32 -118.28 73.66
CA LEU F 740 -43.98 -118.36 73.15
C LEU F 740 -43.35 -119.70 73.32
N THR F 741 -42.36 -120.02 72.52
CA THR F 741 -41.73 -121.32 72.61
C THR F 741 -40.37 -121.28 71.98
N THR F 742 -39.36 -121.39 72.80
CA THR F 742 -38.03 -121.33 72.27
C THR F 742 -37.60 -122.65 71.72
N SER F 743 -36.51 -122.63 71.00
CA SER F 743 -35.90 -123.76 70.35
C SER F 743 -34.51 -123.30 69.98
N GLU F 744 -33.73 -124.13 69.38
CA GLU F 744 -32.42 -123.63 69.07
C GLU F 744 -32.44 -122.76 67.85
N MET F 745 -33.25 -123.23 66.93
CA MET F 745 -33.42 -122.64 65.64
C MET F 745 -34.40 -121.55 65.64
N ASP F 746 -35.29 -121.56 66.62
CA ASP F 746 -36.21 -120.49 66.51
C ASP F 746 -37.07 -120.25 67.68
N PHE F 747 -38.00 -119.35 67.42
CA PHE F 747 -38.96 -118.96 68.40
C PHE F 747 -40.33 -119.23 67.86
N CME F 748 -41.23 -119.78 68.69
CA CME F 748 -42.57 -120.06 68.23
CB CME F 748 -43.00 -121.50 68.09
SG CME F 748 -42.60 -121.94 66.43
SD CME F 748 -44.26 -122.29 65.47
CE CME F 748 -43.48 -123.34 64.22
CZ CME F 748 -44.24 -124.66 63.98
OH CME F 748 -43.34 -125.77 64.00
C CME F 748 -43.66 -119.37 68.91
O CME F 748 -43.91 -119.52 70.10
N ILE F 749 -44.36 -118.65 68.11
CA ILE F 749 -45.47 -117.97 68.71
C ILE F 749 -46.73 -118.58 68.21
N GLU F 750 -47.54 -118.94 69.17
CA GLU F 750 -48.78 -119.55 68.85
C GLU F 750 -49.94 -118.86 69.50
N LEU F 751 -51.05 -118.92 68.81
CA LEU F 751 -52.27 -118.34 69.29
C LEU F 751 -53.41 -118.87 68.48
N GLY F 752 -54.07 -119.90 68.99
CA GLY F 752 -55.16 -120.49 68.24
C GLY F 752 -54.58 -121.23 67.07
N ASN F 753 -55.23 -121.08 65.94
CA ASN F 753 -54.80 -121.68 64.69
C ASN F 753 -53.58 -120.94 64.15
N LYS F 754 -53.41 -119.70 64.63
CA LYS F 754 -52.30 -118.90 64.18
C LYS F 754 -50.97 -119.23 64.85
N ARG F 755 -49.94 -119.20 64.01
CA ARG F 755 -48.59 -119.48 64.41
C ARG F 755 -47.58 -118.67 63.61
N TRP F 756 -46.55 -118.20 64.29
CA TRP F 756 -45.51 -117.41 63.67
C TRP F 756 -44.15 -117.93 64.02
N GLN F 757 -43.27 -118.01 63.07
CA GLN F 757 -41.97 -118.46 63.46
C GLN F 757 -40.80 -117.56 63.03
N PHE F 758 -39.88 -117.33 63.97
CA PHE F 758 -38.73 -116.51 63.65
C PHE F 758 -37.46 -117.29 63.69
N ASN F 759 -36.77 -117.36 62.57
CA ASN F 759 -35.52 -118.09 62.56
C ASN F 759 -34.47 -117.37 63.35
N ARG F 760 -33.88 -118.10 64.25
CA ARG F 760 -32.88 -117.53 65.12
C ARG F 760 -31.55 -117.29 64.49
N GLN F 761 -31.32 -117.86 63.34
CA GLN F 761 -30.01 -117.57 62.81
C GLN F 761 -30.06 -116.34 61.95
N SER F 762 -31.14 -116.22 61.21
CA SER F 762 -31.30 -115.13 60.28
C SER F 762 -31.92 -113.94 60.95
N GLY F 763 -32.65 -114.22 61.99
CA GLY F 763 -33.32 -113.13 62.63
C GLY F 763 -34.58 -112.69 61.88
N PHE F 764 -35.11 -113.47 60.94
CA PHE F 764 -36.31 -113.00 60.31
C PHE F 764 -37.48 -113.85 60.60
N LEU F 765 -38.63 -113.26 60.35
CA LEU F 765 -39.86 -113.97 60.48
C LEU F 765 -39.86 -114.87 59.26
N SER F 766 -39.62 -116.15 59.49
CA SER F 766 -39.48 -117.15 58.45
C SER F 766 -40.75 -117.79 57.95
N GLN F 767 -41.75 -117.94 58.79
CA GLN F 767 -42.95 -118.54 58.29
C GLN F 767 -44.07 -118.26 59.21
N MET F 768 -45.26 -118.43 58.70
CA MET F 768 -46.38 -118.25 59.52
C MET F 768 -47.50 -119.06 58.96
N TRP F 769 -48.35 -119.55 59.85
CA TRP F 769 -49.45 -120.40 59.46
C TRP F 769 -50.76 -119.95 59.94
N ILE F 770 -51.72 -120.33 59.17
CA ILE F 770 -53.08 -120.14 59.57
C ILE F 770 -53.63 -121.51 59.40
N GLY F 771 -53.91 -122.12 60.53
CA GLY F 771 -54.31 -123.48 60.48
C GLY F 771 -53.03 -124.23 60.13
N ASP F 772 -53.13 -125.07 59.14
CA ASP F 772 -52.01 -125.88 58.70
C ASP F 772 -51.42 -125.31 57.43
N LYS F 773 -51.87 -124.11 57.08
CA LYS F 773 -51.40 -123.48 55.88
C LYS F 773 -50.27 -122.52 56.09
N LYS F 774 -49.17 -122.82 55.43
CA LYS F 774 -48.03 -121.95 55.50
C LYS F 774 -48.41 -120.72 54.71
N GLN F 775 -47.88 -119.56 55.08
CA GLN F 775 -48.32 -118.38 54.37
C GLN F 775 -47.28 -117.73 53.52
N LEU F 776 -46.03 -118.07 53.77
CA LEU F 776 -45.01 -117.41 52.99
C LEU F 776 -44.11 -118.35 52.28
N LEU F 777 -43.74 -117.97 51.09
CA LEU F 777 -42.76 -118.75 50.36
C LEU F 777 -41.39 -118.19 50.64
N THR F 778 -41.36 -116.99 51.16
CA THR F 778 -40.12 -116.33 51.45
C THR F 778 -40.25 -115.54 52.72
N PRO F 779 -39.16 -115.45 53.46
CA PRO F 779 -39.14 -114.71 54.71
C PRO F 779 -39.27 -113.20 54.52
N LEU F 780 -39.79 -112.57 55.54
CA LEU F 780 -40.02 -111.16 55.52
C LEU F 780 -38.73 -110.42 55.75
N ARG F 781 -38.35 -109.61 54.77
CA ARG F 781 -37.14 -108.89 54.98
C ARG F 781 -37.00 -107.50 54.46
N ASP F 782 -35.99 -106.87 55.04
CA ASP F 782 -35.66 -105.51 54.73
C ASP F 782 -35.26 -105.43 53.30
N GLN F 783 -35.59 -104.34 52.68
CA GLN F 783 -35.19 -104.19 51.32
C GLN F 783 -34.80 -102.76 51.07
N PHE F 784 -33.66 -102.59 50.45
CA PHE F 784 -33.18 -101.24 50.19
C PHE F 784 -33.02 -100.86 48.74
N THR F 785 -33.28 -101.77 47.82
CA THR F 785 -33.07 -101.47 46.44
C THR F 785 -34.32 -101.58 45.59
N ARG F 786 -34.13 -101.25 44.31
CA ARG F 786 -35.19 -101.41 43.35
C ARG F 786 -34.67 -101.87 42.01
N ALA F 787 -35.55 -102.48 41.22
CA ALA F 787 -35.22 -102.89 39.88
C ALA F 787 -35.23 -101.59 39.11
N PRO F 788 -34.02 -101.15 38.81
CA PRO F 788 -33.72 -99.90 38.15
C PRO F 788 -34.67 -99.45 37.09
N LEU F 789 -35.00 -98.18 37.17
CA LEU F 789 -35.83 -97.60 36.15
C LEU F 789 -34.94 -97.16 35.02
N ASP F 790 -35.59 -96.85 33.93
CA ASP F 790 -34.82 -96.39 32.80
C ASP F 790 -34.00 -95.20 33.26
N ASN F 791 -34.69 -94.33 33.97
CA ASN F 791 -34.05 -93.15 34.52
C ASN F 791 -32.90 -93.52 35.48
N ASP F 792 -33.02 -94.64 36.19
CA ASP F 792 -31.95 -94.99 37.10
C ASP F 792 -30.68 -95.41 36.36
N ILE F 793 -30.89 -95.84 35.12
CA ILE F 793 -29.83 -96.34 34.28
C ILE F 793 -29.22 -95.32 33.37
N GLY F 794 -30.08 -94.56 32.71
CA GLY F 794 -29.63 -93.55 31.79
C GLY F 794 -28.96 -94.16 30.60
N VAL F 795 -27.71 -93.81 30.40
CA VAL F 795 -27.05 -94.37 29.26
C VAL F 795 -25.93 -95.29 29.63
N SER F 796 -25.94 -95.74 30.86
CA SER F 796 -24.91 -96.65 31.26
C SER F 796 -25.06 -97.96 30.49
N GLU F 797 -23.91 -98.40 30.03
CA GLU F 797 -23.81 -99.62 29.28
C GLU F 797 -22.73 -100.47 29.85
N ALA F 798 -22.93 -101.77 29.71
CA ALA F 798 -21.98 -102.75 30.18
C ALA F 798 -20.57 -102.43 29.71
N THR F 799 -20.50 -102.13 28.43
CA THR F 799 -19.28 -101.76 27.76
C THR F 799 -18.82 -100.39 28.26
N ARG F 800 -19.76 -99.45 28.21
CA ARG F 800 -19.53 -98.09 28.57
C ARG F 800 -20.40 -97.62 29.70
N ILE F 801 -19.88 -97.85 30.88
CA ILE F 801 -20.53 -97.51 32.12
C ILE F 801 -20.53 -96.02 32.43
N ASP F 802 -21.64 -95.55 32.99
CA ASP F 802 -21.80 -94.17 33.42
C ASP F 802 -21.88 -94.10 34.94
N PRO F 803 -20.72 -93.87 35.49
CA PRO F 803 -20.46 -93.75 36.90
C PRO F 803 -21.43 -92.85 37.64
N ASN F 804 -22.10 -91.93 36.98
CA ASN F 804 -22.98 -91.13 37.79
C ASN F 804 -24.38 -91.66 37.85
N ALA F 805 -24.69 -92.59 36.99
CA ALA F 805 -26.01 -93.15 37.04
C ALA F 805 -26.24 -93.78 38.42
N TRP F 806 -27.45 -93.57 38.91
CA TRP F 806 -27.85 -94.09 40.17
C TRP F 806 -27.51 -95.54 40.26
N VAL F 807 -27.98 -96.24 39.26
CA VAL F 807 -27.74 -97.65 39.25
C VAL F 807 -26.28 -97.98 39.42
N GLU F 808 -25.49 -97.20 38.71
CA GLU F 808 -24.08 -97.40 38.78
C GLU F 808 -23.57 -97.22 40.17
N ARG F 809 -24.04 -96.18 40.80
CA ARG F 809 -23.59 -95.92 42.14
C ARG F 809 -24.04 -96.94 43.15
N TRP F 810 -25.28 -97.34 43.00
CA TRP F 810 -25.83 -98.29 43.89
C TRP F 810 -25.04 -99.56 43.81
N LYS F 811 -24.73 -99.89 42.57
CA LYS F 811 -24.00 -101.10 42.29
C LYS F 811 -22.66 -101.02 42.94
N ALA F 812 -21.97 -99.98 42.59
CA ALA F 812 -20.66 -99.82 43.13
C ALA F 812 -20.62 -99.81 44.63
N ALA F 813 -21.70 -99.33 45.22
CA ALA F 813 -21.74 -99.26 46.67
C ALA F 813 -22.00 -100.63 47.28
N GLY F 814 -22.45 -101.56 46.46
CA GLY F 814 -22.72 -102.87 46.97
C GLY F 814 -24.12 -102.97 47.49
N HIS F 815 -24.92 -101.96 47.20
CA HIS F 815 -26.29 -102.02 47.69
C HIS F 815 -26.96 -103.28 47.26
N TYR F 816 -26.74 -103.62 46.01
CA TYR F 816 -27.38 -104.78 45.45
C TYR F 816 -26.85 -106.06 46.01
N GLN F 817 -25.74 -106.00 46.71
CA GLN F 817 -25.29 -107.28 47.19
C GLN F 817 -24.75 -107.30 48.60
N ALA F 818 -25.27 -106.41 49.41
CA ALA F 818 -24.80 -106.39 50.76
C ALA F 818 -25.40 -107.53 51.49
N GLU F 819 -24.65 -107.89 52.50
CA GLU F 819 -24.95 -108.99 53.35
C GLU F 819 -25.44 -108.56 54.70
N ALA F 820 -26.61 -109.07 55.02
CA ALA F 820 -27.17 -108.78 56.32
C ALA F 820 -26.46 -109.58 57.42
N ALA F 821 -26.38 -109.00 58.60
CA ALA F 821 -25.73 -109.66 59.73
C ALA F 821 -26.55 -109.48 61.00
N LEU F 822 -26.92 -110.58 61.63
CA LEU F 822 -27.69 -110.46 62.85
C LEU F 822 -26.83 -109.85 63.93
N LEU F 823 -27.32 -108.80 64.51
CA LEU F 823 -26.62 -108.20 65.57
C LEU F 823 -27.27 -108.65 66.83
N GLN F 824 -28.57 -108.88 66.74
CA GLN F 824 -29.29 -109.28 67.93
C GLN F 824 -30.71 -109.67 67.64
N CYS F 825 -31.18 -110.63 68.46
CA CYS F 825 -32.51 -111.16 68.29
C CYS F 825 -33.01 -111.67 69.61
N THR F 826 -34.06 -111.06 70.14
CA THR F 826 -34.55 -111.51 71.41
C THR F 826 -36.05 -111.58 71.49
N ALA F 827 -36.47 -112.43 72.42
CA ALA F 827 -37.87 -112.67 72.67
C ALA F 827 -38.19 -112.46 74.11
N ASP F 828 -39.40 -111.98 74.35
CA ASP F 828 -39.80 -111.68 75.69
C ASP F 828 -41.29 -111.75 75.84
N THR F 829 -41.70 -112.17 77.03
CA THR F 829 -43.10 -112.28 77.31
C THR F 829 -43.58 -111.21 78.22
N LEU F 830 -44.55 -110.51 77.70
CA LEU F 830 -45.12 -109.45 78.43
C LEU F 830 -46.45 -109.90 78.94
N ALA F 831 -47.04 -109.06 79.73
CA ALA F 831 -48.30 -109.42 80.27
C ALA F 831 -49.37 -109.58 79.25
N ASP F 832 -49.27 -108.85 78.15
CA ASP F 832 -50.35 -108.90 77.19
C ASP F 832 -49.95 -109.30 75.81
N ALA F 833 -48.66 -109.56 75.65
CA ALA F 833 -48.20 -109.98 74.36
C ALA F 833 -46.80 -110.52 74.40
N VAL F 834 -46.36 -110.89 73.23
CA VAL F 834 -45.02 -111.36 73.06
C VAL F 834 -44.24 -110.35 72.24
N LEU F 835 -43.01 -110.17 72.67
CA LEU F 835 -42.19 -109.20 72.06
C LEU F 835 -40.89 -109.71 71.54
N ILE F 836 -40.67 -109.41 70.26
CA ILE F 836 -39.44 -109.80 69.63
C ILE F 836 -38.64 -108.62 69.17
N THR F 837 -37.34 -108.71 69.38
CA THR F 837 -36.55 -107.61 68.88
C THR F 837 -35.31 -108.07 68.13
N THR F 838 -35.05 -107.37 67.04
CA THR F 838 -33.90 -107.70 66.22
C THR F 838 -33.11 -106.49 65.82
N ALA F 839 -31.93 -106.79 65.31
CA ALA F 839 -31.04 -105.77 64.85
C ALA F 839 -30.11 -106.38 63.86
N HIS F 840 -30.09 -105.82 62.66
CA HIS F 840 -29.22 -106.33 61.65
C HIS F 840 -28.38 -105.24 61.06
N ALA F 841 -27.34 -105.67 60.35
CA ALA F 841 -26.49 -104.72 59.70
C ALA F 841 -26.17 -105.17 58.29
N TRP F 842 -26.31 -104.30 57.32
CA TRP F 842 -25.92 -104.72 56.01
C TRP F 842 -24.55 -104.16 55.75
N GLN F 843 -23.65 -105.04 55.36
CA GLN F 843 -22.33 -104.57 55.10
C GLN F 843 -21.81 -104.99 53.78
N HIS F 844 -20.75 -104.32 53.44
CA HIS F 844 -20.15 -104.60 52.18
C HIS F 844 -18.72 -104.18 52.21
N GLN F 845 -17.88 -105.18 52.04
CA GLN F 845 -16.47 -104.93 52.08
C GLN F 845 -16.06 -104.16 53.31
N GLY F 846 -16.58 -104.60 54.45
CA GLY F 846 -16.21 -103.97 55.71
C GLY F 846 -16.98 -102.71 56.05
N LYS F 847 -17.74 -102.19 55.10
CA LYS F 847 -18.49 -101.03 55.43
C LYS F 847 -19.91 -101.38 55.79
N THR F 848 -20.41 -100.63 56.75
CA THR F 848 -21.77 -100.85 57.16
C THR F 848 -22.65 -99.83 56.46
N LEU F 849 -23.54 -100.30 55.60
CA LEU F 849 -24.43 -99.42 54.87
C LEU F 849 -25.64 -99.08 55.66
N PHE F 850 -26.30 -100.11 56.16
CA PHE F 850 -27.50 -99.86 56.92
C PHE F 850 -27.59 -100.64 58.17
N ILE F 851 -28.44 -100.12 59.01
CA ILE F 851 -28.76 -100.76 60.23
C ILE F 851 -30.24 -100.75 60.43
N SER F 852 -30.74 -101.93 60.64
CA SER F 852 -32.16 -102.09 60.81
C SER F 852 -32.50 -102.69 62.17
N ARG F 853 -33.26 -101.91 62.91
CA ARG F 853 -33.67 -102.35 64.22
C ARG F 853 -35.17 -102.47 64.30
N LYS F 854 -35.65 -103.65 64.66
CA LYS F 854 -37.09 -103.81 64.72
C LYS F 854 -37.60 -104.41 66.01
N THR F 855 -38.92 -104.33 66.12
CA THR F 855 -39.68 -104.93 67.19
C THR F 855 -40.96 -105.47 66.62
N TYR F 856 -41.23 -106.67 67.06
CA TYR F 856 -42.43 -107.30 66.63
C TYR F 856 -43.21 -107.61 67.87
N ARG F 857 -44.45 -107.17 67.85
CA ARG F 857 -45.23 -107.40 69.01
C ARG F 857 -46.59 -107.94 68.69
N ILE F 858 -46.77 -109.17 69.17
CA ILE F 858 -47.97 -109.95 68.96
C ILE F 858 -48.79 -110.07 70.18
N ASP F 859 -50.00 -109.61 70.08
CA ASP F 859 -50.89 -109.64 71.20
C ASP F 859 -51.91 -110.72 71.08
N GLY F 860 -52.76 -110.69 72.08
CA GLY F 860 -53.82 -111.65 72.20
C GLY F 860 -54.91 -111.44 71.17
N SER F 861 -54.84 -110.34 70.44
CA SER F 861 -55.87 -110.17 69.45
C SER F 861 -55.40 -110.82 68.16
N GLY F 862 -54.14 -111.25 68.16
CA GLY F 862 -53.60 -111.90 66.98
C GLY F 862 -53.01 -110.92 65.97
N GLN F 863 -52.75 -109.70 66.40
CA GLN F 863 -52.17 -108.76 65.49
C GLN F 863 -50.71 -108.61 65.73
N MET F 864 -50.02 -108.41 64.66
CA MET F 864 -48.61 -108.23 64.77
C MET F 864 -48.23 -106.82 64.38
N ALA F 865 -47.66 -106.12 65.33
CA ALA F 865 -47.25 -104.78 65.10
C ALA F 865 -45.76 -104.77 64.91
N ILE F 866 -45.38 -104.13 63.84
CA ILE F 866 -44.00 -104.05 63.50
C ILE F 866 -43.50 -102.65 63.52
N THR F 867 -42.31 -102.55 64.01
CA THR F 867 -41.69 -101.28 64.11
C THR F 867 -40.29 -101.32 63.58
N VAL F 868 -40.06 -100.39 62.67
CA VAL F 868 -38.78 -100.32 62.03
C VAL F 868 -38.09 -99.01 62.10
N ASP F 869 -36.83 -99.11 62.48
CA ASP F 869 -35.98 -97.94 62.55
C ASP F 869 -34.68 -98.24 61.87
N VAL F 870 -34.41 -97.44 60.83
CA VAL F 870 -33.20 -97.59 60.06
C VAL F 870 -32.25 -96.43 60.08
N GLU F 871 -30.98 -96.81 59.98
CA GLU F 871 -29.92 -95.86 59.93
C GLU F 871 -29.20 -96.12 58.64
N VAL F 872 -28.89 -95.02 57.93
CA VAL F 872 -28.18 -95.12 56.69
C VAL F 872 -26.89 -94.34 56.70
N ALA F 873 -25.80 -94.98 56.33
CA ALA F 873 -24.55 -94.25 56.33
C ALA F 873 -24.66 -93.02 55.48
N SER F 874 -24.24 -91.94 56.03
CA SER F 874 -24.31 -90.71 55.33
C SER F 874 -23.44 -90.75 54.09
N ASP F 875 -22.45 -91.61 54.10
CA ASP F 875 -21.63 -91.57 52.94
C ASP F 875 -21.96 -92.58 51.89
N THR F 876 -23.10 -93.21 52.03
CA THR F 876 -23.47 -94.11 50.98
C THR F 876 -24.50 -93.41 50.14
N PRO F 877 -24.68 -93.84 48.92
CA PRO F 877 -25.65 -93.23 48.04
C PRO F 877 -27.04 -93.47 48.56
N HIS F 878 -27.87 -92.46 48.47
CA HIS F 878 -29.21 -92.66 48.94
C HIS F 878 -29.84 -93.80 48.22
N PRO F 879 -30.40 -94.64 49.01
CA PRO F 879 -31.06 -95.86 48.61
C PRO F 879 -32.37 -95.57 47.93
N ALA F 880 -32.71 -96.44 47.01
CA ALA F 880 -33.92 -96.37 46.23
C ALA F 880 -35.14 -96.42 47.08
N ARG F 881 -35.02 -97.18 48.15
CA ARG F 881 -36.15 -97.34 49.00
C ARG F 881 -35.80 -97.96 50.32
N ILE F 882 -36.80 -97.93 51.20
CA ILE F 882 -36.69 -98.46 52.56
C ILE F 882 -37.96 -99.15 52.96
N GLY F 883 -37.88 -100.49 52.95
CA GLY F 883 -39.03 -101.27 53.26
C GLY F 883 -38.73 -102.73 53.49
N LEU F 884 -39.77 -103.47 53.29
CA LEU F 884 -39.71 -104.88 53.48
C LEU F 884 -40.34 -105.60 52.35
N ASN F 885 -40.02 -106.88 52.32
CA ASN F 885 -40.65 -107.68 51.33
C ASN F 885 -40.68 -109.14 51.66
N CYS F 886 -41.52 -109.80 50.90
CA CYS F 886 -41.66 -111.20 51.06
C CYS F 886 -42.53 -111.76 49.95
N GLN F 887 -42.43 -113.08 49.81
CA GLN F 887 -43.18 -113.78 48.82
C GLN F 887 -44.30 -114.52 49.50
N LEU F 888 -45.50 -114.06 49.27
CA LEU F 888 -46.61 -114.73 49.89
C LEU F 888 -46.96 -115.98 49.12
N ALA F 889 -47.32 -117.00 49.88
CA ALA F 889 -47.70 -118.25 49.27
C ALA F 889 -49.04 -118.15 48.52
N GLN F 890 -49.91 -117.35 49.03
CA GLN F 890 -51.20 -117.20 48.40
C GLN F 890 -51.16 -116.35 47.14
N VAL F 891 -52.23 -116.47 46.37
CA VAL F 891 -52.42 -115.72 45.17
C VAL F 891 -53.89 -115.40 44.99
N ALA F 892 -54.28 -114.13 45.03
CA ALA F 892 -55.69 -113.79 44.91
C ALA F 892 -56.06 -113.00 43.68
N GLU F 893 -57.33 -112.75 43.58
CA GLU F 893 -57.90 -112.08 42.43
C GLU F 893 -57.84 -110.57 42.45
N ARG F 894 -58.26 -110.06 43.59
CA ARG F 894 -58.33 -108.65 43.77
C ARG F 894 -57.37 -108.12 44.79
N VAL F 895 -57.27 -106.80 44.74
CA VAL F 895 -56.44 -106.02 45.62
C VAL F 895 -57.25 -104.82 46.04
N ASN F 896 -57.26 -104.62 47.33
CA ASN F 896 -58.08 -103.58 47.83
C ASN F 896 -57.31 -102.77 48.81
N TRP F 897 -57.36 -101.47 48.59
CA TRP F 897 -56.64 -100.61 49.47
C TRP F 897 -57.26 -99.26 49.61
N LEU F 898 -56.82 -98.67 50.69
CA LEU F 898 -57.21 -97.36 51.07
C LEU F 898 -55.97 -96.52 51.04
N GLY F 899 -55.89 -95.71 49.98
CA GLY F 899 -54.75 -94.87 49.74
C GLY F 899 -54.88 -94.19 48.40
N LEU F 900 -53.72 -93.85 47.83
CA LEU F 900 -53.67 -93.14 46.57
C LEU F 900 -53.91 -94.04 45.41
N GLY F 901 -54.88 -93.69 44.59
CA GLY F 901 -55.15 -94.53 43.46
C GLY F 901 -55.92 -93.83 42.38
N PRO F 902 -56.26 -94.60 41.39
CA PRO F 902 -56.01 -96.02 41.34
C PRO F 902 -54.75 -96.39 40.60
N GLN F 903 -54.23 -95.50 39.80
CA GLN F 903 -53.03 -95.90 39.07
C GLN F 903 -51.74 -95.82 39.83
N GLU F 904 -50.76 -96.47 39.22
CA GLU F 904 -49.39 -96.45 39.67
C GLU F 904 -49.03 -95.00 40.01
N ASN F 905 -48.41 -94.79 41.17
CA ASN F 905 -48.00 -93.45 41.56
C ASN F 905 -46.74 -93.45 42.37
N TYR F 906 -45.96 -92.44 42.16
CA TYR F 906 -44.69 -92.33 42.87
C TYR F 906 -44.62 -90.98 43.55
N PRO F 907 -43.67 -90.91 44.46
CA PRO F 907 -43.45 -89.75 45.28
C PRO F 907 -43.39 -88.49 44.49
N ASP F 908 -42.62 -88.48 43.41
CA ASP F 908 -42.55 -87.29 42.59
C ASP F 908 -43.53 -87.37 41.42
N ARG F 909 -44.46 -88.29 41.49
CA ARG F 909 -45.46 -88.35 40.43
C ARG F 909 -46.75 -88.88 41.01
N LEU F 910 -47.47 -88.03 41.74
CA LEU F 910 -48.68 -88.55 42.34
C LEU F 910 -49.78 -87.52 42.49
N THR F 911 -49.59 -86.35 41.98
CA THR F 911 -50.63 -85.37 42.14
C THR F 911 -51.91 -85.79 41.47
N ALA F 912 -51.82 -86.62 40.46
CA ALA F 912 -53.07 -86.94 39.82
C ALA F 912 -53.88 -87.98 40.55
N ALA F 913 -53.21 -88.70 41.44
CA ALA F 913 -53.83 -89.78 42.20
C ALA F 913 -54.80 -89.29 43.26
N CME F 914 -55.76 -90.12 43.66
CA CME F 914 -56.70 -89.77 44.66
CB CME F 914 -58.08 -89.47 44.13
SG CME F 914 -58.07 -87.95 43.18
SD CME F 914 -59.73 -88.40 42.12
CE CME F 914 -59.12 -89.68 40.94
CZ CME F 914 -60.21 -89.95 39.87
OH CME F 914 -61.46 -89.45 40.38
C CME F 914 -56.73 -90.69 45.80
O CME F 914 -56.48 -91.90 45.71
N PHE F 915 -57.03 -90.09 46.92
CA PHE F 915 -57.09 -90.84 48.13
C PHE F 915 -58.47 -91.41 48.30
N ASP F 916 -58.56 -92.70 48.17
CA ASP F 916 -59.84 -93.31 48.34
C ASP F 916 -59.69 -94.80 48.57
N ARG F 917 -60.79 -95.51 48.42
CA ARG F 917 -60.76 -96.93 48.53
C ARG F 917 -60.76 -97.54 47.17
N TRP F 918 -59.71 -98.27 46.88
CA TRP F 918 -59.60 -98.86 45.59
C TRP F 918 -59.61 -100.35 45.66
N ASP F 919 -60.19 -100.93 44.62
CA ASP F 919 -60.27 -102.37 44.49
C ASP F 919 -60.01 -102.71 43.05
N LEU F 920 -58.97 -103.47 42.80
CA LEU F 920 -58.64 -103.87 41.46
C LEU F 920 -58.15 -105.29 41.44
N PRO F 921 -58.01 -105.74 40.24
CA PRO F 921 -57.53 -107.05 39.98
C PRO F 921 -56.05 -106.98 39.93
N LEU F 922 -55.50 -108.01 40.52
CA LEU F 922 -54.10 -108.15 40.63
C LEU F 922 -53.31 -107.71 39.40
N SER F 923 -53.88 -108.08 38.27
CA SER F 923 -53.24 -107.77 37.01
C SER F 923 -53.02 -106.28 36.82
N ASP F 924 -53.97 -105.53 37.35
CA ASP F 924 -53.89 -104.11 37.23
C ASP F 924 -52.82 -103.53 38.12
N MET F 925 -52.31 -104.33 39.02
CA MET F 925 -51.30 -103.77 39.85
C MET F 925 -49.92 -103.90 39.23
N TYR F 926 -49.92 -104.18 37.92
CA TYR F 926 -48.67 -104.33 37.23
C TYR F 926 -48.57 -103.48 36.00
N THR F 927 -47.40 -102.89 35.83
CA THR F 927 -47.13 -102.02 34.71
C THR F 927 -46.08 -102.61 33.82
N PRO F 928 -46.63 -103.09 32.73
CA PRO F 928 -46.02 -103.77 31.60
C PRO F 928 -45.14 -102.87 30.73
N TYR F 929 -44.24 -102.18 31.40
CA TYR F 929 -43.30 -101.39 30.68
C TYR F 929 -42.54 -102.38 29.80
N VAL F 930 -42.46 -102.08 28.51
CA VAL F 930 -41.76 -102.98 27.63
C VAL F 930 -40.41 -103.41 28.18
N PHE F 931 -39.66 -102.42 28.60
CA PHE F 931 -38.41 -102.75 29.22
C PHE F 931 -38.74 -102.73 30.70
N PRO F 932 -38.60 -103.87 31.36
CA PRO F 932 -39.03 -104.00 32.73
C PRO F 932 -38.17 -103.40 33.82
N SER F 933 -38.88 -102.97 34.89
CA SER F 933 -38.28 -102.38 36.10
C SER F 933 -39.30 -102.22 37.24
N GLU F 934 -38.82 -101.69 38.39
CA GLU F 934 -39.74 -101.43 39.49
C GLU F 934 -40.97 -100.70 38.92
N ASN F 935 -42.18 -101.06 39.35
CA ASN F 935 -43.36 -100.41 38.84
C ASN F 935 -44.59 -100.73 39.67
N GLY F 936 -45.68 -100.11 39.31
CA GLY F 936 -46.96 -100.35 39.97
C GLY F 936 -47.12 -99.82 41.38
N LEU F 937 -46.14 -99.12 41.88
CA LEU F 937 -46.31 -98.61 43.22
C LEU F 937 -47.54 -97.72 43.42
N ARG F 938 -48.04 -97.78 44.63
CA ARG F 938 -49.09 -96.88 45.08
C ARG F 938 -48.67 -96.35 46.44
N CYS F 939 -48.70 -95.04 46.61
CA CYS F 939 -48.29 -94.43 47.86
C CYS F 939 -49.44 -93.98 48.71
N GLY F 940 -49.05 -93.50 49.88
CA GLY F 940 -49.98 -92.96 50.85
C GLY F 940 -51.06 -93.92 51.23
N THR F 941 -50.65 -95.13 51.48
CA THR F 941 -51.58 -96.15 51.84
C THR F 941 -51.64 -96.38 53.31
N ARG F 942 -52.87 -96.56 53.72
CA ARG F 942 -53.16 -96.76 55.09
C ARG F 942 -53.66 -98.12 55.47
N GLU F 943 -54.30 -98.78 54.50
CA GLU F 943 -54.83 -100.11 54.68
C GLU F 943 -54.73 -100.86 53.39
N LEU F 944 -54.22 -102.09 53.48
CA LEU F 944 -54.05 -102.95 52.35
C LEU F 944 -54.57 -104.32 52.64
N ASN F 945 -55.37 -104.82 51.71
CA ASN F 945 -56.00 -106.12 51.83
C ASN F 945 -55.77 -107.05 50.67
N TYR F 946 -55.26 -108.23 50.95
CA TYR F 946 -55.02 -109.24 49.95
C TYR F 946 -55.20 -110.59 50.60
N GLY F 947 -56.21 -111.30 50.12
CA GLY F 947 -56.53 -112.57 50.71
C GLY F 947 -57.04 -112.30 52.10
N PRO F 948 -56.67 -113.19 52.98
CA PRO F 948 -57.00 -113.13 54.38
C PRO F 948 -56.19 -112.06 55.08
N HIS F 949 -55.20 -111.50 54.38
CA HIS F 949 -54.36 -110.49 54.99
C HIS F 949 -54.80 -109.08 54.90
N GLN F 950 -54.28 -108.38 55.89
CA GLN F 950 -54.50 -106.98 56.02
C GLN F 950 -53.31 -106.28 56.65
N TRP F 951 -52.92 -105.18 56.02
CA TRP F 951 -51.84 -104.43 56.58
C TRP F 951 -52.28 -103.03 56.83
N ARG F 952 -51.76 -102.50 57.91
CA ARG F 952 -52.09 -101.16 58.26
C ARG F 952 -50.94 -100.34 58.72
N GLY F 953 -51.04 -99.11 58.29
CA GLY F 953 -50.06 -98.12 58.64
C GLY F 953 -50.09 -96.95 57.69
N ASP F 954 -48.89 -96.58 57.30
CA ASP F 954 -48.75 -95.48 56.39
C ASP F 954 -47.59 -95.80 55.48
N PHE F 955 -47.89 -96.38 54.34
CA PHE F 955 -46.80 -96.79 53.50
C PHE F 955 -47.20 -96.75 52.07
N GLN F 956 -46.27 -97.25 51.29
CA GLN F 956 -46.44 -97.42 49.87
C GLN F 956 -46.09 -98.83 49.58
N PHE F 957 -46.68 -99.35 48.51
CA PHE F 957 -46.40 -100.72 48.19
C PHE F 957 -46.67 -101.01 46.76
N ASN F 958 -46.27 -102.22 46.43
CA ASN F 958 -46.53 -102.81 45.14
C ASN F 958 -46.71 -104.30 45.38
N ILE F 959 -47.43 -104.92 44.45
CA ILE F 959 -47.70 -106.32 44.55
C ILE F 959 -47.89 -106.98 43.20
N SER F 960 -47.13 -108.04 42.96
CA SER F 960 -47.22 -108.72 41.67
C SER F 960 -46.65 -110.11 41.78
N ARG F 961 -46.43 -110.75 40.60
CA ARG F 961 -45.87 -112.08 40.56
C ARG F 961 -44.45 -112.07 40.12
N TYR F 962 -43.84 -110.91 40.19
CA TYR F 962 -42.48 -110.90 39.75
C TYR F 962 -41.58 -110.32 40.77
N SER F 963 -40.52 -111.02 41.04
CA SER F 963 -39.59 -110.50 41.99
C SER F 963 -38.85 -109.35 41.31
N GLN F 964 -38.28 -108.49 42.15
CA GLN F 964 -37.51 -107.40 41.63
C GLN F 964 -36.35 -107.99 40.85
N GLN F 965 -35.80 -109.07 41.36
CA GLN F 965 -34.71 -109.68 40.65
C GLN F 965 -35.12 -110.10 39.27
N GLN F 966 -36.29 -110.72 39.16
CA GLN F 966 -36.68 -111.12 37.84
C GLN F 966 -36.70 -109.90 36.93
N LEU F 967 -37.45 -108.91 37.37
CA LEU F 967 -37.60 -107.67 36.62
C LEU F 967 -36.29 -107.08 36.23
N MET F 968 -35.41 -107.14 37.18
CA MET F 968 -34.14 -106.58 36.96
C MET F 968 -33.33 -107.36 35.98
N GLU F 969 -33.54 -108.65 35.94
CA GLU F 969 -32.75 -109.48 35.05
C GLU F 969 -33.34 -109.72 33.68
N THR F 970 -34.59 -109.35 33.46
CA THR F 970 -35.24 -109.54 32.17
C THR F 970 -35.26 -108.27 31.34
N SER F 971 -34.98 -108.41 30.05
CA SER F 971 -34.95 -107.24 29.17
C SER F 971 -36.25 -106.96 28.46
N HIS F 972 -37.10 -107.94 28.32
CA HIS F 972 -38.32 -107.65 27.63
C HIS F 972 -39.45 -108.17 28.41
N ARG F 973 -40.53 -107.43 28.36
CA ARG F 973 -41.68 -107.82 29.09
C ARG F 973 -42.16 -109.22 28.76
N HIS F 974 -42.11 -109.52 27.47
CA HIS F 974 -42.60 -110.79 27.01
C HIS F 974 -41.88 -111.97 27.63
N LEU F 975 -40.73 -111.73 28.22
CA LEU F 975 -40.02 -112.82 28.85
C LEU F 975 -40.27 -113.02 30.32
N LEU F 976 -41.21 -112.30 30.86
CA LEU F 976 -41.38 -112.55 32.26
C LEU F 976 -42.37 -113.63 32.44
N HIS F 977 -42.12 -114.37 33.48
CA HIS F 977 -43.00 -115.42 33.82
C HIS F 977 -43.39 -115.26 35.27
N ALA F 978 -44.66 -115.44 35.54
CA ALA F 978 -45.10 -115.31 36.90
C ALA F 978 -44.37 -116.26 37.81
N GLU F 979 -44.11 -115.80 39.03
CA GLU F 979 -43.44 -116.63 39.99
C GLU F 979 -44.48 -117.32 40.83
N GLU F 980 -44.02 -118.22 41.66
CA GLU F 980 -44.84 -119.02 42.49
C GLU F 980 -45.97 -118.39 43.27
N GLY F 981 -45.73 -117.37 44.07
CA GLY F 981 -46.89 -116.88 44.78
C GLY F 981 -47.11 -115.45 44.42
N THR F 982 -47.21 -114.61 45.44
CA THR F 982 -47.34 -113.20 45.23
C THR F 982 -46.21 -112.45 45.92
N TRP F 983 -45.54 -111.63 45.15
CA TRP F 983 -44.47 -110.81 45.68
C TRP F 983 -45.01 -109.49 46.19
N LEU F 984 -44.60 -109.20 47.41
CA LEU F 984 -45.07 -107.99 48.03
C LEU F 984 -43.98 -107.12 48.60
N ASN F 985 -44.02 -105.87 48.15
CA ASN F 985 -43.10 -104.88 48.64
C ASN F 985 -43.85 -103.76 49.34
N ILE F 986 -43.49 -103.61 50.61
CA ILE F 986 -44.01 -102.57 51.46
C ILE F 986 -42.90 -101.63 51.88
N ASP F 987 -43.06 -100.42 51.39
CA ASP F 987 -42.09 -99.40 51.63
C ASP F 987 -42.53 -98.34 52.61
N GLY F 988 -41.60 -98.06 53.52
CA GLY F 988 -41.80 -96.99 54.46
C GLY F 988 -41.45 -95.73 53.67
N PHE F 989 -40.50 -95.85 52.76
CA PHE F 989 -40.08 -94.75 51.94
C PHE F 989 -39.55 -95.21 50.64
N HIS F 990 -39.74 -94.35 49.66
CA HIS F 990 -39.30 -94.67 48.35
C HIS F 990 -38.82 -93.46 47.60
N MET F 991 -37.68 -93.59 46.94
CA MET F 991 -37.10 -92.49 46.17
C MET F 991 -37.94 -92.05 44.99
N GLY F 992 -37.74 -90.82 44.53
CA GLY F 992 -38.51 -90.35 43.40
C GLY F 992 -38.05 -91.05 42.13
N ILE F 993 -38.72 -90.81 41.01
CA ILE F 993 -38.36 -91.46 39.75
C ILE F 993 -37.67 -90.56 38.77
N GLY F 994 -37.84 -89.25 38.94
CA GLY F 994 -37.19 -88.29 38.06
C GLY F 994 -37.79 -88.30 36.68
N GLY F 995 -37.02 -87.77 35.74
CA GLY F 995 -37.47 -87.74 34.37
C GLY F 995 -37.15 -86.47 33.63
N ASP F 996 -36.59 -85.47 34.32
CA ASP F 996 -36.28 -84.22 33.63
C ASP F 996 -35.58 -84.50 32.31
N ASP F 997 -34.82 -85.59 32.32
CA ASP F 997 -34.13 -86.16 31.19
C ASP F 997 -33.78 -87.57 31.57
N SER F 998 -33.44 -88.36 30.56
CA SER F 998 -33.14 -89.75 30.83
C SER F 998 -31.68 -90.10 30.60
N TRP F 999 -30.79 -89.12 30.63
CA TRP F 999 -29.40 -89.47 30.46
C TRP F 999 -28.47 -88.84 31.46
N SER F 1000 -29.09 -88.42 32.57
CA SER F 1000 -28.46 -87.82 33.72
C SER F 1000 -29.40 -87.97 34.88
N PRO F 1001 -28.84 -87.79 36.05
CA PRO F 1001 -29.61 -87.92 37.25
C PRO F 1001 -30.60 -86.78 37.31
N SER F 1002 -31.86 -87.14 37.39
CA SER F 1002 -32.91 -86.16 37.35
C SER F 1002 -33.82 -86.15 38.55
N VAL F 1003 -33.52 -86.93 39.57
CA VAL F 1003 -34.39 -86.92 40.74
C VAL F 1003 -34.06 -85.75 41.68
N SER F 1004 -35.03 -84.89 41.98
CA SER F 1004 -34.67 -83.81 42.88
C SER F 1004 -34.47 -84.19 44.31
N ALA F 1005 -33.60 -83.41 44.87
CA ALA F 1005 -33.23 -83.57 46.23
C ALA F 1005 -34.40 -83.83 47.12
N GLU F 1006 -35.49 -83.09 46.98
CA GLU F 1006 -36.61 -83.39 47.87
C GLU F 1006 -37.05 -84.80 47.73
N PHE F 1007 -36.65 -85.48 46.66
CA PHE F 1007 -37.12 -86.83 46.57
C PHE F 1007 -36.12 -87.87 46.84
N GLN F 1008 -34.98 -87.48 47.35
CA GLN F 1008 -33.96 -88.45 47.68
C GLN F 1008 -34.06 -88.84 49.13
N LEU F 1009 -33.73 -90.10 49.43
CA LEU F 1009 -33.81 -90.60 50.80
C LEU F 1009 -32.49 -90.25 51.47
N SER F 1010 -32.40 -89.01 51.83
CA SER F 1010 -31.17 -88.52 52.39
C SER F 1010 -31.19 -88.23 53.89
N ALA F 1011 -32.29 -88.53 54.56
CA ALA F 1011 -32.42 -88.23 55.96
C ALA F 1011 -31.46 -88.92 56.91
N GLY F 1012 -30.94 -90.06 56.56
CA GLY F 1012 -30.04 -90.71 57.49
C GLY F 1012 -30.79 -91.62 58.47
N ARG F 1013 -31.93 -91.16 58.91
CA ARG F 1013 -32.65 -92.01 59.81
C ARG F 1013 -34.08 -92.10 59.42
N TYR F 1014 -34.61 -93.30 59.42
CA TYR F 1014 -35.98 -93.50 59.05
C TYR F 1014 -36.71 -94.42 60.00
N HIS F 1015 -37.98 -94.11 60.18
CA HIS F 1015 -38.82 -94.87 61.04
C HIS F 1015 -40.16 -95.21 60.42
N TYR F 1016 -40.64 -96.42 60.66
CA TYR F 1016 -41.96 -96.79 60.19
C TYR F 1016 -42.54 -97.96 60.96
N GLN F 1017 -43.87 -98.01 60.95
CA GLN F 1017 -44.61 -99.02 61.68
C GLN F 1017 -45.70 -99.65 60.91
N LEU F 1018 -45.99 -100.84 61.30
CA LEU F 1018 -46.95 -101.55 60.58
C LEU F 1018 -47.72 -102.56 61.36
N VAL F 1019 -48.89 -102.83 60.83
CA VAL F 1019 -49.72 -103.82 61.45
C VAL F 1019 -50.24 -104.89 60.53
N TRP F 1020 -50.01 -106.13 60.92
CA TRP F 1020 -50.40 -107.21 60.09
C TRP F 1020 -51.38 -108.18 60.79
N CME F 1021 -52.43 -108.52 60.10
CA CME F 1021 -53.45 -109.47 60.54
CB CME F 1021 -54.53 -108.82 61.35
SG CME F 1021 -54.19 -107.07 61.41
SD CME F 1021 -56.01 -106.35 61.15
CE CME F 1021 -56.61 -107.72 60.14
CZ CME F 1021 -57.59 -108.63 60.89
OH CME F 1021 -58.73 -108.82 60.09
C CME F 1021 -54.19 -110.17 59.44
O CME F 1021 -54.10 -109.82 58.29
N GLN F 1022 -54.92 -111.17 59.92
CA GLN F 1022 -55.71 -112.01 59.12
C GLN F 1022 -57.13 -111.96 59.51
N LYS F 1023 -57.99 -112.37 58.58
CA LYS F 1023 -59.42 -112.42 58.77
C LYS F 1023 -59.88 -113.85 58.55
N ILE G 3 -17.23 -93.31 -23.08
CA ILE G 3 -18.65 -93.40 -23.54
C ILE G 3 -19.64 -92.48 -22.78
N THR G 4 -19.51 -92.54 -21.48
CA THR G 4 -20.33 -91.71 -20.66
C THR G 4 -19.63 -90.39 -20.68
N ASP G 5 -18.43 -90.36 -21.25
CA ASP G 5 -17.68 -89.13 -21.39
C ASP G 5 -18.07 -88.50 -22.71
N SER G 6 -19.00 -89.15 -23.36
CA SER G 6 -19.43 -88.71 -24.65
C SER G 6 -20.35 -87.51 -24.65
N LEU G 7 -20.06 -86.62 -25.57
CA LEU G 7 -20.90 -85.47 -25.75
C LEU G 7 -22.34 -85.92 -25.75
N ALA G 8 -22.58 -86.83 -26.61
CA ALA G 8 -23.90 -87.32 -26.79
C ALA G 8 -24.62 -87.53 -25.49
N VAL G 9 -23.84 -88.02 -24.57
CA VAL G 9 -24.31 -88.34 -23.27
C VAL G 9 -24.34 -87.13 -22.33
N VAL G 10 -23.19 -86.48 -22.21
CA VAL G 10 -23.08 -85.32 -21.38
C VAL G 10 -24.17 -84.30 -21.71
N LEU G 11 -24.20 -83.89 -22.94
CA LEU G 11 -25.17 -82.89 -23.32
C LEU G 11 -26.57 -83.37 -23.20
N GLN G 12 -26.69 -84.61 -22.85
CA GLN G 12 -28.02 -85.09 -22.77
C GLN G 12 -28.81 -84.28 -21.75
N ARG G 13 -28.20 -84.16 -20.59
CA ARG G 13 -28.83 -83.49 -19.48
C ARG G 13 -29.15 -82.02 -19.64
N ARG G 14 -28.35 -81.28 -20.42
CA ARG G 14 -28.67 -79.89 -20.60
C ARG G 14 -28.69 -79.15 -19.28
N ASP G 15 -27.57 -79.26 -18.64
CA ASP G 15 -27.35 -78.62 -17.37
C ASP G 15 -27.49 -77.12 -17.48
N TRP G 16 -27.19 -76.62 -18.66
CA TRP G 16 -27.27 -75.21 -18.95
C TRP G 16 -28.69 -74.72 -19.10
N GLU G 17 -29.65 -75.59 -18.84
CA GLU G 17 -31.02 -75.14 -18.88
C GLU G 17 -31.68 -75.56 -17.58
N ASN G 18 -30.86 -75.56 -16.54
CA ASN G 18 -31.34 -75.97 -15.26
C ASN G 18 -30.66 -75.29 -14.12
N PRO G 19 -31.41 -74.33 -13.59
CA PRO G 19 -31.08 -73.50 -12.44
C PRO G 19 -30.71 -74.38 -11.26
N GLY G 20 -31.18 -75.63 -11.30
CA GLY G 20 -30.86 -76.57 -10.26
C GLY G 20 -29.41 -77.00 -10.43
N VAL G 21 -28.88 -76.89 -11.62
CA VAL G 21 -27.51 -77.29 -11.71
C VAL G 21 -26.67 -76.11 -12.05
N THR G 22 -25.80 -75.79 -11.12
CA THR G 22 -24.98 -74.62 -11.36
C THR G 22 -23.51 -74.96 -11.43
N GLN G 23 -23.23 -76.18 -11.06
CA GLN G 23 -21.88 -76.65 -11.11
C GLN G 23 -21.90 -78.17 -10.98
N LEU G 24 -20.76 -78.80 -11.30
CA LEU G 24 -20.60 -80.23 -11.21
C LEU G 24 -19.16 -80.52 -10.88
N ASN G 25 -18.95 -81.12 -9.75
CA ASN G 25 -17.59 -81.44 -9.35
C ASN G 25 -16.66 -80.28 -9.20
N ARG G 26 -17.21 -79.09 -9.06
CA ARG G 26 -16.37 -77.92 -8.86
C ARG G 26 -15.94 -77.88 -7.42
N LEU G 27 -14.69 -77.51 -7.15
CA LEU G 27 -14.24 -77.44 -5.77
C LEU G 27 -14.81 -76.22 -5.06
N ALA G 28 -14.53 -76.15 -3.78
CA ALA G 28 -15.00 -75.04 -2.97
C ALA G 28 -14.14 -73.80 -3.10
N ALA G 29 -14.84 -72.68 -2.92
CA ALA G 29 -14.31 -71.33 -3.00
C ALA G 29 -13.38 -70.96 -1.84
N HIS G 30 -12.52 -69.98 -2.01
CA HIS G 30 -11.61 -69.60 -0.95
C HIS G 30 -10.73 -68.48 -1.46
N PRO G 31 -10.00 -67.93 -0.53
CA PRO G 31 -9.09 -66.89 -0.91
C PRO G 31 -7.96 -67.50 -1.70
N PRO G 32 -7.27 -66.64 -2.31
CA PRO G 32 -6.15 -66.91 -3.15
C PRO G 32 -4.96 -67.64 -2.52
N PHE G 33 -4.65 -68.75 -3.17
CA PHE G 33 -3.54 -69.61 -2.81
C PHE G 33 -2.42 -69.61 -3.85
N ALA G 34 -1.20 -69.88 -3.37
CA ALA G 34 0.00 -69.97 -4.19
C ALA G 34 0.74 -71.26 -3.84
N SER G 35 0.49 -71.73 -2.64
CA SER G 35 1.15 -72.92 -2.19
C SER G 35 2.64 -72.74 -2.14
N TRP G 36 3.09 -71.59 -1.66
CA TRP G 36 4.51 -71.46 -1.57
C TRP G 36 5.02 -72.60 -0.76
N ARG G 37 6.25 -72.98 -1.07
CA ARG G 37 6.88 -74.03 -0.31
C ARG G 37 8.04 -73.45 0.46
N ASN G 38 8.12 -72.12 0.48
CA ASN G 38 9.14 -71.41 1.23
C ASN G 38 8.54 -70.14 1.79
N SER G 39 8.79 -69.96 3.08
CA SER G 39 8.28 -68.80 3.75
C SER G 39 8.64 -67.46 3.09
N GLU G 40 9.93 -67.20 3.03
CA GLU G 40 10.40 -65.97 2.46
C GLU G 40 9.70 -65.58 1.20
N GLU G 41 9.56 -66.55 0.34
CA GLU G 41 8.91 -66.30 -0.91
C GLU G 41 7.52 -65.79 -0.71
N ALA G 42 6.77 -66.60 -0.01
CA ALA G 42 5.43 -66.21 0.29
C ALA G 42 5.48 -64.85 0.95
N ARG G 43 6.39 -64.70 1.85
CA ARG G 43 6.47 -63.44 2.54
C ARG G 43 6.67 -62.26 1.65
N THR G 44 7.52 -62.42 0.67
CA THR G 44 7.84 -61.33 -0.23
C THR G 44 7.05 -61.46 -1.49
N ASP G 45 5.98 -62.19 -1.37
CA ASP G 45 5.14 -62.35 -2.51
C ASP G 45 5.91 -62.70 -3.76
N ARG G 46 6.82 -63.67 -3.70
CA ARG G 46 7.48 -64.02 -4.93
C ARG G 46 6.52 -64.86 -5.72
N PRO G 47 7.03 -65.58 -6.70
CA PRO G 47 6.10 -66.37 -7.47
C PRO G 47 6.25 -67.81 -7.15
N SER G 48 5.13 -68.47 -6.98
CA SER G 48 5.20 -69.87 -6.65
C SER G 48 5.14 -70.72 -7.88
N GLN G 49 5.90 -71.77 -7.78
CA GLN G 49 5.98 -72.70 -8.86
C GLN G 49 4.87 -73.69 -8.74
N GLN G 50 4.13 -73.71 -7.62
CA GLN G 50 3.04 -74.67 -7.58
C GLN G 50 1.86 -74.07 -8.30
N LEU G 51 2.15 -72.89 -8.82
CA LEU G 51 1.21 -72.15 -9.56
C LEU G 51 1.68 -71.94 -10.98
N ARG G 52 0.88 -72.40 -11.93
CA ARG G 52 1.26 -72.29 -13.30
C ARG G 52 0.19 -71.76 -14.22
N SER G 53 0.58 -70.79 -15.05
CA SER G 53 -0.39 -70.24 -15.97
C SER G 53 -0.52 -71.01 -17.23
N LEU G 54 -1.73 -71.11 -17.73
CA LEU G 54 -1.99 -71.80 -18.96
C LEU G 54 -2.39 -70.83 -20.02
N ASN G 55 -2.15 -69.58 -19.69
CA ASN G 55 -2.51 -68.57 -20.63
C ASN G 55 -1.54 -68.63 -21.76
N GLY G 56 -2.08 -68.39 -22.95
CA GLY G 56 -1.30 -68.35 -24.15
C GLY G 56 -2.12 -68.80 -25.33
N GLU G 57 -1.39 -69.41 -26.26
CA GLU G 57 -2.02 -69.88 -27.47
C GLU G 57 -2.78 -71.15 -27.23
N TRP G 58 -3.98 -71.17 -27.76
CA TRP G 58 -4.84 -72.32 -27.56
C TRP G 58 -5.54 -72.60 -28.86
N ARG G 59 -6.32 -73.65 -28.89
CA ARG G 59 -6.97 -73.91 -30.14
C ARG G 59 -8.45 -73.74 -30.02
N PHE G 60 -8.96 -72.99 -30.97
CA PHE G 60 -10.34 -72.66 -30.90
C PHE G 60 -11.17 -73.04 -32.09
N ALA G 61 -12.43 -73.32 -31.82
CA ALA G 61 -13.34 -73.60 -32.90
C ALA G 61 -14.73 -73.25 -32.46
N TRP G 62 -15.47 -72.66 -33.35
CA TRP G 62 -16.76 -72.18 -33.02
C TRP G 62 -17.93 -72.90 -33.66
N PHE G 63 -19.02 -73.04 -32.97
CA PHE G 63 -20.18 -73.71 -33.52
C PHE G 63 -21.40 -73.02 -33.06
N PRO G 64 -22.33 -72.98 -33.95
CA PRO G 64 -23.66 -72.40 -33.80
C PRO G 64 -24.47 -73.08 -32.70
N ALA G 65 -24.06 -74.28 -32.31
CA ALA G 65 -24.76 -75.00 -31.28
C ALA G 65 -23.90 -76.09 -30.73
N PRO G 66 -24.20 -76.44 -29.51
CA PRO G 66 -23.46 -77.46 -28.82
C PRO G 66 -23.60 -78.81 -29.53
N GLU G 67 -24.85 -79.10 -29.87
CA GLU G 67 -25.21 -80.32 -30.56
C GLU G 67 -24.36 -80.53 -31.83
N ALA G 68 -23.97 -79.47 -32.47
CA ALA G 68 -23.13 -79.61 -33.64
C ALA G 68 -21.68 -79.97 -33.31
N VAL G 69 -21.35 -80.24 -32.08
CA VAL G 69 -19.96 -80.59 -31.87
C VAL G 69 -19.67 -82.05 -32.20
N PRO G 70 -18.41 -82.32 -32.56
CA PRO G 70 -17.94 -83.63 -32.98
C PRO G 70 -17.09 -84.32 -31.95
N GLU G 71 -17.57 -85.53 -31.70
CA GLU G 71 -17.00 -86.40 -30.74
C GLU G 71 -15.51 -86.49 -30.85
N SER G 72 -15.10 -86.41 -32.07
CA SER G 72 -13.68 -86.44 -32.38
C SER G 72 -12.97 -85.41 -31.55
N TRP G 73 -13.66 -84.27 -31.43
CA TRP G 73 -13.15 -83.12 -30.74
C TRP G 73 -12.52 -83.52 -29.43
N LEU G 74 -13.18 -84.47 -28.80
CA LEU G 74 -12.78 -84.98 -27.50
C LEU G 74 -11.44 -85.63 -27.51
N GLU G 75 -11.26 -86.31 -28.63
CA GLU G 75 -10.05 -87.06 -28.85
C GLU G 75 -9.03 -86.27 -29.58
N CYS G 76 -9.49 -85.70 -30.67
CA CYS G 76 -8.58 -85.03 -31.52
C CYS G 76 -8.91 -83.63 -31.78
N ASP G 77 -7.83 -82.87 -31.88
CA ASP G 77 -7.90 -81.47 -32.22
C ASP G 77 -8.51 -81.32 -33.59
N LEU G 78 -9.09 -80.18 -33.88
CA LEU G 78 -9.65 -80.11 -35.20
C LEU G 78 -8.69 -79.59 -36.22
N PRO G 79 -9.09 -79.83 -37.44
CA PRO G 79 -8.32 -79.43 -38.58
C PRO G 79 -8.58 -77.96 -38.82
N GLU G 80 -9.87 -77.66 -38.76
CA GLU G 80 -10.38 -76.33 -38.96
C GLU G 80 -10.25 -75.46 -37.71
N ALA G 81 -9.60 -76.00 -36.70
CA ALA G 81 -9.38 -75.25 -35.51
C ALA G 81 -8.41 -74.12 -35.77
N ASP G 82 -8.56 -73.03 -35.05
CA ASP G 82 -7.67 -71.90 -35.18
C ASP G 82 -6.83 -71.78 -33.96
N THR G 83 -5.76 -71.07 -34.09
CA THR G 83 -4.97 -70.88 -32.93
C THR G 83 -5.30 -69.53 -32.39
N VAL G 84 -5.63 -69.50 -31.09
CA VAL G 84 -6.05 -68.29 -30.42
C VAL G 84 -5.36 -68.05 -29.10
N VAL G 85 -5.40 -66.79 -28.71
CA VAL G 85 -4.85 -66.43 -27.44
C VAL G 85 -5.91 -66.38 -26.38
N VAL G 86 -5.53 -66.93 -25.24
CA VAL G 86 -6.37 -66.99 -24.11
C VAL G 86 -5.64 -66.34 -22.96
N PRO G 87 -6.36 -65.51 -22.18
CA PRO G 87 -7.81 -65.32 -22.27
C PRO G 87 -8.26 -64.34 -23.32
N SER G 88 -9.54 -64.47 -23.66
CA SER G 88 -10.11 -63.60 -24.66
C SER G 88 -11.61 -63.76 -24.88
N ASN G 89 -12.16 -62.80 -25.65
CA ASN G 89 -13.57 -62.87 -25.98
C ASN G 89 -13.71 -63.21 -27.43
N TRP G 90 -14.35 -64.30 -27.64
CA TRP G 90 -14.47 -64.72 -28.99
C TRP G 90 -15.08 -63.74 -29.96
N GLN G 91 -16.01 -62.91 -29.50
CA GLN G 91 -16.59 -61.93 -30.38
C GLN G 91 -15.53 -60.97 -30.83
N MET G 92 -14.49 -60.86 -30.00
CA MET G 92 -13.40 -59.95 -30.33
C MET G 92 -12.55 -60.48 -31.45
N HIS G 93 -12.80 -61.72 -31.83
CA HIS G 93 -12.04 -62.35 -32.88
C HIS G 93 -12.85 -62.58 -34.11
N GLY G 94 -13.99 -61.96 -34.14
CA GLY G 94 -14.86 -62.06 -35.27
C GLY G 94 -15.70 -63.30 -35.27
N TYR G 95 -15.59 -64.14 -34.26
CA TYR G 95 -16.42 -65.33 -34.33
C TYR G 95 -17.93 -65.15 -34.46
N ASP G 96 -18.43 -64.17 -33.72
CA ASP G 96 -19.82 -63.76 -33.76
C ASP G 96 -19.84 -62.36 -33.23
N ALA G 97 -21.05 -61.82 -33.19
CA ALA G 97 -21.22 -60.46 -32.73
C ALA G 97 -21.40 -60.25 -31.24
N PRO G 98 -20.88 -59.12 -30.80
CA PRO G 98 -21.06 -58.71 -29.45
C PRO G 98 -22.37 -57.98 -29.47
N ILE G 99 -23.13 -58.12 -28.40
CA ILE G 99 -24.39 -57.44 -28.34
C ILE G 99 -24.43 -56.37 -27.28
N TYR G 100 -25.12 -55.31 -27.68
CA TYR G 100 -25.32 -54.23 -26.78
C TYR G 100 -26.77 -53.85 -26.55
N THR G 101 -27.34 -54.46 -25.48
CA THR G 101 -28.63 -54.11 -24.92
C THR G 101 -28.34 -53.78 -23.47
N ASN G 102 -29.30 -53.07 -22.88
CA ASN G 102 -29.23 -52.63 -21.51
C ASN G 102 -30.14 -53.42 -20.59
N VAL G 103 -31.43 -53.27 -20.84
CA VAL G 103 -32.42 -53.93 -20.02
C VAL G 103 -32.89 -55.22 -20.62
N THR G 104 -33.34 -55.08 -21.86
CA THR G 104 -33.85 -56.17 -22.61
C THR G 104 -32.86 -57.30 -22.76
N TYR G 105 -33.32 -58.49 -22.44
CA TYR G 105 -32.49 -59.65 -22.56
C TYR G 105 -32.14 -59.90 -24.02
N PRO G 106 -30.91 -60.30 -24.22
CA PRO G 106 -30.42 -60.61 -25.53
C PRO G 106 -31.18 -61.81 -26.09
N ILE G 107 -31.67 -62.66 -25.22
CA ILE G 107 -32.40 -63.80 -25.73
C ILE G 107 -33.84 -63.73 -25.31
N THR G 108 -34.60 -64.68 -25.78
CA THR G 108 -36.01 -64.71 -25.45
C THR G 108 -36.22 -65.09 -24.02
N VAL G 109 -37.17 -64.41 -23.43
CA VAL G 109 -37.43 -64.68 -22.04
C VAL G 109 -38.27 -65.89 -21.73
N ASN G 110 -37.59 -66.97 -21.38
CA ASN G 110 -38.29 -68.17 -21.06
C ASN G 110 -37.49 -69.09 -20.21
N PRO G 111 -37.21 -68.56 -19.06
CA PRO G 111 -36.47 -69.27 -18.08
C PRO G 111 -37.17 -70.59 -17.82
N PRO G 112 -36.34 -71.58 -17.66
CA PRO G 112 -34.89 -71.37 -17.66
C PRO G 112 -34.30 -71.75 -18.96
N PHE G 113 -35.09 -71.54 -20.00
CA PHE G 113 -34.65 -71.90 -21.31
C PHE G 113 -33.88 -70.87 -22.05
N VAL G 114 -32.84 -71.40 -22.64
CA VAL G 114 -31.92 -70.74 -23.51
C VAL G 114 -32.31 -71.13 -24.96
N PRO G 115 -31.83 -70.39 -25.94
CA PRO G 115 -32.16 -70.69 -27.33
C PRO G 115 -31.32 -71.81 -27.94
N THR G 116 -32.02 -72.65 -28.70
CA THR G 116 -31.46 -73.81 -29.37
C THR G 116 -30.15 -73.52 -30.07
N GLU G 117 -30.09 -72.35 -30.69
CA GLU G 117 -28.89 -71.92 -31.36
C GLU G 117 -28.07 -71.19 -30.34
N ASN G 118 -27.18 -71.92 -29.76
CA ASN G 118 -26.41 -71.32 -28.76
C ASN G 118 -24.96 -71.56 -29.05
N PRO G 119 -24.40 -70.50 -29.45
CA PRO G 119 -23.01 -70.42 -29.84
C PRO G 119 -22.08 -71.09 -28.89
N THR G 120 -21.40 -72.10 -29.41
CA THR G 120 -20.47 -72.84 -28.62
C THR G 120 -19.03 -72.60 -29.01
N GLY G 121 -18.16 -72.49 -28.04
CA GLY G 121 -16.76 -72.26 -28.33
C GLY G 121 -15.93 -73.40 -27.79
N CYS G 122 -15.31 -74.16 -28.69
CA CYS G 122 -14.49 -75.27 -28.25
C CYS G 122 -13.06 -74.88 -28.14
N TYR G 123 -12.63 -74.84 -26.91
CA TYR G 123 -11.27 -74.49 -26.63
C TYR G 123 -10.54 -75.75 -26.26
N SER G 124 -9.28 -75.79 -26.64
CA SER G 124 -8.49 -76.98 -26.38
C SER G 124 -7.06 -76.66 -26.15
N LEU G 125 -6.47 -77.47 -25.31
CA LEU G 125 -5.10 -77.24 -25.03
C LEU G 125 -4.32 -78.45 -24.56
N THR G 126 -3.19 -78.54 -25.21
CA THR G 126 -2.29 -79.62 -24.98
C THR G 126 -1.08 -79.15 -24.23
N PHE G 127 -0.80 -79.84 -23.16
CA PHE G 127 0.30 -79.42 -22.36
C PHE G 127 0.87 -80.59 -21.60
N ASN G 128 2.04 -80.23 -21.12
CA ASN G 128 2.90 -81.11 -20.41
C ASN G 128 2.89 -80.86 -18.96
N VAL G 129 2.97 -81.95 -18.24
CA VAL G 129 2.98 -81.89 -16.81
C VAL G 129 4.20 -82.53 -16.22
N ASP G 130 4.84 -81.83 -15.29
CA ASP G 130 5.96 -82.48 -14.64
C ASP G 130 5.38 -83.67 -13.90
N GLU G 131 6.13 -84.74 -13.83
CA GLU G 131 5.58 -85.88 -13.16
C GLU G 131 5.73 -85.79 -11.66
N SER G 132 6.72 -85.03 -11.24
CA SER G 132 6.89 -84.91 -9.82
C SER G 132 5.54 -84.54 -9.19
N TRP G 133 4.82 -83.70 -9.92
CA TRP G 133 3.51 -83.26 -9.53
C TRP G 133 2.56 -84.43 -9.55
N LEU G 134 2.85 -85.29 -10.48
CA LEU G 134 2.03 -86.44 -10.66
C LEU G 134 2.23 -87.46 -9.56
N GLN G 135 3.38 -87.36 -8.93
CA GLN G 135 3.65 -88.30 -7.87
C GLN G 135 2.83 -88.03 -6.65
N GLU G 136 3.20 -86.94 -5.99
CA GLU G 136 2.53 -86.56 -4.78
C GLU G 136 1.66 -85.30 -4.91
N GLY G 137 0.88 -85.04 -3.87
CA GLY G 137 0.05 -83.86 -3.82
C GLY G 137 -1.17 -83.86 -4.72
N GLN G 138 -1.72 -82.65 -4.86
CA GLN G 138 -2.89 -82.43 -5.63
C GLN G 138 -2.77 -81.33 -6.65
N THR G 139 -3.32 -81.69 -7.78
CA THR G 139 -3.29 -80.80 -8.88
C THR G 139 -4.65 -80.46 -9.42
N ARG G 140 -4.85 -79.15 -9.40
CA ARG G 140 -6.08 -78.62 -9.87
C ARG G 140 -5.91 -77.46 -10.81
N ILE G 141 -6.97 -77.36 -11.57
CA ILE G 141 -7.05 -76.32 -12.52
C ILE G 141 -8.01 -75.24 -12.08
N ILE G 142 -7.69 -74.04 -12.54
CA ILE G 142 -8.48 -72.90 -12.20
C ILE G 142 -8.81 -71.92 -13.30
N PHE G 143 -10.10 -71.78 -13.49
CA PHE G 143 -10.63 -70.84 -14.43
C PHE G 143 -11.10 -69.57 -13.76
N ASP G 144 -10.33 -68.51 -13.93
CA ASP G 144 -10.72 -67.28 -13.31
C ASP G 144 -11.98 -66.67 -13.86
N GLY G 145 -12.35 -67.03 -15.08
CA GLY G 145 -13.54 -66.49 -15.67
C GLY G 145 -13.86 -67.03 -17.06
N VAL G 146 -15.06 -67.62 -17.14
CA VAL G 146 -15.63 -68.23 -18.33
C VAL G 146 -17.09 -67.88 -18.48
N ASN G 147 -17.42 -67.23 -19.55
CA ASN G 147 -18.76 -66.77 -19.75
C ASN G 147 -19.44 -67.45 -20.92
N SER G 148 -20.62 -68.03 -20.69
CA SER G 148 -21.32 -68.00 -19.44
C SER G 148 -21.27 -69.28 -18.65
N ALA G 149 -21.34 -70.40 -19.36
CA ALA G 149 -21.33 -71.74 -18.77
C ALA G 149 -20.36 -72.67 -19.51
N PHE G 150 -20.01 -73.80 -18.90
CA PHE G 150 -19.14 -74.70 -19.62
C PHE G 150 -18.87 -76.04 -18.97
N HIS G 151 -18.53 -76.98 -19.87
CA HIS G 151 -18.20 -78.38 -19.58
C HIS G 151 -16.73 -78.62 -19.75
N LEU G 152 -16.22 -79.57 -19.02
CA LEU G 152 -14.81 -79.73 -19.14
C LEU G 152 -14.31 -81.17 -19.20
N TRP G 153 -13.30 -81.36 -20.08
CA TRP G 153 -12.67 -82.64 -20.27
C TRP G 153 -11.18 -82.59 -20.21
N CYS G 154 -10.65 -83.66 -19.70
CA CYS G 154 -9.23 -83.78 -19.58
C CYS G 154 -8.80 -85.16 -19.99
N ASN G 155 -7.91 -85.13 -20.98
CA ASN G 155 -7.39 -86.34 -21.57
C ASN G 155 -8.56 -87.23 -21.95
N GLY G 156 -9.57 -86.64 -22.58
CA GLY G 156 -10.72 -87.39 -23.07
C GLY G 156 -11.78 -87.68 -22.03
N ARG G 157 -11.42 -87.39 -20.79
CA ARG G 157 -12.34 -87.65 -19.74
C ARG G 157 -13.15 -86.45 -19.26
N TRP G 158 -14.47 -86.69 -19.10
CA TRP G 158 -15.36 -85.66 -18.63
C TRP G 158 -15.06 -85.28 -17.20
N VAL G 159 -15.00 -83.98 -16.92
CA VAL G 159 -14.62 -83.60 -15.58
C VAL G 159 -15.65 -82.86 -14.77
N GLY G 160 -16.17 -81.80 -15.31
CA GLY G 160 -17.14 -81.05 -14.56
C GLY G 160 -17.81 -80.00 -15.40
N TYR G 161 -18.62 -79.23 -14.68
CA TYR G 161 -19.42 -78.19 -15.25
C TYR G 161 -19.43 -77.02 -14.30
N GLY G 162 -19.69 -75.82 -14.84
CA GLY G 162 -19.71 -74.59 -14.04
C GLY G 162 -20.56 -73.44 -14.60
N GLN G 163 -21.13 -72.63 -13.68
CA GLN G 163 -21.92 -71.45 -14.02
C GLN G 163 -21.36 -70.23 -13.26
N ASP G 164 -21.79 -69.01 -13.64
CA ASP G 164 -21.35 -67.76 -13.05
C ASP G 164 -20.07 -67.25 -13.70
N SER G 165 -20.29 -66.43 -14.69
CA SER G 165 -19.17 -65.89 -15.42
C SER G 165 -18.18 -65.09 -14.64
N ARG G 166 -18.51 -64.61 -13.44
CA ARG G 166 -17.55 -63.76 -12.79
C ARG G 166 -16.70 -64.30 -11.68
N LEU G 167 -16.91 -65.54 -11.30
CA LEU G 167 -16.06 -66.11 -10.26
C LEU G 167 -15.33 -67.35 -10.77
N PRO G 168 -14.27 -67.68 -10.09
CA PRO G 168 -13.42 -68.80 -10.40
C PRO G 168 -14.10 -70.12 -10.28
N SER G 169 -13.58 -71.06 -11.08
CA SER G 169 -14.03 -72.43 -11.08
C SER G 169 -12.84 -73.33 -10.91
N GLU G 170 -12.93 -74.20 -9.93
CA GLU G 170 -11.81 -75.06 -9.71
C GLU G 170 -12.16 -76.51 -9.73
N PHE G 171 -11.20 -77.22 -10.34
CA PHE G 171 -11.26 -78.65 -10.42
C PHE G 171 -9.93 -79.33 -10.21
N ASP G 172 -10.09 -80.47 -9.55
CA ASP G 172 -9.04 -81.41 -9.22
C ASP G 172 -8.82 -82.31 -10.40
N LEU G 173 -7.63 -82.17 -10.96
CA LEU G 173 -7.26 -82.92 -12.15
C LEU G 173 -6.48 -84.19 -11.87
N SER G 174 -5.98 -84.20 -10.64
CA SER G 174 -5.18 -85.24 -10.05
C SER G 174 -5.40 -86.63 -10.66
N ALA G 175 -6.65 -86.98 -10.83
CA ALA G 175 -6.93 -88.29 -11.39
C ALA G 175 -6.96 -88.36 -12.90
N PHE G 176 -6.73 -87.27 -13.64
CA PHE G 176 -6.81 -87.40 -15.08
C PHE G 176 -5.52 -87.09 -15.76
N LEU G 177 -4.57 -86.77 -14.95
CA LEU G 177 -3.34 -86.44 -15.56
C LEU G 177 -2.43 -87.60 -15.79
N ARG G 178 -1.76 -87.52 -16.94
CA ARG G 178 -0.75 -88.46 -17.37
C ARG G 178 0.53 -87.69 -17.36
N ALA G 179 1.63 -88.39 -17.25
CA ALA G 179 2.86 -87.65 -17.30
C ALA G 179 3.07 -87.24 -18.76
N GLY G 180 3.72 -86.09 -18.89
CA GLY G 180 3.95 -85.56 -20.20
C GLY G 180 2.74 -84.84 -20.76
N GLU G 181 2.36 -85.31 -21.93
CA GLU G 181 1.30 -84.70 -22.67
C GLU G 181 -0.12 -84.94 -22.25
N ASN G 182 -0.81 -83.81 -22.01
CA ASN G 182 -2.20 -83.84 -21.68
C ASN G 182 -2.94 -82.87 -22.53
N ARG G 183 -4.22 -83.16 -22.63
CA ARG G 183 -5.09 -82.32 -23.41
C ARG G 183 -6.40 -81.98 -22.71
N LEU G 184 -6.68 -80.65 -22.72
CA LEU G 184 -7.89 -80.09 -22.18
C LEU G 184 -8.89 -79.75 -23.24
N ALA G 185 -10.15 -80.08 -22.96
CA ALA G 185 -11.21 -79.72 -23.87
C ALA G 185 -12.36 -79.09 -23.13
N VAL G 186 -12.45 -77.79 -23.39
CA VAL G 186 -13.43 -76.94 -22.79
C VAL G 186 -14.47 -76.47 -23.73
N MET G 187 -15.67 -76.87 -23.44
CA MET G 187 -16.74 -76.42 -24.26
C MET G 187 -17.48 -75.34 -23.52
N VAL G 188 -17.46 -74.13 -24.07
CA VAL G 188 -18.06 -72.95 -23.49
C VAL G 188 -19.36 -72.51 -24.15
N LEU G 189 -20.36 -72.09 -23.38
CA LEU G 189 -21.61 -71.66 -24.02
C LEU G 189 -22.05 -70.24 -23.75
N ARG G 190 -22.60 -69.62 -24.80
CA ARG G 190 -23.08 -68.27 -24.67
C ARG G 190 -24.20 -68.21 -23.69
N TRP G 191 -25.32 -68.79 -24.03
CA TRP G 191 -26.43 -68.78 -23.12
C TRP G 191 -26.46 -69.95 -22.19
N SER G 192 -27.02 -69.74 -21.00
CA SER G 192 -27.22 -70.74 -19.97
C SER G 192 -28.26 -70.22 -19.02
N ASP G 193 -28.69 -71.01 -18.07
CA ASP G 193 -29.67 -70.47 -17.15
C ASP G 193 -29.06 -69.26 -16.41
N GLY G 194 -27.72 -69.31 -16.18
CA GLY G 194 -26.94 -68.24 -15.54
C GLY G 194 -27.16 -66.88 -16.19
N SER G 195 -27.42 -66.94 -17.47
CA SER G 195 -27.65 -65.74 -18.21
C SER G 195 -28.82 -64.99 -17.62
N TYR G 196 -29.85 -65.71 -17.21
CA TYR G 196 -30.96 -65.01 -16.64
C TYR G 196 -30.55 -64.13 -15.46
N LEU G 197 -29.42 -64.44 -14.81
CA LEU G 197 -28.94 -63.66 -13.70
C LEU G 197 -27.84 -62.76 -14.07
N GLU G 198 -27.66 -62.57 -15.36
CA GLU G 198 -26.56 -61.70 -15.75
C GLU G 198 -26.98 -60.65 -16.76
N ASP G 199 -28.06 -59.94 -16.45
CA ASP G 199 -28.55 -58.95 -17.39
C ASP G 199 -27.95 -57.57 -17.30
N GLN G 200 -26.69 -57.46 -16.90
CA GLN G 200 -26.07 -56.12 -16.82
C GLN G 200 -26.08 -55.33 -18.10
N ASP G 201 -26.31 -54.01 -17.99
CA ASP G 201 -26.27 -53.15 -19.17
C ASP G 201 -24.82 -52.93 -19.58
N MET G 202 -24.37 -53.86 -20.41
CA MET G 202 -23.03 -53.91 -20.93
C MET G 202 -23.05 -54.72 -22.21
N TRP G 203 -21.88 -54.84 -22.83
CA TRP G 203 -21.78 -55.61 -24.03
C TRP G 203 -21.91 -57.06 -23.62
N ARG G 204 -22.67 -57.79 -24.41
CA ARG G 204 -22.81 -59.21 -24.14
C ARG G 204 -21.79 -59.97 -24.98
N MET G 205 -20.83 -60.56 -24.32
CA MET G 205 -19.78 -61.29 -24.95
C MET G 205 -19.68 -62.70 -24.39
N SER G 206 -18.54 -63.38 -24.66
CA SER G 206 -18.33 -64.76 -24.19
C SER G 206 -16.94 -65.29 -24.42
N GLY G 207 -16.64 -66.37 -23.69
CA GLY G 207 -15.36 -67.02 -23.81
C GLY G 207 -14.61 -67.17 -22.51
N ILE G 208 -13.32 -67.48 -22.66
CA ILE G 208 -12.45 -67.64 -21.50
C ILE G 208 -11.68 -66.37 -21.41
N PHE G 209 -12.30 -65.46 -20.68
CA PHE G 209 -11.79 -64.12 -20.60
C PHE G 209 -10.97 -63.81 -19.40
N ARG G 210 -10.74 -64.83 -18.58
CA ARG G 210 -9.88 -64.60 -17.44
C ARG G 210 -8.87 -65.72 -17.38
N ASP G 211 -7.80 -65.47 -16.65
CA ASP G 211 -6.73 -66.43 -16.48
C ASP G 211 -7.13 -67.85 -16.22
N VAL G 212 -6.18 -68.73 -16.62
CA VAL G 212 -6.23 -70.16 -16.46
C VAL G 212 -4.96 -70.65 -15.84
N SER G 213 -5.11 -71.49 -14.80
CA SER G 213 -3.93 -71.92 -14.10
C SER G 213 -4.00 -73.28 -13.47
N LEU G 214 -2.81 -73.65 -13.01
CA LEU G 214 -2.65 -74.91 -12.36
C LEU G 214 -2.00 -74.71 -11.04
N LEU G 215 -2.61 -75.43 -10.13
CA LEU G 215 -2.12 -75.36 -8.80
C LEU G 215 -1.83 -76.71 -8.21
N HIS G 216 -0.60 -76.75 -7.69
CA HIS G 216 -0.10 -77.92 -7.06
C HIS G 216 -0.08 -77.77 -5.58
N LYS G 217 -0.91 -78.58 -4.93
CA LYS G 217 -0.98 -78.50 -3.50
C LYS G 217 -0.74 -79.84 -2.85
N PRO G 218 -0.16 -79.80 -1.65
CA PRO G 218 0.11 -80.97 -0.85
C PRO G 218 -1.20 -81.65 -0.51
N THR G 219 -1.15 -82.93 -0.23
CA THR G 219 -2.36 -83.67 0.09
C THR G 219 -3.00 -83.20 1.39
N THR G 220 -2.11 -82.85 2.28
CA THR G 220 -2.50 -82.29 3.52
C THR G 220 -2.14 -80.83 3.42
N GLN G 221 -3.17 -79.98 3.32
CA GLN G 221 -2.94 -78.58 3.08
C GLN G 221 -3.92 -77.65 3.78
N ILE G 222 -3.55 -76.37 3.63
CA ILE G 222 -4.36 -75.28 4.10
C ILE G 222 -5.54 -75.14 3.15
N SER G 223 -6.73 -75.33 3.67
CA SER G 223 -7.88 -75.27 2.81
C SER G 223 -8.55 -73.91 2.77
N ASP G 224 -8.30 -73.10 3.81
CA ASP G 224 -8.92 -71.80 3.89
C ASP G 224 -8.48 -71.04 5.13
N PHE G 225 -8.54 -69.72 5.03
CA PHE G 225 -8.21 -68.91 6.17
C PHE G 225 -8.84 -67.55 6.15
N HIS G 226 -9.12 -67.00 7.33
CA HIS G 226 -9.69 -65.68 7.45
C HIS G 226 -8.97 -64.87 8.46
N VAL G 227 -9.00 -63.60 8.18
CA VAL G 227 -8.37 -62.64 9.02
C VAL G 227 -9.35 -61.62 9.54
N ALA G 228 -9.09 -61.15 10.76
CA ALA G 228 -9.94 -60.14 11.38
C ALA G 228 -9.20 -59.28 12.35
N THR G 229 -9.57 -58.00 12.36
CA THR G 229 -8.94 -57.06 13.27
C THR G 229 -9.91 -56.45 14.26
N ARG G 230 -9.47 -56.35 15.48
CA ARG G 230 -10.31 -55.77 16.48
C ARG G 230 -9.56 -54.67 17.19
N PHE G 231 -10.23 -53.60 17.62
CA PHE G 231 -9.47 -52.54 18.28
C PHE G 231 -10.00 -52.10 19.61
N ASN G 232 -9.18 -51.31 20.28
CA ASN G 232 -9.60 -50.71 21.52
C ASN G 232 -10.25 -49.40 21.13
N ASP G 233 -10.99 -48.84 22.04
CA ASP G 233 -11.69 -47.59 21.76
C ASP G 233 -10.86 -46.53 21.04
N ASP G 234 -9.55 -46.56 21.15
CA ASP G 234 -8.84 -45.49 20.47
C ASP G 234 -7.93 -45.98 19.38
N PHE G 235 -8.03 -47.26 19.08
CA PHE G 235 -7.18 -47.81 18.05
C PHE G 235 -5.74 -47.79 18.47
N SER G 236 -5.50 -47.79 19.75
CA SER G 236 -4.12 -47.81 20.14
C SER G 236 -3.61 -49.24 20.20
N ARG G 237 -4.55 -50.18 20.14
CA ARG G 237 -4.22 -51.60 20.18
C ARG G 237 -5.23 -52.44 19.42
N ALA G 238 -4.68 -53.40 18.70
CA ALA G 238 -5.49 -54.29 17.92
C ALA G 238 -5.26 -55.75 18.17
N VAL G 239 -6.19 -56.50 17.63
CA VAL G 239 -6.02 -57.90 17.69
C VAL G 239 -6.23 -58.51 16.35
N LEU G 240 -5.18 -59.16 15.90
CA LEU G 240 -5.32 -59.83 14.67
C LEU G 240 -5.78 -61.24 14.97
N GLU G 241 -6.86 -61.61 14.36
CA GLU G 241 -7.34 -62.91 14.64
C GLU G 241 -7.50 -63.69 13.37
N ALA G 242 -6.82 -64.84 13.31
CA ALA G 242 -6.82 -65.68 12.13
C ALA G 242 -7.34 -67.06 12.33
N GLU G 243 -8.17 -67.45 11.41
CA GLU G 243 -8.71 -68.77 11.51
C GLU G 243 -8.29 -69.53 10.31
N VAL G 244 -7.78 -70.71 10.61
CA VAL G 244 -7.27 -71.55 9.57
C VAL G 244 -7.88 -72.91 9.53
N GLN G 245 -8.14 -73.31 8.31
CA GLN G 245 -8.68 -74.61 8.09
C GLN G 245 -7.78 -75.41 7.20
N MET G 246 -7.74 -76.70 7.51
CA MET G 246 -6.93 -77.63 6.76
C MET G 246 -7.75 -78.75 6.16
N CYS G 247 -7.17 -79.32 5.15
CA CYS G 247 -7.72 -80.43 4.45
C CYS G 247 -6.65 -81.48 4.46
N GLY G 248 -7.05 -82.73 4.59
CA GLY G 248 -6.04 -83.77 4.58
C GLY G 248 -6.03 -84.76 5.74
N GLU G 249 -4.85 -85.24 6.01
CA GLU G 249 -4.63 -86.20 7.04
C GLU G 249 -4.30 -85.55 8.35
N LEU G 250 -5.24 -85.62 9.25
CA LEU G 250 -5.01 -85.02 10.52
C LEU G 250 -4.04 -85.80 11.37
N ARG G 251 -3.05 -85.09 11.88
CA ARG G 251 -2.02 -85.68 12.72
C ARG G 251 -1.58 -84.71 13.78
N ASP G 252 -1.33 -85.24 14.92
CA ASP G 252 -0.92 -84.43 16.06
C ASP G 252 0.41 -83.70 15.94
N TYR G 253 1.17 -83.92 14.88
CA TYR G 253 2.42 -83.18 14.88
C TYR G 253 2.30 -81.95 14.02
N LEU G 254 1.08 -81.75 13.54
CA LEU G 254 0.82 -80.61 12.71
C LEU G 254 0.71 -79.37 13.51
N ARG G 255 1.23 -78.33 12.90
CA ARG G 255 1.21 -77.03 13.50
C ARG G 255 0.92 -75.93 12.49
N VAL G 256 0.58 -74.79 13.07
CA VAL G 256 0.31 -73.64 12.28
C VAL G 256 0.94 -72.44 12.88
N THR G 257 1.54 -71.67 12.00
CA THR G 257 2.17 -70.49 12.45
C THR G 257 1.77 -69.32 11.61
N VAL G 258 1.44 -68.28 12.34
CA VAL G 258 1.02 -67.09 11.72
C VAL G 258 1.87 -65.98 12.21
N SER G 259 2.43 -65.32 11.23
CA SER G 259 3.35 -64.25 11.50
C SER G 259 2.96 -62.99 10.77
N LEU G 260 3.17 -61.94 11.50
CA LEU G 260 2.85 -60.68 11.00
C LEU G 260 4.08 -59.89 10.75
N TRP G 261 4.08 -59.31 9.59
CA TRP G 261 5.20 -58.54 9.19
C TRP G 261 4.90 -57.14 8.73
N GLN G 262 5.85 -56.32 9.11
CA GLN G 262 5.87 -54.93 8.76
C GLN G 262 7.08 -54.73 7.88
N GLY G 263 6.87 -55.10 6.65
CA GLY G 263 7.96 -55.01 5.74
C GLY G 263 9.02 -56.00 6.16
N GLU G 264 10.11 -55.45 6.66
CA GLU G 264 11.22 -56.28 7.04
C GLU G 264 11.07 -56.86 8.41
N THR G 265 10.33 -56.14 9.20
CA THR G 265 10.16 -56.56 10.55
C THR G 265 9.01 -57.48 10.83
N GLN G 266 9.33 -58.42 11.69
CA GLN G 266 8.33 -59.31 12.11
C GLN G 266 7.75 -58.74 13.37
N VAL G 267 6.47 -58.48 13.30
CA VAL G 267 5.73 -57.85 14.36
C VAL G 267 5.10 -58.77 15.36
N ALA G 268 4.71 -59.94 14.86
CA ALA G 268 4.08 -60.88 15.72
C ALA G 268 3.96 -62.22 15.07
N SER G 269 4.01 -63.19 15.97
CA SER G 269 3.90 -64.55 15.54
C SER G 269 3.13 -65.35 16.53
N GLY G 270 2.62 -66.45 16.04
CA GLY G 270 1.86 -67.35 16.86
C GLY G 270 1.86 -68.72 16.26
N THR G 271 1.96 -69.70 17.15
CA THR G 271 1.98 -71.04 16.67
C THR G 271 1.05 -71.92 17.45
N ALA G 272 0.45 -72.87 16.75
CA ALA G 272 -0.44 -73.79 17.42
C ALA G 272 -0.83 -74.96 16.58
N PRO G 273 -1.43 -75.89 17.27
CA PRO G 273 -1.88 -77.15 16.72
C PRO G 273 -3.36 -77.06 16.47
N PHE G 274 -3.83 -77.90 15.56
CA PHE G 274 -5.24 -77.88 15.23
C PHE G 274 -6.14 -78.21 16.38
N GLY G 275 -7.40 -77.85 16.21
CA GLY G 275 -8.39 -78.10 17.22
C GLY G 275 -8.86 -76.80 17.84
N GLY G 276 -10.16 -76.55 17.64
CA GLY G 276 -10.86 -75.35 18.11
C GLY G 276 -11.55 -75.49 19.47
N GLU G 277 -12.22 -74.41 19.86
CA GLU G 277 -12.93 -74.38 21.11
C GLU G 277 -14.25 -75.05 20.86
N ILE G 278 -14.87 -75.49 21.94
CA ILE G 278 -16.14 -76.15 21.82
C ILE G 278 -17.14 -75.21 21.24
N ILE G 279 -17.95 -75.72 20.35
CA ILE G 279 -18.91 -74.83 19.78
C ILE G 279 -20.30 -75.29 20.07
N ASP G 280 -20.47 -76.57 20.27
CA ASP G 280 -21.81 -77.00 20.56
C ASP G 280 -21.78 -78.28 21.29
N GLU G 281 -22.93 -78.91 21.39
CA GLU G 281 -22.98 -80.15 22.12
C GLU G 281 -22.04 -81.26 21.62
N ARG G 282 -21.65 -81.22 20.32
CA ARG G 282 -20.76 -82.25 19.78
C ARG G 282 -19.30 -81.93 19.87
N GLY G 283 -18.94 -80.71 20.23
CA GLY G 283 -17.54 -80.36 20.35
C GLY G 283 -17.20 -79.18 19.49
N GLY G 284 -15.97 -79.24 18.91
CA GLY G 284 -15.45 -78.22 18.02
C GLY G 284 -14.91 -78.75 16.68
N TYR G 285 -14.10 -77.92 16.01
CA TYR G 285 -13.47 -78.26 14.75
C TYR G 285 -12.06 -78.71 15.04
N ALA G 286 -11.85 -79.97 14.79
CA ALA G 286 -10.57 -80.59 14.99
C ALA G 286 -9.58 -80.13 13.95
N ASP G 287 -10.15 -79.82 12.81
CA ASP G 287 -9.43 -79.39 11.66
C ASP G 287 -9.42 -77.90 11.50
N ARG G 288 -9.50 -77.18 12.59
CA ARG G 288 -9.39 -75.73 12.44
C ARG G 288 -8.59 -75.22 13.58
N VAL G 289 -8.18 -74.01 13.46
CA VAL G 289 -7.44 -73.40 14.52
C VAL G 289 -7.49 -71.89 14.39
N THR G 290 -7.50 -71.20 15.52
CA THR G 290 -7.59 -69.77 15.46
C THR G 290 -6.52 -69.07 16.25
N LEU G 291 -5.81 -68.16 15.63
CA LEU G 291 -4.80 -67.50 16.42
C LEU G 291 -5.14 -66.07 16.62
N ARG G 292 -4.64 -65.57 17.73
CA ARG G 292 -4.89 -64.20 18.03
C ARG G 292 -3.61 -63.44 18.28
N LEU G 293 -3.30 -62.50 17.42
CA LEU G 293 -2.09 -61.74 17.61
C LEU G 293 -2.39 -60.36 18.11
N ASN G 294 -1.61 -59.95 19.08
CA ASN G 294 -1.82 -58.63 19.61
C ASN G 294 -0.90 -57.67 18.94
N VAL G 295 -1.41 -56.48 18.65
CA VAL G 295 -0.58 -55.47 18.05
C VAL G 295 -0.73 -54.12 18.68
N GLU G 296 0.39 -53.59 19.13
CA GLU G 296 0.36 -52.28 19.73
C GLU G 296 0.55 -51.23 18.69
N ASN G 297 -0.18 -50.14 18.85
CA ASN G 297 -0.07 -49.01 17.93
C ASN G 297 0.03 -49.39 16.49
N PRO G 298 -0.91 -50.19 16.07
CA PRO G 298 -0.94 -50.62 14.71
C PRO G 298 -1.07 -49.42 13.80
N LYS G 299 -0.63 -49.61 12.58
CA LYS G 299 -0.72 -48.60 11.56
C LYS G 299 -1.97 -48.88 10.78
N LEU G 300 -2.84 -47.90 10.75
CA LEU G 300 -4.09 -48.11 10.11
C LEU G 300 -4.13 -47.95 8.64
N TRP G 301 -4.98 -48.74 8.04
CA TRP G 301 -5.11 -48.67 6.62
C TRP G 301 -6.24 -47.72 6.24
N SER G 302 -6.12 -47.01 5.13
CA SER G 302 -7.18 -46.13 4.69
C SER G 302 -6.94 -45.71 3.27
N ALA G 303 -7.95 -45.19 2.61
CA ALA G 303 -7.68 -44.78 1.24
C ALA G 303 -6.67 -43.66 1.29
N GLU G 304 -6.69 -42.91 2.37
CA GLU G 304 -5.74 -41.83 2.56
C GLU G 304 -4.31 -42.38 2.72
N ILE G 305 -4.15 -43.46 3.46
CA ILE G 305 -2.85 -44.07 3.69
C ILE G 305 -3.01 -45.54 3.87
N PRO G 306 -2.77 -46.20 2.80
CA PRO G 306 -2.94 -47.62 2.76
C PRO G 306 -1.86 -48.37 3.49
N ASN G 307 -1.73 -48.15 4.76
CA ASN G 307 -0.72 -48.90 5.45
C ASN G 307 -1.05 -50.37 5.39
N LEU G 308 -0.07 -51.17 4.99
CA LEU G 308 -0.27 -52.61 4.95
C LEU G 308 0.69 -53.45 5.78
N TYR G 309 0.25 -54.68 6.08
CA TYR G 309 1.08 -55.61 6.78
C TYR G 309 1.04 -56.90 6.01
N ARG G 310 2.00 -57.77 6.26
CA ARG G 310 1.96 -59.04 5.58
C ARG G 310 1.79 -60.18 6.55
N ALA G 311 0.92 -61.09 6.14
CA ALA G 311 0.66 -62.19 7.01
C ALA G 311 0.99 -63.50 6.37
N VAL G 312 1.65 -64.32 7.19
CA VAL G 312 2.05 -65.63 6.77
C VAL G 312 1.56 -66.77 7.60
N VAL G 313 0.97 -67.65 6.83
CA VAL G 313 0.38 -68.84 7.32
C VAL G 313 1.18 -70.04 6.88
N GLU G 314 1.87 -70.61 7.86
CA GLU G 314 2.67 -71.75 7.60
C GLU G 314 2.17 -72.95 8.33
N LEU G 315 1.94 -73.95 7.49
CA LEU G 315 1.47 -75.25 7.86
C LEU G 315 2.68 -76.14 7.93
N HIS G 316 3.02 -76.56 9.13
CA HIS G 316 4.18 -77.37 9.25
C HIS G 316 4.07 -78.40 10.36
N THR G 317 5.11 -79.18 10.50
CA THR G 317 5.14 -80.19 11.52
C THR G 317 5.82 -79.64 12.73
N ALA G 318 5.67 -80.37 13.81
CA ALA G 318 6.27 -79.97 15.06
C ALA G 318 7.78 -79.85 14.98
N ASP G 319 8.40 -80.77 14.24
CA ASP G 319 9.83 -80.78 14.07
C ASP G 319 10.31 -79.50 13.46
N GLY G 320 9.45 -78.91 12.63
CA GLY G 320 9.81 -77.65 12.00
C GLY G 320 9.76 -77.76 10.49
N THR G 321 9.38 -78.90 10.03
CA THR G 321 9.31 -79.06 8.62
C THR G 321 8.08 -78.40 8.03
N LEU G 322 8.29 -77.54 7.06
CA LEU G 322 7.18 -76.87 6.46
C LEU G 322 6.46 -77.65 5.41
N ILE G 323 5.15 -77.73 5.51
CA ILE G 323 4.38 -78.41 4.50
C ILE G 323 4.05 -77.45 3.35
N GLU G 324 3.67 -76.24 3.71
CA GLU G 324 3.33 -75.23 2.72
C GLU G 324 3.00 -73.93 3.40
N ALA G 325 2.89 -72.92 2.57
CA ALA G 325 2.59 -71.58 3.09
C ALA G 325 1.67 -70.77 2.22
N GLU G 326 0.95 -69.91 2.90
CA GLU G 326 0.04 -69.03 2.27
C GLU G 326 0.17 -67.69 2.92
N ALA G 327 -0.21 -66.68 2.16
CA ALA G 327 -0.07 -65.38 2.74
C ALA G 327 -1.06 -64.38 2.18
N CYS G 328 -1.02 -63.20 2.78
CA CYS G 328 -1.87 -62.11 2.35
C CYS G 328 -1.50 -60.81 2.98
N ASP G 329 -1.93 -59.75 2.31
CA ASP G 329 -1.67 -58.44 2.84
C ASP G 329 -2.74 -58.09 3.83
N VAL G 330 -2.35 -57.42 4.88
CA VAL G 330 -3.32 -57.11 5.87
C VAL G 330 -3.38 -55.64 6.16
N GLY G 331 -4.61 -55.16 6.33
CA GLY G 331 -4.86 -53.77 6.63
C GLY G 331 -5.71 -53.62 7.87
N PHE G 332 -5.22 -52.81 8.79
CA PHE G 332 -5.96 -52.59 10.00
C PHE G 332 -6.95 -51.47 9.87
N ARG G 333 -8.22 -51.82 9.88
CA ARG G 333 -9.26 -50.82 9.77
C ARG G 333 -10.54 -51.39 10.24
N GLU G 334 -11.37 -50.47 10.72
CA GLU G 334 -12.66 -50.79 11.21
C GLU G 334 -13.74 -50.01 10.52
N VAL G 335 -14.71 -50.76 10.03
CA VAL G 335 -15.82 -50.18 9.31
C VAL G 335 -17.07 -50.37 10.09
N ARG G 336 -17.73 -49.28 10.42
CA ARG G 336 -18.95 -49.45 11.13
C ARG G 336 -19.97 -48.36 10.98
N ILE G 337 -21.20 -48.78 11.13
CA ILE G 337 -22.28 -47.83 11.06
C ILE G 337 -22.75 -47.54 12.43
N GLU G 338 -22.63 -46.29 12.79
CA GLU G 338 -23.07 -45.96 14.09
C GLU G 338 -23.87 -44.70 14.14
N ASN G 339 -25.00 -44.83 14.75
CA ASN G 339 -25.85 -43.69 14.90
C ASN G 339 -26.14 -42.97 13.61
N GLY G 340 -26.43 -43.74 12.56
CA GLY G 340 -26.76 -43.16 11.28
C GLY G 340 -25.53 -42.89 10.46
N LEU G 341 -24.36 -43.17 11.03
CA LEU G 341 -23.21 -42.87 10.21
C LEU G 341 -22.29 -43.97 9.90
N LEU G 342 -21.77 -43.89 8.71
CA LEU G 342 -20.83 -44.86 8.29
C LEU G 342 -19.46 -44.36 8.67
N LEU G 343 -18.83 -45.17 9.49
CA LEU G 343 -17.54 -44.81 9.99
C LEU G 343 -16.44 -45.71 9.61
N LEU G 344 -15.33 -45.04 9.43
CA LEU G 344 -14.13 -45.72 9.16
C LEU G 344 -13.07 -45.32 10.13
N ASN G 345 -12.63 -46.31 10.84
CA ASN G 345 -11.64 -46.09 11.85
C ASN G 345 -12.05 -44.96 12.72
N GLY G 346 -13.32 -44.91 13.04
CA GLY G 346 -13.75 -43.86 13.92
C GLY G 346 -14.31 -42.65 13.22
N LYS G 347 -13.88 -42.37 12.02
CA LYS G 347 -14.43 -41.22 11.38
C LYS G 347 -15.43 -41.60 10.32
N PRO G 348 -16.18 -40.61 10.00
CA PRO G 348 -17.28 -40.64 9.07
C PRO G 348 -16.79 -40.33 7.71
N LEU G 349 -17.03 -41.26 6.84
CA LEU G 349 -16.57 -41.11 5.50
C LEU G 349 -17.39 -40.20 4.65
N LEU G 350 -16.73 -39.82 3.56
CA LEU G 350 -17.33 -39.06 2.51
C LEU G 350 -16.87 -39.67 1.20
N ILE G 351 -17.72 -40.50 0.67
CA ILE G 351 -17.41 -41.23 -0.51
C ILE G 351 -17.38 -40.42 -1.77
N ARG G 352 -16.21 -40.36 -2.36
CA ARG G 352 -16.05 -39.73 -3.65
C ARG G 352 -15.88 -40.89 -4.63
N GLY G 353 -17.00 -41.52 -4.95
CA GLY G 353 -16.94 -42.72 -5.73
C GLY G 353 -17.39 -42.70 -7.17
N VAL G 354 -17.11 -43.83 -7.80
CA VAL G 354 -17.48 -44.05 -9.17
C VAL G 354 -17.69 -45.52 -9.42
N ASN G 355 -18.58 -45.78 -10.36
CA ASN G 355 -18.88 -47.14 -10.77
C ASN G 355 -17.96 -47.44 -11.91
N ARG G 356 -17.51 -48.67 -12.00
CA ARG G 356 -16.59 -49.03 -13.06
C ARG G 356 -16.74 -50.44 -13.59
N HIS G 357 -16.88 -50.52 -14.89
CA HIS G 357 -16.95 -51.83 -15.50
C HIS G 357 -15.57 -52.29 -15.95
N GLU G 358 -15.47 -53.59 -16.22
CA GLU G 358 -14.21 -54.15 -16.71
C GLU G 358 -14.31 -54.12 -18.24
N HIS G 359 -13.75 -53.06 -18.87
CA HIS G 359 -13.89 -52.88 -20.32
C HIS G 359 -12.70 -52.25 -21.01
N HIS G 360 -12.36 -52.90 -22.11
CA HIS G 360 -11.26 -52.55 -22.97
C HIS G 360 -11.72 -52.48 -24.39
N PRO G 361 -11.51 -51.32 -25.00
CA PRO G 361 -11.90 -50.99 -26.37
C PRO G 361 -11.41 -52.02 -27.37
N LEU G 362 -10.28 -52.66 -27.04
CA LEU G 362 -9.64 -53.69 -27.84
C LEU G 362 -9.85 -55.08 -27.33
N HIS G 363 -9.64 -55.28 -26.05
CA HIS G 363 -9.79 -56.61 -25.52
C HIS G 363 -11.16 -57.03 -25.11
N GLY G 364 -12.11 -56.10 -25.14
CA GLY G 364 -13.46 -56.44 -24.72
C GLY G 364 -13.47 -56.49 -23.20
N GLN G 365 -13.91 -57.61 -22.65
CA GLN G 365 -13.95 -57.72 -21.21
C GLN G 365 -12.71 -58.29 -20.56
N VAL G 366 -11.61 -58.29 -21.29
CA VAL G 366 -10.40 -58.84 -20.71
C VAL G 366 -9.51 -57.81 -20.04
N MET G 367 -9.16 -58.07 -18.79
CA MET G 367 -8.36 -57.09 -18.06
C MET G 367 -6.89 -57.37 -17.86
N ASP G 368 -6.12 -56.33 -17.59
CA ASP G 368 -4.71 -56.49 -17.33
C ASP G 368 -4.14 -55.44 -16.44
N GLU G 369 -3.09 -55.85 -15.75
CA GLU G 369 -2.42 -54.98 -14.83
C GLU G 369 -2.35 -53.54 -15.29
N GLN G 370 -1.73 -53.40 -16.41
CA GLN G 370 -1.54 -52.10 -16.97
C GLN G 370 -2.76 -51.19 -16.90
N THR G 371 -3.83 -51.67 -17.50
CA THR G 371 -5.06 -50.93 -17.52
C THR G 371 -5.53 -50.55 -16.12
N MET G 372 -5.69 -51.61 -15.33
CA MET G 372 -6.08 -51.45 -13.96
C MET G 372 -5.33 -50.31 -13.34
N VAL G 373 -4.02 -50.42 -13.38
CA VAL G 373 -3.28 -49.32 -12.82
C VAL G 373 -3.60 -47.97 -13.43
N GLN G 374 -3.76 -47.96 -14.72
CA GLN G 374 -4.08 -46.68 -15.29
C GLN G 374 -5.27 -46.07 -14.59
N ASP G 375 -6.32 -46.88 -14.55
CA ASP G 375 -7.52 -46.44 -13.94
C ASP G 375 -7.28 -45.92 -12.53
N ILE G 376 -6.66 -46.76 -11.77
CA ILE G 376 -6.42 -46.35 -10.42
C ILE G 376 -5.73 -45.03 -10.35
N LEU G 377 -4.66 -44.90 -11.08
CA LEU G 377 -4.00 -43.63 -11.02
C LEU G 377 -4.86 -42.46 -11.38
N LEU G 378 -5.60 -42.64 -12.43
CA LEU G 378 -6.47 -41.57 -12.82
C LEU G 378 -7.43 -41.18 -11.76
N MET G 379 -8.12 -42.18 -11.26
CA MET G 379 -9.06 -41.92 -10.22
C MET G 379 -8.43 -41.15 -9.11
N LYS G 380 -7.36 -41.72 -8.61
CA LYS G 380 -6.71 -41.05 -7.52
C LYS G 380 -6.38 -39.64 -7.89
N GLN G 381 -5.92 -39.49 -9.08
CA GLN G 381 -5.57 -38.15 -9.50
C GLN G 381 -6.72 -37.18 -9.59
N ASN G 382 -7.92 -37.71 -9.78
CA ASN G 382 -9.06 -36.85 -9.88
C ASN G 382 -9.91 -36.81 -8.64
N ASN G 383 -9.27 -37.08 -7.54
CA ASN G 383 -9.94 -37.01 -6.28
C ASN G 383 -11.00 -38.03 -6.02
N PHE G 384 -10.87 -39.22 -6.56
CA PHE G 384 -11.84 -40.23 -6.21
C PHE G 384 -11.30 -41.08 -5.08
N ASN G 385 -12.15 -41.70 -4.24
CA ASN G 385 -11.56 -42.52 -3.19
C ASN G 385 -12.21 -43.84 -3.09
N ALA G 386 -13.15 -44.06 -3.97
CA ALA G 386 -13.84 -45.32 -3.88
C ALA G 386 -14.39 -45.77 -5.18
N VAL G 387 -14.62 -47.05 -5.26
CA VAL G 387 -15.17 -47.56 -6.48
C VAL G 387 -16.11 -48.70 -6.23
N ARG G 388 -17.08 -48.80 -7.11
CA ARG G 388 -18.03 -49.84 -7.03
C ARG G 388 -17.89 -50.79 -8.21
N CYS G 389 -17.79 -52.07 -7.91
CA CYS G 389 -17.67 -53.11 -8.93
C CYS G 389 -18.96 -53.39 -9.64
N SER G 390 -19.38 -52.43 -10.43
CA SER G 390 -20.61 -52.66 -11.14
C SER G 390 -20.35 -53.68 -12.23
N HIS G 391 -20.96 -54.84 -12.17
CA HIS G 391 -21.88 -55.32 -11.14
C HIS G 391 -21.59 -56.81 -11.00
N TYR G 392 -20.38 -57.11 -10.62
CA TYR G 392 -19.92 -58.47 -10.49
C TYR G 392 -18.55 -58.35 -9.92
N PRO G 393 -18.07 -59.45 -9.45
CA PRO G 393 -16.78 -59.49 -8.84
C PRO G 393 -15.72 -59.25 -9.87
N ASN G 394 -14.68 -58.59 -9.46
CA ASN G 394 -13.66 -58.28 -10.43
C ASN G 394 -12.49 -59.23 -10.44
N HIS G 395 -11.65 -58.94 -11.39
CA HIS G 395 -10.43 -59.65 -11.51
C HIS G 395 -9.62 -59.38 -10.25
N PRO G 396 -9.36 -60.45 -9.65
CA PRO G 396 -8.65 -60.57 -8.40
C PRO G 396 -7.55 -59.57 -8.24
N LEU G 397 -6.77 -59.41 -9.26
CA LEU G 397 -5.69 -58.48 -9.10
C LEU G 397 -6.13 -57.09 -8.63
N TRP G 398 -7.28 -56.69 -9.14
CA TRP G 398 -7.88 -55.42 -8.83
C TRP G 398 -7.81 -55.10 -7.35
N TYR G 399 -8.41 -56.05 -6.59
CA TYR G 399 -8.47 -55.91 -5.16
C TYR G 399 -7.13 -55.65 -4.54
N THR G 400 -6.17 -56.32 -5.05
CA THR G 400 -4.87 -56.13 -4.51
C THR G 400 -4.38 -54.72 -4.74
N LEU G 401 -4.57 -54.31 -5.97
CA LEU G 401 -4.14 -53.01 -6.32
C LEU G 401 -4.80 -51.98 -5.46
N CYS G 402 -6.10 -52.17 -5.27
CA CYS G 402 -6.80 -51.20 -4.45
C CYS G 402 -6.27 -51.22 -3.07
N ASP G 403 -5.99 -52.44 -2.60
CA ASP G 403 -5.47 -52.58 -1.27
C ASP G 403 -4.19 -51.79 -1.17
N ARG G 404 -3.41 -51.91 -2.24
CA ARG G 404 -2.12 -51.26 -2.26
C ARG G 404 -2.13 -49.79 -2.49
N TYR G 405 -2.93 -49.36 -3.45
CA TYR G 405 -3.00 -47.97 -3.80
C TYR G 405 -3.81 -47.09 -2.88
N GLY G 406 -4.87 -47.67 -2.30
CA GLY G 406 -5.73 -46.95 -1.40
C GLY G 406 -7.05 -46.54 -2.03
N LEU G 407 -8.02 -47.45 -2.17
CA LEU G 407 -9.33 -47.09 -2.70
C LEU G 407 -10.40 -47.87 -1.98
N TYR G 408 -11.48 -47.23 -1.57
CA TYR G 408 -12.52 -48.01 -0.91
C TYR G 408 -13.29 -48.76 -1.97
N VAL G 409 -13.59 -50.00 -1.69
CA VAL G 409 -14.31 -50.78 -2.65
C VAL G 409 -15.57 -51.45 -2.15
N VAL G 410 -16.51 -51.46 -3.08
CA VAL G 410 -17.76 -52.15 -2.86
C VAL G 410 -17.78 -53.37 -3.75
N ASP G 411 -17.70 -54.54 -3.14
CA ASP G 411 -17.71 -55.79 -3.86
C ASP G 411 -19.16 -56.20 -4.12
N GLU G 412 -19.48 -56.51 -5.37
CA GLU G 412 -20.85 -56.77 -5.71
C GLU G 412 -21.07 -58.10 -6.38
N ALA G 413 -22.08 -58.81 -5.90
CA ALA G 413 -22.41 -60.09 -6.48
C ALA G 413 -22.93 -59.99 -7.91
N ASN G 414 -22.62 -61.02 -8.68
CA ASN G 414 -22.98 -61.11 -10.07
C ASN G 414 -24.44 -61.50 -10.26
N ILE G 415 -25.34 -60.57 -9.95
CA ILE G 415 -26.74 -60.84 -10.17
C ILE G 415 -27.53 -59.65 -10.67
N GLU G 416 -28.05 -59.69 -11.90
CA GLU G 416 -28.91 -58.64 -12.42
C GLU G 416 -29.99 -59.31 -13.22
N THR G 417 -31.24 -59.02 -12.89
CA THR G 417 -32.35 -59.61 -13.61
C THR G 417 -33.23 -58.52 -14.12
N HIS G 418 -32.54 -57.46 -14.45
CA HIS G 418 -33.18 -56.27 -14.91
C HIS G 418 -34.37 -56.48 -15.84
N GLY G 419 -34.25 -57.33 -16.85
CA GLY G 419 -35.28 -57.53 -17.85
C GLY G 419 -36.50 -58.29 -17.37
N MET G 420 -36.46 -58.87 -16.18
CA MET G 420 -37.64 -59.59 -15.78
C MET G 420 -38.82 -58.69 -15.59
N VAL G 421 -39.96 -59.29 -15.35
CA VAL G 421 -41.15 -58.51 -15.13
C VAL G 421 -42.16 -59.26 -14.29
N PRO G 422 -42.44 -58.77 -13.09
CA PRO G 422 -41.76 -57.62 -12.58
C PRO G 422 -40.32 -57.99 -12.27
N MET G 423 -39.50 -56.99 -12.12
CA MET G 423 -38.11 -57.18 -11.87
C MET G 423 -37.72 -58.28 -10.88
N ASN G 424 -38.52 -58.56 -9.88
CA ASN G 424 -38.10 -59.57 -8.89
C ASN G 424 -38.64 -60.99 -9.07
N ARG G 425 -39.17 -61.20 -10.26
CA ARG G 425 -39.75 -62.46 -10.62
C ARG G 425 -38.92 -63.65 -10.19
N LEU G 426 -37.62 -63.57 -10.43
CA LEU G 426 -36.75 -64.66 -10.04
C LEU G 426 -36.33 -64.60 -8.58
N THR G 427 -35.93 -63.39 -8.16
CA THR G 427 -35.46 -63.09 -6.81
C THR G 427 -36.43 -63.40 -5.72
N ASP G 428 -37.67 -63.44 -6.11
CA ASP G 428 -38.63 -63.82 -5.13
C ASP G 428 -38.97 -65.30 -5.21
N ASP G 429 -38.14 -66.10 -5.89
CA ASP G 429 -38.44 -67.49 -6.07
C ASP G 429 -37.36 -68.41 -5.61
N PRO G 430 -37.83 -69.14 -4.62
CA PRO G 430 -37.10 -70.10 -3.87
C PRO G 430 -36.30 -70.94 -4.82
N ARG G 431 -36.98 -71.31 -5.89
CA ARG G 431 -36.29 -72.08 -6.89
C ARG G 431 -35.00 -71.50 -7.32
N TRP G 432 -34.90 -70.19 -7.35
CA TRP G 432 -33.65 -69.61 -7.76
C TRP G 432 -32.74 -69.28 -6.64
N LEU G 433 -33.26 -69.52 -5.48
CA LEU G 433 -32.46 -69.21 -4.35
C LEU G 433 -31.03 -69.75 -4.44
N PRO G 434 -30.93 -71.03 -4.45
CA PRO G 434 -29.63 -71.69 -4.54
C PRO G 434 -28.67 -71.10 -5.57
N ALA G 435 -29.21 -70.84 -6.73
CA ALA G 435 -28.39 -70.20 -7.75
C ALA G 435 -27.82 -68.90 -7.20
N MET G 436 -28.75 -68.07 -6.71
CA MET G 436 -28.36 -66.79 -6.16
C MET G 436 -27.34 -66.95 -5.04
N SER G 437 -27.63 -67.89 -4.19
CA SER G 437 -26.77 -68.11 -3.06
C SER G 437 -25.34 -68.25 -3.44
N GLU G 438 -25.19 -69.15 -4.40
CA GLU G 438 -23.85 -69.47 -4.86
C GLU G 438 -23.10 -68.25 -5.23
N ARG G 439 -23.85 -67.41 -5.91
CA ARG G 439 -23.33 -66.17 -6.35
C ARG G 439 -22.86 -65.27 -5.23
N VAL G 440 -23.52 -65.31 -4.08
CA VAL G 440 -23.06 -64.44 -3.03
C VAL G 440 -21.96 -65.05 -2.19
N THR G 441 -22.29 -66.23 -1.71
CA THR G 441 -21.42 -66.94 -0.83
C THR G 441 -20.03 -67.00 -1.35
N ARG G 442 -19.95 -67.45 -2.58
CA ARG G 442 -18.67 -67.59 -3.21
C ARG G 442 -17.84 -66.30 -3.25
N MET G 443 -18.50 -65.20 -3.56
CA MET G 443 -17.78 -63.95 -3.59
C MET G 443 -17.12 -63.70 -2.26
N VAL G 444 -17.94 -63.91 -1.26
CA VAL G 444 -17.47 -63.65 0.05
C VAL G 444 -16.27 -64.47 0.43
N GLN G 445 -16.40 -65.74 0.15
CA GLN G 445 -15.31 -66.61 0.50
C GLN G 445 -14.06 -66.21 -0.21
N ARG G 446 -14.23 -65.67 -1.38
CA ARG G 446 -13.04 -65.30 -2.07
C ARG G 446 -12.38 -64.02 -1.61
N ASP G 447 -13.19 -62.97 -1.44
CA ASP G 447 -12.64 -61.65 -1.20
C ASP G 447 -12.55 -61.09 0.18
N ARG G 448 -13.11 -61.83 1.10
CA ARG G 448 -13.18 -61.32 2.43
C ARG G 448 -11.93 -60.90 3.15
N ASN G 449 -10.76 -61.23 2.67
CA ASN G 449 -9.65 -60.76 3.46
C ASN G 449 -9.04 -59.47 2.96
N HIS G 450 -9.60 -58.87 1.94
CA HIS G 450 -9.01 -57.63 1.45
C HIS G 450 -9.49 -56.40 2.18
N PRO G 451 -8.58 -55.68 2.81
CA PRO G 451 -8.97 -54.47 3.51
C PRO G 451 -9.72 -53.46 2.62
N SER G 452 -9.42 -53.38 1.35
CA SER G 452 -10.12 -52.39 0.53
C SER G 452 -11.61 -52.63 0.41
N VAL G 453 -12.02 -53.86 0.59
CA VAL G 453 -13.43 -54.09 0.47
C VAL G 453 -14.05 -53.64 1.73
N ILE G 454 -14.99 -52.71 1.63
CA ILE G 454 -15.63 -52.26 2.84
C ILE G 454 -17.11 -52.45 2.88
N ILE G 455 -17.67 -52.84 1.76
CA ILE G 455 -19.10 -53.04 1.72
C ILE G 455 -19.43 -54.13 0.75
N TRP G 456 -20.32 -54.99 1.17
CA TRP G 456 -20.78 -56.02 0.31
C TRP G 456 -22.08 -55.54 -0.29
N SER G 457 -22.32 -55.94 -1.52
CA SER G 457 -23.53 -55.61 -2.26
C SER G 457 -24.11 -56.86 -2.89
N LEU G 458 -25.43 -57.05 -2.78
CA LEU G 458 -26.07 -58.24 -3.33
C LEU G 458 -26.34 -58.19 -4.82
N GLY G 459 -25.74 -57.26 -5.51
CA GLY G 459 -26.06 -57.24 -6.91
C GLY G 459 -26.67 -55.95 -7.33
N ASN G 460 -27.46 -56.02 -8.39
CA ASN G 460 -28.06 -54.86 -9.00
C ASN G 460 -29.36 -55.12 -9.77
N GLU G 461 -30.17 -54.09 -9.88
CA GLU G 461 -31.46 -54.10 -10.55
C GLU G 461 -32.14 -55.44 -10.70
N SER G 462 -32.54 -56.02 -9.58
CA SER G 462 -33.21 -57.31 -9.59
C SER G 462 -34.42 -57.29 -8.68
N GLY G 463 -34.97 -56.09 -8.50
CA GLY G 463 -36.10 -55.91 -7.64
C GLY G 463 -35.72 -56.26 -6.22
N HIS G 464 -36.71 -56.68 -5.46
CA HIS G 464 -36.50 -57.08 -4.12
C HIS G 464 -37.28 -58.34 -3.85
N GLY G 465 -36.57 -59.39 -3.44
CA GLY G 465 -37.23 -60.63 -3.15
C GLY G 465 -36.67 -61.30 -1.93
N ALA G 466 -37.46 -62.23 -1.44
CA ALA G 466 -37.07 -62.92 -0.24
C ALA G 466 -35.66 -63.47 -0.35
N ASN G 467 -35.34 -63.89 -1.55
CA ASN G 467 -34.02 -64.43 -1.74
C ASN G 467 -32.98 -63.43 -1.22
N HIS G 468 -33.29 -62.17 -1.45
CA HIS G 468 -32.40 -61.11 -1.02
C HIS G 468 -32.24 -61.07 0.49
N ASP G 469 -33.39 -61.05 1.14
CA ASP G 469 -33.38 -61.01 2.58
C ASP G 469 -32.54 -62.12 3.16
N ALA G 470 -32.78 -63.30 2.65
CA ALA G 470 -32.02 -64.41 3.16
C ALA G 470 -30.53 -64.21 2.96
N LEU G 471 -30.18 -63.74 1.80
CA LEU G 471 -28.78 -63.58 1.55
C LEU G 471 -28.11 -62.50 2.37
N TYR G 472 -28.86 -61.43 2.47
CA TYR G 472 -28.42 -60.34 3.28
C TYR G 472 -28.04 -60.85 4.66
N ARG G 473 -28.98 -61.57 5.22
CA ARG G 473 -28.76 -62.12 6.52
C ARG G 473 -27.53 -63.01 6.62
N TRP G 474 -27.41 -63.87 5.63
CA TRP G 474 -26.32 -64.80 5.62
C TRP G 474 -25.03 -64.06 5.79
N ILE G 475 -24.88 -63.04 5.01
CA ILE G 475 -23.65 -62.34 5.12
C ILE G 475 -23.45 -61.79 6.48
N LYS G 476 -24.48 -61.11 6.92
CA LYS G 476 -24.43 -60.49 8.20
C LYS G 476 -23.86 -61.46 9.20
N SER G 477 -24.28 -62.68 9.08
CA SER G 477 -23.79 -63.64 10.03
C SER G 477 -22.39 -64.07 9.77
N VAL G 478 -22.07 -64.18 8.54
CA VAL G 478 -20.76 -64.65 8.29
C VAL G 478 -19.69 -63.58 8.41
N ASP G 479 -20.02 -62.38 7.96
CA ASP G 479 -19.09 -61.28 8.00
C ASP G 479 -19.78 -60.03 8.45
N PRO G 480 -19.55 -59.86 9.69
CA PRO G 480 -20.10 -58.77 10.43
C PRO G 480 -19.19 -57.58 10.34
N SER G 481 -18.05 -57.72 9.71
CA SER G 481 -17.13 -56.61 9.63
C SER G 481 -17.53 -55.55 8.62
N ARG G 482 -18.38 -55.88 7.67
CA ARG G 482 -18.81 -54.93 6.69
C ARG G 482 -20.29 -54.93 6.54
N PRO G 483 -20.76 -53.77 6.20
CA PRO G 483 -22.16 -53.52 5.98
C PRO G 483 -22.55 -54.05 4.64
N VAL G 484 -23.84 -54.22 4.50
CA VAL G 484 -24.36 -54.73 3.27
C VAL G 484 -25.35 -53.79 2.62
N GLN G 485 -25.22 -53.56 1.32
CA GLN G 485 -26.20 -52.73 0.68
C GLN G 485 -26.79 -53.37 -0.54
N TYR G 486 -27.98 -52.91 -0.88
CA TYR G 486 -28.68 -53.37 -2.05
C TYR G 486 -29.77 -52.36 -2.37
N GLU G 487 -29.77 -51.88 -3.60
CA GLU G 487 -30.71 -50.86 -3.99
C GLU G 487 -32.07 -51.35 -4.45
N GLY G 488 -32.10 -52.53 -4.99
CA GLY G 488 -33.31 -53.04 -5.55
C GLY G 488 -34.55 -52.84 -4.70
N GLY G 489 -35.63 -52.65 -5.42
CA GLY G 489 -36.91 -52.54 -4.80
C GLY G 489 -37.14 -51.30 -3.97
N GLY G 490 -36.49 -50.18 -4.28
CA GLY G 490 -36.81 -49.01 -3.50
C GLY G 490 -35.66 -48.38 -2.72
N ALA G 491 -34.51 -49.04 -2.71
CA ALA G 491 -33.29 -48.55 -2.09
C ALA G 491 -33.28 -48.43 -0.59
N ASP G 492 -34.38 -48.81 0.05
CA ASP G 492 -34.41 -48.69 1.49
C ASP G 492 -35.06 -49.87 2.15
N THR G 493 -35.01 -51.00 1.46
CA THR G 493 -35.64 -52.22 1.96
C THR G 493 -34.91 -52.79 3.14
N THR G 494 -35.47 -53.90 3.62
CA THR G 494 -34.92 -54.60 4.76
C THR G 494 -33.63 -55.26 4.38
N ALA G 495 -33.37 -55.23 3.11
CA ALA G 495 -32.18 -55.88 2.67
C ALA G 495 -30.99 -54.95 2.56
N THR G 496 -31.06 -53.74 3.07
CA THR G 496 -29.88 -52.89 2.92
C THR G 496 -29.55 -52.16 4.19
N ASP G 497 -28.28 -52.01 4.46
CA ASP G 497 -27.87 -51.31 5.64
C ASP G 497 -27.76 -49.86 5.35
N ILE G 498 -27.85 -49.49 4.08
CA ILE G 498 -27.70 -48.10 3.70
C ILE G 498 -28.72 -47.73 2.67
N ILE G 499 -29.18 -46.49 2.70
CA ILE G 499 -30.09 -46.06 1.67
C ILE G 499 -29.20 -45.73 0.49
N CYS G 500 -29.32 -46.53 -0.54
CA CYS G 500 -28.45 -46.40 -1.68
C CYS G 500 -29.18 -46.32 -2.98
N PRO G 501 -29.87 -45.25 -3.17
CA PRO G 501 -30.58 -45.10 -4.40
C PRO G 501 -29.66 -44.77 -5.54
N MET G 502 -30.30 -44.74 -6.67
CA MET G 502 -29.63 -44.38 -7.87
C MET G 502 -30.46 -43.34 -8.59
N TYR G 503 -29.82 -42.21 -8.86
CA TYR G 503 -30.46 -41.15 -9.58
C TYR G 503 -31.50 -40.34 -8.86
N ALA G 504 -31.48 -40.38 -7.53
CA ALA G 504 -32.36 -39.51 -6.78
C ALA G 504 -31.84 -38.07 -6.90
N ARG G 505 -32.75 -37.12 -6.96
CA ARG G 505 -32.33 -35.75 -7.12
C ARG G 505 -32.05 -35.07 -5.81
N VAL G 506 -31.36 -33.94 -5.90
CA VAL G 506 -31.02 -33.26 -4.68
C VAL G 506 -32.22 -32.71 -3.98
N ASP G 507 -33.01 -31.96 -4.70
CA ASP G 507 -34.15 -31.36 -4.07
C ASP G 507 -35.46 -31.78 -4.63
N GLU G 508 -35.46 -32.48 -5.73
CA GLU G 508 -36.72 -32.82 -6.33
C GLU G 508 -37.07 -34.27 -6.18
N ASP G 509 -38.33 -34.52 -5.86
CA ASP G 509 -38.81 -35.87 -5.68
C ASP G 509 -39.34 -36.43 -6.97
N GLN G 510 -39.19 -37.73 -7.14
CA GLN G 510 -39.69 -38.48 -8.26
C GLN G 510 -40.40 -39.65 -7.68
N PRO G 511 -41.66 -39.40 -7.54
CA PRO G 511 -42.58 -40.26 -6.90
C PRO G 511 -43.14 -41.37 -7.75
N PHE G 512 -42.29 -42.26 -8.17
CA PHE G 512 -42.88 -43.33 -8.86
C PHE G 512 -43.57 -44.22 -7.87
N PRO G 513 -44.63 -44.78 -8.37
CA PRO G 513 -45.39 -45.72 -7.64
C PRO G 513 -44.48 -46.85 -7.24
N ALA G 514 -44.72 -47.31 -6.03
CA ALA G 514 -43.99 -48.39 -5.46
C ALA G 514 -42.53 -48.09 -5.19
N VAL G 515 -41.87 -47.40 -6.08
CA VAL G 515 -40.47 -47.19 -5.84
C VAL G 515 -40.11 -45.79 -6.21
N PRO G 516 -40.65 -44.91 -5.44
CA PRO G 516 -40.41 -43.50 -5.67
C PRO G 516 -38.99 -43.17 -5.31
N LYS G 517 -38.48 -42.10 -5.91
CA LYS G 517 -37.17 -41.60 -5.59
C LYS G 517 -37.32 -40.20 -4.97
N TRP G 518 -37.22 -40.13 -3.67
CA TRP G 518 -37.34 -38.87 -3.00
C TRP G 518 -36.13 -38.00 -3.14
N SER G 519 -36.30 -36.68 -2.96
CA SER G 519 -35.15 -35.83 -2.93
C SER G 519 -34.29 -36.43 -1.83
N ILE G 520 -33.00 -36.44 -2.04
CA ILE G 520 -32.21 -37.07 -1.02
C ILE G 520 -32.31 -36.42 0.31
N LYS G 521 -32.49 -35.11 0.35
CA LYS G 521 -32.59 -34.49 1.68
C LYS G 521 -33.85 -34.92 2.36
N LYS G 522 -34.89 -35.12 1.60
CA LYS G 522 -36.09 -35.52 2.24
C LYS G 522 -36.03 -36.96 2.69
N TRP G 523 -35.45 -37.76 1.84
CA TRP G 523 -35.43 -39.16 2.12
C TRP G 523 -34.93 -39.43 3.49
N LEU G 524 -33.88 -38.74 3.84
CA LEU G 524 -33.30 -38.97 5.15
C LEU G 524 -34.23 -38.88 6.33
N SER G 525 -35.15 -37.94 6.27
CA SER G 525 -36.07 -37.52 7.31
C SER G 525 -37.39 -38.25 7.36
N LEU G 526 -37.60 -39.19 6.46
CA LEU G 526 -38.85 -39.88 6.56
C LEU G 526 -38.98 -40.51 7.93
N PRO G 527 -40.22 -40.54 8.36
CA PRO G 527 -40.54 -41.05 9.66
C PRO G 527 -39.99 -42.41 9.82
N GLY G 528 -39.21 -42.56 10.87
CA GLY G 528 -38.60 -43.80 11.18
C GLY G 528 -37.27 -44.02 10.49
N GLU G 529 -36.95 -43.29 9.40
CA GLU G 529 -35.67 -43.56 8.75
C GLU G 529 -34.48 -43.14 9.58
N THR G 530 -33.40 -43.90 9.59
CA THR G 530 -32.23 -43.53 10.38
C THR G 530 -30.88 -43.82 9.72
N ARG G 531 -30.92 -44.55 8.62
CA ARG G 531 -29.72 -44.95 7.93
C ARG G 531 -28.99 -43.85 7.22
N PRO G 532 -27.76 -44.14 6.87
CA PRO G 532 -26.99 -43.19 6.11
C PRO G 532 -27.42 -43.35 4.69
N LEU G 533 -27.16 -42.32 3.88
CA LEU G 533 -27.49 -42.39 2.49
C LEU G 533 -26.30 -42.12 1.62
N ILE G 534 -26.10 -43.05 0.69
CA ILE G 534 -25.02 -43.00 -0.28
C ILE G 534 -25.56 -43.46 -1.60
N LEU G 535 -25.46 -42.62 -2.62
CA LEU G 535 -26.05 -43.06 -3.86
C LEU G 535 -25.19 -44.07 -4.55
N CYS G 536 -25.81 -45.18 -4.87
CA CYS G 536 -25.07 -46.20 -5.55
C CYS G 536 -24.79 -45.76 -6.98
N GLU G 537 -25.66 -44.91 -7.49
CA GLU G 537 -25.43 -44.37 -8.82
C GLU G 537 -26.03 -43.02 -8.97
N TYR G 538 -25.19 -42.11 -9.49
CA TYR G 538 -25.66 -40.78 -9.72
C TYR G 538 -24.79 -40.02 -10.71
N ALA G 539 -25.41 -38.93 -11.19
CA ALA G 539 -24.82 -38.01 -12.14
C ALA G 539 -24.42 -38.74 -13.41
N HIS G 540 -25.41 -39.22 -14.15
CA HIS G 540 -25.20 -39.97 -15.39
C HIS G 540 -24.25 -39.26 -16.35
N ALA G 541 -23.03 -39.75 -16.49
CA ALA G 541 -22.07 -39.03 -17.33
C ALA G 541 -22.10 -39.27 -18.85
N MET G 542 -23.28 -39.41 -19.41
CA MET G 542 -23.45 -39.68 -20.81
C MET G 542 -23.25 -38.47 -21.74
N GLY G 543 -22.10 -38.47 -22.41
CA GLY G 543 -21.80 -37.41 -23.35
C GLY G 543 -21.54 -36.09 -22.67
N ASN G 544 -22.10 -35.03 -23.26
CA ASN G 544 -21.95 -33.72 -22.65
C ASN G 544 -22.88 -33.65 -21.44
N SER G 545 -22.36 -34.08 -20.29
CA SER G 545 -23.15 -34.18 -19.09
C SER G 545 -22.45 -33.69 -17.85
N LEU G 546 -23.01 -34.10 -16.72
CA LEU G 546 -22.54 -33.71 -15.41
C LEU G 546 -23.08 -32.36 -14.94
N GLY G 547 -24.08 -31.82 -15.62
CA GLY G 547 -24.62 -30.57 -15.17
C GLY G 547 -25.31 -30.80 -13.83
N GLY G 548 -25.05 -29.95 -12.84
CA GLY G 548 -25.68 -30.12 -11.55
C GLY G 548 -24.81 -30.79 -10.49
N PHE G 549 -23.72 -31.33 -10.94
CA PHE G 549 -22.84 -32.01 -10.04
C PHE G 549 -22.59 -31.28 -8.70
N ALA G 550 -22.31 -30.01 -8.80
CA ALA G 550 -22.05 -29.25 -7.59
C ALA G 550 -23.19 -29.23 -6.60
N LYS G 551 -24.41 -29.24 -7.10
CA LYS G 551 -25.56 -29.29 -6.23
C LYS G 551 -25.44 -30.46 -5.25
N TYR G 552 -25.01 -31.62 -5.74
CA TYR G 552 -24.87 -32.76 -4.89
C TYR G 552 -23.78 -32.54 -3.88
N TRP G 553 -22.66 -32.11 -4.40
CA TRP G 553 -21.57 -31.92 -3.49
C TRP G 553 -21.89 -30.99 -2.39
N GLN G 554 -22.69 -30.03 -2.73
CA GLN G 554 -22.95 -29.17 -1.64
C GLN G 554 -23.84 -29.78 -0.63
N ALA G 555 -24.80 -30.53 -1.09
CA ALA G 555 -25.65 -31.15 -0.13
C ALA G 555 -24.86 -32.11 0.70
N PHE G 556 -24.02 -32.86 0.00
CA PHE G 556 -23.25 -33.84 0.72
C PHE G 556 -22.54 -33.19 1.85
N ARG G 557 -21.91 -32.09 1.51
CA ARG G 557 -21.17 -31.41 2.52
C ARG G 557 -22.03 -30.86 3.63
N GLN G 558 -23.27 -30.55 3.37
CA GLN G 558 -24.03 -29.99 4.47
C GLN G 558 -24.80 -30.98 5.30
N TYR G 559 -25.07 -32.17 4.81
CA TYR G 559 -25.83 -33.09 5.62
C TYR G 559 -25.03 -34.30 5.98
N PRO G 560 -24.79 -34.36 7.24
CA PRO G 560 -24.02 -35.41 7.86
C PRO G 560 -24.33 -36.77 7.36
N ARG G 561 -25.60 -37.11 7.31
CA ARG G 561 -26.01 -38.40 6.84
C ARG G 561 -25.94 -38.58 5.35
N LEU G 562 -25.62 -37.54 4.61
CA LEU G 562 -25.47 -37.79 3.19
C LEU G 562 -24.01 -38.05 3.02
N GLN G 563 -23.61 -39.29 2.85
CA GLN G 563 -22.21 -39.56 2.77
C GLN G 563 -21.57 -39.77 1.41
N GLY G 564 -22.17 -39.24 0.35
CA GLY G 564 -21.58 -39.32 -0.98
C GLY G 564 -22.27 -40.24 -1.98
N GLY G 565 -21.50 -40.72 -2.95
CA GLY G 565 -22.05 -41.61 -3.95
C GLY G 565 -21.01 -41.99 -4.98
N PHE G 566 -21.46 -42.81 -5.92
CA PHE G 566 -20.66 -43.30 -6.99
C PHE G 566 -21.25 -42.85 -8.27
N VAL G 567 -20.43 -42.13 -9.00
CA VAL G 567 -20.84 -41.63 -10.27
C VAL G 567 -21.00 -42.74 -11.27
N TRP G 568 -21.89 -42.48 -12.20
CA TRP G 568 -22.11 -43.45 -13.24
C TRP G 568 -21.73 -42.88 -14.59
N ASP G 569 -20.64 -43.34 -15.18
CA ASP G 569 -19.68 -44.29 -14.66
C ASP G 569 -18.28 -43.93 -15.16
N TRP G 570 -17.30 -44.79 -14.94
CA TRP G 570 -15.93 -44.52 -15.31
C TRP G 570 -15.54 -44.30 -16.75
N VAL G 571 -15.64 -45.37 -17.57
CA VAL G 571 -15.28 -45.34 -19.00
C VAL G 571 -16.42 -45.62 -19.94
N ASP G 572 -16.26 -45.12 -21.15
CA ASP G 572 -17.25 -45.43 -22.16
C ASP G 572 -17.05 -46.87 -22.59
N GLN G 573 -18.14 -47.56 -22.85
CA GLN G 573 -18.06 -48.93 -23.28
C GLN G 573 -18.10 -48.96 -24.78
N SER G 574 -17.06 -48.36 -25.37
CA SER G 574 -16.99 -48.34 -26.80
C SER G 574 -15.89 -49.25 -27.30
N LEU G 575 -16.20 -49.79 -28.46
CA LEU G 575 -15.29 -50.69 -29.12
C LEU G 575 -14.75 -50.09 -30.42
N ILE G 576 -13.60 -50.62 -30.81
CA ILE G 576 -12.98 -50.20 -32.02
C ILE G 576 -13.38 -51.03 -33.23
N LYS G 577 -13.48 -50.36 -34.36
CA LYS G 577 -13.79 -50.95 -35.62
C LYS G 577 -12.88 -50.32 -36.64
N TYR G 578 -12.86 -50.91 -37.83
CA TYR G 578 -12.02 -50.33 -38.85
C TYR G 578 -12.71 -50.02 -40.14
N ASP G 579 -12.23 -48.94 -40.73
CA ASP G 579 -12.74 -48.60 -42.02
C ASP G 579 -11.83 -49.33 -42.98
N GLU G 580 -12.25 -49.35 -44.23
CA GLU G 580 -11.53 -49.98 -45.33
C GLU G 580 -10.09 -49.49 -45.42
N ASN G 581 -9.86 -48.25 -45.00
CA ASN G 581 -8.50 -47.76 -45.02
C ASN G 581 -7.74 -48.21 -43.78
N GLY G 582 -8.33 -49.22 -43.12
CA GLY G 582 -7.78 -49.81 -41.91
C GLY G 582 -7.73 -48.79 -40.80
N ASN G 583 -8.74 -47.92 -40.84
CA ASN G 583 -8.86 -46.91 -39.85
C ASN G 583 -9.82 -47.33 -38.79
N PRO G 584 -9.35 -47.15 -37.58
CA PRO G 584 -10.07 -47.52 -36.39
C PRO G 584 -11.07 -46.45 -36.01
N TRP G 585 -12.19 -46.88 -35.50
CA TRP G 585 -13.16 -45.94 -35.06
C TRP G 585 -14.03 -46.54 -33.98
N SER G 586 -14.48 -45.66 -33.09
CA SER G 586 -15.28 -46.04 -31.95
C SER G 586 -16.71 -46.38 -32.30
N ALA G 587 -17.05 -47.60 -31.93
CA ALA G 587 -18.34 -48.18 -32.19
C ALA G 587 -19.19 -48.35 -30.93
N TYR G 588 -20.48 -48.40 -31.19
CA TYR G 588 -21.44 -48.59 -30.14
C TYR G 588 -22.60 -49.49 -30.53
N GLY G 589 -23.63 -49.48 -29.72
CA GLY G 589 -24.79 -50.30 -29.95
C GLY G 589 -25.22 -50.27 -31.40
N GLY G 590 -25.47 -51.47 -31.91
CA GLY G 590 -25.93 -51.71 -33.29
C GLY G 590 -24.83 -51.69 -34.33
N ASP G 591 -23.64 -51.24 -33.93
CA ASP G 591 -22.50 -51.15 -34.83
C ASP G 591 -21.98 -52.50 -35.32
N PHE G 592 -22.50 -53.60 -34.77
CA PHE G 592 -22.08 -54.92 -35.19
C PHE G 592 -23.28 -55.64 -35.73
N GLY G 593 -24.27 -54.86 -36.10
CA GLY G 593 -25.49 -55.42 -36.62
C GLY G 593 -26.23 -56.12 -35.49
N ASP G 594 -25.70 -55.91 -34.27
CA ASP G 594 -26.25 -56.48 -33.07
C ASP G 594 -27.64 -55.94 -32.87
N THR G 595 -28.56 -56.85 -32.70
CA THR G 595 -29.93 -56.51 -32.48
C THR G 595 -30.56 -57.49 -31.51
N PRO G 596 -31.37 -56.93 -30.59
CA PRO G 596 -31.66 -55.51 -30.56
C PRO G 596 -30.53 -54.75 -29.86
N ASN G 597 -30.56 -53.44 -29.90
CA ASN G 597 -29.47 -52.76 -29.22
C ASN G 597 -29.90 -51.43 -28.65
N ASP G 598 -29.02 -50.88 -27.80
CA ASP G 598 -29.26 -49.63 -27.11
C ASP G 598 -28.32 -48.48 -27.46
N ARG G 599 -27.93 -48.43 -28.73
CA ARG G 599 -27.08 -47.37 -29.24
C ARG G 599 -25.96 -46.92 -28.32
N GLN G 600 -25.91 -45.58 -28.11
CA GLN G 600 -24.91 -44.90 -27.29
C GLN G 600 -25.01 -45.14 -25.80
N PHE G 601 -26.12 -45.76 -25.39
CA PHE G 601 -26.28 -46.00 -23.99
C PHE G 601 -25.11 -46.64 -23.31
N CYS G 602 -24.28 -47.34 -24.06
CA CYS G 602 -23.12 -47.97 -23.47
C CYS G 602 -22.04 -46.91 -23.21
N MET G 603 -22.34 -45.66 -23.57
CA MET G 603 -21.34 -44.63 -23.35
C MET G 603 -21.70 -43.60 -22.30
N ASN G 604 -21.18 -43.81 -21.08
CA ASN G 604 -21.50 -42.89 -20.01
C ASN G 604 -20.32 -42.55 -19.13
N GLY G 605 -19.12 -42.70 -19.63
CA GLY G 605 -17.97 -42.48 -18.80
C GLY G 605 -17.47 -41.10 -18.71
N LEU G 606 -16.58 -40.96 -17.76
CA LEU G 606 -15.90 -39.71 -17.52
C LEU G 606 -14.67 -39.66 -18.42
N VAL G 607 -14.32 -40.82 -18.92
CA VAL G 607 -13.22 -40.93 -19.83
C VAL G 607 -13.61 -41.77 -20.99
N PHE G 608 -12.85 -41.52 -22.02
CA PHE G 608 -12.98 -42.24 -23.25
C PHE G 608 -12.35 -43.61 -23.01
N ALA G 609 -12.80 -44.58 -23.80
CA ALA G 609 -12.25 -45.93 -23.64
C ALA G 609 -10.72 -45.95 -23.59
N ASP G 610 -10.09 -45.05 -24.34
CA ASP G 610 -8.64 -44.99 -24.37
C ASP G 610 -8.13 -44.41 -23.10
N ARG G 611 -9.09 -44.04 -22.27
CA ARG G 611 -8.79 -43.43 -21.02
C ARG G 611 -8.40 -41.99 -21.18
N THR G 612 -9.10 -41.37 -22.09
CA THR G 612 -8.89 -39.97 -22.21
C THR G 612 -10.15 -39.35 -21.76
N PRO G 613 -9.88 -38.44 -20.88
CA PRO G 613 -10.84 -37.66 -20.17
C PRO G 613 -11.80 -36.92 -21.01
N HIS G 614 -12.99 -36.83 -20.47
CA HIS G 614 -14.02 -36.03 -20.99
C HIS G 614 -13.85 -34.76 -20.15
N PRO G 615 -14.39 -33.68 -20.61
CA PRO G 615 -14.20 -32.47 -19.83
C PRO G 615 -14.85 -32.56 -18.44
N ALA G 616 -15.95 -33.29 -18.36
CA ALA G 616 -16.65 -33.43 -17.11
C ALA G 616 -15.74 -33.84 -15.95
N LEU G 617 -14.78 -34.67 -16.27
CA LEU G 617 -13.89 -35.17 -15.27
C LEU G 617 -13.37 -34.08 -14.36
N THR G 618 -13.12 -32.97 -14.99
CA THR G 618 -12.59 -31.86 -14.26
C THR G 618 -13.52 -31.31 -13.23
N GLU G 619 -14.77 -31.15 -13.65
CA GLU G 619 -15.73 -30.65 -12.71
C GLU G 619 -15.68 -31.57 -11.52
N ALA G 620 -15.63 -32.86 -11.82
CA ALA G 620 -15.57 -33.81 -10.72
C ALA G 620 -14.40 -33.58 -9.80
N LYS G 621 -13.25 -33.54 -10.41
CA LYS G 621 -12.08 -33.36 -9.63
C LYS G 621 -12.20 -32.17 -8.72
N HIS G 622 -12.66 -31.09 -9.29
CA HIS G 622 -12.79 -29.87 -8.52
C HIS G 622 -13.74 -30.00 -7.35
N GLN G 623 -14.97 -30.47 -7.64
CA GLN G 623 -15.97 -30.64 -6.60
C GLN G 623 -15.53 -31.62 -5.53
N GLN G 624 -14.63 -32.53 -5.86
CA GLN G 624 -14.22 -33.52 -4.90
C GLN G 624 -12.97 -33.17 -4.17
N GLN G 625 -12.42 -32.00 -4.41
CA GLN G 625 -11.19 -31.69 -3.71
C GLN G 625 -11.26 -31.88 -2.23
N PHE G 626 -10.11 -32.16 -1.67
CA PHE G 626 -10.00 -32.39 -0.26
C PHE G 626 -9.77 -31.14 0.52
N PHE G 627 -9.63 -30.02 -0.16
CA PHE G 627 -9.41 -28.80 0.60
C PHE G 627 -10.43 -27.79 0.25
N GLN G 628 -10.88 -27.06 1.25
CA GLN G 628 -11.86 -26.05 1.02
C GLN G 628 -11.39 -24.72 1.54
N PHE G 629 -11.68 -23.70 0.73
CA PHE G 629 -11.27 -22.35 1.01
C PHE G 629 -12.34 -21.35 1.26
N ARG G 630 -11.98 -20.41 2.11
CA ARG G 630 -12.79 -19.30 2.47
C ARG G 630 -11.92 -18.09 2.43
N LEU G 631 -12.51 -17.06 1.92
CA LEU G 631 -11.78 -15.85 1.81
C LEU G 631 -12.39 -14.78 2.66
N SER G 632 -11.57 -14.20 3.50
CA SER G 632 -12.05 -13.13 4.31
C SER G 632 -11.06 -11.99 4.37
N GLY G 633 -11.42 -10.95 3.64
CA GLY G 633 -10.52 -9.85 3.59
C GLY G 633 -9.20 -10.30 2.98
N GLN G 634 -8.13 -10.32 3.78
CA GLN G 634 -6.86 -10.71 3.21
C GLN G 634 -6.49 -12.08 3.66
N THR G 635 -7.47 -12.72 4.29
CA THR G 635 -7.21 -14.01 4.80
C THR G 635 -7.89 -15.14 4.12
N ILE G 636 -7.08 -16.14 3.89
CA ILE G 636 -7.64 -17.31 3.36
C ILE G 636 -7.74 -18.36 4.39
N GLU G 637 -8.94 -18.90 4.49
CA GLU G 637 -9.15 -19.96 5.41
C GLU G 637 -9.17 -21.29 4.69
N VAL G 638 -8.36 -22.21 5.18
CA VAL G 638 -8.27 -23.49 4.54
C VAL G 638 -8.77 -24.57 5.42
N THR G 639 -9.55 -25.44 4.83
CA THR G 639 -10.09 -26.53 5.57
C THR G 639 -9.79 -27.84 4.91
N SER G 640 -9.38 -28.79 5.76
CA SER G 640 -8.99 -30.12 5.34
C SER G 640 -10.13 -31.09 5.46
N GLU G 641 -10.36 -31.81 4.37
CA GLU G 641 -11.36 -32.83 4.35
C GLU G 641 -10.68 -34.18 4.48
N TYR G 642 -9.43 -34.16 4.90
CA TYR G 642 -8.77 -35.43 5.12
C TYR G 642 -9.14 -35.87 6.52
N LEU G 643 -9.33 -37.16 6.71
CA LEU G 643 -9.73 -37.64 8.03
C LEU G 643 -8.53 -38.12 8.77
N PHE G 644 -7.55 -38.55 8.01
CA PHE G 644 -6.39 -39.12 8.62
C PHE G 644 -5.09 -38.46 8.34
N ARG G 645 -4.88 -37.84 7.19
CA ARG G 645 -3.56 -37.29 7.02
C ARG G 645 -3.38 -35.84 7.27
N HIS G 646 -2.12 -35.50 7.32
CA HIS G 646 -1.77 -34.13 7.52
C HIS G 646 -1.29 -33.58 6.18
N SER G 647 -1.45 -32.27 5.93
CA SER G 647 -1.05 -31.70 4.64
C SER G 647 0.44 -31.76 4.45
N ASP G 648 0.95 -32.94 4.40
CA ASP G 648 2.37 -33.07 4.30
C ASP G 648 3.00 -33.09 2.92
N ASN G 649 2.26 -32.75 1.89
CA ASN G 649 2.84 -32.70 0.57
C ASN G 649 2.07 -31.64 -0.16
N GLU G 650 1.92 -30.54 0.57
CA GLU G 650 1.11 -29.47 0.04
C GLU G 650 1.64 -28.07 0.05
N LEU G 651 1.60 -27.56 -1.15
CA LEU G 651 1.96 -26.21 -1.42
C LEU G 651 0.81 -25.40 -1.96
N LEU G 652 0.65 -24.26 -1.36
CA LEU G 652 -0.38 -23.40 -1.82
C LEU G 652 0.13 -22.22 -2.61
N HIS G 653 -0.21 -22.19 -3.88
CA HIS G 653 0.21 -21.08 -4.71
C HIS G 653 -0.92 -20.13 -4.91
N TRP G 654 -0.67 -18.87 -4.73
CA TRP G 654 -1.73 -17.95 -4.96
C TRP G 654 -1.28 -16.89 -5.91
N MET G 655 -2.24 -16.16 -6.44
CA MET G 655 -1.87 -15.14 -7.36
C MET G 655 -3.01 -14.23 -7.81
N VAL G 656 -2.63 -12.98 -8.04
CA VAL G 656 -3.54 -11.94 -8.43
C VAL G 656 -3.35 -11.40 -9.81
N ALA G 657 -4.45 -11.20 -10.51
CA ALA G 657 -4.39 -10.67 -11.84
C ALA G 657 -5.56 -9.79 -12.19
N LEU G 658 -5.23 -8.87 -13.08
CA LEU G 658 -6.17 -7.91 -13.55
C LEU G 658 -6.50 -8.27 -14.94
N ASP G 659 -7.74 -8.63 -15.16
CA ASP G 659 -8.09 -9.05 -16.49
C ASP G 659 -7.04 -9.95 -17.13
N GLY G 660 -6.46 -10.83 -16.34
CA GLY G 660 -5.49 -11.72 -16.94
C GLY G 660 -4.07 -11.26 -16.72
N LYS G 661 -3.91 -10.05 -16.25
CA LYS G 661 -2.58 -9.60 -16.01
C LYS G 661 -2.24 -9.76 -14.58
N PRO G 662 -1.29 -10.62 -14.42
CA PRO G 662 -0.73 -11.06 -13.17
C PRO G 662 -0.03 -9.92 -12.52
N LEU G 663 -0.33 -9.70 -11.27
CA LEU G 663 0.28 -8.63 -10.56
C LEU G 663 1.05 -9.10 -9.37
N ALA G 664 0.73 -10.31 -8.90
CA ALA G 664 1.38 -10.85 -7.72
C ALA G 664 1.10 -12.31 -7.58
N SER G 665 2.11 -13.02 -7.07
CA SER G 665 2.05 -14.43 -6.83
C SER G 665 2.66 -14.69 -5.51
N GLY G 666 2.35 -15.86 -4.97
CA GLY G 666 2.85 -16.25 -3.69
C GLY G 666 2.82 -17.74 -3.53
N GLU G 667 3.61 -18.20 -2.59
CA GLU G 667 3.67 -19.61 -2.32
C GLU G 667 3.61 -19.89 -0.86
N VAL G 668 2.69 -20.73 -0.45
CA VAL G 668 2.65 -21.05 0.94
C VAL G 668 2.34 -22.49 1.20
N PRO G 669 3.21 -23.01 1.99
CA PRO G 669 3.17 -24.37 2.45
C PRO G 669 2.04 -24.56 3.42
N LEU G 670 1.31 -25.63 3.19
CA LEU G 670 0.19 -25.99 4.01
C LEU G 670 0.54 -26.84 5.20
N ASP G 671 -0.15 -26.54 6.26
CA ASP G 671 0.03 -27.26 7.49
C ASP G 671 -1.31 -27.47 8.13
N VAL G 672 -2.05 -28.47 7.66
CA VAL G 672 -3.36 -28.70 8.22
C VAL G 672 -3.61 -30.12 8.60
N ALA G 673 -4.13 -30.20 9.80
CA ALA G 673 -4.49 -31.49 10.32
C ALA G 673 -5.79 -31.93 9.72
N PRO G 674 -5.93 -33.23 9.57
CA PRO G 674 -7.15 -33.76 9.06
C PRO G 674 -8.25 -33.03 9.79
N GLN G 675 -9.21 -32.61 9.01
CA GLN G 675 -10.34 -31.88 9.53
C GLN G 675 -10.04 -30.59 10.19
N GLY G 676 -8.85 -30.07 9.94
CA GLY G 676 -8.52 -28.79 10.55
C GLY G 676 -8.57 -27.63 9.60
N LYS G 677 -8.29 -26.47 10.17
CA LYS G 677 -8.27 -25.20 9.46
C LYS G 677 -6.91 -24.54 9.51
N GLN G 678 -6.56 -23.82 8.47
CA GLN G 678 -5.32 -23.08 8.42
C GLN G 678 -5.64 -21.70 7.89
N LEU G 679 -5.08 -20.71 8.57
CA LEU G 679 -5.28 -19.34 8.19
C LEU G 679 -4.19 -18.76 7.37
N ILE G 680 -4.59 -18.12 6.31
CA ILE G 680 -3.56 -17.60 5.51
C ILE G 680 -3.64 -16.17 5.27
N GLU G 681 -2.60 -15.56 5.80
CA GLU G 681 -2.44 -14.14 5.75
C GLU G 681 -1.82 -13.61 4.51
N LEU G 682 -2.58 -12.74 3.88
CA LEU G 682 -2.10 -12.18 2.67
C LEU G 682 -1.37 -10.88 2.84
N PRO G 683 -0.29 -10.83 2.12
CA PRO G 683 0.53 -9.67 2.04
C PRO G 683 -0.35 -8.62 1.41
N GLU G 684 -0.02 -7.38 1.65
CA GLU G 684 -0.82 -6.33 1.08
C GLU G 684 -0.99 -6.45 -0.41
N LEU G 685 -2.24 -6.35 -0.77
CA LEU G 685 -2.59 -6.48 -2.14
C LEU G 685 -2.59 -5.20 -2.88
N PRO G 686 -2.25 -5.38 -4.13
CA PRO G 686 -2.14 -4.33 -5.11
C PRO G 686 -3.49 -3.71 -5.42
N GLN G 687 -3.48 -2.40 -5.63
CA GLN G 687 -4.69 -1.69 -5.93
C GLN G 687 -4.57 -0.89 -7.19
N PRO G 688 -4.54 -1.63 -8.28
CA PRO G 688 -4.47 -1.10 -9.63
C PRO G 688 -5.49 -0.01 -9.86
N GLU G 689 -5.13 0.86 -10.76
CA GLU G 689 -5.98 1.97 -11.09
C GLU G 689 -6.85 1.65 -12.27
N SER G 690 -6.15 1.08 -13.23
CA SER G 690 -6.68 0.63 -14.49
C SER G 690 -8.03 -0.05 -14.31
N ALA G 691 -8.82 -0.01 -15.35
CA ALA G 691 -10.10 -0.62 -15.23
C ALA G 691 -9.97 -2.08 -15.48
N GLY G 692 -10.92 -2.82 -14.88
CA GLY G 692 -10.94 -4.25 -15.02
C GLY G 692 -11.33 -4.97 -13.74
N GLN G 693 -11.34 -6.30 -13.87
CA GLN G 693 -11.68 -7.21 -12.81
C GLN G 693 -10.43 -7.79 -12.19
N LEU G 694 -10.41 -7.67 -10.90
CA LEU G 694 -9.32 -8.17 -10.13
C LEU G 694 -9.67 -9.52 -9.55
N TRP G 695 -8.85 -10.50 -9.84
CA TRP G 695 -9.16 -11.82 -9.33
C TRP G 695 -8.05 -12.54 -8.64
N LEU G 696 -8.46 -13.23 -7.57
CA LEU G 696 -7.54 -14.00 -6.82
C LEU G 696 -7.67 -15.49 -7.09
N THR G 697 -6.54 -16.14 -7.27
CA THR G 697 -6.58 -17.55 -7.49
C THR G 697 -5.57 -18.35 -6.71
N VAL G 698 -6.07 -19.43 -6.10
CA VAL G 698 -5.22 -20.35 -5.36
C VAL G 698 -5.21 -21.75 -5.94
N ARG G 699 -4.07 -22.37 -5.79
CA ARG G 699 -3.87 -23.70 -6.27
C ARG G 699 -3.11 -24.51 -5.25
N VAL G 700 -3.36 -25.80 -5.26
CA VAL G 700 -2.66 -26.66 -4.35
C VAL G 700 -1.79 -27.64 -5.07
N VAL G 701 -0.54 -27.57 -4.66
CA VAL G 701 0.41 -28.43 -5.28
C VAL G 701 1.17 -29.37 -4.42
N GLN G 702 1.40 -30.51 -5.08
CA GLN G 702 2.13 -31.60 -4.52
C GLN G 702 3.51 -31.63 -5.11
N PRO G 703 4.37 -31.01 -4.34
CA PRO G 703 5.76 -30.86 -4.64
C PRO G 703 6.40 -32.18 -4.96
N ASN G 704 6.22 -33.16 -4.08
CA ASN G 704 6.82 -34.47 -4.29
C ASN G 704 5.91 -35.46 -4.95
N ALA G 705 6.45 -36.32 -5.79
CA ALA G 705 5.57 -37.29 -6.39
C ALA G 705 5.14 -38.32 -5.39
N THR G 706 4.12 -39.07 -5.78
CA THR G 706 3.56 -40.10 -4.95
C THR G 706 3.42 -41.30 -5.78
N ALA G 707 2.94 -42.33 -5.16
CA ALA G 707 2.77 -43.53 -5.89
C ALA G 707 1.75 -43.39 -6.96
N TRP G 708 0.91 -42.36 -6.84
CA TRP G 708 -0.12 -42.26 -7.85
C TRP G 708 -0.11 -40.95 -8.51
N SER G 709 0.87 -40.13 -8.17
CA SER G 709 0.96 -38.82 -8.75
C SER G 709 2.37 -38.35 -8.90
N GLU G 710 2.54 -37.53 -9.93
CA GLU G 710 3.80 -36.90 -10.27
C GLU G 710 4.11 -35.74 -9.39
N ALA G 711 5.33 -35.28 -9.49
CA ALA G 711 5.58 -34.14 -8.66
C ALA G 711 4.96 -32.94 -9.31
N GLY G 712 4.58 -31.99 -8.50
CA GLY G 712 3.94 -30.80 -9.03
C GLY G 712 2.48 -31.02 -9.43
N HIS G 713 1.85 -32.02 -8.84
CA HIS G 713 0.47 -32.27 -9.16
C HIS G 713 -0.44 -31.24 -8.51
N ILE G 714 -1.44 -30.83 -9.28
CA ILE G 714 -2.43 -29.90 -8.74
C ILE G 714 -3.59 -30.65 -8.17
N SER G 715 -3.84 -30.47 -6.90
CA SER G 715 -4.91 -31.22 -6.30
C SER G 715 -6.14 -30.41 -6.01
N ALA G 716 -5.99 -29.10 -5.99
CA ALA G 716 -7.16 -28.32 -5.70
C ALA G 716 -6.98 -26.87 -6.06
N TRP G 717 -8.08 -26.24 -6.35
CA TRP G 717 -7.98 -24.86 -6.65
C TRP G 717 -9.24 -24.13 -6.34
N GLN G 718 -9.14 -22.83 -6.33
CA GLN G 718 -10.28 -22.01 -6.06
C GLN G 718 -9.99 -20.57 -6.40
N GLN G 719 -11.01 -19.87 -6.87
CA GLN G 719 -10.73 -18.50 -7.20
C GLN G 719 -11.78 -17.48 -6.74
N TRP G 720 -11.39 -16.23 -6.59
CA TRP G 720 -12.34 -15.22 -6.17
C TRP G 720 -12.18 -13.90 -6.90
N ARG G 721 -13.27 -13.15 -7.01
CA ARG G 721 -13.14 -11.88 -7.68
C ARG G 721 -12.98 -10.80 -6.66
N LEU G 722 -11.82 -10.18 -6.66
CA LEU G 722 -11.58 -9.18 -5.65
C LEU G 722 -12.24 -7.88 -5.86
N ALA G 723 -12.06 -7.32 -7.02
CA ALA G 723 -12.67 -6.04 -7.24
C ALA G 723 -12.95 -5.81 -8.68
N GLU G 724 -13.53 -4.63 -8.87
CA GLU G 724 -13.89 -4.20 -10.19
C GLU G 724 -13.72 -2.73 -10.34
N ASN G 725 -13.12 -2.34 -11.42
CA ASN G 725 -12.95 -0.95 -11.71
C ASN G 725 -13.70 -0.68 -12.97
N LEU G 726 -14.86 -0.10 -12.81
CA LEU G 726 -15.67 0.20 -13.98
C LEU G 726 -14.98 1.22 -14.86
N SER G 727 -15.06 1.01 -16.17
CA SER G 727 -14.42 1.94 -17.09
C SER G 727 -15.29 3.11 -17.45
N VAL G 728 -14.79 4.26 -17.10
CA VAL G 728 -15.52 5.48 -17.36
C VAL G 728 -14.91 6.22 -18.50
N THR G 729 -14.16 5.54 -19.31
CA THR G 729 -13.58 6.31 -20.35
C THR G 729 -14.34 6.32 -21.62
N LEU G 730 -13.95 7.32 -22.38
CA LEU G 730 -14.51 7.58 -23.65
C LEU G 730 -13.50 7.41 -24.73
N PRO G 731 -14.07 6.87 -25.78
CA PRO G 731 -13.40 6.62 -27.02
C PRO G 731 -13.03 7.98 -27.59
N ALA G 732 -11.76 8.09 -27.97
CA ALA G 732 -11.33 9.34 -28.54
C ALA G 732 -12.00 9.54 -29.89
N ALA G 733 -12.02 10.80 -30.32
CA ALA G 733 -12.63 11.14 -31.59
C ALA G 733 -11.95 10.46 -32.77
N SER G 734 -12.77 10.30 -33.80
CA SER G 734 -12.36 9.71 -35.03
C SER G 734 -12.31 10.86 -36.01
N HIS G 735 -11.44 10.74 -36.99
CA HIS G 735 -11.32 11.83 -37.93
C HIS G 735 -12.27 11.69 -39.07
N ALA G 736 -13.04 10.63 -39.04
CA ALA G 736 -13.96 10.41 -40.11
C ALA G 736 -15.08 9.57 -39.68
N ILE G 737 -16.01 9.40 -40.57
CA ILE G 737 -17.11 8.58 -40.24
C ILE G 737 -17.55 7.76 -41.41
N PRO G 738 -18.03 6.60 -41.08
CA PRO G 738 -18.43 5.67 -42.06
C PRO G 738 -19.32 6.31 -43.10
N HIS G 739 -19.27 5.72 -44.25
CA HIS G 739 -20.04 6.25 -45.30
C HIS G 739 -21.06 5.26 -45.79
N LEU G 740 -22.31 5.66 -45.59
CA LEU G 740 -23.43 4.84 -45.95
C LEU G 740 -23.76 4.88 -47.41
N THR G 741 -24.42 3.87 -47.92
CA THR G 741 -24.74 3.84 -49.33
C THR G 741 -25.87 2.91 -49.59
N THR G 742 -27.01 3.47 -49.95
CA THR G 742 -28.15 2.63 -50.19
C THR G 742 -28.12 2.03 -51.55
N SER G 743 -28.98 1.06 -51.74
CA SER G 743 -29.14 0.32 -52.96
C SER G 743 -30.48 -0.39 -52.83
N GLU G 744 -30.88 -1.14 -53.79
CA GLU G 744 -32.16 -1.76 -53.60
C GLU G 744 -32.06 -2.95 -52.70
N MET G 745 -30.95 -3.65 -52.94
CA MET G 745 -30.63 -4.88 -52.28
C MET G 745 -29.95 -4.66 -51.00
N ASP G 746 -29.35 -3.50 -50.83
CA ASP G 746 -28.70 -3.42 -49.57
C ASP G 746 -28.22 -2.07 -49.19
N PHE G 747 -27.49 -2.12 -48.09
CA PHE G 747 -26.90 -0.96 -47.53
C PHE G 747 -25.41 -1.15 -47.46
N CME G 748 -24.63 -0.11 -47.81
CA CME G 748 -23.21 -0.24 -47.77
CB CME G 748 -22.44 -0.23 -49.05
SG CME G 748 -22.32 -1.93 -49.51
SD CME G 748 -20.44 -2.47 -49.44
CE CME G 748 -20.63 -3.85 -50.60
CZ CME G 748 -19.55 -3.87 -51.70
OH CME G 748 -20.15 -4.04 -52.99
C CME G 748 -22.49 0.67 -46.86
O CME G 748 -22.51 1.88 -47.00
N ILE G 749 -21.81 0.05 -45.98
CA ILE G 749 -21.06 0.87 -45.09
C ILE G 749 -19.62 0.71 -45.37
N GLU G 750 -18.98 1.84 -45.56
CA GLU G 750 -17.61 1.84 -45.86
C GLU G 750 -16.83 2.73 -44.95
N LEU G 751 -15.60 2.32 -44.73
CA LEU G 751 -14.69 3.07 -43.91
C LEU G 751 -13.30 2.57 -44.13
N GLY G 752 -12.57 3.23 -44.99
CA GLY G 752 -11.23 2.78 -45.29
C GLY G 752 -11.33 1.51 -46.10
N ASN G 753 -10.47 0.58 -45.77
CA ASN G 753 -10.45 -0.72 -46.41
C ASN G 753 -11.65 -1.55 -45.94
N LYS G 754 -12.21 -1.16 -44.80
CA LYS G 754 -13.33 -1.87 -44.26
C LYS G 754 -14.66 -1.54 -44.91
N ARG G 755 -15.44 -2.59 -45.09
CA ARG G 755 -16.76 -2.52 -45.69
C ARG G 755 -17.70 -3.56 -45.10
N TRP G 756 -18.96 -3.15 -44.90
CA TRP G 756 -19.96 -4.02 -44.35
C TRP G 756 -21.20 -3.98 -45.18
N GLN G 757 -21.79 -5.12 -45.42
CA GLN G 757 -23.01 -5.04 -46.16
C GLN G 757 -24.22 -5.76 -45.55
N PHE G 758 -25.36 -5.07 -45.57
CA PHE G 758 -26.56 -5.68 -45.03
C PHE G 758 -27.59 -5.92 -46.09
N ASN G 759 -27.96 -7.16 -46.26
CA ASN G 759 -28.96 -7.47 -47.27
C ASN G 759 -30.31 -6.95 -46.84
N ARG G 760 -30.92 -6.20 -47.71
CA ARG G 760 -32.19 -5.62 -47.41
C ARG G 760 -33.34 -6.56 -47.46
N GLN G 761 -33.17 -7.71 -48.04
CA GLN G 761 -34.34 -8.54 -48.03
C GLN G 761 -34.38 -9.39 -46.80
N SER G 762 -33.22 -9.86 -46.40
CA SER G 762 -33.09 -10.73 -45.28
C SER G 762 -32.95 -9.97 -44.00
N GLY G 763 -32.44 -8.77 -44.14
CA GLY G 763 -32.20 -8.02 -42.94
C GLY G 763 -30.94 -8.46 -42.20
N PHE G 764 -30.05 -9.22 -42.81
CA PHE G 764 -28.87 -9.56 -42.06
C PHE G 764 -27.64 -8.99 -42.62
N LEU G 765 -26.63 -8.97 -41.79
CA LEU G 765 -25.33 -8.54 -42.19
C LEU G 765 -24.83 -9.70 -43.02
N SER G 766 -24.83 -9.50 -44.33
CA SER G 766 -24.47 -10.53 -45.30
C SER G 766 -23.01 -10.70 -45.60
N GLN G 767 -22.24 -9.63 -45.55
CA GLN G 767 -20.84 -9.83 -45.84
C GLN G 767 -20.07 -8.67 -45.35
N MET G 768 -18.79 -8.88 -45.23
CA MET G 768 -17.97 -7.83 -44.81
C MET G 768 -16.58 -8.08 -45.33
N TRP G 769 -15.87 -7.00 -45.64
CA TRP G 769 -14.56 -7.10 -46.21
C TRP G 769 -13.55 -6.33 -45.49
N ILE G 770 -12.36 -6.84 -45.60
CA ILE G 770 -11.21 -6.14 -45.12
C ILE G 770 -10.34 -6.14 -46.32
N GLY G 771 -10.21 -4.97 -46.88
CA GLY G 771 -9.50 -4.90 -48.11
C GLY G 771 -10.45 -5.52 -49.13
N ASP G 772 -9.93 -6.44 -49.89
CA ASP G 772 -10.69 -7.12 -50.92
C ASP G 772 -11.08 -8.50 -50.46
N LYS G 773 -10.85 -8.76 -49.17
CA LYS G 773 -11.15 -10.05 -48.62
C LYS G 773 -12.49 -10.13 -47.96
N LYS G 774 -13.31 -11.04 -48.48
CA LYS G 774 -14.60 -11.26 -47.90
C LYS G 774 -14.34 -11.95 -46.58
N GLN G 775 -15.19 -11.75 -45.59
CA GLN G 775 -14.89 -12.36 -44.32
C GLN G 775 -15.81 -13.44 -43.89
N LEU G 776 -16.97 -13.50 -44.52
CA LEU G 776 -17.90 -14.50 -44.09
C LEU G 776 -18.36 -15.39 -45.17
N LEU G 777 -18.53 -16.65 -44.86
CA LEU G 777 -19.09 -17.56 -45.81
C LEU G 777 -20.58 -17.64 -45.60
N THR G 778 -21.02 -17.16 -44.45
CA THR G 778 -22.41 -17.18 -44.10
C THR G 778 -22.77 -15.94 -43.35
N PRO G 779 -23.98 -15.49 -43.54
CA PRO G 779 -24.48 -14.29 -42.87
C PRO G 779 -24.66 -14.47 -41.37
N LEU G 780 -24.54 -13.38 -40.66
CA LEU G 780 -24.66 -13.36 -39.23
C LEU G 780 -26.09 -13.47 -38.83
N ARG G 781 -26.42 -14.53 -38.10
CA ARG G 781 -27.78 -14.63 -37.67
C ARG G 781 -28.11 -15.20 -36.34
N ASP G 782 -29.34 -14.88 -35.98
CA ASP G 782 -29.89 -15.29 -34.72
C ASP G 782 -29.96 -16.78 -34.68
N GLN G 783 -29.75 -17.32 -33.53
CA GLN G 783 -29.83 -18.74 -33.42
C GLN G 783 -30.47 -19.11 -32.12
N PHE G 784 -31.45 -19.99 -32.19
CA PHE G 784 -32.14 -20.38 -30.98
C PHE G 784 -32.05 -21.84 -30.59
N THR G 785 -31.37 -22.65 -31.39
CA THR G 785 -31.31 -24.04 -31.09
C THR G 785 -29.90 -24.57 -30.89
N ARG G 786 -29.86 -25.86 -30.55
CA ARG G 786 -28.59 -26.54 -30.44
C ARG G 786 -28.67 -27.96 -30.96
N ALA G 787 -27.50 -28.51 -31.32
CA ALA G 787 -27.40 -29.88 -31.75
C ALA G 787 -27.51 -30.64 -30.45
N PRO G 788 -28.68 -31.25 -30.29
CA PRO G 788 -29.10 -31.97 -29.13
C PRO G 788 -28.05 -32.78 -28.44
N LEU G 789 -28.06 -32.66 -27.12
CA LEU G 789 -27.17 -33.46 -26.34
C LEU G 789 -27.85 -34.77 -26.07
N ASP G 790 -27.04 -35.70 -25.59
CA ASP G 790 -27.60 -36.98 -25.26
C ASP G 790 -28.76 -36.76 -24.32
N ASN G 791 -28.49 -35.92 -23.33
CA ASN G 791 -29.49 -35.55 -22.36
C ASN G 791 -30.71 -34.90 -23.01
N ASP G 792 -30.51 -34.15 -24.10
CA ASP G 792 -31.65 -33.52 -24.72
C ASP G 792 -32.58 -34.52 -25.39
N ILE G 793 -31.98 -35.67 -25.71
CA ILE G 793 -32.68 -36.72 -26.42
C ILE G 793 -33.27 -37.79 -25.53
N GLY G 794 -32.48 -38.24 -24.57
CA GLY G 794 -32.91 -39.25 -23.65
C GLY G 794 -33.13 -40.56 -24.37
N VAL G 795 -34.34 -41.05 -24.30
CA VAL G 795 -34.57 -42.31 -24.95
C VAL G 795 -35.50 -42.21 -26.13
N SER G 796 -35.67 -40.99 -26.60
CA SER G 796 -36.53 -40.83 -27.74
C SER G 796 -35.91 -41.51 -28.95
N GLU G 797 -36.78 -42.23 -29.63
CA GLU G 797 -36.41 -42.95 -30.81
C GLU G 797 -37.38 -42.64 -31.90
N ALA G 798 -36.85 -42.70 -33.12
CA ALA G 798 -37.63 -42.44 -34.32
C ALA G 798 -38.93 -43.25 -34.30
N THR G 799 -38.76 -44.52 -33.98
CA THR G 799 -39.84 -45.47 -33.88
C THR G 799 -40.71 -45.13 -32.67
N ARG G 800 -40.03 -44.97 -31.54
CA ARG G 800 -40.64 -44.70 -30.27
C ARG G 800 -40.19 -43.39 -29.66
N ILE G 801 -40.91 -42.37 -30.05
CA ILE G 801 -40.67 -41.02 -29.61
C ILE G 801 -41.09 -40.76 -28.18
N ASP G 802 -40.28 -39.94 -27.48
CA ASP G 802 -40.55 -39.52 -26.13
C ASP G 802 -40.86 -38.03 -26.09
N PRO G 803 -42.13 -37.77 -26.15
CA PRO G 803 -42.73 -36.47 -26.14
C PRO G 803 -42.21 -35.54 -25.07
N ASN G 804 -41.64 -36.05 -24.00
CA ASN G 804 -41.18 -35.07 -23.05
C ASN G 804 -39.75 -34.66 -23.25
N ALA G 805 -39.04 -35.41 -24.04
CA ALA G 805 -37.67 -35.02 -24.29
C ALA G 805 -37.64 -33.63 -24.90
N TRP G 806 -36.66 -32.87 -24.43
CA TRP G 806 -36.45 -31.53 -24.88
C TRP G 806 -36.46 -31.50 -26.39
N VAL G 807 -35.61 -32.34 -26.92
CA VAL G 807 -35.52 -32.38 -28.35
C VAL G 807 -36.87 -32.55 -29.01
N GLU G 808 -37.63 -33.44 -28.42
CA GLU G 808 -38.92 -33.72 -28.93
C GLU G 808 -39.78 -32.49 -28.91
N ARG G 809 -39.72 -31.80 -27.82
CA ARG G 809 -40.53 -30.60 -27.72
C ARG G 809 -40.10 -29.49 -28.65
N TRP G 810 -38.80 -29.33 -28.74
CA TRP G 810 -38.27 -28.32 -29.57
C TRP G 810 -38.70 -28.55 -30.99
N LYS G 811 -38.63 -29.82 -31.33
CA LYS G 811 -38.97 -30.25 -32.66
C LYS G 811 -40.41 -29.94 -32.92
N ALA G 812 -41.22 -30.47 -32.05
CA ALA G 812 -42.62 -30.25 -32.22
C ALA G 812 -43.01 -28.81 -32.28
N ALA G 813 -42.24 -27.98 -31.58
CA ALA G 813 -42.56 -26.57 -31.56
C ALA G 813 -42.15 -25.89 -32.84
N GLY G 814 -41.31 -26.56 -33.61
CA GLY G 814 -40.88 -25.97 -34.85
C GLY G 814 -39.66 -25.13 -34.64
N HIS G 815 -39.06 -25.24 -33.47
CA HIS G 815 -37.88 -24.44 -33.23
C HIS G 815 -36.85 -24.67 -34.28
N TYR G 816 -36.68 -25.93 -34.62
CA TYR G 816 -35.68 -26.29 -35.58
C TYR G 816 -36.01 -25.86 -36.96
N GLN G 817 -37.24 -25.42 -37.19
CA GLN G 817 -37.49 -25.05 -38.55
C GLN G 817 -38.33 -23.80 -38.74
N ALA G 818 -38.23 -22.91 -37.80
CA ALA G 818 -39.00 -21.73 -37.93
C ALA G 818 -38.34 -20.84 -38.93
N GLU G 819 -39.20 -20.03 -39.48
CA GLU G 819 -38.87 -19.11 -40.52
C GLU G 819 -38.83 -17.70 -40.04
N ALA G 820 -37.68 -17.10 -40.28
CA ALA G 820 -37.53 -15.71 -39.91
C ALA G 820 -38.26 -14.79 -40.88
N ALA G 821 -38.77 -13.68 -40.38
CA ALA G 821 -39.49 -12.72 -41.20
C ALA G 821 -39.05 -11.29 -40.89
N LEU G 822 -38.60 -10.57 -41.90
CA LEU G 822 -38.19 -9.21 -41.65
C LEU G 822 -39.40 -8.38 -41.30
N LEU G 823 -39.31 -7.72 -40.18
CA LEU G 823 -40.37 -6.87 -39.79
C LEU G 823 -39.95 -5.47 -40.12
N GLN G 824 -38.65 -5.25 -40.05
CA GLN G 824 -38.16 -3.93 -40.32
C GLN G 824 -36.66 -3.84 -40.36
N CYS G 825 -36.18 -2.93 -41.21
CA CYS G 825 -34.78 -2.75 -41.41
C CYS G 825 -34.50 -1.35 -41.84
N THR G 826 -33.76 -0.60 -41.04
CA THR G 826 -33.49 0.76 -41.40
C THR G 826 -32.08 1.19 -41.13
N ALA G 827 -31.71 2.22 -41.89
CA ALA G 827 -30.40 2.80 -41.80
C ALA G 827 -30.48 4.27 -41.58
N ASP G 828 -29.50 4.78 -40.85
CA ASP G 828 -29.52 6.18 -40.51
C ASP G 828 -28.13 6.68 -40.24
N THR G 829 -27.94 7.94 -40.60
CA THR G 829 -26.66 8.55 -40.39
C THR G 829 -26.66 9.52 -39.28
N LEU G 830 -25.79 9.23 -38.35
CA LEU G 830 -25.66 10.05 -37.22
C LEU G 830 -24.42 10.88 -37.37
N ALA G 831 -24.25 11.77 -36.45
CA ALA G 831 -23.11 12.60 -36.53
C ALA G 831 -21.82 11.86 -36.41
N ASP G 832 -21.82 10.75 -35.67
CA ASP G 832 -20.56 10.08 -35.45
C ASP G 832 -20.52 8.67 -35.87
N ALA G 833 -21.64 8.20 -36.42
CA ALA G 833 -21.68 6.84 -36.88
C ALA G 833 -22.88 6.56 -37.73
N VAL G 834 -22.93 5.33 -38.16
CA VAL G 834 -24.05 4.86 -38.91
C VAL G 834 -24.82 3.86 -38.08
N LEU G 835 -26.12 3.97 -38.20
CA LEU G 835 -26.98 3.16 -37.42
C LEU G 835 -27.96 2.36 -38.20
N ILE G 836 -27.94 1.07 -37.92
CA ILE G 836 -28.86 0.16 -38.55
C ILE G 836 -29.77 -0.49 -37.57
N THR G 837 -31.03 -0.60 -37.96
CA THR G 837 -31.92 -1.31 -37.07
C THR G 837 -32.80 -2.32 -37.77
N THR G 838 -32.96 -3.45 -37.11
CA THR G 838 -33.76 -4.51 -37.66
C THR G 838 -34.70 -5.12 -36.65
N ALA G 839 -35.62 -5.88 -37.20
CA ALA G 839 -36.58 -6.57 -36.39
C ALA G 839 -37.09 -7.73 -37.17
N HIS G 840 -36.95 -8.92 -36.58
CA HIS G 840 -37.42 -10.09 -37.24
C HIS G 840 -38.33 -10.89 -36.36
N ALA G 841 -39.05 -11.81 -36.99
CA ALA G 841 -39.91 -12.67 -36.23
C ALA G 841 -39.77 -14.11 -36.71
N TRP G 842 -39.61 -15.04 -35.77
CA TRP G 842 -39.58 -16.39 -36.23
C TRP G 842 -40.92 -16.98 -36.00
N GLN G 843 -41.48 -17.55 -37.05
CA GLN G 843 -42.78 -18.14 -36.88
C GLN G 843 -42.86 -19.53 -37.36
N HIS G 844 -43.94 -20.13 -36.94
CA HIS G 844 -44.14 -21.49 -37.31
C HIS G 844 -45.59 -21.81 -37.24
N GLN G 845 -46.12 -22.14 -38.39
CA GLN G 845 -47.50 -22.45 -38.47
C GLN G 845 -48.36 -21.37 -37.85
N GLY G 846 -48.04 -20.13 -38.21
CA GLY G 846 -48.83 -19.02 -37.72
C GLY G 846 -48.48 -18.52 -36.33
N LYS G 847 -47.66 -19.29 -35.62
CA LYS G 847 -47.31 -18.80 -34.33
C LYS G 847 -45.96 -18.11 -34.36
N THR G 848 -45.89 -17.07 -33.56
CA THR G 848 -44.65 -16.35 -33.46
C THR G 848 -43.90 -16.83 -32.25
N LEU G 849 -42.74 -17.45 -32.46
CA LEU G 849 -41.93 -17.96 -31.38
C LEU G 849 -41.05 -16.92 -30.79
N PHE G 850 -40.31 -16.26 -31.66
CA PHE G 850 -39.42 -15.25 -31.18
C PHE G 850 -39.44 -13.98 -31.96
N ILE G 851 -38.96 -12.98 -31.28
CA ILE G 851 -38.81 -11.70 -31.88
C ILE G 851 -37.46 -11.16 -31.53
N SER G 852 -36.76 -10.81 -32.58
CA SER G 852 -35.43 -10.30 -32.42
C SER G 852 -35.29 -8.89 -32.96
N ARG G 853 -34.92 -8.00 -32.07
CA ARG G 853 -34.74 -6.62 -32.44
C ARG G 853 -33.31 -6.18 -32.21
N LYS G 854 -32.69 -5.69 -33.27
CA LYS G 854 -31.30 -5.28 -33.10
C LYS G 854 -30.99 -3.90 -33.60
N THR G 855 -29.79 -3.48 -33.22
CA THR G 855 -29.18 -2.26 -33.67
C THR G 855 -27.71 -2.49 -33.87
N TYR G 856 -27.27 -1.97 -35.01
CA TYR G 856 -25.90 -2.09 -35.33
C TYR G 856 -25.40 -0.69 -35.49
N ARG G 857 -24.32 -0.43 -34.78
CA ARG G 857 -23.80 0.89 -34.87
C ARG G 857 -22.32 0.91 -35.07
N ILE G 858 -21.98 1.45 -36.24
CA ILE G 858 -20.61 1.55 -36.71
C ILE G 858 -20.11 2.94 -36.69
N ASP G 859 -19.05 3.10 -35.95
CA ASP G 859 -18.46 4.41 -35.83
C ASP G 859 -17.22 4.56 -36.63
N GLY G 860 -16.66 5.74 -36.45
CA GLY G 860 -15.47 6.12 -37.13
C GLY G 860 -14.25 5.38 -36.65
N SER G 861 -14.39 4.64 -35.56
CA SER G 861 -13.23 3.91 -35.13
C SER G 861 -13.22 2.56 -35.83
N GLY G 862 -14.30 2.27 -36.53
CA GLY G 862 -14.39 1.01 -37.25
C GLY G 862 -14.93 -0.13 -36.39
N GLN G 863 -15.57 0.21 -35.28
CA GLN G 863 -16.11 -0.85 -34.47
C GLN G 863 -17.58 -0.96 -34.67
N MET G 864 -18.02 -2.17 -34.60
CA MET G 864 -19.42 -2.40 -34.74
C MET G 864 -20.01 -2.91 -33.45
N ALA G 865 -20.93 -2.12 -32.94
CA ALA G 865 -21.58 -2.48 -31.73
C ALA G 865 -22.95 -3.02 -32.04
N ILE G 866 -23.19 -4.17 -31.46
CA ILE G 866 -24.44 -4.83 -31.68
C ILE G 866 -25.24 -4.95 -30.45
N THR G 867 -26.50 -4.77 -30.65
CA THR G 867 -27.39 -4.84 -29.56
C THR G 867 -28.58 -5.67 -29.90
N VAL G 868 -28.81 -6.64 -29.02
CA VAL G 868 -29.88 -7.58 -29.21
C VAL G 868 -30.84 -7.69 -28.10
N ASP G 869 -32.11 -7.63 -28.50
CA ASP G 869 -33.19 -7.79 -27.56
C ASP G 869 -34.19 -8.75 -28.12
N VAL G 870 -34.38 -9.83 -27.38
CA VAL G 870 -35.30 -10.87 -27.77
C VAL G 870 -36.48 -11.11 -26.86
N GLU G 871 -37.56 -11.49 -27.52
CA GLU G 871 -38.78 -11.82 -26.84
C GLU G 871 -39.09 -13.24 -27.20
N VAL G 872 -39.46 -14.03 -26.20
CA VAL G 872 -39.81 -15.39 -26.40
C VAL G 872 -41.21 -15.70 -25.93
N ALA G 873 -42.01 -16.31 -26.80
CA ALA G 873 -43.36 -16.63 -26.37
C ALA G 873 -43.34 -17.47 -25.13
N SER G 874 -44.11 -17.03 -24.20
CA SER G 874 -44.17 -17.74 -22.94
C SER G 874 -44.69 -19.13 -23.14
N ASP G 875 -45.43 -19.34 -24.21
CA ASP G 875 -45.93 -20.67 -24.32
C ASP G 875 -45.13 -21.58 -25.19
N THR G 876 -43.95 -21.17 -25.54
CA THR G 876 -43.15 -22.08 -26.29
C THR G 876 -42.13 -22.66 -25.34
N PRO G 877 -41.58 -23.80 -25.68
CA PRO G 877 -40.60 -24.42 -24.83
C PRO G 877 -39.35 -23.60 -24.77
N HIS G 878 -38.78 -23.50 -23.60
CA HIS G 878 -37.58 -22.72 -23.50
C HIS G 878 -36.55 -23.25 -24.44
N PRO G 879 -36.01 -22.33 -25.15
CA PRO G 879 -35.02 -22.55 -26.17
C PRO G 879 -33.69 -22.89 -25.56
N ALA G 880 -32.95 -23.68 -26.30
CA ALA G 880 -31.64 -24.16 -25.92
C ALA G 880 -30.67 -23.04 -25.73
N ARG G 881 -30.87 -22.02 -26.53
CA ARG G 881 -29.96 -20.92 -26.47
C ARG G 881 -30.47 -19.70 -27.19
N ILE G 882 -29.74 -18.60 -26.97
CA ILE G 882 -30.04 -17.31 -27.55
C ILE G 882 -28.77 -16.59 -27.94
N GLY G 883 -28.54 -16.60 -29.26
CA GLY G 883 -27.34 -16.00 -29.78
C GLY G 883 -27.35 -15.82 -31.26
N LEU G 884 -26.14 -15.76 -31.74
CA LEU G 884 -25.92 -15.55 -33.13
C LEU G 884 -24.90 -16.48 -33.65
N ASN G 885 -24.89 -16.56 -34.95
CA ASN G 885 -23.88 -17.36 -35.56
C ASN G 885 -23.59 -17.00 -36.99
N CYS G 886 -22.47 -17.52 -37.41
CA CYS G 886 -22.05 -17.30 -38.76
C CYS G 886 -20.84 -18.17 -39.05
N GLN G 887 -20.59 -18.30 -40.35
CA GLN G 887 -19.48 -19.06 -40.82
C GLN G 887 -18.42 -18.12 -41.31
N LEU G 888 -17.34 -18.07 -40.58
CA LEU G 888 -16.27 -17.20 -41.00
C LEU G 888 -15.47 -17.82 -42.11
N ALA G 889 -15.09 -16.99 -43.05
CA ALA G 889 -14.29 -17.46 -44.16
C ALA G 889 -12.88 -17.87 -43.73
N GLN G 890 -12.35 -17.18 -42.76
CA GLN G 890 -11.03 -17.49 -42.30
C GLN G 890 -10.97 -18.74 -41.44
N VAL G 891 -9.75 -19.23 -41.28
CA VAL G 891 -9.45 -20.38 -40.47
C VAL G 891 -8.09 -20.20 -39.81
N ALA G 892 -8.03 -20.10 -38.49
CA ALA G 892 -6.76 -19.88 -37.83
C ALA G 892 -6.30 -21.01 -36.94
N GLU G 893 -5.12 -20.81 -36.40
CA GLU G 893 -4.48 -21.81 -35.56
C GLU G 893 -4.88 -21.82 -34.12
N ARG G 894 -4.88 -20.63 -33.56
CA ARG G 894 -5.18 -20.47 -32.19
C ARG G 894 -6.46 -19.72 -31.93
N VAL G 895 -6.84 -19.82 -30.66
CA VAL G 895 -8.01 -19.18 -30.12
C VAL G 895 -7.62 -18.59 -28.79
N ASN G 896 -7.96 -17.35 -28.64
CA ASN G 896 -7.56 -16.70 -27.46
C ASN G 896 -8.70 -15.93 -26.87
N TRP G 897 -8.90 -16.17 -25.59
CA TRP G 897 -9.98 -15.51 -24.95
C TRP G 897 -9.75 -15.25 -23.50
N LEU G 898 -10.54 -14.32 -23.07
CA LEU G 898 -10.57 -13.89 -21.72
C LEU G 898 -11.95 -14.23 -21.18
N GLY G 899 -11.95 -15.29 -20.38
CA GLY G 899 -13.16 -15.81 -19.81
C GLY G 899 -12.88 -17.11 -19.07
N LEU G 900 -13.91 -17.94 -18.98
CA LEU G 900 -13.83 -19.19 -18.27
C LEU G 900 -13.11 -20.24 -19.04
N GLY G 901 -12.09 -20.81 -18.45
CA GLY G 901 -11.37 -21.82 -19.17
C GLY G 901 -10.55 -22.70 -18.27
N PRO G 902 -9.82 -23.57 -18.91
CA PRO G 902 -9.72 -23.64 -20.34
C PRO G 902 -10.64 -24.65 -20.97
N GLN G 903 -11.15 -25.57 -20.20
CA GLN G 903 -12.02 -26.56 -20.82
C GLN G 903 -13.43 -26.12 -21.08
N GLU G 904 -14.06 -26.94 -21.91
CA GLU G 904 -15.47 -26.83 -22.22
C GLU G 904 -16.22 -26.61 -20.91
N ASN G 905 -17.13 -25.65 -20.88
CA ASN G 905 -17.93 -25.39 -19.69
C ASN G 905 -19.30 -24.90 -20.01
N TYR G 906 -20.23 -25.31 -19.20
CA TYR G 906 -21.61 -24.93 -19.40
C TYR G 906 -22.16 -24.32 -18.14
N PRO G 907 -23.28 -23.66 -18.32
CA PRO G 907 -23.95 -22.95 -17.27
C PRO G 907 -24.11 -23.75 -16.03
N ASP G 908 -24.59 -24.98 -16.17
CA ASP G 908 -24.73 -25.81 -15.00
C ASP G 908 -23.52 -26.73 -14.81
N ARG G 909 -22.44 -26.41 -15.48
CA ARG G 909 -21.23 -27.21 -15.27
C ARG G 909 -20.03 -26.33 -15.51
N LEU G 910 -19.72 -25.45 -14.55
CA LEU G 910 -18.60 -24.58 -14.80
C LEU G 910 -17.83 -24.18 -13.54
N THR G 911 -18.17 -24.76 -12.44
CA THR G 911 -17.44 -24.37 -11.24
C THR G 911 -15.98 -24.72 -11.34
N ALA G 912 -15.64 -25.70 -12.13
CA ALA G 912 -14.23 -26.02 -12.14
C ALA G 912 -13.40 -25.09 -12.99
N ALA G 913 -14.08 -24.37 -13.87
CA ALA G 913 -13.41 -23.46 -14.80
C ALA G 913 -12.87 -22.21 -14.14
N CME G 914 -11.86 -21.58 -14.74
CA CME G 914 -11.30 -20.38 -14.22
CB CME G 914 -9.94 -20.57 -13.60
SG CME G 914 -10.06 -21.53 -12.08
SD CME G 914 -8.16 -22.16 -12.11
CE CME G 914 -8.15 -23.43 -13.45
CZ CME G 914 -6.82 -24.20 -13.42
OH CME G 914 -5.87 -23.41 -12.66
C CME G 914 -11.33 -19.25 -15.15
O CME G 914 -11.25 -19.37 -16.39
N PHE G 915 -11.45 -18.11 -14.53
CA PHE G 915 -11.50 -16.91 -15.30
C PHE G 915 -10.12 -16.39 -15.54
N ASP G 916 -9.70 -16.47 -16.77
CA ASP G 916 -8.39 -15.98 -17.08
C ASP G 916 -8.25 -15.77 -18.57
N ARG G 917 -6.99 -15.65 -19.00
CA ARG G 917 -6.73 -15.51 -20.39
C ARG G 917 -6.26 -16.81 -20.94
N TRP G 918 -7.02 -17.34 -21.88
CA TRP G 918 -6.68 -18.61 -22.43
C TRP G 918 -6.34 -18.51 -23.89
N ASP G 919 -5.41 -19.36 -24.28
CA ASP G 919 -4.98 -19.44 -25.64
C ASP G 919 -4.79 -20.89 -25.99
N LEU G 920 -5.55 -21.36 -26.97
CA LEU G 920 -5.45 -22.73 -27.39
C LEU G 920 -5.58 -22.84 -28.87
N PRO G 921 -5.32 -24.03 -29.31
CA PRO G 921 -5.40 -24.38 -30.68
C PRO G 921 -6.82 -24.77 -30.95
N LEU G 922 -7.23 -24.31 -32.09
CA LEU G 922 -8.55 -24.54 -32.56
C LEU G 922 -9.09 -25.93 -32.27
N SER G 923 -8.22 -26.88 -32.45
CA SER G 923 -8.59 -28.27 -32.25
C SER G 923 -9.09 -28.53 -30.85
N ASP G 924 -8.50 -27.80 -29.92
CA ASP G 924 -8.87 -27.98 -28.55
C ASP G 924 -10.23 -27.38 -28.26
N MET G 925 -10.73 -26.60 -29.19
CA MET G 925 -12.01 -26.05 -28.91
C MET G 925 -13.13 -26.98 -29.33
N TYR G 926 -12.77 -28.24 -29.56
CA TYR G 926 -13.75 -29.21 -29.97
C TYR G 926 -13.74 -30.45 -29.13
N THR G 927 -14.95 -30.90 -28.82
CA THR G 927 -15.13 -32.07 -27.99
C THR G 927 -15.79 -33.18 -28.77
N PRO G 928 -14.89 -34.10 -29.08
CA PRO G 928 -15.04 -35.33 -29.83
C PRO G 928 -15.88 -36.39 -29.12
N TYR G 929 -17.04 -35.98 -28.69
CA TYR G 929 -17.93 -36.92 -28.11
C TYR G 929 -18.23 -37.92 -29.21
N VAL G 930 -18.06 -39.20 -28.90
CA VAL G 930 -18.32 -40.22 -29.90
C VAL G 930 -19.61 -39.98 -30.65
N PHE G 931 -20.65 -39.78 -29.88
CA PHE G 931 -21.90 -39.46 -30.50
C PHE G 931 -21.95 -37.95 -30.46
N PRO G 932 -21.97 -37.32 -31.62
CA PRO G 932 -21.86 -35.89 -31.70
C PRO G 932 -23.06 -35.05 -31.35
N SER G 933 -22.75 -33.85 -30.82
CA SER G 933 -23.73 -32.83 -30.41
C SER G 933 -23.09 -31.48 -30.06
N GLU G 934 -23.93 -30.49 -29.70
CA GLU G 934 -23.38 -29.21 -29.28
C GLU G 934 -22.26 -29.48 -28.26
N ASN G 935 -21.13 -28.76 -28.35
CA ASN G 935 -20.04 -28.99 -27.43
C ASN G 935 -19.01 -27.89 -27.49
N GLY G 936 -18.03 -27.99 -26.63
CA GLY G 936 -16.94 -27.04 -26.58
C GLY G 936 -17.24 -25.64 -26.09
N LEU G 937 -18.45 -25.41 -25.64
CA LEU G 937 -18.72 -24.08 -25.16
C LEU G 937 -17.81 -23.61 -24.02
N ARG G 938 -17.60 -22.31 -24.00
CA ARG G 938 -16.93 -21.64 -22.90
C ARG G 938 -17.78 -20.44 -22.53
N CYS G 939 -18.08 -20.29 -21.26
CA CYS G 939 -18.92 -19.19 -20.81
C CYS G 939 -18.13 -18.10 -20.12
N GLY G 940 -18.89 -17.06 -19.79
CA GLY G 940 -18.37 -15.91 -19.08
C GLY G 940 -17.22 -15.26 -19.78
N THR G 941 -17.39 -15.09 -21.07
CA THR G 941 -16.36 -14.50 -21.86
C THR G 941 -16.60 -13.06 -22.13
N ARG G 942 -15.48 -12.37 -22.03
CA ARG G 942 -15.49 -10.95 -22.20
C ARG G 942 -14.79 -10.44 -23.43
N GLU G 943 -13.81 -11.21 -23.89
CA GLU G 943 -13.04 -10.88 -25.06
C GLU G 943 -12.65 -12.15 -25.77
N LEU G 944 -12.88 -12.15 -27.09
CA LEU G 944 -12.57 -13.28 -27.93
C LEU G 944 -11.83 -12.84 -29.15
N ASN G 945 -10.74 -13.54 -29.42
CA ASN G 945 -9.86 -13.25 -30.54
C ASN G 945 -9.60 -14.41 -31.45
N TYR G 946 -9.88 -14.23 -32.73
CA TYR G 946 -9.63 -15.24 -33.74
C TYR G 946 -9.30 -14.55 -35.03
N GLY G 947 -8.06 -14.75 -35.47
CA GLY G 947 -7.61 -14.08 -36.65
C GLY G 947 -7.52 -12.60 -36.33
N PRO G 948 -7.88 -11.82 -37.31
CA PRO G 948 -7.91 -10.39 -37.23
C PRO G 948 -9.09 -9.93 -36.39
N HIS G 949 -9.99 -10.85 -36.04
CA HIS G 949 -11.16 -10.48 -35.28
C HIS G 949 -11.05 -10.49 -33.81
N GLN G 950 -11.94 -9.67 -33.28
CA GLN G 950 -12.08 -9.52 -31.87
C GLN G 950 -13.52 -9.22 -31.49
N TRP G 951 -13.99 -9.94 -30.48
CA TRP G 951 -15.31 -9.67 -30.03
C TRP G 951 -15.28 -9.35 -28.57
N ARG G 952 -16.15 -8.42 -28.21
CA ARG G 952 -16.23 -8.04 -26.84
C ARG G 952 -17.61 -7.89 -26.34
N GLY G 953 -17.70 -8.30 -25.09
CA GLY G 953 -18.94 -8.24 -24.37
C GLY G 953 -18.96 -9.17 -23.19
N ASP G 954 -20.08 -9.83 -23.08
CA ASP G 954 -20.25 -10.79 -22.02
C ASP G 954 -21.05 -11.92 -22.56
N PHE G 955 -20.36 -12.95 -23.03
CA PHE G 955 -21.11 -14.01 -23.64
C PHE G 955 -20.40 -15.31 -23.46
N GLN G 956 -20.99 -16.28 -24.13
CA GLN G 956 -20.44 -17.61 -24.20
C GLN G 956 -20.38 -17.94 -25.65
N PHE G 957 -19.45 -18.83 -25.98
CA PHE G 957 -19.32 -19.19 -27.36
C PHE G 957 -18.66 -20.50 -27.53
N ASN G 958 -18.68 -20.89 -28.79
CA ASN G 958 -18.00 -22.07 -29.27
C ASN G 958 -17.54 -21.76 -30.68
N ILE G 959 -16.50 -22.47 -31.08
CA ILE G 959 -15.93 -22.29 -32.38
C ILE G 959 -15.28 -23.54 -32.94
N SER G 960 -15.69 -23.93 -34.14
CA SER G 960 -15.15 -25.15 -34.73
C SER G 960 -15.39 -25.16 -36.22
N ARG G 961 -15.17 -26.33 -36.84
CA ARG G 961 -15.38 -26.48 -38.26
C ARG G 961 -16.62 -27.25 -38.56
N TYR G 962 -17.48 -27.35 -37.58
CA TYR G 962 -18.67 -28.10 -37.87
C TYR G 962 -19.88 -27.33 -37.55
N SER G 963 -20.79 -27.31 -38.47
CA SER G 963 -22.01 -26.62 -38.22
C SER G 963 -22.82 -27.49 -37.25
N GLN G 964 -23.75 -26.83 -36.58
CA GLN G 964 -24.62 -27.53 -35.67
C GLN G 964 -25.39 -28.55 -36.49
N GLN G 965 -25.78 -28.17 -37.68
CA GLN G 965 -26.49 -29.11 -38.49
C GLN G 965 -25.68 -30.34 -38.77
N GLN G 966 -24.41 -30.16 -39.09
CA GLN G 966 -23.64 -31.34 -39.34
C GLN G 966 -23.69 -32.23 -38.12
N LEU G 967 -23.31 -31.65 -37.00
CA LEU G 967 -23.27 -32.37 -35.74
C LEU G 967 -24.56 -33.07 -35.45
N MET G 968 -25.60 -32.36 -35.74
CA MET G 968 -26.87 -32.88 -35.49
C MET G 968 -27.23 -34.02 -36.40
N GLU G 969 -26.72 -33.98 -37.61
CA GLU G 969 -27.06 -35.01 -38.55
C GLU G 969 -26.12 -36.19 -38.61
N THR G 970 -24.99 -36.12 -37.95
CA THR G 970 -24.02 -37.21 -37.93
C THR G 970 -24.09 -38.05 -36.67
N SER G 971 -24.03 -39.37 -36.82
CA SER G 971 -24.12 -40.24 -35.66
C SER G 971 -22.79 -40.63 -35.06
N HIS G 972 -21.73 -40.55 -35.83
CA HIS G 972 -20.48 -40.93 -35.24
C HIS G 972 -19.47 -39.89 -35.50
N ARG G 973 -18.62 -39.71 -34.54
CA ARG G 973 -17.61 -38.70 -34.68
C ARG G 973 -16.76 -38.89 -35.91
N HIS G 974 -16.43 -40.14 -36.17
CA HIS G 974 -15.57 -40.44 -37.28
C HIS G 974 -16.11 -39.99 -38.62
N LEU G 975 -17.41 -39.70 -38.67
CA LEU G 975 -17.97 -39.24 -39.92
C LEU G 975 -18.03 -37.74 -40.10
N LEU G 976 -17.44 -37.01 -39.20
CA LEU G 976 -17.55 -35.60 -39.46
C LEU G 976 -16.40 -35.16 -40.30
N HIS G 977 -16.72 -34.20 -41.11
CA HIS G 977 -15.73 -33.64 -41.94
C HIS G 977 -15.75 -32.15 -41.73
N ALA G 978 -14.56 -31.58 -41.64
CA ALA G 978 -14.51 -30.15 -41.45
C ALA G 978 -15.19 -29.42 -42.58
N GLU G 979 -15.83 -28.32 -42.24
CA GLU G 979 -16.49 -27.52 -43.23
C GLU G 979 -15.54 -26.44 -43.70
N GLU G 980 -15.98 -25.73 -44.71
CA GLU G 980 -15.20 -24.71 -45.32
C GLU G 980 -14.47 -23.70 -44.48
N GLY G 981 -15.12 -23.00 -43.57
CA GLY G 981 -14.31 -22.04 -42.84
C GLY G 981 -14.35 -22.37 -41.39
N THR G 982 -14.69 -21.37 -40.60
CA THR G 982 -14.84 -21.58 -39.18
C THR G 982 -16.25 -21.18 -38.74
N TRP G 983 -16.89 -22.11 -38.07
CA TRP G 983 -18.21 -21.87 -37.53
C TRP G 983 -18.13 -21.27 -36.14
N LEU G 984 -18.87 -20.19 -36.00
CA LEU G 984 -18.86 -19.51 -34.74
C LEU G 984 -20.22 -19.22 -34.16
N ASN G 985 -20.37 -19.69 -32.92
CA ASN G 985 -21.57 -19.44 -32.18
C ASN G 985 -21.30 -18.62 -30.95
N ILE G 986 -21.98 -17.47 -30.93
CA ILE G 986 -21.92 -16.54 -29.83
C ILE G 986 -23.28 -16.42 -29.19
N ASP G 987 -23.30 -16.87 -27.95
CA ASP G 987 -24.50 -16.89 -27.19
C ASP G 987 -24.56 -15.86 -26.09
N GLY G 988 -25.72 -15.20 -26.07
CA GLY G 988 -26.00 -14.27 -25.01
C GLY G 988 -26.44 -15.15 -23.84
N PHE G 989 -27.10 -16.26 -24.14
CA PHE G 989 -27.55 -17.17 -23.13
C PHE G 989 -27.63 -18.55 -23.66
N HIS G 990 -27.42 -19.48 -22.75
CA HIS G 990 -27.46 -20.86 -23.11
C HIS G 990 -28.01 -21.72 -22.01
N MET G 991 -28.89 -22.63 -22.38
CA MET G 991 -29.52 -23.54 -21.42
C MET G 991 -28.56 -24.49 -20.75
N GLY G 992 -28.91 -25.01 -19.59
CA GLY G 992 -28.03 -25.94 -18.92
C GLY G 992 -28.00 -27.26 -19.66
N ILE G 993 -27.16 -28.20 -19.23
CA ILE G 993 -27.05 -29.48 -19.90
C ILE G 993 -27.68 -30.62 -19.15
N GLY G 994 -27.86 -30.46 -17.84
CA GLY G 994 -28.48 -31.47 -17.03
C GLY G 994 -27.59 -32.67 -16.85
N GLY G 995 -28.23 -33.78 -16.48
CA GLY G 995 -27.49 -35.00 -16.29
C GLY G 995 -27.90 -35.83 -15.11
N ASP G 996 -28.82 -35.30 -14.30
CA ASP G 996 -29.24 -36.08 -13.12
C ASP G 996 -29.52 -37.52 -13.51
N ASP G 997 -29.99 -37.67 -14.75
CA ASP G 997 -30.25 -38.92 -15.42
C ASP G 997 -30.34 -38.61 -16.88
N SER G 998 -30.23 -39.66 -17.70
CA SER G 998 -30.27 -39.44 -19.13
C SER G 998 -31.50 -40.00 -19.80
N TRP G 999 -32.58 -40.19 -19.05
CA TRP G 999 -33.76 -40.68 -19.70
C TRP G 999 -35.03 -39.95 -19.33
N SER G 1000 -34.80 -38.74 -18.82
CA SER G 1000 -35.81 -37.78 -18.43
C SER G 1000 -35.15 -36.43 -18.40
N PRO G 1001 -36.01 -35.43 -18.39
CA PRO G 1001 -35.54 -34.07 -18.38
C PRO G 1001 -34.88 -33.81 -17.04
N SER G 1002 -33.62 -33.43 -17.10
CA SER G 1002 -32.86 -33.24 -15.91
C SER G 1002 -32.28 -31.85 -15.74
N VAL G 1003 -32.63 -30.91 -16.61
CA VAL G 1003 -32.08 -29.56 -16.43
C VAL G 1003 -32.88 -28.77 -15.42
N SER G 1004 -32.25 -28.25 -14.36
CA SER G 1004 -33.04 -27.49 -13.42
C SER G 1004 -33.47 -26.14 -13.89
N ALA G 1005 -34.62 -25.82 -13.35
CA ALA G 1005 -35.25 -24.59 -13.63
C ALA G 1005 -34.30 -23.43 -13.65
N GLU G 1006 -33.40 -23.33 -12.67
CA GLU G 1006 -32.49 -22.19 -12.75
C GLU G 1006 -31.72 -22.20 -14.01
N PHE G 1007 -31.68 -23.32 -14.72
CA PHE G 1007 -30.91 -23.26 -15.93
C PHE G 1007 -31.67 -23.21 -17.18
N GLN G 1008 -32.96 -22.99 -17.08
CA GLN G 1008 -33.78 -22.90 -18.27
C GLN G 1008 -33.94 -21.46 -18.68
N LEU G 1009 -34.01 -21.22 -19.99
CA LEU G 1009 -34.16 -19.86 -20.50
C LEU G 1009 -35.63 -19.53 -20.49
N SER G 1010 -36.10 -19.24 -19.32
CA SER G 1010 -37.51 -19.00 -19.14
C SER G 1010 -37.91 -17.54 -18.91
N ALA G 1011 -36.97 -16.62 -18.97
CA ALA G 1011 -37.24 -15.23 -18.70
C ALA G 1011 -38.21 -14.53 -19.62
N GLY G 1012 -38.35 -14.97 -20.85
CA GLY G 1012 -39.27 -14.26 -21.71
C GLY G 1012 -38.59 -13.12 -22.46
N ARG G 1013 -37.72 -12.42 -21.77
CA ARG G 1013 -37.06 -11.37 -22.47
C ARG G 1013 -35.60 -11.40 -22.21
N TYR G 1014 -34.82 -11.25 -23.26
CA TYR G 1014 -33.39 -11.27 -23.12
C TYR G 1014 -32.71 -10.15 -23.88
N HIS G 1015 -31.63 -9.69 -23.29
CA HIS G 1015 -30.86 -8.63 -23.87
C HIS G 1015 -29.37 -8.91 -23.87
N TYR G 1016 -28.70 -8.53 -24.94
CA TYR G 1016 -27.26 -8.67 -24.99
C TYR G 1016 -26.63 -7.76 -26.02
N GLN G 1017 -25.36 -7.46 -25.77
CA GLN G 1017 -24.60 -6.56 -26.61
C GLN G 1017 -23.24 -7.03 -26.93
N LEU G 1018 -22.79 -6.55 -28.03
CA LEU G 1018 -21.54 -7.01 -28.49
C LEU G 1018 -20.76 -6.05 -29.31
N VAL G 1019 -19.46 -6.27 -29.29
CA VAL G 1019 -18.61 -5.45 -30.09
C VAL G 1019 -17.65 -6.20 -30.97
N TRP G 1020 -17.67 -5.85 -32.25
CA TRP G 1020 -16.85 -6.55 -33.18
C TRP G 1020 -15.88 -5.61 -33.92
N CME G 1021 -14.65 -6.03 -33.99
CA CME G 1021 -13.57 -5.34 -34.70
CB CME G 1021 -12.89 -4.31 -33.84
SG CME G 1021 -13.63 -4.37 -32.22
SD CME G 1021 -12.01 -4.19 -31.09
CE CME G 1021 -10.89 -5.00 -32.25
CZ CME G 1021 -9.95 -4.03 -32.94
OH CME G 1021 -8.62 -4.52 -32.83
C CME G 1021 -12.45 -6.21 -35.16
O CME G 1021 -12.33 -7.36 -34.81
N GLN G 1022 -11.64 -5.55 -35.99
CA GLN G 1022 -10.51 -6.12 -36.59
C GLN G 1022 -9.27 -5.40 -36.23
N LYS G 1023 -8.15 -6.09 -36.40
CA LYS G 1023 -6.83 -5.56 -36.13
C LYS G 1023 -6.01 -5.63 -37.41
N ILE H 3 -53.35 -4.02 64.15
CA ILE H 3 -51.91 -3.70 64.39
C ILE H 3 -50.91 -4.53 63.56
N THR H 4 -51.17 -5.82 63.57
CA THR H 4 -50.35 -6.71 62.81
C THR H 4 -50.92 -6.60 61.42
N ASP H 5 -52.05 -5.93 61.29
CA ASP H 5 -52.65 -5.69 59.99
C ASP H 5 -52.08 -4.40 59.44
N SER H 6 -51.16 -3.85 60.18
CA SER H 6 -50.56 -2.60 59.82
C SER H 6 -49.53 -2.69 58.72
N LEU H 7 -49.64 -1.73 57.83
CA LEU H 7 -48.68 -1.63 56.76
C LEU H 7 -47.29 -1.78 57.36
N ALA H 8 -47.07 -0.94 58.31
CA ALA H 8 -45.78 -0.91 58.93
C ALA H 8 -45.22 -2.28 59.17
N VAL H 9 -46.14 -3.11 59.57
CA VAL H 9 -45.82 -4.47 59.90
C VAL H 9 -45.77 -5.39 58.68
N VAL H 10 -46.84 -5.39 57.92
CA VAL H 10 -46.92 -6.19 56.74
C VAL H 10 -45.71 -5.94 55.83
N LEU H 11 -45.51 -4.72 55.46
CA LEU H 11 -44.42 -4.43 54.56
C LEU H 11 -43.09 -4.70 55.18
N GLN H 12 -43.13 -5.07 56.41
CA GLN H 12 -41.87 -5.29 57.03
C GLN H 12 -41.11 -6.37 56.27
N ARG H 13 -41.82 -7.46 56.06
CA ARG H 13 -41.23 -8.61 55.44
C ARG H 13 -40.74 -8.47 54.00
N ARG H 14 -41.39 -7.61 53.22
CA ARG H 14 -40.92 -7.44 51.87
C ARG H 14 -40.95 -8.75 51.10
N ASP H 15 -42.14 -9.28 51.08
CA ASP H 15 -42.41 -10.51 50.40
C ASP H 15 -42.11 -10.41 48.92
N TRP H 16 -42.25 -9.18 48.42
CA TRP H 16 -42.00 -8.89 47.04
C TRP H 16 -40.53 -8.87 46.70
N GLU H 17 -39.69 -9.24 47.65
CA GLU H 17 -38.29 -9.34 47.33
C GLU H 17 -37.80 -10.69 47.78
N ASN H 18 -38.71 -11.64 47.68
CA ASN H 18 -38.40 -12.97 48.11
C ASN H 18 -39.12 -14.04 47.34
N PRO H 19 -38.33 -14.62 46.44
CA PRO H 19 -38.69 -15.72 45.56
C PRO H 19 -39.26 -16.87 46.38
N GLY H 20 -38.91 -16.89 47.66
CA GLY H 20 -39.41 -17.90 48.55
C GLY H 20 -40.89 -17.61 48.84
N VAL H 21 -41.28 -16.37 48.69
CA VAL H 21 -42.67 -16.15 48.95
C VAL H 21 -43.34 -15.71 47.71
N THR H 22 -44.26 -16.54 47.28
CA THR H 22 -44.94 -16.21 46.06
C THR H 22 -46.42 -15.99 46.25
N GLN H 23 -46.86 -16.34 47.42
CA GLN H 23 -48.24 -16.17 47.77
C GLN H 23 -48.38 -16.33 49.27
N LEU H 24 -49.54 -15.90 49.79
CA LEU H 24 -49.87 -16.00 51.20
C LEU H 24 -51.34 -16.19 51.33
N ASN H 25 -51.71 -17.29 51.89
CA ASN H 25 -53.13 -17.56 52.06
C ASN H 25 -53.96 -17.61 50.82
N ARG H 26 -53.30 -17.78 49.69
CA ARG H 26 -54.04 -17.88 48.43
C ARG H 26 -54.61 -19.28 48.32
N LEU H 27 -55.83 -19.41 47.83
CA LEU H 27 -56.40 -20.74 47.68
C LEU H 27 -55.78 -21.49 46.52
N ALA H 28 -56.18 -22.73 46.38
CA ALA H 28 -55.68 -23.57 45.29
C ALA H 28 -56.40 -23.34 43.99
N ALA H 29 -55.61 -23.57 42.93
CA ALA H 29 -55.98 -23.43 41.55
C ALA H 29 -56.98 -24.49 41.05
N HIS H 30 -57.72 -24.22 40.00
CA HIS H 30 -58.69 -25.18 39.51
C HIS H 30 -59.40 -24.57 38.32
N PRO H 31 -60.16 -25.41 37.68
CA PRO H 31 -60.92 -24.94 36.56
C PRO H 31 -62.02 -24.05 37.08
N PRO H 32 -62.57 -23.36 36.17
CA PRO H 32 -63.62 -22.41 36.35
C PRO H 32 -64.92 -22.93 36.93
N PHE H 33 -65.29 -22.28 38.03
CA PHE H 33 -66.51 -22.53 38.76
C PHE H 33 -67.51 -21.39 38.68
N ALA H 34 -68.79 -21.76 38.82
CA ALA H 34 -69.91 -20.82 38.81
C ALA H 34 -70.81 -21.11 40.01
N SER H 35 -70.73 -22.33 40.48
CA SER H 35 -71.53 -22.73 41.59
C SER H 35 -72.99 -22.63 41.26
N TRP H 36 -73.38 -23.05 40.07
CA TRP H 36 -74.78 -22.99 39.78
C TRP H 36 -75.48 -23.77 40.85
N ARG H 37 -76.70 -23.34 41.12
CA ARG H 37 -77.51 -24.04 42.08
C ARG H 37 -78.68 -24.69 41.37
N ASN H 38 -78.62 -24.69 40.05
CA ASN H 38 -79.63 -25.32 39.23
C ASN H 38 -78.97 -25.92 38.01
N SER H 39 -79.31 -27.18 37.77
CA SER H 39 -78.76 -27.89 36.65
C SER H 39 -78.93 -27.17 35.30
N GLU H 40 -80.17 -26.98 34.92
CA GLU H 40 -80.45 -26.35 33.65
C GLU H 40 -79.59 -25.17 33.37
N GLU H 41 -79.47 -24.33 34.37
CA GLU H 41 -78.69 -23.14 34.21
C GLU H 41 -77.28 -23.48 33.82
N ALA H 42 -76.68 -24.26 34.69
CA ALA H 42 -75.35 -24.69 34.44
C ALA H 42 -75.33 -25.32 33.06
N ARG H 43 -76.30 -26.13 32.80
CA ARG H 43 -76.32 -26.78 31.53
C ARG H 43 -76.32 -25.87 30.35
N THR H 44 -77.07 -24.81 30.45
CA THR H 44 -77.19 -23.87 29.35
C THR H 44 -76.30 -22.69 29.58
N ASP H 45 -75.33 -22.92 30.42
CA ASP H 45 -74.40 -21.88 30.69
C ASP H 45 -75.08 -20.57 30.98
N ARG H 46 -76.08 -20.55 31.85
CA ARG H 46 -76.65 -19.26 32.17
C ARG H 46 -75.71 -18.57 33.11
N PRO H 47 -76.18 -17.57 33.81
CA PRO H 47 -75.27 -16.90 34.69
C PRO H 47 -75.60 -17.22 36.11
N SER H 48 -74.57 -17.51 36.88
CA SER H 48 -74.81 -17.85 38.25
C SER H 48 -74.72 -16.64 39.13
N GLN H 49 -75.59 -16.67 40.10
CA GLN H 49 -75.65 -15.61 41.04
C GLN H 49 -74.66 -15.85 42.14
N GLN H 50 -74.04 -17.04 42.19
CA GLN H 50 -73.07 -17.20 43.25
C GLN H 50 -71.75 -16.59 42.80
N LEU H 51 -71.88 -16.03 41.60
CA LEU H 51 -70.81 -15.37 40.98
C LEU H 51 -71.11 -13.91 40.75
N ARG H 52 -70.26 -13.06 41.32
CA ARG H 52 -70.51 -11.64 41.20
C ARG H 52 -69.30 -10.84 40.80
N SER H 53 -69.51 -9.96 39.80
CA SER H 53 -68.40 -9.13 39.38
C SER H 53 -68.24 -7.90 40.18
N LEU H 54 -66.99 -7.53 40.41
CA LEU H 54 -66.70 -6.33 41.15
C LEU H 54 -66.09 -5.31 40.26
N ASN H 55 -66.24 -5.60 38.98
CA ASN H 55 -65.68 -4.68 38.03
C ASN H 55 -66.55 -3.47 38.01
N GLY H 56 -65.87 -2.33 37.85
CA GLY H 56 -66.53 -1.06 37.78
C GLY H 56 -65.65 0.03 38.33
N GLU H 57 -66.33 1.02 38.89
CA GLU H 57 -65.65 2.15 39.44
C GLU H 57 -65.04 1.82 40.78
N TRP H 58 -63.80 2.22 40.92
CA TRP H 58 -63.09 1.93 42.14
C TRP H 58 -62.30 3.16 42.53
N ARG H 59 -61.64 3.09 43.64
CA ARG H 59 -60.88 4.27 44.00
C ARG H 59 -59.42 4.01 43.97
N PHE H 60 -58.74 4.90 43.30
CA PHE H 60 -57.35 4.71 43.10
C PHE H 60 -56.45 5.80 43.59
N ALA H 61 -55.26 5.41 43.99
CA ALA H 61 -54.28 6.39 44.38
C ALA H 61 -52.91 5.82 44.16
N TRP H 62 -52.04 6.64 43.66
CA TRP H 62 -50.73 6.19 43.30
C TRP H 62 -49.59 6.71 44.15
N PHE H 63 -48.59 5.89 44.38
CA PHE H 63 -47.46 6.33 45.18
C PHE H 63 -46.22 5.76 44.60
N PRO H 64 -45.21 6.56 44.67
CA PRO H 64 -43.86 6.28 44.22
C PRO H 64 -43.22 5.10 44.94
N ALA H 65 -43.78 4.73 46.09
CA ALA H 65 -43.27 3.63 46.85
C ALA H 65 -44.28 3.16 47.84
N PRO H 66 -44.14 1.91 48.18
CA PRO H 66 -45.03 1.28 49.12
C PRO H 66 -44.96 1.95 50.48
N GLU H 67 -43.72 2.16 50.92
CA GLU H 67 -43.42 2.80 52.18
C GLU H 67 -44.16 4.14 52.33
N ALA H 68 -44.38 4.84 51.26
CA ALA H 68 -45.12 6.08 51.33
C ALA H 68 -46.61 5.89 51.55
N VAL H 69 -47.08 4.69 51.75
CA VAL H 69 -48.52 4.63 51.96
C VAL H 69 -48.92 4.96 53.39
N PRO H 70 -50.16 5.44 53.55
CA PRO H 70 -50.72 5.89 54.81
C PRO H 70 -51.72 4.94 55.40
N GLU H 71 -51.41 4.63 56.64
CA GLU H 71 -52.14 3.72 57.43
C GLU H 71 -53.62 3.97 57.37
N SER H 72 -53.90 5.23 57.27
CA SER H 72 -55.27 5.67 57.16
C SER H 72 -55.95 4.93 56.06
N TRP H 73 -55.17 4.76 54.99
CA TRP H 73 -55.63 4.14 53.78
C TRP H 73 -56.42 2.89 54.08
N LEU H 74 -55.92 2.19 55.08
CA LEU H 74 -56.50 0.93 55.53
C LEU H 74 -57.89 1.07 56.04
N GLU H 75 -58.02 2.18 56.72
CA GLU H 75 -59.27 2.52 57.35
C GLU H 75 -60.14 3.35 56.47
N CYS H 76 -59.51 4.40 55.98
CA CYS H 76 -60.27 5.34 55.26
C CYS H 76 -59.77 5.59 53.89
N ASP H 77 -60.76 5.81 53.03
CA ASP H 77 -60.51 6.15 51.66
C ASP H 77 -59.75 7.45 51.59
N LEU H 78 -59.04 7.70 50.53
CA LEU H 78 -58.36 8.96 50.55
C LEU H 78 -59.16 10.08 49.94
N PRO H 79 -58.67 11.25 50.25
CA PRO H 79 -59.28 12.46 49.81
C PRO H 79 -58.85 12.69 48.38
N GLU H 80 -57.55 12.51 48.21
CA GLU H 80 -56.90 12.67 46.93
C GLU H 80 -57.06 11.45 46.03
N ALA H 81 -57.85 10.51 46.48
CA ALA H 81 -58.11 9.34 45.68
C ALA H 81 -58.93 9.73 44.48
N ASP H 82 -58.74 9.00 43.38
CA ASP H 82 -59.50 9.24 42.18
C ASP H 82 -60.43 8.10 41.95
N THR H 83 -61.41 8.36 41.14
CA THR H 83 -62.29 7.28 40.86
C THR H 83 -61.89 6.73 39.53
N VAL H 84 -61.68 5.41 39.49
CA VAL H 84 -61.21 4.71 38.32
C VAL H 84 -62.00 3.47 37.98
N VAL H 85 -61.87 3.10 36.72
CA VAL H 85 -62.50 1.89 36.28
C VAL H 85 -61.54 0.73 36.31
N VAL H 86 -62.09 -0.37 36.81
CA VAL H 86 -61.37 -1.58 36.91
C VAL H 86 -62.14 -2.64 36.17
N PRO H 87 -61.42 -3.48 35.40
CA PRO H 87 -59.95 -3.54 35.36
C PRO H 87 -59.31 -2.53 34.45
N SER H 88 -58.02 -2.31 34.72
CA SER H 88 -57.27 -1.36 33.92
C SER H 88 -55.78 -1.30 34.23
N ASN H 89 -55.07 -0.57 33.35
CA ASN H 89 -53.64 -0.38 33.57
C ASN H 89 -53.40 1.05 33.95
N TRP H 90 -52.85 1.17 35.11
CA TRP H 90 -52.65 2.50 35.57
C TRP H 90 -51.86 3.42 34.67
N GLN H 91 -50.90 2.87 33.93
CA GLN H 91 -50.13 3.72 33.02
C GLN H 91 -51.06 4.27 31.98
N MET H 92 -52.15 3.55 31.75
CA MET H 92 -53.10 4.00 30.74
C MET H 92 -53.89 5.19 31.21
N HIS H 93 -53.73 5.54 32.48
CA HIS H 93 -54.45 6.64 33.07
C HIS H 93 -53.54 7.78 33.39
N GLY H 94 -52.35 7.71 32.88
CA GLY H 94 -51.39 8.75 33.10
C GLY H 94 -50.68 8.65 34.42
N TYR H 95 -50.96 7.64 35.22
CA TYR H 95 -50.25 7.62 36.49
C TYR H 95 -48.73 7.59 36.45
N ASP H 96 -48.22 6.83 35.51
CA ASP H 96 -46.79 6.73 35.25
C ASP H 96 -46.68 6.22 33.84
N ALA H 97 -45.43 6.06 33.42
CA ALA H 97 -45.17 5.60 32.08
C ALA H 97 -45.12 4.12 31.86
N PRO H 98 -45.57 3.74 30.67
CA PRO H 98 -45.48 2.38 30.24
C PRO H 98 -44.10 2.28 29.64
N ILE H 99 -43.47 1.14 29.83
CA ILE H 99 -42.16 0.97 29.28
C ILE H 99 -42.11 -0.08 28.20
N TYR H 100 -41.29 0.26 27.22
CA TYR H 100 -41.06 -0.64 26.16
C TYR H 100 -39.61 -1.01 25.91
N THR H 101 -39.22 -2.13 26.54
CA THR H 101 -37.96 -2.81 26.32
C THR H 101 -38.34 -4.23 25.92
N ASN H 102 -37.39 -4.90 25.30
CA ASN H 102 -37.55 -6.25 24.82
C ASN H 102 -36.81 -7.27 25.67
N VAL H 103 -35.49 -7.14 25.66
CA VAL H 103 -34.67 -8.07 26.39
C VAL H 103 -34.27 -7.53 27.74
N THR H 104 -33.70 -6.33 27.67
CA THR H 104 -33.21 -5.67 28.83
C THR H 104 -34.30 -5.42 29.85
N TYR H 105 -33.99 -5.81 31.08
CA TYR H 105 -34.92 -5.62 32.15
C TYR H 105 -35.15 -4.14 32.39
N PRO H 106 -36.39 -3.82 32.68
CA PRO H 106 -36.78 -2.47 32.98
C PRO H 106 -36.09 -1.99 34.25
N ILE H 107 -35.77 -2.92 35.13
CA ILE H 107 -35.11 -2.51 36.34
C ILE H 107 -33.73 -3.07 36.39
N THR H 108 -33.02 -2.69 37.42
CA THR H 108 -31.66 -3.15 37.59
C THR H 108 -31.63 -4.60 37.96
N VAL H 109 -30.68 -5.28 37.37
CA VAL H 109 -30.58 -6.69 37.63
C VAL H 109 -29.90 -7.09 38.90
N ASN H 110 -30.72 -7.39 39.90
CA ASN H 110 -30.17 -7.78 41.16
C ASN H 110 -31.14 -8.58 41.98
N PRO H 111 -31.48 -9.68 41.41
CA PRO H 111 -32.38 -10.59 42.02
C PRO H 111 -31.84 -10.93 43.39
N PRO H 112 -32.79 -11.02 44.29
CA PRO H 112 -34.19 -10.88 43.93
C PRO H 112 -34.68 -9.52 44.29
N PHE H 113 -33.79 -8.56 44.18
CA PHE H 113 -34.14 -7.23 44.52
C PHE H 113 -34.71 -6.41 43.44
N VAL H 114 -35.73 -5.72 43.88
CA VAL H 114 -36.50 -4.75 43.14
C VAL H 114 -36.02 -3.36 43.61
N PRO H 115 -36.31 -2.32 42.85
CA PRO H 115 -35.89 -0.97 43.20
C PRO H 115 -36.78 -0.31 44.25
N THR H 116 -36.09 0.38 45.16
CA THR H 116 -36.69 1.08 46.29
C THR H 116 -37.89 1.92 45.88
N GLU H 117 -37.78 2.55 44.73
CA GLU H 117 -38.86 3.34 44.20
C GLU H 117 -39.70 2.42 43.38
N ASN H 118 -40.72 1.91 44.00
CA ASN H 118 -41.51 1.01 43.30
C ASN H 118 -42.94 1.43 43.40
N PRO H 119 -43.36 1.90 42.31
CA PRO H 119 -44.68 2.43 42.10
C PRO H 119 -45.76 1.58 42.66
N THR H 120 -46.48 2.14 43.61
CA THR H 120 -47.56 1.44 44.23
C THR H 120 -48.92 1.97 43.85
N GLY H 121 -49.88 1.09 43.64
CA GLY H 121 -51.20 1.51 43.28
C GLY H 121 -52.20 1.05 44.31
N CYS H 122 -52.80 2.00 45.04
CA CYS H 122 -53.76 1.63 46.05
C CYS H 122 -55.14 1.66 45.52
N TYR H 123 -55.69 0.48 45.41
CA TYR H 123 -57.03 0.34 44.91
C TYR H 123 -57.91 0.04 46.08
N SER H 124 -59.13 0.54 46.02
CA SER H 124 -60.05 0.34 47.12
C SER H 124 -61.46 0.25 46.66
N LEU H 125 -62.20 -0.53 47.38
CA LEU H 125 -63.56 -0.67 47.01
C LEU H 125 -64.50 -1.09 48.12
N THR H 126 -65.57 -0.32 48.13
CA THR H 126 -66.59 -0.48 49.10
C THR H 126 -67.81 -1.10 48.49
N PHE H 127 -68.27 -2.13 49.13
CA PHE H 127 -69.39 -2.82 48.59
C PHE H 127 -70.15 -3.54 49.67
N ASN H 128 -71.32 -3.89 49.19
CA ASN H 128 -72.33 -4.52 49.96
C ASN H 128 -72.43 -5.97 49.68
N VAL H 129 -72.68 -6.69 50.75
CA VAL H 129 -72.83 -8.11 50.66
C VAL H 129 -74.15 -8.58 51.17
N ASP H 130 -74.81 -9.44 50.39
CA ASP H 130 -76.05 -9.98 50.90
C ASP H 130 -75.66 -10.79 52.13
N GLU H 131 -76.52 -10.80 53.11
CA GLU H 131 -76.16 -11.54 54.29
C GLU H 131 -76.44 -13.01 54.15
N SER H 132 -77.38 -13.33 53.29
CA SER H 132 -77.67 -14.73 53.12
C SER H 132 -76.36 -15.47 52.88
N TRP H 133 -75.50 -14.80 52.12
CA TRP H 133 -74.19 -15.31 51.81
C TRP H 133 -73.38 -15.41 53.06
N LEU H 134 -73.65 -14.46 53.91
CA LEU H 134 -72.94 -14.38 55.14
C LEU H 134 -73.35 -15.47 56.10
N GLN H 135 -74.54 -15.99 55.89
CA GLN H 135 -75.00 -17.02 56.77
C GLN H 135 -74.29 -18.31 56.55
N GLU H 136 -74.60 -18.92 55.42
CA GLU H 136 -74.02 -20.18 55.08
C GLU H 136 -73.03 -20.13 53.91
N GLY H 137 -72.32 -21.23 53.71
CA GLY H 137 -71.38 -21.35 52.62
C GLY H 137 -70.09 -20.58 52.76
N GLN H 138 -69.42 -20.48 51.61
CA GLN H 138 -68.15 -19.82 51.52
C GLN H 138 -68.07 -18.79 50.44
N THR H 139 -67.44 -17.72 50.88
CA THR H 139 -67.28 -16.61 50.02
C THR H 139 -65.84 -16.20 49.81
N ARG H 140 -65.52 -16.23 48.53
CA ARG H 140 -64.21 -15.87 48.15
C ARG H 140 -64.17 -14.90 47.00
N ILE H 141 -63.03 -14.26 47.01
CA ILE H 141 -62.75 -13.31 46.01
C ILE H 141 -61.74 -13.82 45.02
N ILE H 142 -61.89 -13.31 43.80
CA ILE H 142 -61.03 -13.72 42.74
C ILE H 142 -60.49 -12.65 41.83
N PHE H 143 -59.18 -12.58 41.81
CA PHE H 143 -58.47 -11.68 40.94
C PHE H 143 -57.96 -12.38 39.72
N ASP H 144 -58.59 -12.13 38.60
CA ASP H 144 -58.14 -12.76 37.39
C ASP H 144 -56.78 -12.34 36.92
N GLY H 145 -56.33 -11.17 37.34
CA GLY H 145 -55.03 -10.68 36.93
C GLY H 145 -54.64 -9.33 37.54
N VAL H 146 -53.50 -9.38 38.24
CA VAL H 146 -52.89 -8.26 38.94
C VAL H 146 -51.38 -8.25 38.72
N ASN H 147 -50.90 -7.21 38.14
CA ASN H 147 -49.50 -7.14 37.83
C ASN H 147 -48.79 -6.05 38.59
N SER H 148 -47.69 -6.40 39.27
CA SER H 148 -47.12 -7.72 39.28
C SER H 148 -47.37 -8.51 40.54
N ALA H 149 -47.35 -7.84 41.68
CA ALA H 149 -47.55 -8.44 43.00
C ALA H 149 -48.53 -7.62 43.84
N PHE H 150 -49.05 -8.20 44.91
CA PHE H 150 -49.94 -7.42 45.74
C PHE H 150 -50.40 -8.05 47.03
N HIS H 151 -50.74 -7.12 47.97
CA HIS H 151 -51.24 -7.40 49.31
C HIS H 151 -52.71 -7.09 49.41
N LEU H 152 -53.37 -7.79 50.28
CA LEU H 152 -54.78 -7.53 50.31
C LEU H 152 -55.40 -7.43 51.69
N TRP H 153 -56.33 -6.47 51.80
CA TRP H 153 -57.07 -6.24 53.03
C TRP H 153 -58.55 -6.13 52.82
N CYS H 154 -59.23 -6.61 53.83
CA CYS H 154 -60.66 -6.58 53.80
C CYS H 154 -61.19 -6.16 55.14
N ASN H 155 -61.96 -5.08 55.06
CA ASN H 155 -62.55 -4.46 56.22
C ASN H 155 -61.44 -4.21 57.22
N GLY H 156 -60.32 -3.67 56.74
CA GLY H 156 -59.21 -3.32 57.62
C GLY H 156 -58.29 -4.45 57.98
N ARG H 157 -58.74 -5.64 57.64
CA ARG H 157 -57.94 -6.79 57.96
C ARG H 157 -57.06 -7.32 56.83
N TRP H 158 -55.82 -7.62 57.20
CA TRP H 158 -54.86 -8.16 56.25
C TRP H 158 -55.27 -9.56 55.81
N VAL H 159 -55.23 -9.81 54.52
CA VAL H 159 -55.69 -11.10 54.05
C VAL H 159 -54.67 -11.99 53.41
N GLY H 160 -54.00 -11.50 52.42
CA GLY H 160 -53.04 -12.33 51.75
C GLY H 160 -52.19 -11.54 50.79
N TYR H 161 -51.38 -12.34 50.10
CA TYR H 161 -50.43 -11.84 49.14
C TYR H 161 -50.40 -12.76 47.96
N GLY H 162 -49.97 -12.24 46.81
CA GLY H 162 -49.90 -13.02 45.56
C GLY H 162 -48.89 -12.53 44.51
N GLN H 163 -48.33 -13.49 43.74
CA GLN H 163 -47.39 -13.21 42.65
C GLN H 163 -47.91 -13.91 41.36
N ASP H 164 -47.31 -13.55 40.22
CA ASP H 164 -47.69 -14.08 38.90
C ASP H 164 -48.83 -13.31 38.29
N SER H 165 -48.44 -12.32 37.51
CA SER H 165 -49.43 -11.48 36.89
C SER H 165 -50.40 -12.15 35.98
N ARG H 166 -50.13 -13.37 35.50
CA ARG H 166 -51.08 -13.91 34.55
C ARG H 166 -52.08 -14.94 34.98
N LEU H 167 -52.02 -15.36 36.22
CA LEU H 167 -53.03 -16.30 36.69
C LEU H 167 -53.83 -15.75 37.85
N PRO H 168 -54.98 -16.33 38.07
CA PRO H 168 -55.90 -15.95 39.10
C PRO H 168 -55.38 -16.14 40.48
N SER H 169 -55.90 -15.31 41.39
CA SER H 169 -55.60 -15.37 42.79
C SER H 169 -56.88 -15.43 43.57
N GLU H 170 -56.98 -16.44 44.41
CA GLU H 170 -58.18 -16.56 45.16
C GLU H 170 -57.99 -16.58 46.63
N PHE H 171 -58.95 -15.89 47.26
CA PHE H 171 -59.03 -15.83 48.69
C PHE H 171 -60.44 -15.93 49.22
N ASP H 172 -60.45 -16.62 50.38
CA ASP H 172 -61.61 -16.85 51.19
C ASP H 172 -61.81 -15.66 52.09
N LEU H 173 -62.92 -14.98 51.85
CA LEU H 173 -63.24 -13.78 52.58
C LEU H 173 -64.17 -13.99 53.77
N SER H 174 -64.77 -15.17 53.70
CA SER H 174 -65.74 -15.69 54.64
C SER H 174 -65.60 -15.13 56.05
N ALA H 175 -64.38 -15.08 56.55
CA ALA H 175 -64.18 -14.57 57.88
C ALA H 175 -64.01 -13.07 57.99
N PHE H 176 -64.07 -12.30 56.90
CA PHE H 176 -63.86 -10.87 57.07
C PHE H 176 -65.03 -10.07 56.65
N LEU H 177 -66.02 -10.78 56.20
CA LEU H 177 -67.15 -10.04 55.78
C LEU H 177 -68.14 -9.74 56.85
N ARG H 178 -68.68 -8.53 56.72
CA ARG H 178 -69.73 -8.01 57.57
C ARG H 178 -70.93 -7.88 56.68
N ALA H 179 -72.11 -7.89 57.27
CA ALA H 179 -73.23 -7.70 56.40
C ALA H 179 -73.26 -6.24 56.02
N GLY H 180 -73.77 -6.03 54.81
CA GLY H 180 -73.83 -4.69 54.29
C GLY H 180 -72.50 -4.24 53.71
N GLU H 181 -72.06 -3.13 54.24
CA GLU H 181 -70.88 -2.48 53.75
C GLU H 181 -69.54 -3.05 54.11
N ASN H 182 -68.77 -3.34 53.05
CA ASN H 182 -67.43 -3.80 53.23
C ASN H 182 -66.50 -3.02 52.34
N ARG H 183 -65.25 -3.04 52.77
CA ARG H 183 -64.24 -2.34 52.03
C ARG H 183 -62.97 -3.17 51.80
N LEU H 184 -62.56 -3.17 50.51
CA LEU H 184 -61.36 -3.83 50.06
C LEU H 184 -60.23 -2.86 49.84
N ALA H 185 -59.05 -3.27 50.29
CA ALA H 185 -57.88 -2.46 50.05
C ALA H 185 -56.74 -3.30 49.52
N VAL H 186 -56.49 -3.04 48.24
CA VAL H 186 -55.50 -3.72 47.48
C VAL H 186 -54.33 -2.88 47.13
N MET H 187 -53.22 -3.30 47.64
CA MET H 187 -52.03 -2.57 47.32
C MET H 187 -51.26 -3.38 46.30
N VAL H 188 -51.11 -2.82 45.11
CA VAL H 188 -50.45 -3.43 43.98
C VAL H 188 -49.06 -2.90 43.68
N LEU H 189 -48.10 -3.75 43.34
CA LEU H 189 -46.76 -3.23 43.06
C LEU H 189 -46.19 -3.53 41.68
N ARG H 190 -45.49 -2.54 41.15
CA ARG H 190 -44.89 -2.69 39.84
C ARG H 190 -43.87 -3.79 39.87
N TRP H 191 -42.79 -3.55 40.58
CA TRP H 191 -41.79 -4.57 40.64
C TRP H 191 -41.96 -5.52 41.80
N SER H 192 -41.49 -6.75 41.61
CA SER H 192 -41.51 -7.82 42.61
C SER H 192 -40.51 -8.86 42.16
N ASP H 193 -40.25 -9.85 42.98
CA ASP H 193 -39.32 -10.86 42.51
C ASP H 193 -39.88 -11.52 41.23
N GLY H 194 -41.23 -11.61 41.16
CA GLY H 194 -41.95 -12.16 39.99
C GLY H 194 -41.54 -11.52 38.68
N SER H 195 -41.17 -10.28 38.79
CA SER H 195 -40.74 -9.54 37.63
C SER H 195 -39.57 -10.23 36.99
N TYR H 196 -38.67 -10.75 37.80
CA TYR H 196 -37.55 -11.42 37.20
C TYR H 196 -37.98 -12.55 36.25
N LEU H 197 -39.20 -13.08 36.44
CA LEU H 197 -39.70 -14.14 35.59
C LEU H 197 -40.66 -13.64 34.59
N GLU H 198 -40.70 -12.33 34.41
CA GLU H 198 -41.65 -11.83 33.46
C GLU H 198 -41.04 -10.86 32.48
N ASP H 199 -39.94 -11.26 31.85
CA ASP H 199 -39.25 -10.37 30.95
C ASP H 199 -39.72 -10.38 29.51
N GLN H 200 -40.99 -10.65 29.27
CA GLN H 200 -41.48 -10.65 27.88
C GLN H 200 -41.27 -9.36 27.12
N ASP H 201 -40.91 -9.48 25.83
CA ASP H 201 -40.76 -8.29 24.98
C ASP H 201 -42.14 -7.73 24.64
N MET H 202 -42.59 -6.88 25.54
CA MET H 202 -43.88 -6.23 25.47
C MET H 202 -43.81 -4.97 26.31
N TRP H 203 -44.92 -4.23 26.32
CA TRP H 203 -44.97 -3.05 27.12
C TRP H 203 -45.05 -3.48 28.56
N ARG H 204 -44.29 -2.79 29.38
CA ARG H 204 -44.30 -3.07 30.79
C ARG H 204 -45.31 -2.15 31.47
N MET H 205 -46.38 -2.73 31.94
CA MET H 205 -47.43 -2.00 32.59
C MET H 205 -47.73 -2.56 33.97
N SER H 206 -48.90 -2.20 34.54
CA SER H 206 -49.30 -2.67 35.88
C SER H 206 -50.70 -2.30 36.27
N GLY H 207 -51.17 -3.01 37.30
CA GLY H 207 -52.50 -2.78 37.82
C GLY H 207 -53.39 -3.99 37.87
N ILE H 208 -54.67 -3.73 38.06
CA ILE H 208 -55.66 -4.79 38.10
C ILE H 208 -56.31 -4.79 36.77
N PHE H 209 -55.68 -5.57 35.90
CA PHE H 209 -56.06 -5.57 34.52
C PHE H 209 -56.96 -6.69 34.11
N ARG H 210 -57.36 -7.49 35.07
CA ARG H 210 -58.30 -8.53 34.73
C ARG H 210 -59.42 -8.51 35.74
N ASP H 211 -60.52 -9.13 35.38
CA ASP H 211 -61.69 -9.20 36.21
C ASP H 211 -61.47 -9.51 37.68
N VAL H 212 -62.46 -9.03 38.46
CA VAL H 212 -62.57 -9.23 39.89
C VAL H 212 -63.94 -9.72 40.23
N SER H 213 -63.98 -10.78 41.06
CA SER H 213 -65.26 -11.37 41.37
C SER H 213 -65.38 -12.01 42.70
N LEU H 214 -66.64 -12.36 42.95
CA LEU H 214 -66.99 -13.01 44.16
C LEU H 214 -67.74 -14.25 43.88
N LEU H 215 -67.29 -15.23 44.63
CA LEU H 215 -67.90 -16.49 44.48
C LEU H 215 -68.38 -17.08 45.78
N HIS H 216 -69.65 -17.47 45.69
CA HIS H 216 -70.33 -18.06 46.80
C HIS H 216 -70.47 -19.54 46.60
N LYS H 217 -69.80 -20.27 47.49
CA LYS H 217 -69.86 -21.70 47.38
C LYS H 217 -70.29 -22.34 48.67
N PRO H 218 -70.99 -23.47 48.53
CA PRO H 218 -71.44 -24.27 49.66
C PRO H 218 -70.25 -24.74 50.46
N THR H 219 -70.45 -25.03 51.72
CA THR H 219 -69.36 -25.47 52.58
C THR H 219 -68.80 -26.82 52.13
N THR H 220 -69.74 -27.61 51.67
CA THR H 220 -69.42 -28.89 51.14
C THR H 220 -69.61 -28.73 49.65
N GLN H 221 -68.50 -28.72 48.91
CA GLN H 221 -68.56 -28.46 47.50
C GLN H 221 -67.58 -29.23 46.65
N ILE H 222 -67.78 -29.03 45.35
CA ILE H 222 -66.93 -29.56 44.33
C ILE H 222 -65.66 -28.74 44.33
N SER H 223 -64.55 -29.37 44.63
CA SER H 223 -63.32 -28.62 44.70
C SER H 223 -62.52 -28.63 43.41
N ASP H 224 -62.78 -29.63 42.56
CA ASP H 224 -62.04 -29.77 41.33
C ASP H 224 -62.52 -30.93 40.50
N PHE H 225 -62.32 -30.84 39.20
CA PHE H 225 -62.68 -31.92 38.34
C PHE H 225 -61.92 -31.94 37.04
N HIS H 226 -61.70 -33.14 36.49
CA HIS H 226 -61.01 -33.30 35.22
C HIS H 226 -61.74 -34.22 34.32
N VAL H 227 -61.56 -33.93 33.08
CA VAL H 227 -62.17 -34.70 32.04
C VAL H 227 -61.16 -35.29 31.11
N ALA H 228 -61.47 -36.47 30.59
CA ALA H 228 -60.59 -37.15 29.67
C ALA H 228 -61.34 -38.05 28.70
N THR H 229 -60.85 -38.08 27.46
CA THR H 229 -61.46 -38.91 26.46
C THR H 229 -60.54 -39.97 25.91
N ARG H 230 -61.08 -41.14 25.75
CA ARG H 230 -60.29 -42.21 25.22
C ARG H 230 -60.99 -42.83 24.04
N PHE H 231 -60.26 -43.31 23.04
CA PHE H 231 -60.97 -43.88 21.90
C PHE H 231 -60.54 -45.26 21.48
N ASN H 232 -61.33 -45.83 20.60
CA ASN H 232 -60.98 -47.09 20.01
C ASN H 232 -60.16 -46.75 18.78
N ASP H 233 -59.46 -47.73 18.28
CA ASP H 233 -58.62 -47.51 17.12
C ASP H 233 -59.26 -46.70 16.00
N ASP H 234 -60.57 -46.67 15.88
CA ASP H 234 -61.10 -45.91 14.77
C ASP H 234 -61.95 -44.75 15.19
N PHE H 235 -61.95 -44.47 16.48
CA PHE H 235 -62.74 -43.37 16.96
C PHE H 235 -64.21 -43.64 16.80
N SER H 236 -64.57 -44.90 16.75
CA SER H 236 -65.98 -45.15 16.63
C SER H 236 -66.63 -45.17 18.00
N ARG H 237 -65.79 -45.22 19.02
CA ARG H 237 -66.25 -45.25 20.40
C ARG H 237 -65.28 -44.61 21.35
N ALA H 238 -65.84 -43.84 22.28
CA ALA H 238 -65.05 -43.16 23.25
C ALA H 238 -65.45 -43.39 24.68
N VAL H 239 -64.56 -42.97 25.53
CA VAL H 239 -64.86 -43.02 26.90
C VAL H 239 -64.60 -41.72 27.56
N LEU H 240 -65.64 -41.18 28.11
CA LEU H 240 -65.46 -39.98 28.82
C LEU H 240 -65.18 -40.34 30.25
N GLU H 241 -64.08 -39.84 30.75
CA GLU H 241 -63.77 -40.19 32.08
C GLU H 241 -63.56 -38.95 32.90
N ALA H 242 -64.34 -38.85 33.98
CA ALA H 242 -64.32 -37.66 34.84
C ALA H 242 -63.96 -37.95 36.27
N GLU H 243 -63.08 -37.11 36.77
CA GLU H 243 -62.70 -37.28 38.11
C GLU H 243 -63.08 -36.06 38.86
N VAL H 244 -63.72 -36.32 39.97
CA VAL H 244 -64.21 -35.25 40.79
C VAL H 244 -63.73 -35.27 42.20
N GLN H 245 -63.40 -34.10 42.65
CA GLN H 245 -62.97 -33.95 44.01
C GLN H 245 -63.85 -32.98 44.73
N MET H 246 -64.06 -33.31 46.01
CA MET H 246 -64.87 -32.49 46.86
C MET H 246 -64.12 -31.99 48.07
N CYS H 247 -64.66 -30.92 48.60
CA CYS H 247 -64.16 -30.31 49.79
C CYS H 247 -65.31 -30.22 50.71
N GLY H 248 -65.07 -30.41 52.00
CA GLY H 248 -66.16 -30.31 52.94
C GLY H 248 -66.38 -31.48 53.89
N GLU H 249 -67.64 -31.63 54.24
CA GLU H 249 -68.05 -32.65 55.16
C GLU H 249 -68.43 -33.91 54.45
N LEU H 250 -67.58 -34.90 54.59
CA LEU H 250 -67.88 -36.13 53.95
C LEU H 250 -68.99 -36.90 54.60
N ARG H 251 -69.96 -37.30 53.80
CA ARG H 251 -71.13 -38.04 54.25
C ARG H 251 -71.57 -39.03 53.22
N ASP H 252 -71.97 -40.16 53.70
CA ASP H 252 -72.40 -41.23 52.84
C ASP H 252 -73.64 -40.97 51.98
N TYR H 253 -74.31 -39.85 52.13
CA TYR H 253 -75.47 -39.72 51.28
C TYR H 253 -75.15 -38.85 50.10
N LEU H 254 -73.88 -38.50 50.02
CA LEU H 254 -73.43 -37.69 48.93
C LEU H 254 -73.28 -38.47 47.69
N ARG H 255 -73.63 -37.80 46.62
CA ARG H 255 -73.52 -38.38 45.32
C ARG H 255 -73.04 -37.40 44.28
N VAL H 256 -72.64 -37.99 43.15
CA VAL H 256 -72.18 -37.22 42.05
C VAL H 256 -72.75 -37.73 40.79
N THR H 257 -73.18 -36.78 39.99
CA THR H 257 -73.73 -37.17 38.74
C THR H 257 -73.13 -36.35 37.63
N VAL H 258 -72.78 -37.10 36.61
CA VAL H 258 -72.18 -36.50 35.48
C VAL H 258 -72.96 -36.89 34.29
N SER H 259 -73.36 -35.85 33.59
CA SER H 259 -74.18 -36.02 32.44
C SER H 259 -73.60 -35.32 31.25
N LEU H 260 -73.78 -36.02 30.16
CA LEU H 260 -73.28 -35.53 28.93
C LEU H 260 -74.40 -35.15 28.05
N TRP H 261 -74.23 -33.99 27.49
CA TRP H 261 -75.21 -33.47 26.63
C TRP H 261 -74.74 -33.02 25.28
N GLN H 262 -75.62 -33.29 24.35
CA GLN H 262 -75.47 -32.93 22.98
C GLN H 262 -76.57 -31.93 22.68
N GLY H 263 -76.29 -30.74 23.09
CA GLY H 263 -77.26 -29.72 22.93
C GLY H 263 -78.46 -30.04 23.79
N GLU H 264 -79.52 -30.42 23.13
CA GLU H 264 -80.75 -30.71 23.82
C GLU H 264 -80.78 -32.09 24.39
N THR H 265 -80.06 -32.94 23.73
CA THR H 265 -80.06 -34.30 24.14
C THR H 265 -79.04 -34.72 25.15
N GLN H 266 -79.54 -35.54 26.03
CA GLN H 266 -78.67 -36.07 27.02
C GLN H 266 -78.17 -37.38 26.48
N VAL H 267 -76.87 -37.44 26.35
CA VAL H 267 -76.18 -38.55 25.76
C VAL H 267 -75.73 -39.61 26.72
N ALA H 268 -75.41 -39.17 27.93
CA ALA H 268 -74.98 -40.11 28.93
C ALA H 268 -74.92 -39.49 30.27
N SER H 269 -75.17 -40.39 31.22
CA SER H 269 -75.15 -40.00 32.58
C SER H 269 -74.55 -41.06 33.43
N GLY H 270 -74.11 -40.65 34.60
CA GLY H 270 -73.53 -41.54 35.55
C GLY H 270 -73.62 -40.96 36.92
N THR H 271 -73.89 -41.85 37.86
CA THR H 271 -74.00 -41.39 39.22
C THR H 271 -73.25 -42.27 40.16
N ALA H 272 -72.68 -41.64 41.19
CA ALA H 272 -71.96 -42.41 42.16
C ALA H 272 -71.61 -41.63 43.39
N PRO H 273 -71.18 -42.38 44.36
CA PRO H 273 -70.79 -41.90 45.66
C PRO H 273 -69.31 -41.79 45.72
N PHE H 274 -68.83 -40.96 46.63
CA PHE H 274 -67.40 -40.76 46.76
C PHE H 274 -66.65 -41.98 47.14
N GLY H 275 -65.36 -41.93 46.92
CA GLY H 275 -64.50 -43.06 47.24
C GLY H 275 -63.96 -43.69 45.98
N GLY H 276 -62.62 -43.63 45.87
CA GLY H 276 -61.86 -44.14 44.73
C GLY H 276 -61.33 -45.57 44.90
N GLU H 277 -60.59 -46.00 43.88
CA GLU H 277 -60.00 -47.33 43.91
C GLU H 277 -58.74 -47.22 44.70
N ILE H 278 -58.27 -48.35 45.17
CA ILE H 278 -57.07 -48.38 45.96
C ILE H 278 -55.94 -47.87 45.14
N ILE H 279 -55.09 -47.08 45.75
CA ILE H 279 -54.00 -46.59 44.96
C ILE H 279 -52.70 -47.03 45.56
N ASP H 280 -52.67 -47.26 46.85
CA ASP H 280 -51.42 -47.68 47.39
C ASP H 280 -51.66 -48.43 48.65
N GLU H 281 -50.59 -48.65 49.38
CA GLU H 281 -50.73 -49.39 50.61
C GLU H 281 -51.72 -48.81 51.63
N ARG H 282 -51.98 -47.49 51.59
CA ARG H 282 -52.90 -46.87 52.53
C ARG H 282 -54.33 -46.82 52.07
N GLY H 283 -54.60 -47.12 50.82
CA GLY H 283 -55.97 -47.10 50.32
C GLY H 283 -56.10 -46.18 49.13
N GLY H 284 -57.26 -45.49 49.08
CA GLY H 284 -57.60 -44.54 48.03
C GLY H 284 -58.05 -43.16 48.54
N TYR H 285 -58.69 -42.41 47.65
CA TYR H 285 -59.24 -41.10 47.95
C TYR H 285 -60.71 -41.25 48.26
N ALA H 286 -61.02 -41.00 49.50
CA ALA H 286 -62.37 -41.08 49.99
C ALA H 286 -63.20 -39.94 49.44
N ASP H 287 -62.50 -38.86 49.22
CA ASP H 287 -63.05 -37.63 48.75
C ASP H 287 -62.90 -37.45 47.27
N ARG H 288 -62.86 -38.54 46.53
CA ARG H 288 -62.81 -38.36 45.09
C ARG H 288 -63.65 -39.41 44.49
N VAL H 289 -63.93 -39.23 43.23
CA VAL H 289 -64.70 -40.21 42.53
C VAL H 289 -64.48 -40.06 41.04
N THR H 290 -64.52 -41.18 40.33
CA THR H 290 -64.29 -41.11 38.91
C THR H 290 -65.35 -41.79 38.10
N LEU H 291 -65.91 -41.08 37.13
CA LEU H 291 -66.91 -41.76 36.36
C LEU H 291 -66.45 -41.98 34.97
N ARG H 292 -67.00 -43.02 34.40
CA ARG H 292 -66.66 -43.34 33.04
C ARG H 292 -67.86 -43.45 32.16
N LEU H 293 -68.00 -42.55 31.21
CA LEU H 293 -69.14 -42.61 30.33
C LEU H 293 -68.74 -43.12 28.98
N ASN H 294 -69.57 -44.00 28.47
CA ASN H 294 -69.29 -44.53 27.17
C ASN H 294 -70.04 -43.76 26.13
N VAL H 295 -69.38 -43.51 25.01
CA VAL H 295 -70.03 -42.81 23.94
C VAL H 295 -69.82 -43.44 22.60
N GLU H 296 -70.91 -43.76 21.95
CA GLU H 296 -70.81 -44.36 20.64
C GLU H 296 -70.80 -43.28 19.60
N ASN H 297 -69.99 -43.50 18.58
CA ASN H 297 -69.89 -42.57 17.46
C ASN H 297 -69.89 -41.13 17.87
N PRO H 298 -68.99 -40.81 18.77
CA PRO H 298 -68.88 -39.46 19.23
C PRO H 298 -68.55 -38.56 18.06
N LYS H 299 -68.88 -37.30 18.24
CA LYS H 299 -68.58 -36.28 17.27
C LYS H 299 -67.29 -35.63 17.69
N LEU H 300 -66.34 -35.69 16.79
CA LEU H 300 -65.06 -35.17 17.13
C LEU H 300 -64.87 -33.70 17.03
N TRP H 301 -64.04 -33.21 17.91
CA TRP H 301 -63.77 -31.81 17.87
C TRP H 301 -62.52 -31.53 17.05
N SER H 302 -62.47 -30.40 16.36
CA SER H 302 -61.28 -30.06 15.59
C SER H 302 -61.33 -28.62 15.19
N ALA H 303 -60.21 -28.05 14.78
CA ALA H 303 -60.32 -26.65 14.38
C ALA H 303 -61.21 -26.59 13.17
N GLU H 304 -61.21 -27.66 12.39
CA GLU H 304 -62.06 -27.74 11.23
C GLU H 304 -63.55 -27.77 11.63
N ILE H 305 -63.89 -28.50 12.68
CA ILE H 305 -65.26 -28.60 13.15
C ILE H 305 -65.26 -28.82 14.62
N PRO H 306 -65.46 -27.75 15.28
CA PRO H 306 -65.43 -27.73 16.71
C PRO H 306 -66.66 -28.37 17.32
N ASN H 307 -66.88 -29.62 17.07
CA ASN H 307 -68.02 -30.21 17.71
C ASN H 307 -67.84 -30.20 19.19
N LEU H 308 -68.85 -29.71 19.91
CA LEU H 308 -68.79 -29.72 21.36
C LEU H 308 -69.91 -30.46 22.08
N TYR H 309 -69.63 -30.81 23.33
CA TYR H 309 -70.61 -31.44 24.17
C TYR H 309 -70.61 -30.69 25.47
N ARG H 310 -71.68 -30.86 26.25
CA ARG H 310 -71.71 -30.21 27.52
C ARG H 310 -71.75 -31.20 28.65
N ALA H 311 -70.94 -30.89 29.64
CA ALA H 311 -70.87 -31.79 30.75
C ALA H 311 -71.27 -31.14 32.03
N VAL H 312 -72.09 -31.90 32.77
CA VAL H 312 -72.58 -31.46 34.04
C VAL H 312 -72.28 -32.34 35.20
N VAL H 313 -71.71 -31.65 36.16
CA VAL H 313 -71.29 -32.22 37.39
C VAL H 313 -72.16 -31.71 38.51
N GLU H 314 -72.99 -32.62 38.98
CA GLU H 314 -73.88 -32.31 40.06
C GLU H 314 -73.57 -33.10 41.28
N LEU H 315 -73.36 -32.30 42.31
CA LEU H 315 -73.07 -32.72 43.64
C LEU H 315 -74.37 -32.69 44.42
N HIS H 316 -74.86 -33.85 44.76
CA HIS H 316 -76.10 -33.86 45.47
C HIS H 316 -76.19 -34.99 46.47
N THR H 317 -77.32 -35.04 47.14
CA THR H 317 -77.55 -36.06 48.12
C THR H 317 -78.28 -37.20 47.48
N ALA H 318 -78.33 -38.30 48.20
CA ALA H 318 -78.98 -39.47 47.71
C ALA H 318 -80.46 -39.24 47.44
N ASP H 319 -81.09 -38.45 48.32
CA ASP H 319 -82.51 -38.15 48.19
C ASP H 319 -82.78 -37.47 46.87
N GLY H 320 -81.80 -36.73 46.40
CA GLY H 320 -81.97 -36.05 45.13
C GLY H 320 -81.79 -34.56 45.26
N THR H 321 -81.47 -34.15 46.46
CA THR H 321 -81.28 -32.75 46.64
C THR H 321 -79.95 -32.28 46.13
N LEU H 322 -79.97 -31.28 45.27
CA LEU H 322 -78.75 -30.78 44.72
C LEU H 322 -78.01 -29.82 45.61
N ILE H 323 -76.73 -30.06 45.80
CA ILE H 323 -75.95 -29.13 46.59
C ILE H 323 -75.42 -28.01 45.69
N GLU H 324 -74.94 -28.40 44.51
CA GLU H 324 -74.40 -27.43 43.55
C GLU H 324 -74.02 -28.11 42.29
N ALA H 325 -73.73 -27.29 41.30
CA ALA H 325 -73.35 -27.82 40.00
C ALA H 325 -72.26 -27.03 39.30
N GLU H 326 -71.53 -27.78 38.50
CA GLU H 326 -70.49 -27.22 37.72
C GLU H 326 -70.55 -27.85 36.36
N ALA H 327 -69.99 -27.11 35.41
CA ALA H 327 -70.05 -27.65 34.08
C ALA H 327 -68.92 -27.19 33.21
N CYS H 328 -68.90 -27.76 32.01
CA CYS H 328 -67.91 -27.40 31.02
C CYS H 328 -68.21 -27.98 29.68
N ASP H 329 -67.61 -27.34 28.69
CA ASP H 329 -67.79 -27.83 27.34
C ASP H 329 -66.78 -28.92 27.09
N VAL H 330 -67.20 -29.91 26.36
CA VAL H 330 -66.31 -30.99 26.10
C VAL H 330 -66.13 -31.27 24.65
N GLY H 331 -64.88 -31.55 24.29
CA GLY H 331 -64.53 -31.86 22.94
C GLY H 331 -63.79 -33.17 22.84
N PHE H 332 -64.28 -34.03 21.97
CA PHE H 332 -63.65 -35.31 21.78
C PHE H 332 -62.54 -35.25 20.76
N ARG H 333 -61.33 -35.39 21.25
CA ARG H 333 -60.18 -35.37 20.36
C ARG H 333 -59.01 -35.98 21.04
N GLU H 334 -58.16 -36.52 20.18
CA GLU H 334 -56.95 -37.15 20.63
C GLU H 334 -55.73 -36.55 19.97
N VAL H 335 -54.80 -36.17 20.81
CA VAL H 335 -53.58 -35.56 20.37
C VAL H 335 -52.44 -36.47 20.66
N ARG H 336 -51.70 -36.85 19.64
CA ARG H 336 -50.58 -37.67 19.91
C ARG H 336 -49.45 -37.62 18.92
N ILE H 337 -48.28 -37.88 19.47
CA ILE H 337 -47.12 -37.90 18.63
C ILE H 337 -46.75 -39.31 18.36
N GLU H 338 -46.78 -39.64 17.10
CA GLU H 338 -46.44 -40.98 16.79
C GLU H 338 -45.53 -41.08 15.61
N ASN H 339 -44.48 -41.82 15.83
CA ASN H 339 -43.54 -42.03 14.78
C ASN H 339 -43.05 -40.75 14.12
N GLY H 340 -42.74 -39.77 14.93
CA GLY H 340 -42.23 -38.51 14.43
C GLY H 340 -43.35 -37.58 14.05
N LEU H 341 -44.59 -38.02 14.19
CA LEU H 341 -45.61 -37.08 13.80
C LEU H 341 -46.61 -36.71 14.82
N LEU H 342 -47.00 -35.46 14.72
CA LEU H 342 -47.98 -34.96 15.60
C LEU H 342 -49.33 -35.20 14.95
N LEU H 343 -50.12 -35.98 15.68
CA LEU H 343 -51.40 -36.34 15.18
C LEU H 343 -52.54 -35.86 15.98
N LEU H 344 -53.56 -35.57 15.21
CA LEU H 344 -54.78 -35.18 15.78
C LEU H 344 -55.89 -36.04 15.26
N ASN H 345 -56.50 -36.72 16.18
CA ASN H 345 -57.55 -37.61 15.84
C ASN H 345 -57.11 -38.51 14.73
N GLY H 346 -55.88 -38.95 14.80
CA GLY H 346 -55.45 -39.85 13.78
C GLY H 346 -54.70 -39.21 12.65
N LYS H 347 -54.98 -37.96 12.35
CA LYS H 347 -54.24 -37.37 11.27
C LYS H 347 -53.20 -36.41 11.78
N PRO H 348 -52.33 -36.16 10.86
CA PRO H 348 -51.16 -35.34 11.03
C PRO H 348 -51.48 -33.94 10.70
N LEU H 349 -51.24 -33.11 11.67
CA LEU H 349 -51.55 -31.74 11.51
C LEU H 349 -50.57 -30.95 10.71
N LEU H 350 -51.07 -29.80 10.28
CA LEU H 350 -50.32 -28.81 9.60
C LEU H 350 -50.70 -27.46 10.20
N ILE H 351 -49.89 -27.03 11.12
CA ILE H 351 -50.15 -25.83 11.84
C ILE H 351 -49.98 -24.56 11.07
N ARG H 352 -51.08 -23.86 10.91
CA ARG H 352 -51.04 -22.55 10.29
C ARG H 352 -51.23 -21.58 11.44
N GLY H 353 -50.15 -21.37 12.20
CA GLY H 353 -50.27 -20.60 13.41
C GLY H 353 -49.67 -19.22 13.45
N VAL H 354 -50.00 -18.59 14.57
CA VAL H 354 -49.53 -17.25 14.86
C VAL H 354 -49.43 -17.05 16.34
N ASN H 355 -48.49 -16.20 16.71
CA ASN H 355 -48.29 -15.85 18.10
C ASN H 355 -49.12 -14.62 18.34
N ARG H 356 -49.69 -14.50 19.52
CA ARG H 356 -50.53 -13.36 19.81
C ARG H 356 -50.47 -12.86 21.23
N HIS H 357 -50.22 -11.58 21.36
CA HIS H 357 -50.21 -11.00 22.68
C HIS H 357 -51.57 -10.43 23.02
N GLU H 358 -51.79 -10.17 24.31
CA GLU H 358 -53.04 -9.56 24.75
C GLU H 358 -52.79 -8.05 24.76
N HIS H 359 -53.17 -7.35 23.67
CA HIS H 359 -52.88 -5.93 23.53
C HIS H 359 -53.92 -5.12 22.80
N HIS H 360 -54.23 -3.98 23.44
CA HIS H 360 -55.20 -3.03 23.00
C HIS H 360 -54.59 -1.65 23.02
N PRO H 361 -54.63 -1.01 21.85
CA PRO H 361 -54.08 0.32 21.59
C PRO H 361 -54.55 1.36 22.59
N LEU H 362 -55.77 1.12 23.11
CA LEU H 362 -56.44 1.98 24.09
C LEU H 362 -56.42 1.42 25.48
N HIS H 363 -56.77 0.17 25.63
CA HIS H 363 -56.80 -0.40 26.95
C HIS H 363 -55.53 -0.93 27.50
N GLY H 364 -54.50 -0.99 26.67
CA GLY H 364 -53.24 -1.54 27.13
C GLY H 364 -53.37 -3.06 27.15
N GLN H 365 -53.10 -3.67 28.30
CA GLN H 365 -53.22 -5.11 28.38
C GLN H 365 -54.57 -5.63 28.80
N VAL H 366 -55.59 -4.80 28.71
CA VAL H 366 -56.90 -5.26 29.13
C VAL H 366 -57.74 -5.82 28.00
N MET H 367 -58.22 -7.04 28.19
CA MET H 367 -58.99 -7.68 27.13
C MET H 367 -60.50 -7.73 27.25
N ASP H 368 -61.19 -7.91 26.14
CA ASP H 368 -62.63 -8.03 26.16
C ASP H 368 -63.17 -8.86 25.04
N GLU H 369 -64.30 -9.44 25.33
CA GLU H 369 -64.99 -10.27 24.37
C GLU H 369 -64.87 -9.80 22.95
N GLN H 370 -65.35 -8.62 22.76
CA GLN H 370 -65.35 -8.02 21.46
C GLN H 370 -64.06 -8.21 20.69
N THR H 371 -63.00 -7.72 21.27
CA THR H 371 -61.70 -7.80 20.66
C THR H 371 -61.32 -9.24 20.30
N MET H 372 -61.35 -10.06 21.35
CA MET H 372 -61.08 -11.45 21.20
C MET H 372 -61.78 -11.98 19.98
N VAL H 373 -63.07 -11.82 19.96
CA VAL H 373 -63.76 -12.29 18.79
C VAL H 373 -63.25 -11.69 17.48
N GLN H 374 -62.95 -10.43 17.52
CA GLN H 374 -62.46 -9.88 16.29
C GLN H 374 -61.29 -10.69 15.78
N ASP H 375 -60.34 -10.83 16.68
CA ASP H 375 -59.16 -11.56 16.35
C ASP H 375 -59.48 -12.92 15.79
N ILE H 376 -60.27 -13.64 16.54
CA ILE H 376 -60.59 -14.95 16.09
C ILE H 376 -61.15 -14.93 14.70
N LEU H 377 -62.12 -14.10 14.49
CA LEU H 377 -62.65 -14.08 13.15
C LEU H 377 -61.65 -13.79 12.08
N LEU H 378 -60.83 -12.82 12.35
CA LEU H 378 -59.83 -12.50 11.38
C LEU H 378 -58.94 -13.66 11.07
N MET H 379 -58.41 -14.23 12.12
CA MET H 379 -57.55 -15.35 11.93
C MET H 379 -58.20 -16.39 11.08
N LYS H 380 -59.36 -16.79 11.53
CA LYS H 380 -60.06 -17.80 10.77
C LYS H 380 -60.19 -17.38 9.35
N GLN H 381 -60.51 -16.14 9.17
CA GLN H 381 -60.69 -15.68 7.82
C GLN H 381 -59.45 -15.68 6.97
N ASN H 382 -58.30 -15.62 7.61
CA ASN H 382 -57.08 -15.63 6.87
C ASN H 382 -56.35 -16.95 6.89
N ASN H 383 -57.12 -17.98 7.07
CA ASN H 383 -56.57 -19.30 7.04
C ASN H 383 -55.63 -19.68 8.16
N PHE H 384 -55.84 -19.13 9.34
CA PHE H 384 -55.01 -19.60 10.44
C PHE H 384 -55.74 -20.69 11.20
N ASN H 385 -55.05 -21.60 11.88
CA ASN H 385 -55.81 -22.61 12.61
C ASN H 385 -55.30 -22.78 13.98
N ALA H 386 -54.31 -22.00 14.33
CA ALA H 386 -53.77 -22.18 15.65
C ALA H 386 -53.15 -20.95 16.17
N VAL H 387 -53.04 -20.91 17.47
CA VAL H 387 -52.42 -19.75 18.05
C VAL H 387 -51.63 -20.11 19.28
N ARG H 388 -50.60 -19.32 19.49
CA ARG H 388 -49.76 -19.51 20.62
C ARG H 388 -49.89 -18.34 21.58
N CYS H 389 -50.14 -18.64 22.84
CA CYS H 389 -50.27 -17.64 23.88
C CYS H 389 -48.95 -17.06 24.30
N SER H 390 -48.36 -16.29 23.41
CA SER H 390 -47.09 -15.71 23.76
C SER H 390 -47.35 -14.62 24.78
N HIS H 391 -46.86 -14.75 26.00
CA HIS H 391 -46.12 -15.87 26.54
C HIS H 391 -46.55 -16.00 27.99
N TYR H 392 -47.81 -16.26 28.17
CA TYR H 392 -48.43 -16.36 29.47
C TYR H 392 -49.82 -16.79 29.20
N PRO H 393 -50.44 -17.23 30.24
CA PRO H 393 -51.80 -17.71 30.14
C PRO H 393 -52.72 -16.57 29.81
N ASN H 394 -53.73 -16.87 29.05
CA ASN H 394 -54.61 -15.81 28.66
C ASN H 394 -55.86 -15.69 29.49
N HIS H 395 -56.58 -14.66 29.14
CA HIS H 395 -57.84 -14.43 29.72
C HIS H 395 -58.73 -15.61 29.35
N PRO H 396 -59.16 -16.18 30.38
CA PRO H 396 -59.99 -17.35 30.40
C PRO H 396 -61.00 -17.40 29.29
N LEU H 397 -61.65 -16.30 29.08
CA LEU H 397 -62.64 -16.34 28.05
C LEU H 397 -62.12 -16.84 26.70
N TRP H 398 -60.89 -16.44 26.42
CA TRP H 398 -60.21 -16.80 25.21
C TRP H 398 -60.38 -18.25 24.86
N TYR H 399 -59.96 -19.08 25.83
CA TYR H 399 -60.02 -20.51 25.68
C TYR H 399 -61.39 -20.99 25.27
N THR H 400 -62.36 -20.39 25.86
CA THR H 400 -63.67 -20.80 25.52
C THR H 400 -63.99 -20.51 24.08
N LEU H 401 -63.64 -19.30 23.72
CA LEU H 401 -63.90 -18.88 22.39
C LEU H 401 -63.23 -19.79 21.41
N CYS H 402 -61.99 -20.12 21.72
CA CYS H 402 -61.27 -20.98 20.81
C CYS H 402 -61.93 -22.32 20.74
N ASP H 403 -62.38 -22.76 21.92
CA ASP H 403 -63.04 -24.04 21.99
C ASP H 403 -64.24 -24.00 21.07
N ARG H 404 -64.92 -22.87 21.14
CA ARG H 404 -66.12 -22.71 20.36
C ARG H 404 -65.94 -22.46 18.90
N TYR H 405 -65.03 -21.58 18.58
CA TYR H 405 -64.78 -21.22 17.20
C TYR H 405 -63.97 -22.20 16.40
N GLY H 406 -63.05 -22.88 17.06
CA GLY H 406 -62.20 -23.86 16.41
C GLY H 406 -60.79 -23.36 16.13
N LEU H 407 -59.91 -23.32 17.14
CA LEU H 407 -58.53 -22.93 16.94
C LEU H 407 -57.62 -23.76 17.80
N TYR H 408 -56.52 -24.27 17.26
CA TYR H 408 -55.64 -25.03 18.12
C TYR H 408 -54.85 -24.06 18.95
N VAL H 409 -54.70 -24.39 20.22
CA VAL H 409 -53.96 -23.51 21.08
C VAL H 409 -52.84 -24.16 21.86
N VAL H 410 -51.82 -23.32 22.00
CA VAL H 410 -50.67 -23.66 22.80
C VAL H 410 -50.69 -22.80 24.04
N ASP H 411 -50.94 -23.42 25.17
CA ASP H 411 -50.98 -22.72 26.44
C ASP H 411 -49.56 -22.60 26.99
N GLU H 412 -49.16 -21.40 27.36
CA GLU H 412 -47.80 -21.20 27.76
C GLU H 412 -47.64 -20.57 29.12
N ALA H 413 -46.77 -21.15 29.91
CA ALA H 413 -46.51 -20.63 31.23
C ALA H 413 -45.84 -19.26 31.22
N ASN H 414 -46.18 -18.46 32.22
CA ASN H 414 -45.70 -17.12 32.39
C ASN H 414 -44.26 -17.08 32.92
N ILE H 415 -43.31 -17.46 32.07
CA ILE H 415 -41.94 -17.38 32.50
C ILE H 415 -40.99 -16.96 31.40
N GLU H 416 -40.36 -15.79 31.52
CA GLU H 416 -39.36 -15.35 30.56
C GLU H 416 -38.28 -14.66 31.35
N THR H 417 -37.03 -15.10 31.18
CA THR H 417 -35.91 -14.50 31.89
C THR H 417 -34.89 -14.07 30.90
N HIS H 418 -35.44 -13.66 29.80
CA HIS H 418 -34.64 -13.25 28.68
C HIS H 418 -33.39 -12.45 29.03
N GLY H 419 -33.51 -11.43 29.88
CA GLY H 419 -32.41 -10.55 30.21
C GLY H 419 -31.32 -11.16 31.08
N MET H 420 -31.53 -12.34 31.62
CA MET H 420 -30.48 -12.86 32.44
C MET H 420 -29.24 -13.16 31.65
N VAL H 421 -28.19 -13.52 32.37
CA VAL H 421 -26.96 -13.85 31.70
C VAL H 421 -26.11 -14.79 32.52
N PRO H 422 -25.90 -16.00 32.04
CA PRO H 422 -26.51 -16.43 30.81
C PRO H 422 -28.00 -16.60 31.04
N MET H 423 -28.73 -16.65 29.95
CA MET H 423 -30.15 -16.78 30.00
C MET H 423 -30.74 -17.73 31.03
N ASN H 424 -30.07 -18.82 31.38
CA ASN H 424 -30.67 -19.77 32.30
C ASN H 424 -30.27 -19.66 33.78
N ARG H 425 -29.64 -18.54 34.07
CA ARG H 425 -29.16 -18.25 35.39
C ARG H 425 -30.16 -18.61 36.48
N LEU H 426 -31.41 -18.24 36.28
CA LEU H 426 -32.41 -18.56 37.27
C LEU H 426 -32.96 -19.96 37.14
N THR H 427 -33.29 -20.33 35.89
CA THR H 427 -33.86 -21.62 35.51
C THR H 427 -33.03 -22.81 35.89
N ASP H 428 -31.77 -22.54 36.06
CA ASP H 428 -30.95 -23.62 36.51
C ASP H 428 -30.75 -23.58 38.02
N ASP H 429 -31.59 -22.85 38.75
CA ASP H 429 -31.41 -22.72 40.17
C ASP H 429 -32.63 -23.08 40.97
N PRO H 430 -32.33 -24.12 41.71
CA PRO H 430 -33.22 -24.81 42.59
C PRO H 430 -34.00 -23.79 43.35
N ARG H 431 -33.26 -22.80 43.82
CA ARG H 431 -33.92 -21.74 44.54
C ARG H 431 -35.10 -21.18 43.85
N TRP H 432 -35.07 -21.13 42.53
CA TRP H 432 -36.20 -20.57 41.84
C TRP H 432 -37.19 -21.60 41.39
N LEU H 433 -36.81 -22.81 41.66
CA LEU H 433 -37.68 -23.85 41.25
C LEU H 433 -39.14 -23.63 41.64
N PRO H 434 -39.37 -23.62 42.91
CA PRO H 434 -40.71 -23.42 43.45
C PRO H 434 -41.50 -22.29 42.78
N ALA H 435 -40.82 -21.18 42.61
CA ALA H 435 -41.48 -20.08 41.91
C ALA H 435 -41.96 -20.55 40.55
N MET H 436 -41.01 -21.11 39.80
CA MET H 436 -41.32 -21.61 38.48
C MET H 436 -42.45 -22.62 38.51
N SER H 437 -42.34 -23.52 39.46
CA SER H 437 -43.33 -24.57 39.56
C SER H 437 -44.72 -24.04 39.58
N GLU H 438 -44.88 -23.08 40.48
CA GLU H 438 -46.18 -22.51 40.68
C GLU H 438 -46.77 -22.04 39.38
N ARG H 439 -45.86 -21.43 38.65
CA ARG H 439 -46.21 -20.91 37.37
C ARG H 439 -46.71 -21.98 36.40
N VAL H 440 -46.16 -23.19 36.48
CA VAL H 440 -46.64 -24.17 35.54
C VAL H 440 -47.87 -24.91 36.03
N THR H 441 -47.71 -25.43 37.22
CA THR H 441 -48.72 -26.24 37.83
C THR H 441 -50.05 -25.58 37.77
N ARG H 442 -50.06 -24.36 38.23
CA ARG H 442 -51.28 -23.60 38.26
C ARG H 442 -51.98 -23.47 36.90
N MET H 443 -51.17 -23.22 35.87
CA MET H 443 -51.76 -23.09 34.55
C MET H 443 -52.51 -24.35 34.22
N VAL H 444 -51.82 -25.42 34.49
CA VAL H 444 -52.39 -26.68 34.14
C VAL H 444 -53.70 -26.95 34.83
N GLN H 445 -53.67 -26.71 36.13
CA GLN H 445 -54.87 -26.95 36.86
C GLN H 445 -56.00 -26.11 36.36
N ARG H 446 -55.67 -24.96 35.86
CA ARG H 446 -56.73 -24.15 35.41
C ARG H 446 -57.31 -24.53 34.04
N ASP H 447 -56.42 -24.76 33.07
CA ASP H 447 -56.86 -24.94 31.71
C ASP H 447 -57.01 -26.29 31.11
N ARG H 448 -56.63 -27.26 31.87
CA ARG H 448 -56.64 -28.59 31.35
C ARG H 448 -57.91 -29.18 30.79
N ASN H 449 -59.04 -28.59 31.02
CA ASN H 449 -60.18 -29.26 30.43
C ASN H 449 -60.61 -28.69 29.08
N HIS H 450 -59.89 -27.72 28.57
CA HIS H 450 -60.30 -27.16 27.29
C HIS H 450 -59.78 -27.92 26.09
N PRO H 451 -60.66 -28.44 25.28
CA PRO H 451 -60.22 -29.15 24.09
C PRO H 451 -59.30 -28.34 23.19
N SER H 452 -59.46 -27.05 23.11
CA SER H 452 -58.59 -26.29 22.21
C SER H 452 -57.13 -26.32 22.59
N VAL H 453 -56.86 -26.56 23.86
CA VAL H 453 -55.49 -26.58 24.22
C VAL H 453 -54.94 -27.88 23.81
N ILE H 454 -53.90 -27.86 22.98
CA ILE H 454 -53.35 -29.13 22.57
C ILE H 454 -51.90 -29.32 22.90
N ILE H 455 -51.26 -28.27 23.37
CA ILE H 455 -49.88 -28.37 23.72
C ILE H 455 -49.56 -27.44 24.83
N TRP H 456 -48.81 -27.96 25.78
CA TRP H 456 -48.38 -27.16 26.87
C TRP H 456 -46.99 -26.69 26.55
N SER H 457 -46.66 -25.49 26.99
CA SER H 457 -45.36 -24.88 26.79
C SER H 457 -44.85 -24.32 28.11
N LEU H 458 -43.57 -24.57 28.42
CA LEU H 458 -43.00 -24.09 29.68
C LEU H 458 -42.59 -22.65 29.69
N GLY H 459 -43.02 -21.88 28.72
CA GLY H 459 -42.57 -20.52 28.78
C GLY H 459 -41.80 -20.15 27.55
N ASN H 460 -40.91 -19.17 27.73
CA ASN H 460 -40.14 -18.61 26.64
C ASN H 460 -38.82 -17.97 27.04
N GLU H 461 -37.89 -17.92 26.10
CA GLU H 461 -36.55 -17.40 26.26
C GLU H 461 -36.00 -17.33 27.66
N SER H 462 -35.78 -18.50 28.25
CA SER H 462 -35.23 -18.56 29.60
C SER H 462 -34.12 -19.58 29.68
N GLY H 463 -33.48 -19.80 28.55
CA GLY H 463 -32.42 -20.77 28.44
C GLY H 463 -32.97 -22.16 28.73
N HIS H 464 -32.10 -23.01 29.23
CA HIS H 464 -32.48 -24.33 29.58
C HIS H 464 -31.88 -24.68 30.90
N GLY H 465 -32.71 -25.04 31.86
CA GLY H 465 -32.21 -25.40 33.16
C GLY H 465 -32.94 -26.58 33.73
N ALA H 466 -32.31 -27.16 34.73
CA ALA H 466 -32.89 -28.32 35.35
C ALA H 466 -34.32 -28.08 35.77
N ASN H 467 -34.57 -26.85 36.17
CA ASN H 467 -35.90 -26.54 36.58
C ASN H 467 -36.89 -26.94 35.48
N HIS H 468 -36.43 -26.73 34.26
CA HIS H 468 -37.25 -27.07 33.11
C HIS H 468 -37.54 -28.55 33.02
N ASP H 469 -36.47 -29.30 33.10
CA ASP H 469 -36.62 -30.73 33.03
C ASP H 469 -37.61 -31.24 34.03
N ALA H 470 -37.44 -30.77 35.24
CA ALA H 470 -38.35 -31.22 36.26
C ALA H 470 -39.79 -30.88 35.92
N LEU H 471 -39.98 -29.68 35.45
CA LEU H 471 -41.33 -29.29 35.15
C LEU H 471 -41.95 -30.01 33.99
N TYR H 472 -41.12 -30.19 33.00
CA TYR H 472 -41.53 -30.93 31.85
C TYR H 472 -42.09 -32.28 32.30
N ARG H 473 -41.29 -32.93 33.09
CA ARG H 473 -41.67 -34.21 33.58
C ARG H 473 -43.00 -34.20 34.35
N TRP H 474 -43.11 -33.22 35.22
CA TRP H 474 -44.28 -33.11 36.03
C TRP H 474 -45.51 -33.14 35.17
N ILE H 475 -45.48 -32.33 34.15
CA ILE H 475 -46.64 -32.32 33.34
C ILE H 475 -46.91 -33.65 32.73
N LYS H 476 -45.86 -34.17 32.14
CA LYS H 476 -45.98 -35.43 31.50
C LYS H 476 -46.73 -36.40 32.39
N SER H 477 -46.43 -36.32 33.65
CA SER H 477 -47.11 -37.23 34.53
C SER H 477 -48.50 -36.84 34.83
N VAL H 478 -48.72 -35.59 34.92
CA VAL H 478 -50.04 -35.21 35.28
C VAL H 478 -50.99 -35.21 34.10
N ASP H 479 -50.50 -34.78 32.95
CA ASP H 479 -51.32 -34.72 31.77
C ASP H 479 -50.55 -35.22 30.59
N PRO H 480 -50.88 -36.43 30.36
CA PRO H 480 -50.31 -37.20 29.32
C PRO H 480 -51.08 -37.01 28.04
N SER H 481 -52.16 -36.27 28.09
CA SER H 481 -52.95 -36.09 26.89
C SER H 481 -52.36 -35.12 25.89
N ARG H 482 -51.45 -34.25 26.33
CA ARG H 482 -50.84 -33.31 25.45
C ARG H 482 -49.36 -33.30 25.60
N PRO H 483 -48.74 -33.00 24.49
CA PRO H 483 -47.31 -32.91 24.39
C PRO H 483 -46.85 -31.63 24.99
N VAL H 484 -45.57 -31.62 25.29
CA VAL H 484 -44.98 -30.45 25.87
C VAL H 484 -43.84 -29.89 25.05
N GLN H 485 -43.83 -28.58 24.85
CA GLN H 485 -42.72 -28.03 24.12
C GLN H 485 -42.07 -26.88 24.85
N TYR H 486 -40.81 -26.66 24.51
CA TYR H 486 -40.05 -25.57 25.06
C TYR H 486 -38.86 -25.34 24.18
N GLU H 487 -38.68 -24.11 23.73
CA GLU H 487 -37.61 -23.80 22.81
C GLU H 487 -36.26 -23.49 23.44
N GLY H 488 -36.31 -22.97 24.64
CA GLY H 488 -35.10 -22.54 25.27
C GLY H 488 -33.92 -23.50 25.18
N GLY H 489 -32.78 -22.89 25.10
CA GLY H 489 -31.56 -23.63 25.11
C GLY H 489 -31.29 -24.46 23.89
N GLY H 490 -31.78 -24.08 22.72
CA GLY H 490 -31.43 -24.88 21.55
C GLY H 490 -32.58 -25.52 20.80
N ALA H 491 -33.78 -25.43 21.35
CA ALA H 491 -35.01 -25.92 20.72
C ALA H 491 -35.15 -27.42 20.57
N ASP H 492 -34.16 -28.16 21.03
CA ASP H 492 -34.26 -29.59 20.89
C ASP H 492 -33.80 -30.33 22.12
N THR H 493 -33.89 -29.66 23.26
CA THR H 493 -33.44 -30.23 24.52
C THR H 493 -34.33 -31.34 24.99
N THR H 494 -33.94 -31.89 26.13
CA THR H 494 -34.65 -32.97 26.75
C THR H 494 -35.97 -32.48 27.29
N ALA H 495 -36.10 -31.19 27.26
CA ALA H 495 -37.31 -30.65 27.80
C ALA H 495 -38.38 -30.40 26.76
N THR H 496 -38.24 -30.90 25.54
CA THR H 496 -39.30 -30.63 24.60
C THR H 496 -39.68 -31.84 23.81
N ASP H 497 -40.95 -31.98 23.53
CA ASP H 497 -41.39 -33.12 22.76
C ASP H 497 -41.34 -32.79 21.31
N ILE H 498 -41.08 -31.53 20.99
CA ILE H 498 -41.05 -31.13 19.60
C ILE H 498 -39.91 -30.20 19.35
N ILE H 499 -39.33 -30.25 18.17
CA ILE H 499 -38.30 -29.31 17.84
C ILE H 499 -39.02 -28.05 17.47
N CYS H 500 -38.88 -27.04 18.29
CA CYS H 500 -39.62 -25.82 18.11
C CYS H 500 -38.77 -24.60 18.12
N PRO H 501 -37.97 -24.48 17.14
CA PRO H 501 -37.12 -23.31 17.08
C PRO H 501 -37.89 -22.08 16.69
N MET H 502 -37.15 -21.01 16.75
CA MET H 502 -37.65 -19.75 16.34
C MET H 502 -36.65 -19.10 15.40
N TYR H 503 -37.15 -18.77 14.22
CA TYR H 503 -36.34 -18.09 13.26
C TYR H 503 -35.29 -18.91 12.53
N ALA H 504 -35.45 -20.23 12.54
CA ALA H 504 -34.56 -21.05 11.75
C ALA H 504 -34.92 -20.86 10.27
N ARG H 505 -33.92 -20.87 9.41
CA ARG H 505 -34.19 -20.66 8.01
C ARG H 505 -34.52 -21.93 7.26
N VAL H 506 -35.08 -21.75 6.09
CA VAL H 506 -35.47 -22.92 5.35
C VAL H 506 -34.29 -23.74 4.90
N ASP H 507 -33.37 -23.08 4.25
CA ASP H 507 -32.24 -23.82 3.75
C ASP H 507 -30.93 -23.40 4.32
N GLU H 508 -30.89 -22.32 5.03
CA GLU H 508 -29.63 -21.85 5.50
C GLU H 508 -29.43 -22.04 6.98
N ASP H 509 -28.25 -22.48 7.35
CA ASP H 509 -27.92 -22.74 8.73
C ASP H 509 -27.33 -21.51 9.36
N GLN H 510 -27.59 -21.35 10.65
CA GLN H 510 -27.06 -20.27 11.47
C GLN H 510 -26.53 -20.95 12.71
N PRO H 511 -25.28 -21.21 12.57
CA PRO H 511 -24.51 -21.95 13.50
C PRO H 511 -23.98 -21.17 14.68
N PHE H 512 -24.87 -20.68 15.48
CA PHE H 512 -24.33 -20.07 16.63
C PHE H 512 -23.83 -21.13 17.55
N PRO H 513 -22.80 -20.74 18.22
CA PRO H 513 -22.20 -21.56 19.23
C PRO H 513 -23.26 -21.88 20.24
N ALA H 514 -23.18 -23.12 20.70
CA ALA H 514 -24.07 -23.63 21.69
C ALA H 514 -25.51 -23.74 21.24
N VAL H 515 -26.01 -22.79 20.51
CA VAL H 515 -27.40 -22.88 20.16
C VAL H 515 -27.57 -22.46 18.75
N PRO H 516 -27.04 -23.27 17.90
CA PRO H 516 -27.10 -23.00 16.49
C PRO H 516 -28.51 -23.21 15.99
N LYS H 517 -28.85 -22.55 14.90
CA LYS H 517 -30.13 -22.73 14.26
C LYS H 517 -29.90 -23.34 12.88
N TRP H 518 -30.12 -24.63 12.77
CA TRP H 518 -29.94 -25.30 11.51
C TRP H 518 -31.03 -25.02 10.52
N SER H 519 -30.75 -25.21 9.23
CA SER H 519 -31.81 -25.10 8.27
C SER H 519 -32.83 -26.13 8.76
N ILE H 520 -34.09 -25.79 8.65
CA ILE H 520 -35.02 -26.73 9.17
C ILE H 520 -35.00 -28.06 8.50
N LYS H 521 -34.69 -28.10 7.21
CA LYS H 521 -34.66 -29.42 6.59
C LYS H 521 -33.51 -30.23 7.12
N LYS H 522 -32.44 -29.59 7.44
CA LYS H 522 -31.35 -30.34 7.94
C LYS H 522 -31.60 -30.80 9.36
N TRP H 523 -32.16 -29.91 10.12
CA TRP H 523 -32.36 -30.20 11.50
C TRP H 523 -33.01 -31.52 11.68
N LEU H 524 -34.01 -31.76 10.89
CA LEU H 524 -34.74 -33.01 11.03
C LEU H 524 -33.93 -34.28 11.01
N SER H 525 -32.92 -34.29 10.16
CA SER H 525 -32.06 -35.41 9.81
C SER H 525 -30.83 -35.60 10.67
N LEU H 526 -30.64 -34.74 11.65
CA LEU H 526 -29.47 -34.97 12.45
C LEU H 526 -29.54 -36.35 13.06
N PRO H 527 -28.36 -36.90 13.21
CA PRO H 527 -28.21 -38.23 13.71
C PRO H 527 -28.92 -38.37 15.02
N GLY H 528 -29.80 -39.32 15.05
CA GLY H 528 -30.56 -39.59 16.23
C GLY H 528 -31.84 -38.77 16.34
N GLU H 529 -31.97 -37.66 15.59
CA GLU H 529 -33.20 -36.87 15.75
C GLU H 529 -34.43 -37.58 15.19
N THR H 530 -35.56 -37.50 15.85
CA THR H 530 -36.77 -38.17 15.34
C THR H 530 -38.06 -37.38 15.51
N ARG H 531 -38.00 -36.29 16.27
CA ARG H 531 -39.15 -35.49 16.56
C ARG H 531 -39.69 -34.70 15.41
N PRO H 532 -40.91 -34.23 15.59
CA PRO H 532 -41.50 -33.39 14.59
C PRO H 532 -40.96 -32.02 14.82
N LEU H 533 -41.03 -31.18 13.79
CA LEU H 533 -40.59 -29.83 13.93
C LEU H 533 -41.65 -28.84 13.56
N ILE H 534 -41.85 -27.90 14.48
CA ILE H 534 -42.82 -26.84 14.35
C ILE H 534 -42.20 -25.58 14.89
N LEU H 535 -42.11 -24.55 14.08
CA LEU H 535 -41.46 -23.37 14.59
C LEU H 535 -42.34 -22.61 15.52
N CYS H 536 -41.80 -22.36 16.70
CA CYS H 536 -42.57 -21.63 17.66
C CYS H 536 -42.66 -20.18 17.21
N GLU H 537 -41.67 -19.74 16.48
CA GLU H 537 -41.72 -18.39 15.95
C GLU H 537 -40.98 -18.29 14.66
N TYR H 538 -41.65 -17.68 13.68
CA TYR H 538 -41.05 -17.47 12.41
C TYR H 538 -41.72 -16.40 11.59
N ALA H 539 -40.96 -15.97 10.57
CA ALA H 539 -41.37 -14.95 9.63
C ALA H 539 -41.71 -13.66 10.34
N HIS H 540 -40.70 -13.02 10.94
CA HIS H 540 -40.87 -11.78 11.70
C HIS H 540 -41.64 -10.72 10.90
N ALA H 541 -42.89 -10.47 11.28
CA ALA H 541 -43.69 -9.52 10.49
C ALA H 541 -43.53 -8.02 10.77
N MET H 542 -42.32 -7.58 11.04
CA MET H 542 -42.05 -6.20 11.35
C MET H 542 -42.03 -5.25 10.16
N GLY H 543 -43.10 -4.47 10.04
CA GLY H 543 -43.20 -3.49 8.99
C GLY H 543 -43.40 -4.12 7.64
N ASN H 544 -42.68 -3.59 6.65
CA ASN H 544 -42.75 -4.16 5.31
C ASN H 544 -41.95 -5.46 5.31
N SER H 545 -42.61 -6.55 5.66
CA SER H 545 -41.95 -7.81 5.82
C SER H 545 -42.72 -8.99 5.23
N LEU H 546 -42.32 -10.17 5.66
CA LEU H 546 -42.87 -11.41 5.20
C LEU H 546 -42.25 -11.92 3.89
N GLY H 547 -41.13 -11.34 3.49
CA GLY H 547 -40.52 -11.83 2.28
C GLY H 547 -40.00 -13.23 2.55
N GLY H 548 -40.26 -14.17 1.64
CA GLY H 548 -39.78 -15.53 1.85
C GLY H 548 -40.80 -16.49 2.42
N PHE H 549 -41.90 -15.95 2.85
CA PHE H 549 -42.93 -16.77 3.42
C PHE H 549 -43.22 -18.07 2.63
N ALA H 550 -43.37 -17.92 1.35
CA ALA H 550 -43.66 -19.09 0.54
C ALA H 550 -42.64 -20.19 0.61
N LYS H 551 -41.38 -19.81 0.75
CA LYS H 551 -40.33 -20.79 0.90
C LYS H 551 -40.67 -21.78 2.03
N TYR H 552 -41.16 -21.25 3.15
CA TYR H 552 -41.49 -22.10 4.25
C TYR H 552 -42.64 -23.00 3.91
N TRP H 553 -43.66 -22.37 3.37
CA TRP H 553 -44.81 -23.15 3.06
C TRP H 553 -44.51 -24.27 2.14
N GLN H 554 -43.60 -24.01 1.27
CA GLN H 554 -43.35 -25.10 0.42
C GLN H 554 -42.63 -26.21 1.09
N ALA H 555 -41.70 -25.85 1.94
CA ALA H 555 -41.02 -26.90 2.62
C ALA H 555 -41.98 -27.66 3.48
N PHE H 556 -42.82 -26.89 4.16
CA PHE H 556 -43.74 -27.54 5.04
C PHE H 556 -44.49 -28.59 4.30
N ARG H 557 -44.97 -28.17 3.15
CA ARG H 557 -45.75 -29.10 2.38
C ARG H 557 -44.94 -30.27 1.88
N GLN H 558 -43.66 -30.14 1.71
CA GLN H 558 -42.95 -31.29 1.20
C GLN H 558 -42.37 -32.22 2.23
N TYR H 559 -42.18 -31.77 3.46
CA TYR H 559 -41.59 -32.65 4.43
C TYR H 559 -42.55 -32.96 5.54
N PRO H 560 -42.91 -34.19 5.56
CA PRO H 560 -43.84 -34.74 6.51
C PRO H 560 -43.61 -34.28 7.91
N ARG H 561 -42.39 -34.37 8.37
CA ARG H 561 -42.07 -33.97 9.72
C ARG H 561 -42.01 -32.47 9.91
N LEU H 562 -42.15 -31.68 8.87
CA LEU H 562 -42.18 -30.27 9.13
C LEU H 562 -43.63 -29.95 9.25
N GLN H 563 -44.14 -29.76 10.44
CA GLN H 563 -45.55 -29.54 10.58
C GLN H 563 -46.07 -28.13 10.75
N GLY H 564 -45.32 -27.12 10.31
CA GLY H 564 -45.79 -25.74 10.37
C GLY H 564 -45.09 -24.84 11.37
N GLY H 565 -45.81 -23.80 11.79
CA GLY H 565 -45.27 -22.87 12.76
C GLY H 565 -46.23 -21.75 13.06
N PHE H 566 -45.78 -20.87 13.94
CA PHE H 566 -46.51 -19.73 14.36
C PHE H 566 -45.75 -18.51 14.01
N VAL H 567 -46.43 -17.70 13.23
CA VAL H 567 -45.85 -16.47 12.80
C VAL H 567 -45.70 -15.50 13.94
N TRP H 568 -44.71 -14.66 13.80
CA TRP H 568 -44.49 -13.66 14.80
C TRP H 568 -44.66 -12.28 14.23
N ASP H 569 -45.74 -11.57 14.58
CA ASP H 569 -46.84 -12.02 15.42
C ASP H 569 -48.14 -11.38 14.95
N TRP H 570 -49.22 -11.51 15.71
CA TRP H 570 -50.51 -11.01 15.30
C TRP H 570 -50.74 -9.53 15.09
N VAL H 571 -50.67 -8.73 16.17
CA VAL H 571 -50.87 -7.28 16.13
C VAL H 571 -49.68 -6.45 16.55
N ASP H 572 -49.68 -5.22 16.07
CA ASP H 572 -48.62 -4.33 16.49
C ASP H 572 -48.93 -3.89 17.92
N GLN H 573 -47.89 -3.75 18.72
CA GLN H 573 -48.07 -3.34 20.09
C GLN H 573 -47.89 -1.85 20.15
N SER H 574 -48.79 -1.16 19.47
CA SER H 574 -48.73 0.28 19.47
C SER H 574 -49.85 0.87 20.28
N LEU H 575 -49.49 2.00 20.87
CA LEU H 575 -50.41 2.74 21.69
C LEU H 575 -50.76 4.07 21.07
N ILE H 576 -51.92 4.57 21.50
CA ILE H 576 -52.38 5.86 21.05
C ILE H 576 -51.95 7.01 21.93
N LYS H 577 -51.66 8.12 21.29
CA LYS H 577 -51.30 9.35 21.95
C LYS H 577 -52.04 10.46 21.25
N TYR H 578 -52.00 11.63 21.87
CA TYR H 578 -52.67 12.74 21.22
C TYR H 578 -51.83 13.95 21.01
N ASP H 579 -52.15 14.61 19.91
CA ASP H 579 -51.48 15.84 19.66
C ASP H 579 -52.37 16.88 20.31
N GLU H 580 -51.82 18.08 20.41
CA GLU H 580 -52.49 19.24 20.98
C GLU H 580 -53.86 19.47 20.35
N ASN H 581 -54.01 19.09 19.09
CA ASN H 581 -55.30 19.25 18.46
C ASN H 581 -56.22 18.09 18.81
N GLY H 582 -55.80 17.36 19.85
CA GLY H 582 -56.52 16.21 20.36
C GLY H 582 -56.58 15.12 19.32
N ASN H 583 -55.49 15.08 18.56
CA ASN H 583 -55.38 14.09 17.53
C ASN H 583 -54.56 12.94 18.02
N PRO H 584 -55.13 11.77 17.78
CA PRO H 584 -54.57 10.51 18.18
C PRO H 584 -53.51 10.06 17.21
N TRP H 585 -52.50 9.43 17.75
CA TRP H 585 -51.48 8.90 16.89
C TRP H 585 -50.77 7.73 17.55
N SER H 586 -50.33 6.81 16.70
CA SER H 586 -49.69 5.61 17.13
C SER H 586 -48.28 5.80 17.61
N ALA H 587 -48.10 5.39 18.85
CA ALA H 587 -46.86 5.51 19.56
C ALA H 587 -46.15 4.17 19.79
N TYR H 588 -44.84 4.31 19.97
CA TYR H 588 -44.02 3.17 20.22
C TYR H 588 -42.93 3.43 21.25
N GLY H 589 -41.98 2.51 21.32
CA GLY H 589 -40.89 2.61 22.25
C GLY H 589 -40.33 4.01 22.29
N GLY H 590 -40.14 4.49 23.53
CA GLY H 590 -39.58 5.80 23.84
C GLY H 590 -40.56 6.95 23.73
N ASP H 591 -41.74 6.69 23.17
CA ASP H 591 -42.76 7.69 22.99
C ASP H 591 -43.37 8.21 24.29
N PHE H 592 -43.02 7.60 25.42
CA PHE H 592 -43.53 8.03 26.70
C PHE H 592 -42.36 8.44 27.55
N GLY H 593 -41.26 8.73 26.87
CA GLY H 593 -40.07 9.12 27.57
C GLY H 593 -39.51 7.91 28.31
N ASP H 594 -40.14 6.76 28.02
CA ASP H 594 -39.76 5.50 28.61
C ASP H 594 -38.35 5.17 28.21
N THR H 595 -37.55 4.89 29.20
CA THR H 595 -36.17 4.55 28.99
C THR H 595 -35.75 3.51 30.00
N PRO H 596 -34.98 2.52 29.52
CA PRO H 596 -34.56 2.48 28.12
C PRO H 596 -35.66 1.90 27.25
N ASN H 597 -35.51 1.95 25.94
CA ASN H 597 -36.57 1.40 25.15
C ASN H 597 -36.06 0.80 23.85
N ASP H 598 -36.97 0.05 23.19
CA ASP H 598 -36.68 -0.65 21.96
C ASP H 598 -37.45 -0.19 20.74
N ARG H 599 -37.71 1.11 20.68
CA ARG H 599 -38.39 1.72 19.55
C ARG H 599 -39.56 0.92 18.96
N GLN H 600 -39.49 0.74 17.63
CA GLN H 600 -40.49 0.03 16.83
C GLN H 600 -40.56 -1.47 17.05
N PHE H 601 -39.57 -1.99 17.76
CA PHE H 601 -39.56 -3.41 17.99
C PHE H 601 -40.85 -3.98 18.50
N CYS H 602 -41.67 -3.16 19.13
CA CYS H 602 -42.94 -3.64 19.62
C CYS H 602 -43.93 -3.78 18.47
N MET H 603 -43.48 -3.44 17.26
CA MET H 603 -44.38 -3.53 16.12
C MET H 603 -44.03 -4.60 15.10
N ASN H 604 -44.68 -5.77 15.25
CA ASN H 604 -44.38 -6.85 14.34
C ASN H 604 -45.59 -7.61 13.86
N GLY H 605 -46.75 -6.99 13.90
CA GLY H 605 -47.95 -7.70 13.56
C GLY H 605 -48.31 -7.72 12.12
N LEU H 606 -49.27 -8.59 11.88
CA LEU H 606 -49.84 -8.74 10.57
C LEU H 606 -50.96 -7.72 10.42
N VAL H 607 -51.39 -7.21 11.55
CA VAL H 607 -52.40 -6.19 11.57
C VAL H 607 -51.98 -5.08 12.46
N PHE H 608 -52.60 -3.97 12.16
CA PHE H 608 -52.43 -2.78 12.92
C PHE H 608 -53.22 -2.97 14.21
N ALA H 609 -52.80 -2.24 15.25
CA ALA H 609 -53.49 -2.37 16.52
C ALA H 609 -55.00 -2.27 16.40
N ASP H 610 -55.47 -1.44 15.46
CA ASP H 610 -56.90 -1.27 15.26
C ASP H 610 -57.47 -2.48 14.60
N ARG H 611 -56.55 -3.39 14.31
CA ARG H 611 -56.92 -4.59 13.64
C ARG H 611 -57.14 -4.39 12.17
N THR H 612 -56.30 -3.54 11.65
CA THR H 612 -56.35 -3.38 10.25
C THR H 612 -55.08 -3.95 9.73
N PRO H 613 -55.34 -4.78 8.78
CA PRO H 613 -54.39 -5.58 8.09
C PRO H 613 -53.28 -4.82 7.47
N HIS H 614 -52.15 -5.47 7.49
CA HIS H 614 -51.00 -5.06 6.80
C HIS H 614 -51.13 -5.85 5.50
N PRO H 615 -50.43 -5.44 4.48
CA PRO H 615 -50.57 -6.18 3.25
C PRO H 615 -50.09 -7.63 3.37
N ALA H 616 -49.07 -7.82 4.20
CA ALA H 616 -48.51 -9.14 4.39
C ALA H 616 -49.56 -10.21 4.68
N LEU H 617 -50.57 -9.80 5.41
CA LEU H 617 -51.60 -10.71 5.80
C LEU H 617 -52.09 -11.55 4.65
N THR H 618 -52.17 -10.90 3.53
CA THR H 618 -52.65 -11.54 2.36
C THR H 618 -51.78 -12.67 1.87
N GLU H 619 -50.49 -12.37 1.86
CA GLU H 619 -49.57 -13.39 1.44
C GLU H 619 -49.83 -14.58 2.32
N ALA H 620 -49.98 -14.29 3.60
CA ALA H 620 -50.23 -15.40 4.51
C ALA H 620 -51.47 -16.18 4.15
N LYS H 621 -52.53 -15.47 4.01
CA LYS H 621 -53.75 -16.13 3.70
C LYS H 621 -53.61 -17.02 2.50
N HIS H 622 -52.98 -16.50 1.49
CA HIS H 622 -52.81 -17.26 0.27
C HIS H 622 -51.99 -18.52 0.47
N GLN H 623 -50.80 -18.36 1.06
CA GLN H 623 -49.92 -19.50 1.31
C GLN H 623 -50.56 -20.53 2.21
N GLN H 624 -51.51 -20.11 3.04
CA GLN H 624 -52.11 -21.04 3.97
C GLN H 624 -53.38 -21.66 3.47
N GLN H 625 -53.78 -21.34 2.25
CA GLN H 625 -55.04 -21.91 1.82
C GLN H 625 -55.14 -23.40 1.97
N PHE H 626 -56.36 -23.84 2.14
CA PHE H 626 -56.62 -25.23 2.31
C PHE H 626 -56.81 -25.98 1.03
N PHE H 627 -56.77 -25.27 -0.08
CA PHE H 627 -56.94 -25.98 -1.34
C PHE H 627 -55.79 -25.73 -2.24
N GLN H 628 -55.37 -26.75 -2.93
CA GLN H 628 -54.28 -26.61 -3.84
C GLN H 628 -54.66 -27.06 -5.22
N PHE H 629 -54.20 -26.28 -6.18
CA PHE H 629 -54.48 -26.49 -7.59
C PHE H 629 -53.35 -26.84 -8.48
N ARG H 630 -53.70 -27.64 -9.46
CA ARG H 630 -52.82 -28.06 -10.49
C ARG H 630 -53.55 -27.92 -11.78
N LEU H 631 -52.83 -27.45 -12.74
CA LEU H 631 -53.41 -27.26 -14.02
C LEU H 631 -52.78 -28.15 -15.04
N SER H 632 -53.62 -28.91 -15.71
CA SER H 632 -53.11 -29.74 -16.75
C SER H 632 -53.98 -29.69 -17.98
N GLY H 633 -53.46 -28.99 -18.95
CA GLY H 633 -54.23 -28.83 -20.15
C GLY H 633 -55.52 -28.10 -19.82
N GLN H 634 -56.66 -28.79 -19.92
CA GLN H 634 -57.90 -28.09 -19.64
C GLN H 634 -58.45 -28.54 -18.32
N THR H 635 -57.62 -29.26 -17.61
CA THR H 635 -58.05 -29.76 -16.35
C THR H 635 -57.43 -29.17 -15.15
N ILE H 636 -58.30 -28.87 -14.23
CA ILE H 636 -57.81 -28.41 -13.00
C ILE H 636 -57.91 -29.46 -11.96
N GLU H 637 -56.79 -29.69 -11.32
CA GLU H 637 -56.77 -30.63 -10.26
C GLU H 637 -56.82 -29.93 -8.92
N VAL H 638 -57.76 -30.37 -8.09
CA VAL H 638 -57.91 -29.73 -6.82
C VAL H 638 -57.61 -30.67 -5.72
N THR H 639 -56.87 -30.17 -4.75
CA THR H 639 -56.51 -30.97 -3.64
C THR H 639 -56.89 -30.29 -2.35
N SER H 640 -57.47 -31.11 -1.45
CA SER H 640 -57.95 -30.68 -0.16
C SER H 640 -56.92 -30.92 0.91
N GLU H 641 -56.66 -29.86 1.66
CA GLU H 641 -55.77 -29.97 2.78
C GLU H 641 -56.59 -30.04 4.06
N TYR H 642 -57.87 -30.34 3.91
CA TYR H 642 -58.67 -30.50 5.10
C TYR H 642 -58.48 -31.94 5.55
N LEU H 643 -58.44 -32.18 6.83
CA LEU H 643 -58.23 -33.52 7.32
C LEU H 643 -59.53 -34.14 7.66
N PHE H 644 -60.47 -33.30 8.02
CA PHE H 644 -61.74 -33.80 8.47
C PHE H 644 -62.94 -33.38 7.68
N ARG H 645 -62.96 -32.21 7.07
CA ARG H 645 -64.20 -31.90 6.40
C ARG H 645 -64.27 -32.12 4.93
N HIS H 646 -65.48 -32.05 4.47
CA HIS H 646 -65.71 -32.19 3.07
C HIS H 646 -65.99 -30.80 2.50
N SER H 647 -65.68 -30.55 1.22
CA SER H 647 -65.90 -29.22 0.63
C SER H 647 -67.36 -28.88 0.56
N ASP H 648 -67.98 -28.80 1.69
CA ASP H 648 -69.39 -28.56 1.67
C ASP H 648 -69.88 -27.13 1.67
N ASN H 649 -69.01 -26.16 1.43
CA ASN H 649 -69.46 -24.80 1.34
C ASN H 649 -68.52 -24.13 0.38
N GLU H 650 -68.32 -24.86 -0.71
CA GLU H 650 -67.37 -24.41 -1.68
C GLU H 650 -67.75 -24.35 -3.14
N LEU H 651 -67.55 -23.14 -3.61
CA LEU H 651 -67.74 -22.82 -4.98
C LEU H 651 -66.47 -22.40 -5.67
N LEU H 652 -66.27 -22.99 -6.80
CA LEU H 652 -65.10 -22.62 -7.54
C LEU H 652 -65.41 -21.76 -8.74
N HIS H 653 -64.95 -20.53 -8.72
CA HIS H 653 -65.18 -19.65 -9.83
C HIS H 653 -63.95 -19.56 -10.68
N TRP H 654 -64.08 -19.70 -11.96
CA TRP H 654 -62.91 -19.55 -12.77
C TRP H 654 -63.16 -18.55 -13.83
N MET H 655 -62.09 -18.12 -14.46
CA MET H 655 -62.26 -17.15 -15.49
C MET H 655 -61.01 -16.80 -16.27
N VAL H 656 -61.23 -16.52 -17.54
CA VAL H 656 -60.19 -16.21 -18.47
C VAL H 656 -60.19 -14.80 -19.01
N ALA H 657 -58.99 -14.22 -19.08
CA ALA H 657 -58.88 -12.87 -19.58
C ALA H 657 -57.61 -12.64 -20.34
N LEU H 658 -57.75 -11.71 -21.26
CA LEU H 658 -56.68 -11.33 -22.12
C LEU H 658 -56.26 -9.97 -21.69
N ASP H 659 -55.05 -9.89 -21.21
CA ASP H 659 -54.60 -8.61 -20.73
C ASP H 659 -55.68 -7.88 -19.93
N GLY H 660 -56.42 -8.61 -19.12
CA GLY H 660 -57.41 -7.92 -18.32
C GLY H 660 -58.79 -8.00 -18.91
N LYS H 661 -58.87 -8.45 -20.15
CA LYS H 661 -60.18 -8.55 -20.73
C LYS H 661 -60.66 -9.95 -20.63
N PRO H 662 -61.70 -10.01 -19.88
CA PRO H 662 -62.42 -11.21 -19.53
C PRO H 662 -63.06 -11.76 -20.74
N LEU H 663 -62.86 -13.03 -20.97
CA LEU H 663 -63.43 -13.66 -22.11
C LEU H 663 -64.36 -14.78 -21.73
N ALA H 664 -64.20 -15.31 -20.51
CA ALA H 664 -65.02 -16.41 -20.07
C ALA H 664 -64.90 -16.61 -18.59
N SER H 665 -66.01 -17.01 -18.00
CA SER H 665 -66.12 -17.28 -16.59
C SER H 665 -66.88 -18.54 -16.42
N GLY H 666 -66.74 -19.12 -15.24
CA GLY H 666 -67.41 -20.35 -14.93
C GLY H 666 -67.54 -20.53 -13.45
N GLU H 667 -68.45 -21.40 -13.08
CA GLU H 667 -68.69 -21.68 -11.69
C GLU H 667 -68.79 -23.14 -11.44
N VAL H 668 -68.01 -23.64 -10.52
CA VAL H 668 -68.14 -25.03 -10.23
C VAL H 668 -68.00 -25.34 -8.78
N PRO H 669 -68.99 -26.05 -8.36
CA PRO H 669 -69.14 -26.52 -7.02
C PRO H 669 -68.13 -27.61 -6.74
N LEU H 670 -67.49 -27.46 -5.60
CA LEU H 670 -66.49 -28.39 -5.15
C LEU H 670 -67.04 -29.55 -4.37
N ASP H 671 -66.43 -30.68 -4.62
CA ASP H 671 -66.80 -31.88 -3.95
C ASP H 671 -65.55 -32.65 -3.63
N VAL H 672 -64.89 -32.28 -2.55
CA VAL H 672 -63.66 -32.97 -2.19
C VAL H 672 -63.59 -33.39 -0.77
N ALA H 673 -63.21 -34.64 -0.66
CA ALA H 673 -63.02 -35.21 0.64
C ALA H 673 -61.71 -34.74 1.22
N PRO H 674 -61.71 -34.62 2.53
CA PRO H 674 -60.49 -34.25 3.19
C PRO H 674 -59.41 -35.07 2.56
N GLN H 675 -58.33 -34.38 2.24
CA GLN H 675 -57.19 -34.99 1.63
C GLN H 675 -57.43 -35.61 0.29
N GLY H 676 -58.52 -35.25 -0.34
CA GLY H 676 -58.79 -35.81 -1.64
C GLY H 676 -58.52 -34.85 -2.78
N LYS H 677 -58.74 -35.37 -3.98
CA LYS H 677 -58.57 -34.64 -5.22
C LYS H 677 -59.86 -34.56 -6.02
N GLN H 678 -60.02 -33.47 -6.76
CA GLN H 678 -61.17 -33.29 -7.60
C GLN H 678 -60.66 -32.78 -8.93
N LEU H 679 -61.20 -33.40 -9.99
CA LEU H 679 -60.83 -33.01 -11.32
C LEU H 679 -61.76 -32.08 -11.98
N ILE H 680 -61.20 -31.06 -12.56
CA ILE H 680 -62.10 -30.16 -13.16
C ILE H 680 -61.83 -29.90 -14.58
N GLU H 681 -62.86 -30.32 -15.29
CA GLU H 681 -62.87 -30.25 -16.71
C GLU H 681 -63.31 -28.93 -17.28
N LEU H 682 -62.41 -28.38 -18.06
CA LEU H 682 -62.72 -27.12 -18.63
C LEU H 682 -63.31 -27.19 -20.01
N PRO H 683 -64.32 -26.37 -20.15
CA PRO H 683 -65.00 -26.19 -21.39
C PRO H 683 -63.97 -25.65 -22.32
N GLU H 684 -64.19 -25.83 -23.60
CA GLU H 684 -63.24 -25.33 -24.54
C GLU H 684 -62.94 -23.87 -24.37
N LEU H 685 -61.65 -23.63 -24.35
CA LEU H 685 -61.18 -22.30 -24.15
C LEU H 685 -61.00 -21.54 -25.41
N PRO H 686 -61.22 -20.28 -25.23
CA PRO H 686 -61.14 -19.28 -26.26
C PRO H 686 -59.71 -19.10 -26.74
N GLN H 687 -59.57 -18.87 -28.04
CA GLN H 687 -58.27 -18.68 -28.63
C GLN H 687 -58.18 -17.40 -29.40
N PRO H 688 -58.17 -16.32 -28.65
CA PRO H 688 -58.07 -14.97 -29.14
C PRO H 688 -56.92 -14.83 -30.12
N GLU H 689 -57.10 -13.88 -31.01
CA GLU H 689 -56.12 -13.63 -32.02
C GLU H 689 -55.17 -12.55 -31.59
N SER H 690 -55.83 -11.53 -31.07
CA SER H 690 -55.23 -10.33 -30.54
C SER H 690 -53.98 -10.65 -29.74
N ALA H 691 -53.10 -9.70 -29.68
CA ALA H 691 -51.89 -9.93 -28.95
C ALA H 691 -52.15 -9.70 -27.49
N GLY H 692 -51.34 -10.40 -26.68
CA GLY H 692 -51.45 -10.28 -25.25
C GLY H 692 -51.26 -11.59 -24.54
N GLN H 693 -51.37 -11.50 -23.21
CA GLN H 693 -51.23 -12.60 -22.29
C GLN H 693 -52.57 -13.10 -21.85
N LEU H 694 -52.72 -14.38 -22.00
CA LEU H 694 -53.91 -15.04 -21.62
C LEU H 694 -53.77 -15.68 -20.25
N TRP H 695 -54.64 -15.32 -19.36
CA TRP H 695 -54.52 -15.86 -18.03
C TRP H 695 -55.77 -16.46 -17.43
N LEU H 696 -55.52 -17.56 -16.73
CA LEU H 696 -56.59 -18.24 -16.06
C LEU H 696 -56.58 -18.00 -14.58
N THR H 697 -57.75 -17.71 -14.04
CA THR H 697 -57.84 -17.51 -12.62
C THR H 697 -58.98 -18.20 -11.95
N VAL H 698 -58.66 -18.87 -10.83
CA VAL H 698 -59.67 -19.53 -10.02
C VAL H 698 -59.75 -18.97 -8.62
N ARG H 699 -60.96 -19.01 -8.11
CA ARG H 699 -61.25 -18.55 -6.79
C ARG H 699 -62.17 -19.49 -6.09
N VAL H 700 -62.06 -19.51 -4.78
CA VAL H 700 -62.92 -20.37 -4.02
C VAL H 700 -63.81 -19.58 -3.11
N VAL H 701 -65.09 -19.86 -3.32
CA VAL H 701 -66.05 -19.16 -2.54
C VAL H 701 -66.98 -19.95 -1.69
N GLN H 702 -67.26 -19.29 -0.57
CA GLN H 702 -68.15 -19.79 0.43
C GLN H 702 -69.46 -19.07 0.33
N PRO H 703 -70.32 -19.74 -0.38
CA PRO H 703 -71.65 -19.30 -0.66
C PRO H 703 -72.39 -18.94 0.61
N ASN H 704 -72.40 -19.84 1.58
CA ASN H 704 -73.10 -19.59 2.82
C ASN H 704 -72.23 -19.04 3.91
N ALA H 705 -72.78 -18.16 4.73
CA ALA H 705 -71.94 -17.65 5.80
C ALA H 705 -71.71 -18.71 6.84
N THR H 706 -70.74 -18.43 7.69
CA THR H 706 -70.38 -19.33 8.76
C THR H 706 -70.28 -18.52 9.99
N ALA H 707 -69.96 -19.22 11.04
CA ALA H 707 -69.85 -18.51 12.27
C ALA H 707 -68.71 -17.54 12.24
N TRP H 708 -67.80 -17.74 11.32
CA TRP H 708 -66.67 -16.83 11.33
C TRP H 708 -66.48 -16.15 10.04
N SER H 709 -67.40 -16.40 9.13
CA SER H 709 -67.29 -15.78 7.83
C SER H 709 -68.64 -15.49 7.22
N GLU H 710 -68.62 -14.44 6.41
CA GLU H 710 -69.77 -13.96 5.66
C GLU H 710 -70.06 -14.80 4.47
N ALA H 711 -71.21 -14.58 3.89
CA ALA H 711 -71.42 -15.36 2.72
C ALA H 711 -70.62 -14.75 1.59
N GLY H 712 -70.23 -15.60 0.66
CA GLY H 712 -69.42 -15.11 -0.44
C GLY H 712 -67.95 -14.86 -0.07
N HIS H 713 -67.49 -15.52 0.98
CA HIS H 713 -66.13 -15.33 1.36
C HIS H 713 -65.19 -16.07 0.43
N ILE H 714 -64.07 -15.40 0.13
CA ILE H 714 -63.05 -16.01 -0.72
C ILE H 714 -62.04 -16.71 0.13
N SER H 715 -61.90 -18.00 -0.05
CA SER H 715 -60.97 -18.71 0.79
C SER H 715 -59.69 -19.10 0.10
N ALA H 716 -59.71 -19.10 -1.22
CA ALA H 716 -58.50 -19.49 -1.90
C ALA H 716 -58.52 -19.10 -3.33
N TRP H 717 -57.32 -18.90 -3.86
CA TRP H 717 -57.25 -18.59 -5.23
C TRP H 717 -55.95 -19.01 -5.84
N GLN H 718 -55.94 -19.00 -7.15
CA GLN H 718 -54.76 -19.37 -7.86
C GLN H 718 -54.86 -18.97 -9.31
N GLN H 719 -53.73 -18.60 -9.89
CA GLN H 719 -53.84 -18.22 -11.28
C GLN H 719 -52.75 -18.77 -12.20
N TRP H 720 -53.02 -18.87 -13.48
CA TRP H 720 -52.03 -19.37 -14.41
C TRP H 720 -51.98 -18.60 -15.71
N ARG H 721 -50.81 -18.60 -16.35
CA ARG H 721 -50.74 -17.91 -17.61
C ARG H 721 -50.90 -18.89 -18.73
N LEU H 722 -51.98 -18.76 -19.46
CA LEU H 722 -52.22 -19.74 -20.49
C LEU H 722 -51.42 -19.57 -21.72
N ALA H 723 -51.43 -18.39 -22.28
CA ALA H 723 -50.67 -18.22 -23.48
C ALA H 723 -50.23 -16.81 -23.65
N GLU H 724 -49.52 -16.66 -24.75
CA GLU H 724 -48.99 -15.37 -25.12
C GLU H 724 -48.99 -15.21 -26.60
N ASN H 725 -49.44 -14.05 -27.02
CA ASN H 725 -49.45 -13.74 -28.42
C ASN H 725 -48.57 -12.55 -28.58
N LEU H 726 -47.36 -12.82 -29.04
CA LEU H 726 -46.41 -11.74 -29.24
C LEU H 726 -46.92 -10.78 -30.31
N SER H 727 -46.73 -9.48 -30.06
CA SER H 727 -47.18 -8.49 -31.02
C SER H 727 -46.17 -8.22 -32.09
N VAL H 728 -46.58 -8.49 -33.30
CA VAL H 728 -45.72 -8.28 -34.43
C VAL H 728 -46.13 -7.08 -35.21
N THR H 729 -46.87 -6.21 -34.58
CA THR H 729 -47.26 -5.11 -35.39
C THR H 729 -46.38 -3.91 -35.28
N LEU H 730 -46.60 -3.11 -36.31
CA LEU H 730 -45.90 -1.90 -36.49
C LEU H 730 -46.81 -0.73 -36.39
N PRO H 731 -46.19 0.25 -35.77
CA PRO H 731 -46.76 1.55 -35.56
C PRO H 731 -46.94 2.17 -36.93
N ALA H 732 -48.14 2.67 -37.16
CA ALA H 732 -48.39 3.29 -38.44
C ALA H 732 -47.57 4.59 -38.54
N ALA H 733 -47.38 5.03 -39.79
CA ALA H 733 -46.63 6.24 -40.03
C ALA H 733 -47.26 7.46 -39.40
N SER H 734 -46.36 8.39 -39.12
CA SER H 734 -46.70 9.67 -38.56
C SER H 734 -46.55 10.66 -39.69
N HIS H 735 -47.33 11.72 -39.63
CA HIS H 735 -47.24 12.68 -40.70
C HIS H 735 -46.19 13.72 -40.45
N ALA H 736 -45.55 13.59 -39.32
CA ALA H 736 -44.57 14.56 -38.99
C ALA H 736 -43.57 14.03 -38.04
N ILE H 737 -42.58 14.81 -37.76
CA ILE H 737 -41.60 14.37 -36.84
C ILE H 737 -41.14 15.47 -35.97
N PRO H 738 -40.81 15.08 -34.77
CA PRO H 738 -40.40 16.01 -33.78
C PRO H 738 -39.37 16.96 -34.31
N HIS H 739 -39.37 18.10 -33.71
CA HIS H 739 -38.46 19.08 -34.13
C HIS H 739 -37.49 19.46 -33.03
N LEU H 740 -36.24 19.13 -33.30
CA LEU H 740 -35.16 19.38 -32.37
C LEU H 740 -34.70 20.79 -32.35
N THR H 741 -34.09 21.23 -31.27
CA THR H 741 -33.64 22.59 -31.18
C THR H 741 -32.58 22.73 -30.13
N THR H 742 -31.37 22.98 -30.57
CA THR H 742 -30.31 23.10 -29.62
C THR H 742 -30.27 24.45 -28.98
N SER H 743 -29.49 24.54 -27.94
CA SER H 743 -29.28 25.73 -27.16
C SER H 743 -28.05 25.45 -26.34
N GLU H 744 -27.62 26.36 -25.52
CA GLU H 744 -26.44 26.04 -24.78
C GLU H 744 -26.76 25.14 -23.63
N MET H 745 -27.89 25.47 -23.03
CA MET H 745 -28.39 24.83 -21.86
C MET H 745 -29.17 23.62 -22.17
N ASP H 746 -29.67 23.54 -23.38
CA ASP H 746 -30.42 22.35 -23.56
C ASP H 746 -30.80 22.04 -24.95
N PHE H 747 -31.64 21.01 -25.00
CA PHE H 747 -32.16 20.53 -26.24
C PHE H 747 -33.66 20.60 -26.19
N CME H 748 -34.29 21.05 -27.29
CA CME H 748 -35.71 21.13 -27.31
CB CME H 748 -36.35 22.49 -27.36
SG CME H 748 -36.60 22.95 -25.67
SD CME H 748 -38.52 23.06 -25.32
CE CME H 748 -38.35 24.18 -23.92
CZ CME H 748 -39.32 25.37 -23.97
OH CME H 748 -38.62 26.58 -23.70
C CME H 748 -36.42 20.32 -28.29
O CME H 748 -36.27 20.47 -29.51
N ILE H 749 -37.25 19.49 -27.77
CA ILE H 749 -37.99 18.69 -28.69
C ILE H 749 -39.41 19.11 -28.66
N GLU H 750 -39.90 19.38 -29.84
CA GLU H 750 -41.24 19.82 -29.97
C GLU H 750 -42.01 19.00 -30.95
N LEU H 751 -43.29 18.90 -30.67
CA LEU H 751 -44.19 18.19 -31.52
C LEU H 751 -45.60 18.53 -31.15
N GLY H 752 -46.18 19.48 -31.87
CA GLY H 752 -47.53 19.89 -31.54
C GLY H 752 -47.47 20.68 -30.26
N ASN H 753 -48.45 20.42 -29.42
CA ASN H 753 -48.54 21.04 -28.11
C ASN H 753 -47.48 20.44 -27.18
N LYS H 754 -47.00 19.26 -27.54
CA LYS H 754 -46.00 18.60 -26.74
C LYS H 754 -44.58 19.12 -26.92
N ARG H 755 -43.90 19.20 -25.79
CA ARG H 755 -42.54 19.67 -25.72
C ARG H 755 -41.76 18.99 -24.60
N TRP H 756 -40.50 18.67 -24.89
CA TRP H 756 -39.65 18.02 -23.94
C TRP H 756 -38.33 18.71 -23.83
N GLN H 757 -37.84 18.88 -22.64
CA GLN H 757 -36.55 19.51 -22.59
C GLN H 757 -35.48 18.76 -21.78
N PHE H 758 -34.28 18.68 -22.34
CA PHE H 758 -33.21 18.01 -21.64
C PHE H 758 -32.12 18.96 -21.26
N ASN H 759 -31.85 19.08 -19.99
CA ASN H 759 -30.78 19.98 -19.56
C ASN H 759 -29.45 19.43 -19.95
N ARG H 760 -28.69 20.24 -20.61
CA ARG H 760 -27.39 19.83 -21.08
C ARG H 760 -26.34 19.76 -20.03
N GLN H 761 -26.57 20.33 -18.89
CA GLN H 761 -25.50 20.20 -17.94
C GLN H 761 -25.66 18.95 -17.12
N SER H 762 -26.91 18.66 -16.78
CA SER H 762 -27.22 17.55 -15.95
C SER H 762 -27.41 16.30 -16.76
N GLY H 763 -27.79 16.51 -17.98
CA GLY H 763 -28.05 15.35 -18.78
C GLY H 763 -29.42 14.73 -18.49
N PHE H 764 -30.33 15.42 -17.81
CA PHE H 764 -31.61 14.78 -17.61
C PHE H 764 -32.71 15.47 -18.28
N LEU H 765 -33.79 14.73 -18.42
CA LEU H 765 -34.99 15.28 -18.96
C LEU H 765 -35.51 16.13 -17.85
N SER H 766 -35.37 17.44 -18.00
CA SER H 766 -35.74 18.43 -17.00
C SER H 766 -37.18 18.87 -16.97
N GLN H 767 -37.84 18.91 -18.10
CA GLN H 767 -39.21 19.34 -18.04
C GLN H 767 -39.91 18.93 -19.28
N MET H 768 -41.20 18.93 -19.20
CA MET H 768 -41.95 18.62 -20.34
C MET H 768 -43.29 19.27 -20.21
N TRP H 769 -43.86 19.66 -21.36
CA TRP H 769 -45.13 20.35 -21.36
C TRP H 769 -46.12 19.74 -22.25
N ILE H 770 -47.34 19.96 -21.85
CA ILE H 770 -48.45 19.62 -22.67
C ILE H 770 -49.20 20.89 -22.73
N GLY H 771 -49.16 21.49 -23.90
CA GLY H 771 -49.73 22.77 -24.01
C GLY H 771 -48.76 23.69 -23.28
N ASP H 772 -49.28 24.48 -22.40
CA ASP H 772 -48.50 25.42 -21.63
C ASP H 772 -48.30 24.90 -20.22
N LYS H 773 -48.68 23.65 -20.01
CA LYS H 773 -48.56 23.06 -18.71
C LYS H 773 -47.31 22.26 -18.52
N LYS H 774 -46.54 22.69 -17.52
CA LYS H 774 -45.33 21.98 -17.18
C LYS H 774 -45.78 20.69 -16.55
N GLN H 775 -45.02 19.61 -16.69
CA GLN H 775 -45.51 18.37 -16.14
C GLN H 775 -44.73 17.85 -14.98
N LEU H 776 -43.54 18.35 -14.80
CA LEU H 776 -42.76 17.82 -13.72
C LEU H 776 -42.28 18.85 -12.77
N LEU H 777 -42.28 18.49 -11.50
CA LEU H 777 -41.72 19.38 -10.52
C LEU H 777 -40.26 19.02 -10.31
N THR H 778 -39.91 17.84 -10.76
CA THR H 778 -38.56 17.36 -10.60
C THR H 778 -38.16 16.58 -11.82
N PRO H 779 -36.88 16.66 -12.16
CA PRO H 779 -36.34 15.97 -13.31
C PRO H 779 -36.33 14.44 -13.14
N LEU H 780 -36.40 13.76 -14.27
CA LEU H 780 -36.43 12.34 -14.30
C LEU H 780 -35.05 11.79 -14.05
N ARG H 781 -34.91 11.02 -12.99
CA ARG H 781 -33.61 10.46 -12.76
C ARG H 781 -33.48 9.09 -12.20
N ASP H 782 -32.25 8.62 -12.40
CA ASP H 782 -31.88 7.30 -11.96
C ASP H 782 -31.97 7.24 -10.48
N GLN H 783 -32.33 6.10 -9.98
CA GLN H 783 -32.40 5.97 -8.57
C GLN H 783 -31.94 4.61 -8.16
N PHE H 784 -31.05 4.57 -7.19
CA PHE H 784 -30.51 3.29 -6.76
C PHE H 784 -30.80 2.90 -5.33
N THR H 785 -31.46 3.75 -4.58
CA THR H 785 -31.69 3.43 -3.21
C THR H 785 -33.17 3.37 -2.83
N ARG H 786 -33.38 3.03 -1.55
CA ARG H 786 -34.70 3.04 -1.00
C ARG H 786 -34.72 3.52 0.44
N ALA H 787 -35.89 3.99 0.86
CA ALA H 787 -36.10 4.41 2.23
C ALA H 787 -36.18 3.10 2.97
N PRO H 788 -35.10 2.82 3.68
CA PRO H 788 -34.87 1.61 4.43
C PRO H 788 -36.05 1.00 5.12
N LEU H 789 -36.17 -0.29 4.96
CA LEU H 789 -37.21 -1.00 5.65
C LEU H 789 -36.69 -1.34 7.03
N ASP H 790 -37.62 -1.76 7.84
CA ASP H 790 -37.23 -2.16 9.17
C ASP H 790 -36.16 -3.21 9.05
N ASN H 791 -36.43 -4.15 8.16
CA ASN H 791 -35.49 -5.22 7.88
C ASN H 791 -34.16 -4.67 7.35
N ASP H 792 -34.18 -3.57 6.62
CA ASP H 792 -32.92 -3.05 6.12
C ASP H 792 -32.04 -2.49 7.22
N ILE H 793 -32.71 -2.13 8.31
CA ILE H 793 -32.07 -1.51 9.44
C ILE H 793 -31.67 -2.46 10.55
N GLY H 794 -32.59 -3.35 10.89
CA GLY H 794 -32.35 -4.31 11.92
C GLY H 794 -32.20 -3.63 13.25
N VAL H 795 -31.06 -3.83 13.86
CA VAL H 795 -30.89 -3.21 15.16
C VAL H 795 -29.84 -2.14 15.17
N SER H 796 -29.51 -1.67 14.00
CA SER H 796 -28.53 -0.62 13.94
C SER H 796 -29.10 0.64 14.57
N GLU H 797 -28.24 1.21 15.40
CA GLU H 797 -28.57 2.42 16.10
C GLU H 797 -27.47 3.41 15.91
N ALA H 798 -27.87 4.68 15.95
CA ALA H 798 -26.97 5.79 15.80
C ALA H 798 -25.76 5.65 16.73
N THR H 799 -26.09 5.32 17.97
CA THR H 799 -25.14 5.10 19.01
C THR H 799 -24.35 3.82 18.74
N ARG H 800 -25.12 2.76 18.48
CA ARG H 800 -24.60 1.44 18.25
C ARG H 800 -24.99 0.90 16.89
N ILE H 801 -24.13 1.23 15.95
CA ILE H 801 -24.27 0.84 14.59
C ILE H 801 -23.97 -0.64 14.33
N ASP H 802 -24.76 -1.24 13.42
CA ASP H 802 -24.57 -2.61 12.99
C ASP H 802 -24.13 -2.66 11.54
N PRO H 803 -22.83 -2.71 11.41
CA PRO H 803 -22.11 -2.76 10.18
C PRO H 803 -22.64 -3.77 9.18
N ASN H 804 -23.37 -4.79 9.60
CA ASN H 804 -23.81 -5.68 8.55
C ASN H 804 -25.16 -5.34 8.02
N ALA H 805 -25.87 -4.48 8.71
CA ALA H 805 -27.16 -4.10 8.19
C ALA H 805 -27.00 -3.47 6.82
N TRP H 806 -27.93 -3.83 5.96
CA TRP H 806 -27.95 -3.33 4.61
C TRP H 806 -27.80 -1.85 4.61
N VAL H 807 -28.67 -1.24 5.39
CA VAL H 807 -28.63 0.19 5.45
C VAL H 807 -27.25 0.71 5.77
N GLU H 808 -26.65 0.04 6.72
CA GLU H 808 -25.34 0.42 7.13
C GLU H 808 -24.37 0.33 5.98
N ARG H 809 -24.46 -0.75 5.27
CA ARG H 809 -23.55 -0.90 4.15
C ARG H 809 -23.77 0.08 3.03
N TRP H 810 -25.03 0.29 2.74
CA TRP H 810 -25.38 1.18 1.70
C TRP H 810 -24.84 2.55 2.01
N LYS H 811 -25.01 2.89 3.28
CA LYS H 811 -24.58 4.17 3.76
C LYS H 811 -23.10 4.28 3.59
N ALA H 812 -22.43 3.34 4.18
CA ALA H 812 -21.01 3.37 4.12
C ALA H 812 -20.47 3.40 2.72
N ALA H 813 -21.21 2.80 1.80
CA ALA H 813 -20.76 2.76 0.43
C ALA H 813 -20.98 4.08 -0.26
N GLY H 814 -21.80 4.93 0.34
CA GLY H 814 -22.05 6.21 -0.26
C GLY H 814 -23.19 6.13 -1.22
N HIS H 815 -23.91 5.02 -1.20
CA HIS H 815 -25.02 4.91 -2.11
C HIS H 815 -25.96 6.06 -1.96
N TYR H 816 -26.23 6.40 -0.72
CA TYR H 816 -27.16 7.44 -0.43
C TYR H 816 -26.66 8.79 -0.80
N GLN H 817 -25.37 8.91 -1.10
CA GLN H 817 -24.95 10.24 -1.42
C GLN H 817 -23.98 10.36 -2.58
N ALA H 818 -24.08 9.44 -3.49
CA ALA H 818 -23.19 9.51 -4.60
C ALA H 818 -23.66 10.59 -5.52
N GLU H 819 -22.67 11.07 -6.22
CA GLU H 819 -22.80 12.13 -7.15
C GLU H 819 -22.75 11.69 -8.58
N ALA H 820 -23.81 12.04 -9.28
CA ALA H 820 -23.85 11.71 -10.69
C ALA H 820 -22.93 12.62 -11.50
N ALA H 821 -22.37 12.09 -12.57
CA ALA H 821 -21.49 12.84 -13.44
C ALA H 821 -21.80 12.59 -14.90
N LEU H 822 -22.09 13.65 -15.65
CA LEU H 822 -22.37 13.46 -17.05
C LEU H 822 -21.13 13.00 -17.76
N LEU H 823 -21.26 11.91 -18.44
CA LEU H 823 -20.16 11.43 -19.20
C LEU H 823 -20.41 11.82 -20.62
N GLN H 824 -21.68 11.87 -20.99
CA GLN H 824 -22.00 12.20 -22.34
C GLN H 824 -23.48 12.39 -22.56
N CYS H 825 -23.77 13.30 -23.50
CA CYS H 825 -25.14 13.63 -23.81
C CYS H 825 -25.23 14.12 -25.22
N THR H 826 -25.95 13.39 -26.06
CA THR H 826 -26.06 13.80 -27.42
C THR H 826 -27.43 13.67 -28.01
N ALA H 827 -27.62 14.48 -29.05
CA ALA H 827 -28.87 14.53 -29.76
C ALA H 827 -28.66 14.32 -31.22
N ASP H 828 -29.65 13.70 -31.83
CA ASP H 828 -29.53 13.38 -33.23
C ASP H 828 -30.87 13.25 -33.87
N THR H 829 -30.92 13.64 -35.14
CA THR H 829 -32.15 13.57 -35.88
C THR H 829 -32.15 12.47 -36.87
N LEU H 830 -33.13 11.63 -36.68
CA LEU H 830 -33.28 10.53 -37.55
C LEU H 830 -34.41 10.82 -38.48
N ALA H 831 -34.58 9.92 -39.40
CA ALA H 831 -35.63 10.13 -40.35
C ALA H 831 -36.99 10.12 -39.75
N ASP H 832 -37.17 9.38 -38.65
CA ASP H 832 -38.50 9.27 -38.11
C ASP H 832 -38.64 9.68 -36.70
N ALA H 833 -37.53 10.11 -36.12
CA ALA H 833 -37.59 10.54 -34.75
C ALA H 833 -36.33 11.28 -34.33
N VAL H 834 -36.37 11.67 -33.09
CA VAL H 834 -35.24 12.30 -32.50
C VAL H 834 -34.65 11.39 -31.44
N LEU H 835 -33.33 11.39 -31.43
CA LEU H 835 -32.65 10.52 -30.55
C LEU H 835 -31.68 11.18 -29.63
N ILE H 836 -31.85 10.88 -28.35
CA ILE H 836 -30.98 11.41 -27.36
C ILE H 836 -30.23 10.34 -26.63
N THR H 837 -28.96 10.60 -26.40
CA THR H 837 -28.24 9.61 -25.63
C THR H 837 -27.40 10.21 -24.53
N THR H 838 -27.42 9.52 -23.39
CA THR H 838 -26.68 9.98 -22.25
C THR H 838 -25.91 8.88 -21.57
N ALA H 839 -25.02 9.32 -20.71
CA ALA H 839 -24.21 8.42 -19.94
C ALA H 839 -23.75 9.13 -18.73
N HIS H 840 -24.06 8.53 -17.57
CA HIS H 840 -23.65 9.13 -16.35
C HIS H 840 -22.92 8.16 -15.48
N ALA H 841 -22.25 8.70 -14.48
CA ALA H 841 -21.55 7.85 -13.55
C ALA H 841 -21.78 8.31 -12.13
N TRP H 842 -22.12 7.39 -11.23
CA TRP H 842 -22.24 7.83 -9.89
C TRP H 842 -20.98 7.46 -9.18
N GLN H 843 -20.41 8.44 -8.53
CA GLN H 843 -19.19 8.15 -7.82
C GLN H 843 -19.19 8.60 -6.42
N HIS H 844 -18.24 8.06 -5.72
CA HIS H 844 -18.13 8.39 -4.35
C HIS H 844 -16.74 8.17 -3.88
N GLN H 845 -16.14 9.26 -3.47
CA GLN H 845 -14.78 9.20 -3.03
C GLN H 845 -13.89 8.52 -4.03
N GLY H 846 -14.05 8.91 -5.29
CA GLY H 846 -13.21 8.36 -6.33
C GLY H 846 -13.64 7.03 -6.88
N LYS H 847 -14.59 6.39 -6.23
CA LYS H 847 -15.02 5.14 -6.77
C LYS H 847 -16.28 5.31 -7.58
N THR H 848 -16.32 4.55 -8.65
CA THR H 848 -17.48 4.58 -9.48
C THR H 848 -18.40 3.43 -9.11
N LEU H 849 -19.59 3.76 -8.61
CA LEU H 849 -20.55 2.75 -8.21
C LEU H 849 -21.37 2.27 -9.34
N PHE H 850 -21.95 3.21 -10.05
CA PHE H 850 -22.77 2.83 -11.16
C PHE H 850 -22.55 3.63 -12.39
N ILE H 851 -23.00 3.02 -13.46
CA ILE H 851 -22.96 3.64 -14.73
C ILE H 851 -24.28 3.43 -15.41
N SER H 852 -24.83 4.55 -15.80
CA SER H 852 -26.12 4.53 -16.44
C SER H 852 -26.06 5.10 -17.84
N ARG H 853 -26.43 4.25 -18.78
CA ARG H 853 -26.43 4.67 -20.17
C ARG H 853 -27.81 4.58 -20.74
N LYS H 854 -28.29 5.71 -21.27
CA LYS H 854 -29.63 5.69 -21.82
C LYS H 854 -29.76 6.23 -23.22
N THR H 855 -30.94 5.97 -23.76
CA THR H 855 -31.37 6.50 -25.02
C THR H 855 -32.83 6.84 -24.94
N TYR H 856 -33.11 8.01 -25.47
CA TYR H 856 -34.44 8.47 -25.48
C TYR H 856 -34.79 8.70 -26.92
N ARG H 857 -35.90 8.10 -27.30
CA ARG H 857 -36.27 8.25 -28.66
C ARG H 857 -37.72 8.61 -28.82
N ILE H 858 -37.89 9.81 -29.36
CA ILE H 858 -39.17 10.42 -29.59
C ILE H 858 -39.54 10.46 -31.02
N ASP H 859 -40.66 9.83 -31.31
CA ASP H 859 -41.11 9.78 -32.67
C ASP H 859 -42.25 10.71 -32.92
N GLY H 860 -42.70 10.60 -34.15
CA GLY H 860 -43.78 11.40 -34.64
C GLY H 860 -45.11 11.03 -34.02
N SER H 861 -45.15 9.93 -33.30
CA SER H 861 -46.41 9.61 -32.70
C SER H 861 -46.49 10.27 -31.35
N GLY H 862 -45.38 10.87 -30.93
CA GLY H 862 -45.35 11.56 -29.65
C GLY H 862 -45.01 10.64 -28.48
N GLN H 863 -44.46 9.48 -28.78
CA GLN H 863 -44.10 8.60 -27.70
C GLN H 863 -42.64 8.66 -27.44
N MET H 864 -42.32 8.51 -26.19
CA MET H 864 -40.95 8.53 -25.81
C MET H 864 -40.54 7.18 -25.28
N ALA H 865 -39.60 6.59 -25.99
CA ALA H 865 -39.11 5.30 -25.60
C ALA H 865 -37.79 5.48 -24.92
N ILE H 866 -37.71 4.87 -23.77
CA ILE H 866 -36.52 4.95 -22.98
C ILE H 866 -35.86 3.65 -22.81
N THR H 867 -34.58 3.72 -22.86
CA THR H 867 -33.80 2.55 -22.73
C THR H 867 -32.67 2.76 -21.76
N VAL H 868 -32.63 1.84 -20.80
CA VAL H 868 -31.65 1.93 -19.77
C VAL H 868 -30.81 0.71 -19.58
N ASP H 869 -29.52 0.99 -19.51
CA ASP H 869 -28.56 -0.04 -19.27
C ASP H 869 -27.61 0.40 -18.20
N VAL H 870 -27.58 -0.38 -17.12
CA VAL H 870 -26.75 -0.09 -15.99
C VAL H 870 -25.70 -1.11 -15.66
N GLU H 871 -24.59 -0.57 -15.16
CA GLU H 871 -23.50 -1.37 -14.71
C GLU H 871 -23.29 -1.05 -13.28
N VAL H 872 -23.10 -2.11 -12.47
CA VAL H 872 -22.86 -1.96 -11.08
C VAL H 872 -21.56 -2.56 -10.64
N ALA H 873 -20.74 -1.79 -9.94
CA ALA H 873 -19.48 -2.35 -9.50
C ALA H 873 -19.70 -3.60 -8.70
N SER H 874 -18.98 -4.59 -9.07
CA SER H 874 -19.12 -5.86 -8.40
C SER H 874 -18.72 -5.73 -6.95
N ASP H 875 -17.92 -4.74 -6.64
CA ASP H 875 -17.53 -4.70 -5.26
C ASP H 875 -18.34 -3.77 -4.42
N THR H 876 -19.42 -3.30 -4.95
CA THR H 876 -20.24 -2.48 -4.10
C THR H 876 -21.40 -3.33 -3.63
N PRO H 877 -22.02 -2.96 -2.55
CA PRO H 877 -23.15 -3.71 -2.04
C PRO H 877 -24.30 -3.65 -3.00
N HIS H 878 -24.98 -4.75 -3.17
CA HIS H 878 -26.10 -4.71 -4.07
C HIS H 878 -27.07 -3.69 -3.62
N PRO H 879 -27.45 -2.90 -4.58
CA PRO H 879 -28.35 -1.81 -4.44
C PRO H 879 -29.77 -2.29 -4.24
N ALA H 880 -30.50 -1.47 -3.51
CA ALA H 880 -31.88 -1.73 -3.16
C ALA H 880 -32.75 -1.82 -4.38
N ARG H 881 -32.37 -1.02 -5.37
CA ARG H 881 -33.18 -0.99 -6.55
C ARG H 881 -32.47 -0.31 -7.69
N ILE H 882 -33.11 -0.44 -8.86
CA ILE H 882 -32.63 0.13 -10.11
C ILE H 882 -33.78 0.65 -10.93
N GLY H 883 -33.87 1.99 -10.93
CA GLY H 883 -34.95 2.62 -11.61
C GLY H 883 -34.78 4.11 -11.76
N LEU H 884 -35.93 4.71 -11.94
CA LEU H 884 -35.98 6.11 -12.13
C LEU H 884 -37.05 6.72 -11.30
N ASN H 885 -36.93 8.02 -11.18
CA ASN H 885 -37.95 8.71 -10.48
C ASN H 885 -38.07 10.17 -10.84
N CYS H 886 -39.19 10.68 -10.41
CA CYS H 886 -39.46 12.07 -10.64
C CYS H 886 -40.71 12.48 -9.89
N GLN H 887 -40.83 13.79 -9.76
CA GLN H 887 -41.97 14.36 -9.10
C GLN H 887 -42.87 14.96 -10.13
N LEU H 888 -44.02 14.35 -10.30
CA LEU H 888 -44.94 14.88 -11.27
C LEU H 888 -45.69 16.06 -10.69
N ALA H 889 -45.89 17.04 -11.55
CA ALA H 889 -46.62 18.21 -11.14
C ALA H 889 -48.10 17.91 -10.87
N GLN H 890 -48.65 17.01 -11.64
CA GLN H 890 -50.04 16.68 -11.46
C GLN H 890 -50.30 15.82 -10.24
N VAL H 891 -51.58 15.78 -9.89
CA VAL H 891 -52.06 14.97 -8.79
C VAL H 891 -53.45 14.46 -9.12
N ALA H 892 -53.64 13.15 -9.25
CA ALA H 892 -54.94 12.62 -9.61
C ALA H 892 -55.59 11.77 -8.55
N GLU H 893 -56.79 11.35 -8.88
CA GLU H 893 -57.62 10.58 -7.97
C GLU H 893 -57.35 9.09 -7.94
N ARG H 894 -57.29 8.56 -9.14
CA ARG H 894 -57.11 7.16 -9.31
C ARG H 894 -55.79 6.78 -9.93
N VAL H 895 -55.54 5.49 -9.83
CA VAL H 895 -54.37 4.84 -10.35
C VAL H 895 -54.83 3.56 -11.00
N ASN H 896 -54.38 3.39 -12.21
CA ASN H 896 -54.84 2.26 -12.93
C ASN H 896 -53.68 1.58 -13.59
N TRP H 897 -53.64 0.29 -13.35
CA TRP H 897 -52.56 -0.45 -13.93
C TRP H 897 -52.91 -1.86 -14.25
N LEU H 898 -52.07 -2.37 -15.10
CA LEU H 898 -52.12 -3.71 -15.56
C LEU H 898 -50.85 -4.38 -15.09
N GLY H 899 -51.03 -5.19 -14.05
CA GLY H 899 -49.95 -5.89 -13.43
C GLY H 899 -50.42 -6.61 -12.19
N LEU H 900 -49.49 -6.80 -11.27
CA LEU H 900 -49.77 -7.52 -10.04
C LEU H 900 -50.50 -6.70 -9.05
N GLY H 901 -51.64 -7.20 -8.59
CA GLY H 901 -52.37 -6.42 -7.64
C GLY H 901 -53.36 -7.25 -6.86
N PRO H 902 -54.11 -6.55 -6.05
CA PRO H 902 -54.08 -5.11 -5.96
C PRO H 902 -53.21 -4.59 -4.86
N GLN H 903 -52.87 -5.43 -3.90
CA GLN H 903 -52.05 -4.89 -2.83
C GLN H 903 -50.58 -4.78 -3.11
N GLU H 904 -49.96 -4.02 -2.22
CA GLU H 904 -48.53 -3.85 -2.19
C GLU H 904 -47.88 -5.24 -2.36
N ASN H 905 -46.88 -5.34 -3.23
CA ASN H 905 -46.19 -6.60 -3.43
C ASN H 905 -44.75 -6.40 -3.77
N TYR H 906 -43.96 -7.31 -3.29
CA TYR H 906 -42.54 -7.24 -3.53
C TYR H 906 -42.04 -8.55 -4.12
N PRO H 907 -40.85 -8.47 -4.66
CA PRO H 907 -40.22 -9.57 -5.33
C PRO H 907 -40.26 -10.83 -4.53
N ASP H 908 -39.90 -10.76 -3.26
CA ASP H 908 -39.95 -11.95 -2.44
C ASP H 908 -41.26 -12.03 -1.67
N ARG H 909 -42.24 -11.24 -2.06
CA ARG H 909 -43.54 -11.34 -1.40
C ARG H 909 -44.61 -10.97 -2.40
N LEU H 910 -44.92 -11.89 -3.31
CA LEU H 910 -45.92 -11.53 -4.28
C LEU H 910 -46.77 -12.69 -4.78
N THR H 911 -46.59 -13.84 -4.20
CA THR H 911 -47.39 -14.93 -4.68
C THR H 911 -48.86 -14.70 -4.48
N ALA H 912 -49.23 -13.90 -3.53
CA ALA H 912 -50.65 -13.75 -3.35
C ALA H 912 -51.29 -12.81 -4.32
N ALA H 913 -50.47 -11.99 -4.96
CA ALA H 913 -50.94 -10.98 -5.91
C ALA H 913 -51.41 -11.58 -7.22
N CME H 914 -52.30 -10.86 -7.93
CA CME H 914 -52.79 -11.32 -9.19
CB CME H 914 -54.21 -11.81 -9.15
SG CME H 914 -54.33 -13.34 -8.22
SD CME H 914 -56.27 -13.13 -7.77
CE CME H 914 -56.28 -11.82 -6.49
CZ CME H 914 -57.68 -11.72 -5.85
OH CME H 914 -58.61 -12.36 -6.74
C CME H 914 -52.56 -10.38 -10.30
O CME H 914 -52.52 -9.14 -10.15
N PHE H 915 -52.39 -10.99 -11.43
CA PHE H 915 -52.14 -10.23 -12.60
C PHE H 915 -53.43 -9.85 -13.24
N ASP H 916 -53.72 -8.57 -13.19
CA ASP H 916 -54.95 -8.13 -13.78
C ASP H 916 -54.93 -6.64 -13.99
N ARG H 917 -56.11 -6.08 -14.22
CA ARG H 917 -56.23 -4.67 -14.35
C ARG H 917 -56.77 -4.09 -13.08
N TRP H 918 -55.98 -3.24 -12.47
CA TRP H 918 -56.38 -2.67 -11.22
C TRP H 918 -56.57 -1.19 -11.33
N ASP H 919 -57.54 -0.73 -10.55
CA ASP H 919 -57.84 0.69 -10.50
C ASP H 919 -58.13 1.03 -9.06
N LEU H 920 -57.34 1.92 -8.49
CA LEU H 920 -57.54 2.33 -7.13
C LEU H 920 -57.28 3.79 -6.97
N PRO H 921 -57.61 4.23 -5.81
CA PRO H 921 -57.42 5.58 -5.43
C PRO H 921 -56.04 5.71 -4.89
N LEU H 922 -55.48 6.81 -5.27
CA LEU H 922 -54.14 7.15 -4.92
C LEU H 922 -53.76 6.79 -3.48
N SER H 923 -54.71 7.05 -2.62
CA SER H 923 -54.51 6.79 -1.20
C SER H 923 -54.17 5.34 -0.93
N ASP H 924 -54.78 4.48 -1.73
CA ASP H 924 -54.55 3.09 -1.55
C ASP H 924 -53.18 2.67 -2.03
N MET H 925 -52.51 3.56 -2.72
CA MET H 925 -51.21 3.16 -3.15
C MET H 925 -50.16 3.45 -2.10
N TYR H 926 -50.63 3.70 -0.88
CA TYR H 926 -49.71 4.01 0.19
C TYR H 926 -49.93 3.15 1.40
N THR H 927 -48.80 2.70 1.96
CA THR H 927 -48.82 1.85 3.12
C THR H 927 -48.20 2.55 4.31
N PRO H 928 -49.16 2.94 5.14
CA PRO H 928 -49.06 3.65 6.40
C PRO H 928 -48.40 2.85 7.52
N TYR H 929 -47.25 2.32 7.21
CA TYR H 929 -46.51 1.63 8.23
C TYR H 929 -46.22 2.69 9.28
N VAL H 930 -46.54 2.37 10.52
CA VAL H 930 -46.30 3.34 11.58
C VAL H 930 -44.92 3.95 11.49
N PHE H 931 -43.94 3.09 11.37
CA PHE H 931 -42.61 3.59 11.20
C PHE H 931 -42.42 3.56 9.70
N PRO H 932 -42.22 4.72 9.10
CA PRO H 932 -42.19 4.84 7.67
C PRO H 932 -40.94 4.38 6.94
N SER H 933 -41.18 3.89 5.70
CA SER H 933 -40.14 3.40 4.78
C SER H 933 -40.69 3.14 3.36
N GLU H 934 -39.79 2.71 2.45
CA GLU H 934 -40.24 2.35 1.13
C GLU H 934 -41.48 1.45 1.26
N ASN H 935 -42.50 1.67 0.44
CA ASN H 935 -43.71 0.85 0.53
C ASN H 935 -44.60 1.02 -0.67
N GLY H 936 -45.67 0.26 -0.69
CA GLY H 936 -46.67 0.34 -1.73
C GLY H 936 -46.28 -0.17 -3.10
N LEU H 937 -45.11 -0.72 -3.24
CA LEU H 937 -44.75 -1.21 -4.54
C LEU H 937 -45.71 -2.26 -5.12
N ARG H 938 -45.79 -2.24 -6.43
CA ARG H 938 -46.49 -3.26 -7.19
C ARG H 938 -45.57 -3.69 -8.31
N CYS H 939 -45.38 -4.99 -8.46
CA CYS H 939 -44.48 -5.51 -9.48
C CYS H 939 -45.22 -6.10 -10.66
N GLY H 940 -44.40 -6.48 -11.63
CA GLY H 940 -44.87 -7.13 -12.83
C GLY H 940 -45.88 -6.31 -13.58
N THR H 941 -45.57 -5.04 -13.70
CA THR H 941 -46.44 -4.14 -14.37
C THR H 941 -46.04 -3.88 -15.78
N ARG H 942 -47.07 -3.86 -16.58
CA ARG H 942 -46.92 -3.67 -17.98
C ARG H 942 -47.43 -2.37 -18.54
N GLU H 943 -48.44 -1.83 -17.85
CA GLU H 943 -49.06 -0.58 -18.22
C GLU H 943 -49.50 0.15 -16.99
N LEU H 944 -49.15 1.43 -16.93
CA LEU H 944 -49.49 2.27 -15.82
C LEU H 944 -50.06 3.58 -16.31
N ASN H 945 -51.18 3.95 -15.70
CA ASN H 945 -51.91 5.16 -16.06
C ASN H 945 -52.20 6.07 -14.90
N TYR H 946 -51.79 7.31 -15.04
CA TYR H 946 -52.03 8.33 -14.03
C TYR H 946 -52.16 9.66 -14.73
N GLY H 947 -53.36 10.22 -14.63
CA GLY H 947 -53.63 11.45 -15.32
C GLY H 947 -53.61 11.16 -16.80
N PRO H 948 -53.07 12.10 -17.52
CA PRO H 948 -52.90 12.03 -18.95
C PRO H 948 -51.78 11.09 -19.31
N HIS H 949 -51.01 10.64 -18.31
CA HIS H 949 -49.89 9.78 -18.57
C HIS H 949 -50.14 8.32 -18.61
N GLN H 950 -49.24 7.72 -19.36
CA GLN H 950 -49.20 6.30 -19.53
C GLN H 950 -47.79 5.78 -19.70
N TRP H 951 -47.49 4.73 -18.94
CA TRP H 951 -46.20 4.14 -19.10
C TRP H 951 -46.35 2.70 -19.45
N ARG H 952 -45.43 2.27 -20.29
CA ARG H 952 -45.45 0.91 -20.70
C ARG H 952 -44.11 0.26 -20.73
N GLY H 953 -44.18 -0.99 -20.34
CA GLY H 953 -43.01 -1.83 -20.30
C GLY H 953 -43.20 -3.01 -19.40
N ASP H 954 -42.17 -3.24 -18.62
CA ASP H 954 -42.21 -4.33 -17.69
C ASP H 954 -41.47 -3.88 -16.46
N PHE H 955 -42.21 -3.36 -15.50
CA PHE H 955 -41.52 -2.83 -14.34
C PHE H 955 -42.37 -2.96 -13.14
N GLN H 956 -41.82 -2.37 -12.09
CA GLN H 956 -42.48 -2.27 -10.82
C GLN H 956 -42.45 -0.81 -10.46
N PHE H 957 -43.43 -0.41 -9.67
CA PHE H 957 -43.46 0.98 -9.30
C PHE H 957 -44.22 1.20 -8.05
N ASN H 958 -44.11 2.44 -7.62
CA ASN H 958 -44.87 2.97 -6.52
C ASN H 958 -45.15 4.43 -6.84
N ILE H 959 -46.21 4.92 -6.22
CA ILE H 959 -46.62 6.27 -6.43
C ILE H 959 -47.34 6.88 -5.23
N SER H 960 -46.86 8.01 -4.78
CA SER H 960 -47.46 8.64 -3.62
C SER H 960 -47.07 10.10 -3.55
N ARG H 961 -47.35 10.73 -2.38
CA ARG H 961 -47.02 12.12 -2.18
C ARG H 961 -45.84 12.29 -1.29
N TYR H 962 -45.09 11.23 -1.12
CA TYR H 962 -43.97 11.38 -0.25
C TYR H 962 -42.71 10.95 -0.90
N SER H 963 -41.72 11.79 -0.82
CA SER H 963 -40.46 11.42 -1.39
C SER H 963 -39.86 10.36 -0.47
N GLN H 964 -38.93 9.62 -1.05
CA GLN H 964 -38.23 8.61 -0.28
C GLN H 964 -37.49 9.33 0.84
N GLN H 965 -36.95 10.49 0.50
CA GLN H 965 -36.26 11.22 1.53
C GLN H 965 -37.16 11.55 2.68
N GLN H 966 -38.36 12.02 2.38
CA GLN H 966 -39.23 12.32 3.49
C GLN H 966 -39.38 11.09 4.36
N LEU H 967 -39.81 10.02 3.71
CA LEU H 967 -40.04 8.75 4.40
C LEU H 967 -38.87 8.33 5.22
N MET H 968 -37.73 8.54 4.62
CA MET H 968 -36.54 8.14 5.26
C MET H 968 -36.23 9.00 6.45
N GLU H 969 -36.61 10.26 6.38
CA GLU H 969 -36.28 11.15 7.46
C GLU H 969 -37.32 11.28 8.55
N THR H 970 -38.50 10.74 8.35
CA THR H 970 -39.57 10.81 9.34
C THR H 970 -39.70 9.53 10.14
N SER H 971 -39.89 9.67 11.45
CA SER H 971 -39.99 8.49 12.31
C SER H 971 -41.41 8.03 12.55
N HIS H 972 -42.39 8.89 12.38
CA HIS H 972 -43.72 8.42 12.63
C HIS H 972 -44.57 8.80 11.50
N ARG H 973 -45.49 7.93 11.21
CA ARG H 973 -46.38 8.18 10.12
C ARG H 973 -47.13 9.49 10.25
N HIS H 974 -47.55 9.76 11.47
CA HIS H 974 -48.32 10.95 11.72
C HIS H 974 -47.60 12.23 11.34
N LEU H 975 -46.30 12.16 11.18
CA LEU H 975 -45.57 13.35 10.79
C LEU H 975 -45.34 13.55 9.32
N LEU H 976 -45.94 12.72 8.51
CA LEU H 976 -45.67 12.99 7.13
C LEU H 976 -46.68 13.93 6.61
N HIS H 977 -46.19 14.72 5.70
CA HIS H 977 -47.03 15.65 5.07
C HIS H 977 -46.89 15.47 3.57
N ALA H 978 -48.01 15.49 2.88
CA ALA H 978 -47.94 15.34 1.45
C ALA H 978 -47.09 16.40 0.82
N GLU H 979 -46.38 16.01 -0.23
CA GLU H 979 -45.55 16.94 -0.92
C GLU H 979 -46.33 17.51 -2.09
N GLU H 980 -45.73 18.48 -2.72
CA GLU H 980 -46.33 19.18 -3.81
C GLU H 980 -47.03 18.43 -4.90
N GLY H 981 -46.41 17.47 -5.55
CA GLY H 981 -47.18 16.85 -6.60
C GLY H 981 -47.32 15.39 -6.30
N THR H 982 -46.97 14.58 -7.28
CA THR H 982 -46.97 13.15 -7.09
C THR H 982 -45.59 12.58 -7.36
N TRP H 983 -45.11 11.83 -6.38
CA TRP H 983 -43.82 11.18 -6.51
C TRP H 983 -43.98 9.81 -7.13
N LEU H 984 -43.14 9.60 -8.14
CA LEU H 984 -43.22 8.36 -8.86
C LEU H 984 -41.90 7.65 -9.01
N ASN H 985 -41.91 6.40 -8.58
CA ASN H 985 -40.76 5.54 -8.71
C ASN H 985 -41.08 4.36 -9.59
N ILE H 986 -40.29 4.28 -10.67
CA ILE H 986 -40.36 3.21 -11.61
C ILE H 986 -39.06 2.44 -11.62
N ASP H 987 -39.22 1.20 -11.19
CA ASP H 987 -38.10 0.33 -11.07
C ASP H 987 -38.05 -0.76 -12.11
N GLY H 988 -36.83 -0.89 -12.65
CA GLY H 988 -36.57 -1.96 -13.58
C GLY H 988 -36.33 -3.18 -12.69
N PHE H 989 -35.77 -2.95 -11.51
CA PHE H 989 -35.51 -4.02 -10.59
C PHE H 989 -35.51 -3.52 -9.19
N HIS H 990 -35.90 -4.42 -8.30
CA HIS H 990 -35.97 -4.08 -6.93
C HIS H 990 -35.61 -5.24 -6.04
N MET H 991 -34.79 -4.97 -5.03
CA MET H 991 -34.36 -5.99 -4.10
C MET H 991 -35.48 -6.58 -3.26
N GLY H 992 -35.28 -7.78 -2.74
CA GLY H 992 -36.32 -8.37 -1.92
C GLY H 992 -36.40 -7.63 -0.58
N ILE H 993 -37.37 -8.00 0.26
CA ILE H 993 -37.55 -7.33 1.54
C ILE H 993 -37.12 -8.17 2.72
N GLY H 994 -37.04 -9.48 2.54
CA GLY H 994 -36.60 -10.37 3.59
C GLY H 994 -37.63 -10.47 4.69
N GLY H 995 -37.15 -10.91 5.86
CA GLY H 995 -38.02 -11.04 6.99
C GLY H 995 -37.80 -12.28 7.83
N ASP H 996 -36.92 -13.17 7.38
CA ASP H 996 -36.70 -14.39 8.17
C ASP H 996 -36.53 -14.04 9.64
N ASP H 997 -35.95 -12.86 9.86
CA ASP H 997 -35.76 -12.23 11.14
C ASP H 997 -35.50 -10.79 10.87
N SER H 998 -35.63 -9.98 11.93
CA SER H 998 -35.43 -8.55 11.73
C SER H 998 -34.20 -8.02 12.43
N TRP H 999 -33.23 -8.88 12.71
CA TRP H 999 -32.05 -8.35 13.35
C TRP H 999 -30.75 -8.83 12.72
N SER H 1000 -30.90 -9.30 11.49
CA SER H 1000 -29.84 -9.78 10.62
C SER H 1000 -30.36 -9.73 9.21
N PRO H 1001 -29.42 -9.80 8.31
CA PRO H 1001 -29.75 -9.75 6.92
C PRO H 1001 -30.51 -11.00 6.56
N SER H 1002 -31.71 -10.82 6.05
CA SER H 1002 -32.56 -11.93 5.75
C SER H 1002 -33.01 -12.03 4.32
N VAL H 1003 -32.49 -11.19 3.43
CA VAL H 1003 -32.91 -11.29 2.04
C VAL H 1003 -32.13 -12.37 1.30
N SER H 1004 -32.82 -13.36 0.70
CA SER H 1004 -32.05 -14.35 0.00
C SER H 1004 -31.44 -13.91 -1.28
N ALA H 1005 -30.32 -14.57 -1.51
CA ALA H 1005 -29.54 -14.33 -2.67
C ALA H 1005 -30.38 -14.19 -3.90
N GLU H 1006 -31.34 -15.09 -4.12
CA GLU H 1006 -32.13 -14.90 -5.33
C GLU H 1006 -32.76 -13.57 -5.38
N PHE H 1007 -32.84 -12.88 -4.25
CA PHE H 1007 -33.49 -11.60 -4.36
C PHE H 1007 -32.61 -10.42 -4.30
N GLN H 1008 -31.32 -10.64 -4.39
CA GLN H 1008 -30.38 -9.54 -4.37
C GLN H 1008 -30.04 -9.14 -5.79
N LEU H 1009 -29.81 -7.84 -5.99
CA LEU H 1009 -29.48 -7.32 -7.31
C LEU H 1009 -28.00 -7.48 -7.50
N SER H 1010 -27.62 -8.68 -7.77
CA SER H 1010 -26.22 -8.99 -7.88
C SER H 1010 -25.69 -9.25 -9.29
N ALA H 1011 -26.53 -9.08 -10.29
CA ALA H 1011 -26.15 -9.36 -11.66
C ALA H 1011 -25.03 -8.54 -12.24
N GLY H 1012 -24.81 -7.33 -11.77
CA GLY H 1012 -23.75 -6.55 -12.35
C GLY H 1012 -24.23 -5.73 -13.55
N ARG H 1013 -25.09 -6.32 -14.35
CA ARG H 1013 -25.57 -5.55 -15.44
C ARG H 1013 -27.05 -5.66 -15.56
N TYR H 1014 -27.70 -4.53 -15.76
CA TYR H 1014 -29.13 -4.54 -15.88
C TYR H 1014 -29.61 -3.70 -17.05
N HIS H 1015 -30.71 -4.17 -17.62
CA HIS H 1015 -31.30 -3.50 -18.74
C HIS H 1015 -32.80 -3.36 -18.61
N TYR H 1016 -33.33 -2.23 -19.02
CA TYR H 1016 -34.77 -2.04 -19.04
C TYR H 1016 -35.20 -0.94 -19.98
N GLN H 1017 -36.45 -1.06 -20.41
CA GLN H 1017 -37.03 -0.14 -21.36
C GLN H 1017 -38.40 0.31 -21.02
N LEU H 1018 -38.69 1.46 -21.52
CA LEU H 1018 -39.91 2.04 -21.17
C LEU H 1018 -40.51 2.95 -22.18
N VAL H 1019 -41.83 3.05 -22.09
CA VAL H 1019 -42.51 3.94 -22.96
C VAL H 1019 -43.45 4.90 -22.30
N TRP H 1020 -43.26 6.17 -22.62
CA TRP H 1020 -44.06 7.18 -21.98
C TRP H 1020 -44.86 8.01 -22.99
N CME H 1021 -46.12 8.20 -22.69
CA CME H 1021 -47.05 9.02 -23.48
CB CME H 1021 -47.70 8.24 -24.59
SG CME H 1021 -47.13 6.56 -24.49
SD CME H 1021 -48.82 5.60 -24.85
CE CME H 1021 -49.90 6.85 -24.13
CZ CME H 1021 -50.67 7.65 -25.17
OH CME H 1021 -52.04 7.67 -24.81
C CME H 1021 -48.20 9.58 -22.71
O CME H 1021 -48.46 9.22 -21.59
N GLN H 1022 -48.86 10.49 -23.42
CA GLN H 1022 -49.97 11.21 -22.96
C GLN H 1022 -51.16 10.98 -23.80
N LYS H 1023 -52.33 11.24 -23.22
CA LYS H 1023 -53.61 11.10 -23.88
C LYS H 1023 -54.29 12.47 -23.87
N ILE I 3 -22.69 57.64 -9.00
CA ILE I 3 -22.24 58.64 -8.00
C ILE I 3 -20.70 58.82 -7.90
N THR I 4 -20.05 57.69 -7.85
CA THR I 4 -18.62 57.70 -7.80
C THR I 4 -18.22 57.88 -9.23
N ASP I 5 -19.19 57.77 -10.13
CA ASP I 5 -18.94 57.99 -11.54
C ASP I 5 -19.13 59.47 -11.83
N SER I 6 -19.38 60.20 -10.78
CA SER I 6 -19.64 61.59 -10.89
C SER I 6 -18.41 62.45 -11.12
N LEU I 7 -18.57 63.38 -12.03
CA LEU I 7 -17.52 64.33 -12.28
C LEU I 7 -17.00 64.84 -10.96
N ALA I 8 -17.94 65.33 -10.21
CA ALA I 8 -17.60 65.91 -8.96
C ALA I 8 -16.57 65.12 -8.21
N VAL I 9 -16.77 63.82 -8.32
CA VAL I 9 -15.93 62.88 -7.65
C VAL I 9 -14.64 62.56 -8.42
N VAL I 10 -14.81 62.16 -9.66
CA VAL I 10 -13.69 61.87 -10.50
C VAL I 10 -12.68 63.02 -10.52
N LEU I 11 -13.14 64.17 -10.87
CA LEU I 11 -12.23 65.29 -10.95
C LEU I 11 -11.68 65.66 -9.62
N GLN I 12 -12.15 64.99 -8.62
CA GLN I 12 -11.66 65.38 -7.35
C GLN I 12 -10.16 65.21 -7.30
N ARG I 13 -9.74 64.03 -7.71
CA ARG I 13 -8.35 63.67 -7.66
C ARG I 13 -7.38 64.48 -8.51
N ARG I 14 -7.84 64.99 -9.65
CA ARG I 14 -6.93 65.80 -10.43
C ARG I 14 -5.70 65.01 -10.84
N ASP I 15 -6.00 63.92 -11.49
CA ASP I 15 -5.00 63.04 -11.99
C ASP I 15 -4.08 63.73 -12.97
N TRP I 16 -4.64 64.72 -13.64
CA TRP I 16 -3.92 65.50 -14.62
C TRP I 16 -2.94 66.45 -13.98
N GLU I 17 -2.78 66.38 -12.68
CA GLU I 17 -1.78 67.21 -12.05
C GLU I 17 -0.92 66.32 -11.18
N ASN I 18 -0.77 65.10 -11.66
CA ASN I 18 0.01 64.14 -10.93
C ASN I 18 0.71 63.13 -11.80
N PRO I 19 2.01 63.41 -11.92
CA PRO I 19 2.99 62.62 -12.65
C PRO I 19 2.95 61.18 -12.18
N GLY I 20 2.43 60.99 -10.96
CA GLY I 20 2.30 59.66 -10.42
C GLY I 20 1.15 58.96 -11.14
N VAL I 21 0.23 59.71 -11.69
CA VAL I 21 -0.81 59.01 -12.38
C VAL I 21 -0.76 59.32 -13.81
N THR I 22 -0.50 58.29 -14.57
CA THR I 22 -0.39 58.51 -15.99
C THR I 22 -1.44 57.77 -16.78
N GLN I 23 -2.12 56.90 -16.08
CA GLN I 23 -3.17 56.14 -16.68
C GLN I 23 -3.99 55.49 -15.58
N LEU I 24 -5.17 54.99 -15.95
CA LEU I 24 -6.07 54.32 -15.03
C LEU I 24 -6.83 53.28 -15.80
N ASN I 25 -6.66 52.07 -15.42
CA ASN I 25 -7.37 51.00 -16.10
C ASN I 25 -7.09 50.86 -17.57
N ARG I 26 -5.99 51.42 -18.01
CA ARG I 26 -5.63 51.30 -19.42
C ARG I 26 -5.00 49.94 -19.64
N LEU I 27 -5.31 49.28 -20.74
CA LEU I 27 -4.70 47.97 -21.00
C LEU I 27 -3.26 48.10 -21.41
N ALA I 28 -2.61 46.97 -21.55
CA ALA I 28 -1.22 46.93 -21.96
C ALA I 28 -1.03 47.08 -23.44
N ALA I 29 0.14 47.68 -23.74
CA ALA I 29 0.62 47.96 -25.08
C ALA I 29 1.01 46.74 -25.89
N HIS I 30 1.03 46.83 -27.21
CA HIS I 30 1.37 45.68 -28.03
C HIS I 30 1.27 46.09 -29.48
N PRO I 31 1.73 45.20 -30.31
CA PRO I 31 1.65 45.45 -31.71
C PRO I 31 0.20 45.35 -32.13
N PRO I 32 -0.02 45.83 -33.27
CA PRO I 32 -1.29 45.88 -33.94
C PRO I 32 -2.01 44.57 -34.19
N PHE I 33 -3.22 44.54 -33.66
CA PHE I 33 -4.14 43.42 -33.80
C PHE I 33 -5.35 43.75 -34.65
N ALA I 34 -5.90 42.68 -35.27
CA ALA I 34 -7.09 42.76 -36.10
C ALA I 34 -8.07 41.68 -35.68
N SER I 35 -7.52 40.65 -35.06
CA SER I 35 -8.33 39.55 -34.62
C SER I 35 -9.00 38.88 -35.79
N TRP I 36 -8.29 38.70 -36.88
CA TRP I 36 -8.93 38.01 -37.96
C TRP I 36 -9.42 36.70 -37.44
N ARG I 37 -10.51 36.25 -38.05
CA ARG I 37 -11.04 34.96 -37.67
C ARG I 37 -10.88 34.01 -38.83
N ASN I 38 -10.11 34.43 -39.83
CA ASN I 38 -9.81 33.61 -40.98
C ASN I 38 -8.39 33.89 -41.43
N SER I 39 -7.66 32.81 -41.63
CA SER I 39 -6.30 32.91 -42.04
C SER I 39 -6.07 33.76 -43.30
N GLU I 40 -6.67 33.30 -44.39
CA GLU I 40 -6.51 33.99 -45.65
C GLU I 40 -6.63 35.47 -45.54
N GLU I 41 -7.64 35.89 -44.82
CA GLU I 41 -7.86 37.29 -44.65
C GLU I 41 -6.67 37.96 -44.04
N ALA I 42 -6.34 37.45 -42.87
CA ALA I 42 -5.19 37.97 -42.19
C ALA I 42 -4.03 37.91 -43.15
N ARG I 43 -3.90 36.80 -43.81
CA ARG I 43 -2.79 36.67 -44.71
C ARG I 43 -2.71 37.72 -45.78
N THR I 44 -3.85 38.06 -46.32
CA THR I 44 -3.89 39.02 -47.40
C THR I 44 -4.27 40.37 -46.87
N ASP I 45 -4.05 40.51 -45.59
CA ASP I 45 -4.36 41.75 -44.97
C ASP I 45 -5.71 42.29 -45.37
N ARG I 46 -6.76 41.46 -45.30
CA ARG I 46 -8.05 42.02 -45.61
C ARG I 46 -8.49 42.82 -44.42
N PRO I 47 -9.77 43.10 -44.32
CA PRO I 47 -10.18 43.87 -43.19
C PRO I 47 -10.95 43.03 -42.24
N SER I 48 -10.63 43.17 -40.96
CA SER I 48 -11.31 42.36 -40.00
C SER I 48 -12.51 43.09 -39.45
N GLN I 49 -13.50 42.27 -39.22
CA GLN I 49 -14.72 42.78 -38.70
C GLN I 49 -14.65 42.83 -37.21
N GLN I 50 -13.60 42.26 -36.59
CA GLN I 50 -13.55 42.40 -35.14
C GLN I 50 -12.97 43.75 -34.80
N LEU I 51 -12.73 44.44 -35.90
CA LEU I 51 -12.20 45.76 -35.82
C LEU I 51 -13.15 46.76 -36.42
N ARG I 52 -13.54 47.74 -35.61
CA ARG I 52 -14.49 48.71 -36.08
C ARG I 52 -14.12 50.14 -35.78
N SER I 53 -14.23 50.98 -36.81
CA SER I 53 -13.91 52.37 -36.61
C SER I 53 -15.04 53.18 -36.07
N LEU I 54 -14.72 54.11 -35.20
CA LEU I 54 -15.72 54.97 -34.63
C LEU I 54 -15.53 56.37 -35.13
N ASN I 55 -14.72 56.43 -36.15
CA ASN I 55 -14.46 57.74 -36.71
C ASN I 55 -15.69 58.16 -37.44
N GLY I 56 -15.94 59.46 -37.34
CA GLY I 56 -17.05 60.08 -37.99
C GLY I 56 -17.56 61.26 -37.21
N GLU I 57 -18.86 61.45 -37.34
CA GLU I 57 -19.51 62.55 -36.67
C GLU I 57 -19.71 62.26 -35.22
N TRP I 58 -19.37 63.22 -34.42
CA TRP I 58 -19.48 63.06 -32.99
C TRP I 58 -20.02 64.34 -32.40
N ARG I 59 -20.24 64.34 -31.12
CA ARG I 59 -20.77 65.57 -30.57
C ARG I 59 -19.80 66.21 -29.65
N PHE I 60 -19.62 67.49 -29.92
CA PHE I 60 -18.62 68.21 -29.19
C PHE I 60 -19.09 69.40 -28.44
N ALA I 61 -18.41 69.68 -27.34
CA ALA I 61 -18.71 70.87 -26.59
C ALA I 61 -17.48 71.29 -25.84
N TRP I 62 -17.25 72.57 -25.83
CA TRP I 62 -16.05 73.07 -25.24
C TRP I 62 -16.22 73.88 -23.97
N PHE I 63 -15.30 73.77 -23.04
CA PHE I 63 -15.39 74.51 -21.81
C PHE I 63 -14.05 74.97 -21.41
N PRO I 64 -14.03 76.14 -20.87
CA PRO I 64 -12.87 76.83 -20.35
C PRO I 64 -12.19 76.08 -19.21
N ALA I 65 -12.91 75.14 -18.61
CA ALA I 65 -12.35 74.38 -17.52
C ALA I 65 -13.16 73.13 -17.30
N PRO I 66 -12.50 72.16 -16.74
CA PRO I 66 -13.10 70.90 -16.47
C PRO I 66 -14.25 71.05 -15.47
N GLU I 67 -13.95 71.79 -14.41
CA GLU I 67 -14.88 72.09 -13.35
C GLU I 67 -16.21 72.63 -13.89
N ALA I 68 -16.17 73.36 -14.99
CA ALA I 68 -17.38 73.86 -15.56
C ALA I 68 -18.21 72.80 -16.28
N VAL I 69 -17.83 71.54 -16.21
CA VAL I 69 -18.68 70.61 -16.92
C VAL I 69 -19.92 70.21 -16.10
N PRO I 70 -20.97 69.81 -16.81
CA PRO I 70 -22.26 69.46 -16.25
C PRO I 70 -22.54 67.99 -16.25
N GLU I 71 -22.86 67.56 -15.04
CA GLU I 71 -23.12 66.23 -14.73
C GLU I 71 -24.07 65.58 -15.71
N SER I 72 -24.96 66.40 -16.17
CA SER I 72 -25.92 65.99 -17.16
C SER I 72 -25.22 65.35 -18.31
N TRP I 73 -24.08 65.99 -18.64
CA TRP I 73 -23.26 65.60 -19.75
C TRP I 73 -23.08 64.11 -19.81
N LEU I 74 -22.93 63.56 -18.60
CA LEU I 74 -22.71 62.15 -18.41
C LEU I 74 -23.83 61.31 -18.89
N GLU I 75 -24.99 61.87 -18.62
CA GLU I 75 -26.23 61.23 -18.94
C GLU I 75 -26.74 61.62 -20.28
N CYS I 76 -26.78 62.92 -20.45
CA CYS I 76 -27.37 63.41 -21.63
C CYS I 76 -26.50 64.30 -22.42
N ASP I 77 -26.69 64.15 -23.73
CA ASP I 77 -26.01 64.95 -24.70
C ASP I 77 -26.38 66.41 -24.50
N LEU I 78 -25.56 67.31 -24.93
CA LEU I 78 -25.98 68.67 -24.70
C LEU I 78 -26.79 69.24 -25.83
N PRO I 79 -27.42 70.32 -25.48
CA PRO I 79 -28.27 71.02 -26.39
C PRO I 79 -27.38 71.87 -27.28
N GLU I 80 -26.47 72.53 -26.59
CA GLU I 80 -25.49 73.40 -27.21
C GLU I 80 -24.32 72.65 -27.81
N ALA I 81 -24.42 71.34 -27.80
CA ALA I 81 -23.38 70.54 -28.38
C ALA I 81 -23.40 70.71 -29.89
N ASP I 82 -22.23 70.59 -30.50
CA ASP I 82 -22.11 70.68 -31.94
C ASP I 82 -21.79 69.35 -32.51
N THR I 83 -22.03 69.22 -33.77
CA THR I 83 -21.68 67.98 -34.35
C THR I 83 -20.37 68.18 -35.05
N VAL I 84 -19.41 67.30 -34.74
CA VAL I 84 -18.06 67.39 -35.26
C VAL I 84 -17.53 66.09 -35.80
N VAL I 85 -16.53 66.25 -36.64
CA VAL I 85 -15.87 65.09 -37.18
C VAL I 85 -14.63 64.74 -36.38
N VAL I 86 -14.52 63.46 -36.16
CA VAL I 86 -13.42 62.91 -35.44
C VAL I 86 -12.77 61.87 -36.32
N PRO I 87 -11.42 61.88 -36.34
CA PRO I 87 -10.57 62.69 -35.47
C PRO I 87 -10.34 64.09 -35.96
N SER I 88 -9.92 64.92 -34.99
CA SER I 88 -9.67 66.32 -35.31
C SER I 88 -9.07 67.13 -34.17
N ASN I 89 -8.64 68.36 -34.53
CA ASN I 89 -8.10 69.26 -33.52
C ASN I 89 -9.08 70.38 -33.30
N TRP I 90 -9.51 70.44 -32.09
CA TRP I 90 -10.48 71.43 -31.83
C TRP I 90 -10.12 72.86 -32.20
N GLN I 91 -8.85 73.21 -32.09
CA GLN I 91 -8.45 74.56 -32.46
C GLN I 91 -8.72 74.77 -33.93
N MET I 92 -8.74 73.65 -34.66
CA MET I 92 -8.98 73.74 -36.07
C MET I 92 -10.42 74.06 -36.39
N HIS I 93 -11.25 74.04 -35.37
CA HIS I 93 -12.66 74.30 -35.52
C HIS I 93 -13.06 75.59 -34.90
N GLY I 94 -12.09 76.37 -34.56
CA GLY I 94 -12.33 77.66 -33.97
C GLY I 94 -12.62 77.61 -32.50
N TYR I 95 -12.58 76.43 -31.89
CA TYR I 95 -12.89 76.45 -30.47
C TYR I 95 -12.03 77.32 -29.57
N ASP I 96 -10.74 77.32 -29.86
CA ASP I 96 -9.76 78.13 -29.18
C ASP I 96 -8.59 78.22 -30.13
N ALA I 97 -7.57 78.94 -29.66
CA ALA I 97 -6.39 79.14 -30.49
C ALA I 97 -5.32 78.09 -30.38
N PRO I 98 -4.66 77.91 -31.52
CA PRO I 98 -3.53 77.04 -31.57
C PRO I 98 -2.38 77.94 -31.18
N ILE I 99 -1.43 77.38 -30.47
CA ILE I 99 -0.30 78.16 -30.08
C ILE I 99 0.99 77.70 -30.72
N TYR I 100 1.77 78.72 -31.03
CA TYR I 100 3.05 78.49 -31.58
C TYR I 100 4.20 79.11 -30.82
N THR I 101 4.77 78.30 -29.92
CA THR I 101 6.01 78.56 -29.21
C THR I 101 6.91 77.38 -29.53
N ASN I 102 8.20 77.61 -29.32
CA ASN I 102 9.22 76.62 -29.58
C ASN I 102 9.79 76.01 -28.31
N VAL I 103 10.44 76.87 -27.53
CA VAL I 103 11.05 76.42 -26.31
C VAL I 103 10.19 76.67 -25.11
N THR I 104 9.80 77.94 -25.00
CA THR I 104 8.99 78.37 -23.92
C THR I 104 7.67 77.64 -23.83
N TYR I 105 7.41 77.16 -22.63
CA TYR I 105 6.18 76.45 -22.39
C TYR I 105 4.99 77.38 -22.57
N PRO I 106 3.96 76.83 -23.16
CA PRO I 106 2.73 77.54 -23.38
C PRO I 106 2.10 77.92 -22.05
N ILE I 107 2.37 77.14 -21.02
CA ILE I 107 1.80 77.47 -19.74
C ILE I 107 2.86 77.84 -18.77
N THR I 108 2.43 78.23 -17.59
CA THR I 108 3.39 78.60 -16.57
C THR I 108 4.10 77.41 -16.02
N VAL I 109 5.38 77.62 -15.80
CA VAL I 109 6.16 76.51 -15.31
C VAL I 109 6.08 76.23 -13.84
N ASN I 110 5.27 75.24 -13.52
CA ASN I 110 5.12 74.88 -12.14
C ASN I 110 4.63 73.48 -11.97
N PRO I 111 5.45 72.61 -12.45
CA PRO I 111 5.19 71.22 -12.38
C PRO I 111 4.93 70.86 -10.93
N PRO I 112 3.97 69.99 -10.79
CA PRO I 112 3.31 69.39 -11.95
C PRO I 112 2.00 70.03 -12.19
N PHE I 113 1.95 71.30 -11.89
CA PHE I 113 0.74 72.03 -12.04
C PHE I 113 0.50 72.64 -13.37
N VAL I 114 -0.73 72.46 -13.75
CA VAL I 114 -1.34 72.97 -14.94
C VAL I 114 -2.21 74.17 -14.51
N PRO I 115 -2.60 75.01 -15.44
CA PRO I 115 -3.41 76.18 -15.13
C PRO I 115 -4.89 75.87 -14.97
N THR I 116 -5.46 76.52 -13.94
CA THR I 116 -6.85 76.38 -13.55
C THR I 116 -7.81 76.44 -14.73
N GLU I 117 -7.50 77.33 -15.66
CA GLU I 117 -8.29 77.46 -16.86
C GLU I 117 -7.71 76.52 -17.86
N ASN I 118 -8.30 75.38 -17.91
CA ASN I 118 -7.76 74.43 -18.79
C ASN I 118 -8.87 73.90 -19.66
N PRO I 119 -8.79 74.35 -20.84
CA PRO I 119 -9.72 74.05 -21.89
C PRO I 119 -10.09 72.60 -21.98
N THR I 120 -11.35 72.34 -21.76
CA THR I 120 -11.86 71.01 -21.83
C THR I 120 -12.73 70.74 -23.03
N GLY I 121 -12.58 69.58 -23.63
CA GLY I 121 -13.36 69.25 -24.80
C GLY I 121 -14.19 68.01 -24.52
N CYS I 122 -15.52 68.17 -24.48
CA CYS I 122 -16.37 67.04 -24.22
C CYS I 122 -16.86 66.42 -25.48
N TYR I 123 -16.36 65.25 -25.71
CA TYR I 123 -16.72 64.52 -26.89
C TYR I 123 -17.67 63.43 -26.46
N SER I 124 -18.60 63.13 -27.35
CA SER I 124 -19.59 62.13 -27.02
C SER I 124 -20.05 61.38 -28.22
N LEU I 125 -20.37 60.15 -27.99
CA LEU I 125 -20.82 59.37 -29.08
C LEU I 125 -21.69 58.18 -28.72
N THR I 126 -22.75 58.15 -29.49
CA THR I 126 -23.75 57.15 -29.33
C THR I 126 -23.69 56.15 -30.45
N PHE I 127 -23.64 54.92 -30.06
CA PHE I 127 -23.53 53.90 -31.06
C PHE I 127 -24.10 52.61 -30.57
N ASN I 128 -24.25 51.81 -31.60
CA ASN I 128 -24.82 50.51 -31.50
C ASN I 128 -23.83 49.43 -31.56
N VAL I 129 -24.10 48.42 -30.77
CA VAL I 129 -23.24 47.28 -30.70
C VAL I 129 -23.95 46.01 -31.04
N ASP I 130 -23.34 45.21 -31.91
CA ASP I 130 -23.96 43.93 -32.18
C ASP I 130 -23.92 43.18 -30.87
N GLU I 131 -24.93 42.38 -30.61
CA GLU I 131 -24.93 41.68 -29.36
C GLU I 131 -24.09 40.44 -29.41
N SER I 132 -23.93 39.91 -30.60
CA SER I 132 -23.11 38.72 -30.69
C SER I 132 -21.79 38.98 -29.97
N TRP I 133 -21.32 40.20 -30.13
CA TRP I 133 -20.11 40.66 -29.50
C TRP I 133 -20.30 40.70 -28.01
N LEU I 134 -21.52 41.00 -27.66
CA LEU I 134 -21.87 41.12 -26.29
C LEU I 134 -21.94 39.77 -25.61
N GLN I 135 -22.15 38.75 -26.42
CA GLN I 135 -22.26 37.44 -25.86
C GLN I 135 -20.93 36.92 -25.38
N GLU I 136 -20.09 36.61 -26.36
CA GLU I 136 -18.78 36.09 -26.07
C GLU I 136 -17.63 37.04 -26.38
N GLY I 137 -16.44 36.67 -25.93
CA GLY I 137 -15.24 37.44 -26.19
C GLY I 137 -15.10 38.73 -25.41
N GLN I 138 -14.15 39.52 -25.91
CA GLN I 138 -13.83 40.79 -25.31
C GLN I 138 -13.83 41.95 -26.26
N THR I 139 -14.41 42.99 -25.72
CA THR I 139 -14.53 44.18 -26.47
C THR I 139 -13.90 45.38 -25.81
N ARG I 140 -12.99 45.92 -26.60
CA ARG I 140 -12.28 47.06 -26.16
C ARG I 140 -12.22 48.17 -27.19
N ILE I 141 -12.02 49.31 -26.59
CA ILE I 141 -11.90 50.49 -27.35
C ILE I 141 -10.47 50.98 -27.42
N ILE I 142 -10.20 51.63 -28.53
CA ILE I 142 -8.88 52.13 -28.78
C ILE I 142 -8.76 53.53 -29.33
N PHE I 143 -8.07 54.34 -28.55
CA PHE I 143 -7.77 55.69 -28.94
C PHE I 143 -6.36 55.80 -29.46
N ASP I 144 -6.24 55.98 -30.75
CA ASP I 144 -4.93 56.10 -31.32
C ASP I 144 -4.19 57.34 -30.92
N GLY I 145 -4.92 58.37 -30.51
CA GLY I 145 -4.28 59.60 -30.12
C GLY I 145 -5.25 60.69 -29.62
N VAL I 146 -4.99 61.09 -28.38
CA VAL I 146 -5.74 62.09 -27.63
C VAL I 146 -4.81 63.03 -26.89
N ASN I 147 -4.87 64.28 -27.22
CA ASN I 147 -3.97 65.23 -26.62
C ASN I 147 -4.70 66.24 -25.76
N SER I 148 -4.27 66.41 -24.50
CA SER I 148 -3.12 65.73 -23.94
C SER I 148 -3.47 64.60 -22.99
N ALA I 149 -4.51 64.81 -22.19
CA ALA I 149 -4.99 63.83 -21.21
C ALA I 149 -6.49 63.65 -21.28
N PHE I 150 -7.02 62.60 -20.66
CA PHE I 150 -8.45 62.43 -20.69
C PHE I 150 -9.02 61.31 -19.86
N HIS I 151 -10.31 61.54 -19.50
CA HIS I 151 -11.16 60.65 -18.71
C HIS I 151 -12.20 60.01 -19.58
N LEU I 152 -12.62 58.85 -19.19
CA LEU I 152 -13.56 58.22 -20.07
C LEU I 152 -14.74 57.52 -19.39
N TRP I 153 -15.91 57.70 -20.02
CA TRP I 153 -17.15 57.09 -19.56
C TRP I 153 -17.89 56.37 -20.64
N CYS I 154 -18.53 55.31 -20.19
CA CYS I 154 -19.31 54.52 -21.09
C CYS I 154 -20.61 54.15 -20.45
N ASN I 155 -21.66 54.56 -21.15
CA ASN I 155 -23.01 54.35 -20.71
C ASN I 155 -23.13 54.89 -19.29
N GLY I 156 -22.58 56.08 -19.07
CA GLY I 156 -22.69 56.73 -17.77
C GLY I 156 -21.68 56.29 -16.75
N ARG I 157 -20.99 55.22 -17.09
CA ARG I 157 -20.02 54.70 -16.17
C ARG I 157 -18.57 55.14 -16.43
N TRP I 158 -17.90 55.52 -15.34
CA TRP I 158 -16.52 55.93 -15.42
C TRP I 158 -15.63 54.77 -15.78
N VAL I 159 -14.73 54.98 -16.71
CA VAL I 159 -13.90 53.86 -17.15
C VAL I 159 -12.43 53.96 -16.88
N GLY I 160 -11.82 55.02 -17.33
CA GLY I 160 -10.41 55.13 -17.13
C GLY I 160 -9.90 56.51 -17.48
N TYR I 161 -8.57 56.57 -17.41
CA TYR I 161 -7.84 57.78 -17.64
C TYR I 161 -6.59 57.44 -18.40
N GLY I 162 -6.04 58.43 -19.11
CA GLY I 162 -4.82 58.23 -19.91
C GLY I 162 -3.99 59.49 -20.19
N GLN I 163 -2.65 59.32 -20.30
CA GLN I 163 -1.71 60.38 -20.62
C GLN I 163 -0.83 59.94 -21.81
N ASP I 164 -0.10 60.89 -22.41
CA ASP I 164 0.76 60.66 -23.56
C ASP I 164 -0.01 60.77 -24.86
N SER I 165 0.02 61.98 -25.39
CA SER I 165 -0.70 62.24 -26.61
C SER I 165 -0.30 61.44 -27.80
N ARG I 166 0.87 60.80 -27.81
CA ARG I 166 1.23 60.11 -29.04
C ARG I 166 1.09 58.64 -29.15
N LEU I 167 0.69 57.97 -28.08
CA LEU I 167 0.46 56.54 -28.18
C LEU I 167 -0.96 56.16 -27.85
N PRO I 168 -1.36 55.00 -28.30
CA PRO I 168 -2.66 54.45 -28.12
C PRO I 168 -3.03 54.19 -26.69
N SER I 169 -4.34 54.26 -26.45
CA SER I 169 -4.91 53.98 -25.17
C SER I 169 -6.01 52.96 -25.33
N GLU I 170 -5.90 51.90 -24.57
CA GLU I 170 -6.90 50.88 -24.70
C GLU I 170 -7.60 50.55 -23.44
N PHE I 171 -8.90 50.33 -23.64
CA PHE I 171 -9.78 49.92 -22.59
C PHE I 171 -10.79 48.87 -23.01
N ASP I 172 -11.00 48.00 -22.03
CA ASP I 172 -11.95 46.91 -22.07
C ASP I 172 -13.30 47.45 -21.67
N LEU I 173 -14.19 47.39 -22.65
CA LEU I 173 -15.53 47.91 -22.46
C LEU I 173 -16.57 46.87 -22.08
N SER I 174 -16.12 45.64 -22.31
CA SER I 174 -16.84 44.41 -22.09
C SER I 174 -17.91 44.50 -20.99
N ALA I 175 -17.54 45.10 -19.87
CA ALA I 175 -18.49 45.20 -18.80
C ALA I 175 -19.41 46.41 -18.85
N PHE I 176 -19.31 47.29 -19.86
CA PHE I 176 -20.18 48.45 -19.82
C PHE I 176 -21.10 48.51 -20.99
N LEU I 177 -20.95 47.54 -21.82
CA LEU I 177 -21.78 47.57 -22.96
C LEU I 177 -23.11 46.91 -22.79
N ARG I 178 -24.10 47.56 -23.40
CA ARG I 178 -25.46 47.10 -23.47
C ARG I 178 -25.70 46.77 -24.90
N ALA I 179 -26.66 45.91 -25.16
CA ALA I 179 -26.92 45.66 -26.55
C ALA I 179 -27.63 46.89 -27.10
N GLY I 180 -27.38 47.11 -28.38
CA GLY I 180 -27.94 48.25 -29.04
C GLY I 180 -27.19 49.53 -28.75
N GLU I 181 -27.94 50.47 -28.24
CA GLU I 181 -27.42 51.79 -28.00
C GLU I 181 -26.55 52.02 -26.83
N ASN I 182 -25.36 52.56 -27.13
CA ASN I 182 -24.42 52.93 -26.11
C ASN I 182 -23.92 54.31 -26.36
N ARG I 183 -23.46 54.89 -25.27
CA ARG I 183 -22.93 56.22 -25.32
C ARG I 183 -21.60 56.39 -24.60
N LEU I 184 -20.66 57.00 -25.36
CA LEU I 184 -19.34 57.34 -24.87
C LEU I 184 -19.20 58.78 -24.50
N ALA I 185 -18.56 59.01 -23.37
CA ALA I 185 -18.29 60.37 -22.98
C ALA I 185 -16.85 60.54 -22.55
N VAL I 186 -16.16 61.26 -23.44
CA VAL I 186 -14.77 61.54 -23.32
C VAL I 186 -14.46 62.95 -23.01
N MET I 187 -13.87 63.13 -21.86
CA MET I 187 -13.51 64.45 -21.51
C MET I 187 -12.01 64.59 -21.70
N VAL I 188 -11.63 65.46 -22.63
CA VAL I 188 -10.24 65.70 -23.00
C VAL I 188 -9.66 66.99 -22.47
N LEU I 189 -8.41 66.99 -22.01
CA LEU I 189 -7.84 68.24 -21.51
C LEU I 189 -6.59 68.75 -22.18
N ARG I 190 -6.53 70.06 -22.33
CA ARG I 190 -5.38 70.68 -22.96
C ARG I 190 -4.15 70.42 -22.14
N TRP I 191 -4.10 71.02 -20.96
CA TRP I 191 -2.96 70.80 -20.13
C TRP I 191 -3.08 69.63 -19.20
N SER I 192 -1.96 69.01 -18.85
CA SER I 192 -1.86 67.90 -17.92
C SER I 192 -0.42 67.81 -17.50
N ASP I 193 -0.11 66.97 -16.54
CA ASP I 193 1.30 66.87 -16.18
C ASP I 193 2.12 66.42 -17.40
N GLY I 194 1.48 65.59 -18.27
CA GLY I 194 2.08 65.10 -19.54
C GLY I 194 2.63 66.22 -20.40
N SER I 195 2.00 67.35 -20.30
CA SER I 195 2.41 68.49 -21.05
C SER I 195 3.85 68.83 -20.72
N TYR I 196 4.21 68.71 -19.46
CA TYR I 196 5.57 69.03 -19.14
C TYR I 196 6.57 68.20 -19.96
N LEU I 197 6.14 67.04 -20.47
CA LEU I 197 6.99 66.19 -21.27
C LEU I 197 6.72 66.31 -22.71
N GLU I 198 5.98 67.34 -23.07
CA GLU I 198 5.67 67.45 -24.48
C GLU I 198 5.95 68.83 -25.03
N ASP I 199 7.15 69.34 -24.76
CA ASP I 199 7.46 70.69 -25.20
C ASP I 199 8.02 70.84 -26.60
N GLN I 200 7.62 69.97 -27.51
CA GLN I 200 8.13 70.08 -28.90
C GLN I 200 7.86 71.42 -29.56
N ASP I 201 8.85 71.93 -30.33
CA ASP I 201 8.66 73.17 -31.08
C ASP I 201 7.75 72.90 -32.28
N MET I 202 6.46 73.03 -31.99
CA MET I 202 5.39 72.80 -32.93
C MET I 202 4.17 73.56 -32.44
N TRP I 203 3.11 73.47 -33.22
CA TRP I 203 1.88 74.11 -32.83
C TRP I 203 1.32 73.32 -31.68
N ARG I 204 0.84 74.04 -30.69
CA ARG I 204 0.23 73.39 -29.57
C ARG I 204 -1.28 73.32 -29.79
N MET I 205 -1.77 72.12 -29.98
CA MET I 205 -3.16 71.88 -30.25
C MET I 205 -3.73 70.87 -29.27
N SER I 206 -4.92 70.31 -29.59
CA SER I 206 -5.59 69.33 -28.72
C SER I 206 -6.81 68.69 -29.32
N GLY I 207 -7.19 67.57 -28.71
CA GLY I 207 -8.35 66.83 -29.14
C GLY I 207 -8.10 65.37 -29.45
N ILE I 208 -9.07 64.79 -30.13
CA ILE I 208 -8.96 63.39 -30.53
C ILE I 208 -8.58 63.41 -31.96
N PHE I 209 -7.27 63.44 -32.13
CA PHE I 209 -6.70 63.62 -33.43
C PHE I 209 -6.26 62.38 -34.12
N ARG I 210 -6.51 61.26 -33.49
CA ARG I 210 -6.18 60.02 -34.15
C ARG I 210 -7.38 59.09 -34.06
N ASP I 211 -7.39 58.10 -34.91
CA ASP I 211 -8.44 57.11 -34.97
C ASP I 211 -8.93 56.57 -33.64
N VAL I 212 -10.21 56.14 -33.71
CA VAL I 212 -10.94 55.50 -32.64
C VAL I 212 -11.58 54.24 -33.13
N SER I 213 -11.40 53.17 -32.34
CA SER I 213 -11.89 51.90 -32.79
C SER I 213 -12.31 50.94 -31.73
N LEU I 214 -12.91 49.87 -32.25
CA LEU I 214 -13.38 48.82 -31.41
C LEU I 214 -12.84 47.53 -31.89
N LEU I 215 -12.41 46.81 -30.88
CA LEU I 215 -11.86 45.54 -31.17
C LEU I 215 -12.48 44.44 -30.35
N HIS I 216 -12.87 43.43 -31.13
CA HIS I 216 -13.49 42.27 -30.59
C HIS I 216 -12.54 41.12 -30.59
N LYS I 217 -12.20 40.69 -29.39
CA LYS I 217 -11.30 39.59 -29.27
C LYS I 217 -11.84 38.48 -28.43
N PRO I 218 -11.44 37.24 -28.78
CA PRO I 218 -11.81 36.05 -28.05
C PRO I 218 -11.31 36.15 -26.63
N THR I 219 -11.94 35.43 -25.73
CA THR I 219 -11.53 35.46 -24.33
C THR I 219 -10.15 34.88 -24.12
N THR I 220 -9.90 33.88 -24.92
CA THR I 220 -8.63 33.24 -24.94
C THR I 220 -8.01 33.70 -26.24
N GLN I 221 -6.99 34.56 -26.14
CA GLN I 221 -6.42 35.15 -27.31
C GLN I 221 -4.92 35.37 -27.25
N ILE I 222 -4.43 35.78 -28.42
CA ILE I 222 -3.06 36.19 -28.60
C ILE I 222 -2.89 37.54 -27.95
N SER I 223 -2.04 37.61 -26.95
CA SER I 223 -1.88 38.86 -26.26
C SER I 223 -0.73 39.70 -26.78
N ASP I 224 0.23 39.03 -27.45
CA ASP I 224 1.40 39.72 -27.93
C ASP I 224 2.34 38.80 -28.67
N PHE I 225 3.11 39.37 -29.58
CA PHE I 225 4.07 38.58 -30.29
C PHE I 225 5.22 39.40 -30.82
N HIS I 226 6.40 38.77 -30.94
CA HIS I 226 7.58 39.42 -31.47
C HIS I 226 8.26 38.55 -32.46
N VAL I 227 8.87 39.25 -33.38
CA VAL I 227 9.59 38.62 -34.44
C VAL I 227 11.03 39.03 -34.44
N ALA I 228 11.89 38.09 -34.85
CA ALA I 228 13.32 38.35 -34.92
C ALA I 228 14.01 37.53 -35.97
N THR I 229 14.98 38.15 -36.64
CA THR I 229 15.73 37.46 -37.66
C THR I 229 17.20 37.34 -37.36
N ARG I 230 17.74 36.18 -37.62
CA ARG I 230 19.12 35.98 -37.38
C ARG I 230 19.78 35.44 -38.63
N PHE I 231 21.04 35.80 -38.88
CA PHE I 231 21.65 35.30 -40.11
C PHE I 231 22.98 34.62 -39.95
N ASN I 232 23.40 33.98 -41.02
CA ASN I 232 24.70 33.39 -41.06
C ASN I 232 25.62 34.48 -41.58
N ASP I 233 26.90 34.30 -41.39
CA ASP I 233 27.86 35.29 -41.82
C ASP I 233 27.64 35.87 -43.20
N ASP I 234 26.96 35.17 -44.10
CA ASP I 234 26.82 35.77 -45.40
C ASP I 234 25.39 36.05 -45.78
N PHE I 235 24.50 35.88 -44.82
CA PHE I 235 23.11 36.11 -45.10
C PHE I 235 22.57 35.12 -46.09
N SER I 236 23.19 33.96 -46.14
CA SER I 236 22.65 33.00 -47.06
C SER I 236 21.54 32.20 -46.39
N ARG I 237 21.45 32.34 -45.06
CA ARG I 237 20.45 31.66 -44.27
C ARG I 237 20.06 32.42 -43.05
N ALA I 238 18.76 32.41 -42.80
CA ALA I 238 18.22 33.11 -41.66
C ALA I 238 17.35 32.27 -40.77
N VAL I 239 17.10 32.86 -39.62
CA VAL I 239 16.21 32.24 -38.73
C VAL I 239 15.17 33.19 -38.26
N LEU I 240 13.94 32.83 -38.57
CA LEU I 240 12.89 33.64 -38.09
C LEU I 240 12.49 33.11 -36.75
N GLU I 241 12.49 33.98 -35.77
CA GLU I 241 12.13 33.50 -34.49
C GLU I 241 11.02 34.33 -33.92
N ALA I 242 9.92 33.64 -33.59
CA ALA I 242 8.73 34.29 -33.09
C ALA I 242 8.30 33.87 -31.72
N GLU I 243 7.98 34.87 -30.93
CA GLU I 243 7.54 34.56 -29.62
C GLU I 243 6.15 35.05 -29.47
N VAL I 244 5.34 34.15 -28.95
CA VAL I 244 3.96 34.45 -28.79
C VAL I 244 3.44 34.28 -27.40
N GLN I 245 2.64 35.24 -27.04
CA GLN I 245 2.03 35.20 -25.74
C GLN I 245 0.53 35.22 -25.87
N MET I 246 -0.09 34.48 -24.95
CA MET I 246 -1.51 34.38 -24.92
C MET I 246 -2.09 34.83 -23.60
N CYS I 247 -3.35 35.18 -23.68
CA CYS I 247 -4.11 35.60 -22.55
C CYS I 247 -5.32 34.71 -22.55
N GLY I 248 -5.79 34.34 -21.38
CA GLY I 248 -6.97 33.51 -21.33
C GLY I 248 -6.89 32.21 -20.54
N GLU I 249 -7.67 31.27 -21.01
CA GLU I 249 -7.76 29.98 -20.38
C GLU I 249 -6.79 29.01 -20.96
N LEU I 250 -5.79 28.70 -20.17
CA LEU I 250 -4.82 27.78 -20.66
C LEU I 250 -5.32 26.36 -20.71
N ARG I 251 -5.14 25.74 -21.86
CA ARG I 251 -5.57 24.37 -22.10
C ARG I 251 -4.61 23.67 -23.00
N ASP I 252 -4.39 22.43 -22.71
CA ASP I 252 -3.47 21.61 -23.47
C ASP I 252 -3.84 21.36 -24.93
N TYR I 253 -4.99 21.77 -25.39
CA TYR I 253 -5.24 21.46 -26.79
C TYR I 253 -4.94 22.65 -27.65
N LEU I 254 -4.43 23.69 -26.99
CA LEU I 254 -4.08 24.88 -27.69
C LEU I 254 -2.81 24.74 -28.44
N ARG I 255 -2.83 25.36 -29.59
CA ARG I 255 -1.68 25.37 -30.45
C ARG I 255 -1.46 26.70 -31.11
N VAL I 256 -0.24 26.81 -31.65
CA VAL I 256 0.14 27.99 -32.35
C VAL I 256 0.86 27.64 -33.60
N THR I 257 0.47 28.35 -34.62
CA THR I 257 1.10 28.11 -35.87
C THR I 257 1.54 29.40 -36.50
N VAL I 258 2.77 29.34 -36.96
CA VAL I 258 3.36 30.47 -37.56
C VAL I 258 3.83 30.08 -38.90
N SER I 259 3.35 30.84 -39.86
CA SER I 259 3.65 30.58 -41.23
C SER I 259 4.18 31.80 -41.91
N LEU I 260 5.13 31.49 -42.74
CA LEU I 260 5.78 32.50 -43.48
C LEU I 260 5.43 32.42 -44.90
N TRP I 261 5.10 33.57 -45.42
CA TRP I 261 4.72 33.65 -46.78
C TRP I 261 5.45 34.66 -47.61
N GLN I 262 5.65 34.21 -48.83
CA GLN I 262 6.27 34.98 -49.86
C GLN I 262 5.22 35.21 -50.91
N GLY I 263 4.40 36.16 -50.61
CA GLY I 263 3.32 36.42 -51.50
C GLY I 263 2.38 35.24 -51.50
N GLU I 264 2.41 34.53 -52.60
CA GLU I 264 1.54 33.39 -52.77
C GLU I 264 2.06 32.15 -52.13
N THR I 265 3.36 32.11 -52.05
CA THR I 265 3.98 30.96 -51.52
C THR I 265 4.23 30.92 -50.05
N GLN I 266 3.99 29.75 -49.54
CA GLN I 266 4.25 29.55 -48.17
C GLN I 266 5.64 28.99 -48.06
N VAL I 267 6.46 29.74 -47.37
CA VAL I 267 7.86 29.47 -47.22
C VAL I 267 8.23 28.63 -46.04
N ALA I 268 7.46 28.79 -44.98
CA ALA I 268 7.73 28.04 -43.79
C ALA I 268 6.63 28.13 -42.80
N SER I 269 6.52 27.04 -42.08
CA SER I 269 5.53 26.96 -41.07
C SER I 269 6.05 26.23 -39.88
N GLY I 270 5.38 26.46 -38.77
CA GLY I 270 5.73 25.82 -37.54
C GLY I 270 4.55 25.81 -36.61
N THR I 271 4.44 24.71 -35.90
CA THR I 271 3.34 24.60 -34.99
C THR I 271 3.77 24.08 -33.66
N ALA I 272 3.12 24.58 -32.62
CA ALA I 272 3.45 24.12 -31.29
C ALA I 272 2.46 24.56 -30.26
N PRO I 273 2.64 23.95 -29.12
CA PRO I 273 1.82 24.15 -27.96
C PRO I 273 2.53 25.07 -27.02
N PHE I 274 1.76 25.72 -26.16
CA PHE I 274 2.35 26.65 -25.22
C PHE I 274 3.31 26.03 -24.27
N GLY I 275 4.11 26.88 -23.65
CA GLY I 275 5.10 26.43 -22.70
C GLY I 275 6.49 26.62 -23.26
N GLY I 276 7.25 27.48 -22.55
CA GLY I 276 8.62 27.85 -22.87
C GLY I 276 9.71 27.03 -22.20
N GLU I 277 10.95 27.40 -22.47
CA GLU I 277 12.08 26.74 -21.87
C GLU I 277 12.26 27.32 -20.51
N ILE I 278 12.97 26.58 -19.67
CA ILE I 278 13.20 27.02 -18.34
C ILE I 278 13.96 28.29 -18.35
N ILE I 279 13.58 29.21 -17.50
CA ILE I 279 14.31 30.44 -17.52
C ILE I 279 14.97 30.67 -16.20
N ASP I 280 14.41 30.14 -15.14
CA ASP I 280 15.05 30.38 -13.88
C ASP I 280 14.69 29.30 -12.94
N GLU I 281 15.00 29.53 -11.67
CA GLU I 281 14.70 28.52 -10.69
C GLU I 281 13.23 28.09 -10.60
N ARG I 282 12.29 28.97 -11.00
CA ARG I 282 10.88 28.63 -10.93
C ARG I 282 10.31 27.99 -12.17
N GLY I 283 11.06 27.96 -13.26
CA GLY I 283 10.57 27.34 -14.47
C GLY I 283 10.59 28.31 -15.63
N GLY I 284 9.55 28.19 -16.47
CA GLY I 284 9.35 29.03 -17.65
C GLY I 284 7.96 29.67 -17.75
N TYR I 285 7.63 30.14 -18.96
CA TYR I 285 6.35 30.73 -19.27
C TYR I 285 5.47 29.68 -19.90
N ALA I 286 4.45 29.33 -19.16
CA ALA I 286 3.49 28.35 -19.60
C ALA I 286 2.63 28.89 -20.70
N ASP I 287 2.45 30.20 -20.62
CA ASP I 287 1.65 30.95 -21.52
C ASP I 287 2.44 31.61 -22.60
N ARG I 288 3.57 31.02 -22.98
CA ARG I 288 4.27 31.61 -24.09
C ARG I 288 4.81 30.50 -24.91
N VAL I 289 5.24 30.85 -26.08
CA VAL I 289 5.82 29.86 -26.94
C VAL I 289 6.68 30.54 -28.00
N THR I 290 7.76 29.88 -28.40
CA THR I 290 8.64 30.48 -29.36
C THR I 290 8.93 29.60 -30.53
N LEU I 291 8.73 30.09 -31.73
CA LEU I 291 9.02 29.24 -32.84
C LEU I 291 10.18 29.73 -33.61
N ARG I 292 10.85 28.80 -34.22
CA ARG I 292 12.00 29.15 -35.00
C ARG I 292 11.90 28.63 -36.41
N LEU I 293 11.80 29.53 -37.37
CA LEU I 293 11.70 29.08 -38.75
C LEU I 293 12.99 29.31 -39.47
N ASN I 294 13.36 28.32 -40.22
CA ASN I 294 14.58 28.47 -40.97
C ASN I 294 14.27 28.92 -42.36
N VAL I 295 15.09 29.83 -42.88
CA VAL I 295 14.90 30.29 -44.22
C VAL I 295 16.15 30.33 -45.03
N GLU I 296 16.12 29.64 -46.14
CA GLU I 296 17.27 29.65 -47.01
C GLU I 296 17.20 30.77 -47.98
N ASN I 297 18.34 31.38 -48.25
CA ASN I 297 18.43 32.47 -49.19
C ASN I 297 17.30 33.44 -49.12
N PRO I 298 17.09 33.94 -47.93
CA PRO I 298 16.05 34.90 -47.70
C PRO I 298 16.32 36.12 -48.56
N LYS I 299 15.25 36.84 -48.82
CA LYS I 299 15.30 38.07 -49.56
C LYS I 299 15.37 39.19 -48.56
N LEU I 300 16.42 39.96 -48.66
CA LEU I 300 16.61 40.99 -47.68
C LEU I 300 15.86 42.25 -47.89
N TRP I 301 15.51 42.85 -46.79
CA TRP I 301 14.80 44.07 -46.87
C TRP I 301 15.76 45.25 -46.78
N SER I 302 15.47 46.34 -47.48
CA SER I 302 16.33 47.51 -47.39
C SER I 302 15.62 48.71 -47.97
N ALA I 303 16.11 49.91 -47.70
CA ALA I 303 15.40 51.03 -48.30
C ALA I 303 15.54 50.92 -49.80
N GLU I 304 16.65 50.33 -50.23
CA GLU I 304 16.89 50.12 -51.64
C GLU I 304 15.86 49.13 -52.23
N ILE I 305 15.56 48.06 -51.51
CA ILE I 305 14.61 47.05 -51.96
C ILE I 305 13.93 46.46 -50.78
N PRO I 306 12.77 46.97 -50.56
CA PRO I 306 11.98 46.58 -49.44
C PRO I 306 11.38 45.21 -49.61
N ASN I 307 12.17 44.19 -49.74
CA ASN I 307 11.56 42.90 -49.85
C ASN I 307 10.84 42.56 -48.58
N LEU I 308 9.58 42.15 -48.71
CA LEU I 308 8.80 41.75 -47.55
C LEU I 308 8.26 40.33 -47.55
N TYR I 309 7.93 39.86 -46.36
CA TYR I 309 7.32 38.56 -46.20
C TYR I 309 6.13 38.75 -45.31
N ARG I 310 5.23 37.78 -45.34
CA ARG I 310 4.09 37.89 -44.47
C ARG I 310 4.07 36.78 -43.46
N ALA I 311 3.75 37.18 -42.24
CA ALA I 311 3.75 36.21 -41.20
C ALA I 311 2.40 36.10 -40.55
N VAL I 312 2.03 34.83 -40.36
CA VAL I 312 0.77 34.52 -39.73
C VAL I 312 0.84 33.67 -38.51
N VAL I 313 0.19 34.24 -37.53
CA VAL I 313 0.08 33.68 -36.23
C VAL I 313 -1.32 33.24 -35.97
N GLU I 314 -1.47 31.93 -35.96
CA GLU I 314 -2.76 31.34 -35.72
C GLU I 314 -2.78 30.56 -34.45
N LEU I 315 -3.73 30.99 -33.65
CA LEU I 315 -4.05 30.43 -32.38
C LEU I 315 -5.21 29.48 -32.57
N HIS I 316 -4.93 28.22 -32.41
CA HIS I 316 -6.00 27.28 -32.62
C HIS I 316 -5.90 26.08 -31.73
N THR I 317 -6.85 25.19 -31.87
CA THR I 317 -6.88 23.99 -31.09
C THR I 317 -6.23 22.89 -31.86
N ALA I 318 -5.95 21.82 -31.15
CA ALA I 318 -5.31 20.69 -31.75
C ALA I 318 -6.11 20.09 -32.89
N ASP I 319 -7.45 20.07 -32.72
CA ASP I 319 -8.33 19.52 -33.73
C ASP I 319 -8.17 20.27 -35.02
N GLY I 320 -7.84 21.55 -34.92
CA GLY I 320 -7.64 22.34 -36.11
C GLY I 320 -8.56 23.54 -36.13
N THR I 321 -9.30 23.69 -35.08
CA THR I 321 -10.18 24.80 -35.04
C THR I 321 -9.46 26.09 -34.70
N LEU I 322 -9.63 27.08 -35.55
CA LEU I 322 -8.96 28.33 -35.31
C LEU I 322 -9.65 29.23 -34.32
N ILE I 323 -8.92 29.72 -33.35
CA ILE I 323 -9.50 30.65 -32.41
C ILE I 323 -9.42 32.08 -32.97
N GLU I 324 -8.25 32.41 -33.53
CA GLU I 324 -8.04 33.73 -34.09
C GLU I 324 -6.70 33.81 -34.74
N ALA I 325 -6.51 34.89 -35.46
CA ALA I 325 -5.24 35.09 -36.16
C ALA I 325 -4.76 36.53 -36.16
N GLU I 326 -3.44 36.61 -36.22
CA GLU I 326 -2.79 37.86 -36.27
C GLU I 326 -1.67 37.75 -37.27
N ALA I 327 -1.31 38.92 -37.78
CA ALA I 327 -0.26 38.86 -38.76
C ALA I 327 0.54 40.12 -38.83
N CYS I 328 1.59 40.05 -39.65
CA CYS I 328 2.46 41.19 -39.88
C CYS I 328 3.41 40.96 -41.01
N ASP I 329 3.88 42.09 -41.52
CA ASP I 329 4.84 42.01 -42.59
C ASP I 329 6.21 41.83 -42.01
N VAL I 330 7.01 41.05 -42.68
CA VAL I 330 8.31 40.82 -42.15
C VAL I 330 9.40 41.13 -43.14
N GLY I 331 10.45 41.75 -42.60
CA GLY I 331 11.59 42.12 -43.39
C GLY I 331 12.88 41.56 -42.81
N PHE I 332 13.62 40.88 -43.65
CA PHE I 332 14.88 40.32 -43.20
C PHE I 332 16.01 41.30 -43.33
N ARG I 333 16.50 41.76 -42.19
CA ARG I 333 17.60 42.69 -42.19
C ARG I 333 18.26 42.71 -40.85
N GLU I 334 19.53 43.03 -40.90
CA GLU I 334 20.32 43.11 -39.72
C GLU I 334 20.99 44.46 -39.59
N VAL I 335 20.78 45.05 -38.42
CA VAL I 335 21.32 46.35 -38.12
C VAL I 335 22.35 46.22 -37.05
N ARG I 336 23.56 46.66 -37.35
CA ARG I 336 24.54 46.60 -36.33
C ARG I 336 25.66 47.58 -36.41
N ILE I 337 26.16 47.90 -35.23
CA ILE I 337 27.27 48.78 -35.17
C ILE I 337 28.52 48.00 -34.93
N GLU I 338 29.41 48.11 -35.87
CA GLU I 338 30.60 47.37 -35.69
C GLU I 338 31.83 48.16 -36.03
N ASN I 339 32.73 48.14 -35.10
CA ASN I 339 33.96 48.83 -35.31
C ASN I 339 33.79 50.28 -35.73
N GLY I 340 32.89 50.98 -35.07
CA GLY I 340 32.66 52.37 -35.35
C GLY I 340 31.69 52.56 -36.48
N LEU I 341 31.20 51.47 -37.05
CA LEU I 341 30.28 51.70 -38.14
C LEU I 341 28.93 51.12 -38.01
N LEU I 342 27.99 51.87 -38.52
CA LEU I 342 26.66 51.43 -38.51
C LEU I 342 26.43 50.67 -39.79
N LEU I 343 26.08 49.40 -39.59
CA LEU I 343 25.87 48.54 -40.69
C LEU I 343 24.52 48.01 -40.85
N LEU I 344 24.21 47.87 -42.11
CA LEU I 344 22.98 47.30 -42.49
C LEU I 344 23.20 46.16 -43.43
N ASN I 345 22.78 45.02 -42.97
CA ASN I 345 22.96 43.82 -43.74
C ASN I 345 24.38 43.73 -44.18
N GLY I 346 25.28 44.07 -43.30
CA GLY I 346 26.66 43.94 -43.69
C GLY I 346 27.29 45.20 -44.22
N LYS I 347 26.52 46.07 -44.82
CA LYS I 347 27.14 47.26 -45.31
C LYS I 347 26.84 48.44 -44.43
N PRO I 348 27.67 49.41 -44.64
CA PRO I 348 27.70 50.65 -43.93
C PRO I 348 26.83 51.64 -44.61
N LEU I 349 25.89 52.12 -43.85
CA LEU I 349 24.96 53.04 -44.38
C LEU I 349 25.45 54.44 -44.54
N LEU I 350 24.69 55.16 -45.35
CA LEU I 350 24.86 56.55 -45.57
C LEU I 350 23.48 57.17 -45.56
N ILE I 351 23.14 57.71 -44.41
CA ILE I 351 21.83 58.26 -44.21
C ILE I 351 21.57 59.55 -44.90
N ARG I 352 20.62 59.50 -45.81
CA ARG I 352 20.15 60.70 -46.48
C ARG I 352 18.81 60.99 -45.86
N GLY I 353 18.85 61.54 -44.64
CA GLY I 353 17.63 61.72 -43.89
C GLY I 353 17.07 63.09 -43.73
N VAL I 354 15.87 63.06 -43.16
CA VAL I 354 15.13 64.27 -42.86
C VAL I 354 14.23 64.04 -41.68
N ASN I 355 14.00 65.12 -40.96
CA ASN I 355 13.11 65.09 -39.81
C ASN I 355 11.76 65.49 -40.33
N ARG I 356 10.73 64.90 -39.77
CA ARG I 356 9.39 65.20 -40.24
C ARG I 356 8.32 65.19 -39.18
N HIS I 357 7.59 66.28 -39.13
CA HIS I 357 6.48 66.33 -38.19
C HIS I 357 5.19 65.89 -38.85
N GLU I 358 4.20 65.58 -38.03
CA GLU I 358 2.88 65.20 -38.55
C GLU I 358 2.07 66.49 -38.62
N HIS I 359 2.03 67.12 -39.82
CA HIS I 359 1.38 68.42 -39.97
C HIS I 359 0.70 68.65 -41.31
N HIS I 360 -0.53 69.15 -41.18
CA HIS I 360 -1.41 69.46 -42.26
C HIS I 360 -1.95 70.86 -42.09
N PRO I 361 -1.72 71.67 -43.12
CA PRO I 361 -2.11 73.07 -43.20
C PRO I 361 -3.59 73.29 -42.89
N LEU I 362 -4.39 72.25 -43.19
CA LEU I 362 -5.83 72.24 -42.97
C LEU I 362 -6.24 71.42 -41.78
N HIS I 363 -5.74 70.21 -41.69
CA HIS I 363 -6.14 69.37 -40.59
C HIS I 363 -5.41 69.54 -39.31
N GLY I 364 -4.35 70.33 -39.30
CA GLY I 364 -3.57 70.50 -38.09
C GLY I 364 -2.71 69.26 -37.92
N GLN I 365 -2.82 68.61 -36.76
CA GLN I 365 -2.02 67.43 -36.54
C GLN I 365 -2.66 66.12 -36.95
N VAL I 366 -3.69 66.20 -37.77
CA VAL I 366 -4.36 64.97 -38.17
C VAL I 366 -3.83 64.39 -39.47
N MET I 367 -3.44 63.12 -39.42
CA MET I 367 -2.87 62.51 -40.62
C MET I 367 -3.73 61.57 -41.43
N ASP I 368 -3.37 61.36 -42.69
CA ASP I 368 -4.09 60.44 -43.53
C ASP I 368 -3.25 59.82 -44.61
N GLU I 369 -3.66 58.63 -44.98
CA GLU I 369 -2.98 57.88 -45.99
C GLU I 369 -2.41 58.75 -47.11
N GLN I 370 -3.32 59.42 -47.73
CA GLN I 370 -2.97 60.25 -48.84
C GLN I 370 -1.72 61.09 -48.63
N THR I 371 -1.76 61.90 -47.60
CA THR I 371 -0.66 62.76 -47.27
C THR I 371 0.64 61.99 -47.10
N MET I 372 0.55 61.03 -46.17
CA MET I 372 1.65 60.18 -45.90
C MET I 372 2.28 59.72 -47.20
N VAL I 373 1.49 59.12 -48.02
CA VAL I 373 2.06 58.70 -49.26
C VAL I 373 2.70 59.84 -50.07
N GLN I 374 2.05 60.96 -50.06
CA GLN I 374 2.65 62.02 -50.81
C GLN I 374 4.07 62.24 -50.36
N ASP I 375 4.19 62.40 -49.05
CA ASP I 375 5.47 62.62 -48.48
C ASP I 375 6.47 61.57 -48.89
N ILE I 376 6.07 60.35 -48.66
CA ILE I 376 6.96 59.30 -49.02
C ILE I 376 7.43 59.40 -50.43
N LEU I 377 6.49 59.54 -51.33
CA LEU I 377 6.93 59.63 -52.69
C LEU I 377 7.89 60.75 -52.95
N LEU I 378 7.58 61.88 -52.40
CA LEU I 378 8.47 62.99 -52.59
C LEU I 378 9.85 62.71 -52.11
N MET I 379 9.92 62.27 -50.88
CA MET I 379 11.20 61.97 -50.32
C MET I 379 11.96 61.06 -51.21
N LYS I 380 11.32 59.94 -51.51
CA LYS I 380 12.00 59.00 -52.36
C LYS I 380 12.45 59.65 -53.61
N GLN I 381 11.60 60.47 -54.14
CA GLN I 381 11.96 61.12 -55.38
C GLN I 381 13.12 62.08 -55.28
N ASN I 382 13.35 62.60 -54.09
CA ASN I 382 14.43 63.51 -53.91
C ASN I 382 15.64 62.92 -53.26
N ASN I 383 15.78 61.64 -53.42
CA ASN I 383 16.92 60.96 -52.89
C ASN I 383 17.04 60.87 -51.39
N PHE I 384 15.94 60.82 -50.69
CA PHE I 384 16.06 60.63 -49.26
C PHE I 384 15.92 59.15 -48.94
N ASN I 385 16.50 58.65 -47.84
CA ASN I 385 16.31 57.23 -47.57
C ASN I 385 15.92 56.98 -46.17
N ALA I 386 15.78 58.04 -45.43
CA ALA I 386 15.46 57.83 -44.04
C ALA I 386 14.74 58.98 -43.45
N VAL I 387 14.05 58.69 -42.38
CA VAL I 387 13.34 59.75 -41.74
C VAL I 387 13.30 59.56 -40.25
N ARG I 388 13.26 60.71 -39.58
CA ARG I 388 13.21 60.71 -38.16
C ARG I 388 11.87 61.25 -37.68
N CYS I 389 11.23 60.50 -36.81
CA CYS I 389 9.94 60.89 -36.25
C CYS I 389 10.06 61.97 -35.20
N SER I 390 10.41 63.15 -35.65
CA SER I 390 10.53 64.22 -34.71
C SER I 390 9.14 64.61 -34.25
N HIS I 391 8.81 64.43 -32.98
CA HIS I 391 9.62 63.85 -31.92
C HIS I 391 8.65 63.06 -31.04
N TYR I 392 8.03 62.09 -31.63
CA TYR I 392 7.03 61.28 -30.98
C TYR I 392 6.69 60.22 -31.97
N PRO I 393 6.04 59.23 -31.47
CA PRO I 393 5.67 58.11 -32.30
C PRO I 393 4.63 58.53 -33.29
N ASN I 394 4.70 57.96 -34.45
CA ASN I 394 3.77 58.37 -35.46
C ASN I 394 2.54 57.50 -35.60
N HIS I 395 1.71 57.98 -36.47
CA HIS I 395 0.55 57.26 -36.82
C HIS I 395 1.01 55.96 -37.48
N PRO I 396 0.57 54.96 -36.84
CA PRO I 396 0.83 53.58 -37.14
C PRO I 396 0.92 53.30 -38.61
N LEU I 397 0.00 53.83 -39.34
CA LEU I 397 0.06 53.53 -40.74
C LEU I 397 1.41 53.85 -41.40
N TRP I 398 1.99 54.94 -40.93
CA TRP I 398 3.25 55.42 -41.39
C TRP I 398 4.27 54.31 -41.53
N TYR I 399 4.47 53.64 -40.40
CA TYR I 399 5.42 52.56 -40.33
C TYR I 399 5.21 51.53 -41.39
N THR I 400 3.97 51.25 -41.63
CA THR I 400 3.69 50.28 -42.63
C THR I 400 4.14 50.74 -43.99
N LEU I 401 3.78 51.97 -44.25
CA LEU I 401 4.11 52.53 -45.50
C LEU I 401 5.59 52.51 -45.71
N CYS I 402 6.30 52.89 -44.66
CA CYS I 402 7.75 52.91 -44.79
C CYS I 402 8.25 51.53 -45.04
N ASP I 403 7.64 50.59 -44.32
CA ASP I 403 8.04 49.22 -44.47
C ASP I 403 7.87 48.83 -45.92
N ARG I 404 6.75 49.27 -46.46
CA ARG I 404 6.44 48.93 -47.83
C ARG I 404 7.19 49.66 -48.89
N TYR I 405 7.31 50.95 -48.72
CA TYR I 405 7.99 51.77 -49.69
C TYR I 405 9.49 51.72 -49.67
N GLY I 406 10.05 51.55 -48.48
CA GLY I 406 11.48 51.47 -48.31
C GLY I 406 12.09 52.75 -47.75
N LEU I 407 11.99 52.98 -46.44
CA LEU I 407 12.61 54.15 -45.83
C LEU I 407 13.16 53.77 -44.47
N TYR I 408 14.37 54.18 -44.13
CA TYR I 408 14.85 53.85 -42.80
C TYR I 408 14.21 54.80 -41.82
N VAL I 409 13.79 54.26 -40.70
CA VAL I 409 13.16 55.11 -39.72
C VAL I 409 13.74 55.03 -38.33
N VAL I 410 13.70 56.22 -37.74
CA VAL I 410 14.10 56.38 -36.36
C VAL I 410 12.86 56.67 -35.56
N ASP I 411 12.48 55.72 -34.72
CA ASP I 411 11.31 55.85 -33.87
C ASP I 411 11.69 56.59 -32.61
N GLU I 412 10.97 57.63 -32.26
CA GLU I 412 11.35 58.45 -31.15
C GLU I 412 10.29 58.62 -30.10
N ALA I 413 10.70 58.45 -28.85
CA ALA I 413 9.77 58.61 -27.76
C ALA I 413 9.29 60.04 -27.59
N ASN I 414 8.04 60.16 -27.14
CA ASN I 414 7.38 61.41 -26.93
C ASN I 414 7.84 62.11 -25.65
N ILE I 415 9.06 62.61 -25.67
CA ILE I 415 9.53 63.34 -24.52
C ILE I 415 10.40 64.53 -24.86
N GLU I 416 9.94 65.75 -24.57
CA GLU I 416 10.74 66.94 -24.77
C GLU I 416 10.46 67.86 -23.60
N THR I 417 11.50 68.29 -22.91
CA THR I 417 11.35 69.18 -21.77
C THR I 417 12.18 70.39 -21.98
N HIS I 418 12.24 70.71 -23.25
CA HIS I 418 13.05 71.81 -23.69
C HIS I 418 13.04 73.04 -22.79
N GLY I 419 11.86 73.50 -22.36
CA GLY I 419 11.72 74.71 -21.57
C GLY I 419 12.21 74.62 -20.13
N MET I 420 12.54 73.44 -19.66
CA MET I 420 12.98 73.39 -18.29
C MET I 420 14.28 74.11 -18.10
N VAL I 421 14.68 74.23 -16.86
CA VAL I 421 15.94 74.89 -16.56
C VAL I 421 16.53 74.42 -15.26
N PRO I 422 17.67 73.76 -15.31
CA PRO I 422 18.29 73.44 -16.57
C PRO I 422 17.45 72.38 -17.27
N MET I 423 17.70 72.25 -18.55
CA MET I 423 16.97 71.31 -19.37
C MET I 423 16.67 69.95 -18.77
N ASN I 424 17.53 69.40 -17.92
CA ASN I 424 17.27 68.06 -17.41
C ASN I 424 16.60 67.93 -16.05
N ARG I 425 16.07 69.07 -15.62
CA ARG I 425 15.43 69.18 -14.35
C ARG I 425 14.50 68.01 -14.05
N LEU I 426 13.70 67.63 -15.03
CA LEU I 426 12.81 66.51 -14.81
C LEU I 426 13.46 65.16 -15.03
N THR I 427 14.21 65.07 -16.14
CA THR I 427 14.92 63.87 -16.57
C THR I 427 15.90 63.32 -15.58
N ASP I 428 16.33 64.20 -14.72
CA ASP I 428 17.20 63.72 -13.70
C ASP I 428 16.45 63.41 -12.42
N ASP I 429 15.12 63.28 -12.48
CA ASP I 429 14.34 63.06 -11.29
C ASP I 429 13.46 61.86 -11.35
N PRO I 430 13.86 61.01 -10.43
CA PRO I 430 13.31 59.72 -10.18
C PRO I 430 11.83 59.82 -10.22
N ARG I 431 11.36 60.87 -9.57
CA ARG I 431 9.93 61.09 -9.57
C ARG I 431 9.32 61.04 -10.93
N TRP I 432 10.04 61.48 -11.94
CA TRP I 432 9.46 61.45 -13.25
C TRP I 432 9.80 60.24 -14.03
N LEU I 433 10.63 59.45 -13.40
CA LEU I 433 11.03 58.27 -14.09
C LEU I 433 9.88 57.49 -14.70
N PRO I 434 9.05 56.99 -13.87
CA PRO I 434 7.88 56.21 -14.29
C PRO I 434 7.12 56.82 -15.47
N ALA I 435 6.89 58.10 -15.38
CA ALA I 435 6.24 58.77 -16.48
C ALA I 435 7.02 58.54 -17.76
N MET I 436 8.31 58.87 -17.68
CA MET I 436 9.19 58.70 -18.81
C MET I 436 9.19 57.27 -19.31
N SER I 437 9.27 56.37 -18.37
CA SER I 437 9.34 54.98 -18.72
C SER I 437 8.24 54.56 -19.64
N GLU I 438 7.06 54.95 -19.19
CA GLU I 438 5.87 54.57 -19.93
C GLU I 438 5.98 54.97 -21.35
N ARG I 439 6.50 56.17 -21.48
CA ARG I 439 6.70 56.75 -22.77
C ARG I 439 7.64 55.93 -23.65
N VAL I 440 8.63 55.31 -23.06
CA VAL I 440 9.52 54.56 -23.93
C VAL I 440 9.04 53.14 -24.18
N THR I 441 8.80 52.48 -23.07
CA THR I 441 8.41 51.11 -23.10
C THR I 441 7.31 50.86 -24.05
N ARG I 442 6.28 51.66 -23.90
CA ARG I 442 5.12 51.52 -24.74
C ARG I 442 5.42 51.62 -26.24
N MET I 443 6.27 52.58 -26.59
CA MET I 443 6.60 52.73 -27.98
C MET I 443 7.17 51.43 -28.50
N VAL I 444 8.07 50.94 -27.70
CA VAL I 444 8.74 49.75 -28.12
C VAL I 444 7.80 48.58 -28.34
N GLN I 445 6.95 48.41 -27.36
CA GLN I 445 6.04 47.32 -27.47
C GLN I 445 5.17 47.44 -28.68
N ARG I 446 4.92 48.66 -29.05
CA ARG I 446 4.09 48.79 -30.19
C ARG I 446 4.76 48.59 -31.53
N ASP I 447 5.93 49.20 -31.71
CA ASP I 447 6.56 49.22 -33.00
C ASP I 447 7.66 48.28 -33.34
N ARG I 448 8.05 47.54 -32.36
CA ARG I 448 9.18 46.67 -32.57
C ARG I 448 9.16 45.66 -33.68
N ASN I 449 8.04 45.38 -34.29
CA ASN I 449 8.17 44.39 -35.34
C ASN I 449 8.33 44.97 -36.74
N HIS I 450 8.40 46.28 -36.86
CA HIS I 450 8.54 46.84 -38.18
C HIS I 450 9.96 46.92 -38.68
N PRO I 451 10.26 46.25 -39.76
CA PRO I 451 11.61 46.30 -40.30
C PRO I 451 12.10 47.73 -40.57
N SER I 452 11.25 48.65 -40.94
CA SER I 452 11.76 49.99 -41.23
C SER I 452 12.36 50.70 -40.03
N VAL I 453 11.95 50.30 -38.85
CA VAL I 453 12.51 50.97 -37.72
C VAL I 453 13.85 50.41 -37.50
N ILE I 454 14.87 51.27 -37.53
CA ILE I 454 16.19 50.73 -37.30
C ILE I 454 16.90 51.33 -36.13
N ILE I 455 16.34 52.36 -35.55
CA ILE I 455 16.97 52.97 -34.41
C ILE I 455 15.94 53.53 -33.50
N TRP I 456 16.15 53.30 -32.22
CA TRP I 456 15.28 53.82 -31.24
C TRP I 456 15.92 55.08 -30.72
N SER I 457 15.10 56.05 -30.37
CA SER I 457 15.53 57.33 -29.83
C SER I 457 14.73 57.66 -28.59
N LEU I 458 15.40 58.12 -27.53
CA LEU I 458 14.72 58.42 -26.28
C LEU I 458 14.04 59.77 -26.25
N GLY I 459 13.86 60.39 -27.39
CA GLY I 459 13.23 61.68 -27.29
C GLY I 459 14.09 62.76 -27.83
N ASN I 460 13.87 63.97 -27.31
CA ASN I 460 14.53 65.16 -27.77
C ASN I 460 14.64 66.29 -26.74
N GLU I 461 15.64 67.13 -26.93
CA GLU I 461 15.94 68.27 -26.08
C GLU I 461 15.42 68.22 -24.66
N SER I 462 15.95 67.29 -23.88
CA SER I 462 15.53 67.15 -22.49
C SER I 462 16.74 66.99 -21.59
N GLY I 463 17.86 67.52 -22.04
CA GLY I 463 19.09 67.43 -21.32
C GLY I 463 19.51 65.97 -21.21
N HIS I 464 20.24 65.67 -20.15
CA HIS I 464 20.66 64.34 -19.91
C HIS I 464 20.48 64.03 -18.45
N GLY I 465 19.71 62.98 -18.16
CA GLY I 465 19.50 62.62 -16.79
C GLY I 465 19.51 61.14 -16.60
N ALA I 466 19.66 60.77 -15.36
CA ALA I 466 19.73 59.37 -15.04
C ALA I 466 18.57 58.60 -15.63
N ASN I 467 17.44 59.28 -15.66
CA ASN I 467 16.29 58.61 -16.20
C ASN I 467 16.62 58.07 -17.59
N HIS I 468 17.41 58.86 -18.30
CA HIS I 468 17.81 58.46 -19.64
C HIS I 468 18.64 57.20 -19.65
N ASP I 469 19.64 57.22 -18.82
CA ASP I 469 20.50 56.06 -18.72
C ASP I 469 19.72 54.80 -18.47
N ALA I 470 18.85 54.90 -17.51
CA ALA I 470 18.06 53.74 -17.19
C ALA I 470 17.26 53.26 -18.39
N LEU I 471 16.65 54.21 -19.07
CA LEU I 471 15.84 53.82 -20.18
C LEU I 471 16.60 53.24 -21.34
N TYR I 472 17.72 53.89 -21.58
CA TYR I 472 18.59 53.43 -22.60
C TYR I 472 18.89 51.95 -22.38
N ARG I 473 19.29 51.67 -21.17
CA ARG I 473 19.61 50.33 -20.82
C ARG I 473 18.46 49.35 -21.04
N TRP I 474 17.30 49.78 -20.58
CA TRP I 474 16.14 48.95 -20.68
C TRP I 474 15.96 48.47 -22.10
N ILE I 475 16.04 49.41 -22.99
CA ILE I 475 15.86 48.99 -24.34
C ILE I 475 16.87 48.00 -24.76
N LYS I 476 18.10 48.37 -24.49
CA LYS I 476 19.19 47.53 -24.87
C LYS I 476 18.89 46.12 -24.48
N SER I 477 18.30 45.97 -23.34
CA SER I 477 18.02 44.62 -22.91
C SER I 477 16.84 44.02 -23.59
N VAL I 478 15.89 44.83 -23.85
CA VAL I 478 14.73 44.26 -24.45
C VAL I 478 14.87 44.04 -25.94
N ASP I 479 15.50 45.00 -26.60
CA ASP I 479 15.68 44.93 -28.03
C ASP I 479 17.07 45.34 -28.40
N PRO I 480 17.77 44.29 -28.58
CA PRO I 480 19.15 44.34 -28.92
C PRO I 480 19.32 44.41 -30.41
N SER I 481 18.24 44.35 -31.15
CA SER I 481 18.37 44.38 -32.59
C SER I 481 18.64 45.76 -33.16
N ARG I 482 18.34 46.81 -32.40
CA ARG I 482 18.57 48.14 -32.87
C ARG I 482 19.29 48.96 -31.84
N PRO I 483 20.05 49.87 -32.37
CA PRO I 483 20.84 50.78 -31.61
C PRO I 483 19.95 51.86 -31.06
N VAL I 484 20.47 52.52 -30.05
CA VAL I 484 19.74 53.57 -29.43
C VAL I 484 20.47 54.90 -29.46
N GLN I 485 19.77 55.96 -29.83
CA GLN I 485 20.44 57.23 -29.79
C GLN I 485 19.67 58.27 -29.02
N TYR I 486 20.40 59.27 -28.55
CA TYR I 486 19.83 60.37 -27.83
C TYR I 486 20.83 61.49 -27.82
N GLU I 487 20.40 62.66 -28.27
CA GLU I 487 21.31 63.79 -28.38
C GLU I 487 21.49 64.61 -27.12
N GLY I 488 20.48 64.63 -26.29
CA GLY I 488 20.52 65.47 -25.14
C GLY I 488 21.81 65.44 -24.34
N GLY I 489 22.10 66.59 -23.80
CA GLY I 489 23.21 66.72 -22.93
C GLY I 489 24.57 66.60 -23.58
N GLY I 490 24.71 66.96 -24.86
CA GLY I 490 26.05 66.89 -25.41
C GLY I 490 26.25 65.96 -26.59
N ALA I 491 25.23 65.17 -26.91
CA ALA I 491 25.22 64.28 -28.07
C ALA I 491 26.15 63.11 -28.04
N ASP I 492 26.90 62.98 -26.96
CA ASP I 492 27.82 61.86 -26.90
C ASP I 492 27.86 61.20 -25.55
N THR I 493 26.75 61.33 -24.82
CA THR I 493 26.66 60.78 -23.49
C THR I 493 26.60 59.27 -23.48
N THR I 494 26.53 58.75 -22.28
CA THR I 494 26.47 57.33 -22.05
C THR I 494 25.14 56.79 -22.51
N ALA I 495 24.28 57.71 -22.82
CA ALA I 495 22.98 57.27 -23.23
C ALA I 495 22.82 57.14 -24.73
N THR I 496 23.89 57.20 -25.50
CA THR I 496 23.66 57.08 -26.93
C THR I 496 24.66 56.16 -27.57
N ASP I 497 24.20 55.41 -28.54
CA ASP I 497 25.10 54.52 -29.23
C ASP I 497 25.74 55.22 -30.37
N ILE I 498 25.27 56.42 -30.67
CA ILE I 498 25.80 57.16 -31.79
C ILE I 498 25.98 58.60 -31.45
N ILE I 499 26.99 59.23 -32.00
CA ILE I 499 27.15 60.64 -31.77
C ILE I 499 26.18 61.31 -32.71
N CYS I 500 25.15 61.91 -32.14
CA CYS I 500 24.09 62.48 -32.94
C CYS I 500 23.77 63.89 -32.59
N PRO I 501 24.69 64.75 -32.89
CA PRO I 501 24.46 66.13 -32.61
C PRO I 501 23.48 66.73 -33.57
N MET I 502 23.19 67.97 -33.25
CA MET I 502 22.35 68.76 -34.07
C MET I 502 22.99 70.10 -34.30
N TYR I 503 23.18 70.42 -35.56
CA TYR I 503 23.74 71.68 -35.94
C TYR I 503 25.22 71.88 -35.73
N ALA I 504 25.95 70.78 -35.61
CA ALA I 504 27.39 70.90 -35.55
C ALA I 504 27.91 71.28 -36.95
N ARG I 505 28.94 72.09 -37.01
CA ARG I 505 29.44 72.52 -38.28
C ARG I 505 30.47 71.57 -38.86
N VAL I 506 30.70 71.72 -40.15
CA VAL I 506 31.64 70.83 -40.78
C VAL I 506 33.05 71.02 -40.27
N ASP I 507 33.49 72.24 -40.32
CA ASP I 507 34.86 72.48 -39.90
C ASP I 507 34.99 73.38 -38.74
N GLU I 508 33.93 74.02 -38.33
CA GLU I 508 34.08 74.97 -37.27
C GLU I 508 33.48 74.50 -35.97
N ASP I 509 34.19 74.73 -34.90
CA ASP I 509 33.76 74.32 -33.58
C ASP I 509 32.97 75.41 -32.92
N GLN I 510 32.00 75.01 -32.10
CA GLN I 510 31.16 75.89 -31.32
C GLN I 510 31.19 75.31 -29.94
N PRO I 511 32.11 75.88 -29.23
CA PRO I 511 32.47 75.48 -27.92
C PRO I 511 31.62 76.03 -26.81
N PHE I 512 30.38 75.66 -26.80
CA PHE I 512 29.65 76.10 -25.68
C PHE I 512 30.08 75.30 -24.49
N PRO I 513 30.03 75.99 -23.40
CA PRO I 513 30.30 75.42 -22.12
C PRO I 513 29.36 74.26 -21.93
N ALA I 514 29.92 73.23 -21.34
CA ALA I 514 29.20 72.04 -21.03
C ALA I 514 28.74 71.26 -22.23
N VAL I 515 28.28 71.90 -23.25
CA VAL I 515 27.78 71.14 -24.35
C VAL I 515 28.20 71.78 -25.63
N PRO I 516 29.46 71.73 -25.83
CA PRO I 516 30.06 72.31 -27.01
C PRO I 516 29.69 71.49 -28.21
N LYS I 517 29.70 72.11 -29.38
CA LYS I 517 29.48 71.42 -30.63
C LYS I 517 30.75 71.49 -31.47
N TRP I 518 31.50 70.42 -31.48
CA TRP I 518 32.72 70.39 -32.24
C TRP I 518 32.50 70.27 -33.72
N SER I 519 33.48 70.67 -34.52
CA SER I 519 33.37 70.41 -35.93
C SER I 519 33.20 68.90 -36.00
N ILE I 520 32.36 68.48 -36.91
CA ILE I 520 32.13 67.06 -36.93
C ILE I 520 33.36 66.25 -37.22
N LYS I 521 34.28 66.78 -38.02
CA LYS I 521 35.47 65.98 -38.28
C LYS I 521 36.30 65.86 -37.04
N LYS I 522 36.30 66.88 -36.24
CA LYS I 522 37.09 66.78 -35.07
C LYS I 522 36.45 65.87 -34.04
N TRP I 523 35.16 66.00 -33.94
CA TRP I 523 34.48 65.26 -32.95
C TRP I 523 34.84 63.82 -32.98
N LEU I 524 34.89 63.30 -34.17
CA LEU I 524 35.18 61.89 -34.31
C LEU I 524 36.44 61.39 -33.63
N SER I 525 37.47 62.21 -33.67
CA SER I 525 38.84 61.95 -33.23
C SER I 525 39.16 62.25 -31.79
N LEU I 526 38.18 62.74 -31.05
CA LEU I 526 38.50 63.00 -29.68
C LEU I 526 38.99 61.73 -29.02
N PRO I 527 39.90 61.95 -28.11
CA PRO I 527 40.54 60.86 -27.41
C PRO I 527 39.51 59.97 -26.81
N GLY I 528 39.61 58.72 -27.17
CA GLY I 528 38.71 57.74 -26.67
C GLY I 528 37.44 57.59 -27.50
N GLU I 529 37.08 58.58 -28.33
CA GLU I 529 35.83 58.43 -29.08
C GLU I 529 35.92 57.35 -30.15
N THR I 530 34.88 56.57 -30.35
CA THR I 530 34.92 55.51 -31.37
C THR I 530 33.63 55.32 -32.15
N ARG I 531 32.56 55.96 -31.70
CA ARG I 531 31.26 55.83 -32.30
C ARG I 531 31.11 56.45 -33.65
N PRO I 532 30.06 56.07 -34.33
CA PRO I 532 29.76 56.65 -35.60
C PRO I 532 29.07 57.94 -35.30
N LEU I 533 29.08 58.85 -36.28
CA LEU I 533 28.40 60.10 -36.13
C LEU I 533 27.41 60.34 -37.22
N ILE I 534 26.20 60.67 -36.77
CA ILE I 534 25.07 60.97 -37.64
C ILE I 534 24.33 62.12 -37.04
N LEU I 535 24.18 63.19 -37.79
CA LEU I 535 23.52 64.32 -37.18
C LEU I 535 22.03 64.11 -37.11
N CYS I 536 21.53 64.27 -35.90
CA CYS I 536 20.10 64.10 -35.74
C CYS I 536 19.39 65.28 -36.38
N GLU I 537 20.07 66.42 -36.42
CA GLU I 537 19.49 67.58 -37.07
C GLU I 537 20.56 68.46 -37.64
N TYR I 538 20.34 68.82 -38.89
CA TYR I 538 21.26 69.70 -39.56
C TYR I 538 20.67 70.38 -40.77
N ALA I 539 21.38 71.43 -41.17
CA ALA I 539 21.04 72.26 -42.31
C ALA I 539 19.65 72.84 -42.17
N HIS I 540 19.47 73.73 -41.20
CA HIS I 540 18.19 74.36 -40.91
C HIS I 540 17.54 74.96 -42.16
N ALA I 541 16.49 74.32 -42.68
CA ALA I 541 15.90 74.82 -43.92
C ALA I 541 14.89 75.96 -43.85
N MET I 542 15.12 76.93 -42.98
CA MET I 542 14.23 78.04 -42.79
C MET I 542 14.31 79.12 -43.86
N GLY I 543 13.30 79.14 -44.72
CA GLY I 543 13.22 80.13 -45.76
C GLY I 543 14.26 79.94 -46.83
N ASN I 544 14.87 81.05 -47.24
CA ASN I 544 15.93 80.96 -48.24
C ASN I 544 17.19 80.44 -47.55
N SER I 545 17.31 79.13 -47.50
CA SER I 545 18.38 78.49 -46.77
C SER I 545 19.02 77.33 -47.51
N LEU I 546 19.74 76.53 -46.74
CA LEU I 546 20.48 75.40 -47.23
C LEU I 546 21.86 75.75 -47.79
N GLY I 547 22.33 76.96 -47.53
CA GLY I 547 23.64 77.30 -48.01
C GLY I 547 24.66 76.45 -47.25
N GLY I 548 25.61 75.84 -47.97
CA GLY I 548 26.61 75.03 -47.30
C GLY I 548 26.33 73.54 -47.33
N PHE I 549 25.16 73.19 -47.74
CA PHE I 549 24.80 71.80 -47.79
C PHE I 549 25.88 70.87 -48.38
N ALA I 550 26.43 71.29 -49.50
CA ALA I 550 27.44 70.46 -50.11
C ALA I 550 28.66 70.18 -49.26
N LYS I 551 29.03 71.16 -48.43
CA LYS I 551 30.13 70.97 -47.54
C LYS I 551 29.93 69.70 -46.70
N TYR I 552 28.72 69.48 -46.21
CA TYR I 552 28.46 68.32 -45.43
C TYR I 552 28.58 67.07 -46.26
N TRP I 553 27.93 67.12 -47.40
CA TRP I 553 27.96 65.95 -48.22
C TRP I 553 29.34 65.54 -48.56
N GLN I 554 30.16 66.54 -48.72
CA GLN I 554 31.44 66.09 -49.06
C GLN I 554 32.16 65.46 -47.92
N ALA I 555 31.97 66.02 -46.76
CA ALA I 555 32.63 65.41 -45.65
C ALA I 555 32.09 64.03 -45.44
N PHE I 556 30.77 63.93 -45.54
CA PHE I 556 30.19 62.63 -45.31
C PHE I 556 30.85 61.63 -46.19
N ARG I 557 30.97 62.01 -47.43
CA ARG I 557 31.55 61.09 -48.36
C ARG I 557 33.01 60.79 -48.07
N GLN I 558 33.72 61.69 -47.44
CA GLN I 558 35.11 61.36 -47.22
C GLN I 558 35.43 60.69 -45.91
N TYR I 559 34.57 60.78 -44.91
CA TYR I 559 34.90 60.16 -43.66
C TYR I 559 33.95 59.05 -43.33
N PRO I 560 34.52 57.90 -43.35
CA PRO I 560 33.83 56.66 -43.09
C PRO I 560 32.89 56.72 -41.93
N ARG I 561 33.36 57.23 -40.81
CA ARG I 561 32.53 57.32 -39.64
C ARG I 561 31.51 58.44 -39.69
N LEU I 562 31.52 59.27 -40.71
CA LEU I 562 30.47 60.26 -40.75
C LEU I 562 29.42 59.62 -41.60
N GLN I 563 28.35 59.12 -41.00
CA GLN I 563 27.38 58.44 -41.80
C GLN I 563 26.10 59.16 -42.21
N GLY I 564 26.14 60.49 -42.25
CA GLY I 564 24.99 61.27 -42.71
C GLY I 564 24.24 62.05 -41.66
N GLY I 565 22.97 62.31 -41.94
CA GLY I 565 22.15 63.05 -41.00
C GLY I 565 20.75 63.27 -41.53
N PHE I 566 19.95 63.94 -40.71
CA PHE I 566 18.59 64.25 -41.00
C PHE I 566 18.44 65.73 -41.02
N VAL I 567 18.00 66.20 -42.17
CA VAL I 567 17.79 67.59 -42.34
C VAL I 567 16.63 68.07 -41.52
N TRP I 568 16.72 69.33 -41.16
CA TRP I 568 15.66 69.93 -40.41
C TRP I 568 15.01 71.05 -41.18
N ASP I 569 13.78 70.85 -41.67
CA ASP I 569 13.00 69.64 -41.61
C ASP I 569 12.16 69.52 -42.89
N TRP I 570 11.22 68.57 -42.92
CA TRP I 570 10.43 68.34 -44.12
C TRP I 570 9.50 69.40 -44.65
N VAL I 571 8.44 69.73 -43.90
CA VAL I 571 7.43 70.72 -44.28
C VAL I 571 7.33 71.92 -43.36
N ASP I 572 6.83 73.01 -43.93
CA ASP I 572 6.61 74.17 -43.10
C ASP I 572 5.38 73.90 -42.25
N GLN I 573 5.41 74.37 -41.02
CA GLN I 573 4.28 74.18 -40.13
C GLN I 573 3.42 75.41 -40.21
N SER I 574 2.88 75.61 -41.40
CA SER I 574 2.01 76.75 -41.59
C SER I 574 0.58 76.31 -41.74
N LEU I 575 -0.26 77.20 -41.24
CA LEU I 575 -1.69 76.98 -41.29
C LEU I 575 -2.37 78.00 -42.19
N ILE I 576 -3.55 77.59 -42.64
CA ILE I 576 -4.35 78.42 -43.48
C ILE I 576 -5.33 79.30 -42.71
N LYS I 577 -5.53 80.50 -43.21
CA LYS I 577 -6.45 81.45 -42.67
C LYS I 577 -7.17 82.08 -43.84
N TYR I 578 -8.22 82.81 -43.53
CA TYR I 578 -8.93 83.46 -44.61
C TYR I 578 -9.10 84.93 -44.46
N ASP I 579 -9.08 85.57 -45.61
CA ASP I 579 -9.34 86.97 -45.60
C ASP I 579 -10.84 87.07 -45.79
N GLU I 580 -11.35 88.27 -45.59
CA GLU I 580 -12.76 88.59 -45.74
C GLU I 580 -13.31 88.17 -47.10
N ASN I 581 -12.45 88.16 -48.10
CA ASN I 581 -12.90 87.73 -49.40
C ASN I 581 -12.86 86.22 -49.51
N GLY I 582 -12.76 85.60 -48.33
CA GLY I 582 -12.72 84.15 -48.18
C GLY I 582 -11.49 83.59 -48.86
N ASN I 583 -10.44 84.40 -48.78
CA ASN I 583 -9.18 84.02 -49.35
C ASN I 583 -8.29 83.47 -48.29
N PRO I 584 -7.74 82.32 -48.63
CA PRO I 584 -6.87 81.57 -47.78
C PRO I 584 -5.47 82.12 -47.81
N TRP I 585 -4.82 82.07 -46.68
CA TRP I 585 -3.45 82.50 -46.63
C TRP I 585 -2.71 81.82 -45.51
N SER I 586 -1.42 81.63 -45.77
CA SER I 586 -0.55 80.95 -44.84
C SER I 586 -0.17 81.76 -43.63
N ALA I 587 -0.50 81.18 -42.50
CA ALA I 587 -0.29 81.79 -41.21
C ALA I 587 0.80 81.10 -40.39
N TYR I 588 1.32 81.90 -39.48
CA TYR I 588 2.35 81.43 -38.58
C TYR I 588 2.21 81.96 -37.17
N GLY I 589 3.26 81.78 -36.40
CA GLY I 589 3.27 82.22 -35.03
C GLY I 589 2.68 83.60 -34.87
N GLY I 590 1.79 83.70 -33.87
CA GLY I 590 1.11 84.94 -33.51
C GLY I 590 -0.09 85.27 -34.37
N ASP I 591 -0.25 84.56 -35.48
CA ASP I 591 -1.34 84.80 -36.40
C ASP I 591 -2.72 84.46 -35.85
N PHE I 592 -2.77 83.86 -34.67
CA PHE I 592 -4.04 83.52 -34.04
C PHE I 592 -4.13 84.26 -32.73
N GLY I 593 -3.33 85.30 -32.64
CA GLY I 593 -3.30 86.09 -31.42
C GLY I 593 -2.67 85.27 -30.31
N ASP I 594 -2.12 84.11 -30.74
CA ASP I 594 -1.45 83.19 -29.85
C ASP I 594 -0.26 83.87 -29.26
N THR I 595 -0.20 83.83 -27.95
CA THR I 595 0.88 84.42 -27.22
C THR I 595 1.21 83.57 -26.01
N PRO I 596 2.52 83.40 -25.76
CA PRO I 596 3.55 84.03 -26.58
C PRO I 596 3.79 83.21 -27.85
N ASN I 597 4.58 83.73 -28.77
CA ASN I 597 4.78 82.92 -29.94
C ASN I 597 6.15 83.15 -30.55
N ASP I 598 6.49 82.24 -31.48
CA ASP I 598 7.79 82.24 -32.16
C ASP I 598 7.75 82.50 -33.66
N ARG I 599 6.83 83.36 -34.07
CA ARG I 599 6.69 83.77 -35.46
C ARG I 599 6.90 82.66 -36.49
N GLN I 600 7.79 82.95 -37.46
CA GLN I 600 8.13 82.06 -38.58
C GLN I 600 8.91 80.82 -38.20
N PHE I 601 9.39 80.79 -36.97
CA PHE I 601 10.14 79.64 -36.56
C PHE I 601 9.52 78.31 -36.86
N CYS I 602 8.21 78.29 -37.00
CA CYS I 602 7.53 77.04 -37.31
C CYS I 602 7.72 76.71 -38.80
N MET I 603 8.43 77.58 -39.51
CA MET I 603 8.62 77.33 -40.93
C MET I 603 10.06 77.02 -41.33
N ASN I 604 10.36 75.70 -41.43
CA ASN I 604 11.71 75.32 -41.78
C ASN I 604 11.78 74.18 -42.77
N GLY I 605 10.75 73.98 -43.54
CA GLY I 605 10.73 72.84 -44.43
C GLY I 605 11.34 73.04 -45.76
N LEU I 606 11.50 71.90 -46.40
CA LEU I 606 12.01 71.84 -47.74
C LEU I 606 10.84 72.02 -48.71
N VAL I 607 9.66 71.84 -48.17
CA VAL I 607 8.46 72.03 -48.93
C VAL I 607 7.49 72.85 -48.15
N PHE I 608 6.63 73.42 -48.94
CA PHE I 608 5.55 74.21 -48.44
C PHE I 608 4.53 73.24 -47.88
N ALA I 609 3.72 73.72 -46.94
CA ALA I 609 2.71 72.85 -46.35
C ALA I 609 1.89 72.10 -47.39
N ASP I 610 1.64 72.73 -48.53
CA ASP I 610 0.87 72.09 -49.58
C ASP I 610 1.68 71.04 -50.25
N ARG I 611 2.91 70.96 -49.77
CA ARG I 611 3.84 70.03 -50.32
C ARG I 611 4.40 70.50 -51.63
N THR I 612 4.63 71.78 -51.66
CA THR I 612 5.28 72.28 -52.81
C THR I 612 6.61 72.72 -52.35
N PRO I 613 7.52 72.22 -53.11
CA PRO I 613 8.92 72.36 -52.95
C PRO I 613 9.40 73.76 -52.87
N HIS I 614 10.43 73.91 -52.06
CA HIS I 614 11.17 75.10 -51.96
C HIS I 614 12.32 74.80 -52.92
N PRO I 615 13.00 75.81 -53.35
CA PRO I 615 14.07 75.54 -54.28
C PRO I 615 15.18 74.67 -53.66
N ALA I 616 15.40 74.88 -52.36
CA ALA I 616 16.43 74.12 -51.67
C ALA I 616 16.36 72.62 -51.92
N LEU I 617 15.14 72.14 -52.02
CA LEU I 617 14.95 70.73 -52.20
C LEU I 617 15.84 70.15 -53.26
N THR I 618 16.00 70.94 -54.27
CA THR I 618 16.80 70.50 -55.39
C THR I 618 18.24 70.29 -55.05
N GLU I 619 18.79 71.27 -54.32
CA GLU I 619 20.15 71.15 -53.93
C GLU I 619 20.26 69.82 -53.20
N ALA I 620 19.29 69.58 -52.35
CA ALA I 620 19.34 68.32 -51.62
C ALA I 620 19.36 67.12 -52.53
N LYS I 621 18.40 67.10 -53.40
CA LYS I 621 18.32 65.98 -54.28
C LYS I 621 19.64 65.73 -54.98
N HIS I 622 20.21 66.79 -55.47
CA HIS I 622 21.46 66.67 -56.20
C HIS I 622 22.58 66.13 -55.33
N GLN I 623 22.81 66.76 -54.17
CA GLN I 623 23.86 66.32 -53.28
C GLN I 623 23.65 64.89 -52.79
N GLN I 624 22.41 64.42 -52.79
CA GLN I 624 22.16 63.10 -52.29
C GLN I 624 22.12 62.05 -53.36
N GLN I 625 22.38 62.41 -54.59
CA GLN I 625 22.29 61.39 -55.61
C GLN I 625 23.08 60.15 -55.30
N PHE I 626 22.61 59.06 -55.85
CA PHE I 626 23.24 57.79 -55.65
C PHE I 626 24.31 57.50 -56.64
N PHE I 627 24.52 58.39 -57.60
CA PHE I 627 25.56 58.12 -58.56
C PHE I 627 26.53 59.24 -58.60
N GLN I 628 27.79 58.90 -58.72
CA GLN I 628 28.80 59.90 -58.78
C GLN I 628 29.64 59.74 -60.02
N PHE I 629 29.95 60.90 -60.60
CA PHE I 629 30.70 60.97 -61.83
C PHE I 629 32.04 61.63 -61.78
N ARG I 630 32.89 61.11 -62.63
CA ARG I 630 34.21 61.60 -62.83
C ARG I 630 34.44 61.66 -64.30
N LEU I 631 35.08 62.72 -64.67
CA LEU I 631 35.35 62.90 -66.05
C LEU I 631 36.82 62.89 -66.32
N SER I 632 37.22 62.03 -67.24
CA SER I 632 38.59 61.98 -67.60
C SER I 632 38.76 61.89 -69.08
N GLY I 633 39.16 63.02 -69.65
CA GLY I 633 39.30 63.04 -71.07
C GLY I 633 37.96 62.76 -71.72
N GLN I 634 37.82 61.61 -72.37
CA GLN I 634 36.56 61.34 -73.02
C GLN I 634 35.79 60.30 -72.27
N THR I 635 36.31 60.03 -71.08
CA THR I 635 35.68 59.02 -70.29
C THR I 635 34.99 59.48 -69.08
N ILE I 636 33.81 58.93 -68.95
CA ILE I 636 33.10 59.21 -67.77
C ILE I 636 33.12 58.03 -66.85
N GLU I 637 33.52 58.32 -65.63
CA GLU I 637 33.54 57.28 -64.64
C GLU I 637 32.32 57.40 -63.75
N VAL I 638 31.62 56.29 -63.61
CA VAL I 638 30.43 56.31 -62.80
C VAL I 638 30.57 55.44 -61.62
N THR I 639 30.12 55.97 -60.51
CA THR I 639 30.21 55.23 -59.29
C THR I 639 28.86 55.15 -58.63
N SER I 640 28.56 53.94 -58.16
CA SER I 640 27.31 53.60 -57.51
C SER I 640 27.41 53.69 -56.01
N GLU I 641 26.48 54.42 -55.44
CA GLU I 641 26.41 54.53 -54.01
C GLU I 641 25.30 53.63 -53.51
N TYR I 642 24.86 52.71 -54.36
CA TYR I 642 23.87 51.77 -53.90
C TYR I 642 24.63 50.65 -53.20
N LEU I 643 24.07 50.11 -52.14
CA LEU I 643 24.76 49.07 -51.42
C LEU I 643 24.25 47.75 -51.84
N PHE I 644 23.02 47.74 -52.27
CA PHE I 644 22.40 46.50 -52.62
C PHE I 644 21.91 46.36 -54.03
N ARG I 645 21.50 47.41 -54.71
CA ARG I 645 21.01 47.14 -56.03
C ARG I 645 21.92 47.36 -57.18
N HIS I 646 21.47 46.86 -58.29
CA HIS I 646 22.22 47.04 -59.49
C HIS I 646 21.51 48.10 -60.33
N SER I 647 22.23 48.84 -61.17
CA SER I 647 21.61 49.91 -61.98
C SER I 647 20.65 49.35 -62.98
N ASP I 648 19.62 48.72 -62.49
CA ASP I 648 18.72 48.10 -63.40
C ASP I 648 17.56 48.91 -63.93
N ASN I 649 17.55 50.21 -63.74
CA ASN I 649 16.51 51.03 -64.30
C ASN I 649 17.13 52.35 -64.58
N GLU I 650 18.31 52.23 -65.19
CA GLU I 650 19.07 53.41 -65.44
C GLU I 650 19.65 53.68 -66.80
N LEU I 651 19.26 54.85 -67.24
CA LEU I 651 19.73 55.39 -68.48
C LEU I 651 20.52 56.64 -68.30
N LEU I 652 21.65 56.64 -68.96
CA LEU I 652 22.46 57.80 -68.88
C LEU I 652 22.43 58.64 -70.14
N HIS I 653 21.90 59.83 -70.05
CA HIS I 653 21.83 60.71 -71.19
C HIS I 653 22.91 61.73 -71.10
N TRP I 654 23.64 61.92 -72.17
CA TRP I 654 24.65 62.95 -72.10
C TRP I 654 24.47 63.89 -73.24
N MET I 655 25.13 65.02 -73.15
CA MET I 655 25.01 65.96 -74.21
C MET I 655 25.90 67.19 -74.10
N VAL I 656 26.31 67.65 -75.27
CA VAL I 656 27.21 68.75 -75.41
C VAL I 656 26.64 69.98 -76.05
N ALA I 657 26.95 71.13 -75.47
CA ALA I 657 26.45 72.37 -76.01
C ALA I 657 27.42 73.51 -75.86
N LEU I 658 27.28 74.40 -76.80
CA LEU I 658 28.09 75.57 -76.88
C LEU I 658 27.25 76.71 -76.51
N ASP I 659 27.58 77.34 -75.41
CA ASP I 659 26.74 78.43 -74.98
C ASP I 659 25.27 78.13 -75.12
N GLY I 660 24.87 76.90 -74.83
CA GLY I 660 23.45 76.62 -74.92
C GLY I 660 23.08 75.94 -76.20
N LYS I 661 23.99 75.92 -77.15
CA LYS I 661 23.67 75.27 -78.38
C LYS I 661 24.23 73.90 -78.38
N PRO I 662 23.28 73.02 -78.41
CA PRO I 662 23.45 71.60 -78.38
C PRO I 662 24.12 71.15 -79.63
N LEU I 663 25.14 70.37 -79.48
CA LEU I 663 25.87 69.90 -80.62
C LEU I 663 25.86 68.41 -80.71
N ALA I 664 25.60 67.73 -79.59
CA ALA I 664 25.59 66.29 -79.56
C ALA I 664 24.96 65.77 -78.31
N SER I 665 24.27 64.64 -78.47
CA SER I 665 23.59 63.96 -77.39
C SER I 665 23.87 62.51 -77.53
N GLY I 666 23.66 61.81 -76.42
CA GLY I 666 23.89 60.38 -76.39
C GLY I 666 23.10 59.74 -75.29
N GLU I 667 22.95 58.46 -75.43
CA GLU I 667 22.22 57.69 -74.45
C GLU I 667 22.94 56.44 -74.09
N VAL I 668 23.17 56.24 -72.82
CA VAL I 668 23.81 55.02 -72.44
C VAL I 668 23.27 54.44 -71.18
N PRO I 669 22.94 53.20 -71.35
CA PRO I 669 22.41 52.35 -70.32
C PRO I 669 23.49 52.03 -69.32
N LEU I 670 23.11 52.17 -68.06
CA LEU I 670 23.99 51.90 -66.95
C LEU I 670 23.98 50.47 -66.50
N ASP I 671 25.15 50.04 -66.15
CA ASP I 671 25.34 48.70 -65.65
C ASP I 671 26.32 48.74 -64.53
N VAL I 672 25.85 49.09 -63.33
CA VAL I 672 26.75 49.17 -62.21
C VAL I 672 26.27 48.47 -60.99
N ALA I 673 27.20 47.71 -60.47
CA ALA I 673 26.93 47.00 -59.26
C ALA I 673 27.03 47.93 -58.09
N PRO I 674 26.23 47.64 -57.08
CA PRO I 674 26.29 48.43 -55.88
C PRO I 674 27.75 48.61 -55.59
N GLN I 675 28.08 49.85 -55.29
CA GLN I 675 29.43 50.22 -54.97
C GLN I 675 30.42 50.00 -56.06
N GLY I 676 29.95 49.84 -57.27
CA GLY I 676 30.89 49.64 -58.36
C GLY I 676 31.06 50.87 -59.24
N LYS I 677 31.94 50.69 -60.21
CA LYS I 677 32.27 51.71 -61.18
C LYS I 677 31.95 51.28 -62.61
N GLN I 678 31.59 52.22 -63.45
CA GLN I 678 31.32 51.95 -64.84
C GLN I 678 32.02 53.02 -65.64
N LEU I 679 32.70 52.56 -66.68
CA LEU I 679 33.41 53.46 -67.56
C LEU I 679 32.68 53.83 -68.79
N ILE I 680 32.67 55.10 -69.06
CA ILE I 680 31.95 55.45 -70.22
C ILE I 680 32.72 56.20 -71.20
N GLU I 681 32.82 55.51 -72.31
CA GLU I 681 33.56 55.98 -73.44
C GLU I 681 32.82 56.90 -74.37
N LEU I 682 33.39 58.06 -74.50
CA LEU I 682 32.76 59.02 -75.34
C LEU I 682 33.24 59.03 -76.75
N PRO I 683 32.26 59.11 -77.60
CA PRO I 683 32.45 59.22 -79.02
C PRO I 683 33.20 60.51 -79.19
N GLU I 684 33.90 60.61 -80.29
CA GLU I 684 34.64 61.82 -80.53
C GLU I 684 33.80 63.06 -80.45
N LEU I 685 34.33 63.97 -79.68
CA LEU I 685 33.64 65.20 -79.46
C LEU I 685 33.97 66.26 -80.44
N PRO I 686 32.96 67.04 -80.65
CA PRO I 686 32.95 68.16 -81.55
C PRO I 686 33.88 69.26 -81.07
N GLN I 687 34.53 69.89 -82.04
CA GLN I 687 35.46 70.96 -81.73
C GLN I 687 35.13 72.22 -82.48
N PRO I 688 34.04 72.83 -82.07
CA PRO I 688 33.53 74.06 -82.60
C PRO I 688 34.61 75.12 -82.69
N GLU I 689 34.41 75.99 -83.64
CA GLU I 689 35.35 77.06 -83.87
C GLU I 689 34.95 78.30 -83.13
N SER I 690 33.66 78.54 -83.29
CA SER I 690 32.95 79.64 -82.70
C SER I 690 33.38 79.88 -81.26
N ALA I 691 33.23 81.10 -80.83
CA ALA I 691 33.64 81.39 -79.49
C ALA I 691 32.54 81.00 -78.56
N GLY I 692 32.97 80.70 -77.33
CA GLY I 692 32.04 80.30 -76.30
C GLY I 692 32.56 79.19 -75.42
N GLN I 693 31.70 78.81 -74.46
CA GLN I 693 31.95 77.78 -73.49
C GLN I 693 31.29 76.50 -73.90
N LEU I 694 32.10 75.48 -73.89
CA LEU I 694 31.64 74.18 -74.22
C LEU I 694 31.37 73.38 -72.97
N TRP I 695 30.16 72.88 -72.86
CA TRP I 695 29.83 72.14 -71.67
C TRP I 695 29.20 70.80 -71.87
N LEU I 696 29.63 69.89 -71.00
CA LEU I 696 29.10 68.57 -71.02
C LEU I 696 28.13 68.32 -69.89
N THR I 697 27.01 67.70 -70.23
CA THR I 697 26.06 67.38 -69.23
C THR I 697 25.49 66.00 -69.29
N VAL I 698 25.45 65.35 -68.12
CA VAL I 698 24.87 64.02 -68.00
C VAL I 698 23.69 63.99 -67.04
N ARG I 699 22.78 63.11 -67.39
CA ARG I 699 21.59 62.92 -66.61
C ARG I 699 21.28 61.45 -66.48
N VAL I 700 20.64 61.11 -65.38
CA VAL I 700 20.28 59.74 -65.18
C VAL I 700 18.80 59.57 -65.15
N VAL I 701 18.38 58.67 -66.04
CA VAL I 701 16.98 58.42 -66.13
C VAL I 701 16.51 57.04 -65.91
N GLN I 702 15.33 57.05 -65.32
CA GLN I 702 14.59 55.86 -65.00
C GLN I 702 13.48 55.70 -65.99
N PRO I 703 13.82 54.89 -66.97
CA PRO I 703 12.98 54.54 -68.06
C PRO I 703 11.64 54.02 -67.59
N ASN I 704 11.67 53.04 -66.69
CA ASN I 704 10.43 52.46 -66.20
C ASN I 704 9.95 53.07 -64.91
N ALA I 705 8.65 53.18 -64.75
CA ALA I 705 8.19 53.73 -63.49
C ALA I 705 8.40 52.75 -62.37
N THR I 706 8.28 53.27 -61.17
CA THR I 706 8.45 52.48 -59.97
C THR I 706 7.31 52.79 -59.08
N ALA I 707 7.33 52.14 -57.95
CA ALA I 707 6.28 52.38 -57.05
C ALA I 707 6.29 53.77 -56.53
N TRP I 708 7.43 54.43 -56.66
CA TRP I 708 7.47 55.76 -56.11
C TRP I 708 7.87 56.78 -57.10
N SER I 709 8.04 56.33 -58.34
CA SER I 709 8.43 57.24 -59.37
C SER I 709 7.85 56.86 -60.72
N GLU I 710 7.65 57.91 -61.50
CA GLU I 710 7.14 57.83 -62.85
C GLU I 710 8.18 57.39 -63.83
N ALA I 711 7.72 57.07 -65.01
CA ALA I 711 8.75 56.69 -65.93
C ALA I 711 9.44 57.94 -66.41
N GLY I 712 10.70 57.80 -66.77
CA GLY I 712 11.45 58.96 -67.20
C GLY I 712 11.88 59.88 -66.06
N HIS I 713 11.97 59.34 -64.86
CA HIS I 713 12.38 60.15 -63.76
C HIS I 713 13.87 60.42 -63.80
N ILE I 714 14.23 61.66 -63.45
CA ILE I 714 15.64 62.02 -63.40
C ILE I 714 16.16 61.82 -62.00
N SER I 715 17.15 60.98 -61.86
CA SER I 715 17.63 60.72 -60.52
C SER I 715 18.95 61.35 -60.22
N ALA I 716 19.68 61.74 -61.26
CA ALA I 716 20.95 62.32 -60.98
C ALA I 716 21.50 63.04 -62.17
N TRP I 717 22.33 64.03 -61.88
CA TRP I 717 22.93 64.73 -62.96
C TRP I 717 24.23 65.32 -62.56
N GLN I 718 24.97 65.73 -63.58
CA GLN I 718 26.25 66.34 -63.35
C GLN I 718 26.74 67.02 -64.60
N GLN I 719 27.46 68.11 -64.42
CA GLN I 719 27.93 68.74 -65.63
C GLN I 719 29.38 69.24 -65.59
N TRP I 720 30.01 69.37 -66.74
CA TRP I 720 31.38 69.83 -66.77
C TRP I 720 31.66 70.83 -67.89
N ARG I 721 32.63 71.70 -67.66
CA ARG I 721 32.95 72.65 -68.72
C ARG I 721 34.10 72.13 -69.52
N LEU I 722 33.84 71.81 -70.76
CA LEU I 722 34.89 71.24 -71.56
C LEU I 722 35.91 72.19 -72.05
N ALA I 723 35.47 73.24 -72.68
CA ALA I 723 36.45 74.17 -73.18
C ALA I 723 35.90 75.54 -73.26
N GLU I 724 36.81 76.39 -73.72
CA GLU I 724 36.50 77.79 -73.88
C GLU I 724 37.21 78.35 -75.07
N ASN I 725 36.48 79.09 -75.84
CA ASN I 725 37.05 79.74 -76.99
C ASN I 725 36.89 81.21 -76.76
N LEU I 726 37.96 81.84 -76.35
CA LEU I 726 37.92 83.26 -76.10
C LEU I 726 37.63 84.01 -77.39
N SER I 727 36.78 85.04 -77.28
CA SER I 727 36.46 85.83 -78.47
C SER I 727 37.43 86.93 -78.72
N VAL I 728 38.05 86.84 -79.88
CA VAL I 728 39.02 87.82 -80.25
C VAL I 728 38.48 88.73 -81.30
N THR I 729 37.18 88.79 -81.40
CA THR I 729 36.73 89.64 -82.44
C THR I 729 36.39 91.03 -82.02
N LEU I 730 36.35 91.82 -83.07
CA LEU I 730 36.07 93.20 -82.98
C LEU I 730 34.78 93.54 -83.64
N PRO I 731 34.16 94.46 -82.95
CA PRO I 731 32.92 95.06 -83.34
C PRO I 731 33.20 95.84 -84.61
N ALA I 732 32.36 95.59 -85.60
CA ALA I 732 32.53 96.30 -86.83
C ALA I 732 32.23 97.79 -86.63
N ALA I 733 32.75 98.59 -87.55
CA ALA I 733 32.54 100.02 -87.47
C ALA I 733 31.08 100.42 -87.56
N SER I 734 30.84 101.56 -86.95
CA SER I 734 29.54 102.17 -86.92
C SER I 734 29.62 103.34 -87.86
N HIS I 735 28.51 103.69 -88.46
CA HIS I 735 28.55 104.79 -89.39
C HIS I 735 28.32 106.11 -88.73
N ALA I 736 28.13 106.05 -87.43
CA ALA I 736 27.87 107.26 -86.73
C ALA I 736 28.22 107.14 -85.31
N ILE I 737 28.12 108.23 -84.61
CA ILE I 737 28.42 108.19 -83.24
C ILE I 737 27.49 109.03 -82.45
N PRO I 738 27.25 108.56 -81.25
CA PRO I 738 26.33 109.22 -80.39
C PRO I 738 26.61 110.70 -80.31
N HIS I 739 25.56 111.39 -80.02
CA HIS I 739 25.67 112.79 -79.96
C HIS I 739 25.35 113.30 -78.58
N LEU I 740 26.39 113.86 -77.98
CA LEU I 740 26.30 114.40 -76.63
C LEU I 740 25.65 115.74 -76.56
N THR I 741 25.12 116.10 -75.43
CA THR I 741 24.45 117.38 -75.30
C THR I 741 24.37 117.77 -73.86
N THR I 742 25.11 118.80 -73.51
CA THR I 742 25.09 119.22 -72.13
C THR I 742 23.92 120.08 -71.83
N SER I 743 23.70 120.29 -70.57
CA SER I 743 22.63 121.08 -70.02
C SER I 743 23.02 121.34 -68.58
N GLU I 744 22.23 122.04 -67.83
CA GLU I 744 22.66 122.25 -66.50
C GLU I 744 22.41 121.05 -65.64
N MET I 745 21.25 120.48 -65.92
CA MET I 745 20.73 119.35 -65.23
C MET I 745 21.23 118.08 -65.74
N ASP I 746 21.69 118.09 -66.97
CA ASP I 746 22.12 116.80 -67.39
C ASP I 746 22.88 116.74 -68.65
N PHE I 747 23.10 115.50 -69.03
CA PHE I 747 23.81 115.20 -70.22
C PHE I 747 22.92 114.37 -71.11
N CME I 748 22.90 114.67 -72.43
CA CME I 748 22.08 113.92 -73.33
CB CME I 748 20.90 114.61 -73.97
SG CME I 748 19.55 114.31 -72.87
SD CME I 748 18.24 113.19 -73.79
CE CME I 748 16.85 113.73 -72.77
CZ CME I 748 15.60 114.10 -73.60
OH CME I 748 15.08 115.35 -73.16
C CME I 748 22.76 113.19 -74.39
O CME I 748 23.42 113.75 -75.26
N ILE I 749 22.53 111.93 -74.35
CA ILE I 749 23.14 111.16 -75.39
C ILE I 749 22.09 110.66 -76.30
N GLU I 750 22.30 110.92 -77.56
CA GLU I 750 21.37 110.52 -78.54
C GLU I 750 22.00 109.75 -79.64
N LEU I 751 21.22 108.85 -80.20
CA LEU I 751 21.65 108.04 -81.28
C LEU I 751 20.45 107.38 -81.92
N GLY I 752 19.95 107.98 -82.98
CA GLY I 752 18.77 107.43 -83.61
C GLY I 752 17.60 107.68 -82.70
N ASN I 753 16.76 106.67 -82.60
CA ASN I 753 15.60 106.71 -81.74
C ASN I 753 16.02 106.60 -80.28
N LYS I 754 17.24 106.08 -80.07
CA LYS I 754 17.74 105.90 -78.74
C LYS I 754 18.29 107.17 -78.10
N ARG I 755 17.97 107.29 -76.82
CA ARG I 755 18.39 108.42 -76.02
C ARG I 755 18.63 108.01 -74.57
N TRP I 756 19.67 108.58 -73.97
CA TRP I 756 20.02 108.29 -72.60
C TRP I 756 20.23 109.55 -71.83
N GLN I 757 19.74 109.61 -70.63
CA GLN I 757 20.01 110.80 -69.90
C GLN I 757 20.61 110.62 -68.50
N PHE I 758 21.63 111.42 -68.20
CA PHE I 758 22.24 111.32 -66.88
C PHE I 758 22.04 112.55 -66.08
N ASN I 759 21.40 112.43 -64.95
CA ASN I 759 21.18 113.60 -64.12
C ASN I 759 22.47 114.05 -63.51
N ARG I 760 22.75 115.31 -63.69
CA ARG I 760 23.98 115.88 -63.21
C ARG I 760 24.01 116.13 -61.73
N GLN I 761 22.88 116.09 -61.08
CA GLN I 761 23.03 116.33 -59.67
C GLN I 761 23.25 115.04 -58.94
N SER I 762 22.57 114.01 -59.38
CA SER I 762 22.63 112.72 -58.76
C SER I 762 23.76 111.91 -59.29
N GLY I 763 24.11 112.21 -60.51
CA GLY I 763 25.14 111.40 -61.11
C GLY I 763 24.61 110.06 -61.62
N PHE I 764 23.32 109.86 -61.75
CA PHE I 764 22.90 108.59 -62.26
C PHE I 764 22.25 108.67 -63.58
N LEU I 765 22.20 107.53 -64.22
CA LEU I 765 21.51 107.41 -65.46
C LEU I 765 20.06 107.44 -65.05
N SER I 766 19.40 108.56 -65.30
CA SER I 766 18.03 108.81 -64.90
C SER I 766 16.95 108.30 -65.82
N GLN I 767 17.19 108.30 -67.11
CA GLN I 767 16.14 107.81 -67.97
C GLN I 767 16.70 107.47 -69.29
N MET I 768 15.95 106.70 -70.02
CA MET I 768 16.37 106.37 -71.30
C MET I 768 15.17 106.05 -72.13
N TRP I 769 15.24 106.35 -73.42
CA TRP I 769 14.13 106.16 -74.31
C TRP I 769 14.46 105.39 -75.51
N ILE I 770 13.43 104.75 -75.98
CA ILE I 770 13.51 104.07 -77.24
C ILE I 770 12.33 104.63 -77.94
N GLY I 771 12.63 105.46 -78.92
CA GLY I 771 11.57 106.14 -79.56
C GLY I 771 11.12 107.18 -78.54
N ASP I 772 9.84 107.23 -78.31
CA ASP I 772 9.26 108.16 -77.38
C ASP I 772 8.91 107.47 -76.08
N LYS I 773 9.38 106.24 -75.95
CA LYS I 773 9.08 105.47 -74.78
C LYS I 773 10.16 105.52 -73.73
N LYS I 774 9.76 106.00 -72.56
CA LYS I 774 10.67 106.05 -71.45
C LYS I 774 10.88 104.62 -71.02
N GLN I 775 12.05 104.28 -70.50
CA GLN I 775 12.25 102.89 -70.18
C GLN I 775 12.36 102.60 -68.71
N LEU I 776 12.59 103.62 -67.93
CA LEU I 776 12.75 103.35 -66.53
C LEU I 776 11.84 104.11 -65.66
N LEU I 777 11.36 103.48 -64.62
CA LEU I 777 10.56 104.19 -63.66
C LEU I 777 11.46 104.68 -62.55
N THR I 778 12.64 104.12 -62.49
CA THR I 778 13.59 104.48 -61.48
C THR I 778 14.98 104.49 -62.06
N PRO I 779 15.82 105.37 -61.55
CA PRO I 779 17.19 105.49 -62.00
C PRO I 779 18.06 104.29 -61.62
N LEU I 780 19.06 104.07 -62.42
CA LEU I 780 19.97 102.97 -62.25
C LEU I 780 20.92 103.27 -61.14
N ARG I 781 20.89 102.45 -60.10
CA ARG I 781 21.82 102.71 -59.04
C ARG I 781 22.44 101.57 -58.30
N ASP I 782 23.51 101.97 -57.63
CA ASP I 782 24.30 101.06 -56.86
C ASP I 782 23.46 100.53 -55.75
N GLN I 783 23.70 99.30 -55.40
CA GLN I 783 22.96 98.74 -54.32
C GLN I 783 23.84 97.85 -53.51
N PHE I 784 23.81 98.05 -52.22
CA PHE I 784 24.66 97.26 -51.35
C PHE I 784 23.96 96.37 -50.35
N THR I 785 22.65 96.41 -50.31
CA THR I 785 21.95 95.63 -49.32
C THR I 785 20.97 94.63 -49.92
N ARG I 786 20.36 93.87 -48.99
CA ARG I 786 19.33 92.95 -49.37
C ARG I 786 18.22 92.88 -48.35
N ALA I 787 17.04 92.45 -48.81
CA ALA I 787 15.92 92.24 -47.93
C ALA I 787 16.27 90.97 -47.20
N PRO I 788 16.65 91.18 -45.94
CA PRO I 788 17.11 90.16 -45.04
C PRO I 788 16.45 88.82 -45.13
N LEU I 789 17.30 87.81 -45.12
CA LEU I 789 16.79 86.46 -45.09
C LEU I 789 16.52 86.10 -43.66
N ASP I 790 15.81 85.00 -43.53
CA ASP I 790 15.54 84.53 -42.18
C ASP I 790 16.85 84.38 -41.47
N ASN I 791 17.79 83.77 -42.17
CA ASN I 791 19.12 83.58 -41.65
C ASN I 791 19.80 84.92 -41.33
N ASP I 792 19.51 85.96 -42.09
CA ASP I 792 20.15 87.23 -41.79
C ASP I 792 19.67 87.84 -40.49
N ILE I 793 18.46 87.41 -40.11
CA ILE I 793 17.80 87.92 -38.94
C ILE I 793 18.00 87.10 -37.68
N GLY I 794 17.86 85.80 -37.84
CA GLY I 794 18.02 84.89 -36.74
C GLY I 794 16.94 85.10 -35.72
N VAL I 795 17.34 85.43 -34.52
CA VAL I 795 16.34 85.61 -33.51
C VAL I 795 16.22 87.03 -33.03
N SER I 796 16.77 87.93 -33.83
CA SER I 796 16.67 89.30 -33.44
C SER I 796 15.22 89.75 -33.48
N GLU I 797 14.87 90.45 -32.41
CA GLU I 797 13.54 90.97 -32.26
C GLU I 797 13.62 92.42 -31.89
N ALA I 798 12.59 93.13 -32.31
CA ALA I 798 12.47 94.55 -32.06
C ALA I 798 12.71 94.85 -30.58
N THR I 799 12.03 94.06 -29.77
CA THR I 799 12.12 94.14 -28.34
C THR I 799 13.50 93.69 -27.87
N ARG I 800 13.88 92.51 -28.37
CA ARG I 800 15.13 91.87 -28.02
C ARG I 800 16.01 91.64 -29.22
N ILE I 801 16.80 92.65 -29.48
CA ILE I 801 17.73 92.68 -30.57
C ILE I 801 18.96 91.80 -30.36
N ASP I 802 19.41 91.16 -31.44
CA ASP I 802 20.60 90.34 -31.44
C ASP I 802 21.68 90.99 -32.30
N PRO I 803 22.50 91.73 -31.59
CA PRO I 803 23.61 92.48 -32.10
C PRO I 803 24.51 91.70 -33.04
N ASN I 804 24.52 90.38 -32.98
CA ASN I 804 25.41 89.75 -33.93
C ASN I 804 24.76 89.40 -35.23
N ALA I 805 23.46 89.44 -35.26
CA ALA I 805 22.80 89.15 -36.51
C ALA I 805 23.26 90.11 -37.58
N TRP I 806 23.45 89.56 -38.76
CA TRP I 806 23.87 90.32 -39.89
C TRP I 806 23.03 91.54 -40.03
N VAL I 807 21.75 91.28 -40.07
CA VAL I 807 20.84 92.38 -40.22
C VAL I 807 21.08 93.47 -39.21
N GLU I 808 21.31 93.03 -38.00
CA GLU I 808 21.55 93.94 -36.94
C GLU I 808 22.77 94.77 -37.23
N ARG I 809 23.80 94.11 -37.67
CA ARG I 809 25.02 94.84 -37.95
C ARG I 809 24.90 95.79 -39.12
N TRP I 810 24.24 95.31 -40.15
CA TRP I 810 24.07 96.11 -41.31
C TRP I 810 23.34 97.37 -40.96
N LYS I 811 22.34 97.16 -40.13
CA LYS I 811 21.48 98.24 -39.70
C LYS I 811 22.32 99.23 -38.94
N ALA I 812 22.95 98.72 -37.93
CA ALA I 812 23.75 99.57 -37.12
C ALA I 812 24.80 100.32 -37.88
N ALA I 813 25.28 99.70 -38.95
CA ALA I 813 26.31 100.34 -39.73
C ALA I 813 25.75 101.43 -40.62
N GLY I 814 24.43 101.42 -40.78
CA GLY I 814 23.83 102.44 -41.60
C GLY I 814 23.79 102.00 -43.04
N HIS I 815 24.09 100.74 -43.27
CA HIS I 815 24.05 100.28 -44.64
C HIS I 815 22.73 100.57 -45.29
N TYR I 816 21.69 100.31 -44.54
CA TYR I 816 20.36 100.49 -45.05
C TYR I 816 20.01 101.92 -45.24
N GLN I 817 20.79 102.83 -44.71
CA GLN I 817 20.37 104.17 -44.92
C GLN I 817 21.46 105.18 -45.24
N ALA I 818 22.50 104.68 -45.88
CA ALA I 818 23.56 105.58 -46.20
C ALA I 818 23.14 106.40 -47.36
N GLU I 819 23.77 107.54 -47.38
CA GLU I 819 23.55 108.55 -48.36
C GLU I 819 24.65 108.65 -49.36
N ALA I 820 24.24 108.53 -50.61
CA ALA I 820 25.21 108.67 -51.68
C ALA I 820 25.59 110.13 -51.90
N ALA I 821 26.83 110.35 -52.30
CA ALA I 821 27.32 111.69 -52.55
C ALA I 821 28.13 111.76 -53.85
N LEU I 822 27.71 112.62 -54.76
CA LEU I 822 28.46 112.72 -56.00
C LEU I 822 29.82 113.30 -55.72
N LEU I 823 30.82 112.59 -56.16
CA LEU I 823 32.14 113.08 -56.00
C LEU I 823 32.55 113.65 -57.31
N GLN I 824 32.03 113.07 -58.38
CA GLN I 824 32.39 113.53 -59.68
C GLN I 824 31.60 112.89 -60.79
N CYS I 825 31.39 113.69 -61.83
CA CYS I 825 30.60 113.26 -62.97
C CYS I 825 31.03 113.99 -64.19
N THR I 826 31.57 113.27 -65.16
CA THR I 826 32.02 113.92 -66.36
C THR I 826 31.67 113.20 -67.63
N ALA I 827 31.63 114.02 -68.68
CA ALA I 827 31.31 113.55 -69.99
C ALA I 827 32.38 113.94 -70.97
N ASP I 828 32.57 113.07 -71.96
CA ASP I 828 33.61 113.31 -72.91
C ASP I 828 33.31 112.63 -74.22
N THR I 829 33.76 113.28 -75.28
CA THR I 829 33.54 112.74 -76.60
C THR I 829 34.78 112.18 -77.19
N LEU I 830 34.66 110.93 -77.51
CA LEU I 830 35.75 110.25 -78.11
C LEU I 830 35.48 110.10 -79.56
N ALA I 831 36.46 109.59 -80.24
CA ALA I 831 36.28 109.41 -81.64
C ALA I 831 35.21 108.46 -81.99
N ASP I 832 34.97 107.47 -81.15
CA ASP I 832 34.01 106.45 -81.52
C ASP I 832 32.89 106.27 -80.57
N ALA I 833 32.89 107.07 -79.51
CA ALA I 833 31.83 106.97 -78.55
C ALA I 833 31.83 108.11 -77.58
N VAL I 834 30.87 108.03 -76.70
CA VAL I 834 30.76 109.00 -75.65
C VAL I 834 31.07 108.32 -74.33
N LEU I 835 31.78 109.07 -73.52
CA LEU I 835 32.22 108.55 -72.28
C LEU I 835 31.82 109.34 -71.08
N ILE I 836 31.19 108.63 -70.14
CA ILE I 836 30.79 109.25 -68.92
C ILE I 836 31.46 108.65 -67.74
N THR I 837 31.86 109.51 -66.82
CA THR I 837 32.44 108.95 -65.62
C THR I 837 31.91 109.55 -64.35
N THR I 838 31.70 108.68 -63.38
CA THR I 838 31.18 109.12 -62.10
C THR I 838 31.91 108.52 -60.93
N ALA I 839 31.65 109.12 -59.79
CA ALA I 839 32.22 108.67 -58.57
C ALA I 839 31.35 109.12 -57.45
N HIS I 840 30.92 108.15 -56.64
CA HIS I 840 30.08 108.48 -55.54
C HIS I 840 30.61 107.90 -54.26
N ALA I 841 30.09 108.41 -53.17
CA ALA I 841 30.47 107.89 -51.89
C ALA I 841 29.27 107.69 -51.00
N TRP I 842 29.17 106.53 -50.36
CA TRP I 842 28.06 106.39 -49.46
C TRP I 842 28.59 106.63 -48.08
N GLN I 843 27.93 107.52 -47.37
CA GLN I 843 28.39 107.78 -46.05
C GLN I 843 27.32 107.71 -45.03
N HIS I 844 27.79 107.65 -43.82
CA HIS I 844 26.87 107.56 -42.73
C HIS I 844 27.51 108.05 -41.49
N GLN I 845 26.93 109.11 -40.98
CA GLN I 845 27.47 109.71 -39.80
C GLN I 845 28.94 110.00 -39.93
N GLY I 846 29.30 110.58 -41.06
CA GLY I 846 30.69 110.96 -41.27
C GLY I 846 31.60 109.84 -41.76
N LYS I 847 31.11 108.61 -41.73
CA LYS I 847 31.96 107.59 -42.21
C LYS I 847 31.62 107.23 -43.63
N THR I 848 32.67 106.93 -44.36
CA THR I 848 32.48 106.53 -45.73
C THR I 848 32.49 105.02 -45.81
N LEU I 849 31.35 104.44 -46.21
CA LEU I 849 31.24 103.00 -46.31
C LEU I 849 31.72 102.50 -47.61
N PHE I 850 31.22 103.10 -48.67
CA PHE I 850 31.62 102.66 -49.98
C PHE I 850 31.92 103.76 -50.92
N ILE I 851 32.66 103.34 -51.92
CA ILE I 851 33.00 104.21 -52.99
C ILE I 851 32.78 103.50 -54.28
N SER I 852 32.00 104.14 -55.11
CA SER I 852 31.68 103.58 -56.38
C SER I 852 32.13 104.46 -57.53
N ARG I 853 32.98 103.88 -58.34
CA ARG I 853 33.49 104.60 -59.49
C ARG I 853 33.11 103.91 -60.77
N LYS I 854 32.44 104.65 -61.65
CA LYS I 854 32.02 104.02 -62.89
C LYS I 854 32.40 104.77 -64.13
N THR I 855 32.20 104.06 -65.23
CA THR I 855 32.35 104.59 -66.57
C THR I 855 31.29 103.98 -67.44
N TYR I 856 30.71 104.88 -68.21
CA TYR I 856 29.69 104.46 -69.11
C TYR I 856 30.15 104.86 -70.47
N ARG I 857 30.15 103.88 -71.35
CA ARG I 857 30.60 104.17 -72.66
C ARG I 857 29.68 103.66 -73.72
N ILE I 858 29.14 104.64 -74.44
CA ILE I 858 28.18 104.42 -75.49
C ILE I 858 28.74 104.67 -76.83
N ASP I 859 28.70 103.64 -77.63
CA ASP I 859 29.24 103.73 -78.96
C ASP I 859 28.17 103.87 -80.00
N GLY I 860 28.68 103.89 -81.21
CA GLY I 860 27.86 104.01 -82.37
C GLY I 860 27.03 102.79 -82.65
N SER I 861 27.29 101.72 -81.93
CA SER I 861 26.47 100.56 -82.19
C SER I 861 25.25 100.63 -81.29
N GLY I 862 25.25 101.60 -80.38
CA GLY I 862 24.13 101.77 -79.48
C GLY I 862 24.24 100.91 -78.21
N GLN I 863 25.44 100.43 -77.93
CA GLN I 863 25.58 99.65 -76.73
C GLN I 863 26.19 100.45 -75.64
N MET I 864 25.76 100.16 -74.46
CA MET I 864 26.30 100.86 -73.34
C MET I 864 27.07 99.90 -72.46
N ALA I 865 28.35 100.21 -72.34
CA ALA I 865 29.20 99.39 -71.53
C ALA I 865 29.44 100.08 -70.23
N ILE I 866 29.21 99.32 -69.19
CA ILE I 866 29.36 99.84 -67.88
C ILE I 866 30.45 99.17 -67.12
N THR I 867 31.14 99.99 -66.39
CA THR I 867 32.22 99.50 -65.63
C THR I 867 32.17 100.02 -64.23
N VAL I 868 32.23 99.06 -63.31
CA VAL I 868 32.14 99.39 -61.92
C VAL I 868 33.25 98.90 -61.07
N ASP I 869 33.75 99.83 -60.27
CA ASP I 869 34.78 99.51 -59.33
C ASP I 869 34.43 100.09 -57.99
N VAL I 870 34.32 99.19 -57.03
CA VAL I 870 33.97 99.56 -55.68
C VAL I 870 35.00 99.28 -54.62
N GLU I 871 34.98 100.18 -53.64
CA GLU I 871 35.84 100.08 -52.50
C GLU I 871 34.95 100.01 -51.31
N VAL I 872 35.27 99.08 -50.41
CA VAL I 872 34.53 98.91 -49.20
C VAL I 872 35.38 99.08 -47.97
N ALA I 873 34.95 99.94 -47.05
CA ALA I 873 35.75 100.11 -45.85
C ALA I 873 35.95 98.78 -45.16
N SER I 874 37.18 98.55 -44.86
CA SER I 874 37.52 97.31 -44.21
C SER I 874 36.84 97.20 -42.87
N ASP I 875 36.50 98.33 -42.30
CA ASP I 875 35.91 98.19 -41.01
C ASP I 875 34.41 98.18 -40.98
N THR I 876 33.83 98.07 -42.13
CA THR I 876 32.40 97.97 -42.09
C THR I 876 32.04 96.52 -42.30
N PRO I 877 30.86 96.14 -41.92
CA PRO I 877 30.44 94.76 -42.08
C PRO I 877 30.30 94.43 -43.53
N HIS I 878 30.72 93.24 -43.90
CA HIS I 878 30.59 92.89 -45.29
C HIS I 878 29.16 92.98 -45.70
N PRO I 879 29.00 93.64 -46.79
CA PRO I 879 27.74 93.92 -47.41
C PRO I 879 27.16 92.69 -48.04
N ALA I 880 25.85 92.66 -48.05
CA ALA I 880 25.06 91.57 -48.58
C ALA I 880 25.32 91.36 -50.05
N ARG I 881 25.57 92.48 -50.70
CA ARG I 881 25.78 92.39 -52.12
C ARG I 881 26.36 93.65 -52.69
N ILE I 882 26.75 93.53 -53.95
CA ILE I 882 27.35 94.61 -54.73
C ILE I 882 26.85 94.59 -56.15
N GLY I 883 25.96 95.55 -56.42
CA GLY I 883 25.36 95.62 -57.71
C GLY I 883 24.61 96.90 -57.96
N LEU I 884 23.70 96.74 -58.89
CA LEU I 884 22.90 97.84 -59.30
C LEU I 884 21.47 97.44 -59.40
N ASN I 885 20.66 98.47 -59.44
CA ASN I 885 19.27 98.20 -59.62
C ASN I 885 18.50 99.35 -60.21
N CYS I 886 17.33 98.97 -60.65
CA CYS I 886 16.44 99.95 -61.21
C CYS I 886 15.09 99.31 -61.46
N GLN I 887 14.13 100.20 -61.64
CA GLN I 887 12.79 99.80 -61.91
C GLN I 887 12.48 100.03 -63.35
N LEU I 888 12.34 98.96 -64.09
CA LEU I 888 12.04 99.12 -65.48
C LEU I 888 10.59 99.41 -65.68
N ALA I 889 10.32 100.29 -66.63
CA ALA I 889 8.96 100.64 -66.94
C ALA I 889 8.19 99.49 -67.59
N GLN I 890 8.88 98.72 -68.36
CA GLN I 890 8.24 97.62 -69.03
C GLN I 890 7.96 96.44 -68.11
N VAL I 891 7.09 95.57 -68.60
CA VAL I 891 6.72 94.36 -67.91
C VAL I 891 6.46 93.26 -68.93
N ALA I 892 7.25 92.20 -68.94
CA ALA I 892 7.07 91.15 -69.92
C ALA I 892 6.67 89.81 -69.37
N GLU I 893 6.45 88.90 -70.28
CA GLU I 893 5.98 87.57 -69.95
C GLU I 893 7.04 86.58 -69.54
N ARG I 894 8.07 86.56 -70.34
CA ARG I 894 9.14 85.65 -70.14
C ARG I 894 10.45 86.31 -69.77
N VAL I 895 11.34 85.42 -69.33
CA VAL I 895 12.67 85.76 -68.92
C VAL I 895 13.59 84.71 -69.49
N ASN I 896 14.61 85.19 -70.14
CA ASN I 896 15.47 84.29 -70.79
C ASN I 896 16.89 84.63 -70.49
N TRP I 897 17.60 83.60 -70.08
CA TRP I 897 18.96 83.82 -69.75
C TRP I 897 19.84 82.64 -69.98
N LEU I 898 21.10 82.99 -70.05
CA LEU I 898 22.15 82.06 -70.23
C LEU I 898 23.01 82.15 -68.98
N GLY I 899 22.84 81.12 -68.16
CA GLY I 899 23.53 81.03 -66.90
C GLY I 899 23.02 79.84 -66.11
N LEU I 900 23.14 79.96 -64.79
CA LEU I 900 22.76 78.89 -63.89
C LEU I 900 21.29 78.80 -63.70
N GLY I 901 20.73 77.63 -63.96
CA GLY I 901 19.31 77.52 -63.80
C GLY I 901 18.86 76.10 -63.66
N PRO I 902 17.55 75.95 -63.61
CA PRO I 902 16.62 77.04 -63.74
C PRO I 902 16.16 77.62 -62.43
N GLN I 903 16.33 76.90 -61.36
CA GLN I 903 15.85 77.45 -60.10
C GLN I 903 16.73 78.47 -59.44
N GLU I 904 16.11 79.14 -58.50
CA GLU I 904 16.77 80.09 -57.62
C GLU I 904 18.08 79.45 -57.15
N ASN I 905 19.17 80.21 -57.20
CA ASN I 905 20.45 79.70 -56.74
C ASN I 905 21.30 80.78 -56.14
N TYR I 906 22.04 80.41 -55.14
CA TYR I 906 22.91 81.35 -54.47
C TYR I 906 24.32 80.81 -54.43
N PRO I 907 25.22 81.71 -54.14
CA PRO I 907 26.62 81.43 -54.10
C PRO I 907 26.96 80.22 -53.30
N ASP I 908 26.40 80.11 -52.11
CA ASP I 908 26.65 78.92 -51.31
C ASP I 908 25.56 77.88 -51.49
N ARG I 909 24.75 78.03 -52.52
CA ARG I 909 23.74 77.01 -52.78
C ARG I 909 23.48 76.97 -54.26
N LEU I 910 24.39 76.36 -55.02
CA LEU I 910 24.16 76.35 -56.45
C LEU I 910 24.70 75.13 -57.16
N THR I 911 25.19 74.18 -56.42
CA THR I 911 25.71 73.02 -57.09
C THR I 911 24.66 72.29 -57.88
N ALA I 912 23.42 72.41 -57.49
CA ALA I 912 22.46 71.65 -58.24
C ALA I 912 22.06 72.30 -59.55
N ALA I 913 22.35 73.57 -59.66
CA ALA I 913 21.98 74.35 -60.84
C ALA I 913 22.83 74.01 -62.06
N CME I 914 22.30 74.26 -63.26
CA CME I 914 23.02 74.01 -64.47
CB CME I 914 22.52 72.79 -65.23
SG CME I 914 22.90 71.29 -64.33
SD CME I 914 21.46 70.20 -65.20
CE CME I 914 19.91 70.81 -64.42
CZ CME I 914 18.73 69.90 -64.80
OH CME I 914 19.13 69.13 -65.95
C CME I 914 23.17 75.18 -65.34
O CME I 914 22.34 76.10 -65.40
N PHE I 915 24.28 75.14 -66.01
CA PHE I 915 24.58 76.22 -66.90
C PHE I 915 24.00 75.96 -68.25
N ASP I 916 23.01 76.73 -68.59
CA ASP I 916 22.40 76.54 -69.86
C ASP I 916 21.58 77.76 -70.25
N ARG I 917 20.72 77.57 -71.23
CA ARG I 917 19.84 78.62 -71.63
C ARG I 917 18.49 78.38 -71.07
N TRP I 918 18.04 79.29 -70.25
CA TRP I 918 16.77 79.13 -69.63
C TRP I 918 15.79 80.19 -70.05
N ASP I 919 14.54 79.76 -70.11
CA ASP I 919 13.46 80.63 -70.47
C ASP I 919 12.29 80.30 -69.60
N LEU I 920 11.85 81.28 -68.82
CA LEU I 920 10.73 81.07 -67.94
C LEU I 920 9.87 82.30 -67.89
N PRO I 921 8.76 82.10 -67.27
CA PRO I 921 7.81 83.13 -67.07
C PRO I 921 8.18 83.86 -65.84
N LEU I 922 8.02 85.14 -65.97
CA LEU I 922 8.33 86.05 -64.92
C LEU I 922 7.96 85.57 -63.53
N SER I 923 6.81 84.97 -63.47
CA SER I 923 6.29 84.47 -62.21
C SER I 923 7.23 83.49 -61.55
N ASP I 924 7.88 82.72 -62.41
CA ASP I 924 8.77 81.73 -61.91
C ASP I 924 10.04 82.33 -61.37
N MET I 925 10.24 83.60 -61.66
CA MET I 925 11.44 84.17 -61.14
C MET I 925 11.25 84.70 -59.73
N TYR I 926 10.16 84.26 -59.10
CA TYR I 926 9.87 84.70 -57.76
C TYR I 926 9.63 83.56 -56.81
N THR I 927 10.19 83.71 -55.61
CA THR I 927 10.08 82.70 -54.59
C THR I 927 9.32 83.24 -53.41
N PRO I 928 8.09 82.74 -53.40
CA PRO I 928 6.99 82.98 -52.48
C PRO I 928 7.23 82.42 -51.07
N TYR I 929 8.36 82.76 -50.53
CA TYR I 929 8.63 82.36 -49.19
C TYR I 929 7.54 83.02 -48.36
N VAL I 930 6.87 82.24 -47.54
CA VAL I 930 5.81 82.80 -46.72
C VAL I 930 6.22 84.09 -46.05
N PHE I 931 7.37 84.03 -45.41
CA PHE I 931 7.87 85.22 -44.82
C PHE I 931 8.84 85.75 -45.85
N PRO I 932 8.55 86.94 -46.39
CA PRO I 932 9.29 87.46 -47.49
C PRO I 932 10.66 88.04 -47.22
N SER I 933 11.53 87.90 -48.26
CA SER I 933 12.91 88.40 -48.27
C SER I 933 13.58 88.29 -49.65
N GLU I 934 14.83 88.75 -49.75
CA GLU I 934 15.55 88.61 -51.00
C GLU I 934 15.37 87.18 -51.51
N ASN I 935 15.13 86.99 -52.80
CA ASN I 935 14.93 85.64 -53.33
C ASN I 935 15.00 85.62 -54.83
N GLY I 936 14.90 84.42 -55.37
CA GLY I 936 14.89 84.22 -56.81
C GLY I 936 16.19 84.46 -57.56
N LEU I 937 17.25 84.75 -56.85
CA LEU I 937 18.48 84.97 -57.57
C LEU I 937 18.94 83.79 -58.44
N ARG I 938 19.61 84.15 -59.51
CA ARG I 938 20.29 83.19 -60.36
C ARG I 938 21.69 83.72 -60.61
N CYS I 939 22.69 82.89 -60.40
CA CYS I 939 24.06 83.30 -60.56
C CYS I 939 24.69 82.78 -61.83
N GLY I 940 25.92 83.23 -62.02
CA GLY I 940 26.74 82.84 -63.14
C GLY I 940 26.09 83.10 -64.47
N THR I 941 25.54 84.28 -64.58
CA THR I 941 24.87 84.66 -65.77
C THR I 941 25.71 85.50 -66.66
N ARG I 942 25.57 85.15 -67.92
CA ARG I 942 26.32 85.81 -68.95
C ARG I 942 25.54 86.66 -69.89
N GLU I 943 24.27 86.29 -70.07
CA GLU I 943 23.35 87.01 -70.93
C GLU I 943 21.97 86.94 -70.35
N LEU I 944 21.33 88.10 -70.30
CA LEU I 944 19.99 88.23 -69.78
C LEU I 944 19.13 89.03 -70.72
N ASN I 945 17.95 88.50 -70.99
CA ASN I 945 17.00 89.10 -71.90
C ASN I 945 15.63 89.29 -71.33
N TYR I 946 15.14 90.52 -71.38
CA TYR I 946 13.81 90.85 -70.90
C TYR I 946 13.29 91.99 -71.74
N GLY I 947 12.25 91.71 -72.48
CA GLY I 947 11.70 92.69 -73.38
C GLY I 947 12.73 92.91 -74.46
N PRO I 948 12.82 94.16 -74.85
CA PRO I 948 13.75 94.62 -75.85
C PRO I 948 15.16 94.66 -75.29
N HIS I 949 15.30 94.47 -73.98
CA HIS I 949 16.60 94.53 -73.36
C HIS I 949 17.41 93.28 -73.31
N GLN I 950 18.69 93.57 -73.25
CA GLN I 950 19.68 92.54 -73.13
C GLN I 950 20.87 93.02 -72.32
N TRP I 951 21.28 92.17 -71.39
CA TRP I 951 22.44 92.50 -70.62
C TRP I 951 23.46 91.43 -70.76
N ARG I 952 24.69 91.88 -70.78
CA ARG I 952 25.77 90.95 -70.89
C ARG I 952 26.91 91.24 -70.00
N GLY I 953 27.45 90.11 -69.53
CA GLY I 953 28.59 90.14 -68.66
C GLY I 953 28.73 88.86 -67.89
N ASP I 954 29.00 89.05 -66.62
CA ASP I 954 29.14 87.93 -65.74
C ASP I 954 28.58 88.33 -64.41
N PHE I 955 27.31 88.02 -64.20
CA PHE I 955 26.72 88.47 -62.96
C PHE I 955 25.66 87.53 -62.52
N GLN I 956 25.00 87.99 -61.47
CA GLN I 956 23.87 87.32 -60.91
C GLN I 956 22.79 88.35 -60.83
N PHE I 957 21.55 87.86 -60.88
CA PHE I 957 20.46 88.79 -60.83
C PHE I 957 19.21 88.14 -60.37
N ASN I 958 18.26 89.02 -60.16
CA ASN I 958 16.90 88.68 -59.85
C ASN I 958 16.01 89.71 -60.50
N ILE I 959 14.78 89.30 -60.74
CA ILE I 959 13.82 90.15 -61.38
C ILE I 959 12.39 89.85 -60.98
N SER I 960 11.68 90.87 -60.52
CA SER I 960 10.32 90.66 -60.08
C SER I 960 9.57 91.97 -60.03
N ARG I 961 8.38 91.94 -59.38
CA ARG I 961 7.58 93.14 -59.25
C ARG I 961 7.62 93.68 -57.87
N TYR I 962 8.61 93.26 -57.11
CA TYR I 962 8.63 93.77 -55.78
C TYR I 962 9.95 94.35 -55.45
N SER I 963 9.92 95.53 -54.91
CA SER I 963 11.15 96.14 -54.54
C SER I 963 11.63 95.42 -53.28
N GLN I 964 12.93 95.55 -53.05
CA GLN I 964 13.51 94.97 -51.86
C GLN I 964 12.84 95.61 -50.66
N GLN I 965 12.60 96.90 -50.77
CA GLN I 965 11.95 97.55 -49.67
C GLN I 965 10.60 96.95 -49.38
N GLN I 966 9.83 96.69 -50.42
CA GLN I 966 8.55 96.11 -50.13
C GLN I 966 8.74 94.81 -49.36
N LEU I 967 9.55 93.94 -49.94
CA LEU I 967 9.83 92.65 -49.35
C LEU I 967 10.28 92.76 -47.93
N MET I 968 11.10 93.74 -47.75
CA MET I 968 11.64 93.94 -46.46
C MET I 968 10.62 94.43 -45.47
N GLU I 969 9.66 95.18 -45.96
CA GLU I 969 8.68 95.74 -45.07
C GLU I 969 7.42 94.92 -44.88
N THR I 970 7.23 93.88 -45.67
CA THR I 970 6.05 93.02 -45.55
C THR I 970 6.32 91.74 -44.81
N SER I 971 5.41 91.35 -43.93
CA SER I 971 5.61 90.14 -43.14
C SER I 971 5.00 88.90 -43.74
N HIS I 972 4.03 89.05 -44.60
CA HIS I 972 3.45 87.86 -45.15
C HIS I 972 3.37 87.99 -46.60
N ARG I 973 3.58 86.87 -47.25
CA ARG I 973 3.55 86.87 -48.69
C ARG I 973 2.24 87.41 -49.25
N HIS I 974 1.16 87.02 -48.60
CA HIS I 974 -0.14 87.41 -49.07
C HIS I 974 -0.34 88.90 -49.12
N LEU I 975 0.51 89.64 -48.44
CA LEU I 975 0.37 91.08 -48.49
C LEU I 975 1.20 91.80 -49.53
N LEU I 976 1.84 91.06 -50.38
CA LEU I 976 2.59 91.83 -51.33
C LEU I 976 1.74 92.12 -52.51
N HIS I 977 2.01 93.28 -53.04
CA HIS I 977 1.32 93.69 -54.19
C HIS I 977 2.35 94.07 -55.24
N ALA I 978 2.10 93.65 -56.46
CA ALA I 978 3.03 93.98 -57.50
C ALA I 978 3.19 95.48 -57.65
N GLU I 979 4.40 95.90 -57.96
CA GLU I 979 4.66 97.29 -58.14
C GLU I 979 4.52 97.61 -59.62
N GLU I 980 4.60 98.89 -59.89
CA GLU I 980 4.43 99.41 -61.22
C GLU I 980 5.13 98.75 -62.38
N GLY I 981 6.43 98.56 -62.35
CA GLY I 981 6.98 97.95 -63.54
C GLY I 981 7.66 96.67 -63.16
N THR I 982 8.91 96.54 -63.58
CA THR I 982 9.69 95.41 -63.20
C THR I 982 10.95 95.83 -62.47
N TRP I 983 11.14 95.26 -61.31
CA TRP I 983 12.32 95.53 -60.51
C TRP I 983 13.45 94.58 -60.88
N LEU I 984 14.59 95.20 -61.13
CA LEU I 984 15.72 94.42 -61.52
C LEU I 984 16.97 94.69 -60.73
N ASN I 985 17.50 93.60 -60.19
CA ASN I 985 18.74 93.65 -59.47
C ASN I 985 19.80 92.82 -60.15
N ILE I 986 20.87 93.54 -60.50
CA ILE I 986 22.04 92.96 -61.11
C ILE I 986 23.23 93.11 -60.19
N ASP I 987 23.69 91.95 -59.75
CA ASP I 987 24.78 91.90 -58.84
C ASP I 987 26.07 91.41 -59.45
N GLY I 988 27.11 92.16 -59.10
CA GLY I 988 28.44 91.78 -59.49
C GLY I 988 28.84 90.71 -58.47
N PHE I 989 28.35 90.87 -57.24
CA PHE I 989 28.65 89.94 -56.19
C PHE I 989 27.56 89.90 -55.19
N HIS I 990 27.41 88.72 -54.60
CA HIS I 990 26.40 88.54 -53.62
C HIS I 990 26.81 87.60 -52.53
N MET I 991 26.55 87.98 -51.30
CA MET I 991 26.90 87.18 -50.13
C MET I 991 26.19 85.84 -50.07
N GLY I 992 26.75 84.88 -49.35
CA GLY I 992 26.10 83.59 -49.26
C GLY I 992 24.86 83.71 -48.38
N ILE I 993 24.09 82.62 -48.28
CA ILE I 993 22.86 82.65 -47.49
C ILE I 993 22.96 81.92 -46.17
N GLY I 994 23.93 81.02 -46.06
CA GLY I 994 24.13 80.27 -44.83
C GLY I 994 23.02 79.28 -44.59
N GLY I 995 22.92 78.88 -43.32
CA GLY I 995 21.89 77.95 -42.95
C GLY I 995 22.32 76.88 -41.97
N ASP I 996 23.61 76.83 -41.64
CA ASP I 996 24.05 75.81 -40.70
C ASP I 996 23.11 75.73 -39.50
N ASP I 997 22.56 76.90 -39.18
CA ASP I 997 21.56 77.11 -38.16
C ASP I 997 20.94 78.45 -38.43
N SER I 998 19.78 78.68 -37.82
CA SER I 998 19.11 79.93 -38.08
C SER I 998 19.05 80.85 -36.87
N TRP I 999 19.96 80.67 -35.93
CA TRP I 999 19.92 81.57 -34.80
C TRP I 999 21.28 82.14 -34.42
N SER I 1000 22.18 82.05 -35.40
CA SER I 1000 23.54 82.54 -35.35
C SER I 1000 24.00 82.70 -36.77
N PRO I 1001 25.07 83.45 -36.89
CA PRO I 1001 25.64 83.71 -38.19
C PRO I 1001 26.21 82.43 -38.72
N SER I 1002 25.72 82.03 -39.88
CA SER I 1002 26.12 80.77 -40.43
C SER I 1002 26.74 80.86 -41.82
N VAL I 1003 26.98 82.06 -42.32
CA VAL I 1003 27.59 82.16 -43.64
C VAL I 1003 29.10 81.99 -43.58
N SER I 1004 29.68 81.03 -44.29
CA SER I 1004 31.12 80.92 -44.21
C SER I 1004 31.89 81.98 -44.90
N ALA I 1005 33.03 82.19 -44.30
CA ALA I 1005 33.95 83.16 -44.76
C ALA I 1005 34.10 83.16 -46.25
N GLU I 1006 34.25 81.99 -46.86
CA GLU I 1006 34.39 82.02 -48.31
C GLU I 1006 33.23 82.69 -48.95
N PHE I 1007 32.12 82.84 -48.25
CA PHE I 1007 31.03 83.47 -48.92
C PHE I 1007 30.74 84.86 -48.52
N GLN I 1008 31.64 85.46 -47.77
CA GLN I 1008 31.45 86.83 -47.37
C GLN I 1008 32.17 87.76 -48.31
N LEU I 1009 31.59 88.94 -48.54
CA LEU I 1009 32.18 89.91 -49.45
C LEU I 1009 33.20 90.70 -48.66
N SER I 1010 34.31 90.08 -48.45
CA SER I 1010 35.33 90.68 -47.63
C SER I 1010 36.55 91.20 -48.38
N ALA I 1011 36.55 91.14 -49.69
CA ALA I 1011 37.70 91.56 -50.48
C ALA I 1011 38.12 93.00 -50.37
N GLY I 1012 37.22 93.90 -50.06
CA GLY I 1012 37.64 95.29 -50.00
C GLY I 1012 37.52 95.98 -51.35
N ARG I 1013 37.86 95.27 -52.39
CA ARG I 1013 37.73 95.91 -53.67
C ARG I 1013 37.07 95.01 -54.63
N TYR I 1014 36.11 95.55 -55.37
CA TYR I 1014 35.40 94.76 -56.35
C TYR I 1014 35.25 95.47 -57.67
N HIS I 1015 35.28 94.66 -58.71
CA HIS I 1015 35.16 95.14 -60.04
C HIS I 1015 34.18 94.35 -60.87
N TYR I 1016 33.41 95.04 -61.70
CA TYR I 1016 32.51 94.35 -62.62
C TYR I 1016 32.10 95.22 -63.79
N GLN I 1017 31.74 94.53 -64.87
CA GLN I 1017 31.38 95.19 -66.11
C GLN I 1017 30.16 94.65 -66.75
N LEU I 1018 29.56 95.50 -67.49
CA LEU I 1018 28.33 95.12 -68.06
C LEU I 1018 28.01 95.78 -69.36
N VAL I 1019 27.17 95.08 -70.10
CA VAL I 1019 26.73 95.62 -71.35
C VAL I 1019 25.24 95.62 -71.55
N TRP I 1020 24.73 96.78 -71.89
CA TRP I 1020 23.31 96.91 -72.04
C TRP I 1020 22.91 97.38 -73.45
N CME I 1021 21.95 96.71 -74.01
CA CME I 1021 21.36 97.03 -75.31
CB CME I 1021 22.11 96.40 -76.45
SG CME I 1021 23.42 95.41 -75.76
SD CME I 1021 23.31 93.81 -76.92
CE CME I 1021 21.52 93.93 -77.21
CZ CME I 1021 21.18 94.40 -78.62
OH CME I 1021 20.22 93.52 -79.19
C CME I 1021 19.96 96.58 -75.51
O CME I 1021 19.41 95.82 -74.74
N GLN I 1022 19.42 97.10 -76.61
CA GLN I 1022 18.11 96.87 -77.05
C GLN I 1022 18.07 96.26 -78.38
N LYS I 1023 16.94 95.61 -78.69
CA LYS I 1023 16.70 94.98 -79.96
C LYS I 1023 15.46 95.60 -80.58
N ILE J 3 101.42 36.07 -40.65
CA ILE J 3 100.95 35.33 -41.85
C ILE J 3 99.42 35.23 -42.02
N THR J 4 98.80 34.87 -40.92
CA THR J 4 97.38 34.79 -40.91
C THR J 4 96.95 36.22 -40.71
N ASP J 5 97.90 37.10 -40.42
CA ASP J 5 97.60 38.50 -40.27
C ASP J 5 97.74 39.15 -41.63
N SER J 6 98.00 38.32 -42.61
CA SER J 6 98.21 38.79 -43.94
C SER J 6 96.95 39.18 -44.68
N LEU J 7 97.06 40.29 -45.37
CA LEU J 7 95.98 40.74 -46.19
C LEU J 7 95.48 39.57 -47.00
N ALA J 8 96.40 38.99 -47.67
CA ALA J 8 96.09 37.91 -48.54
C ALA J 8 95.10 36.96 -47.94
N VAL J 9 95.33 36.76 -46.67
CA VAL J 9 94.53 35.85 -45.90
C VAL J 9 93.26 36.48 -45.37
N VAL J 10 93.39 37.60 -44.68
CA VAL J 10 92.27 38.29 -44.15
C VAL J 10 91.22 38.56 -45.24
N LEU J 11 91.64 39.21 -46.28
CA LEU J 11 90.69 39.53 -47.33
C LEU J 11 90.16 38.32 -48.01
N GLN J 12 90.66 37.20 -47.61
CA GLN J 12 90.20 36.05 -48.28
C GLN J 12 88.70 35.91 -48.10
N ARG J 13 88.32 36.01 -46.85
CA ARG J 13 86.94 35.83 -46.48
C ARG J 13 85.92 36.83 -47.03
N ARG J 14 86.33 38.07 -47.26
CA ARG J 14 85.39 38.99 -47.82
C ARG J 14 84.18 39.16 -46.93
N ASP J 15 84.49 39.54 -45.71
CA ASP J 15 83.51 39.76 -44.71
C ASP J 15 82.55 40.86 -45.11
N TRP J 16 83.06 41.77 -45.92
CA TRP J 16 82.30 42.89 -46.42
C TRP J 16 81.30 42.48 -47.48
N GLU J 17 81.17 41.19 -47.72
CA GLU J 17 80.16 40.76 -48.66
C GLU J 17 79.36 39.68 -47.99
N ASN J 18 79.22 39.83 -46.68
CA ASN J 18 78.50 38.87 -45.92
C ASN J 18 77.81 39.44 -44.72
N PRO J 19 76.50 39.59 -44.92
CA PRO J 19 75.52 40.07 -43.95
C PRO J 19 75.62 39.26 -42.68
N GLY J 20 76.17 38.06 -42.80
CA GLY J 20 76.36 37.21 -41.65
C GLY J 20 77.51 37.76 -40.81
N VAL J 21 78.39 38.51 -41.44
CA VAL J 21 79.44 39.02 -40.61
C VAL J 21 79.34 40.50 -40.55
N THR J 22 79.10 40.98 -39.36
CA THR J 22 78.96 42.40 -39.22
C THR J 22 80.01 43.00 -38.33
N GLN J 23 80.73 42.13 -37.68
CA GLN J 23 81.79 42.56 -36.82
C GLN J 23 82.65 41.35 -36.50
N LEU J 24 83.84 41.63 -35.95
CA LEU J 24 84.79 40.60 -35.54
C LEU J 24 85.56 41.10 -34.37
N ASN J 25 85.43 40.42 -33.27
CA ASN J 25 86.15 40.85 -32.09
C ASN J 25 85.84 42.22 -31.57
N ARG J 26 84.72 42.77 -31.99
CA ARG J 26 84.33 44.09 -31.52
C ARG J 26 83.74 43.95 -30.13
N LEU J 27 84.05 44.86 -29.22
CA LEU J 27 83.47 44.77 -27.88
C LEU J 27 82.01 45.15 -27.88
N ALA J 28 81.40 44.99 -26.72
CA ALA J 28 80.00 45.34 -26.55
C ALA J 28 79.77 46.81 -26.33
N ALA J 29 78.58 47.21 -26.80
CA ALA J 29 78.06 48.57 -26.74
C ALA J 29 77.69 49.03 -25.33
N HIS J 30 77.64 50.32 -25.10
CA HIS J 30 77.32 50.83 -23.77
C HIS J 30 77.37 52.34 -23.81
N PRO J 31 76.92 52.91 -22.73
CA PRO J 31 76.96 54.33 -22.64
C PRO J 31 78.41 54.75 -22.47
N PRO J 32 78.58 55.99 -22.65
CA PRO J 32 79.84 56.68 -22.57
C PRO J 32 80.59 56.62 -21.26
N PHE J 33 81.81 56.14 -21.39
CA PHE J 33 82.76 56.02 -20.29
C PHE J 33 83.95 56.96 -20.42
N ALA J 34 84.51 57.32 -19.25
CA ALA J 34 85.68 58.18 -19.15
C ALA J 34 86.70 57.52 -18.23
N SER J 35 86.20 56.67 -17.37
CA SER J 35 87.05 55.99 -16.44
C SER J 35 87.71 56.98 -15.52
N TRP J 36 86.98 57.98 -15.05
CA TRP J 36 87.62 58.87 -14.13
C TRP J 36 88.16 58.05 -13.01
N ARG J 37 89.25 58.56 -12.44
CA ARG J 37 89.83 57.90 -11.30
C ARG J 37 89.67 58.77 -10.09
N ASN J 38 88.87 59.82 -10.23
CA ASN J 38 88.57 60.73 -9.15
C ASN J 38 87.13 61.19 -9.27
N SER J 39 86.42 61.09 -8.16
CA SER J 39 85.05 61.48 -8.13
C SER J 39 84.78 62.90 -8.63
N GLU J 40 85.36 63.86 -7.93
CA GLU J 40 85.15 65.24 -8.28
C GLU J 40 85.23 65.51 -9.75
N GLU J 41 86.24 64.94 -10.35
CA GLU J 41 86.42 65.13 -11.76
C GLU J 41 85.22 64.67 -12.52
N ALA J 42 84.93 63.41 -12.31
CA ALA J 42 83.80 62.84 -12.95
C ALA J 42 82.61 63.72 -12.63
N ARG J 43 82.50 64.09 -11.40
CA ARG J 43 81.38 64.89 -11.01
C ARG J 43 81.23 66.17 -11.77
N THR J 44 82.35 66.82 -11.99
CA THR J 44 82.34 68.10 -12.66
C THR J 44 82.69 67.93 -14.10
N ASP J 45 82.50 66.72 -14.54
CA ASP J 45 82.78 66.44 -15.91
C ASP J 45 84.11 67.00 -16.36
N ARG J 46 85.17 66.76 -15.61
CA ARG J 46 86.45 67.24 -16.10
C ARG J 46 86.89 66.29 -17.18
N PRO J 47 88.15 66.31 -17.51
CA PRO J 47 88.57 65.41 -18.55
C PRO J 47 89.39 64.30 -17.98
N SER J 48 89.10 63.10 -18.43
CA SER J 48 89.82 61.98 -17.91
C SER J 48 91.00 61.67 -18.77
N GLN J 49 92.04 61.27 -18.06
CA GLN J 49 93.25 60.92 -18.71
C GLN J 49 93.20 59.49 -19.13
N GLN J 50 92.18 58.72 -18.71
CA GLN J 50 92.17 57.36 -19.19
C GLN J 50 91.55 57.34 -20.57
N LEU J 51 91.26 58.56 -20.97
CA LEU J 51 90.70 58.81 -22.25
C LEU J 51 91.61 59.67 -23.10
N ARG J 52 91.98 59.12 -24.25
CA ARG J 52 92.89 59.84 -25.10
C ARG J 52 92.48 59.89 -26.55
N SER J 53 92.55 61.11 -27.11
CA SER J 53 92.19 61.25 -28.50
C SER J 53 93.30 60.96 -29.44
N LEU J 54 92.98 60.34 -30.55
CA LEU J 54 93.96 60.02 -31.56
C LEU J 54 93.71 60.84 -32.78
N ASN J 55 92.88 61.83 -32.56
CA ASN J 55 92.57 62.68 -33.68
C ASN J 55 93.76 63.53 -33.94
N GLY J 56 93.98 63.76 -35.24
CA GLY J 56 95.05 64.58 -35.70
C GLY J 56 95.55 64.13 -37.05
N GLU J 57 96.84 64.34 -37.23
CA GLU J 57 97.47 63.98 -38.48
C GLU J 57 97.71 62.51 -38.56
N TRP J 58 97.36 61.96 -39.69
CA TRP J 58 97.51 60.54 -39.88
C TRP J 58 98.03 60.30 -41.28
N ARG J 59 98.27 59.07 -41.60
CA ARG J 59 98.77 58.86 -42.94
C ARG J 59 97.79 58.11 -43.77
N PHE J 60 97.58 58.66 -44.94
CA PHE J 60 96.57 58.10 -45.78
C PHE J 60 97.02 57.69 -47.15
N ALA J 61 96.36 56.67 -47.66
CA ALA J 61 96.64 56.25 -49.01
C ALA J 61 95.42 55.59 -49.58
N TRP J 62 95.14 55.89 -50.80
CA TRP J 62 93.94 55.41 -51.42
C TRP J 62 94.12 54.38 -52.51
N PHE J 63 93.23 53.43 -52.62
CA PHE J 63 93.32 52.42 -53.65
C PHE J 63 91.97 52.11 -54.15
N PRO J 64 91.93 51.87 -55.42
CA PRO J 64 90.77 51.50 -56.19
C PRO J 64 90.13 50.20 -55.73
N ALA J 65 90.89 49.40 -54.99
CA ALA J 65 90.38 48.14 -54.51
C ALA J 65 91.23 47.64 -53.38
N PRO J 66 90.61 46.85 -52.56
CA PRO J 66 91.27 46.28 -51.41
C PRO J 66 92.43 45.39 -51.83
N GLU J 67 92.12 44.54 -52.81
CA GLU J 67 93.08 43.61 -53.37
C GLU J 67 94.38 44.31 -53.80
N ALA J 68 94.29 45.55 -54.23
CA ALA J 68 95.48 46.27 -54.61
C ALA J 68 96.32 46.71 -53.41
N VAL J 69 95.98 46.34 -52.21
CA VAL J 69 96.84 46.82 -51.16
C VAL J 69 98.10 45.96 -50.99
N PRO J 70 99.15 46.58 -50.46
CA PRO J 70 100.46 45.98 -50.29
C PRO J 70 100.79 45.64 -48.88
N GLU J 71 101.15 44.37 -48.77
CA GLU J 71 101.46 43.74 -47.55
C GLU J 71 102.40 44.56 -46.70
N SER J 72 103.25 45.23 -47.42
CA SER J 72 104.21 46.12 -46.79
C SER J 72 103.50 47.06 -45.87
N TRP J 73 102.33 47.50 -46.38
CA TRP J 73 101.51 48.46 -45.72
C TRP J 73 101.37 48.13 -44.26
N LEU J 74 101.27 46.83 -44.02
CA LEU J 74 101.08 46.29 -42.69
C LEU J 74 102.23 46.58 -41.78
N GLU J 75 103.38 46.49 -42.41
CA GLU J 75 104.63 46.67 -41.74
C GLU J 75 105.09 48.10 -41.81
N CYS J 76 105.08 48.58 -43.02
CA CYS J 76 105.64 49.86 -43.22
C CYS J 76 104.72 50.82 -43.87
N ASP J 77 104.89 52.06 -43.40
CA ASP J 77 104.16 53.17 -43.93
C ASP J 77 104.49 53.35 -45.39
N LEU J 78 103.63 53.96 -46.14
CA LEU J 78 104.02 54.09 -47.52
C LEU J 78 104.78 55.35 -47.81
N PRO J 79 105.38 55.29 -48.97
CA PRO J 79 106.19 56.38 -49.45
C PRO J 79 105.26 57.42 -50.02
N GLU J 80 104.34 56.89 -50.81
CA GLU J 80 103.33 57.67 -51.48
C GLU J 80 102.16 58.04 -50.58
N ALA J 81 102.30 57.69 -49.30
CA ALA J 81 101.28 58.04 -48.36
C ALA J 81 101.27 59.54 -48.15
N ASP J 82 100.08 60.08 -47.86
CA ASP J 82 99.93 61.49 -47.59
C ASP J 82 99.63 61.70 -46.16
N THR J 83 99.85 62.89 -45.73
CA THR J 83 99.53 63.14 -44.37
C THR J 83 98.20 63.83 -44.35
N VAL J 84 97.27 63.28 -43.56
CA VAL J 84 95.90 63.77 -43.49
C VAL J 84 95.40 63.96 -42.08
N VAL J 85 94.38 64.78 -41.99
CA VAL J 85 93.74 64.99 -40.73
C VAL J 85 92.53 64.10 -40.56
N VAL J 86 92.47 63.56 -39.36
CA VAL J 86 91.41 62.69 -38.98
C VAL J 86 90.76 63.27 -37.74
N PRO J 87 89.41 63.26 -37.71
CA PRO J 87 88.55 62.60 -38.69
C PRO J 87 88.28 63.40 -39.93
N SER J 88 87.85 62.66 -40.96
CA SER J 88 87.55 63.30 -42.22
C SER J 88 86.95 62.38 -43.29
N ASN J 89 86.47 63.02 -44.37
CA ASN J 89 85.93 62.25 -45.47
C ASN J 89 86.88 62.34 -46.64
N TRP J 90 87.33 61.21 -47.02
CA TRP J 90 88.28 61.22 -48.06
C TRP J 90 87.88 61.91 -49.35
N GLN J 91 86.59 61.86 -49.69
CA GLN J 91 86.14 62.55 -50.89
C GLN J 91 86.38 64.02 -50.73
N MET J 92 86.41 64.46 -49.47
CA MET J 92 86.62 65.87 -49.21
C MET J 92 88.04 66.29 -49.47
N HIS J 93 88.89 65.31 -49.73
CA HIS J 93 90.29 65.58 -49.98
C HIS J 93 90.67 65.30 -51.39
N GLY J 94 89.67 65.13 -52.22
CA GLY J 94 89.89 64.89 -53.60
C GLY J 94 90.21 63.46 -53.92
N TYR J 95 90.23 62.57 -52.94
CA TYR J 95 90.56 61.22 -53.32
C TYR J 95 89.69 60.52 -54.35
N ASP J 96 88.41 60.77 -54.25
CA ASP J 96 87.41 60.29 -55.19
C ASP J 96 86.23 61.19 -55.02
N ALA J 97 85.20 60.89 -55.80
CA ALA J 97 84.00 61.70 -55.76
C ALA J 97 82.96 61.30 -54.75
N PRO J 98 82.28 62.34 -54.27
CA PRO J 98 81.17 62.15 -53.39
C PRO J 98 80.00 61.97 -54.33
N ILE J 99 79.09 61.11 -53.93
CA ILE J 99 77.94 60.89 -54.76
C ILE J 99 76.65 61.35 -54.13
N TYR J 100 75.84 61.88 -55.03
CA TYR J 100 74.55 62.32 -54.63
C TYR J 100 73.40 61.71 -55.39
N THR J 101 72.88 60.62 -54.81
CA THR J 101 71.64 59.96 -55.22
C THR J 101 70.78 59.95 -53.97
N ASN J 102 69.48 59.77 -54.21
CA ASN J 102 68.49 59.74 -53.17
C ASN J 102 67.97 58.33 -52.88
N VAL J 103 67.31 57.78 -53.89
CA VAL J 103 66.73 56.47 -53.74
C VAL J 103 67.62 55.40 -54.30
N THR J 104 67.97 55.62 -55.56
CA THR J 104 68.79 54.70 -56.28
C THR J 104 70.13 54.46 -55.62
N TYR J 105 70.44 53.19 -55.45
CA TYR J 105 71.70 52.83 -54.86
C TYR J 105 72.85 53.26 -55.74
N PRO J 106 73.88 53.73 -55.09
CA PRO J 106 75.09 54.16 -55.76
C PRO J 106 75.73 52.98 -56.47
N ILE J 107 75.51 51.78 -55.95
CA ILE J 107 76.10 50.65 -56.60
C ILE J 107 75.04 49.75 -57.18
N THR J 108 75.49 48.73 -57.86
CA THR J 108 74.55 47.80 -58.44
C THR J 108 73.87 46.96 -57.41
N VAL J 109 72.60 46.75 -57.64
CA VAL J 109 71.86 45.98 -56.67
C VAL J 109 72.00 44.49 -56.76
N ASN J 110 72.84 43.96 -55.90
CA ASN J 110 73.04 42.54 -55.89
C ASN J 110 73.57 42.05 -54.59
N PRO J 111 72.77 42.27 -53.62
CA PRO J 111 73.08 41.87 -52.29
C PRO J 111 73.37 40.38 -52.31
N PRO J 112 74.36 40.07 -51.52
CA PRO J 112 75.01 41.05 -50.68
C PRO J 112 76.29 41.49 -51.27
N PHE J 113 76.31 41.51 -52.58
CA PHE J 113 77.50 41.87 -53.28
C PHE J 113 77.68 43.31 -53.54
N VAL J 114 78.92 43.67 -53.29
CA VAL J 114 79.48 44.98 -53.50
C VAL J 114 80.32 44.88 -54.80
N PRO J 115 80.67 46.00 -55.40
CA PRO J 115 81.45 46.01 -56.62
C PRO J 115 82.94 45.82 -56.41
N THR J 116 83.50 45.00 -57.30
CA THR J 116 84.92 44.62 -57.29
C THR J 116 85.84 45.82 -57.08
N GLU J 117 85.48 46.92 -57.71
CA GLU J 117 86.25 48.15 -57.56
C GLU J 117 85.67 48.86 -56.38
N ASN J 118 86.29 48.65 -55.27
CA ASN J 118 85.77 49.26 -54.12
C ASN J 118 86.87 49.98 -53.43
N PRO J 119 86.75 51.24 -53.57
CA PRO J 119 87.67 52.21 -53.05
C PRO J 119 88.07 51.95 -51.63
N THR J 120 89.36 51.72 -51.45
CA THR J 120 89.90 51.46 -50.16
C THR J 120 90.75 52.60 -49.62
N GLY J 121 90.62 52.88 -48.35
CA GLY J 121 91.38 53.96 -47.76
C GLY J 121 92.26 53.41 -46.65
N CYS J 122 93.58 53.45 -46.85
CA CYS J 122 94.46 52.94 -45.84
C CYS J 122 94.96 54.02 -44.94
N TYR J 123 94.48 53.93 -43.73
CA TYR J 123 94.84 54.91 -42.74
C TYR J 123 95.82 54.26 -41.82
N SER J 124 96.75 55.07 -41.33
CA SER J 124 97.78 54.52 -40.46
C SER J 124 98.24 55.53 -39.45
N LEU J 125 98.60 54.99 -38.32
CA LEU J 125 99.04 55.89 -37.30
C LEU J 125 99.95 55.26 -36.27
N THR J 126 101.00 56.04 -36.07
CA THR J 126 102.04 55.67 -35.17
C THR J 126 101.99 56.50 -33.93
N PHE J 127 101.98 55.82 -32.82
CA PHE J 127 101.88 56.54 -31.59
C PHE J 127 102.50 55.76 -30.47
N ASN J 128 102.64 56.55 -29.45
CA ASN J 128 103.27 56.16 -28.23
C ASN J 128 102.29 55.92 -27.14
N VAL J 129 102.62 54.91 -26.36
CA VAL J 129 101.79 54.54 -25.26
C VAL J 129 102.54 54.59 -23.96
N ASP J 130 101.94 55.20 -22.95
CA ASP J 130 102.59 55.17 -21.66
C ASP J 130 102.61 53.70 -21.26
N GLU J 131 103.64 53.30 -20.58
CA GLU J 131 103.69 51.91 -20.20
C GLU J 131 102.89 51.62 -18.97
N SER J 132 102.71 52.64 -18.15
CA SER J 132 101.94 52.42 -16.97
C SER J 132 100.63 51.74 -17.36
N TRP J 133 100.11 52.18 -18.49
CA TRP J 133 98.90 51.65 -19.06
C TRP J 133 99.13 50.22 -19.47
N LEU J 134 100.35 49.99 -19.88
CA LEU J 134 100.72 48.71 -20.35
C LEU J 134 100.85 47.73 -19.21
N GLN J 135 101.07 48.26 -18.02
CA GLN J 135 101.23 47.39 -16.89
C GLN J 135 99.93 46.77 -16.49
N GLU J 136 99.08 47.61 -15.92
CA GLU J 136 97.80 47.16 -15.45
C GLU J 136 96.60 47.67 -16.28
N GLY J 137 95.44 47.10 -16.00
CA GLY J 137 94.21 47.50 -16.65
C GLY J 137 94.06 47.07 -18.08
N GLN J 138 93.07 47.72 -18.71
CA GLN J 138 92.72 47.44 -20.08
C GLN J 138 92.66 48.65 -20.96
N THR J 139 93.21 48.40 -22.12
CA THR J 139 93.29 49.42 -23.10
C THR J 139 92.63 49.06 -24.40
N ARG J 140 91.69 49.94 -24.70
CA ARG J 140 90.95 49.77 -25.90
C ARG J 140 90.85 51.04 -26.72
N ILE J 141 90.61 50.73 -27.96
CA ILE J 141 90.46 51.75 -28.92
C ILE J 141 89.00 51.90 -29.33
N ILE J 142 88.68 53.14 -29.69
CA ILE J 142 87.34 53.45 -30.09
C ILE J 142 87.17 54.33 -31.30
N PHE J 143 86.48 53.75 -32.26
CA PHE J 143 86.12 54.46 -33.46
C PHE J 143 84.70 54.95 -33.42
N ASP J 144 84.53 56.24 -33.25
CA ASP J 144 83.21 56.78 -33.20
C ASP J 144 82.45 56.69 -34.49
N GLY J 145 83.15 56.55 -35.61
CA GLY J 145 82.49 56.46 -36.88
C GLY J 145 83.44 56.27 -38.07
N VAL J 146 83.19 55.15 -38.77
CA VAL J 146 83.93 54.71 -39.94
C VAL J 146 82.98 54.19 -41.01
N ASN J 147 83.00 54.81 -42.14
CA ASN J 147 82.09 54.44 -43.18
C ASN J 147 82.80 53.89 -44.40
N SER J 148 82.39 52.69 -44.86
CA SER J 148 81.28 51.95 -44.31
C SER J 148 81.69 50.76 -43.47
N ALA J 149 82.74 50.07 -43.88
CA ALA J 149 83.26 48.89 -43.20
C ALA J 149 84.78 48.96 -43.04
N PHE J 150 85.34 48.12 -42.18
CA PHE J 150 86.78 48.15 -42.06
C PHE J 150 87.41 47.09 -41.18
N HIS J 151 88.69 46.83 -41.53
CA HIS J 151 89.58 45.87 -40.88
C HIS J 151 90.63 46.59 -40.07
N LEU J 152 91.09 45.93 -39.05
CA LEU J 152 92.02 46.66 -38.25
C LEU J 152 93.24 45.87 -37.77
N TRP J 153 94.40 46.56 -37.81
CA TRP J 153 95.66 45.99 -37.37
C TRP J 153 96.40 46.88 -36.43
N CYS J 154 97.09 46.20 -35.53
CA CYS J 154 97.87 46.91 -34.55
C CYS J 154 99.19 46.22 -34.39
N ASN J 155 100.21 47.04 -34.63
CA ASN J 155 101.58 46.60 -34.57
C ASN J 155 101.71 45.36 -35.45
N GLY J 156 101.14 45.42 -36.65
CA GLY J 156 101.25 44.32 -37.60
C GLY J 156 100.29 43.20 -37.40
N ARG J 157 99.61 43.25 -36.26
CA ARG J 157 98.67 42.21 -35.96
C ARG J 157 97.22 42.53 -36.29
N TRP J 158 96.56 41.54 -36.92
CA TRP J 158 95.17 41.67 -37.26
C TRP J 158 94.29 41.71 -36.02
N VAL J 159 93.37 42.64 -35.97
CA VAL J 159 92.58 42.77 -34.76
C VAL J 159 91.11 42.49 -34.89
N GLY J 160 90.46 43.17 -35.79
CA GLY J 160 89.05 42.96 -35.91
C GLY J 160 88.49 43.61 -37.14
N TYR J 161 87.17 43.52 -37.20
CA TYR J 161 86.38 44.04 -38.29
C TYR J 161 85.12 44.63 -37.74
N GLY J 162 84.54 45.56 -38.51
CA GLY J 162 83.30 46.25 -38.10
C GLY J 162 82.42 46.80 -39.23
N GLN J 163 81.10 46.83 -39.00
CA GLN J 163 80.10 47.37 -39.93
C GLN J 163 79.22 48.40 -39.18
N ASP J 164 78.44 49.19 -39.93
CA ASP J 164 77.58 50.22 -39.41
C ASP J 164 78.31 51.53 -39.21
N SER J 165 78.23 52.34 -40.25
CA SER J 165 78.91 53.60 -40.21
C SER J 165 78.51 54.55 -39.13
N ARG J 166 77.36 54.37 -38.48
CA ARG J 166 76.99 55.38 -37.52
C ARG J 166 77.17 55.13 -36.05
N LEU J 167 77.63 53.94 -35.69
CA LEU J 167 77.88 53.69 -34.28
C LEU J 167 79.33 53.32 -34.03
N PRO J 168 79.75 53.48 -32.80
CA PRO J 168 81.08 53.20 -32.34
C PRO J 168 81.48 51.77 -32.46
N SER J 169 82.79 51.59 -32.62
CA SER J 169 83.40 50.29 -32.68
C SER J 169 84.52 50.23 -31.68
N GLU J 170 84.47 49.23 -30.83
CA GLU J 170 85.50 49.14 -29.84
C GLU J 170 86.24 47.85 -29.84
N PHE J 171 87.54 48.04 -29.62
CA PHE J 171 88.44 46.94 -29.49
C PHE J 171 89.48 47.12 -28.40
N ASP J 172 89.75 45.96 -27.81
CA ASP J 172 90.72 45.75 -26.76
C ASP J 172 92.06 45.55 -27.42
N LEU J 173 92.94 46.50 -27.15
CA LEU J 173 94.27 46.49 -27.72
C LEU J 173 95.33 45.88 -26.83
N SER J 174 94.93 45.79 -25.57
CA SER J 174 95.69 45.29 -24.46
C SER J 174 96.77 44.29 -24.83
N ALA J 175 96.42 43.35 -25.69
CA ALA J 175 97.40 42.36 -26.09
C ALA J 175 98.27 42.73 -27.26
N PHE J 176 98.11 43.92 -27.86
CA PHE J 176 98.95 44.19 -29.01
C PHE J 176 99.84 45.37 -28.80
N LEU J 177 99.70 45.94 -27.65
CA LEU J 177 100.51 47.07 -27.41
C LEU J 177 101.86 46.77 -26.85
N ARG J 178 102.81 47.57 -27.35
CA ARG J 178 104.20 47.55 -26.94
C ARG J 178 104.40 48.87 -26.26
N ALA J 179 105.39 48.94 -25.38
CA ALA J 179 105.62 50.22 -24.81
C ALA J 179 106.28 51.09 -25.87
N GLY J 180 106.00 52.38 -25.76
CA GLY J 180 106.52 53.31 -26.71
C GLY J 180 105.72 53.33 -28.01
N GLU J 181 106.44 53.09 -29.07
CA GLU J 181 105.90 53.17 -30.39
C GLU J 181 105.05 52.06 -30.88
N ASN J 182 103.82 52.45 -31.30
CA ASN J 182 102.91 51.51 -31.89
C ASN J 182 102.36 52.09 -33.16
N ARG J 183 101.90 51.16 -33.98
CA ARG J 183 101.33 51.54 -35.25
C ARG J 183 100.01 50.84 -35.55
N LEU J 184 99.04 51.69 -35.93
CA LEU J 184 97.72 51.26 -36.34
C LEU J 184 97.55 51.25 -37.84
N ALA J 185 96.92 50.20 -38.32
CA ALA J 185 96.62 50.15 -39.73
C ALA J 185 95.19 49.74 -39.96
N VAL J 186 94.46 50.75 -40.43
CA VAL J 186 93.06 50.66 -40.69
C VAL J 186 92.72 50.70 -42.13
N MET J 187 92.16 49.62 -42.58
CA MET J 187 91.76 49.59 -43.93
C MET J 187 90.26 49.77 -43.98
N VAL J 188 89.81 50.87 -44.58
CA VAL J 188 88.42 51.25 -44.69
C VAL J 188 87.81 51.04 -46.06
N LEU J 189 86.56 50.55 -46.15
CA LEU J 189 85.97 50.36 -47.46
C LEU J 189 84.69 51.10 -47.76
N ARG J 190 84.60 51.56 -48.99
CA ARG J 190 83.40 52.28 -49.41
C ARG J 190 82.21 51.40 -49.34
N TRP J 191 82.16 50.40 -50.19
CA TRP J 191 81.04 49.52 -50.16
C TRP J 191 81.24 48.32 -49.27
N SER J 192 80.14 47.80 -48.73
CA SER J 192 80.08 46.62 -47.88
C SER J 192 78.66 46.14 -47.86
N ASP J 193 78.39 45.01 -47.27
CA ASP J 193 77.01 44.59 -47.23
C ASP J 193 76.18 45.64 -46.48
N GLY J 194 76.81 46.30 -45.48
CA GLY J 194 76.21 47.38 -44.67
C GLY J 194 75.59 48.48 -45.52
N SER J 195 76.20 48.67 -46.65
CA SER J 195 75.73 49.67 -47.57
C SER J 195 74.30 49.40 -47.95
N TYR J 196 73.96 48.13 -48.13
CA TYR J 196 72.61 47.86 -48.49
C TYR J 196 71.61 48.42 -47.45
N LEU J 197 72.07 48.64 -46.21
CA LEU J 197 71.22 49.17 -45.18
C LEU J 197 71.46 50.61 -44.95
N GLU J 198 72.17 51.24 -45.87
CA GLU J 198 72.43 52.64 -45.63
C GLU J 198 72.10 53.51 -46.84
N ASP J 199 70.90 53.34 -47.37
CA ASP J 199 70.53 54.08 -48.56
C ASP J 199 69.93 55.46 -48.34
N GLN J 200 70.34 56.14 -47.28
CA GLN J 200 69.79 57.49 -47.04
C GLN J 200 70.00 58.49 -48.17
N ASP J 201 68.99 59.32 -48.44
CA ASP J 201 69.12 60.36 -49.47
C ASP J 201 70.01 61.48 -48.92
N MET J 202 71.30 61.27 -49.16
CA MET J 202 72.35 62.15 -48.74
C MET J 202 73.56 61.90 -49.61
N TRP J 203 74.61 62.68 -49.37
CA TRP J 203 75.82 62.49 -50.11
C TRP J 203 76.44 61.19 -49.64
N ARG J 204 76.92 60.43 -50.60
CA ARG J 204 77.57 59.19 -50.26
C ARG J 204 79.07 59.45 -50.17
N MET J 205 79.59 59.35 -48.98
CA MET J 205 80.98 59.58 -48.71
C MET J 205 81.62 58.41 -48.00
N SER J 206 82.81 58.61 -47.40
CA SER J 206 83.53 57.54 -46.68
C SER J 206 84.74 58.01 -45.94
N GLY J 207 85.18 57.14 -45.02
CA GLY J 207 86.35 57.42 -44.22
C GLY J 207 86.14 57.35 -42.73
N ILE J 208 87.11 57.89 -42.01
CA ILE J 208 87.05 57.93 -40.56
C ILE J 208 86.63 59.32 -40.22
N PHE J 209 85.31 59.44 -40.17
CA PHE J 209 84.71 60.73 -40.01
C PHE J 209 84.29 61.08 -38.63
N ARG J 210 84.59 60.20 -37.69
CA ARG J 210 84.29 60.53 -36.32
C ARG J 210 85.51 60.24 -35.49
N ASP J 211 85.52 60.82 -34.30
CA ASP J 211 86.61 60.66 -33.37
C ASP J 211 87.15 59.26 -33.18
N VAL J 212 88.44 59.25 -32.78
CA VAL J 212 89.22 58.08 -32.44
C VAL J 212 89.88 58.26 -31.11
N SER J 213 89.74 57.23 -30.26
CA SER J 213 90.27 57.37 -28.93
C SER J 213 90.74 56.11 -28.28
N LEU J 214 91.36 56.37 -27.14
CA LEU J 214 91.88 55.32 -26.33
C LEU J 214 91.37 55.44 -24.96
N LEU J 215 90.99 54.28 -24.50
CA LEU J 215 90.47 54.22 -23.18
C LEU J 215 91.15 53.19 -22.33
N HIS J 216 91.54 53.70 -21.17
CA HIS J 216 92.21 52.91 -20.19
C HIS J 216 91.29 52.59 -19.05
N LYS J 217 91.00 51.31 -18.93
CA LYS J 217 90.13 50.90 -17.87
C LYS J 217 90.74 49.83 -17.01
N PRO J 218 90.35 49.85 -15.73
CA PRO J 218 90.78 48.87 -14.76
C PRO J 218 90.31 47.50 -15.19
N THR J 219 90.98 46.46 -14.73
CA THR J 219 90.61 45.11 -15.11
C THR J 219 89.25 44.72 -14.57
N THR J 220 89.01 45.24 -13.39
CA THR J 220 87.76 45.07 -12.75
C THR J 220 87.10 46.42 -12.84
N GLN J 221 86.07 46.50 -13.67
CA GLN J 221 85.44 47.77 -13.93
C GLN J 221 83.93 47.72 -14.14
N ILE J 222 83.41 48.93 -14.24
CA ILE J 222 82.03 49.17 -14.54
C ILE J 222 81.82 48.88 -16.01
N SER J 223 81.00 47.89 -16.30
CA SER J 223 80.81 47.54 -17.69
C SER J 223 79.62 48.20 -18.34
N ASP J 224 78.67 48.66 -17.50
CA ASP J 224 77.47 49.26 -18.03
C ASP J 224 76.55 49.72 -16.93
N PHE J 225 75.73 50.72 -17.23
CA PHE J 225 74.78 51.20 -16.28
C PHE J 225 73.59 51.87 -16.89
N HIS J 226 72.43 51.80 -16.24
CA HIS J 226 71.23 52.44 -16.71
C HIS J 226 70.55 53.16 -15.60
N VAL J 227 69.90 54.21 -16.04
CA VAL J 227 69.18 55.05 -15.15
C VAL J 227 67.72 55.11 -15.51
N ALA J 228 66.88 55.25 -14.49
CA ALA J 228 65.45 55.35 -14.68
C ALA J 228 64.76 56.14 -13.60
N THR J 229 63.76 56.91 -14.02
CA THR J 229 63.00 57.71 -13.08
C THR J 229 61.54 57.34 -13.00
N ARG J 230 61.04 57.30 -11.81
CA ARG J 230 59.66 56.97 -11.63
C ARG J 230 58.99 58.03 -10.80
N PHE J 231 57.72 58.32 -11.04
CA PHE J 231 57.10 59.37 -10.24
C PHE J 231 55.79 59.02 -9.58
N ASN J 232 55.37 59.89 -8.69
CA ASN J 232 54.08 59.73 -8.08
C ASN J 232 53.12 60.47 -8.98
N ASP J 233 51.86 60.22 -8.82
CA ASP J 233 50.85 60.84 -9.65
C ASP J 233 51.03 62.33 -9.88
N ASP J 234 51.70 63.05 -8.99
CA ASP J 234 51.79 64.46 -9.26
C ASP J 234 53.21 64.93 -9.46
N PHE J 235 54.13 63.99 -9.56
CA PHE J 235 55.50 64.36 -9.75
C PHE J 235 56.05 65.09 -8.55
N SER J 236 55.46 64.84 -7.41
CA SER J 236 56.02 65.51 -6.27
C SER J 236 57.15 64.69 -5.68
N ARG J 237 57.27 63.45 -6.15
CA ARG J 237 58.31 62.54 -5.71
C ARG J 237 58.71 61.55 -6.77
N ALA J 238 60.02 61.34 -6.84
CA ALA J 238 60.56 60.44 -7.81
C ALA J 238 61.47 59.38 -7.25
N VAL J 239 61.73 58.44 -8.11
CA VAL J 239 62.67 57.45 -7.75
C VAL J 239 63.67 57.26 -8.80
N LEU J 240 64.90 57.49 -8.41
CA LEU J 240 65.94 57.26 -9.34
C LEU J 240 66.40 55.85 -9.18
N GLU J 241 66.39 55.11 -10.25
CA GLU J 241 66.78 53.77 -10.11
C GLU J 241 67.89 53.46 -11.09
N ALA J 242 69.01 52.99 -10.52
CA ALA J 242 70.20 52.70 -11.32
C ALA J 242 70.67 51.28 -11.25
N GLU J 243 70.97 50.78 -12.42
CA GLU J 243 71.45 49.44 -12.46
C GLU J 243 72.83 49.46 -13.01
N VAL J 244 73.68 48.77 -12.28
CA VAL J 244 75.06 48.73 -12.65
C VAL J 244 75.60 47.35 -12.84
N GLN J 245 76.40 47.26 -13.89
CA GLN J 245 77.04 46.01 -14.17
C GLN J 245 78.52 46.18 -14.20
N MET J 246 79.18 45.13 -13.72
CA MET J 246 80.62 45.10 -13.67
C MET J 246 81.20 43.96 -14.45
N CYS J 247 82.44 44.17 -14.80
CA CYS J 247 83.23 43.20 -15.49
C CYS J 247 84.45 43.02 -14.68
N GLY J 248 84.96 41.80 -14.61
CA GLY J 248 86.18 41.58 -13.85
C GLY J 248 86.14 40.49 -12.78
N GLU J 249 86.95 40.73 -11.77
CA GLU J 249 87.09 39.82 -10.69
C GLU J 249 86.14 40.10 -9.58
N LEU J 250 85.17 39.24 -9.45
CA LEU J 250 84.22 39.47 -8.41
C LEU J 250 84.75 39.18 -7.04
N ARG J 251 84.57 40.12 -6.14
CA ARG J 251 85.03 40.04 -4.77
C ARG J 251 84.08 40.71 -3.84
N ASP J 252 83.91 40.11 -2.71
CA ASP J 252 83.00 40.62 -1.72
C ASP J 252 83.33 41.98 -1.11
N TYR J 253 84.46 42.57 -1.43
CA TYR J 253 84.69 43.84 -0.79
C TYR J 253 84.33 44.97 -1.72
N LEU J 254 83.81 44.58 -2.86
CA LEU J 254 83.41 45.53 -3.84
C LEU J 254 82.13 46.18 -3.49
N ARG J 255 82.10 47.45 -3.81
CA ARG J 255 80.94 48.25 -3.57
C ARG J 255 80.65 49.22 -4.69
N VAL J 256 79.42 49.73 -4.64
CA VAL J 256 79.00 50.68 -5.60
C VAL J 256 78.26 51.78 -4.93
N THR J 257 78.60 52.96 -5.37
CA THR J 257 77.94 54.10 -4.82
C THR J 257 77.46 55.01 -5.91
N VAL J 258 76.22 55.41 -5.70
CA VAL J 258 75.59 56.25 -6.63
C VAL J 258 75.09 57.44 -5.91
N SER J 259 75.52 58.56 -6.43
CA SER J 259 75.20 59.82 -5.83
C SER J 259 74.61 60.77 -6.83
N LEU J 260 73.66 61.48 -6.29
CA LEU J 260 72.97 62.41 -7.08
C LEU J 260 73.29 63.79 -6.65
N TRP J 261 73.57 64.58 -7.64
CA TRP J 261 73.91 65.92 -7.40
C TRP J 261 73.13 66.96 -8.16
N GLN J 262 72.93 68.02 -7.41
CA GLN J 262 72.26 69.18 -7.89
C GLN J 262 73.27 70.30 -7.87
N GLY J 263 74.08 70.26 -8.88
CA GLY J 263 75.13 71.22 -8.95
C GLY J 263 76.09 70.96 -7.82
N GLU J 264 76.06 71.85 -6.86
CA GLU J 264 76.97 71.76 -5.75
C GLU J 264 76.50 70.81 -4.68
N THR J 265 75.20 70.69 -4.63
CA THR J 265 74.62 69.88 -3.64
C THR J 265 74.41 68.44 -3.96
N GLN J 266 74.70 67.65 -2.95
CA GLN J 266 74.48 66.27 -3.09
C GLN J 266 73.11 66.00 -2.55
N VAL J 267 72.28 65.48 -3.43
CA VAL J 267 70.90 65.23 -3.16
C VAL J 267 70.57 63.86 -2.63
N ALA J 268 71.36 62.90 -3.08
CA ALA J 268 71.14 61.56 -2.63
C ALA J 268 72.27 60.66 -3.01
N SER J 269 72.42 59.69 -2.12
CA SER J 269 73.43 58.72 -2.31
C SER J 269 72.97 57.37 -1.88
N GLY J 270 73.66 56.37 -2.40
CA GLY J 270 73.35 55.01 -2.08
C GLY J 270 74.55 54.14 -2.34
N THR J 271 74.72 53.19 -1.44
CA THR J 271 75.84 52.31 -1.57
C THR J 271 75.46 50.89 -1.40
N ALA J 272 76.11 50.02 -2.16
CA ALA J 272 75.82 48.61 -2.04
C ALA J 272 76.82 47.75 -2.74
N PRO J 273 76.69 46.49 -2.42
CA PRO J 273 77.53 45.43 -2.93
C PRO J 273 76.81 44.73 -4.03
N PHE J 274 77.58 44.08 -4.90
CA PHE J 274 76.99 43.39 -6.01
C PHE J 274 76.07 42.28 -5.62
N GLY J 275 75.25 41.88 -6.58
CA GLY J 275 74.30 40.81 -6.36
C GLY J 275 72.90 41.36 -6.37
N GLY J 276 72.13 40.86 -7.36
CA GLY J 276 70.74 41.23 -7.61
C GLY J 276 69.69 40.32 -6.94
N GLU J 277 68.43 40.65 -7.22
CA GLU J 277 67.34 39.88 -6.69
C GLU J 277 67.16 38.69 -7.58
N ILE J 278 66.50 37.68 -7.06
CA ILE J 278 66.29 36.49 -7.82
C ILE J 278 65.49 36.80 -9.02
N ILE J 279 65.85 36.20 -10.14
CA ILE J 279 65.09 36.50 -11.30
C ILE J 279 64.45 35.26 -11.84
N ASP J 280 65.06 34.13 -11.59
CA ASP J 280 64.43 32.95 -12.13
C ASP J 280 64.85 31.77 -11.32
N GLU J 281 64.57 30.60 -11.86
CA GLU J 281 64.91 29.41 -11.13
C GLU J 281 66.39 29.26 -10.76
N ARG J 282 67.31 29.89 -11.54
CA ARG J 282 68.73 29.78 -11.26
C ARG J 282 69.28 30.83 -10.35
N GLY J 283 68.51 31.86 -10.03
CA GLY J 283 69.00 32.90 -9.14
C GLY J 283 68.92 34.26 -9.80
N GLY J 284 69.94 35.09 -9.49
CA GLY J 284 70.09 36.43 -10.03
C GLY J 284 71.46 36.72 -10.65
N TYR J 285 71.74 38.02 -10.82
CA TYR J 285 72.99 38.51 -11.34
C TYR J 285 73.90 38.88 -10.19
N ALA J 286 74.94 38.12 -10.06
CA ALA J 286 75.91 38.32 -9.03
C ALA J 286 76.73 39.56 -9.30
N ASP J 287 76.87 39.80 -10.58
CA ASP J 287 77.63 40.89 -11.10
C ASP J 287 76.80 42.08 -11.46
N ARG J 288 75.69 42.25 -10.78
CA ARG J 288 74.93 43.46 -11.06
C ARG J 288 74.41 43.97 -9.76
N VAL J 289 73.95 45.17 -9.80
CA VAL J 289 73.37 45.75 -8.61
C VAL J 289 72.47 46.91 -8.99
N THR J 290 71.41 47.09 -8.23
CA THR J 290 70.49 48.15 -8.55
C THR J 290 70.20 49.06 -7.40
N LEU J 291 70.35 50.35 -7.58
CA LEU J 291 70.06 51.20 -6.47
C LEU J 291 68.86 52.04 -6.73
N ARG J 292 68.22 52.38 -5.66
CA ARG J 292 67.05 53.19 -5.78
C ARG J 292 67.13 54.43 -4.93
N LEU J 293 67.18 55.58 -5.55
CA LEU J 293 67.26 56.81 -4.79
C LEU J 293 65.96 57.53 -4.81
N ASN J 294 65.58 58.00 -3.65
CA ASN J 294 64.36 58.73 -3.58
C ASN J 294 64.62 60.20 -3.69
N VAL J 295 63.76 60.89 -4.41
CA VAL J 295 63.91 62.31 -4.53
C VAL J 295 62.63 63.07 -4.33
N GLU J 296 62.66 63.99 -3.39
CA GLU J 296 61.49 64.78 -3.16
C GLU J 296 61.52 66.01 -4.01
N ASN J 297 60.35 66.38 -4.50
CA ASN J 297 60.20 67.56 -5.32
C ASN J 297 61.29 67.76 -6.32
N PRO J 298 61.52 66.74 -7.10
CA PRO J 298 62.53 66.80 -8.11
C PRO J 298 62.21 67.91 -9.07
N LYS J 299 63.25 68.38 -9.73
CA LYS J 299 63.14 69.40 -10.74
C LYS J 299 63.06 68.70 -12.07
N LEU J 300 61.99 68.96 -12.76
CA LEU J 300 61.79 68.27 -14.00
C LEU J 300 62.50 68.80 -15.18
N TRP J 301 62.85 67.88 -16.04
CA TRP J 301 63.52 68.29 -17.23
C TRP J 301 62.52 68.47 -18.37
N SER J 302 62.76 69.42 -19.26
CA SER J 302 61.88 69.61 -20.39
C SER J 302 62.54 70.49 -21.42
N ALA J 303 62.01 70.50 -22.64
CA ALA J 303 62.68 71.37 -23.60
C ALA J 303 62.50 72.79 -23.12
N GLU J 304 61.41 73.04 -22.41
CA GLU J 304 61.15 74.34 -21.84
C GLU J 304 62.18 74.70 -20.77
N ILE J 305 62.54 73.74 -19.93
CA ILE J 305 63.51 73.96 -18.86
C ILE J 305 64.23 72.69 -18.59
N PRO J 306 65.38 72.64 -19.17
CA PRO J 306 66.19 71.48 -19.08
C PRO J 306 66.85 71.31 -17.73
N ASN J 307 66.07 71.18 -16.69
CA ASN J 307 66.72 70.98 -15.44
C ASN J 307 67.49 69.69 -15.44
N LEU J 308 68.76 69.76 -15.04
CA LEU J 308 69.58 68.55 -14.96
C LEU J 308 70.16 68.22 -13.60
N TYR J 309 70.53 66.95 -13.44
CA TYR J 309 71.16 66.50 -12.24
C TYR J 309 72.38 65.72 -12.68
N ARG J 310 73.31 65.54 -11.75
CA ARG J 310 74.47 64.75 -12.09
C ARG J 310 74.55 63.50 -11.27
N ALA J 311 74.87 62.43 -11.97
CA ALA J 311 74.94 61.18 -11.29
C ALA J 311 76.30 60.56 -11.38
N VAL J 312 76.71 60.08 -10.20
CA VAL J 312 77.99 59.43 -10.07
C VAL J 312 77.98 58.03 -9.55
N VAL J 313 78.63 57.25 -10.37
CA VAL J 313 78.79 55.85 -10.16
C VAL J 313 80.21 55.53 -9.83
N GLU J 314 80.40 55.19 -8.56
CA GLU J 314 81.71 54.87 -8.08
C GLU J 314 81.78 53.45 -7.64
N LEU J 315 82.74 52.80 -8.27
CA LEU J 315 83.10 51.44 -8.06
C LEU J 315 84.28 51.42 -7.12
N HIS J 316 84.06 50.95 -5.93
CA HIS J 316 85.15 50.96 -5.00
C HIS J 316 85.09 49.78 -4.05
N THR J 317 86.07 49.74 -3.17
CA THR J 317 86.16 48.68 -2.21
C THR J 317 85.52 49.13 -0.94
N ALA J 318 85.30 48.17 -0.07
CA ALA J 318 84.68 48.46 1.19
C ALA J 318 85.47 49.43 2.04
N ASP J 319 86.80 49.30 1.98
CA ASP J 319 87.68 50.18 2.73
C ASP J 319 87.47 51.61 2.34
N GLY J 320 87.10 51.82 1.08
CA GLY J 320 86.86 53.16 0.61
C GLY J 320 87.73 53.51 -0.56
N THR J 321 88.49 52.54 -0.98
CA THR J 321 89.34 52.81 -2.09
C THR J 321 88.59 52.78 -3.41
N LEU J 322 88.71 53.85 -4.17
CA LEU J 322 88.01 53.90 -5.41
C LEU J 322 88.70 53.19 -6.55
N ILE J 323 87.97 52.35 -7.25
CA ILE J 323 88.54 51.69 -8.40
C ILE J 323 88.40 52.57 -9.64
N GLU J 324 87.23 53.17 -9.79
CA GLU J 324 86.95 54.04 -10.92
C GLU J 324 85.59 54.64 -10.81
N ALA J 325 85.35 55.60 -11.68
CA ALA J 325 84.07 56.29 -11.66
C ALA J 325 83.53 56.63 -13.04
N GLU J 326 82.22 56.67 -13.07
CA GLU J 326 81.53 57.01 -14.27
C GLU J 326 80.40 57.91 -13.88
N ALA J 327 79.97 58.68 -14.87
CA ALA J 327 78.91 59.59 -14.54
C ALA J 327 78.07 59.94 -15.73
N CYS J 328 77.00 60.70 -15.44
CA CYS J 328 76.10 61.17 -16.46
C CYS J 328 75.13 62.18 -15.94
N ASP J 329 74.61 62.94 -16.90
CA ASP J 329 73.63 63.93 -16.53
C ASP J 329 72.28 63.28 -16.47
N VAL J 330 71.49 63.71 -15.52
CA VAL J 330 70.21 63.11 -15.39
C VAL J 330 69.09 64.11 -15.44
N GLY J 331 68.03 63.71 -16.13
CA GLY J 331 66.86 64.53 -16.28
C GLY J 331 65.61 63.79 -15.85
N PHE J 332 64.87 64.41 -14.96
CA PHE J 332 63.64 63.81 -14.50
C PHE J 332 62.48 64.14 -15.39
N ARG J 333 62.00 63.13 -16.10
CA ARG J 333 60.87 63.33 -16.98
C ARG J 333 60.25 62.01 -17.31
N GLU J 334 58.96 62.11 -17.59
CA GLU J 334 58.19 60.96 -17.93
C GLU J 334 57.49 61.15 -19.26
N VAL J 335 57.70 60.18 -20.12
CA VAL J 335 57.14 60.19 -21.44
C VAL J 335 56.13 59.09 -21.55
N ARG J 336 54.91 59.45 -21.88
CA ARG J 336 53.95 58.40 -22.05
C ARG J 336 52.79 58.70 -22.95
N ILE J 337 52.31 57.61 -23.53
CA ILE J 337 51.17 57.75 -24.38
C ILE J 337 49.96 57.29 -23.65
N GLU J 338 49.05 58.20 -23.51
CA GLU J 338 47.88 57.81 -22.81
C GLU J 338 46.63 58.30 -23.45
N ASN J 339 45.74 57.37 -23.65
CA ASN J 339 44.49 57.70 -24.24
C ASN J 339 44.60 58.47 -25.54
N GLY J 340 45.49 58.03 -26.40
CA GLY J 340 45.68 58.66 -27.69
C GLY J 340 46.62 59.83 -27.61
N LEU J 341 47.13 60.12 -26.42
CA LEU J 341 48.01 61.26 -26.40
C LEU J 341 49.38 61.03 -25.90
N LEU J 342 50.29 61.74 -26.53
CA LEU J 342 51.63 61.66 -26.13
C LEU J 342 51.85 62.72 -25.08
N LEU J 343 52.24 62.22 -23.92
CA LEU J 343 52.45 63.08 -22.81
C LEU J 343 53.82 63.15 -22.29
N LEU J 344 54.11 64.34 -21.86
CA LEU J 344 55.34 64.60 -21.23
C LEU J 344 55.14 65.22 -19.89
N ASN J 345 55.60 64.51 -18.91
CA ASN J 345 55.45 64.96 -17.56
C ASN J 345 54.02 65.32 -17.33
N GLY J 346 53.12 64.53 -17.86
CA GLY J 346 51.75 64.83 -17.60
C GLY J 346 51.07 65.63 -18.67
N LYS J 347 51.79 66.44 -19.39
CA LYS J 347 51.13 67.20 -20.40
C LYS J 347 51.40 66.65 -21.77
N PRO J 348 50.54 67.07 -22.64
CA PRO J 348 50.49 66.70 -24.01
C PRO J 348 51.32 67.61 -24.83
N LEU J 349 52.25 67.03 -25.50
CA LEU J 349 53.15 67.79 -26.29
C LEU J 349 52.61 68.28 -27.60
N LEU J 350 53.33 69.26 -28.10
CA LEU J 350 53.11 69.82 -29.39
C LEU J 350 54.48 69.99 -30.03
N ILE J 351 54.83 69.03 -30.84
CA ILE J 351 56.11 69.00 -31.45
C ILE J 351 56.32 70.01 -32.54
N ARG J 352 57.25 70.91 -32.29
CA ARG J 352 57.67 71.86 -33.30
C ARG J 352 59.02 71.36 -33.76
N GLY J 353 58.98 70.33 -34.60
CA GLY J 353 60.22 69.69 -34.99
C GLY J 353 60.75 69.87 -36.37
N VAL J 354 61.95 69.35 -36.51
CA VAL J 354 62.67 69.38 -37.77
C VAL J 354 63.61 68.21 -37.86
N ASN J 355 63.81 67.78 -39.09
CA ASN J 355 64.72 66.69 -39.38
C ASN J 355 66.05 67.33 -39.66
N ARG J 356 67.11 66.68 -39.26
CA ARG J 356 68.43 67.25 -39.46
C ARG J 356 69.52 66.25 -39.74
N HIS J 357 70.23 66.48 -40.83
CA HIS J 357 71.34 65.63 -41.14
C HIS J 357 72.63 66.19 -40.58
N GLU J 358 73.65 65.35 -40.51
CA GLU J 358 74.97 65.79 -40.04
C GLU J 358 75.74 66.21 -41.29
N HIS J 359 75.73 67.52 -41.62
CA HIS J 359 76.34 68.02 -42.84
C HIS J 359 76.98 69.38 -42.75
N HIS J 360 78.19 69.41 -43.30
CA HIS J 360 79.04 70.56 -43.35
C HIS J 360 79.54 70.77 -44.75
N PRO J 361 79.27 71.96 -45.27
CA PRO J 361 79.60 72.39 -46.63
C PRO J 361 81.08 72.19 -46.96
N LEU J 362 81.91 72.25 -45.90
CA LEU J 362 83.36 72.07 -45.97
C LEU J 362 83.83 70.73 -45.48
N HIS J 363 83.36 70.32 -44.33
CA HIS J 363 83.81 69.07 -43.79
C HIS J 363 83.10 67.84 -44.26
N GLY J 364 82.02 68.01 -45.00
CA GLY J 364 81.26 66.85 -45.44
C GLY J 364 80.44 66.36 -44.26
N GLN J 365 80.60 65.08 -43.93
CA GLN J 365 79.85 64.55 -42.81
C GLN J 365 80.52 64.64 -41.46
N VAL J 366 81.52 65.48 -41.36
CA VAL J 366 82.21 65.59 -40.08
C VAL J 366 81.67 66.69 -39.19
N MET J 367 81.33 66.32 -37.96
CA MET J 367 80.75 67.30 -37.06
C MET J 367 81.62 67.89 -35.96
N ASP J 368 81.24 69.04 -35.44
CA ASP J 368 81.97 69.65 -34.36
C ASP J 368 81.12 70.52 -33.48
N GLU J 369 81.56 70.60 -32.25
CA GLU J 369 80.88 71.38 -31.25
C GLU J 369 80.26 72.65 -31.80
N GLN J 370 81.14 73.45 -32.32
CA GLN J 370 80.73 74.72 -32.84
C GLN J 370 79.46 74.68 -33.67
N THR J 371 79.51 73.88 -34.71
CA THR J 371 78.39 73.75 -35.60
C THR J 371 77.12 73.35 -34.86
N MET J 372 77.26 72.22 -34.17
CA MET J 372 76.18 71.71 -33.38
C MET J 372 75.54 72.84 -32.61
N VAL J 373 76.32 73.51 -31.84
CA VAL J 373 75.74 74.60 -31.12
C VAL J 373 75.06 75.63 -32.00
N GLN J 374 75.67 75.91 -33.10
CA GLN J 374 75.02 76.89 -33.93
C GLN J 374 73.60 76.46 -34.22
N ASP J 375 73.52 75.24 -34.70
CA ASP J 375 72.24 74.70 -35.03
C ASP J 375 71.25 74.81 -33.87
N ILE J 376 71.71 74.31 -32.76
CA ILE J 376 70.84 74.36 -31.64
C ILE J 376 70.34 75.74 -31.37
N LEU J 377 71.25 76.67 -31.31
CA LEU J 377 70.78 78.00 -31.05
C LEU J 377 69.78 78.50 -32.04
N LEU J 378 70.07 78.25 -33.28
CA LEU J 378 69.14 78.69 -34.29
C LEU J 378 67.78 78.11 -34.10
N MET J 379 67.76 76.81 -33.98
CA MET J 379 66.50 76.16 -33.80
C MET J 379 65.73 76.77 -32.67
N LYS J 380 66.40 76.80 -31.53
CA LYS J 380 65.73 77.37 -30.40
C LYS J 380 65.23 78.73 -30.70
N GLN J 381 66.04 79.48 -31.37
CA GLN J 381 65.64 80.82 -31.70
C GLN J 381 64.46 80.92 -32.63
N ASN J 382 64.24 79.89 -33.42
CA ASN J 382 63.13 79.93 -34.32
C ASN J 382 61.95 79.09 -33.88
N ASN J 383 61.85 78.93 -32.60
CA ASN J 383 60.75 78.22 -32.04
C ASN J 383 60.66 76.75 -32.33
N PHE J 384 61.79 76.09 -32.48
CA PHE J 384 61.70 74.65 -32.64
C PHE J 384 61.89 73.98 -31.29
N ASN J 385 61.35 72.78 -31.07
CA ASN J 385 61.60 72.17 -29.76
C ASN J 385 62.02 70.76 -29.88
N ALA J 386 62.14 70.31 -31.10
CA ALA J 386 62.50 68.93 -31.24
C ALA J 386 63.21 68.66 -32.52
N VAL J 387 63.91 67.57 -32.51
CA VAL J 387 64.62 67.24 -33.72
C VAL J 387 64.69 65.74 -33.91
N ARG J 388 64.71 65.37 -35.17
CA ARG J 388 64.80 64.00 -35.54
C ARG J 388 66.13 63.72 -36.21
N CYS J 389 66.82 62.71 -35.71
CA CYS J 389 68.10 62.29 -36.26
C CYS J 389 67.97 61.54 -37.57
N SER J 390 67.57 62.27 -38.58
CA SER J 390 67.44 61.60 -39.86
C SER J 390 68.83 61.30 -40.38
N HIS J 391 69.19 60.04 -40.52
CA HIS J 391 68.43 58.85 -40.21
C HIS J 391 69.43 57.83 -39.69
N TYR J 392 70.08 58.18 -38.61
CA TYR J 392 71.12 57.38 -38.01
C TYR J 392 71.46 58.09 -36.76
N PRO J 393 72.15 57.37 -35.92
CA PRO J 393 72.54 57.90 -34.65
C PRO J 393 73.55 59.01 -34.84
N ASN J 394 73.47 59.98 -34.00
CA ASN J 394 74.37 61.10 -34.17
C ASN J 394 75.60 61.05 -33.32
N HIS J 395 76.41 62.03 -33.60
CA HIS J 395 77.59 62.23 -32.83
C HIS J 395 77.14 62.53 -31.40
N PRO J 396 77.63 61.68 -30.60
CA PRO J 396 77.41 61.62 -29.18
C PRO J 396 77.29 62.97 -28.54
N LEU J 397 78.19 63.84 -28.89
CA LEU J 397 78.10 65.12 -28.25
C LEU J 397 76.72 65.80 -28.38
N TRP J 398 76.13 65.59 -29.54
CA TRP J 398 74.83 66.13 -29.86
C TRP J 398 73.85 65.96 -28.72
N TYR J 399 73.69 64.68 -28.35
CA TYR J 399 72.78 64.33 -27.29
C TYR J 399 73.00 65.10 -26.03
N THR J 400 74.24 65.30 -25.73
CA THR J 400 74.52 66.04 -24.56
C THR J 400 74.04 67.46 -24.65
N LEU J 401 74.35 68.02 -25.80
CA LEU J 401 73.96 69.36 -26.02
C LEU J 401 72.49 69.52 -25.91
N CYS J 402 71.79 68.57 -26.52
CA CYS J 402 70.35 68.67 -26.47
C CYS J 402 69.88 68.55 -25.06
N ASP J 403 70.53 67.65 -24.34
CA ASP J 403 70.17 67.44 -22.96
C ASP J 403 70.32 68.75 -22.24
N ARG J 404 71.41 69.41 -22.57
CA ARG J 404 71.70 70.66 -21.90
C ARG J 404 70.91 71.85 -22.32
N TYR J 405 70.75 72.00 -23.62
CA TYR J 405 70.03 73.13 -24.15
C TYR J 405 68.53 73.05 -24.07
N GLY J 406 68.00 71.83 -24.18
CA GLY J 406 66.57 71.61 -24.12
C GLY J 406 65.93 71.36 -25.48
N LEU J 407 66.07 70.16 -26.03
CA LEU J 407 65.42 69.83 -27.29
C LEU J 407 64.92 68.41 -27.26
N TYR J 408 63.70 68.14 -27.71
CA TYR J 408 63.27 66.76 -27.71
C TYR J 408 63.90 66.07 -28.88
N VAL J 409 64.35 64.86 -28.66
CA VAL J 409 64.98 64.14 -29.72
C VAL J 409 64.43 62.75 -29.98
N VAL J 410 64.45 62.47 -31.28
CA VAL J 410 64.08 61.18 -31.77
C VAL J 410 65.33 60.49 -32.27
N ASP J 411 65.76 59.46 -31.57
CA ASP J 411 66.94 58.72 -31.93
C ASP J 411 66.56 57.65 -32.96
N GLU J 412 67.26 57.60 -34.07
CA GLU J 412 66.87 56.71 -35.13
C GLU J 412 67.96 55.77 -35.59
N ALA J 413 67.58 54.51 -35.71
CA ALA J 413 68.53 53.51 -36.15
C ALA J 413 68.97 53.71 -37.60
N ASN J 414 70.23 53.34 -37.85
CA ASN J 414 70.85 53.47 -39.13
C ASN J 414 70.40 52.39 -40.11
N ILE J 415 69.16 52.50 -40.57
CA ILE J 415 68.70 51.55 -41.55
C ILE J 415 67.79 52.15 -42.60
N GLU J 416 68.22 52.18 -43.86
CA GLU J 416 67.37 52.65 -44.95
C GLU J 416 67.65 51.75 -46.14
N THR J 417 66.61 51.16 -46.69
CA THR J 417 66.77 50.28 -47.84
C THR J 417 65.89 50.76 -48.94
N HIS J 418 65.79 52.06 -48.95
CA HIS J 418 64.94 52.73 -49.88
C HIS J 418 64.93 52.17 -51.29
N GLY J 419 66.11 51.89 -51.86
CA GLY J 419 66.23 51.43 -53.24
C GLY J 419 65.77 50.01 -53.49
N MET J 420 65.49 49.25 -52.46
CA MET J 420 65.09 47.90 -52.75
C MET J 420 63.77 47.85 -53.46
N VAL J 421 63.39 46.67 -53.88
CA VAL J 421 62.12 46.51 -54.55
C VAL J 421 61.58 45.11 -54.40
N PRO J 422 60.46 44.96 -53.71
CA PRO J 422 59.82 46.09 -53.09
C PRO J 422 60.67 46.54 -51.90
N MET J 423 60.40 47.74 -51.45
CA MET J 423 61.13 48.32 -50.37
C MET J 423 61.49 47.40 -49.20
N ASN J 424 60.68 46.42 -48.86
CA ASN J 424 60.98 45.61 -47.69
C ASN J 424 61.68 44.26 -47.93
N ARG J 425 62.18 44.15 -49.14
CA ARG J 425 62.86 42.97 -49.57
C ARG J 425 63.83 42.41 -48.54
N LEU J 426 64.61 43.29 -47.96
CA LEU J 426 65.55 42.84 -46.95
C LEU J 426 64.93 42.69 -45.57
N THR J 427 64.17 43.72 -45.19
CA THR J 427 63.48 43.82 -43.90
C THR J 427 62.53 42.70 -43.59
N ASP J 428 62.10 42.08 -44.65
CA ASP J 428 61.26 40.95 -44.42
C ASP J 428 62.06 39.64 -44.45
N ASP J 429 63.39 39.71 -44.34
CA ASP J 429 64.20 38.53 -44.44
C ASP J 429 65.11 38.31 -43.28
N PRO J 430 64.76 37.20 -42.69
CA PRO J 430 65.34 36.65 -41.50
C PRO J 430 66.84 36.76 -41.63
N ARG J 431 67.28 36.41 -42.81
CA ARG J 431 68.70 36.51 -43.05
C ARG J 431 69.29 37.83 -42.69
N TRP J 432 68.53 38.89 -42.85
CA TRP J 432 69.08 40.18 -42.51
C TRP J 432 68.76 40.62 -41.13
N LEU J 433 67.97 39.79 -40.51
CA LEU J 433 67.59 40.15 -39.20
C LEU J 433 68.75 40.59 -38.31
N PRO J 434 69.62 39.68 -38.05
CA PRO J 434 70.80 39.93 -37.22
C PRO J 434 71.52 41.26 -37.53
N ALA J 435 71.71 41.48 -38.80
CA ALA J 435 72.31 42.74 -39.19
C ALA J 435 71.50 43.90 -38.63
N MET J 436 70.21 43.86 -38.95
CA MET J 436 69.31 44.89 -38.48
C MET J 436 69.35 45.01 -36.97
N SER J 437 69.30 43.88 -36.33
CA SER J 437 69.28 43.88 -34.89
C SER J 437 70.37 44.70 -34.29
N GLU J 438 71.55 44.39 -34.81
CA GLU J 438 72.73 45.04 -34.29
C GLU J 438 72.57 46.53 -34.31
N ARG J 439 72.02 46.92 -35.43
CA ARG J 439 71.77 48.31 -35.66
C ARG J 439 70.84 48.94 -34.64
N VAL J 440 69.87 48.18 -34.15
CA VAL J 440 68.99 48.80 -33.19
C VAL J 440 69.50 48.72 -31.77
N THR J 441 69.80 47.49 -31.41
CA THR J 441 70.22 47.18 -30.09
C THR J 441 71.31 48.09 -29.63
N ARG J 442 72.32 48.16 -30.46
CA ARG J 442 73.47 48.98 -30.15
C ARG J 442 73.13 50.45 -29.88
N MET J 443 72.24 50.99 -30.70
CA MET J 443 71.88 52.37 -30.49
C MET J 443 71.33 52.55 -29.09
N VAL J 444 70.47 51.62 -28.78
CA VAL J 444 69.83 51.71 -27.51
C VAL J 444 70.79 51.66 -26.36
N GLN J 445 71.67 50.68 -26.45
CA GLN J 445 72.62 50.56 -25.38
C GLN J 445 73.45 51.79 -25.23
N ARG J 446 73.66 52.45 -26.33
CA ARG J 446 74.46 53.61 -26.19
C ARG J 446 73.76 54.84 -25.64
N ASP J 447 72.57 55.13 -26.16
CA ASP J 447 71.90 56.37 -25.85
C ASP J 447 70.83 56.44 -24.83
N ARG J 448 70.48 55.30 -24.33
CA ARG J 448 69.38 55.25 -23.41
C ARG J 448 69.41 56.07 -22.16
N ASN J 449 70.51 56.62 -21.77
CA ASN J 449 70.39 57.39 -20.55
C ASN J 449 70.19 58.88 -20.77
N HIS J 450 70.08 59.33 -22.00
CA HIS J 450 69.90 60.74 -22.21
C HIS J 450 68.45 61.20 -22.13
N PRO J 451 68.15 62.07 -21.21
CA PRO J 451 66.79 62.57 -21.10
C PRO J 451 66.24 63.17 -22.39
N SER J 452 67.06 63.78 -23.22
CA SER J 452 66.51 64.38 -24.43
C SER J 452 65.91 63.37 -25.40
N VAL J 453 66.36 62.14 -25.30
CA VAL J 453 65.81 61.20 -26.23
C VAL J 453 64.49 60.81 -25.71
N ILE J 454 63.44 61.01 -26.51
CA ILE J 454 62.15 60.62 -26.01
C ILE J 454 61.43 59.62 -26.87
N ILE J 455 61.99 59.32 -28.02
CA ILE J 455 61.37 58.36 -28.88
C ILE J 455 62.39 57.64 -29.68
N TRP J 456 62.22 56.35 -29.75
CA TRP J 456 63.10 55.55 -30.53
C TRP J 456 62.42 55.34 -31.87
N SER J 457 63.22 55.25 -32.91
CA SER J 457 62.77 55.03 -34.26
C SER J 457 63.59 53.94 -34.91
N LEU J 458 62.93 53.00 -35.60
CA LEU J 458 63.62 51.88 -36.23
C LEU J 458 64.26 52.22 -37.56
N GLY J 459 64.39 53.48 -37.89
CA GLY J 459 65.00 53.71 -39.16
C GLY J 459 64.08 54.48 -40.06
N ASN J 460 64.29 54.28 -41.37
CA ASN J 460 63.57 55.00 -42.38
C ASN J 460 63.45 54.29 -43.74
N GLU J 461 62.43 54.64 -44.48
CA GLU J 461 62.11 54.09 -45.79
C GLU J 461 62.66 52.72 -46.10
N SER J 462 62.18 51.72 -45.38
CA SER J 462 62.63 50.35 -45.60
C SER J 462 61.45 49.40 -45.64
N GLY J 463 60.30 49.94 -46.02
CA GLY J 463 59.09 49.17 -46.07
C GLY J 463 58.72 48.71 -44.67
N HIS J 464 58.02 47.58 -44.64
CA HIS J 464 57.64 47.01 -43.39
C HIS J 464 57.87 45.52 -43.45
N GLY J 465 58.68 45.01 -42.54
CA GLY J 465 58.94 43.60 -42.54
C GLY J 465 58.98 43.05 -41.13
N ALA J 466 58.85 41.74 -41.08
CA ALA J 466 58.85 41.08 -39.80
C ALA J 466 60.01 41.50 -38.94
N ASN J 467 61.12 41.73 -39.62
CA ASN J 467 62.28 42.12 -38.87
C ASN J 467 61.94 43.33 -37.99
N HIS J 468 61.10 44.18 -38.56
CA HIS J 468 60.69 45.37 -37.84
C HIS J 468 59.90 45.05 -36.59
N ASP J 469 58.90 44.22 -36.79
CA ASP J 469 58.09 43.82 -35.66
C ASP J 469 58.92 43.28 -34.53
N ALA J 470 59.80 42.40 -34.89
CA ALA J 470 60.63 41.84 -33.85
C ALA J 470 61.43 42.91 -33.13
N LEU J 471 61.98 43.81 -33.88
CA LEU J 471 62.79 44.82 -33.25
C LEU J 471 62.01 45.78 -32.39
N TYR J 472 60.87 46.13 -32.92
CA TYR J 472 59.98 46.98 -32.20
C TYR J 472 59.74 46.39 -30.82
N ARG J 473 59.38 45.14 -30.85
CA ARG J 473 59.11 44.47 -29.62
C ARG J 473 60.28 44.46 -28.65
N TRP J 474 61.44 44.16 -29.20
CA TRP J 474 62.62 44.09 -28.40
C TRP J 474 62.78 45.35 -27.60
N ILE J 475 62.65 46.44 -28.28
CA ILE J 475 62.83 47.65 -27.54
C ILE J 475 61.82 47.78 -26.45
N LYS J 476 60.59 47.58 -26.85
CA LYS J 476 59.52 47.70 -25.91
C LYS J 476 59.88 46.99 -24.65
N SER J 477 60.49 45.85 -24.81
CA SER J 477 60.83 45.12 -23.61
C SER J 477 62.00 45.67 -22.89
N VAL J 478 62.93 46.14 -23.63
CA VAL J 478 64.08 46.61 -22.96
C VAL J 478 63.93 48.00 -22.39
N ASP J 479 63.25 48.87 -23.12
CA ASP J 479 63.05 50.21 -22.70
C ASP J 479 61.63 50.64 -22.97
N PRO J 480 60.95 50.54 -21.89
CA PRO J 480 59.57 50.83 -21.82
C PRO J 480 59.37 52.29 -21.52
N SER J 481 60.43 53.02 -21.30
CA SER J 481 60.28 54.43 -20.97
C SER J 481 59.94 55.31 -22.16
N ARG J 482 60.23 54.85 -23.37
CA ARG J 482 59.94 55.62 -24.55
C ARG J 482 59.23 54.81 -25.58
N PRO J 483 58.42 55.53 -26.30
CA PRO J 483 57.62 54.98 -27.37
C PRO J 483 58.49 54.75 -28.56
N VAL J 484 57.97 53.91 -29.43
CA VAL J 484 58.69 53.59 -30.63
C VAL J 484 57.92 53.93 -31.88
N GLN J 485 58.57 54.56 -32.84
CA GLN J 485 57.87 54.83 -34.07
C GLN J 485 58.62 54.37 -35.28
N TYR J 486 57.87 54.14 -36.34
CA TYR J 486 58.43 53.72 -37.61
C TYR J 486 57.39 53.97 -38.67
N GLU J 487 57.77 54.69 -39.70
CA GLU J 487 56.83 55.05 -40.74
C GLU J 487 56.64 54.03 -41.85
N GLY J 488 57.68 53.27 -42.10
CA GLY J 488 57.64 52.35 -43.19
C GLY J 488 56.37 51.54 -43.33
N GLY J 489 56.06 51.29 -44.57
CA GLY J 489 54.96 50.45 -44.88
C GLY J 489 53.59 51.00 -44.58
N GLY J 490 53.41 52.32 -44.60
CA GLY J 490 52.06 52.81 -44.37
C GLY J 490 51.87 53.71 -43.18
N ALA J 491 52.90 53.86 -42.36
CA ALA J 491 52.92 54.76 -41.20
C ALA J 491 52.01 54.41 -40.05
N ASP J 492 51.29 53.31 -40.18
CA ASP J 492 50.42 52.95 -39.08
C ASP J 492 50.43 51.48 -38.78
N THR J 493 51.55 50.84 -39.11
CA THR J 493 51.68 49.41 -38.91
C THR J 493 51.79 49.04 -37.46
N THR J 494 51.90 47.74 -37.25
CA THR J 494 52.02 47.18 -35.92
C THR J 494 53.34 47.53 -35.33
N ALA J 495 54.18 48.08 -36.16
CA ALA J 495 55.48 48.40 -35.67
C ALA J 495 55.60 49.82 -35.18
N THR J 496 54.51 50.56 -35.01
CA THR J 496 54.71 51.92 -34.54
C THR J 496 53.74 52.29 -33.48
N ASP J 497 54.19 53.06 -32.51
CA ASP J 497 53.30 53.47 -31.46
C ASP J 497 52.63 54.74 -31.85
N ILE J 498 53.05 55.34 -32.95
CA ILE J 498 52.46 56.59 -33.37
C ILE J 498 52.24 56.60 -34.84
N ILE J 499 51.21 57.27 -35.31
CA ILE J 499 51.01 57.39 -36.72
C ILE J 499 51.94 58.50 -37.15
N CYS J 500 52.96 58.11 -37.90
CA CYS J 500 53.98 59.06 -38.28
C CYS J 500 54.26 59.08 -39.74
N PRO J 501 53.31 59.56 -40.47
CA PRO J 501 53.51 59.64 -41.90
C PRO J 501 54.45 60.75 -42.26
N MET J 502 54.71 60.75 -43.54
CA MET J 502 55.51 61.76 -44.13
C MET J 502 54.81 62.30 -45.35
N TYR J 503 54.60 63.60 -45.34
CA TYR J 503 53.99 64.25 -46.46
C TYR J 503 52.51 64.05 -46.67
N ALA J 504 51.81 63.65 -45.61
CA ALA J 504 50.37 63.58 -45.71
C ALA J 504 49.81 65.01 -45.71
N ARG J 505 48.75 65.24 -46.47
CA ARG J 505 48.21 66.56 -46.55
C ARG J 505 47.20 66.86 -45.47
N VAL J 506 46.93 68.14 -45.29
CA VAL J 506 46.01 68.50 -44.24
C VAL J 506 44.61 68.02 -44.53
N ASP J 507 44.12 68.35 -45.68
CA ASP J 507 42.77 67.96 -45.97
C ASP J 507 42.63 67.05 -47.14
N GLU J 508 43.68 66.85 -47.89
CA GLU J 508 43.52 66.05 -49.07
C GLU J 508 44.18 64.69 -48.95
N ASP J 509 43.47 63.69 -49.41
CA ASP J 509 43.95 62.32 -49.36
C ASP J 509 44.73 61.98 -50.60
N GLN J 510 45.71 61.11 -50.43
CA GLN J 510 46.54 60.60 -51.50
C GLN J 510 46.57 59.11 -51.29
N PRO J 511 45.64 58.55 -51.98
CA PRO J 511 45.32 57.17 -51.91
C PRO J 511 46.18 56.26 -52.74
N PHE J 512 47.44 56.19 -52.41
CA PHE J 512 48.18 55.24 -53.13
C PHE J 512 47.80 53.87 -52.64
N PRO J 513 47.85 52.99 -53.59
CA PRO J 513 47.62 51.59 -53.34
C PRO J 513 48.61 51.15 -52.29
N ALA J 514 48.09 50.30 -51.43
CA ALA J 514 48.85 49.74 -50.36
C ALA J 514 49.31 50.72 -49.32
N VAL J 515 49.73 51.89 -49.71
CA VAL J 515 50.23 52.78 -48.70
C VAL J 515 49.76 54.17 -49.01
N PRO J 516 48.49 54.30 -48.87
CA PRO J 516 47.85 55.58 -49.12
C PRO J 516 48.21 56.54 -48.04
N LYS J 517 48.16 57.83 -48.35
CA LYS J 517 48.38 58.88 -47.38
C LYS J 517 47.09 59.67 -47.22
N TRP J 518 46.37 59.39 -46.15
CA TRP J 518 45.14 60.08 -45.91
C TRP J 518 45.33 61.49 -45.43
N SER J 519 44.32 62.34 -45.59
CA SER J 519 44.39 63.64 -45.00
C SER J 519 44.62 63.35 -43.52
N ILE J 520 45.46 64.15 -42.90
CA ILE J 520 45.72 63.82 -41.53
C ILE J 520 44.51 63.87 -40.65
N LYS J 521 43.57 64.75 -40.94
CA LYS J 521 42.39 64.77 -40.07
C LYS J 521 41.59 63.51 -40.24
N LYS J 522 41.57 63.00 -41.43
CA LYS J 522 40.81 61.80 -41.60
C LYS J 522 41.51 60.61 -40.99
N TRP J 523 42.79 60.57 -41.17
CA TRP J 523 43.52 59.44 -40.72
C TRP J 523 43.20 59.12 -39.31
N LEU J 524 43.15 60.14 -38.50
CA LEU J 524 42.88 59.91 -37.10
C LEU J 524 41.66 59.10 -36.76
N SER J 525 40.60 59.31 -37.52
CA SER J 525 39.26 58.79 -37.34
C SER J 525 38.97 57.45 -37.98
N LEU J 526 39.94 56.89 -38.67
CA LEU J 526 39.64 55.61 -39.24
C LEU J 526 39.20 54.66 -38.16
N PRO J 527 38.31 53.79 -38.58
CA PRO J 527 37.73 52.83 -37.69
C PRO J 527 38.79 52.05 -37.00
N GLY J 528 38.72 52.10 -35.70
CA GLY J 528 39.67 51.40 -34.89
C GLY J 528 40.92 52.19 -34.57
N GLU J 529 41.23 53.26 -35.34
CA GLU J 529 42.46 53.99 -35.03
C GLU J 529 42.38 54.76 -33.72
N THR J 530 43.45 54.78 -32.93
CA THR J 530 43.41 55.50 -31.66
C THR J 530 44.69 56.26 -31.31
N ARG J 531 45.75 56.01 -32.07
CA ARG J 531 47.04 56.60 -31.82
C ARG J 531 47.13 58.06 -32.09
N PRO J 532 48.19 58.65 -31.58
CA PRO J 532 48.44 60.04 -31.84
C PRO J 532 49.09 60.10 -33.18
N LEU J 533 49.03 61.26 -33.81
CA LEU J 533 49.68 61.44 -35.08
C LEU J 533 50.64 62.58 -35.07
N ILE J 534 51.85 62.27 -35.53
CA ILE J 534 52.95 63.21 -35.63
C ILE J 534 53.67 62.94 -36.91
N LEU J 535 53.77 63.94 -37.78
CA LEU J 535 54.41 63.64 -39.03
C LEU J 535 55.90 63.57 -38.88
N CYS J 536 56.43 62.46 -39.34
CA CYS J 536 57.85 62.29 -39.26
C CYS J 536 58.52 63.23 -40.26
N GLU J 537 57.80 63.52 -41.33
CA GLU J 537 58.33 64.46 -42.31
C GLU J 537 57.23 65.20 -42.99
N TYR J 538 57.40 66.51 -43.03
CA TYR J 538 56.45 67.34 -43.70
C TYR J 538 56.99 68.71 -44.07
N ALA J 539 56.23 69.33 -44.98
CA ALA J 539 56.51 70.65 -45.50
C ALA J 539 57.90 70.69 -46.13
N HIS J 540 58.07 69.98 -47.24
CA HIS J 540 59.34 69.89 -47.95
C HIS J 540 59.95 71.27 -48.24
N ALA J 541 61.00 71.64 -47.52
CA ALA J 541 61.54 72.99 -47.71
C ALA J 541 62.53 73.23 -48.86
N MET J 542 62.28 72.62 -50.01
CA MET J 542 63.14 72.73 -51.14
C MET J 542 63.00 74.04 -51.94
N GLY J 543 63.98 74.90 -51.75
CA GLY J 543 64.01 76.17 -52.47
C GLY J 543 62.95 77.11 -51.99
N ASN J 544 62.30 77.77 -52.96
CA ASN J 544 61.23 78.69 -52.60
C ASN J 544 60.00 77.85 -52.23
N SER J 545 59.93 77.47 -50.96
CA SER J 545 58.89 76.59 -50.50
C SER J 545 58.27 77.00 -49.18
N LEU J 546 57.59 76.03 -48.58
CA LEU J 546 56.87 76.22 -47.34
C LEU J 546 55.47 76.80 -47.51
N GLY J 547 54.97 76.82 -48.74
CA GLY J 547 53.63 77.33 -48.91
C GLY J 547 52.67 76.37 -48.25
N GLY J 548 51.72 76.88 -47.47
CA GLY J 548 50.76 76.00 -46.82
C GLY J 548 51.07 75.67 -45.37
N PHE J 549 52.25 76.01 -44.96
CA PHE J 549 52.66 75.73 -43.62
C PHE J 549 51.59 76.04 -42.54
N ALA J 550 51.01 77.21 -42.65
CA ALA J 550 50.00 77.58 -41.68
C ALA J 550 48.81 76.64 -41.59
N LYS J 551 48.43 76.08 -42.73
CA LYS J 551 47.35 75.13 -42.74
C LYS J 551 47.62 74.01 -41.72
N TYR J 552 48.85 73.52 -41.67
CA TYR J 552 49.17 72.47 -40.74
C TYR J 552 49.06 72.97 -39.32
N TRP J 553 49.68 74.10 -39.11
CA TRP J 553 49.67 74.60 -37.77
C TRP J 553 48.28 74.80 -37.26
N GLN J 554 47.44 75.17 -38.16
CA GLN J 554 46.16 75.36 -37.61
C GLN J 554 45.49 74.08 -37.26
N ALA J 555 45.70 73.10 -38.09
CA ALA J 555 45.08 71.84 -37.77
C ALA J 555 45.66 71.33 -36.49
N PHE J 556 46.97 71.44 -36.40
CA PHE J 556 47.61 70.91 -35.22
C PHE J 556 46.96 71.48 -34.02
N ARG J 557 46.80 72.79 -34.07
CA ARG J 557 46.22 73.43 -32.93
C ARG J 557 44.79 73.04 -32.69
N GLN J 558 44.06 72.63 -33.69
CA GLN J 558 42.68 72.30 -33.39
C GLN J 558 42.41 70.85 -33.07
N TYR J 559 43.29 69.94 -33.42
CA TYR J 559 43.01 68.56 -33.12
C TYR J 559 44.00 68.00 -32.14
N PRO J 560 43.47 67.71 -31.01
CA PRO J 560 44.20 67.17 -29.90
C PRO J 560 45.17 66.10 -30.26
N ARG J 561 44.71 65.13 -31.02
CA ARG J 561 45.56 64.03 -31.42
C ARG J 561 46.55 64.39 -32.52
N LEU J 562 46.47 65.58 -33.06
CA LEU J 562 47.50 65.90 -34.04
C LEU J 562 48.55 66.59 -33.24
N GLN J 563 49.64 65.92 -32.93
CA GLN J 563 50.63 66.55 -32.10
C GLN J 563 51.86 67.16 -32.72
N GLY J 564 51.79 67.53 -34.01
CA GLY J 564 52.91 68.21 -34.66
C GLY J 564 53.65 67.40 -35.71
N GLY J 565 54.91 67.76 -35.92
CA GLY J 565 55.73 67.07 -36.88
C GLY J 565 57.11 67.68 -37.00
N PHE J 566 57.90 67.07 -37.87
CA PHE J 566 59.24 67.48 -38.14
C PHE J 566 59.35 67.87 -39.57
N VAL J 567 59.75 69.09 -39.74
CA VAL J 567 59.91 69.61 -41.05
C VAL J 567 61.07 68.98 -41.75
N TRP J 568 60.95 68.94 -43.06
CA TRP J 568 62.02 68.38 -43.85
C TRP J 568 62.61 69.43 -44.76
N ASP J 569 63.83 69.89 -44.48
CA ASP J 569 64.66 69.56 -43.34
C ASP J 569 65.47 70.78 -42.93
N TRP J 570 66.43 70.62 -42.03
CA TRP J 570 67.21 71.74 -41.52
C TRP J 570 68.09 72.54 -42.44
N VAL J 571 69.16 71.93 -42.96
CA VAL J 571 70.13 72.58 -43.86
C VAL J 571 70.21 71.99 -45.24
N ASP J 572 70.66 72.82 -46.17
CA ASP J 572 70.87 72.31 -47.51
C ASP J 572 72.12 71.46 -47.49
N GLN J 573 72.10 70.37 -48.25
CA GLN J 573 73.25 69.50 -48.31
C GLN J 573 74.08 69.91 -49.51
N SER J 574 74.59 71.12 -49.42
CA SER J 574 75.41 71.62 -50.49
C SER J 574 76.85 71.69 -50.06
N LEU J 575 77.68 71.46 -51.07
CA LEU J 575 79.11 71.49 -50.89
C LEU J 575 79.75 72.63 -51.65
N ILE J 576 80.92 73.00 -51.17
CA ILE J 576 81.68 74.05 -51.80
C ILE J 576 82.64 73.54 -52.86
N LYS J 577 82.80 74.34 -53.90
CA LYS J 577 83.71 74.08 -54.98
C LYS J 577 84.37 75.39 -55.32
N TYR J 578 85.41 75.29 -56.13
CA TYR J 578 86.07 76.53 -56.50
C TYR J 578 86.21 76.75 -57.97
N ASP J 579 86.14 78.03 -58.31
CA ASP J 579 86.36 78.37 -59.68
C ASP J 579 87.85 78.62 -59.75
N GLU J 580 88.32 78.72 -60.99
CA GLU J 580 89.71 78.99 -61.30
C GLU J 580 90.25 80.22 -60.56
N ASN J 581 89.36 81.17 -60.28
CA ASN J 581 89.80 82.33 -59.55
C ASN J 581 89.82 82.06 -58.06
N GLY J 582 89.75 80.75 -57.75
CA GLY J 582 89.76 80.26 -56.38
C GLY J 582 88.53 80.75 -55.64
N ASN J 583 87.46 80.83 -56.42
CA ASN J 583 86.21 81.25 -55.89
C ASN J 583 85.35 80.07 -55.59
N PRO J 584 84.83 80.10 -54.39
CA PRO J 584 84.00 79.06 -53.85
C PRO J 584 82.58 79.19 -54.33
N TRP J 585 81.96 78.06 -54.54
CA TRP J 585 80.58 78.09 -54.94
C TRP J 585 79.88 76.82 -54.54
N SER J 586 78.60 76.97 -54.26
CA SER J 586 77.77 75.88 -53.81
C SER J 586 77.40 74.91 -54.91
N ALA J 587 77.77 73.67 -54.63
CA ALA J 587 77.57 72.56 -55.52
C ALA J 587 76.52 71.57 -55.04
N TYR J 588 75.99 70.87 -56.02
CA TYR J 588 75.01 69.85 -55.76
C TYR J 588 75.15 68.62 -56.63
N GLY J 589 74.12 67.79 -56.63
CA GLY J 589 74.14 66.57 -57.38
C GLY J 589 74.68 66.77 -58.78
N GLY J 590 75.59 65.86 -59.15
CA GLY J 590 76.25 65.83 -60.44
C GLY J 590 77.42 66.79 -60.59
N ASP J 591 77.58 67.70 -59.63
CA ASP J 591 78.63 68.68 -59.65
C ASP J 591 80.03 68.09 -59.50
N PHE J 592 80.13 66.80 -59.21
CA PHE J 592 81.42 66.15 -59.07
C PHE J 592 81.52 65.08 -60.11
N GLY J 593 80.69 65.21 -61.12
CA GLY J 593 80.67 64.23 -62.18
C GLY J 593 80.08 62.94 -61.64
N ASP J 594 79.57 63.05 -60.41
CA ASP J 594 78.94 61.94 -59.72
C ASP J 594 77.73 61.50 -60.50
N THR J 595 77.71 60.22 -60.78
CA THR J 595 76.64 59.62 -61.51
C THR J 595 76.36 58.23 -60.98
N PRO J 596 75.06 57.91 -60.84
CA PRO J 596 74.00 58.83 -61.22
C PRO J 596 73.74 59.85 -60.11
N ASN J 597 72.93 60.85 -60.36
CA ASN J 597 72.73 61.78 -59.29
C ASN J 597 71.34 62.39 -59.31
N ASP J 598 71.00 63.06 -58.20
CA ASP J 598 69.69 63.67 -58.01
C ASP J 598 69.69 65.19 -57.89
N ARG J 599 70.57 65.83 -58.64
CA ARG J 599 70.66 67.27 -58.69
C ARG J 599 70.47 67.99 -57.37
N GLN J 600 69.55 68.99 -57.38
CA GLN J 600 69.21 69.84 -56.24
C GLN J 600 68.48 69.15 -55.11
N PHE J 601 68.03 67.92 -55.37
CA PHE J 601 67.31 67.23 -54.35
C PHE J 601 67.97 67.20 -52.99
N CYS J 602 69.27 67.37 -52.96
CA CYS J 602 69.99 67.39 -51.70
C CYS J 602 69.77 68.73 -51.01
N MET J 603 69.02 69.63 -51.66
CA MET J 603 68.80 70.93 -51.06
C MET J 603 67.36 71.20 -50.62
N ASN J 604 67.11 70.96 -49.31
CA ASN J 604 65.77 71.16 -48.82
C ASN J 604 65.70 71.84 -47.48
N GLY J 605 66.73 72.57 -47.12
CA GLY J 605 66.76 73.14 -45.79
C GLY J 605 66.11 74.47 -45.64
N LEU J 606 65.98 74.79 -44.38
CA LEU J 606 65.44 76.07 -43.97
C LEU J 606 66.57 77.09 -43.94
N VAL J 607 67.78 76.55 -43.92
CA VAL J 607 68.95 77.38 -43.95
C VAL J 607 69.91 76.85 -44.96
N PHE J 608 70.73 77.78 -45.33
CA PHE J 608 71.80 77.52 -46.25
C PHE J 608 72.86 76.77 -45.47
N ALA J 609 73.68 76.00 -46.19
CA ALA J 609 74.73 75.25 -45.53
C ALA J 609 75.55 76.09 -44.55
N ASP J 610 75.75 77.36 -44.89
CA ASP J 610 76.52 78.24 -44.04
C ASP J 610 75.72 78.61 -42.82
N ARG J 611 74.50 78.09 -42.83
CA ARG J 611 73.59 78.36 -41.78
C ARG J 611 72.99 79.73 -41.89
N THR J 612 72.72 80.07 -43.12
CA THR J 612 72.03 81.29 -43.31
C THR J 612 70.70 80.92 -43.82
N PRO J 613 69.79 81.49 -43.12
CA PRO J 613 68.39 81.32 -43.27
C PRO J 613 67.87 81.59 -44.63
N HIS J 614 66.86 80.81 -44.95
CA HIS J 614 66.08 80.99 -46.11
C HIS J 614 64.92 81.80 -45.55
N PRO J 615 64.19 82.46 -46.41
CA PRO J 615 63.11 83.25 -45.88
C PRO J 615 62.05 82.40 -45.18
N ALA J 616 61.85 81.19 -45.69
CA ALA J 616 60.86 80.31 -45.11
C ALA J 616 60.97 80.17 -43.59
N LEU J 617 62.19 80.19 -43.13
CA LEU J 617 62.44 80.03 -41.72
C LEU J 617 61.53 80.89 -40.88
N THR J 618 61.33 82.05 -41.38
CA THR J 618 60.52 83.00 -40.67
C THR J 618 59.08 82.58 -40.52
N GLU J 619 58.53 82.10 -41.62
CA GLU J 619 57.18 81.66 -41.58
C GLU J 619 57.12 80.63 -40.47
N ALA J 620 58.12 79.76 -40.47
CA ALA J 620 58.13 78.74 -39.43
C ALA J 620 58.13 79.33 -38.04
N LYS J 621 59.06 80.19 -37.82
CA LYS J 621 59.16 80.77 -36.52
C LYS J 621 57.84 81.35 -36.08
N HIS J 622 57.22 82.06 -36.97
CA HIS J 622 55.96 82.70 -36.65
C HIS J 622 54.88 81.70 -36.30
N GLN J 623 54.66 80.73 -37.20
CA GLN J 623 53.64 79.71 -36.97
C GLN J 623 53.90 78.90 -35.71
N GLN J 624 55.16 78.82 -35.29
CA GLN J 624 55.46 78.02 -34.14
C GLN J 624 55.50 78.79 -32.85
N GLN J 625 55.21 80.07 -32.89
CA GLN J 625 55.30 80.80 -31.65
C GLN J 625 54.55 80.19 -30.51
N PHE J 626 55.06 80.46 -29.33
CA PHE J 626 54.47 79.92 -28.14
C PHE J 626 53.38 80.78 -27.58
N PHE J 627 53.13 81.92 -28.19
CA PHE J 627 52.07 82.76 -27.67
C PHE J 627 51.07 83.05 -28.72
N GLN J 628 49.81 83.03 -28.34
CA GLN J 628 48.77 83.33 -29.27
C GLN J 628 47.90 84.46 -28.79
N PHE J 629 47.56 85.31 -29.75
CA PHE J 629 46.78 86.49 -29.50
C PHE J 629 45.42 86.56 -30.12
N ARG J 630 44.56 87.23 -29.39
CA ARG J 630 43.22 87.50 -29.78
C ARG J 630 42.96 88.93 -29.47
N LEU J 631 42.28 89.54 -30.38
CA LEU J 631 41.97 90.91 -30.22
C LEU J 631 40.50 91.13 -30.10
N SER J 632 40.11 91.78 -29.04
CA SER J 632 38.73 92.09 -28.86
C SER J 632 38.53 93.51 -28.41
N GLY J 633 38.08 94.31 -29.35
CA GLY J 633 37.91 95.69 -29.02
C GLY J 633 39.25 96.28 -28.62
N GLN J 634 39.40 96.64 -27.34
CA GLN J 634 40.65 97.25 -26.95
C GLN J 634 41.47 96.28 -26.15
N THR J 635 40.99 95.05 -26.16
CA THR J 635 41.66 94.06 -25.40
C THR J 635 42.37 93.01 -26.15
N ILE J 636 43.57 92.78 -25.69
CA ILE J 636 44.30 91.72 -26.27
C ILE J 636 44.33 90.55 -25.36
N GLU J 637 43.94 89.42 -25.93
CA GLU J 637 43.98 88.22 -25.17
C GLU J 637 45.21 87.41 -25.53
N VAL J 638 45.96 87.02 -24.50
CA VAL J 638 47.16 86.28 -24.76
C VAL J 638 47.08 84.92 -24.21
N THR J 639 47.54 83.98 -25.00
CA THR J 639 47.50 82.62 -24.58
C THR J 639 48.86 81.99 -24.70
N SER J 640 49.21 81.24 -23.66
CA SER J 640 50.48 80.58 -23.52
C SER J 640 50.41 79.16 -23.98
N GLU J 641 51.33 78.80 -24.85
CA GLU J 641 51.44 77.44 -25.31
C GLU J 641 52.58 76.77 -24.59
N TYR J 642 53.02 77.38 -23.50
CA TYR J 642 54.06 76.73 -22.72
C TYR J 642 53.35 75.76 -21.79
N LEU J 643 53.95 74.61 -21.55
CA LEU J 643 53.31 73.62 -20.70
C LEU J 643 53.85 73.73 -19.32
N PHE J 644 55.07 74.19 -19.24
CA PHE J 644 55.72 74.24 -17.97
C PHE J 644 56.18 75.58 -17.50
N ARG J 645 56.54 76.51 -18.36
CA ARG J 645 57.01 77.73 -17.78
C ARG J 645 56.06 78.88 -17.70
N HIS J 646 56.51 79.84 -16.94
CA HIS J 646 55.73 81.03 -16.79
C HIS J 646 56.39 82.12 -17.63
N SER J 647 55.63 83.10 -18.13
CA SER J 647 56.19 84.16 -18.98
C SER J 647 57.15 85.02 -18.21
N ASP J 648 58.21 84.43 -17.75
CA ASP J 648 59.11 85.18 -16.93
C ASP J 648 60.23 85.92 -17.63
N ASN J 649 60.19 86.06 -18.93
CA ASN J 649 61.21 86.84 -19.61
C ASN J 649 60.53 87.42 -20.81
N GLU J 650 59.35 87.94 -20.52
CA GLU J 650 58.54 88.45 -21.57
C GLU J 650 57.93 89.82 -21.47
N LEU J 651 58.27 90.55 -22.52
CA LEU J 651 57.76 91.86 -22.72
C LEU J 651 56.93 91.98 -23.96
N LEU J 652 55.79 92.59 -23.77
CA LEU J 652 54.95 92.78 -24.90
C LEU J 652 54.93 94.21 -25.39
N HIS J 653 55.43 94.42 -26.59
CA HIS J 653 55.42 95.74 -27.15
C HIS J 653 54.31 95.88 -28.13
N TRP J 654 53.56 96.93 -28.04
CA TRP J 654 52.54 97.10 -29.03
C TRP J 654 52.65 98.44 -29.66
N MET J 655 51.96 98.61 -30.76
CA MET J 655 52.03 99.87 -31.41
C MET J 655 51.10 100.05 -32.60
N VAL J 656 50.65 101.28 -32.75
CA VAL J 656 49.72 101.65 -33.76
C VAL J 656 50.25 102.60 -34.80
N ALA J 657 49.91 102.31 -36.05
CA ALA J 657 50.35 103.15 -37.14
C ALA J 657 49.35 103.26 -38.25
N LEU J 658 49.44 104.41 -38.89
CA LEU J 658 48.59 104.74 -39.98
C LEU J 658 49.42 104.69 -41.20
N ASP J 659 49.09 103.78 -42.07
CA ASP J 659 49.89 103.65 -43.26
C ASP J 659 51.38 103.75 -42.96
N GLY J 660 51.82 103.17 -41.86
CA GLY J 660 53.24 103.24 -41.60
C GLY J 660 53.61 104.33 -40.63
N LYS J 661 52.67 105.21 -40.35
CA LYS J 661 52.98 106.24 -39.43
C LYS J 661 52.47 105.89 -38.09
N PRO J 662 53.45 105.74 -37.26
CA PRO J 662 53.32 105.35 -35.87
C PRO J 662 52.63 106.43 -35.12
N LEU J 663 51.64 106.07 -34.38
CA LEU J 663 50.90 107.03 -33.62
C LEU J 663 50.96 106.74 -32.15
N ALA J 664 51.27 105.50 -31.78
CA ALA J 664 51.32 105.11 -30.38
C ALA J 664 52.00 103.80 -30.21
N SER J 665 52.71 103.69 -29.10
CA SER J 665 53.43 102.50 -28.72
C SER J 665 53.20 102.27 -27.28
N GLY J 666 53.45 101.03 -26.87
CA GLY J 666 53.27 100.65 -25.50
C GLY J 666 54.10 99.44 -25.16
N GLU J 667 54.30 99.26 -23.88
CA GLU J 667 55.07 98.15 -23.41
C GLU J 667 54.39 97.47 -22.27
N VAL J 668 54.19 96.18 -22.38
CA VAL J 668 53.60 95.50 -21.28
C VAL J 668 54.19 94.14 -21.04
N PRO J 669 54.56 94.01 -19.81
CA PRO J 669 55.13 92.81 -19.26
C PRO J 669 54.09 91.74 -19.17
N LEU J 670 54.50 90.57 -19.63
CA LEU J 670 53.65 89.40 -19.61
C LEU J 670 53.71 88.61 -18.34
N ASP J 671 52.55 88.13 -17.98
CA ASP J 671 52.42 87.31 -16.81
C ASP J 671 51.47 86.20 -17.10
N VAL J 672 51.95 85.15 -17.74
CA VAL J 672 51.07 84.05 -18.08
C VAL J 672 51.61 82.72 -17.72
N ALA J 673 50.71 81.99 -17.08
CA ALA J 673 51.03 80.65 -16.70
C ALA J 673 50.93 79.75 -17.89
N PRO J 674 51.76 78.72 -17.88
CA PRO J 674 51.70 77.76 -18.94
C PRO J 674 50.25 77.47 -19.15
N GLN J 675 49.89 77.47 -20.42
CA GLN J 675 48.53 77.22 -20.82
C GLN J 675 47.52 78.19 -20.31
N GLY J 676 47.97 79.34 -19.88
CA GLY J 676 47.02 80.32 -19.39
C GLY J 676 46.78 81.47 -20.36
N LYS J 677 45.90 82.34 -19.93
CA LYS J 677 45.51 83.53 -20.67
C LYS J 677 45.80 84.80 -19.89
N GLN J 678 46.12 85.87 -20.62
CA GLN J 678 46.36 87.14 -20.01
C GLN J 678 45.62 88.18 -20.83
N LEU J 679 44.92 89.05 -20.10
CA LEU J 679 44.16 90.10 -20.74
C LEU J 679 44.85 91.40 -20.81
N ILE J 680 44.82 91.98 -21.98
CA ILE J 680 45.51 93.21 -22.05
C ILE J 680 44.69 94.33 -22.52
N GLU J 681 44.58 95.23 -21.57
CA GLU J 681 43.81 96.41 -21.73
C GLU J 681 44.50 97.56 -22.40
N LEU J 682 43.89 97.95 -23.49
CA LEU J 682 44.48 99.02 -24.22
C LEU J 682 43.96 100.38 -23.86
N PRO J 683 44.92 101.25 -23.76
CA PRO J 683 44.68 102.64 -23.52
C PRO J 683 43.90 103.12 -24.70
N GLU J 684 43.17 104.18 -24.51
CA GLU J 684 42.39 104.70 -25.61
C GLU J 684 43.20 104.94 -26.85
N LEU J 685 42.66 104.41 -27.91
CA LEU J 685 43.30 104.51 -29.17
C LEU J 685 42.92 105.71 -29.94
N PRO J 686 43.91 106.13 -30.67
CA PRO J 686 43.86 107.29 -31.53
C PRO J 686 42.91 107.07 -32.69
N GLN J 687 42.21 108.14 -33.05
CA GLN J 687 41.27 108.09 -34.15
C GLN J 687 41.53 109.13 -35.18
N PRO J 688 42.61 108.91 -35.90
CA PRO J 688 43.08 109.74 -36.97
C PRO J 688 41.96 110.06 -37.94
N GLU J 689 42.11 111.20 -38.57
CA GLU J 689 41.13 111.66 -39.52
C GLU J 689 41.51 111.26 -40.92
N SER J 690 42.79 111.51 -41.14
CA SER J 690 43.48 111.24 -42.37
C SER J 690 43.08 109.90 -42.94
N ALA J 691 43.20 109.78 -44.24
CA ALA J 691 42.82 108.54 -44.84
C ALA J 691 43.94 107.57 -44.72
N GLY J 692 43.55 106.29 -44.72
CA GLY J 692 44.51 105.23 -44.61
C GLY J 692 44.05 104.08 -43.74
N GLN J 693 44.94 103.10 -43.64
CA GLN J 693 44.74 101.89 -42.87
C GLN J 693 45.43 101.98 -41.54
N LEU J 694 44.66 101.71 -40.54
CA LEU J 694 45.14 101.71 -39.21
C LEU J 694 45.46 100.32 -38.75
N TRP J 695 46.69 100.12 -38.33
CA TRP J 695 47.07 98.79 -37.91
C TRP J 695 47.74 98.67 -36.58
N LEU J 696 47.36 97.59 -35.90
CA LEU J 696 47.92 97.31 -34.63
C LEU J 696 48.94 96.19 -34.68
N THR J 697 50.06 96.40 -34.03
CA THR J 697 51.05 95.37 -34.00
C THR J 697 51.66 95.09 -32.66
N VAL J 698 51.74 93.81 -32.32
CA VAL J 698 52.37 93.38 -31.07
C VAL J 698 53.58 92.49 -31.31
N ARG J 699 54.51 92.63 -30.39
CA ARG J 699 55.71 91.86 -30.43
C ARG J 699 56.05 91.38 -29.05
N VAL J 700 56.74 90.26 -29.01
CA VAL J 700 57.15 89.73 -27.73
C VAL J 700 58.64 89.70 -27.61
N VAL J 701 59.06 90.36 -26.53
CA VAL J 701 60.46 90.43 -26.30
C VAL J 701 60.98 89.89 -25.03
N GLN J 702 62.18 89.34 -25.22
CA GLN J 702 62.96 88.77 -24.16
C GLN J 702 64.05 89.71 -23.78
N PRO J 703 63.71 90.46 -22.76
CA PRO J 703 64.54 91.46 -22.16
C PRO J 703 65.90 90.91 -21.81
N ASN J 704 65.93 89.80 -21.09
CA ASN J 704 67.19 89.21 -20.68
C ASN J 704 67.68 88.12 -21.59
N ALA J 705 68.99 88.03 -21.77
CA ALA J 705 69.45 86.97 -22.63
C ALA J 705 69.30 85.64 -21.95
N THR J 706 69.43 84.60 -22.76
CA THR J 706 69.31 83.24 -22.28
C THR J 706 70.46 82.48 -22.83
N ALA J 707 70.49 81.25 -22.47
CA ALA J 707 71.56 80.45 -22.97
C ALA J 707 71.50 80.29 -24.44
N TRP J 708 70.34 80.54 -25.01
CA TRP J 708 70.28 80.34 -26.44
C TRP J 708 69.82 81.54 -27.16
N SER J 709 69.65 82.62 -26.42
CA SER J 709 69.20 83.84 -27.03
C SER J 709 69.76 85.07 -26.35
N GLU J 710 69.91 86.09 -27.19
CA GLU J 710 70.39 87.39 -26.79
C GLU J 710 69.35 88.20 -26.09
N ALA J 711 69.78 89.28 -25.50
CA ALA J 711 68.75 90.04 -24.88
C ALA J 711 68.01 90.80 -25.95
N GLY J 712 66.75 91.07 -25.70
CA GLY J 712 65.96 91.75 -26.69
C GLY J 712 65.51 90.87 -27.86
N HIS J 713 65.48 89.57 -27.64
CA HIS J 713 65.06 88.68 -28.67
C HIS J 713 63.56 88.75 -28.89
N ILE J 714 63.17 88.71 -30.17
CA ILE J 714 61.75 88.71 -30.49
C ILE J 714 61.28 87.29 -30.64
N SER J 715 60.32 86.91 -29.83
CA SER J 715 59.87 85.54 -29.90
C SER J 715 58.54 85.36 -30.56
N ALA J 716 57.78 86.44 -30.66
CA ALA J 716 56.49 86.29 -31.27
C ALA J 716 55.89 87.60 -31.66
N TRP J 717 55.05 87.54 -32.67
CA TRP J 717 54.40 88.73 -33.05
C TRP J 717 53.09 88.47 -33.69
N GLN J 718 52.32 89.52 -33.82
CA GLN J 718 51.02 89.41 -34.43
C GLN J 718 50.48 90.78 -34.76
N GLN J 719 49.74 90.86 -35.85
CA GLN J 719 49.22 92.16 -36.16
C GLN J 719 47.76 92.20 -36.61
N TRP J 720 47.10 93.33 -36.44
CA TRP J 720 45.72 93.43 -36.85
C TRP J 720 45.38 94.75 -37.53
N ARG J 721 44.37 94.72 -38.41
CA ARG J 721 44.02 95.97 -39.05
C ARG J 721 42.86 96.58 -38.33
N LEU J 722 43.10 97.72 -37.72
CA LEU J 722 42.05 98.32 -36.94
C LEU J 722 41.00 99.00 -37.72
N ALA J 723 41.38 99.88 -38.59
CA ALA J 723 40.37 100.56 -39.34
C ALA J 723 40.87 101.00 -40.67
N GLU J 724 39.93 101.62 -41.35
CA GLU J 724 40.18 102.14 -42.67
C GLU J 724 39.44 103.40 -42.90
N ASN J 725 40.13 104.36 -43.45
CA ASN J 725 39.50 105.61 -43.78
C ASN J 725 39.64 105.76 -45.26
N LEU J 726 38.55 105.48 -45.94
CA LEU J 726 38.56 105.59 -47.39
C LEU J 726 38.79 107.03 -47.80
N SER J 727 39.61 107.21 -48.84
CA SER J 727 39.88 108.56 -49.32
C SER J 727 38.87 109.06 -50.30
N VAL J 728 38.23 110.13 -49.91
CA VAL J 728 37.22 110.71 -50.75
C VAL J 728 37.71 111.97 -51.38
N THR J 729 39.00 112.12 -51.45
CA THR J 729 39.41 113.35 -52.02
C THR J 729 39.70 113.29 -53.48
N LEU J 730 39.70 114.51 -53.98
CA LEU J 730 39.95 114.76 -55.35
C LEU J 730 41.20 115.53 -55.55
N PRO J 731 41.81 115.10 -56.63
CA PRO J 731 43.02 115.66 -57.15
C PRO J 731 42.70 117.08 -57.58
N ALA J 732 43.52 118.00 -57.11
CA ALA J 732 43.29 119.38 -57.49
C ALA J 732 43.56 119.54 -58.98
N ALA J 733 42.99 120.62 -59.53
CA ALA J 733 43.15 120.90 -60.94
C ALA J 733 44.60 121.13 -61.32
N SER J 734 44.82 120.83 -62.60
CA SER J 734 46.10 120.99 -63.23
C SER J 734 45.96 122.19 -64.13
N HIS J 735 47.05 122.89 -64.35
CA HIS J 735 46.96 124.06 -65.17
C HIS J 735 47.16 123.75 -66.62
N ALA J 736 47.39 122.49 -66.89
CA ALA J 736 47.62 122.11 -68.25
C ALA J 736 47.30 120.69 -68.47
N ILE J 737 47.39 120.29 -69.71
CA ILE J 737 47.12 118.93 -69.99
C ILE J 737 48.05 118.41 -71.03
N PRO J 738 48.33 117.15 -70.88
CA PRO J 738 49.24 116.49 -71.76
C PRO J 738 48.92 116.78 -73.20
N HIS J 739 49.96 116.71 -73.97
CA HIS J 739 49.80 116.98 -75.33
C HIS J 739 50.13 115.78 -76.17
N LEU J 740 49.09 115.31 -76.85
CA LEU J 740 49.20 114.14 -77.69
C LEU J 740 49.81 114.42 -79.02
N THR J 741 50.35 113.42 -79.67
CA THR J 741 50.97 113.64 -80.95
C THR J 741 51.09 112.34 -81.69
N THR J 742 50.33 112.23 -82.75
CA THR J 742 50.37 111.01 -83.51
C THR J 742 51.51 110.96 -84.45
N SER J 743 51.76 109.79 -84.97
CA SER J 743 52.81 109.49 -85.90
C SER J 743 52.44 108.15 -86.50
N GLU J 744 53.23 107.63 -87.37
CA GLU J 744 52.82 106.37 -87.90
C GLU J 744 53.12 105.25 -86.96
N MET J 745 54.29 105.42 -86.36
CA MET J 745 54.87 104.47 -85.45
C MET J 745 54.40 104.65 -84.08
N ASP J 746 53.91 105.82 -83.77
CA ASP J 746 53.51 105.90 -82.41
C ASP J 746 52.72 107.08 -82.03
N PHE J 747 52.53 107.13 -80.73
CA PHE J 747 51.81 108.20 -80.11
C PHE J 747 52.70 108.89 -79.12
N CME J 748 52.67 110.23 -79.09
CA CME J 748 53.50 110.95 -78.15
CB CME J 748 54.64 111.77 -78.69
SG CME J 748 56.03 110.68 -78.71
SD CME J 748 57.35 111.33 -77.42
CE CME J 748 58.75 110.51 -78.22
CZ CME J 748 59.96 111.44 -78.42
OH CME J 748 60.46 111.35 -79.74
C CME J 748 52.82 111.78 -77.16
O CME J 748 52.13 112.74 -77.47
N ILE J 749 53.09 111.44 -75.96
CA ILE J 749 52.49 112.23 -74.94
C ILE J 749 53.54 113.01 -74.26
N GLU J 750 53.28 114.30 -74.20
CA GLU J 750 54.20 115.19 -73.59
C GLU J 750 53.56 116.04 -72.55
N LEU J 751 54.37 116.38 -71.57
CA LEU J 751 53.93 117.22 -70.49
C LEU J 751 55.14 117.70 -69.73
N GLY J 752 55.59 118.88 -70.06
CA GLY J 752 56.77 119.40 -69.40
C GLY J 752 57.96 118.62 -69.90
N ASN J 753 58.83 118.30 -68.96
CA ASN J 753 60.01 117.50 -69.24
C ASN J 753 59.62 116.04 -69.47
N LYS J 754 58.44 115.68 -69.00
CA LYS J 754 57.97 114.33 -69.15
C LYS J 754 57.40 114.02 -70.52
N ARG J 755 57.72 112.81 -70.97
CA ARG J 755 57.30 112.30 -72.24
C ARG J 755 57.11 110.78 -72.20
N TRP J 756 56.06 110.32 -72.88
CA TRP J 756 55.76 108.91 -72.93
C TRP J 756 55.51 108.47 -74.33
N GLN J 757 56.04 107.34 -74.70
CA GLN J 757 55.74 106.92 -76.04
C GLN J 757 55.18 105.50 -76.19
N PHE J 758 54.14 105.37 -77.00
CA PHE J 758 53.56 104.06 -77.22
C PHE J 758 53.75 103.59 -78.62
N ASN J 759 54.42 102.48 -78.80
CA ASN J 759 54.61 101.97 -80.14
C ASN J 759 53.33 101.45 -80.70
N ARG J 760 53.01 101.95 -81.87
CA ARG J 760 51.78 101.57 -82.51
C ARG J 760 51.76 100.20 -83.11
N GLN J 761 52.91 99.60 -83.27
CA GLN J 761 52.79 98.29 -83.85
C GLN J 761 52.62 97.26 -82.78
N SER J 762 53.32 97.45 -81.68
CA SER J 762 53.31 96.52 -80.59
C SER J 762 52.19 96.80 -79.64
N GLY J 763 51.81 98.05 -79.62
CA GLY J 763 50.80 98.40 -78.67
C GLY J 763 51.35 98.58 -77.26
N PHE J 764 52.66 98.69 -77.06
CA PHE J 764 53.09 98.89 -75.70
C PHE J 764 53.72 100.20 -75.48
N LEU J 765 53.79 100.55 -74.21
CA LEU J 765 54.46 101.73 -73.80
C LEU J 765 55.92 101.39 -73.97
N SER J 766 56.52 101.92 -75.01
CA SER J 766 57.90 101.64 -75.38
C SER J 766 58.98 102.43 -74.69
N GLN J 767 58.70 103.67 -74.36
CA GLN J 767 59.75 104.43 -73.70
C GLN J 767 59.16 105.60 -73.03
N MET J 768 59.92 106.14 -72.13
CA MET J 768 59.48 107.29 -71.47
C MET J 768 60.68 108.05 -70.99
N TRP J 769 60.56 109.37 -70.97
CA TRP J 769 61.66 110.22 -70.58
C TRP J 769 61.33 111.18 -69.54
N ILE J 770 62.37 111.49 -68.81
CA ILE J 770 62.28 112.55 -67.85
C ILE J 770 63.43 113.40 -68.25
N GLY J 771 63.08 114.55 -68.80
CA GLY J 771 64.10 115.37 -69.33
C GLY J 771 64.54 114.65 -70.60
N ASP J 772 65.83 114.47 -70.73
CA ASP J 772 66.40 113.83 -71.88
C ASP J 772 66.81 112.41 -71.54
N LYS J 773 66.38 111.96 -70.37
CA LYS J 773 66.72 110.65 -69.92
C LYS J 773 65.67 109.62 -70.21
N LYS J 774 66.08 108.61 -70.97
CA LYS J 774 65.19 107.52 -71.28
C LYS J 774 65.03 106.75 -69.98
N GLN J 775 63.89 106.12 -69.76
CA GLN J 775 63.73 105.46 -68.50
C GLN J 775 63.67 103.98 -68.56
N LEU J 776 63.41 103.45 -69.74
CA LEU J 776 63.30 102.02 -69.82
C LEU J 776 64.22 101.40 -70.80
N LEU J 777 64.73 100.25 -70.46
CA LEU J 777 65.53 99.51 -71.39
C LEU J 777 64.64 98.53 -72.12
N THR J 778 63.47 98.31 -71.56
CA THR J 778 62.54 97.39 -72.15
C THR J 778 61.14 97.91 -71.97
N PRO J 779 60.29 97.61 -72.94
CA PRO J 779 58.91 98.04 -72.91
C PRO J 779 58.09 97.34 -71.82
N LEU J 780 57.07 98.05 -71.39
CA LEU J 780 56.20 97.57 -70.34
C LEU J 780 55.26 96.55 -70.88
N ARG J 781 55.34 95.34 -70.35
CA ARG J 781 54.43 94.34 -70.84
C ARG J 781 53.86 93.33 -69.90
N ASP J 782 52.79 92.75 -70.43
CA ASP J 782 52.05 91.75 -69.73
C ASP J 782 52.93 90.57 -69.50
N GLN J 783 52.74 89.93 -68.38
CA GLN J 783 53.52 88.76 -68.14
C GLN J 783 52.69 87.73 -67.45
N PHE J 784 52.74 86.52 -67.96
CA PHE J 784 51.93 85.46 -67.39
C PHE J 784 52.69 84.30 -66.79
N THR J 785 54.00 84.30 -66.88
CA THR J 785 54.74 83.18 -66.38
C THR J 785 55.73 83.54 -65.29
N ARG J 786 56.39 82.47 -64.80
CA ARG J 786 57.43 82.65 -63.83
C ARG J 786 58.58 81.68 -64.06
N ALA J 787 59.75 82.05 -63.55
CA ALA J 787 60.91 81.18 -63.59
C ALA J 787 60.60 80.14 -62.53
N PRO J 788 60.25 78.97 -63.04
CA PRO J 788 59.84 77.83 -62.27
C PRO J 788 60.53 77.60 -60.95
N LEU J 789 59.72 77.31 -59.96
CA LEU J 789 60.27 76.97 -58.68
C LEU J 789 60.57 75.51 -58.69
N ASP J 790 61.32 75.13 -57.67
CA ASP J 790 61.64 73.72 -57.56
C ASP J 790 60.35 72.94 -57.56
N ASN J 791 59.42 73.45 -56.77
CA ASN J 791 58.11 72.86 -56.68
C ASN J 791 57.39 72.87 -58.04
N ASP J 792 57.64 73.86 -58.88
CA ASP J 792 56.96 73.87 -60.16
C ASP J 792 57.45 72.78 -61.08
N ILE J 793 58.68 72.34 -60.79
CA ILE J 793 59.36 71.34 -61.59
C ILE J 793 59.21 69.92 -61.10
N GLY J 794 59.39 69.75 -59.80
CA GLY J 794 59.27 68.46 -59.19
C GLY J 794 60.38 67.55 -59.67
N VAL J 795 59.99 66.46 -60.28
CA VAL J 795 61.01 65.56 -60.73
C VAL J 795 61.09 65.45 -62.23
N SER J 796 60.50 66.42 -62.89
CA SER J 796 60.56 66.38 -64.31
C SER J 796 62.00 66.58 -64.78
N GLU J 797 62.36 65.74 -65.72
CA GLU J 797 63.67 65.75 -66.30
C GLU J 797 63.55 65.75 -67.78
N ALA J 798 64.55 66.37 -68.40
CA ALA J 798 64.63 66.48 -69.84
C ALA J 798 64.42 65.12 -70.50
N THR J 799 65.14 64.15 -69.95
CA THR J 799 65.07 62.77 -70.37
C THR J 799 63.73 62.16 -70.02
N ARG J 800 63.36 62.35 -68.75
CA ARG J 800 62.15 61.83 -68.18
C ARG J 800 61.24 62.91 -67.64
N ILE J 801 60.43 63.38 -68.55
CA ILE J 801 59.47 64.41 -68.27
C ILE J 801 58.27 63.95 -67.45
N ASP J 802 57.82 64.83 -66.55
CA ASP J 802 56.65 64.59 -65.73
C ASP J 802 55.53 65.55 -66.11
N PRO J 803 54.71 65.03 -66.99
CA PRO J 803 53.57 65.67 -67.55
C PRO J 803 52.67 66.36 -66.54
N ASN J 804 52.69 65.99 -65.29
CA ASN J 804 51.81 66.73 -64.42
C ASN J 804 52.44 67.91 -63.76
N ALA J 805 53.74 67.99 -63.83
CA ALA J 805 54.38 69.14 -63.25
C ALA J 805 53.86 70.40 -63.92
N TRP J 806 53.66 71.41 -63.08
CA TRP J 806 53.19 72.68 -63.53
C TRP J 806 53.99 73.15 -64.70
N VAL J 807 55.28 73.14 -64.46
CA VAL J 807 56.15 73.60 -65.51
C VAL J 807 55.89 72.88 -66.82
N GLU J 808 55.71 71.59 -66.68
CA GLU J 808 55.46 70.78 -67.82
C GLU J 808 54.22 71.23 -68.53
N ARG J 809 53.20 71.47 -67.76
CA ARG J 809 51.96 71.88 -68.35
C ARG J 809 52.01 73.25 -68.99
N TRP J 810 52.67 74.15 -68.30
CA TRP J 810 52.79 75.47 -68.78
C TRP J 810 53.48 75.46 -70.10
N LYS J 811 54.51 74.65 -70.13
CA LYS J 811 55.33 74.51 -71.30
C LYS J 811 54.50 74.00 -72.43
N ALA J 812 53.91 72.88 -72.16
CA ALA J 812 53.10 72.28 -73.19
C ALA J 812 52.01 73.18 -73.68
N ALA J 813 51.52 74.04 -72.82
CA ALA J 813 50.45 74.93 -73.22
C ALA J 813 50.96 76.06 -74.06
N GLY J 814 52.27 76.26 -74.05
CA GLY J 814 52.82 77.33 -74.84
C GLY J 814 52.84 78.61 -74.07
N HIS J 815 52.58 78.52 -72.77
CA HIS J 815 52.59 79.74 -71.99
C HIS J 815 53.89 80.48 -72.15
N TYR J 816 54.96 79.70 -72.11
CA TYR J 816 56.26 80.29 -72.18
C TYR J 816 56.58 80.84 -73.53
N GLN J 817 55.77 80.53 -74.53
CA GLN J 817 56.15 81.08 -75.79
C GLN J 817 55.02 81.60 -76.65
N ALA J 818 53.99 82.06 -76.00
CA ALA J 818 52.89 82.57 -76.76
C ALA J 818 53.26 83.91 -77.27
N GLU J 819 52.60 84.19 -78.36
CA GLU J 819 52.76 85.39 -79.10
C GLU J 819 51.64 86.36 -78.93
N ALA J 820 52.02 87.54 -78.50
CA ALA J 820 51.03 88.59 -78.34
C ALA J 820 50.59 89.15 -79.70
N ALA J 821 49.34 89.57 -79.79
CA ALA J 821 48.80 90.12 -81.02
C ALA J 821 47.96 91.36 -80.74
N LEU J 822 48.33 92.48 -81.35
CA LEU J 822 47.56 93.67 -81.13
C LEU J 822 46.18 93.51 -81.72
N LEU J 823 45.21 93.73 -80.90
CA LEU J 823 43.88 93.66 -81.38
C LEU J 823 43.40 95.06 -81.60
N GLN J 824 43.94 95.96 -80.79
CA GLN J 824 43.52 97.33 -80.91
C GLN J 824 44.31 98.26 -80.03
N CYS J 825 44.47 99.49 -80.55
CA CYS J 825 45.25 100.49 -79.88
C CYS J 825 44.76 101.85 -80.26
N THR J 826 44.23 102.60 -79.30
CA THR J 826 43.73 103.90 -79.64
C THR J 826 44.08 104.96 -78.64
N ALA J 827 44.05 106.18 -79.18
CA ALA J 827 44.37 107.35 -78.39
C ALA J 827 43.27 108.36 -78.51
N ASP J 828 43.07 109.10 -77.42
CA ASP J 828 42.01 110.05 -77.38
C ASP J 828 42.29 111.16 -76.41
N THR J 829 41.81 112.33 -76.76
CA THR J 829 42.02 113.48 -75.92
C THR J 829 40.78 113.88 -75.21
N LEU J 830 40.93 113.89 -73.92
CA LEU J 830 39.84 114.26 -73.09
C LEU J 830 40.09 115.64 -72.58
N ALA J 831 39.11 116.14 -71.90
CA ALA J 831 39.26 117.46 -71.40
C ALA J 831 40.35 117.61 -70.39
N ASP J 832 40.65 116.55 -69.65
CA ASP J 832 41.63 116.69 -68.60
C ASP J 832 42.78 115.75 -68.69
N ALA J 833 42.76 114.92 -69.72
CA ALA J 833 43.84 114.00 -69.89
C ALA J 833 43.84 113.34 -71.24
N VAL J 834 44.82 112.50 -71.40
CA VAL J 834 44.93 111.72 -72.60
C VAL J 834 44.67 110.26 -72.26
N LEU J 835 43.96 109.64 -73.18
CA LEU J 835 43.56 108.30 -72.96
C LEU J 835 43.96 107.35 -74.04
N ILE J 836 44.63 106.29 -73.60
CA ILE J 836 45.05 105.27 -74.51
C ILE J 836 44.41 103.95 -74.21
N THR J 837 44.01 103.26 -75.26
CA THR J 837 43.47 101.95 -74.99
C THR J 837 44.01 100.88 -75.91
N THR J 838 44.27 99.73 -75.32
CA THR J 838 44.81 98.62 -76.07
C THR J 838 44.12 97.32 -75.76
N ALA J 839 44.40 96.37 -76.63
CA ALA J 839 43.86 95.05 -76.48
C ALA J 839 44.75 94.11 -77.20
N HIS J 840 45.22 93.10 -76.48
CA HIS J 840 46.08 92.14 -77.09
C HIS J 840 45.60 90.74 -76.83
N ALA J 841 46.13 89.82 -77.62
CA ALA J 841 45.79 88.44 -77.42
C ALA J 841 47.01 87.56 -77.47
N TRP J 842 47.18 86.67 -76.50
CA TRP J 842 48.28 85.79 -76.62
C TRP J 842 47.80 84.50 -77.19
N GLN J 843 48.44 84.06 -78.24
CA GLN J 843 48.01 82.82 -78.81
C GLN J 843 49.10 81.85 -79.02
N HIS J 844 48.65 80.65 -79.24
CA HIS J 844 49.60 79.60 -79.45
C HIS J 844 48.97 78.50 -80.21
N GLN J 845 49.53 78.28 -81.39
CA GLN J 845 49.01 77.27 -82.24
C GLN J 845 47.52 77.42 -82.46
N GLY J 846 47.12 78.66 -82.73
CA GLY J 846 45.72 78.92 -83.02
C GLY J 846 44.84 79.08 -81.79
N LYS J 847 45.36 78.76 -80.62
CA LYS J 847 44.53 78.95 -79.48
C LYS J 847 44.84 80.25 -78.79
N THR J 848 43.79 80.85 -78.30
CA THR J 848 43.95 82.08 -77.59
C THR J 848 44.00 81.79 -76.09
N LEU J 849 45.13 82.05 -75.47
CA LEU J 849 45.30 81.81 -74.04
C LEU J 849 44.79 82.93 -73.22
N PHE J 850 45.26 84.12 -73.55
CA PHE J 850 44.84 85.26 -72.79
C PHE J 850 44.49 86.44 -73.62
N ILE J 851 43.74 87.29 -72.95
CA ILE J 851 43.35 88.53 -73.53
C ILE J 851 43.55 89.60 -72.51
N SER J 852 44.30 90.59 -72.95
CA SER J 852 44.61 91.69 -72.10
C SER J 852 44.11 93.01 -72.66
N ARG J 853 43.25 93.64 -71.88
CA ARG J 853 42.70 94.90 -72.28
C ARG J 853 43.07 95.98 -71.31
N LYS J 854 43.69 97.03 -71.81
CA LYS J 854 44.10 98.09 -70.91
C LYS J 854 43.68 99.48 -71.32
N THR J 855 43.87 100.37 -70.36
CA THR J 855 43.68 101.80 -70.54
C THR J 855 44.74 102.51 -69.77
N TYR J 856 45.28 103.50 -70.46
CA TYR J 856 46.28 104.30 -69.85
C TYR J 856 45.78 105.70 -69.89
N ARG J 857 45.79 106.31 -68.72
CA ARG J 857 45.30 107.64 -68.68
C ARG J 857 46.21 108.57 -67.94
N ILE J 858 46.71 109.52 -68.72
CA ILE J 858 47.66 110.51 -68.27
C ILE J 858 47.05 111.86 -68.16
N ASP J 859 47.11 112.38 -66.96
CA ASP J 859 46.54 113.68 -66.73
C ASP J 859 47.58 114.74 -66.62
N GLY J 860 47.04 115.91 -66.32
CA GLY J 860 47.83 117.10 -66.18
C GLY J 860 48.69 117.07 -64.94
N SER J 861 48.48 116.11 -64.07
CA SER J 861 49.33 116.09 -62.91
C SER J 861 50.56 115.28 -63.22
N GLY J 862 50.55 114.64 -64.39
CA GLY J 862 51.69 113.84 -64.81
C GLY J 862 51.64 112.41 -64.29
N GLN J 863 50.47 111.97 -63.87
CA GLN J 863 50.37 110.62 -63.41
C GLN J 863 49.75 109.74 -64.44
N MET J 864 50.22 108.54 -64.46
CA MET J 864 49.69 107.61 -65.39
C MET J 864 48.96 106.50 -64.67
N ALA J 865 47.69 106.42 -64.96
CA ALA J 865 46.88 105.41 -64.35
C ALA J 865 46.65 104.31 -65.34
N ILE J 866 46.91 103.12 -64.87
CA ILE J 866 46.78 101.97 -65.69
C ILE J 866 45.73 101.05 -65.20
N THR J 867 45.03 100.52 -66.16
CA THR J 867 43.98 99.63 -65.84
C THR J 867 44.06 98.41 -66.70
N VAL J 868 44.04 97.28 -66.00
CA VAL J 868 44.16 96.01 -66.65
C VAL J 868 43.07 95.04 -66.36
N ASP J 869 42.57 94.49 -67.45
CA ASP J 869 41.57 93.46 -67.36
C ASP J 869 41.93 92.32 -68.25
N VAL J 870 42.09 91.15 -67.62
CA VAL J 870 42.46 89.96 -68.33
C VAL J 870 41.46 88.83 -68.29
N GLU J 871 41.48 88.10 -69.40
CA GLU J 871 40.65 86.95 -69.57
C GLU J 871 41.56 85.81 -69.82
N VAL J 872 41.29 84.69 -69.13
CA VAL J 872 42.07 83.50 -69.30
C VAL J 872 41.25 82.32 -69.75
N ALA J 873 41.66 81.66 -70.80
CA ALA J 873 40.90 80.51 -71.24
C ALA J 873 40.74 79.52 -70.13
N SER J 874 39.52 79.13 -69.95
CA SER J 874 39.25 78.19 -68.90
C SER J 874 39.94 76.88 -69.15
N ASP J 875 40.27 76.61 -70.39
CA ASP J 875 40.89 75.34 -70.58
C ASP J 875 42.39 75.36 -70.63
N THR J 876 42.96 76.47 -70.24
CA THR J 876 44.39 76.45 -70.20
C THR J 876 44.79 76.31 -68.74
N PRO J 877 45.98 75.87 -68.50
CA PRO J 877 46.44 75.70 -67.14
C PRO J 877 46.57 77.03 -66.45
N HIS J 878 46.17 77.08 -65.20
CA HIS J 878 46.28 78.34 -64.53
C HIS J 878 47.69 78.80 -64.55
N PRO J 879 47.81 80.03 -64.92
CA PRO J 879 49.04 80.74 -65.06
C PRO J 879 49.65 81.07 -63.73
N ALA J 880 50.96 81.10 -63.73
CA ALA J 880 51.78 81.37 -62.56
C ALA J 880 51.48 82.73 -61.99
N ARG J 881 51.18 83.63 -62.90
CA ARG J 881 50.94 84.98 -62.46
C ARG J 881 50.31 85.82 -63.53
N ILE J 882 49.90 87.01 -63.09
CA ILE J 882 49.24 88.01 -63.93
C ILE J 882 49.72 89.39 -63.57
N GLY J 883 50.57 89.92 -64.46
CA GLY J 883 51.14 91.20 -64.22
C GLY J 883 51.84 91.78 -65.41
N LEU J 884 52.74 92.68 -65.04
CA LEU J 884 53.50 93.36 -66.03
C LEU J 884 54.93 93.40 -65.66
N ASN J 885 55.71 93.73 -66.66
CA ASN J 885 57.09 93.88 -66.38
C ASN J 885 57.82 94.75 -67.38
N CYS J 886 59.00 95.11 -66.93
CA CYS J 886 59.83 95.93 -67.76
C CYS J 886 61.20 96.04 -67.11
N GLN J 887 62.14 96.48 -67.95
CA GLN J 887 63.49 96.67 -67.52
C GLN J 887 63.74 98.13 -67.41
N LEU J 888 63.91 98.59 -66.19
CA LEU J 888 64.17 99.99 -66.00
C LEU J 888 65.62 100.30 -66.27
N ALA J 889 65.82 101.44 -66.89
CA ALA J 889 67.16 101.87 -67.20
C ALA J 889 67.95 102.24 -65.94
N GLN J 890 67.28 102.78 -64.97
CA GLN J 890 67.93 103.16 -63.76
C GLN J 890 68.27 101.99 -62.86
N VAL J 891 69.15 102.27 -61.91
CA VAL J 891 69.58 101.33 -60.92
C VAL J 891 69.84 102.04 -59.61
N ALA J 892 69.09 101.77 -58.56
CA ALA J 892 69.27 102.47 -57.31
C ALA J 892 69.74 101.61 -56.16
N GLU J 893 69.95 102.27 -55.05
CA GLU J 893 70.47 101.65 -53.86
C GLU J 893 69.46 100.97 -52.97
N ARG J 894 68.40 101.71 -52.74
CA ARG J 894 67.37 101.26 -51.87
C ARG J 894 66.05 101.02 -52.57
N VAL J 895 65.21 100.35 -51.80
CA VAL J 895 63.87 100.00 -52.19
C VAL J 895 62.97 100.28 -51.02
N ASN J 896 61.93 100.98 -51.30
CA ASN J 896 61.08 101.37 -50.23
C ASN J 896 59.66 101.11 -50.61
N TRP J 897 58.98 100.45 -49.69
CA TRP J 897 57.62 100.14 -49.96
C TRP J 897 56.77 100.04 -48.73
N LEU J 898 55.51 100.16 -49.03
CA LEU J 898 54.48 100.07 -48.06
C LEU J 898 53.64 98.87 -48.43
N GLY J 899 53.87 97.82 -47.65
CA GLY J 899 53.21 96.56 -47.85
C GLY J 899 53.78 95.51 -46.90
N LEU J 900 53.68 94.26 -47.35
CA LEU J 900 54.11 93.14 -46.54
C LEU J 900 55.59 92.97 -46.54
N GLY J 901 56.17 92.95 -45.36
CA GLY J 901 57.60 92.81 -45.32
C GLY J 901 58.10 92.35 -43.98
N PRO J 902 59.41 92.29 -43.89
CA PRO J 902 60.30 92.72 -44.94
C PRO J 902 60.78 91.60 -45.83
N GLN J 903 60.66 90.38 -45.39
CA GLN J 903 61.15 89.32 -46.26
C GLN J 903 60.25 88.90 -47.39
N GLU J 904 60.87 88.17 -48.28
CA GLU J 904 60.20 87.54 -49.40
C GLU J 904 58.94 86.88 -48.88
N ASN J 905 57.81 87.09 -49.56
CA ASN J 905 56.56 86.47 -49.16
C ASN J 905 55.68 86.15 -50.32
N TYR J 906 54.98 85.06 -50.19
CA TYR J 906 54.11 84.61 -51.25
C TYR J 906 52.71 84.40 -50.71
N PRO J 907 51.78 84.31 -51.63
CA PRO J 907 50.39 84.16 -51.34
C PRO J 907 50.12 83.09 -50.35
N ASP J 908 50.70 81.91 -50.55
CA ASP J 908 50.50 80.85 -49.59
C ASP J 908 51.62 80.79 -48.56
N ARG J 909 52.40 81.85 -48.48
CA ARG J 909 53.44 81.89 -47.46
C ARG J 909 53.67 83.31 -47.05
N LEU J 910 52.76 83.88 -46.25
CA LEU J 910 52.96 85.25 -45.89
C LEU J 910 52.44 85.63 -44.53
N THR J 911 52.00 84.67 -43.77
CA THR J 911 51.49 85.02 -42.47
C THR J 911 52.56 85.63 -41.60
N ALA J 912 53.79 85.32 -41.84
CA ALA J 912 54.77 85.88 -40.94
C ALA J 912 55.11 87.31 -41.25
N ALA J 913 54.78 87.73 -42.46
CA ALA J 913 55.08 89.09 -42.92
C ALA J 913 54.23 90.15 -42.27
N CME J 914 54.73 91.40 -42.23
CA CME J 914 53.99 92.48 -41.66
CB CME J 914 54.50 92.93 -40.32
SG CME J 914 54.20 91.68 -39.08
SD CME J 914 55.66 92.30 -37.83
CE CME J 914 57.19 91.73 -38.66
CZ CME J 914 58.39 91.91 -37.71
OH CME J 914 57.99 92.83 -36.67
C CME J 914 53.79 93.61 -42.58
O CME J 914 54.58 93.92 -43.48
N PHE J 915 52.66 94.22 -42.36
CA PHE J 915 52.30 95.34 -43.16
C PHE J 915 52.87 96.59 -42.59
N ASP J 916 53.83 97.14 -43.28
CA ASP J 916 54.41 98.35 -42.80
C ASP J 916 55.18 99.05 -43.91
N ARG J 917 56.03 99.98 -43.49
CA ARG J 917 56.86 100.65 -44.44
C ARG J 917 58.24 100.09 -44.38
N TRP J 918 58.68 99.54 -45.48
CA TRP J 918 59.97 98.92 -45.51
C TRP J 918 60.89 99.63 -46.44
N ASP J 919 62.15 99.63 -46.03
CA ASP J 919 63.20 100.22 -46.82
C ASP J 919 64.40 99.32 -46.75
N LEU J 920 64.82 98.81 -47.90
CA LEU J 920 65.97 97.95 -47.95
C LEU J 920 66.80 98.23 -49.15
N PRO J 921 67.93 97.61 -49.15
CA PRO J 921 68.85 97.70 -50.22
C PRO J 921 68.48 96.67 -51.22
N LEU J 922 68.61 97.12 -52.43
CA LEU J 922 68.29 96.33 -53.57
C LEU J 922 68.70 94.87 -53.47
N SER J 923 69.87 94.70 -52.91
CA SER J 923 70.44 93.37 -52.77
C SER J 923 69.55 92.46 -51.94
N ASP J 924 68.90 93.08 -50.98
CA ASP J 924 68.04 92.33 -50.12
C ASP J 924 66.77 91.92 -50.81
N MET J 925 66.52 92.50 -51.97
CA MET J 925 65.32 92.10 -52.61
C MET J 925 65.54 90.87 -53.48
N TYR J 926 66.65 90.19 -53.23
CA TYR J 926 66.95 89.01 -54.00
C TYR J 926 67.25 87.82 -53.14
N THR J 927 66.71 86.69 -53.56
CA THR J 927 66.88 85.44 -52.84
C THR J 927 67.65 84.46 -53.68
N PRO J 928 68.89 84.36 -53.23
CA PRO J 928 70.01 83.56 -53.71
C PRO J 928 69.81 82.05 -53.50
N TYR J 929 68.68 81.57 -53.94
CA TYR J 929 68.46 80.17 -53.88
C TYR J 929 69.54 79.57 -54.76
N VAL J 930 70.26 78.59 -54.22
CA VAL J 930 71.32 77.96 -54.99
C VAL J 930 70.88 77.63 -56.40
N PHE J 931 69.76 76.96 -56.47
CA PHE J 931 69.22 76.66 -57.76
C PHE J 931 68.22 77.77 -57.99
N PRO J 932 68.46 78.59 -59.01
CA PRO J 932 67.67 79.77 -59.23
C PRO J 932 66.29 79.61 -59.83
N SER J 933 65.42 80.55 -59.41
CA SER J 933 64.01 80.64 -59.86
C SER J 933 63.32 81.94 -59.40
N GLU J 934 62.05 82.11 -59.79
CA GLU J 934 61.30 83.26 -59.32
C GLU J 934 61.52 83.40 -57.82
N ASN J 935 61.73 84.62 -57.31
CA ASN J 935 61.97 84.80 -55.89
C ASN J 935 61.86 86.25 -55.48
N GLY J 936 61.99 86.48 -54.20
CA GLY J 936 61.97 87.83 -53.65
C GLY J 936 60.64 88.57 -53.66
N LEU J 937 59.60 87.93 -54.09
CA LEU J 937 58.34 88.64 -54.10
C LEU J 937 57.91 89.18 -52.73
N ARG J 938 57.20 90.28 -52.80
CA ARG J 938 56.53 90.85 -51.63
C ARG J 938 55.11 91.18 -52.05
N CYS J 939 54.14 90.74 -51.28
CA CYS J 939 52.75 90.96 -51.61
C CYS J 939 52.11 92.05 -50.77
N GLY J 940 50.86 92.31 -51.14
CA GLY J 940 50.03 93.26 -50.45
C GLY J 940 50.64 94.64 -50.40
N THR J 941 51.16 95.05 -51.53
CA THR J 941 51.79 96.32 -51.60
C THR J 941 50.90 97.37 -52.18
N ARG J 942 51.02 98.50 -51.54
CA ARG J 942 50.23 99.63 -51.90
C ARG J 942 50.97 100.79 -52.52
N GLU J 943 52.24 100.91 -52.15
CA GLU J 943 53.11 101.94 -52.65
C GLU J 943 54.52 101.40 -52.76
N LEU J 944 55.11 101.66 -53.91
CA LEU J 944 56.47 101.23 -54.19
C LEU J 944 57.27 102.36 -54.77
N ASN J 945 58.46 102.52 -54.20
CA ASN J 945 59.37 103.59 -54.59
C ASN J 945 60.76 103.12 -54.95
N TYR J 946 61.20 103.48 -56.14
CA TYR J 946 62.52 103.14 -56.61
C TYR J 946 62.99 104.25 -57.52
N GLY J 947 64.03 104.93 -57.08
CA GLY J 947 64.52 106.05 -57.83
C GLY J 947 63.46 107.14 -57.76
N PRO J 948 63.33 107.82 -58.86
CA PRO J 948 62.36 108.87 -59.03
C PRO J 948 60.97 108.29 -59.19
N HIS J 949 60.86 106.98 -59.32
CA HIS J 949 59.57 106.35 -59.49
C HIS J 949 58.81 105.97 -58.29
N GLN J 950 57.52 105.94 -58.54
CA GLN J 950 56.56 105.55 -57.56
C GLN J 950 55.38 104.84 -58.19
N TRP J 951 55.01 103.72 -57.58
CA TRP J 951 53.86 103.03 -58.07
C TRP J 951 52.88 102.86 -56.98
N ARG J 952 51.63 102.96 -57.37
CA ARG J 952 50.57 102.80 -56.42
C ARG J 952 49.44 101.97 -56.89
N GLY J 953 48.96 101.24 -55.90
CA GLY J 953 47.84 100.36 -56.12
C GLY J 953 47.75 99.29 -55.07
N ASP J 954 47.51 98.11 -55.56
CA ASP J 954 47.42 96.97 -54.69
C ASP J 954 48.00 95.80 -55.42
N PHE J 955 49.27 95.55 -55.20
CA PHE J 955 49.88 94.49 -55.96
C PHE J 955 50.98 93.86 -55.19
N GLN J 956 51.65 92.98 -55.91
CA GLN J 956 52.81 92.30 -55.42
C GLN J 956 53.87 92.51 -56.45
N PHE J 957 55.11 92.47 -56.00
CA PHE J 957 56.17 92.68 -56.95
C PHE J 957 57.45 92.10 -56.47
N ASN J 958 58.38 92.16 -57.39
CA ASN J 958 59.75 91.81 -57.16
C ASN J 958 60.61 92.72 -58.03
N ILE J 959 61.84 92.90 -57.60
CA ILE J 959 62.75 93.75 -58.29
C ILE J 959 64.21 93.33 -58.13
N SER J 960 64.89 93.15 -59.25
CA SER J 960 66.28 92.72 -59.19
C SER J 960 66.98 93.01 -60.49
N ARG J 961 68.18 92.43 -60.65
CA ARG J 961 68.95 92.61 -61.86
C ARG J 961 68.93 91.40 -62.73
N TYR J 962 67.97 90.53 -62.48
CA TYR J 962 67.96 89.36 -63.30
C TYR J 962 66.63 89.16 -63.92
N SER J 963 66.63 88.93 -65.20
CA SER J 963 65.40 88.67 -65.86
C SER J 963 64.97 87.27 -65.45
N GLN J 964 63.67 87.03 -65.61
CA GLN J 964 63.13 85.73 -65.32
C GLN J 964 63.82 84.74 -66.25
N GLN J 965 64.02 85.18 -67.48
CA GLN J 965 64.67 84.29 -68.40
C GLN J 965 66.03 83.90 -67.92
N GLN J 966 66.80 84.86 -67.43
CA GLN J 966 68.10 84.47 -66.97
C GLN J 966 67.95 83.40 -65.90
N LEU J 967 67.16 83.74 -64.90
CA LEU J 967 66.94 82.83 -63.78
C LEU J 967 66.52 81.47 -64.24
N MET J 968 65.67 81.50 -65.21
CA MET J 968 65.14 80.29 -65.70
C MET J 968 66.18 79.49 -66.45
N GLU J 969 67.10 80.17 -67.08
CA GLU J 969 68.09 79.48 -67.87
C GLU J 969 69.37 79.12 -67.15
N THR J 970 69.59 79.64 -65.96
CA THR J 970 70.79 79.36 -65.18
C THR J 970 70.57 78.31 -64.11
N SER J 971 71.51 77.38 -63.98
CA SER J 971 71.37 76.32 -63.00
C SER J 971 72.00 76.62 -61.66
N HIS J 972 72.96 77.52 -61.61
CA HIS J 972 73.55 77.77 -60.33
C HIS J 972 73.59 79.21 -60.09
N ARG J 973 73.41 79.56 -58.85
CA ARG J 973 73.41 80.94 -58.51
C ARG J 973 74.67 81.66 -58.92
N HIS J 974 75.78 80.97 -58.72
CA HIS J 974 77.07 81.56 -59.01
C HIS J 974 77.22 81.99 -60.45
N LEU J 975 76.36 81.49 -61.32
CA LEU J 975 76.46 81.88 -62.72
C LEU J 975 75.59 83.04 -63.13
N LEU J 976 74.95 83.67 -62.19
CA LEU J 976 74.16 84.76 -62.67
C LEU J 976 74.97 86.00 -62.69
N HIS J 977 74.65 86.80 -63.66
CA HIS J 977 75.30 88.03 -63.80
C HIS J 977 74.24 89.10 -63.89
N ALA J 978 74.47 90.20 -63.17
CA ALA J 978 73.50 91.26 -63.22
C ALA J 978 73.30 91.75 -64.63
N GLU J 979 72.07 92.13 -64.92
CA GLU J 979 71.76 92.65 -66.23
C GLU J 979 71.86 94.15 -66.18
N GLU J 980 71.73 94.74 -67.35
CA GLU J 980 71.86 96.16 -67.52
C GLU J 980 71.15 97.10 -66.57
N GLY J 981 69.86 96.98 -66.37
CA GLY J 981 69.30 97.96 -65.47
C GLY J 981 68.68 97.26 -64.32
N THR J 982 67.42 97.59 -64.06
CA THR J 982 66.68 96.93 -63.03
C THR J 982 65.42 96.29 -63.59
N TRP J 983 65.28 95.02 -63.31
CA TRP J 983 64.11 94.28 -63.75
C TRP J 983 63.00 94.37 -62.72
N LEU J 984 61.84 94.72 -63.23
CA LEU J 984 60.73 94.88 -62.34
C LEU J 984 59.48 94.14 -62.77
N ASN J 985 58.99 93.34 -61.83
CA ASN J 985 57.77 92.62 -62.03
C ASN J 985 56.72 93.04 -61.04
N ILE J 986 55.63 93.52 -61.61
CA ILE J 986 54.46 93.93 -60.87
C ILE J 986 53.29 93.05 -61.22
N ASP J 987 52.88 92.32 -60.19
CA ASP J 987 51.81 91.39 -60.34
C ASP J 987 50.52 91.82 -59.68
N GLY J 988 49.46 91.65 -60.47
CA GLY J 988 48.14 91.88 -59.97
C GLY J 988 47.80 90.62 -59.19
N PHE J 989 48.31 89.49 -59.65
CA PHE J 989 48.07 88.23 -59.00
C PHE J 989 49.17 87.28 -59.24
N HIS J 990 49.37 86.42 -58.26
CA HIS J 990 50.42 85.47 -58.35
C HIS J 990 50.05 84.16 -57.69
N MET J 991 50.34 83.07 -58.38
CA MET J 991 50.03 81.74 -57.87
C MET J 991 50.78 81.36 -56.61
N GLY J 992 50.27 80.41 -55.85
CA GLY J 992 50.96 80.02 -54.64
C GLY J 992 52.22 79.24 -54.99
N ILE J 993 53.02 78.89 -53.99
CA ILE J 993 54.26 78.18 -54.25
C ILE J 993 54.21 76.72 -53.86
N GLY J 994 53.28 76.35 -52.98
CA GLY J 994 53.13 74.98 -52.57
C GLY J 994 54.27 74.52 -51.70
N GLY J 995 54.42 73.20 -51.63
CA GLY J 995 55.48 72.64 -50.84
C GLY J 995 55.11 71.42 -50.04
N ASP J 996 53.83 71.05 -50.05
CA ASP J 996 53.44 69.87 -49.27
C ASP J 996 54.41 68.72 -49.52
N ASP J 997 54.93 68.71 -50.75
CA ASP J 997 55.95 67.81 -51.23
C ASP J 997 56.51 68.42 -52.46
N SER J 998 57.68 67.92 -52.86
CA SER J 998 58.32 68.50 -54.03
C SER J 998 58.37 67.56 -55.22
N TRP J 999 57.48 66.57 -55.26
CA TRP J 999 57.52 65.71 -56.40
C TRP J 999 56.16 65.44 -57.01
N SER J 1000 55.24 66.33 -56.67
CA SER J 1000 53.87 66.36 -57.13
C SER J 1000 53.36 67.77 -56.93
N PRO J 1001 52.26 68.03 -57.59
CA PRO J 1001 51.67 69.33 -57.51
C PRO J 1001 51.12 69.52 -56.12
N SER J 1002 51.60 70.56 -55.45
CA SER J 1002 51.23 70.78 -54.10
C SER J 1002 50.58 72.12 -53.83
N VAL J 1003 50.29 72.90 -54.85
CA VAL J 1003 49.64 74.19 -54.60
C VAL J 1003 48.13 74.03 -54.43
N SER J 1004 47.57 74.48 -53.30
CA SER J 1004 46.15 74.33 -53.18
C SER J 1004 45.33 75.23 -54.02
N ALA J 1005 44.19 74.67 -54.35
CA ALA J 1005 43.23 75.33 -55.15
C ALA J 1005 43.05 76.77 -54.76
N GLU J 1006 42.92 77.07 -53.47
CA GLU J 1006 42.75 78.48 -53.15
C GLU J 1006 43.88 79.29 -53.67
N PHE J 1007 44.98 78.67 -54.02
CA PHE J 1007 46.05 79.52 -54.49
C PHE J 1007 46.30 79.49 -55.94
N GLN J 1008 45.41 78.89 -56.68
CA GLN J 1008 45.56 78.83 -58.11
C GLN J 1008 44.79 79.96 -58.76
N LEU J 1009 45.32 80.49 -59.86
CA LEU J 1009 44.68 81.60 -60.57
C LEU J 1009 43.67 80.99 -61.51
N SER J 1010 42.57 80.61 -60.93
CA SER J 1010 41.56 79.93 -61.69
C SER J 1010 40.29 80.74 -61.98
N ALA J 1011 40.27 82.00 -61.60
CA ALA J 1011 39.10 82.83 -61.77
C ALA J 1011 38.63 83.07 -63.19
N GLY J 1012 39.51 83.02 -64.16
CA GLY J 1012 39.06 83.29 -65.50
C GLY J 1012 39.13 84.77 -65.84
N ARG J 1013 38.77 85.60 -64.89
CA ARG J 1013 38.86 87.00 -65.20
C ARG J 1013 39.54 87.73 -64.10
N TYR J 1014 40.45 88.60 -64.46
CA TYR J 1014 41.17 89.37 -63.48
C TYR J 1014 41.26 90.83 -63.84
N HIS J 1015 41.24 91.64 -62.79
CA HIS J 1015 41.31 93.06 -62.94
C HIS J 1015 42.30 93.70 -61.98
N TYR J 1016 43.02 94.69 -62.47
CA TYR J 1016 43.92 95.44 -61.61
C TYR J 1016 44.27 96.79 -62.15
N GLN J 1017 44.64 97.68 -61.24
CA GLN J 1017 44.94 99.05 -61.57
C GLN J 1017 46.17 99.57 -60.92
N LEU J 1018 46.73 100.52 -61.58
CA LEU J 1018 47.95 101.02 -61.10
C LEU J 1018 48.22 102.45 -61.41
N VAL J 1019 49.07 103.02 -60.57
CA VAL J 1019 49.47 104.37 -60.81
C VAL J 1019 50.95 104.61 -60.79
N TRP J 1020 51.42 105.24 -61.85
CA TRP J 1020 52.83 105.46 -61.96
C TRP J 1020 53.18 106.96 -62.08
N CME J 1021 54.15 107.36 -61.32
CA CME J 1021 54.69 108.73 -61.32
CB CME J 1021 53.95 109.65 -60.41
SG CME J 1021 52.68 108.70 -59.59
SD CME J 1021 52.83 109.42 -57.76
CE CME J 1021 54.59 109.79 -57.85
CZ CME J 1021 54.88 111.28 -57.96
OH CME J 1021 55.85 111.63 -56.99
C CME J 1021 56.11 108.84 -60.87
O CME J 1021 56.70 107.92 -60.33
N GLN J 1022 56.60 110.05 -61.12
CA GLN J 1022 57.91 110.45 -60.81
C GLN J 1022 57.94 111.60 -59.89
N LYS J 1023 59.08 111.77 -59.22
CA LYS J 1023 59.32 112.85 -58.29
C LYS J 1023 60.52 113.64 -58.77
N ILE K 3 95.74 26.58 -50.07
CA ILE K 3 96.45 27.25 -48.95
C ILE K 3 95.55 27.97 -47.92
N THR K 4 94.62 28.70 -48.47
CA THR K 4 93.67 29.38 -47.63
C THR K 4 92.66 28.33 -47.32
N ASP K 5 92.76 27.18 -47.99
CA ASP K 5 91.89 26.07 -47.72
C ASP K 5 92.52 25.22 -46.62
N SER K 6 93.64 25.71 -46.14
CA SER K 6 94.37 25.00 -45.14
C SER K 6 93.79 25.08 -43.76
N LEU K 7 93.80 23.93 -43.12
CA LEU K 7 93.38 23.87 -41.75
C LEU K 7 94.00 25.01 -40.99
N ALA K 8 95.28 25.03 -41.09
CA ALA K 8 96.04 26.00 -40.38
C ALA K 8 95.41 27.36 -40.41
N VAL K 9 94.89 27.64 -41.58
CA VAL K 9 94.28 28.89 -41.85
C VAL K 9 92.81 28.94 -41.40
N VAL K 10 92.03 27.99 -41.87
CA VAL K 10 90.65 27.92 -41.49
C VAL K 10 90.48 27.96 -39.98
N LEU K 11 91.11 27.05 -39.31
CA LEU K 11 90.95 27.01 -37.87
C LEU K 11 91.50 28.22 -37.20
N GLN K 12 92.09 29.05 -37.99
CA GLN K 12 92.66 30.18 -37.35
C GLN K 12 91.59 30.96 -36.61
N ARG K 13 90.53 31.23 -37.36
CA ARG K 13 89.44 32.03 -36.85
C ARG K 13 88.66 31.48 -35.65
N ARG K 14 88.55 30.16 -35.55
CA ARG K 14 87.86 29.65 -34.39
C ARG K 14 86.42 30.14 -34.35
N ASP K 15 85.76 29.85 -35.44
CA ASP K 15 84.40 30.22 -35.61
C ASP K 15 83.51 29.57 -34.55
N TRP K 16 83.96 28.43 -34.08
CA TRP K 16 83.27 27.68 -33.07
C TRP K 16 83.40 28.29 -31.70
N GLU K 17 84.00 29.47 -31.63
CA GLU K 17 84.04 30.14 -30.34
C GLU K 17 83.56 31.56 -30.55
N ASN K 18 82.62 31.66 -31.48
CA ASN K 18 82.07 32.95 -31.79
C ASN K 18 80.64 32.90 -32.24
N PRO K 19 79.81 33.29 -31.28
CA PRO K 19 78.37 33.42 -31.38
C PRO K 19 78.01 34.30 -32.57
N GLY K 20 78.97 35.12 -32.98
CA GLY K 20 78.76 35.98 -34.13
C GLY K 20 78.82 35.12 -35.39
N VAL K 21 79.47 33.98 -35.31
CA VAL K 21 79.48 33.21 -36.51
C VAL K 21 78.76 31.94 -36.28
N THR K 22 77.69 31.79 -37.01
CA THR K 22 76.90 30.61 -36.81
C THR K 22 76.83 29.75 -38.05
N GLN K 23 77.30 30.32 -39.12
CA GLN K 23 77.32 29.63 -40.37
C GLN K 23 78.23 30.39 -41.33
N LEU K 24 78.60 29.73 -42.43
CA LEU K 24 79.43 30.30 -43.46
C LEU K 24 79.04 29.71 -44.78
N ASN K 25 78.58 30.52 -45.66
CA ASN K 25 78.19 30.03 -46.96
C ASN K 25 77.10 29.00 -46.98
N ARG K 26 76.35 28.92 -45.89
CA ARG K 26 75.24 27.97 -45.84
C ARG K 26 74.08 28.56 -46.60
N LEU K 27 73.35 27.75 -47.36
CA LEU K 27 72.20 28.28 -48.09
C LEU K 27 71.05 28.55 -47.17
N ALA K 28 70.00 29.11 -47.73
CA ALA K 28 68.80 29.43 -46.98
C ALA K 28 67.89 28.25 -46.79
N ALA K 29 67.18 28.32 -45.65
CA ALA K 29 66.23 27.34 -45.19
C ALA K 29 64.93 27.28 -46.00
N HIS K 30 64.21 26.17 -45.97
CA HIS K 30 62.99 26.06 -46.74
C HIS K 30 62.41 24.68 -46.51
N PRO K 31 61.22 24.52 -47.01
CA PRO K 31 60.60 23.26 -46.90
C PRO K 31 61.30 22.30 -47.84
N PRO K 32 61.00 21.08 -47.61
CA PRO K 32 61.53 19.95 -48.32
C PRO K 32 61.27 19.88 -49.81
N PHE K 33 62.40 19.78 -50.51
CA PHE K 33 62.43 19.65 -51.96
C PHE K 33 62.92 18.28 -52.43
N ALA K 34 62.47 17.91 -53.62
CA ALA K 34 62.83 16.67 -54.28
C ALA K 34 63.25 16.95 -55.70
N SER K 35 62.76 18.06 -56.21
CA SER K 35 63.07 18.44 -57.56
C SER K 35 62.55 17.42 -58.53
N TRP K 36 61.36 16.91 -58.31
CA TRP K 36 60.87 15.97 -59.29
C TRP K 36 60.91 16.64 -60.61
N ARG K 37 61.10 15.82 -61.63
CA ARG K 37 61.10 16.34 -62.97
C ARG K 37 59.88 15.80 -63.71
N ASN K 38 58.98 15.18 -62.95
CA ASN K 38 57.75 14.67 -63.50
C ASN K 38 56.65 14.83 -62.47
N SER K 39 55.54 15.39 -62.95
CA SER K 39 54.42 15.63 -62.10
C SER K 39 53.94 14.40 -61.32
N GLU K 40 53.50 13.39 -62.07
CA GLU K 40 52.99 12.20 -61.47
C GLU K 40 53.82 11.71 -60.32
N GLU K 41 55.11 11.70 -60.53
CA GLU K 41 55.99 11.23 -59.50
C GLU K 41 55.83 12.04 -58.25
N ALA K 42 56.04 13.33 -58.44
CA ALA K 42 55.88 14.21 -57.33
C ALA K 42 54.51 13.97 -56.75
N ARG K 43 53.55 13.88 -57.60
CA ARG K 43 52.21 13.69 -57.12
C ARG K 43 52.02 12.49 -56.25
N THR K 44 52.64 11.41 -56.63
CA THR K 44 52.49 10.16 -55.91
C THR K 44 53.67 9.96 -55.01
N ASP K 45 54.31 11.05 -54.73
CA ASP K 45 55.44 10.98 -53.86
C ASP K 45 56.38 9.84 -54.22
N ARG K 46 56.76 9.72 -55.49
CA ARG K 46 57.72 8.69 -55.78
C ARG K 46 59.06 9.19 -55.34
N PRO K 47 60.11 8.59 -55.84
CA PRO K 47 61.40 9.06 -55.40
C PRO K 47 62.08 9.80 -56.50
N SER K 48 62.66 10.92 -56.15
CA SER K 48 63.32 11.70 -57.17
C SER K 48 64.77 11.36 -57.24
N GLN K 49 65.21 11.38 -58.47
CA GLN K 49 66.57 11.09 -58.74
C GLN K 49 67.39 12.33 -58.59
N GLN K 50 66.78 13.50 -58.43
CA GLN K 50 67.63 14.66 -58.25
C GLN K 50 68.05 14.73 -56.79
N LEU K 51 67.56 13.69 -56.12
CA LEU K 51 67.85 13.52 -54.74
C LEU K 51 68.61 12.24 -54.49
N ARG K 52 69.78 12.39 -53.88
CA ARG K 52 70.61 11.25 -53.65
C ARG K 52 71.17 11.15 -52.26
N SER K 53 71.04 9.95 -51.67
CA SER K 53 71.56 9.78 -50.34
C SER K 53 73.01 9.42 -50.31
N LEU K 54 73.71 9.95 -49.34
CA LEU K 54 75.11 9.66 -49.19
C LEU K 54 75.33 8.85 -47.94
N ASN K 55 74.22 8.34 -47.47
CA ASN K 55 74.33 7.55 -46.28
C ASN K 55 74.94 6.25 -46.66
N GLY K 56 75.76 5.77 -45.74
CA GLY K 56 76.42 4.51 -45.89
C GLY K 56 77.75 4.50 -45.19
N GLU K 57 78.65 3.73 -45.79
CA GLU K 57 79.98 3.61 -45.24
C GLU K 57 80.82 4.81 -45.53
N TRP K 58 81.48 5.27 -44.52
CA TRP K 58 82.30 6.46 -44.67
C TRP K 58 83.58 6.24 -43.91
N ARG K 59 84.47 7.20 -43.98
CA ARG K 59 85.69 6.98 -43.26
C ARG K 59 85.84 7.93 -42.14
N PHE K 60 86.16 7.35 -41.01
CA PHE K 60 86.21 8.15 -39.83
C PHE K 60 87.51 8.12 -39.09
N ALA K 61 87.80 9.23 -38.43
CA ALA K 61 88.98 9.29 -37.60
C ALA K 61 88.75 10.32 -36.53
N TRP K 62 89.17 9.98 -35.34
CA TRP K 62 88.93 10.82 -34.21
C TRP K 62 90.13 11.50 -33.61
N PHE K 63 89.98 12.71 -33.14
CA PHE K 63 91.09 13.42 -32.54
C PHE K 63 90.59 14.19 -31.38
N PRO K 64 91.43 14.23 -30.39
CA PRO K 64 91.25 14.95 -29.15
C PRO K 64 91.10 16.44 -29.32
N ALA K 65 91.51 16.95 -30.48
CA ALA K 65 91.40 18.36 -30.75
C ALA K 65 91.52 18.61 -32.22
N PRO K 66 90.94 19.71 -32.61
CA PRO K 66 90.94 20.12 -33.99
C PRO K 66 92.35 20.37 -34.49
N GLU K 67 93.09 21.10 -33.66
CA GLU K 67 94.47 21.44 -33.92
C GLU K 67 95.32 20.20 -34.26
N ALA K 68 95.00 19.08 -33.68
CA ALA K 68 95.73 17.87 -33.99
C ALA K 68 95.39 17.29 -35.36
N VAL K 69 94.61 17.95 -36.16
CA VAL K 69 94.36 17.32 -37.45
C VAL K 69 95.49 17.58 -38.45
N PRO K 70 95.63 16.67 -39.40
CA PRO K 70 96.67 16.68 -40.41
C PRO K 70 96.20 17.06 -41.78
N GLU K 71 96.91 18.06 -42.26
CA GLU K 71 96.66 18.67 -43.51
C GLU K 71 96.45 17.66 -44.61
N SER K 72 97.17 16.60 -44.46
CA SER K 72 97.08 15.50 -45.39
C SER K 72 95.64 15.09 -45.55
N TRP K 73 94.97 15.12 -44.38
CA TRP K 73 93.61 14.70 -44.27
C TRP K 73 92.77 15.26 -45.39
N LEU K 74 93.10 16.52 -45.71
CA LEU K 74 92.41 17.28 -46.73
C LEU K 74 92.54 16.67 -48.08
N GLU K 75 93.74 16.17 -48.28
CA GLU K 75 94.11 15.58 -49.53
C GLU K 75 93.87 14.11 -49.54
N CYS K 76 94.39 13.49 -48.51
CA CYS K 76 94.34 12.08 -48.49
C CYS K 76 93.69 11.52 -47.30
N ASP K 77 93.01 10.41 -47.57
CA ASP K 77 92.36 9.64 -46.56
C ASP K 77 93.38 9.12 -45.58
N LEU K 78 92.98 8.82 -44.38
CA LEU K 78 94.02 8.34 -43.50
C LEU K 78 94.19 6.85 -43.54
N PRO K 79 95.31 6.47 -43.01
CA PRO K 79 95.68 5.09 -42.94
C PRO K 79 94.96 4.46 -41.78
N GLU K 80 95.03 5.21 -40.68
CA GLU K 80 94.40 4.84 -39.43
C GLU K 80 92.92 5.14 -39.41
N ALA K 81 92.40 5.57 -40.54
CA ALA K 81 90.99 5.84 -40.61
C ALA K 81 90.22 4.53 -40.54
N ASP K 82 89.02 4.60 -39.99
CA ASP K 82 88.16 3.44 -39.89
C ASP K 82 87.01 3.58 -40.82
N THR K 83 86.40 2.49 -41.11
CA THR K 83 85.25 2.61 -41.95
C THR K 83 84.05 2.56 -41.06
N VAL K 84 83.17 3.55 -41.22
CA VAL K 84 82.00 3.71 -40.38
C VAL K 84 80.73 3.96 -41.17
N VAL K 85 79.64 3.66 -40.49
CA VAL K 85 78.36 3.94 -41.08
C VAL K 85 77.81 5.26 -40.62
N VAL K 86 77.27 5.96 -41.61
CA VAL K 86 76.69 7.24 -41.40
C VAL K 86 75.27 7.17 -41.91
N PRO K 87 74.33 7.76 -41.13
CA PRO K 87 74.61 8.57 -39.95
C PRO K 87 74.83 7.79 -38.68
N SER K 88 75.46 8.47 -37.72
CA SER K 88 75.74 7.84 -36.46
C SER K 88 76.35 8.75 -35.41
N ASN K 89 76.41 8.22 -34.17
CA ASN K 89 77.02 8.96 -33.08
C ASN K 89 78.32 8.31 -32.72
N TRP K 90 79.34 9.08 -32.86
CA TRP K 90 80.61 8.51 -32.60
C TRP K 90 80.81 7.87 -31.24
N GLN K 91 80.15 8.41 -30.22
CA GLN K 91 80.28 7.80 -28.91
C GLN K 91 79.72 6.40 -28.95
N MET K 92 78.81 6.20 -29.89
CA MET K 92 78.20 4.89 -30.01
C MET K 92 79.15 3.87 -30.59
N HIS K 93 80.30 4.34 -31.04
CA HIS K 93 81.29 3.49 -31.64
C HIS K 93 82.51 3.36 -30.79
N GLY K 94 82.39 3.80 -29.58
CA GLY K 94 83.47 3.73 -28.66
C GLY K 94 84.49 4.82 -28.81
N TYR K 95 84.27 5.76 -29.73
CA TYR K 95 85.31 6.76 -29.84
C TYR K 95 85.63 7.60 -28.60
N ASP K 96 84.58 7.94 -27.88
CA ASP K 96 84.67 8.65 -26.62
C ASP K 96 83.37 8.36 -25.91
N ALA K 97 83.27 8.95 -24.72
CA ALA K 97 82.09 8.73 -23.91
C ALA K 97 80.93 9.68 -24.14
N PRO K 98 79.75 9.11 -23.96
CA PRO K 98 78.54 9.88 -24.02
C PRO K 98 78.39 10.40 -22.61
N ILE K 99 77.89 11.62 -22.51
CA ILE K 99 77.70 12.17 -21.20
C ILE K 99 76.26 12.38 -20.86
N TYR K 100 76.00 12.12 -19.59
CA TYR K 100 74.70 12.33 -19.06
C TYR K 100 74.63 13.26 -17.86
N THR K 101 74.40 14.53 -18.17
CA THR K 101 74.07 15.58 -17.21
C THR K 101 72.73 16.14 -17.68
N ASN K 102 72.07 16.81 -16.75
CA ASN K 102 70.78 17.41 -16.99
C ASN K 102 70.85 18.93 -17.10
N VAL K 103 71.24 19.55 -16.00
CA VAL K 103 71.31 20.99 -15.97
C VAL K 103 72.70 21.50 -16.22
N THR K 104 73.61 20.96 -15.40
CA THR K 104 74.97 21.33 -15.47
C THR K 104 75.59 21.08 -16.81
N TYR K 105 76.25 22.11 -17.32
CA TYR K 105 76.89 22.00 -18.59
C TYR K 105 78.03 20.99 -18.52
N PRO K 106 78.15 20.23 -19.59
CA PRO K 106 79.18 19.23 -19.71
C PRO K 106 80.54 19.92 -19.73
N ILE K 107 80.60 21.15 -20.17
CA ILE K 107 81.87 21.82 -20.18
C ILE K 107 81.86 22.98 -19.23
N THR K 108 83.00 23.61 -19.11
CA THR K 108 83.11 24.74 -18.22
C THR K 108 82.38 25.93 -18.77
N VAL K 109 81.74 26.62 -17.86
CA VAL K 109 80.99 27.76 -18.29
C VAL K 109 81.75 29.04 -18.52
N ASN K 110 82.03 29.28 -19.78
CA ASN K 110 82.76 30.47 -20.13
C ASN K 110 82.56 30.88 -21.54
N PRO K 111 81.33 31.17 -21.79
CA PRO K 111 80.92 31.59 -23.08
C PRO K 111 81.76 32.80 -23.47
N PRO K 112 82.09 32.78 -24.73
CA PRO K 112 81.62 31.76 -25.63
C PRO K 112 82.66 30.73 -25.87
N PHE K 113 83.45 30.51 -24.85
CA PHE K 113 84.53 29.58 -24.96
C PHE K 113 84.20 28.17 -24.64
N VAL K 114 84.74 27.36 -25.52
CA VAL K 114 84.71 25.93 -25.49
C VAL K 114 86.09 25.47 -24.99
N PRO K 115 86.21 24.23 -24.56
CA PRO K 115 87.48 23.71 -24.06
C PRO K 115 88.44 23.29 -25.15
N THR K 116 89.70 23.65 -24.91
CA THR K 116 90.82 23.40 -25.81
C THR K 116 90.83 21.96 -26.35
N GLU K 117 90.49 21.04 -25.48
CA GLU K 117 90.41 19.65 -25.87
C GLU K 117 89.01 19.42 -26.35
N ASN K 118 88.85 19.51 -27.62
CA ASN K 118 87.56 19.37 -28.12
C ASN K 118 87.59 18.34 -29.22
N PRO K 119 87.06 17.26 -28.84
CA PRO K 119 86.97 16.08 -29.67
C PRO K 119 86.50 16.35 -31.06
N THR K 120 87.37 16.04 -31.99
CA THR K 120 87.08 16.24 -33.38
C THR K 120 86.85 14.95 -34.15
N GLY K 121 85.89 14.94 -35.02
CA GLY K 121 85.61 13.74 -35.79
C GLY K 121 85.77 14.04 -37.27
N CYS K 122 86.77 13.42 -37.89
CA CYS K 122 86.99 13.65 -39.30
C CYS K 122 86.32 12.61 -40.13
N TYR K 123 85.32 13.06 -40.81
CA TYR K 123 84.55 12.19 -41.67
C TYR K 123 84.95 12.50 -43.07
N SER K 124 84.96 11.46 -43.90
CA SER K 124 85.37 11.63 -45.27
C SER K 124 84.65 10.69 -46.18
N LEU K 125 84.44 11.18 -47.38
CA LEU K 125 83.76 10.36 -48.31
C LEU K 125 84.03 10.68 -49.76
N THR K 126 84.30 9.58 -50.43
CA THR K 126 84.62 9.61 -51.82
C THR K 126 83.50 9.07 -52.64
N PHE K 127 83.12 9.86 -53.61
CA PHE K 127 82.01 9.45 -54.41
C PHE K 127 82.09 10.05 -55.78
N ASN K 128 81.24 9.42 -56.56
CA ASN K 128 81.10 9.69 -57.94
C ASN K 128 79.90 10.48 -58.26
N VAL K 129 80.07 11.36 -59.21
CA VAL K 129 79.01 12.21 -59.66
C VAL K 129 78.72 12.05 -61.10
N ASP K 130 77.44 11.90 -61.44
CA ASP K 130 77.14 11.84 -62.85
C ASP K 130 77.52 13.21 -63.40
N GLU K 131 78.00 13.23 -64.62
CA GLU K 131 78.39 14.51 -65.15
C GLU K 131 77.22 15.30 -65.68
N SER K 132 76.18 14.58 -66.07
CA SER K 132 75.04 15.29 -66.58
C SER K 132 74.68 16.39 -65.59
N TRP K 133 74.81 16.04 -64.31
CA TRP K 133 74.55 16.94 -63.22
C TRP K 133 75.55 18.07 -63.25
N LEU K 134 76.72 17.69 -63.69
CA LEU K 134 77.80 18.61 -63.74
C LEU K 134 77.62 19.61 -64.86
N GLN K 135 76.84 19.22 -65.84
CA GLN K 135 76.63 20.09 -66.96
C GLN K 135 75.77 21.25 -66.60
N GLU K 136 74.49 20.95 -66.42
CA GLU K 136 73.52 21.97 -66.08
C GLU K 136 73.00 21.88 -64.64
N GLY K 137 72.27 22.92 -64.26
CA GLY K 137 71.65 22.99 -62.95
C GLY K 137 72.59 23.23 -61.79
N GLN K 138 72.02 22.97 -60.60
CA GLN K 138 72.72 23.16 -59.36
C GLN K 138 72.69 21.97 -58.45
N THR K 139 73.87 21.79 -57.90
CA THR K 139 74.07 20.69 -57.03
C THR K 139 74.55 21.09 -55.66
N ARG K 140 73.72 20.66 -54.73
CA ARG K 140 74.01 20.94 -53.37
C ARG K 140 73.89 19.74 -52.47
N ILE K 141 74.61 19.93 -51.40
CA ILE K 141 74.64 18.93 -50.39
C ILE K 141 73.84 19.35 -49.18
N ILE K 142 73.31 18.33 -48.53
CA ILE K 142 72.50 18.55 -47.37
C ILE K 142 72.73 17.66 -46.18
N PHE K 143 73.08 18.33 -45.10
CA PHE K 143 73.26 17.67 -43.84
C PHE K 143 72.05 17.83 -42.94
N ASP K 144 71.30 16.76 -42.78
CA ASP K 144 70.14 16.85 -41.94
C ASP K 144 70.43 17.06 -40.48
N GLY K 145 71.63 16.71 -40.05
CA GLY K 145 71.98 16.88 -38.67
C GLY K 145 73.41 16.48 -38.32
N VAL K 146 74.13 17.48 -37.79
CA VAL K 146 75.53 17.38 -37.37
C VAL K 146 75.74 18.08 -36.04
N ASN K 147 76.17 17.35 -35.08
CA ASN K 147 76.33 17.92 -33.76
C ASN K 147 77.77 17.93 -33.32
N SER K 148 78.26 19.09 -32.89
CA SER K 148 77.50 20.31 -32.76
C SER K 148 77.77 21.33 -33.85
N ALA K 149 79.04 21.44 -34.25
CA ALA K 149 79.47 22.38 -35.28
C ALA K 149 80.38 21.70 -36.30
N PHE K 150 80.61 22.35 -37.44
CA PHE K 150 81.51 21.73 -38.40
C PHE K 150 81.85 22.55 -39.62
N HIS K 151 83.05 22.19 -40.15
CA HIS K 151 83.68 22.77 -41.34
C HIS K 151 83.60 21.81 -42.49
N LEU K 152 83.58 22.34 -43.67
CA LEU K 152 83.44 21.42 -44.75
C LEU K 152 84.32 21.70 -45.97
N TRP K 153 84.83 20.59 -46.53
CA TRP K 153 85.67 20.63 -47.72
C TRP K 153 85.22 19.66 -48.78
N CYS K 154 85.44 20.11 -49.99
CA CYS K 154 85.10 19.30 -51.12
C CYS K 154 86.19 19.37 -52.14
N ASN K 155 86.70 18.17 -52.44
CA ASN K 155 87.78 18.01 -53.37
C ASN K 155 88.91 18.92 -52.94
N GLY K 156 89.21 18.94 -51.64
CA GLY K 156 90.32 19.72 -51.12
C GLY K 156 90.01 21.17 -50.88
N ARG K 157 88.86 21.58 -51.36
CA ARG K 157 88.48 22.95 -51.20
C ARG K 157 87.54 23.23 -50.02
N TRP K 158 87.89 24.30 -49.28
CA TRP K 158 87.08 24.71 -48.15
C TRP K 158 85.74 25.23 -48.60
N VAL K 159 84.68 24.79 -47.94
CA VAL K 159 83.37 25.20 -48.41
C VAL K 159 82.56 26.05 -47.48
N GLY K 160 82.36 25.58 -46.28
CA GLY K 160 81.56 26.34 -45.36
C GLY K 160 81.64 25.81 -43.96
N TYR K 161 80.81 26.44 -43.15
CA TYR K 161 80.71 26.15 -41.74
C TYR K 161 79.28 26.22 -41.33
N GLY K 162 78.94 25.53 -40.23
CA GLY K 162 77.57 25.49 -39.73
C GLY K 162 77.41 25.20 -38.22
N GLN K 163 76.35 25.77 -37.61
CA GLN K 163 76.01 25.56 -36.20
C GLN K 163 74.53 25.12 -36.11
N ASP K 164 74.12 24.64 -34.93
CA ASP K 164 72.76 24.16 -34.67
C ASP K 164 72.60 22.71 -35.07
N SER K 165 72.82 21.86 -34.07
CA SER K 165 72.73 20.44 -34.33
C SER K 165 71.42 19.93 -34.80
N ARG K 166 70.32 20.68 -34.65
CA ARG K 166 69.06 20.07 -35.05
C ARG K 166 68.42 20.44 -36.34
N LEU K 167 69.01 21.37 -37.07
CA LEU K 167 68.45 21.69 -38.37
C LEU K 167 69.45 21.45 -39.49
N PRO K 168 68.93 21.32 -40.68
CA PRO K 168 69.68 21.07 -41.88
C PRO K 168 70.62 22.17 -42.24
N SER K 169 71.69 21.75 -42.93
CA SER K 169 72.69 22.65 -43.45
C SER K 169 72.88 22.38 -44.92
N GLU K 170 72.76 23.42 -45.70
CA GLU K 170 72.91 23.22 -47.11
C GLU K 170 73.96 24.06 -47.74
N PHE K 171 74.63 23.37 -48.67
CA PHE K 171 75.64 23.99 -49.47
C PHE K 171 75.61 23.56 -50.92
N ASP K 172 75.93 24.58 -51.72
CA ASP K 172 76.07 24.51 -53.16
C ASP K 172 77.45 24.03 -53.47
N LEU K 173 77.48 22.84 -54.07
CA LEU K 173 78.74 22.21 -54.42
C LEU K 173 79.20 22.44 -55.84
N SER K 174 78.19 22.88 -56.60
CA SER K 174 78.26 23.17 -58.01
C SER K 174 79.65 23.56 -58.51
N ALA K 175 80.31 24.42 -57.77
CA ALA K 175 81.63 24.83 -58.19
C ALA K 175 82.77 23.95 -57.72
N PHE K 176 82.53 22.87 -56.98
CA PHE K 176 83.66 22.09 -56.54
C PHE K 176 83.65 20.70 -57.06
N LEU K 177 82.63 20.43 -57.80
CA LEU K 177 82.57 19.11 -58.29
C LEU K 177 83.28 18.89 -59.59
N ARG K 178 83.89 17.70 -59.64
CA ARG K 178 84.59 17.19 -60.80
C ARG K 178 83.78 16.03 -61.27
N ALA K 179 83.90 15.69 -62.53
CA ALA K 179 83.16 14.52 -62.93
C ALA K 179 83.89 13.31 -62.36
N GLY K 180 83.09 12.30 -62.08
CA GLY K 180 83.61 11.10 -61.50
C GLY K 180 83.84 11.22 -60.01
N GLU K 181 85.07 10.97 -59.64
CA GLU K 181 85.45 10.93 -58.26
C GLU K 181 85.63 12.22 -57.52
N ASN K 182 84.89 12.32 -56.42
CA ASN K 182 85.01 13.45 -55.54
C ASN K 182 85.14 12.98 -54.13
N ARG K 183 85.72 13.88 -53.35
CA ARG K 183 85.93 13.60 -51.95
C ARG K 183 85.51 14.73 -51.04
N LEU K 184 84.71 14.32 -50.02
CA LEU K 184 84.24 15.20 -48.97
C LEU K 184 85.02 15.05 -47.70
N ALA K 185 85.32 16.19 -47.10
CA ALA K 185 85.99 16.15 -45.81
C ALA K 185 85.32 17.08 -44.83
N VAL K 186 84.67 16.42 -43.88
CA VAL K 186 83.92 17.05 -42.86
C VAL K 186 84.52 16.94 -41.50
N MET K 187 84.86 18.08 -40.98
CA MET K 187 85.41 18.07 -39.68
C MET K 187 84.34 18.54 -38.72
N VAL K 188 83.94 17.64 -37.81
CA VAL K 188 82.88 17.88 -36.85
C VAL K 188 83.39 18.12 -35.42
N LEU K 189 82.78 19.06 -34.69
CA LEU K 189 83.26 19.28 -33.33
C LEU K 189 82.25 19.13 -32.22
N ARG K 190 82.72 18.57 -31.11
CA ARG K 190 81.85 18.35 -29.97
C ARG K 190 81.37 19.67 -29.45
N TRP K 191 82.26 20.44 -28.89
CA TRP K 191 81.86 21.72 -28.38
C TRP K 191 81.96 22.83 -29.38
N SER K 192 81.11 23.84 -29.22
CA SER K 192 81.06 25.04 -30.03
C SER K 192 80.27 26.09 -29.27
N ASP K 193 80.22 27.30 -29.75
CA ASP K 193 79.43 28.26 -29.01
C ASP K 193 77.97 27.79 -28.95
N GLY K 194 77.53 27.08 -30.02
CA GLY K 194 76.18 26.49 -30.13
C GLY K 194 75.81 25.63 -28.93
N SER K 195 76.82 25.04 -28.37
CA SER K 195 76.63 24.21 -27.22
C SER K 195 75.99 24.99 -26.11
N TYR K 196 76.40 26.24 -25.95
CA TYR K 196 75.80 27.01 -24.90
C TYR K 196 74.27 27.08 -25.04
N LEU K 197 73.74 26.87 -26.25
CA LEU K 197 72.33 26.91 -26.48
C LEU K 197 71.74 25.55 -26.60
N GLU K 198 72.51 24.57 -26.19
CA GLU K 198 71.95 23.23 -26.33
C GLU K 198 72.09 22.42 -25.05
N ASP K 199 71.65 22.99 -23.93
CA ASP K 199 71.80 22.30 -22.68
C ASP K 199 70.69 21.35 -22.29
N GLN K 200 70.03 20.73 -23.26
CA GLN K 200 68.95 19.79 -22.93
C GLN K 200 69.36 18.65 -22.01
N ASP K 201 68.47 18.29 -21.06
CA ASP K 201 68.74 17.15 -20.18
C ASP K 201 68.56 15.85 -20.97
N MET K 202 69.65 15.46 -21.59
CA MET K 202 69.75 14.29 -22.41
C MET K 202 71.20 13.87 -22.48
N TRP K 203 71.45 12.78 -23.19
CA TRP K 203 72.80 12.33 -23.35
C TRP K 203 73.48 13.29 -24.29
N ARG K 204 74.71 13.63 -23.93
CA ARG K 204 75.47 14.51 -24.78
C ARG K 204 76.33 13.66 -25.71
N MET K 205 76.02 13.71 -26.98
CA MET K 205 76.72 12.96 -27.98
C MET K 205 77.21 13.85 -29.10
N SER K 206 77.57 13.25 -30.25
CA SER K 206 78.09 14.01 -31.41
C SER K 206 78.28 13.20 -32.65
N GLY K 207 78.39 13.92 -33.76
CA GLY K 207 78.60 13.30 -35.05
C GLY K 207 77.59 13.68 -36.11
N ILE K 208 77.60 12.89 -37.18
CA ILE K 208 76.67 13.10 -38.27
C ILE K 208 75.59 12.09 -38.08
N PHE K 209 74.62 12.54 -37.31
CA PHE K 209 73.56 11.67 -36.88
C PHE K 209 72.31 11.73 -37.68
N ARG K 210 72.32 12.53 -38.72
CA ARG K 210 71.15 12.57 -39.57
C ARG K 210 71.61 12.44 -41.00
N ASP K 211 70.67 12.10 -41.85
CA ASP K 211 70.92 11.92 -43.26
C ASP K 211 71.77 12.97 -43.94
N VAL K 212 72.41 12.49 -45.03
CA VAL K 212 73.23 13.26 -45.94
C VAL K 212 72.81 13.02 -47.36
N SER K 213 72.65 14.13 -48.09
CA SER K 213 72.16 13.98 -49.43
C SER K 213 72.61 15.01 -50.43
N LEU K 214 72.24 14.69 -51.65
CA LEU K 214 72.56 15.52 -52.75
C LEU K 214 71.34 15.84 -53.52
N LEU K 215 71.30 17.11 -53.82
CA LEU K 215 70.18 17.57 -54.56
C LEU K 215 70.57 18.35 -55.78
N HIS K 216 69.94 17.89 -56.86
CA HIS K 216 70.14 18.46 -58.15
C HIS K 216 68.96 19.30 -58.55
N LYS K 217 69.23 20.60 -58.66
CA LYS K 217 68.17 21.48 -59.03
C LYS K 217 68.52 22.32 -60.23
N PRO K 218 67.49 22.66 -61.01
CA PRO K 218 67.60 23.50 -62.18
C PRO K 218 68.12 24.86 -61.76
N THR K 219 68.74 25.57 -62.68
CA THR K 219 69.29 26.88 -62.36
C THR K 219 68.20 27.88 -62.03
N THR K 220 67.11 27.70 -62.75
CA THR K 220 65.95 28.47 -62.53
C THR K 220 64.98 27.53 -61.85
N GLN K 221 64.74 27.76 -60.57
CA GLN K 221 63.94 26.86 -59.79
C GLN K 221 63.06 27.50 -58.75
N ILE K 222 62.24 26.62 -58.18
CA ILE K 222 61.38 26.95 -57.08
C ILE K 222 62.25 27.07 -55.84
N SER K 223 62.27 28.25 -55.26
CA SER K 223 63.13 28.45 -54.12
C SER K 223 62.43 28.25 -52.79
N ASP K 224 61.09 28.37 -52.81
CA ASP K 224 60.32 28.27 -51.59
C ASP K 224 58.84 28.40 -51.83
N PHE K 225 58.05 27.80 -50.96
CA PHE K 225 56.64 27.93 -51.08
C PHE K 225 55.90 27.73 -49.78
N HIS K 226 54.75 28.39 -49.61
CA HIS K 226 53.93 28.25 -48.43
C HIS K 226 52.50 28.05 -48.78
N VAL K 227 51.89 27.34 -47.89
CA VAL K 227 50.50 27.01 -48.03
C VAL K 227 49.70 27.52 -46.86
N ALA K 228 48.45 27.90 -47.15
CA ALA K 228 47.56 28.39 -46.13
C ALA K 228 46.11 28.13 -46.45
N THR K 229 45.35 27.81 -45.40
CA THR K 229 43.94 27.55 -45.57
C THR K 229 43.05 28.50 -44.82
N ARG K 230 42.01 28.93 -45.47
CA ARG K 230 41.10 29.84 -44.83
C ARG K 230 39.70 29.30 -44.93
N PHE K 231 38.85 29.53 -43.93
CA PHE K 231 37.50 28.98 -44.03
C PHE K 231 36.38 29.94 -43.82
N ASN K 232 35.19 29.47 -44.14
CA ASN K 232 34.01 30.24 -43.87
C ASN K 232 33.59 29.85 -42.48
N ASP K 233 32.73 30.64 -41.90
CA ASP K 233 32.28 30.38 -40.54
C ASP K 233 31.91 28.93 -40.25
N ASP K 234 31.54 28.14 -41.24
CA ASP K 234 31.17 26.80 -40.87
C ASP K 234 32.05 25.76 -41.49
N PHE K 235 33.13 26.20 -42.10
CA PHE K 235 34.02 25.25 -42.71
C PHE K 235 33.38 24.56 -43.88
N SER K 236 32.40 25.19 -44.47
CA SER K 236 31.82 24.54 -45.60
C SER K 236 32.60 24.88 -46.86
N ARG K 237 33.47 25.87 -46.74
CA ARG K 237 34.29 26.31 -47.86
C ARG K 237 35.61 26.86 -47.40
N ALA K 238 36.65 26.49 -48.16
CA ALA K 238 37.97 26.92 -47.85
C ALA K 238 38.70 27.56 -49.00
N VAL K 239 39.79 28.18 -48.62
CA VAL K 239 40.63 28.72 -49.62
C VAL K 239 42.03 28.31 -49.41
N LEU K 240 42.54 27.64 -50.42
CA LEU K 240 43.89 27.26 -50.34
C LEU K 240 44.71 28.37 -50.96
N GLU K 241 45.64 28.87 -50.21
CA GLU K 241 46.40 29.92 -50.76
C GLU K 241 47.87 29.59 -50.70
N ALA K 242 48.50 29.62 -51.88
CA ALA K 242 49.90 29.25 -52.01
C ALA K 242 50.78 30.34 -52.56
N GLU K 243 51.91 30.49 -51.89
CA GLU K 243 52.81 31.48 -52.35
C GLU K 243 54.07 30.80 -52.74
N VAL K 244 54.51 31.17 -53.93
CA VAL K 244 55.68 30.57 -54.47
C VAL K 244 56.75 31.54 -54.84
N GLN K 245 57.95 31.13 -54.51
CA GLN K 245 59.09 31.93 -54.85
C GLN K 245 60.05 31.15 -55.70
N MET K 246 60.66 31.88 -56.62
CA MET K 246 61.62 31.31 -57.52
C MET K 246 62.97 31.96 -57.43
N CYS K 247 63.94 31.20 -57.87
CA CYS K 247 65.29 31.63 -57.93
C CYS K 247 65.72 31.41 -59.34
N GLY K 248 66.54 32.29 -59.88
CA GLY K 248 66.99 32.09 -61.23
C GLY K 248 66.80 33.23 -62.22
N GLU K 249 66.64 32.84 -63.45
CA GLU K 249 66.48 33.75 -64.53
C GLU K 249 65.04 34.06 -64.80
N LEU K 250 64.67 35.27 -64.45
CA LEU K 250 63.30 35.62 -64.67
C LEU K 250 62.98 35.86 -66.11
N ARG K 251 61.91 35.22 -66.57
CA ARG K 251 61.44 35.32 -67.93
C ARG K 251 59.95 35.26 -68.00
N ASP K 252 59.41 36.04 -68.87
CA ASP K 252 57.99 36.11 -69.03
C ASP K 252 57.27 34.84 -69.51
N TYR K 253 57.99 33.79 -69.85
CA TYR K 253 57.23 32.65 -70.29
C TYR K 253 57.06 31.65 -69.18
N LEU K 254 57.55 32.06 -68.02
CA LEU K 254 57.47 31.23 -66.87
C LEU K 254 56.11 31.23 -66.29
N ARG K 255 55.74 30.06 -65.83
CA ARG K 255 54.47 29.88 -65.20
C ARG K 255 54.54 28.96 -64.01
N VAL K 256 53.46 29.03 -63.24
CA VAL K 256 53.33 28.21 -62.07
C VAL K 256 51.97 27.63 -62.00
N THR K 257 51.97 26.37 -61.67
CA THR K 257 50.71 25.72 -61.55
C THR K 257 50.64 24.94 -60.27
N VAL K 258 49.51 25.14 -59.64
CA VAL K 258 49.28 24.52 -58.39
C VAL K 258 48.01 23.77 -58.49
N SER K 259 48.14 22.50 -58.17
CA SER K 259 47.04 21.61 -58.26
C SER K 259 46.83 20.86 -56.98
N LEU K 260 45.56 20.70 -56.72
CA LEU K 260 45.17 20.04 -55.55
C LEU K 260 44.54 18.73 -55.87
N TRP K 261 45.00 17.76 -55.14
CA TRP K 261 44.52 16.45 -55.33
C TRP K 261 44.00 15.75 -54.12
N GLN K 262 42.97 14.99 -54.42
CA GLN K 262 42.32 14.16 -53.48
C GLN K 262 42.52 12.73 -53.94
N GLY K 263 43.69 12.28 -53.62
CA GLY K 263 44.04 10.97 -54.04
C GLY K 263 44.13 10.97 -55.56
N GLU K 264 43.16 10.32 -56.16
CA GLU K 264 43.17 10.20 -57.59
C GLU K 264 42.60 11.40 -58.29
N THR K 265 41.74 12.05 -57.58
CA THR K 265 41.09 13.18 -58.14
C THR K 265 41.74 14.51 -57.97
N GLN K 266 41.67 15.23 -59.05
CA GLN K 266 42.19 16.55 -59.01
C GLN K 266 41.04 17.45 -58.66
N VAL K 267 41.22 18.13 -57.56
CA VAL K 267 40.22 18.99 -56.98
C VAL K 267 40.26 20.42 -57.41
N ALA K 268 41.48 20.88 -57.68
CA ALA K 268 41.62 22.24 -58.10
C ALA K 268 42.99 22.51 -58.61
N SER K 269 42.97 23.45 -59.54
CA SER K 269 44.19 23.86 -60.14
C SER K 269 44.19 25.33 -60.40
N GLY K 270 45.39 25.85 -60.56
CA GLY K 270 45.56 27.24 -60.82
C GLY K 270 46.89 27.48 -61.48
N THR K 271 46.87 28.39 -62.43
CA THR K 271 48.09 28.69 -63.11
C THR K 271 48.33 30.15 -63.24
N ALA K 272 49.59 30.53 -63.16
CA ALA K 272 49.91 31.94 -63.30
C ALA K 272 51.38 32.18 -63.47
N PRO K 273 51.63 33.41 -63.83
CA PRO K 273 52.96 33.93 -64.09
C PRO K 273 53.42 34.69 -62.90
N PHE K 274 54.74 34.82 -62.78
CA PHE K 274 55.29 35.52 -61.65
C PHE K 274 54.90 36.97 -61.56
N GLY K 275 55.08 37.52 -60.38
CA GLY K 275 54.75 38.90 -60.16
C GLY K 275 53.57 39.01 -59.22
N GLY K 276 53.84 39.64 -58.06
CA GLY K 276 52.88 39.85 -56.98
C GLY K 276 52.16 41.19 -57.00
N GLU K 277 51.32 41.39 -55.99
CA GLU K 277 50.59 42.62 -55.87
C GLU K 277 51.51 43.62 -55.24
N ILE K 278 51.17 44.88 -55.40
CA ILE K 278 51.98 45.93 -54.86
C ILE K 278 52.03 45.81 -53.38
N ILE K 279 53.19 46.02 -52.82
CA ILE K 279 53.24 45.90 -51.40
C ILE K 279 53.65 47.20 -50.77
N ASP K 280 54.39 48.00 -51.50
CA ASP K 280 54.78 49.23 -50.89
C ASP K 280 55.08 50.23 -51.94
N GLU K 281 55.70 51.32 -51.53
CA GLU K 281 56.00 52.35 -52.50
C GLU K 281 56.85 51.91 -53.68
N ARG K 282 57.68 50.84 -53.52
CA ARG K 282 58.53 50.38 -54.61
C ARG K 282 57.92 49.34 -55.50
N GLY K 283 56.77 48.79 -55.14
CA GLY K 283 56.12 47.80 -55.97
C GLY K 283 55.90 46.52 -55.21
N GLY K 284 56.06 45.40 -55.94
CA GLY K 284 55.91 44.05 -55.40
C GLY K 284 57.10 43.11 -55.68
N TYR K 285 56.84 41.81 -55.53
CA TYR K 285 57.81 40.77 -55.78
C TYR K 285 57.58 40.23 -57.18
N ALA K 286 58.53 40.49 -58.03
CA ALA K 286 58.49 40.06 -59.38
C ALA K 286 58.70 38.56 -59.48
N ASP K 287 59.45 38.10 -58.51
CA ASP K 287 59.83 36.72 -58.40
C ASP K 287 58.97 35.97 -57.43
N ARG K 288 57.73 36.36 -57.29
CA ARG K 288 56.87 35.57 -56.43
C ARG K 288 55.52 35.53 -57.06
N VAL K 289 54.72 34.64 -56.58
CA VAL K 289 53.39 34.55 -57.08
C VAL K 289 52.51 33.83 -56.07
N THR K 290 51.25 34.22 -56.01
CA THR K 290 50.37 33.61 -55.05
C THR K 290 49.10 33.10 -55.65
N LEU K 291 48.77 31.85 -55.41
CA LEU K 291 47.54 31.38 -55.98
C LEU K 291 46.54 31.10 -54.93
N ARG K 292 45.30 31.23 -55.33
CA ARG K 292 44.24 30.97 -54.41
C ARG K 292 43.26 29.97 -54.95
N LEU K 293 43.19 28.81 -54.31
CA LEU K 293 42.27 27.80 -54.78
C LEU K 293 41.09 27.70 -53.88
N ASN K 294 39.93 27.62 -54.50
CA ASN K 294 38.74 27.48 -53.71
C ASN K 294 38.38 26.05 -53.57
N VAL K 295 37.93 25.68 -52.38
CA VAL K 295 37.50 24.33 -52.16
C VAL K 295 36.20 24.22 -51.43
N GLU K 296 35.27 23.52 -52.05
CA GLU K 296 33.98 23.34 -51.43
C GLU K 296 34.00 22.10 -50.58
N ASN K 297 33.34 22.19 -49.44
CA ASN K 297 33.23 21.07 -48.53
C ASN K 297 34.50 20.28 -48.37
N PRO K 298 35.55 20.99 -48.04
CA PRO K 298 36.81 20.36 -47.85
C PRO K 298 36.70 19.36 -46.72
N LYS K 299 37.60 18.41 -46.77
CA LYS K 299 37.70 17.39 -45.75
C LYS K 299 38.74 17.84 -44.77
N LEU K 300 38.30 17.96 -43.53
CA LEU K 300 39.21 18.48 -42.55
C LEU K 300 40.18 17.53 -41.95
N TRP K 301 41.32 18.06 -41.63
CA TRP K 301 42.31 17.24 -41.04
C TRP K 301 42.24 17.33 -39.52
N SER K 302 42.54 16.25 -38.82
CA SER K 302 42.53 16.28 -37.35
C SER K 302 43.22 15.07 -36.81
N ALA K 303 43.59 15.08 -35.54
CA ALA K 303 44.24 13.89 -35.04
C ALA K 303 43.24 12.77 -35.11
N GLU K 304 41.98 13.11 -34.98
CA GLU K 304 40.91 12.13 -35.07
C GLU K 304 40.81 11.54 -36.48
N ILE K 305 40.96 12.38 -37.50
CA ILE K 305 40.88 11.93 -38.88
C ILE K 305 41.75 12.80 -39.73
N PRO K 306 42.90 12.27 -39.97
CA PRO K 306 43.90 12.99 -40.69
C PRO K 306 43.61 13.06 -42.17
N ASN K 307 42.52 13.66 -42.54
CA ASN K 307 42.29 13.76 -43.95
C ASN K 307 43.36 14.59 -44.60
N LEU K 308 43.96 14.06 -45.67
CA LEU K 308 44.98 14.80 -46.40
C LEU K 308 44.69 15.05 -47.87
N TYR K 309 45.39 16.06 -48.40
CA TYR K 309 45.30 16.37 -49.80
C TYR K 309 46.71 16.49 -50.30
N ARG K 310 46.88 16.40 -51.62
CA ARG K 310 48.20 16.56 -52.16
C ARG K 310 48.29 17.77 -53.03
N ALA K 311 49.38 18.49 -52.83
CA ALA K 311 49.55 19.68 -53.60
C ALA K 311 50.78 19.64 -54.43
N VAL K 312 50.57 20.08 -55.69
CA VAL K 312 51.64 20.14 -56.64
C VAL K 312 51.90 21.48 -57.25
N VAL K 313 53.17 21.78 -57.12
CA VAL K 313 53.74 23.00 -57.59
C VAL K 313 54.65 22.73 -58.75
N GLU K 314 54.16 23.13 -59.91
CA GLU K 314 54.91 22.95 -61.11
C GLU K 314 55.29 24.26 -61.72
N LEU K 315 56.59 24.33 -61.89
CA LEU K 315 57.30 25.44 -62.48
C LEU K 315 57.54 25.09 -63.92
N HIS K 316 56.87 25.79 -64.80
CA HIS K 316 57.06 25.46 -66.18
C HIS K 316 56.96 26.68 -67.08
N THR K 317 57.12 26.43 -68.36
CA THR K 317 57.03 27.49 -69.34
C THR K 317 55.65 27.54 -69.88
N ALA K 318 55.39 28.62 -70.57
CA ALA K 318 54.09 28.83 -71.16
C ALA K 318 53.71 27.74 -72.14
N ASP K 319 54.71 27.29 -72.91
CA ASP K 319 54.49 26.25 -73.91
C ASP K 319 53.98 25.00 -73.26
N GLY K 320 54.39 24.79 -72.02
CA GLY K 320 53.93 23.61 -71.29
C GLY K 320 55.09 22.76 -70.84
N THR K 321 56.27 23.23 -71.11
CA THR K 321 57.40 22.47 -70.71
C THR K 321 57.68 22.62 -69.22
N LEU K 322 57.77 21.51 -68.54
CA LEU K 322 58.01 21.56 -67.13
C LEU K 322 59.46 21.74 -66.75
N ILE K 323 59.74 22.69 -65.88
CA ILE K 323 61.09 22.87 -65.43
C ILE K 323 61.37 21.95 -64.24
N GLU K 324 60.40 21.89 -63.33
CA GLU K 324 60.53 21.06 -62.14
C GLU K 324 59.28 21.12 -61.33
N ALA K 325 59.22 20.23 -60.36
CA ALA K 325 58.06 20.16 -59.50
C ALA K 325 58.37 19.87 -58.05
N GLU K 326 57.48 20.38 -57.22
CA GLU K 326 57.57 20.19 -55.81
C GLU K 326 56.19 19.92 -55.31
N ALA K 327 56.17 19.25 -54.17
CA ALA K 327 54.87 18.94 -53.64
C ALA K 327 54.85 18.81 -52.15
N CYS K 328 53.64 18.62 -51.63
CA CYS K 328 53.43 18.43 -50.23
C CYS K 328 52.04 18.00 -49.90
N ASP K 329 51.93 17.40 -48.72
CA ASP K 329 50.63 16.99 -48.28
C ASP K 329 49.94 18.15 -47.61
N VAL K 330 48.66 18.23 -47.82
CA VAL K 330 47.96 19.33 -47.25
C VAL K 330 46.81 18.91 -46.40
N GLY K 331 46.66 19.60 -45.28
CA GLY K 331 45.60 19.35 -44.34
C GLY K 331 44.81 20.59 -44.04
N PHE K 332 43.51 20.48 -44.20
CA PHE K 332 42.65 21.61 -43.92
C PHE K 332 42.25 21.67 -42.47
N ARG K 333 42.77 22.66 -41.78
CA ARG K 333 42.45 22.84 -40.38
C ARG K 333 42.77 24.22 -39.95
N GLU K 334 42.02 24.64 -38.96
CA GLU K 334 42.18 25.94 -38.38
C GLU K 334 42.42 25.86 -36.90
N VAL K 335 43.49 26.53 -36.50
CA VAL K 335 43.89 26.55 -35.11
C VAL K 335 43.74 27.94 -34.58
N ARG K 336 42.95 28.09 -33.54
CA ARG K 336 42.84 29.39 -33.00
C ARG K 336 42.46 29.49 -31.55
N ILE K 337 42.93 30.57 -30.96
CA ILE K 337 42.62 30.80 -29.59
C ILE K 337 41.54 31.84 -29.51
N GLU K 338 40.44 31.43 -28.94
CA GLU K 338 39.40 32.37 -28.85
C GLU K 338 38.72 32.36 -27.53
N ASN K 339 38.63 33.55 -26.98
CA ASN K 339 37.99 33.68 -25.72
C ASN K 339 38.51 32.75 -24.64
N GLY K 340 39.83 32.64 -24.57
CA GLY K 340 40.45 31.81 -23.57
C GLY K 340 40.57 30.38 -24.02
N LEU K 341 40.07 30.09 -25.22
CA LEU K 341 40.19 28.69 -25.59
C LEU K 341 40.92 28.39 -26.84
N LEU K 342 41.61 27.29 -26.77
CA LEU K 342 42.32 26.85 -27.91
C LEU K 342 41.40 25.96 -28.71
N LEU K 343 41.19 26.42 -29.93
CA LEU K 343 40.30 25.73 -30.80
C LEU K 343 40.89 25.17 -32.02
N LEU K 344 40.32 24.05 -32.35
CA LEU K 344 40.69 23.39 -33.54
C LEU K 344 39.48 23.12 -34.38
N ASN K 345 39.51 23.71 -35.54
CA ASN K 345 38.41 23.58 -36.44
C ASN K 345 37.14 23.89 -35.72
N GLY K 346 37.18 24.90 -34.89
CA GLY K 346 35.96 25.25 -34.22
C GLY K 346 35.80 24.65 -32.85
N LYS K 347 36.37 23.51 -32.60
CA LYS K 347 36.21 22.97 -31.29
C LYS K 347 37.46 23.13 -30.46
N PRO K 348 37.20 22.99 -29.20
CA PRO K 348 38.16 23.14 -28.14
C PRO K 348 38.81 21.85 -27.86
N LEU K 349 40.10 21.88 -27.97
CA LEU K 349 40.86 20.70 -27.77
C LEU K 349 41.07 20.30 -26.35
N LEU K 350 41.45 19.04 -26.23
CA LEU K 350 41.84 18.44 -25.01
C LEU K 350 43.08 17.61 -25.29
N ILE K 351 44.21 18.20 -25.00
CA ILE K 351 45.46 17.60 -25.29
C ILE K 351 45.84 16.45 -24.41
N ARG K 352 45.94 15.29 -25.04
CA ARG K 352 46.42 14.11 -24.34
C ARG K 352 47.83 13.91 -24.86
N GLY K 353 48.75 14.73 -24.33
CA GLY K 353 50.08 14.73 -24.85
C GLY K 353 51.19 14.13 -24.05
N VAL K 354 52.32 14.07 -24.75
CA VAL K 354 53.54 13.55 -24.18
C VAL K 354 54.73 14.19 -24.84
N ASN K 355 55.79 14.31 -24.06
CA ASN K 355 57.05 14.85 -24.54
C ASN K 355 57.84 13.68 -25.02
N ARG K 356 58.61 13.88 -26.08
CA ARG K 356 59.38 12.78 -26.61
C ARG K 356 60.72 13.16 -27.20
N HIS K 357 61.75 12.50 -26.73
CA HIS K 357 63.06 12.74 -27.27
C HIS K 357 63.36 11.78 -28.41
N GLU K 358 64.38 12.12 -29.19
CA GLU K 358 64.81 11.24 -30.28
C GLU K 358 65.91 10.35 -29.70
N HIS K 359 65.54 9.14 -29.25
CA HIS K 359 66.49 8.25 -28.57
C HIS K 359 66.29 6.77 -28.81
N HIS K 360 67.43 6.14 -29.10
CA HIS K 360 67.55 4.75 -29.40
C HIS K 360 68.64 4.15 -28.55
N PRO K 361 68.27 3.12 -27.81
CA PRO K 361 69.13 2.39 -26.88
C PRO K 361 70.42 1.91 -27.53
N LEU K 362 70.32 1.65 -28.85
CA LEU K 362 71.42 1.20 -29.69
C LEU K 362 72.02 2.27 -30.55
N HIS K 363 71.18 3.01 -31.24
CA HIS K 363 71.70 4.02 -32.12
C HIS K 363 72.01 5.34 -31.52
N GLY K 364 71.64 5.54 -30.27
CA GLY K 364 71.88 6.82 -29.63
C GLY K 364 70.82 7.79 -30.15
N GLN K 365 71.27 8.92 -30.69
CA GLN K 365 70.32 9.87 -31.20
C GLN K 365 69.93 9.71 -32.66
N VAL K 366 70.19 8.56 -33.21
CA VAL K 366 69.85 8.36 -34.61
C VAL K 366 68.49 7.73 -34.83
N MET K 367 67.68 8.39 -35.64
CA MET K 367 66.32 7.89 -35.86
C MET K 367 66.03 7.17 -37.16
N ASP K 368 64.97 6.37 -37.16
CA ASP K 368 64.56 5.68 -38.37
C ASP K 368 63.09 5.40 -38.42
N GLU K 369 62.62 5.33 -39.64
CA GLU K 369 61.23 5.06 -39.90
C GLU K 369 60.61 4.10 -38.92
N GLN K 370 61.17 2.95 -38.91
CA GLN K 370 60.68 1.91 -38.06
C GLN K 370 60.31 2.34 -36.65
N THR K 371 61.31 2.89 -35.98
CA THR K 371 61.13 3.35 -34.63
C THR K 371 60.00 4.34 -34.51
N MET K 372 60.15 5.41 -35.31
CA MET K 372 59.16 6.43 -35.36
C MET K 372 57.78 5.81 -35.41
N VAL K 373 57.58 5.00 -36.40
CA VAL K 373 56.29 4.37 -36.46
C VAL K 373 55.91 3.60 -35.20
N GLN K 374 56.87 2.92 -34.65
CA GLN K 374 56.52 2.20 -33.46
C GLN K 374 55.89 3.14 -32.45
N ASP K 375 56.64 4.20 -32.20
CA ASP K 375 56.19 5.17 -31.27
C ASP K 375 54.79 5.66 -31.58
N ILE K 376 54.64 6.08 -32.79
CA ILE K 376 53.35 6.58 -33.15
C ILE K 376 52.28 5.59 -32.86
N LEU K 377 52.47 4.39 -33.31
CA LEU K 377 51.42 3.43 -33.03
C LEU K 377 51.13 3.26 -31.57
N LEU K 378 52.17 3.17 -30.81
CA LEU K 378 51.95 3.02 -29.40
C LEU K 378 51.16 4.13 -28.82
N MET K 379 51.62 5.33 -29.09
CA MET K 379 50.93 6.47 -28.59
C MET K 379 49.48 6.41 -28.93
N LYS K 380 49.24 6.28 -30.21
CA LYS K 380 47.86 6.22 -30.62
C LYS K 380 47.14 5.16 -29.88
N GLN K 381 47.78 4.06 -29.72
CA GLN K 381 47.13 2.98 -29.03
C GLN K 381 46.83 3.24 -27.57
N ASN K 382 47.58 4.14 -26.97
CA ASN K 382 47.35 4.44 -25.59
C ASN K 382 46.64 5.74 -25.36
N ASN K 383 45.88 6.13 -26.34
CA ASN K 383 45.08 7.30 -26.21
C ASN K 383 45.82 8.61 -26.17
N PHE K 384 46.96 8.71 -26.82
CA PHE K 384 47.60 10.01 -26.85
C PHE K 384 47.21 10.73 -28.13
N ASN K 385 47.21 12.07 -28.16
CA ASN K 385 46.84 12.71 -29.43
C ASN K 385 47.80 13.77 -29.81
N ALA K 386 48.81 13.93 -28.99
CA ALA K 386 49.72 15.00 -29.29
C ALA K 386 51.08 14.76 -28.75
N VAL K 387 52.02 15.42 -29.34
CA VAL K 387 53.35 15.25 -28.86
C VAL K 387 54.15 16.53 -28.98
N ARG K 388 55.08 16.66 -28.05
CA ARG K 388 55.93 17.79 -28.02
C ARG K 388 57.37 17.39 -28.33
N CYS K 389 57.96 18.08 -29.28
CA CYS K 389 59.34 17.82 -29.67
C CYS K 389 60.34 18.37 -28.69
N SER K 390 60.38 17.73 -27.53
CA SER K 390 61.33 18.19 -26.56
C SER K 390 62.72 17.79 -27.03
N HIS K 391 63.58 18.75 -27.31
CA HIS K 391 63.37 20.19 -27.28
C HIS K 391 64.18 20.75 -28.44
N TYR K 392 63.82 20.31 -29.63
CA TYR K 392 64.52 20.69 -30.84
C TYR K 392 63.70 20.10 -31.92
N PRO K 393 63.98 20.57 -33.10
CA PRO K 393 63.25 20.12 -34.26
C PRO K 393 63.59 18.68 -34.54
N ASN K 394 62.62 17.97 -35.01
CA ASN K 394 62.86 16.57 -35.25
C ASN K 394 63.22 16.23 -36.67
N HIS K 395 63.52 14.95 -36.79
CA HIS K 395 63.78 14.39 -38.06
C HIS K 395 62.50 14.54 -38.88
N PRO K 396 62.72 15.21 -39.92
CA PRO K 396 61.74 15.56 -40.92
C PRO K 396 60.71 14.50 -41.15
N LEU K 397 61.16 13.29 -41.28
CA LEU K 397 60.18 12.29 -41.54
C LEU K 397 59.02 12.23 -40.51
N TRP K 398 59.41 12.50 -39.28
CA TRP K 398 58.49 12.52 -38.18
C TRP K 398 57.20 13.25 -38.50
N TYR K 399 57.41 14.52 -38.90
CA TYR K 399 56.32 15.38 -39.23
C TYR K 399 55.37 14.78 -40.24
N THR K 400 55.97 14.13 -41.18
CA THR K 400 55.14 13.52 -42.18
C THR K 400 54.27 12.45 -41.59
N LEU K 401 54.93 11.64 -40.80
CA LEU K 401 54.23 10.56 -40.19
C LEU K 401 53.10 11.06 -39.38
N CYS K 402 53.38 12.11 -38.61
CA CYS K 402 52.34 12.64 -37.77
C CYS K 402 51.22 13.16 -38.63
N ASP K 403 51.62 13.80 -39.72
CA ASP K 403 50.64 14.34 -40.62
C ASP K 403 49.75 13.23 -41.09
N ARG K 404 50.41 12.11 -41.38
CA ARG K 404 49.70 10.98 -41.89
C ARG K 404 48.90 10.19 -40.91
N TYR K 405 49.49 9.92 -39.77
CA TYR K 405 48.86 9.14 -38.74
C TYR K 405 47.81 9.85 -37.92
N GLY K 406 48.02 11.15 -37.70
CA GLY K 406 47.11 11.96 -36.93
C GLY K 406 47.59 12.24 -35.52
N LEU K 407 48.52 13.18 -35.34
CA LEU K 407 48.98 13.56 -34.00
C LEU K 407 49.21 15.05 -33.94
N TYR K 408 48.75 15.73 -32.91
CA TYR K 408 49.04 17.16 -32.85
C TYR K 408 50.47 17.32 -32.41
N VAL K 409 51.16 18.25 -33.05
CA VAL K 409 52.52 18.47 -32.69
C VAL K 409 52.89 19.89 -32.36
N VAL K 410 53.79 19.95 -31.39
CA VAL K 410 54.38 21.19 -30.98
C VAL K 410 55.82 21.20 -31.44
N ASP K 411 56.13 22.05 -32.40
CA ASP K 411 57.47 22.16 -32.93
C ASP K 411 58.27 23.11 -32.05
N GLU K 412 59.43 22.70 -31.60
CA GLU K 412 60.18 23.51 -30.67
C GLU K 412 61.59 23.82 -31.11
N ALA K 413 61.94 25.09 -30.97
CA ALA K 413 63.27 25.51 -31.33
C ALA K 413 64.35 24.93 -30.43
N ASN K 414 65.51 24.70 -31.04
CA ASN K 414 66.65 24.13 -30.39
C ASN K 414 67.39 25.13 -29.51
N ILE K 415 66.76 25.50 -28.39
CA ILE K 415 67.43 26.39 -27.47
C ILE K 415 67.20 26.08 -26.01
N GLU K 416 68.23 25.68 -25.28
CA GLU K 416 68.11 25.46 -23.84
C GLU K 416 69.38 25.97 -23.21
N THR K 417 69.25 26.85 -22.24
CA THR K 417 70.41 27.39 -21.56
C THR K 417 70.27 27.17 -20.10
N HIS K 418 69.65 26.05 -19.84
CA HIS K 418 69.35 25.67 -18.50
C HIS K 418 70.43 25.97 -17.47
N GLY K 419 71.69 25.62 -17.75
CA GLY K 419 72.78 25.78 -16.81
C GLY K 419 73.23 27.21 -16.55
N MET K 420 72.74 28.16 -17.32
CA MET K 420 73.20 29.50 -17.05
C MET K 420 72.74 29.99 -15.70
N VAL K 421 73.23 31.15 -15.33
CA VAL K 421 72.84 31.72 -14.06
C VAL K 421 72.97 33.22 -14.07
N PRO K 422 71.86 33.93 -13.95
CA PRO K 422 70.58 33.29 -13.90
C PRO K 422 70.27 32.71 -15.27
N MET K 423 69.30 31.82 -15.29
CA MET K 423 68.92 31.15 -16.50
C MET K 423 68.84 31.99 -17.76
N ASN K 424 68.50 33.26 -17.69
CA ASN K 424 68.34 34.04 -18.92
C ASN K 424 69.53 34.90 -19.34
N ARG K 425 70.65 34.61 -18.71
CA ARG K 425 71.86 35.32 -18.94
C ARG K 425 72.14 35.56 -20.42
N LEU K 426 71.96 34.53 -21.23
CA LEU K 426 72.18 34.70 -22.64
C LEU K 426 71.00 35.30 -23.39
N THR K 427 69.81 34.75 -23.08
CA THR K 427 68.54 35.15 -23.67
C THR K 427 68.18 36.60 -23.51
N ASP K 428 68.78 37.18 -22.51
CA ASP K 428 68.55 38.57 -22.37
C ASP K 428 69.66 39.40 -23.01
N ASP K 429 70.47 38.80 -23.88
CA ASP K 429 71.58 39.50 -24.46
C ASP K 429 71.61 39.48 -25.95
N PRO K 430 71.47 40.72 -26.38
CA PRO K 430 71.40 41.13 -27.74
C PRO K 430 72.44 40.39 -28.51
N ARG K 431 73.61 40.34 -27.91
CA ARG K 431 74.68 39.62 -28.55
C ARG K 431 74.30 38.24 -28.99
N TRP K 432 73.43 37.59 -28.25
CA TRP K 432 73.07 36.26 -28.65
C TRP K 432 71.83 36.21 -29.48
N LEU K 433 71.27 37.37 -29.62
CA LEU K 433 70.07 37.41 -30.37
C LEU K 433 70.15 36.66 -31.71
N PRO K 434 70.97 37.14 -32.56
CA PRO K 434 71.17 36.54 -33.88
C PRO K 434 71.29 35.01 -33.87
N ALA K 435 72.09 34.54 -32.94
CA ALA K 435 72.20 33.10 -32.82
C ALA K 435 70.83 32.49 -32.59
N MET K 436 70.15 33.03 -31.58
CA MET K 436 68.82 32.54 -31.26
C MET K 436 67.89 32.65 -32.45
N SER K 437 67.96 33.78 -33.10
CA SER K 437 67.08 34.01 -34.22
C SER K 437 67.12 32.90 -35.21
N GLU K 438 68.36 32.60 -35.57
CA GLU K 438 68.58 31.59 -36.59
C GLU K 438 67.87 30.33 -36.25
N ARG K 439 67.99 30.04 -34.97
CA ARG K 439 67.38 28.87 -34.43
C ARG K 439 65.86 28.86 -34.59
N VAL K 440 65.23 30.02 -34.50
CA VAL K 440 63.79 29.97 -34.65
C VAL K 440 63.33 30.04 -36.09
N THR K 441 63.84 31.08 -36.73
CA THR K 441 63.47 31.37 -38.07
C THR K 441 63.56 30.17 -38.95
N ARG K 442 64.71 29.56 -38.89
CA ARG K 442 64.95 28.39 -39.69
C ARG K 442 63.95 27.26 -39.49
N MET K 443 63.60 27.02 -38.22
CA MET K 443 62.65 25.97 -37.97
C MET K 443 61.36 26.26 -38.72
N VAL K 444 60.98 27.49 -38.58
CA VAL K 444 59.75 27.88 -39.19
C VAL K 444 59.73 27.69 -40.68
N GLN K 445 60.80 28.17 -41.28
CA GLN K 445 60.86 28.05 -42.70
C GLN K 445 60.81 26.61 -43.14
N ARG K 446 61.33 25.77 -42.30
CA ARG K 446 61.32 24.42 -42.70
C ARG K 446 59.99 23.69 -42.54
N ASP K 447 59.37 23.86 -41.37
CA ASP K 447 58.21 23.07 -41.03
C ASP K 447 56.83 23.62 -41.20
N ARG K 448 56.78 24.87 -41.55
CA ARG K 448 55.51 25.51 -41.62
C ARG K 448 54.43 24.95 -42.49
N ASN K 449 54.71 24.04 -43.38
CA ASN K 449 53.58 23.59 -44.15
C ASN K 449 52.94 22.31 -43.64
N HIS K 450 53.41 21.78 -42.53
CA HIS K 450 52.82 20.56 -42.05
C HIS K 450 51.59 20.77 -41.18
N PRO K 451 50.47 20.26 -41.59
CA PRO K 451 49.26 20.39 -40.80
C PRO K 451 49.41 19.90 -39.35
N SER K 452 50.20 18.89 -39.11
CA SER K 452 50.30 18.41 -37.73
C SER K 452 50.90 19.41 -36.76
N VAL K 453 51.67 20.33 -37.29
CA VAL K 453 52.24 21.27 -36.38
C VAL K 453 51.19 22.26 -36.06
N ILE K 454 50.87 22.40 -34.77
CA ILE K 454 49.85 23.36 -34.44
C ILE K 454 50.30 24.44 -33.49
N ILE K 455 51.50 24.29 -32.96
CA ILE K 455 51.99 25.29 -32.05
C ILE K 455 53.47 25.38 -32.15
N TRP K 456 53.94 26.60 -32.17
CA TRP K 456 55.35 26.82 -32.21
C TRP K 456 55.78 27.10 -30.78
N SER K 457 56.97 26.68 -30.46
CA SER K 457 57.57 26.86 -29.15
C SER K 457 58.98 27.40 -29.29
N LEU K 458 59.34 28.41 -28.49
CA LEU K 458 60.65 29.02 -28.58
C LEU K 458 61.75 28.26 -27.88
N GLY K 459 61.50 27.03 -27.51
CA GLY K 459 62.58 26.38 -26.82
C GLY K 459 62.17 25.94 -25.45
N ASN K 460 63.17 25.84 -24.58
CA ASN K 460 62.98 25.34 -23.24
C ASN K 460 64.01 25.83 -22.21
N GLU K 461 63.61 25.82 -20.95
CA GLU K 461 64.40 26.27 -19.82
C GLU K 461 65.54 27.21 -20.11
N SER K 462 65.21 28.42 -20.54
CA SER K 462 66.22 29.42 -20.84
C SER K 462 65.84 30.76 -20.26
N GLY K 463 65.05 30.70 -19.18
CA GLY K 463 64.58 31.88 -18.53
C GLY K 463 63.69 32.67 -19.48
N HIS K 464 63.66 33.97 -19.26
CA HIS K 464 62.91 34.83 -20.10
C HIS K 464 63.73 36.06 -20.41
N GLY K 465 63.95 36.32 -21.69
CA GLY K 465 64.72 37.46 -22.06
C GLY K 465 64.14 38.16 -23.27
N ALA K 466 64.58 39.38 -23.43
CA ALA K 466 64.08 40.17 -24.53
C ALA K 466 64.19 39.43 -25.84
N ASN K 467 65.25 38.66 -25.94
CA ASN K 467 65.43 37.92 -27.17
C ASN K 467 64.16 37.12 -27.47
N HIS K 468 63.57 36.63 -26.39
CA HIS K 468 62.36 35.84 -26.53
C HIS K 468 61.21 36.66 -27.10
N ASP K 469 61.01 37.79 -26.48
CA ASP K 469 59.95 38.66 -26.93
C ASP K 469 60.05 38.96 -28.41
N ALA K 470 61.25 39.32 -28.78
CA ALA K 470 61.43 39.63 -30.17
C ALA K 470 61.08 38.45 -31.06
N LEU K 471 61.53 37.29 -30.65
CA LEU K 471 61.28 36.14 -31.49
C LEU K 471 59.83 35.74 -31.56
N TYR K 472 59.23 35.83 -30.41
CA TYR K 472 57.83 35.55 -30.31
C TYR K 472 57.09 36.39 -31.35
N ARG K 473 57.38 37.65 -31.30
CA ARG K 473 56.75 38.55 -32.21
C ARG K 473 56.97 38.21 -33.67
N TRP K 474 58.21 37.91 -33.97
CA TRP K 474 58.58 37.59 -35.32
C TRP K 474 57.67 36.52 -35.87
N ILE K 475 57.53 35.50 -35.08
CA ILE K 475 56.70 34.45 -35.58
C ILE K 475 55.31 34.92 -35.82
N LYS K 476 54.80 35.56 -34.80
CA LYS K 476 53.46 36.04 -34.88
C LYS K 476 53.24 36.72 -36.20
N SER K 477 54.23 37.45 -36.61
CA SER K 477 54.05 38.14 -37.87
C SER K 477 54.20 37.27 -39.05
N VAL K 478 55.07 36.34 -38.95
CA VAL K 478 55.26 35.53 -40.10
C VAL K 478 54.22 34.43 -40.25
N ASP K 479 53.83 33.85 -39.14
CA ASP K 479 52.87 32.78 -39.15
C ASP K 479 51.89 32.96 -38.02
N PRO K 480 50.84 33.51 -38.48
CA PRO K 480 49.73 33.83 -37.67
C PRO K 480 48.79 32.66 -37.56
N SER K 481 49.07 31.58 -38.26
CA SER K 481 48.17 30.45 -38.22
C SER K 481 48.29 29.62 -36.95
N ARG K 482 49.40 29.73 -36.23
CA ARG K 482 49.58 28.99 -35.03
C ARG K 482 50.04 29.86 -33.91
N PRO K 483 49.63 29.45 -32.75
CA PRO K 483 49.95 30.10 -31.52
C PRO K 483 51.36 29.78 -31.13
N VAL K 484 51.88 30.61 -30.25
CA VAL K 484 53.22 30.42 -29.79
C VAL K 484 53.30 30.26 -28.28
N GLN K 485 54.05 29.27 -27.83
CA GLN K 485 54.20 29.14 -26.41
C GLN K 485 55.63 29.06 -25.97
N TYR K 486 55.85 29.42 -24.73
CA TYR K 486 57.16 29.36 -24.12
C TYR K 486 56.99 29.42 -22.62
N GLU K 487 57.55 28.47 -21.93
CA GLU K 487 57.38 28.39 -20.49
C GLU K 487 58.36 29.21 -19.67
N GLY K 488 59.53 29.42 -20.21
CA GLY K 488 60.53 30.09 -19.45
C GLY K 488 60.09 31.33 -18.71
N GLY K 489 60.73 31.50 -17.59
CA GLY K 489 60.52 32.67 -16.80
C GLY K 489 59.18 32.79 -16.15
N GLY K 490 58.51 31.68 -15.82
CA GLY K 490 57.25 31.86 -15.13
C GLY K 490 56.02 31.30 -15.81
N ALA K 491 56.17 30.86 -17.05
CA ALA K 491 55.12 30.22 -17.83
C ALA K 491 53.96 31.09 -18.25
N ASP K 492 54.00 32.36 -17.90
CA ASP K 492 52.90 33.21 -18.29
C ASP K 492 53.34 34.57 -18.75
N THR K 493 54.57 34.62 -19.25
CA THR K 493 55.15 35.87 -19.71
C THR K 493 54.51 36.37 -20.97
N THR K 494 55.02 37.52 -21.40
CA THR K 494 54.54 38.18 -22.60
C THR K 494 54.94 37.39 -23.81
N ALA K 495 55.77 36.42 -23.56
CA ALA K 495 56.23 35.66 -24.68
C ALA K 495 55.42 34.41 -24.92
N THR K 496 54.27 34.23 -24.30
CA THR K 496 53.56 33.00 -24.58
C THR K 496 52.09 33.24 -24.78
N ASP K 497 51.51 32.51 -25.69
CA ASP K 497 50.09 32.67 -25.93
C ASP K 497 49.33 31.76 -25.03
N ILE K 498 50.02 30.88 -24.33
CA ILE K 498 49.35 29.94 -23.46
C ILE K 498 50.08 29.81 -22.17
N ILE K 499 49.37 29.58 -21.09
CA ILE K 499 50.03 29.34 -19.84
C ILE K 499 50.45 27.90 -19.89
N CYS K 500 51.76 27.69 -19.96
CA CYS K 500 52.28 26.37 -20.14
C CYS K 500 53.33 26.01 -19.15
N PRO K 501 52.92 25.87 -17.94
CA PRO K 501 53.87 25.50 -16.92
C PRO K 501 54.26 24.06 -17.03
N MET K 502 55.21 23.76 -16.18
CA MET K 502 55.68 22.43 -16.03
C MET K 502 55.70 22.06 -14.58
N TYR K 503 55.01 20.99 -14.26
CA TYR K 503 54.98 20.50 -12.91
C TYR K 503 54.18 21.27 -11.90
N ALA K 504 53.24 22.07 -12.37
CA ALA K 504 52.35 22.73 -11.45
C ALA K 504 51.37 21.68 -10.89
N ARG K 505 51.00 21.82 -9.63
CA ARG K 505 50.12 20.85 -9.05
C ARG K 505 48.66 21.17 -9.25
N VAL K 506 47.83 20.16 -9.03
CA VAL K 506 46.43 20.40 -9.25
C VAL K 506 45.85 21.37 -8.27
N ASP K 507 46.06 21.11 -7.01
CA ASP K 507 45.48 21.98 -6.03
C ASP K 507 46.46 22.68 -5.17
N GLU K 508 47.71 22.31 -5.24
CA GLU K 508 48.66 22.90 -4.34
C GLU K 508 49.59 23.86 -5.02
N ASP K 509 49.82 24.99 -4.39
CA ASP K 509 50.69 26.02 -4.91
C ASP K 509 52.09 25.81 -4.46
N GLN K 510 53.03 26.20 -5.32
CA GLN K 510 54.45 26.15 -5.04
C GLN K 510 54.97 27.49 -5.45
N PRO K 511 55.00 28.28 -4.43
CA PRO K 511 55.32 29.66 -4.50
C PRO K 511 56.79 29.99 -4.50
N PHE K 512 57.48 29.58 -5.52
CA PHE K 512 58.82 30.00 -5.53
C PHE K 512 58.84 31.46 -5.90
N PRO K 513 59.81 32.08 -5.32
CA PRO K 513 60.09 33.46 -5.59
C PRO K 513 60.33 33.60 -7.07
N ALA K 514 59.81 34.71 -7.57
CA ALA K 514 59.94 35.06 -8.95
C ALA K 514 59.21 34.14 -9.90
N VAL K 515 59.24 32.86 -9.66
CA VAL K 515 58.60 32.01 -10.61
C VAL K 515 57.87 30.92 -9.91
N PRO K 516 56.86 31.34 -9.22
CA PRO K 516 56.05 30.44 -8.45
C PRO K 516 55.23 29.58 -9.38
N LYS K 517 54.85 28.41 -8.91
CA LYS K 517 53.98 27.53 -9.65
C LYS K 517 52.66 27.38 -8.88
N TRP K 518 51.66 28.09 -9.33
CA TRP K 518 50.38 28.04 -8.68
C TRP K 518 49.62 26.77 -8.98
N SER K 519 48.68 26.41 -8.10
CA SER K 519 47.83 25.30 -8.42
C SER K 519 47.22 25.69 -9.77
N ILE K 520 47.08 24.72 -10.63
CA ILE K 520 46.58 25.10 -11.92
C ILE K 520 45.21 25.69 -11.89
N LYS K 521 44.36 25.27 -10.96
CA LYS K 521 43.04 25.87 -10.94
C LYS K 521 43.12 27.32 -10.51
N LYS K 522 44.04 27.61 -9.65
CA LYS K 522 44.13 28.96 -9.23
C LYS K 522 44.73 29.84 -10.31
N TRP K 523 45.73 29.30 -10.94
CA TRP K 523 46.44 30.06 -11.91
C TRP K 523 45.51 30.70 -12.86
N LEU K 524 44.57 29.93 -13.31
CA LEU K 524 43.64 30.45 -14.30
C LEU K 524 42.95 31.75 -13.96
N SER K 525 42.60 31.90 -12.70
CA SER K 525 41.79 32.95 -12.11
C SER K 525 42.54 34.17 -11.63
N LEU K 526 43.85 34.17 -11.76
CA LEU K 526 44.53 35.35 -11.32
C LEU K 526 43.99 36.55 -12.05
N PRO K 527 43.99 37.64 -11.32
CA PRO K 527 43.46 38.88 -11.82
C PRO K 527 44.10 39.22 -13.11
N GLY K 528 43.27 39.41 -14.09
CA GLY K 528 43.72 39.76 -15.40
C GLY K 528 44.05 38.57 -16.27
N GLU K 529 44.27 37.36 -15.70
CA GLU K 529 44.62 36.24 -16.57
C GLU K 529 43.46 35.78 -17.44
N THR K 530 43.70 35.44 -18.69
CA THR K 530 42.61 35.00 -19.56
C THR K 530 42.96 33.83 -20.49
N ARG K 531 44.24 33.50 -20.56
CA ARG K 531 44.72 32.46 -21.44
C ARG K 531 44.34 31.07 -21.06
N PRO K 532 44.49 30.17 -22.01
CA PRO K 532 44.24 28.79 -21.75
C PRO K 532 45.46 28.26 -21.07
N LEU K 533 45.31 27.15 -20.36
CA LEU K 533 46.43 26.53 -19.73
C LEU K 533 46.60 25.11 -20.13
N ILE K 534 47.83 24.81 -20.55
CA ILE K 534 48.24 23.48 -20.98
C ILE K 534 49.62 23.23 -20.44
N LEU K 535 49.78 22.17 -19.67
CA LEU K 535 51.09 21.98 -19.12
C LEU K 535 52.04 21.44 -20.13
N CYS K 536 53.15 22.14 -20.25
CA CYS K 536 54.13 21.69 -21.20
C CYS K 536 54.80 20.44 -20.67
N GLU K 537 54.82 20.31 -19.35
CA GLU K 537 55.37 19.10 -18.75
C GLU K 537 54.72 18.80 -17.45
N TYR K 538 54.31 17.55 -17.31
CA TYR K 538 53.71 17.11 -16.09
C TYR K 538 53.72 15.60 -15.93
N ALA K 539 53.50 15.23 -14.66
CA ALA K 539 53.44 13.85 -14.22
C ALA K 539 54.74 13.13 -14.54
N HIS K 540 55.82 13.53 -13.88
CA HIS K 540 57.14 12.96 -14.10
C HIS K 540 57.15 11.43 -14.03
N ALA K 541 57.28 10.77 -15.16
CA ALA K 541 57.20 9.30 -15.14
C ALA K 541 58.45 8.50 -14.78
N MET K 542 59.23 8.99 -13.83
CA MET K 542 60.44 8.34 -13.42
C MET K 542 60.28 7.12 -12.53
N GLY K 543 60.48 5.97 -13.13
CA GLY K 543 60.39 4.71 -12.39
C GLY K 543 58.98 4.38 -11.99
N ASN K 544 58.84 3.92 -10.76
CA ASN K 544 57.50 3.61 -10.25
C ASN K 544 56.80 4.93 -9.93
N SER K 545 56.15 5.49 -10.94
CA SER K 545 55.54 6.79 -10.82
C SER K 545 54.15 6.88 -11.42
N LEU K 546 53.75 8.12 -11.64
CA LEU K 546 52.44 8.45 -12.15
C LEU K 546 51.33 8.49 -11.10
N GLY K 547 51.72 8.50 -9.83
CA GLY K 547 50.70 8.57 -8.82
C GLY K 547 50.05 9.95 -8.90
N GLY K 548 48.72 10.00 -8.88
CA GLY K 548 48.05 11.29 -8.95
C GLY K 548 47.53 11.67 -10.33
N PHE K 549 47.95 10.93 -11.30
CA PHE K 549 47.54 11.20 -12.64
C PHE K 549 46.04 11.54 -12.81
N ALA K 550 45.22 10.73 -12.20
CA ALA K 550 43.79 10.97 -12.31
C ALA K 550 43.33 12.33 -11.80
N LYS K 551 43.99 12.82 -10.76
CA LYS K 551 43.65 14.12 -10.25
C LYS K 551 43.69 15.16 -11.38
N TYR K 552 44.71 15.09 -12.23
CA TYR K 552 44.81 16.03 -13.31
C TYR K 552 43.68 15.84 -14.29
N TRP K 553 43.50 14.59 -14.66
CA TRP K 553 42.48 14.36 -15.63
C TRP K 553 41.15 14.84 -15.18
N GLN K 554 40.95 14.73 -13.91
CA GLN K 554 39.67 15.18 -13.54
C GLN K 554 39.55 16.67 -13.61
N ALA K 555 40.61 17.34 -13.22
CA ALA K 555 40.52 18.77 -13.30
C ALA K 555 40.36 19.18 -14.73
N PHE K 556 41.16 18.53 -15.57
CA PHE K 556 41.11 18.91 -16.96
C PHE K 556 39.70 18.85 -17.43
N ARG K 557 39.08 17.74 -17.10
CA ARG K 557 37.73 17.58 -17.55
C ARG K 557 36.78 18.58 -16.95
N GLN K 558 37.05 19.10 -15.78
CA GLN K 558 36.07 20.02 -15.25
C GLN K 558 36.30 21.47 -15.56
N TYR K 559 37.50 21.87 -15.95
CA TYR K 559 37.70 23.27 -16.22
C TYR K 559 38.04 23.50 -17.66
N PRO K 560 37.12 24.15 -18.28
CA PRO K 560 37.17 24.49 -19.68
C PRO K 560 38.51 24.98 -20.13
N ARG K 561 39.06 25.93 -19.39
CA ARG K 561 40.34 26.49 -19.75
C ARG K 561 41.51 25.59 -19.42
N LEU K 562 41.29 24.47 -18.78
CA LEU K 562 42.44 23.62 -18.57
C LEU K 562 42.39 22.67 -19.73
N GLN K 563 43.23 22.86 -20.73
CA GLN K 563 43.14 22.00 -21.88
C GLN K 563 44.09 20.84 -22.03
N GLY K 564 44.66 20.35 -20.92
CA GLY K 564 45.52 19.18 -20.97
C GLY K 564 47.00 19.43 -20.71
N GLY K 565 47.83 18.54 -21.24
CA GLY K 565 49.27 18.67 -21.08
C GLY K 565 50.01 17.53 -21.72
N PHE K 566 51.33 17.61 -21.60
CA PHE K 566 52.23 16.64 -22.12
C PHE K 566 52.99 16.04 -21.00
N VAL K 567 52.86 14.74 -20.93
CA VAL K 567 53.53 14.01 -19.92
C VAL K 567 55.01 13.98 -20.15
N TRP K 568 55.72 13.88 -19.06
CA TRP K 568 57.15 13.80 -19.15
C TRP K 568 57.67 12.48 -18.64
N ASP K 569 58.13 11.60 -19.51
CA ASP K 569 58.15 11.72 -20.95
C ASP K 569 57.94 10.34 -21.58
N TRP K 570 58.13 10.22 -22.89
CA TRP K 570 57.89 8.97 -23.59
C TRP K 570 58.70 7.74 -23.28
N VAL K 571 60.00 7.76 -23.59
CA VAL K 571 60.93 6.64 -23.36
C VAL K 571 62.06 6.93 -22.41
N ASP K 572 62.57 5.85 -21.83
CA ASP K 572 63.72 6.01 -20.98
C ASP K 572 64.93 6.25 -21.87
N GLN K 573 65.83 7.11 -21.42
CA GLN K 573 67.02 7.40 -22.18
C GLN K 573 68.12 6.51 -21.68
N SER K 574 67.91 5.22 -21.87
CA SER K 574 68.90 4.27 -21.46
C SER K 574 69.61 3.66 -22.63
N LEU K 575 70.86 3.37 -22.37
CA LEU K 575 71.71 2.77 -23.36
C LEU K 575 72.12 1.36 -22.97
N ILE K 576 72.48 0.61 -23.99
CA ILE K 576 72.93 -0.74 -23.79
C ILE K 576 74.43 -0.86 -23.61
N LYS K 577 74.82 -1.78 -22.76
CA LYS K 577 76.20 -2.09 -22.50
C LYS K 577 76.30 -3.60 -22.44
N TYR K 578 77.54 -4.07 -22.43
CA TYR K 578 77.69 -5.51 -22.34
C TYR K 578 78.57 -5.99 -21.24
N ASP K 579 78.19 -7.14 -20.73
CA ASP K 579 79.01 -7.75 -19.74
C ASP K 579 79.97 -8.62 -20.54
N GLU K 580 80.98 -9.10 -19.83
CA GLU K 580 82.01 -9.96 -20.38
C GLU K 580 81.40 -11.19 -21.09
N ASN K 581 80.24 -11.62 -20.65
CA ASN K 581 79.62 -12.74 -21.30
C ASN K 581 78.85 -12.27 -22.53
N GLY K 582 79.17 -11.03 -22.93
CA GLY K 582 78.56 -10.39 -24.08
C GLY K 582 77.08 -10.19 -23.86
N ASN K 583 76.78 -9.94 -22.59
CA ASN K 583 75.42 -9.71 -22.20
C ASN K 583 75.17 -8.23 -22.11
N PRO K 584 74.07 -7.87 -22.74
CA PRO K 584 73.62 -6.51 -22.82
C PRO K 584 72.89 -6.10 -21.57
N TRP K 585 73.07 -4.86 -21.20
CA TRP K 585 72.36 -4.36 -20.06
C TRP K 585 72.18 -2.87 -20.14
N SER K 586 71.08 -2.42 -19.57
CA SER K 586 70.70 -1.03 -19.60
C SER K 586 71.50 -0.16 -18.67
N ALA K 587 72.12 0.83 -19.29
CA ALA K 587 72.98 1.76 -18.63
C ALA K 587 72.39 3.17 -18.54
N TYR K 588 72.91 3.88 -17.55
CA TYR K 588 72.52 5.23 -17.31
C TYR K 588 73.65 6.15 -16.90
N GLY K 589 73.30 7.31 -16.42
CA GLY K 589 74.28 8.29 -16.01
C GLY K 589 75.40 7.67 -15.21
N GLY K 590 76.62 8.04 -15.61
CA GLY K 590 77.86 7.60 -14.97
C GLY K 590 78.34 6.23 -15.42
N ASP K 591 77.49 5.50 -16.13
CA ASP K 591 77.81 4.17 -16.59
C ASP K 591 78.92 4.12 -17.64
N PHE K 592 79.36 5.28 -18.12
CA PHE K 592 80.43 5.35 -19.10
C PHE K 592 81.57 6.10 -18.50
N GLY K 593 81.56 6.18 -17.19
CA GLY K 593 82.58 6.91 -16.49
C GLY K 593 82.41 8.39 -16.75
N ASP K 594 81.27 8.70 -17.40
CA ASP K 594 80.91 10.06 -17.73
C ASP K 594 80.74 10.84 -16.47
N THR K 595 81.42 11.95 -16.42
CA THR K 595 81.37 12.84 -15.29
C THR K 595 81.45 14.27 -15.75
N PRO K 596 80.62 15.13 -15.14
CA PRO K 596 79.74 14.70 -14.05
C PRO K 596 78.47 14.06 -14.64
N ASN K 597 77.65 13.47 -13.80
CA ASN K 597 76.46 12.88 -14.38
C ASN K 597 75.28 12.93 -13.44
N ASP K 598 74.11 12.64 -14.02
CA ASP K 598 72.85 12.67 -13.30
C ASP K 598 72.13 11.32 -13.16
N ARG K 599 72.91 10.28 -13.00
CA ARG K 599 72.39 8.93 -12.79
C ARG K 599 71.16 8.56 -13.62
N GLN K 600 70.13 8.07 -12.91
CA GLN K 600 68.86 7.62 -13.47
C GLN K 600 67.97 8.72 -14.03
N PHE K 601 68.34 9.96 -13.74
CA PHE K 601 67.54 11.04 -14.23
C PHE K 601 67.19 10.98 -15.68
N CYS K 602 67.98 10.29 -16.47
CA CYS K 602 67.70 10.16 -17.88
C CYS K 602 66.57 9.15 -18.10
N MET K 603 66.09 8.57 -17.00
CA MET K 603 65.02 7.59 -17.15
C MET K 603 63.66 8.01 -16.60
N ASN K 604 62.81 8.53 -17.50
CA ASN K 604 61.51 8.99 -17.05
C ASN K 604 60.39 8.62 -17.98
N GLY K 605 60.56 7.59 -18.78
CA GLY K 605 59.55 7.26 -19.74
C GLY K 605 58.46 6.37 -19.27
N LEU K 606 57.47 6.32 -20.15
CA LEU K 606 56.33 5.47 -19.95
C LEU K 606 56.65 4.09 -20.50
N VAL K 607 57.69 4.06 -21.32
CA VAL K 607 58.16 2.83 -21.87
C VAL K 607 59.64 2.74 -21.74
N PHE K 608 60.03 1.50 -21.79
CA PHE K 608 61.41 1.15 -21.74
C PHE K 608 61.99 1.48 -23.11
N ALA K 609 63.30 1.72 -23.14
CA ALA K 609 63.93 2.06 -24.40
C ALA K 609 63.56 1.11 -25.53
N ASP K 610 63.37 -0.17 -25.19
CA ASP K 610 63.00 -1.16 -26.20
C ASP K 610 61.59 -0.96 -26.62
N ARG K 611 60.98 0.01 -25.97
CA ARG K 611 59.61 0.31 -26.21
C ARG K 611 58.69 -0.68 -25.56
N THR K 612 59.10 -1.05 -24.37
CA THR K 612 58.23 -1.88 -23.63
C THR K 612 57.78 -1.05 -22.49
N PRO K 613 56.49 -1.09 -22.41
CA PRO K 613 55.69 -0.37 -21.48
C PRO K 613 56.06 -0.59 -20.05
N HIS K 614 55.88 0.48 -19.32
CA HIS K 614 55.96 0.48 -17.91
C HIS K 614 54.49 0.32 -17.54
N PRO K 615 54.25 -0.08 -16.33
CA PRO K 615 52.85 -0.26 -15.97
C PRO K 615 52.06 1.06 -16.03
N ALA K 616 52.74 2.14 -15.70
CA ALA K 616 52.09 3.43 -15.69
C ALA K 616 51.32 3.74 -16.97
N LEU K 617 51.87 3.27 -18.06
CA LEU K 617 51.27 3.53 -19.33
C LEU K 617 49.78 3.27 -19.33
N THR K 618 49.45 2.24 -18.63
CA THR K 618 48.08 1.84 -18.57
C THR K 618 47.18 2.84 -17.90
N GLU K 619 47.67 3.33 -16.77
CA GLU K 619 46.91 4.31 -16.06
C GLU K 619 46.64 5.43 -17.06
N ALA K 620 47.69 5.77 -17.79
CA ALA K 620 47.51 6.84 -18.76
C ALA K 620 46.42 6.53 -19.77
N LYS K 621 46.57 5.39 -20.36
CA LYS K 621 45.61 5.02 -21.36
C LYS K 621 44.20 5.13 -20.84
N HIS K 622 44.01 4.62 -19.66
CA HIS K 622 42.69 4.64 -19.06
C HIS K 622 42.16 6.04 -18.84
N GLN K 623 42.96 6.86 -18.15
CA GLN K 623 42.56 8.23 -17.87
C GLN K 623 42.33 9.03 -19.14
N GLN K 624 42.96 8.65 -20.23
CA GLN K 624 42.82 9.41 -21.45
C GLN K 624 41.76 8.89 -22.37
N GLN K 625 41.04 7.87 -21.96
CA GLN K 625 40.06 7.36 -22.88
C GLN K 625 39.12 8.39 -23.43
N PHE K 626 38.64 8.12 -24.62
CA PHE K 626 37.75 9.02 -25.29
C PHE K 626 36.31 8.79 -24.95
N PHE K 627 36.03 7.79 -24.14
CA PHE K 627 34.64 7.57 -23.79
C PHE K 627 34.47 7.57 -22.33
N GLN K 628 33.39 8.17 -21.88
CA GLN K 628 33.12 8.21 -20.47
C GLN K 628 31.76 7.63 -20.17
N PHE K 629 31.74 6.88 -19.08
CA PHE K 629 30.56 6.19 -18.63
C PHE K 629 29.97 6.60 -17.32
N ARG K 630 28.67 6.47 -17.29
CA ARG K 630 27.87 6.73 -16.14
C ARG K 630 26.91 5.61 -16.02
N LEU K 631 26.74 5.22 -14.79
CA LEU K 631 25.84 4.14 -14.54
C LEU K 631 24.68 4.59 -13.72
N SER K 632 23.51 4.32 -14.22
CA SER K 632 22.33 4.66 -13.48
C SER K 632 21.32 3.55 -13.51
N GLY K 633 21.24 2.88 -12.39
CA GLY K 633 20.35 1.76 -12.34
C GLY K 633 20.76 0.73 -13.36
N GLN K 634 19.96 0.53 -14.41
CA GLN K 634 20.32 -0.47 -15.38
C GLN K 634 20.81 0.17 -16.63
N THR K 635 21.01 1.47 -16.53
CA THR K 635 21.43 2.19 -17.67
C THR K 635 22.82 2.71 -17.66
N ILE K 636 23.44 2.48 -18.78
CA ILE K 636 24.72 3.03 -18.92
C ILE K 636 24.69 4.20 -19.82
N GLU K 637 25.25 5.29 -19.32
CA GLU K 637 25.34 6.46 -20.11
C GLU K 637 26.73 6.61 -20.68
N VAL K 638 26.79 6.80 -22.00
CA VAL K 638 28.06 6.91 -22.63
C VAL K 638 28.25 8.25 -23.22
N THR K 639 29.44 8.79 -23.00
CA THR K 639 29.74 10.08 -23.52
C THR K 639 31.01 10.05 -24.32
N SER K 640 30.93 10.72 -25.48
CA SER K 640 32.00 10.80 -26.44
C SER K 640 32.82 12.04 -26.26
N GLU K 641 34.13 11.84 -26.18
CA GLU K 641 35.05 12.93 -26.08
C GLU K 641 35.68 13.16 -27.43
N TYR K 642 35.07 12.60 -28.46
CA TYR K 642 35.59 12.86 -29.79
C TYR K 642 34.96 14.16 -30.24
N LEU K 643 35.70 14.98 -30.96
CA LEU K 643 35.17 16.26 -31.40
C LEU K 643 34.67 16.14 -32.78
N PHE K 644 35.27 15.23 -33.51
CA PHE K 644 34.93 15.10 -34.90
C PHE K 644 34.40 13.77 -35.34
N ARG K 645 34.77 12.67 -34.74
CA ARG K 645 34.21 11.45 -35.30
C ARG K 645 33.05 10.85 -34.63
N HIS K 646 32.49 9.90 -35.34
CA HIS K 646 31.37 9.20 -34.81
C HIS K 646 31.86 7.82 -34.38
N SER K 647 31.23 7.19 -33.39
CA SER K 647 31.67 5.88 -32.90
C SER K 647 31.50 4.82 -33.95
N ASP K 648 32.19 4.98 -35.03
CA ASP K 648 32.02 4.04 -36.10
C ASP K 648 32.87 2.79 -36.12
N ASN K 649 33.57 2.50 -35.04
CA ASN K 649 34.34 1.27 -35.00
C ASN K 649 34.35 0.86 -33.57
N GLU K 650 33.15 0.93 -33.01
CA GLU K 650 33.02 0.66 -31.62
C GLU K 650 31.96 -0.30 -31.13
N LEU K 651 32.50 -1.25 -30.39
CA LEU K 651 31.73 -2.24 -29.74
C LEU K 651 31.85 -2.18 -28.24
N LEU K 652 30.71 -2.21 -27.62
CA LEU K 652 30.73 -2.19 -26.20
C LEU K 652 30.41 -3.54 -25.59
N HIS K 653 31.38 -4.12 -24.91
CA HIS K 653 31.15 -5.38 -24.27
C HIS K 653 30.93 -5.18 -22.81
N TRP K 654 29.91 -5.81 -22.28
CA TRP K 654 29.72 -5.66 -20.86
C TRP K 654 29.62 -7.00 -20.23
N MET K 655 29.74 -7.03 -18.93
CA MET K 655 29.64 -8.29 -18.27
C MET K 655 29.65 -8.22 -16.75
N VAL K 656 28.90 -9.16 -16.17
CA VAL K 656 28.72 -9.26 -14.77
C VAL K 656 29.30 -10.48 -14.12
N ALA K 657 29.94 -10.27 -12.97
CA ALA K 657 30.54 -11.37 -12.26
C ALA K 657 30.48 -11.21 -10.77
N LEU K 658 30.44 -12.37 -10.14
CA LEU K 658 30.36 -12.48 -8.74
C LEU K 658 31.67 -12.95 -8.27
N ASP K 659 32.36 -12.13 -7.52
CA ASP K 659 33.68 -12.53 -7.09
C ASP K 659 34.47 -13.21 -8.20
N GLY K 660 34.35 -12.71 -9.42
CA GLY K 660 35.14 -13.33 -10.46
C GLY K 660 34.35 -14.32 -11.28
N LYS K 661 33.17 -14.67 -10.80
CA LYS K 661 32.39 -15.60 -11.57
C LYS K 661 31.39 -14.85 -12.37
N PRO K 662 31.63 -15.00 -13.64
CA PRO K 662 30.88 -14.40 -14.70
C PRO K 662 29.50 -14.96 -14.72
N LEU K 663 28.53 -14.10 -14.77
CA LEU K 663 27.18 -14.54 -14.78
C LEU K 663 26.45 -14.09 -16.01
N ALA K 664 26.98 -13.06 -16.68
CA ALA K 664 26.33 -12.53 -17.86
C ALA K 664 27.25 -11.60 -18.60
N SER K 665 27.11 -11.64 -19.92
CA SER K 665 27.89 -10.83 -20.83
C SER K 665 26.96 -10.30 -21.86
N GLY K 666 27.41 -9.25 -22.52
CA GLY K 666 26.63 -8.61 -23.55
C GLY K 666 27.50 -7.84 -24.48
N GLU K 667 26.95 -7.56 -25.64
CA GLU K 667 27.66 -6.83 -26.64
C GLU K 667 26.80 -5.76 -27.24
N VAL K 668 27.27 -4.54 -27.22
CA VAL K 668 26.50 -3.51 -27.83
C VAL K 668 27.33 -2.52 -28.58
N PRO K 669 26.90 -2.37 -29.79
CA PRO K 669 27.46 -1.46 -30.74
C PRO K 669 27.15 -0.04 -30.35
N LEU K 670 28.20 0.77 -30.42
CA LEU K 670 28.11 2.16 -30.09
C LEU K 670 27.72 3.04 -31.25
N ASP K 671 26.92 4.01 -30.91
CA ASP K 671 26.47 4.97 -31.88
C ASP K 671 26.47 6.33 -31.25
N VAL K 672 27.62 6.97 -31.18
CA VAL K 672 27.69 8.27 -30.57
C VAL K 672 28.39 9.30 -31.37
N ALA K 673 27.71 10.41 -31.44
CA ALA K 673 28.27 11.53 -32.13
C ALA K 673 29.29 12.21 -31.27
N PRO K 674 30.28 12.78 -31.92
CA PRO K 674 31.28 13.49 -31.21
C PRO K 674 30.54 14.34 -30.21
N GLN K 675 31.05 14.30 -28.99
CA GLN K 675 30.48 15.03 -27.90
C GLN K 675 29.07 14.66 -27.55
N GLY K 676 28.62 13.51 -28.00
CA GLY K 676 27.27 13.12 -27.67
C GLY K 676 27.21 12.04 -26.60
N LYS K 677 25.98 11.70 -26.27
CA LYS K 677 25.66 10.69 -25.28
C LYS K 677 24.87 9.54 -25.87
N GLN K 678 25.06 8.35 -25.34
CA GLN K 678 24.32 7.19 -25.76
C GLN K 678 23.87 6.46 -24.51
N LEU K 679 22.60 6.08 -24.54
CA LEU K 679 22.02 5.37 -23.42
C LEU K 679 21.98 3.90 -23.60
N ILE K 680 22.41 3.22 -22.57
CA ILE K 680 22.41 1.83 -22.73
C ILE K 680 21.66 1.10 -21.71
N GLU K 681 20.64 0.48 -22.26
CA GLU K 681 19.70 -0.28 -21.49
C GLU K 681 20.10 -1.69 -21.20
N LEU K 682 20.16 -1.95 -19.92
CA LEU K 682 20.55 -3.27 -19.53
C LEU K 682 19.41 -4.21 -19.31
N PRO K 683 19.64 -5.37 -19.84
CA PRO K 683 18.74 -6.49 -19.68
C PRO K 683 18.72 -6.76 -18.21
N GLU K 684 17.66 -7.38 -17.75
CA GLU K 684 17.56 -7.66 -16.35
C GLU K 684 18.75 -8.42 -15.83
N LEU K 685 19.24 -7.87 -14.74
CA LEU K 685 20.40 -8.42 -14.12
C LEU K 685 20.08 -9.45 -13.11
N PRO K 686 21.02 -10.36 -13.06
CA PRO K 686 21.02 -11.49 -12.18
C PRO K 686 21.15 -11.07 -10.73
N GLN K 687 20.44 -11.79 -9.86
CA GLN K 687 20.48 -11.50 -8.45
C GLN K 687 20.83 -12.71 -7.63
N PRO K 688 22.09 -13.06 -7.75
CA PRO K 688 22.70 -14.17 -7.05
C PRO K 688 22.39 -14.14 -5.57
N GLU K 689 22.37 -15.32 -5.00
CA GLU K 689 22.09 -15.45 -3.60
C GLU K 689 23.34 -15.46 -2.79
N SER K 690 24.25 -16.26 -3.33
CA SER K 690 25.57 -16.49 -2.82
C SER K 690 26.20 -15.21 -2.32
N ALA K 691 27.10 -15.35 -1.40
CA ALA K 691 27.73 -14.17 -0.88
C ALA K 691 28.83 -13.75 -1.80
N GLY K 692 29.10 -12.45 -1.75
CA GLY K 692 30.15 -11.89 -2.58
C GLY K 692 29.79 -10.53 -3.15
N GLN K 693 30.75 -10.01 -3.92
CA GLN K 693 30.67 -8.73 -4.58
C GLN K 693 30.30 -8.91 -6.03
N LEU K 694 29.30 -8.18 -6.39
CA LEU K 694 28.83 -8.20 -7.73
C LEU K 694 29.36 -7.02 -8.50
N TRP K 695 30.03 -7.29 -9.60
CA TRP K 695 30.60 -6.20 -10.34
C TRP K 695 30.31 -6.18 -11.82
N LEU K 696 30.10 -4.95 -12.28
CA LEU K 696 29.84 -4.74 -13.67
C LEU K 696 31.04 -4.17 -14.39
N THR K 697 31.33 -4.74 -15.54
CA THR K 697 32.42 -4.23 -16.31
C THR K 697 32.14 -4.05 -17.78
N VAL K 698 32.54 -2.88 -18.29
CA VAL K 698 32.41 -2.57 -19.71
C VAL K 698 33.75 -2.31 -20.37
N ARG K 699 33.78 -2.69 -21.63
CA ARG K 699 34.94 -2.52 -22.43
C ARG K 699 34.56 -2.04 -23.80
N VAL K 700 35.46 -1.31 -24.42
CA VAL K 700 35.21 -0.83 -25.73
C VAL K 700 36.17 -1.41 -26.73
N VAL K 701 35.53 -2.00 -27.73
CA VAL K 701 36.32 -2.63 -28.74
C VAL K 701 36.14 -2.17 -30.14
N GLN K 702 37.30 -2.22 -30.79
CA GLN K 702 37.45 -1.88 -32.17
C GLN K 702 37.56 -3.13 -32.98
N PRO K 703 36.40 -3.50 -33.47
CA PRO K 703 36.20 -4.65 -34.29
C PRO K 703 37.13 -4.68 -35.46
N ASN K 704 37.18 -3.58 -36.22
CA ASN K 704 38.06 -3.54 -37.37
C ASN K 704 39.39 -2.90 -37.12
N ALA K 705 40.43 -3.40 -37.76
CA ALA K 705 41.71 -2.77 -37.53
C ALA K 705 41.76 -1.42 -38.17
N THR K 706 42.77 -0.66 -37.77
CA THR K 706 42.98 0.67 -38.28
C THR K 706 44.40 0.78 -38.64
N ALA K 707 44.74 1.94 -39.12
CA ALA K 707 46.09 2.13 -39.50
C ALA K 707 47.00 2.07 -38.33
N TRP K 708 46.45 2.24 -37.14
CA TRP K 708 47.35 2.24 -36.01
C TRP K 708 46.96 1.25 -34.99
N SER K 709 45.95 0.46 -35.31
CA SER K 709 45.49 -0.53 -34.38
C SER K 709 44.95 -1.76 -35.06
N GLU K 710 45.12 -2.86 -34.35
CA GLU K 710 44.66 -4.17 -34.76
C GLU K 710 43.19 -4.34 -34.56
N ALA K 711 42.68 -5.40 -35.13
CA ALA K 711 41.27 -5.56 -34.88
C ALA K 711 41.10 -6.09 -33.47
N GLY K 712 39.97 -5.76 -32.88
CA GLY K 712 39.74 -6.18 -31.52
C GLY K 712 40.51 -5.38 -30.47
N HIS K 713 40.89 -4.17 -30.82
CA HIS K 713 41.61 -3.37 -29.88
C HIS K 713 40.68 -2.82 -28.81
N ILE K 714 41.20 -2.81 -27.58
CA ILE K 714 40.43 -2.26 -26.48
C ILE K 714 40.79 -0.81 -26.29
N SER K 715 39.82 0.05 -26.40
CA SER K 715 40.12 1.45 -26.28
C SER K 715 39.68 2.07 -25.00
N ALA K 716 38.77 1.42 -24.31
CA ALA K 716 38.32 2.01 -23.09
C ALA K 716 37.60 1.03 -22.21
N TRP K 717 37.65 1.28 -20.93
CA TRP K 717 36.93 0.44 -20.06
C TRP K 717 36.53 1.14 -18.81
N GLN K 718 35.64 0.49 -18.09
CA GLN K 718 35.18 1.04 -16.85
C GLN K 718 34.42 0.01 -16.06
N GLN K 719 34.53 0.08 -14.75
CA GLN K 719 33.81 -0.92 -14.00
C GLN K 719 33.06 -0.40 -12.77
N TRP K 720 32.03 -1.11 -12.34
CA TRP K 720 31.30 -0.69 -11.17
C TRP K 720 30.92 -1.83 -10.24
N ARG K 721 30.77 -1.51 -8.96
CA ARG K 721 30.39 -2.56 -8.04
C ARG K 721 28.91 -2.52 -7.84
N LEU K 722 28.23 -3.54 -8.28
CA LEU K 722 26.80 -3.52 -8.17
C LEU K 722 26.25 -3.80 -6.83
N ALA K 723 26.67 -4.87 -6.25
CA ALA K 723 26.13 -5.18 -4.94
C ALA K 723 27.09 -5.98 -4.14
N GLU K 724 26.60 -6.23 -2.94
CA GLU K 724 27.34 -7.01 -1.99
C GLU K 724 26.43 -7.86 -1.15
N ASN K 725 26.83 -9.08 -1.00
CA ASN K 725 26.08 -9.99 -0.18
C ASN K 725 26.98 -10.40 0.93
N LEU K 726 26.78 -9.80 2.08
CA LEU K 726 27.59 -10.12 3.23
C LEU K 726 27.39 -11.57 3.64
N SER K 727 28.50 -12.22 3.99
CA SER K 727 28.40 -13.62 4.41
C SER K 727 28.09 -13.78 5.86
N VAL K 728 26.97 -14.41 6.10
CA VAL K 728 26.53 -14.63 7.44
C VAL K 728 26.72 -16.06 7.84
N THR K 729 27.57 -16.75 7.14
CA THR K 729 27.68 -18.10 7.53
C THR K 729 28.77 -18.40 8.50
N LEU K 730 28.56 -19.55 9.07
CA LEU K 730 29.43 -20.10 10.04
C LEU K 730 30.09 -21.35 9.56
N PRO K 731 31.32 -21.38 9.98
CA PRO K 731 32.23 -22.47 9.76
C PRO K 731 31.67 -23.66 10.50
N ALA K 732 31.56 -24.77 9.78
CA ALA K 732 31.05 -25.95 10.41
C ALA K 732 32.05 -26.44 11.47
N ALA K 733 31.54 -27.24 12.39
CA ALA K 733 32.37 -27.78 13.44
C ALA K 733 33.49 -28.64 12.92
N SER K 734 34.54 -28.68 13.74
CA SER K 734 35.71 -29.44 13.49
C SER K 734 35.65 -30.59 14.47
N HIS K 735 36.23 -31.71 14.10
CA HIS K 735 36.16 -32.84 14.98
C HIS K 735 37.30 -32.86 15.96
N ALA K 736 38.15 -31.87 15.83
CA ALA K 736 39.28 -31.84 16.71
C ALA K 736 39.79 -30.46 16.86
N ILE K 737 40.75 -30.34 17.72
CA ILE K 737 41.31 -29.05 17.91
C ILE K 737 42.79 -29.13 18.09
N PRO K 738 43.43 -28.09 17.63
CA PRO K 738 44.84 -28.02 17.66
C PRO K 738 45.37 -28.36 19.03
N HIS K 739 46.56 -28.84 19.01
CA HIS K 739 47.15 -29.23 20.22
C HIS K 739 48.40 -28.43 20.51
N LEU K 740 48.29 -27.67 21.58
CA LEU K 740 49.36 -26.79 22.01
C LEU K 740 50.45 -27.49 22.75
N THR K 741 51.63 -26.94 22.77
CA THR K 741 52.74 -27.58 23.45
C THR K 741 53.80 -26.58 23.77
N THR K 742 53.96 -26.32 25.05
CA THR K 742 54.94 -25.35 25.42
C THR K 742 56.31 -25.94 25.47
N SER K 743 57.28 -25.07 25.56
CA SER K 743 58.69 -25.38 25.62
C SER K 743 59.36 -24.12 26.11
N GLU K 744 60.64 -24.12 26.25
CA GLU K 744 61.20 -22.89 26.72
C GLU K 744 61.32 -21.88 25.63
N MET K 745 61.68 -22.43 24.49
CA MET K 745 61.94 -21.71 23.29
C MET K 745 60.72 -21.44 22.52
N ASP K 746 59.71 -22.25 22.74
CA ASP K 746 58.59 -21.93 21.92
C ASP K 746 57.33 -22.61 22.27
N PHE K 747 56.40 -22.39 21.37
CA PHE K 747 55.09 -22.94 21.47
C PHE K 747 54.81 -23.78 20.25
N CME K 748 54.21 -24.97 20.45
CA CME K 748 53.91 -25.82 19.32
CB CME K 748 54.66 -27.11 19.20
SG CME K 748 56.08 -26.72 18.21
SD CME K 748 55.94 -27.67 16.51
CE CME K 748 57.72 -27.65 16.19
CZ CME K 748 58.27 -29.02 15.74
OH CME K 748 59.44 -29.34 16.49
C CME K 748 52.52 -26.12 19.08
O CME K 748 51.82 -26.74 19.87
N ILE K 749 52.12 -25.75 17.91
CA ILE K 749 50.76 -26.05 17.59
C ILE K 749 50.74 -27.10 16.55
N GLU K 750 49.98 -28.13 16.85
CA GLU K 750 49.88 -29.21 15.95
C GLU K 750 48.46 -29.55 15.64
N LEU K 751 48.28 -30.04 14.43
CA LEU K 751 46.99 -30.46 13.97
C LEU K 751 47.15 -31.28 12.73
N GLY K 752 47.16 -32.59 12.89
CA GLY K 752 47.35 -33.44 11.75
C GLY K 752 48.79 -33.31 11.32
N ASN K 753 48.96 -33.25 10.00
CA ASN K 753 50.27 -33.08 9.40
C ASN K 753 50.76 -31.65 9.60
N LYS K 754 49.81 -30.76 9.88
CA LYS K 754 50.15 -29.38 10.07
C LYS K 754 50.72 -29.05 11.45
N ARG K 755 51.72 -28.19 11.42
CA ARG K 755 52.40 -27.74 12.61
C ARG K 755 52.88 -26.29 12.46
N TRP K 756 52.77 -25.55 13.55
CA TRP K 756 53.18 -24.16 13.57
C TRP K 756 54.05 -23.87 14.75
N GLN K 757 55.10 -23.14 14.56
CA GLN K 757 55.87 -22.83 15.72
C GLN K 757 56.18 -21.36 15.96
N PHE K 758 56.01 -20.92 17.20
CA PHE K 758 56.30 -19.54 17.52
C PHE K 758 57.46 -19.41 18.45
N ASN K 759 58.50 -18.72 18.02
CA ASN K 759 59.65 -18.56 18.88
C ASN K 759 59.32 -17.63 20.02
N ARG K 760 59.60 -18.11 21.21
CA ARG K 760 59.30 -17.35 22.39
C ARG K 760 60.22 -16.21 22.66
N GLN K 761 61.36 -16.17 22.01
CA GLN K 761 62.18 -15.04 22.34
C GLN K 761 61.85 -13.89 21.45
N SER K 762 61.59 -14.19 20.19
CA SER K 762 61.32 -13.19 19.20
C SER K 762 59.88 -12.84 19.16
N GLY K 763 59.08 -13.78 19.56
CA GLY K 763 57.67 -13.54 19.48
C GLY K 763 57.13 -13.71 18.06
N PHE K 764 57.85 -14.33 17.14
CA PHE K 764 57.26 -14.49 15.84
C PHE K 764 57.00 -15.89 15.48
N LEU K 765 56.14 -16.04 14.49
CA LEU K 765 55.85 -17.33 13.96
C LEU K 765 57.09 -17.65 13.16
N SER K 766 57.90 -18.54 13.70
CA SER K 766 59.19 -18.93 13.12
C SER K 766 59.17 -19.99 12.05
N GLN K 767 58.26 -20.93 12.15
CA GLN K 767 58.27 -21.95 11.12
C GLN K 767 56.97 -22.65 11.11
N MET K 768 56.72 -23.31 10.03
CA MET K 768 55.54 -24.06 9.94
C MET K 768 55.76 -25.17 8.96
N TRP K 769 55.10 -26.29 9.21
CA TRP K 769 55.27 -27.46 8.37
C TRP K 769 54.01 -28.02 7.88
N ILE K 770 54.14 -28.64 6.76
CA ILE K 770 53.08 -29.41 6.21
C ILE K 770 53.73 -30.71 5.97
N GLY K 771 53.33 -31.67 6.77
CA GLY K 771 54.01 -32.92 6.70
C GLY K 771 55.37 -32.65 7.33
N ASP K 772 56.39 -33.05 6.64
CA ASP K 772 57.75 -32.89 7.11
C ASP K 772 58.42 -31.74 6.39
N LYS K 773 57.62 -30.99 5.65
CA LYS K 773 58.14 -29.88 4.90
C LYS K 773 58.02 -28.56 5.60
N LYS K 774 59.18 -27.95 5.80
CA LYS K 774 59.22 -26.65 6.41
C LYS K 774 58.66 -25.69 5.37
N GLN K 775 58.01 -24.62 5.78
CA GLN K 775 57.43 -23.77 4.78
C GLN K 775 58.05 -22.43 4.65
N LEU K 776 58.81 -22.03 5.66
CA LEU K 776 59.38 -20.71 5.56
C LEU K 776 60.85 -20.69 5.71
N LEU K 777 61.48 -19.82 4.95
CA LEU K 777 62.90 -19.64 5.10
C LEU K 777 63.14 -18.50 6.06
N THR K 778 62.11 -17.73 6.29
CA THR K 778 62.20 -16.59 7.17
C THR K 778 60.93 -16.44 7.94
N PRO K 779 61.05 -15.97 9.17
CA PRO K 779 59.91 -15.76 10.03
C PRO K 779 58.99 -14.63 9.56
N LEU K 780 57.74 -14.76 9.93
CA LEU K 780 56.73 -13.82 9.55
C LEU K 780 56.84 -12.58 10.39
N ARG K 781 57.08 -11.46 9.74
CA ARG K 781 57.16 -10.26 10.53
C ARG K 781 56.65 -8.97 9.97
N ASP K 782 56.48 -8.08 10.94
CA ASP K 782 55.97 -6.77 10.68
C ASP K 782 56.94 -6.05 9.80
N GLN K 783 56.41 -5.23 8.94
CA GLN K 783 57.29 -4.48 8.10
C GLN K 783 56.74 -3.10 7.92
N PHE K 784 57.60 -2.12 8.10
CA PHE K 784 57.15 -0.75 7.98
C PHE K 784 57.80 0.06 6.88
N THR K 785 58.75 -0.51 6.17
CA THR K 785 59.43 0.26 5.16
C THR K 785 59.29 -0.31 3.76
N ARG K 786 59.90 0.44 2.82
CA ARG K 786 59.96 -0.02 1.46
C ARG K 786 61.29 0.34 0.81
N ALA K 787 61.63 -0.41 -0.24
CA ALA K 787 62.81 -0.13 -1.03
C ALA K 787 62.40 1.08 -1.83
N PRO K 788 62.96 2.21 -1.41
CA PRO K 788 62.70 3.52 -1.94
C PRO K 788 62.49 3.62 -3.41
N LEU K 789 61.46 4.37 -3.76
CA LEU K 789 61.21 4.63 -5.14
C LEU K 789 62.04 5.82 -5.54
N ASP K 790 62.11 6.00 -6.84
CA ASP K 790 62.85 7.13 -7.33
C ASP K 790 62.30 8.37 -6.67
N ASN K 791 60.97 8.43 -6.67
CA ASN K 791 60.27 9.53 -6.04
C ASN K 791 60.60 9.62 -4.53
N ASP K 792 60.84 8.50 -3.88
CA ASP K 792 61.15 8.58 -2.46
C ASP K 792 62.50 9.22 -2.20
N ILE K 793 63.34 9.14 -3.23
CA ILE K 793 64.70 9.63 -3.15
C ILE K 793 64.91 11.03 -3.66
N GLY K 794 64.32 11.30 -4.81
CA GLY K 794 64.43 12.60 -5.42
C GLY K 794 65.85 12.87 -5.84
N VAL K 795 66.41 13.92 -5.28
CA VAL K 795 67.76 14.22 -5.68
C VAL K 795 68.75 14.06 -4.56
N SER K 796 68.33 13.35 -3.55
CA SER K 796 69.24 13.14 -2.46
C SER K 796 70.41 12.29 -2.93
N GLU K 797 71.58 12.75 -2.52
CA GLU K 797 72.82 12.10 -2.85
C GLU K 797 73.62 11.92 -1.61
N ALA K 798 74.41 10.86 -1.64
CA ALA K 798 75.28 10.52 -0.53
C ALA K 798 76.10 11.73 -0.09
N THR K 799 76.67 12.37 -1.10
CA THR K 799 77.46 13.56 -0.93
C THR K 799 76.59 14.73 -0.49
N ARG K 800 75.50 14.90 -1.25
CA ARG K 800 74.56 15.96 -1.05
C ARG K 800 73.17 15.47 -0.78
N ILE K 801 72.95 15.25 0.49
CA ILE K 801 71.69 14.77 1.01
C ILE K 801 70.58 15.81 1.01
N ASP K 802 69.36 15.35 0.70
CA ASP K 802 68.17 16.19 0.72
C ASP K 802 67.23 15.74 1.83
N PRO K 803 67.41 16.42 2.93
CA PRO K 803 66.70 16.25 4.16
C PRO K 803 65.19 16.15 4.01
N ASN K 804 64.62 16.67 2.94
CA ASN K 804 63.19 16.50 2.90
C ASN K 804 62.73 15.28 2.19
N ALA K 805 63.63 14.65 1.47
CA ALA K 805 63.23 13.44 0.82
C ALA K 805 62.74 12.42 1.83
N TRP K 806 61.68 11.74 1.44
CA TRP K 806 61.09 10.74 2.26
C TRP K 806 62.14 9.80 2.78
N VAL K 807 62.88 9.30 1.82
CA VAL K 807 63.91 8.37 2.20
C VAL K 807 64.81 8.92 3.28
N GLU K 808 65.15 10.17 3.08
CA GLU K 808 66.00 10.83 4.01
C GLU K 808 65.38 10.85 5.37
N ARG K 809 64.13 11.19 5.41
CA ARG K 809 63.46 11.24 6.69
C ARG K 809 63.31 9.90 7.37
N TRP K 810 62.97 8.93 6.55
CA TRP K 810 62.77 7.62 7.06
C TRP K 810 64.04 7.13 7.69
N LYS K 811 65.11 7.44 6.96
CA LYS K 811 66.43 7.02 7.39
C LYS K 811 66.74 7.67 8.70
N ALA K 812 66.65 8.96 8.67
CA ALA K 812 66.97 9.69 9.87
C ALA K 812 66.16 9.27 11.05
N ALA K 813 64.93 8.83 10.78
CA ALA K 813 64.07 8.43 11.87
C ALA K 813 64.45 7.07 12.40
N GLY K 814 65.23 6.34 11.64
CA GLY K 814 65.64 5.04 12.09
C GLY K 814 64.65 4.00 11.66
N HIS K 815 63.74 4.38 10.78
CA HIS K 815 62.77 3.40 10.35
C HIS K 815 63.44 2.18 9.80
N TYR K 816 64.46 2.42 9.02
CA TYR K 816 65.15 1.33 8.38
C TYR K 816 65.94 0.51 9.34
N GLN K 817 66.11 0.98 10.56
CA GLN K 817 66.90 0.14 11.41
C GLN K 817 66.42 0.03 12.84
N ALA K 818 65.13 0.14 13.01
CA ALA K 818 64.62 0.04 14.34
C ALA K 818 64.62 -1.39 14.73
N GLU K 819 64.69 -1.53 16.02
CA GLU K 819 64.75 -2.79 16.69
C GLU K 819 63.46 -3.15 17.36
N ALA K 820 62.97 -4.31 16.98
CA ALA K 820 61.77 -4.81 17.61
C ALA K 820 62.04 -5.32 19.03
N ALA K 821 61.08 -5.18 19.90
CA ALA K 821 61.20 -5.64 21.27
C ALA K 821 59.94 -6.35 21.74
N LEU K 822 60.09 -7.60 22.17
CA LEU K 822 58.92 -8.30 22.63
C LEU K 822 58.40 -7.67 23.91
N LEU K 823 57.16 -7.33 23.87
CA LEU K 823 56.56 -6.78 25.04
C LEU K 823 55.79 -7.86 25.70
N GLN K 824 55.28 -8.77 24.88
CA GLN K 824 54.49 -9.84 25.42
C GLN K 824 54.12 -10.87 24.41
N CYS K 825 54.02 -12.11 24.90
CA CYS K 825 53.72 -13.24 24.05
C CYS K 825 53.05 -14.31 24.85
N THR K 826 51.80 -14.62 24.53
CA THR K 826 51.11 -15.62 25.29
C THR K 826 50.30 -16.56 24.44
N ALA K 827 50.09 -17.72 25.06
CA ALA K 827 49.34 -18.79 24.45
C ALA K 827 48.23 -19.24 25.33
N ASP K 828 47.14 -19.66 24.70
CA ASP K 828 45.99 -20.06 25.45
C ASP K 828 45.14 -21.02 24.68
N THR K 829 44.53 -21.91 25.43
CA THR K 829 43.68 -22.91 24.81
C THR K 829 42.24 -22.65 25.05
N LEU K 830 41.57 -22.51 23.94
CA LEU K 830 40.18 -22.26 23.99
C LEU K 830 39.47 -23.52 23.66
N ALA K 831 38.17 -23.46 23.78
CA ALA K 831 37.41 -24.63 23.49
C ALA K 831 37.50 -25.06 22.07
N ASP K 832 37.70 -24.12 21.15
CA ASP K 832 37.69 -24.51 19.76
C ASP K 832 38.91 -24.17 19.00
N ALA K 833 39.88 -23.57 19.70
CA ALA K 833 41.10 -23.24 19.04
C ALA K 833 42.18 -22.85 20.01
N VAL K 834 43.30 -22.53 19.43
CA VAL K 834 44.42 -22.06 20.19
C VAL K 834 44.66 -20.60 19.86
N LEU K 835 44.98 -19.88 20.92
CA LEU K 835 45.15 -18.47 20.79
C LEU K 835 46.47 -17.96 21.24
N ILE K 836 47.11 -17.23 20.35
CA ILE K 836 48.37 -16.63 20.66
C ILE K 836 48.31 -15.14 20.60
N THR K 837 48.95 -14.51 21.57
CA THR K 837 48.98 -13.07 21.48
C THR K 837 50.35 -12.47 21.72
N THR K 838 50.65 -11.47 20.93
CA THR K 838 51.93 -10.81 21.03
C THR K 838 51.83 -9.31 21.01
N ALA K 839 52.94 -8.71 21.39
CA ALA K 839 53.04 -7.28 21.39
C ALA K 839 54.47 -6.91 21.29
N HIS K 840 54.79 -6.12 20.29
CA HIS K 840 56.15 -5.70 20.11
C HIS K 840 56.25 -4.22 19.99
N ALA K 841 57.47 -3.74 20.15
CA ALA K 841 57.69 -2.32 19.99
C ALA K 841 58.94 -2.06 19.16
N TRP K 842 58.85 -1.19 18.18
CA TRP K 842 60.06 -0.89 17.47
C TRP K 842 60.59 0.39 18.02
N GLN K 843 61.84 0.36 18.40
CA GLN K 843 62.41 1.56 18.92
C GLN K 843 63.69 1.94 18.27
N HIS K 844 64.03 3.17 18.54
CA HIS K 844 65.24 3.67 17.99
C HIS K 844 65.73 4.80 18.80
N GLN K 845 66.91 4.59 19.35
CA GLN K 845 67.48 5.58 20.20
C GLN K 845 66.55 6.04 21.27
N GLY K 846 65.91 5.07 21.91
CA GLY K 846 65.01 5.39 23.00
C GLY K 846 63.61 5.79 22.60
N LYS K 847 63.41 6.03 21.32
CA LYS K 847 62.07 6.39 20.95
C LYS K 847 61.33 5.20 20.41
N THR K 848 60.06 5.18 20.74
CA THR K 848 59.24 4.11 20.26
C THR K 848 58.49 4.57 19.02
N LEU K 849 58.78 3.95 17.88
CA LEU K 849 58.15 4.32 16.64
C LEU K 849 56.84 3.66 16.45
N PHE K 850 56.85 2.34 16.61
CA PHE K 850 55.63 1.61 16.43
C PHE K 850 55.38 0.59 17.47
N ILE K 851 54.12 0.24 17.52
CA ILE K 851 53.67 -0.79 18.39
C ILE K 851 52.76 -1.69 17.63
N SER K 852 53.11 -2.95 17.69
CA SER K 852 52.35 -3.94 16.99
C SER K 852 51.79 -4.99 17.93
N ARG K 853 50.47 -5.07 17.91
CA ARG K 853 49.79 -6.03 18.75
C ARG K 853 49.01 -7.01 17.92
N LYS K 854 49.30 -8.29 18.12
CA LYS K 854 48.59 -9.27 17.31
C LYS K 854 47.97 -10.40 18.09
N THR K 855 47.15 -11.13 17.36
CA THR K 855 46.52 -12.34 17.83
C THR K 855 46.48 -13.32 16.69
N TYR K 856 46.85 -14.53 17.06
CA TYR K 856 46.83 -15.59 16.11
C TYR K 856 45.92 -16.63 16.65
N ARG K 857 44.98 -17.01 15.81
CA ARG K 857 44.05 -17.98 16.27
C ARG K 857 43.84 -19.08 15.28
N ILE K 858 44.25 -20.26 15.74
CA ILE K 858 44.20 -21.48 14.97
C ILE K 858 43.16 -22.41 15.46
N ASP K 859 42.26 -22.73 14.55
CA ASP K 859 41.18 -23.61 14.89
C ASP K 859 41.38 -24.98 14.35
N GLY K 860 40.34 -25.75 14.62
CA GLY K 860 40.30 -27.13 14.21
C GLY K 860 40.15 -27.30 12.72
N SER K 861 39.90 -26.21 12.01
CA SER K 861 39.79 -26.38 10.59
C SER K 861 41.16 -26.21 9.98
N GLY K 862 42.12 -25.82 10.81
CA GLY K 862 43.48 -25.64 10.33
C GLY K 862 43.74 -24.25 9.75
N GLN K 863 42.87 -23.31 10.05
CA GLN K 863 43.10 -21.99 9.53
C GLN K 863 43.66 -21.10 10.59
N MET K 864 44.51 -20.23 10.14
CA MET K 864 45.09 -19.30 11.05
C MET K 864 44.64 -17.90 10.75
N ALA K 865 43.97 -17.33 11.73
CA ALA K 865 43.48 -16.00 11.59
C ALA K 865 44.38 -15.06 12.34
N ILE K 866 44.78 -14.05 11.63
CA ILE K 866 45.66 -13.09 12.19
C ILE K 866 45.04 -11.75 12.29
N THR K 867 45.37 -11.12 13.37
CA THR K 867 44.84 -9.84 13.62
C THR K 867 45.91 -8.90 14.08
N VAL K 868 45.96 -7.78 13.36
CA VAL K 868 46.96 -6.80 13.62
C VAL K 868 46.47 -5.43 13.88
N ASP K 869 47.00 -4.88 14.96
CA ASP K 869 46.70 -3.53 15.34
C ASP K 869 47.96 -2.79 15.66
N VAL K 870 48.18 -1.72 14.89
CA VAL K 870 49.36 -0.92 15.04
C VAL K 870 49.14 0.52 15.45
N GLU K 871 50.11 0.99 16.21
CA GLU K 871 50.13 2.35 16.66
C GLU K 871 51.39 2.96 16.14
N VAL K 872 51.26 4.16 15.59
CA VAL K 872 52.39 4.88 15.07
C VAL K 872 52.59 6.22 15.74
N ALA K 873 53.80 6.46 16.23
CA ALA K 873 54.01 7.75 16.86
C ALA K 873 53.67 8.87 15.93
N SER K 874 52.89 9.76 16.45
CA SER K 874 52.47 10.88 15.65
C SER K 874 53.65 11.71 15.24
N ASP K 875 54.73 11.63 15.98
CA ASP K 875 55.79 12.48 15.56
C ASP K 875 56.83 11.82 14.71
N THR K 876 56.53 10.65 14.23
CA THR K 876 57.48 10.07 13.34
C THR K 876 56.94 10.25 11.94
N PRO K 877 57.80 10.18 10.96
CA PRO K 877 57.37 10.33 9.59
C PRO K 877 56.48 9.19 9.18
N HIS K 878 55.45 9.51 8.44
CA HIS K 878 54.58 8.43 8.03
C HIS K 878 55.36 7.43 7.27
N PRO K 879 55.15 6.22 7.68
CA PRO K 879 55.79 5.04 7.15
C PRO K 879 55.26 4.70 5.79
N ALA K 880 56.14 4.12 5.01
CA ALA K 880 55.88 3.70 3.66
C ALA K 880 54.77 2.69 3.58
N ARG K 881 54.73 1.88 4.61
CA ARG K 881 53.74 0.83 4.61
C ARG K 881 53.59 0.19 5.95
N ILE K 882 52.54 -0.63 6.04
CA ILE K 882 52.17 -1.37 7.23
C ILE K 882 51.70 -2.76 6.88
N GLY K 883 52.59 -3.71 7.14
CA GLY K 883 52.29 -5.07 6.81
C GLY K 883 53.24 -6.06 7.41
N LEU K 884 53.26 -7.19 6.73
CA LEU K 884 54.09 -8.27 7.15
C LEU K 884 54.81 -8.85 6.00
N ASN K 885 55.81 -9.62 6.38
CA ASN K 885 56.53 -10.30 5.36
C ASN K 885 57.25 -11.53 5.84
N CYS K 886 57.63 -12.29 4.84
CA CYS K 886 58.35 -13.49 5.10
C CYS K 886 58.84 -14.08 3.80
N GLN K 887 59.81 -14.98 3.96
CA GLN K 887 60.39 -15.66 2.85
C GLN K 887 59.87 -17.06 2.81
N LEU K 888 59.07 -17.35 1.84
CA LEU K 888 58.55 -18.69 1.74
C LEU K 888 59.56 -19.62 1.14
N ALA K 889 59.60 -20.81 1.67
CA ALA K 889 60.51 -21.81 1.17
C ALA K 889 60.14 -22.28 -0.24
N GLN K 890 58.87 -22.34 -0.51
CA GLN K 890 58.44 -22.77 -1.80
C GLN K 890 58.63 -21.74 -2.89
N VAL K 891 58.53 -22.23 -4.12
CA VAL K 891 58.63 -21.40 -5.30
C VAL K 891 57.73 -21.96 -6.37
N ALA K 892 56.70 -21.24 -6.79
CA ALA K 892 55.78 -21.75 -7.79
C ALA K 892 55.77 -21.01 -9.09
N GLU K 893 54.97 -21.53 -10.00
CA GLU K 893 54.89 -21.01 -11.34
C GLU K 893 53.94 -19.83 -11.54
N ARG K 894 52.77 -20.02 -10.99
CA ARG K 894 51.74 -19.06 -11.11
C ARG K 894 51.36 -18.39 -9.81
N VAL K 895 50.61 -17.31 -10.01
CA VAL K 895 50.08 -16.50 -8.96
C VAL K 895 48.65 -16.19 -9.31
N ASN K 896 47.81 -16.44 -8.35
CA ASN K 896 46.43 -16.26 -8.62
C ASN K 896 45.79 -15.49 -7.52
N TRP K 897 45.07 -14.47 -7.94
CA TRP K 897 44.43 -13.66 -6.95
C TRP K 897 43.16 -13.03 -7.43
N LEU K 898 42.43 -12.65 -6.43
CA LEU K 898 41.18 -12.00 -6.58
C LEU K 898 41.34 -10.62 -5.98
N GLY K 899 41.46 -9.65 -6.89
CA GLY K 899 41.68 -8.28 -6.52
C GLY K 899 41.93 -7.44 -7.75
N LEU K 900 42.65 -6.35 -7.55
CA LEU K 900 42.94 -5.40 -8.60
C LEU K 900 44.02 -5.88 -9.51
N GLY K 901 43.72 -5.94 -10.79
CA GLY K 901 44.73 -6.40 -11.70
C GLY K 901 44.47 -5.99 -13.12
N PRO K 902 45.33 -6.49 -13.98
CA PRO K 902 46.39 -7.40 -13.63
C PRO K 902 47.72 -6.74 -13.38
N GLN K 903 47.88 -5.52 -13.83
CA GLN K 903 49.19 -4.91 -13.61
C GLN K 903 49.41 -4.33 -12.24
N GLU K 904 50.69 -4.07 -12.01
CA GLU K 904 51.17 -3.39 -10.83
C GLU K 904 50.26 -2.19 -10.58
N ASN K 905 49.82 -2.00 -9.34
CA ASN K 905 48.98 -0.87 -9.00
C ASN K 905 49.22 -0.38 -7.60
N TYR K 906 49.13 0.90 -7.45
CA TYR K 906 49.35 1.51 -6.16
C TYR K 906 48.16 2.37 -5.79
N PRO K 907 48.12 2.70 -4.52
CA PRO K 907 47.06 3.47 -3.95
C PRO K 907 46.74 4.70 -4.73
N ASP K 908 47.75 5.47 -5.09
CA ASP K 908 47.49 6.65 -5.88
C ASP K 908 47.66 6.38 -7.37
N ARG K 909 47.69 5.11 -7.75
CA ARG K 909 47.78 4.80 -9.16
C ARG K 909 47.09 3.49 -9.41
N LEU K 910 45.75 3.50 -9.41
CA LEU K 910 45.09 2.22 -9.60
C LEU K 910 43.76 2.32 -10.32
N THR K 911 43.41 3.47 -10.79
CA THR K 911 42.14 3.57 -11.46
C THR K 911 42.09 2.71 -12.69
N ALA K 912 43.21 2.42 -13.29
CA ALA K 912 43.11 1.65 -14.49
C ALA K 912 42.91 0.17 -14.24
N ALA K 913 43.24 -0.24 -13.03
CA ALA K 913 43.15 -1.65 -12.64
C ALA K 913 41.73 -2.15 -12.48
N CME K 914 41.52 -3.46 -12.63
CA CME K 914 40.22 -4.04 -12.47
CB CME K 914 39.58 -4.46 -13.77
SG CME K 914 39.15 -3.02 -14.76
SD CME K 914 39.13 -4.00 -16.51
CE CME K 914 40.92 -4.27 -16.85
CZ CME K 914 41.09 -4.79 -18.30
OH CME K 914 39.82 -5.29 -18.75
C CME K 914 40.15 -5.09 -11.46
O CME K 914 41.10 -5.84 -11.18
N PHE K 915 39.00 -5.14 -10.87
CA PHE K 915 38.76 -6.10 -9.85
C PHE K 915 38.27 -7.38 -10.45
N ASP K 916 39.11 -8.38 -10.39
CA ASP K 916 38.71 -9.63 -10.95
C ASP K 916 39.61 -10.75 -10.43
N ARG K 917 39.55 -11.88 -11.12
CA ARG K 917 40.38 -12.97 -10.78
C ARG K 917 41.53 -13.04 -11.73
N TRP K 918 42.72 -12.89 -11.21
CA TRP K 918 43.87 -12.90 -12.05
C TRP K 918 44.77 -14.06 -11.76
N ASP K 919 45.39 -14.52 -12.83
CA ASP K 919 46.33 -15.61 -12.75
C ASP K 919 47.48 -15.31 -13.66
N LEU K 920 48.67 -15.21 -13.08
CA LEU K 920 49.84 -14.92 -13.86
C LEU K 920 51.01 -15.70 -13.37
N PRO K 921 52.05 -15.62 -14.13
CA PRO K 921 53.27 -16.25 -13.84
C PRO K 921 54.05 -15.33 -12.98
N LEU K 922 54.68 -15.96 -12.03
CA LEU K 922 55.47 -15.29 -11.06
C LEU K 922 56.30 -14.14 -11.62
N SER K 923 56.85 -14.41 -12.76
CA SER K 923 57.70 -13.43 -13.42
C SER K 923 56.98 -12.11 -13.67
N ASP K 924 55.70 -12.25 -13.96
CA ASP K 924 54.92 -11.10 -14.23
C ASP K 924 54.64 -10.30 -12.99
N MET K 925 54.92 -10.88 -11.84
CA MET K 925 54.65 -10.11 -10.67
C MET K 925 55.83 -9.23 -10.31
N TYR K 926 56.73 -9.06 -11.27
CA TYR K 926 57.89 -8.24 -11.02
C TYR K 926 58.09 -7.17 -12.06
N THR K 927 58.44 -5.99 -11.57
CA THR K 927 58.66 -4.85 -12.42
C THR K 927 60.10 -4.41 -12.37
N PRO K 928 60.72 -4.79 -13.49
CA PRO K 928 62.10 -4.61 -13.89
C PRO K 928 62.49 -3.15 -14.16
N TYR K 929 62.18 -2.32 -13.22
CA TYR K 929 62.58 -0.96 -13.33
C TYR K 929 64.10 -1.00 -13.39
N VAL K 930 64.67 -0.34 -14.38
CA VAL K 930 66.12 -0.35 -14.50
C VAL K 930 66.80 -0.07 -13.19
N PHE K 931 66.36 0.99 -12.56
CA PHE K 931 66.90 1.28 -11.27
C PHE K 931 65.89 0.68 -10.32
N PRO K 932 66.31 -0.31 -9.53
CA PRO K 932 65.41 -1.07 -8.72
C PRO K 932 64.90 -0.43 -7.44
N SER K 933 63.65 -0.84 -7.11
CA SER K 933 62.92 -0.39 -5.90
C SER K 933 61.63 -1.20 -5.66
N GLU K 934 60.92 -0.87 -4.56
CA GLU K 934 59.65 -1.52 -4.31
C GLU K 934 58.84 -1.52 -5.61
N ASN K 935 58.17 -2.62 -5.95
CA ASN K 935 57.39 -2.66 -7.19
C ASN K 935 56.48 -3.85 -7.22
N GLY K 936 55.69 -3.92 -8.27
CA GLY K 936 54.79 -5.03 -8.49
C GLY K 936 53.58 -5.14 -7.58
N LEU K 937 53.39 -4.19 -6.71
CA LEU K 937 52.24 -4.30 -5.85
C LEU K 937 50.90 -4.40 -6.59
N ARG K 938 49.99 -5.09 -5.95
CA ARG K 938 48.60 -5.15 -6.37
C ARG K 938 47.74 -4.90 -5.15
N CYS K 939 46.81 -3.98 -5.25
CA CYS K 939 45.96 -3.65 -4.12
C CYS K 939 44.57 -4.22 -4.24
N GLY K 940 43.82 -3.98 -3.17
CA GLY K 940 42.44 -4.39 -3.07
C GLY K 940 42.24 -5.86 -3.27
N THR K 941 43.10 -6.62 -2.62
CA THR K 941 43.04 -8.03 -2.74
C THR K 941 42.34 -8.68 -1.60
N ARG K 942 41.57 -9.65 -2.01
CA ARG K 942 40.76 -10.38 -1.08
C ARG K 942 41.14 -11.82 -0.87
N GLU K 943 41.74 -12.40 -1.91
CA GLU K 943 42.20 -13.77 -1.88
C GLU K 943 43.45 -13.90 -2.71
N LEU K 944 44.45 -14.55 -2.11
CA LEU K 944 45.71 -14.78 -2.76
C LEU K 944 46.12 -16.22 -2.63
N ASN K 945 46.53 -16.78 -3.76
CA ASN K 945 46.94 -18.17 -3.84
C ASN K 945 48.29 -18.39 -4.45
N TYR K 946 49.15 -19.08 -3.72
CA TYR K 946 50.49 -19.41 -4.20
C TYR K 946 50.88 -20.73 -3.60
N GLY K 947 51.03 -21.71 -4.46
CA GLY K 947 51.35 -23.04 -4.00
C GLY K 947 50.12 -23.55 -3.26
N PRO K 948 50.41 -24.26 -2.21
CA PRO K 948 49.41 -24.82 -1.34
C PRO K 948 48.79 -23.74 -0.47
N HIS K 949 49.35 -22.54 -0.50
CA HIS K 949 48.84 -21.47 0.32
C HIS K 949 47.76 -20.63 -0.24
N GLN K 950 47.05 -20.09 0.72
CA GLN K 950 45.96 -19.19 0.47
C GLN K 950 45.83 -18.15 1.57
N TRP K 951 45.70 -16.90 1.13
CA TRP K 951 45.50 -15.87 2.11
C TRP K 951 44.24 -15.14 1.81
N ARG K 952 43.58 -14.77 2.88
CA ARG K 952 42.36 -14.04 2.74
C ARG K 952 42.22 -12.89 3.66
N GLY K 953 41.61 -11.88 3.07
CA GLY K 953 41.35 -10.66 3.78
C GLY K 953 41.11 -9.51 2.83
N ASP K 954 41.74 -8.41 3.19
CA ASP K 954 41.64 -7.24 2.39
C ASP K 954 42.96 -6.54 2.45
N PHE K 955 43.81 -6.82 1.47
CA PHE K 955 45.12 -6.25 1.55
C PHE K 955 45.67 -6.03 0.19
N GLN K 956 46.93 -5.63 0.22
CA GLN K 956 47.72 -5.43 -0.96
C GLN K 956 48.96 -6.22 -0.74
N PHE K 957 49.57 -6.64 -1.85
CA PHE K 957 50.76 -7.43 -1.70
C PHE K 957 51.59 -7.38 -2.93
N ASN K 958 52.75 -7.96 -2.75
CA ASN K 958 53.70 -8.18 -3.81
C ASN K 958 54.41 -9.49 -3.50
N ILE K 959 54.93 -10.10 -4.55
CA ILE K 959 55.60 -11.36 -4.42
C ILE K 959 56.67 -11.57 -5.48
N SER K 960 57.89 -11.87 -5.03
CA SER K 960 58.97 -12.05 -5.98
C SER K 960 60.11 -12.81 -5.33
N ARG K 961 61.28 -12.81 -6.01
CA ARG K 961 62.44 -13.48 -5.48
C ARG K 961 63.45 -12.52 -4.97
N TYR K 962 63.01 -11.31 -4.72
CA TYR K 962 64.00 -10.38 -4.24
C TYR K 962 63.54 -9.73 -3.00
N SER K 963 64.41 -9.72 -2.02
CA SER K 963 64.06 -9.06 -0.80
C SER K 963 64.12 -7.57 -1.08
N GLN K 964 63.43 -6.84 -0.22
CA GLN K 964 63.44 -5.39 -0.32
C GLN K 964 64.88 -4.94 -0.13
N GLN K 965 65.56 -5.59 0.77
CA GLN K 965 66.93 -5.22 0.98
C GLN K 965 67.74 -5.36 -0.27
N GLN K 966 67.57 -6.48 -0.96
CA GLN K 966 68.34 -6.62 -2.17
C GLN K 966 68.06 -5.43 -3.08
N LEU K 967 66.78 -5.24 -3.35
CA LEU K 967 66.34 -4.17 -4.23
C LEU K 967 66.90 -2.85 -3.83
N MET K 968 66.88 -2.67 -2.55
CA MET K 968 67.34 -1.44 -2.03
C MET K 968 68.83 -1.27 -2.18
N GLU K 969 69.54 -2.37 -2.14
CA GLU K 969 70.98 -2.28 -2.21
C GLU K 969 71.57 -2.40 -3.59
N THR K 970 70.78 -2.76 -4.58
CA THR K 970 71.26 -2.90 -5.96
C THR K 970 70.92 -1.71 -6.82
N SER K 971 71.88 -1.26 -7.63
CA SER K 971 71.63 -0.11 -8.47
C SER K 971 71.15 -0.43 -9.87
N HIS K 972 71.39 -1.63 -10.33
CA HIS K 972 70.93 -1.92 -11.66
C HIS K 972 70.20 -3.20 -11.66
N ARG K 973 69.19 -3.24 -12.47
CA ARG K 973 68.40 -4.43 -12.54
C ARG K 973 69.20 -5.66 -12.86
N HIS K 974 70.13 -5.48 -13.79
CA HIS K 974 70.93 -6.59 -14.24
C HIS K 974 71.72 -7.25 -13.13
N LEU K 975 71.86 -6.58 -12.00
CA LEU K 975 72.59 -7.18 -10.91
C LEU K 975 71.76 -7.92 -9.88
N LEU K 976 70.49 -8.07 -10.15
CA LEU K 976 69.79 -8.77 -9.13
C LEU K 976 69.83 -10.24 -9.42
N HIS K 977 69.85 -10.95 -8.34
CA HIS K 977 69.86 -12.36 -8.45
C HIS K 977 68.74 -12.88 -7.57
N ALA K 978 68.01 -13.84 -8.11
CA ALA K 978 66.93 -14.40 -7.34
C ALA K 978 67.42 -14.97 -6.03
N GLU K 979 66.60 -14.83 -5.01
CA GLU K 979 66.96 -15.35 -3.72
C GLU K 979 66.36 -16.74 -3.58
N GLU K 980 66.72 -17.38 -2.51
CA GLU K 980 66.31 -18.72 -2.23
C GLU K 980 64.87 -19.13 -2.42
N GLY K 981 63.91 -18.46 -1.83
CA GLY K 981 62.58 -18.96 -2.04
C GLY K 981 61.76 -17.89 -2.69
N THR K 982 60.62 -17.62 -2.09
CA THR K 982 59.77 -16.56 -2.57
C THR K 982 59.52 -15.55 -1.46
N TRP K 983 59.79 -14.31 -1.79
CA TRP K 983 59.56 -13.22 -0.86
C TRP K 983 58.15 -12.68 -0.99
N LEU K 984 57.52 -12.59 0.15
CA LEU K 984 56.16 -12.13 0.15
C LEU K 984 55.88 -11.01 1.12
N ASN K 985 55.33 -9.94 0.55
CA ASN K 985 54.92 -8.80 1.33
C ASN K 985 53.43 -8.59 1.24
N ILE K 986 52.83 -8.64 2.42
CA ILE K 986 51.41 -8.41 2.60
C ILE K 986 51.19 -7.17 3.44
N ASP K 987 50.61 -6.20 2.77
CA ASP K 987 50.35 -4.95 3.38
C ASP K 987 48.91 -4.68 3.70
N GLY K 988 48.72 -4.20 4.93
CA GLY K 988 47.42 -3.78 5.36
C GLY K 988 47.25 -2.38 4.76
N PHE K 989 48.36 -1.66 4.65
CA PHE K 989 48.33 -0.33 4.09
C PHE K 989 49.63 0.01 3.47
N HIS K 990 49.53 0.84 2.46
CA HIS K 990 50.71 1.25 1.76
C HIS K 990 50.63 2.67 1.27
N MET K 991 51.68 3.42 1.47
CA MET K 991 51.74 4.81 1.05
C MET K 991 51.66 5.02 -0.45
N GLY K 992 51.25 6.20 -0.88
CA GLY K 992 51.17 6.44 -2.31
C GLY K 992 52.56 6.55 -2.89
N ILE K 993 52.66 6.68 -4.22
CA ILE K 993 53.96 6.76 -4.86
C ILE K 993 54.30 8.14 -5.36
N GLY K 994 53.30 8.98 -5.54
CA GLY K 994 53.54 10.35 -5.99
C GLY K 994 53.98 10.40 -7.42
N GLY K 995 54.59 11.54 -7.76
CA GLY K 995 55.08 11.70 -9.11
C GLY K 995 54.86 13.07 -9.70
N ASP K 996 54.16 13.95 -8.98
CA ASP K 996 53.93 15.27 -9.53
C ASP K 996 55.22 15.86 -10.09
N ASP K 997 56.31 15.47 -9.44
CA ASP K 997 57.67 15.77 -9.80
C ASP K 997 58.54 14.80 -9.07
N SER K 998 59.78 14.69 -9.53
CA SER K 998 60.67 13.73 -8.90
C SER K 998 61.81 14.38 -8.14
N TRP K 999 61.65 15.62 -7.74
CA TRP K 999 62.72 16.21 -6.97
C TRP K 999 62.27 16.94 -5.72
N SER K 1000 61.06 16.58 -5.32
CA SER K 1000 60.38 17.05 -4.12
C SER K 1000 59.32 16.05 -3.77
N PRO K 1001 58.87 16.16 -2.55
CA PRO K 1001 57.87 15.27 -2.07
C PRO K 1001 56.58 15.54 -2.81
N SER K 1002 56.07 14.51 -3.46
CA SER K 1002 54.91 14.67 -4.28
C SER K 1002 53.74 13.78 -3.90
N VAL K 1003 53.83 13.06 -2.80
CA VAL K 1003 52.70 12.22 -2.41
C VAL K 1003 51.63 13.01 -1.68
N SER K 1004 50.39 13.02 -2.16
CA SER K 1004 49.41 13.78 -1.43
C SER K 1004 48.96 13.19 -0.14
N ALA K 1005 48.63 14.12 0.71
CA ALA K 1005 48.17 13.81 2.01
C ALA K 1005 47.21 12.67 2.04
N GLU K 1006 46.23 12.64 1.15
CA GLU K 1006 45.33 11.51 1.20
C GLU K 1006 46.05 10.23 1.06
N PHE K 1007 47.28 10.25 0.57
CA PHE K 1007 47.94 8.98 0.45
C PHE K 1007 48.99 8.69 1.43
N GLN K 1008 49.07 9.49 2.46
CA GLN K 1008 50.06 9.25 3.48
C GLN K 1008 49.44 8.47 4.62
N LEU K 1009 50.24 7.62 5.25
CA LEU K 1009 49.76 6.79 6.36
C LEU K 1009 49.88 7.61 7.61
N SER K 1010 48.95 8.50 7.75
CA SER K 1010 49.00 9.43 8.85
C SER K 1010 47.97 9.19 9.96
N ALA K 1011 47.19 8.13 9.86
CA ALA K 1011 46.16 7.86 10.82
C ALA K 1011 46.58 7.63 12.25
N GLY K 1012 47.78 7.15 12.49
CA GLY K 1012 48.16 6.90 13.85
C GLY K 1012 47.79 5.50 14.31
N ARG K 1013 46.63 5.05 13.88
CA ARG K 1013 46.28 3.72 14.29
C ARG K 1013 45.78 2.94 13.13
N TYR K 1014 46.25 1.72 13.00
CA TYR K 1014 45.83 0.88 11.91
C TYR K 1014 45.49 -0.52 12.36
N HIS K 1015 44.50 -1.07 11.67
CA HIS K 1015 44.05 -2.39 11.95
C HIS K 1015 43.88 -3.24 10.71
N TYR K 1016 44.24 -4.51 10.80
CA TYR K 1016 44.03 -5.43 9.70
C TYR K 1016 44.03 -6.87 10.13
N GLN K 1017 43.35 -7.67 9.32
CA GLN K 1017 43.19 -9.09 9.60
C GLN K 1017 43.40 -9.97 8.44
N LEU K 1018 43.78 -11.15 8.76
CA LEU K 1018 44.12 -12.04 7.73
C LEU K 1018 43.90 -13.48 8.03
N VAL K 1019 43.72 -14.22 6.94
CA VAL K 1019 43.57 -15.64 7.09
C VAL K 1019 44.46 -16.47 6.23
N TRP K 1020 45.15 -17.39 6.87
CA TRP K 1020 46.09 -18.19 6.16
C TRP K 1020 45.77 -19.70 6.26
N CME K 1021 45.81 -20.36 5.15
CA CME K 1021 45.60 -21.81 5.02
CB CME K 1021 44.16 -22.18 4.89
SG CME K 1021 43.21 -20.67 4.86
SD CME K 1021 41.91 -21.11 3.44
CE CME K 1021 43.01 -22.19 2.50
CZ CME K 1021 42.65 -23.67 2.64
OH CME K 1021 42.58 -24.25 1.35
C CME K 1021 46.25 -22.44 3.84
O CME K 1021 46.71 -21.78 2.93
N GLN K 1022 46.23 -23.76 3.92
CA GLN K 1022 46.77 -24.63 2.96
C GLN K 1022 45.75 -25.53 2.39
N LYS K 1023 46.05 -26.07 1.21
CA LYS K 1023 45.20 -26.99 0.49
C LYS K 1023 45.98 -28.28 0.27
N ILE L 3 -16.93 64.39 2.36
CA ILE L 3 -17.63 63.46 1.44
C ILE L 3 -16.73 62.66 0.48
N THR L 4 -15.84 63.41 -0.13
CA THR L 4 -14.90 62.80 -1.02
C THR L 4 -13.83 62.27 -0.09
N ASP L 5 -13.92 62.63 1.19
CA ASP L 5 -13.01 62.12 2.18
C ASP L 5 -13.58 60.83 2.74
N SER L 6 -14.70 60.45 2.17
CA SER L 6 -15.39 59.28 2.61
C SER L 6 -14.77 57.97 2.19
N LEU L 7 -14.74 57.07 3.15
CA LEU L 7 -14.27 55.74 2.85
C LEU L 7 -14.92 55.26 1.58
N ALA L 8 -16.20 55.34 1.62
CA ALA L 8 -16.96 54.86 0.51
C ALA L 8 -16.36 55.25 -0.81
N VAL L 9 -15.90 56.47 -0.80
CA VAL L 9 -15.33 57.06 -1.97
C VAL L 9 -13.85 56.69 -2.17
N VAL L 10 -13.06 56.93 -1.14
CA VAL L 10 -11.66 56.60 -1.19
C VAL L 10 -11.46 55.14 -1.62
N LEU L 11 -12.04 54.25 -0.89
CA LEU L 11 -11.84 52.86 -1.21
C LEU L 11 -12.41 52.49 -2.53
N GLN L 12 -13.05 53.43 -3.14
CA GLN L 12 -13.64 53.08 -4.37
C GLN L 12 -12.56 52.60 -5.34
N ARG L 13 -11.54 53.42 -5.43
CA ARG L 13 -10.47 53.16 -6.36
C ARG L 13 -9.65 51.90 -6.15
N ARG L 14 -9.49 51.46 -4.90
CA ARG L 14 -8.74 50.24 -4.70
C ARG L 14 -7.33 50.37 -5.23
N ASP L 15 -6.69 51.38 -4.70
CA ASP L 15 -5.33 51.67 -5.04
C ASP L 15 -4.41 50.52 -4.70
N TRP L 16 -4.80 49.77 -3.70
CA TRP L 16 -4.07 48.63 -3.24
C TRP L 16 -4.17 47.45 -4.18
N GLU L 17 -4.81 47.65 -5.32
CA GLU L 17 -4.85 46.57 -6.29
C GLU L 17 -4.40 47.14 -7.61
N ASN L 18 -3.49 48.09 -7.51
CA ASN L 18 -3.00 48.73 -8.68
C ASN L 18 -1.57 49.21 -8.57
N PRO L 19 -0.73 48.40 -9.21
CA PRO L 19 0.69 48.58 -9.33
C PRO L 19 1.00 49.96 -9.89
N GLY L 20 0.00 50.53 -10.58
CA GLY L 20 0.15 51.86 -11.12
C GLY L 20 0.09 52.87 -9.96
N VAL L 21 -0.54 52.49 -8.88
CA VAL L 21 -0.54 53.45 -7.83
C VAL L 21 0.22 52.94 -6.66
N THR L 22 1.29 53.64 -6.38
CA THR L 22 2.11 53.19 -5.29
C THR L 22 2.18 54.17 -4.16
N GLN L 23 1.67 55.34 -4.43
CA GLN L 23 1.63 56.38 -3.44
C GLN L 23 0.67 57.46 -3.92
N LEU L 24 0.30 58.34 -3.00
CA LEU L 24 -0.59 59.47 -3.28
C LEU L 24 -0.21 60.60 -2.38
N ASN L 25 0.20 61.68 -2.96
CA ASN L 25 0.58 62.82 -2.17
C ASN L 25 1.70 62.62 -1.19
N ARG L 26 2.48 61.58 -1.41
CA ARG L 26 3.62 61.32 -0.53
C ARG L 26 4.75 62.25 -0.94
N LEU L 27 5.47 62.81 0.02
CA LEU L 27 6.58 63.68 -0.33
C LEU L 27 7.76 62.88 -0.85
N ALA L 28 8.77 63.61 -1.29
CA ALA L 28 9.97 63.00 -1.81
C ALA L 28 10.93 62.55 -0.73
N ALA L 29 11.66 61.49 -1.10
CA ALA L 29 12.66 60.83 -0.28
C ALA L 29 13.93 61.64 -0.05
N HIS L 30 14.69 61.36 0.98
CA HIS L 30 15.89 62.12 1.25
C HIS L 30 16.52 61.58 2.52
N PRO L 31 17.70 62.05 2.77
CA PRO L 31 18.37 61.66 3.96
C PRO L 31 17.67 62.30 5.14
N PRO L 32 18.01 61.79 6.25
CA PRO L 32 17.50 62.17 7.53
C PRO L 32 17.72 63.61 7.96
N PHE L 33 16.59 64.23 8.27
CA PHE L 33 16.51 65.59 8.75
C PHE L 33 16.05 65.69 10.21
N ALA L 34 16.49 66.77 10.85
CA ALA L 34 16.15 67.08 12.24
C ALA L 34 15.68 68.53 12.31
N SER L 35 16.12 69.31 11.36
CA SER L 35 15.78 70.70 11.34
C SER L 35 16.29 71.41 12.56
N TRP L 36 17.51 71.11 12.97
CA TRP L 36 17.99 71.83 14.10
C TRP L 36 17.90 73.28 13.78
N ARG L 37 17.71 74.05 14.84
CA ARG L 37 17.66 75.49 14.68
C ARG L 37 18.87 76.10 15.36
N ASN L 38 19.81 75.24 15.74
CA ASN L 38 21.05 75.68 16.35
C ASN L 38 22.16 74.77 15.90
N SER L 39 23.23 75.40 15.47
CA SER L 39 24.37 74.67 14.99
C SER L 39 24.92 73.63 15.98
N GLU L 40 25.36 74.12 17.13
CA GLU L 40 25.92 73.26 18.12
C GLU L 40 25.15 71.99 18.33
N GLU L 41 23.85 72.16 18.42
CA GLU L 41 23.01 71.02 18.63
C GLU L 41 23.19 70.02 17.54
N ALA L 42 22.93 70.51 16.35
CA ALA L 42 23.09 69.66 15.21
C ALA L 42 24.48 69.09 15.25
N ARG L 43 25.43 69.92 15.54
CA ARG L 43 26.78 69.45 15.56
C ARG L 43 27.03 68.30 16.51
N THR L 44 26.44 68.40 17.67
CA THR L 44 26.63 67.38 18.69
C THR L 44 25.50 66.43 18.69
N ASP L 45 24.82 66.40 17.58
CA ASP L 45 23.72 65.50 17.46
C ASP L 45 22.81 65.54 18.66
N ARG L 46 22.40 66.73 19.11
CA ARG L 46 21.47 66.72 20.21
C ARG L 46 20.12 66.38 19.65
N PRO L 47 19.08 66.68 20.37
CA PRO L 47 17.79 66.33 19.84
C PRO L 47 17.05 67.55 19.42
N SER L 48 16.45 67.48 18.25
CA SER L 48 15.74 68.63 17.77
C SER L 48 14.30 68.56 18.16
N GLN L 49 13.82 69.75 18.45
CA GLN L 49 12.47 69.89 18.84
C GLN L 49 11.61 70.03 17.62
N GLN L 50 12.20 70.19 16.43
CA GLN L 50 11.31 70.28 15.28
C GLN L 50 10.94 68.87 14.86
N LEU L 51 11.46 67.97 15.68
CA LEU L 51 11.22 66.59 15.52
C LEU L 51 10.50 66.00 16.70
N ARG L 52 9.35 65.42 16.44
CA ARG L 52 8.56 64.88 17.51
C ARG L 52 8.04 63.49 17.27
N SER L 53 8.22 62.63 18.27
CA SER L 53 7.74 61.28 18.12
C SER L 53 6.31 61.11 18.49
N LEU L 54 5.60 60.28 17.76
CA LEU L 54 4.21 60.01 18.03
C LEU L 54 4.06 58.60 18.51
N ASN L 55 5.20 58.06 18.85
CA ASN L 55 5.15 56.70 19.33
C ASN L 55 4.57 56.72 20.70
N GLY L 56 3.79 55.68 20.96
CA GLY L 56 3.16 55.49 22.23
C GLY L 56 1.85 54.77 22.09
N GLU L 57 0.96 55.13 23.01
CA GLU L 57 -0.34 54.52 23.03
C GLU L 57 -1.23 55.08 21.96
N TRP L 58 -1.88 54.19 21.26
CA TRP L 58 -2.74 54.60 20.18
C TRP L 58 -3.99 53.77 20.23
N ARG L 59 -4.91 54.06 19.35
CA ARG L 59 -6.11 53.26 19.41
C ARG L 59 -6.26 52.40 18.20
N PHE L 60 -6.53 51.15 18.49
CA PHE L 60 -6.57 50.21 17.42
C PHE L 60 -7.85 49.44 17.29
N ALA L 61 -8.16 49.08 16.06
CA ALA L 61 -9.31 48.24 15.82
C ALA L 61 -9.09 47.47 14.57
N TRP L 62 -9.48 46.23 14.60
CA TRP L 62 -9.22 45.35 13.50
C TRP L 62 -10.44 44.90 12.72
N PHE L 63 -10.31 44.76 11.42
CA PHE L 63 -11.42 44.31 10.61
C PHE L 63 -10.92 43.39 9.56
N PRO L 64 -11.73 42.42 9.31
CA PRO L 64 -11.54 41.39 8.30
C PRO L 64 -11.44 41.94 6.89
N ALA L 65 -11.89 43.18 6.70
CA ALA L 65 -11.84 43.80 5.39
C ALA L 65 -12.01 45.27 5.51
N PRO L 66 -11.47 45.95 4.53
CA PRO L 66 -11.51 47.38 4.49
C PRO L 66 -12.95 47.87 4.41
N GLU L 67 -13.69 47.24 3.51
CA GLU L 67 -15.09 47.53 3.27
C GLU L 67 -15.91 47.52 4.57
N ALA L 68 -15.53 46.69 5.51
CA ALA L 68 -16.23 46.66 6.77
C ALA L 68 -15.92 47.86 7.66
N VAL L 69 -15.17 48.83 7.21
CA VAL L 69 -14.94 49.91 8.13
C VAL L 69 -16.10 50.92 8.16
N PRO L 70 -16.23 51.61 9.29
CA PRO L 70 -17.31 52.55 9.56
C PRO L 70 -16.88 53.98 9.52
N GLU L 71 -17.63 54.68 8.70
CA GLU L 71 -17.44 56.04 8.41
C GLU L 71 -17.22 56.87 9.65
N SER L 72 -17.90 56.44 10.66
CA SER L 72 -17.80 57.06 11.95
C SER L 72 -16.36 57.16 12.35
N TRP L 73 -15.66 56.07 12.03
CA TRP L 73 -14.27 55.90 12.36
C TRP L 73 -13.49 57.15 12.07
N LEU L 74 -13.87 57.76 10.96
CA LEU L 74 -13.24 58.96 10.46
C LEU L 74 -13.37 60.11 11.39
N GLU L 75 -14.56 60.14 11.95
CA GLU L 75 -14.94 61.19 12.84
C GLU L 75 -14.66 60.84 14.26
N CYS L 76 -15.14 59.67 14.61
CA CYS L 76 -15.05 59.30 15.98
C CYS L 76 -14.34 58.03 16.20
N ASP L 77 -13.64 58.06 17.33
CA ASP L 77 -12.94 56.89 17.81
C ASP L 77 -13.92 55.79 18.09
N LEU L 78 -13.48 54.56 18.07
CA LEU L 78 -14.47 53.56 18.34
C LEU L 78 -14.60 53.22 19.80
N PRO L 79 -15.70 52.57 20.06
CA PRO L 79 -16.02 52.16 21.39
C PRO L 79 -15.25 50.90 21.69
N GLU L 80 -15.31 50.02 20.69
CA GLU L 80 -14.65 48.74 20.73
C GLU L 80 -13.17 48.83 20.39
N ALA L 81 -12.69 50.05 20.24
CA ALA L 81 -11.29 50.24 19.97
C ALA L 81 -10.49 49.87 21.20
N ASP L 82 -9.27 49.39 20.97
CA ASP L 82 -8.37 49.04 22.04
C ASP L 82 -7.26 50.01 22.10
N THR L 83 -6.61 50.04 23.23
CA THR L 83 -5.50 50.92 23.29
C THR L 83 -4.28 50.09 23.09
N VAL L 84 -3.43 50.51 22.14
CA VAL L 84 -2.24 49.79 21.76
C VAL L 84 -1.00 50.64 21.68
N VAL L 85 0.12 49.96 21.77
CA VAL L 85 1.37 50.63 21.63
C VAL L 85 1.89 50.55 20.22
N VAL L 86 2.38 51.68 19.77
CA VAL L 86 2.93 51.82 18.48
C VAL L 86 4.34 52.34 18.63
N PRO L 87 5.27 51.77 17.85
CA PRO L 87 5.00 50.81 16.77
C PRO L 87 4.84 49.39 17.22
N SER L 88 4.21 48.61 16.34
CA SER L 88 3.99 47.21 16.63
C SER L 88 3.37 46.40 15.50
N ASN L 89 3.37 45.08 15.72
CA ASN L 89 2.75 44.19 14.74
C ASN L 89 1.49 43.63 15.30
N TRP L 90 0.45 43.94 14.62
CA TRP L 90 -0.80 43.50 15.13
C TRP L 90 -0.94 42.01 15.42
N GLN L 91 -0.27 41.18 14.63
CA GLN L 91 -0.35 39.75 14.89
C GLN L 91 0.26 39.46 16.24
N MET L 92 1.14 40.35 16.66
CA MET L 92 1.78 40.16 17.94
C MET L 92 0.85 40.44 19.09
N HIS L 93 -0.32 40.96 18.78
CA HIS L 93 -1.29 41.29 19.78
C HIS L 93 -2.48 40.40 19.72
N GLY L 94 -2.35 39.35 18.98
CA GLY L 94 -3.41 38.38 18.85
C GLY L 94 -4.46 38.78 17.86
N TYR L 95 -4.30 39.90 17.17
CA TYR L 95 -5.37 40.23 16.25
C TYR L 95 -5.68 39.22 15.14
N ASP L 96 -4.63 38.64 14.61
CA ASP L 96 -4.70 37.59 13.61
C ASP L 96 -3.39 36.89 13.67
N ALA L 97 -3.26 35.88 12.80
CA ALA L 97 -2.05 35.08 12.79
C ALA L 97 -0.93 35.58 11.91
N PRO L 98 0.27 35.31 12.38
CA PRO L 98 1.45 35.59 11.62
C PRO L 98 1.62 34.37 10.77
N ILE L 99 2.07 34.57 9.55
CA ILE L 99 2.29 33.45 8.68
C ILE L 99 3.74 33.23 8.35
N TYR L 100 4.03 31.94 8.28
CA TYR L 100 5.33 31.53 7.92
C TYR L 100 5.42 30.60 6.72
N THR L 101 5.60 31.22 5.56
CA THR L 101 5.92 30.56 4.30
C THR L 101 7.22 31.21 3.84
N ASN L 102 7.89 30.49 2.94
CA ASN L 102 9.15 30.91 2.39
C ASN L 102 9.04 31.40 0.95
N VAL L 103 8.66 30.47 0.09
CA VAL L 103 8.54 30.79 -1.31
C VAL L 103 7.13 31.12 -1.72
N THR L 104 6.27 30.17 -1.37
CA THR L 104 4.88 30.27 -1.68
C THR L 104 4.23 31.50 -1.08
N TYR L 105 3.54 32.22 -1.94
CA TYR L 105 2.86 33.40 -1.50
C TYR L 105 1.76 33.05 -0.52
N PRO L 106 1.64 33.89 0.48
CA PRO L 106 0.63 33.74 1.50
C PRO L 106 -0.76 33.86 0.88
N ILE L 107 -0.86 34.60 -0.21
CA ILE L 107 -2.14 34.74 -0.82
C ILE L 107 -2.15 34.10 -2.18
N THR L 108 -3.31 34.11 -2.79
CA THR L 108 -3.42 33.53 -4.11
C THR L 108 -2.75 34.38 -5.14
N VAL L 109 -2.10 33.69 -6.05
CA VAL L 109 -1.39 34.42 -7.07
C VAL L 109 -2.21 34.94 -8.21
N ASN L 110 -2.54 36.20 -8.14
CA ASN L 110 -3.31 36.80 -9.18
C ASN L 110 -3.15 38.28 -9.23
N PRO L 111 -1.94 38.64 -9.48
CA PRO L 111 -1.57 40.01 -9.58
C PRO L 111 -2.47 40.65 -10.63
N PRO L 112 -2.83 41.86 -10.29
CA PRO L 112 -2.35 42.50 -9.09
C PRO L 112 -3.37 42.43 -8.01
N PHE L 113 -4.12 41.36 -8.04
CA PHE L 113 -5.17 41.21 -7.08
C PHE L 113 -4.79 40.55 -5.80
N VAL L 114 -5.32 41.19 -4.78
CA VAL L 114 -5.25 40.81 -3.40
C VAL L 114 -6.61 40.16 -3.05
N PRO L 115 -6.68 39.43 -1.96
CA PRO L 115 -7.92 38.77 -1.55
C PRO L 115 -8.89 39.69 -0.85
N THR L 116 -10.15 39.51 -1.23
CA THR L 116 -11.29 40.28 -0.72
C THR L 116 -11.27 40.44 0.80
N GLU L 117 -10.87 39.39 1.47
CA GLU L 117 -10.76 39.42 2.90
C GLU L 117 -9.36 39.87 3.22
N ASN L 118 -9.25 41.14 3.43
CA ASN L 118 -7.96 41.63 3.68
C ASN L 118 -7.98 42.44 4.93
N PRO L 119 -7.41 41.82 5.88
CA PRO L 119 -7.31 42.32 7.22
C PRO L 119 -6.89 43.75 7.30
N THR L 120 -7.78 44.56 7.86
CA THR L 120 -7.52 45.96 8.00
C THR L 120 -7.29 46.38 9.44
N GLY L 121 -6.33 47.26 9.65
CA GLY L 121 -6.03 47.72 10.98
C GLY L 121 -6.24 49.21 11.08
N CYS L 122 -7.25 49.62 11.86
CA CYS L 122 -7.51 51.05 11.99
C CYS L 122 -6.83 51.61 13.19
N TYR L 123 -5.86 52.41 12.89
CA TYR L 123 -5.09 53.05 13.93
C TYR L 123 -5.54 54.48 14.00
N SER L 124 -5.53 55.01 15.21
CA SER L 124 -5.97 56.38 15.38
C SER L 124 -5.26 57.05 16.50
N LEU L 125 -5.09 58.34 16.33
CA LEU L 125 -4.41 59.05 17.35
C LEU L 125 -4.73 60.52 17.40
N THR L 126 -4.99 60.89 18.64
CA THR L 126 -5.35 62.23 18.96
C THR L 126 -4.22 62.93 19.65
N PHE L 127 -3.90 64.08 19.14
CA PHE L 127 -2.79 64.79 19.70
C PHE L 127 -2.93 66.26 19.46
N ASN L 128 -2.09 66.89 20.24
CA ASN L 128 -1.99 68.30 20.33
C ASN L 128 -0.81 68.83 19.62
N VAL L 129 -1.05 69.97 19.01
CA VAL L 129 -0.03 70.64 18.27
C VAL L 129 0.23 72.02 18.78
N ASP L 130 1.51 72.36 18.98
CA ASP L 130 1.78 73.72 19.37
C ASP L 130 1.33 74.58 18.20
N GLU L 131 0.83 75.75 18.49
CA GLU L 131 0.38 76.56 17.39
C GLU L 131 1.51 77.31 16.74
N SER L 132 2.57 77.55 17.50
CA SER L 132 3.67 78.24 16.92
C SER L 132 4.02 77.57 15.60
N TRP L 133 3.93 76.25 15.62
CA TRP L 133 4.19 75.43 14.47
C TRP L 133 3.15 75.70 13.42
N LEU L 134 1.99 76.00 13.92
CA LEU L 134 0.89 76.24 13.06
C LEU L 134 1.00 77.58 12.37
N GLN L 135 1.77 78.46 12.98
CA GLN L 135 1.92 79.77 12.40
C GLN L 135 2.76 79.73 11.17
N GLU L 136 4.04 79.51 11.39
CA GLU L 136 4.98 79.48 10.29
C GLU L 136 5.55 78.08 10.00
N GLY L 137 6.26 77.99 8.88
CA GLY L 137 6.91 76.77 8.49
C GLY L 137 6.00 75.67 7.98
N GLN L 138 6.61 74.48 7.93
CA GLN L 138 5.94 73.30 7.45
C GLN L 138 6.02 72.12 8.37
N THR L 139 4.86 71.51 8.44
CA THR L 139 4.72 70.39 9.28
C THR L 139 4.26 69.14 8.56
N ARG L 140 5.13 68.16 8.74
CA ARG L 140 4.87 66.91 8.13
C ARG L 140 5.05 65.74 9.07
N ILE L 141 4.35 64.72 8.63
CA ILE L 141 4.38 63.50 9.35
C ILE L 141 5.20 62.46 8.62
N ILE L 142 5.78 61.58 9.44
CA ILE L 142 6.61 60.55 8.91
C ILE L 142 6.44 59.18 9.48
N PHE L 143 6.10 58.27 8.58
CA PHE L 143 5.97 56.88 8.91
C PHE L 143 7.19 56.10 8.50
N ASP L 144 7.97 55.70 9.47
CA ASP L 144 9.16 54.95 9.15
C ASP L 144 8.90 53.59 8.59
N GLY L 145 7.72 53.04 8.85
CA GLY L 145 7.40 51.72 8.34
C GLY L 145 5.99 51.24 8.68
N VAL L 146 5.25 50.96 7.60
CA VAL L 146 3.88 50.49 7.62
C VAL L 146 3.68 49.36 6.61
N ASN L 147 3.30 48.23 7.08
CA ASN L 147 3.16 47.09 6.22
C ASN L 147 1.73 46.62 6.14
N SER L 148 1.21 46.48 4.91
CA SER L 148 1.93 46.69 3.68
C SER L 148 1.61 47.98 2.96
N ALA L 149 0.34 48.36 3.00
CA ALA L 149 -0.17 49.57 2.36
C ALA L 149 -1.08 50.36 3.28
N PHE L 150 -1.35 51.62 2.94
CA PHE L 150 -2.26 52.36 3.81
C PHE L 150 -2.66 53.74 3.32
N HIS L 151 -3.86 54.12 3.83
CA HIS L 151 -4.53 55.39 3.58
C HIS L 151 -4.45 56.27 4.80
N LEU L 152 -4.49 57.55 4.57
CA LEU L 152 -4.34 58.37 5.74
C LEU L 152 -5.26 59.59 5.79
N TRP L 153 -5.76 59.84 7.02
CA TRP L 153 -6.62 60.98 7.30
C TRP L 153 -6.19 61.77 8.49
N CYS L 154 -6.45 63.05 8.36
CA CYS L 154 -6.10 63.94 9.42
C CYS L 154 -7.23 64.92 9.63
N ASN L 155 -7.69 64.89 10.87
CA ASN L 155 -8.79 65.73 11.30
C ASN L 155 -9.95 65.50 10.33
N GLY L 156 -10.21 64.23 10.00
CA GLY L 156 -11.33 63.89 9.13
C GLY L 156 -11.07 64.01 7.67
N ARG L 157 -9.93 64.63 7.36
CA ARG L 157 -9.59 64.82 5.99
C ARG L 157 -8.64 63.79 5.40
N TRP L 158 -9.00 63.32 4.18
CA TRP L 158 -8.18 62.36 3.48
C TRP L 158 -6.86 62.97 3.06
N VAL L 159 -5.76 62.27 3.29
CA VAL L 159 -4.48 62.86 2.99
C VAL L 159 -3.67 62.19 1.91
N GLY L 160 -3.44 60.92 2.06
CA GLY L 160 -2.64 60.26 1.08
C GLY L 160 -2.66 58.76 1.25
N TYR L 161 -1.83 58.16 0.41
CA TYR L 161 -1.69 56.72 0.35
C TYR L 161 -0.24 56.39 0.13
N GLY L 162 0.15 55.17 0.53
CA GLY L 162 1.53 54.72 0.40
C GLY L 162 1.73 53.19 0.31
N GLN L 163 2.79 52.77 -0.42
CA GLN L 163 3.18 51.37 -0.58
C GLN L 163 4.67 51.22 -0.21
N ASP L 164 5.13 49.97 -0.05
CA ASP L 164 6.50 49.64 0.32
C ASP L 164 6.70 49.67 1.82
N SER L 165 6.53 48.50 2.40
CA SER L 165 6.66 48.39 3.82
C SER L 165 7.97 48.76 4.41
N ARG L 166 9.05 48.84 3.63
CA ARG L 166 10.32 49.11 4.28
C ARG L 166 10.91 50.48 4.23
N LEU L 167 10.27 51.40 3.53
CA LEU L 167 10.79 52.75 3.53
C LEU L 167 9.77 53.75 4.06
N PRO L 168 10.27 54.89 4.47
CA PRO L 168 9.49 55.95 5.04
C PRO L 168 8.50 56.55 4.09
N SER L 169 7.43 57.07 4.68
CA SER L 169 6.40 57.76 3.97
C SER L 169 6.17 59.12 4.60
N GLU L 170 6.25 60.14 3.78
CA GLU L 170 6.06 61.44 4.34
C GLU L 170 4.97 62.23 3.71
N PHE L 171 4.30 62.93 4.62
CA PHE L 171 3.25 63.84 4.24
C PHE L 171 3.25 65.13 5.02
N ASP L 172 2.87 66.15 4.24
CA ASP L 172 2.71 67.52 4.67
C ASP L 172 1.33 67.67 5.25
N LEU L 173 1.32 67.94 6.55
CA LEU L 173 0.08 68.07 7.27
C LEU L 173 -0.42 69.50 7.43
N SER L 174 0.54 70.38 7.16
CA SER L 174 0.44 71.81 7.23
C SER L 174 -0.99 72.34 7.02
N ALA L 175 -1.65 71.83 6.01
CA ALA L 175 -2.99 72.29 5.74
C ALA L 175 -4.09 71.57 6.51
N PHE L 176 -3.79 70.60 7.37
CA PHE L 176 -4.90 69.95 8.03
C PHE L 176 -4.85 70.10 9.51
N LEU L 177 -3.85 70.78 9.93
CA LEU L 177 -3.75 70.93 11.33
C LEU L 177 -4.50 72.10 11.89
N ARG L 178 -5.07 71.85 13.06
CA ARG L 178 -5.78 72.82 13.86
C ARG L 178 -4.94 73.01 15.09
N ALA L 179 -5.09 74.14 15.74
CA ALA L 179 -4.33 74.26 16.95
C ALA L 179 -5.00 73.38 18.00
N GLY L 180 -4.16 72.88 18.88
CA GLY L 180 -4.63 72.01 19.91
C GLY L 180 -4.82 70.59 19.43
N GLU L 181 -6.04 70.13 19.61
CA GLU L 181 -6.38 68.77 19.31
C GLU L 181 -6.58 68.38 17.89
N ASN L 182 -5.81 67.35 17.49
CA ASN L 182 -5.94 66.78 16.19
C ASN L 182 -6.03 65.29 16.29
N ARG L 183 -6.61 64.74 15.24
CA ARG L 183 -6.78 63.31 15.17
C ARG L 183 -6.37 62.71 13.83
N LEU L 184 -5.53 61.66 13.96
CA LEU L 184 -5.06 60.88 12.83
C LEU L 184 -5.80 59.58 12.67
N ALA L 185 -6.13 59.28 11.43
CA ALA L 185 -6.75 58.00 11.16
C ALA L 185 -6.09 57.31 10.00
N VAL L 186 -5.40 56.24 10.39
CA VAL L 186 -4.64 55.43 9.51
C VAL L 186 -5.20 54.08 9.29
N MET L 187 -5.56 53.85 8.07
CA MET L 187 -6.07 52.55 7.76
C MET L 187 -5.00 51.78 7.05
N VAL L 188 -4.54 50.70 7.67
CA VAL L 188 -3.47 49.85 7.19
C VAL L 188 -3.94 48.53 6.60
N LEU L 189 -3.35 48.06 5.49
CA LEU L 189 -3.80 46.79 4.95
C LEU L 189 -2.75 45.71 4.80
N ARG L 190 -3.17 44.48 5.08
CA ARG L 190 -2.28 43.36 4.97
C ARG L 190 -1.82 43.19 3.56
N TRP L 191 -2.73 42.81 2.70
CA TRP L 191 -2.35 42.65 1.33
C TRP L 191 -2.50 43.89 0.49
N SER L 192 -1.69 44.02 -0.54
CA SER L 192 -1.70 45.10 -1.51
C SER L 192 -0.92 44.65 -2.71
N ASP L 193 -0.93 45.41 -3.78
CA ASP L 193 -0.14 44.97 -4.91
C ASP L 193 1.34 44.84 -4.50
N GLY L 194 1.77 45.71 -3.55
CA GLY L 194 3.14 45.72 -2.99
C GLY L 194 3.56 44.35 -2.47
N SER L 195 2.58 43.63 -2.01
CA SER L 195 2.83 42.32 -1.50
C SER L 195 3.48 41.46 -2.55
N TYR L 196 3.03 41.61 -3.79
CA TYR L 196 3.64 40.80 -4.81
C TYR L 196 5.15 41.00 -4.87
N LEU L 197 5.65 42.14 -4.39
CA LEU L 197 7.07 42.42 -4.40
C LEU L 197 7.69 42.20 -3.07
N GLU L 198 6.96 41.54 -2.19
CA GLU L 198 7.55 41.36 -0.88
C GLU L 198 7.48 39.93 -0.42
N ASP L 199 7.93 39.00 -1.25
CA ASP L 199 7.83 37.60 -0.91
C ASP L 199 8.98 37.03 -0.10
N GLN L 200 9.63 37.83 0.73
CA GLN L 200 10.75 37.30 1.53
C GLN L 200 10.40 36.13 2.41
N ASP L 201 11.32 35.15 2.50
CA ASP L 201 11.11 34.01 3.39
C ASP L 201 11.32 34.45 4.84
N MET L 202 10.21 34.91 5.40
CA MET L 202 10.14 35.42 6.75
C MET L 202 8.70 35.34 7.20
N TRP L 203 8.47 35.75 8.44
CA TRP L 203 7.13 35.74 8.96
C TRP L 203 6.39 36.87 8.27
N ARG L 204 5.17 36.57 7.87
CA ARG L 204 4.35 37.58 7.25
C ARG L 204 3.49 38.24 8.33
N MET L 205 3.77 39.49 8.59
CA MET L 205 3.08 40.24 9.59
C MET L 205 2.53 41.54 9.01
N SER L 206 2.14 42.49 9.89
CA SER L 206 1.59 43.78 9.45
C SER L 206 1.38 44.78 10.55
N GLY L 207 1.22 46.04 10.14
CA GLY L 207 1.00 47.13 11.06
C GLY L 207 1.97 48.26 10.94
N ILE L 208 1.95 49.10 11.97
CA ILE L 208 2.85 50.25 12.01
C ILE L 208 3.96 49.85 12.92
N PHE L 209 4.95 49.25 12.28
CA PHE L 209 6.03 48.65 12.98
C PHE L 209 7.26 49.48 13.09
N ARG L 210 7.20 50.69 12.57
CA ARG L 210 8.34 51.56 12.72
C ARG L 210 7.84 52.90 13.21
N ASP L 211 8.77 53.67 13.75
CA ASP L 211 8.49 54.98 14.28
C ASP L 211 7.60 55.87 13.44
N VAL L 212 6.94 56.78 14.20
CA VAL L 212 6.08 57.82 13.69
C VAL L 212 6.47 59.15 14.27
N SER L 213 6.58 60.15 13.38
CA SER L 213 7.04 61.43 13.84
C SER L 213 6.53 62.62 13.11
N LEU L 214 6.87 63.74 13.71
CA LEU L 214 6.50 65.01 13.18
C LEU L 214 7.69 65.87 13.05
N LEU L 215 7.68 66.48 11.89
CA LEU L 215 8.77 67.34 11.60
C LEU L 215 8.32 68.71 11.17
N HIS L 216 8.94 69.66 11.86
CA HIS L 216 8.70 71.05 11.63
C HIS L 216 9.83 71.67 10.89
N LYS L 217 9.52 72.09 9.67
CA LYS L 217 10.54 72.71 8.88
C LYS L 217 10.13 74.07 8.38
N PRO L 218 11.14 74.94 8.23
CA PRO L 218 10.95 76.28 7.70
C PRO L 218 10.41 76.19 6.30
N THR L 219 9.74 77.23 5.86
CA THR L 219 9.17 77.24 4.52
C THR L 219 10.23 77.21 3.43
N THR L 220 11.31 77.88 3.77
CA THR L 220 12.45 77.92 2.93
C THR L 220 13.46 77.05 3.66
N GLN L 221 13.73 75.88 3.10
CA GLN L 221 14.57 74.93 3.77
C GLN L 221 15.47 74.10 2.86
N ILE L 222 16.32 73.35 3.55
CA ILE L 222 17.21 72.40 2.94
C ILE L 222 16.37 71.21 2.53
N SER L 223 16.31 70.94 1.25
CA SER L 223 15.48 69.85 0.79
C SER L 223 16.24 68.54 0.63
N ASP L 224 17.57 68.64 0.49
CA ASP L 224 18.36 67.45 0.27
C ASP L 224 19.83 67.78 0.17
N PHE L 225 20.66 66.80 0.50
CA PHE L 225 22.08 66.99 0.38
C PHE L 225 22.84 65.70 0.23
N HIS L 226 23.98 65.76 -0.47
CA HIS L 226 24.83 64.60 -0.66
C HIS L 226 26.25 64.93 -0.41
N VAL L 227 26.92 63.92 0.06
CA VAL L 227 28.30 64.02 0.36
C VAL L 227 29.12 63.05 -0.44
N ALA L 228 30.35 63.46 -0.77
CA ALA L 228 31.26 62.62 -1.51
C ALA L 228 32.71 62.91 -1.21
N THR L 229 33.50 61.84 -1.18
CA THR L 229 34.91 61.99 -0.92
C THR L 229 35.79 61.53 -2.06
N ARG L 230 36.80 62.30 -2.33
CA ARG L 230 37.69 61.93 -3.39
C ARG L 230 39.10 61.94 -2.87
N PHE L 231 39.97 61.06 -3.36
CA PHE L 231 41.34 61.07 -2.84
C PHE L 231 42.44 61.14 -3.86
N ASN L 232 43.62 61.38 -3.35
CA ASN L 232 44.79 61.35 -4.18
C ASN L 232 45.27 59.91 -4.16
N ASP L 233 46.11 59.57 -5.10
CA ASP L 233 46.61 58.21 -5.20
C ASP L 233 47.02 57.57 -3.88
N ASP L 234 47.39 58.35 -2.87
CA ASP L 234 47.82 57.67 -1.67
C ASP L 234 46.95 57.98 -0.48
N PHE L 235 45.84 58.65 -0.74
CA PHE L 235 44.96 58.98 0.35
C PHE L 235 45.60 59.95 1.30
N SER L 236 46.54 60.71 0.81
CA SER L 236 47.12 61.67 1.71
C SER L 236 46.30 62.95 1.72
N ARG L 237 45.40 63.05 0.75
CA ARG L 237 44.53 64.21 0.62
C ARG L 237 43.20 63.87 0.00
N ALA L 238 42.17 64.47 0.57
CA ALA L 238 40.84 64.24 0.11
C ALA L 238 40.06 65.50 -0.21
N VAL L 239 38.95 65.24 -0.88
CA VAL L 239 38.08 66.30 -1.14
C VAL L 239 36.69 65.96 -0.74
N LEU L 240 36.18 66.75 0.17
CA LEU L 240 34.84 66.54 0.54
C LEU L 240 33.98 67.38 -0.35
N GLU L 241 33.05 66.76 -1.00
CA GLU L 241 32.24 67.52 -1.87
C GLU L 241 30.79 67.33 -1.53
N ALA L 242 30.13 68.47 -1.25
CA ALA L 242 28.73 68.46 -0.83
C ALA L 242 27.81 69.22 -1.72
N GLU L 243 26.70 68.58 -2.00
CA GLU L 243 25.75 69.23 -2.83
C GLU L 243 24.50 69.40 -2.03
N VAL L 244 24.01 70.63 -2.10
CA VAL L 244 22.85 70.96 -1.35
C VAL L 244 21.74 71.53 -2.17
N GLN L 245 20.57 71.07 -1.83
CA GLN L 245 19.40 71.57 -2.49
C GLN L 245 18.44 72.16 -1.51
N MET L 246 17.78 73.22 -1.97
CA MET L 246 16.82 73.92 -1.16
C MET L 246 15.45 73.95 -1.79
N CYS L 247 14.50 74.14 -0.92
CA CYS L 247 13.13 74.26 -1.29
C CYS L 247 12.68 75.56 -0.71
N GLY L 248 11.81 76.27 -1.41
CA GLY L 248 11.32 77.52 -0.87
C GLY L 248 11.46 78.76 -1.73
N GLU L 249 11.59 79.87 -1.04
CA GLU L 249 11.71 81.14 -1.66
C GLU L 249 13.12 81.52 -1.93
N LEU L 250 13.47 81.50 -3.19
CA LEU L 250 14.81 81.84 -3.52
C LEU L 250 15.10 83.32 -3.40
N ARG L 251 16.17 83.63 -2.69
CA ARG L 251 16.59 84.99 -2.45
C ARG L 251 18.08 85.09 -2.40
N ASP L 252 18.58 86.14 -2.96
CA ASP L 252 20.00 86.37 -3.02
C ASP L 252 20.73 86.53 -1.69
N TYR L 253 20.05 86.58 -0.57
CA TYR L 253 20.84 86.76 0.62
C TYR L 253 21.06 85.44 1.31
N LEU L 254 20.58 84.39 0.63
CA LEU L 254 20.72 83.07 1.15
C LEU L 254 22.10 82.56 0.97
N ARG L 255 22.51 81.83 1.98
CA ARG L 255 23.81 81.23 1.98
C ARG L 255 23.80 79.83 2.57
N VAL L 256 24.90 79.14 2.28
CA VAL L 256 25.07 77.82 2.78
C VAL L 256 26.46 77.65 3.29
N THR L 257 26.51 77.02 4.42
CA THR L 257 27.79 76.77 5.00
C THR L 257 27.91 75.35 5.43
N VAL L 258 29.05 74.83 5.05
CA VAL L 258 29.34 73.48 5.34
C VAL L 258 30.63 73.42 6.05
N SER L 259 30.55 72.79 7.20
CA SER L 259 31.67 72.69 8.07
C SER L 259 31.94 71.27 8.47
N LEU L 260 33.21 71.03 8.52
CA LEU L 260 33.66 69.74 8.87
C LEU L 260 34.31 69.75 10.20
N TRP L 261 33.90 68.78 10.96
CA TRP L 261 34.42 68.66 12.27
C TRP L 261 34.99 67.33 12.64
N GLN L 262 36.04 67.47 13.41
CA GLN L 262 36.75 66.37 13.97
C GLN L 262 36.57 66.45 15.47
N GLY L 263 35.42 65.99 15.87
CA GLY L 263 35.10 66.06 17.24
C GLY L 263 34.97 67.52 17.63
N GLU L 264 35.95 67.98 18.37
CA GLU L 264 35.91 69.34 18.85
C GLU L 264 36.42 70.32 17.85
N THR L 265 37.29 69.82 17.02
CA THR L 265 37.88 70.67 16.06
C THR L 265 37.19 70.82 14.74
N GLN L 266 37.21 72.05 14.30
CA GLN L 266 36.66 72.33 13.04
C GLN L 266 37.77 72.24 12.05
N VAL L 267 37.61 71.34 11.12
CA VAL L 267 38.60 71.02 10.13
C VAL L 267 38.50 71.79 8.85
N ALA L 268 37.27 72.13 8.50
CA ALA L 268 37.07 72.87 7.28
C ALA L 268 35.68 73.39 7.19
N SER L 269 35.64 74.53 6.51
CA SER L 269 34.40 75.17 6.29
C SER L 269 34.34 75.78 4.94
N GLY L 270 33.13 76.02 4.49
CA GLY L 270 32.90 76.63 3.22
C GLY L 270 31.55 77.27 3.19
N THR L 271 31.52 78.42 2.54
CA THR L 271 30.27 79.12 2.45
C THR L 271 29.99 79.59 1.07
N ALA L 272 28.71 79.57 0.71
CA ALA L 272 28.35 80.05 -0.60
C ALA L 272 26.87 80.22 -0.77
N PRO L 273 26.57 80.87 -1.85
CA PRO L 273 25.22 81.20 -2.26
C PRO L 273 24.76 80.22 -3.28
N PHE L 274 23.45 80.09 -3.41
CA PHE L 274 22.90 79.16 -4.36
C PHE L 274 23.26 79.45 -5.79
N GLY L 275 23.08 78.44 -6.62
CA GLY L 275 23.38 78.57 -8.02
C GLY L 275 24.59 77.74 -8.38
N GLY L 276 24.31 76.76 -9.27
CA GLY L 276 25.29 75.80 -9.77
C GLY L 276 25.98 76.18 -11.08
N GLU L 277 26.83 75.27 -11.55
CA GLU L 277 27.53 75.48 -12.79
C GLU L 277 26.59 75.09 -13.89
N ILE L 278 26.89 75.59 -15.08
CA ILE L 278 26.07 75.30 -16.21
C ILE L 278 26.06 73.83 -16.46
N ILE L 279 24.91 73.30 -16.78
CA ILE L 279 24.91 71.89 -17.01
C ILE L 279 24.46 71.59 -18.41
N ASP L 280 23.68 72.47 -18.99
CA ASP L 280 23.27 72.17 -20.32
C ASP L 280 22.90 73.44 -21.03
N GLU L 281 22.28 73.28 -22.17
CA GLU L 281 21.92 74.46 -22.92
C GLU L 281 21.03 75.47 -22.17
N ARG L 282 20.26 75.03 -21.16
CA ARG L 282 19.39 75.94 -20.44
C ARG L 282 20.01 76.57 -19.22
N GLY L 283 21.18 76.11 -18.81
CA GLY L 283 21.83 76.69 -17.64
C GLY L 283 22.13 75.64 -16.60
N GLY L 284 21.97 76.06 -15.33
CA GLY L 284 22.18 75.22 -14.16
C GLY L 284 21.02 75.22 -13.16
N TYR L 285 21.32 74.75 -11.93
CA TYR L 285 20.37 74.71 -10.84
C TYR L 285 20.59 75.94 -9.98
N ALA L 286 19.60 76.78 -10.00
CA ALA L 286 19.62 78.00 -9.24
C ALA L 286 19.46 77.71 -7.77
N ASP L 287 18.75 76.63 -7.54
CA ASP L 287 18.42 76.17 -6.23
C ASP L 287 19.32 75.07 -5.75
N ARG L 288 20.56 75.07 -6.21
CA ARG L 288 21.46 74.07 -5.66
C ARG L 288 22.78 74.71 -5.51
N VAL L 289 23.63 74.05 -4.78
CA VAL L 289 24.96 74.56 -4.61
C VAL L 289 25.89 73.44 -4.18
N THR L 290 27.13 73.51 -4.61
CA THR L 290 28.05 72.46 -4.28
C THR L 290 29.33 72.95 -3.65
N LEU L 291 29.70 72.42 -2.52
CA LEU L 291 30.92 72.89 -1.95
C LEU L 291 31.97 71.84 -1.96
N ARG L 292 33.18 72.31 -2.02
CA ARG L 292 34.28 71.39 -2.02
C ARG L 292 35.27 71.68 -0.94
N LEU L 293 35.40 70.79 0.02
CA LEU L 293 36.34 71.02 1.09
C LEU L 293 37.54 70.17 0.94
N ASN L 294 38.67 70.79 1.16
CA ASN L 294 39.89 70.03 1.05
C ASN L 294 40.31 69.55 2.40
N VAL L 295 40.80 68.31 2.44
CA VAL L 295 41.27 67.78 3.69
C VAL L 295 42.60 67.10 3.59
N GLU L 296 43.54 67.56 4.39
CA GLU L 296 44.83 66.94 4.37
C GLU L 296 44.88 65.81 5.36
N ASN L 297 45.57 64.76 4.97
CA ASN L 297 45.73 63.61 5.83
C ASN L 297 44.50 63.21 6.59
N PRO L 298 43.44 63.03 5.84
CA PRO L 298 42.19 62.63 6.44
C PRO L 298 42.38 61.31 7.13
N LYS L 299 41.50 61.08 8.09
CA LYS L 299 41.45 59.84 8.81
C LYS L 299 40.42 58.97 8.14
N LEU L 300 40.89 57.81 7.72
CA LEU L 300 40.00 56.96 6.99
C LEU L 300 39.08 56.12 7.79
N TRP L 301 37.93 55.89 7.21
CA TRP L 301 36.97 55.09 7.88
C TRP L 301 37.09 53.64 7.42
N SER L 302 36.85 52.68 8.30
CA SER L 302 36.89 51.28 7.90
C SER L 302 36.24 50.43 8.95
N ALA L 303 35.91 49.20 8.63
CA ALA L 303 35.31 48.39 9.68
C ALA L 303 36.35 48.21 10.76
N GLU L 304 37.60 48.21 10.36
CA GLU L 304 38.69 48.09 11.31
C GLU L 304 38.77 49.31 12.23
N ILE L 305 38.57 50.51 11.68
CA ILE L 305 38.62 51.74 12.46
C ILE L 305 37.70 52.73 11.84
N PRO L 306 36.57 52.80 12.44
CA PRO L 306 35.53 53.65 11.96
C PRO L 306 35.78 55.10 12.24
N ASN L 307 36.84 55.66 11.73
CA ASN L 307 37.04 57.05 11.99
C ASN L 307 35.92 57.85 11.37
N LEU L 308 35.31 58.72 12.17
CA LEU L 308 34.25 59.59 11.65
C LEU L 308 34.49 61.08 11.76
N TYR L 309 33.75 61.82 10.94
CA TYR L 309 33.80 63.26 10.99
C TYR L 309 32.37 63.72 11.03
N ARG L 310 32.17 64.97 11.45
CA ARG L 310 30.83 65.48 11.46
C ARG L 310 30.68 66.63 10.51
N ALA L 311 29.57 66.59 9.79
CA ALA L 311 29.34 67.62 8.83
C ALA L 311 28.08 68.38 9.10
N VAL L 312 28.26 69.70 8.98
CA VAL L 312 27.16 70.61 9.20
C VAL L 312 26.84 71.52 8.06
N VAL L 313 25.56 71.42 7.76
CA VAL L 313 24.95 72.16 6.72
C VAL L 313 24.02 73.20 7.29
N GLU L 314 24.46 74.43 7.17
CA GLU L 314 23.69 75.54 7.66
C GLU L 314 23.26 76.43 6.55
N LEU L 315 21.94 76.57 6.56
CA LEU L 315 21.20 77.40 5.65
C LEU L 315 20.92 78.69 6.35
N HIS L 316 21.55 79.75 5.89
CA HIS L 316 21.33 81.00 6.55
C HIS L 316 21.38 82.16 5.60
N THR L 317 21.19 83.33 6.15
CA THR L 317 21.21 84.54 5.38
C THR L 317 22.58 85.13 5.43
N ALA L 318 22.79 86.08 4.54
CA ALA L 318 24.07 86.74 4.47
C ALA L 318 24.45 87.44 5.75
N ASP L 319 23.45 88.04 6.41
CA ASP L 319 23.68 88.75 7.65
C ASP L 319 24.24 87.82 8.70
N GLY L 320 23.87 86.55 8.60
CA GLY L 320 24.38 85.59 9.55
C GLY L 320 23.26 84.89 10.28
N THR L 321 22.06 85.23 9.93
CA THR L 321 20.96 84.61 10.58
C THR L 321 20.72 83.21 10.07
N LEU L 322 20.69 82.26 10.98
CA LEU L 322 20.48 80.91 10.59
C LEU L 322 19.03 80.54 10.35
N ILE L 323 18.75 79.93 9.22
CA ILE L 323 17.40 79.48 8.97
C ILE L 323 17.18 78.09 9.57
N GLU L 324 18.18 77.23 9.37
CA GLU L 324 18.11 75.86 9.88
C GLU L 324 19.38 75.14 9.61
N ALA L 325 19.48 73.98 10.21
CA ALA L 325 20.67 73.16 10.04
C ALA L 325 20.40 71.68 9.97
N GLU L 326 21.30 71.04 9.25
CA GLU L 326 21.25 69.62 9.09
C GLU L 326 22.66 69.11 9.19
N ALA L 327 22.73 67.84 9.54
CA ALA L 327 24.05 67.30 9.69
C ALA L 327 24.11 65.82 9.45
N CYS L 328 25.35 65.32 9.46
CA CYS L 328 25.59 63.92 9.29
C CYS L 328 27.01 63.54 9.59
N ASP L 329 27.16 62.25 9.88
CA ASP L 329 28.50 61.76 10.14
C ASP L 329 29.15 61.44 8.83
N VAL L 330 30.43 61.70 8.76
CA VAL L 330 31.11 61.44 7.54
C VAL L 330 32.30 60.55 7.72
N GLY L 331 32.44 59.65 6.76
CA GLY L 331 33.54 58.70 6.75
C GLY L 331 34.30 58.75 5.45
N PHE L 332 35.60 58.92 5.57
CA PHE L 332 36.43 58.96 4.39
C PHE L 332 36.86 57.59 3.96
N ARG L 333 36.33 57.16 2.83
CA ARG L 333 36.68 55.84 2.31
C ARG L 333 36.32 55.76 0.87
N GLU L 334 37.09 54.92 0.20
CA GLU L 334 36.90 54.69 -1.20
C GLU L 334 36.71 53.22 -1.49
N VAL L 335 35.63 52.97 -2.20
CA VAL L 335 35.27 51.62 -2.57
C VAL L 335 35.39 51.46 -4.04
N ARG L 336 36.20 50.51 -4.46
CA ARG L 336 36.28 50.31 -5.87
C ARG L 336 36.70 48.94 -6.34
N ILE L 337 36.20 48.64 -7.51
CA ILE L 337 36.56 47.38 -8.09
C ILE L 337 37.59 47.59 -9.14
N GLU L 338 38.71 46.98 -8.91
CA GLU L 338 39.73 47.15 -9.88
C GLU L 338 40.44 45.88 -10.22
N ASN L 339 40.51 45.66 -11.49
CA ASN L 339 41.19 44.49 -11.95
C ASN L 339 40.72 43.21 -11.31
N GLY L 340 39.42 43.06 -11.19
CA GLY L 340 38.84 41.86 -10.63
C GLY L 340 38.76 41.95 -9.13
N LEU L 341 39.23 43.04 -8.55
CA LEU L 341 39.14 43.06 -7.11
C LEU L 341 38.39 44.16 -6.49
N LEU L 342 37.74 43.80 -5.42
CA LEU L 342 37.02 44.77 -4.69
C LEU L 342 37.94 45.36 -3.65
N LEU L 343 38.11 46.66 -3.80
CA LEU L 343 39.00 47.36 -2.93
C LEU L 343 38.37 48.38 -2.08
N LEU L 344 38.98 48.44 -0.92
CA LEU L 344 38.61 49.42 0.03
C LEU L 344 39.80 50.20 0.47
N ASN L 345 39.72 51.47 0.19
CA ASN L 345 40.80 52.34 0.51
C ASN L 345 42.07 51.77 0.00
N GLY L 346 42.02 51.21 -1.18
CA GLY L 346 43.25 50.69 -1.71
C GLY L 346 43.47 49.22 -1.49
N LYS L 347 42.93 48.68 -0.43
CA LYS L 347 43.15 47.27 -0.23
C LYS L 347 41.93 46.48 -0.57
N PRO L 348 42.21 45.22 -0.75
CA PRO L 348 41.28 44.21 -1.14
C PRO L 348 40.67 43.59 0.05
N LEU L 349 39.38 43.67 0.08
CA LEU L 349 38.67 43.16 1.20
C LEU L 349 38.50 41.68 1.23
N LEU L 350 38.17 41.24 2.42
CA LEU L 350 37.83 39.88 2.72
C LEU L 350 36.61 39.91 3.62
N ILE L 351 35.48 39.75 3.00
CA ILE L 351 34.22 39.84 3.68
C ILE L 351 33.91 38.68 4.59
N ARG L 352 33.83 38.99 5.87
CA ARG L 352 33.41 38.02 6.84
C ARG L 352 31.99 38.42 7.20
N GLY L 353 31.06 38.09 6.30
CA GLY L 353 29.71 38.55 6.47
C GLY L 353 28.65 37.59 6.87
N VAL L 354 27.50 38.21 7.13
CA VAL L 354 26.31 37.48 7.52
C VAL L 354 25.08 38.24 7.09
N ASN L 355 24.04 37.49 6.81
CA ASN L 355 22.76 38.04 6.43
C ASN L 355 21.98 38.19 7.70
N ARG L 356 21.19 39.23 7.79
CA ARG L 356 20.43 39.46 9.01
C ARG L 356 19.07 40.07 8.81
N HIS L 357 18.08 39.42 9.37
CA HIS L 357 16.74 39.97 9.30
C HIS L 357 16.44 40.81 10.52
N GLU L 358 15.40 41.62 10.41
CA GLU L 358 14.97 42.45 11.55
C GLU L 358 13.91 41.62 12.28
N HIS L 359 14.33 40.89 13.34
CA HIS L 359 13.43 39.98 14.05
C HIS L 359 13.67 39.86 15.54
N HIS L 360 12.54 39.95 16.24
CA HIS L 360 12.45 39.89 17.67
C HIS L 360 11.39 38.88 18.06
N PRO L 361 11.82 37.92 18.86
CA PRO L 361 11.01 36.80 19.36
C PRO L 361 9.73 37.28 20.02
N LEU L 362 9.79 38.50 20.60
CA LEU L 362 8.68 39.15 21.27
C LEU L 362 8.03 40.24 20.47
N HIS L 363 8.83 41.12 19.90
CA HIS L 363 8.25 42.20 19.16
C HIS L 363 7.92 41.93 17.73
N GLY L 364 8.32 40.78 17.22
CA GLY L 364 8.06 40.49 15.82
C GLY L 364 9.07 41.26 14.99
N GLN L 365 8.57 42.06 14.04
CA GLN L 365 9.48 42.81 13.22
C GLN L 365 9.84 44.19 13.74
N VAL L 366 9.59 44.44 15.00
CA VAL L 366 9.89 45.74 15.53
C VAL L 366 11.28 45.85 16.15
N MET L 367 12.04 46.84 15.71
CA MET L 367 13.40 46.96 16.21
C MET L 367 13.70 48.05 17.23
N ASP L 368 14.78 47.88 17.98
CA ASP L 368 15.17 48.89 18.93
C ASP L 368 16.66 48.92 19.19
N GLU L 369 17.09 50.10 19.54
CA GLU L 369 18.48 50.34 19.83
C GLU L 369 19.16 49.16 20.50
N GLN L 370 18.63 48.84 21.64
CA GLN L 370 19.19 47.79 22.42
C GLN L 370 19.57 46.54 21.64
N THR L 371 18.57 46.00 20.97
CA THR L 371 18.77 44.81 20.18
C THR L 371 19.88 44.98 19.16
N MET L 372 19.68 46.01 18.33
CA MET L 372 20.63 46.35 17.33
C MET L 372 22.02 46.29 17.92
N VAL L 373 22.22 47.05 18.95
CA VAL L 373 23.53 46.99 19.53
C VAL L 373 23.97 45.60 19.96
N GLN L 374 23.04 44.87 20.50
CA GLN L 374 23.45 43.55 20.90
C GLN L 374 24.06 42.83 19.71
N ASP L 375 23.29 42.82 18.65
CA ASP L 375 23.74 42.18 17.46
C ASP L 375 25.11 42.64 17.03
N ILE L 376 25.22 43.93 16.92
CA ILE L 376 26.48 44.44 16.50
C ILE L 376 27.60 43.95 17.36
N LEU L 377 27.43 44.08 18.64
CA LEU L 377 28.51 43.60 19.47
C LEU L 377 28.85 42.16 19.26
N LEU L 378 27.83 41.36 19.19
CA LEU L 378 28.09 39.97 18.98
C LEU L 378 28.86 39.71 17.74
N MET L 379 28.36 40.26 16.66
CA MET L 379 29.03 40.08 15.41
C MET L 379 30.47 40.44 15.52
N LYS L 380 30.68 41.66 15.96
CA LYS L 380 32.04 42.09 16.09
C LYS L 380 32.83 41.13 16.91
N GLN L 381 32.22 40.68 17.96
CA GLN L 381 32.93 39.75 18.81
C GLN L 381 33.25 38.43 18.18
N ASN L 382 32.48 38.04 17.18
CA ASN L 382 32.73 36.79 16.54
C ASN L 382 33.42 36.92 15.21
N ASN L 383 34.14 37.98 15.07
CA ASN L 383 34.90 38.19 13.87
C ASN L 383 34.13 38.44 12.60
N PHE L 384 32.97 39.05 12.71
CA PHE L 384 32.29 39.39 11.47
C PHE L 384 32.62 40.81 11.08
N ASN L 385 32.58 41.18 9.79
CA ASN L 385 32.88 42.58 9.49
C ASN L 385 31.89 43.17 8.57
N ALA L 386 30.90 42.39 8.23
CA ALA L 386 29.95 42.92 7.30
C ALA L 386 28.61 42.29 7.43
N VAL L 387 27.63 43.00 6.95
CA VAL L 387 26.31 42.44 7.03
C VAL L 387 25.48 42.84 5.84
N ARG L 388 24.57 41.95 5.51
CA ARG L 388 23.69 42.18 4.43
C ARG L 388 22.26 42.32 4.93
N CYS L 389 21.62 43.40 4.51
CA CYS L 389 20.24 43.68 4.89
C CYS L 389 19.24 42.81 4.14
N SER L 390 19.26 41.54 4.48
CA SER L 390 18.32 40.68 3.81
C SER L 390 16.93 40.98 4.34
N HIS L 391 16.04 41.47 3.51
CA HIS L 391 16.20 41.81 2.11
C HIS L 391 15.35 43.05 1.87
N TYR L 392 15.68 44.11 2.57
CA TYR L 392 14.96 45.34 2.52
C TYR L 392 15.76 46.28 3.35
N PRO L 393 15.43 47.52 3.20
CA PRO L 393 16.15 48.56 3.90
C PRO L 393 15.84 48.47 5.37
N ASN L 394 16.82 48.77 6.17
CA ASN L 394 16.62 48.64 7.58
C ASN L 394 16.23 49.92 8.28
N HIS L 395 15.96 49.71 9.54
CA HIS L 395 15.69 50.79 10.41
C HIS L 395 16.94 51.66 10.45
N PRO L 396 16.69 52.83 10.06
CA PRO L 396 17.62 53.91 9.94
C PRO L 396 18.67 53.91 11.01
N LEU L 397 18.27 53.72 12.21
CA LEU L 397 19.26 53.75 13.24
C LEU L 397 20.44 52.79 13.00
N TRP L 398 20.09 51.65 12.44
CA TRP L 398 21.04 50.61 12.12
C TRP L 398 22.29 51.15 11.47
N TYR L 399 22.02 51.84 10.35
CA TYR L 399 23.10 52.42 9.57
C TYR L 399 24.01 53.28 10.38
N THR L 400 23.42 54.01 11.26
CA THR L 400 24.25 54.84 12.07
C THR L 400 25.17 54.04 12.95
N LEU L 401 24.55 53.05 13.56
CA LEU L 401 25.29 52.22 14.42
C LEU L 401 26.44 51.59 13.71
N CYS L 402 26.13 51.10 12.51
CA CYS L 402 27.20 50.46 11.76
C CYS L 402 28.27 51.44 11.44
N ASP L 403 27.82 52.65 11.11
CA ASP L 403 28.76 53.69 10.78
C ASP L 403 29.67 53.90 11.96
N ARG L 404 29.04 53.88 13.12
CA ARG L 404 29.77 54.11 14.34
C ARG L 404 30.63 52.99 14.84
N TYR L 405 30.06 51.81 14.83
CA TYR L 405 30.75 50.64 15.32
C TYR L 405 31.80 50.06 14.39
N GLY L 406 31.55 50.16 13.09
CA GLY L 406 32.46 49.64 12.09
C GLY L 406 32.00 48.33 11.48
N LEU L 407 31.04 48.36 10.54
CA LEU L 407 30.62 47.15 9.85
C LEU L 407 30.33 47.46 8.40
N TYR L 408 30.80 46.63 7.48
CA TYR L 408 30.47 46.93 6.09
C TYR L 408 29.05 46.49 5.85
N VAL L 409 28.32 47.32 5.12
CA VAL L 409 26.95 46.97 4.86
C VAL L 409 26.55 47.00 3.41
N VAL L 410 25.67 46.05 3.13
CA VAL L 410 25.05 45.94 1.84
C VAL L 410 23.61 46.33 1.98
N ASP L 411 23.25 47.46 1.40
CA ASP L 411 21.89 47.97 1.45
C ASP L 411 21.09 47.33 0.33
N GLU L 412 19.94 46.76 0.65
CA GLU L 412 19.21 46.03 -0.34
C GLU L 412 17.77 46.48 -0.51
N ALA L 413 17.38 46.65 -1.75
CA ALA L 413 16.04 47.06 -2.04
C ALA L 413 15.00 46.00 -1.68
N ASN L 414 13.83 46.50 -1.29
CA ASN L 414 12.72 45.69 -0.87
C ASN L 414 11.98 45.06 -2.04
N ILE L 415 12.62 44.09 -2.69
CA ILE L 415 11.95 43.41 -3.77
C ILE L 415 12.23 41.93 -3.84
N GLU L 416 11.24 41.08 -3.61
CA GLU L 416 11.40 39.64 -3.75
C GLU L 416 10.12 39.11 -4.37
N THR L 417 10.25 38.40 -5.48
CA THR L 417 9.09 37.84 -6.14
C THR L 417 9.28 36.37 -6.30
N HIS L 418 9.94 35.86 -5.28
CA HIS L 418 10.28 34.48 -5.26
C HIS L 418 9.22 33.52 -5.78
N GLY L 419 7.97 33.67 -5.35
CA GLY L 419 6.90 32.76 -5.71
C GLY L 419 6.41 32.85 -7.14
N MET L 420 6.85 33.84 -7.89
CA MET L 420 6.36 33.89 -9.24
C MET L 420 6.83 32.74 -10.06
N VAL L 421 6.31 32.65 -11.26
CA VAL L 421 6.72 31.58 -12.15
C VAL L 421 6.55 31.95 -13.59
N PRO L 422 7.64 32.05 -14.33
CA PRO L 422 8.95 31.88 -13.75
C PRO L 422 9.24 33.08 -12.86
N MET L 423 10.23 32.90 -12.02
CA MET L 423 10.60 33.92 -11.07
C MET L 423 10.62 35.35 -11.58
N ASN L 424 10.93 35.61 -12.83
CA ASN L 424 11.02 37.00 -13.28
C ASN L 424 9.80 37.60 -13.98
N ARG L 425 8.70 36.87 -13.84
CA ARG L 425 7.46 37.23 -14.44
C ARG L 425 7.13 38.71 -14.30
N LEU L 426 7.34 39.24 -13.11
CA LEU L 426 7.07 40.64 -12.90
C LEU L 426 8.20 41.55 -13.32
N THR L 427 9.42 41.15 -12.90
CA THR L 427 10.67 41.87 -13.17
C THR L 427 10.98 42.09 -14.61
N ASP L 428 10.39 41.24 -15.41
CA ASP L 428 10.59 41.45 -16.81
C ASP L 428 9.43 42.24 -17.43
N ASP L 429 8.62 42.91 -16.59
CA ASP L 429 7.47 43.61 -17.11
C ASP L 429 7.41 45.06 -16.72
N PRO L 430 7.49 45.77 -17.80
CA PRO L 430 7.51 47.20 -17.87
C PRO L 430 6.48 47.74 -16.94
N ARG L 431 5.33 47.09 -17.00
CA ARG L 431 4.26 47.50 -16.13
C ARG L 431 4.68 47.60 -14.70
N TRP L 432 5.59 46.75 -14.26
CA TRP L 432 5.98 46.82 -12.89
C TRP L 432 7.19 47.64 -12.66
N LEU L 433 7.71 48.09 -13.77
CA LEU L 433 8.89 48.87 -13.64
C LEU L 433 8.81 49.97 -12.58
N PRO L 434 7.94 50.90 -12.82
CA PRO L 434 7.73 52.02 -11.90
C PRO L 434 7.65 51.61 -10.42
N ALA L 435 6.90 50.58 -10.18
CA ALA L 435 6.83 50.09 -8.82
C ALA L 435 8.22 49.78 -8.30
N MET L 436 8.91 48.94 -9.10
CA MET L 436 10.27 48.56 -8.74
C MET L 436 11.16 49.76 -8.57
N SER L 437 11.05 50.68 -9.49
CA SER L 437 11.88 51.84 -9.46
C SER L 437 11.85 52.53 -8.14
N GLU L 438 10.61 52.76 -7.73
CA GLU L 438 10.39 53.49 -6.50
C GLU L 438 11.16 52.87 -5.38
N ARG L 439 11.08 51.55 -5.41
CA ARG L 439 11.74 50.76 -4.43
C ARG L 439 13.25 50.96 -4.42
N VAL L 440 13.85 51.20 -5.57
CA VAL L 440 15.28 51.37 -5.52
C VAL L 440 15.70 52.80 -5.25
N THR L 441 15.15 53.65 -6.08
CA THR L 441 15.47 55.04 -6.03
C THR L 441 15.40 55.58 -4.65
N ARG L 442 14.27 55.33 -4.04
CA ARG L 442 14.04 55.80 -2.71
C ARG L 442 15.08 55.36 -1.69
N MET L 443 15.48 54.10 -1.78
CA MET L 443 16.47 53.62 -0.85
C MET L 443 17.73 54.46 -0.97
N VAL L 444 18.07 54.65 -2.21
CA VAL L 444 19.28 55.37 -2.46
C VAL L 444 19.26 56.76 -1.91
N GLN L 445 18.15 57.43 -2.20
CA GLN L 445 18.07 58.78 -1.72
C GLN L 445 18.14 58.84 -0.22
N ARG L 446 17.67 57.80 0.40
CA ARG L 446 17.72 57.86 1.81
C ARG L 446 19.07 57.57 2.43
N ASP L 447 19.71 56.50 1.97
CA ASP L 447 20.91 56.02 2.61
C ASP L 447 22.27 56.35 2.09
N ARG L 448 22.27 57.01 0.97
CA ARG L 448 23.52 57.27 0.34
C ARG L 448 24.60 58.02 1.07
N ASN L 449 24.31 58.64 2.18
CA ASN L 449 25.44 59.32 2.78
C ASN L 449 26.13 58.52 3.88
N HIS L 450 25.70 57.30 4.13
CA HIS L 450 26.35 56.55 5.18
C HIS L 450 27.59 55.81 4.72
N PRO L 451 28.72 56.11 5.30
CA PRO L 451 29.94 55.41 4.94
C PRO L 451 29.85 53.89 5.06
N SER L 452 29.09 53.38 6.00
CA SER L 452 29.04 51.92 6.12
C SER L 452 28.44 51.21 4.93
N VAL L 453 27.63 51.93 4.18
CA VAL L 453 27.06 51.26 3.06
C VAL L 453 28.08 51.23 1.99
N ILE L 454 28.43 50.02 1.53
CA ILE L 454 29.43 49.98 0.49
C ILE L 454 28.97 49.32 -0.78
N ILE L 455 27.79 48.73 -0.74
CA ILE L 455 27.29 48.08 -1.92
C ILE L 455 25.80 48.15 -1.94
N TRP L 456 25.30 48.45 -3.11
CA TRP L 456 23.89 48.50 -3.28
C TRP L 456 23.49 47.17 -3.89
N SER L 457 22.31 46.71 -3.54
CA SER L 457 21.74 45.47 -4.04
C SER L 457 20.31 45.70 -4.49
N LEU L 458 19.95 45.16 -5.66
CA LEU L 458 18.62 45.36 -6.20
C LEU L 458 17.55 44.44 -5.61
N GLY L 459 17.85 43.79 -4.51
CA GLY L 459 16.82 42.93 -4.02
C GLY L 459 17.27 41.51 -3.95
N ASN L 460 16.31 40.61 -4.05
CA ASN L 460 16.54 39.19 -3.91
C ASN L 460 15.52 38.29 -4.60
N GLU L 461 15.95 37.09 -4.93
CA GLU L 461 15.18 36.07 -5.63
C GLU L 461 14.00 36.55 -6.44
N SER L 462 14.29 37.27 -7.51
CA SER L 462 13.24 37.79 -8.38
C SER L 462 13.59 37.56 -9.83
N GLY L 463 14.40 36.53 -10.06
CA GLY L 463 14.86 36.21 -11.38
C GLY L 463 15.70 37.35 -11.93
N HIS L 464 15.68 37.47 -13.24
CA HIS L 464 16.39 38.52 -13.89
C HIS L 464 15.53 39.10 -14.97
N GLY L 465 15.27 40.39 -14.90
CA GLY L 465 14.46 41.01 -15.90
C GLY L 465 14.98 42.38 -16.28
N ALA L 466 14.50 42.83 -17.41
CA ALA L 466 14.95 44.10 -17.92
C ALA L 466 14.82 45.19 -16.87
N ASN L 467 13.79 45.05 -16.07
CA ASN L 467 13.60 46.04 -15.05
C ASN L 467 14.88 46.18 -14.23
N HIS L 468 15.52 45.04 -14.03
CA HIS L 468 16.75 45.02 -13.27
C HIS L 468 17.85 45.81 -13.94
N ASP L 469 18.05 45.49 -15.19
CA ASP L 469 19.07 46.17 -15.95
C ASP L 469 18.91 47.68 -15.88
N ALA L 470 17.69 48.09 -16.10
CA ALA L 470 17.47 49.51 -16.04
C ALA L 470 17.82 50.09 -14.69
N LEU L 471 17.42 49.40 -13.66
CA LEU L 471 17.69 49.92 -12.35
C LEU L 471 19.14 49.94 -11.97
N TYR L 472 19.78 48.86 -12.37
CA TYR L 472 21.18 48.76 -12.15
C TYR L 472 21.87 49.99 -12.71
N ARG L 473 21.54 50.24 -13.95
CA ARG L 473 22.12 51.37 -14.61
C ARG L 473 21.87 52.69 -13.91
N TRP L 474 20.62 52.87 -13.51
CA TRP L 474 20.24 54.08 -12.85
C TRP L 474 21.17 54.37 -11.71
N ILE L 475 21.36 53.36 -10.91
CA ILE L 475 22.21 53.61 -9.79
C ILE L 475 23.57 54.01 -10.22
N LYS L 476 24.09 53.19 -11.11
CA LYS L 476 25.42 53.44 -11.59
C LYS L 476 25.58 54.90 -11.92
N SER L 477 24.55 55.45 -12.50
CA SER L 477 24.68 56.83 -12.86
C SER L 477 24.53 57.76 -11.71
N VAL L 478 23.69 57.40 -10.82
CA VAL L 478 23.50 58.31 -9.75
C VAL L 478 24.57 58.22 -8.68
N ASP L 479 24.99 57.00 -8.40
CA ASP L 479 25.99 56.78 -7.39
C ASP L 479 26.99 55.77 -7.86
N PRO L 480 28.02 56.38 -8.29
CA PRO L 480 29.14 55.71 -8.84
C PRO L 480 30.11 55.35 -7.75
N SER L 481 29.85 55.75 -6.53
CA SER L 481 30.78 55.45 -5.47
C SER L 481 30.73 54.01 -4.97
N ARG L 482 29.63 53.32 -5.24
CA ARG L 482 29.50 51.95 -4.81
C ARG L 482 29.04 51.08 -5.93
N PRO L 483 29.49 49.86 -5.83
CA PRO L 483 29.19 48.82 -6.77
C PRO L 483 27.80 48.32 -6.52
N VAL L 484 27.28 47.66 -7.53
CA VAL L 484 25.96 47.12 -7.42
C VAL L 484 25.93 45.63 -7.63
N GLN L 485 25.21 44.91 -6.77
CA GLN L 485 25.11 43.49 -7.01
C GLN L 485 23.70 43.01 -7.00
N TYR L 486 23.50 41.88 -7.66
CA TYR L 486 22.20 41.24 -7.72
C TYR L 486 22.42 39.81 -8.16
N GLU L 487 21.90 38.89 -7.39
CA GLU L 487 22.11 37.49 -7.67
C GLU L 487 21.13 36.86 -8.66
N GLY L 488 19.94 37.38 -8.70
CA GLY L 488 18.92 36.79 -9.51
C GLY L 488 19.35 36.40 -10.90
N GLY L 489 18.73 35.33 -11.34
CA GLY L 489 18.93 34.87 -12.67
C GLY L 489 20.30 34.31 -12.98
N GLY L 490 21.00 33.74 -12.02
CA GLY L 490 22.27 33.15 -12.38
C GLY L 490 23.50 33.72 -11.70
N ALA L 491 23.33 34.81 -10.95
CA ALA L 491 24.39 35.44 -10.17
C ALA L 491 25.51 36.10 -10.93
N ASP L 492 25.43 36.07 -12.25
CA ASP L 492 26.49 36.69 -13.00
C ASP L 492 25.99 37.46 -14.19
N THR L 493 24.75 37.92 -14.09
CA THR L 493 24.13 38.65 -15.16
C THR L 493 24.72 40.02 -15.35
N THR L 494 24.16 40.70 -16.35
CA THR L 494 24.59 42.04 -16.69
C THR L 494 24.18 43.01 -15.62
N ALA L 495 23.39 42.50 -14.72
CA ALA L 495 22.92 43.37 -13.70
C ALA L 495 23.76 43.33 -12.45
N THR L 496 24.93 42.72 -12.46
CA THR L 496 25.68 42.71 -11.21
C THR L 496 27.13 43.01 -11.43
N ASP L 497 27.71 43.73 -10.50
CA ASP L 497 29.12 44.05 -10.63
C ASP L 497 29.93 42.98 -10.00
N ILE L 498 29.28 42.06 -9.31
CA ILE L 498 30.01 41.00 -8.63
C ILE L 498 29.31 39.70 -8.81
N ILE L 499 30.07 38.61 -8.87
CA ILE L 499 29.44 37.32 -8.94
C ILE L 499 29.06 37.01 -7.52
N CYS L 500 27.77 36.97 -7.27
CA CYS L 500 27.27 36.80 -5.93
C CYS L 500 26.26 35.72 -5.80
N PRO L 501 26.71 34.52 -5.98
CA PRO L 501 25.79 33.42 -5.86
C PRO L 501 25.44 33.15 -4.42
N MET L 502 24.53 32.22 -4.33
CA MET L 502 24.11 31.74 -3.06
C MET L 502 24.14 30.23 -3.07
N TYR L 503 24.87 29.69 -2.12
CA TYR L 503 24.95 28.26 -1.99
C TYR L 503 25.75 27.49 -3.01
N ALA L 504 26.65 28.18 -3.69
CA ALA L 504 27.54 27.48 -4.58
C ALA L 504 28.57 26.72 -3.73
N ARG L 505 28.97 25.55 -4.19
CA ARG L 505 29.90 24.76 -3.41
C ARG L 505 31.34 25.09 -3.70
N VAL L 506 32.20 24.66 -2.80
CA VAL L 506 33.58 24.97 -3.00
C VAL L 506 34.18 24.29 -4.21
N ASP L 507 33.99 23.00 -4.25
CA ASP L 507 34.57 22.28 -5.36
C ASP L 507 33.59 21.59 -6.22
N GLU L 508 32.36 21.52 -5.82
CA GLU L 508 31.42 20.77 -6.60
C GLU L 508 30.44 21.64 -7.34
N ASP L 509 30.19 21.29 -8.58
CA ASP L 509 29.28 22.03 -9.43
C ASP L 509 27.89 21.50 -9.31
N GLN L 510 26.91 22.38 -9.44
CA GLN L 510 25.50 22.07 -9.44
C GLN L 510 24.93 22.77 -10.62
N PRO L 511 24.91 21.98 -11.64
CA PRO L 511 24.54 22.38 -12.94
C PRO L 511 23.07 22.42 -13.24
N PHE L 512 22.37 23.27 -12.56
CA PHE L 512 21.02 23.35 -12.95
C PHE L 512 20.94 24.07 -14.26
N PRO L 513 19.96 23.64 -14.99
CA PRO L 513 19.63 24.23 -16.24
C PRO L 513 19.35 25.68 -16.01
N ALA L 514 19.82 26.46 -16.96
CA ALA L 514 19.65 27.88 -16.95
C ALA L 514 20.38 28.59 -15.84
N VAL L 515 20.40 28.04 -14.66
CA VAL L 515 21.05 28.78 -13.61
C VAL L 515 21.81 27.84 -12.76
N PRO L 516 22.82 27.32 -13.36
CA PRO L 516 23.69 26.38 -12.69
C PRO L 516 24.51 27.09 -11.65
N LYS L 517 24.93 26.35 -10.64
CA LYS L 517 25.82 26.88 -9.63
C LYS L 517 27.15 26.14 -9.72
N TRP L 518 28.13 26.79 -10.32
CA TRP L 518 29.43 26.19 -10.45
C TRP L 518 30.21 26.18 -9.17
N SER L 519 31.19 25.29 -9.06
CA SER L 519 32.06 25.34 -7.92
C SER L 519 32.63 26.75 -7.98
N ILE L 520 32.77 27.36 -6.82
CA ILE L 520 33.23 28.72 -6.89
C ILE L 520 34.58 28.88 -7.51
N LYS L 521 35.46 27.91 -7.34
CA LYS L 521 36.77 28.07 -7.96
C LYS L 521 36.65 28.02 -9.46
N LYS L 522 35.75 27.23 -9.94
CA LYS L 522 35.62 27.16 -11.36
C LYS L 522 34.97 28.40 -11.92
N TRP L 523 33.97 28.84 -11.21
CA TRP L 523 33.21 29.94 -11.70
C TRP L 523 34.09 31.06 -12.10
N LEU L 524 35.05 31.33 -11.26
CA LEU L 524 35.93 32.46 -11.55
C LEU L 524 36.60 32.46 -12.90
N SER L 525 36.98 31.29 -13.37
CA SER L 525 37.76 31.02 -14.55
C SER L 525 36.99 30.83 -15.84
N LEU L 526 35.68 30.92 -15.77
CA LEU L 526 34.98 30.75 -17.01
C LEU L 526 35.45 31.78 -18.00
N PRO L 527 35.44 31.33 -19.23
CA PRO L 527 35.91 32.15 -20.32
C PRO L 527 35.23 33.46 -20.32
N GLY L 528 36.04 34.49 -20.28
CA GLY L 528 35.53 35.83 -20.28
C GLY L 528 35.23 36.37 -18.90
N GLU L 529 35.06 35.51 -17.88
CA GLU L 529 34.72 36.05 -16.56
C GLU L 529 35.87 36.82 -15.93
N THR L 530 35.61 37.94 -15.27
CA THR L 530 36.68 38.71 -14.65
C THR L 530 36.35 39.31 -13.29
N ARG L 531 35.08 39.25 -12.91
CA ARG L 531 34.61 39.83 -11.68
C ARG L 531 35.04 39.13 -10.44
N PRO L 532 34.89 39.82 -9.33
CA PRO L 532 35.19 39.22 -8.07
C PRO L 532 34.01 38.40 -7.69
N LEU L 533 34.22 37.44 -6.80
CA LEU L 533 33.13 36.63 -6.33
C LEU L 533 33.00 36.68 -4.84
N ILE L 534 31.76 36.95 -4.43
CA ILE L 534 31.39 37.04 -3.02
C ILE L 534 30.04 36.40 -2.88
N LEU L 535 29.92 35.38 -2.04
CA LEU L 535 28.64 34.76 -1.96
C LEU L 535 27.67 35.58 -1.16
N CYS L 536 26.54 35.83 -1.78
CA CYS L 536 25.54 36.60 -1.10
C CYS L 536 24.93 35.75 0.00
N GLU L 537 24.94 34.45 -0.20
CA GLU L 537 24.45 33.55 0.84
C GLU L 537 25.15 32.23 0.78
N TYR L 538 25.59 31.81 1.96
CA TYR L 538 26.24 30.54 2.06
C TYR L 538 26.27 30.00 3.48
N ALA L 539 26.55 28.69 3.52
CA ALA L 539 26.66 27.93 4.74
C ALA L 539 25.38 28.02 5.54
N HIS L 540 24.30 27.43 5.02
CA HIS L 540 22.99 27.46 5.65
C HIS L 540 23.03 27.01 7.11
N ALA L 541 22.89 27.94 8.05
CA ALA L 541 23.02 27.56 9.45
C ALA L 541 21.80 26.97 10.18
N MET L 542 21.04 26.14 9.49
CA MET L 542 19.85 25.55 10.03
C MET L 542 20.08 24.38 10.99
N GLY L 543 19.90 24.67 12.26
CA GLY L 543 20.05 23.65 13.30
C GLY L 543 21.47 23.22 13.48
N ASN L 544 21.67 21.91 13.62
CA ASN L 544 23.03 21.40 13.76
C ASN L 544 23.69 21.44 12.38
N SER L 545 24.30 22.58 12.08
CA SER L 545 24.87 22.81 10.77
C SER L 545 26.24 23.46 10.80
N LEU L 546 26.60 23.99 9.65
CA LEU L 546 27.88 24.61 9.43
C LEU L 546 29.00 23.63 9.10
N GLY L 547 28.66 22.39 8.79
CA GLY L 547 29.71 21.48 8.43
C GLY L 547 30.30 21.92 7.11
N GLY L 548 31.64 21.95 7.02
CA GLY L 548 32.27 22.35 5.77
C GLY L 548 32.73 23.81 5.74
N PHE L 549 32.32 24.55 6.71
CA PHE L 549 32.68 25.93 6.76
C PHE L 549 34.16 26.22 6.45
N ALA L 550 35.03 25.45 7.06
CA ALA L 550 36.44 25.67 6.82
C ALA L 550 36.88 25.53 5.37
N LYS L 551 36.23 24.63 4.65
CA LYS L 551 36.53 24.47 3.26
C LYS L 551 36.43 25.82 2.53
N TYR L 552 35.40 26.60 2.84
CA TYR L 552 35.24 27.87 2.19
C TYR L 552 36.35 28.81 2.59
N TRP L 553 36.55 28.86 3.89
CA TRP L 553 37.56 29.78 4.34
C TRP L 553 38.88 29.51 3.73
N GLN L 554 39.12 28.26 3.52
CA GLN L 554 40.39 28.05 2.95
C GLN L 554 40.46 28.49 1.54
N ALA L 555 39.40 28.24 0.82
CA ALA L 555 39.44 28.68 -0.55
C ALA L 555 39.55 30.17 -0.59
N PHE L 556 38.75 30.80 0.25
CA PHE L 556 38.75 32.23 0.23
C PHE L 556 40.15 32.72 0.38
N ARG L 557 40.81 32.15 1.35
CA ARG L 557 42.16 32.59 1.59
C ARG L 557 43.10 32.29 0.45
N GLN L 558 42.83 31.27 -0.34
CA GLN L 558 43.80 31.02 -1.39
C GLN L 558 43.51 31.67 -2.71
N TYR L 559 42.30 32.11 -2.97
CA TYR L 559 42.04 32.72 -4.25
C TYR L 559 41.66 34.16 -4.11
N PRO L 560 42.54 34.95 -4.60
CA PRO L 560 42.44 36.38 -4.59
C PRO L 560 41.08 36.91 -4.91
N ARG L 561 40.51 36.41 -6.01
CA ARG L 561 39.21 36.85 -6.42
C ARG L 561 38.07 36.27 -5.62
N LEU L 562 38.35 35.38 -4.70
CA LEU L 562 37.23 34.92 -3.89
C LEU L 562 37.28 35.81 -2.69
N GLN L 563 36.41 36.80 -2.60
CA GLN L 563 36.50 37.70 -1.49
C GLN L 563 35.58 37.52 -0.30
N GLY L 564 35.06 36.31 -0.10
CA GLY L 564 34.23 36.04 1.08
C GLY L 564 32.75 35.81 0.81
N GLY L 565 31.94 36.07 1.82
CA GLY L 565 30.51 35.89 1.68
C GLY L 565 29.77 36.21 2.97
N PHE L 566 28.47 36.07 2.90
CA PHE L 566 27.58 36.31 3.99
C PHE L 566 26.86 35.05 4.30
N VAL L 567 27.05 34.65 5.53
CA VAL L 567 26.42 33.47 6.01
C VAL L 567 24.93 33.64 6.12
N TRP L 568 24.25 32.53 5.98
CA TRP L 568 22.82 32.56 6.10
C TRP L 568 22.37 31.72 7.26
N ASP L 569 21.90 32.33 8.35
CA ASP L 569 21.84 33.76 8.59
C ASP L 569 22.07 34.03 10.08
N TRP L 570 21.86 35.26 10.52
CA TRP L 570 22.12 35.63 11.91
C TRP L 570 21.36 34.99 13.04
N VAL L 571 20.05 35.26 13.13
CA VAL L 571 19.17 34.73 14.18
C VAL L 571 18.05 33.84 13.69
N ASP L 572 17.60 32.99 14.60
CA ASP L 572 16.46 32.17 14.25
C ASP L 572 15.22 33.05 14.27
N GLN L 573 14.31 32.81 13.35
CA GLN L 573 13.09 33.58 13.29
C GLN L 573 12.03 32.84 14.04
N SER L 574 12.27 32.70 15.35
CA SER L 574 11.32 32.03 16.18
C SER L 574 10.61 33.00 17.09
N LEU L 575 9.37 32.63 17.33
CA LEU L 575 8.51 33.40 18.17
C LEU L 575 8.15 32.66 19.45
N ILE L 576 7.80 33.45 20.45
CA ILE L 576 7.39 32.91 21.71
C ILE L 576 5.89 32.66 21.81
N LYS L 577 5.56 31.59 22.51
CA LYS L 577 4.20 31.21 22.78
C LYS L 577 4.15 30.78 24.22
N TYR L 578 2.93 30.62 24.71
CA TYR L 578 2.81 30.17 26.07
C TYR L 578 1.98 28.95 26.29
N ASP L 579 2.42 28.19 27.27
CA ASP L 579 1.64 27.04 27.63
C ASP L 579 0.69 27.57 28.70
N GLU L 580 -0.30 26.74 29.00
CA GLU L 580 -1.30 27.02 30.01
C GLU L 580 -0.69 27.43 31.35
N ASN L 581 0.51 26.92 31.63
CA ASN L 581 1.15 27.30 32.86
C ASN L 581 1.87 28.63 32.70
N GLY L 582 1.50 29.31 31.61
CA GLY L 582 2.06 30.61 31.26
C GLY L 582 3.54 30.49 30.97
N ASN L 583 3.86 29.34 30.41
CA ASN L 583 5.22 29.06 30.05
C ASN L 583 5.43 29.34 28.60
N PRO L 584 6.50 30.08 28.38
CA PRO L 584 6.91 30.52 27.07
C PRO L 584 7.66 29.44 26.35
N TRP L 585 7.44 29.37 25.05
CA TRP L 585 8.16 28.42 24.27
C TRP L 585 8.30 28.88 22.85
N SER L 586 9.41 28.48 22.24
CA SER L 586 9.74 28.86 20.89
C SER L 586 8.93 28.14 19.83
N ALA L 587 8.28 28.98 19.05
CA ALA L 587 7.39 28.54 18.00
C ALA L 587 7.94 28.81 16.60
N TYR L 588 7.42 28.01 15.69
CA TYR L 588 7.79 28.14 14.30
C TYR L 588 6.63 27.93 13.35
N GLY L 589 6.96 27.76 12.08
CA GLY L 589 5.97 27.58 11.05
C GLY L 589 4.89 26.62 11.49
N GLY L 590 3.64 27.05 11.25
CA GLY L 590 2.44 26.28 11.56
C GLY L 590 1.99 26.36 13.00
N ASP L 591 2.84 26.89 13.86
CA ASP L 591 2.55 27.01 15.28
C ASP L 591 1.42 27.97 15.60
N PHE L 592 0.93 28.72 14.61
CA PHE L 592 -0.17 29.64 14.83
C PHE L 592 -1.32 29.21 13.97
N GLY L 593 -1.27 27.96 13.57
CA GLY L 593 -2.30 27.43 12.71
C GLY L 593 -2.18 28.06 11.34
N ASP L 594 -1.07 28.80 11.18
CA ASP L 594 -0.76 29.47 9.94
C ASP L 594 -0.57 28.45 8.85
N THR L 595 -1.30 28.66 7.79
CA THR L 595 -1.24 27.78 6.65
C THR L 595 -1.39 28.59 5.38
N PRO L 596 -0.56 28.23 4.37
CA PRO L 596 0.36 27.11 4.50
C PRO L 596 1.63 27.56 5.23
N ASN L 597 2.49 26.62 5.57
CA ASN L 597 3.69 27.08 6.26
C ASN L 597 4.89 26.21 5.95
N ASP L 598 6.06 26.74 6.35
CA ASP L 598 7.33 26.09 6.11
C ASP L 598 8.10 25.65 7.36
N ARG L 599 7.35 25.20 8.36
CA ARG L 599 7.92 24.69 9.59
C ARG L 599 9.13 25.44 10.12
N GLN L 600 10.19 24.66 10.40
CA GLN L 600 11.47 25.14 10.95
C GLN L 600 12.31 25.98 10.01
N PHE L 601 11.91 26.00 8.74
CA PHE L 601 12.67 26.76 7.80
C PHE L 601 12.98 28.17 8.20
N CYS L 602 12.18 28.73 9.09
CA CYS L 602 12.43 30.08 9.56
C CYS L 602 13.58 30.07 10.56
N MET L 603 14.12 28.88 10.84
CA MET L 603 15.21 28.83 11.80
C MET L 603 16.56 28.43 11.22
N ASN L 604 17.38 29.47 10.93
CA ASN L 604 18.66 29.19 10.34
C ASN L 604 19.79 30.03 10.91
N GLY L 605 19.62 30.54 12.11
CA GLY L 605 20.62 31.42 12.64
C GLY L 605 21.75 30.79 13.36
N LEU L 606 22.71 31.65 13.60
CA LEU L 606 23.89 31.29 14.35
C LEU L 606 23.59 31.47 15.83
N VAL L 607 22.53 32.21 16.09
CA VAL L 607 22.09 32.43 17.42
C VAL L 607 20.62 32.22 17.52
N PHE L 608 20.26 31.95 18.73
CA PHE L 608 18.89 31.79 19.10
C PHE L 608 18.27 33.16 19.13
N ALA L 609 16.95 33.20 18.93
CA ALA L 609 16.28 34.50 18.94
C ALA L 609 16.64 35.37 20.14
N ASP L 610 16.89 34.74 21.28
CA ASP L 610 17.25 35.47 22.48
C ASP L 610 18.67 35.97 22.37
N ARG L 611 19.25 35.60 21.24
CA ARG L 611 20.61 35.96 20.98
C ARG L 611 21.57 35.11 21.76
N THR L 612 21.20 33.86 21.83
CA THR L 612 22.13 32.97 22.43
C THR L 612 22.57 32.08 21.33
N PRO L 613 23.86 32.03 21.32
CA PRO L 613 24.65 31.34 20.37
C PRO L 613 24.35 29.89 20.24
N HIS L 614 24.50 29.45 19.01
CA HIS L 614 24.46 28.09 18.66
C HIS L 614 25.94 27.73 18.69
N PRO L 615 26.24 26.47 18.77
CA PRO L 615 27.65 26.13 18.83
C PRO L 615 28.39 26.53 17.54
N ALA L 616 27.68 26.45 16.42
CA ALA L 616 28.30 26.79 15.15
C ALA L 616 29.02 28.14 15.16
N LEU L 617 28.46 29.06 15.89
CA LEU L 617 29.02 30.37 15.96
C LEU L 617 30.51 30.35 16.17
N THR L 618 30.90 29.43 16.99
CA THR L 618 32.28 29.33 17.32
C THR L 618 33.17 28.95 16.16
N GLU L 619 32.68 27.96 15.42
CA GLU L 619 33.44 27.55 14.27
C GLU L 619 33.64 28.80 13.44
N ALA L 620 32.57 29.55 13.31
CA ALA L 620 32.69 30.77 12.52
C ALA L 620 33.76 31.71 13.05
N LYS L 621 33.64 31.99 14.30
CA LYS L 621 34.58 32.89 14.88
C LYS L 621 36.00 32.46 14.61
N HIS L 622 36.23 31.20 14.81
CA HIS L 622 37.56 30.67 14.62
C HIS L 622 38.05 30.82 13.19
N GLN L 623 37.25 30.33 12.24
CA GLN L 623 37.61 30.41 10.83
C GLN L 623 37.79 31.85 10.36
N GLN L 624 37.14 32.80 11.03
CA GLN L 624 37.23 34.15 10.59
C GLN L 624 38.28 34.96 11.30
N GLN L 625 39.03 34.33 12.17
CA GLN L 625 40.01 35.14 12.88
C GLN L 625 40.90 35.96 11.99
N PHE L 626 41.35 37.05 12.54
CA PHE L 626 42.20 37.95 11.82
C PHE L 626 43.65 37.61 11.90
N PHE L 627 43.98 36.59 12.67
CA PHE L 627 45.39 36.25 12.77
C PHE L 627 45.60 34.83 12.40
N GLN L 628 46.67 34.58 11.68
CA GLN L 628 46.98 33.25 11.29
C GLN L 628 48.36 32.85 11.73
N PHE L 629 48.43 31.61 12.19
CA PHE L 629 49.65 31.03 12.72
C PHE L 629 50.25 29.89 11.98
N ARG L 630 51.56 29.87 12.07
CA ARG L 630 52.38 28.85 11.51
C ARG L 630 53.38 28.49 12.54
N LEU L 631 53.60 27.20 12.61
CA LEU L 631 54.53 26.72 13.56
C LEU L 631 55.70 26.07 12.90
N SER L 632 56.87 26.53 13.26
CA SER L 632 58.05 25.95 12.72
C SER L 632 59.10 25.74 13.77
N GLY L 633 59.23 24.48 14.14
CA GLY L 633 60.15 24.19 15.18
C GLY L 633 59.74 24.91 16.46
N GLN L 634 60.52 25.89 16.88
CA GLN L 634 60.16 26.57 18.12
C GLN L 634 59.63 27.93 17.82
N THR L 635 59.39 28.14 16.53
CA THR L 635 58.92 29.42 16.13
C THR L 635 57.52 29.49 15.65
N ILE L 636 56.87 30.49 16.17
CA ILE L 636 55.56 30.72 15.71
C ILE L 636 55.54 31.89 14.79
N GLU L 637 54.96 31.66 13.64
CA GLU L 637 54.82 32.71 12.70
C GLU L 637 53.41 33.26 12.73
N VAL L 638 53.30 34.57 12.88
CA VAL L 638 52.01 35.17 12.96
C VAL L 638 51.76 36.07 11.81
N THR L 639 50.57 35.96 11.27
CA THR L 639 50.21 36.76 10.15
C THR L 639 48.93 37.50 10.41
N SER L 640 48.95 38.79 10.05
CA SER L 640 47.86 39.70 10.23
C SER L 640 47.00 39.81 9.00
N GLU L 641 45.71 39.63 9.22
CA GLU L 641 44.77 39.78 8.15
C GLU L 641 44.09 41.13 8.27
N TYR L 642 44.68 42.00 9.07
CA TYR L 642 44.13 43.34 9.15
C TYR L 642 44.70 44.12 7.99
N LEU L 643 43.91 44.99 7.41
CA LEU L 643 44.39 45.75 6.27
C LEU L 643 44.86 47.08 6.71
N PHE L 644 44.27 47.54 7.79
CA PHE L 644 44.58 48.86 8.26
C PHE L 644 45.14 48.98 9.64
N ARG L 645 44.82 48.10 10.57
CA ARG L 645 45.39 48.36 11.87
C ARG L 645 46.61 47.60 12.26
N HIS L 646 47.17 48.07 13.34
CA HIS L 646 48.32 47.42 13.87
C HIS L 646 47.89 46.65 15.10
N SER L 647 48.57 45.55 15.44
CA SER L 647 48.18 44.74 16.61
C SER L 647 48.35 45.50 17.89
N ASP L 648 47.62 46.56 18.03
CA ASP L 648 47.81 47.37 19.19
C ASP L 648 46.98 47.05 20.42
N ASN L 649 46.32 45.91 20.46
CA ASN L 649 45.60 45.54 21.65
C ASN L 649 45.63 44.04 21.70
N GLU L 650 46.86 43.57 21.46
CA GLU L 650 47.03 42.15 21.37
C GLU L 650 48.12 41.47 22.15
N LEU L 651 47.63 40.51 22.89
CA LEU L 651 48.45 39.66 23.68
C LEU L 651 48.37 38.22 23.25
N LEU L 652 49.52 37.65 23.09
CA LEU L 652 49.54 36.28 22.73
C LEU L 652 49.92 35.36 23.86
N HIS L 653 48.99 34.53 24.28
CA HIS L 653 49.27 33.60 25.35
C HIS L 653 49.52 32.24 24.78
N TRP L 654 50.57 31.61 25.22
CA TRP L 654 50.79 30.28 24.73
C TRP L 654 50.96 29.34 25.86
N MET L 655 50.87 28.07 25.56
CA MET L 655 51.02 27.11 26.62
C MET L 655 51.05 25.66 26.18
N VAL L 656 51.84 24.90 26.93
CA VAL L 656 52.06 23.51 26.67
C VAL L 656 51.54 22.56 27.70
N ALA L 657 50.92 21.49 27.22
CA ALA L 657 50.38 20.50 28.12
C ALA L 657 50.47 19.10 27.59
N LEU L 658 50.56 18.21 28.56
CA LEU L 658 50.68 16.82 28.31
C LEU L 658 49.40 16.21 28.69
N ASP L 659 48.70 15.68 27.72
CA ASP L 659 47.42 15.11 28.03
C ASP L 659 46.61 15.99 28.98
N GLY L 660 46.68 17.29 28.80
CA GLY L 660 45.89 18.12 29.68
C GLY L 660 46.69 18.69 30.82
N LYS L 661 47.89 18.19 31.01
CA LYS L 661 48.67 18.72 32.08
C LYS L 661 49.63 19.72 31.54
N PRO L 662 49.37 20.90 32.00
CA PRO L 662 50.07 22.11 31.67
C PRO L 662 51.46 22.03 32.19
N LEU L 663 52.40 22.32 31.35
CA LEU L 663 53.77 22.27 31.74
C LEU L 663 54.44 23.60 31.60
N ALA L 664 53.88 24.48 30.78
CA ALA L 664 54.47 25.78 30.54
C ALA L 664 53.51 26.69 29.86
N SER L 665 53.61 27.97 30.22
CA SER L 665 52.80 29.02 29.67
C SER L 665 53.67 30.18 29.40
N GLY L 666 53.17 31.06 28.55
CA GLY L 666 53.91 32.25 28.18
C GLY L 666 52.99 33.32 27.68
N GLU L 667 53.51 34.52 27.70
CA GLU L 667 52.74 35.65 27.24
C GLU L 667 53.55 36.52 26.34
N VAL L 668 53.03 36.79 25.17
CA VAL L 668 53.76 37.67 24.31
C VAL L 668 52.89 38.61 23.55
N PRO L 669 53.29 39.83 23.70
CA PRO L 669 52.66 40.97 23.07
C PRO L 669 52.94 40.95 21.59
N LEU L 670 51.87 41.17 20.85
CA LEU L 670 51.93 41.21 19.41
C LEU L 670 52.25 42.56 18.85
N ASP L 671 53.03 42.51 17.80
CA ASP L 671 53.43 43.69 17.11
C ASP L 671 53.40 43.42 15.63
N VAL L 672 52.23 43.48 15.03
CA VAL L 672 52.15 43.20 13.62
C VAL L 672 51.38 44.22 12.84
N ALA L 673 52.03 44.59 11.77
CA ALA L 673 51.42 45.51 10.86
C ALA L 673 50.40 44.81 10.02
N PRO L 674 49.38 45.56 9.65
CA PRO L 674 48.37 45.01 8.79
C PRO L 674 49.11 44.27 7.71
N GLN L 675 48.63 43.07 7.46
CA GLN L 675 49.21 42.22 6.46
C GLN L 675 50.63 41.83 6.70
N GLY L 676 51.11 41.99 7.91
CA GLY L 676 52.48 41.62 8.19
C GLY L 676 52.60 40.32 8.96
N LYS L 677 53.85 39.96 9.18
CA LYS L 677 54.23 38.76 9.90
C LYS L 677 55.05 39.07 11.14
N GLN L 678 54.90 38.25 12.17
CA GLN L 678 55.67 38.40 13.38
C GLN L 678 56.16 37.03 13.76
N LEU L 679 57.45 37.00 14.11
CA LEU L 679 58.08 35.76 14.51
C LEU L 679 58.15 35.55 15.97
N ILE L 680 57.77 34.37 16.37
CA ILE L 680 57.83 34.20 17.77
C ILE L 680 58.62 33.05 18.20
N GLU L 681 59.64 33.46 18.91
CA GLU L 681 60.62 32.56 19.43
C GLU L 681 60.27 31.92 20.73
N LEU L 682 60.25 30.61 20.67
CA LEU L 682 59.92 29.90 21.86
C LEU L 682 61.09 29.48 22.69
N PRO L 683 60.88 29.69 23.96
CA PRO L 683 61.82 29.28 24.97
C PRO L 683 61.90 27.80 24.86
N GLU L 684 62.99 27.24 25.32
CA GLU L 684 63.12 25.82 25.25
C GLU L 684 61.96 25.08 25.87
N LEU L 685 61.49 24.15 25.08
CA LEU L 685 60.37 23.37 25.50
C LEU L 685 60.73 22.14 26.23
N PRO L 686 59.83 21.84 27.12
CA PRO L 686 59.90 20.71 28.00
C PRO L 686 59.79 19.41 27.23
N GLN L 687 60.55 18.41 27.70
CA GLN L 687 60.54 17.11 27.06
C GLN L 687 60.24 16.02 28.04
N PRO L 688 59.00 15.99 28.45
CA PRO L 688 58.44 15.03 29.36
C PRO L 688 58.79 13.62 28.94
N GLU L 689 58.85 12.77 29.94
CA GLU L 689 59.18 11.39 29.72
C GLU L 689 57.94 10.55 29.55
N SER L 690 57.05 10.86 30.48
CA SER L 690 55.75 10.26 30.60
C SER L 690 55.09 10.08 29.26
N ALA L 691 54.21 9.11 29.18
CA ALA L 691 53.57 8.89 27.93
C ALA L 691 52.43 9.84 27.79
N GLY L 692 52.12 10.11 26.51
CA GLY L 692 51.04 11.01 26.20
C GLY L 692 51.34 11.92 25.02
N GLN L 693 50.34 12.76 24.74
CA GLN L 693 50.36 13.72 23.66
C GLN L 693 50.69 15.09 24.19
N LEU L 694 51.68 15.65 23.55
CA LEU L 694 52.11 16.96 23.89
C LEU L 694 51.52 17.99 22.94
N TRP L 695 50.83 18.96 23.50
CA TRP L 695 50.21 19.94 22.64
C TRP L 695 50.46 21.37 22.98
N LEU L 696 50.62 22.14 21.91
CA LEU L 696 50.83 23.53 22.04
C LEU L 696 49.60 24.34 21.70
N THR L 697 49.30 25.31 22.55
CA THR L 697 48.17 26.15 22.27
C THR L 697 48.40 27.62 22.45
N VAL L 698 47.97 28.39 21.45
CA VAL L 698 48.04 29.83 21.51
C VAL L 698 46.68 30.50 21.46
N ARG L 699 46.64 31.63 22.14
CA ARG L 699 45.44 32.40 22.21
C ARG L 699 45.78 33.87 22.06
N VAL L 700 44.83 34.61 21.54
CA VAL L 700 45.03 36.02 21.39
C VAL L 700 44.07 36.80 22.22
N VAL L 701 44.70 37.65 23.04
CA VAL L 701 43.90 38.44 23.91
C VAL L 701 44.03 39.91 23.81
N GLN L 702 42.86 40.49 24.05
CA GLN L 702 42.67 41.91 24.06
C GLN L 702 42.57 42.38 25.48
N PRO L 703 43.72 42.81 25.93
CA PRO L 703 43.95 43.32 27.25
C PRO L 703 42.97 44.41 27.59
N ASN L 704 42.87 45.41 26.72
CA ASN L 704 41.97 46.52 26.99
C ASN L 704 40.62 46.38 26.33
N ALA L 705 39.58 46.85 27.00
CA ALA L 705 38.29 46.73 26.37
C ALA L 705 38.18 47.69 25.22
N THR L 706 37.16 47.46 24.41
CA THR L 706 36.90 48.28 23.25
C THR L 706 35.46 48.61 23.27
N ALA L 707 35.08 49.35 22.28
CA ALA L 707 33.71 49.72 22.23
C ALA L 707 32.83 48.55 22.01
N TRP L 708 33.41 47.45 21.53
CA TRP L 708 32.54 46.33 21.27
C TRP L 708 32.98 45.11 21.98
N SER L 709 34.02 45.25 22.78
CA SER L 709 34.52 44.12 23.50
C SER L 709 35.09 44.49 24.85
N GLU L 710 34.96 43.52 25.74
CA GLU L 710 35.46 43.60 27.10
C GLU L 710 36.94 43.42 27.19
N ALA L 711 37.47 43.73 28.34
CA ALA L 711 38.88 43.49 28.40
C ALA L 711 39.11 42.01 28.55
N GLY L 712 40.24 41.55 28.06
CA GLY L 712 40.53 40.14 28.13
C GLY L 712 39.76 39.30 27.10
N HIS L 713 39.33 39.92 26.04
CA HIS L 713 38.61 39.19 25.03
C HIS L 713 39.54 38.32 24.22
N ILE L 714 39.06 37.11 23.91
CA ILE L 714 39.84 36.21 23.08
C ILE L 714 39.44 36.38 21.64
N SER L 715 40.38 36.74 20.82
CA SER L 715 40.04 36.96 19.44
C SER L 715 40.49 35.88 18.50
N ALA L 716 41.44 35.08 18.95
CA ALA L 716 41.91 34.05 18.06
C ALA L 716 42.68 32.99 18.77
N TRP L 717 42.65 31.81 18.20
CA TRP L 717 43.42 30.78 18.79
C TRP L 717 43.83 29.76 17.79
N GLN L 718 44.76 28.93 18.22
CA GLN L 718 45.24 27.88 17.36
C GLN L 718 46.05 26.88 18.15
N GLN L 719 45.96 25.62 17.76
CA GLN L 719 46.74 24.68 18.52
C GLN L 719 47.51 23.64 17.70
N TRP L 720 48.56 23.08 18.24
CA TRP L 720 49.32 22.07 17.52
C TRP L 720 49.75 20.90 18.38
N ARG L 721 49.92 19.75 17.76
CA ARG L 721 50.37 18.61 18.54
C ARG L 721 51.85 18.47 18.41
N LEU L 722 52.55 18.67 19.50
CA LEU L 722 53.97 18.63 19.42
C LEU L 722 54.57 17.27 19.34
N ALA L 723 54.20 16.42 20.25
CA ALA L 723 54.78 15.11 20.20
C ALA L 723 53.87 14.10 20.80
N GLU L 724 54.41 12.89 20.74
CA GLU L 724 53.71 11.75 21.26
C GLU L 724 54.66 10.76 21.86
N ASN L 725 54.30 10.29 23.02
CA ASN L 725 55.11 9.29 23.67
C ASN L 725 54.25 8.10 23.82
N LEU L 726 54.47 7.15 22.93
CA LEU L 726 53.69 5.92 22.98
C LEU L 726 53.94 5.17 24.28
N SER L 727 52.87 4.63 24.85
CA SER L 727 53.02 3.89 26.10
C SER L 727 53.37 2.45 25.89
N VAL L 728 54.52 2.09 26.41
CA VAL L 728 55.00 0.75 26.27
C VAL L 728 54.87 0.01 27.56
N THR L 729 54.01 0.49 28.41
CA THR L 729 53.96 -0.24 29.64
C THR L 729 52.90 -1.27 29.71
N LEU L 730 53.17 -2.11 30.68
CA LEU L 730 52.34 -3.22 30.98
C LEU L 730 51.71 -3.08 32.32
N PRO L 731 50.48 -3.54 32.27
CA PRO L 731 49.61 -3.62 33.41
C PRO L 731 50.24 -4.62 34.37
N ALA L 732 50.35 -4.20 35.62
CA ALA L 732 50.91 -5.09 36.60
C ALA L 732 49.95 -6.26 36.83
N ALA L 733 50.51 -7.33 37.36
CA ALA L 733 49.72 -8.51 37.64
C ALA L 733 48.62 -8.27 38.63
N SER L 734 47.61 -9.10 38.48
CA SER L 734 46.44 -9.09 39.32
C SER L 734 46.56 -10.32 40.18
N HIS L 735 46.01 -10.25 41.36
CA HIS L 735 46.14 -11.39 42.24
C HIS L 735 45.03 -12.38 42.05
N ALA L 736 44.15 -12.04 41.13
CA ALA L 736 43.04 -12.92 40.91
C ALA L 736 42.49 -12.75 39.56
N ILE L 737 41.54 -13.57 39.24
CA ILE L 737 40.95 -13.45 37.96
C ILE L 737 39.48 -13.71 38.02
N PRO L 738 38.80 -13.01 37.15
CA PRO L 738 37.38 -13.07 37.12
C PRO L 738 36.91 -14.50 37.11
N HIS L 739 35.72 -14.64 37.61
CA HIS L 739 35.18 -15.93 37.70
C HIS L 739 33.92 -16.05 36.88
N LEU L 740 34.03 -16.89 35.86
CA LEU L 740 32.95 -17.13 34.94
C LEU L 740 31.89 -18.04 35.46
N THR L 741 30.69 -17.98 34.94
CA THR L 741 29.63 -18.82 35.43
C THR L 741 28.56 -18.93 34.40
N THR L 742 28.41 -20.09 33.84
CA THR L 742 27.40 -20.26 32.82
C THR L 742 26.07 -20.50 33.42
N SER L 743 25.07 -20.40 32.57
CA SER L 743 23.67 -20.58 32.90
C SER L 743 22.98 -20.76 31.57
N GLU L 744 21.69 -20.94 31.56
CA GLU L 744 21.11 -21.11 30.26
C GLU L 744 20.93 -19.80 29.56
N MET L 745 20.56 -18.84 30.39
CA MET L 745 20.25 -17.51 30.00
C MET L 745 21.44 -16.66 29.91
N ASP L 746 22.48 -17.04 30.61
CA ASP L 746 23.56 -16.14 30.49
C ASP L 746 24.86 -16.60 31.02
N PHE L 747 25.76 -15.64 31.01
CA PHE L 747 27.08 -15.83 31.48
C PHE L 747 27.35 -14.86 32.60
N CME L 748 28.00 -15.32 33.68
CA CME L 748 28.29 -14.43 34.77
CB CME L 748 27.58 -14.65 36.08
SG CME L 748 26.12 -13.65 35.98
SD CME L 748 26.26 -12.23 37.32
CE CME L 748 24.46 -11.97 37.43
CZ CME L 748 23.95 -11.91 38.87
OH CME L 748 22.81 -12.74 39.03
C CME L 748 29.69 -14.22 35.10
O CME L 748 30.44 -15.13 35.48
N ILE L 749 30.05 -12.99 35.02
CA ILE L 749 31.40 -12.71 35.36
C ILE L 749 31.43 -11.95 36.63
N GLU L 750 32.23 -12.49 37.54
CA GLU L 750 32.34 -11.87 38.81
C GLU L 750 33.76 -11.62 39.18
N LEU L 751 33.93 -10.57 39.95
CA LEU L 751 35.22 -10.18 40.44
C LEU L 751 35.05 -9.18 41.56
N GLY L 752 35.09 -9.67 42.77
CA GLY L 752 34.89 -8.78 43.89
C GLY L 752 33.44 -8.37 43.91
N ASN L 753 33.23 -7.10 44.19
CA ASN L 753 31.90 -6.51 44.21
C ASN L 753 31.38 -6.37 42.79
N LYS L 754 32.29 -6.39 41.82
CA LYS L 754 31.92 -6.25 40.45
C LYS L 754 31.38 -7.51 39.80
N ARG L 755 30.35 -7.30 38.99
CA ARG L 755 29.69 -8.35 38.27
C ARG L 755 29.16 -7.88 36.93
N TRP L 756 29.27 -8.74 35.93
CA TRP L 756 28.82 -8.42 34.59
C TRP L 756 27.98 -9.52 34.04
N GLN L 757 26.90 -9.19 33.41
CA GLN L 757 26.15 -10.27 32.84
C GLN L 757 25.80 -10.14 31.36
N PHE L 758 25.98 -11.23 30.63
CA PHE L 758 25.67 -11.21 29.20
C PHE L 758 24.53 -12.11 28.88
N ASN L 759 23.46 -11.56 28.35
CA ASN L 759 22.33 -12.38 28.00
C ASN L 759 22.65 -13.25 26.80
N ARG L 760 22.42 -14.53 26.98
CA ARG L 760 22.73 -15.48 25.95
C ARG L 760 21.78 -15.48 24.80
N GLN L 761 20.63 -14.88 24.95
CA GLN L 761 19.79 -14.94 23.79
C GLN L 761 20.05 -13.78 22.89
N SER L 762 20.29 -12.63 23.49
CA SER L 762 20.49 -11.41 22.77
C SER L 762 21.93 -11.24 22.40
N GLY L 763 22.77 -11.84 23.19
CA GLY L 763 24.17 -11.64 22.94
C GLY L 763 24.67 -10.29 23.45
N PHE L 764 23.94 -9.59 24.29
CA PHE L 764 24.51 -8.35 24.76
C PHE L 764 24.81 -8.35 26.20
N LEU L 765 25.64 -7.40 26.58
CA LEU L 765 25.96 -7.19 27.94
C LEU L 765 24.70 -6.55 28.48
N SER L 766 23.94 -7.30 29.23
CA SER L 766 22.65 -6.89 29.79
C SER L 766 22.67 -6.13 31.07
N GLN L 767 23.61 -6.41 31.94
CA GLN L 767 23.61 -5.67 33.18
C GLN L 767 24.93 -5.79 33.83
N MET L 768 25.17 -4.91 34.74
CA MET L 768 26.37 -4.97 35.46
C MET L 768 26.17 -4.30 36.79
N TRP L 769 26.86 -4.80 37.79
CA TRP L 769 26.71 -4.29 39.14
C TRP L 769 27.97 -3.92 39.77
N ILE L 770 27.82 -2.98 40.65
CA ILE L 770 28.91 -2.60 41.51
C ILE L 770 28.29 -2.72 42.84
N GLY L 771 28.73 -3.72 43.57
CA GLY L 771 28.10 -3.98 44.81
C GLY L 771 26.75 -4.57 44.42
N ASP L 772 25.71 -4.04 45.00
CA ASP L 772 24.37 -4.50 44.76
C ASP L 772 23.64 -3.54 43.84
N LYS L 773 24.40 -2.61 43.28
CA LYS L 773 23.82 -1.62 42.41
C LYS L 773 23.91 -1.97 40.95
N LYS L 774 22.74 -2.05 40.34
CA LYS L 774 22.68 -2.32 38.93
C LYS L 774 23.18 -1.05 38.25
N GLN L 775 23.81 -1.17 37.09
CA GLN L 775 24.34 0.04 36.51
C GLN L 775 23.67 0.48 35.25
N LEU L 776 22.93 -0.42 34.64
CA LEU L 776 22.32 -0.02 33.40
C LEU L 776 20.86 -0.20 33.38
N LEU L 777 20.18 0.72 32.75
CA LEU L 777 18.75 0.58 32.57
C LEU L 777 18.50 -0.08 31.23
N THR L 778 19.52 -0.07 30.39
CA THR L 778 19.41 -0.64 29.09
C THR L 778 20.70 -1.32 28.72
N PRO L 779 20.59 -2.38 27.95
CA PRO L 779 21.76 -3.14 27.51
C PRO L 779 22.62 -2.37 26.51
N LEU L 780 23.89 -2.72 26.51
CA LEU L 780 24.85 -2.09 25.67
C LEU L 780 24.72 -2.59 24.26
N ARG L 781 24.42 -1.69 23.34
CA ARG L 781 24.33 -2.16 21.99
C ARG L 781 24.79 -1.29 20.87
N ASP L 782 24.95 -1.99 19.76
CA ASP L 782 25.42 -1.40 18.55
C ASP L 782 24.40 -0.40 18.09
N GLN L 783 24.88 0.65 17.50
CA GLN L 783 23.97 1.62 17.01
C GLN L 783 24.46 2.17 15.70
N PHE L 784 23.58 2.21 14.73
CA PHE L 784 23.98 2.69 13.42
C PHE L 784 23.28 3.92 12.92
N THR L 785 22.33 4.44 13.67
CA THR L 785 21.61 5.58 13.20
C THR L 785 21.72 6.80 14.10
N ARG L 786 21.06 7.88 13.62
CA ARG L 786 20.98 9.08 14.41
C ARG L 786 19.63 9.75 14.25
N ALA L 787 19.29 10.57 15.25
CA ALA L 787 18.08 11.36 15.20
C ALA L 787 18.43 12.46 14.22
N PRO L 788 17.85 12.31 13.03
CA PRO L 788 18.05 13.16 11.89
C PRO L 788 18.22 14.62 12.15
N LEU L 789 19.22 15.17 11.49
CA LEU L 789 19.42 16.58 11.57
C LEU L 789 18.54 17.23 10.55
N ASP L 790 18.44 18.54 10.70
CA ASP L 790 17.65 19.27 9.74
C ASP L 790 18.18 18.96 8.36
N ASN L 791 19.49 19.01 8.28
CA ASN L 791 20.18 18.70 7.05
C ASN L 791 19.89 17.27 6.58
N ASP L 792 19.70 16.34 7.51
CA ASP L 792 19.43 14.98 7.08
C ASP L 792 18.07 14.83 6.43
N ILE L 793 17.20 15.78 6.78
CA ILE L 793 15.83 15.78 6.33
C ILE L 793 15.57 16.61 5.11
N GLY L 794 16.11 17.82 5.12
CA GLY L 794 15.95 18.73 4.02
C GLY L 794 14.52 19.15 3.89
N VAL L 795 13.93 18.86 2.74
CA VAL L 795 12.57 19.28 2.58
C VAL L 795 11.61 18.12 2.49
N SER L 796 12.08 16.97 2.91
CA SER L 796 11.20 15.85 2.87
C SER L 796 10.05 16.04 3.84
N GLU L 797 8.88 15.73 3.31
CA GLU L 797 7.66 15.85 4.06
C GLU L 797 6.89 14.57 3.93
N ALA L 798 6.13 14.31 4.99
CA ALA L 798 5.29 13.13 5.06
C ALA L 798 4.45 12.97 3.80
N THR L 799 3.85 14.08 3.44
CA THR L 799 3.01 14.20 2.28
C THR L 799 3.87 14.08 1.02
N ARG L 800 4.92 14.90 1.00
CA ARG L 800 5.83 15.00 -0.10
C ARG L 800 7.25 14.66 0.29
N ILE L 801 7.51 13.38 0.17
CA ILE L 801 8.79 12.81 0.48
C ILE L 801 9.87 13.11 -0.56
N ASP L 802 11.10 13.33 -0.06
CA ASP L 802 12.26 13.55 -0.90
C ASP L 802 13.24 12.40 -0.77
N PRO L 803 13.06 11.50 -1.70
CA PRO L 803 13.81 10.29 -1.85
C PRO L 803 15.31 10.46 -1.77
N ASN L 804 15.85 11.64 -2.00
CA ASN L 804 17.29 11.68 -1.88
C ASN L 804 17.76 12.09 -0.52
N ALA L 805 16.87 12.59 0.29
CA ALA L 805 17.28 12.95 1.61
C ALA L 805 17.82 11.73 2.33
N TRP L 806 18.90 11.96 3.06
CA TRP L 806 19.54 10.94 3.82
C TRP L 806 18.53 10.18 4.62
N VAL L 807 17.79 10.95 5.37
CA VAL L 807 16.80 10.33 6.20
C VAL L 807 15.91 9.39 5.42
N GLU L 808 15.52 9.88 4.26
CA GLU L 808 14.68 9.11 3.41
C GLU L 808 15.33 7.82 3.04
N ARG L 809 16.56 7.91 2.67
CA ARG L 809 17.26 6.70 2.28
C ARG L 809 17.48 5.71 3.41
N TRP L 810 17.84 6.27 4.54
CA TRP L 810 18.08 5.46 5.68
C TRP L 810 16.85 4.69 6.03
N LYS L 811 15.76 5.43 5.94
CA LYS L 811 14.46 4.88 6.26
C LYS L 811 14.15 3.76 5.32
N ALA L 812 14.20 4.11 4.07
CA ALA L 812 13.90 3.12 3.08
C ALA L 812 14.76 1.90 3.17
N ALA L 813 15.99 2.09 3.63
CA ALA L 813 16.89 0.97 3.72
C ALA L 813 16.58 0.10 4.92
N GLY L 814 15.78 0.63 5.84
CA GLY L 814 15.43 -0.14 6.99
C GLY L 814 16.44 0.05 8.08
N HIS L 815 17.32 1.02 7.90
CA HIS L 815 18.30 1.24 8.94
C HIS L 815 17.66 1.44 10.28
N TYR L 816 16.61 2.22 10.27
CA TYR L 816 15.93 2.54 11.49
C TYR L 816 15.20 1.38 12.07
N GLN L 817 15.04 0.31 11.31
CA GLN L 817 14.31 -0.74 11.93
C GLN L 817 14.82 -2.15 11.67
N ALA L 818 16.12 -2.23 11.49
CA ALA L 818 16.66 -3.53 11.24
C ALA L 818 16.72 -4.26 12.53
N GLU L 819 16.68 -5.55 12.34
CA GLU L 819 16.68 -6.51 13.40
C GLU L 819 17.99 -7.21 13.55
N ALA L 820 18.51 -7.11 14.76
CA ALA L 820 19.75 -7.80 15.05
C ALA L 820 19.52 -9.30 15.20
N ALA L 821 20.51 -10.10 14.82
CA ALA L 821 20.43 -11.54 14.93
C ALA L 821 21.73 -12.13 15.47
N LEU L 822 21.64 -12.86 16.57
CA LEU L 822 22.83 -13.45 17.12
C LEU L 822 23.36 -14.50 16.18
N LEU L 823 24.60 -14.35 15.82
CA LEU L 823 25.20 -15.31 14.99
C LEU L 823 26.02 -16.20 15.86
N GLN L 824 26.54 -15.61 16.92
CA GLN L 824 27.38 -16.38 17.80
C GLN L 824 27.76 -15.63 19.06
N CYS L 825 27.91 -16.43 20.12
CA CYS L 825 28.22 -15.88 21.41
C CYS L 825 28.95 -16.89 22.24
N THR L 826 30.19 -16.62 22.58
CA THR L 826 30.94 -17.57 23.36
C THR L 826 31.75 -16.96 24.45
N ALA L 827 32.02 -17.85 25.42
CA ALA L 827 32.78 -17.49 26.59
C ALA L 827 33.92 -18.43 26.78
N ASP L 828 35.01 -17.89 27.31
CA ASP L 828 36.18 -18.68 27.48
C ASP L 828 37.04 -18.14 28.59
N THR L 829 37.72 -19.07 29.26
CA THR L 829 38.57 -18.69 30.35
C THR L 829 40.01 -18.80 29.99
N LEU L 830 40.64 -17.68 30.13
CA LEU L 830 42.03 -17.62 29.85
C LEU L 830 42.78 -17.58 31.13
N ALA L 831 44.06 -17.64 31.01
CA ALA L 831 44.85 -17.63 32.20
C ALA L 831 44.74 -16.37 32.97
N ASP L 832 44.49 -15.25 32.30
CA ASP L 832 44.47 -13.99 33.02
C ASP L 832 43.22 -13.22 32.91
N ALA L 833 42.26 -13.77 32.19
CA ALA L 833 41.01 -13.10 32.04
C ALA L 833 39.94 -13.97 31.45
N VAL L 834 38.79 -13.37 31.32
CA VAL L 834 37.68 -14.02 30.70
C VAL L 834 37.39 -13.35 29.38
N LEU L 835 37.07 -14.21 28.42
CA LEU L 835 36.86 -13.73 27.11
C LEU L 835 35.54 -14.10 26.52
N ILE L 836 34.85 -13.06 26.05
CA ILE L 836 33.58 -13.26 25.41
C ILE L 836 33.60 -12.83 23.98
N THR L 837 32.96 -13.63 23.16
CA THR L 837 32.88 -13.19 21.78
C THR L 837 31.50 -13.32 21.18
N THR L 838 31.15 -12.31 20.41
CA THR L 838 29.85 -12.29 19.78
C THR L 838 29.91 -11.88 18.33
N ALA L 839 28.79 -12.14 17.68
CA ALA L 839 28.65 -11.80 16.30
C ALA L 839 27.20 -11.66 16.01
N HIS L 840 26.83 -10.49 15.49
CA HIS L 840 25.45 -10.26 15.16
C HIS L 840 25.31 -9.78 13.75
N ALA L 841 24.07 -9.85 13.28
CA ALA L 841 23.80 -9.36 11.96
C ALA L 841 22.53 -8.53 11.94
N TRP L 842 22.57 -7.36 11.33
CA TRP L 842 21.34 -6.64 11.25
C TRP L 842 20.77 -6.87 9.89
N GLN L 843 19.53 -7.28 9.85
CA GLN L 843 18.93 -7.51 8.58
C GLN L 843 17.63 -6.84 8.40
N HIS L 844 17.26 -6.80 7.16
CA HIS L 844 16.02 -6.18 6.83
C HIS L 844 15.52 -6.69 5.54
N GLN L 845 14.37 -7.32 5.64
CA GLN L 845 13.78 -7.91 4.49
C GLN L 845 14.73 -8.81 3.75
N GLY L 846 15.42 -9.65 4.52
CA GLY L 846 16.33 -10.61 3.91
C GLY L 846 17.70 -10.06 3.59
N LYS L 847 17.88 -8.76 3.67
CA LYS L 847 19.18 -8.26 3.39
C LYS L 847 19.94 -8.01 4.66
N THR L 848 21.22 -8.30 4.57
CA THR L 848 22.07 -8.07 5.70
C THR L 848 22.77 -6.74 5.53
N LEU L 849 22.47 -5.79 6.43
CA LEU L 849 23.06 -4.47 6.37
C LEU L 849 24.38 -4.41 7.04
N PHE L 850 24.42 -4.90 8.27
CA PHE L 850 25.65 -4.86 8.99
C PHE L 850 25.96 -6.12 9.72
N ILE L 851 27.24 -6.21 10.00
CA ILE L 851 27.73 -7.30 10.78
C ILE L 851 28.65 -6.75 11.82
N SER L 852 28.35 -7.13 13.04
CA SER L 852 29.12 -6.68 14.14
C SER L 852 29.73 -7.83 14.91
N ARG L 853 31.05 -7.80 14.97
CA ARG L 853 31.77 -8.82 15.67
C ARG L 853 32.57 -8.24 16.81
N LYS L 854 32.33 -8.74 18.01
CA LYS L 854 33.04 -8.20 19.14
C LYS L 854 33.72 -9.21 20.01
N THR L 855 34.55 -8.66 20.89
CA THR L 855 35.22 -9.39 21.94
C THR L 855 35.27 -8.54 23.17
N TYR L 856 34.95 -9.20 24.25
CA TYR L 856 34.97 -8.54 25.51
C TYR L 856 35.93 -9.29 26.36
N ARG L 857 36.86 -8.55 26.92
CA ARG L 857 37.83 -9.20 27.72
C ARG L 857 38.04 -8.51 29.04
N ILE L 858 37.68 -9.26 30.06
CA ILE L 858 37.75 -8.82 31.44
C ILE L 858 38.83 -9.49 32.19
N ASP L 859 39.72 -8.66 32.70
CA ASP L 859 40.83 -9.18 33.44
C ASP L 859 40.66 -9.00 34.91
N GLY L 860 41.73 -9.41 35.57
CA GLY L 860 41.81 -9.36 37.00
C GLY L 860 41.92 -7.96 37.53
N SER L 861 42.12 -6.99 36.66
CA SER L 861 42.20 -5.65 37.17
C SER L 861 40.81 -5.07 37.19
N GLY L 862 39.86 -5.80 36.62
CA GLY L 862 38.47 -5.34 36.60
C GLY L 862 38.16 -4.43 35.41
N GLN L 863 39.01 -4.46 34.41
CA GLN L 863 38.72 -3.65 33.26
C GLN L 863 38.16 -4.46 32.16
N MET L 864 37.28 -3.84 31.44
CA MET L 864 36.69 -4.52 30.33
C MET L 864 37.10 -3.86 29.04
N ALA L 865 37.77 -4.65 28.23
CA ALA L 865 38.21 -4.17 26.96
C ALA L 865 37.31 -4.68 25.89
N ILE L 866 36.86 -3.76 25.09
CA ILE L 866 35.95 -4.09 24.04
C ILE L 866 36.53 -3.83 22.70
N THR L 867 36.22 -4.73 21.84
CA THR L 867 36.72 -4.64 20.51
C THR L 867 35.62 -4.88 19.52
N VAL L 868 35.52 -3.91 18.62
CA VAL L 868 34.50 -3.96 17.62
C VAL L 868 34.97 -3.85 16.22
N ASP L 869 34.44 -4.78 15.43
CA ASP L 869 34.71 -4.79 14.02
C ASP L 869 33.43 -4.96 13.26
N VAL L 870 33.16 -3.95 12.42
CA VAL L 870 31.96 -3.94 11.63
C VAL L 870 32.15 -3.98 10.14
N GLU L 871 31.18 -4.62 9.51
CA GLU L 871 31.13 -4.72 8.08
C GLU L 871 29.84 -4.11 7.66
N VAL L 872 29.91 -3.27 6.63
CA VAL L 872 28.75 -2.63 6.09
C VAL L 872 28.52 -2.96 4.64
N ALA L 873 27.33 -3.40 4.30
CA ALA L 873 27.09 -3.71 2.90
C ALA L 873 27.38 -2.51 2.03
N SER L 874 28.14 -2.78 1.03
CA SER L 874 28.51 -1.71 0.13
C SER L 874 27.28 -1.13 -0.55
N ASP L 875 26.24 -1.90 -0.62
CA ASP L 875 25.13 -1.33 -1.31
C ASP L 875 24.09 -0.70 -0.44
N THR L 876 24.42 -0.52 0.80
CA THR L 876 23.46 0.16 1.61
C THR L 876 23.96 1.58 1.78
N PRO L 877 23.08 2.49 2.11
CA PRO L 877 23.46 3.87 2.28
C PRO L 877 24.38 4.01 3.48
N HIS L 878 25.38 4.84 3.33
CA HIS L 878 26.26 5.00 4.46
C HIS L 878 25.50 5.45 5.64
N PRO L 879 25.76 4.78 6.70
CA PRO L 879 25.14 4.96 7.99
C PRO L 879 25.65 6.21 8.64
N ALA L 880 24.76 6.79 9.43
CA ALA L 880 25.01 8.01 10.16
C ALA L 880 26.15 7.87 11.12
N ARG L 881 26.24 6.67 11.66
CA ARG L 881 27.26 6.45 12.65
C ARG L 881 27.47 4.98 12.93
N ILE L 882 28.54 4.74 13.68
CA ILE L 882 28.95 3.41 14.09
C ILE L 882 29.46 3.43 15.50
N GLY L 883 28.61 2.90 16.39
CA GLY L 883 28.94 2.90 17.78
C GLY L 883 28.04 2.04 18.61
N LEU L 884 28.04 2.42 19.86
CA LEU L 884 27.26 1.71 20.83
C LEU L 884 26.53 2.65 21.70
N ASN L 885 25.57 2.07 22.37
CA ASN L 885 24.84 2.86 23.31
C ASN L 885 24.17 2.07 24.39
N CYS L 886 23.78 2.83 25.38
CA CYS L 886 23.11 2.25 26.49
C CYS L 886 22.60 3.35 27.41
N GLN L 887 21.66 2.94 28.26
CA GLN L 887 21.08 3.82 29.21
C GLN L 887 21.64 3.53 30.56
N LEU L 888 22.43 4.44 31.07
CA LEU L 888 22.99 4.20 32.37
C LEU L 888 21.98 4.52 33.44
N ALA L 889 22.00 3.71 34.47
CA ALA L 889 21.10 3.92 35.59
C ALA L 889 21.45 5.18 36.38
N GLN L 890 22.72 5.46 36.48
CA GLN L 890 23.13 6.62 37.21
C GLN L 890 22.88 7.93 36.48
N VAL L 891 22.95 9.00 37.26
CA VAL L 891 22.80 10.34 36.76
C VAL L 891 23.70 11.28 37.55
N ALA L 892 24.68 11.89 36.93
CA ALA L 892 25.59 12.76 37.66
C ALA L 892 25.54 14.22 37.26
N GLU L 893 26.34 14.98 37.97
CA GLU L 893 26.37 16.42 37.80
C GLU L 893 27.27 16.93 36.70
N ARG L 894 28.47 16.38 36.70
CA ARG L 894 29.46 16.78 35.78
C ARG L 894 29.85 15.71 34.80
N VAL L 895 30.57 16.19 33.79
CA VAL L 895 31.09 15.38 32.72
C VAL L 895 32.50 15.85 32.48
N ASN L 896 33.38 14.89 32.46
CA ASN L 896 34.75 15.24 32.33
C ASN L 896 35.39 14.39 31.28
N TRP L 897 36.07 15.07 30.38
CA TRP L 897 36.71 14.35 29.33
C TRP L 897 37.95 15.00 28.83
N LEU L 898 38.69 14.15 28.19
CA LEU L 898 39.91 14.51 27.56
C LEU L 898 39.73 14.25 26.08
N GLY L 899 39.55 15.36 25.38
CA GLY L 899 39.30 15.35 23.97
C GLY L 899 39.00 16.75 23.46
N LEU L 900 38.24 16.79 22.37
CA LEU L 900 37.90 18.04 21.73
C LEU L 900 36.81 18.77 22.44
N GLY L 901 37.07 20.01 22.81
CA GLY L 901 36.05 20.73 23.51
C GLY L 901 36.27 22.21 23.46
N PRO L 902 35.41 22.90 24.17
CA PRO L 902 34.39 22.29 25.00
C PRO L 902 33.04 22.18 24.33
N GLN L 903 32.83 22.90 23.26
CA GLN L 903 31.52 22.80 22.65
C GLN L 903 31.30 21.62 21.75
N GLU L 904 30.02 21.42 21.48
CA GLU L 904 29.55 20.43 20.53
C GLU L 904 30.43 20.52 19.28
N ASN L 905 30.89 19.37 18.78
CA ASN L 905 31.71 19.36 17.58
C ASN L 905 31.49 18.12 16.77
N TYR L 906 31.55 18.28 15.48
CA TYR L 906 31.35 17.19 14.58
C TYR L 906 32.51 17.09 13.62
N PRO L 907 32.58 15.94 12.98
CA PRO L 907 33.62 15.60 12.08
C PRO L 907 33.89 16.68 11.07
N ASP L 908 32.85 17.19 10.44
CA ASP L 908 33.05 18.25 9.48
C ASP L 908 32.85 19.62 10.12
N ARG L 909 32.84 19.67 11.44
CA ARG L 909 32.74 20.96 12.10
C ARG L 909 33.46 20.89 13.42
N LEU L 910 34.78 20.94 13.39
CA LEU L 910 35.49 20.84 14.64
C LEU L 910 36.79 21.59 14.70
N THR L 911 37.09 22.34 13.68
CA THR L 911 38.34 23.06 13.74
C THR L 911 38.39 24.04 14.88
N ALA L 912 37.26 24.51 15.32
CA ALA L 912 37.37 25.49 16.38
C ALA L 912 37.60 24.89 17.74
N ALA L 913 37.32 23.60 17.84
CA ALA L 913 37.47 22.88 19.11
C ALA L 913 38.90 22.64 19.52
N CME L 914 39.17 22.47 20.82
CA CME L 914 40.48 22.22 21.31
CB CME L 914 41.10 23.39 22.02
SG CME L 914 41.45 24.72 20.87
SD CME L 914 41.46 26.17 22.25
CE CME L 914 39.67 26.38 22.64
CZ CME L 914 39.47 27.64 23.50
OH CME L 914 40.74 27.99 24.07
C CME L 914 40.60 20.97 22.08
O CME L 914 39.67 20.48 22.75
N PHE L 915 41.77 20.44 21.94
CA PHE L 915 42.06 19.21 22.61
C PHE L 915 42.57 19.49 24.00
N ASP L 916 41.77 19.15 24.97
CA ASP L 916 42.19 19.39 26.31
C ASP L 916 41.35 18.59 27.27
N ARG L 917 41.43 18.97 28.54
CA ARG L 917 40.62 18.34 29.54
C ARG L 917 39.46 19.23 29.86
N TRP L 918 38.28 18.71 29.62
CA TRP L 918 37.10 19.48 29.86
C TRP L 918 36.25 18.88 30.94
N ASP L 919 35.62 19.78 31.66
CA ASP L 919 34.72 19.40 32.72
C ASP L 919 33.54 20.32 32.69
N LEU L 920 32.36 19.75 32.47
CA LEU L 920 31.16 20.54 32.42
C LEU L 920 30.03 19.82 33.07
N PRO L 921 28.98 20.55 33.21
CA PRO L 921 27.77 20.07 33.78
C PRO L 921 26.99 19.44 32.69
N LEU L 922 26.41 18.34 33.08
CA LEU L 922 25.62 17.54 32.21
C LEU L 922 24.74 18.34 31.25
N SER L 923 24.17 19.37 31.81
CA SER L 923 23.27 20.23 31.05
C SER L 923 23.95 20.81 29.82
N ASP L 924 25.22 21.10 30.00
CA ASP L 924 25.96 21.67 28.93
C ASP L 924 26.25 20.68 27.84
N MET L 925 26.01 19.42 28.12
CA MET L 925 26.29 18.48 27.08
C MET L 925 25.09 18.31 26.16
N TYR L 926 24.16 19.26 26.26
CA TYR L 926 22.98 19.18 25.43
C TYR L 926 22.72 20.44 24.66
N THR L 927 22.34 20.25 23.41
CA THR L 927 22.08 21.36 22.52
C THR L 927 20.61 21.37 22.12
N PRO L 928 19.99 22.33 22.77
CA PRO L 928 18.59 22.72 22.73
C PRO L 928 18.15 23.34 21.40
N TYR L 929 18.46 22.64 20.35
CA TYR L 929 18.01 23.08 19.06
C TYR L 929 16.50 23.07 19.15
N VAL L 930 15.87 24.17 18.79
CA VAL L 930 14.42 24.24 18.86
C VAL L 930 13.77 23.02 18.27
N PHE L 931 14.19 22.68 17.08
CA PHE L 931 13.68 21.49 16.48
C PHE L 931 14.74 20.46 16.82
N PRO L 932 14.36 19.44 17.58
CA PRO L 932 15.31 18.49 18.09
C PRO L 932 15.83 17.43 17.15
N SER L 933 17.10 17.04 17.42
CA SER L 933 17.85 16.02 16.67
C SER L 933 19.16 15.62 17.36
N GLU L 934 19.89 14.66 16.75
CA GLU L 934 21.19 14.31 17.29
C GLU L 934 21.97 15.58 17.59
N ASN L 935 22.66 15.66 18.73
CA ASN L 935 23.40 16.87 19.06
C ASN L 935 24.35 16.64 20.20
N GLY L 936 25.12 17.66 20.51
CA GLY L 936 26.05 17.64 21.62
C GLY L 936 27.28 16.76 21.47
N LEU L 937 27.47 16.16 20.33
CA LEU L 937 28.64 15.34 20.19
C LEU L 937 29.96 16.08 20.44
N ARG L 938 30.91 15.31 20.92
CA ARG L 938 32.29 15.76 21.06
C ARG L 938 33.17 14.66 20.49
N CYS L 939 34.08 15.01 19.60
CA CYS L 939 34.94 14.03 18.98
C CYS L 939 36.35 14.05 19.53
N GLY L 940 37.11 13.10 19.01
CA GLY L 940 38.50 12.95 19.35
C GLY L 940 38.74 12.79 20.83
N THR L 941 37.93 11.94 21.41
CA THR L 941 38.03 11.70 22.81
C THR L 941 38.78 10.46 23.14
N ARG L 942 39.58 10.65 24.16
CA ARG L 942 40.42 9.60 24.62
C ARG L 942 40.09 9.02 25.97
N GLU L 943 39.48 9.85 26.80
CA GLU L 943 39.07 9.47 28.14
C GLU L 943 37.81 10.20 28.49
N LEU L 944 36.85 9.44 29.01
CA LEU L 944 35.56 9.97 29.41
C LEU L 944 35.20 9.47 30.78
N ASN L 945 34.79 10.40 31.62
CA ASN L 945 34.43 10.12 32.99
C ASN L 945 33.06 10.62 33.39
N TYR L 946 32.24 9.71 33.90
CA TYR L 946 30.91 10.05 34.37
C TYR L 946 30.58 9.11 35.50
N GLY L 947 30.42 9.71 36.67
CA GLY L 947 30.17 8.92 37.85
C GLY L 947 31.42 8.12 38.14
N PRO L 948 31.20 6.92 38.56
CA PRO L 948 32.23 5.96 38.86
C PRO L 948 32.84 5.41 37.59
N HIS L 949 32.24 5.73 36.44
CA HIS L 949 32.73 5.21 35.20
C HIS L 949 33.77 6.00 34.50
N GLN L 950 34.50 5.22 33.71
CA GLN L 950 35.54 5.73 32.88
C GLN L 950 35.67 4.93 31.60
N TRP L 951 35.76 5.66 30.49
CA TRP L 951 35.94 4.98 29.25
C TRP L 951 37.18 5.49 28.58
N ARG L 952 37.85 4.57 27.94
CA ARG L 952 39.03 4.93 27.25
C ARG L 952 39.17 4.33 25.90
N GLY L 953 39.73 5.17 25.06
CA GLY L 953 39.98 4.80 23.69
C GLY L 953 40.16 6.01 22.81
N ASP L 954 39.50 5.91 21.68
CA ASP L 954 39.55 6.99 20.73
C ASP L 954 38.19 7.07 20.07
N PHE L 955 37.34 7.91 20.61
CA PHE L 955 36.01 7.93 20.06
C PHE L 955 35.42 9.28 20.20
N GLN L 956 34.15 9.31 19.84
CA GLN L 956 33.33 10.47 19.96
C GLN L 956 32.11 10.03 20.70
N PHE L 957 31.49 10.97 21.40
CA PHE L 957 30.33 10.60 22.15
C PHE L 957 29.47 11.77 22.43
N ASN L 958 28.32 11.42 22.97
CA ASN L 958 27.35 12.36 23.48
C ASN L 958 26.70 11.70 24.68
N ILE L 959 26.17 12.55 25.54
CA ILE L 959 25.54 12.09 26.75
C ILE L 959 24.45 13.03 27.24
N SER L 960 23.26 12.49 27.44
CA SER L 960 22.15 13.32 27.88
C SER L 960 21.06 12.46 28.48
N ARG L 961 19.87 13.08 28.69
CA ARG L 961 18.74 12.37 29.23
C ARG L 961 17.72 12.07 28.19
N TYR L 962 18.12 12.16 26.95
CA TYR L 962 17.13 11.89 25.95
C TYR L 962 17.59 10.86 24.99
N SER L 963 16.76 9.89 24.76
CA SER L 963 17.10 8.89 23.82
C SER L 963 17.00 9.52 22.44
N GLN L 964 17.69 8.89 21.50
CA GLN L 964 17.63 9.34 20.14
C GLN L 964 16.19 9.24 19.68
N GLN L 965 15.54 8.16 20.10
CA GLN L 965 14.16 8.02 19.72
C GLN L 965 13.33 9.17 20.20
N GLN L 966 13.52 9.57 21.44
CA GLN L 966 12.73 10.67 21.89
C GLN L 966 12.94 11.86 20.96
N LEU L 967 14.20 12.21 20.83
CA LEU L 967 14.59 13.34 20.00
C LEU L 967 14.00 13.26 18.64
N MET L 968 14.04 12.07 18.14
CA MET L 968 13.57 11.86 16.83
C MET L 968 12.07 11.99 16.73
N GLU L 969 11.38 11.65 17.80
CA GLU L 969 9.95 11.70 17.76
C GLU L 969 9.33 12.99 18.23
N THR L 970 10.09 13.88 18.83
CA THR L 970 9.59 15.16 19.31
C THR L 970 9.87 16.31 18.36
N SER L 971 8.88 17.17 18.16
CA SER L 971 9.07 18.29 17.24
C SER L 971 9.53 19.57 17.90
N HIS L 972 9.32 19.71 19.18
CA HIS L 972 9.75 20.94 19.78
C HIS L 972 10.51 20.64 20.99
N ARG L 973 11.50 21.45 21.21
CA ARG L 973 12.33 21.25 22.37
C ARG L 973 11.55 21.23 23.66
N HIS L 974 10.59 22.14 23.74
CA HIS L 974 9.81 22.27 24.95
C HIS L 974 9.08 21.01 25.33
N LEU L 975 8.95 20.09 24.40
CA LEU L 975 8.26 18.85 24.73
C LEU L 975 9.15 17.71 25.16
N LEU L 976 10.41 17.97 25.34
CA LEU L 976 11.16 16.82 25.76
C LEU L 976 11.16 16.74 27.24
N HIS L 977 11.18 15.52 27.67
CA HIS L 977 11.23 15.26 29.05
C HIS L 977 12.38 14.33 29.32
N ALA L 978 13.12 14.64 30.37
CA ALA L 978 14.24 13.79 30.69
C ALA L 978 13.80 12.36 30.92
N GLU L 979 14.64 11.43 30.51
CA GLU L 979 14.34 10.04 30.71
C GLU L 979 14.98 9.59 32.00
N GLU L 980 14.68 8.38 32.37
CA GLU L 980 15.13 7.79 33.59
C GLU L 980 16.58 7.92 33.99
N GLY L 981 17.52 7.54 33.17
CA GLY L 981 18.87 7.67 33.68
C GLY L 981 19.64 8.59 32.79
N THR L 982 20.79 8.12 32.35
CA THR L 982 21.59 8.87 31.42
C THR L 982 21.84 8.05 30.16
N TRP L 983 21.51 8.68 29.04
CA TRP L 983 21.74 8.04 27.76
C TRP L 983 23.12 8.36 27.23
N LEU L 984 23.78 7.30 26.84
CA LEU L 984 25.11 7.46 26.36
C LEU L 984 25.39 6.81 25.03
N ASN L 985 25.90 7.65 24.13
CA ASN L 985 26.30 7.19 22.82
C ASN L 985 27.78 7.38 22.60
N ILE L 986 28.40 6.24 22.35
CA ILE L 986 29.82 6.17 22.04
C ILE L 986 30.03 5.67 20.63
N ASP L 987 30.56 6.58 19.85
CA ASP L 987 30.79 6.30 18.47
C ASP L 987 32.24 6.12 18.10
N GLY L 988 32.44 5.05 17.32
CA GLY L 988 33.73 4.78 16.78
C GLY L 988 33.84 5.71 15.57
N PHE L 989 32.71 5.96 14.92
CA PHE L 989 32.69 6.83 13.78
C PHE L 989 31.35 7.47 13.63
N HIS L 990 31.40 8.67 13.09
CA HIS L 990 30.20 9.41 12.89
C HIS L 990 30.23 10.24 11.63
N MET L 991 29.15 10.20 10.88
CA MET L 991 29.04 10.94 9.63
C MET L 991 29.07 12.45 9.81
N GLY L 992 29.44 13.17 8.77
CA GLY L 992 29.48 14.62 8.88
C GLY L 992 28.06 15.17 8.96
N ILE L 993 27.92 16.48 9.17
CA ILE L 993 26.60 17.09 9.28
C ILE L 993 26.20 17.90 8.07
N GLY L 994 27.18 18.32 7.28
CA GLY L 994 26.89 19.07 6.07
C GLY L 994 26.41 20.46 6.40
N GLY L 995 25.75 21.06 5.40
CA GLY L 995 25.22 22.38 5.58
C GLY L 995 25.38 23.30 4.40
N ASP L 996 26.08 22.85 3.36
CA ASP L 996 26.26 23.72 2.20
C ASP L 996 24.94 24.37 1.80
N ASP L 997 23.87 23.60 2.04
CA ASP L 997 22.49 23.98 1.88
C ASP L 997 21.67 23.01 2.65
N SER L 998 20.42 23.38 2.90
CA SER L 998 19.58 22.50 3.69
C SER L 998 18.44 21.89 2.92
N TRP L 999 18.57 21.81 1.59
CA TRP L 999 17.50 21.19 0.86
C TRP L 999 17.96 20.17 -0.17
N SER L 1000 19.19 19.72 0.06
CA SER L 1000 19.88 18.71 -0.72
C SER L 1000 20.98 18.17 0.14
N PRO L 1001 21.46 17.02 -0.29
CA PRO L 1001 22.52 16.36 0.44
C PRO L 1001 23.77 17.20 0.33
N SER L 1002 24.29 17.59 1.48
CA SER L 1002 25.43 18.46 1.50
C SER L 1002 26.63 17.90 2.23
N VAL L 1003 26.59 16.65 2.65
CA VAL L 1003 27.76 16.11 3.35
C VAL L 1003 28.82 15.64 2.37
N SER L 1004 30.05 16.15 2.46
CA SER L 1004 31.03 15.65 1.51
C SER L 1004 31.52 14.27 1.76
N ALA L 1005 31.85 13.70 0.63
CA ALA L 1005 32.35 12.37 0.60
C ALA L 1005 33.35 12.10 1.68
N GLU L 1006 34.31 12.98 1.90
CA GLU L 1006 35.25 12.67 2.97
C GLU L 1006 34.56 12.47 4.26
N PHE L 1007 33.31 12.91 4.38
CA PHE L 1007 32.69 12.70 5.66
C PHE L 1007 31.68 11.64 5.73
N GLN L 1008 31.59 10.84 4.70
CA GLN L 1008 30.64 9.76 4.69
C GLN L 1008 31.32 8.48 5.15
N LEU L 1009 30.56 7.63 5.84
CA LEU L 1009 31.09 6.37 6.35
C LEU L 1009 30.98 5.36 5.25
N SER L 1010 31.88 5.47 4.32
CA SER L 1010 31.83 4.63 3.16
C SER L 1010 32.90 3.54 3.09
N ALA L 1011 33.71 3.40 4.12
CA ALA L 1011 34.78 2.42 4.12
C ALA L 1011 34.40 0.98 4.00
N GLY L 1012 33.22 0.59 4.43
CA GLY L 1012 32.89 -0.81 4.33
C GLY L 1012 33.31 -1.59 5.56
N ARG L 1013 34.47 -1.25 6.08
CA ARG L 1013 34.87 -1.96 7.26
C ARG L 1013 35.37 -1.02 8.29
N TYR L 1014 34.93 -1.21 9.52
CA TYR L 1014 35.35 -0.35 10.59
C TYR L 1014 35.75 -1.12 11.83
N HIS L 1015 36.73 -0.56 12.51
CA HIS L 1015 37.23 -1.14 13.71
C HIS L 1015 37.39 -0.15 14.84
N TYR L 1016 37.07 -0.57 16.05
CA TYR L 1016 37.28 0.29 17.20
C TYR L 1016 37.35 -0.49 18.50
N GLN L 1017 38.02 0.11 19.46
CA GLN L 1017 38.24 -0.51 20.75
C GLN L 1017 38.02 0.40 21.90
N LEU L 1018 37.68 -0.23 22.98
CA LEU L 1018 37.35 0.54 24.10
C LEU L 1018 37.62 -0.10 25.42
N VAL L 1019 37.79 0.77 26.40
CA VAL L 1019 38.00 0.28 27.73
C VAL L 1019 37.11 0.88 28.77
N TRP L 1020 36.47 0.01 29.52
CA TRP L 1020 35.53 0.47 30.50
C TRP L 1020 35.90 0.00 31.92
N CME L 1021 35.85 0.92 32.85
CA CME L 1021 36.10 0.68 34.27
CB CME L 1021 37.55 0.77 34.62
SG CME L 1021 38.46 1.20 33.16
SD CME L 1021 39.73 2.51 33.90
CE CME L 1021 38.64 3.11 35.21
CZ CME L 1021 39.05 2.62 36.59
OH CME L 1021 39.10 3.73 37.47
C CME L 1021 35.44 1.65 35.19
O CME L 1021 34.94 2.68 34.80
N GLN L 1022 35.51 1.24 36.46
CA GLN L 1022 34.98 1.94 37.54
C GLN L 1022 36.00 2.30 38.53
N LYS L 1023 35.68 3.31 39.35
CA LYS L 1023 36.54 3.79 40.40
C LYS L 1023 35.80 3.66 41.72
N ILE M 3 -165.13 -134.69 68.55
CA ILE M 3 -164.60 -133.68 69.49
C ILE M 3 -163.05 -133.60 69.58
N THR M 4 -162.49 -134.78 69.71
CA THR M 4 -161.07 -134.88 69.76
C THR M 4 -160.66 -134.83 68.31
N ASP M 5 -161.65 -134.90 67.41
CA ASP M 5 -161.38 -134.79 66.01
C ASP M 5 -161.46 -133.32 65.62
N SER M 6 -161.65 -132.51 66.63
CA SER M 6 -161.79 -131.10 66.43
C SER M 6 -160.50 -130.37 66.16
N LEU M 7 -160.59 -129.48 65.20
CA LEU M 7 -159.47 -128.63 64.89
C LEU M 7 -158.91 -128.09 66.18
N ALA M 8 -159.80 -127.49 66.89
CA ALA M 8 -159.41 -126.86 68.12
C ALA M 8 -158.45 -127.70 68.91
N VAL M 9 -158.74 -128.97 68.87
CA VAL M 9 -157.98 -129.93 69.60
C VAL M 9 -156.73 -130.40 68.84
N VAL M 10 -156.93 -130.85 67.62
CA VAL M 10 -155.84 -131.28 66.81
C VAL M 10 -154.75 -130.22 66.73
N LEU M 11 -155.11 -129.06 66.30
CA LEU M 11 -154.11 -128.03 66.16
C LEU M 11 -153.52 -127.61 67.47
N GLN M 12 -154.04 -128.19 68.50
CA GLN M 12 -153.52 -127.77 69.75
C GLN M 12 -152.04 -128.05 69.82
N ARG M 13 -151.72 -129.29 69.47
CA ARG M 13 -150.37 -129.74 69.55
C ARG M 13 -149.33 -129.06 68.65
N ARG M 14 -149.75 -128.58 67.47
CA ARG M 14 -148.79 -127.90 66.66
C ARG M 14 -147.62 -128.81 66.30
N ASP M 15 -148.01 -129.91 65.71
CA ASP M 15 -147.08 -130.90 65.26
C ASP M 15 -146.12 -130.34 64.23
N TRP M 16 -146.61 -129.35 63.51
CA TRP M 16 -145.82 -128.69 62.50
C TRP M 16 -144.77 -127.78 63.07
N GLU M 17 -144.61 -127.79 64.38
CA GLU M 17 -143.54 -127.00 64.96
C GLU M 17 -142.76 -127.90 65.88
N ASN M 18 -142.70 -129.16 65.47
CA ASN M 18 -142.01 -130.13 66.25
C ASN M 18 -141.39 -131.24 65.44
N PRO M 19 -140.07 -131.08 65.31
CA PRO M 19 -139.16 -131.97 64.63
C PRO M 19 -139.31 -133.38 65.19
N GLY M 20 -139.83 -133.46 66.41
CA GLY M 20 -140.07 -134.74 67.03
C GLY M 20 -141.28 -135.39 66.36
N VAL M 21 -142.13 -134.60 65.75
CA VAL M 21 -143.23 -135.26 65.12
C VAL M 21 -143.16 -135.05 63.66
N THR M 22 -142.99 -136.13 62.96
CA THR M 22 -142.87 -136.00 61.54
C THR M 22 -143.98 -136.71 60.79
N GLN M 23 -144.72 -137.47 61.55
CA GLN M 23 -145.82 -138.19 60.99
C GLN M 23 -146.69 -138.69 62.13
N LEU M 24 -147.91 -139.12 61.78
CA LEU M 24 -148.87 -139.66 62.74
C LEU M 24 -149.70 -140.68 62.03
N ASN M 25 -149.61 -141.89 62.49
CA ASN M 25 -150.41 -142.93 61.87
C ASN M 25 -150.15 -143.19 60.41
N ARG M 26 -149.01 -142.73 59.93
CA ARG M 26 -148.67 -142.96 58.53
C ARG M 26 -148.15 -144.39 58.40
N LEU M 27 -148.51 -145.08 57.34
CA LEU M 27 -148.02 -146.44 57.16
C LEU M 27 -146.56 -146.44 56.75
N ALA M 28 -146.01 -147.63 56.66
CA ALA M 28 -144.63 -147.81 56.26
C ALA M 28 -144.43 -147.75 54.77
N ALA M 29 -143.22 -147.28 54.43
CA ALA M 29 -142.73 -147.11 53.09
C ALA M 29 -142.44 -148.41 52.35
N HIS M 30 -142.42 -148.40 51.03
CA HIS M 30 -142.17 -149.61 50.28
C HIS M 30 -142.25 -149.29 48.80
N PRO M 31 -141.86 -150.26 48.03
CA PRO M 31 -141.93 -150.08 46.62
C PRO M 31 -143.39 -150.10 46.21
N PRO M 32 -143.57 -149.67 45.03
CA PRO M 32 -144.83 -149.55 44.37
C PRO M 32 -145.65 -150.82 44.20
N PHE M 33 -146.87 -150.72 44.72
CA PHE M 33 -147.87 -151.77 44.66
C PHE M 33 -149.06 -151.40 43.78
N ALA M 34 -149.69 -152.45 43.23
CA ALA M 34 -150.87 -152.34 42.39
C ALA M 34 -151.93 -153.31 42.87
N SER M 35 -151.46 -154.34 43.55
CA SER M 35 -152.36 -155.34 44.05
C SER M 35 -153.07 -156.02 42.93
N TRP M 36 -152.40 -156.32 41.85
CA TRP M 36 -153.09 -157.02 40.81
C TRP M 36 -153.68 -158.25 41.42
N ARG M 37 -154.80 -158.65 40.83
CA ARG M 37 -155.43 -159.87 41.28
C ARG M 37 -155.35 -160.91 40.18
N ASN M 38 -154.56 -160.60 39.16
CA ASN M 38 -154.32 -161.51 38.05
C ASN M 38 -152.89 -161.37 37.59
N SER M 39 -152.25 -162.52 37.46
CA SER M 39 -150.88 -162.54 37.05
C SER M 39 -150.60 -161.80 35.73
N GLU M 40 -151.23 -162.26 34.67
CA GLU M 40 -151.02 -161.67 33.37
C GLU M 40 -151.02 -160.17 33.40
N GLU M 41 -152.00 -159.64 34.10
CA GLU M 41 -152.11 -158.22 34.17
C GLU M 41 -150.86 -157.61 34.75
N ALA M 42 -150.57 -158.08 35.95
CA ALA M 42 -149.39 -157.61 36.59
C ALA M 42 -148.23 -157.82 35.65
N ARG M 43 -148.19 -158.96 35.04
CA ARG M 43 -147.10 -159.25 34.16
C ARG M 43 -146.94 -158.27 33.03
N THR M 44 -148.05 -157.88 32.47
CA THR M 44 -148.02 -156.97 31.34
C THR M 44 -148.29 -155.57 31.79
N ASP M 45 -148.06 -155.37 33.05
CA ASP M 45 -148.27 -154.07 33.59
C ASP M 45 -149.58 -153.46 33.16
N ARG M 46 -150.68 -154.19 33.28
CA ARG M 46 -151.92 -153.55 32.94
C ARG M 46 -152.30 -152.66 34.09
N PRO M 47 -153.54 -152.26 34.16
CA PRO M 47 -153.89 -151.40 35.24
C PRO M 47 -154.72 -152.12 36.24
N SER M 48 -154.39 -151.93 37.50
CA SER M 48 -155.13 -152.62 38.52
C SER M 48 -156.26 -151.77 39.02
N GLN M 49 -157.32 -152.49 39.29
CA GLN M 49 -158.49 -151.86 39.79
C GLN M 49 -158.40 -151.73 41.27
N GLN M 50 -157.39 -152.34 41.93
CA GLN M 50 -157.34 -152.13 43.36
C GLN M 50 -156.65 -150.80 43.62
N LEU M 51 -156.35 -150.20 42.49
CA LEU M 51 -155.73 -148.93 42.48
C LEU M 51 -156.60 -147.88 41.82
N ARG M 52 -156.90 -146.84 42.58
CA ARG M 52 -157.77 -145.82 42.05
C ARG M 52 -157.30 -144.42 42.27
N SER M 53 -157.34 -143.64 41.19
CA SER M 53 -156.91 -142.25 41.31
C SER M 53 -157.97 -141.33 41.80
N LEU M 54 -157.58 -140.38 42.62
CA LEU M 54 -158.51 -139.41 43.13
C LEU M 54 -158.21 -138.07 42.55
N ASN M 55 -157.40 -138.13 41.52
CA ASN M 55 -157.04 -136.88 40.90
C ASN M 55 -158.23 -136.40 40.14
N GLY M 56 -158.38 -135.08 40.17
CA GLY M 56 -159.44 -134.42 39.46
C GLY M 56 -159.85 -133.16 40.18
N GLU M 57 -161.13 -132.87 40.04
CA GLU M 57 -161.70 -131.69 40.64
C GLU M 57 -161.91 -131.87 42.11
N TRP M 58 -161.49 -130.89 42.85
CA TRP M 58 -161.61 -130.97 44.29
C TRP M 58 -162.04 -129.62 44.80
N ARG M 59 -162.26 -129.53 46.07
CA ARG M 59 -162.69 -128.23 46.55
C ARG M 59 -161.65 -127.61 47.43
N PHE M 60 -161.38 -126.37 47.10
CA PHE M 60 -160.33 -125.70 47.78
C PHE M 60 -160.70 -124.42 48.46
N ALA M 61 -160.00 -124.14 49.54
CA ALA M 61 -160.20 -122.88 50.21
C ALA M 61 -158.94 -122.51 50.94
N TRP M 62 -158.59 -121.27 50.88
CA TRP M 62 -157.37 -120.81 51.43
C TRP M 62 -157.47 -119.93 52.65
N PHE M 63 -156.56 -120.06 53.59
CA PHE M 63 -156.58 -119.23 54.77
C PHE M 63 -155.20 -118.87 55.15
N PRO M 64 -155.09 -117.67 55.61
CA PRO M 64 -153.88 -117.04 56.10
C PRO M 64 -153.25 -117.77 57.27
N ALA M 65 -154.04 -118.61 57.93
CA ALA M 65 -153.54 -119.35 59.07
C ALA M 65 -154.45 -120.51 59.37
N PRO M 66 -153.86 -121.50 59.97
CA PRO M 66 -154.56 -122.70 60.32
C PRO M 66 -155.69 -122.40 61.31
N GLU M 67 -155.32 -121.62 62.32
CA GLU M 67 -156.23 -121.20 63.37
C GLU M 67 -157.52 -120.57 62.79
N ALA M 68 -157.42 -119.92 61.66
CA ALA M 68 -158.59 -119.35 61.05
C ALA M 68 -159.49 -120.40 60.40
N VAL M 69 -159.22 -121.67 60.53
CA VAL M 69 -160.15 -122.57 59.89
C VAL M 69 -161.41 -122.83 60.72
N PRO M 70 -162.49 -123.18 60.04
CA PRO M 70 -163.80 -123.39 60.63
C PRO M 70 -164.21 -124.83 60.71
N GLU M 71 -164.55 -125.16 61.93
CA GLU M 71 -164.92 -126.46 62.33
C GLU M 71 -165.91 -127.09 61.39
N SER M 72 -166.74 -126.21 60.88
CA SER M 72 -167.73 -126.61 59.92
C SER M 72 -167.09 -127.37 58.80
N TRP M 73 -165.90 -126.84 58.43
CA TRP M 73 -165.13 -127.35 57.36
C TRP M 73 -165.06 -128.86 57.38
N LEU M 74 -164.95 -129.35 58.62
CA LEU M 74 -164.83 -130.76 58.90
C LEU M 74 -166.03 -131.54 58.46
N GLU M 75 -167.14 -130.87 58.70
CA GLU M 75 -168.42 -131.43 58.42
C GLU M 75 -168.91 -131.08 57.06
N CYS M 76 -168.85 -129.79 56.82
CA CYS M 76 -169.40 -129.33 55.60
C CYS M 76 -168.47 -128.56 54.76
N ASP M 77 -168.68 -128.77 53.46
CA ASP M 77 -167.93 -128.08 52.45
C ASP M 77 -168.19 -126.60 52.56
N LEU M 78 -167.29 -125.78 52.08
CA LEU M 78 -167.61 -124.39 52.23
C LEU M 78 -168.37 -123.82 51.07
N PRO M 79 -168.92 -122.67 51.35
CA PRO M 79 -169.71 -121.96 50.39
C PRO M 79 -168.76 -121.24 49.46
N GLU M 80 -167.80 -120.61 50.11
CA GLU M 80 -166.75 -119.86 49.44
C GLU M 80 -165.65 -120.74 48.89
N ALA M 81 -165.86 -122.04 48.98
CA ALA M 81 -164.89 -122.95 48.44
C ALA M 81 -164.90 -122.86 46.93
N ASP M 82 -163.74 -123.11 46.32
CA ASP M 82 -163.63 -123.10 44.88
C ASP M 82 -163.42 -124.49 44.39
N THR M 83 -163.67 -124.68 43.14
CA THR M 83 -163.42 -125.98 42.63
C THR M 83 -162.10 -125.92 41.92
N VAL M 84 -161.22 -126.85 42.30
CA VAL M 84 -159.86 -126.90 41.77
C VAL M 84 -159.43 -128.28 41.30
N VAL M 85 -158.43 -128.24 40.45
CA VAL M 85 -157.86 -129.48 39.99
C VAL M 85 -156.66 -129.87 40.80
N VAL M 86 -156.64 -131.15 41.11
CA VAL M 86 -155.59 -131.74 41.86
C VAL M 86 -155.03 -132.88 41.04
N PRO M 87 -153.68 -132.98 41.02
CA PRO M 87 -152.76 -132.18 41.83
C PRO M 87 -152.43 -130.84 41.27
N SER M 88 -151.94 -129.99 42.19
CA SER M 88 -151.58 -128.65 41.79
C SER M 88 -150.91 -127.81 42.88
N ASN M 89 -150.39 -126.65 42.45
CA ASN M 89 -149.78 -125.73 43.39
C ASN M 89 -150.65 -124.53 43.55
N TRP M 90 -151.08 -124.35 44.75
CA TRP M 90 -151.97 -123.27 44.96
C TRP M 90 -151.50 -121.91 44.51
N GLN M 91 -150.21 -121.65 44.59
CA GLN M 91 -149.70 -120.36 44.14
C GLN M 91 -149.96 -120.23 42.67
N MET M 92 -150.07 -121.37 42.01
CA MET M 92 -150.31 -121.35 40.58
C MET M 92 -151.73 -120.94 40.25
N HIS M 93 -152.55 -120.83 41.28
CA HIS M 93 -153.93 -120.47 41.10
C HIS M 93 -154.23 -119.12 41.64
N GLY M 94 -153.19 -118.39 41.94
CA GLY M 94 -153.33 -117.07 42.45
C GLY M 94 -153.62 -117.01 43.92
N TYR M 95 -153.67 -118.15 44.60
CA TYR M 95 -153.98 -118.01 46.01
C TYR M 95 -153.04 -117.17 46.87
N ASP M 96 -151.77 -117.29 46.58
CA ASP M 96 -150.71 -116.51 47.21
C ASP M 96 -149.55 -116.57 46.26
N ALA M 97 -148.47 -115.91 46.68
CA ALA M 97 -147.29 -115.85 45.85
C ALA M 97 -146.29 -116.97 46.01
N PRO M 98 -145.66 -117.28 44.90
CA PRO M 98 -144.60 -118.23 44.88
C PRO M 98 -143.38 -117.41 45.22
N ILE M 99 -142.48 -118.00 45.97
CA ILE M 99 -141.28 -117.28 46.31
C ILE M 99 -140.04 -117.88 45.70
N TYR M 100 -139.18 -116.94 45.33
CA TYR M 100 -137.92 -117.31 44.79
C TYR M 100 -136.72 -116.74 45.51
N THR M 101 -136.22 -117.54 46.47
CA THR M 101 -134.96 -117.33 47.15
C THR M 101 -134.16 -118.61 46.91
N ASN M 102 -132.85 -118.47 47.10
CA ASN M 102 -131.92 -119.54 46.91
C ASN M 102 -131.38 -120.12 48.22
N VAL M 103 -130.68 -119.26 48.94
CA VAL M 103 -130.09 -119.69 50.18
C VAL M 103 -130.92 -119.30 51.36
N THR M 104 -131.22 -118.01 51.40
CA THR M 104 -131.98 -117.44 52.46
C THR M 104 -133.34 -118.06 52.59
N TYR M 105 -133.65 -118.45 53.82
CA TYR M 105 -134.93 -119.05 54.09
C TYR M 105 -136.04 -118.03 53.86
N PRO M 106 -137.12 -118.54 53.30
CA PRO M 106 -138.29 -117.74 53.04
C PRO M 106 -138.88 -117.24 54.34
N ILE M 107 -138.67 -117.97 55.41
CA ILE M 107 -139.21 -117.53 56.67
C ILE M 107 -138.10 -117.19 57.63
N THR M 108 -138.50 -116.70 58.77
CA THR M 108 -137.52 -116.33 59.77
C THR M 108 -136.89 -117.56 60.39
N VAL M 109 -135.60 -117.43 60.60
CA VAL M 109 -134.91 -118.56 61.16
C VAL M 109 -135.01 -118.76 62.64
N ASN M 110 -135.89 -119.66 63.02
CA ASN M 110 -136.07 -119.92 64.41
C ASN M 110 -136.66 -121.27 64.67
N PRO M 111 -135.91 -122.22 64.24
CA PRO M 111 -136.29 -123.58 64.40
C PRO M 111 -136.57 -123.83 65.86
N PRO M 112 -137.60 -124.62 66.05
CA PRO M 112 -138.30 -125.23 64.93
C PRO M 112 -139.55 -124.50 64.65
N PHE M 113 -139.50 -123.21 64.89
CA PHE M 113 -140.66 -122.40 64.68
C PHE M 113 -140.85 -121.86 63.32
N VAL M 114 -142.09 -121.96 62.95
CA VAL M 114 -142.67 -121.48 61.73
C VAL M 114 -143.44 -120.18 62.08
N PRO M 115 -143.77 -119.37 61.10
CA PRO M 115 -144.48 -118.13 61.35
C PRO M 115 -145.98 -118.31 61.53
N THR M 116 -146.49 -117.56 62.51
CA THR M 116 -147.89 -117.56 62.92
C THR M 116 -148.84 -117.50 61.73
N GLU M 117 -148.46 -116.69 60.75
CA GLU M 117 -149.26 -116.57 59.55
C GLU M 117 -148.75 -117.61 58.60
N ASN M 118 -149.43 -118.71 58.62
CA ASN M 118 -148.98 -119.74 57.79
C ASN M 118 -150.12 -120.23 56.97
N PRO M 119 -150.00 -119.86 55.76
CA PRO M 119 -150.97 -120.14 54.73
C PRO M 119 -151.45 -121.55 54.72
N THR M 120 -152.73 -121.71 54.94
CA THR M 120 -153.33 -123.00 54.97
C THR M 120 -154.24 -123.27 53.77
N GLY M 121 -154.17 -124.47 53.25
CA GLY M 121 -154.99 -124.81 52.10
C GLY M 121 -155.91 -125.95 52.45
N CYS M 122 -157.22 -125.69 52.49
CA CYS M 122 -158.16 -126.73 52.81
C CYS M 122 -158.70 -127.39 51.59
N TYR M 123 -158.29 -128.60 51.43
CA TYR M 123 -158.72 -129.38 50.30
C TYR M 123 -159.74 -130.35 50.79
N SER M 124 -160.70 -130.63 49.92
CA SER M 124 -161.77 -131.53 50.31
C SER M 124 -162.29 -132.31 49.14
N LEU M 125 -162.70 -133.50 49.46
CA LEU M 125 -163.22 -134.30 48.40
C LEU M 125 -164.17 -135.39 48.84
N THR M 126 -165.24 -135.39 48.07
CA THR M 126 -166.32 -136.29 48.29
C THR M 126 -166.34 -137.36 47.24
N PHE M 127 -166.39 -138.57 47.69
CA PHE M 127 -166.36 -139.65 46.75
C PHE M 127 -167.03 -140.86 47.32
N ASN M 128 -167.24 -141.71 46.34
CA ASN M 128 -167.92 -142.94 46.51
C ASN M 128 -167.00 -144.10 46.51
N VAL M 129 -167.36 -145.04 47.36
CA VAL M 129 -166.59 -146.24 47.50
C VAL M 129 -167.40 -147.47 47.23
N ASP M 130 -166.86 -148.37 46.42
CA ASP M 130 -167.58 -149.60 46.22
C ASP M 130 -167.60 -150.27 47.58
N GLU M 131 -168.67 -150.97 47.88
CA GLU M 131 -168.71 -151.60 49.17
C GLU M 131 -167.97 -152.90 49.20
N SER M 132 -167.85 -153.52 48.03
CA SER M 132 -167.14 -154.77 48.01
C SER M 132 -165.81 -154.57 48.73
N TRP M 133 -165.24 -153.40 48.50
CA TRP M 133 -163.99 -153.01 49.10
C TRP M 133 -164.17 -152.87 50.59
N LEU M 134 -165.35 -152.44 50.91
CA LEU M 134 -165.69 -152.22 52.27
C LEU M 134 -165.87 -153.51 53.03
N GLN M 135 -166.16 -154.57 52.28
CA GLN M 135 -166.37 -155.82 52.92
C GLN M 135 -165.08 -156.41 53.43
N GLU M 136 -164.28 -156.86 52.47
CA GLU M 136 -163.01 -157.46 52.79
C GLU M 136 -161.79 -156.61 52.43
N GLY M 137 -160.64 -157.05 52.90
CA GLY M 137 -159.37 -156.40 52.59
C GLY M 137 -159.13 -155.08 53.29
N GLN M 138 -158.13 -154.40 52.75
CA GLN M 138 -157.70 -153.13 53.27
C GLN M 138 -157.61 -152.03 52.25
N THR M 139 -158.10 -150.91 52.73
CA THR M 139 -158.14 -149.76 51.92
C THR M 139 -157.40 -148.58 52.50
N ARG M 140 -156.46 -148.16 51.68
CA ARG M 140 -155.67 -147.05 52.05
C ARG M 140 -155.52 -146.02 50.96
N ILE M 141 -155.22 -144.87 51.50
CA ILE M 141 -155.03 -143.74 50.67
C ILE M 141 -153.56 -143.38 50.57
N ILE M 142 -153.24 -142.81 49.42
CA ILE M 142 -151.89 -142.43 49.14
C ILE M 142 -151.65 -141.09 48.51
N PHE M 143 -150.90 -140.29 49.24
CA PHE M 143 -150.50 -138.99 48.78
C PHE M 143 -149.09 -139.01 48.24
N ASP M 144 -148.96 -138.94 46.94
CA ASP M 144 -147.64 -138.94 46.38
C ASP M 144 -146.81 -137.74 46.69
N GLY M 145 -147.45 -136.64 47.04
CA GLY M 145 -146.72 -135.43 47.37
C GLY M 145 -147.59 -134.25 47.80
N VAL M 146 -147.30 -133.80 49.02
CA VAL M 146 -147.97 -132.70 49.69
C VAL M 146 -146.96 -131.79 50.39
N ASN M 147 -146.92 -130.57 49.99
CA ASN M 147 -145.95 -129.66 50.53
C ASN M 147 -146.59 -128.54 51.33
N SER M 148 -146.15 -128.34 52.57
CA SER M 148 -145.06 -129.08 53.17
C SER M 148 -145.48 -130.11 54.20
N ALA M 149 -146.51 -129.77 54.97
CA ALA M 149 -147.04 -130.64 56.01
C ALA M 149 -148.57 -130.71 55.95
N PHE M 150 -149.17 -131.70 56.63
CA PHE M 150 -150.62 -131.73 56.61
C PHE M 150 -151.27 -132.76 57.50
N HIS M 151 -152.53 -132.41 57.85
CA HIS M 151 -153.44 -133.18 58.70
C HIS M 151 -154.53 -133.79 57.86
N LEU M 152 -155.04 -134.89 58.31
CA LEU M 152 -156.04 -135.49 57.47
C LEU M 152 -157.26 -136.06 58.19
N TRP M 153 -158.42 -135.83 57.55
CA TRP M 153 -159.69 -136.30 58.05
C TRP M 153 -160.50 -137.02 57.01
N CYS M 154 -161.22 -137.99 57.53
CA CYS M 154 -162.06 -138.78 56.67
C CYS M 154 -163.39 -139.00 57.34
N ASN M 155 -164.41 -138.56 56.61
CA ASN M 155 -165.77 -138.63 57.06
C ASN M 155 -165.83 -138.01 58.45
N GLY M 156 -165.19 -136.85 58.60
CA GLY M 156 -165.25 -136.11 59.86
C GLY M 156 -164.26 -136.57 60.91
N ARG M 157 -163.67 -137.72 60.62
CA ARG M 157 -162.73 -138.25 61.56
C ARG M 157 -161.26 -137.95 61.29
N TRP M 158 -160.56 -137.55 62.36
CA TRP M 158 -159.15 -137.26 62.25
C TRP M 158 -158.34 -138.51 61.97
N VAL M 159 -157.44 -138.43 61.01
CA VAL M 159 -156.71 -139.62 60.65
C VAL M 159 -155.23 -139.63 60.90
N GLY M 160 -154.55 -138.65 60.40
CA GLY M 160 -153.12 -138.64 60.59
C GLY M 160 -152.51 -137.34 60.17
N TYR M 161 -151.19 -137.37 60.24
CA TYR M 161 -150.36 -136.24 59.92
C TYR M 161 -149.14 -136.72 59.20
N GLY M 162 -148.52 -135.82 58.43
CA GLY M 162 -147.33 -136.16 57.65
C GLY M 162 -146.40 -134.98 57.30
N GLN M 163 -145.08 -135.27 57.20
CA GLN M 163 -144.05 -134.30 56.81
C GLN M 163 -143.22 -134.89 55.64
N ASP M 164 -142.41 -134.03 54.99
CA ASP M 164 -141.59 -134.40 53.86
C ASP M 164 -142.35 -134.30 52.55
N SER M 165 -142.23 -133.14 51.95
CA SER M 165 -142.92 -132.89 50.71
C SER M 165 -142.60 -133.79 49.58
N ARG M 166 -141.48 -134.52 49.61
CA ARG M 166 -141.18 -135.29 48.42
C ARG M 166 -141.43 -136.77 48.39
N LEU M 167 -141.89 -137.33 49.50
CA LEU M 167 -142.21 -138.74 49.48
C LEU M 167 -143.67 -138.99 49.83
N PRO M 168 -144.15 -140.15 49.45
CA PRO M 168 -145.50 -140.58 49.67
C PRO M 168 -145.88 -140.72 51.11
N SER M 169 -147.18 -140.53 51.35
CA SER M 169 -147.77 -140.69 52.64
C SER M 169 -148.94 -141.63 52.54
N GLU M 170 -148.92 -142.66 53.36
CA GLU M 170 -150.00 -143.59 53.28
C GLU M 170 -150.71 -143.80 54.57
N PHE M 171 -152.04 -143.91 54.37
CA PHE M 171 -152.93 -144.20 55.45
C PHE M 171 -154.02 -145.18 55.09
N ASP M 172 -154.30 -145.97 56.13
CA ASP M 172 -155.33 -146.99 56.16
C ASP M 172 -156.63 -146.32 56.51
N LEU M 173 -157.53 -146.36 55.54
CA LEU M 173 -158.83 -145.73 55.69
C LEU M 173 -159.93 -146.67 56.14
N SER M 174 -159.59 -147.94 55.98
CA SER M 174 -160.41 -149.09 56.27
C SER M 174 -161.45 -148.86 57.37
N ALA M 175 -161.04 -148.22 58.44
CA ALA M 175 -161.98 -147.98 59.51
C ALA M 175 -162.79 -146.70 59.39
N PHE M 176 -162.63 -145.90 58.33
CA PHE M 176 -163.40 -144.68 58.30
C PHE M 176 -164.32 -144.61 57.13
N LEU M 177 -164.25 -145.65 56.36
CA LEU M 177 -165.08 -145.61 55.22
C LEU M 177 -166.46 -146.15 55.43
N ARG M 178 -167.39 -145.47 54.77
CA ARG M 178 -168.80 -145.82 54.73
C ARG M 178 -169.06 -146.21 53.32
N ALA M 179 -170.09 -147.00 53.12
CA ALA M 179 -170.37 -147.31 51.74
C ALA M 179 -170.99 -146.07 51.11
N GLY M 180 -170.72 -145.94 49.82
CA GLY M 180 -171.20 -144.81 49.10
C GLY M 180 -170.35 -143.58 49.31
N GLU M 181 -171.01 -142.54 49.76
CA GLU M 181 -170.39 -141.26 49.92
C GLU M 181 -169.49 -141.03 51.09
N ASN M 182 -168.26 -140.61 50.75
CA ASN M 182 -167.30 -140.25 51.76
C ASN M 182 -166.69 -138.94 51.42
N ARG M 183 -166.19 -138.33 52.48
CA ARG M 183 -165.55 -137.04 52.34
C ARG M 183 -164.21 -136.95 53.06
N LEU M 184 -163.23 -136.46 52.27
CA LEU M 184 -161.88 -136.20 52.74
C LEU M 184 -161.63 -134.75 53.01
N ALA M 185 -160.96 -134.50 54.12
CA ALA M 185 -160.59 -133.14 54.44
C ALA M 185 -159.14 -133.07 54.85
N VAL M 186 -158.40 -132.45 53.93
CA VAL M 186 -157.00 -132.28 54.04
C VAL M 186 -156.57 -130.88 54.27
N MET M 187 -155.97 -130.69 55.40
CA MET M 187 -155.49 -129.38 55.67
C MET M 187 -154.00 -129.37 55.48
N VAL M 188 -153.54 -128.60 54.50
CA VAL M 188 -152.15 -128.48 54.10
C VAL M 188 -151.47 -127.21 54.56
N LEU M 189 -150.21 -127.29 55.02
CA LEU M 189 -149.55 -126.06 55.45
C LEU M 189 -148.26 -125.69 54.75
N ARG M 190 -148.10 -124.39 54.52
CA ARG M 190 -146.91 -123.91 53.87
C ARG M 190 -145.70 -124.21 54.70
N TRP M 191 -145.60 -123.56 55.84
CA TRP M 191 -144.47 -123.81 56.67
C TRP M 191 -144.69 -124.91 57.67
N SER M 192 -143.62 -125.59 58.06
CA SER M 192 -143.59 -126.65 59.06
C SER M 192 -142.17 -126.83 59.49
N ASP M 193 -141.91 -127.64 60.49
CA ASP M 193 -140.53 -127.83 60.86
C ASP M 193 -139.75 -128.40 59.66
N GLY M 194 -140.45 -129.24 58.83
CA GLY M 194 -139.90 -129.84 57.60
C GLY M 194 -139.26 -128.83 56.68
N SER M 195 -139.81 -127.65 56.72
CA SER M 195 -139.31 -126.59 55.91
C SER M 195 -137.86 -126.34 56.21
N TYR M 196 -137.49 -126.41 57.48
CA TYR M 196 -136.11 -126.19 57.78
C TYR M 196 -135.19 -127.15 57.01
N LEU M 197 -135.70 -128.30 56.56
CA LEU M 197 -134.92 -129.25 55.83
C LEU M 197 -135.20 -129.20 54.38
N GLU M 198 -135.85 -128.14 53.96
CA GLU M 198 -136.15 -128.08 52.53
C GLU M 198 -135.77 -126.76 51.91
N ASP M 199 -134.53 -126.33 52.14
CA ASP M 199 -134.12 -125.04 51.63
C ASP M 199 -133.56 -125.02 50.23
N GLN M 200 -134.02 -125.91 49.36
CA GLN M 200 -133.51 -125.91 47.98
C GLN M 200 -133.68 -124.61 47.23
N ASP M 201 -132.66 -124.23 46.43
CA ASP M 201 -132.76 -123.02 45.61
C ASP M 201 -133.69 -123.29 44.43
N MET M 202 -134.95 -123.04 44.71
CA MET M 202 -136.04 -123.23 43.79
C MET M 202 -137.19 -122.36 44.23
N TRP M 203 -138.27 -122.40 43.45
CA TRP M 203 -139.44 -121.65 43.80
C TRP M 203 -140.06 -122.32 45.00
N ARG M 204 -140.48 -121.51 45.94
CA ARG M 204 -141.13 -122.04 47.11
C ARG M 204 -142.64 -122.01 46.88
N MET M 205 -143.22 -123.18 46.76
CA MET M 205 -144.62 -123.32 46.52
C MET M 205 -145.28 -124.22 47.55
N SER M 206 -146.50 -124.70 47.26
CA SER M 206 -147.25 -125.57 48.19
C SER M 206 -148.51 -126.15 47.62
N GLY M 207 -148.98 -127.20 48.31
CA GLY M 207 -150.20 -127.87 47.92
C GLY M 207 -150.06 -129.35 47.69
N ILE M 208 -151.08 -129.90 47.04
CA ILE M 208 -151.09 -131.32 46.73
C ILE M 208 -150.72 -131.41 45.30
N PHE M 209 -149.40 -131.50 45.13
CA PHE M 209 -148.82 -131.44 43.83
C PHE M 209 -148.48 -132.76 43.21
N ARG M 210 -148.82 -133.83 43.90
CA ARG M 210 -148.60 -135.11 43.31
C ARG M 210 -149.86 -135.93 43.46
N ASP M 211 -149.95 -136.98 42.68
CA ASP M 211 -151.08 -137.87 42.68
C ASP M 211 -151.61 -138.29 44.03
N VAL M 212 -152.92 -138.63 43.98
CA VAL M 212 -153.70 -139.14 45.09
C VAL M 212 -154.42 -140.38 44.68
N SER M 213 -154.32 -141.41 45.52
CA SER M 213 -154.92 -142.67 45.15
C SER M 213 -155.41 -143.52 46.28
N LEU M 214 -156.10 -144.56 45.81
CA LEU M 214 -156.64 -145.53 46.71
C LEU M 214 -156.21 -146.88 46.31
N LEU M 215 -155.83 -147.57 47.35
CA LEU M 215 -155.39 -148.89 47.15
C LEU M 215 -156.09 -149.89 48.03
N HIS M 216 -156.56 -150.91 47.31
CA HIS M 216 -157.27 -151.99 47.91
C HIS M 216 -156.41 -153.21 47.98
N LYS M 217 -156.10 -153.59 49.21
CA LYS M 217 -155.28 -154.75 49.39
C LYS M 217 -155.91 -155.77 50.30
N PRO M 218 -155.61 -157.04 50.02
CA PRO M 218 -156.07 -158.16 50.82
C PRO M 218 -155.56 -158.03 52.23
N THR M 219 -156.24 -158.63 53.18
CA THR M 219 -155.83 -158.54 54.57
C THR M 219 -154.49 -159.22 54.81
N THR M 220 -154.32 -160.29 54.08
CA THR M 220 -153.11 -161.01 54.09
C THR M 220 -152.45 -160.69 52.77
N GLN M 221 -151.39 -159.91 52.82
CA GLN M 221 -150.76 -159.44 51.61
C GLN M 221 -149.25 -159.32 51.67
N ILE M 222 -148.73 -159.03 50.48
CA ILE M 222 -147.34 -158.75 50.27
C ILE M 222 -147.06 -157.38 50.83
N SER M 223 -146.22 -157.32 51.83
CA SER M 223 -145.95 -156.04 52.44
C SER M 223 -144.73 -155.33 51.88
N ASP M 224 -143.84 -156.11 51.25
CA ASP M 224 -142.61 -155.54 50.73
C ASP M 224 -141.76 -156.58 50.05
N PHE M 225 -140.94 -156.13 49.10
CA PHE M 225 -140.05 -157.02 48.44
C PHE M 225 -138.84 -156.35 47.86
N HIS M 226 -137.72 -157.06 47.79
CA HIS M 226 -136.49 -156.55 47.21
C HIS M 226 -135.89 -157.51 46.28
N VAL M 227 -135.22 -156.93 45.33
CA VAL M 227 -134.56 -157.67 44.32
C VAL M 227 -133.09 -157.38 44.28
N ALA M 228 -132.30 -158.40 43.92
CA ALA M 228 -130.86 -158.26 43.84
C ALA M 228 -130.26 -159.20 42.84
N THR M 229 -129.24 -158.70 42.14
CA THR M 229 -128.54 -159.50 41.16
C THR M 229 -127.09 -159.72 41.47
N ARG M 230 -126.65 -160.93 41.27
CA ARG M 230 -125.28 -161.23 41.53
C ARG M 230 -124.66 -161.88 40.32
N PHE M 231 -123.39 -161.64 40.04
CA PHE M 231 -122.82 -162.27 38.84
C PHE M 231 -121.55 -163.04 39.04
N ASN M 232 -121.20 -163.77 38.00
CA ASN M 232 -119.94 -164.46 38.01
C ASN M 232 -118.94 -163.48 37.43
N ASP M 233 -117.68 -163.75 37.62
CA ASP M 233 -116.64 -162.87 37.15
C ASP M 233 -116.83 -162.35 35.72
N ASP M 234 -117.55 -163.05 34.88
CA ASP M 234 -117.66 -162.51 33.54
C ASP M 234 -119.06 -162.15 33.14
N PHE M 235 -119.97 -162.19 34.11
CA PHE M 235 -121.33 -161.87 33.82
C PHE M 235 -121.95 -162.87 32.90
N SER M 236 -121.42 -164.07 32.90
CA SER M 236 -122.05 -165.03 32.05
C SER M 236 -123.21 -165.71 32.76
N ARG M 237 -123.27 -165.49 34.07
CA ARG M 237 -124.32 -166.04 34.90
C ARG M 237 -124.65 -165.17 36.08
N ALA M 238 -125.94 -165.07 36.33
CA ALA M 238 -126.43 -164.27 37.42
C ALA M 238 -127.36 -164.98 38.37
N VAL M 239 -127.55 -164.30 39.48
CA VAL M 239 -128.49 -164.80 40.39
C VAL M 239 -129.44 -163.75 40.80
N LEU M 240 -130.70 -164.02 40.53
CA LEU M 240 -131.67 -163.10 40.95
C LEU M 240 -132.13 -163.52 42.33
N GLU M 241 -132.05 -162.60 43.25
CA GLU M 241 -132.42 -162.97 44.55
C GLU M 241 -133.48 -162.02 45.07
N ALA M 242 -134.63 -162.60 45.45
CA ALA M 242 -135.76 -161.82 45.91
C ALA M 242 -136.22 -162.14 47.30
N GLU M 243 -136.45 -161.07 48.02
CA GLU M 243 -136.90 -161.26 49.36
C GLU M 243 -138.24 -160.65 49.48
N VAL M 244 -139.13 -161.46 50.04
CA VAL M 244 -140.48 -161.04 50.18
C VAL M 244 -140.99 -161.08 51.58
N GLN M 245 -141.73 -160.04 51.89
CA GLN M 245 -142.34 -159.97 53.18
C GLN M 245 -143.82 -159.84 53.05
N MET M 246 -144.50 -160.47 54.01
CA MET M 246 -145.93 -160.45 54.06
C MET M 246 -146.46 -159.88 55.35
N CYS M 247 -147.68 -159.43 55.23
CA CYS M 247 -148.41 -158.89 56.34
C CYS M 247 -149.68 -159.67 56.39
N GLY M 248 -150.18 -159.94 57.58
CA GLY M 248 -151.42 -160.68 57.69
C GLY M 248 -151.44 -161.93 58.55
N GLU M 249 -152.29 -162.83 58.14
CA GLU M 249 -152.48 -164.06 58.84
C GLU M 249 -151.59 -165.15 58.32
N LEU M 250 -150.62 -165.48 59.12
CA LEU M 250 -149.72 -166.51 58.69
C LEU M 250 -150.34 -167.88 58.72
N ARG M 251 -150.21 -168.59 57.61
CA ARG M 251 -150.74 -169.92 57.46
C ARG M 251 -149.86 -170.76 56.59
N ASP M 252 -149.73 -171.98 56.96
CA ASP M 252 -148.88 -172.91 56.25
C ASP M 252 -149.26 -173.23 54.81
N TYR M 253 -150.39 -172.74 54.32
CA TYR M 253 -150.67 -173.12 52.95
C TYR M 253 -150.28 -172.01 52.01
N LEU M 254 -149.69 -170.99 52.61
CA LEU M 254 -149.25 -169.86 51.85
C LEU M 254 -148.00 -170.15 51.11
N ARG M 255 -147.97 -169.60 49.92
CA ARG M 255 -146.84 -169.74 49.06
C ARG M 255 -146.50 -168.47 48.32
N VAL M 256 -145.29 -168.48 47.77
CA VAL M 256 -144.81 -167.38 47.02
C VAL M 256 -144.14 -167.86 45.79
N THR M 257 -144.47 -167.18 44.72
CA THR M 257 -143.86 -167.53 43.48
C THR M 257 -143.33 -166.33 42.78
N VAL M 258 -142.11 -166.52 42.33
CA VAL M 258 -141.43 -165.48 41.66
C VAL M 258 -140.99 -165.98 40.35
N SER M 259 -141.42 -165.24 39.36
CA SER M 259 -141.14 -165.60 38.00
C SER M 259 -140.51 -164.47 37.24
N LEU M 260 -139.60 -164.90 36.43
CA LEU M 260 -138.88 -163.99 35.64
C LEU M 260 -139.24 -164.13 34.22
N TRP M 261 -139.48 -162.99 33.64
CA TRP M 261 -139.85 -162.96 32.27
C TRP M 261 -139.05 -162.06 31.39
N GLN M 262 -138.90 -162.59 30.19
CA GLN M 262 -138.23 -161.94 29.13
C GLN M 262 -139.26 -161.70 28.06
N GLY M 263 -140.00 -160.66 28.30
CA GLY M 263 -141.05 -160.37 27.40
C GLY M 263 -142.08 -161.47 27.47
N GLU M 264 -142.11 -162.24 26.41
CA GLU M 264 -143.08 -163.31 26.32
C GLU M 264 -142.65 -164.56 27.02
N THR M 265 -141.36 -164.69 27.10
CA THR M 265 -140.82 -165.86 27.70
C THR M 265 -140.58 -165.83 29.17
N GLN M 266 -140.91 -166.95 29.75
CA GLN M 266 -140.66 -167.08 31.13
C GLN M 266 -139.31 -167.74 31.26
N VAL M 267 -138.44 -167.02 31.92
CA VAL M 267 -137.06 -167.39 32.08
C VAL M 267 -136.75 -168.19 33.32
N ALA M 268 -137.51 -167.90 34.36
CA ALA M 268 -137.29 -168.61 35.59
C ALA M 268 -138.38 -168.36 36.57
N SER M 269 -138.56 -169.40 37.36
CA SER M 269 -139.56 -169.36 38.38
C SER M 269 -139.09 -170.05 39.60
N GLY M 270 -139.74 -169.70 40.69
CA GLY M 270 -139.43 -170.28 41.97
C GLY M 270 -140.60 -170.14 42.89
N THR M 271 -140.81 -171.20 43.66
CA THR M 271 -141.91 -171.17 44.57
C THR M 271 -141.51 -171.64 45.94
N ALA M 272 -142.11 -171.03 46.94
CA ALA M 272 -141.81 -171.43 48.30
C ALA M 272 -142.75 -170.85 49.30
N PRO M 273 -142.63 -171.41 50.48
CA PRO M 273 -143.42 -171.07 51.63
C PRO M 273 -142.64 -170.16 52.51
N PHE M 274 -143.35 -169.40 53.33
CA PHE M 274 -142.69 -168.47 54.21
C PHE M 274 -141.77 -169.10 55.21
N GLY M 275 -140.91 -168.28 55.76
CA GLY M 275 -139.96 -168.75 56.74
C GLY M 275 -138.55 -168.71 56.16
N GLY M 276 -137.73 -167.88 56.83
CA GLY M 276 -136.34 -167.63 56.48
C GLY M 276 -135.31 -168.50 57.22
N GLU M 277 -134.04 -168.22 56.92
CA GLU M 277 -132.97 -168.95 57.55
C GLU M 277 -132.73 -168.31 58.88
N ILE M 278 -132.09 -169.05 59.76
CA ILE M 278 -131.82 -168.55 61.07
C ILE M 278 -130.96 -167.34 60.98
N ILE M 279 -131.25 -166.35 61.78
CA ILE M 279 -130.43 -165.19 61.68
C ILE M 279 -129.75 -164.93 62.99
N ASP M 280 -130.34 -165.35 64.07
CA ASP M 280 -129.69 -165.09 65.31
C ASP M 280 -130.13 -166.08 66.33
N GLU M 281 -129.79 -165.80 67.57
CA GLU M 281 -130.17 -166.72 68.61
C GLU M 281 -131.66 -167.03 68.73
N ARG M 282 -132.54 -166.11 68.27
CA ARG M 282 -133.98 -166.33 68.37
C ARG M 282 -134.59 -166.99 67.16
N GLY M 283 -133.85 -167.15 66.08
CA GLY M 283 -134.40 -167.80 64.91
C GLY M 283 -134.31 -166.90 63.69
N GLY M 284 -135.35 -166.99 62.84
CA GLY M 284 -135.48 -166.20 61.63
C GLY M 284 -136.83 -165.47 61.49
N TYR M 285 -137.13 -165.04 60.26
CA TYR M 285 -138.36 -164.37 59.91
C TYR M 285 -139.32 -165.39 59.35
N ALA M 286 -140.36 -165.61 60.10
CA ALA M 286 -141.38 -166.53 59.72
C ALA M 286 -142.21 -166.00 58.59
N ASP M 287 -142.28 -164.68 58.59
CA ASP M 287 -143.03 -163.92 57.65
C ASP M 287 -142.19 -163.39 56.53
N ARG M 288 -141.13 -164.07 56.19
CA ARG M 288 -140.37 -163.61 55.05
C ARG M 288 -139.93 -164.81 54.30
N VAL M 289 -139.48 -164.57 53.10
CA VAL M 289 -138.97 -165.65 52.30
C VAL M 289 -138.07 -165.10 51.21
N THR M 290 -137.05 -165.86 50.85
CA THR M 290 -136.13 -165.39 49.85
C THR M 290 -135.92 -166.36 48.74
N LEU M 291 -136.08 -165.93 47.51
CA LEU M 291 -135.86 -166.87 46.46
C LEU M 291 -134.66 -166.51 45.66
N ARG M 292 -134.08 -167.53 45.10
CA ARG M 292 -132.91 -167.32 44.30
C ARG M 292 -133.06 -167.91 42.93
N LEU M 293 -133.09 -167.07 41.92
CA LEU M 293 -133.23 -167.59 40.57
C LEU M 293 -131.93 -167.50 39.84
N ASN M 294 -131.64 -168.56 39.14
CA ASN M 294 -130.41 -168.56 38.38
C ASN M 294 -130.71 -168.16 36.97
N VAL M 295 -129.81 -167.36 36.40
CA VAL M 295 -129.97 -166.96 35.03
C VAL M 295 -128.72 -167.06 34.22
N GLU M 296 -128.81 -167.81 33.15
CA GLU M 296 -127.66 -167.95 32.30
C GLU M 296 -127.66 -166.88 31.26
N ASN M 297 -126.47 -166.39 30.95
CA ASN M 297 -126.30 -165.36 29.94
C ASN M 297 -127.35 -164.29 29.97
N PRO M 298 -127.52 -163.72 31.13
CA PRO M 298 -128.47 -162.67 31.28
C PRO M 298 -128.10 -161.52 30.36
N LYS M 299 -129.12 -160.74 30.05
CA LYS M 299 -128.96 -159.56 29.25
C LYS M 299 -128.81 -158.39 30.18
N LEU M 300 -127.71 -157.72 30.04
CA LEU M 300 -127.43 -156.65 30.94
C LEU M 300 -128.09 -155.35 30.67
N TRP M 301 -128.38 -154.67 31.73
CA TRP M 301 -128.99 -153.39 31.58
C TRP M 301 -127.94 -152.29 31.59
N SER M 302 -128.14 -151.22 30.84
CA SER M 302 -127.20 -150.11 30.84
C SER M 302 -127.81 -148.91 30.20
N ALA M 303 -127.23 -147.74 30.40
CA ALA M 303 -127.85 -146.59 29.74
C ALA M 303 -127.72 -146.81 28.25
N GLU M 304 -126.67 -147.51 27.85
CA GLU M 304 -126.47 -147.82 26.46
C GLU M 304 -127.56 -148.76 25.93
N ILE M 305 -127.94 -149.75 26.72
CA ILE M 305 -128.97 -150.71 26.31
C ILE M 305 -129.69 -151.18 27.53
N PRO M 306 -130.80 -150.57 27.72
CA PRO M 306 -131.61 -150.83 28.86
C PRO M 306 -132.33 -152.15 28.78
N ASN M 307 -131.61 -153.24 28.69
CA ASN M 307 -132.32 -154.47 28.67
C ASN M 307 -133.07 -154.68 29.96
N LEU M 308 -134.35 -154.99 29.84
CA LEU M 308 -135.16 -155.26 31.03
C LEU M 308 -135.80 -156.63 31.11
N TYR M 309 -136.16 -157.01 32.33
CA TYR M 309 -136.87 -158.24 32.56
C TYR M 309 -138.04 -157.90 33.44
N ARG M 310 -139.03 -158.80 33.47
CA ARG M 310 -140.14 -158.56 34.33
C ARG M 310 -140.25 -159.60 35.40
N ALA M 311 -140.52 -159.10 36.60
CA ALA M 311 -140.61 -160.00 37.70
C ALA M 311 -141.95 -159.97 38.36
N VAL M 312 -142.43 -161.20 38.61
CA VAL M 312 -143.70 -161.37 39.26
C VAL M 312 -143.69 -162.15 40.53
N VAL M 313 -144.29 -161.46 41.47
CA VAL M 313 -144.44 -161.94 42.80
C VAL M 313 -145.87 -162.25 43.09
N GLU M 314 -146.12 -163.55 43.18
CA GLU M 314 -147.45 -164.01 43.45
C GLU M 314 -147.52 -164.72 44.76
N LEU M 315 -148.45 -164.17 45.53
CA LEU M 315 -148.80 -164.62 46.84
C LEU M 315 -150.02 -165.48 46.71
N HIS M 316 -149.86 -166.76 46.94
CA HIS M 316 -151.00 -167.61 46.78
C HIS M 316 -150.97 -168.77 47.75
N THR M 317 -152.00 -169.59 47.65
CA THR M 317 -152.12 -170.73 48.50
C THR M 317 -151.56 -171.92 47.80
N ALA M 318 -151.37 -172.97 48.57
CA ALA M 318 -150.82 -174.18 48.04
C ALA M 318 -151.67 -174.78 46.93
N ASP M 319 -152.99 -174.68 47.11
CA ASP M 319 -153.92 -175.22 46.13
C ASP M 319 -153.72 -174.57 44.79
N GLY M 320 -153.28 -173.31 44.82
CA GLY M 320 -153.03 -172.61 43.59
C GLY M 320 -153.84 -171.34 43.50
N THR M 321 -154.58 -171.08 44.54
CA THR M 321 -155.36 -169.89 44.51
C THR M 321 -154.54 -168.66 44.77
N LEU M 322 -154.63 -167.70 43.87
CA LEU M 322 -153.87 -166.51 44.03
C LEU M 322 -154.48 -165.49 44.97
N ILE M 323 -153.71 -164.99 45.91
CA ILE M 323 -154.22 -163.97 46.78
C ILE M 323 -154.02 -162.59 46.15
N GLU M 324 -152.84 -162.38 45.57
CA GLU M 324 -152.52 -161.13 44.92
C GLU M 324 -151.19 -161.19 44.27
N ALA M 325 -150.90 -160.17 43.50
CA ALA M 325 -149.64 -160.12 42.79
C ALA M 325 -149.04 -158.73 42.70
N GLU M 326 -147.73 -158.75 42.63
CA GLU M 326 -146.96 -157.55 42.51
C GLU M 326 -145.87 -157.81 41.52
N ALA M 327 -145.41 -156.72 40.94
CA ALA M 327 -144.38 -156.91 39.96
C ALA M 327 -143.47 -155.72 39.83
N CYS M 328 -142.44 -155.92 39.01
CA CYS M 328 -141.50 -154.88 38.72
C CYS M 328 -140.57 -155.24 37.60
N ASP M 329 -140.00 -154.18 37.02
CA ASP M 329 -139.06 -154.40 35.95
C ASP M 329 -137.71 -154.65 36.55
N VAL M 330 -136.98 -155.54 35.93
CA VAL M 330 -135.69 -155.84 36.47
C VAL M 330 -134.59 -155.67 35.47
N GLY M 331 -133.49 -155.12 35.97
CA GLY M 331 -132.32 -154.88 35.16
C GLY M 331 -131.08 -155.50 35.78
N PHE M 332 -130.40 -156.29 34.98
CA PHE M 332 -129.19 -156.91 35.46
C PHE M 332 -127.99 -156.04 35.27
N ARG M 333 -127.45 -155.56 36.38
CA ARG M 333 -126.29 -154.71 36.34
C ARG M 333 -125.64 -154.67 37.66
N GLU M 334 -124.33 -154.44 37.60
CA GLU M 334 -123.52 -154.35 38.77
C GLU M 334 -122.76 -153.06 38.82
N VAL M 335 -122.92 -152.40 39.95
CA VAL M 335 -122.27 -151.12 40.17
C VAL M 335 -121.25 -151.27 41.25
N ARG M 336 -120.02 -150.94 40.93
CA ARG M 336 -119.04 -151.02 41.96
C ARG M 336 -117.84 -150.14 41.82
N ILE M 337 -117.32 -149.80 42.98
CA ILE M 337 -116.13 -149.00 42.99
C ILE M 337 -114.95 -149.86 43.26
N GLU M 338 -114.07 -149.87 42.33
CA GLU M 338 -112.92 -150.69 42.55
C GLU M 338 -111.65 -150.03 42.16
N ASN M 339 -110.74 -150.06 43.09
CA ASN M 339 -109.47 -149.49 42.84
C ASN M 339 -109.52 -148.06 42.34
N GLY M 340 -110.36 -147.25 42.96
CA GLY M 340 -110.47 -145.86 42.59
C GLY M 340 -111.45 -145.67 41.45
N LEU M 341 -112.02 -146.75 40.96
CA LEU M 341 -112.92 -146.50 39.85
C LEU M 341 -114.32 -146.97 40.01
N LEU M 342 -115.18 -146.17 39.46
CA LEU M 342 -116.55 -146.52 39.49
C LEU M 342 -116.84 -147.34 38.26
N LEU M 343 -117.29 -148.54 38.53
CA LEU M 343 -117.57 -149.46 37.49
C LEU M 343 -118.97 -149.88 37.36
N LEU M 344 -119.29 -150.07 36.10
CA LEU M 344 -120.56 -150.57 35.76
C LEU M 344 -120.43 -151.78 34.89
N ASN M 345 -120.94 -152.86 35.41
CA ASN M 345 -120.86 -154.10 34.71
C ASN M 345 -119.46 -154.33 34.29
N GLY M 346 -118.52 -154.01 35.14
CA GLY M 346 -117.16 -154.27 34.76
C GLY M 346 -116.44 -153.11 34.17
N LYS M 347 -117.13 -152.21 33.51
CA LYS M 347 -116.43 -151.10 32.96
C LYS M 347 -116.63 -149.85 33.75
N PRO M 348 -115.74 -148.97 33.48
CA PRO M 348 -115.60 -147.68 34.12
C PRO M 348 -116.39 -146.68 33.39
N LEU M 349 -117.28 -146.07 34.12
CA LEU M 349 -118.14 -145.12 33.53
C LEU M 349 -117.55 -143.77 33.30
N LEU M 350 -118.24 -143.06 32.44
CA LEU M 350 -117.97 -141.69 32.14
C LEU M 350 -119.30 -140.97 32.12
N ILE M 351 -119.59 -140.34 33.23
CA ILE M 351 -120.85 -139.67 33.40
C ILE M 351 -121.01 -138.40 32.63
N ARG M 352 -121.97 -138.43 31.72
CA ARG M 352 -122.33 -137.24 30.98
C ARG M 352 -123.66 -136.82 31.59
N GLY M 353 -123.57 -136.19 32.76
CA GLY M 353 -124.76 -135.88 33.50
C GLY M 353 -125.21 -134.45 33.58
N VAL M 354 -126.41 -134.36 34.16
CA VAL M 354 -127.05 -133.09 34.38
C VAL M 354 -127.97 -133.17 35.57
N ASN M 355 -128.10 -132.04 36.23
CA ASN M 355 -128.98 -131.92 37.38
C ASN M 355 -130.30 -131.46 36.84
N ARG M 356 -131.38 -131.92 37.42
CA ARG M 356 -132.68 -131.55 36.93
C ARG M 356 -133.76 -131.41 37.99
N HIS M 357 -134.40 -130.27 37.99
CA HIS M 357 -135.48 -130.07 38.91
C HIS M 357 -136.82 -130.45 38.28
N GLU M 358 -137.82 -130.63 39.13
CA GLU M 358 -139.17 -130.94 38.63
C GLU M 358 -139.88 -129.59 38.47
N HIS M 359 -139.87 -129.02 37.25
CA HIS M 359 -140.42 -127.69 37.02
C HIS M 359 -141.09 -127.49 35.67
N HIS M 360 -142.27 -126.88 35.77
CA HIS M 360 -143.13 -126.57 34.67
C HIS M 360 -143.56 -125.13 34.75
N PRO M 361 -143.27 -124.41 33.67
CA PRO M 361 -143.54 -122.99 33.51
C PRO M 361 -145.00 -122.63 33.81
N LEU M 362 -145.89 -123.61 33.57
CA LEU M 362 -147.31 -123.50 33.79
C LEU M 362 -147.79 -124.21 35.02
N HIS M 363 -147.38 -125.45 35.19
CA HIS M 363 -147.84 -126.18 36.34
C HIS M 363 -147.10 -126.00 37.61
N GLY M 364 -145.97 -125.31 37.57
CA GLY M 364 -145.19 -125.12 38.77
C GLY M 364 -144.42 -126.41 39.01
N GLN M 365 -144.57 -126.98 40.20
CA GLN M 365 -143.88 -128.21 40.49
C GLN M 365 -144.62 -129.48 40.17
N VAL M 366 -145.64 -129.38 39.35
CA VAL M 366 -146.39 -130.56 39.01
C VAL M 366 -145.92 -131.26 37.74
N MET M 367 -145.65 -132.55 37.87
CA MET M 367 -145.12 -133.29 36.72
C MET M 367 -146.06 -134.20 35.96
N ASP M 368 -145.72 -134.51 34.71
CA ASP M 368 -146.51 -135.42 33.93
C ASP M 368 -145.72 -136.16 32.89
N GLU M 369 -146.23 -137.32 32.59
CA GLU M 369 -145.61 -138.18 31.61
C GLU M 369 -145.00 -137.44 30.46
N GLN M 370 -145.84 -136.74 29.79
CA GLN M 370 -145.43 -136.00 28.64
C GLN M 370 -144.12 -135.26 28.80
N THR M 371 -144.10 -134.39 29.78
CA THR M 371 -142.93 -133.59 30.06
C THR M 371 -141.70 -134.46 30.28
N MET M 372 -141.84 -135.35 31.26
CA MET M 372 -140.81 -136.27 31.59
C MET M 372 -140.23 -136.84 30.32
N VAL M 373 -141.08 -137.43 29.53
CA VAL M 373 -140.55 -137.96 28.31
C VAL M 373 -139.82 -136.94 27.45
N GLN M 374 -140.38 -135.77 27.39
CA GLN M 374 -139.70 -134.80 26.58
C GLN M 374 -138.26 -134.68 27.01
N ASP M 375 -138.14 -134.44 28.31
CA ASP M 375 -136.83 -134.29 28.87
C ASP M 375 -135.92 -135.44 28.52
N ILE M 376 -136.42 -136.61 28.81
CA ILE M 376 -135.61 -137.74 28.53
C ILE M 376 -135.15 -137.76 27.11
N LEU M 377 -136.08 -137.61 26.20
CA LEU M 377 -135.63 -137.63 24.83
C LEU M 377 -134.59 -136.61 24.52
N LEU M 378 -134.80 -135.42 25.00
CA LEU M 378 -133.83 -134.40 24.74
C LEU M 378 -132.48 -134.76 25.24
N MET M 379 -132.44 -135.13 26.50
CA MET M 379 -131.19 -135.50 27.07
C MET M 379 -130.50 -136.52 26.23
N LYS M 380 -131.22 -137.60 26.00
CA LYS M 380 -130.61 -138.64 25.22
C LYS M 380 -130.13 -138.10 23.92
N GLN M 381 -130.91 -137.25 23.34
CA GLN M 381 -130.50 -136.71 22.07
C GLN M 381 -129.28 -135.84 22.12
N ASN M 382 -129.00 -135.27 23.27
CA ASN M 382 -127.85 -134.43 23.39
C ASN M 382 -126.69 -135.08 24.09
N ASN M 383 -126.65 -136.37 24.01
CA ASN M 383 -125.57 -137.11 24.56
C ASN M 383 -125.44 -137.11 26.06
N PHE M 384 -126.55 -137.03 26.77
CA PHE M 384 -126.43 -137.16 28.21
C PHE M 384 -126.68 -138.60 28.62
N ASN M 385 -126.15 -139.07 29.74
CA ASN M 385 -126.45 -140.46 30.10
C ASN M 385 -126.85 -140.59 31.51
N ALA M 386 -126.91 -139.48 32.19
CA ALA M 386 -127.23 -139.59 33.58
C ALA M 386 -127.87 -138.34 34.11
N VAL M 387 -128.56 -138.53 35.19
CA VAL M 387 -129.19 -137.37 35.77
C VAL M 387 -129.22 -137.46 37.27
N ARG M 388 -129.19 -136.29 37.87
CA ARG M 388 -129.23 -136.19 39.29
C ARG M 388 -130.52 -135.52 39.73
N CYS M 389 -131.22 -136.16 40.65
CA CYS M 389 -132.46 -135.64 41.19
C CYS M 389 -132.25 -134.52 42.17
N SER M 390 -131.81 -133.40 41.64
CA SER M 390 -131.61 -132.29 42.53
C SER M 390 -132.96 -131.76 42.96
N HIS M 391 -133.30 -131.84 44.24
CA HIS M 391 -132.53 -132.43 45.32
C HIS M 391 -133.56 -133.07 46.25
N TYR M 392 -134.26 -134.03 45.72
CA TYR M 392 -135.31 -134.72 46.41
C TYR M 392 -135.73 -135.80 45.49
N PRO M 393 -136.46 -136.71 46.04
CA PRO M 393 -136.93 -137.84 45.29
C PRO M 393 -137.93 -137.40 44.27
N ASN M 394 -137.92 -138.05 43.14
CA ASN M 394 -138.81 -137.61 42.10
C ASN M 394 -140.10 -138.40 42.03
N HIS M 395 -140.90 -137.90 41.13
CA HIS M 395 -142.11 -138.55 40.82
C HIS M 395 -141.76 -139.91 40.24
N PRO M 396 -142.28 -140.84 40.94
CA PRO M 396 -142.13 -142.25 40.72
C PRO M 396 -142.07 -142.63 39.27
N LEU M 397 -142.95 -142.07 38.50
CA LEU M 397 -142.91 -142.46 37.13
C LEU M 397 -141.54 -142.27 36.44
N TRP M 398 -140.89 -141.21 36.85
CA TRP M 398 -139.58 -140.86 36.37
C TRP M 398 -138.66 -142.06 36.28
N TYR M 399 -138.51 -142.67 37.47
CA TYR M 399 -137.65 -143.82 37.60
C TYR M 399 -137.94 -144.89 36.59
N THR M 400 -139.21 -145.08 36.38
CA THR M 400 -139.55 -146.10 35.44
C THR M 400 -139.08 -145.75 34.05
N LEU M 401 -139.34 -144.50 33.72
CA LEU M 401 -138.97 -144.05 32.43
C LEU M 401 -137.50 -144.20 32.23
N CYS M 402 -136.75 -143.81 33.26
CA CYS M 402 -135.32 -143.91 33.12
C CYS M 402 -134.92 -145.35 32.97
N ASP M 403 -135.60 -146.20 33.72
CA ASP M 403 -135.31 -147.60 33.66
C ASP M 403 -135.52 -148.06 32.25
N ARG M 404 -136.60 -147.54 31.67
CA ARG M 404 -136.95 -147.94 30.33
C ARG M 404 -136.15 -147.35 29.23
N TYR M 405 -135.92 -146.06 29.32
CA TYR M 405 -135.19 -145.36 28.29
C TYR M 405 -133.70 -145.52 28.32
N GLY M 406 -133.14 -145.68 29.52
CA GLY M 406 -131.71 -145.85 29.69
C GLY M 406 -131.00 -144.60 30.19
N LEU M 407 -131.09 -144.28 31.48
CA LEU M 407 -130.37 -143.13 32.01
C LEU M 407 -129.85 -143.47 33.39
N TYR M 408 -128.61 -143.13 33.71
CA TYR M 408 -128.15 -143.42 35.06
C TYR M 408 -128.72 -142.37 35.97
N VAL M 409 -129.17 -142.80 37.13
CA VAL M 409 -129.73 -141.86 38.05
C VAL M 409 -129.14 -141.90 39.45
N VAL M 410 -129.09 -140.68 39.98
CA VAL M 410 -128.67 -140.46 41.33
C VAL M 410 -129.89 -140.04 42.12
N ASP M 411 -130.34 -140.91 43.01
CA ASP M 411 -131.49 -140.64 43.85
C ASP M 411 -131.04 -139.85 45.08
N GLU M 412 -131.68 -138.73 45.35
CA GLU M 412 -131.22 -137.89 46.42
C GLU M 412 -132.27 -137.56 47.46
N ALA M 413 -131.87 -137.70 48.71
CA ALA M 413 -132.78 -137.41 49.79
C ALA M 413 -133.15 -135.93 49.88
N ASN M 414 -134.38 -135.69 50.32
CA ASN M 414 -134.94 -134.38 50.46
C ASN M 414 -134.42 -133.64 51.68
N ILE M 415 -133.15 -133.24 51.64
CA ILE M 415 -132.62 -132.48 52.75
C ILE M 415 -131.67 -131.38 52.34
N GLU M 416 -132.03 -130.11 52.55
CA GLU M 416 -131.14 -129.00 52.28
C GLU M 416 -131.35 -128.00 53.39
N THR M 417 -130.26 -127.62 54.06
CA THR M 417 -130.35 -126.65 55.14
C THR M 417 -129.42 -125.53 54.86
N HIS M 418 -129.34 -125.28 53.58
CA HIS M 418 -128.46 -124.28 53.07
C HIS M 418 -128.36 -123.00 53.90
N GLY M 419 -129.50 -122.43 54.30
CA GLY M 419 -129.54 -121.17 55.02
C GLY M 419 -129.05 -121.21 56.45
N MET M 420 -128.81 -122.39 57.00
CA MET M 420 -128.38 -122.38 58.36
C MET M 420 -127.02 -121.75 58.52
N VAL M 421 -126.61 -121.60 59.74
CA VAL M 421 -125.30 -121.03 60.01
C VAL M 421 -124.74 -121.47 61.34
N PRO M 422 -123.66 -122.22 61.32
CA PRO M 422 -123.08 -122.65 60.08
C PRO M 422 -123.99 -123.69 59.44
N MET M 423 -123.76 -123.92 58.18
CA MET M 423 -124.57 -124.83 57.42
C MET M 423 -124.97 -126.13 58.09
N ASN M 424 -124.16 -126.69 58.98
CA ASN M 424 -124.51 -127.99 59.56
C ASN M 424 -125.18 -127.96 60.94
N ARG M 425 -125.62 -126.77 61.30
CA ARG M 425 -126.25 -126.54 62.55
C ARG M 425 -127.26 -127.61 62.93
N LEU M 426 -128.10 -127.98 61.97
CA LEU M 426 -129.08 -129.02 62.24
C LEU M 426 -128.53 -130.42 62.12
N THR M 427 -127.80 -130.64 61.02
CA THR M 427 -127.19 -131.92 60.65
C THR M 427 -126.25 -132.48 61.67
N ASP M 428 -125.74 -131.57 62.47
CA ASP M 428 -124.90 -132.07 63.52
C ASP M 428 -125.68 -132.24 64.83
N ASP M 429 -127.02 -132.27 64.77
CA ASP M 429 -127.81 -132.36 65.97
C ASP M 429 -128.78 -133.49 65.99
N PRO M 430 -128.44 -134.30 66.95
CA PRO M 430 -129.08 -135.54 67.28
C PRO M 430 -130.55 -135.32 67.23
N ARG M 431 -130.95 -134.21 67.82
CA ARG M 431 -132.35 -133.88 67.80
C ARG M 431 -132.97 -133.96 66.45
N TRP M 432 -132.21 -133.63 65.41
CA TRP M 432 -132.80 -133.69 64.10
C TRP M 432 -132.56 -134.98 63.40
N LEU M 433 -131.79 -135.78 64.07
CA LEU M 433 -131.48 -137.02 63.46
C LEU M 433 -132.70 -137.76 62.88
N PRO M 434 -133.57 -138.14 63.75
CA PRO M 434 -134.79 -138.84 63.37
C PRO M 434 -135.51 -138.24 62.15
N ALA M 435 -135.64 -136.96 62.18
CA ALA M 435 -136.25 -136.30 61.03
C ALA M 435 -135.48 -136.67 59.77
N MET M 436 -134.17 -136.43 59.84
CA MET M 436 -133.32 -136.73 58.71
C MET M 436 -133.43 -138.19 58.30
N SER M 437 -133.41 -139.04 59.29
CA SER M 437 -133.45 -140.45 59.03
C SER M 437 -134.59 -140.82 58.13
N GLU M 438 -135.74 -140.32 58.56
CA GLU M 438 -136.95 -140.64 57.85
C GLU M 438 -136.82 -140.34 56.40
N ARG M 439 -136.21 -139.20 56.19
CA ARG M 439 -135.96 -138.71 54.89
C ARG M 439 -135.10 -139.65 54.05
N VAL M 440 -134.14 -140.32 54.67
CA VAL M 440 -133.33 -141.19 53.85
C VAL M 440 -133.92 -142.58 53.68
N THR M 441 -134.21 -143.14 54.84
CA THR M 441 -134.71 -144.48 54.90
C THR M 441 -135.83 -144.70 53.95
N ARG M 442 -136.80 -143.82 54.05
CA ARG M 442 -137.96 -143.91 53.22
C ARG M 442 -137.66 -143.92 51.72
N MET M 443 -136.74 -143.05 51.32
CA MET M 443 -136.41 -143.02 49.92
C MET M 443 -135.94 -144.38 49.46
N VAL M 444 -135.09 -144.90 50.30
CA VAL M 444 -134.51 -146.16 49.95
C VAL M 444 -135.53 -147.25 49.80
N GLN M 445 -136.39 -147.30 50.80
CA GLN M 445 -137.39 -148.33 50.74
C GLN M 445 -138.25 -148.20 49.52
N ARG M 446 -138.40 -146.99 49.09
CA ARG M 446 -139.23 -146.85 47.94
C ARG M 446 -138.58 -147.21 46.61
N ASP M 447 -137.36 -146.69 46.41
CA ASP M 447 -136.74 -146.79 45.11
C ASP M 447 -135.72 -147.84 44.82
N ARG M 448 -135.38 -148.56 45.84
CA ARG M 448 -134.33 -149.52 45.69
C ARG M 448 -134.44 -150.59 44.64
N ASN M 449 -135.57 -150.82 44.05
CA ASN M 449 -135.52 -151.86 43.07
C ASN M 449 -135.33 -151.38 41.63
N HIS M 450 -135.16 -150.09 41.44
CA HIS M 450 -134.98 -149.62 40.08
C HIS M 450 -133.55 -149.69 39.58
N PRO M 451 -133.32 -150.44 38.54
CA PRO M 451 -131.97 -150.53 37.99
C PRO M 451 -131.36 -149.17 37.64
N SER M 452 -132.15 -148.20 37.22
CA SER M 452 -131.54 -146.93 36.86
C SER M 452 -130.87 -146.20 38.01
N VAL M 453 -131.31 -146.50 39.21
CA VAL M 453 -130.70 -145.81 40.30
C VAL M 453 -129.40 -146.46 40.55
N ILE M 454 -128.32 -145.68 40.48
CA ILE M 454 -127.04 -146.30 40.73
C ILE M 454 -126.27 -145.70 41.86
N ILE M 455 -126.76 -144.60 42.39
CA ILE M 455 -126.08 -143.98 43.48
C ILE M 455 -127.06 -143.28 44.37
N TRP M 456 -126.85 -143.45 45.64
CA TRP M 456 -127.69 -142.80 46.60
C TRP M 456 -126.94 -141.56 47.04
N SER M 457 -127.68 -140.52 47.34
CA SER M 457 -127.14 -139.25 47.80
C SER M 457 -127.92 -138.78 49.02
N LEU M 458 -127.20 -138.33 50.05
CA LEU M 458 -127.84 -137.88 51.29
C LEU M 458 -128.43 -136.49 51.23
N GLY M 459 -128.56 -135.92 50.05
CA GLY M 459 -129.09 -134.59 50.08
C GLY M 459 -128.14 -133.61 49.48
N ASN M 460 -128.27 -132.37 49.93
CA ASN M 460 -127.51 -131.26 49.40
C ASN M 460 -127.32 -130.07 50.34
N GLU M 461 -126.26 -129.32 50.11
CA GLU M 461 -125.85 -128.18 50.91
C GLU M 461 -126.37 -128.10 52.32
N SER M 462 -125.92 -129.02 53.16
CA SER M 462 -126.34 -129.05 54.56
C SER M 462 -125.15 -129.26 55.45
N GLY M 463 -123.99 -128.83 54.97
CA GLY M 463 -122.76 -128.99 55.71
C GLY M 463 -122.45 -130.46 55.89
N HIS M 464 -121.75 -130.75 56.97
CA HIS M 464 -121.43 -132.09 57.30
C HIS M 464 -121.63 -132.30 58.77
N GLY M 465 -122.49 -133.26 59.11
CA GLY M 465 -122.72 -133.52 60.51
C GLY M 465 -122.83 -135.00 60.78
N ALA M 466 -122.69 -135.30 62.05
CA ALA M 466 -122.73 -136.68 62.46
C ALA M 466 -123.96 -137.39 61.91
N ASN M 467 -125.03 -136.63 61.84
CA ASN M 467 -126.23 -137.23 61.33
C ASN M 467 -125.95 -137.87 59.98
N HIS M 468 -125.11 -137.20 59.22
CA HIS M 468 -124.74 -137.70 57.92
C HIS M 468 -124.02 -139.03 57.98
N ASP M 469 -123.01 -139.04 58.80
CA ASP M 469 -122.25 -140.25 58.97
C ASP M 469 -123.13 -141.43 59.29
N ALA M 470 -123.98 -141.20 60.26
CA ALA M 470 -124.85 -142.29 60.63
C ALA M 470 -125.70 -142.75 59.46
N LEU M 471 -126.22 -141.81 58.73
CA LEU M 471 -127.08 -142.19 57.64
C LEU M 471 -126.36 -142.90 56.52
N TYR M 472 -125.20 -142.36 56.24
CA TYR M 472 -124.37 -142.95 55.25
C TYR M 472 -124.19 -144.43 55.56
N ARG M 473 -123.81 -144.66 56.78
CA ARG M 473 -123.60 -146.01 57.20
C ARG M 473 -124.82 -146.90 57.05
N TRP M 474 -125.94 -146.36 57.48
CA TRP M 474 -127.17 -147.09 57.43
C TRP M 474 -127.38 -147.64 56.04
N ILE M 475 -127.23 -146.77 55.10
CA ILE M 475 -127.46 -147.25 53.77
C ILE M 475 -126.52 -148.34 53.42
N LYS M 476 -125.27 -148.05 53.66
CA LYS M 476 -124.25 -149.00 53.34
C LYS M 476 -124.66 -150.36 53.80
N SER M 477 -125.25 -150.39 54.96
CA SER M 477 -125.64 -151.69 55.46
C SER M 477 -126.86 -152.22 54.82
N VAL M 478 -127.75 -151.37 54.51
CA VAL M 478 -128.95 -151.87 53.95
C VAL M 478 -128.84 -152.18 52.46
N ASP M 479 -128.13 -151.33 51.75
CA ASP M 479 -127.97 -151.50 50.34
C ASP M 479 -126.56 -151.22 49.94
N PRO M 480 -125.94 -152.33 49.82
CA PRO M 480 -124.56 -152.41 49.48
C PRO M 480 -124.40 -152.44 47.99
N SER M 481 -125.47 -152.47 47.25
CA SER M 481 -125.36 -152.52 45.81
C SER M 481 -124.98 -151.20 45.16
N ARG M 482 -125.19 -150.09 45.86
CA ARG M 482 -124.85 -148.80 45.31
C ARG M 482 -124.06 -147.99 46.29
N PRO M 483 -123.23 -147.19 45.71
CA PRO M 483 -122.38 -146.28 46.41
C PRO M 483 -123.18 -145.11 46.90
N VAL M 484 -122.59 -144.45 47.87
CA VAL M 484 -123.24 -143.31 48.43
C VAL M 484 -122.40 -142.04 48.32
N GLN M 485 -123.03 -140.95 47.89
CA GLN M 485 -122.26 -139.73 47.85
C GLN M 485 -122.94 -138.59 48.55
N TYR M 486 -122.13 -137.63 48.96
CA TYR M 486 -122.62 -136.45 49.62
C TYR M 486 -121.52 -135.41 49.56
N GLU M 487 -121.86 -134.24 49.06
CA GLU M 487 -120.87 -133.20 48.87
C GLU M 487 -120.62 -132.31 50.09
N GLY M 488 -121.62 -132.16 50.90
CA GLY M 488 -121.51 -131.27 52.02
C GLY M 488 -120.23 -131.36 52.81
N GLY M 489 -119.85 -130.20 53.28
CA GLY M 489 -118.72 -130.11 54.13
C GLY M 489 -117.38 -130.37 53.50
N GLY M 490 -117.21 -130.10 52.20
CA GLY M 490 -115.89 -130.30 51.65
C GLY M 490 -115.77 -131.31 50.53
N ALA M 491 -116.85 -132.04 50.25
CA ALA M 491 -116.93 -132.99 49.15
C ALA M 491 -116.09 -134.23 49.26
N ASP M 492 -115.35 -134.37 50.35
CA ASP M 492 -114.52 -135.54 50.47
C ASP M 492 -114.53 -136.12 51.86
N THR M 493 -115.62 -135.87 52.57
CA THR M 493 -115.76 -136.32 53.93
C THR M 493 -115.93 -137.82 54.02
N THR M 494 -116.04 -138.25 55.28
CA THR M 494 -116.21 -139.66 55.58
C THR M 494 -117.57 -140.11 55.15
N ALA M 495 -118.37 -139.16 54.78
CA ALA M 495 -119.70 -139.51 54.40
C ALA M 495 -119.87 -139.71 52.92
N THR M 496 -118.81 -139.79 52.13
CA THR M 496 -119.05 -139.96 50.72
C THR M 496 -118.13 -141.01 50.12
N ASP M 497 -118.64 -141.77 49.20
CA ASP M 497 -117.83 -142.78 48.58
C ASP M 497 -117.15 -142.18 47.39
N ILE M 498 -117.51 -140.97 47.03
CA ILE M 498 -116.92 -140.34 45.86
C ILE M 498 -116.63 -138.91 46.12
N ILE M 499 -115.58 -138.38 45.53
CA ILE M 499 -115.31 -136.99 45.68
C ILE M 499 -116.23 -136.30 44.70
N CYS M 500 -117.20 -135.59 45.23
CA CYS M 500 -118.22 -134.98 44.40
C CYS M 500 -118.41 -133.54 44.66
N PRO M 501 -117.44 -132.78 44.31
CA PRO M 501 -117.56 -131.36 44.52
C PRO M 501 -118.50 -130.74 43.51
N MET M 502 -118.68 -129.47 43.76
CA MET M 502 -119.47 -128.66 42.89
C MET M 502 -118.71 -127.40 42.59
N TYR M 503 -118.52 -127.17 41.31
CA TYR M 503 -117.85 -125.97 40.87
C TYR M 503 -116.36 -125.89 41.06
N ALA M 504 -115.71 -127.03 41.24
CA ALA M 504 -114.27 -127.03 41.30
C ALA M 504 -113.74 -126.77 39.88
N ARG M 505 -112.64 -126.05 39.78
CA ARG M 505 -112.11 -125.73 38.47
C ARG M 505 -111.17 -126.79 37.95
N VAL M 506 -110.92 -126.73 36.65
CA VAL M 506 -110.07 -127.73 36.09
C VAL M 506 -108.65 -127.62 36.58
N ASP M 507 -108.10 -126.45 36.46
CA ASP M 507 -106.73 -126.30 36.86
C ASP M 507 -106.51 -125.34 37.97
N GLU M 508 -107.52 -124.59 38.34
CA GLU M 508 -107.29 -123.60 39.34
C GLU M 508 -107.93 -123.94 40.67
N ASP M 509 -107.19 -123.71 41.73
CA ASP M 509 -107.65 -124.00 43.07
C ASP M 509 -108.35 -122.81 43.66
N GLN M 510 -109.34 -123.10 44.50
CA GLN M 510 -110.10 -122.11 45.23
C GLN M 510 -110.11 -122.60 46.65
N PRO M 511 -109.16 -122.07 47.31
CA PRO M 511 -108.81 -122.41 48.64
C PRO M 511 -109.61 -121.73 49.72
N PHE M 512 -110.88 -122.00 49.75
CA PHE M 512 -111.58 -121.44 50.85
C PHE M 512 -111.20 -122.20 52.08
N PRO M 513 -111.20 -121.44 53.12
CA PRO M 513 -110.97 -121.96 54.43
C PRO M 513 -112.00 -123.02 54.70
N ALA M 514 -111.51 -124.06 55.35
CA ALA M 514 -112.32 -125.18 55.73
C ALA M 514 -112.85 -125.98 54.58
N VAL M 515 -113.27 -125.36 53.51
CA VAL M 515 -113.83 -126.15 52.46
C VAL M 515 -113.36 -125.62 51.14
N PRO M 516 -112.10 -125.79 50.95
CA PRO M 516 -111.47 -125.32 49.74
C PRO M 516 -111.90 -126.19 48.59
N LYS M 517 -111.85 -125.64 47.39
CA LYS M 517 -112.14 -126.38 46.18
C LYS M 517 -110.86 -126.45 45.34
N TRP M 518 -110.20 -127.58 45.40
CA TRP M 518 -108.99 -127.75 44.64
C TRP M 518 -109.24 -127.95 43.17
N SER M 519 -108.21 -127.67 42.35
CA SER M 519 -108.35 -128.00 40.95
C SER M 519 -108.64 -129.49 40.97
N ILE M 520 -109.52 -129.91 40.08
CA ILE M 520 -109.86 -131.30 40.15
C ILE M 520 -108.70 -132.21 39.91
N LYS M 521 -107.75 -131.82 39.07
CA LYS M 521 -106.63 -132.71 38.86
C LYS M 521 -105.80 -132.83 40.11
N LYS M 522 -105.71 -131.77 40.84
CA LYS M 522 -104.93 -131.86 42.02
C LYS M 522 -105.63 -132.66 43.11
N TRP M 523 -106.91 -132.42 43.20
CA TRP M 523 -107.64 -133.04 44.24
C TRP M 523 -107.39 -134.51 44.28
N LEU M 524 -107.39 -135.09 43.12
CA LEU M 524 -107.21 -136.54 43.08
C LEU M 524 -105.99 -137.08 43.78
N SER M 525 -104.90 -136.36 43.70
CA SER M 525 -103.56 -136.69 44.14
C SER M 525 -103.21 -136.33 45.57
N LEU M 526 -104.14 -135.72 46.28
CA LEU M 526 -103.80 -135.41 47.63
C LEU M 526 -103.41 -136.68 48.36
N PRO M 527 -102.47 -136.48 49.26
CA PRO M 527 -101.93 -137.57 50.03
C PRO M 527 -103.02 -138.34 50.67
N GLY M 528 -103.02 -139.60 50.39
CA GLY M 528 -104.00 -140.49 50.95
C GLY M 528 -105.28 -140.58 50.13
N GLU M 529 -105.56 -139.62 49.23
CA GLU M 529 -106.82 -139.72 48.49
C GLU M 529 -106.82 -140.86 47.49
N THR M 530 -107.92 -141.57 47.34
CA THR M 530 -107.96 -142.68 46.38
C THR M 530 -109.28 -142.82 45.62
N ARG M 531 -110.29 -142.07 46.02
CA ARG M 531 -111.59 -142.14 45.43
C ARG M 531 -111.69 -141.58 44.05
N PRO M 532 -112.78 -141.92 43.39
CA PRO M 532 -113.03 -141.39 42.09
C PRO M 532 -113.62 -140.04 42.30
N LEU M 533 -113.55 -139.19 41.28
CA LEU M 533 -114.13 -137.89 41.36
C LEU M 533 -115.10 -137.63 40.26
N ILE M 534 -116.28 -137.18 40.68
CA ILE M 534 -117.38 -136.85 39.80
C ILE M 534 -118.03 -135.60 40.33
N LEU M 535 -118.09 -134.56 39.51
CA LEU M 535 -118.67 -133.36 40.06
C LEU M 535 -120.15 -133.44 40.14
N CYS M 536 -120.65 -133.18 41.32
CA CYS M 536 -122.08 -133.23 41.50
C CYS M 536 -122.69 -132.03 40.79
N GLU M 537 -121.93 -130.96 40.69
CA GLU M 537 -122.42 -129.80 39.96
C GLU M 537 -121.30 -129.04 39.36
N TYR M 538 -121.48 -128.74 38.07
CA TYR M 538 -120.50 -127.97 37.36
C TYR M 538 -121.04 -127.32 36.11
N ALA M 539 -120.25 -126.34 35.65
CA ALA M 539 -120.52 -125.57 34.47
C ALA M 539 -121.86 -124.87 34.57
N HIS M 540 -121.97 -123.92 35.48
CA HIS M 540 -123.20 -123.17 35.73
C HIS M 540 -123.80 -122.59 34.46
N ALA M 541 -124.90 -123.17 33.97
CA ALA M 541 -125.45 -122.72 32.70
C ALA M 541 -126.37 -121.49 32.70
N MET M 542 -126.06 -120.49 33.52
CA MET M 542 -126.85 -119.31 33.64
C MET M 542 -126.70 -118.29 32.51
N GLY M 543 -127.70 -118.25 31.65
CA GLY M 543 -127.72 -117.32 30.54
C GLY M 543 -126.70 -117.65 29.50
N ASN M 544 -126.01 -116.62 29.02
CA ASN M 544 -124.95 -116.85 28.03
C ASN M 544 -123.75 -117.42 28.76
N SER M 545 -123.72 -118.74 28.88
CA SER M 545 -122.71 -119.42 29.63
C SER M 545 -122.16 -120.67 28.97
N LEU M 546 -121.51 -121.47 29.79
CA LEU M 546 -120.86 -122.68 29.36
C LEU M 546 -119.46 -122.47 28.78
N GLY M 547 -118.89 -121.30 28.98
CA GLY M 547 -117.55 -121.09 28.48
C GLY M 547 -116.61 -121.97 29.28
N GLY M 548 -115.71 -122.69 28.60
CA GLY M 548 -114.78 -123.55 29.32
C GLY M 548 -115.16 -125.01 29.38
N PHE M 549 -116.37 -125.29 28.99
CA PHE M 549 -116.84 -126.65 29.02
C PHE M 549 -115.84 -127.68 28.49
N ALA M 550 -115.26 -127.38 27.36
CA ALA M 550 -114.32 -128.32 26.78
C ALA M 550 -113.12 -128.64 27.65
N LYS M 551 -112.67 -127.66 28.42
CA LYS M 551 -111.58 -127.88 29.33
C LYS M 551 -111.89 -129.07 30.23
N TYR M 552 -113.11 -129.17 30.73
CA TYR M 552 -113.45 -130.26 31.59
C TYR M 552 -113.44 -131.56 30.83
N TRP M 553 -114.09 -131.52 29.70
CA TRP M 553 -114.15 -132.74 28.95
C TRP M 553 -112.80 -133.27 28.62
N GLN M 554 -111.92 -132.36 28.41
CA GLN M 554 -110.67 -132.92 28.09
C GLN M 554 -110.00 -133.54 29.27
N ALA M 555 -110.14 -132.90 30.40
CA ALA M 555 -109.53 -133.49 31.55
C ALA M 555 -110.16 -134.81 31.82
N PHE M 556 -111.49 -134.82 31.73
CA PHE M 556 -112.17 -136.04 32.04
C PHE M 556 -111.60 -137.15 31.23
N ARG M 557 -111.45 -136.85 29.96
CA ARG M 557 -110.95 -137.87 29.09
C ARG M 557 -109.53 -138.26 29.40
N GLN M 558 -108.73 -137.39 29.98
CA GLN M 558 -107.38 -137.82 30.21
C GLN M 558 -107.11 -138.43 31.57
N TYR M 559 -107.95 -138.21 32.56
CA TYR M 559 -107.66 -138.78 33.83
C TYR M 559 -108.70 -139.79 34.23
N PRO M 560 -108.22 -140.99 34.29
CA PRO M 560 -109.01 -142.14 34.62
C PRO M 560 -109.94 -141.95 35.77
N ARG M 561 -109.43 -141.40 36.86
CA ARG M 561 -110.24 -141.17 38.02
C ARG M 561 -111.17 -139.99 37.90
N LEU M 562 -111.09 -139.23 36.84
CA LEU M 562 -112.06 -138.16 36.73
C LEU M 562 -113.17 -138.76 35.93
N GLN M 563 -114.26 -139.14 36.55
CA GLN M 563 -115.30 -139.79 35.81
C GLN M 563 -116.51 -138.99 35.35
N GLY M 564 -116.37 -137.67 35.22
CA GLY M 564 -117.46 -136.84 34.71
C GLY M 564 -118.14 -135.94 35.72
N GLY M 565 -119.39 -135.59 35.42
CA GLY M 565 -120.14 -134.74 36.32
C GLY M 565 -121.52 -134.45 35.78
N PHE M 566 -122.26 -133.67 36.55
CA PHE M 566 -123.59 -133.26 36.23
C PHE M 566 -123.62 -131.78 36.14
N VAL M 567 -124.03 -131.35 34.97
CA VAL M 567 -124.14 -129.96 34.71
C VAL M 567 -125.25 -129.34 35.50
N TRP M 568 -125.06 -128.06 35.78
CA TRP M 568 -126.07 -127.35 36.50
C TRP M 568 -126.63 -126.23 35.67
N ASP M 569 -127.87 -126.35 35.18
CA ASP M 569 -128.74 -127.50 35.32
C ASP M 569 -129.60 -127.62 34.04
N TRP M 570 -130.60 -128.50 34.07
CA TRP M 570 -131.42 -128.73 32.89
C TRP M 570 -132.26 -127.64 32.29
N VAL M 571 -133.29 -127.18 33.02
CA VAL M 571 -134.22 -126.14 32.58
C VAL M 571 -134.22 -124.88 33.43
N ASP M 572 -134.64 -123.80 32.79
CA ASP M 572 -134.76 -122.57 33.55
C ASP M 572 -136.01 -122.69 34.42
N GLN M 573 -135.94 -122.16 35.62
CA GLN M 573 -137.06 -122.19 36.51
C GLN M 573 -137.83 -120.92 36.37
N SER M 574 -138.36 -120.74 35.16
CA SER M 574 -139.13 -119.56 34.91
C SER M 574 -140.61 -119.89 34.78
N LEU M 575 -141.36 -118.90 35.23
CA LEU M 575 -142.80 -119.00 35.20
C LEU M 575 -143.42 -118.00 34.24
N ILE M 576 -144.62 -118.34 33.81
CA ILE M 576 -145.35 -117.49 32.92
C ILE M 576 -146.26 -116.50 33.63
N LYS M 577 -146.36 -115.32 33.06
CA LYS M 577 -147.21 -114.27 33.54
C LYS M 577 -147.87 -113.66 32.34
N TYR M 578 -148.87 -112.82 32.61
CA TYR M 578 -149.52 -112.19 31.49
C TYR M 578 -149.59 -110.71 31.55
N ASP M 579 -149.51 -110.13 30.36
CA ASP M 579 -149.67 -108.71 30.29
C ASP M 579 -151.15 -108.52 30.09
N GLU M 580 -151.57 -107.28 30.23
CA GLU M 580 -152.95 -106.85 30.07
C GLU M 580 -153.52 -107.31 28.73
N ASN M 581 -152.68 -107.44 27.72
CA ASN M 581 -153.17 -107.91 26.45
C ASN M 581 -153.26 -109.43 26.44
N GLY M 582 -153.19 -109.98 27.65
CA GLY M 582 -153.27 -111.41 27.88
C GLY M 582 -152.08 -112.11 27.23
N ASN M 583 -150.98 -111.37 27.27
CA ASN M 583 -149.75 -111.88 26.73
C ASN M 583 -148.90 -112.44 27.82
N PRO M 584 -148.45 -113.64 27.55
CA PRO M 584 -147.63 -114.42 28.44
C PRO M 584 -146.19 -113.98 28.37
N TRP M 585 -145.54 -114.03 29.51
CA TRP M 585 -144.14 -113.69 29.53
C TRP M 585 -143.46 -114.36 30.68
N SER M 586 -142.18 -114.68 30.45
CA SER M 586 -141.37 -115.36 31.41
C SER M 586 -140.93 -114.50 32.56
N ALA M 587 -141.29 -114.99 33.74
CA ALA M 587 -141.04 -114.34 34.98
C ALA M 587 -140.00 -115.05 35.85
N TYR M 588 -139.41 -114.24 36.71
CA TYR M 588 -138.42 -114.75 37.63
C TYR M 588 -138.51 -114.12 39.01
N GLY M 589 -137.47 -114.33 39.79
CA GLY M 589 -137.42 -113.82 41.13
C GLY M 589 -137.90 -112.39 41.21
N GLY M 590 -138.77 -112.16 42.19
CA GLY M 590 -139.35 -110.85 42.49
C GLY M 590 -140.54 -110.48 41.60
N ASP M 591 -140.75 -111.24 40.54
CA ASP M 591 -141.82 -110.98 39.61
C ASP M 591 -143.22 -111.17 40.18
N PHE M 592 -143.32 -111.69 41.40
CA PHE M 592 -144.60 -111.89 42.05
C PHE M 592 -144.63 -111.07 43.30
N GLY M 593 -143.76 -110.09 43.34
CA GLY M 593 -143.66 -109.24 44.50
C GLY M 593 -143.09 -110.04 45.65
N ASP M 594 -142.63 -111.25 45.30
CA ASP M 594 -142.04 -112.18 46.24
C ASP M 594 -140.78 -111.55 46.80
N THR M 595 -140.73 -111.53 48.10
CA THR M 595 -139.60 -110.98 48.80
C THR M 595 -139.33 -111.78 50.05
N PRO M 596 -138.05 -112.04 50.32
CA PRO M 596 -136.97 -111.54 49.46
C PRO M 596 -136.79 -112.45 48.25
N ASN M 597 -135.98 -112.05 47.29
CA ASN M 597 -135.84 -112.94 46.17
C ASN M 597 -134.46 -112.87 45.54
N ASP M 598 -134.20 -113.86 44.67
CA ASP M 598 -132.92 -113.99 44.00
C ASP M 598 -132.93 -113.81 42.48
N ARG M 599 -133.78 -112.91 42.02
CA ARG M 599 -133.89 -112.58 40.62
C ARG M 599 -133.78 -113.76 39.65
N GLN M 600 -132.87 -113.59 38.67
CA GLN M 600 -132.61 -114.56 37.60
C GLN M 600 -131.92 -115.84 38.04
N PHE M 601 -131.45 -115.85 39.29
CA PHE M 601 -130.78 -117.01 39.76
C PHE M 601 -131.51 -118.31 39.54
N CYS M 602 -132.82 -118.25 39.40
CA CYS M 602 -133.59 -119.45 39.16
C CYS M 602 -133.43 -119.88 37.70
N MET M 603 -132.67 -119.10 36.93
CA MET M 603 -132.49 -119.46 35.53
C MET M 603 -131.09 -119.91 35.15
N ASN M 604 -130.89 -121.25 35.13
CA ASN M 604 -129.58 -121.75 34.81
C ASN M 604 -129.60 -122.95 33.89
N GLY M 605 -130.66 -123.12 33.13
CA GLY M 605 -130.77 -124.29 32.31
C GLY M 605 -130.14 -124.23 30.97
N LEU M 606 -130.08 -125.41 30.40
CA LEU M 606 -129.59 -125.59 29.06
C LEU M 606 -130.73 -125.37 28.09
N VAL M 607 -131.93 -125.43 28.64
CA VAL M 607 -133.12 -125.19 27.87
C VAL M 607 -134.01 -124.25 28.59
N PHE M 608 -134.83 -123.66 27.77
CA PHE M 608 -135.84 -122.76 28.22
C PHE M 608 -136.93 -123.62 28.83
N ALA M 609 -137.69 -123.01 29.75
CA ALA M 609 -138.76 -123.77 30.38
C ALA M 609 -139.66 -124.51 29.40
N ASP M 610 -139.85 -123.92 28.22
CA ASP M 610 -140.67 -124.56 27.20
C ASP M 610 -139.95 -125.71 26.59
N ARG M 611 -138.73 -125.87 27.08
CA ARG M 611 -137.88 -126.90 26.59
C ARG M 611 -137.29 -126.56 25.25
N THR M 612 -136.96 -125.30 25.15
CA THR M 612 -136.27 -124.92 23.97
C THR M 612 -134.91 -124.55 24.40
N PRO M 613 -134.04 -125.17 23.68
CA PRO M 613 -132.64 -125.13 23.84
C PRO M 613 -132.05 -123.76 23.83
N HIS M 614 -131.02 -123.65 24.62
CA HIS M 614 -130.18 -122.52 24.65
C HIS M 614 -129.07 -122.97 23.72
N PRO M 615 -128.30 -122.04 23.23
CA PRO M 615 -127.26 -122.46 22.32
C PRO M 615 -126.23 -123.37 22.99
N ALA M 616 -125.98 -123.11 24.27
CA ALA M 616 -125.01 -123.90 25.01
C ALA M 616 -125.20 -125.41 24.86
N LEU M 617 -126.45 -125.79 24.78
CA LEU M 617 -126.76 -127.19 24.68
C LEU M 617 -125.92 -127.90 23.66
N THR M 618 -125.70 -127.19 22.59
CA THR M 618 -124.94 -127.75 21.52
C THR M 618 -123.51 -128.05 21.86
N GLU M 619 -122.90 -127.09 22.53
CA GLU M 619 -121.54 -127.29 22.94
C GLU M 619 -121.53 -128.57 23.73
N ALA M 620 -122.52 -128.69 24.60
CA ALA M 620 -122.58 -129.89 25.40
C ALA M 620 -122.65 -131.15 24.56
N LYS M 621 -123.61 -131.15 23.70
CA LYS M 621 -123.78 -132.31 22.88
C LYS M 621 -122.49 -132.70 22.20
N HIS M 622 -121.83 -131.72 21.65
CA HIS M 622 -120.61 -131.98 20.94
C HIS M 622 -119.53 -132.56 21.83
N GLN M 623 -119.25 -131.88 22.95
CA GLN M 623 -118.23 -132.35 23.88
C GLN M 623 -118.55 -133.72 24.45
N GLN M 624 -119.81 -134.09 24.47
CA GLN M 624 -120.18 -135.36 25.04
C GLN M 624 -120.30 -136.47 24.05
N GLN M 625 -120.01 -136.19 22.80
CA GLN M 625 -120.19 -137.27 21.83
C GLN M 625 -119.50 -138.54 22.21
N PHE M 626 -120.05 -139.62 21.73
CA PHE M 626 -119.54 -140.92 22.01
C PHE M 626 -118.48 -141.36 21.04
N PHE M 627 -118.21 -140.55 20.03
CA PHE M 627 -117.19 -140.96 19.08
C PHE M 627 -116.14 -139.92 18.97
N GLN M 628 -114.91 -140.36 18.89
CA GLN M 628 -113.83 -139.45 18.75
C GLN M 628 -113.01 -139.74 17.53
N PHE M 629 -112.62 -138.66 16.88
CA PHE M 629 -111.87 -138.72 15.64
C PHE M 629 -110.48 -138.16 15.66
N ARG M 630 -109.67 -138.80 14.84
CA ARG M 630 -108.33 -138.42 14.62
C ARG M 630 -108.10 -138.47 13.15
N LEU M 631 -107.37 -137.49 12.71
CA LEU M 631 -107.09 -137.40 11.32
C LEU M 631 -105.64 -137.55 11.05
N SER M 632 -105.31 -138.49 10.19
CA SER M 632 -103.94 -138.67 9.83
C SER M 632 -103.79 -138.87 8.36
N GLY M 633 -103.30 -137.81 7.73
CA GLY M 633 -103.17 -137.88 6.31
C GLY M 633 -104.54 -138.09 5.68
N GLN M 634 -104.76 -139.26 5.09
CA GLN M 634 -106.04 -139.47 4.46
C GLN M 634 -106.88 -140.39 5.27
N THR M 635 -106.39 -140.65 6.48
CA THR M 635 -107.08 -141.55 7.32
C THR M 635 -107.74 -140.97 8.51
N ILE M 636 -108.95 -141.41 8.67
CA ILE M 636 -109.64 -141.01 9.83
C ILE M 636 -109.70 -142.12 10.81
N GLU M 637 -109.28 -141.80 12.02
CA GLU M 637 -109.33 -142.77 13.06
C GLU M 637 -110.53 -142.51 13.95
N VAL M 638 -111.32 -143.55 14.15
CA VAL M 638 -112.50 -143.39 14.95
C VAL M 638 -112.43 -144.19 16.19
N THR M 639 -112.83 -143.56 17.27
CA THR M 639 -112.80 -144.24 18.53
C THR M 639 -114.14 -144.18 19.19
N SER M 640 -114.54 -145.33 19.73
CA SER M 640 -115.81 -145.52 20.40
C SER M 640 -115.69 -145.35 21.88
N GLU M 641 -116.57 -144.52 22.41
CA GLU M 641 -116.62 -144.32 23.83
C GLU M 641 -117.80 -145.10 24.39
N TYR M 642 -118.30 -146.03 23.59
CA TYR M 642 -119.37 -146.86 24.12
C TYR M 642 -118.70 -147.99 24.87
N LEU M 643 -119.29 -148.42 25.96
CA LEU M 643 -118.68 -149.48 26.75
C LEU M 643 -119.30 -150.78 26.40
N PHE M 644 -120.52 -150.71 25.97
CA PHE M 644 -121.24 -151.92 25.69
C PHE M 644 -121.75 -152.09 24.29
N ARG M 645 -122.07 -151.06 23.56
CA ARG M 645 -122.59 -151.38 22.25
C ARG M 645 -121.67 -151.28 21.09
N HIS M 646 -122.17 -151.82 20.02
CA HIS M 646 -121.41 -151.77 18.80
C HIS M 646 -122.04 -150.71 17.91
N SER M 647 -121.26 -150.08 17.02
CA SER M 647 -121.79 -149.01 16.15
C SER M 647 -122.81 -149.56 15.19
N ASP M 648 -123.88 -150.07 15.71
CA ASP M 648 -124.84 -150.67 14.84
C ASP M 648 -125.93 -149.80 14.26
N ASN M 649 -125.82 -148.50 14.37
CA ASN M 649 -126.81 -147.63 13.77
C ASN M 649 -126.09 -146.38 13.41
N GLU M 650 -124.92 -146.63 12.80
CA GLU M 650 -124.07 -145.52 12.50
C GLU M 650 -123.48 -145.39 11.11
N LEU M 651 -123.77 -144.22 10.60
CA LEU M 651 -123.28 -143.80 9.34
C LEU M 651 -122.37 -142.60 9.44
N LEU M 652 -121.26 -142.72 8.79
CA LEU M 652 -120.36 -141.62 8.79
C LEU M 652 -120.33 -140.87 7.48
N HIS M 653 -120.77 -139.63 7.51
CA HIS M 653 -120.76 -138.83 6.32
C HIS M 653 -119.60 -137.89 6.34
N TRP M 654 -118.87 -137.81 5.27
CA TRP M 654 -117.79 -136.87 5.28
C TRP M 654 -117.89 -135.99 4.08
N MET M 655 -117.14 -134.91 4.11
CA MET M 655 -117.20 -134.03 2.99
C MET M 655 -116.21 -132.88 3.04
N VAL M 656 -115.77 -132.52 1.83
CA VAL M 656 -114.78 -131.49 1.64
C VAL M 656 -115.27 -130.27 0.92
N ALA M 657 -114.86 -129.11 1.44
CA ALA M 657 -115.26 -127.87 0.83
C ALA M 657 -114.20 -126.81 0.91
N LEU M 658 -114.28 -125.96 -0.09
CA LEU M 658 -113.38 -124.88 -0.24
C LEU M 658 -114.12 -123.64 0.06
N ASP M 659 -113.75 -122.98 1.13
CA ASP M 659 -114.48 -121.80 1.50
C ASP M 659 -115.99 -122.00 1.37
N GLY M 660 -116.48 -123.16 1.74
CA GLY M 660 -117.91 -123.34 1.66
C GLY M 660 -118.34 -124.06 0.41
N LYS M 661 -117.43 -124.21 -0.53
CA LYS M 661 -117.81 -124.90 -1.72
C LYS M 661 -117.36 -126.31 -1.63
N PRO M 662 -118.38 -127.11 -1.61
CA PRO M 662 -118.32 -128.54 -1.50
C PRO M 662 -117.69 -129.11 -2.73
N LEU M 663 -116.73 -129.96 -2.53
CA LEU M 663 -116.06 -130.56 -3.63
C LEU M 663 -116.19 -132.05 -3.64
N ALA M 664 -116.51 -132.63 -2.48
CA ALA M 664 -116.62 -134.07 -2.37
C ALA M 664 -117.28 -134.45 -1.08
N SER M 665 -118.05 -135.54 -1.18
CA SER M 665 -118.78 -136.10 -0.07
C SER M 665 -118.61 -137.57 -0.11
N GLY M 666 -118.87 -138.19 1.03
CA GLY M 666 -118.76 -139.61 1.14
C GLY M 666 -119.59 -140.13 2.28
N GLU M 667 -119.85 -141.42 2.22
CA GLU M 667 -120.63 -142.05 3.24
C GLU M 667 -120.00 -143.34 3.68
N VAL M 668 -119.79 -143.47 4.96
CA VAL M 668 -119.24 -144.72 5.41
C VAL M 668 -119.82 -145.18 6.70
N PRO M 669 -120.25 -146.40 6.60
CA PRO M 669 -120.84 -147.13 7.69
C PRO M 669 -119.79 -147.48 8.70
N LEU M 670 -120.15 -147.24 9.94
CA LEU M 670 -119.29 -147.51 11.07
C LEU M 670 -119.41 -148.91 11.61
N ASP M 671 -118.27 -149.41 11.99
CA ASP M 671 -118.19 -150.72 12.56
C ASP M 671 -117.21 -150.70 13.69
N VAL M 672 -117.64 -150.24 14.86
CA VAL M 672 -116.73 -150.17 15.96
C VAL M 672 -117.27 -150.75 17.23
N ALA M 673 -116.40 -151.56 17.79
CA ALA M 673 -116.71 -152.17 19.05
C ALA M 673 -116.53 -151.18 20.16
N PRO M 674 -117.35 -151.34 21.18
CA PRO M 674 -117.23 -150.50 22.32
C PRO M 674 -115.76 -150.41 22.61
N GLN M 675 -115.33 -149.19 22.84
CA GLN M 675 -113.95 -148.90 23.14
C GLN M 675 -112.98 -149.27 22.06
N GLY M 676 -113.46 -149.46 20.85
CA GLY M 676 -112.56 -149.80 19.78
C GLY M 676 -112.29 -148.64 18.84
N LYS M 677 -111.44 -148.94 17.88
CA LYS M 677 -111.04 -148.01 16.85
C LYS M 677 -111.38 -148.50 15.46
N GLN M 678 -111.67 -147.58 14.55
CA GLN M 678 -111.97 -147.92 13.19
C GLN M 678 -111.20 -146.95 12.32
N LEU M 679 -110.56 -147.52 11.30
CA LEU M 679 -109.78 -146.74 10.38
C LEU M 679 -110.48 -146.39 9.13
N ILE M 680 -110.39 -145.14 8.78
CA ILE M 680 -111.09 -144.80 7.61
C ILE M 680 -110.26 -144.17 6.57
N GLU M 681 -110.23 -144.93 5.51
CA GLU M 681 -109.46 -144.59 4.36
C GLU M 681 -110.13 -143.67 3.38
N LEU M 682 -109.46 -142.56 3.18
CA LEU M 682 -110.02 -141.61 2.29
C LEU M 682 -109.55 -141.73 0.87
N PRO M 683 -110.52 -141.62 0.02
CA PRO M 683 -110.32 -141.61 -1.40
C PRO M 683 -109.48 -140.40 -1.65
N GLU M 684 -108.78 -140.41 -2.76
CA GLU M 684 -107.95 -139.28 -3.07
C GLU M 684 -108.69 -137.97 -3.05
N LEU M 685 -108.08 -137.06 -2.34
CA LEU M 685 -108.67 -135.77 -2.19
C LEU M 685 -108.27 -134.81 -3.23
N PRO M 686 -109.22 -133.96 -3.48
CA PRO M 686 -109.14 -132.91 -4.46
C PRO M 686 -108.12 -131.86 -4.05
N GLN M 687 -107.42 -131.33 -5.04
CA GLN M 687 -106.42 -130.32 -4.80
C GLN M 687 -106.64 -129.09 -5.63
N PRO M 688 -107.68 -128.37 -5.24
CA PRO M 688 -108.10 -127.14 -5.85
C PRO M 688 -106.94 -126.18 -6.01
N GLU M 689 -107.07 -125.35 -7.00
CA GLU M 689 -106.06 -124.37 -7.30
C GLU M 689 -106.34 -123.06 -6.64
N SER M 690 -107.62 -122.73 -6.80
CA SER M 690 -108.24 -121.54 -6.28
C SER M 690 -107.78 -121.25 -4.86
N ALA M 691 -107.83 -120.01 -4.51
CA ALA M 691 -107.40 -119.67 -3.19
C ALA M 691 -108.52 -119.92 -2.23
N GLY M 692 -108.11 -120.18 -0.98
CA GLY M 692 -109.07 -120.45 0.06
C GLY M 692 -108.63 -121.53 1.02
N GLN M 693 -109.51 -121.78 1.99
CA GLN M 693 -109.34 -122.77 3.02
C GLN M 693 -110.10 -124.02 2.69
N LEU M 694 -109.38 -125.10 2.76
CA LEU M 694 -109.93 -126.37 2.51
C LEU M 694 -110.26 -127.08 3.80
N TRP M 695 -111.50 -127.47 3.94
CA TRP M 695 -111.88 -128.11 5.17
C TRP M 695 -112.62 -129.41 5.05
N LEU M 696 -112.27 -130.30 5.97
CA LEU M 696 -112.89 -131.57 6.02
C LEU M 696 -113.88 -131.68 7.16
N THR M 697 -115.05 -132.22 6.85
CA THR M 697 -116.02 -132.40 7.89
C THR M 697 -116.70 -133.74 7.92
N VAL M 698 -116.78 -134.31 9.11
CA VAL M 698 -117.47 -135.58 9.32
C VAL M 698 -118.64 -135.46 10.27
N ARG M 699 -119.62 -136.29 9.98
CA ARG M 699 -120.81 -136.33 10.76
C ARG M 699 -121.23 -137.77 10.98
N VAL M 700 -121.89 -137.98 12.08
CA VAL M 700 -122.36 -139.31 12.37
C VAL M 700 -123.86 -139.36 12.42
N VAL M 701 -124.35 -140.28 11.58
CA VAL M 701 -125.76 -140.42 11.50
C VAL M 701 -126.33 -141.74 11.79
N GLN M 702 -127.51 -141.61 12.39
CA GLN M 702 -128.35 -142.71 12.77
C GLN M 702 -129.47 -142.85 11.80
N PRO M 703 -129.19 -143.72 10.87
CA PRO M 703 -130.07 -144.08 9.80
C PRO M 703 -131.43 -144.46 10.29
N ASN M 704 -131.49 -145.38 11.25
CA ASN M 704 -132.76 -145.83 11.78
C ASN M 704 -133.19 -145.12 13.03
N ALA M 705 -134.47 -144.90 13.19
CA ALA M 705 -134.88 -144.24 14.40
C ALA M 705 -134.75 -145.16 15.59
N THR M 706 -134.82 -144.56 16.76
CA THR M 706 -134.71 -145.29 17.99
C THR M 706 -135.81 -144.84 18.87
N ALA M 707 -135.84 -145.43 20.02
CA ALA M 707 -136.87 -145.04 20.92
C ALA M 707 -136.74 -143.64 21.36
N TRP M 708 -135.55 -143.08 21.19
CA TRP M 708 -135.41 -141.73 21.65
C TRP M 708 -134.94 -140.81 20.60
N SER M 709 -134.81 -141.34 19.40
CA SER M 709 -134.35 -140.53 18.30
C SER M 709 -134.96 -140.93 16.99
N GLU M 710 -135.09 -139.91 16.15
CA GLU M 710 -135.61 -140.03 14.80
C GLU M 710 -134.61 -140.62 13.85
N ALA M 711 -135.09 -140.97 12.69
CA ALA M 711 -134.10 -141.48 11.79
C ALA M 711 -133.32 -140.32 11.25
N GLY M 712 -132.08 -140.57 10.91
CA GLY M 712 -131.24 -139.51 10.40
C GLY M 712 -130.73 -138.56 11.48
N HIS M 713 -130.68 -139.02 12.71
CA HIS M 713 -130.21 -138.20 13.76
C HIS M 713 -128.69 -138.05 13.70
N ILE M 714 -128.24 -136.83 13.98
CA ILE M 714 -126.80 -136.57 14.01
C ILE M 714 -126.30 -136.73 15.42
N SER M 715 -125.38 -137.64 15.62
CA SER M 715 -124.91 -137.86 16.96
C SER M 715 -123.54 -137.31 17.23
N ALA M 716 -122.80 -137.05 16.17
CA ALA M 716 -121.47 -136.54 16.41
C ALA M 716 -120.87 -135.93 15.18
N TRP M 717 -119.98 -135.00 15.41
CA TRP M 717 -119.32 -134.43 14.30
C TRP M 717 -117.97 -133.91 14.65
N GLN M 718 -117.21 -133.63 13.62
CA GLN M 718 -115.89 -133.11 13.82
C GLN M 718 -115.34 -132.55 12.52
N GLN M 719 -114.55 -131.50 12.63
CA GLN M 719 -114.03 -130.98 11.39
C GLN M 719 -112.54 -130.61 11.41
N TRP M 720 -111.92 -130.59 10.25
CA TRP M 720 -110.52 -130.24 10.19
C TRP M 720 -110.16 -129.33 9.02
N ARG M 721 -109.12 -128.53 9.19
CA ARG M 721 -108.73 -127.68 8.09
C ARG M 721 -107.64 -128.33 7.32
N LEU M 722 -107.92 -128.70 6.10
CA LEU M 722 -106.92 -129.39 5.34
C LEU M 722 -105.82 -128.56 4.79
N ALA M 723 -106.19 -127.52 4.10
CA ALA M 723 -105.14 -126.70 3.55
C ALA M 723 -105.58 -125.29 3.38
N GLU M 724 -104.61 -124.55 2.88
CA GLU M 724 -104.81 -123.15 2.63
C GLU M 724 -104.06 -122.71 1.41
N ASN M 725 -104.74 -121.96 0.60
CA ASN M 725 -104.11 -121.43 -0.58
C ASN M 725 -104.16 -119.95 -0.45
N LEU M 726 -103.04 -119.38 -0.08
CA LEU M 726 -102.97 -117.95 0.09
C LEU M 726 -103.20 -117.25 -1.23
N SER M 727 -103.97 -116.16 -1.19
CA SER M 727 -104.24 -115.42 -2.42
C SER M 727 -103.18 -114.41 -2.74
N VAL M 728 -102.57 -114.61 -3.88
CA VAL M 728 -101.52 -113.74 -4.33
C VAL M 728 -102.00 -112.85 -5.42
N THR M 729 -103.29 -112.69 -5.52
CA THR M 729 -103.68 -111.87 -6.61
C THR M 729 -103.89 -110.44 -6.28
N LEU M 730 -103.89 -109.72 -7.37
CA LEU M 730 -104.07 -108.32 -7.36
C LEU M 730 -105.31 -107.91 -8.04
N PRO M 731 -105.87 -106.90 -7.40
CA PRO M 731 -107.05 -106.23 -7.83
C PRO M 731 -106.71 -105.56 -9.14
N ALA M 732 -107.58 -105.79 -10.12
CA ALA M 732 -107.35 -105.18 -11.40
C ALA M 732 -107.54 -103.66 -11.28
N ALA M 733 -106.96 -102.95 -12.24
CA ALA M 733 -107.05 -101.51 -12.25
C ALA M 733 -108.48 -101.01 -12.36
N SER M 734 -108.63 -99.81 -11.82
CA SER M 734 -109.87 -99.10 -11.83
C SER M 734 -109.70 -97.99 -12.84
N HIS M 735 -110.78 -97.59 -13.46
CA HIS M 735 -110.67 -96.57 -14.45
C HIS M 735 -110.78 -95.19 -13.87
N ALA M 736 -110.98 -95.16 -12.57
CA ALA M 736 -111.13 -93.89 -11.94
C ALA M 736 -110.79 -93.96 -10.52
N ILE M 737 -110.80 -92.82 -9.89
CA ILE M 737 -110.50 -92.81 -8.51
C ILE M 737 -111.36 -91.85 -7.77
N PRO M 738 -111.62 -92.22 -6.55
CA PRO M 738 -112.49 -91.45 -5.73
C PRO M 738 -112.10 -89.99 -5.74
N HIS M 739 -113.09 -89.20 -5.50
CA HIS M 739 -112.86 -87.83 -5.52
C HIS M 739 -113.14 -87.20 -4.16
N LEU M 740 -112.06 -86.68 -3.60
CA LEU M 740 -112.09 -86.07 -2.29
C LEU M 740 -112.64 -84.69 -2.29
N THR M 741 -113.14 -84.22 -1.19
CA THR M 741 -113.70 -82.89 -1.13
C THR M 741 -113.74 -82.40 0.28
N THR M 742 -112.93 -81.42 0.58
CA THR M 742 -112.91 -80.92 1.92
C THR M 742 -114.00 -79.94 2.16
N SER M 743 -114.20 -79.64 3.43
CA SER M 743 -115.21 -78.74 3.92
C SER M 743 -114.78 -78.42 5.33
N GLU M 744 -115.52 -77.63 6.04
CA GLU M 744 -115.07 -77.37 7.38
C GLU M 744 -115.41 -78.50 8.29
N MET M 745 -116.60 -79.00 8.04
CA MET M 745 -117.21 -80.02 8.80
C MET M 745 -116.81 -81.37 8.37
N ASP M 746 -116.36 -81.47 7.14
CA ASP M 746 -116.04 -82.81 6.81
C ASP M 746 -115.28 -82.99 5.54
N PHE M 747 -115.17 -84.27 5.24
CA PHE M 747 -114.49 -84.70 4.06
C PHE M 747 -115.45 -85.50 3.22
N CME M 748 -115.44 -85.28 1.90
CA CME M 748 -116.33 -86.02 1.04
CB CME M 748 -117.44 -85.28 0.36
SG CME M 748 -118.82 -85.40 1.46
SD CME M 748 -120.21 -86.48 0.61
CE CME M 748 -121.56 -85.77 1.60
CZ CME M 748 -122.77 -85.34 0.75
OH CME M 748 -123.18 -84.04 1.11
C CME M 748 -115.72 -86.87 0.02
O CME M 748 -115.01 -86.42 -0.88
N ILE M 749 -116.04 -88.10 0.13
CA ILE M 749 -115.50 -88.98 -0.86
C ILE M 749 -116.60 -89.44 -1.73
N GLU M 750 -116.36 -89.27 -3.01
CA GLU M 750 -117.33 -89.65 -3.97
C GLU M 750 -116.76 -90.53 -5.02
N LEU M 751 -117.61 -91.40 -5.52
CA LEU M 751 -117.25 -92.30 -6.56
C LEU M 751 -118.50 -92.90 -7.15
N GLY M 752 -118.95 -92.33 -8.24
CA GLY M 752 -120.17 -92.82 -8.84
C GLY M 752 -121.32 -92.42 -7.95
N ASN M 753 -122.24 -93.35 -7.80
CA ASN M 753 -123.40 -93.18 -6.94
C ASN M 753 -122.97 -93.24 -5.47
N LYS M 754 -121.80 -93.84 -5.23
CA LYS M 754 -121.31 -93.97 -3.90
C LYS M 754 -120.66 -92.72 -3.34
N ARG M 755 -120.95 -92.49 -2.06
CA ARG M 755 -120.45 -91.37 -1.32
C ARG M 755 -120.24 -91.70 0.15
N TRP M 756 -119.15 -91.18 0.71
CA TRP M 756 -118.82 -91.41 2.10
C TRP M 756 -118.50 -90.13 2.79
N GLN M 757 -119.00 -89.97 3.98
CA GLN M 757 -118.62 -88.75 4.65
C GLN M 757 -118.03 -88.90 6.05
N PHE M 758 -116.95 -88.18 6.31
CA PHE M 758 -116.34 -88.24 7.62
C PHE M 758 -116.44 -86.95 8.35
N ASN M 759 -117.09 -86.96 9.49
CA ASN M 759 -117.21 -85.73 10.25
C ASN M 759 -115.89 -85.33 10.83
N ARG M 760 -115.51 -84.11 10.58
CA ARG M 760 -114.25 -83.62 11.03
C ARG M 760 -114.18 -83.29 12.48
N GLN M 761 -115.30 -83.21 13.14
CA GLN M 761 -115.13 -82.89 14.53
C GLN M 761 -115.00 -84.14 15.34
N SER M 762 -115.77 -85.15 14.95
CA SER M 762 -115.81 -86.39 15.66
C SER M 762 -114.75 -87.32 15.17
N GLY M 763 -114.38 -87.12 13.94
CA GLY M 763 -113.43 -88.04 13.38
C GLY M 763 -114.06 -89.36 12.96
N PHE M 764 -115.37 -89.47 12.84
CA PHE M 764 -115.89 -90.74 12.41
C PHE M 764 -116.53 -90.68 11.08
N LEU M 765 -116.68 -91.85 10.51
CA LEU M 765 -117.38 -91.98 9.27
C LEU M 765 -118.82 -91.82 9.69
N SER M 766 -119.39 -90.66 9.37
CA SER M 766 -120.74 -90.29 9.76
C SER M 766 -121.86 -90.76 8.86
N GLN M 767 -121.61 -90.87 7.58
CA GLN M 767 -122.71 -91.31 6.74
C GLN M 767 -122.18 -91.78 5.44
N MET M 768 -122.99 -92.52 4.77
CA MET M 768 -122.61 -92.97 3.50
C MET M 768 -123.84 -93.24 2.69
N TRP M 769 -123.74 -93.02 1.39
CA TRP M 769 -124.87 -93.16 0.51
C TRP M 769 -124.61 -94.04 -0.64
N ILE M 770 -125.68 -94.63 -1.07
CA ILE M 770 -125.67 -95.37 -2.28
C ILE M 770 -126.80 -94.76 -3.03
N GLY M 771 -126.44 -94.02 -4.05
CA GLY M 771 -127.44 -93.30 -4.73
C GLY M 771 -127.80 -92.17 -3.77
N ASP M 772 -129.07 -92.02 -3.55
CA ASP M 772 -129.58 -90.97 -2.67
C ASP M 772 -129.98 -91.56 -1.33
N LYS M 773 -129.61 -92.82 -1.13
CA LYS M 773 -129.96 -93.48 0.08
C LYS M 773 -128.88 -93.45 1.12
N LYS M 774 -129.23 -92.88 2.27
CA LYS M 774 -128.32 -92.83 3.37
C LYS M 774 -128.22 -94.26 3.87
N GLN M 775 -127.08 -94.65 4.42
CA GLN M 775 -126.98 -96.03 4.83
C GLN M 775 -126.89 -96.25 6.31
N LEU M 776 -126.57 -95.19 7.03
CA LEU M 776 -126.43 -95.41 8.45
C LEU M 776 -127.28 -94.51 9.26
N LEU M 777 -127.80 -95.05 10.34
CA LEU M 777 -128.54 -94.23 11.26
C LEU M 777 -127.60 -93.74 12.34
N THR M 778 -126.46 -94.39 12.43
CA THR M 778 -125.48 -94.04 13.42
C THR M 778 -124.10 -94.18 12.84
N PRO M 779 -123.20 -93.33 13.30
CA PRO M 779 -121.82 -93.35 12.83
C PRO M 779 -121.05 -94.60 13.29
N LEU M 780 -120.07 -94.94 12.50
CA LEU M 780 -119.26 -96.10 12.75
C LEU M 780 -118.28 -95.81 13.84
N ARG M 781 -118.36 -96.56 14.92
CA ARG M 781 -117.41 -96.32 15.96
C ARG M 781 -116.88 -97.45 16.77
N ASP M 782 -115.77 -97.09 17.41
CA ASP M 782 -115.06 -98.02 18.24
C ASP M 782 -115.94 -98.42 19.39
N GLN M 783 -115.80 -99.64 19.80
CA GLN M 783 -116.58 -100.07 20.91
C GLN M 783 -115.76 -100.98 21.77
N PHE M 784 -115.77 -100.71 23.06
CA PHE M 784 -114.98 -101.51 23.96
C PHE M 784 -115.75 -102.28 25.02
N THR M 785 -117.06 -102.13 25.05
CA THR M 785 -117.80 -102.79 26.09
C THR M 785 -118.86 -103.75 25.55
N ARG M 786 -119.53 -104.40 26.51
CA ARG M 786 -120.63 -105.26 26.19
C ARG M 786 -121.74 -105.17 27.21
N ALA M 787 -122.95 -105.55 26.78
CA ALA M 787 -124.08 -105.61 27.66
C ALA M 787 -123.82 -106.86 28.47
N PRO M 788 -123.43 -106.61 29.71
CA PRO M 788 -123.04 -107.60 30.68
C PRO M 788 -123.80 -108.89 30.67
N LEU M 789 -123.04 -109.96 30.75
CA LEU M 789 -123.65 -111.25 30.84
C LEU M 789 -123.94 -111.52 32.30
N ASP M 790 -124.73 -112.54 32.50
CA ASP M 790 -125.04 -112.91 33.86
C ASP M 790 -123.73 -113.12 34.58
N ASN M 791 -122.86 -113.84 33.92
CA ASN M 791 -121.54 -114.11 34.45
C ASN M 791 -120.75 -112.81 34.69
N ASP M 792 -120.97 -111.79 33.87
CA ASP M 792 -120.23 -110.56 34.09
C ASP M 792 -120.65 -109.84 35.36
N ILE M 793 -121.89 -110.16 35.76
CA ILE M 793 -122.50 -109.53 36.90
C ILE M 793 -122.37 -110.28 38.20
N GLY M 794 -122.61 -111.58 38.13
CA GLY M 794 -122.52 -112.42 39.29
C GLY M 794 -123.58 -112.08 40.29
N VAL M 795 -123.14 -111.71 41.46
CA VAL M 795 -124.13 -111.39 42.46
C VAL M 795 -124.13 -109.93 42.84
N SER M 796 -123.51 -109.14 42.01
CA SER M 796 -123.50 -107.73 42.32
C SER M 796 -124.91 -107.17 42.24
N GLU M 797 -125.21 -106.40 43.26
CA GLU M 797 -126.49 -105.76 43.39
C GLU M 797 -126.29 -104.31 43.66
N ALA M 798 -127.26 -103.54 43.19
CA ALA M 798 -127.26 -102.10 43.38
C ALA M 798 -127.01 -101.73 44.83
N THR M 799 -127.73 -102.41 45.69
CA THR M 799 -127.64 -102.27 47.11
C THR M 799 -126.29 -102.79 47.61
N ARG M 800 -126.00 -104.02 47.18
CA ARG M 800 -124.82 -104.73 47.57
C ARG M 800 -123.95 -105.11 46.38
N ILE M 801 -123.09 -104.18 46.07
CA ILE M 801 -122.17 -104.29 44.98
C ILE M 801 -121.00 -105.24 45.24
N ASP M 802 -120.62 -105.98 44.20
CA ASP M 802 -119.49 -106.90 44.25
C ASP M 802 -118.37 -106.39 43.36
N PRO M 803 -117.49 -105.67 44.01
CA PRO M 803 -116.33 -105.05 43.46
C PRO M 803 -115.50 -105.95 42.57
N ASN M 804 -115.59 -107.25 42.70
CA ASN M 804 -114.75 -108.01 41.79
C ASN M 804 -115.43 -108.39 40.52
N ALA M 805 -116.74 -108.24 40.48
CA ALA M 805 -117.42 -108.56 39.27
C ALA M 805 -116.89 -107.69 38.14
N TRP M 806 -116.74 -108.33 36.99
CA TRP M 806 -116.27 -107.67 35.81
C TRP M 806 -117.01 -106.39 35.59
N VAL M 807 -118.31 -106.56 35.58
CA VAL M 807 -119.13 -105.41 35.37
C VAL M 807 -118.79 -104.28 36.30
N GLU M 808 -118.60 -104.68 37.54
CA GLU M 808 -118.28 -103.71 38.54
C GLU M 808 -117.00 -103.00 38.20
N ARG M 809 -116.03 -103.77 37.81
CA ARG M 809 -114.77 -103.15 37.48
C ARG M 809 -114.81 -102.26 36.26
N TRP M 810 -115.51 -102.74 35.26
CA TRP M 810 -115.61 -102.01 34.06
C TRP M 810 -116.25 -100.68 34.33
N LYS M 811 -117.26 -100.76 35.17
CA LYS M 811 -118.02 -99.59 35.54
C LYS M 811 -117.11 -98.63 36.24
N ALA M 812 -116.52 -99.14 37.28
CA ALA M 812 -115.66 -98.29 38.04
C ALA M 812 -114.56 -97.68 37.23
N ALA M 813 -114.12 -98.39 36.21
CA ALA M 813 -113.04 -97.89 35.38
C ALA M 813 -113.52 -96.81 34.44
N GLY M 814 -114.83 -96.72 34.27
CA GLY M 814 -115.35 -95.72 33.39
C GLY M 814 -115.44 -96.23 31.98
N HIS M 815 -115.25 -97.53 31.82
CA HIS M 815 -115.32 -98.06 30.47
C HIS M 815 -116.62 -97.70 29.81
N TYR M 816 -117.68 -97.83 30.58
CA TYR M 816 -118.98 -97.58 30.05
C TYR M 816 -119.23 -96.14 29.78
N GLN M 817 -118.37 -95.27 30.26
CA GLN M 817 -118.68 -93.90 29.97
C GLN M 817 -117.52 -93.02 29.59
N ALA M 818 -116.53 -93.62 28.99
CA ALA M 818 -115.40 -92.83 28.62
C ALA M 818 -115.76 -92.06 27.41
N GLU M 819 -115.04 -90.97 27.32
CA GLU M 819 -115.19 -90.00 26.29
C GLU M 819 -114.08 -90.04 25.28
N ALA M 820 -114.51 -90.22 24.03
CA ALA M 820 -113.54 -90.22 22.96
C ALA M 820 -113.04 -88.81 22.66
N ALA M 821 -111.80 -88.70 22.24
CA ALA M 821 -111.20 -87.41 21.91
C ALA M 821 -110.39 -87.49 20.62
N LEU M 822 -110.74 -86.66 19.65
CA LEU M 822 -110.00 -86.70 18.42
C LEU M 822 -108.59 -86.21 18.65
N LEU M 823 -107.66 -87.02 18.26
CA LEU M 823 -106.30 -86.62 18.39
C LEU M 823 -105.85 -86.16 17.05
N GLN M 824 -106.42 -86.77 16.02
CA GLN M 824 -106.03 -86.41 14.69
C GLN M 824 -106.88 -87.06 13.62
N CYS M 825 -107.02 -86.31 12.53
CA CYS M 825 -107.84 -86.74 11.43
C CYS M 825 -107.35 -86.12 10.16
N THR M 826 -106.90 -86.94 9.23
CA THR M 826 -106.40 -86.39 8.00
C THR M 826 -106.80 -87.16 6.78
N ALA M 827 -106.77 -86.40 5.69
CA ALA M 827 -107.14 -86.92 4.40
C ALA M 827 -106.06 -86.67 3.39
N ASP M 828 -105.93 -87.60 2.47
CA ASP M 828 -104.89 -87.52 1.49
C ASP M 828 -105.24 -88.24 0.23
N THR M 829 -104.75 -87.69 -0.86
CA THR M 829 -105.02 -88.30 -2.15
C THR M 829 -103.82 -88.98 -2.71
N LEU M 830 -104.04 -90.23 -2.95
CA LEU M 830 -103.01 -91.03 -3.50
C LEU M 830 -103.30 -91.25 -4.94
N ALA M 831 -102.36 -91.87 -5.59
CA ALA M 831 -102.55 -92.11 -6.98
C ALA M 831 -103.70 -93.00 -7.28
N ASP M 832 -104.02 -93.92 -6.37
CA ASP M 832 -105.06 -94.88 -6.69
C ASP M 832 -106.19 -94.91 -5.72
N ALA M 833 -106.12 -94.06 -4.72
CA ALA M 833 -107.17 -94.02 -3.76
C ALA M 833 -107.09 -92.82 -2.86
N VAL M 834 -108.04 -92.76 -1.98
CA VAL M 834 -108.08 -91.75 -0.98
C VAL M 834 -107.81 -92.36 0.38
N LEU M 835 -107.04 -91.63 1.14
CA LEU M 835 -106.64 -92.11 2.41
C LEU M 835 -106.97 -91.21 3.55
N ILE M 836 -107.64 -91.81 4.53
CA ILE M 836 -108.00 -91.09 5.72
C ILE M 836 -107.37 -91.67 6.94
N THR M 837 -106.90 -90.80 7.81
CA THR M 837 -106.36 -91.33 9.03
C THR M 837 -106.83 -90.61 10.26
N THR M 838 -107.12 -91.40 11.30
CA THR M 838 -107.59 -90.84 12.53
C THR M 838 -106.90 -91.44 13.73
N ALA M 839 -107.12 -90.75 14.85
CA ALA M 839 -106.57 -91.18 16.09
C ALA M 839 -107.40 -90.60 17.18
N HIS M 840 -107.90 -91.48 18.04
CA HIS M 840 -108.71 -91.02 19.13
C HIS M 840 -108.22 -91.56 20.43
N ALA M 841 -108.70 -90.95 21.50
CA ALA M 841 -108.35 -91.42 22.80
C ALA M 841 -109.56 -91.47 23.71
N TRP M 842 -109.76 -92.57 24.40
CA TRP M 842 -110.86 -92.58 25.31
C TRP M 842 -110.31 -92.30 26.68
N GLN M 843 -110.89 -91.32 27.33
CA GLN M 843 -110.41 -91.02 28.64
C GLN M 843 -111.48 -90.94 29.66
N HIS M 844 -111.01 -90.97 30.87
CA HIS M 844 -111.93 -90.92 31.95
C HIS M 844 -111.24 -90.41 33.17
N GLN M 845 -111.74 -89.29 33.61
CA GLN M 845 -111.16 -88.66 34.76
C GLN M 845 -109.67 -88.49 34.61
N GLY M 846 -109.27 -88.01 33.44
CA GLY M 846 -107.86 -87.75 33.22
C GLY M 846 -107.04 -88.97 32.81
N LYS M 847 -107.62 -90.14 32.90
CA LYS M 847 -106.85 -91.27 32.48
C LYS M 847 -107.22 -91.68 31.08
N THR M 848 -106.21 -92.10 30.38
CA THR M 848 -106.43 -92.56 29.04
C THR M 848 -106.55 -94.07 29.04
N LEU M 849 -107.72 -94.58 28.68
CA LEU M 849 -107.95 -96.01 28.66
C LEU M 849 -107.51 -96.63 27.39
N PHE M 850 -107.98 -96.06 26.30
CA PHE M 850 -107.61 -96.60 25.02
C PHE M 850 -107.23 -95.59 24.01
N ILE M 851 -106.53 -96.12 23.04
CA ILE M 851 -106.13 -95.34 21.92
C ILE M 851 -106.40 -96.11 20.67
N SER M 852 -107.14 -95.46 19.81
CA SER M 852 -107.50 -96.06 18.57
C SER M 852 -106.99 -95.29 17.38
N ARG M 853 -106.19 -95.99 16.60
CA ARG M 853 -105.63 -95.38 15.42
C ARG M 853 -106.07 -96.11 14.17
N LYS M 854 -106.68 -95.38 13.25
CA LYS M 854 -107.15 -96.04 12.06
C LYS M 854 -106.73 -95.39 10.77
N THR M 855 -106.98 -96.16 9.71
CA THR M 855 -106.80 -95.72 8.34
C THR M 855 -107.90 -96.29 7.51
N TYR M 856 -108.42 -95.40 6.69
CA TYR M 856 -109.47 -95.78 5.81
C TYR M 856 -108.97 -95.51 4.43
N ARG M 857 -109.07 -96.53 3.62
CA ARG M 857 -108.60 -96.35 2.29
C ARG M 857 -109.57 -96.85 1.25
N ILE M 858 -110.03 -95.88 0.49
CA ILE M 858 -111.01 -96.08 -0.55
C ILE M 858 -110.43 -95.95 -1.91
N ASP M 859 -110.55 -97.02 -2.65
CA ASP M 859 -110.02 -97.05 -3.98
C ASP M 859 -111.07 -96.89 -5.01
N GLY M 860 -110.57 -96.99 -6.23
CA GLY M 860 -111.38 -96.86 -7.41
C GLY M 860 -112.31 -98.04 -7.60
N SER M 861 -112.13 -99.08 -6.82
CA SER M 861 -113.04 -100.18 -7.02
C SER M 861 -114.25 -99.97 -6.12
N GLY M 862 -114.17 -98.95 -5.28
CA GLY M 862 -115.27 -98.64 -4.38
C GLY M 862 -115.21 -99.42 -3.07
N GLN M 863 -114.07 -99.97 -2.76
CA GLN M 863 -113.98 -100.69 -1.52
C GLN M 863 -113.29 -99.88 -0.48
N MET M 864 -113.76 -100.06 0.72
CA MET M 864 -113.15 -99.36 1.80
C MET M 864 -112.45 -100.31 2.74
N ALA M 865 -111.16 -100.10 2.84
CA ALA M 865 -110.37 -100.93 3.70
C ALA M 865 -110.08 -100.18 4.96
N ILE M 866 -110.35 -100.86 6.04
CA ILE M 866 -110.15 -100.27 7.32
C ILE M 866 -109.12 -100.99 8.11
N THR M 867 -108.37 -100.19 8.79
CA THR M 867 -107.33 -100.72 9.58
C THR M 867 -107.34 -100.11 10.95
N VAL M 868 -107.34 -101.01 11.92
CA VAL M 868 -107.40 -100.60 13.29
C VAL M 868 -106.33 -101.13 14.16
N ASP M 869 -105.76 -100.20 14.91
CA ASP M 869 -104.74 -100.53 15.87
C ASP M 869 -105.05 -99.86 17.17
N VAL M 870 -105.21 -100.69 18.19
CA VAL M 870 -105.54 -100.21 19.51
C VAL M 870 -104.52 -100.50 20.59
N GLU M 871 -104.47 -99.55 21.51
CA GLU M 871 -103.61 -99.65 22.65
C GLU M 871 -104.50 -99.58 23.85
N VAL M 872 -104.26 -100.48 24.80
CA VAL M 872 -105.01 -100.51 26.02
C VAL M 872 -104.14 -100.34 27.24
N ALA M 873 -104.49 -99.40 28.10
CA ALA M 873 -103.69 -99.23 29.29
C ALA M 873 -103.58 -100.52 30.06
N SER M 874 -102.37 -100.83 30.38
CA SER M 874 -102.13 -102.05 31.09
C SER M 874 -102.81 -102.01 32.44
N ASP M 875 -103.06 -100.84 32.95
CA ASP M 875 -103.65 -100.87 34.25
C ASP M 875 -105.14 -100.75 34.27
N THR M 876 -105.75 -100.88 33.13
CA THR M 876 -107.17 -100.86 33.16
C THR M 876 -107.65 -102.29 33.04
N PRO M 877 -108.85 -102.55 33.45
CA PRO M 877 -109.38 -103.90 33.37
C PRO M 877 -109.55 -104.31 31.94
N HIS M 878 -109.22 -105.54 31.64
CA HIS M 878 -109.39 -105.96 30.28
C HIS M 878 -110.81 -105.78 29.87
N PRO M 879 -110.92 -105.18 28.74
CA PRO M 879 -112.16 -104.83 28.09
C PRO M 879 -112.84 -106.06 27.55
N ALA M 880 -114.15 -105.98 27.53
CA ALA M 880 -115.02 -107.04 27.06
C ALA M 880 -114.78 -107.35 25.62
N ARG M 881 -114.45 -106.29 24.89
CA ARG M 881 -114.25 -106.48 23.48
C ARG M 881 -113.57 -105.31 22.84
N ILE M 882 -113.20 -105.53 21.58
CA ILE M 882 -112.52 -104.56 20.75
C ILE M 882 -113.03 -104.62 19.33
N GLY M 883 -113.84 -103.61 19.01
CA GLY M 883 -114.44 -103.56 17.72
C GLY M 883 -115.09 -102.25 17.39
N LEU M 884 -116.01 -102.40 16.46
CA LEU M 884 -116.72 -101.26 16.00
C LEU M 884 -118.17 -101.54 15.92
N ASN M 885 -118.90 -100.47 15.80
CA ASN M 885 -120.30 -100.63 15.64
C ASN M 885 -120.99 -99.46 14.99
N CYS M 886 -122.19 -99.77 14.58
CA CYS M 886 -122.99 -98.76 13.95
C CYS M 886 -124.40 -99.30 13.75
N GLN M 887 -125.30 -98.35 13.51
CA GLN M 887 -126.67 -98.67 13.27
C GLN M 887 -126.95 -98.49 11.82
N LEU M 888 -127.18 -99.59 11.14
CA LEU M 888 -127.47 -99.48 9.74
C LEU M 888 -128.91 -99.09 9.52
N ALA M 889 -129.09 -98.25 8.52
CA ALA M 889 -130.43 -97.81 8.20
C ALA M 889 -131.28 -98.94 7.61
N GLN M 890 -130.67 -99.81 6.88
CA GLN M 890 -131.40 -100.90 6.29
C GLN M 890 -131.76 -101.99 7.27
N VAL M 891 -132.70 -102.81 6.83
CA VAL M 891 -133.16 -103.95 7.59
C VAL M 891 -133.51 -105.08 6.64
N ALA M 892 -132.81 -106.20 6.69
CA ALA M 892 -133.07 -107.29 5.77
C ALA M 892 -133.58 -108.56 6.40
N GLU M 893 -133.86 -109.51 5.55
CA GLU M 893 -134.44 -110.77 5.96
C GLU M 893 -133.46 -111.82 6.42
N ARG M 894 -132.43 -111.97 5.63
CA ARG M 894 -131.44 -112.94 5.88
C ARG M 894 -130.09 -112.38 6.22
N VAL M 895 -129.27 -113.29 6.71
CA VAL M 895 -127.91 -113.05 7.11
C VAL M 895 -127.09 -114.19 6.59
N ASN M 896 -126.03 -113.82 5.91
CA ASN M 896 -125.24 -114.84 5.32
C ASN M 896 -123.80 -114.59 5.60
N TRP M 897 -123.17 -115.65 6.07
CA TRP M 897 -121.79 -115.51 6.40
C TRP M 897 -121.02 -116.78 6.23
N LEU M 898 -119.74 -116.53 6.14
CA LEU M 898 -118.76 -117.54 6.02
C LEU M 898 -117.89 -117.45 7.25
N GLY M 899 -118.14 -118.42 8.14
CA GLY M 899 -117.46 -118.48 9.40
C GLY M 899 -118.04 -119.58 10.25
N LEU M 900 -117.91 -119.41 11.57
CA LEU M 900 -118.37 -120.38 12.53
C LEU M 900 -119.84 -120.34 12.72
N GLY M 901 -120.49 -121.47 12.53
CA GLY M 901 -121.92 -121.46 12.70
C GLY M 901 -122.49 -122.83 12.92
N PRO M 902 -123.79 -122.87 12.98
CA PRO M 902 -124.64 -121.72 12.79
C PRO M 902 -125.05 -121.03 14.06
N GLN M 903 -124.93 -121.71 15.17
CA GLN M 903 -125.36 -121.03 16.39
C GLN M 903 -124.40 -120.06 16.99
N GLU M 904 -124.97 -119.28 17.89
CA GLU M 904 -124.24 -118.35 18.71
C GLU M 904 -122.97 -119.05 19.23
N ASN M 905 -121.83 -118.39 19.13
CA ASN M 905 -120.59 -118.96 19.62
C ASN M 905 -119.64 -117.92 20.14
N TYR M 906 -118.94 -118.30 21.17
CA TYR M 906 -118.00 -117.39 21.78
C TYR M 906 -116.64 -118.04 21.86
N PRO M 907 -115.66 -117.19 22.11
CA PRO M 907 -114.29 -117.57 22.16
C PRO M 907 -114.05 -118.77 23.03
N ASP M 908 -114.61 -118.76 24.23
CA ASP M 908 -114.44 -119.91 25.09
C ASP M 908 -115.61 -120.87 24.97
N ARG M 909 -116.41 -120.71 23.94
CA ARG M 909 -117.50 -121.66 23.73
C ARG M 909 -117.78 -121.78 22.25
N LEU M 910 -116.91 -122.49 21.53
CA LEU M 910 -117.15 -122.57 20.11
C LEU M 910 -116.71 -123.88 19.48
N THR M 911 -116.30 -124.81 20.27
CA THR M 911 -115.86 -126.05 19.66
C THR M 911 -116.98 -126.74 18.92
N ALA M 912 -118.20 -126.49 19.30
CA ALA M 912 -119.23 -127.22 18.60
C ALA M 912 -119.58 -126.63 17.26
N ALA M 913 -119.19 -125.38 17.08
CA ALA M 913 -119.48 -124.65 15.84
C ALA M 913 -118.68 -125.13 14.64
N CME M 914 -119.19 -124.91 13.42
CA CME M 914 -118.51 -125.29 12.24
CB CME M 914 -119.10 -126.50 11.55
SG CME M 914 -118.84 -127.98 12.54
SD CME M 914 -120.37 -129.00 11.73
CE CME M 914 -121.85 -128.22 12.48
CZ CME M 914 -123.10 -129.06 12.15
OH CME M 914 -122.77 -129.93 11.05
C CME M 914 -118.27 -124.19 11.31
O CME M 914 -119.02 -123.21 11.19
N PHE M 915 -117.17 -124.35 10.64
CA PHE M 915 -116.78 -123.36 9.69
C PHE M 915 -117.40 -123.65 8.37
N ASP M 916 -118.32 -122.82 7.97
CA ASP M 916 -118.95 -123.04 6.71
C ASP M 916 -119.66 -121.78 6.26
N ARG M 917 -120.54 -121.96 5.28
CA ARG M 917 -121.33 -120.87 4.81
C ARG M 917 -122.70 -120.98 5.40
N TRP M 918 -123.08 -119.97 6.15
CA TRP M 918 -124.35 -120.00 6.79
C TRP M 918 -125.25 -118.90 6.29
N ASP M 919 -126.52 -119.23 6.26
CA ASP M 919 -127.54 -118.29 5.85
C ASP M 919 -128.72 -118.48 6.74
N LEU M 920 -129.08 -117.43 7.47
CA LEU M 920 -130.21 -117.50 8.35
C LEU M 920 -130.97 -116.21 8.32
N PRO M 921 -132.09 -116.28 8.97
CA PRO M 921 -132.96 -115.17 9.09
C PRO M 921 -132.53 -114.40 10.29
N LEU M 922 -132.59 -113.12 10.09
CA LEU M 922 -132.20 -112.17 11.06
C LEU M 922 -132.60 -112.53 12.50
N SER M 923 -133.80 -113.05 12.58
CA SER M 923 -134.35 -113.42 13.87
C SER M 923 -133.48 -114.44 14.58
N ASP M 924 -132.90 -115.31 13.78
CA ASP M 924 -132.09 -116.33 14.32
C ASP M 924 -130.77 -115.80 14.83
N MET M 925 -130.47 -114.57 14.48
CA MET M 925 -129.23 -114.06 14.97
C MET M 925 -129.38 -113.44 16.34
N TYR M 926 -130.50 -113.76 16.99
CA TYR M 926 -130.74 -113.22 18.30
C TYR M 926 -131.07 -114.27 19.31
N THR M 927 -130.49 -114.09 20.50
CA THR M 927 -130.68 -115.03 21.58
C THR M 927 -131.39 -114.36 22.73
N PRO M 928 -132.65 -114.76 22.76
CA PRO M 928 -133.72 -114.39 23.67
C PRO M 928 -133.53 -114.88 25.10
N TYR M 929 -132.37 -114.61 25.63
CA TYR M 929 -132.12 -114.94 26.99
C TYR M 929 -133.16 -114.15 27.78
N VAL M 930 -133.88 -114.82 28.66
CA VAL M 930 -134.89 -114.13 29.43
C VAL M 930 -134.38 -112.84 30.02
N PHE M 931 -133.24 -112.96 30.67
CA PHE M 931 -132.63 -111.77 31.19
C PHE M 931 -131.64 -111.38 30.12
N PRO M 932 -131.83 -110.22 29.51
CA PRO M 932 -131.05 -109.81 28.37
C PRO M 932 -129.64 -109.33 28.61
N SER M 933 -128.80 -109.60 27.59
CA SER M 933 -127.38 -109.22 27.56
C SER M 933 -126.73 -109.45 26.19
N GLU M 934 -125.44 -109.10 26.05
CA GLU M 934 -124.74 -109.37 24.82
C GLU M 934 -125.04 -110.81 24.40
N ASN M 935 -125.30 -111.06 23.11
CA ASN M 935 -125.60 -112.41 22.67
C ASN M 935 -125.54 -112.54 21.17
N GLY M 936 -125.73 -113.75 20.70
CA GLY M 936 -125.76 -114.03 19.28
C GLY M 936 -124.45 -113.94 18.52
N LEU M 937 -123.37 -113.69 19.20
CA LEU M 937 -122.13 -113.62 18.48
C LEU M 937 -121.78 -114.87 17.68
N ARG M 938 -121.08 -114.64 16.59
CA ARG M 938 -120.48 -115.70 15.79
C ARG M 938 -119.05 -115.30 15.52
N CYS M 939 -118.12 -116.20 15.78
CA CYS M 939 -116.72 -115.89 15.59
C CYS M 939 -116.14 -116.54 14.35
N GLY M 940 -114.88 -116.19 14.14
CA GLY M 940 -114.09 -116.72 13.05
C GLY M 940 -114.73 -116.49 11.71
N THR M 941 -115.19 -115.27 11.53
CA THR M 941 -115.82 -114.92 10.31
C THR M 941 -114.92 -114.20 9.38
N ARG M 942 -115.09 -114.60 8.14
CA ARG M 942 -114.30 -114.08 7.08
C ARG M 942 -115.02 -113.22 6.08
N GLU M 943 -116.32 -113.49 5.93
CA GLU M 943 -117.17 -112.76 5.03
C GLU M 943 -118.56 -112.69 5.60
N LEU M 944 -119.11 -111.47 5.59
CA LEU M 944 -120.43 -111.21 6.10
C LEU M 944 -121.21 -110.40 5.12
N ASN M 945 -122.44 -110.86 4.87
CA ASN M 945 -123.34 -110.23 3.93
C ASN M 945 -124.70 -109.91 4.49
N TYR M 946 -125.08 -108.65 4.37
CA TYR M 946 -126.38 -108.17 4.82
C TYR M 946 -126.80 -107.05 3.91
N GLY M 947 -127.88 -107.30 3.19
CA GLY M 947 -128.35 -106.33 2.24
C GLY M 947 -127.31 -106.25 1.14
N PRO M 948 -127.12 -105.04 0.68
CA PRO M 948 -126.16 -104.72 -0.34
C PRO M 948 -124.76 -104.75 0.22
N HIS M 949 -124.62 -104.87 1.53
CA HIS M 949 -123.31 -104.89 2.15
C HIS M 949 -122.62 -106.18 2.27
N GLN M 950 -121.32 -106.00 2.33
CA GLN M 950 -120.40 -107.09 2.50
C GLN M 950 -119.18 -106.66 3.28
N TRP M 951 -118.84 -107.49 4.26
CA TRP M 951 -117.65 -107.20 5.00
C TRP M 951 -116.72 -108.35 4.94
N ARG M 952 -115.45 -108.01 4.88
CA ARG M 952 -114.46 -109.02 4.83
C ARG M 952 -113.28 -108.78 5.71
N GLY M 953 -112.85 -109.91 6.24
CA GLY M 953 -111.70 -109.92 7.11
C GLY M 953 -111.65 -111.16 7.95
N ASP M 954 -111.37 -110.91 9.21
CA ASP M 954 -111.32 -111.99 10.16
C ASP M 954 -111.84 -111.47 11.46
N PHE M 955 -113.12 -111.66 11.69
CA PHE M 955 -113.67 -111.09 12.89
C PHE M 955 -114.79 -111.93 13.38
N GLN M 956 -115.41 -111.35 14.40
CA GLN M 956 -116.59 -111.89 15.01
C GLN M 956 -117.59 -110.79 15.03
N PHE M 957 -118.86 -111.18 15.00
CA PHE M 957 -119.87 -110.16 15.00
C PHE M 957 -121.17 -110.67 15.50
N ASN M 958 -122.05 -109.71 15.65
CA ASN M 958 -123.43 -109.94 15.98
C ASN M 958 -124.24 -108.87 15.27
N ILE M 959 -125.50 -109.20 15.05
CA ILE M 959 -126.38 -108.31 14.37
C ILE M 959 -127.85 -108.48 14.78
N SER M 960 -128.46 -107.38 15.18
CA SER M 960 -129.84 -107.46 15.64
C SER M 960 -130.48 -106.09 15.61
N ARG M 961 -131.66 -105.99 16.24
CA ARG M 961 -132.36 -104.72 16.31
C ARG M 961 -132.28 -104.10 17.66
N TYR M 962 -131.33 -104.56 18.44
CA TYR M 962 -131.26 -103.98 19.74
C TYR M 962 -129.89 -103.48 20.04
N SER M 963 -129.83 -102.27 20.50
CA SER M 963 -128.56 -101.74 20.84
C SER M 963 -128.12 -102.42 22.14
N GLN M 964 -126.81 -102.38 22.37
CA GLN M 964 -126.27 -102.94 23.58
C GLN M 964 -126.89 -102.18 24.74
N GLN M 965 -127.04 -100.87 24.56
CA GLN M 965 -127.63 -100.11 25.61
C GLN M 965 -129.01 -100.59 25.94
N GLN M 966 -129.80 -100.84 24.92
CA GLN M 966 -131.13 -101.31 25.24
C GLN M 966 -131.03 -102.56 26.10
N LEU M 967 -130.31 -103.52 25.56
CA LEU M 967 -130.11 -104.80 26.23
C LEU M 967 -129.66 -104.64 27.64
N MET M 968 -128.76 -103.72 27.77
CA MET M 968 -128.20 -103.49 29.04
C MET M 968 -129.17 -102.87 29.99
N GLU M 969 -130.07 -102.07 29.46
CA GLU M 969 -131.01 -101.38 30.32
C GLU M 969 -132.32 -102.09 30.55
N THR M 970 -132.60 -103.15 29.83
CA THR M 970 -133.84 -103.90 29.98
C THR M 970 -133.67 -105.17 30.81
N SER M 971 -134.60 -105.42 31.71
CA SER M 971 -134.49 -106.60 32.57
C SER M 971 -135.21 -107.82 32.05
N HIS M 972 -136.17 -107.65 31.17
CA HIS M 972 -136.84 -108.83 30.69
C HIS M 972 -136.91 -108.77 29.24
N ARG M 973 -136.80 -109.93 28.65
CA ARG M 973 -136.83 -110.02 27.23
C ARG M 973 -138.09 -109.41 26.63
N HIS M 974 -139.20 -109.68 27.30
CA HIS M 974 -140.47 -109.22 26.81
C HIS M 974 -140.55 -107.72 26.67
N LEU M 975 -139.64 -107.00 27.30
CA LEU M 975 -139.67 -105.56 27.17
C LEU M 975 -138.80 -104.98 26.09
N LEU M 976 -138.21 -105.81 25.28
CA LEU M 976 -137.41 -105.16 24.29
C LEU M 976 -138.24 -104.87 23.10
N HIS M 977 -137.88 -103.78 22.50
CA HIS M 977 -138.54 -103.38 21.31
C HIS M 977 -137.49 -103.14 20.26
N ALA M 978 -137.77 -103.62 19.06
CA ALA M 978 -136.82 -103.42 18.01
C ALA M 978 -136.55 -101.95 17.78
N GLU M 979 -135.31 -101.65 17.44
CA GLU M 979 -134.94 -100.29 17.17
C GLU M 979 -135.06 -100.04 15.68
N GLU M 980 -134.88 -98.80 15.32
CA GLU M 980 -135.02 -98.36 13.97
C GLU M 980 -134.38 -99.14 12.85
N GLY M 981 -133.10 -99.42 12.89
CA GLY M 981 -132.60 -100.15 11.74
C GLY M 981 -132.03 -101.44 12.20
N THR M 982 -130.79 -101.69 11.80
CA THR M 982 -130.10 -102.87 12.23
C THR M 982 -128.80 -102.50 12.94
N TRP M 983 -128.66 -103.02 14.14
CA TRP M 983 -127.45 -102.79 14.91
C TRP M 983 -126.42 -103.84 14.60
N LEU M 984 -125.23 -103.33 14.32
CA LEU M 984 -124.15 -104.22 13.97
C LEU M 984 -122.88 -104.00 14.75
N ASN M 985 -122.44 -105.11 15.35
CA ASN M 985 -121.20 -105.12 16.08
C ASN M 985 -120.21 -106.06 15.44
N ILE M 986 -119.09 -105.45 15.06
CA ILE M 986 -117.97 -106.16 14.48
C ILE M 986 -116.77 -106.05 15.39
N ASP M 987 -116.41 -107.21 15.89
CA ASP M 987 -115.31 -107.30 16.80
C ASP M 987 -114.07 -107.92 16.22
N GLY M 988 -112.96 -107.23 16.52
CA GLY M 988 -111.68 -107.74 16.16
C GLY M 988 -111.35 -108.78 17.25
N PHE M 989 -111.82 -108.50 18.47
CA PHE M 989 -111.60 -109.40 19.57
C PHE M 989 -112.69 -109.28 20.57
N HIS M 990 -112.92 -110.41 21.23
CA HIS M 990 -113.95 -110.45 22.22
C HIS M 990 -113.60 -111.36 23.36
N MET M 991 -113.84 -110.89 24.57
CA MET M 991 -113.54 -111.65 25.77
C MET M 991 -114.36 -112.91 25.92
N GLY M 992 -113.86 -113.87 26.69
CA GLY M 992 -114.61 -115.10 26.87
C GLY M 992 -115.85 -114.83 27.72
N ILE M 993 -116.69 -115.85 27.90
CA ILE M 993 -117.91 -115.67 28.69
C ILE M 993 -117.86 -116.33 30.04
N GLY M 994 -116.97 -117.31 30.20
CA GLY M 994 -116.82 -117.98 31.48
C GLY M 994 -118.00 -118.86 31.78
N GLY M 995 -118.14 -119.19 33.06
CA GLY M 995 -119.23 -120.01 33.49
C GLY M 995 -118.88 -121.05 34.53
N ASP M 996 -117.60 -121.17 34.86
CA ASP M 996 -117.24 -122.17 35.86
C ASP M 996 -118.17 -122.10 37.06
N ASP M 997 -118.63 -120.88 37.33
CA ASP M 997 -119.60 -120.53 38.32
C ASP M 997 -120.12 -119.16 37.97
N SER M 998 -121.25 -118.82 38.56
CA SER M 998 -121.83 -117.53 38.23
C SER M 998 -121.81 -116.55 39.38
N TRP M 999 -120.91 -116.74 40.33
CA TRP M 999 -120.87 -115.77 41.41
C TRP M 999 -119.47 -115.30 41.75
N SER M 1000 -118.59 -115.50 40.79
CA SER M 1000 -117.20 -115.12 40.81
C SER M 1000 -116.72 -115.08 39.38
N PRO M 1001 -115.60 -114.43 39.22
CA PRO M 1001 -115.02 -114.29 37.90
C PRO M 1001 -114.55 -115.65 37.46
N SER M 1002 -115.08 -116.07 36.33
CA SER M 1002 -114.78 -117.38 35.84
C SER M 1002 -114.17 -117.43 34.45
N VAL M 1003 -113.83 -116.27 33.88
CA VAL M 1003 -113.22 -116.31 32.55
C VAL M 1003 -111.73 -116.59 32.63
N SER M 1004 -111.23 -117.64 31.97
CA SER M 1004 -109.81 -117.86 32.06
C SER M 1004 -108.95 -116.90 31.30
N ALA M 1005 -107.80 -116.75 31.90
CA ALA M 1005 -106.81 -115.88 31.39
C ALA M 1005 -106.66 -115.98 29.89
N GLU M 1006 -106.61 -117.20 29.34
CA GLU M 1006 -106.47 -117.26 27.90
C GLU M 1006 -107.58 -116.54 27.22
N PHE M 1007 -108.66 -116.26 27.92
CA PHE M 1007 -109.71 -115.58 27.21
C PHE M 1007 -109.88 -114.16 27.53
N GLN M 1008 -108.94 -113.58 28.24
CA GLN M 1008 -109.02 -112.19 28.56
C GLN M 1008 -108.24 -111.38 27.56
N LEU M 1009 -108.71 -110.17 27.26
CA LEU M 1009 -108.05 -109.30 26.30
C LEU M 1009 -106.98 -108.54 27.04
N SER M 1010 -105.92 -109.24 27.29
CA SER M 1010 -104.86 -108.67 28.07
C SER M 1010 -103.59 -108.29 27.30
N ALA M 1011 -103.60 -108.44 25.99
CA ALA M 1011 -102.43 -108.15 25.19
C ALA M 1011 -101.90 -106.75 25.20
N GLY M 1012 -102.72 -105.76 25.45
CA GLY M 1012 -102.20 -104.42 25.44
C GLY M 1012 -102.27 -103.79 24.05
N ARG M 1013 -101.99 -104.59 23.05
CA ARG M 1013 -102.07 -104.02 21.74
C ARG M 1013 -102.81 -104.93 20.83
N TYR M 1014 -103.71 -104.35 20.06
CA TYR M 1014 -104.50 -105.14 19.14
C TYR M 1014 -104.58 -104.50 17.77
N HIS M 1015 -104.63 -105.37 16.78
CA HIS M 1015 -104.72 -104.95 15.42
C HIS M 1015 -105.77 -105.71 14.63
N TYR M 1016 -106.47 -105.01 13.76
CA TYR M 1016 -107.43 -105.67 12.89
C TYR M 1016 -107.77 -104.86 11.68
N GLN M 1017 -108.19 -105.57 10.63
CA GLN M 1017 -108.50 -104.97 9.36
C GLN M 1017 -109.76 -105.45 8.75
N LEU M 1018 -110.30 -104.60 7.96
CA LEU M 1018 -111.55 -104.91 7.41
C LEU M 1018 -111.83 -104.31 6.08
N VAL M 1019 -112.73 -104.99 5.37
CA VAL M 1019 -113.13 -104.48 4.10
C VAL M 1019 -114.61 -104.38 3.90
N TRP M 1020 -115.03 -103.20 3.49
CA TRP M 1020 -116.44 -102.97 3.33
C TRP M 1020 -116.80 -102.55 1.89
N CME M 1021 -117.82 -103.17 1.37
CA CME M 1021 -118.38 -102.89 0.05
CB CME M 1021 -117.70 -103.65 -1.04
SG CME M 1021 -116.46 -104.69 -0.30
SD CME M 1021 -116.71 -106.34 -1.36
CE CME M 1021 -118.48 -106.10 -1.65
CZ CME M 1021 -118.79 -105.69 -3.09
OH CME M 1021 -119.81 -106.52 -3.60
C CME M 1021 -119.83 -103.24 -0.11
O CME M 1021 -120.43 -103.90 0.70
N GLN M 1022 -120.32 -102.74 -1.25
CA GLN M 1022 -121.64 -102.89 -1.66
C GLN M 1022 -121.74 -103.58 -2.96
N LYS M 1023 -122.92 -104.14 -3.23
CA LYS M 1023 -123.22 -104.84 -4.46
C LYS M 1023 -124.40 -104.15 -5.12
N ILE N 3 -43.64 -168.65 37.09
CA ILE N 3 -44.20 -169.41 35.93
C ILE N 3 -45.73 -169.37 35.81
N THR N 4 -46.36 -169.60 36.94
CA THR N 4 -47.78 -169.55 36.99
C THR N 4 -48.08 -168.08 37.11
N ASP N 5 -47.04 -167.28 37.33
CA ASP N 5 -47.19 -165.85 37.39
C ASP N 5 -47.04 -165.30 35.98
N SER N 6 -46.88 -166.21 35.07
CA SER N 6 -46.67 -165.85 33.70
C SER N 6 -47.91 -165.38 32.97
N LEU N 7 -47.71 -164.32 32.21
CA LEU N 7 -48.77 -163.83 31.38
C LEU N 7 -49.40 -164.99 30.66
N ALA N 8 -48.55 -165.69 30.00
CA ALA N 8 -49.00 -166.79 29.20
C ALA N 8 -50.05 -167.61 29.89
N VAL N 9 -49.79 -167.76 31.17
CA VAL N 9 -50.65 -168.54 32.01
C VAL N 9 -51.86 -167.75 32.52
N VAL N 10 -51.59 -166.62 33.14
CA VAL N 10 -52.64 -165.78 33.64
C VAL N 10 -53.67 -165.49 32.57
N LEU N 11 -53.24 -164.95 31.48
CA LEU N 11 -54.18 -164.61 30.44
C LEU N 11 -54.84 -165.80 29.84
N GLN N 12 -54.42 -166.93 30.31
CA GLN N 12 -55.01 -168.07 29.71
C GLN N 12 -56.51 -168.06 29.93
N ARG N 13 -56.85 -167.84 31.19
CA ARG N 13 -58.24 -167.88 31.60
C ARG N 13 -59.17 -166.82 31.00
N ARG N 14 -58.64 -165.64 30.69
CA ARG N 14 -59.52 -164.66 30.09
C ARG N 14 -60.69 -164.33 31.00
N ASP N 15 -60.30 -163.92 32.18
CA ASP N 15 -61.22 -163.54 33.19
C ASP N 15 -62.10 -162.38 32.74
N TRP N 16 -61.53 -161.57 31.87
CA TRP N 16 -62.19 -160.42 31.31
C TRP N 16 -63.26 -160.79 30.31
N GLU N 17 -63.51 -162.08 30.14
CA GLU N 17 -64.58 -162.47 29.25
C GLU N 17 -65.46 -163.43 30.01
N ASN N 18 -65.55 -163.18 31.30
CA ASN N 18 -66.33 -164.03 32.15
C ASN N 18 -66.94 -163.32 33.32
N PRO N 19 -68.23 -163.06 33.15
CA PRO N 19 -69.13 -162.44 34.10
C PRO N 19 -69.07 -163.18 35.42
N GLY N 20 -68.64 -164.43 35.35
CA GLY N 20 -68.50 -165.22 36.56
C GLY N 20 -67.28 -164.73 37.33
N VAL N 21 -66.35 -164.11 36.64
CA VAL N 21 -65.24 -163.65 37.42
C VAL N 21 -65.20 -162.17 37.38
N THR N 22 -65.36 -161.60 38.54
CA THR N 22 -65.37 -160.16 38.60
C THR N 22 -64.25 -159.61 39.42
N GLN N 23 -63.60 -160.49 40.11
CA GLN N 23 -62.47 -160.13 40.92
C GLN N 23 -61.71 -161.38 41.30
N LEU N 24 -60.49 -161.20 41.81
CA LEU N 24 -59.63 -162.27 42.26
C LEU N 24 -58.78 -161.78 43.38
N ASN N 25 -58.96 -162.36 44.51
CA ASN N 25 -58.16 -161.95 45.65
C ASN N 25 -58.32 -160.52 46.08
N ARG N 26 -59.40 -159.89 45.67
CA ARG N 26 -59.65 -158.51 46.06
C ARG N 26 -60.21 -158.53 47.47
N LEU N 27 -59.81 -157.59 48.31
CA LEU N 27 -60.34 -157.55 49.67
C LEU N 27 -61.76 -157.03 49.67
N ALA N 28 -62.36 -157.06 50.85
CA ALA N 28 -63.71 -156.57 51.03
C ALA N 28 -63.80 -155.08 51.17
N ALA N 29 -64.96 -154.60 50.70
CA ALA N 29 -65.35 -153.20 50.69
C ALA N 29 -65.64 -152.61 52.06
N HIS N 30 -65.55 -151.30 52.22
CA HIS N 30 -65.80 -150.69 53.52
C HIS N 30 -65.60 -149.20 53.38
N PRO N 31 -65.97 -148.53 54.43
CA PRO N 31 -65.79 -147.12 54.44
C PRO N 31 -64.31 -146.82 54.56
N PRO N 32 -64.04 -145.61 54.29
CA PRO N 32 -62.72 -145.04 54.29
C PRO N 32 -61.94 -145.09 55.59
N PHE N 33 -60.77 -145.70 55.47
CA PHE N 33 -59.81 -145.84 56.55
C PHE N 33 -58.54 -145.01 56.34
N ALA N 34 -57.92 -144.66 57.46
CA ALA N 34 -56.67 -143.90 57.49
C ALA N 34 -55.69 -144.59 58.43
N SER N 35 -56.25 -145.35 59.35
CA SER N 35 -55.44 -146.04 60.31
C SER N 35 -54.66 -145.06 61.15
N TRP N 36 -55.28 -143.98 61.57
CA TRP N 36 -54.53 -143.09 62.41
C TRP N 36 -54.04 -143.89 63.57
N ARG N 37 -52.90 -143.45 64.08
CA ARG N 37 -52.35 -144.09 65.25
C ARG N 37 -52.40 -143.14 66.42
N ASN N 38 -53.10 -142.03 66.22
CA ASN N 38 -53.29 -141.03 67.25
C ASN N 38 -54.68 -140.44 67.13
N SER N 39 -55.35 -140.41 68.26
CA SER N 39 -56.69 -139.89 68.31
C SER N 39 -56.84 -138.48 67.72
N GLU N 40 -56.16 -137.54 68.34
CA GLU N 40 -56.25 -136.17 67.91
C GLU N 40 -56.19 -136.01 66.43
N GLU N 41 -55.25 -136.70 65.84
CA GLU N 41 -55.08 -136.61 64.42
C GLU N 41 -56.34 -137.01 63.71
N ALA N 42 -56.73 -138.22 64.01
CA ALA N 42 -57.95 -138.71 63.42
C ALA N 42 -59.03 -137.71 63.71
N ARG N 43 -59.07 -137.27 64.93
CA ARG N 43 -60.11 -136.34 65.28
C ARG N 43 -60.15 -135.09 64.46
N THR N 44 -58.99 -134.56 64.17
CA THR N 44 -58.90 -133.33 63.42
C THR N 44 -58.61 -133.62 61.98
N ASP N 45 -58.92 -134.83 61.62
CA ASP N 45 -58.70 -135.21 60.26
C ASP N 45 -57.34 -134.81 59.76
N ARG N 46 -56.28 -135.11 60.51
CA ARG N 46 -54.99 -134.78 59.94
C ARG N 46 -54.66 -135.84 58.93
N PRO N 47 -53.41 -135.95 58.57
CA PRO N 47 -53.11 -136.94 57.58
C PRO N 47 -52.38 -138.09 58.19
N SER N 48 -52.80 -139.29 57.83
CA SER N 48 -52.16 -140.44 58.41
C SER N 48 -51.04 -140.90 57.54
N GLN N 49 -50.03 -141.36 58.25
CA GLN N 49 -48.88 -141.85 57.60
C GLN N 49 -49.07 -143.30 57.27
N GLN N 50 -50.13 -143.95 57.76
CA GLN N 50 -50.28 -145.33 57.36
C GLN N 50 -50.95 -145.37 55.99
N LEU N 51 -51.13 -144.16 55.53
CA LEU N 51 -51.70 -143.93 54.26
C LEU N 51 -50.75 -143.22 53.33
N ARG N 52 -50.45 -143.86 52.21
CA ARG N 52 -49.50 -143.28 51.30
C ARG N 52 -49.95 -143.28 49.86
N SER N 53 -49.78 -142.11 49.22
CA SER N 53 -50.17 -142.03 47.83
C SER N 53 -49.11 -142.48 46.89
N LEU N 54 -49.52 -143.13 45.83
CA LEU N 54 -48.59 -143.59 44.82
C LEU N 54 -48.80 -142.82 43.55
N ASN N 55 -49.53 -141.75 43.73
CA ASN N 55 -49.79 -140.95 42.56
C ASN N 55 -48.53 -140.24 42.22
N GLY N 56 -48.33 -140.11 40.91
CA GLY N 56 -47.20 -139.41 40.37
C GLY N 56 -46.79 -140.00 39.05
N GLU N 57 -45.48 -139.92 38.82
CA GLU N 57 -44.93 -140.41 37.59
C GLU N 57 -44.83 -141.89 37.59
N TRP N 58 -45.25 -142.48 36.51
CA TRP N 58 -45.24 -143.91 36.40
C TRP N 58 -44.79 -144.28 35.01
N ARG N 59 -44.66 -145.55 34.76
CA ARG N 59 -44.23 -145.89 33.42
C ARG N 59 -45.29 -146.59 32.67
N PHE N 60 -45.49 -146.10 31.48
CA PHE N 60 -46.56 -146.60 30.69
C PHE N 60 -46.19 -147.14 29.34
N ALA N 61 -46.95 -148.12 28.91
CA ALA N 61 -46.75 -148.65 27.58
C ALA N 61 -48.05 -149.22 27.09
N TRP N 62 -48.33 -148.98 25.84
CA TRP N 62 -49.59 -149.37 25.29
C TRP N 62 -49.54 -150.48 24.26
N PHE N 63 -50.51 -151.35 24.23
CA PHE N 63 -50.54 -152.42 23.27
C PHE N 63 -51.93 -152.64 22.81
N PRO N 64 -52.01 -152.94 21.57
CA PRO N 64 -53.24 -153.25 20.84
C PRO N 64 -53.98 -154.46 21.40
N ALA N 65 -53.27 -155.27 22.17
CA ALA N 65 -53.88 -156.45 22.75
C ALA N 65 -53.05 -156.95 23.88
N PRO N 66 -53.73 -157.63 24.76
CA PRO N 66 -53.09 -158.19 25.93
C PRO N 66 -52.03 -159.22 25.54
N GLU N 67 -52.44 -160.09 24.62
CA GLU N 67 -51.59 -161.14 24.10
C GLU N 67 -50.25 -160.59 23.59
N ALA N 68 -50.23 -159.38 23.08
CA ALA N 68 -48.99 -158.80 22.64
C ALA N 68 -48.08 -158.36 23.79
N VAL N 69 -48.42 -158.62 25.02
CA VAL N 69 -47.48 -158.17 26.03
C VAL N 69 -46.31 -159.13 26.21
N PRO N 70 -45.19 -158.58 26.68
CA PRO N 70 -43.93 -159.28 26.86
C PRO N 70 -43.60 -159.58 28.29
N GLU N 71 -43.36 -160.87 28.47
CA GLU N 71 -43.07 -161.44 29.71
C GLU N 71 -42.04 -160.67 30.48
N SER N 72 -41.14 -160.12 29.72
CA SER N 72 -40.10 -159.29 30.26
C SER N 72 -40.70 -158.24 31.14
N TRP N 73 -41.82 -157.72 30.62
CA TRP N 73 -42.54 -156.65 31.25
C TRP N 73 -42.67 -156.87 32.73
N LEU N 74 -42.89 -158.14 33.05
CA LEU N 74 -43.08 -158.58 34.42
C LEU N 74 -41.89 -158.34 35.27
N GLU N 75 -40.77 -158.58 34.63
CA GLU N 75 -39.49 -158.47 35.26
C GLU N 75 -38.90 -157.12 35.10
N CYS N 76 -38.89 -156.70 33.85
CA CYS N 76 -38.23 -155.49 33.56
C CYS N 76 -39.08 -154.50 32.88
N ASP N 77 -38.77 -153.26 33.26
CA ASP N 77 -39.41 -152.11 32.68
C ASP N 77 -39.11 -152.04 31.21
N LEU N 78 -39.93 -151.40 30.44
CA LEU N 78 -39.57 -151.40 29.04
C LEU N 78 -38.71 -150.24 28.65
N PRO N 79 -38.13 -150.42 27.50
CA PRO N 79 -37.26 -149.44 26.93
C PRO N 79 -38.09 -148.35 26.32
N GLU N 80 -39.08 -148.84 25.58
CA GLU N 80 -40.04 -148.01 24.89
C GLU N 80 -41.13 -147.48 25.79
N ALA N 81 -41.00 -147.76 27.07
CA ALA N 81 -41.96 -147.26 28.02
C ALA N 81 -41.83 -145.76 28.13
N ASP N 82 -42.95 -145.10 28.42
CA ASP N 82 -42.96 -143.67 28.60
C ASP N 82 -43.19 -143.35 30.03
N THR N 83 -42.85 -142.15 30.38
CA THR N 83 -43.12 -141.79 31.73
C THR N 83 -44.38 -140.99 31.72
N VAL N 84 -45.33 -141.39 32.58
CA VAL N 84 -46.64 -140.77 32.64
C VAL N 84 -47.09 -140.45 34.05
N VAL N 85 -48.03 -139.54 34.10
CA VAL N 85 -48.61 -139.19 35.36
C VAL N 85 -49.88 -139.95 35.62
N VAL N 86 -49.97 -140.41 36.84
CA VAL N 86 -51.09 -141.14 37.30
C VAL N 86 -51.65 -140.43 38.51
N PRO N 87 -52.99 -140.32 38.57
CA PRO N 87 -53.93 -140.96 37.65
C PRO N 87 -54.17 -140.22 36.38
N SER N 88 -54.69 -140.97 35.40
CA SER N 88 -54.97 -140.38 34.11
C SER N 88 -55.68 -141.30 33.12
N ASN N 89 -56.12 -140.69 32.00
CA ASN N 89 -56.76 -141.46 30.96
C ASN N 89 -55.85 -141.53 29.77
N TRP N 90 -55.51 -142.73 29.46
CA TRP N 90 -54.59 -142.87 28.40
C TRP N 90 -54.97 -142.22 27.08
N GLN N 91 -56.26 -142.17 26.77
CA GLN N 91 -56.67 -141.52 25.54
C GLN N 91 -56.30 -140.06 25.61
N MET N 92 -56.19 -139.56 26.83
CA MET N 92 -55.85 -138.16 26.99
C MET N 92 -54.40 -137.89 26.68
N HIS N 93 -53.65 -138.96 26.46
CA HIS N 93 -52.24 -138.84 26.17
C HIS N 93 -51.93 -139.24 24.76
N GLY N 94 -52.95 -139.36 23.98
CA GLY N 94 -52.80 -139.70 22.60
C GLY N 94 -52.61 -141.18 22.36
N TYR N 95 -52.66 -142.00 23.40
CA TYR N 95 -52.46 -143.40 23.10
C TYR N 95 -53.42 -144.06 22.13
N ASP N 96 -54.68 -143.69 22.25
CA ASP N 96 -55.74 -144.14 21.36
C ASP N 96 -56.83 -143.13 21.51
N ALA N 97 -57.90 -143.37 20.77
CA ALA N 97 -59.02 -142.45 20.77
C ALA N 97 -60.07 -142.68 21.83
N PRO N 98 -60.63 -141.56 22.27
CA PRO N 98 -61.73 -141.59 23.17
C PRO N 98 -62.93 -141.72 22.29
N ILE N 99 -63.91 -142.47 22.74
CA ILE N 99 -65.09 -142.63 21.96
C ILE N 99 -66.32 -142.01 22.59
N TYR N 100 -67.10 -141.46 21.68
CA TYR N 100 -68.33 -140.88 22.07
C TYR N 100 -69.57 -141.42 21.38
N THR N 101 -70.16 -142.43 22.03
CA THR N 101 -71.46 -142.98 21.70
C THR N 101 -72.29 -142.84 22.96
N ASN N 102 -73.60 -142.91 22.77
CA ASN N 102 -74.56 -142.79 23.83
C ASN N 102 -75.21 -144.11 24.21
N VAL N 103 -75.93 -144.66 23.25
CA VAL N 103 -76.63 -145.90 23.49
C VAL N 103 -75.86 -147.08 22.99
N THR N 104 -75.52 -146.98 21.71
CA THR N 104 -74.82 -148.01 21.03
C THR N 104 -73.49 -148.33 21.67
N TYR N 105 -73.29 -149.61 21.91
CA TYR N 105 -72.06 -150.06 22.50
C TYR N 105 -70.90 -149.79 21.57
N PRO N 106 -69.80 -149.39 22.17
CA PRO N 106 -68.59 -149.11 21.45
C PRO N 106 -68.07 -150.39 20.80
N ILE N 107 -68.39 -151.52 21.38
CA ILE N 107 -67.93 -152.74 20.80
C ILE N 107 -69.08 -153.57 20.30
N THR N 108 -68.75 -154.66 19.68
CA THR N 108 -69.78 -155.53 19.17
C THR N 108 -70.50 -156.24 20.27
N VAL N 109 -71.79 -156.35 20.09
CA VAL N 109 -72.57 -156.98 21.11
C VAL N 109 -72.59 -158.49 21.12
N ASN N 110 -71.77 -159.04 21.99
CA ASN N 110 -71.70 -160.47 22.08
C ASN N 110 -71.18 -160.93 23.40
N PRO N 111 -71.94 -160.58 24.37
CA PRO N 111 -71.63 -160.93 25.71
C PRO N 111 -71.47 -162.42 25.78
N PRO N 112 -70.50 -162.79 26.58
CA PRO N 112 -69.73 -161.83 27.34
C PRO N 112 -68.43 -161.54 26.69
N PHE N 113 -68.45 -161.61 25.38
CA PHE N 113 -67.25 -161.40 24.65
C PHE N 113 -66.94 -159.99 24.28
N VAL N 114 -65.68 -159.74 24.48
CA VAL N 114 -65.01 -158.51 24.17
C VAL N 114 -64.20 -158.76 22.86
N PRO N 115 -63.78 -157.72 22.19
CA PRO N 115 -63.03 -157.85 20.95
C PRO N 115 -61.56 -158.17 21.15
N THR N 116 -61.09 -159.09 20.30
CA THR N 116 -59.72 -159.60 20.29
C THR N 116 -58.68 -158.49 20.41
N GLU N 117 -58.96 -157.39 19.73
CA GLU N 117 -58.08 -156.24 19.78
C GLU N 117 -58.55 -155.40 20.92
N ASN N 118 -57.93 -155.61 22.04
CA ASN N 118 -58.36 -154.89 23.15
C ASN N 118 -57.17 -154.22 23.78
N PRO N 119 -57.19 -152.97 23.56
CA PRO N 119 -56.17 -152.06 24.01
C PRO N 119 -55.75 -152.27 25.42
N THR N 120 -54.49 -152.61 25.58
CA THR N 120 -53.94 -152.84 26.87
C THR N 120 -52.97 -151.76 27.33
N GLY N 121 -53.04 -151.39 28.58
CA GLY N 121 -52.16 -150.36 29.09
C GLY N 121 -51.31 -150.92 30.21
N CYS N 122 -50.01 -151.01 29.98
CA CYS N 122 -49.13 -151.54 31.00
C CYS N 122 -48.53 -150.46 31.82
N TYR N 123 -48.98 -150.43 33.04
CA TYR N 123 -48.51 -149.43 33.96
C TYR N 123 -47.55 -150.12 34.90
N SER N 124 -46.54 -149.37 35.32
CA SER N 124 -45.55 -149.95 36.20
C SER N 124 -44.97 -148.94 37.13
N LEU N 125 -44.63 -149.43 38.28
CA LEU N 125 -44.07 -148.52 39.24
C LEU N 125 -43.20 -149.16 40.28
N THR N 126 -42.08 -148.49 40.41
CA THR N 126 -41.05 -148.90 41.31
C THR N 126 -41.00 -147.99 42.51
N PHE N 127 -41.03 -148.60 43.65
CA PHE N 127 -41.04 -147.80 44.84
C PHE N 127 -40.47 -148.57 45.99
N ASN N 128 -40.22 -147.73 46.95
CA ASN N 128 -39.60 -148.10 48.18
C ASN N 128 -40.56 -148.19 49.30
N VAL N 129 -40.30 -149.17 50.14
CA VAL N 129 -41.13 -149.40 51.28
C VAL N 129 -40.35 -149.35 52.55
N ASP N 130 -40.87 -148.61 53.53
CA ASP N 130 -40.18 -148.63 54.81
C ASP N 130 -40.30 -150.07 55.31
N GLU N 131 -39.28 -150.53 55.98
CA GLU N 131 -39.35 -151.88 56.44
C GLU N 131 -40.14 -152.01 57.71
N SER N 132 -40.21 -150.94 58.47
CA SER N 132 -40.96 -151.02 59.68
C SER N 132 -42.34 -151.60 59.36
N TRP N 133 -42.84 -151.17 58.20
CA TRP N 133 -44.11 -151.62 57.70
C TRP N 133 -44.03 -153.09 57.38
N LEU N 134 -42.85 -153.45 56.96
CA LEU N 134 -42.61 -154.80 56.57
C LEU N 134 -42.54 -155.72 57.75
N GLN N 135 -42.25 -155.14 58.90
CA GLN N 135 -42.14 -155.94 60.08
C GLN N 135 -43.47 -156.41 60.56
N GLU N 136 -44.22 -155.47 61.09
CA GLU N 136 -45.53 -155.76 61.61
C GLU N 136 -46.69 -155.20 60.78
N GLY N 137 -47.90 -155.64 61.12
CA GLY N 137 -49.09 -155.16 60.47
C GLY N 137 -49.34 -155.66 59.07
N GLN N 138 -50.27 -154.96 58.42
CA GLN N 138 -50.68 -155.29 57.09
C GLN N 138 -50.65 -154.14 56.13
N THR N 139 -50.16 -154.51 54.98
CA THR N 139 -50.01 -153.56 53.94
C THR N 139 -50.74 -153.93 52.67
N ARG N 140 -51.60 -152.99 52.34
CA ARG N 140 -52.39 -153.16 51.17
C ARG N 140 -52.40 -151.94 50.28
N ILE N 141 -52.69 -152.30 49.06
CA ILE N 141 -52.78 -151.33 48.04
C ILE N 141 -54.22 -151.06 47.64
N ILE N 142 -54.44 -149.83 47.23
CA ILE N 142 -55.75 -149.42 46.83
C ILE N 142 -55.88 -148.59 45.58
N PHE N 143 -56.65 -149.17 44.68
CA PHE N 143 -56.97 -148.51 43.43
C PHE N 143 -58.34 -147.89 43.48
N ASP N 144 -58.37 -146.57 43.56
CA ASP N 144 -59.64 -145.91 43.60
C ASP N 144 -60.44 -146.01 42.35
N GLY N 145 -59.79 -146.26 41.23
CA GLY N 145 -60.48 -146.38 39.97
C GLY N 145 -59.60 -146.72 38.78
N VAL N 146 -59.96 -147.85 38.16
CA VAL N 146 -59.30 -148.44 37.00
C VAL N 146 -60.32 -148.93 35.98
N ASN N 147 -60.27 -148.38 34.82
CA ASN N 147 -61.25 -148.72 33.82
C ASN N 147 -60.61 -149.41 32.63
N SER N 148 -61.15 -150.59 32.25
CA SER N 148 -62.31 -151.19 32.88
C SER N 148 -62.00 -152.36 33.77
N ALA N 149 -61.02 -153.17 33.38
CA ALA N 149 -60.59 -154.35 34.13
C ALA N 149 -59.08 -154.41 34.25
N PHE N 150 -58.57 -155.25 35.15
CA PHE N 150 -57.12 -155.36 35.24
C PHE N 150 -56.59 -156.41 36.17
N HIS N 151 -55.34 -156.82 35.82
CA HIS N 151 -54.52 -157.81 36.49
C HIS N 151 -53.39 -157.15 37.24
N LEU N 152 -52.96 -157.77 38.28
CA LEU N 152 -51.94 -157.10 39.02
C LEU N 152 -50.79 -157.98 39.52
N TRP N 153 -49.58 -157.40 39.41
CA TRP N 153 -48.37 -158.04 39.86
C TRP N 153 -47.51 -157.18 40.73
N CYS N 154 -46.87 -157.85 41.65
CA CYS N 154 -46.01 -157.18 42.56
C CYS N 154 -44.75 -157.97 42.75
N ASN N 155 -43.66 -157.26 42.43
CA ASN N 155 -42.33 -157.82 42.49
C ASN N 155 -42.34 -159.13 41.68
N GLY N 156 -42.94 -159.08 40.49
CA GLY N 156 -42.96 -160.24 39.61
C GLY N 156 -44.02 -161.26 39.90
N ARG N 157 -44.65 -161.07 41.06
CA ARG N 157 -45.67 -162.00 41.43
C ARG N 157 -47.10 -161.57 41.13
N TRP N 158 -47.86 -162.53 40.58
CA TRP N 158 -49.25 -162.29 40.25
C TRP N 158 -50.08 -162.09 41.50
N VAL N 159 -50.91 -161.07 41.51
CA VAL N 159 -51.66 -160.81 42.73
C VAL N 159 -53.15 -160.95 42.66
N GLY N 160 -53.76 -160.27 41.73
CA GLY N 160 -55.19 -160.35 41.65
C GLY N 160 -55.72 -159.72 40.39
N TYR N 161 -57.04 -159.69 40.38
CA TYR N 161 -57.80 -159.17 39.27
C TYR N 161 -58.98 -158.43 39.80
N GLY N 162 -59.51 -157.50 38.99
CA GLY N 162 -60.65 -156.68 39.39
C GLY N 162 -61.51 -156.11 38.24
N GLN N 163 -62.83 -155.95 38.51
CA GLN N 163 -63.78 -155.37 37.56
C GLN N 163 -64.54 -154.22 38.26
N ASP N 164 -65.27 -153.41 37.48
CA ASP N 164 -66.02 -152.26 37.96
C ASP N 164 -65.17 -151.02 38.06
N SER N 165 -65.21 -150.28 36.97
CA SER N 165 -64.40 -149.08 36.91
C SER N 165 -64.69 -148.04 37.94
N ARG N 166 -65.83 -148.07 38.63
CA ARG N 166 -66.07 -146.97 39.53
C ARG N 166 -65.88 -147.15 41.00
N LEU N 167 -65.53 -148.35 41.43
CA LEU N 167 -65.27 -148.54 42.84
C LEU N 167 -63.84 -149.02 43.08
N PRO N 168 -63.39 -148.84 44.30
CA PRO N 168 -62.07 -149.20 44.74
C PRO N 168 -61.81 -150.68 44.70
N SER N 169 -60.52 -150.99 44.53
CA SER N 169 -60.04 -152.34 44.54
C SER N 169 -58.90 -152.44 45.52
N GLU N 170 -59.02 -153.38 46.43
CA GLU N 170 -57.98 -153.51 47.40
C GLU N 170 -57.36 -154.86 47.45
N PHE N 171 -56.04 -154.78 47.65
CA PHE N 171 -55.24 -155.95 47.82
C PHE N 171 -54.16 -155.80 48.88
N ASP N 172 -53.99 -156.95 49.53
CA ASP N 172 -53.00 -157.19 50.56
C ASP N 172 -51.71 -157.55 49.90
N LEU N 173 -50.74 -156.67 50.10
CA LEU N 173 -49.44 -156.84 49.49
C LEU N 173 -48.41 -157.49 50.39
N SER N 174 -48.79 -157.46 51.67
CA SER N 174 -48.05 -157.96 52.79
C SER N 174 -47.07 -159.09 52.45
N ALA N 175 -47.53 -160.04 51.67
CA ALA N 175 -46.66 -161.14 51.31
C ALA N 175 -45.79 -160.92 50.10
N PHE N 176 -45.85 -159.76 49.43
CA PHE N 176 -45.03 -159.64 48.25
C PHE N 176 -44.02 -158.54 48.36
N LEU N 177 -44.08 -157.90 49.47
CA LEU N 177 -43.16 -156.83 49.62
C LEU N 177 -41.83 -157.22 50.17
N ARG N 178 -40.82 -156.55 49.60
CA ARG N 178 -39.44 -156.67 50.00
C ARG N 178 -39.09 -155.34 50.58
N ALA N 179 -38.08 -155.31 51.43
CA ALA N 179 -37.71 -154.01 51.91
C ALA N 179 -37.00 -153.28 50.78
N GLY N 180 -37.17 -151.98 50.82
CA GLY N 180 -36.59 -151.15 49.80
C GLY N 180 -37.41 -151.14 48.52
N GLU N 181 -36.74 -151.51 47.46
CA GLU N 181 -37.32 -151.45 46.15
C GLU N 181 -38.29 -152.52 45.75
N ASN N 182 -39.47 -152.04 45.34
CA ASN N 182 -40.49 -152.91 44.82
C ASN N 182 -41.02 -152.36 43.54
N ARG N 183 -41.58 -153.29 42.78
CA ARG N 183 -42.14 -152.95 41.51
C ARG N 183 -43.53 -153.53 41.28
N LEU N 184 -44.43 -152.62 40.86
CA LEU N 184 -45.79 -152.94 40.52
C LEU N 184 -46.00 -153.03 39.03
N ALA N 185 -46.75 -154.04 38.62
CA ALA N 185 -47.08 -154.15 37.22
C ALA N 185 -48.55 -154.43 37.04
N VAL N 186 -49.20 -153.39 36.54
CA VAL N 186 -50.60 -153.37 36.31
C VAL N 186 -50.98 -153.38 34.88
N MET N 187 -51.65 -154.43 34.51
CA MET N 187 -52.10 -154.50 33.18
C MET N 187 -53.58 -154.19 33.15
N VAL N 188 -53.92 -153.09 32.49
CA VAL N 188 -55.28 -152.58 32.39
C VAL N 188 -55.95 -152.82 31.04
N LEU N 189 -57.23 -153.19 31.02
CA LEU N 189 -57.87 -153.42 29.72
C LEU N 189 -59.09 -152.57 29.41
N ARG N 190 -59.18 -152.17 28.15
CA ARG N 190 -60.30 -151.36 27.72
C ARG N 190 -61.58 -152.14 27.88
N TRP N 191 -61.74 -153.17 27.08
CA TRP N 191 -62.93 -153.94 27.19
C TRP N 191 -62.83 -155.10 28.15
N SER N 192 -63.95 -155.47 28.75
CA SER N 192 -64.09 -156.59 29.67
C SER N 192 -65.55 -156.93 29.75
N ASP N 193 -65.91 -158.00 30.42
CA ASP N 193 -67.33 -158.28 30.51
C ASP N 193 -68.03 -157.11 31.21
N GLY N 194 -67.31 -156.45 32.15
CA GLY N 194 -67.80 -155.28 32.91
C GLY N 194 -68.33 -154.18 32.00
N SER N 195 -67.74 -154.11 30.84
CA SER N 195 -68.13 -153.14 29.88
C SER N 195 -69.60 -153.30 29.55
N TYR N 196 -70.05 -154.54 29.45
CA TYR N 196 -71.44 -154.70 29.15
C TYR N 196 -72.34 -153.98 30.17
N LEU N 197 -71.85 -153.73 31.37
CA LEU N 197 -72.60 -153.06 32.39
C LEU N 197 -72.23 -151.64 32.53
N GLU N 198 -71.49 -151.14 31.56
CA GLU N 198 -71.10 -149.75 31.70
C GLU N 198 -71.37 -148.94 30.46
N ASP N 199 -72.60 -149.01 29.95
CA ASP N 199 -72.93 -148.32 28.74
C ASP N 199 -73.39 -146.88 28.88
N GLN N 200 -72.90 -146.18 29.88
CA GLN N 200 -73.30 -144.77 30.05
C GLN N 200 -73.04 -143.88 28.86
N ASP N 201 -73.98 -142.96 28.55
CA ASP N 201 -73.78 -142.01 27.47
C ASP N 201 -72.77 -140.95 27.91
N MET N 202 -71.52 -141.29 27.67
CA MET N 202 -70.38 -140.47 28.01
C MET N 202 -69.22 -140.89 27.13
N TRP N 203 -68.09 -140.21 27.30
CA TRP N 203 -66.93 -140.55 26.54
C TRP N 203 -66.42 -141.87 27.08
N ARG N 204 -66.04 -142.74 26.16
CA ARG N 204 -65.49 -144.01 26.56
C ARG N 204 -63.97 -143.89 26.61
N MET N 205 -63.44 -143.96 27.79
CA MET N 205 -62.02 -143.85 28.00
C MET N 205 -61.48 -145.03 28.78
N SER N 206 -60.26 -144.91 29.34
CA SER N 206 -59.62 -145.98 30.11
C SER N 206 -58.35 -145.60 30.80
N GLY N 207 -57.97 -146.44 31.75
CA GLY N 207 -56.76 -146.23 32.51
C GLY N 207 -56.93 -146.18 34.01
N ILE N 208 -55.90 -145.70 34.67
CA ILE N 208 -55.92 -145.56 36.11
C ILE N 208 -56.20 -144.13 36.38
N PHE N 209 -57.49 -143.87 36.44
CA PHE N 209 -57.98 -142.54 36.54
C PHE N 209 -58.31 -142.06 37.91
N ARG N 210 -58.07 -142.91 38.88
CA ARG N 210 -58.31 -142.47 40.24
C ARG N 210 -57.09 -142.82 41.07
N ASP N 211 -56.99 -142.18 42.20
CA ASP N 211 -55.90 -142.38 43.13
C ASP N 211 -55.49 -143.81 43.40
N VAL N 212 -54.19 -143.91 43.76
CA VAL N 212 -53.52 -145.13 44.15
C VAL N 212 -52.81 -144.93 45.46
N SER N 213 -53.01 -145.89 46.37
CA SER N 213 -52.44 -145.72 47.68
C SER N 213 -52.07 -146.99 48.40
N LEU N 214 -51.40 -146.70 49.51
CA LEU N 214 -50.95 -147.75 50.37
C LEU N 214 -51.42 -147.50 51.75
N LEU N 215 -51.90 -148.60 52.28
CA LEU N 215 -52.37 -148.52 53.61
C LEU N 215 -51.78 -149.56 54.51
N HIS N 216 -51.30 -149.02 55.63
CA HIS N 216 -50.68 -149.81 56.64
C HIS N 216 -51.59 -149.97 57.81
N LYS N 217 -52.00 -151.21 58.03
CA LYS N 217 -52.88 -151.46 59.12
C LYS N 217 -52.35 -152.54 60.04
N PRO N 218 -52.69 -152.41 61.32
CA PRO N 218 -52.34 -153.37 62.35
C PRO N 218 -52.94 -154.71 62.02
N THR N 219 -52.36 -155.77 62.51
CA THR N 219 -52.87 -157.11 62.24
C THR N 219 -54.24 -157.33 62.83
N THR N 220 -54.39 -156.73 63.98
CA THR N 220 -55.63 -156.74 64.67
C THR N 220 -56.18 -155.34 64.49
N GLN N 221 -57.22 -155.22 63.68
CA GLN N 221 -57.73 -153.90 63.35
C GLN N 221 -59.24 -153.83 63.18
N ILE N 222 -59.66 -152.58 63.03
CA ILE N 222 -61.01 -152.23 62.73
C ILE N 222 -61.28 -152.59 61.29
N SER N 223 -62.19 -153.51 61.07
CA SER N 223 -62.45 -153.93 59.73
C SER N 223 -63.60 -153.19 59.06
N ASP N 224 -64.48 -152.61 59.88
CA ASP N 224 -65.64 -151.93 59.34
C ASP N 224 -66.47 -151.31 60.44
N PHE N 225 -67.21 -150.26 60.08
CA PHE N 225 -68.08 -149.64 61.04
C PHE N 225 -69.22 -148.89 60.39
N HIS N 226 -70.36 -148.82 61.08
CA HIS N 226 -71.53 -148.10 60.61
C HIS N 226 -72.10 -147.24 61.67
N VAL N 227 -72.66 -146.18 61.19
CA VAL N 227 -73.28 -145.21 62.03
C VAL N 227 -74.73 -145.04 61.70
N ALA N 228 -75.53 -144.76 62.74
CA ALA N 228 -76.95 -144.54 62.56
C ALA N 228 -77.53 -143.62 63.60
N THR N 229 -78.47 -142.79 63.16
CA THR N 229 -79.12 -141.87 64.07
C THR N 229 -80.60 -142.10 64.20
N ARG N 230 -81.07 -142.02 65.41
CA ARG N 230 -82.48 -142.20 65.63
C ARG N 230 -83.02 -141.04 66.41
N PHE N 231 -84.26 -140.64 66.18
CA PHE N 231 -84.77 -139.49 66.93
C PHE N 231 -86.08 -139.68 67.63
N ASN N 232 -86.40 -138.72 68.48
CA ASN N 232 -87.67 -138.72 69.13
C ASN N 232 -88.58 -137.94 68.20
N ASP N 233 -89.87 -138.07 68.40
CA ASP N 233 -90.84 -137.41 67.55
C ASP N 233 -90.52 -135.96 67.23
N ASP N 234 -89.76 -135.25 68.05
CA ASP N 234 -89.55 -133.87 67.70
C ASP N 234 -88.10 -133.55 67.43
N PHE N 235 -87.27 -134.58 67.38
CA PHE N 235 -85.89 -134.35 67.13
C PHE N 235 -85.24 -133.62 68.27
N SER N 236 -85.81 -133.73 69.44
CA SER N 236 -85.16 -133.05 70.53
C SER N 236 -84.08 -133.94 71.14
N ARG N 237 -84.11 -135.21 70.75
CA ARG N 237 -83.14 -136.18 71.23
C ARG N 237 -82.86 -137.27 70.22
N ALA N 238 -81.59 -137.60 70.13
CA ALA N 238 -81.16 -138.61 69.20
C ALA N 238 -80.33 -139.71 69.82
N VAL N 239 -80.18 -140.73 69.02
CA VAL N 239 -79.34 -141.78 69.42
C VAL N 239 -78.37 -142.12 68.35
N LEU N 240 -77.12 -141.97 68.69
CA LEU N 240 -76.13 -142.36 67.76
C LEU N 240 -75.80 -143.81 68.01
N GLU N 241 -75.92 -144.59 66.98
CA GLU N 241 -75.64 -145.96 67.19
C GLU N 241 -74.59 -146.44 66.22
N ALA N 242 -73.50 -146.97 66.78
CA ALA N 242 -72.37 -147.41 65.98
C ALA N 242 -72.03 -148.87 66.13
N GLU N 243 -71.81 -149.47 64.98
CA GLU N 243 -71.46 -150.85 65.02
C GLU N 243 -70.10 -150.98 64.44
N VAL N 244 -69.30 -151.72 65.19
CA VAL N 244 -67.94 -151.90 64.81
C VAL N 244 -67.53 -153.33 64.68
N GLN N 245 -66.78 -153.56 63.63
CA GLN N 245 -66.27 -154.88 63.41
C GLN N 245 -64.77 -154.86 63.35
N MET N 246 -64.20 -155.93 63.87
CA MET N 246 -62.77 -156.08 63.89
C MET N 246 -62.31 -157.33 63.17
N CYS N 247 -61.06 -157.25 62.78
CA CYS N 247 -60.39 -158.33 62.13
C CYS N 247 -59.16 -158.58 62.94
N GLY N 248 -58.77 -159.83 63.06
CA GLY N 248 -57.57 -160.12 63.81
C GLY N 248 -57.67 -161.13 64.94
N GLU N 249 -56.82 -160.91 65.92
CA GLU N 249 -56.73 -161.77 67.05
C GLU N 249 -57.63 -161.33 68.17
N LEU N 250 -58.66 -162.09 68.37
CA LEU N 250 -59.57 -161.71 69.41
C LEU N 250 -59.02 -161.97 70.79
N ARG N 251 -59.09 -160.95 71.63
CA ARG N 251 -58.59 -161.00 72.98
C ARG N 251 -59.46 -160.18 73.90
N ASP N 252 -59.66 -160.70 75.06
CA ASP N 252 -60.49 -160.05 76.05
C ASP N 252 -60.01 -158.69 76.55
N TYR N 253 -58.84 -158.23 76.19
CA TYR N 253 -58.48 -156.94 76.74
C TYR N 253 -58.75 -155.85 75.74
N LEU N 254 -59.35 -156.27 74.64
CA LEU N 254 -59.69 -155.33 73.60
C LEU N 254 -60.88 -154.54 73.94
N ARG N 255 -60.81 -153.30 73.55
CA ARG N 255 -61.88 -152.38 73.76
C ARG N 255 -62.11 -151.46 72.59
N VAL N 256 -63.28 -150.84 72.64
CA VAL N 256 -63.65 -149.90 71.62
C VAL N 256 -64.26 -148.70 72.24
N THR N 257 -63.83 -147.58 71.72
CA THR N 257 -64.36 -146.36 72.21
C THR N 257 -64.78 -145.47 71.09
N VAL N 258 -65.97 -144.95 71.29
CA VAL N 258 -66.55 -144.11 70.32
C VAL N 258 -66.91 -142.84 70.98
N SER N 259 -66.40 -141.80 70.38
CA SER N 259 -66.58 -140.48 70.91
C SER N 259 -67.12 -139.54 69.86
N LEU N 260 -67.98 -138.72 70.37
CA LEU N 260 -68.60 -137.77 69.55
C LEU N 260 -68.14 -136.40 69.88
N TRP N 261 -67.82 -135.70 68.83
CA TRP N 261 -67.35 -134.39 68.98
C TRP N 261 -68.05 -133.34 68.19
N GLN N 262 -68.13 -132.22 68.86
CA GLN N 262 -68.71 -131.02 68.33
C GLN N 262 -67.59 -130.01 68.26
N GLY N 263 -66.81 -130.18 67.22
CA GLY N 263 -65.69 -129.33 67.08
C GLY N 263 -64.72 -129.62 68.20
N GLU N 264 -64.64 -128.67 69.11
CA GLU N 264 -63.72 -128.78 70.20
C GLU N 264 -64.25 -129.60 71.33
N THR N 265 -65.54 -129.60 71.42
CA THR N 265 -66.17 -130.30 72.48
C THR N 265 -66.52 -131.74 72.25
N GLN N 266 -66.28 -132.47 73.30
CA GLN N 266 -66.63 -133.83 73.25
C GLN N 266 -68.01 -133.95 73.83
N VAL N 267 -68.90 -134.44 73.01
CA VAL N 267 -70.30 -134.54 73.33
C VAL N 267 -70.73 -135.83 73.94
N ALA N 268 -70.04 -136.90 73.55
CA ALA N 268 -70.37 -138.18 74.08
C ALA N 268 -69.34 -139.20 73.74
N SER N 269 -69.27 -140.13 74.68
CA SER N 269 -68.34 -141.19 74.53
C SER N 269 -68.92 -142.47 75.04
N GLY N 270 -68.35 -143.56 74.57
CA GLY N 270 -68.77 -144.85 74.99
C GLY N 270 -67.65 -145.84 74.77
N THR N 271 -67.56 -146.75 75.72
CA THR N 271 -66.52 -147.74 75.61
C THR N 271 -67.04 -149.12 75.88
N ALA N 272 -66.48 -150.08 75.16
CA ALA N 272 -66.90 -151.45 75.39
C ALA N 272 -66.00 -152.45 74.71
N PRO N 273 -66.24 -153.66 75.11
CA PRO N 273 -65.52 -154.82 74.65
C PRO N 273 -66.33 -155.52 73.61
N PHE N 274 -65.65 -156.29 72.78
CA PHE N 274 -66.33 -156.99 71.71
C PHE N 274 -67.35 -157.98 72.19
N GLY N 275 -68.21 -158.37 71.28
CA GLY N 275 -69.25 -159.31 71.60
C GLY N 275 -70.60 -158.64 71.57
N GLY N 276 -71.44 -159.14 70.64
CA GLY N 276 -72.79 -158.64 70.39
C GLY N 276 -73.90 -159.40 71.12
N GLU N 277 -75.14 -158.97 70.86
CA GLU N 277 -76.28 -159.60 71.47
C GLU N 277 -76.59 -160.82 70.65
N ILE N 278 -77.32 -161.74 71.25
CA ILE N 278 -77.67 -162.96 70.57
C ILE N 278 -78.47 -162.64 69.37
N ILE N 279 -78.19 -163.33 68.29
CA ILE N 279 -78.96 -163.03 67.12
C ILE N 279 -79.71 -164.23 66.68
N ASP N 280 -79.21 -165.41 66.98
CA ASP N 280 -79.95 -166.54 66.54
C ASP N 280 -79.63 -167.72 67.40
N GLU N 281 -80.04 -168.88 66.95
CA GLU N 281 -79.78 -170.05 67.75
C GLU N 281 -78.32 -170.32 68.09
N ARG N 282 -77.37 -169.83 67.25
CA ARG N 282 -75.95 -170.05 67.51
C ARG N 282 -75.28 -169.00 68.34
N GLY N 283 -75.94 -167.89 68.61
CA GLY N 283 -75.34 -166.85 69.42
C GLY N 283 -75.31 -165.53 68.68
N GLY N 284 -74.20 -164.79 68.92
CA GLY N 284 -73.95 -163.50 68.29
C GLY N 284 -72.58 -163.37 67.62
N TYR N 285 -72.18 -162.12 67.37
CA TYR N 285 -70.90 -161.78 66.79
C TYR N 285 -69.94 -161.43 67.89
N ALA N 286 -68.96 -162.28 68.06
CA ALA N 286 -67.95 -162.11 69.05
C ALA N 286 -67.02 -160.98 68.68
N ASP N 287 -66.90 -160.82 67.38
CA ASP N 287 -66.05 -159.85 66.77
C ASP N 287 -66.79 -158.61 66.37
N ARG N 288 -67.86 -158.27 67.06
CA ARG N 288 -68.51 -157.02 66.72
C ARG N 288 -68.94 -156.40 67.99
N VAL N 289 -69.29 -155.16 67.88
CA VAL N 289 -69.78 -154.46 69.05
C VAL N 289 -70.58 -153.24 68.62
N THR N 290 -71.60 -152.92 69.39
CA THR N 290 -72.43 -151.79 69.02
C THR N 290 -72.60 -150.80 70.12
N LEU N 291 -72.32 -149.54 69.86
CA LEU N 291 -72.51 -148.60 70.92
C LEU N 291 -73.63 -147.67 70.62
N ARG N 292 -74.22 -147.20 71.69
CA ARG N 292 -75.32 -146.29 71.54
C ARG N 292 -75.09 -145.03 72.31
N LEU N 293 -74.95 -143.92 71.61
CA LEU N 293 -74.74 -142.67 72.30
C LEU N 293 -75.97 -141.83 72.27
N ASN N 294 -76.27 -141.25 73.41
CA ASN N 294 -77.42 -140.41 73.46
C ASN N 294 -77.02 -138.98 73.26
N VAL N 295 -77.84 -138.24 72.51
CA VAL N 295 -77.56 -136.87 72.29
C VAL N 295 -78.75 -135.97 72.46
N GLU N 296 -78.62 -135.01 73.35
CA GLU N 296 -79.70 -134.09 73.56
C GLU N 296 -79.59 -132.93 72.63
N ASN N 297 -80.73 -132.48 72.15
CA ASN N 297 -80.79 -131.34 71.25
C ASN N 297 -79.70 -131.31 70.22
N PRO N 298 -79.60 -132.40 69.50
CA PRO N 298 -78.61 -132.49 68.47
C PRO N 298 -78.86 -131.41 67.44
N LYS N 299 -77.80 -131.09 66.74
CA LYS N 299 -77.85 -130.13 65.67
C LYS N 299 -78.01 -130.89 64.40
N LEU N 300 -79.09 -130.58 63.70
CA LEU N 300 -79.38 -131.32 62.52
C LEU N 300 -78.65 -130.93 61.28
N TRP N 301 -78.41 -131.92 60.48
CA TRP N 301 -77.74 -131.65 59.25
C TRP N 301 -78.75 -131.45 58.13
N SER N 302 -78.44 -130.58 57.17
CA SER N 302 -79.35 -130.38 56.05
C SER N 302 -78.63 -129.63 54.95
N ALA N 303 -79.18 -129.64 53.75
CA ALA N 303 -78.47 -128.89 52.72
C ALA N 303 -78.50 -127.44 53.11
N GLU N 304 -79.53 -127.05 53.83
CA GLU N 304 -79.66 -125.69 54.32
C GLU N 304 -78.57 -125.38 55.35
N ILE N 305 -78.28 -126.31 56.24
CA ILE N 305 -77.27 -126.11 57.27
C ILE N 305 -76.66 -127.42 57.60
N PRO N 306 -75.54 -127.62 57.01
CA PRO N 306 -74.83 -128.85 57.15
C PRO N 306 -74.16 -128.99 58.50
N ASN N 307 -74.92 -128.99 59.55
CA ASN N 307 -74.25 -129.18 60.81
C ASN N 307 -73.61 -130.53 60.87
N LEU N 308 -72.34 -130.56 61.23
CA LEU N 308 -71.63 -131.83 61.37
C LEU N 308 -71.05 -132.13 62.74
N TYR N 309 -70.79 -133.40 62.97
CA TYR N 309 -70.15 -133.84 64.18
C TYR N 309 -69.04 -134.76 63.78
N ARG N 310 -68.10 -134.98 64.69
CA ARG N 310 -67.03 -135.88 64.37
C ARG N 310 -67.04 -137.09 65.26
N ALA N 311 -66.84 -138.23 64.62
CA ALA N 311 -66.87 -139.44 65.38
C ALA N 311 -65.58 -140.18 65.30
N VAL N 312 -65.18 -140.63 66.50
CA VAL N 312 -63.96 -141.39 66.63
C VAL N 312 -64.09 -142.74 67.25
N VAL N 313 -63.53 -143.64 66.46
CA VAL N 313 -63.50 -145.02 66.76
C VAL N 313 -62.10 -145.46 67.08
N GLU N 314 -61.91 -145.72 68.36
CA GLU N 314 -60.63 -146.15 68.83
C GLU N 314 -60.67 -147.54 69.36
N LEU N 315 -59.79 -148.31 68.74
CA LEU N 315 -59.56 -149.68 69.03
C LEU N 315 -58.36 -149.75 69.95
N HIS N 316 -58.59 -150.13 71.17
CA HIS N 316 -57.49 -150.17 72.07
C HIS N 316 -57.61 -151.28 73.10
N THR N 317 -56.62 -151.36 73.95
CA THR N 317 -56.61 -152.35 74.99
C THR N 317 -57.17 -151.77 76.23
N ALA N 318 -57.46 -152.65 77.16
CA ALA N 318 -58.01 -152.24 78.43
C ALA N 318 -57.12 -151.29 79.18
N ASP N 319 -55.80 -151.55 79.10
CA ASP N 319 -54.82 -150.71 79.79
C ASP N 319 -54.91 -149.29 79.30
N GLY N 320 -55.29 -149.14 78.05
CA GLY N 320 -55.42 -147.80 77.50
C GLY N 320 -54.55 -147.61 76.29
N THR N 321 -53.89 -148.66 75.91
CA THR N 321 -53.06 -148.55 74.77
C THR N 321 -53.84 -148.59 73.48
N LEU N 322 -53.65 -147.58 72.65
CA LEU N 322 -54.37 -147.54 71.42
C LEU N 322 -53.79 -148.38 70.31
N ILE N 323 -54.61 -149.19 69.67
CA ILE N 323 -54.13 -149.98 68.56
C ILE N 323 -54.23 -149.15 67.27
N GLU N 324 -55.34 -148.46 67.12
CA GLU N 324 -55.57 -147.64 65.94
C GLU N 324 -56.86 -146.90 66.05
N ALA N 325 -57.04 -145.98 65.12
CA ALA N 325 -58.25 -145.18 65.12
C ALA N 325 -58.78 -144.87 63.74
N GLU N 326 -60.09 -144.71 63.72
CA GLU N 326 -60.78 -144.37 62.53
C GLU N 326 -61.80 -143.35 62.88
N ALA N 327 -62.18 -142.60 61.85
CA ALA N 327 -63.15 -141.58 62.15
C ALA N 327 -63.99 -141.23 60.96
N CYS N 328 -64.98 -140.36 61.23
CA CYS N 328 -65.85 -139.87 60.20
C CYS N 328 -66.71 -138.74 60.67
N ASP N 329 -67.18 -137.99 59.67
CA ASP N 329 -68.05 -136.90 60.01
C ASP N 329 -69.46 -137.40 60.13
N VAL N 330 -70.19 -136.85 61.07
CA VAL N 330 -71.51 -137.32 61.26
C VAL N 330 -72.53 -136.23 61.19
N GLY N 331 -73.64 -136.57 60.54
CA GLY N 331 -74.73 -135.64 60.37
C GLY N 331 -76.04 -136.24 60.87
N PHE N 332 -76.70 -135.50 61.73
CA PHE N 332 -77.96 -135.96 62.25
C PHE N 332 -79.11 -135.57 61.37
N ARG N 333 -79.70 -136.57 60.74
CA ARG N 333 -80.83 -136.32 59.87
C ARG N 333 -81.57 -137.58 59.64
N GLU N 334 -82.85 -137.39 59.39
CA GLU N 334 -83.74 -138.47 59.12
C GLU N 334 -84.46 -138.30 57.81
N VAL N 335 -84.35 -139.34 57.01
CA VAL N 335 -84.96 -139.36 55.70
C VAL N 335 -86.05 -140.36 55.67
N ARG N 336 -87.26 -139.91 55.35
CA ARG N 336 -88.31 -140.86 55.27
C ARG N 336 -89.46 -140.52 54.38
N ILE N 337 -90.05 -141.58 53.88
CA ILE N 337 -91.20 -141.40 53.03
C ILE N 337 -92.43 -141.70 53.82
N GLU N 338 -93.25 -140.70 53.93
CA GLU N 338 -94.43 -140.93 54.67
C GLU N 338 -95.65 -140.36 54.03
N ASN N 339 -96.62 -141.22 53.91
CA ASN N 339 -97.85 -140.81 53.34
C ASN N 339 -97.71 -140.13 51.99
N GLY N 340 -96.88 -140.70 51.14
CA GLY N 340 -96.68 -140.17 49.80
C GLY N 340 -95.62 -139.10 49.79
N LEU N 341 -95.06 -138.79 50.95
CA LEU N 341 -94.07 -137.74 50.88
C LEU N 341 -92.71 -138.07 51.36
N LEU N 342 -91.78 -137.49 50.66
CA LEU N 342 -90.42 -137.66 51.05
C LEU N 342 -90.08 -136.57 52.02
N LEU N 343 -89.70 -137.03 53.20
CA LEU N 343 -89.38 -136.13 54.25
C LEU N 343 -88.00 -136.16 54.73
N LEU N 344 -87.60 -134.97 55.08
CA LEU N 344 -86.33 -134.79 55.66
C LEU N 344 -86.44 -134.07 56.97
N ASN N 345 -86.02 -134.76 57.98
CA ASN N 345 -86.10 -134.22 59.30
C ASN N 345 -87.47 -133.72 59.55
N GLY N 346 -88.45 -134.45 59.09
CA GLY N 346 -89.79 -134.00 59.36
C GLY N 346 -90.42 -133.21 58.24
N LYS N 347 -89.64 -132.51 57.47
CA LYS N 347 -90.26 -131.76 56.42
C LYS N 347 -90.07 -132.42 55.09
N PRO N 348 -90.91 -131.97 54.21
CA PRO N 348 -91.03 -132.43 52.86
C PRO N 348 -90.15 -131.64 51.98
N LEU N 349 -89.30 -132.35 51.32
CA LEU N 349 -88.36 -131.72 50.48
C LEU N 349 -88.88 -131.27 49.15
N LEU N 350 -88.09 -130.38 48.57
CA LEU N 350 -88.29 -129.89 47.25
C LEU N 350 -86.93 -129.88 46.57
N ILE N 351 -86.69 -130.92 45.82
CA ILE N 351 -85.43 -131.11 45.18
C ILE N 351 -85.17 -130.19 44.02
N ARG N 352 -84.14 -129.37 44.19
CA ARG N 352 -83.68 -128.52 43.13
C ARG N 352 -82.39 -129.17 42.66
N GLY N 353 -82.54 -130.25 41.89
CA GLY N 353 -81.39 -131.03 41.52
C GLY N 353 -80.88 -130.97 40.12
N VAL N 354 -79.73 -131.61 39.98
CA VAL N 354 -79.06 -131.72 38.71
C VAL N 354 -78.23 -132.98 38.67
N ASN N 355 -78.09 -133.50 37.47
CA ASN N 355 -77.30 -134.69 37.23
C ASN N 355 -75.93 -134.19 36.88
N ARG N 356 -74.91 -134.92 37.30
CA ARG N 356 -73.56 -134.49 37.03
C ARG N 356 -72.57 -135.61 36.79
N HIS N 357 -71.88 -135.50 35.68
CA HIS N 357 -70.85 -136.47 35.40
C HIS N 357 -69.50 -136.00 35.89
N GLU N 358 -68.56 -136.93 35.99
CA GLU N 358 -67.20 -136.58 36.41
C GLU N 358 -66.42 -136.32 35.12
N HIS N 359 -66.33 -135.04 34.71
CA HIS N 359 -65.70 -134.68 33.44
C HIS N 359 -64.94 -133.38 33.43
N HIS N 360 -63.74 -133.48 32.85
CA HIS N 360 -62.78 -132.43 32.71
C HIS N 360 -62.32 -132.36 31.29
N PRO N 361 -62.49 -131.18 30.70
CA PRO N 361 -62.15 -130.86 29.31
C PRO N 361 -60.71 -131.23 28.97
N LEU N 362 -59.84 -131.18 30.00
CA LEU N 362 -58.42 -131.50 29.91
C LEU N 362 -58.07 -132.84 30.47
N HIS N 363 -58.54 -133.13 31.66
CA HIS N 363 -58.20 -134.39 32.26
C HIS N 363 -59.03 -135.56 31.89
N GLY N 364 -60.11 -135.35 31.17
CA GLY N 364 -60.98 -136.45 30.81
C GLY N 364 -61.81 -136.80 32.04
N GLN N 365 -61.77 -138.07 32.45
CA GLN N 365 -62.53 -138.45 33.61
C GLN N 365 -61.82 -138.34 34.93
N VAL N 366 -60.74 -137.59 34.97
CA VAL N 366 -60.01 -137.47 36.21
C VAL N 366 -60.41 -136.28 37.06
N MET N 367 -60.76 -136.54 38.30
CA MET N 367 -61.22 -135.44 39.17
C MET N 367 -60.28 -134.89 40.20
N ASP N 368 -60.53 -133.67 40.65
CA ASP N 368 -59.72 -133.07 41.68
C ASP N 368 -60.46 -132.08 42.52
N GLU N 369 -59.97 -131.97 43.73
CA GLU N 369 -60.56 -131.06 44.70
C GLU N 369 -61.06 -129.78 44.08
N GLN N 370 -60.14 -129.09 43.49
CA GLN N 370 -60.44 -127.83 42.90
C GLN N 370 -61.73 -127.78 42.11
N THR N 371 -61.78 -128.65 41.11
CA THR N 371 -62.93 -128.74 40.25
C THR N 371 -64.21 -128.97 41.05
N MET N 372 -64.18 -130.07 41.81
CA MET N 372 -65.27 -130.42 42.65
C MET N 372 -65.78 -129.20 43.36
N VAL N 373 -64.90 -128.56 44.07
CA VAL N 373 -65.37 -127.37 44.75
C VAL N 373 -65.98 -126.33 43.82
N GLN N 374 -65.37 -126.17 42.68
CA GLN N 374 -65.95 -125.19 41.80
C GLN N 374 -67.41 -125.50 41.58
N ASP N 375 -67.62 -126.74 41.17
CA ASP N 375 -68.96 -127.18 40.91
C ASP N 375 -69.89 -126.91 42.07
N ILE N 376 -69.46 -127.37 43.21
CA ILE N 376 -70.29 -127.18 44.34
C ILE N 376 -70.65 -125.74 44.53
N LEU N 377 -69.65 -124.90 44.52
CA LEU N 377 -70.00 -123.52 44.70
C LEU N 377 -70.97 -122.99 43.70
N LEU N 378 -70.74 -123.33 42.48
CA LEU N 378 -71.65 -122.88 41.47
C LEU N 378 -73.06 -123.31 41.71
N MET N 379 -73.19 -124.59 41.92
CA MET N 379 -74.50 -125.11 42.18
C MET N 379 -75.16 -124.36 43.28
N LYS N 380 -74.48 -124.33 44.39
CA LYS N 380 -75.05 -123.64 45.50
C LYS N 380 -75.43 -122.25 45.12
N GLN N 381 -74.58 -121.63 44.38
CA GLN N 381 -74.87 -120.28 43.99
C GLN N 381 -76.05 -120.11 43.08
N ASN N 382 -76.39 -121.16 42.36
CA ASN N 382 -77.52 -121.09 41.49
C ASN N 382 -78.75 -121.77 42.00
N ASN N 383 -78.83 -121.85 43.29
CA ASN N 383 -79.99 -122.41 43.91
C ASN N 383 -80.21 -123.88 43.72
N PHE N 384 -79.15 -124.66 43.58
CA PHE N 384 -79.38 -126.09 43.52
C PHE N 384 -79.22 -126.69 44.90
N ASN N 385 -79.86 -127.82 45.21
CA ASN N 385 -79.65 -128.37 46.55
C ASN N 385 -79.35 -129.82 46.51
N ALA N 386 -79.30 -130.35 45.32
CA ALA N 386 -79.08 -131.77 45.26
C ALA N 386 -78.44 -132.18 43.99
N VAL N 387 -77.83 -133.33 44.04
CA VAL N 387 -77.20 -133.80 42.84
C VAL N 387 -77.27 -135.30 42.74
N ARG N 388 -77.31 -135.75 41.50
CA ARG N 388 -77.36 -137.14 41.23
C ARG N 388 -76.09 -137.59 40.55
N CYS N 389 -75.47 -138.62 41.09
CA CYS N 389 -74.26 -139.19 40.54
C CYS N 389 -74.49 -140.01 39.29
N SER N 390 -74.84 -139.31 38.23
CA SER N 390 -75.07 -140.03 37.01
C SER N 390 -73.73 -140.50 36.48
N HIS N 391 -73.49 -141.80 36.40
CA HIS N 391 -74.36 -142.88 36.81
C HIS N 391 -73.43 -143.95 37.37
N TYR N 392 -72.73 -143.61 38.41
CA TYR N 392 -71.75 -144.47 39.04
C TYR N 392 -71.31 -143.72 40.24
N PRO N 393 -70.66 -144.44 41.09
CA PRO N 393 -70.20 -143.87 42.33
C PRO N 393 -69.10 -142.88 42.05
N ASN N 394 -69.05 -141.85 42.83
CA ASN N 394 -68.07 -140.84 42.56
C ASN N 394 -66.82 -140.96 43.39
N HIS N 395 -65.93 -140.07 43.05
CA HIS N 395 -64.73 -139.93 43.76
C HIS N 395 -65.09 -139.52 45.17
N PRO N 396 -64.67 -140.36 46.02
CA PRO N 396 -64.85 -140.30 47.45
C PRO N 396 -64.82 -138.91 48.00
N LEU N 397 -63.87 -138.16 47.58
CA LEU N 397 -63.82 -136.83 48.13
C LEU N 397 -65.13 -136.04 48.00
N TRP N 398 -65.77 -136.25 46.87
CA TRP N 398 -67.03 -135.63 46.54
C TRP N 398 -67.99 -135.63 47.71
N TYR N 399 -68.25 -136.87 48.17
CA TYR N 399 -69.17 -137.07 49.26
C TYR N 399 -68.83 -136.23 50.47
N THR N 400 -67.57 -136.15 50.72
CA THR N 400 -67.20 -135.37 51.86
C THR N 400 -67.56 -133.91 51.67
N LEU N 401 -67.21 -133.45 50.49
CA LEU N 401 -67.48 -132.09 50.19
C LEU N 401 -68.94 -131.80 50.33
N CYS N 402 -69.74 -132.71 49.78
CA CYS N 402 -71.16 -132.47 49.86
C CYS N 402 -71.60 -132.47 51.29
N ASP N 403 -71.01 -133.39 52.05
CA ASP N 403 -71.35 -133.48 53.44
C ASP N 403 -71.06 -132.15 54.08
N ARG N 404 -69.93 -131.60 53.70
CA ARG N 404 -69.49 -130.35 54.27
C ARG N 404 -70.19 -129.12 53.79
N TYR N 405 -70.37 -129.03 52.49
CA TYR N 405 -70.99 -127.88 51.90
C TYR N 405 -72.50 -127.80 52.02
N GLY N 406 -73.15 -128.96 52.01
CA GLY N 406 -74.59 -129.05 52.11
C GLY N 406 -75.27 -129.32 50.78
N LEU N 407 -75.28 -130.57 50.30
CA LEU N 407 -75.98 -130.90 49.07
C LEU N 407 -76.61 -132.27 49.21
N TYR N 408 -77.86 -132.45 48.80
CA TYR N 408 -78.43 -133.78 48.90
C TYR N 408 -77.89 -134.60 47.76
N VAL N 409 -77.54 -135.82 48.05
CA VAL N 409 -77.01 -136.66 47.01
C VAL N 409 -77.69 -138.01 46.86
N VAL N 410 -77.73 -138.37 45.58
CA VAL N 410 -78.23 -139.66 45.18
C VAL N 410 -77.07 -140.48 44.70
N ASP N 411 -76.72 -141.49 45.45
CA ASP N 411 -75.62 -142.38 45.11
C ASP N 411 -76.13 -143.45 44.16
N GLU N 412 -75.46 -143.64 43.04
CA GLU N 412 -75.96 -144.56 42.05
C GLU N 412 -74.98 -145.62 41.62
N ALA N 413 -75.47 -146.84 41.58
CA ALA N 413 -74.64 -147.95 41.19
C ALA N 413 -74.22 -147.88 39.72
N ASN N 414 -73.01 -148.38 39.47
CA ASN N 414 -72.41 -148.39 38.17
C ASN N 414 -72.98 -149.48 37.26
N ILE N 415 -74.22 -149.28 36.83
CA ILE N 415 -74.81 -150.25 35.93
C ILE N 415 -75.68 -149.63 34.86
N GLU N 416 -75.28 -149.71 33.59
CA GLU N 416 -76.11 -149.23 32.48
C GLU N 416 -75.94 -150.22 31.35
N THR N 417 -77.05 -150.75 30.86
CA THR N 417 -77.01 -151.70 29.76
C THR N 417 -77.87 -151.21 28.66
N HIS N 418 -77.84 -149.91 28.58
CA HIS N 418 -78.65 -149.22 27.62
C HIS N 418 -78.75 -149.86 26.25
N GLY N 419 -77.63 -150.28 25.66
CA GLY N 419 -77.58 -150.82 24.33
C GLY N 419 -78.17 -152.22 24.16
N MET N 420 -78.50 -152.88 25.25
CA MET N 420 -79.04 -154.20 25.06
C MET N 420 -80.37 -154.17 24.38
N VAL N 421 -80.87 -155.33 24.05
CA VAL N 421 -82.16 -155.41 23.41
C VAL N 421 -82.83 -156.75 23.66
N PRO N 422 -83.94 -156.74 24.37
CA PRO N 422 -84.46 -155.53 24.95
C PRO N 422 -83.54 -155.10 26.08
N MET N 423 -83.68 -153.85 26.46
CA MET N 423 -82.87 -153.28 27.49
C MET N 423 -82.57 -154.15 28.70
N ASN N 424 -83.46 -155.02 29.12
CA ASN N 424 -83.20 -155.80 30.34
C ASN N 424 -82.63 -157.20 30.16
N ARG N 425 -82.18 -157.44 28.95
CA ARG N 425 -81.63 -158.70 28.58
C ARG N 425 -80.68 -159.28 29.62
N LEU N 426 -79.81 -158.45 30.14
CA LEU N 426 -78.89 -158.94 31.15
C LEU N 426 -79.47 -158.93 32.55
N THR N 427 -80.13 -157.81 32.89
CA THR N 427 -80.78 -157.58 34.18
C THR N 427 -81.80 -158.58 34.57
N ASP N 428 -82.33 -159.22 33.56
CA ASP N 428 -83.26 -160.25 33.88
C ASP N 428 -82.59 -161.63 33.92
N ASP N 429 -81.26 -161.67 33.99
CA ASP N 429 -80.56 -162.93 33.95
C ASP N 429 -79.63 -163.16 35.10
N PRO N 430 -80.08 -164.20 35.78
CA PRO N 430 -79.51 -164.72 36.98
C PRO N 430 -78.03 -164.77 36.81
N ARG N 431 -77.63 -165.23 35.64
CA ARG N 431 -76.22 -165.29 35.36
C ARG N 431 -75.51 -164.00 35.64
N TRP N 432 -76.17 -162.88 35.42
CA TRP N 432 -75.50 -161.64 35.67
C TRP N 432 -75.75 -161.09 37.02
N LEU N 433 -76.58 -161.80 37.72
CA LEU N 433 -76.89 -161.32 39.01
C LEU N 433 -75.67 -160.94 39.84
N PRO N 434 -74.88 -161.91 40.14
CA PRO N 434 -73.67 -161.71 40.92
C PRO N 434 -72.84 -160.49 40.52
N ALA N 435 -72.66 -160.36 39.22
CA ALA N 435 -71.95 -159.19 38.75
C ALA N 435 -72.63 -157.93 39.26
N MET N 436 -73.94 -157.87 38.97
CA MET N 436 -74.71 -156.72 39.40
C MET N 436 -74.63 -156.52 40.89
N SER N 437 -74.76 -157.61 41.60
CA SER N 437 -74.75 -157.52 43.04
C SER N 437 -73.57 -156.77 43.56
N GLU N 438 -72.43 -157.21 43.04
CA GLU N 438 -71.18 -156.65 43.49
C GLU N 438 -71.20 -155.16 43.37
N ARG N 439 -71.75 -154.77 42.24
CA ARG N 439 -71.88 -153.39 41.93
C ARG N 439 -72.73 -152.62 42.94
N VAL N 440 -73.75 -153.25 43.49
CA VAL N 440 -74.53 -152.49 44.43
C VAL N 440 -73.99 -152.54 45.85
N THR N 441 -73.80 -153.77 46.26
CA THR N 441 -73.36 -154.04 47.61
C THR N 441 -72.19 -153.21 47.97
N ARG N 442 -71.20 -153.28 47.11
CA ARG N 442 -69.98 -152.55 47.36
C ARG N 442 -70.17 -151.05 47.53
N MET N 443 -71.03 -150.47 46.71
CA MET N 443 -71.25 -149.06 46.85
C MET N 443 -71.75 -148.75 48.24
N VAL N 444 -72.68 -149.57 48.62
CA VAL N 444 -73.27 -149.34 49.89
C VAL N 444 -72.29 -149.41 51.03
N GLN N 445 -71.50 -150.47 50.98
CA GLN N 445 -70.55 -150.62 52.04
C GLN N 445 -69.61 -149.46 52.09
N ARG N 446 -69.36 -148.89 50.96
CA ARG N 446 -68.45 -147.81 50.99
C ARG N 446 -69.02 -146.49 51.49
N ASP N 447 -70.20 -146.12 50.97
CA ASP N 447 -70.73 -144.80 51.22
C ASP N 447 -71.77 -144.57 52.27
N ARG N 448 -72.21 -145.65 52.83
CA ARG N 448 -73.28 -145.54 53.76
C ARG N 448 -73.14 -144.64 54.97
N ASN N 449 -71.97 -144.17 55.30
CA ASN N 449 -72.00 -143.33 56.48
C ASN N 449 -72.07 -141.84 56.17
N HIS N 450 -72.17 -141.47 54.92
CA HIS N 450 -72.23 -140.06 54.61
C HIS N 450 -73.62 -139.46 54.70
N PRO N 451 -73.81 -138.51 55.57
CA PRO N 451 -75.11 -137.87 55.68
C PRO N 451 -75.64 -137.31 54.36
N SER N 452 -74.79 -136.83 53.49
CA SER N 452 -75.33 -136.26 52.25
C SER N 452 -76.03 -137.27 51.36
N VAL N 453 -75.70 -138.52 51.52
CA VAL N 453 -76.36 -139.45 50.67
C VAL N 453 -77.71 -139.69 51.25
N ILE N 454 -78.74 -139.44 50.46
CA ILE N 454 -80.06 -139.67 51.00
C ILE N 454 -80.89 -140.66 50.23
N ILE N 455 -80.39 -141.08 49.09
CA ILE N 455 -81.12 -142.02 48.30
C ILE N 455 -80.19 -142.89 47.53
N TRP N 456 -80.49 -144.16 47.54
CA TRP N 456 -79.70 -145.08 46.79
C TRP N 456 -80.43 -145.31 45.48
N SER N 457 -79.66 -145.52 44.43
CA SER N 457 -80.18 -145.78 43.10
C SER N 457 -79.48 -146.99 42.50
N LEU N 458 -80.25 -147.89 41.89
CA LEU N 458 -79.68 -149.11 41.32
C LEU N 458 -79.04 -148.93 39.96
N GLY N 459 -78.80 -147.70 39.55
CA GLY N 459 -78.21 -147.60 38.25
C GLY N 459 -79.07 -146.81 37.32
N ASN N 460 -78.93 -147.11 36.03
CA ASN N 460 -79.61 -146.38 34.98
C ASN N 460 -79.82 -147.16 33.68
N GLU N 461 -80.83 -146.76 32.94
CA GLU N 461 -81.25 -147.36 31.68
C GLU N 461 -80.82 -148.79 31.44
N SER N 462 -81.38 -149.70 32.23
CA SER N 462 -81.06 -151.12 32.09
C SER N 462 -82.32 -151.94 32.14
N GLY N 463 -83.43 -151.33 31.74
CA GLY N 463 -84.71 -151.97 31.77
C GLY N 463 -85.08 -152.32 33.20
N HIS N 464 -85.87 -153.36 33.32
CA HIS N 464 -86.27 -153.83 34.61
C HIS N 464 -86.18 -155.32 34.64
N GLY N 465 -85.41 -155.86 35.57
CA GLY N 465 -85.27 -157.28 35.65
C GLY N 465 -85.25 -157.75 37.08
N ALA N 466 -85.48 -159.04 37.22
CA ALA N 466 -85.53 -159.61 38.54
C ALA N 466 -84.30 -159.25 39.34
N ASN N 467 -83.19 -159.17 38.63
CA ASN N 467 -81.98 -158.84 39.32
C ASN N 467 -82.19 -157.56 40.14
N HIS N 468 -82.96 -156.66 39.53
CA HIS N 468 -83.24 -155.40 40.18
C HIS N 468 -84.02 -155.58 41.48
N ASP N 469 -85.09 -156.32 41.35
CA ASP N 469 -85.91 -156.58 42.51
C ASP N 469 -85.11 -157.12 43.66
N ALA N 470 -84.31 -158.10 43.34
CA ALA N 470 -83.51 -158.68 44.39
C ALA N 470 -82.60 -157.64 45.02
N LEU N 471 -81.99 -156.84 44.19
CA LEU N 471 -81.08 -155.88 44.75
C LEU N 471 -81.74 -154.80 45.56
N TYR N 472 -82.85 -154.37 45.03
CA TYR N 472 -83.63 -153.40 45.72
C TYR N 472 -83.89 -153.88 47.15
N ARG N 473 -84.37 -155.08 47.21
CA ARG N 473 -84.67 -155.66 48.48
C ARG N 473 -83.48 -155.72 49.42
N TRP N 474 -82.37 -156.16 48.86
CA TRP N 474 -81.18 -156.29 49.64
C TRP N 474 -80.88 -155.01 50.36
N ILE N 475 -80.93 -153.95 49.62
CA ILE N 475 -80.62 -152.72 50.27
C ILE N 475 -81.58 -152.43 51.38
N LYS N 476 -82.84 -152.54 51.01
CA LYS N 476 -83.86 -152.27 51.96
C LYS N 476 -83.54 -152.92 53.27
N SER N 477 -83.03 -154.12 53.16
CA SER N 477 -82.73 -154.81 54.39
C SER N 477 -81.49 -154.33 55.06
N VAL N 478 -80.55 -153.99 54.26
CA VAL N 478 -79.34 -153.60 54.87
C VAL N 478 -79.35 -152.16 55.37
N ASP N 479 -79.97 -151.29 54.59
CA ASP N 479 -80.04 -149.89 54.93
C ASP N 479 -81.40 -149.36 54.68
N PRO N 480 -82.06 -149.34 55.77
CA PRO N 480 -83.41 -148.91 55.85
C PRO N 480 -83.47 -147.41 56.06
N SER N 481 -82.34 -146.77 56.21
CA SER N 481 -82.35 -145.35 56.46
C SER N 481 -82.63 -144.51 55.22
N ARG N 482 -82.43 -145.08 54.04
CA ARG N 482 -82.67 -144.35 52.82
C ARG N 482 -83.49 -145.15 51.87
N PRO N 483 -84.24 -144.41 51.11
CA PRO N 483 -85.12 -144.93 50.10
C PRO N 483 -84.31 -145.32 48.91
N VAL N 484 -84.93 -146.16 48.10
CA VAL N 484 -84.27 -146.61 46.92
C VAL N 484 -85.05 -146.28 45.65
N GLN N 485 -84.36 -145.77 44.64
CA GLN N 485 -85.06 -145.52 43.42
C GLN N 485 -84.39 -146.12 42.22
N TYR N 486 -85.19 -146.34 41.19
CA TYR N 486 -84.71 -146.88 39.94
C TYR N 486 -85.75 -146.60 38.89
N GLU N 487 -85.33 -145.99 37.81
CA GLU N 487 -86.27 -145.60 36.76
C GLU N 487 -86.57 -146.67 35.73
N GLY N 488 -85.62 -147.54 35.51
CA GLY N 488 -85.78 -148.51 34.47
C GLY N 488 -87.12 -149.21 34.42
N GLY N 489 -87.48 -149.50 33.20
CA GLY N 489 -88.67 -150.25 32.96
C GLY N 489 -89.96 -149.54 33.26
N GLY N 490 -90.03 -148.22 33.15
CA GLY N 490 -91.32 -147.60 33.39
C GLY N 490 -91.39 -146.61 34.52
N ALA N 491 -90.33 -146.51 35.32
CA ALA N 491 -90.20 -145.54 36.40
C ALA N 491 -91.10 -145.74 37.60
N ASP N 492 -91.92 -146.78 37.56
CA ASP N 492 -92.80 -146.98 38.69
C ASP N 492 -92.91 -148.43 39.09
N THR N 493 -91.88 -149.18 38.78
CA THR N 493 -91.86 -150.61 39.06
C THR N 493 -91.75 -150.90 40.52
N THR N 494 -91.74 -152.19 40.81
CA THR N 494 -91.66 -152.69 42.18
C THR N 494 -90.28 -152.42 42.71
N ALA N 495 -89.43 -151.99 41.83
CA ALA N 495 -88.09 -151.77 42.28
C ALA N 495 -87.82 -150.34 42.67
N THR N 496 -88.83 -149.49 42.81
CA THR N 496 -88.49 -148.14 43.19
C THR N 496 -89.40 -147.61 44.25
N ASP N 497 -88.85 -146.83 45.15
CA ASP N 497 -89.67 -146.28 46.20
C ASP N 497 -90.24 -144.98 45.75
N ILE N 498 -89.80 -144.48 44.60
CA ILE N 498 -90.26 -143.21 44.12
C ILE N 498 -90.52 -143.27 42.65
N ILE N 499 -91.50 -142.53 42.17
CA ILE N 499 -91.73 -142.48 40.76
C ILE N 499 -90.71 -141.51 40.24
N CYS N 500 -89.75 -142.02 39.49
CA CYS N 500 -88.66 -141.20 39.03
C CYS N 500 -88.42 -141.29 37.57
N PRO N 501 -89.33 -140.77 36.83
CA PRO N 501 -89.17 -140.80 35.40
C PRO N 501 -88.15 -139.81 34.95
N MET N 502 -87.92 -139.91 33.66
CA MET N 502 -87.05 -139.01 33.00
C MET N 502 -87.73 -138.48 31.76
N TYR N 503 -87.82 -137.18 31.69
CA TYR N 503 -88.40 -136.54 30.54
C TYR N 503 -89.90 -136.60 30.39
N ALA N 504 -90.60 -136.87 31.47
CA ALA N 504 -92.05 -136.82 31.42
C ALA N 504 -92.46 -135.34 31.33
N ARG N 505 -93.52 -135.07 30.59
CA ARG N 505 -93.94 -133.70 30.44
C ARG N 505 -94.89 -133.24 31.52
N VAL N 506 -95.03 -131.94 31.62
CA VAL N 506 -95.89 -131.44 32.66
C VAL N 506 -97.33 -131.80 32.45
N ASP N 507 -97.82 -131.48 31.28
CA ASP N 507 -99.21 -131.77 31.04
C ASP N 507 -99.46 -132.72 29.94
N GLU N 508 -98.46 -133.07 29.18
CA GLU N 508 -98.71 -133.93 28.06
C GLU N 508 -98.19 -135.32 28.25
N ASP N 509 -98.99 -136.28 27.86
CA ASP N 509 -98.65 -137.68 27.98
C ASP N 509 -97.94 -138.17 26.77
N GLN N 510 -97.03 -139.11 26.96
CA GLN N 510 -96.28 -139.77 25.90
C GLN N 510 -96.39 -141.23 26.22
N PRO N 511 -97.37 -141.75 25.57
CA PRO N 511 -97.83 -143.09 25.73
C PRO N 511 -97.08 -144.12 24.95
N PHE N 512 -95.83 -144.29 25.25
CA PHE N 512 -95.20 -145.35 24.57
C PHE N 512 -95.69 -146.64 25.16
N PRO N 513 -95.74 -147.58 24.28
CA PRO N 513 -96.08 -148.93 24.61
C PRO N 513 -95.12 -149.40 25.66
N ALA N 514 -95.69 -150.14 26.59
CA ALA N 514 -94.95 -150.71 27.67
C ALA N 514 -94.38 -149.71 28.64
N VAL N 515 -93.87 -148.62 28.17
CA VAL N 515 -93.26 -147.72 29.10
C VAL N 515 -93.61 -146.32 28.74
N PRO N 516 -94.86 -146.04 28.89
CA PRO N 516 -95.37 -144.74 28.57
C PRO N 516 -94.90 -143.74 29.59
N LYS N 517 -94.83 -142.48 29.18
CA LYS N 517 -94.50 -141.41 30.09
C LYS N 517 -95.71 -140.49 30.22
N TRP N 518 -96.42 -140.63 31.32
CA TRP N 518 -97.59 -139.81 31.55
C TRP N 518 -97.24 -138.40 31.94
N SER N 519 -98.18 -137.47 31.74
CA SER N 519 -97.96 -136.14 32.25
C SER N 519 -97.72 -136.37 33.74
N ILE N 520 -96.80 -135.62 34.28
CA ILE N 520 -96.53 -135.88 35.67
C ILE N 520 -97.70 -135.67 36.57
N LYS N 521 -98.58 -134.72 36.25
CA LYS N 521 -99.72 -134.54 37.13
C LYS N 521 -100.64 -135.72 37.06
N LYS N 522 -100.73 -136.32 35.91
CA LYS N 522 -101.60 -137.43 35.83
C LYS N 522 -101.02 -138.65 36.50
N TRP N 523 -99.74 -138.82 36.29
CA TRP N 523 -99.10 -139.98 36.80
C TRP N 523 -99.42 -140.19 38.23
N LEU N 524 -99.35 -139.11 38.97
CA LEU N 524 -99.60 -139.23 40.40
C LEU N 524 -100.88 -139.91 40.81
N SER N 525 -101.94 -139.64 40.07
CA SER N 525 -103.31 -140.03 40.31
C SER N 525 -103.75 -141.37 39.76
N LEU N 526 -102.85 -142.06 39.10
CA LEU N 526 -103.28 -143.33 38.59
C LEU N 526 -103.78 -144.18 39.74
N PRO N 527 -104.76 -144.98 39.40
CA PRO N 527 -105.40 -145.83 40.37
C PRO N 527 -104.39 -146.65 41.07
N GLY N 528 -104.42 -146.53 42.37
CA GLY N 528 -103.52 -147.26 43.21
C GLY N 528 -102.20 -146.57 43.45
N GLU N 529 -101.81 -145.59 42.62
CA GLU N 529 -100.50 -144.96 42.84
C GLU N 529 -100.48 -144.12 44.10
N THR N 530 -99.40 -144.14 44.87
CA THR N 530 -99.33 -143.34 46.09
C THR N 530 -97.97 -142.69 46.36
N ARG N 531 -96.97 -143.08 45.60
CA ARG N 531 -95.62 -142.61 45.78
C ARG N 531 -95.40 -141.17 45.41
N PRO N 532 -94.28 -140.66 45.87
CA PRO N 532 -93.91 -139.31 45.52
C PRO N 532 -93.29 -139.41 44.16
N LEU N 533 -93.25 -138.27 43.45
CA LEU N 533 -92.63 -138.24 42.17
C LEU N 533 -91.58 -137.19 42.08
N ILE N 534 -90.42 -137.64 41.63
CA ILE N 534 -89.23 -136.81 41.45
C ILE N 534 -88.58 -137.23 40.16
N LEU N 535 -88.41 -136.30 39.23
CA LEU N 535 -87.83 -136.74 37.99
C LEU N 535 -86.36 -136.94 38.11
N CYS N 536 -85.94 -138.11 37.71
CA CYS N 536 -84.53 -138.41 37.78
C CYS N 536 -83.81 -137.61 36.71
N GLU N 537 -84.53 -137.30 35.64
CA GLU N 537 -83.94 -136.48 34.58
C GLU N 537 -84.99 -135.69 33.88
N TYR N 538 -84.70 -134.40 33.75
CA TYR N 538 -85.59 -133.52 33.06
C TYR N 538 -84.93 -132.24 32.59
N ALA N 539 -85.65 -131.61 31.65
CA ALA N 539 -85.26 -130.36 31.05
C ALA N 539 -83.90 -130.47 30.39
N HIS N 540 -83.83 -131.27 29.32
CA HIS N 540 -82.59 -131.51 28.59
C HIS N 540 -81.87 -130.23 28.20
N ALA N 541 -80.77 -129.91 28.88
CA ALA N 541 -80.11 -128.64 28.59
C ALA N 541 -79.14 -128.56 27.40
N MET N 542 -79.47 -129.21 26.31
CA MET N 542 -78.63 -129.24 25.14
C MET N 542 -78.67 -127.98 24.28
N GLY N 543 -77.60 -127.21 24.38
CA GLY N 543 -77.48 -126.00 23.59
C GLY N 543 -78.43 -124.93 24.03
N ASN N 544 -79.05 -124.27 23.04
CA ASN N 544 -80.03 -123.24 23.37
C ASN N 544 -81.31 -123.93 23.80
N SER N 545 -81.39 -124.22 25.11
CA SER N 545 -82.48 -124.98 25.64
C SER N 545 -83.04 -124.43 26.94
N LEU N 546 -83.78 -125.29 27.62
CA LEU N 546 -84.44 -124.98 28.85
C LEU N 546 -85.79 -124.27 28.68
N GLY N 547 -86.32 -124.28 27.46
CA GLY N 547 -87.60 -123.65 27.29
C GLY N 547 -88.64 -124.48 28.03
N GLY N 548 -89.52 -123.83 28.80
CA GLY N 548 -90.54 -124.57 29.53
C GLY N 548 -90.21 -124.85 30.98
N PHE N 549 -88.99 -124.59 31.35
CA PHE N 549 -88.58 -124.83 32.69
C PHE N 549 -89.58 -124.35 33.77
N ALA N 550 -90.07 -123.14 33.60
CA ALA N 550 -91.00 -122.63 34.57
C ALA N 550 -92.27 -123.45 34.73
N LYS N 551 -92.73 -124.04 33.65
CA LYS N 551 -93.89 -124.88 33.72
C LYS N 551 -93.70 -125.95 34.80
N TYR N 552 -92.53 -126.55 34.87
CA TYR N 552 -92.28 -127.56 35.85
C TYR N 552 -92.30 -126.98 37.23
N TRP N 553 -91.57 -125.89 37.36
CA TRP N 553 -91.51 -125.32 38.67
C TRP N 553 -92.84 -124.96 39.19
N GLN N 554 -93.68 -124.56 38.29
CA GLN N 554 -94.92 -124.23 38.84
C GLN N 554 -95.70 -125.42 39.29
N ALA N 555 -95.61 -126.47 38.52
CA ALA N 555 -96.32 -127.63 38.93
C ALA N 555 -95.76 -128.12 40.23
N PHE N 556 -94.44 -128.13 40.29
CA PHE N 556 -93.83 -128.64 41.48
C PHE N 556 -94.39 -127.93 42.67
N ARG N 557 -94.42 -126.63 42.53
CA ARG N 557 -94.91 -125.86 43.63
C ARG N 557 -96.37 -126.11 43.94
N GLN N 558 -97.17 -126.50 42.97
CA GLN N 558 -98.55 -126.69 43.33
C GLN N 558 -98.94 -128.08 43.75
N TYR N 559 -98.16 -129.09 43.43
CA TYR N 559 -98.56 -130.42 43.83
C TYR N 559 -97.60 -131.01 44.81
N PRO N 560 -98.13 -131.18 45.97
CA PRO N 560 -97.41 -131.72 47.10
C PRO N 560 -96.56 -132.89 46.78
N ARG N 561 -97.13 -133.86 46.09
CA ARG N 561 -96.40 -135.05 45.74
C ARG N 561 -95.42 -134.86 44.61
N LEU N 562 -95.39 -133.70 43.99
CA LEU N 562 -94.36 -133.54 42.98
C LEU N 562 -93.23 -132.90 43.71
N GLN N 563 -92.20 -133.65 44.03
CA GLN N 563 -91.14 -133.07 44.81
C GLN N 563 -89.87 -132.61 44.11
N GLY N 564 -89.94 -132.31 42.81
CA GLY N 564 -88.79 -131.79 42.09
C GLY N 564 -88.15 -132.72 41.08
N GLY N 565 -86.86 -132.49 40.83
CA GLY N 565 -86.14 -133.32 39.89
C GLY N 565 -84.71 -132.85 39.71
N PHE N 566 -84.00 -133.58 38.86
CA PHE N 566 -82.64 -133.31 38.54
C PHE N 566 -82.54 -133.03 37.08
N VAL N 567 -82.04 -131.86 36.83
CA VAL N 567 -81.85 -131.43 35.48
C VAL N 567 -80.77 -132.22 34.79
N TRP N 568 -80.94 -132.33 33.50
CA TRP N 568 -79.96 -133.02 32.72
C TRP N 568 -79.29 -132.10 31.73
N ASP N 569 -78.03 -131.73 31.96
CA ASP N 569 -77.21 -132.07 33.09
C ASP N 569 -76.27 -130.91 33.42
N TRP N 570 -75.31 -131.11 34.30
CA TRP N 570 -74.41 -130.04 34.72
C TRP N 570 -73.48 -129.38 33.73
N VAL N 571 -72.49 -130.12 33.23
CA VAL N 571 -71.49 -129.61 32.27
C VAL N 571 -71.51 -130.30 30.92
N ASP N 572 -71.00 -129.57 29.94
CA ASP N 572 -70.88 -130.17 28.63
C ASP N 572 -69.71 -131.14 28.68
N GLN N 573 -69.85 -132.26 27.99
CA GLN N 573 -68.79 -133.23 27.95
C GLN N 573 -67.96 -132.98 26.72
N SER N 574 -67.34 -131.82 26.72
CA SER N 574 -66.50 -131.47 25.61
C SER N 574 -65.04 -131.51 25.99
N LEU N 575 -64.28 -131.88 24.98
CA LEU N 575 -62.85 -131.97 25.13
C LEU N 575 -62.13 -130.94 24.29
N ILE N 576 -60.92 -130.65 24.71
CA ILE N 576 -60.07 -129.72 24.00
C ILE N 576 -59.19 -130.38 22.96
N LYS N 577 -59.00 -129.67 21.86
CA LYS N 577 -58.14 -130.07 20.79
C LYS N 577 -57.38 -128.86 20.37
N TYR N 578 -56.36 -129.09 19.53
CA TYR N 578 -55.61 -127.96 19.06
C TYR N 578 -55.49 -127.83 17.58
N ASP N 579 -55.45 -126.58 17.17
CA ASP N 579 -55.24 -126.35 15.78
C ASP N 579 -53.73 -126.24 15.65
N GLU N 580 -53.28 -126.26 14.41
CA GLU N 580 -51.88 -126.15 14.05
C GLU N 580 -51.22 -124.92 14.69
N ASN N 581 -52.00 -123.88 14.94
CA ASN N 581 -51.43 -122.71 15.58
C ASN N 581 -51.41 -122.90 17.08
N GLY N 582 -51.58 -124.18 17.48
CA GLY N 582 -51.58 -124.58 18.87
C GLY N 582 -52.75 -123.95 19.60
N ASN N 583 -53.82 -123.80 18.84
CA ASN N 583 -55.02 -123.23 19.38
C ASN N 583 -55.97 -124.32 19.77
N PRO N 584 -56.45 -124.16 20.98
CA PRO N 584 -57.36 -125.08 21.61
C PRO N 584 -58.77 -124.85 21.14
N TRP N 585 -59.50 -125.92 21.01
CA TRP N 585 -60.88 -125.80 20.65
C TRP N 585 -61.68 -126.97 21.13
N SER N 586 -62.94 -126.69 21.43
CA SER N 586 -63.85 -127.66 21.97
C SER N 586 -64.35 -128.66 20.95
N ALA N 587 -64.08 -129.91 21.30
CA ALA N 587 -64.40 -131.04 20.47
C ALA N 587 -65.52 -131.89 21.05
N TYR N 588 -66.15 -132.60 20.11
CA TYR N 588 -67.21 -133.50 20.46
C TYR N 588 -67.21 -134.80 19.67
N GLY N 589 -68.31 -135.52 19.75
CA GLY N 589 -68.42 -136.78 19.07
C GLY N 589 -67.90 -136.72 17.65
N GLY N 590 -67.09 -137.72 17.32
CA GLY N 590 -66.48 -137.90 16.01
C GLY N 590 -65.23 -137.07 15.78
N ASP N 591 -64.97 -136.12 16.69
CA ASP N 591 -63.82 -135.24 16.57
C ASP N 591 -62.48 -135.95 16.73
N PHE N 592 -62.49 -137.23 17.11
CA PHE N 592 -61.25 -137.99 17.26
C PHE N 592 -61.29 -139.13 16.28
N GLY N 593 -62.13 -138.97 15.28
CA GLY N 593 -62.28 -140.01 14.29
C GLY N 593 -62.96 -141.21 14.92
N ASP N 594 -63.43 -140.97 16.15
CA ASP N 594 -64.13 -141.98 16.92
C ASP N 594 -65.39 -142.35 16.19
N THR N 595 -65.55 -143.64 15.99
CA THR N 595 -66.70 -144.17 15.34
C THR N 595 -67.08 -145.49 15.95
N PRO N 596 -68.40 -145.67 16.14
CA PRO N 596 -69.39 -144.68 15.73
C PRO N 596 -69.52 -143.59 16.78
N ASN N 597 -70.23 -142.53 16.47
CA ASN N 597 -70.33 -141.52 17.50
C ASN N 597 -71.65 -140.79 17.46
N ASP N 598 -71.90 -140.03 18.54
CA ASP N 598 -73.13 -139.29 18.72
C ASP N 598 -73.00 -137.76 18.75
N ARG N 599 -72.08 -137.26 17.94
CA ARG N 599 -71.87 -135.84 17.79
C ARG N 599 -71.95 -135.02 19.07
N GLN N 600 -72.77 -133.96 19.02
CA GLN N 600 -73.00 -133.00 20.10
C GLN N 600 -73.77 -133.56 21.30
N PHE N 601 -74.33 -134.74 21.12
CA PHE N 601 -75.08 -135.31 22.20
C PHE N 601 -74.39 -135.31 23.54
N CYS N 602 -73.07 -135.26 23.53
CA CYS N 602 -72.32 -135.24 24.78
C CYS N 602 -72.40 -133.84 25.38
N MET N 603 -73.09 -132.92 24.69
CA MET N 603 -73.17 -131.57 25.22
C MET N 603 -74.55 -131.14 25.67
N ASN N 604 -74.79 -131.27 27.00
CA ASN N 604 -76.10 -130.91 27.49
C ASN N 604 -76.07 -130.16 28.80
N GLY N 605 -74.96 -129.50 29.10
CA GLY N 605 -74.84 -128.86 30.37
C GLY N 605 -75.36 -127.47 30.46
N LEU N 606 -75.44 -127.05 31.70
CA LEU N 606 -75.84 -125.72 32.04
C LEU N 606 -74.61 -124.82 31.98
N VAL N 607 -73.46 -125.45 32.01
CA VAL N 607 -72.22 -124.75 31.91
C VAL N 607 -71.34 -125.42 30.91
N PHE N 608 -70.45 -124.60 30.46
CA PHE N 608 -69.44 -125.01 29.54
C PHE N 608 -68.42 -125.81 30.34
N ALA N 609 -67.72 -126.69 29.65
CA ALA N 609 -66.72 -127.50 30.34
C ALA N 609 -65.79 -126.69 31.24
N ASP N 610 -65.48 -125.46 30.82
CA ASP N 610 -64.61 -124.60 31.60
C ASP N 610 -65.34 -124.09 32.80
N ARG N 611 -66.60 -124.49 32.86
CA ARG N 611 -67.45 -124.06 33.91
C ARG N 611 -67.93 -122.66 33.73
N THR N 612 -68.19 -122.37 32.48
CA THR N 612 -68.78 -121.10 32.24
C THR N 612 -70.15 -121.39 31.77
N PRO N 613 -70.99 -120.68 32.46
CA PRO N 613 -72.40 -120.72 32.35
C PRO N 613 -72.93 -120.50 30.98
N HIS N 614 -74.01 -121.19 30.73
CA HIS N 614 -74.81 -121.02 29.59
C HIS N 614 -75.87 -120.06 30.12
N PRO N 615 -76.56 -119.40 29.23
CA PRO N 615 -77.55 -118.47 29.73
C PRO N 615 -78.67 -119.18 30.52
N ALA N 616 -78.99 -120.39 30.09
CA ALA N 616 -80.03 -121.14 30.75
C ALA N 616 -79.90 -121.19 32.26
N LEU N 617 -78.67 -121.27 32.71
CA LEU N 617 -78.40 -121.37 34.10
C LEU N 617 -79.19 -120.37 34.91
N THR N 618 -79.31 -119.22 34.34
CA THR N 618 -80.01 -118.17 35.01
C THR N 618 -81.47 -118.44 35.22
N GLU N 619 -82.09 -118.93 34.15
CA GLU N 619 -83.49 -119.25 34.26
C GLU N 619 -83.60 -120.20 35.43
N ALA N 620 -82.68 -121.15 35.46
CA ALA N 620 -82.74 -122.10 36.57
C ALA N 620 -82.65 -121.44 37.92
N LYS N 621 -81.64 -120.65 38.05
CA LYS N 621 -81.45 -120.00 39.32
C LYS N 621 -82.69 -119.28 39.75
N HIS N 622 -83.28 -118.57 38.83
CA HIS N 622 -84.46 -117.80 39.14
C HIS N 622 -85.62 -118.66 39.57
N GLN N 623 -85.95 -119.66 38.74
CA GLN N 623 -87.05 -120.57 39.05
C GLN N 623 -86.84 -121.33 40.35
N GLN N 624 -85.59 -121.49 40.76
CA GLN N 624 -85.32 -122.25 41.95
C GLN N 624 -85.17 -121.41 43.18
N GLN N 625 -85.35 -120.11 43.07
CA GLN N 625 -85.16 -119.32 44.26
C GLN N 625 -85.93 -119.79 45.45
N PHE N 626 -85.37 -119.49 46.61
CA PHE N 626 -85.96 -119.89 47.84
C PHE N 626 -86.96 -118.91 48.36
N PHE N 627 -87.12 -117.79 47.68
CA PHE N 627 -88.09 -116.83 48.17
C PHE N 627 -89.08 -116.51 47.13
N GLN N 628 -90.31 -116.38 47.54
CA GLN N 628 -91.35 -116.05 46.61
C GLN N 628 -92.10 -114.82 47.04
N PHE N 629 -92.40 -114.00 46.04
CA PHE N 629 -93.05 -112.74 46.23
C PHE N 629 -94.42 -112.57 45.64
N ARG N 630 -95.18 -111.78 46.35
CA ARG N 630 -96.50 -111.41 45.97
C ARG N 630 -96.62 -109.95 46.19
N LEU N 631 -97.27 -109.33 45.25
CA LEU N 631 -97.45 -107.93 45.34
C LEU N 631 -98.89 -107.57 45.47
N SER N 632 -99.18 -106.82 46.51
CA SER N 632 -100.53 -106.37 46.69
C SER N 632 -100.59 -104.92 47.07
N GLY N 633 -100.98 -104.13 46.08
CA GLY N 633 -101.02 -102.73 46.32
C GLY N 633 -99.62 -102.24 46.66
N GLN N 634 -99.40 -101.83 47.91
CA GLN N 634 -98.09 -101.32 48.23
C GLN N 634 -97.35 -102.31 49.08
N THR N 635 -97.93 -103.49 49.15
CA THR N 635 -97.35 -104.49 49.96
C THR N 635 -96.75 -105.65 49.25
N ILE N 636 -95.57 -105.96 49.71
CA ILE N 636 -94.95 -107.10 49.18
C ILE N 636 -95.01 -108.22 50.16
N GLU N 637 -95.50 -109.34 49.68
CA GLU N 637 -95.56 -110.50 50.50
C GLU N 637 -94.42 -111.43 50.17
N VAL N 638 -93.68 -111.82 51.20
CA VAL N 638 -92.56 -112.69 50.97
C VAL N 638 -92.75 -114.00 51.61
N THR N 639 -92.42 -115.03 50.86
CA THR N 639 -92.56 -116.35 51.37
C THR N 639 -91.27 -117.10 51.26
N SER N 640 -90.96 -117.82 52.34
CA SER N 640 -89.75 -118.59 52.48
C SER N 640 -89.97 -120.04 52.13
N GLU N 641 -89.10 -120.52 51.26
CA GLU N 641 -89.14 -121.90 50.88
C GLU N 641 -88.04 -122.64 51.62
N TYR N 642 -87.52 -122.02 52.65
CA TYR N 642 -86.52 -122.72 53.45
C TYR N 642 -87.29 -123.55 54.45
N LEU N 643 -86.80 -124.73 54.75
CA LEU N 643 -87.50 -125.60 55.68
C LEU N 643 -86.92 -125.47 57.04
N PHE N 644 -85.66 -125.13 57.06
CA PHE N 644 -84.97 -125.06 58.32
C PHE N 644 -84.37 -123.73 58.69
N ARG N 645 -83.95 -122.90 57.75
CA ARG N 645 -83.36 -121.69 58.26
C ARG N 645 -84.19 -120.46 58.29
N HIS N 646 -83.63 -119.49 58.97
CA HIS N 646 -84.29 -118.24 59.06
C HIS N 646 -83.58 -117.26 58.15
N SER N 647 -84.25 -116.24 57.60
CA SER N 647 -83.61 -115.30 56.67
C SER N 647 -82.56 -114.49 57.37
N ASP N 648 -81.55 -115.15 57.84
CA ASP N 648 -80.56 -114.43 58.58
C ASP N 648 -79.39 -113.84 57.82
N ASN N 649 -79.46 -113.79 56.51
CA ASN N 649 -78.38 -113.15 55.77
C ASN N 649 -79.04 -112.57 54.55
N GLU N 650 -80.16 -111.92 54.84
CA GLU N 650 -80.95 -111.41 53.76
C GLU N 650 -81.43 -109.98 53.79
N LEU N 651 -81.05 -109.35 52.70
CA LEU N 651 -81.44 -108.01 52.43
C LEU N 651 -82.30 -107.89 51.20
N LEU N 652 -83.37 -107.18 51.37
CA LEU N 652 -84.21 -106.98 50.25
C LEU N 652 -84.12 -105.58 49.67
N HIS N 653 -83.63 -105.49 48.46
CA HIS N 653 -83.53 -104.21 47.81
C HIS N 653 -84.65 -104.03 46.85
N TRP N 654 -85.30 -102.90 46.88
CA TRP N 654 -86.32 -102.70 45.92
C TRP N 654 -86.11 -101.42 45.20
N MET N 655 -86.82 -101.26 44.10
CA MET N 655 -86.64 -100.04 43.37
C MET N 655 -87.59 -99.86 42.20
N VAL N 656 -87.92 -98.60 41.98
CA VAL N 656 -88.84 -98.19 40.97
C VAL N 656 -88.26 -97.37 39.85
N ALA N 657 -88.66 -97.70 38.63
CA ALA N 657 -88.16 -96.98 37.49
C ALA N 657 -89.18 -96.84 36.39
N LEU N 658 -89.01 -95.75 35.68
CA LEU N 658 -89.85 -95.40 34.60
C LEU N 658 -89.07 -95.59 33.36
N ASP N 659 -89.51 -96.53 32.55
CA ASP N 659 -88.74 -96.81 31.36
C ASP N 659 -87.25 -96.83 31.62
N GLY N 660 -86.83 -97.37 32.74
CA GLY N 660 -85.40 -97.43 32.97
C GLY N 660 -84.91 -96.31 33.86
N LYS N 661 -85.75 -95.34 34.11
CA LYS N 661 -85.32 -94.28 34.95
C LYS N 661 -85.83 -94.51 36.33
N PRO N 662 -84.85 -94.70 37.15
CA PRO N 662 -84.98 -94.99 38.56
C PRO N 662 -85.54 -93.80 39.25
N LEU N 663 -86.54 -94.03 40.04
CA LEU N 663 -87.17 -92.97 40.75
C LEU N 663 -87.09 -93.15 42.23
N ALA N 664 -86.88 -94.40 42.67
CA ALA N 664 -86.83 -94.70 44.09
C ALA N 664 -86.28 -96.06 44.33
N SER N 665 -85.55 -96.18 45.43
CA SER N 665 -84.93 -97.40 45.87
C SER N 665 -85.15 -97.53 47.32
N GLY N 666 -85.00 -98.75 47.80
CA GLY N 666 -85.18 -99.04 49.20
C GLY N 666 -84.45 -100.29 49.59
N GLU N 667 -84.24 -100.41 50.87
CA GLU N 667 -83.57 -101.56 51.40
C GLU N 667 -84.27 -102.11 52.60
N VAL N 668 -84.59 -103.37 52.57
CA VAL N 668 -85.21 -103.93 53.73
C VAL N 668 -84.75 -105.31 54.04
N PRO N 669 -84.36 -105.40 55.27
CA PRO N 669 -83.88 -106.61 55.88
C PRO N 669 -85.02 -107.58 56.06
N LEU N 670 -84.74 -108.81 55.67
CA LEU N 670 -85.68 -109.89 55.77
C LEU N 670 -85.66 -110.60 57.09
N ASP N 671 -86.84 -110.96 57.49
CA ASP N 671 -87.02 -111.68 58.72
C ASP N 671 -88.08 -112.72 58.52
N VAL N 672 -87.71 -113.84 57.93
CA VAL N 672 -88.70 -114.87 57.69
C VAL N 672 -88.27 -116.23 58.13
N ALA N 673 -89.22 -116.82 58.82
CA ALA N 673 -89.01 -118.17 59.28
C ALA N 673 -89.23 -119.13 58.14
N PRO N 674 -88.50 -120.22 58.20
CA PRO N 674 -88.67 -121.24 57.22
C PRO N 674 -90.15 -121.40 57.05
N GLN N 675 -90.55 -121.44 55.79
CA GLN N 675 -91.93 -121.59 55.43
C GLN N 675 -92.83 -120.49 55.90
N GLY N 676 -92.27 -119.37 56.26
CA GLY N 676 -93.12 -118.27 56.70
C GLY N 676 -93.27 -117.18 55.67
N LYS N 677 -94.05 -116.19 56.07
CA LYS N 677 -94.35 -115.03 55.26
C LYS N 677 -93.92 -113.74 55.95
N GLN N 678 -93.53 -112.76 55.15
CA GLN N 678 -93.16 -111.47 55.67
C GLN N 678 -93.82 -110.43 54.81
N LEU N 679 -94.40 -109.45 55.48
CA LEU N 679 -95.09 -108.37 54.80
C LEU N 679 -94.28 -107.15 54.63
N ILE N 680 -94.29 -106.64 53.43
CA ILE N 680 -93.50 -105.48 53.27
C ILE N 680 -94.22 -104.33 52.75
N GLU N 681 -94.22 -103.37 53.65
CA GLU N 681 -94.88 -102.12 53.44
C GLU N 681 -94.11 -101.10 52.66
N LEU N 682 -94.70 -100.71 51.58
CA LEU N 682 -94.05 -99.75 50.76
C LEU N 682 -94.42 -98.32 51.05
N PRO N 683 -93.38 -97.55 51.08
CA PRO N 683 -93.49 -96.12 51.23
C PRO N 683 -94.26 -95.65 50.04
N GLU N 684 -94.88 -94.51 50.19
CA GLU N 684 -95.64 -94.01 49.07
C GLU N 684 -94.83 -93.90 47.80
N LEU N 685 -95.46 -94.45 46.79
CA LEU N 685 -94.84 -94.48 45.51
C LEU N 685 -95.13 -93.29 44.67
N PRO N 686 -94.12 -93.01 43.89
CA PRO N 686 -94.09 -91.92 42.97
C PRO N 686 -95.09 -92.11 41.85
N GLN N 687 -95.70 -91.00 41.43
CA GLN N 687 -96.67 -91.03 40.37
C GLN N 687 -96.34 -90.08 39.26
N PRO N 688 -95.30 -90.45 38.53
CA PRO N 688 -94.80 -89.73 37.40
C PRO N 688 -95.90 -89.36 36.43
N GLU N 689 -95.66 -88.28 35.74
CA GLU N 689 -96.62 -87.79 34.78
C GLU N 689 -96.32 -88.30 33.40
N SER N 690 -95.03 -88.19 33.14
CA SER N 690 -94.40 -88.61 31.91
C SER N 690 -94.94 -89.93 31.44
N ALA N 691 -94.87 -90.14 30.15
CA ALA N 691 -95.38 -91.37 29.62
C ALA N 691 -94.35 -92.44 29.79
N GLY N 692 -94.85 -93.67 29.88
CA GLY N 692 -93.99 -94.81 30.03
C GLY N 692 -94.54 -95.85 30.98
N GLN N 693 -93.73 -96.91 31.13
CA GLN N 693 -94.02 -98.05 31.96
C GLN N 693 -93.28 -97.94 33.27
N LEU N 694 -94.06 -98.08 34.31
CA LEU N 694 -93.54 -98.03 35.62
C LEU N 694 -93.33 -99.43 36.17
N TRP N 695 -92.12 -99.71 36.58
CA TRP N 695 -91.86 -101.04 37.06
C TRP N 695 -91.16 -101.14 38.39
N LEU N 696 -91.62 -102.14 39.13
CA LEU N 696 -91.05 -102.40 40.41
C LEU N 696 -90.15 -103.62 40.41
N THR N 697 -88.99 -103.48 41.03
CA THR N 697 -88.10 -104.59 41.10
C THR N 697 -87.49 -104.84 42.44
N VAL N 698 -87.52 -106.10 42.86
CA VAL N 698 -86.89 -106.51 44.10
C VAL N 698 -85.78 -107.52 43.90
N ARG N 699 -84.83 -107.42 44.79
CA ARG N 699 -83.69 -108.29 44.78
C ARG N 699 -83.35 -108.72 46.17
N VAL N 700 -82.77 -109.90 46.28
CA VAL N 700 -82.39 -110.38 47.57
C VAL N 700 -80.91 -110.54 47.65
N VAL N 701 -80.39 -109.87 48.68
CA VAL N 701 -78.99 -109.92 48.88
C VAL N 701 -78.48 -110.42 50.17
N GLN N 702 -77.35 -111.09 50.00
CA GLN N 702 -76.59 -111.67 51.07
C GLN N 702 -75.40 -110.80 51.37
N PRO N 703 -75.65 -109.98 52.34
CA PRO N 703 -74.71 -109.02 52.86
C PRO N 703 -73.40 -109.68 53.22
N ASN N 704 -73.45 -110.74 54.01
CA ASN N 704 -72.24 -111.41 54.43
C ASN N 704 -71.88 -112.60 53.58
N ALA N 705 -70.60 -112.82 53.37
CA ALA N 705 -70.26 -113.98 52.57
C ALA N 705 -70.51 -115.25 53.33
N THR N 706 -70.49 -116.34 52.59
CA THR N 706 -70.73 -117.65 53.16
C THR N 706 -69.67 -118.54 52.62
N ALA N 707 -69.75 -119.76 53.06
CA ALA N 707 -68.77 -120.67 52.60
C ALA N 707 -68.88 -120.91 51.15
N TRP N 708 -70.03 -120.58 50.57
CA TRP N 708 -70.15 -120.87 49.16
C TRP N 708 -70.51 -119.68 48.37
N SER N 709 -70.56 -118.54 49.05
CA SER N 709 -70.92 -117.33 48.38
C SER N 709 -70.23 -116.12 48.96
N GLU N 710 -70.00 -115.17 48.07
CA GLU N 710 -69.40 -113.89 48.37
C GLU N 710 -70.33 -112.96 49.04
N ALA N 711 -69.80 -111.89 49.56
CA ALA N 711 -70.74 -110.98 50.16
C ALA N 711 -71.43 -110.23 49.05
N GLY N 712 -72.65 -109.84 49.31
CA GLY N 712 -73.41 -109.13 48.29
C GLY N 712 -73.96 -110.05 47.19
N HIS N 713 -74.11 -111.32 47.50
CA HIS N 713 -74.63 -112.22 46.53
C HIS N 713 -76.13 -112.03 46.34
N ILE N 714 -76.55 -112.11 45.08
CA ILE N 714 -77.96 -112.00 44.78
C ILE N 714 -78.58 -113.37 44.74
N SER N 715 -79.55 -113.61 45.58
CA SER N 715 -80.12 -114.94 45.61
C SER N 715 -81.49 -115.02 44.99
N ALA N 716 -82.14 -113.89 44.84
CA ALA N 716 -83.46 -113.96 44.27
C ALA N 716 -83.94 -112.62 43.81
N TRP N 717 -84.81 -112.67 42.83
CA TRP N 717 -85.36 -111.43 42.39
C TRP N 717 -86.71 -111.62 41.78
N GLN N 718 -87.38 -110.50 41.61
CA GLN N 718 -88.69 -110.52 41.03
C GLN N 718 -89.12 -109.14 40.63
N GLN N 719 -89.88 -109.05 39.55
CA GLN N 719 -90.28 -107.72 39.18
C GLN N 719 -91.75 -107.58 38.76
N TRP N 720 -92.30 -106.38 38.87
CA TRP N 720 -93.68 -106.17 38.49
C TRP N 720 -93.90 -104.88 37.73
N ARG N 721 -94.92 -104.86 36.89
CA ARG N 721 -95.19 -103.64 36.17
C ARG N 721 -96.26 -102.86 36.88
N LEU N 722 -95.90 -101.72 37.41
CA LEU N 722 -96.87 -100.99 38.16
C LEU N 722 -97.88 -100.25 37.38
N ALA N 723 -97.43 -99.47 36.43
CA ALA N 723 -98.40 -98.74 35.67
C ALA N 723 -97.89 -98.43 34.31
N GLU N 724 -98.80 -97.77 33.60
CA GLU N 724 -98.53 -97.36 32.26
C GLU N 724 -99.16 -96.05 31.96
N ASN N 725 -98.40 -95.20 31.34
CA ASN N 725 -98.92 -93.91 30.95
C ASN N 725 -98.81 -93.86 29.46
N LEU N 726 -99.93 -94.08 28.82
CA LEU N 726 -99.96 -94.06 27.37
C LEU N 726 -99.61 -92.67 26.85
N SER N 727 -98.81 -92.63 25.79
CA SER N 727 -98.42 -91.35 25.22
C SER N 727 -99.40 -90.83 24.23
N VAL N 728 -99.94 -89.68 24.57
CA VAL N 728 -100.91 -89.05 23.72
C VAL N 728 -100.33 -87.88 22.99
N THR N 729 -99.02 -87.86 22.90
CA THR N 729 -98.52 -86.72 22.23
C THR N 729 -98.27 -86.88 20.78
N LEU N 730 -98.18 -85.70 20.20
CA LEU N 730 -97.95 -85.56 18.81
C LEU N 730 -96.63 -84.93 18.54
N PRO N 731 -96.09 -85.48 17.48
CA PRO N 731 -94.85 -85.07 16.90
C PRO N 731 -95.05 -83.65 16.39
N ALA N 732 -94.14 -82.78 16.77
CA ALA N 732 -94.25 -81.41 16.32
C ALA N 732 -94.01 -81.36 14.81
N ALA N 733 -94.49 -80.27 14.21
CA ALA N 733 -94.33 -80.09 12.79
C ALA N 733 -92.88 -80.03 12.35
N SER N 734 -92.72 -80.42 11.10
CA SER N 734 -91.46 -80.43 10.43
C SER N 734 -91.51 -79.26 9.46
N HIS N 735 -90.37 -78.69 9.18
CA HIS N 735 -90.38 -77.56 8.28
C HIS N 735 -90.24 -77.98 6.85
N ALA N 736 -90.15 -79.28 6.66
CA ALA N 736 -89.99 -79.75 5.32
C ALA N 736 -90.43 -81.15 5.20
N ILE N 737 -90.42 -81.62 3.99
CA ILE N 737 -90.82 -82.96 3.79
C ILE N 737 -89.98 -83.63 2.76
N PRO N 738 -89.82 -84.91 2.98
CA PRO N 738 -88.98 -85.70 2.14
C PRO N 738 -89.32 -85.46 0.69
N HIS N 739 -88.31 -85.69 -0.09
CA HIS N 739 -88.48 -85.48 -1.47
C HIS N 739 -88.28 -86.75 -2.25
N LEU N 740 -89.37 -87.17 -2.87
CA LEU N 740 -89.41 -88.38 -3.63
C LEU N 740 -88.82 -88.25 -5.00
N THR N 741 -88.38 -89.33 -5.59
CA THR N 741 -87.76 -89.25 -6.90
C THR N 741 -87.80 -90.60 -7.56
N THR N 742 -88.60 -90.70 -8.59
CA THR N 742 -88.70 -91.96 -9.26
C THR N 742 -87.58 -92.17 -10.23
N SER N 743 -87.46 -93.38 -10.69
CA SER N 743 -86.46 -93.84 -11.62
C SER N 743 -86.97 -95.18 -12.12
N GLU N 744 -86.25 -95.83 -12.98
CA GLU N 744 -86.79 -97.07 -13.41
C GLU N 744 -86.57 -98.15 -12.41
N MET N 745 -85.38 -98.06 -11.84
CA MET N 745 -84.87 -98.99 -10.90
C MET N 745 -85.29 -98.69 -9.52
N ASP N 746 -85.65 -97.46 -9.28
CA ASP N 746 -86.00 -97.27 -7.92
C ASP N 746 -86.67 -95.99 -7.60
N PHE N 747 -86.82 -95.84 -6.30
CA PHE N 747 -87.42 -94.68 -5.73
C PHE N 747 -86.45 -94.02 -4.81
N CME N 748 -86.35 -92.69 -4.86
CA CME N 748 -85.43 -92.00 -3.99
CB CME N 748 -84.24 -91.32 -4.60
SG CME N 748 -82.96 -92.54 -4.58
SD CME N 748 -81.55 -91.93 -3.37
CE CME N 748 -80.26 -92.92 -4.15
CZ CME N 748 -78.96 -92.13 -4.42
OH CME N 748 -78.51 -92.35 -5.76
C CME N 748 -86.00 -91.05 -3.04
O CME N 748 -86.61 -90.05 -3.39
N ILE N 749 -85.73 -91.35 -1.82
CA ILE N 749 -86.23 -90.44 -0.84
C ILE N 749 -85.10 -89.71 -0.23
N GLU N 750 -85.24 -88.40 -0.25
CA GLU N 750 -84.22 -87.58 0.28
C GLU N 750 -84.74 -86.61 1.28
N LEU N 751 -83.89 -86.29 2.22
CA LEU N 751 -84.22 -85.34 3.25
C LEU N 751 -82.95 -84.93 3.96
N GLY N 752 -82.39 -83.82 3.54
CA GLY N 752 -81.16 -83.38 4.14
C GLY N 752 -80.07 -84.30 3.67
N ASN N 753 -79.19 -84.64 4.60
CA ASN N 753 -78.09 -85.56 4.34
C ASN N 753 -78.62 -86.98 4.22
N LYS N 754 -79.83 -87.21 4.74
CA LYS N 754 -80.43 -88.50 4.69
C LYS N 754 -81.07 -88.86 3.34
N ARG N 755 -80.85 -90.11 2.97
CA ARG N 755 -81.36 -90.65 1.74
C ARG N 755 -81.70 -92.14 1.88
N TRP N 756 -82.80 -92.55 1.26
CA TRP N 756 -83.23 -93.91 1.30
C TRP N 756 -83.56 -94.41 -0.06
N GLN N 757 -83.15 -95.61 -0.37
CA GLN N 757 -83.52 -96.08 -1.67
C GLN N 757 -84.20 -97.45 -1.72
N PHE N 758 -85.28 -97.53 -2.51
CA PHE N 758 -85.98 -98.79 -2.62
C PHE N 758 -85.88 -99.36 -4.00
N ASN N 759 -85.32 -100.54 -4.12
CA ASN N 759 -85.20 -101.14 -5.43
C ASN N 759 -86.55 -101.57 -5.94
N ARG N 760 -86.85 -101.12 -7.13
CA ARG N 760 -88.13 -101.42 -7.72
C ARG N 760 -88.29 -102.81 -8.22
N GLN N 761 -87.22 -103.53 -8.37
CA GLN N 761 -87.47 -104.85 -8.87
C GLN N 761 -87.70 -105.80 -7.73
N SER N 762 -86.96 -105.60 -6.66
CA SER N 762 -87.01 -106.46 -5.51
C SER N 762 -88.08 -106.02 -4.56
N GLY N 763 -88.34 -104.74 -4.61
CA GLY N 763 -89.30 -104.24 -3.66
C GLY N 763 -88.69 -104.04 -2.27
N PHE N 764 -87.38 -104.04 -2.11
CA PHE N 764 -86.88 -103.80 -0.78
C PHE N 764 -86.13 -102.53 -0.65
N LEU N 765 -85.99 -102.12 0.58
CA LEU N 765 -85.21 -100.97 0.90
C LEU N 765 -83.80 -101.47 0.72
N SER N 766 -83.17 -101.06 -0.36
CA SER N 766 -81.83 -101.49 -0.74
C SER N 766 -80.68 -100.76 -0.13
N GLN N 767 -80.82 -99.49 0.14
CA GLN N 767 -79.69 -98.79 0.72
C GLN N 767 -80.15 -97.53 1.33
N MET N 768 -79.32 -97.02 2.19
CA MET N 768 -79.63 -95.79 2.77
C MET N 768 -78.35 -95.12 3.18
N TRP N 769 -78.36 -93.80 3.13
CA TRP N 769 -77.17 -93.03 3.43
C TRP N 769 -77.38 -91.99 4.43
N ILE N 770 -76.30 -91.71 5.10
CA ILE N 770 -76.26 -90.61 6.00
C ILE N 770 -75.05 -89.89 5.52
N GLY N 771 -75.31 -88.75 4.91
CA GLY N 771 -74.22 -88.06 4.31
C GLY N 771 -73.89 -88.89 3.08
N ASP N 772 -72.64 -89.20 2.93
CA ASP N 772 -72.16 -89.97 1.81
C ASP N 772 -71.88 -91.40 2.23
N LYS N 773 -72.31 -91.73 3.43
CA LYS N 773 -72.08 -93.04 3.96
C LYS N 773 -73.24 -93.98 3.76
N LYS N 774 -72.94 -95.06 3.06
CA LYS N 774 -73.93 -96.08 2.83
C LYS N 774 -74.12 -96.76 4.17
N GLN N 775 -75.31 -97.25 4.47
CA GLN N 775 -75.50 -97.83 5.77
C GLN N 775 -75.69 -99.30 5.80
N LEU N 776 -76.02 -99.87 4.66
CA LEU N 776 -76.27 -101.29 4.67
C LEU N 776 -75.45 -102.04 3.71
N LEU N 777 -75.03 -103.22 4.12
CA LEU N 777 -74.33 -104.08 3.21
C LEU N 777 -75.32 -105.02 2.56
N THR N 778 -76.49 -105.09 3.15
CA THR N 778 -77.53 -105.96 2.65
C THR N 778 -78.86 -105.30 2.82
N PRO N 779 -79.76 -105.57 1.90
CA PRO N 779 -81.10 -105.01 1.93
C PRO N 779 -81.95 -105.56 3.08
N LEU N 780 -82.89 -104.75 3.49
CA LEU N 780 -83.77 -105.07 4.58
C LEU N 780 -84.81 -106.04 4.12
N ARG N 781 -84.83 -107.21 4.73
CA ARG N 781 -85.84 -108.14 4.33
C ARG N 781 -86.47 -109.03 5.34
N ASP N 782 -87.61 -109.55 4.87
CA ASP N 782 -88.42 -110.43 5.66
C ASP N 782 -87.65 -111.67 5.94
N GLN N 783 -87.86 -112.22 7.08
CA GLN N 783 -87.19 -113.43 7.39
C GLN N 783 -88.10 -114.34 8.16
N PHE N 784 -88.17 -115.58 7.72
CA PHE N 784 -89.06 -116.52 8.38
C PHE N 784 -88.40 -117.72 9.03
N THR N 785 -87.09 -117.83 8.91
CA THR N 785 -86.45 -118.99 9.46
C THR N 785 -85.39 -118.67 10.52
N ARG N 786 -84.83 -119.76 11.06
CA ARG N 786 -83.74 -119.62 11.99
C ARG N 786 -82.70 -120.71 11.80
N ALA N 787 -81.48 -120.43 12.26
CA ALA N 787 -80.42 -121.39 12.24
C ALA N 787 -80.78 -122.33 13.37
N PRO N 788 -81.26 -123.49 12.95
CA PRO N 788 -81.75 -124.55 13.80
C PRO N 788 -81.05 -124.76 15.11
N LEU N 789 -81.85 -124.91 16.13
CA LEU N 789 -81.31 -125.22 17.43
C LEU N 789 -81.13 -126.70 17.50
N ASP N 790 -80.40 -127.10 18.52
CA ASP N 790 -80.21 -128.51 18.72
C ASP N 790 -81.56 -129.16 18.79
N ASN N 791 -82.42 -128.52 19.56
CA ASN N 791 -83.78 -128.98 19.72
C ASN N 791 -84.53 -129.00 18.38
N ASP N 792 -84.22 -128.07 17.47
CA ASP N 792 -84.92 -128.08 16.22
C ASP N 792 -84.56 -129.28 15.35
N ILE N 793 -83.37 -129.80 15.64
CA ILE N 793 -82.81 -130.90 14.89
C ILE N 793 -83.08 -132.27 15.47
N GLY N 794 -82.88 -132.38 16.77
CA GLY N 794 -83.10 -133.62 17.46
C GLY N 794 -82.09 -134.65 17.02
N VAL N 795 -82.60 -135.73 16.49
CA VAL N 795 -81.68 -136.75 16.08
C VAL N 795 -81.65 -136.96 14.59
N SER N 796 -82.17 -135.98 13.87
CA SER N 796 -82.15 -136.11 12.45
C SER N 796 -80.71 -136.07 11.95
N GLU N 797 -80.46 -137.01 11.05
CA GLU N 797 -79.16 -137.15 10.45
C GLU N 797 -79.33 -137.22 8.96
N ALA N 798 -78.29 -136.75 8.29
CA ALA N 798 -78.24 -136.73 6.85
C ALA N 798 -78.60 -138.11 6.28
N THR N 799 -77.96 -139.10 6.88
CA THR N 799 -78.15 -140.48 6.54
C THR N 799 -79.54 -140.93 6.96
N ARG N 800 -79.85 -140.65 8.22
CA ARG N 800 -81.09 -141.02 8.85
C ARG N 800 -81.88 -139.84 9.35
N ILE N 801 -82.67 -139.34 8.43
CA ILE N 801 -83.52 -138.20 8.65
C ILE N 801 -84.74 -138.51 9.53
N ASP N 802 -85.08 -137.53 10.39
CA ASP N 802 -86.25 -137.60 11.24
C ASP N 802 -87.28 -136.57 10.82
N PRO N 803 -88.17 -137.07 10.00
CA PRO N 803 -89.27 -136.36 9.42
C PRO N 803 -90.07 -135.52 10.40
N ASN N 804 -90.04 -135.82 11.68
CA ASN N 804 -90.83 -134.95 12.51
C ASN N 804 -90.07 -133.80 13.08
N ALA N 805 -88.77 -133.84 12.98
CA ALA N 805 -88.02 -132.73 13.47
C ALA N 805 -88.43 -131.46 12.74
N TRP N 806 -88.52 -130.39 13.52
CA TRP N 806 -88.88 -129.12 13.00
C TRP N 806 -88.08 -128.79 11.79
N VAL N 807 -86.79 -128.90 11.99
CA VAL N 807 -85.90 -128.60 10.90
C VAL N 807 -86.26 -129.36 9.65
N GLU N 808 -86.55 -130.62 9.88
CA GLU N 808 -86.92 -131.47 8.78
C GLU N 808 -88.13 -130.95 8.09
N ARG N 809 -89.10 -130.58 8.86
CA ARG N 809 -90.32 -130.08 8.26
C ARG N 809 -90.15 -128.76 7.54
N TRP N 810 -89.39 -127.89 8.16
CA TRP N 810 -89.17 -126.61 7.61
C TRP N 810 -88.51 -126.77 6.26
N LYS N 811 -87.56 -127.68 6.27
CA LYS N 811 -86.79 -127.96 5.09
C LYS N 811 -87.70 -128.46 4.01
N ALA N 812 -88.38 -129.51 4.36
CA ALA N 812 -89.27 -130.09 3.40
C ALA N 812 -90.29 -129.13 2.87
N ALA N 813 -90.67 -128.16 3.69
CA ALA N 813 -91.66 -127.21 3.26
C ALA N 813 -91.07 -126.17 2.33
N GLY N 814 -89.75 -126.10 2.30
CA GLY N 814 -89.12 -125.14 1.43
C GLY N 814 -88.96 -123.82 2.13
N HIS N 815 -89.20 -123.81 3.43
CA HIS N 815 -89.05 -122.56 4.13
C HIS N 815 -87.69 -121.95 3.90
N TYR N 816 -86.70 -122.81 3.97
CA TYR N 816 -85.35 -122.36 3.82
C TYR N 816 -85.03 -121.92 2.45
N GLN N 817 -85.89 -122.22 1.49
CA GLN N 817 -85.49 -121.79 0.17
C GLN N 817 -86.59 -121.22 -0.69
N ALA N 818 -87.56 -120.62 -0.04
CA ALA N 818 -88.62 -120.07 -0.80
C ALA N 818 -88.15 -118.79 -1.41
N GLU N 819 -88.81 -118.51 -2.50
CA GLU N 819 -88.55 -117.38 -3.32
C GLU N 819 -89.58 -116.30 -3.18
N ALA N 820 -89.07 -115.14 -2.84
CA ALA N 820 -89.97 -113.99 -2.73
C ALA N 820 -90.39 -113.48 -4.11
N ALA N 821 -91.60 -112.96 -4.20
CA ALA N 821 -92.10 -112.42 -5.44
C ALA N 821 -92.83 -111.10 -5.23
N LEU N 822 -92.37 -110.06 -5.91
CA LEU N 822 -93.02 -108.79 -5.75
C LEU N 822 -94.43 -108.85 -6.30
N LEU N 823 -95.36 -108.49 -5.47
CA LEU N 823 -96.70 -108.47 -5.93
C LEU N 823 -97.04 -107.04 -6.22
N GLN N 824 -96.42 -106.15 -5.47
CA GLN N 824 -96.70 -104.76 -5.67
C GLN N 824 -95.80 -103.85 -4.87
N CYS N 825 -95.55 -102.69 -5.47
CA CYS N 825 -94.67 -101.71 -4.87
C CYS N 825 -95.04 -100.34 -5.34
N THR N 826 -95.46 -99.49 -4.42
CA THR N 826 -95.84 -98.17 -4.82
C THR N 826 -95.38 -97.09 -3.90
N ALA N 827 -95.30 -95.91 -4.50
CA ALA N 827 -94.87 -94.73 -3.81
C ALA N 827 -95.86 -93.63 -3.96
N ASP N 828 -95.96 -92.81 -2.91
CA ASP N 828 -96.93 -91.76 -2.92
C ASP N 828 -96.52 -90.63 -2.02
N THR N 829 -96.90 -89.44 -2.44
CA THR N 829 -96.56 -88.27 -1.67
C THR N 829 -97.74 -87.70 -0.96
N LEU N 830 -97.56 -87.64 0.33
CA LEU N 830 -98.58 -87.11 1.15
C LEU N 830 -98.19 -85.74 1.56
N ALA N 831 -99.10 -85.10 2.24
CA ALA N 831 -98.82 -83.78 2.66
C ALA N 831 -97.69 -83.68 3.61
N ASP N 832 -97.48 -84.72 4.42
CA ASP N 832 -96.46 -84.60 5.44
C ASP N 832 -95.41 -85.65 5.39
N ALA N 833 -95.52 -86.53 4.41
CA ALA N 833 -94.53 -87.56 4.28
C ALA N 833 -94.63 -88.29 2.96
N VAL N 834 -93.74 -89.23 2.84
CA VAL N 834 -93.74 -90.08 1.70
C VAL N 834 -94.13 -91.49 2.13
N LEU N 835 -94.92 -92.10 1.27
CA LEU N 835 -95.43 -93.38 1.57
C LEU N 835 -95.14 -94.43 0.55
N ILE N 836 -94.57 -95.51 1.03
CA ILE N 836 -94.27 -96.63 0.18
C ILE N 836 -95.01 -97.87 0.59
N THR N 837 -95.51 -98.56 -0.41
CA THR N 837 -96.16 -99.80 -0.05
C THR N 837 -95.75 -100.98 -0.91
N THR N 838 -95.58 -102.11 -0.25
CA THR N 838 -95.17 -103.30 -0.95
C THR N 838 -95.97 -104.52 -0.54
N ALA N 839 -95.79 -105.54 -1.36
CA ALA N 839 -96.45 -106.79 -1.11
C ALA N 839 -95.68 -107.86 -1.79
N HIS N 840 -95.27 -108.85 -1.02
CA HIS N 840 -94.53 -109.93 -1.60
C HIS N 840 -95.13 -111.25 -1.24
N ALA N 841 -94.71 -112.27 -1.98
CA ALA N 841 -95.17 -113.60 -1.68
C ALA N 841 -94.03 -114.59 -1.71
N TRP N 842 -93.93 -115.42 -0.69
CA TRP N 842 -92.90 -116.42 -0.78
C TRP N 842 -93.53 -117.68 -1.24
N GLN N 843 -92.95 -118.25 -2.29
CA GLN N 843 -93.52 -119.47 -2.76
C GLN N 843 -92.52 -120.56 -2.93
N HIS N 844 -93.08 -121.72 -3.08
CA HIS N 844 -92.25 -122.86 -3.24
C HIS N 844 -93.00 -123.93 -3.93
N GLN N 845 -92.49 -124.28 -5.09
CA GLN N 845 -93.13 -125.28 -5.87
C GLN N 845 -94.60 -125.00 -6.06
N GLY N 846 -94.89 -123.76 -6.41
CA GLY N 846 -96.27 -123.39 -6.67
C GLY N 846 -97.10 -123.07 -5.44
N LYS N 847 -96.58 -123.36 -4.26
CA LYS N 847 -97.36 -123.03 -3.12
C LYS N 847 -96.91 -121.72 -2.52
N THR N 848 -97.89 -121.00 -2.04
CA THR N 848 -97.58 -119.75 -1.40
C THR N 848 -97.54 -119.96 0.09
N LEU N 849 -96.35 -119.76 0.68
CA LEU N 849 -96.19 -119.94 2.10
C LEU N 849 -96.55 -118.72 2.88
N PHE N 850 -95.98 -117.60 2.46
CA PHE N 850 -96.27 -116.39 3.16
C PHE N 850 -96.54 -115.23 2.27
N ILE N 851 -97.19 -114.28 2.89
CA ILE N 851 -97.48 -113.05 2.25
C ILE N 851 -97.14 -111.93 3.19
N SER N 852 -96.33 -111.04 2.67
CA SER N 852 -95.89 -109.93 3.45
C SER N 852 -96.29 -108.61 2.81
N ARG N 853 -97.06 -107.86 3.58
CA ARG N 853 -97.51 -106.57 3.11
C ARG N 853 -97.01 -105.47 4.00
N LYS N 854 -96.30 -104.51 3.42
CA LYS N 854 -95.78 -103.46 4.25
C LYS N 854 -96.08 -102.06 3.76
N THR N 855 -95.78 -101.12 4.66
CA THR N 855 -95.85 -99.71 4.39
C THR N 855 -94.70 -99.04 5.10
N TYR N 856 -94.09 -98.16 4.34
CA TYR N 856 -93.01 -97.42 4.86
C TYR N 856 -93.38 -95.99 4.76
N ARG N 857 -93.27 -95.31 5.88
CA ARG N 857 -93.65 -93.94 5.85
C ARG N 857 -92.62 -93.06 6.51
N ILE N 858 -92.06 -92.21 5.66
CA ILE N 858 -91.02 -91.28 6.02
C ILE N 858 -91.50 -89.88 6.06
N ASP N 859 -91.36 -89.29 7.21
CA ASP N 859 -91.80 -87.94 7.40
C ASP N 859 -90.67 -86.98 7.41
N GLY N 860 -91.08 -85.74 7.64
CA GLY N 860 -90.18 -84.63 7.70
C GLY N 860 -89.30 -84.65 8.91
N SER N 861 -89.57 -85.54 9.84
CA SER N 861 -88.69 -85.56 10.98
C SER N 861 -87.55 -86.51 10.69
N GLY N 862 -87.64 -87.22 9.57
CA GLY N 862 -86.60 -88.14 9.18
C GLY N 862 -86.78 -89.53 9.78
N GLN N 863 -87.98 -89.83 10.27
CA GLN N 863 -88.18 -91.13 10.82
C GLN N 863 -88.90 -92.01 9.85
N MET N 864 -88.54 -93.26 9.89
CA MET N 864 -89.18 -94.19 9.03
C MET N 864 -89.99 -95.18 9.84
N ALA N 865 -91.28 -95.16 9.58
CA ALA N 865 -92.16 -96.04 10.27
C ALA N 865 -92.51 -97.18 9.35
N ILE N 866 -92.35 -98.36 9.90
CA ILE N 866 -92.61 -99.53 9.15
C ILE N 866 -93.73 -100.32 9.72
N THR N 867 -94.49 -100.83 8.82
CA THR N 867 -95.61 -101.60 9.21
C THR N 867 -95.68 -102.88 8.42
N VAL N 868 -95.77 -103.96 9.20
CA VAL N 868 -95.80 -105.27 8.62
C VAL N 868 -96.96 -106.11 9.00
N ASP N 869 -97.54 -106.68 7.95
CA ASP N 869 -98.63 -107.61 8.14
C ASP N 869 -98.40 -108.83 7.30
N VAL N 870 -98.33 -109.95 8.01
CA VAL N 870 -98.09 -111.23 7.36
C VAL N 870 -99.19 -112.25 7.49
N GLU N 871 -99.28 -113.04 6.43
CA GLU N 871 -100.21 -114.12 6.36
C GLU N 871 -99.41 -115.36 6.15
N VAL N 872 -99.77 -116.40 6.92
CA VAL N 872 -99.10 -117.66 6.81
C VAL N 872 -100.05 -118.78 6.47
N ALA N 873 -99.72 -119.54 5.43
CA ALA N 873 -100.60 -120.64 5.08
C ALA N 873 -100.82 -121.55 6.26
N SER N 874 -102.06 -121.81 6.49
CA SER N 874 -102.40 -122.65 7.60
C SER N 874 -101.82 -124.03 7.41
N ASP N 875 -101.56 -124.40 6.19
CA ASP N 875 -101.07 -125.74 6.06
C ASP N 875 -99.57 -125.86 5.99
N THR N 876 -98.90 -124.79 6.29
CA THR N 876 -97.48 -124.94 6.31
C THR N 876 -97.05 -125.03 7.76
N PRO N 877 -95.89 -125.56 8.00
CA PRO N 877 -95.42 -125.69 9.36
C PRO N 877 -95.16 -124.35 9.96
N HIS N 878 -95.51 -124.17 11.21
CA HIS N 878 -95.26 -122.90 11.81
C HIS N 878 -93.81 -122.58 11.72
N PRO N 879 -93.60 -121.38 11.27
CA PRO N 879 -92.30 -120.80 11.06
C PRO N 879 -91.63 -120.46 12.36
N ALA N 880 -90.32 -120.55 12.32
CA ALA N 880 -89.46 -120.28 13.46
C ALA N 880 -89.61 -118.87 13.94
N ARG N 881 -89.85 -118.00 12.98
CA ARG N 881 -89.94 -116.61 13.35
C ARG N 881 -90.54 -115.78 12.24
N ILE N 882 -90.82 -114.54 12.62
CA ILE N 882 -91.40 -113.53 11.73
C ILE N 882 -90.79 -112.18 11.99
N GLY N 883 -89.92 -111.79 11.06
CA GLY N 883 -89.23 -110.55 11.20
C GLY N 883 -88.50 -110.12 9.96
N LEU N 884 -87.53 -109.29 10.25
CA LEU N 884 -86.73 -108.74 9.20
C LEU N 884 -85.29 -108.81 9.54
N ASN N 885 -84.52 -108.62 8.50
CA ASN N 885 -83.11 -108.59 8.74
C ASN N 885 -82.34 -107.85 7.68
N CYS N 886 -81.13 -107.57 8.08
CA CYS N 886 -80.23 -106.89 7.19
C CYS N 886 -78.84 -106.86 7.79
N GLN N 887 -77.90 -106.57 6.91
CA GLN N 887 -76.52 -106.48 7.29
C GLN N 887 -76.13 -105.04 7.31
N LEU N 888 -75.89 -104.53 8.50
CA LEU N 888 -75.50 -103.16 8.59
C LEU N 888 -74.03 -103.01 8.27
N ALA N 889 -73.74 -101.92 7.57
CA ALA N 889 -72.37 -101.64 7.22
C ALA N 889 -71.52 -101.28 8.44
N GLN N 890 -72.11 -100.62 9.37
CA GLN N 890 -71.39 -100.23 10.55
C GLN N 890 -71.14 -101.37 11.52
N VAL N 891 -70.21 -101.10 12.42
CA VAL N 891 -69.85 -102.03 13.47
C VAL N 891 -69.48 -101.26 14.72
N ALA N 892 -70.23 -101.40 15.79
CA ALA N 892 -69.94 -100.65 17.00
C ALA N 892 -69.54 -101.47 18.19
N GLU N 893 -69.23 -100.77 19.25
CA GLU N 893 -68.74 -101.37 20.47
C GLU N 893 -69.79 -101.89 21.42
N ARG N 894 -70.76 -101.04 21.64
CA ARG N 894 -71.80 -101.34 22.54
C ARG N 894 -73.15 -101.50 21.89
N VAL N 895 -74.04 -102.04 22.71
CA VAL N 895 -75.41 -102.29 22.38
C VAL N 895 -76.25 -101.86 23.55
N ASN N 896 -77.24 -101.06 23.24
CA ASN N 896 -78.01 -100.54 24.30
C ASN N 896 -79.46 -100.68 23.98
N TRP N 897 -80.17 -101.23 24.95
CA TRP N 897 -81.57 -101.43 24.72
C TRP N 897 -82.38 -101.37 25.98
N LEU N 898 -83.62 -101.14 25.71
CA LEU N 898 -84.64 -101.08 26.69
C LEU N 898 -85.59 -102.22 26.42
N GLY N 899 -85.44 -103.24 27.27
CA GLY N 899 -86.22 -104.45 27.15
C GLY N 899 -85.74 -105.47 28.15
N LEU N 900 -85.96 -106.73 27.80
CA LEU N 900 -85.60 -107.84 28.65
C LEU N 900 -84.15 -108.15 28.64
N GLY N 901 -83.53 -108.15 29.80
CA GLY N 901 -82.13 -108.42 29.82
C GLY N 901 -81.64 -108.86 31.17
N PRO N 902 -80.34 -109.02 31.24
CA PRO N 902 -79.44 -108.74 30.15
C PRO N 902 -79.09 -109.95 29.32
N GLN N 903 -79.32 -111.13 29.83
CA GLN N 903 -78.95 -112.28 29.02
C GLN N 903 -79.91 -112.68 27.94
N GLU N 904 -79.38 -113.53 27.08
CA GLU N 904 -80.13 -114.15 26.02
C GLU N 904 -81.45 -114.66 26.62
N ASN N 905 -82.57 -114.39 25.94
CA ASN N 905 -83.86 -114.86 26.41
C ASN N 905 -84.80 -115.17 25.28
N TYR N 906 -85.59 -116.18 25.50
CA TYR N 906 -86.53 -116.60 24.49
C TYR N 906 -87.92 -116.65 25.08
N PRO N 907 -88.87 -116.71 24.18
CA PRO N 907 -90.27 -116.70 24.51
C PRO N 907 -90.61 -117.69 25.57
N ASP N 908 -90.15 -118.92 25.43
CA ASP N 908 -90.42 -119.91 26.45
C ASP N 908 -89.28 -120.00 27.46
N ARG N 909 -88.40 -119.01 27.47
CA ARG N 909 -87.34 -119.02 28.46
C ARG N 909 -86.96 -117.59 28.77
N LEU N 910 -87.80 -116.91 29.55
CA LEU N 910 -87.46 -115.53 29.82
C LEU N 910 -87.91 -115.03 31.17
N THR N 911 -88.42 -115.90 32.00
CA THR N 911 -88.85 -115.43 33.28
C THR N 911 -87.71 -114.87 34.09
N ALA N 912 -86.52 -115.30 33.84
CA ALA N 912 -85.47 -114.78 34.68
C ALA N 912 -85.00 -113.40 34.28
N ALA N 913 -85.33 -113.03 33.05
CA ALA N 913 -84.91 -111.74 32.50
C ALA N 913 -85.65 -110.57 33.10
N CME N 914 -85.04 -109.37 33.06
CA CME N 914 -85.65 -108.19 33.57
CB CME N 914 -85.06 -107.71 34.87
SG CME N 914 -85.44 -108.85 36.20
SD CME N 914 -83.91 -108.30 37.37
CE CME N 914 -82.46 -109.05 36.54
CZ CME N 914 -81.23 -108.94 37.46
OH CME N 914 -81.50 -107.92 38.45
C CME N 914 -85.78 -107.11 32.58
O CME N 914 -84.98 -106.92 31.65
N PHE N 915 -86.83 -106.38 32.80
CA PHE N 915 -87.11 -105.29 31.93
C PHE N 915 -86.41 -104.05 32.40
N ASP N 916 -85.43 -103.64 31.65
CA ASP N 916 -84.73 -102.47 32.06
C ASP N 916 -83.92 -101.92 30.90
N ARG N 917 -82.99 -101.04 31.22
CA ARG N 917 -82.12 -100.51 30.22
C ARG N 917 -80.79 -101.20 30.29
N TRP N 918 -80.44 -101.85 29.22
CA TRP N 918 -79.22 -102.58 29.20
C TRP N 918 -78.25 -102.02 28.20
N ASP N 919 -76.99 -102.13 28.57
CA ASP N 919 -75.91 -101.68 27.73
C ASP N 919 -74.80 -102.68 27.83
N LEU N 920 -74.45 -103.29 26.71
CA LEU N 920 -73.39 -104.26 26.70
C LEU N 920 -72.58 -104.13 25.46
N PRO N 921 -71.51 -104.86 25.47
CA PRO N 921 -70.60 -104.92 24.38
C PRO N 921 -71.11 -105.96 23.45
N LEU N 922 -70.97 -105.61 22.21
CA LEU N 922 -71.39 -106.43 21.14
C LEU N 922 -71.11 -107.91 21.32
N SER N 923 -69.95 -108.16 21.86
CA SER N 923 -69.50 -109.52 22.07
C SER N 923 -70.46 -110.28 22.97
N ASP N 924 -71.01 -109.56 23.91
CA ASP N 924 -71.91 -110.17 24.83
C ASP N 924 -73.24 -110.50 24.20
N MET N 925 -73.46 -109.97 23.01
CA MET N 925 -74.71 -110.29 22.41
C MET N 925 -74.64 -111.59 21.63
N TYR N 926 -73.57 -112.36 21.89
CA TYR N 926 -73.42 -113.61 21.20
C TYR N 926 -73.20 -114.77 22.12
N THR N 927 -73.86 -115.87 21.78
CA THR N 927 -73.78 -117.07 22.56
C THR N 927 -73.13 -118.18 21.79
N PRO N 928 -71.89 -118.36 22.21
CA PRO N 928 -70.87 -119.29 21.76
C PRO N 928 -71.19 -120.75 22.07
N TYR N 929 -72.37 -121.15 21.68
CA TYR N 929 -72.73 -122.52 21.83
C TYR N 929 -71.73 -123.29 20.97
N VAL N 930 -71.09 -124.28 21.56
CA VAL N 930 -70.11 -125.04 20.81
C VAL N 930 -70.62 -125.43 19.43
N PHE N 931 -71.81 -125.99 19.43
CA PHE N 931 -72.40 -126.32 18.16
C PHE N 931 -73.30 -125.13 17.89
N PRO N 932 -73.00 -124.41 16.81
CA PRO N 932 -73.69 -123.17 16.54
C PRO N 932 -75.09 -123.23 15.97
N SER N 933 -75.87 -122.20 16.36
CA SER N 933 -77.28 -122.00 15.94
C SER N 933 -77.82 -120.62 16.32
N GLU N 934 -79.09 -120.35 15.95
CA GLU N 934 -79.72 -119.10 16.36
C GLU N 934 -79.44 -118.90 17.85
N ASN N 935 -79.10 -117.68 18.27
CA ASN N 935 -78.82 -117.43 19.68
C ASN N 935 -78.77 -115.96 19.99
N GLY N 936 -78.60 -115.66 21.25
CA GLY N 936 -78.48 -114.29 21.73
C GLY N 936 -79.72 -113.42 21.69
N LEU N 937 -80.84 -114.00 21.32
CA LEU N 937 -82.02 -113.17 21.30
C LEU N 937 -82.36 -112.51 22.64
N ARG N 938 -82.97 -111.35 22.52
CA ARG N 938 -83.55 -110.65 23.66
C ARG N 938 -84.95 -110.22 23.25
N CYS N 939 -85.93 -110.51 24.08
CA CYS N 939 -87.30 -110.18 23.76
C CYS N 939 -87.81 -109.00 24.54
N GLY N 940 -89.05 -108.65 24.19
CA GLY N 940 -89.76 -107.58 24.83
C GLY N 940 -89.02 -106.26 24.80
N THR N 941 -88.51 -105.96 23.62
CA THR N 941 -87.77 -104.77 23.45
C THR N 941 -88.58 -103.68 22.83
N ARG N 942 -88.33 -102.53 23.40
CA ARG N 942 -89.01 -101.35 22.98
C ARG N 942 -88.19 -100.31 22.28
N GLU N 943 -86.90 -100.29 22.61
CA GLU N 943 -85.95 -99.37 22.04
C GLU N 943 -84.61 -100.04 21.93
N LEU N 944 -84.02 -99.91 20.74
CA LEU N 944 -82.73 -100.49 20.46
C LEU N 944 -81.83 -99.48 19.80
N ASN N 945 -80.62 -99.38 20.33
CA ASN N 945 -79.63 -98.45 19.86
C ASN N 945 -78.30 -99.06 19.50
N TYR N 946 -77.86 -98.81 18.28
CA TYR N 946 -76.59 -99.30 17.80
C TYR N 946 -76.04 -98.29 16.81
N GLY N 947 -74.93 -97.69 17.19
CA GLY N 947 -74.37 -96.67 16.36
C GLY N 947 -75.31 -95.49 16.39
N PRO N 948 -75.42 -94.87 15.24
CA PRO N 948 -76.28 -93.74 15.03
C PRO N 948 -77.73 -94.19 14.94
N HIS N 949 -77.96 -95.50 14.90
CA HIS N 949 -79.30 -96.00 14.78
C HIS N 949 -80.06 -96.24 16.03
N GLN N 950 -81.36 -96.17 15.81
CA GLN N 950 -82.32 -96.41 16.83
C GLN N 950 -83.58 -97.03 16.27
N TRP N 951 -84.03 -98.08 16.96
CA TRP N 951 -85.25 -98.69 16.53
C TRP N 951 -86.23 -98.69 17.66
N ARG N 952 -87.47 -98.50 17.28
CA ARG N 952 -88.50 -98.51 18.28
C ARG N 952 -89.72 -99.25 17.88
N GLY N 953 -90.24 -99.87 18.91
CA GLY N 953 -91.44 -100.65 18.78
C GLY N 953 -91.59 -101.64 19.89
N ASP N 954 -91.97 -102.83 19.49
CA ASP N 954 -92.13 -103.90 20.43
C ASP N 954 -91.69 -105.16 19.76
N PHE N 955 -90.43 -105.51 19.97
CA PHE N 955 -89.96 -106.67 19.26
C PHE N 955 -88.90 -107.36 20.05
N GLN N 956 -88.33 -108.34 19.37
CA GLN N 956 -87.22 -109.10 19.87
C GLN N 956 -86.18 -109.04 18.80
N PHE N 957 -84.93 -109.18 19.23
CA PHE N 957 -83.88 -109.12 18.25
C PHE N 957 -82.65 -109.78 18.74
N ASN N 958 -81.74 -109.87 17.80
CA ASN N 958 -80.40 -110.34 18.02
C ASN N 958 -79.49 -109.56 17.08
N ILE N 959 -78.23 -109.49 17.47
CA ILE N 959 -77.27 -108.76 16.71
C ILE N 959 -75.86 -109.30 16.86
N SER N 960 -75.23 -109.61 15.74
CA SER N 960 -73.88 -110.17 15.80
C SER N 960 -73.19 -110.02 14.46
N ARG N 961 -72.05 -110.73 14.32
CA ARG N 961 -71.30 -110.69 13.08
C ARG N 961 -71.46 -111.94 12.30
N TYR N 962 -72.49 -112.69 12.61
CA TYR N 962 -72.63 -113.91 11.87
C TYR N 962 -73.99 -114.02 11.30
N SER N 963 -74.04 -114.33 10.03
CA SER N 963 -75.31 -114.51 9.42
C SER N 963 -75.86 -115.84 9.92
N GLN N 964 -77.18 -115.96 9.81
CA GLN N 964 -77.83 -117.19 10.19
C GLN N 964 -77.27 -118.29 9.30
N GLN N 965 -77.06 -117.95 8.05
CA GLN N 965 -76.52 -118.95 7.17
C GLN N 965 -75.18 -119.43 7.64
N GLN N 966 -74.32 -118.52 8.05
CA GLN N 966 -73.05 -119.00 8.52
C GLN N 966 -73.26 -120.00 9.64
N LEU N 967 -73.99 -119.53 10.64
CA LEU N 967 -74.27 -120.33 11.82
C LEU N 967 -74.82 -121.67 11.46
N MET N 968 -75.69 -121.61 10.50
CA MET N 968 -76.33 -122.80 10.10
C MET N 968 -75.41 -123.74 9.39
N GLU N 969 -74.44 -123.19 8.69
CA GLU N 969 -73.54 -124.02 7.94
C GLU N 969 -72.27 -124.45 8.64
N THR N 970 -71.99 -123.88 9.80
CA THR N 970 -70.79 -124.22 10.56
C THR N 970 -71.08 -125.19 11.69
N SER N 971 -70.22 -126.18 11.86
CA SER N 971 -70.44 -127.16 12.91
C SER N 971 -69.73 -126.86 14.22
N HIS N 972 -68.71 -126.04 14.18
CA HIS N 972 -68.05 -125.78 15.44
C HIS N 972 -67.87 -124.33 15.58
N ARG N 973 -67.99 -123.90 16.80
CA ARG N 973 -67.85 -122.50 17.06
C ARG N 973 -66.54 -121.93 16.58
N HIS N 974 -65.49 -122.71 16.79
CA HIS N 974 -64.16 -122.26 16.45
C HIS N 974 -64.02 -121.94 14.97
N LEU N 975 -64.93 -122.40 14.16
CA LEU N 975 -64.84 -122.10 12.74
C LEU N 975 -65.62 -120.89 12.27
N LEU N 976 -66.17 -120.15 13.18
CA LEU N 976 -66.87 -119.03 12.65
C LEU N 976 -65.95 -117.87 12.53
N HIS N 977 -66.22 -117.11 11.53
CA HIS N 977 -65.46 -115.95 11.30
C HIS N 977 -66.42 -114.79 11.17
N ALA N 978 -66.07 -113.69 11.80
CA ALA N 978 -66.93 -112.54 11.71
C ALA N 978 -67.13 -112.11 10.28
N GLU N 979 -68.33 -111.64 9.98
CA GLU N 979 -68.62 -111.18 8.66
C GLU N 979 -68.39 -109.68 8.60
N GLU N 980 -68.49 -109.17 7.42
CA GLU N 980 -68.23 -107.78 7.14
C GLU N 980 -68.83 -106.72 8.05
N GLY N 981 -70.12 -106.70 8.28
CA GLY N 981 -70.56 -105.62 9.13
C GLY N 981 -71.22 -106.19 10.35
N THR N 982 -72.42 -105.72 10.61
CA THR N 982 -73.19 -106.25 11.70
C THR N 982 -74.52 -106.80 11.20
N TRP N 983 -74.77 -108.04 11.56
CA TRP N 983 -76.02 -108.68 11.20
C TRP N 983 -77.08 -108.43 12.24
N LEU N 984 -78.22 -108.00 11.74
CA LEU N 984 -79.29 -107.69 12.63
C LEU N 984 -80.61 -108.32 12.28
N ASN N 985 -81.14 -109.03 13.28
CA ASN N 985 -82.44 -109.64 13.15
C ASN N 985 -83.41 -109.06 14.14
N ILE N 986 -84.48 -108.52 13.56
CA ILE N 986 -85.57 -107.96 14.29
C ILE N 986 -86.84 -108.74 14.03
N ASP N 987 -87.28 -109.36 15.11
CA ASP N 987 -88.43 -110.18 15.05
C ASP N 987 -89.67 -109.61 15.71
N GLY N 988 -90.76 -109.72 14.94
CA GLY N 988 -92.03 -109.34 15.46
C GLY N 988 -92.47 -110.51 16.33
N PHE N 989 -92.09 -111.72 15.92
CA PHE N 989 -92.42 -112.90 16.66
C PHE N 989 -91.41 -113.96 16.45
N HIS N 990 -91.27 -114.78 17.48
CA HIS N 990 -90.32 -115.84 17.43
C HIS N 990 -90.79 -117.06 18.17
N MET N 991 -90.62 -118.22 17.56
CA MET N 991 -91.03 -119.47 18.16
C MET N 991 -90.28 -119.84 19.42
N GLY N 992 -90.86 -120.68 20.25
CA GLY N 992 -90.18 -121.07 21.47
C GLY N 992 -89.00 -121.98 21.14
N ILE N 993 -88.21 -122.35 22.14
CA ILE N 993 -87.05 -123.20 21.90
C ILE N 993 -87.22 -124.62 22.38
N GLY N 994 -88.15 -124.83 23.29
CA GLY N 994 -88.43 -126.16 23.79
C GLY N 994 -87.30 -126.67 24.67
N GLY N 995 -87.28 -127.99 24.82
CA GLY N 995 -86.25 -128.60 25.62
C GLY N 995 -86.72 -129.73 26.51
N ASP N 996 -88.02 -129.98 26.54
CA ASP N 996 -88.50 -131.07 27.40
C ASP N 996 -87.65 -132.32 27.21
N ASP N 997 -87.16 -132.45 25.97
CA ASP N 997 -86.25 -133.47 25.53
C ASP N 997 -85.66 -132.99 24.23
N SER N 998 -84.55 -133.62 23.85
CA SER N 998 -83.91 -133.17 22.63
C SER N 998 -83.97 -134.18 21.51
N TRP N 999 -84.95 -135.09 21.55
CA TRP N 999 -85.02 -136.02 20.45
C TRP N 999 -86.42 -136.20 19.89
N SER N 1000 -87.24 -135.19 20.20
CA SER N 1000 -88.61 -135.07 19.77
C SER N 1000 -88.98 -133.61 19.91
N PRO N 1001 -90.07 -133.28 19.24
CA PRO N 1001 -90.54 -131.93 19.26
C PRO N 1001 -91.02 -131.61 20.64
N SER N 1002 -90.43 -130.58 21.23
CA SER N 1002 -90.75 -130.24 22.58
C SER N 1002 -91.27 -128.84 22.78
N VAL N 1003 -91.51 -128.10 21.71
CA VAL N 1003 -92.03 -126.74 21.89
C VAL N 1003 -93.54 -126.74 22.11
N SER N 1004 -94.02 -126.18 23.22
CA SER N 1004 -95.46 -126.19 23.38
C SER N 1004 -96.22 -125.25 22.50
N ALA N 1005 -97.40 -125.74 22.24
CA ALA N 1005 -98.31 -125.03 21.41
C ALA N 1005 -98.36 -123.57 21.72
N GLU N 1006 -98.42 -123.18 22.99
CA GLU N 1006 -98.45 -121.75 23.22
C GLU N 1006 -97.28 -121.07 22.63
N PHE N 1007 -96.23 -121.81 22.30
CA PHE N 1007 -95.10 -121.10 21.75
C PHE N 1007 -94.89 -121.24 20.30
N GLN N 1008 -95.87 -121.80 19.61
CA GLN N 1008 -95.75 -121.96 18.19
C GLN N 1008 -96.44 -120.80 17.49
N LEU N 1009 -95.89 -120.39 16.34
CA LEU N 1009 -96.44 -119.28 15.58
C LEU N 1009 -97.53 -119.83 14.71
N SER N 1010 -98.64 -120.08 15.33
CA SER N 1010 -99.73 -120.71 14.64
C SER N 1010 -100.92 -119.80 14.32
N ALA N 1011 -100.82 -118.52 14.63
CA ALA N 1011 -101.92 -117.60 14.43
C ALA N 1011 -102.39 -117.39 13.00
N GLY N 1012 -101.55 -117.58 12.02
CA GLY N 1012 -102.02 -117.36 10.67
C GLY N 1012 -101.82 -115.92 10.24
N ARG N 1013 -102.07 -115.00 11.15
CA ARG N 1013 -101.87 -113.64 10.75
C ARG N 1013 -101.09 -112.90 11.79
N TYR N 1014 -100.11 -112.15 11.34
CA TYR N 1014 -99.30 -111.40 12.27
C TYR N 1014 -99.08 -109.97 11.82
N HIS N 1015 -99.00 -109.11 12.81
CA HIS N 1015 -98.80 -107.71 12.58
C HIS N 1015 -97.73 -107.11 13.46
N TYR N 1016 -96.94 -106.22 12.90
CA TYR N 1016 -95.95 -105.51 13.70
C TYR N 1016 -95.49 -104.23 13.06
N GLN N 1017 -95.02 -103.33 13.90
CA GLN N 1017 -94.59 -102.01 13.49
C GLN N 1017 -93.31 -101.57 14.08
N LEU N 1018 -92.68 -100.72 13.35
CA LEU N 1018 -91.41 -100.31 13.77
C LEU N 1018 -91.00 -98.94 13.36
N VAL N 1019 -90.10 -98.40 14.15
CA VAL N 1019 -89.59 -97.10 13.82
C VAL N 1019 -88.09 -97.00 13.79
N TRP N 1020 -87.59 -96.48 12.69
CA TRP N 1020 -86.17 -96.41 12.52
C TRP N 1020 -85.68 -94.97 12.30
N CME N 1021 -84.65 -94.61 13.02
CA CME N 1021 -83.99 -93.30 12.92
CB CME N 1021 -84.62 -92.26 13.79
SG CME N 1021 -85.95 -93.04 14.69
SD CME N 1021 -85.69 -92.22 16.48
CE CME N 1021 -83.90 -92.03 16.32
CZ CME N 1021 -83.47 -90.57 16.11
OH CME N 1021 -82.45 -90.25 17.03
C CME N 1021 -82.55 -93.29 13.33
O CME N 1021 -82.05 -94.23 13.91
N GLN N 1022 -81.96 -92.15 13.00
CA GLN N 1022 -80.61 -91.86 13.24
C GLN N 1022 -80.46 -90.66 14.09
N LYS N 1023 -79.28 -90.56 14.73
CA LYS N 1023 -78.92 -89.45 15.59
C LYS N 1023 -77.67 -88.81 15.02
N ILE O 3 -50.46 -178.13 28.70
CA ILE O 3 -49.66 -177.44 29.75
C ILE O 3 -50.46 -176.59 30.75
N THR O 4 -51.34 -175.80 30.17
CA THR O 4 -52.20 -174.99 30.97
C THR O 4 -53.29 -175.92 31.37
N ASP O 5 -53.31 -177.12 30.79
CA ASP O 5 -54.27 -178.13 31.15
C ASP O 5 -53.69 -178.95 32.29
N SER O 6 -52.53 -178.52 32.72
CA SER O 6 -51.82 -179.22 33.75
C SER O 6 -52.36 -179.01 35.15
N LEU O 7 -52.43 -180.10 35.86
CA LEU O 7 -52.83 -180.03 37.24
C LEU O 7 -52.08 -178.90 37.90
N ALA O 8 -50.81 -179.01 37.77
CA ALA O 8 -49.96 -178.06 38.40
C ALA O 8 -50.47 -176.65 38.28
N VAL O 9 -50.99 -176.42 37.11
CA VAL O 9 -51.49 -175.13 36.76
C VAL O 9 -52.94 -174.91 37.23
N VAL O 10 -53.81 -175.82 36.86
CA VAL O 10 -55.17 -175.74 37.25
C VAL O 10 -55.31 -175.58 38.77
N LEU O 11 -54.74 -176.50 39.48
CA LEU O 11 -54.87 -176.42 40.92
C LEU O 11 -54.19 -175.23 41.50
N GLN O 12 -53.56 -174.50 40.65
CA GLN O 12 -52.88 -173.39 41.19
C GLN O 12 -53.86 -172.47 41.88
N ARG O 13 -54.91 -172.17 41.14
CA ARG O 13 -55.90 -171.23 41.61
C ARG O 13 -56.70 -171.62 42.86
N ARG O 14 -56.91 -172.92 43.07
CA ARG O 14 -57.62 -173.29 44.27
C ARG O 14 -59.01 -172.65 44.30
N ASP O 15 -59.72 -172.96 43.26
CA ASP O 15 -61.05 -172.50 43.08
C ASP O 15 -61.96 -172.98 44.19
N TRP O 16 -61.60 -174.13 44.74
CA TRP O 16 -62.33 -174.74 45.82
C TRP O 16 -62.12 -174.04 47.13
N GLU O 17 -61.41 -172.92 47.12
CA GLU O 17 -61.27 -172.17 48.35
C GLU O 17 -61.64 -170.74 48.05
N ASN O 18 -62.59 -170.61 47.14
CA ASN O 18 -63.03 -169.31 46.74
C ASN O 18 -64.47 -169.25 46.32
N PRO O 19 -65.24 -168.73 47.27
CA PRO O 19 -66.66 -168.48 47.18
C PRO O 19 -66.98 -167.65 45.95
N GLY O 20 -65.96 -166.95 45.46
CA GLY O 20 -66.12 -166.16 44.27
C GLY O 20 -66.16 -167.11 43.07
N VAL O 21 -65.61 -168.29 43.21
CA VAL O 21 -65.71 -169.14 42.06
C VAL O 21 -66.54 -170.33 42.40
N THR O 22 -67.64 -170.42 41.71
CA THR O 22 -68.52 -171.53 42.00
C THR O 22 -68.69 -172.44 40.83
N GLN O 23 -68.21 -172.00 39.72
CA GLN O 23 -68.27 -172.78 38.52
C GLN O 23 -67.33 -172.18 37.49
N LEU O 24 -67.05 -172.94 36.43
CA LEU O 24 -66.19 -172.51 35.34
C LEU O 24 -66.67 -173.16 34.08
N ASN O 25 -67.08 -172.37 33.16
CA ASN O 25 -67.54 -172.93 31.90
C ASN O 25 -68.73 -173.85 31.97
N ARG O 26 -69.45 -173.78 33.07
CA ARG O 26 -70.63 -174.62 33.22
C ARG O 26 -71.76 -173.98 32.44
N LEU O 27 -72.57 -174.77 31.76
CA LEU O 27 -73.69 -174.20 31.02
C LEU O 27 -74.79 -173.76 31.94
N ALA O 28 -75.80 -173.14 31.36
CA ALA O 28 -76.95 -172.67 32.11
C ALA O 28 -77.96 -173.75 32.39
N ALA O 29 -78.62 -173.55 33.54
CA ALA O 29 -79.64 -174.40 34.09
C ALA O 29 -80.96 -174.40 33.32
N HIS O 30 -81.77 -175.42 33.44
CA HIS O 30 -83.03 -175.48 32.70
C HIS O 30 -83.71 -176.78 33.04
N PRO O 31 -84.93 -176.86 32.58
CA PRO O 31 -85.66 -178.07 32.80
C PRO O 31 -85.07 -179.16 31.92
N PRO O 32 -85.46 -180.31 32.23
CA PRO O 32 -85.06 -181.53 31.60
C PRO O 32 -85.36 -181.68 30.12
N PHE O 33 -84.27 -181.93 29.41
CA PHE O 33 -84.28 -182.16 27.97
C PHE O 33 -83.91 -183.60 27.60
N ALA O 34 -84.44 -184.01 26.44
CA ALA O 34 -84.20 -185.34 25.87
C ALA O 34 -83.79 -185.18 24.41
N SER O 35 -84.20 -184.07 23.83
CA SER O 35 -83.90 -183.81 22.45
C SER O 35 -84.52 -184.84 21.56
N TRP O 36 -85.75 -185.23 21.84
CA TRP O 36 -86.35 -186.19 20.95
C TRP O 36 -86.28 -185.61 19.58
N ARG O 37 -86.20 -186.52 18.62
CA ARG O 37 -86.19 -186.10 17.24
C ARG O 37 -87.46 -186.57 16.57
N ASN O 38 -88.39 -187.06 17.39
CA ASN O 38 -89.68 -187.51 16.91
C ASN O 38 -90.73 -187.16 17.94
N SER O 39 -91.79 -186.55 17.45
CA SER O 39 -92.87 -186.15 18.30
C SER O 39 -93.45 -187.28 19.17
N GLU O 40 -93.98 -188.29 18.51
CA GLU O 40 -94.58 -189.39 19.21
C GLU O 40 -93.77 -189.87 20.37
N GLU O 41 -92.50 -190.01 20.13
CA GLU O 41 -91.63 -190.48 21.17
C GLU O 41 -91.69 -189.57 22.36
N ALA O 42 -91.37 -188.34 22.09
CA ALA O 42 -91.42 -187.36 23.13
C ALA O 42 -92.79 -187.43 23.76
N ARG O 43 -93.78 -187.50 22.93
CA ARG O 43 -95.11 -187.53 23.46
C ARG O 43 -95.38 -188.65 24.41
N THR O 44 -94.87 -189.80 24.09
CA THR O 44 -95.11 -190.98 24.90
C THR O 44 -93.94 -191.23 25.80
N ASP O 45 -93.19 -190.18 25.98
CA ASP O 45 -92.06 -190.29 26.83
C ASP O 45 -91.23 -191.52 26.54
N ARG O 46 -90.89 -191.77 25.27
CA ARG O 46 -90.03 -192.90 25.04
C ARG O 46 -88.64 -192.49 25.41
N PRO O 47 -87.67 -193.21 24.94
CA PRO O 47 -86.33 -192.83 25.32
C PRO O 47 -85.61 -192.25 24.16
N SER O 48 -84.93 -191.15 24.41
CA SER O 48 -84.23 -190.50 23.32
C SER O 48 -82.82 -190.99 23.25
N GLN O 49 -82.41 -191.08 22.02
CA GLN O 49 -81.08 -191.52 21.74
C GLN O 49 -80.15 -190.36 21.78
N GLN O 50 -80.66 -189.11 21.87
CA GLN O 50 -79.70 -188.03 21.96
C GLN O 50 -79.25 -187.90 23.39
N LEU O 51 -79.80 -188.83 24.14
CA LEU O 51 -79.50 -188.94 25.53
C LEU O 51 -78.85 -190.25 25.85
N ARG O 52 -77.65 -190.17 26.42
CA ARG O 52 -76.92 -191.37 26.72
C ARG O 52 -76.33 -191.42 28.10
N SER O 53 -76.55 -192.55 28.78
CA SER O 53 -76.01 -192.68 30.11
C SER O 53 -74.60 -193.16 30.14
N LEU O 54 -73.83 -192.63 31.05
CA LEU O 54 -72.45 -193.03 31.20
C LEU O 54 -72.27 -193.77 32.48
N ASN O 55 -73.42 -194.14 33.02
CA ASN O 55 -73.35 -194.86 34.27
C ASN O 55 -72.86 -196.23 33.96
N GLY O 56 -72.07 -196.72 34.91
CA GLY O 56 -71.52 -198.04 34.84
C GLY O 56 -70.18 -198.12 35.51
N GLU O 57 -69.36 -199.00 34.95
CA GLU O 57 -68.04 -199.21 35.48
C GLU O 57 -67.11 -198.11 35.08
N TRP O 58 -66.38 -197.64 36.04
CA TRP O 58 -65.46 -196.55 35.79
C TRP O 58 -64.19 -196.82 36.54
N ARG O 59 -63.21 -195.96 36.37
CA ARG O 59 -62.00 -196.24 37.10
C ARG O 59 -61.74 -195.22 38.13
N PHE O 60 -61.46 -195.75 39.30
CA PHE O 60 -61.30 -194.88 40.43
C PHE O 60 -59.99 -194.96 41.14
N ALA O 61 -59.58 -193.84 41.70
CA ALA O 61 -58.39 -193.83 42.52
C ALA O 61 -58.49 -192.73 43.51
N TRP O 62 -58.06 -193.01 44.70
CA TRP O 62 -58.21 -192.07 45.78
C TRP O 62 -56.94 -191.47 46.30
N PHE O 63 -56.96 -190.21 46.69
CA PHE O 63 -55.78 -189.57 47.22
C PHE O 63 -56.18 -188.67 48.33
N PRO O 64 -55.32 -188.65 49.28
CA PRO O 64 -55.40 -187.84 50.49
C PRO O 64 -55.43 -186.34 50.21
N ALA O 65 -55.01 -185.96 49.01
CA ALA O 65 -54.99 -184.57 48.64
C ALA O 65 -54.89 -184.43 47.15
N PRO O 66 -55.38 -183.31 46.70
CA PRO O 66 -55.38 -183.01 45.29
C PRO O 66 -53.97 -182.91 44.75
N GLU O 67 -53.13 -182.20 45.51
CA GLU O 67 -51.75 -181.99 45.19
C GLU O 67 -51.02 -183.32 44.93
N ALA O 68 -51.42 -184.37 45.59
CA ALA O 68 -50.81 -185.66 45.36
C ALA O 68 -51.22 -186.29 44.04
N VAL O 69 -51.98 -185.63 43.21
CA VAL O 69 -52.31 -186.32 41.98
C VAL O 69 -51.19 -186.23 40.94
N PRO O 70 -51.16 -187.24 40.04
CA PRO O 70 -50.15 -187.38 39.02
C PRO O 70 -50.62 -187.05 37.65
N GLU O 71 -49.83 -186.16 37.07
CA GLU O 71 -50.06 -185.61 35.79
C GLU O 71 -50.39 -186.67 34.77
N SER O 72 -49.76 -187.78 34.98
CA SER O 72 -49.98 -188.93 34.14
C SER O 72 -51.45 -189.22 34.04
N TRP O 73 -52.08 -189.05 35.20
CA TRP O 73 -53.48 -189.34 35.38
C TRP O 73 -54.28 -188.78 34.23
N LEU O 74 -53.85 -187.60 33.83
CA LEU O 74 -54.50 -186.84 32.76
C LEU O 74 -54.46 -187.56 31.45
N GLU O 75 -53.31 -188.17 31.27
CA GLU O 75 -53.03 -188.88 30.06
C GLU O 75 -53.40 -190.32 30.15
N CYS O 76 -52.91 -190.91 31.21
CA CYS O 76 -53.08 -192.30 31.34
C CYS O 76 -53.74 -192.71 32.59
N ASP O 77 -54.53 -193.78 32.40
CA ASP O 77 -55.22 -194.42 33.48
C ASP O 77 -54.22 -194.95 34.48
N LEU O 78 -54.61 -195.13 35.70
CA LEU O 78 -53.60 -195.64 36.58
C LEU O 78 -53.56 -197.14 36.66
N PRO O 79 -52.46 -197.58 37.19
CA PRO O 79 -52.21 -198.98 37.34
C PRO O 79 -52.96 -199.46 38.56
N GLU O 80 -52.80 -198.64 39.60
CA GLU O 80 -53.42 -198.88 40.89
C GLU O 80 -54.87 -198.45 40.93
N ALA O 81 -55.38 -198.05 39.78
CA ALA O 81 -56.76 -197.66 39.71
C ALA O 81 -57.64 -198.88 39.89
N ASP O 82 -58.82 -198.67 40.46
CA ASP O 82 -59.77 -199.74 40.65
C ASP O 82 -60.93 -199.55 39.75
N THR O 83 -61.64 -200.61 39.54
CA THR O 83 -62.79 -200.44 38.72
C THR O 83 -63.97 -200.33 39.63
N VAL O 84 -64.76 -199.26 39.42
CA VAL O 84 -65.89 -198.95 40.26
C VAL O 84 -67.15 -198.64 39.50
N VAL O 85 -68.25 -198.78 40.21
CA VAL O 85 -69.52 -198.44 39.63
C VAL O 85 -69.94 -197.05 40.00
N VAL O 86 -70.43 -196.37 38.98
CA VAL O 86 -70.90 -195.04 39.10
C VAL O 86 -72.34 -195.01 38.64
N PRO O 87 -73.19 -194.29 39.38
CA PRO O 87 -72.81 -193.43 40.50
C PRO O 87 -72.63 -194.14 41.82
N SER O 88 -71.92 -193.45 42.71
CA SER O 88 -71.66 -194.01 44.01
C SER O 88 -70.94 -193.09 44.99
N ASN O 89 -70.91 -193.54 46.25
CA ASN O 89 -70.19 -192.77 47.27
C ASN O 89 -68.95 -193.52 47.66
N TRP O 90 -67.88 -192.85 47.43
CA TRP O 90 -66.66 -193.51 47.71
C TRP O 90 -66.48 -194.07 49.11
N GLN O 91 -67.06 -193.41 50.11
CA GLN O 91 -66.95 -193.92 51.46
C GLN O 91 -67.63 -195.27 51.52
N MET O 92 -68.57 -195.46 50.61
CA MET O 92 -69.30 -196.72 50.60
C MET O 92 -68.45 -197.86 50.08
N HIS O 93 -67.29 -197.51 49.57
CA HIS O 93 -66.39 -198.50 49.02
C HIS O 93 -65.17 -198.68 49.84
N GLY O 94 -65.22 -198.14 51.02
CA GLY O 94 -64.12 -198.26 51.94
C GLY O 94 -63.02 -197.27 51.67
N TYR O 95 -63.16 -196.38 50.70
CA TYR O 95 -62.05 -195.47 50.50
C TYR O 95 -61.63 -194.59 51.67
N ASP O 96 -62.62 -194.11 52.38
CA ASP O 96 -62.45 -193.33 53.59
C ASP O 96 -63.74 -193.43 54.34
N ALA O 97 -63.76 -192.77 55.48
CA ALA O 97 -64.94 -192.81 56.34
C ALA O 97 -66.01 -191.79 56.05
N PRO O 98 -67.23 -192.23 56.30
CA PRO O 98 -68.37 -191.38 56.22
C PRO O 98 -68.44 -190.74 57.58
N ILE O 99 -68.82 -189.49 57.61
CA ILE O 99 -68.93 -188.83 58.88
C ILE O 99 -70.35 -188.46 59.23
N TYR O 100 -70.58 -188.61 60.53
CA TYR O 100 -71.85 -188.25 61.06
C TYR O 100 -71.81 -187.24 62.19
N THR O 101 -71.94 -185.97 61.79
CA THR O 101 -72.15 -184.83 62.68
C THR O 101 -73.43 -184.19 62.20
N ASN O 102 -74.01 -183.39 63.10
CA ASN O 102 -75.24 -182.70 62.85
C ASN O 102 -75.06 -181.21 62.61
N VAL O 103 -74.59 -180.55 63.66
CA VAL O 103 -74.39 -179.12 63.60
C VAL O 103 -72.96 -178.77 63.28
N THR O 104 -72.09 -179.31 64.11
CA THR O 104 -70.69 -179.08 63.99
C THR O 104 -70.13 -179.49 62.65
N TYR O 105 -69.41 -178.55 62.06
CA TYR O 105 -68.81 -178.81 60.79
C TYR O 105 -67.76 -179.90 60.91
N PRO O 106 -67.74 -180.75 59.89
CA PRO O 106 -66.80 -181.83 59.82
C PRO O 106 -65.38 -181.28 59.74
N ILE O 107 -65.23 -180.08 59.21
CA ILE O 107 -63.91 -179.54 59.12
C ILE O 107 -63.79 -178.32 59.98
N THR O 108 -62.60 -177.78 60.03
CA THR O 108 -62.36 -176.60 60.84
C THR O 108 -63.00 -175.40 60.22
N VAL O 109 -63.56 -174.59 61.10
CA VAL O 109 -64.22 -173.42 60.60
C VAL O 109 -63.35 -172.23 60.25
N ASN O 110 -63.07 -172.11 58.98
CA ASN O 110 -62.25 -171.02 58.54
C ASN O 110 -62.47 -170.69 57.10
N PRO O 111 -63.67 -170.31 56.85
CA PRO O 111 -64.07 -169.94 55.54
C PRO O 111 -63.14 -168.85 55.05
N PRO O 112 -62.83 -168.98 53.79
CA PRO O 112 -63.42 -170.02 52.97
C PRO O 112 -62.48 -171.15 52.79
N PHE O 113 -61.69 -171.37 53.81
CA PHE O 113 -60.70 -172.39 53.75
C PHE O 113 -61.14 -173.74 54.17
N VAL O 114 -60.70 -174.66 53.35
CA VAL O 114 -60.86 -176.08 53.47
C VAL O 114 -59.50 -176.63 53.98
N PRO O 115 -59.49 -177.83 54.50
CA PRO O 115 -58.26 -178.43 55.01
C PRO O 115 -57.36 -179.00 53.93
N THR O 116 -56.06 -178.75 54.13
CA THR O 116 -55.00 -179.16 53.21
C THR O 116 -55.13 -180.62 52.78
N GLU O 117 -55.53 -181.46 53.73
CA GLU O 117 -55.74 -182.86 53.43
C GLU O 117 -57.16 -182.99 53.00
N ASN O 118 -57.35 -182.97 51.73
CA ASN O 118 -58.66 -183.04 51.27
C ASN O 118 -58.75 -184.12 50.23
N PRO O 119 -59.36 -185.13 50.70
CA PRO O 119 -59.58 -186.35 49.97
C PRO O 119 -60.06 -186.14 48.57
N THR O 120 -59.24 -186.59 47.64
CA THR O 120 -59.56 -186.47 46.26
C THR O 120 -59.90 -187.79 45.59
N GLY O 121 -60.90 -187.77 44.73
CA GLY O 121 -61.30 -188.98 44.06
C GLY O 121 -61.15 -188.82 42.56
N CYS O 122 -60.23 -189.57 41.96
CA CYS O 122 -60.03 -189.45 40.54
C CYS O 122 -60.79 -190.48 39.79
N TYR O 123 -61.78 -189.98 39.11
CA TYR O 123 -62.64 -190.84 38.33
C TYR O 123 -62.25 -190.67 36.89
N SER O 124 -62.36 -191.77 36.15
CA SER O 124 -61.97 -191.71 34.76
C SER O 124 -62.79 -192.65 33.93
N LEU O 125 -62.99 -192.23 32.71
CA LEU O 125 -63.76 -193.05 31.85
C LEU O 125 -63.51 -192.86 30.37
N THR O 126 -63.35 -194.02 29.78
CA THR O 126 -63.06 -194.12 28.39
C THR O 126 -64.26 -194.61 27.63
N PHE O 127 -64.58 -193.87 26.62
CA PHE O 127 -65.75 -194.23 25.87
C PHE O 127 -65.64 -193.73 24.46
N ASN O 128 -66.57 -194.33 23.75
CA ASN O 128 -66.72 -194.15 22.36
C ASN O 128 -67.86 -193.28 22.00
N VAL O 129 -67.63 -192.49 20.98
CA VAL O 129 -68.63 -191.58 20.51
C VAL O 129 -68.96 -191.82 19.07
N ASP O 130 -70.25 -191.87 18.77
CA ASP O 130 -70.60 -191.99 17.37
C ASP O 130 -70.11 -190.71 16.72
N GLU O 131 -69.67 -190.81 15.49
CA GLU O 131 -69.18 -189.62 14.87
C GLU O 131 -70.29 -188.78 14.29
N SER O 132 -71.40 -189.41 13.99
CA SER O 132 -72.48 -188.64 13.45
C SER O 132 -72.73 -187.44 14.38
N TRP O 133 -72.58 -187.72 15.65
CA TRP O 133 -72.74 -186.72 16.69
C TRP O 133 -71.64 -185.71 16.56
N LEU O 134 -70.53 -186.21 16.13
CA LEU O 134 -69.37 -185.38 15.99
C LEU O 134 -69.49 -184.46 14.81
N GLN O 135 -70.33 -184.85 13.87
CA GLN O 135 -70.48 -184.04 12.69
C GLN O 135 -71.24 -182.78 12.99
N GLU O 136 -72.52 -182.96 13.22
CA GLU O 136 -73.39 -181.85 13.50
C GLU O 136 -73.89 -181.78 14.95
N GLY O 137 -74.51 -180.65 15.28
CA GLY O 137 -75.09 -180.45 16.59
C GLY O 137 -74.10 -180.21 17.71
N GLN O 138 -74.67 -180.34 18.92
CA GLN O 138 -73.93 -180.11 20.13
C GLN O 138 -74.02 -181.23 21.13
N THR O 139 -72.86 -181.48 21.66
CA THR O 139 -72.73 -182.53 22.61
C THR O 139 -72.18 -182.07 23.94
N ARG O 140 -73.02 -182.36 24.91
CA ARG O 140 -72.67 -182.01 26.24
C ARG O 140 -72.87 -183.14 27.22
N ILE O 141 -72.11 -182.94 28.26
CA ILE O 141 -72.15 -183.86 29.34
C ILE O 141 -72.88 -183.29 30.53
N ILE O 142 -73.47 -184.22 31.27
CA ILE O 142 -74.24 -183.84 32.43
C ILE O 142 -74.05 -184.65 33.67
N PHE O 143 -73.61 -183.96 34.70
CA PHE O 143 -73.46 -184.55 36.00
C PHE O 143 -74.62 -184.21 36.90
N ASP O 144 -75.45 -185.19 37.15
CA ASP O 144 -76.59 -184.94 38.01
C ASP O 144 -76.24 -184.66 39.43
N GLY O 145 -75.06 -185.09 39.87
CA GLY O 145 -74.66 -184.84 41.23
C GLY O 145 -73.27 -185.35 41.59
N VAL O 146 -72.44 -184.39 42.02
CA VAL O 146 -71.05 -184.58 42.41
C VAL O 146 -70.75 -183.80 43.69
N ASN O 147 -70.37 -184.50 44.70
CA ASN O 147 -70.12 -183.86 45.97
C ASN O 147 -68.67 -183.96 46.38
N SER O 148 -68.06 -182.81 46.72
CA SER O 148 -68.72 -181.51 46.76
C SER O 148 -68.38 -180.60 45.61
N ALA O 149 -67.13 -180.64 45.17
CA ALA O 149 -66.63 -179.82 44.07
C ALA O 149 -65.82 -180.64 43.08
N PHE O 150 -65.56 -180.10 41.89
CA PHE O 150 -64.75 -180.86 40.96
C PHE O 150 -64.36 -180.16 39.68
N HIS O 151 -63.22 -180.66 39.15
CA HIS O 151 -62.58 -180.22 37.92
C HIS O 151 -62.76 -181.25 36.84
N LEU O 152 -62.77 -180.80 35.62
CA LEU O 152 -63.01 -181.78 34.61
C LEU O 152 -62.16 -181.67 33.35
N TRP O 153 -61.75 -182.86 32.87
CA TRP O 153 -60.95 -182.98 31.67
C TRP O 153 -61.49 -183.98 30.69
N CYS O 154 -61.27 -183.63 29.44
CA CYS O 154 -61.71 -184.49 28.38
C CYS O 154 -60.65 -184.58 27.34
N ASN O 155 -60.25 -185.84 27.12
CA ASN O 155 -59.22 -186.17 26.18
C ASN O 155 -58.00 -185.33 26.51
N GLY O 156 -57.67 -185.25 27.81
CA GLY O 156 -56.48 -184.53 28.24
C GLY O 156 -56.66 -183.05 28.40
N ARG O 157 -57.78 -182.58 27.90
CA ARG O 157 -58.04 -181.17 27.98
C ARG O 157 -58.91 -180.72 29.14
N TRP O 158 -58.45 -179.65 29.80
CA TRP O 158 -59.19 -179.07 30.91
C TRP O 158 -60.49 -178.47 30.45
N VAL O 159 -61.57 -178.77 31.16
CA VAL O 159 -62.85 -178.28 30.69
C VAL O 159 -63.57 -177.30 31.58
N GLY O 160 -63.77 -177.66 32.82
CA GLY O 160 -64.47 -176.77 33.68
C GLY O 160 -64.40 -177.22 35.12
N TYR O 161 -65.15 -176.45 35.90
CA TYR O 161 -65.24 -176.63 37.33
C TYR O 161 -66.65 -176.40 37.76
N GLY O 162 -67.02 -176.99 38.91
CA GLY O 162 -68.38 -176.86 39.45
C GLY O 162 -68.51 -177.03 40.97
N GLN O 163 -69.50 -176.33 41.56
CA GLN O 163 -69.83 -176.41 42.99
C GLN O 163 -71.34 -176.71 43.14
N ASP O 164 -71.76 -177.07 44.36
CA ASP O 164 -73.15 -177.41 44.68
C ASP O 164 -73.45 -178.86 44.39
N SER O 165 -73.28 -179.65 45.43
CA SER O 165 -73.50 -181.07 45.29
C SER O 165 -74.87 -181.49 44.88
N ARG O 166 -75.89 -180.65 45.00
CA ARG O 166 -77.20 -181.16 44.68
C ARG O 166 -77.84 -180.83 43.37
N LEU O 167 -77.19 -180.01 42.56
CA LEU O 167 -77.76 -179.73 41.25
C LEU O 167 -76.81 -180.13 40.14
N PRO O 168 -77.37 -180.30 38.96
CA PRO O 168 -76.67 -180.70 37.77
C PRO O 168 -75.65 -179.72 37.32
N SER O 169 -74.64 -180.28 36.64
CA SER O 169 -73.58 -179.51 36.04
C SER O 169 -73.45 -179.89 34.59
N GLU O 170 -73.50 -178.90 33.74
CA GLU O 170 -73.40 -179.22 32.35
C GLU O 170 -72.30 -178.52 31.64
N PHE O 171 -71.71 -179.33 30.75
CA PHE O 171 -70.69 -178.86 29.88
C PHE O 171 -70.78 -179.39 28.47
N ASP O 172 -70.40 -178.46 27.59
CA ASP O 172 -70.30 -178.64 26.16
C ASP O 172 -68.98 -179.25 25.84
N LEU O 173 -69.06 -180.48 25.33
CA LEU O 173 -67.88 -181.25 25.02
C LEU O 173 -67.45 -181.17 23.57
N SER O 174 -68.42 -180.70 22.79
CA SER O 174 -68.36 -180.51 21.37
C SER O 174 -66.95 -180.28 20.82
N ALA O 175 -66.20 -179.43 21.48
CA ALA O 175 -64.87 -179.17 21.01
C ALA O 175 -63.79 -180.11 21.50
N PHE O 176 -64.11 -181.12 22.33
CA PHE O 176 -63.03 -181.96 22.80
C PHE O 176 -63.19 -183.38 22.39
N LEU O 177 -64.24 -183.61 21.69
CA LEU O 177 -64.44 -184.94 21.30
C LEU O 177 -63.78 -185.32 20.00
N ARG O 178 -63.28 -186.55 20.02
CA ARG O 178 -62.66 -187.20 18.89
C ARG O 178 -63.59 -188.32 18.53
N ALA O 179 -63.52 -188.76 17.29
CA ALA O 179 -64.37 -189.88 16.99
C ALA O 179 -63.73 -191.10 17.63
N GLY O 180 -64.62 -192.02 17.99
CA GLY O 180 -64.19 -193.22 18.65
C GLY O 180 -63.91 -193.01 20.13
N GLU O 181 -62.69 -193.35 20.48
CA GLU O 181 -62.28 -193.33 21.86
C GLU O 181 -61.97 -192.02 22.50
N ASN O 182 -62.68 -191.77 23.61
CA ASN O 182 -62.44 -190.60 24.40
C ASN O 182 -62.31 -190.97 25.84
N ARG O 183 -61.63 -190.08 26.54
CA ARG O 183 -61.41 -190.28 27.95
C ARG O 183 -61.71 -189.05 28.79
N LEU O 184 -62.51 -189.32 29.85
CA LEU O 184 -62.88 -188.34 30.84
C LEU O 184 -62.08 -188.46 32.11
N ALA O 185 -61.67 -187.31 32.62
CA ALA O 185 -60.97 -187.33 33.89
C ALA O 185 -61.52 -186.27 34.81
N VAL O 186 -62.21 -186.81 35.82
CA VAL O 186 -62.88 -186.04 36.82
C VAL O 186 -62.25 -186.11 38.15
N MET O 187 -61.80 -184.97 38.58
CA MET O 187 -61.22 -184.93 39.88
C MET O 187 -62.22 -184.31 40.82
N VAL O 188 -62.67 -185.09 41.79
CA VAL O 188 -63.68 -184.71 42.77
C VAL O 188 -63.12 -184.41 44.16
N LEU O 189 -63.61 -183.37 44.83
CA LEU O 189 -63.09 -183.09 46.16
C LEU O 189 -64.08 -183.08 47.30
N ARG O 190 -63.63 -183.60 48.44
CA ARG O 190 -64.48 -183.65 49.60
C ARG O 190 -64.83 -182.27 50.05
N TRP O 191 -63.86 -181.54 50.52
CA TRP O 191 -64.14 -180.21 50.96
C TRP O 191 -63.97 -179.18 49.87
N SER O 192 -64.72 -178.09 49.98
CA SER O 192 -64.69 -176.93 49.08
C SER O 192 -65.35 -175.79 49.78
N ASP O 193 -65.31 -174.61 49.22
CA ASP O 193 -66.00 -173.54 49.90
C ASP O 193 -67.49 -173.86 50.03
N GLY O 194 -68.02 -174.61 49.02
CA GLY O 194 -69.42 -175.08 48.97
C GLY O 194 -69.83 -175.81 50.24
N SER O 195 -68.86 -176.45 50.82
CA SER O 195 -69.10 -177.19 52.03
C SER O 195 -69.63 -176.27 53.10
N TYR O 196 -69.11 -175.06 53.16
CA TYR O 196 -69.62 -174.17 54.16
C TYR O 196 -71.14 -173.97 54.05
N LEU O 197 -71.71 -174.22 52.86
CA LEU O 197 -73.12 -174.06 52.66
C LEU O 197 -73.83 -175.37 52.66
N GLU O 198 -73.14 -176.40 53.11
CA GLU O 198 -73.81 -177.68 53.09
C GLU O 198 -73.72 -178.41 54.41
N ASP O 199 -74.07 -177.72 55.49
CA ASP O 199 -73.95 -178.33 56.80
C ASP O 199 -75.13 -179.14 57.28
N GLN O 200 -75.86 -179.78 56.36
CA GLN O 200 -77.02 -180.59 56.79
C GLN O 200 -76.69 -181.69 57.77
N ASP O 201 -77.58 -181.92 58.76
CA ASP O 201 -77.40 -183.00 59.71
C ASP O 201 -77.71 -184.33 59.02
N MET O 202 -76.66 -184.86 58.42
CA MET O 202 -76.70 -186.09 57.67
C MET O 202 -75.28 -186.64 57.61
N TRP O 203 -75.15 -187.79 56.97
CA TRP O 203 -73.85 -188.39 56.81
C TRP O 203 -73.11 -187.55 55.80
N ARG O 204 -71.86 -187.30 56.10
CA ARG O 204 -71.03 -186.55 55.19
C ARG O 204 -70.28 -187.53 54.30
N MET O 205 -70.62 -187.54 53.03
CA MET O 205 -70.02 -188.43 52.08
C MET O 205 -69.48 -187.66 50.88
N SER O 206 -69.19 -188.37 49.78
CA SER O 206 -68.65 -187.74 48.56
C SER O 206 -68.56 -188.65 47.38
N GLY O 207 -68.41 -188.02 46.21
CA GLY O 207 -68.30 -188.74 44.96
C GLY O 207 -69.30 -188.36 43.90
N ILE O 208 -69.39 -189.21 42.90
CA ILE O 208 -70.32 -189.00 41.81
C ILE O 208 -71.48 -189.89 42.09
N PHE O 209 -72.39 -189.31 42.84
CA PHE O 209 -73.50 -190.05 43.35
C PHE O 209 -74.77 -189.92 42.58
N ARG O 210 -74.71 -189.20 41.49
CA ARG O 210 -75.89 -189.12 40.66
C ARG O 210 -75.48 -189.39 39.23
N ASP O 211 -76.46 -189.71 38.42
CA ASP O 211 -76.27 -190.00 37.02
C ASP O 211 -75.36 -189.08 36.26
N VAL O 212 -74.79 -189.70 35.18
CA VAL O 212 -73.93 -189.06 34.22
C VAL O 212 -74.40 -189.36 32.83
N SER O 213 -74.49 -188.30 32.02
CA SER O 213 -75.03 -188.49 30.70
C SER O 213 -74.51 -187.58 29.63
N LEU O 214 -74.94 -187.95 28.44
CA LEU O 214 -74.58 -187.22 27.26
C LEU O 214 -75.79 -186.86 26.50
N LEU O 215 -75.72 -185.61 26.12
CA LEU O 215 -76.81 -185.11 25.37
C LEU O 215 -76.39 -184.46 24.08
N HIS O 216 -77.09 -184.93 23.05
CA HIS O 216 -76.87 -184.47 21.73
C HIS O 216 -77.98 -183.56 21.30
N LYS O 217 -77.61 -182.30 21.08
CA LYS O 217 -78.59 -181.35 20.67
C LYS O 217 -78.19 -180.64 19.41
N PRO O 218 -79.22 -180.27 18.63
CA PRO O 218 -79.05 -179.51 17.40
C PRO O 218 -78.41 -178.19 17.70
N THR O 219 -77.75 -177.60 16.73
CA THR O 219 -77.09 -176.32 16.94
C THR O 219 -78.07 -175.20 17.21
N THR O 220 -79.19 -175.35 16.55
CA THR O 220 -80.28 -174.44 16.73
C THR O 220 -81.31 -175.26 17.49
N GLN O 221 -81.49 -174.91 18.75
CA GLN O 221 -82.35 -175.69 19.61
C GLN O 221 -83.14 -174.89 20.63
N ILE O 222 -84.02 -175.65 21.27
CA ILE O 222 -84.82 -175.18 22.36
C ILE O 222 -83.91 -175.05 23.57
N SER O 223 -83.76 -173.83 24.06
CA SER O 223 -82.87 -173.63 25.17
C SER O 223 -83.56 -173.67 26.53
N ASP O 224 -84.87 -173.44 26.52
CA ASP O 224 -85.61 -173.39 27.76
C ASP O 224 -87.07 -173.14 27.53
N PHE O 225 -87.90 -173.61 28.47
CA PHE O 225 -89.31 -173.36 28.37
C PHE O 225 -90.02 -173.40 29.70
N HIS O 226 -91.10 -172.64 29.83
CA HIS O 226 -91.90 -172.61 31.04
C HIS O 226 -93.34 -172.71 30.74
N VAL O 227 -94.00 -173.31 31.68
CA VAL O 227 -95.40 -173.51 31.59
C VAL O 227 -96.14 -172.86 32.73
N ALA O 228 -97.35 -172.39 32.44
CA ALA O 228 -98.17 -171.74 33.45
C ALA O 228 -99.65 -171.90 33.17
N THR O 229 -100.40 -172.08 34.26
CA THR O 229 -101.84 -172.22 34.13
C THR O 229 -102.61 -171.14 34.83
N ARG O 230 -103.63 -170.66 34.17
CA ARG O 230 -104.44 -169.64 34.77
C ARG O 230 -105.89 -170.06 34.74
N PHE O 231 -106.67 -169.68 35.73
CA PHE O 231 -108.07 -170.12 35.69
C PHE O 231 -109.10 -169.04 35.86
N ASN O 232 -110.34 -169.43 35.59
CA ASN O 232 -111.44 -168.54 35.82
C ASN O 232 -111.86 -168.79 37.26
N ASP O 233 -112.62 -167.89 37.80
CA ASP O 233 -113.07 -168.01 39.18
C ASP O 233 -113.55 -169.40 39.58
N ASP O 234 -114.02 -170.21 38.66
CA ASP O 234 -114.49 -171.49 39.13
C ASP O 234 -113.72 -172.66 38.58
N PHE O 235 -112.62 -172.35 37.90
CA PHE O 235 -111.83 -173.41 37.35
C PHE O 235 -112.56 -174.12 36.25
N SER O 236 -113.50 -173.45 35.63
CA SER O 236 -114.17 -174.13 34.57
C SER O 236 -113.40 -173.95 33.26
N ARG O 237 -112.44 -173.04 33.29
CA ARG O 237 -111.60 -172.75 32.13
C ARG O 237 -110.23 -172.28 32.52
N ALA O 238 -109.26 -172.80 31.78
CA ALA O 238 -107.89 -172.46 32.02
C ALA O 238 -107.14 -171.97 30.81
N VAL O 239 -105.98 -171.44 31.12
CA VAL O 239 -105.13 -171.04 30.09
C VAL O 239 -103.76 -171.57 30.29
N LEU O 240 -103.35 -172.35 29.33
CA LEU O 240 -102.03 -172.83 29.40
C LEU O 240 -101.14 -171.85 28.69
N GLU O 241 -100.14 -171.39 29.38
CA GLU O 241 -99.31 -170.45 28.75
C GLU O 241 -97.87 -170.90 28.79
N ALA O 242 -97.28 -171.01 27.60
CA ALA O 242 -95.91 -171.50 27.47
C ALA O 242 -94.96 -170.55 26.84
N GLU O 243 -93.81 -170.46 27.46
CA GLU O 243 -92.83 -169.58 26.92
C GLU O 243 -91.64 -170.40 26.56
N VAL O 244 -91.20 -170.15 25.33
CA VAL O 244 -90.10 -170.89 24.82
C VAL O 244 -88.96 -170.04 24.35
N GLN O 245 -87.80 -170.53 24.69
CA GLN O 245 -86.60 -169.87 24.27
C GLN O 245 -85.74 -170.78 23.47
N MET O 246 -85.09 -170.18 22.48
CA MET O 246 -84.21 -170.90 21.60
C MET O 246 -82.80 -170.36 21.62
N CYS O 247 -81.92 -171.23 21.21
CA CYS O 247 -80.53 -170.94 21.09
C CYS O 247 -80.16 -171.29 19.70
N GLY O 248 -79.28 -170.53 19.09
CA GLY O 248 -78.88 -170.86 17.74
C GLY O 248 -79.00 -169.77 16.68
N GLU O 249 -79.23 -170.25 15.47
CA GLU O 249 -79.33 -169.39 14.34
C GLU O 249 -80.74 -168.97 14.08
N LEU O 250 -81.01 -167.72 14.35
CA LEU O 250 -82.34 -167.25 14.14
C LEU O 250 -82.68 -167.09 12.69
N ARG O 251 -83.81 -167.67 12.29
CA ARG O 251 -84.30 -167.63 10.93
C ARG O 251 -85.79 -167.56 10.91
N ASP O 252 -86.28 -166.80 9.99
CA ASP O 252 -87.71 -166.61 9.84
C ASP O 252 -88.53 -167.84 9.48
N TYR O 253 -87.92 -168.96 9.20
CA TYR O 253 -88.80 -170.07 8.85
C TYR O 253 -89.02 -170.96 10.05
N LEU O 254 -88.46 -170.52 11.15
CA LEU O 254 -88.59 -171.26 12.37
C LEU O 254 -89.93 -171.09 12.97
N ARG O 255 -90.39 -172.19 13.53
CA ARG O 255 -91.65 -172.22 14.18
C ARG O 255 -91.63 -173.05 15.44
N VAL O 256 -92.68 -172.84 16.23
CA VAL O 256 -92.85 -173.56 17.45
C VAL O 256 -94.25 -174.00 17.59
N THR O 257 -94.37 -175.22 18.00
CA THR O 257 -95.66 -175.76 18.20
C THR O 257 -95.77 -176.44 19.53
N VAL O 258 -96.86 -176.09 20.17
CA VAL O 258 -97.12 -176.61 21.46
C VAL O 258 -98.44 -177.24 21.44
N SER O 259 -98.42 -178.48 21.85
CA SER O 259 -99.60 -179.28 21.85
C SER O 259 -99.84 -179.92 23.18
N LEU O 260 -101.11 -179.94 23.47
CA LEU O 260 -101.53 -180.49 24.69
C LEU O 260 -102.27 -181.74 24.48
N TRP O 261 -101.88 -182.70 25.28
CA TRP O 261 -102.48 -183.97 25.18
C TRP O 261 -103.03 -184.55 26.46
N GLN O 262 -104.13 -185.22 26.24
CA GLN O 262 -104.84 -185.93 27.25
C GLN O 262 -104.76 -187.39 26.88
N GLY O 263 -103.62 -187.93 27.21
CA GLY O 263 -103.41 -189.29 26.87
C GLY O 263 -103.35 -189.41 25.37
N GLU O 264 -104.40 -190.00 24.82
CA GLU O 264 -104.44 -190.22 23.40
C GLU O 264 -104.91 -189.03 22.63
N THR O 265 -105.70 -188.25 23.32
CA THR O 265 -106.26 -187.12 22.69
C THR O 265 -105.48 -185.84 22.74
N GLN O 266 -105.52 -185.18 21.61
CA GLN O 266 -104.90 -183.93 21.56
C GLN O 266 -105.95 -182.90 21.86
N VAL O 267 -105.68 -182.17 22.91
CA VAL O 267 -106.59 -181.19 23.45
C VAL O 267 -106.42 -179.80 22.92
N ALA O 268 -105.18 -179.47 22.59
CA ALA O 268 -104.93 -178.16 22.07
C ALA O 268 -103.57 -178.04 21.51
N SER O 269 -103.52 -177.17 20.51
CA SER O 269 -102.29 -176.92 19.86
C SER O 269 -102.17 -175.49 19.50
N GLY O 270 -100.93 -175.08 19.28
CA GLY O 270 -100.64 -173.72 18.91
C GLY O 270 -99.31 -173.67 18.22
N THR O 271 -99.27 -172.81 17.21
CA THR O 271 -98.05 -172.68 16.47
C THR O 271 -97.70 -171.26 16.25
N ALA O 272 -96.40 -170.98 16.28
CA ALA O 272 -95.96 -169.63 16.03
C ALA O 272 -94.48 -169.53 15.81
N PRO O 273 -94.13 -168.35 15.35
CA PRO O 273 -92.77 -167.98 15.03
C PRO O 273 -92.21 -167.18 16.16
N PHE O 274 -90.89 -167.16 16.24
CA PHE O 274 -90.24 -166.43 17.31
C PHE O 274 -90.51 -164.96 17.30
N GLY O 275 -90.25 -164.33 18.42
CA GLY O 275 -90.45 -162.93 18.56
C GLY O 275 -91.60 -162.64 19.52
N GLY O 276 -91.23 -161.96 20.62
CA GLY O 276 -92.14 -161.60 21.71
C GLY O 276 -92.75 -160.20 21.59
N GLU O 277 -93.53 -159.85 22.61
CA GLU O 277 -94.15 -158.55 22.66
C GLU O 277 -93.14 -157.60 23.19
N ILE O 278 -93.36 -156.32 22.94
CA ILE O 278 -92.46 -155.32 23.40
C ILE O 278 -92.38 -155.34 24.88
N ILE O 279 -91.19 -155.20 25.41
CA ILE O 279 -91.12 -155.23 26.82
C ILE O 279 -90.57 -153.93 27.35
N ASP O 280 -89.78 -153.25 26.55
CA ASP O 280 -89.28 -152.02 27.07
C ASP O 280 -88.91 -151.12 25.93
N GLU O 281 -88.20 -150.07 26.26
CA GLU O 281 -87.82 -149.14 25.22
C GLU O 281 -87.04 -149.73 24.05
N ARG O 282 -86.31 -150.86 24.26
CA ARG O 282 -85.53 -151.46 23.20
C ARG O 282 -86.26 -152.50 22.39
N GLY O 283 -87.44 -152.93 22.82
CA GLY O 283 -88.19 -153.91 22.08
C GLY O 283 -88.51 -155.11 22.93
N GLY O 284 -88.47 -156.30 22.28
CA GLY O 284 -88.71 -157.58 22.91
C GLY O 284 -87.63 -158.64 22.68
N TYR O 285 -87.99 -159.91 22.93
CA TYR O 285 -87.12 -161.04 22.72
C TYR O 285 -87.44 -161.66 21.38
N ALA O 286 -86.49 -161.54 20.50
CA ALA O 286 -86.60 -162.06 19.18
C ALA O 286 -86.53 -163.57 19.18
N ASP O 287 -85.79 -164.03 20.17
CA ASP O 287 -85.53 -165.42 20.38
C ASP O 287 -86.44 -166.03 21.40
N ARG O 288 -87.63 -165.51 21.55
CA ARG O 288 -88.54 -166.17 22.47
C ARG O 288 -89.89 -166.13 21.87
N VAL O 289 -90.76 -166.91 22.44
CA VAL O 289 -92.11 -166.91 21.97
C VAL O 289 -93.02 -167.48 23.04
N THR O 290 -94.24 -166.96 23.11
CA THR O 290 -95.15 -167.43 24.13
C THR O 290 -96.47 -167.87 23.59
N LEU O 291 -96.90 -169.06 23.93
CA LEU O 291 -98.18 -169.45 23.42
C LEU O 291 -99.18 -169.58 24.50
N ARG O 292 -100.41 -169.37 24.11
CA ARG O 292 -101.47 -169.46 25.07
C ARG O 292 -102.54 -170.42 24.63
N LEU O 293 -102.70 -171.51 25.34
CA LEU O 293 -103.72 -172.46 24.96
C LEU O 293 -104.88 -172.38 25.89
N ASN O 294 -106.04 -172.43 25.30
CA ASN O 294 -107.23 -172.39 26.13
C ASN O 294 -107.72 -173.77 26.37
N VAL O 295 -108.16 -174.01 27.59
CA VAL O 295 -108.70 -175.30 27.92
C VAL O 295 -109.98 -175.25 28.68
N GLU O 296 -110.99 -175.88 28.12
CA GLU O 296 -112.26 -175.92 28.80
C GLU O 296 -112.34 -177.09 29.72
N ASN O 297 -112.96 -176.86 30.86
CA ASN O 297 -113.14 -177.90 31.85
C ASN O 297 -111.95 -178.79 32.05
N PRO O 298 -110.82 -178.15 32.30
CA PRO O 298 -109.62 -178.88 32.52
C PRO O 298 -109.79 -179.79 33.71
N LYS O 299 -108.98 -180.82 33.73
CA LYS O 299 -108.93 -181.77 34.81
C LYS O 299 -107.84 -181.34 35.73
N LEU O 300 -108.23 -181.10 36.97
CA LEU O 300 -107.26 -180.59 37.90
C LEU O 300 -106.37 -181.59 38.53
N TRP O 301 -105.17 -181.13 38.80
CA TRP O 301 -104.24 -181.99 39.43
C TRP O 301 -104.27 -181.80 40.94
N SER O 302 -104.05 -182.85 41.71
CA SER O 302 -104.01 -182.71 43.16
C SER O 302 -103.42 -183.94 43.78
N ALA O 303 -103.01 -183.87 45.04
CA ALA O 303 -102.46 -185.08 45.60
C ALA O 303 -103.55 -186.12 45.64
N GLU O 304 -104.79 -185.65 45.78
CA GLU O 304 -105.94 -186.53 45.77
C GLU O 304 -106.11 -187.21 44.41
N ILE O 305 -105.93 -186.46 43.32
CA ILE O 305 -106.07 -186.99 41.97
C ILE O 305 -105.16 -186.26 41.07
N PRO O 306 -104.06 -186.91 40.84
CA PRO O 306 -103.02 -186.35 40.04
C PRO O 306 -103.35 -186.35 38.57
N ASN O 307 -104.39 -185.68 38.17
CA ASN O 307 -104.64 -185.66 36.77
C ASN O 307 -103.52 -184.97 36.04
N LEU O 308 -103.01 -185.63 35.01
CA LEU O 308 -101.95 -185.03 34.21
C LEU O 308 -102.24 -184.86 32.72
N TYR O 309 -101.48 -183.97 32.11
CA TYR O 309 -101.57 -183.75 30.69
C TYR O 309 -100.16 -183.78 30.15
N ARG O 310 -100.05 -183.98 28.85
CA ARG O 310 -98.73 -183.98 28.28
C ARG O 310 -98.56 -182.84 27.31
N ALA O 311 -97.40 -182.21 27.43
CA ALA O 311 -97.15 -181.10 26.58
C ALA O 311 -95.94 -181.30 25.73
N VAL O 312 -96.15 -180.93 24.45
CA VAL O 312 -95.10 -181.05 23.47
C VAL O 312 -94.74 -179.78 22.76
N VAL O 313 -93.44 -179.59 22.85
CA VAL O 313 -92.79 -178.46 22.28
C VAL O 313 -91.93 -178.88 21.12
N GLU O 314 -92.42 -178.51 19.96
CA GLU O 314 -91.72 -178.84 18.75
C GLU O 314 -91.24 -177.63 18.04
N LEU O 315 -89.94 -177.68 17.84
CA LEU O 315 -89.16 -176.68 17.16
C LEU O 315 -88.98 -177.16 15.74
N HIS O 316 -89.61 -176.46 14.83
CA HIS O 316 -89.49 -176.90 13.48
C HIS O 316 -89.51 -175.75 12.49
N THR O 317 -89.41 -176.10 11.23
CA THR O 317 -89.42 -175.11 10.18
C THR O 317 -90.81 -174.96 9.67
N ALA O 318 -90.99 -173.91 8.90
CA ALA O 318 -92.29 -173.64 8.33
C ALA O 318 -92.78 -174.76 7.43
N ASP O 319 -91.84 -175.34 6.67
CA ASP O 319 -92.18 -176.43 5.77
C ASP O 319 -92.77 -177.58 6.51
N GLY O 320 -92.35 -177.74 7.76
CA GLY O 320 -92.89 -178.81 8.56
C GLY O 320 -91.80 -179.74 9.06
N THR O 321 -90.60 -179.39 8.73
CA THR O 321 -89.53 -180.22 9.17
C THR O 321 -89.19 -179.99 10.62
N LEU O 322 -89.20 -181.06 11.39
CA LEU O 322 -88.90 -180.92 12.79
C LEU O 322 -87.45 -180.85 13.13
N ILE O 323 -87.05 -179.87 13.92
CA ILE O 323 -85.67 -179.78 14.34
C ILE O 323 -85.45 -180.64 15.58
N GLU O 324 -86.40 -180.54 16.51
CA GLU O 324 -86.31 -181.30 17.75
C GLU O 324 -87.53 -181.08 18.58
N ALA O 325 -87.64 -181.89 19.61
CA ALA O 325 -88.79 -181.80 20.50
C ALA O 325 -88.46 -182.02 21.97
N GLU O 326 -89.28 -181.37 22.76
CA GLU O 326 -89.17 -181.46 24.18
C GLU O 326 -90.55 -181.58 24.73
N ALA O 327 -90.61 -182.16 25.92
CA ALA O 327 -91.92 -182.31 26.48
C ALA O 327 -91.91 -182.34 27.99
N CYS O 328 -93.12 -182.37 28.54
CA CYS O 328 -93.30 -182.46 29.96
C CYS O 328 -94.73 -182.73 30.34
N ASP O 329 -94.85 -183.23 31.57
CA ASP O 329 -96.18 -183.50 32.06
C ASP O 329 -96.73 -182.24 32.66
N VAL O 330 -98.01 -182.05 32.46
CA VAL O 330 -98.59 -180.85 32.97
C VAL O 330 -99.77 -181.12 33.87
N GLY O 331 -99.81 -180.33 34.94
CA GLY O 331 -100.87 -180.43 35.92
C GLY O 331 -101.54 -179.10 36.14
N PHE O 332 -102.84 -179.10 36.02
CA PHE O 332 -103.59 -177.89 36.24
C PHE O 332 -103.95 -177.69 37.68
N ARG O 333 -103.33 -176.69 38.28
CA ARG O 333 -103.59 -176.41 39.68
C ARG O 333 -103.14 -175.03 40.00
N GLU O 334 -103.83 -174.48 40.98
CA GLU O 334 -103.53 -173.16 41.45
C GLU O 334 -103.27 -173.14 42.93
N VAL O 335 -102.13 -172.57 43.27
CA VAL O 335 -101.70 -172.48 44.64
C VAL O 335 -101.71 -171.04 45.07
N ARG O 336 -102.46 -170.76 46.11
CA ARG O 336 -102.45 -169.41 46.57
C ARG O 336 -102.77 -169.19 48.01
N ILE O 337 -102.19 -168.12 48.51
CA ILE O 337 -102.46 -167.75 49.86
C ILE O 337 -103.42 -166.63 49.89
N GLU O 338 -104.54 -166.90 50.51
CA GLU O 338 -105.49 -165.85 50.55
C GLU O 338 -106.14 -165.71 51.89
N ASN O 339 -106.12 -164.49 52.35
CA ASN O 339 -106.72 -164.21 53.61
C ASN O 339 -106.23 -165.10 54.73
N GLY O 340 -104.93 -165.33 54.80
CA GLY O 340 -104.36 -166.14 55.85
C GLY O 340 -104.40 -167.60 55.49
N LEU O 341 -104.94 -167.94 54.32
CA LEU O 341 -104.95 -169.35 54.05
C LEU O 341 -104.28 -169.80 52.82
N LEU O 342 -103.69 -170.95 52.95
CA LEU O 342 -103.05 -171.54 51.83
C LEU O 342 -104.06 -172.39 51.11
N LEU O 343 -104.27 -172.00 49.86
CA LEU O 343 -105.23 -172.68 49.07
C LEU O 343 -104.72 -173.36 47.89
N LEU O 344 -105.40 -174.45 47.65
CA LEU O 344 -105.13 -175.22 46.49
C LEU O 344 -106.37 -175.44 45.70
N ASN O 345 -106.32 -174.94 44.51
CA ASN O 345 -107.45 -175.03 43.63
C ASN O 345 -108.67 -174.56 44.35
N GLY O 346 -108.52 -173.50 45.11
CA GLY O 346 -109.70 -173.00 45.78
C GLY O 346 -109.86 -173.47 47.19
N LYS O 347 -109.39 -174.65 47.51
CA LYS O 347 -109.56 -175.08 48.86
C LYS O 347 -108.29 -174.97 49.65
N PRO O 348 -108.51 -175.00 50.92
CA PRO O 348 -107.52 -174.86 51.95
C PRO O 348 -106.97 -176.18 52.30
N LEU O 349 -105.69 -176.28 52.17
CA LEU O 349 -105.04 -177.51 52.44
C LEU O 349 -104.82 -177.82 53.88
N LEU O 350 -104.56 -179.10 54.07
CA LEU O 350 -104.19 -179.65 55.34
C LEU O 350 -103.04 -180.61 55.09
N ILE O 351 -101.86 -180.09 55.31
CA ILE O 351 -100.66 -180.83 55.03
C ILE O 351 -100.37 -181.95 56.00
N ARG O 352 -100.38 -183.15 55.46
CA ARG O 352 -99.99 -184.32 56.22
C ARG O 352 -98.62 -184.67 55.70
N GLY O 353 -97.62 -183.91 56.14
CA GLY O 353 -96.31 -184.06 55.59
C GLY O 353 -95.23 -184.71 56.41
N VAL O 354 -94.13 -184.91 55.70
CA VAL O 354 -92.94 -185.50 56.28
C VAL O 354 -91.72 -185.01 55.55
N ASN O 355 -90.64 -184.94 56.31
CA ASN O 355 -89.35 -184.54 55.76
C ASN O 355 -88.67 -185.82 55.35
N ARG O 356 -87.92 -185.76 54.28
CA ARG O 356 -87.26 -186.96 53.79
C ARG O 356 -85.91 -186.73 53.16
N HIS O 357 -84.93 -187.45 53.66
CA HIS O 357 -83.62 -187.36 53.07
C HIS O 357 -83.42 -188.43 52.00
N GLU O 358 -82.42 -188.23 51.17
CA GLU O 358 -82.09 -189.23 50.14
C GLU O 358 -81.06 -190.17 50.77
N HIS O 359 -81.52 -191.31 51.31
CA HIS O 359 -80.64 -192.22 52.04
C HIS O 359 -80.97 -193.69 51.90
N HIS O 360 -79.90 -194.43 51.63
CA HIS O 360 -79.90 -195.86 51.43
C HIS O 360 -78.84 -196.49 52.29
N PRO O 361 -79.29 -197.42 53.12
CA PRO O 361 -78.47 -198.16 54.09
C PRO O 361 -77.26 -198.81 53.44
N LEU O 362 -77.40 -199.14 52.14
CA LEU O 362 -76.36 -199.76 51.32
C LEU O 362 -75.71 -198.81 50.37
N HIS O 363 -76.49 -198.04 49.64
CA HIS O 363 -75.91 -197.15 48.69
C HIS O 363 -75.47 -195.81 49.19
N GLY O 364 -75.78 -195.49 50.43
CA GLY O 364 -75.41 -194.20 50.96
C GLY O 364 -76.39 -193.19 50.40
N GLN O 365 -75.87 -192.13 49.77
CA GLN O 365 -76.75 -191.14 49.21
C GLN O 365 -77.19 -191.37 47.78
N VAL O 366 -77.04 -192.58 47.30
CA VAL O 366 -77.42 -192.84 45.93
C VAL O 366 -78.85 -193.36 45.78
N MET O 367 -79.61 -192.69 44.94
CA MET O 367 -81.01 -193.07 44.79
C MET O 367 -81.41 -193.86 43.55
N ASP O 368 -82.54 -194.56 43.63
CA ASP O 368 -83.04 -195.28 42.48
C ASP O 368 -84.52 -195.43 42.48
N GLU O 369 -85.02 -195.55 41.28
CA GLU O 369 -86.44 -195.72 41.06
C GLU O 369 -87.12 -196.54 42.12
N GLN O 370 -86.67 -197.75 42.21
CA GLN O 370 -87.23 -198.67 43.13
C GLN O 370 -87.51 -198.11 44.52
N THR O 371 -86.45 -197.62 45.12
CA THR O 371 -86.55 -197.04 46.44
C THR O 371 -87.60 -195.94 46.51
N MET O 372 -87.37 -194.95 45.64
CA MET O 372 -88.27 -193.85 45.53
C MET O 372 -89.70 -194.35 45.55
N VAL O 373 -89.99 -195.21 44.63
CA VAL O 373 -91.33 -195.71 44.64
C VAL O 373 -91.74 -196.36 45.96
N GLN O 374 -90.84 -197.08 46.54
CA GLN O 374 -91.23 -197.69 47.78
C GLN O 374 -91.73 -196.63 48.73
N ASP O 375 -90.89 -195.63 48.89
CA ASP O 375 -91.23 -194.55 49.75
C ASP O 375 -92.59 -193.96 49.45
N ILE O 376 -92.73 -193.61 48.21
CA ILE O 376 -93.97 -193.03 47.84
C ILE O 376 -95.13 -193.90 48.23
N LEU O 377 -95.06 -195.14 47.85
CA LEU O 377 -96.17 -195.98 48.22
C LEU O 377 -96.44 -196.02 49.69
N LEU O 378 -95.40 -196.15 50.45
CA LEU O 378 -95.58 -196.19 51.86
C LEU O 378 -96.27 -194.96 52.38
N MET O 379 -95.71 -193.84 52.00
CA MET O 379 -96.28 -192.60 52.45
C MET O 379 -97.74 -192.56 52.14
N LYS O 380 -98.03 -192.76 50.87
CA LYS O 380 -99.41 -192.72 50.49
C LYS O 380 -100.22 -193.66 51.32
N GLN O 381 -99.66 -194.81 51.55
CA GLN O 381 -100.40 -195.77 52.34
C GLN O 381 -100.63 -195.37 53.77
N ASN O 382 -99.78 -194.52 54.30
CA ASN O 382 -99.94 -194.09 55.64
C ASN O 382 -100.54 -192.73 55.80
N ASN O 383 -101.29 -192.34 54.82
CA ASN O 383 -101.96 -191.09 54.87
C ASN O 383 -101.12 -189.84 54.81
N PHE O 384 -100.00 -189.90 54.13
CA PHE O 384 -99.25 -188.66 53.99
C PHE O 384 -99.61 -188.00 52.67
N ASN O 385 -99.48 -186.68 52.53
CA ASN O 385 -99.82 -186.10 51.24
C ASN O 385 -98.79 -185.16 50.78
N ALA O 386 -97.75 -185.03 51.56
CA ALA O 386 -96.76 -184.06 51.15
C ALA O 386 -95.41 -184.39 51.69
N VAL O 387 -94.43 -183.85 51.03
CA VAL O 387 -93.10 -184.11 51.50
C VAL O 387 -92.20 -182.92 51.28
N ARG O 388 -91.24 -182.82 52.17
CA ARG O 388 -90.29 -181.77 52.11
C ARG O 388 -88.90 -182.31 51.80
N CYS O 389 -88.27 -181.75 50.78
CA CYS O 389 -86.94 -182.15 50.39
C CYS O 389 -85.86 -181.64 51.31
N SER O 390 -85.85 -182.20 52.50
CA SER O 390 -84.85 -181.76 53.43
C SER O 390 -83.51 -182.30 52.96
N HIS O 391 -82.58 -181.45 52.59
CA HIS O 391 -82.65 -180.01 52.52
C HIS O 391 -81.83 -179.60 51.31
N TYR O 392 -82.25 -180.08 50.16
CA TYR O 392 -81.57 -179.84 48.92
C TYR O 392 -82.46 -180.44 47.89
N PRO O 393 -82.17 -180.08 46.68
CA PRO O 393 -82.96 -180.54 45.57
C PRO O 393 -82.76 -182.02 45.38
N ASN O 394 -83.80 -182.68 44.97
CA ASN O 394 -83.69 -184.10 44.85
C ASN O 394 -83.40 -184.58 43.45
N HIS O 395 -83.21 -185.87 43.41
CA HIS O 395 -83.04 -186.54 42.18
C HIS O 395 -84.31 -186.35 41.38
N PRO O 396 -84.07 -185.77 40.28
CA PRO O 396 -85.05 -185.40 39.29
C PRO O 396 -86.17 -186.38 39.15
N LEU O 397 -85.82 -187.62 39.10
CA LEU O 397 -86.90 -188.56 38.93
C LEU O 397 -88.02 -188.43 39.97
N TRP O 398 -87.59 -188.12 41.18
CA TRP O 398 -88.47 -187.93 42.30
C TRP O 398 -89.70 -187.12 41.95
N TYR O 399 -89.39 -185.91 41.46
CA TYR O 399 -90.42 -184.97 41.08
C TYR O 399 -91.42 -185.56 40.14
N THR O 400 -90.91 -186.33 39.23
CA THR O 400 -91.82 -186.92 38.31
C THR O 400 -92.77 -187.87 38.99
N LEU O 401 -92.16 -188.69 39.82
CA LEU O 401 -92.93 -189.64 40.51
C LEU O 401 -94.00 -188.99 41.32
N CYS O 402 -93.60 -187.92 42.00
CA CYS O 402 -94.58 -187.24 42.81
C CYS O 402 -95.67 -186.68 41.95
N ASP O 403 -95.25 -186.16 40.80
CA ASP O 403 -96.20 -185.59 39.89
C ASP O 403 -97.19 -186.66 39.53
N ARG O 404 -96.64 -187.84 39.29
CA ARG O 404 -97.47 -188.95 38.88
C ARG O 404 -98.30 -189.59 39.94
N TYR O 405 -97.70 -189.83 41.08
CA TYR O 405 -98.38 -190.47 42.16
C TYR O 405 -99.34 -189.62 42.96
N GLY O 406 -99.00 -188.33 43.08
CA GLY O 406 -99.83 -187.39 43.81
C GLY O 406 -99.28 -187.06 45.18
N LEU O 407 -98.27 -186.19 45.27
CA LEU O 407 -97.74 -185.77 46.57
C LEU O 407 -97.38 -184.30 46.51
N TYR O 408 -97.74 -183.51 47.52
CA TYR O 408 -97.34 -182.12 47.47
C TYR O 408 -95.89 -182.04 47.86
N VAL O 409 -95.14 -181.23 47.15
CA VAL O 409 -93.74 -181.11 47.46
C VAL O 409 -93.25 -179.70 47.68
N VAL O 410 -92.32 -179.66 48.62
CA VAL O 410 -91.61 -178.45 48.94
C VAL O 410 -90.19 -178.60 48.45
N ASP O 411 -89.84 -177.85 47.42
CA ASP O 411 -88.50 -177.90 46.86
C ASP O 411 -87.60 -176.96 47.65
N GLU O 412 -86.47 -177.45 48.11
CA GLU O 412 -85.63 -176.65 48.96
C GLU O 412 -84.21 -176.49 48.48
N ALA O 413 -83.75 -175.26 48.52
CA ALA O 413 -82.39 -174.98 48.10
C ALA O 413 -81.35 -175.60 49.02
N ASN O 414 -80.23 -175.97 48.41
CA ASN O 414 -79.12 -176.59 49.07
C ASN O 414 -78.28 -175.59 49.87
N ILE O 415 -78.84 -175.10 50.97
CA ILE O 415 -78.07 -174.21 51.80
C ILE O 415 -78.30 -174.40 53.28
N GLU O 416 -77.29 -174.83 54.03
CA GLU O 416 -77.39 -174.95 55.48
C GLU O 416 -76.06 -174.52 56.04
N THR O 417 -76.08 -173.54 56.96
CA THR O 417 -74.86 -173.07 57.57
C THR O 417 -74.98 -173.18 59.05
N HIS O 418 -75.70 -174.22 59.39
CA HIS O 418 -75.99 -174.48 60.76
C HIS O 418 -74.86 -174.20 61.76
N GLY O 419 -73.64 -174.67 61.47
CA GLY O 419 -72.51 -174.55 62.37
C GLY O 419 -71.95 -173.16 62.52
N MET O 420 -72.37 -172.22 61.71
CA MET O 420 -71.79 -170.91 61.87
C MET O 420 -72.15 -170.29 63.18
N VAL O 421 -71.56 -169.16 63.46
CA VAL O 421 -71.86 -168.46 64.69
C VAL O 421 -71.61 -166.99 64.57
N PRO O 422 -72.65 -166.18 64.65
CA PRO O 422 -73.98 -166.70 64.79
C PRO O 422 -74.38 -167.34 63.46
N MET O 423 -75.41 -168.14 63.53
CA MET O 423 -75.89 -168.85 62.39
C MET O 423 -75.92 -168.09 61.06
N ASN O 424 -76.15 -166.80 61.04
CA ASN O 424 -76.27 -166.09 59.77
C ASN O 424 -75.02 -165.38 59.25
N ARG O 425 -73.93 -165.71 59.89
CA ARG O 425 -72.65 -165.14 59.57
C ARG O 425 -72.39 -165.02 58.09
N LEU O 426 -72.69 -166.09 57.36
CA LEU O 426 -72.49 -166.04 55.92
C LEU O 426 -73.63 -165.40 55.17
N THR O 427 -74.85 -165.80 55.54
CA THR O 427 -76.10 -165.34 54.95
C THR O 427 -76.32 -163.86 55.00
N ASP O 428 -75.66 -163.27 55.96
CA ASP O 428 -75.76 -161.86 56.00
C ASP O 428 -74.59 -161.17 55.28
N ASP O 429 -73.86 -161.91 54.44
CA ASP O 429 -72.70 -161.35 53.78
C ASP O 429 -72.72 -161.47 52.29
N PRO O 430 -72.76 -160.27 51.79
CA PRO O 430 -72.84 -159.94 50.41
C PRO O 430 -71.88 -160.83 49.66
N ARG O 431 -70.71 -160.93 50.25
CA ARG O 431 -69.72 -161.79 49.64
C ARG O 431 -70.23 -163.15 49.30
N TRP O 432 -71.13 -163.67 50.11
CA TRP O 432 -71.63 -164.99 49.81
C TRP O 432 -72.88 -164.99 49.02
N LEU O 433 -73.34 -163.80 48.80
CA LEU O 433 -74.55 -163.71 48.07
C LEU O 433 -74.58 -164.55 46.79
N PRO O 434 -73.73 -164.20 45.88
CA PRO O 434 -73.62 -164.91 44.61
C PRO O 434 -73.63 -166.43 44.74
N ALA O 435 -72.86 -166.92 45.67
CA ALA O 435 -72.87 -168.34 45.90
C ALA O 435 -74.28 -168.81 46.18
N MET O 436 -74.89 -168.15 47.17
CA MET O 436 -76.24 -168.49 47.56
C MET O 436 -77.20 -168.39 46.38
N SER O 437 -77.04 -167.32 45.65
CA SER O 437 -77.93 -167.08 44.54
C SER O 437 -78.01 -168.25 43.62
N GLU O 438 -76.80 -168.69 43.27
CA GLU O 438 -76.70 -169.77 42.32
C GLU O 438 -77.51 -170.95 42.77
N ARG O 439 -77.39 -171.16 44.05
CA ARG O 439 -78.09 -172.22 44.69
C ARG O 439 -79.60 -172.11 44.56
N VAL O 440 -80.13 -170.90 44.57
CA VAL O 440 -81.56 -170.83 44.46
C VAL O 440 -82.06 -170.81 43.03
N THR O 441 -81.48 -169.88 42.31
CA THR O 441 -81.86 -169.65 40.95
C THR O 441 -81.90 -170.91 40.17
N ARG O 442 -80.80 -171.62 40.25
CA ARG O 442 -80.68 -172.86 39.52
C ARG O 442 -81.78 -173.87 39.83
N MET O 443 -82.11 -174.00 41.11
CA MET O 443 -83.15 -174.93 41.46
C MET O 443 -84.42 -174.59 40.72
N VAL O 444 -84.69 -173.31 40.77
CA VAL O 444 -85.89 -172.86 40.17
C VAL O 444 -85.98 -173.15 38.69
N GLN O 445 -84.87 -172.81 38.04
CA GLN O 445 -84.87 -173.04 36.62
C GLN O 445 -85.04 -174.49 36.30
N ARG O 446 -84.58 -175.31 37.18
CA ARG O 446 -84.73 -176.68 36.87
C ARG O 446 -86.11 -177.27 37.11
N ASP O 447 -86.69 -176.97 38.28
CA ASP O 447 -87.90 -177.62 38.69
C ASP O 447 -89.24 -176.97 38.53
N ARG O 448 -89.17 -175.75 38.09
CA ARG O 448 -90.39 -175.01 38.00
C ARG O 448 -91.54 -175.52 37.18
N ASN O 449 -91.36 -176.51 36.36
CA ASN O 449 -92.55 -176.91 35.65
C ASN O 449 -93.28 -178.09 36.26
N HIS O 450 -92.83 -178.58 37.39
CA HIS O 450 -93.52 -179.71 37.97
C HIS O 450 -94.69 -179.33 38.85
N PRO O 451 -95.86 -179.77 38.50
CA PRO O 451 -97.04 -179.46 39.31
C PRO O 451 -96.90 -179.87 40.78
N SER O 452 -96.19 -180.93 41.08
CA SER O 452 -96.09 -181.33 42.49
C SER O 452 -95.39 -180.31 43.37
N VAL O 453 -94.55 -179.51 42.76
CA VAL O 453 -93.88 -178.56 43.59
C VAL O 453 -94.84 -177.46 43.87
N ILE O 454 -95.10 -177.21 45.14
CA ILE O 454 -96.02 -176.13 45.42
C ILE O 454 -95.46 -175.04 46.28
N ILE O 455 -94.27 -175.25 46.79
CA ILE O 455 -93.66 -174.24 47.62
C ILE O 455 -92.18 -174.29 47.48
N TRP O 456 -91.61 -173.13 47.36
CA TRP O 456 -90.19 -173.03 47.29
C TRP O 456 -89.71 -172.70 48.68
N SER O 457 -88.53 -173.20 49.01
CA SER O 457 -87.89 -172.97 50.29
C SER O 457 -86.45 -172.58 50.09
N LEU O 458 -85.99 -171.55 50.81
CA LEU O 458 -84.62 -171.06 50.64
C LEU O 458 -83.57 -171.87 51.38
N GLY O 459 -83.92 -173.05 51.84
CA GLY O 459 -82.89 -173.75 52.55
C GLY O 459 -83.30 -174.05 53.95
N ASN O 460 -82.29 -174.17 54.81
CA ASN O 460 -82.49 -174.56 56.19
C ASN O 460 -81.39 -174.11 57.16
N GLU O 461 -81.75 -173.98 58.42
CA GLU O 461 -80.90 -173.53 59.51
C GLU O 461 -79.69 -172.72 59.13
N SER O 462 -79.93 -171.51 58.62
CA SER O 462 -78.84 -170.64 58.22
C SER O 462 -79.09 -169.23 58.72
N GLY O 463 -79.84 -169.14 59.81
CA GLY O 463 -80.20 -167.87 60.38
C GLY O 463 -81.03 -167.08 59.41
N HIS O 464 -80.94 -165.77 59.52
CA HIS O 464 -81.63 -164.90 58.64
C HIS O 464 -80.73 -163.79 58.23
N GLY O 465 -80.51 -163.63 56.93
CA GLY O 465 -79.66 -162.58 56.46
C GLY O 465 -80.21 -161.93 55.22
N ALA O 466 -79.67 -160.77 54.96
CA ALA O 466 -80.12 -160.01 53.82
C ALA O 466 -80.11 -160.85 52.55
N ASN O 467 -79.13 -161.73 52.49
CA ASN O 467 -79.05 -162.55 51.32
C ASN O 467 -80.38 -163.26 51.10
N HIS O 468 -80.99 -163.62 52.22
CA HIS O 468 -82.27 -164.30 52.16
C HIS O 468 -83.36 -163.43 51.56
N ASP O 469 -83.45 -162.24 52.11
CA ASP O 469 -84.44 -161.31 51.61
C ASP O 469 -84.34 -161.13 50.12
N ALA O 470 -83.13 -160.90 49.69
CA ALA O 470 -82.95 -160.71 48.28
C ALA O 470 -83.42 -161.91 47.49
N LEU O 471 -83.07 -163.08 47.96
CA LEU O 471 -83.44 -164.25 47.22
C LEU O 471 -84.92 -164.53 47.21
N TYR O 472 -85.49 -164.31 48.37
CA TYR O 472 -86.90 -164.45 48.50
C TYR O 472 -87.59 -163.63 47.43
N ARG O 473 -87.19 -162.39 47.39
CA ARG O 473 -87.76 -161.50 46.42
C ARG O 473 -87.61 -161.97 44.98
N TRP O 474 -86.40 -162.39 44.68
CA TRP O 474 -86.11 -162.84 43.35
C TRP O 474 -87.12 -163.86 42.91
N ILE O 475 -87.33 -164.81 43.76
CA ILE O 475 -88.25 -165.81 43.35
C ILE O 475 -89.61 -165.24 43.10
N LYS O 476 -90.04 -164.49 44.09
CA LYS O 476 -91.33 -163.89 44.00
C LYS O 476 -91.52 -163.28 42.64
N SER O 477 -90.48 -162.68 42.15
CA SER O 477 -90.63 -162.07 40.86
C SER O 477 -90.59 -163.03 39.74
N VAL O 478 -89.80 -164.02 39.89
CA VAL O 478 -89.72 -164.91 38.79
C VAL O 478 -90.86 -165.92 38.75
N ASP O 479 -91.26 -166.40 39.92
CA ASP O 479 -92.31 -167.36 40.00
C ASP O 479 -93.25 -167.02 41.12
N PRO O 480 -94.26 -166.43 40.64
CA PRO O 480 -95.32 -165.94 41.46
C PRO O 480 -96.35 -167.03 41.67
N SER O 481 -96.18 -168.15 41.03
CA SER O 481 -97.17 -169.20 41.18
C SER O 481 -97.09 -169.96 42.50
N ARG O 482 -95.96 -169.88 43.18
CA ARG O 482 -95.81 -170.56 44.44
C ARG O 482 -95.24 -169.66 45.48
N PRO O 483 -95.66 -169.95 46.68
CA PRO O 483 -95.26 -169.23 47.85
C PRO O 483 -93.88 -169.66 48.24
N VAL O 484 -93.26 -168.82 49.04
CA VAL O 484 -91.94 -169.10 49.48
C VAL O 484 -91.83 -169.16 50.99
N GLN O 485 -91.15 -170.19 51.51
CA GLN O 485 -90.99 -170.22 52.93
C GLN O 485 -89.55 -170.40 53.34
N TYR O 486 -89.27 -169.97 54.56
CA TYR O 486 -87.95 -170.10 55.14
C TYR O 486 -88.08 -169.93 56.63
N GLU O 487 -87.58 -170.88 57.38
CA GLU O 487 -87.72 -170.85 58.82
C GLU O 487 -86.66 -170.05 59.56
N GLY O 488 -85.49 -169.99 58.99
CA GLY O 488 -84.40 -169.37 59.67
C GLY O 488 -84.71 -168.04 60.33
N GLY O 489 -84.03 -167.85 61.43
CA GLY O 489 -84.12 -166.61 62.13
C GLY O 489 -85.44 -166.33 62.80
N GLY O 490 -86.18 -167.34 63.22
CA GLY O 490 -87.41 -167.01 63.93
C GLY O 490 -88.70 -167.50 63.31
N ALA O 491 -88.62 -168.04 62.09
CA ALA O 491 -89.75 -168.63 61.38
C ALA O 491 -90.84 -167.70 60.93
N ASP O 492 -90.68 -166.41 61.19
CA ASP O 492 -91.70 -165.50 60.77
C ASP O 492 -91.15 -164.21 60.20
N THR O 493 -89.95 -164.31 59.67
CA THR O 493 -89.27 -163.16 59.11
C THR O 493 -89.89 -162.69 57.83
N THR O 494 -89.29 -161.63 57.31
CA THR O 494 -89.74 -161.00 56.08
C THR O 494 -89.45 -161.91 54.92
N ALA O 495 -88.70 -162.93 55.22
CA ALA O 495 -88.34 -163.80 54.15
C ALA O 495 -89.26 -165.00 54.00
N THR O 496 -90.40 -165.03 54.67
CA THR O 496 -91.23 -166.20 54.49
C THR O 496 -92.67 -165.85 54.30
N ASP O 497 -93.35 -166.58 53.46
CA ASP O 497 -94.75 -166.32 53.22
C ASP O 497 -95.57 -167.08 54.21
N ILE O 498 -94.93 -167.97 54.97
CA ILE O 498 -95.66 -168.78 55.91
C ILE O 498 -94.91 -168.90 57.19
N ILE O 499 -95.62 -168.98 58.30
CA ILE O 499 -94.95 -169.19 59.55
C ILE O 499 -94.65 -170.67 59.59
N CYS O 500 -93.37 -170.98 59.51
CA CYS O 500 -92.97 -172.37 59.42
C CYS O 500 -91.93 -172.75 60.41
N PRO O 501 -92.31 -172.77 61.64
CA PRO O 501 -91.37 -173.14 62.66
C PRO O 501 -91.11 -174.62 62.65
N MET O 502 -90.18 -174.94 63.50
CA MET O 502 -89.82 -176.30 63.72
C MET O 502 -89.79 -176.57 65.21
N TYR O 503 -90.57 -177.55 65.61
CA TYR O 503 -90.61 -177.93 66.99
C TYR O 503 -91.31 -177.03 67.97
N ALA O 504 -92.18 -176.17 67.45
CA ALA O 504 -92.99 -175.38 68.34
C ALA O 504 -94.05 -176.30 68.99
N ARG O 505 -94.37 -176.03 70.24
CA ARG O 505 -95.31 -176.88 70.92
C ARG O 505 -96.74 -176.45 70.72
N VAL O 506 -97.66 -177.36 71.02
CA VAL O 506 -99.04 -177.02 70.82
C VAL O 506 -99.51 -175.93 71.74
N ASP O 507 -99.29 -176.13 73.00
CA ASP O 507 -99.76 -175.14 73.93
C ASP O 507 -98.69 -174.47 74.72
N GLU O 508 -97.49 -174.95 74.66
CA GLU O 508 -96.47 -174.38 75.50
C GLU O 508 -95.48 -173.56 74.72
N ASP O 509 -95.14 -172.42 75.27
CA ASP O 509 -94.20 -171.52 74.66
C ASP O 509 -92.79 -171.81 75.09
N GLN O 510 -91.85 -171.57 74.19
CA GLN O 510 -90.43 -171.74 74.44
C GLN O 510 -89.81 -170.47 73.94
N PRO O 511 -89.68 -169.61 74.89
CA PRO O 511 -89.25 -168.27 74.72
C PRO O 511 -87.76 -168.08 74.67
N PHE O 512 -87.14 -168.63 73.67
CA PHE O 512 -85.76 -168.32 73.59
C PHE O 512 -85.62 -166.90 73.12
N PRO O 513 -84.59 -166.33 73.63
CA PRO O 513 -84.19 -165.01 73.26
C PRO O 513 -83.98 -164.99 71.78
N ALA O 514 -84.41 -163.87 71.21
CA ALA O 514 -84.30 -163.64 69.80
C ALA O 514 -85.12 -164.56 68.94
N VAL O 515 -85.21 -165.81 69.27
CA VAL O 515 -85.94 -166.67 68.39
C VAL O 515 -86.73 -167.64 69.19
N PRO O 516 -87.68 -167.07 69.86
CA PRO O 516 -88.55 -167.85 70.70
C PRO O 516 -89.46 -168.69 69.86
N LYS O 517 -89.94 -169.78 70.42
CA LYS O 517 -90.90 -170.64 69.77
C LYS O 517 -92.20 -170.60 70.57
N TRP O 518 -93.15 -169.84 70.09
CA TRP O 518 -94.42 -169.74 70.76
C TRP O 518 -95.29 -170.96 70.58
N SER O 519 -96.24 -171.16 71.48
CA SER O 519 -97.20 -172.22 71.26
C SER O 519 -97.80 -171.87 69.91
N ILE O 520 -98.05 -172.88 69.12
CA ILE O 520 -98.54 -172.54 67.82
C ILE O 520 -99.86 -171.83 67.83
N LYS O 521 -100.71 -172.11 68.81
CA LYS O 521 -101.97 -171.39 68.81
C LYS O 521 -101.75 -169.94 69.13
N LYS O 522 -100.80 -169.67 69.95
CA LYS O 522 -100.58 -168.30 70.27
C LYS O 522 -99.92 -167.56 69.12
N TRP O 523 -99.00 -168.23 68.51
CA TRP O 523 -98.24 -167.60 67.49
C TRP O 523 -99.14 -166.95 66.50
N LEU O 524 -100.17 -167.67 66.13
CA LEU O 524 -101.06 -167.13 65.12
C LEU O 524 -101.63 -165.75 65.38
N SER O 525 -101.94 -165.49 66.64
CA SER O 525 -102.63 -164.33 67.16
C SER O 525 -101.77 -163.15 67.54
N LEU O 526 -100.47 -163.28 67.38
CA LEU O 526 -99.68 -162.14 67.72
C LEU O 526 -100.12 -160.94 66.92
N PRO O 527 -100.00 -159.82 67.58
CA PRO O 527 -100.43 -158.57 66.99
C PRO O 527 -99.80 -158.38 65.67
N GLY O 528 -100.64 -158.18 64.70
CA GLY O 528 -100.19 -157.97 63.35
C GLY O 528 -100.00 -159.25 62.56
N GLU O 529 -99.86 -160.42 63.21
CA GLU O 529 -99.64 -161.62 62.42
C GLU O 529 -100.86 -162.03 61.61
N THR O 530 -100.68 -162.49 60.38
CA THR O 530 -101.82 -162.89 59.57
C THR O 530 -101.60 -164.14 58.71
N ARG O 531 -100.36 -164.60 58.65
CA ARG O 531 -100.00 -165.72 57.83
C ARG O 531 -100.49 -167.05 58.32
N PRO O 532 -100.44 -168.01 57.43
CA PRO O 532 -100.81 -169.35 57.80
C PRO O 532 -99.62 -169.94 58.49
N LEU O 533 -99.84 -170.99 59.28
CA LEU O 533 -98.77 -171.66 59.93
C LEU O 533 -98.74 -173.12 59.62
N ILE O 534 -97.55 -173.55 59.21
CA ILE O 534 -97.27 -174.93 58.86
C ILE O 534 -95.91 -175.27 59.39
N LEU O 535 -95.82 -176.28 60.24
CA LEU O 535 -94.51 -176.56 60.78
C LEU O 535 -93.64 -177.24 59.78
N CYS O 536 -92.48 -176.66 59.59
CA CYS O 536 -91.56 -177.26 58.66
C CYS O 536 -91.00 -178.53 59.28
N GLU O 537 -90.95 -178.56 60.59
CA GLU O 537 -90.49 -179.78 61.26
C GLU O 537 -91.14 -179.92 62.60
N TYR O 538 -91.64 -181.12 62.82
CA TYR O 538 -92.25 -181.42 64.09
C TYR O 538 -92.37 -182.90 64.36
N ALA O 539 -92.60 -183.16 65.65
CA ALA O 539 -92.76 -184.50 66.19
C ALA O 539 -91.54 -185.35 65.90
N HIS O 540 -90.40 -185.01 66.51
CA HIS O 540 -89.15 -185.70 66.30
C HIS O 540 -89.27 -187.21 66.49
N ALA O 541 -89.23 -187.97 65.40
CA ALA O 541 -89.44 -189.41 65.53
C ALA O 541 -88.26 -190.30 65.92
N MET O 542 -87.42 -189.82 66.82
CA MET O 542 -86.25 -190.54 67.25
C MET O 542 -86.50 -191.67 68.23
N GLY O 543 -86.42 -192.88 67.71
CA GLY O 543 -86.59 -194.06 68.53
C GLY O 543 -88.01 -194.24 68.98
N ASN O 544 -88.17 -194.61 70.26
CA ASN O 544 -89.51 -194.75 70.81
C ASN O 544 -90.09 -193.36 71.04
N SER O 545 -90.71 -192.81 70.01
CA SER O 545 -91.20 -191.46 70.05
C SER O 545 -92.59 -191.28 69.47
N LEU O 546 -92.90 -190.03 69.18
CA LEU O 546 -94.18 -189.63 68.65
C LEU O 546 -95.24 -189.41 69.73
N GLY O 547 -94.83 -189.36 70.99
CA GLY O 547 -95.82 -189.11 72.01
C GLY O 547 -96.34 -187.70 71.84
N GLY O 548 -97.67 -187.52 71.89
CA GLY O 548 -98.22 -186.19 71.74
C GLY O 548 -98.73 -185.85 70.35
N PHE O 549 -98.41 -186.70 69.43
CA PHE O 549 -98.83 -186.48 68.07
C PHE O 549 -100.29 -186.03 67.92
N ALA O 550 -101.18 -186.71 68.60
CA ALA O 550 -102.57 -186.36 68.50
C ALA O 550 -102.91 -184.94 68.92
N LYS O 551 -102.17 -184.44 69.91
CA LYS O 551 -102.38 -183.07 70.33
C LYS O 551 -102.27 -182.13 69.13
N TYR O 552 -101.30 -182.34 68.26
CA TYR O 552 -101.14 -181.49 67.12
C TYR O 552 -102.31 -181.64 66.17
N TRP O 553 -102.60 -182.90 65.90
CA TRP O 553 -103.66 -183.10 64.97
C TRP O 553 -104.94 -182.48 65.41
N GLN O 554 -105.11 -182.49 66.68
CA GLN O 554 -106.33 -181.89 67.05
C GLN O 554 -106.33 -180.41 66.87
N ALA O 555 -105.21 -179.82 67.20
CA ALA O 555 -105.17 -178.39 67.02
C ALA O 555 -105.33 -178.08 65.56
N PHE O 556 -104.61 -178.84 64.75
CA PHE O 556 -104.67 -178.56 63.34
C PHE O 556 -106.08 -178.53 62.91
N ARG O 557 -106.80 -179.55 63.32
CA ARG O 557 -108.17 -179.62 62.91
C ARG O 557 -109.01 -178.50 63.46
N GLN O 558 -108.66 -177.92 64.58
CA GLN O 558 -109.54 -176.89 65.07
C GLN O 558 -109.19 -175.48 64.65
N TYR O 559 -107.97 -175.22 64.22
CA TYR O 559 -107.66 -173.87 63.84
C TYR O 559 -107.34 -173.77 62.38
N PRO O 560 -108.21 -173.09 61.73
CA PRO O 560 -108.16 -172.85 60.31
C PRO O 560 -106.81 -172.51 59.81
N ARG O 561 -106.15 -171.56 60.45
CA ARG O 561 -104.84 -171.15 60.02
C ARG O 561 -103.74 -172.12 60.40
N LEU O 562 -104.05 -173.17 61.13
CA LEU O 562 -102.97 -174.11 61.37
C LEU O 562 -103.13 -175.12 60.28
N GLN O 563 -102.30 -175.09 59.26
CA GLN O 563 -102.50 -176.00 58.18
C GLN O 563 -101.66 -177.26 58.09
N GLY O 564 -101.11 -177.72 59.22
CA GLY O 564 -100.34 -178.96 59.24
C GLY O 564 -98.85 -178.83 59.44
N GLY O 565 -98.12 -179.82 58.96
CA GLY O 565 -96.67 -179.81 59.10
C GLY O 565 -96.04 -181.06 58.52
N PHE O 566 -94.73 -181.09 58.61
CA PHE O 566 -93.93 -182.17 58.14
C PHE O 566 -93.19 -182.76 59.28
N VAL O 567 -93.44 -184.02 59.46
CA VAL O 567 -92.80 -184.74 60.51
C VAL O 567 -91.33 -184.91 60.23
N TRP O 568 -90.61 -185.01 61.32
CA TRP O 568 -89.20 -185.22 61.21
C TRP O 568 -88.78 -186.54 61.81
N ASP O 569 -88.43 -187.53 60.99
CA ASP O 569 -88.43 -187.51 59.54
C ASP O 569 -88.77 -188.90 59.02
N TRP O 570 -88.63 -189.12 57.72
CA TRP O 570 -89.01 -190.40 57.12
C TRP O 570 -88.30 -191.67 57.50
N VAL O 571 -87.00 -191.78 57.16
CA VAL O 571 -86.18 -192.97 57.45
C VAL O 571 -85.00 -192.72 58.35
N ASP O 572 -84.58 -193.79 59.00
CA ASP O 572 -83.38 -193.67 59.82
C ASP O 572 -82.19 -193.61 58.88
N GLN O 573 -81.20 -192.80 59.25
CA GLN O 573 -80.02 -192.68 58.45
C GLN O 573 -78.99 -193.62 58.99
N SER O 574 -79.32 -194.89 58.90
CA SER O 574 -78.40 -195.90 59.36
C SER O 574 -77.78 -196.65 58.22
N LEU O 575 -76.54 -197.03 58.48
CA LEU O 575 -75.78 -197.77 57.51
C LEU O 575 -75.48 -199.18 58.00
N ILE O 576 -75.22 -200.04 57.03
CA ILE O 576 -74.88 -201.40 57.31
C ILE O 576 -73.39 -201.64 57.47
N LYS O 577 -73.06 -202.54 58.38
CA LYS O 577 -71.71 -202.96 58.64
C LYS O 577 -71.74 -204.45 58.80
N TYR O 578 -70.55 -205.04 58.82
CA TYR O 578 -70.52 -206.46 59.00
C TYR O 578 -69.66 -206.94 60.13
N ASP O 579 -70.13 -208.03 60.71
CA ASP O 579 -69.34 -208.63 61.73
C ASP O 579 -68.49 -209.63 60.98
N GLU O 580 -67.50 -210.15 61.70
CA GLU O 580 -66.57 -211.15 61.19
C GLU O 580 -67.29 -212.35 60.58
N ASN O 581 -68.48 -212.65 61.09
CA ASN O 581 -69.22 -213.75 60.52
C ASN O 581 -69.98 -213.30 59.28
N GLY O 582 -69.55 -212.13 58.79
CA GLY O 582 -70.13 -211.52 57.60
C GLY O 582 -71.59 -211.17 57.85
N ASN O 583 -71.83 -210.81 59.09
CA ASN O 583 -73.15 -210.43 59.49
C ASN O 583 -73.27 -208.93 59.48
N PRO O 584 -74.35 -208.51 58.85
CA PRO O 584 -74.67 -207.13 58.68
C PRO O 584 -75.34 -206.57 59.91
N TRP O 585 -75.04 -205.32 60.19
CA TRP O 585 -75.67 -204.69 61.31
C TRP O 585 -75.72 -203.19 61.11
N SER O 586 -76.77 -202.60 61.67
CA SER O 586 -77.02 -201.20 61.55
C SER O 586 -76.12 -200.34 62.41
N ALA O 587 -75.44 -199.46 61.71
CA ALA O 587 -74.47 -198.56 62.28
C ALA O 587 -74.94 -197.11 62.29
N TYR O 588 -74.33 -196.38 63.21
CA TYR O 588 -74.61 -194.98 63.36
C TYR O 588 -73.38 -194.15 63.68
N GLY O 589 -73.62 -192.92 64.08
CA GLY O 589 -72.55 -192.01 64.41
C GLY O 589 -71.47 -192.67 65.22
N GLY O 590 -70.22 -192.43 64.77
CA GLY O 590 -69.02 -192.94 65.42
C GLY O 590 -68.67 -194.38 65.06
N ASP O 591 -69.60 -195.08 64.42
CA ASP O 591 -69.41 -196.46 64.04
C ASP O 591 -68.34 -196.68 62.98
N PHE O 592 -67.81 -195.60 62.41
CA PHE O 592 -66.75 -195.70 61.40
C PHE O 592 -65.54 -195.00 61.92
N GLY O 593 -65.52 -194.85 63.23
CA GLY O 593 -64.41 -194.15 63.86
C GLY O 593 -64.46 -192.69 63.49
N ASP O 594 -65.59 -192.33 62.85
CA ASP O 594 -65.84 -190.97 62.42
C ASP O 594 -65.90 -190.08 63.63
N THR O 595 -65.12 -189.03 63.58
CA THR O 595 -65.07 -188.08 64.65
C THR O 595 -64.86 -186.69 64.09
N PRO O 596 -65.60 -185.73 64.66
CA PRO O 596 -66.50 -185.99 65.78
C PRO O 596 -67.83 -186.55 65.27
N ASN O 597 -68.68 -187.01 66.17
CA ASN O 597 -69.92 -187.53 65.65
C ASN O 597 -71.07 -187.32 66.61
N ASP O 598 -72.28 -187.54 66.08
CA ASP O 598 -73.52 -187.34 66.81
C ASP O 598 -74.35 -188.60 67.07
N ARG O 599 -73.66 -189.71 67.29
CA ARG O 599 -74.29 -190.97 67.60
C ARG O 599 -75.56 -191.29 66.82
N GLN O 600 -76.62 -191.64 67.59
CA GLN O 600 -77.94 -192.02 67.08
C GLN O 600 -78.74 -190.88 66.47
N PHE O 601 -78.25 -189.66 66.65
CA PHE O 601 -78.98 -188.55 66.12
C PHE O 601 -79.36 -188.68 64.67
N CYS O 602 -78.65 -189.50 63.93
CA CYS O 602 -78.98 -189.69 62.52
C CYS O 602 -80.19 -190.61 62.40
N MET O 603 -80.71 -191.06 63.55
CA MET O 603 -81.86 -191.96 63.49
C MET O 603 -83.15 -191.37 64.04
N ASN O 604 -83.98 -190.84 63.11
CA ASN O 604 -85.22 -190.25 63.56
C ASN O 604 -86.40 -190.58 62.68
N GLY O 605 -86.34 -191.68 61.96
CA GLY O 605 -87.40 -191.98 61.04
C GLY O 605 -88.56 -192.73 61.59
N LEU O 606 -89.56 -192.75 60.74
CA LEU O 606 -90.77 -193.48 61.02
C LEU O 606 -90.58 -194.92 60.56
N VAL O 607 -89.57 -195.09 59.73
CA VAL O 607 -89.23 -196.40 59.26
C VAL O 607 -87.76 -196.61 59.37
N PHE O 608 -87.48 -197.88 59.40
CA PHE O 608 -86.13 -198.36 59.45
C PHE O 608 -85.56 -198.16 58.04
N ALA O 609 -84.24 -198.05 57.98
CA ALA O 609 -83.61 -197.86 56.68
C ALA O 609 -84.10 -198.86 55.63
N ASP O 610 -84.39 -200.07 56.06
CA ASP O 610 -84.87 -201.09 55.13
C ASP O 610 -86.27 -200.81 54.73
N ARG O 611 -86.78 -199.73 55.32
CA ARG O 611 -88.12 -199.34 55.08
C ARG O 611 -89.11 -200.18 55.82
N THR O 612 -88.70 -200.52 57.02
CA THR O 612 -89.63 -201.21 57.83
C THR O 612 -89.97 -200.27 58.93
N PRO O 613 -91.24 -200.18 59.04
CA PRO O 613 -91.95 -199.34 59.93
C PRO O 613 -91.58 -199.48 61.36
N HIS O 614 -91.64 -198.35 62.02
CA HIS O 614 -91.52 -198.26 63.42
C HIS O 614 -92.98 -198.26 63.84
N PRO O 615 -93.24 -198.55 65.08
CA PRO O 615 -94.64 -198.58 65.46
C PRO O 615 -95.30 -197.21 65.34
N ALA O 616 -94.52 -196.16 65.58
CA ALA O 616 -95.05 -194.82 65.51
C ALA O 616 -95.83 -194.55 64.22
N LEU O 617 -95.35 -195.12 63.15
CA LEU O 617 -95.97 -194.91 61.88
C LEU O 617 -97.47 -195.04 61.93
N THR O 618 -97.87 -195.98 62.70
CA THR O 618 -99.28 -196.25 62.82
C THR O 618 -100.06 -195.13 63.44
N GLU O 619 -99.49 -194.60 64.52
CA GLU O 619 -100.15 -193.51 65.17
C GLU O 619 -100.34 -192.46 64.11
N ALA O 620 -99.29 -192.25 63.33
CA ALA O 620 -99.41 -191.25 62.28
C ALA O 620 -100.54 -191.52 61.33
N LYS O 621 -100.51 -192.71 60.81
CA LYS O 621 -101.52 -193.07 59.86
C LYS O 621 -102.90 -192.79 60.40
N HIS O 622 -103.11 -193.20 61.62
CA HIS O 622 -104.40 -193.02 62.24
C HIS O 622 -104.79 -191.57 62.38
N GLN O 623 -103.91 -190.77 62.98
CA GLN O 623 -104.18 -189.36 63.17
C GLN O 623 -104.38 -188.63 61.85
N GLN O 624 -103.81 -189.15 60.78
CA GLN O 624 -103.91 -188.46 59.53
C GLN O 624 -105.04 -188.94 58.66
N GLN O 625 -105.83 -189.88 59.15
CA GLN O 625 -106.89 -190.35 58.28
C GLN O 625 -107.74 -189.28 57.68
N PHE O 626 -108.28 -189.59 56.52
CA PHE O 626 -109.09 -188.66 55.81
C PHE O 626 -110.53 -188.73 56.20
N PHE O 627 -110.88 -189.66 57.08
CA PHE O 627 -112.28 -189.72 57.47
C PHE O 627 -112.41 -189.61 58.94
N GLN O 628 -113.43 -188.88 59.35
CA GLN O 628 -113.66 -188.72 60.75
C GLN O 628 -115.04 -189.14 61.13
N PHE O 629 -115.11 -189.82 62.27
CA PHE O 629 -116.34 -190.38 62.79
C PHE O 629 -116.84 -189.82 64.08
N ARG O 630 -118.16 -189.83 64.15
CA ARG O 630 -118.90 -189.41 65.30
C ARG O 630 -119.95 -190.44 65.52
N LEU O 631 -120.13 -190.72 66.77
CA LEU O 631 -121.10 -191.69 67.12
C LEU O 631 -122.20 -191.09 67.93
N SER O 632 -123.41 -191.28 67.46
CA SER O 632 -124.53 -190.80 68.20
C SER O 632 -125.63 -191.80 68.27
N GLY O 633 -125.74 -192.39 69.44
CA GLY O 633 -126.73 -193.41 69.59
C GLY O 633 -126.43 -194.55 68.63
N GLN O 634 -127.28 -194.74 67.62
CA GLN O 634 -127.03 -195.85 66.72
C GLN O 634 -126.52 -195.33 65.42
N THR O 635 -126.21 -194.05 65.42
CA THR O 635 -125.75 -193.45 64.22
C THR O 635 -124.33 -193.06 64.17
N ILE O 636 -123.75 -193.42 63.06
CA ILE O 636 -122.43 -193.00 62.85
C ILE O 636 -122.38 -191.89 61.86
N GLU O 637 -121.71 -190.84 62.28
CA GLU O 637 -121.55 -189.73 61.40
C GLU O 637 -120.16 -189.74 60.78
N VAL O 638 -120.12 -189.65 59.47
CA VAL O 638 -118.86 -189.70 58.80
C VAL O 638 -118.56 -188.44 58.12
N THR O 639 -117.33 -187.99 58.27
CA THR O 639 -116.93 -186.77 57.66
C THR O 639 -115.69 -186.97 56.83
N SER O 640 -115.75 -186.37 55.63
CA SER O 640 -114.69 -186.46 54.65
C SER O 640 -113.76 -185.29 54.72
N GLU O 641 -112.48 -185.61 54.80
CA GLU O 641 -111.47 -184.59 54.80
C GLU O 641 -110.85 -184.51 53.41
N TYR O 642 -111.53 -185.09 52.45
CA TYR O 642 -111.03 -184.97 51.09
C TYR O 642 -111.56 -183.64 50.56
N LEU O 643 -110.76 -182.96 49.77
CA LEU O 643 -111.19 -181.67 49.25
C LEU O 643 -111.73 -181.83 47.88
N PHE O 644 -111.23 -182.84 47.21
CA PHE O 644 -111.62 -183.04 45.85
C PHE O 644 -112.28 -184.34 45.50
N ARG O 645 -112.00 -185.43 46.18
CA ARG O 645 -112.66 -186.62 45.72
C ARG O 645 -113.86 -187.08 46.46
N HIS O 646 -114.52 -188.01 45.83
CA HIS O 646 -115.68 -188.58 46.42
C HIS O 646 -115.31 -189.96 46.94
N SER O 647 -115.97 -190.46 47.99
CA SER O 647 -115.63 -191.77 48.57
C SER O 647 -115.92 -192.88 47.60
N ASP O 648 -115.24 -192.86 46.49
CA ASP O 648 -115.52 -193.85 45.51
C ASP O 648 -114.79 -195.16 45.56
N ASN O 649 -114.08 -195.45 46.64
CA ASN O 649 -113.42 -196.73 46.74
C ASN O 649 -113.41 -197.05 48.21
N GLU O 650 -114.59 -196.82 48.79
CA GLU O 650 -114.71 -196.99 50.20
C GLU O 650 -115.83 -197.81 50.77
N LEU O 651 -115.35 -198.75 51.55
CA LEU O 651 -116.20 -199.62 52.30
C LEU O 651 -116.03 -199.46 53.78
N LEU O 652 -117.15 -199.36 54.43
CA LEU O 652 -117.10 -199.24 55.84
C LEU O 652 -117.52 -200.50 56.56
N HIS O 653 -116.59 -201.12 57.25
CA HIS O 653 -116.91 -202.31 57.99
C HIS O 653 -117.07 -202.00 59.44
N TRP O 654 -118.13 -202.48 60.03
CA TRP O 654 -118.26 -202.22 61.43
C TRP O 654 -118.47 -203.51 62.17
N MET O 655 -118.32 -203.44 63.47
CA MET O 655 -118.51 -204.64 64.22
C MET O 655 -118.46 -204.48 65.73
N VAL O 656 -119.27 -205.31 66.37
CA VAL O 656 -119.43 -205.28 67.80
C VAL O 656 -118.94 -206.50 68.52
N ALA O 657 -118.24 -206.27 69.64
CA ALA O 657 -117.73 -207.36 70.41
C ALA O 657 -117.73 -207.10 71.88
N LEU O 658 -117.87 -208.20 72.59
CA LEU O 658 -117.91 -208.21 74.01
C LEU O 658 -116.63 -208.77 74.48
N ASP O 659 -115.86 -207.96 75.15
CA ASP O 659 -114.57 -208.44 75.58
C ASP O 659 -113.87 -209.27 74.51
N GLY O 660 -113.98 -208.84 73.26
CA GLY O 660 -113.28 -209.60 72.26
C GLY O 660 -114.18 -210.57 71.53
N LYS O 661 -115.36 -210.78 72.04
CA LYS O 661 -116.23 -211.68 71.36
C LYS O 661 -117.19 -210.90 70.53
N PRO O 662 -117.00 -211.16 69.28
CA PRO O 662 -117.72 -210.58 68.18
C PRO O 662 -119.15 -211.01 68.23
N LEU O 663 -120.03 -210.08 68.14
CA LEU O 663 -121.42 -210.38 68.19
C LEU O 663 -122.13 -209.98 66.94
N ALA O 664 -121.54 -209.03 66.20
CA ALA O 664 -122.17 -208.53 64.99
C ALA O 664 -121.20 -207.75 64.17
N SER O 665 -121.37 -207.86 62.86
CA SER O 665 -120.55 -207.18 61.87
C SER O 665 -121.45 -206.65 60.84
N GLY O 666 -120.92 -205.69 60.09
CA GLY O 666 -121.68 -205.07 59.03
C GLY O 666 -120.76 -204.44 58.03
N GLU O 667 -121.33 -204.20 56.87
CA GLU O 667 -120.58 -203.59 55.80
C GLU O 667 -121.35 -202.49 55.14
N VAL O 668 -120.76 -201.33 55.06
CA VAL O 668 -121.46 -200.29 54.39
C VAL O 668 -120.58 -199.42 53.57
N PRO O 669 -121.03 -199.32 52.36
CA PRO O 669 -120.40 -198.54 51.33
C PRO O 669 -120.58 -197.07 51.62
N LEU O 670 -119.47 -196.37 51.48
CA LEU O 670 -119.43 -194.94 51.71
C LEU O 670 -119.78 -194.12 50.49
N ASP O 671 -120.46 -193.06 50.78
CA ASP O 671 -120.86 -192.13 49.76
C ASP O 671 -120.72 -190.74 50.29
N VAL O 672 -119.51 -190.21 50.28
CA VAL O 672 -119.32 -188.88 50.80
C VAL O 672 -118.54 -187.98 49.92
N ALA O 673 -119.13 -186.81 49.77
CA ALA O 673 -118.50 -185.79 48.99
C ALA O 673 -117.40 -185.15 49.79
N PRO O 674 -116.38 -184.72 49.07
CA PRO O 674 -115.30 -184.04 49.72
C PRO O 674 -115.94 -183.08 50.67
N GLN O 675 -115.40 -183.07 51.87
CA GLN O 675 -115.88 -182.22 52.92
C GLN O 675 -117.30 -182.43 53.32
N GLY O 676 -117.86 -183.57 52.97
CA GLY O 676 -119.23 -183.82 53.36
C GLY O 676 -119.35 -184.81 54.50
N LYS O 677 -120.61 -185.01 54.88
CA LYS O 677 -120.99 -185.91 55.94
C LYS O 677 -121.89 -187.03 55.44
N GLN O 678 -121.80 -188.19 56.07
CA GLN O 678 -122.64 -189.31 55.74
C GLN O 678 -123.13 -189.90 57.04
N LEU O 679 -124.42 -190.17 57.07
CA LEU O 679 -125.03 -190.75 58.24
C LEU O 679 -125.20 -192.22 58.18
N ILE O 680 -124.81 -192.86 59.25
CA ILE O 680 -124.94 -194.26 59.18
C ILE O 680 -125.73 -194.84 60.27
N GLU O 681 -126.80 -195.40 59.78
CA GLU O 681 -127.78 -196.01 60.62
C GLU O 681 -127.50 -197.44 61.00
N LEU O 682 -127.43 -197.61 62.30
CA LEU O 682 -127.16 -198.93 62.76
C LEU O 682 -128.36 -199.75 63.08
N PRO O 683 -128.26 -200.97 62.63
CA PRO O 683 -129.24 -201.97 62.89
C PRO O 683 -129.25 -202.13 64.38
N GLU O 684 -130.35 -202.63 64.90
CA GLU O 684 -130.43 -202.80 66.32
C GLU O 684 -129.30 -203.63 66.87
N LEU O 685 -128.74 -203.05 67.91
CA LEU O 685 -127.62 -203.67 68.54
C LEU O 685 -127.99 -204.59 69.63
N PRO O 686 -127.14 -205.56 69.74
CA PRO O 686 -127.22 -206.63 70.68
C PRO O 686 -127.01 -206.13 72.10
N GLN O 687 -127.77 -206.72 73.03
CA GLN O 687 -127.67 -206.34 74.42
C GLN O 687 -127.39 -207.50 75.31
N PRO O 688 -126.18 -207.99 75.19
CA PRO O 688 -125.65 -209.10 75.95
C PRO O 688 -125.92 -208.92 77.43
N GLU O 689 -126.02 -210.05 78.09
CA GLU O 689 -126.28 -210.07 79.50
C GLU O 689 -125.01 -210.13 80.29
N SER O 690 -124.20 -211.05 79.78
CA SER O 690 -122.88 -211.35 80.28
C SER O 690 -122.12 -210.10 80.67
N ALA O 691 -121.22 -210.25 81.59
CA ALA O 691 -120.47 -209.10 82.01
C ALA O 691 -119.37 -208.85 81.04
N GLY O 692 -118.98 -207.57 80.99
CA GLY O 692 -117.91 -207.17 80.10
C GLY O 692 -118.17 -205.83 79.45
N GLN O 693 -117.18 -205.45 78.62
CA GLN O 693 -117.16 -204.22 77.88
C GLN O 693 -117.58 -204.47 76.46
N LEU O 694 -118.54 -203.68 76.06
CA LEU O 694 -119.04 -203.75 74.73
C LEU O 694 -118.41 -202.67 73.87
N TRP O 695 -117.81 -203.09 72.78
CA TRP O 695 -117.17 -202.10 71.95
C TRP O 695 -117.49 -202.16 70.48
N LEU O 696 -117.61 -200.96 69.94
CA LEU O 696 -117.88 -200.82 68.55
C LEU O 696 -116.65 -200.41 67.76
N THR O 697 -116.44 -201.08 66.63
CA THR O 697 -115.33 -200.72 65.82
C THR O 697 -115.63 -200.62 64.35
N VAL O 698 -115.15 -199.53 63.75
CA VAL O 698 -115.29 -199.31 62.31
C VAL O 698 -113.96 -199.22 61.61
N ARG O 699 -114.00 -199.69 60.38
CA ARG O 699 -112.84 -199.68 59.54
C ARG O 699 -113.21 -199.25 58.14
N VAL O 700 -112.26 -198.66 57.47
CA VAL O 700 -112.51 -198.25 56.12
C VAL O 700 -111.62 -198.98 55.16
N VAL O 701 -112.33 -199.59 54.20
CA VAL O 701 -111.63 -200.34 53.23
C VAL O 701 -111.81 -199.98 51.81
N GLN O 702 -110.67 -200.17 51.15
CA GLN O 702 -110.54 -199.94 49.74
C GLN O 702 -110.56 -201.25 49.01
N PRO O 703 -111.75 -201.54 48.57
CA PRO O 703 -112.08 -202.73 47.85
C PRO O 703 -111.18 -202.93 46.66
N ASN O 704 -111.04 -201.90 45.83
CA ASN O 704 -110.21 -202.01 44.65
C ASN O 704 -108.82 -201.47 44.84
N ALA O 705 -107.84 -202.11 44.20
CA ALA O 705 -106.51 -201.58 44.37
C ALA O 705 -106.35 -200.29 43.63
N THR O 706 -105.27 -199.60 43.96
CA THR O 706 -104.96 -198.33 43.36
C THR O 706 -103.54 -198.38 42.95
N ALA O 707 -103.12 -197.28 42.38
CA ALA O 707 -101.76 -197.25 41.97
C ALA O 707 -100.83 -197.31 43.12
N TRP O 708 -101.34 -197.00 44.30
CA TRP O 708 -100.41 -197.00 45.42
C TRP O 708 -100.86 -197.88 46.51
N SER O 709 -101.95 -198.59 46.27
CA SER O 709 -102.46 -199.48 47.28
C SER O 709 -103.13 -200.70 46.70
N GLU O 710 -103.04 -201.75 47.48
CA GLU O 710 -103.62 -203.05 47.19
C GLU O 710 -105.10 -203.07 47.42
N ALA O 711 -105.72 -204.12 46.94
CA ALA O 711 -107.12 -204.13 47.23
C ALA O 711 -107.30 -204.54 48.66
N GLY O 712 -108.37 -204.07 49.26
CA GLY O 712 -108.62 -204.38 50.65
C GLY O 712 -107.74 -203.58 51.62
N HIS O 713 -107.27 -202.43 51.18
CA HIS O 713 -106.47 -201.63 52.04
C HIS O 713 -107.30 -200.94 53.09
N ILE O 714 -106.76 -200.89 54.31
CA ILE O 714 -107.45 -200.19 55.39
C ILE O 714 -106.96 -198.77 55.46
N SER O 715 -107.86 -197.83 55.29
CA SER O 715 -107.42 -196.46 55.31
C SER O 715 -107.77 -195.71 56.57
N ALA O 716 -108.72 -196.24 57.32
CA ALA O 716 -109.09 -195.53 58.51
C ALA O 716 -109.87 -196.37 59.46
N TRP O 717 -109.76 -196.02 60.72
CA TRP O 717 -110.53 -196.75 61.66
C TRP O 717 -110.83 -195.94 62.86
N GLN O 718 -111.76 -196.45 63.64
CA GLN O 718 -112.14 -195.78 64.85
C GLN O 718 -112.96 -196.68 65.73
N GLN O 719 -112.81 -196.52 67.03
CA GLN O 719 -113.60 -197.40 67.87
C GLN O 719 -114.26 -196.73 69.07
N TRP O 720 -115.34 -197.31 69.57
CA TRP O 720 -116.01 -196.74 70.72
C TRP O 720 -116.46 -197.77 71.73
N ARG O 721 -116.55 -197.36 72.99
CA ARG O 721 -117.00 -198.31 73.99
C ARG O 721 -118.46 -198.12 74.22
N LEU O 722 -119.24 -199.10 73.86
CA LEU O 722 -120.66 -198.95 73.99
C LEU O 722 -121.20 -199.08 75.36
N ALA O 723 -120.86 -200.15 76.02
CA ALA O 723 -121.38 -200.31 77.34
C ALA O 723 -120.49 -201.14 78.19
N GLU O 724 -120.97 -201.26 79.41
CA GLU O 724 -120.27 -202.04 80.41
C GLU O 724 -121.23 -202.74 81.31
N ASN O 725 -120.93 -203.99 81.55
CA ASN O 725 -121.74 -204.76 82.45
C ASN O 725 -120.85 -205.17 83.57
N LEU O 726 -120.97 -204.48 84.67
CA LEU O 726 -120.15 -204.78 85.82
C LEU O 726 -120.47 -206.18 86.34
N SER O 727 -119.42 -206.90 86.71
CA SER O 727 -119.62 -208.25 87.22
C SER O 727 -119.91 -208.29 88.70
N VAL O 728 -121.08 -208.79 89.01
CA VAL O 728 -121.50 -208.88 90.37
C VAL O 728 -121.43 -210.29 90.86
N THR O 729 -120.66 -211.10 90.19
CA THR O 729 -120.66 -212.43 90.68
C THR O 729 -119.58 -212.75 91.64
N LEU O 730 -119.87 -213.84 92.30
CA LEU O 730 -119.02 -214.38 93.29
C LEU O 730 -118.49 -215.72 92.90
N PRO O 731 -117.25 -215.83 93.29
CA PRO O 731 -116.45 -217.01 93.12
C PRO O 731 -117.10 -218.09 93.96
N ALA O 732 -117.32 -219.23 93.32
CA ALA O 732 -117.92 -220.33 94.05
C ALA O 732 -116.94 -220.83 95.12
N ALA O 733 -117.49 -221.51 96.11
CA ALA O 733 -116.68 -222.04 97.18
C ALA O 733 -115.65 -223.04 96.70
N SER O 734 -114.60 -223.10 97.50
CA SER O 734 -113.50 -223.99 97.28
C SER O 734 -113.64 -225.06 98.35
N HIS O 735 -113.17 -226.24 98.04
CA HIS O 735 -113.31 -227.30 99.00
C HIS O 735 -112.15 -227.37 99.95
N ALA O 736 -111.22 -226.45 99.75
CA ALA O 736 -110.08 -226.47 100.60
C ALA O 736 -109.45 -225.14 100.64
N ILE O 737 -108.44 -225.03 101.46
CA ILE O 737 -107.77 -223.79 101.55
C ILE O 737 -106.31 -223.99 101.71
N PRO O 738 -105.60 -223.05 101.16
CA PRO O 738 -104.17 -223.11 101.16
C PRO O 738 -103.64 -223.39 102.54
N HIS O 739 -102.49 -223.99 102.52
CA HIS O 739 -101.91 -224.34 103.75
C HIS O 739 -100.59 -223.63 103.96
N LEU O 740 -100.61 -222.79 104.98
CA LEU O 740 -99.46 -221.98 105.32
C LEU O 740 -98.41 -222.73 106.08
N THR O 741 -97.18 -222.28 106.05
CA THR O 741 -96.12 -222.97 106.73
C THR O 741 -94.97 -222.05 106.97
N THR O 742 -94.76 -221.71 108.22
CA THR O 742 -93.67 -220.81 108.51
C THR O 742 -92.36 -221.52 108.57
N SER O 743 -91.32 -220.73 108.58
CA SER O 743 -89.95 -221.17 108.64
C SER O 743 -89.15 -219.94 109.02
N GLU O 744 -87.88 -220.03 109.13
CA GLU O 744 -87.19 -218.84 109.50
C GLU O 744 -87.01 -217.92 108.34
N MET O 745 -86.73 -218.59 107.23
CA MET O 745 -86.44 -217.97 105.98
C MET O 745 -87.66 -217.65 105.21
N ASP O 746 -88.73 -218.34 105.52
CA ASP O 746 -89.84 -218.00 104.70
C ASP O 746 -91.14 -218.53 105.12
N PHE O 747 -92.08 -218.29 104.22
CA PHE O 747 -93.42 -218.71 104.39
C PHE O 747 -93.80 -219.60 103.25
N CME O 748 -94.51 -220.71 103.53
CA CME O 748 -94.90 -221.61 102.49
CB CME O 748 -94.27 -222.97 102.43
SG CME O 748 -92.85 -222.78 101.39
SD CME O 748 -93.12 -223.83 99.76
CE CME O 748 -91.36 -223.99 99.41
CZ CME O 748 -90.94 -225.43 99.05
OH CME O 748 -89.78 -225.80 99.79
C CME O 748 -96.33 -221.81 102.28
O CME O 748 -97.06 -222.30 103.13
N ILE O 749 -96.72 -221.48 101.10
CA ILE O 749 -98.11 -221.68 100.83
C ILE O 749 -98.25 -222.79 99.86
N GLU O 750 -99.08 -223.73 100.25
CA GLU O 750 -99.31 -224.86 99.43
C GLU O 750 -100.75 -225.09 99.18
N LEU O 751 -101.01 -225.65 98.02
CA LEU O 751 -102.35 -225.97 97.61
C LEU O 751 -102.29 -226.90 96.43
N GLY O 752 -102.39 -228.18 96.68
CA GLY O 752 -102.31 -229.13 95.60
C GLY O 752 -100.88 -229.16 95.13
N ASN O 753 -100.73 -229.21 93.82
CA ASN O 753 -99.43 -229.20 93.18
C ASN O 753 -98.81 -227.81 93.26
N LYS O 754 -99.66 -226.81 93.49
CA LYS O 754 -99.20 -225.46 93.59
C LYS O 754 -98.58 -225.09 94.92
N ARG O 755 -97.51 -224.33 94.81
CA ARG O 755 -96.75 -223.85 95.95
C ARG O 755 -96.14 -222.48 95.69
N TRP O 756 -96.17 -221.64 96.72
CA TRP O 756 -95.63 -220.30 96.62
C TRP O 756 -94.72 -220.02 97.77
N GLN O 757 -93.61 -219.39 97.50
CA GLN O 757 -92.79 -219.08 98.64
C GLN O 757 -92.34 -217.62 98.76
N PHE O 758 -92.43 -217.09 99.97
CA PHE O 758 -92.02 -215.72 100.19
C PHE O 758 -90.83 -215.63 101.08
N ASN O 759 -89.75 -215.07 100.58
CA ASN O 759 -88.57 -214.94 101.41
C ASN O 759 -88.78 -213.92 102.48
N ARG O 760 -88.51 -214.33 103.69
CA ARG O 760 -88.72 -213.48 104.82
C ARG O 760 -87.68 -212.41 104.99
N GLN O 761 -86.58 -212.51 104.32
CA GLN O 761 -85.66 -211.44 104.55
C GLN O 761 -85.90 -210.32 103.58
N SER O 762 -86.22 -210.69 102.35
CA SER O 762 -86.41 -209.74 101.30
C SER O 762 -87.83 -209.26 101.27
N GLY O 763 -88.70 -210.11 101.75
CA GLY O 763 -90.08 -209.73 101.68
C GLY O 763 -90.68 -209.95 100.28
N PHE O 764 -90.03 -210.71 99.39
CA PHE O 764 -90.67 -210.90 98.12
C PHE O 764 -91.06 -212.29 97.88
N LEU O 765 -91.95 -212.44 96.92
CA LEU O 765 -92.36 -213.72 96.48
C LEU O 765 -91.18 -214.22 95.69
N SER O 766 -90.44 -215.14 96.27
CA SER O 766 -89.21 -215.67 95.70
C SER O 766 -89.35 -216.80 94.71
N GLN O 767 -90.33 -217.65 94.88
CA GLN O 767 -90.44 -218.73 93.93
C GLN O 767 -91.80 -219.31 94.00
N MET O 768 -92.13 -220.02 92.97
CA MET O 768 -93.37 -220.67 92.97
C MET O 768 -93.29 -221.86 92.06
N TRP O 769 -94.03 -222.90 92.41
CA TRP O 769 -93.99 -224.13 91.65
C TRP O 769 -95.30 -224.61 91.24
N ILE O 770 -95.25 -225.32 90.14
CA ILE O 770 -96.40 -226.02 89.67
C ILE O 770 -95.87 -227.39 89.51
N GLY O 771 -96.32 -228.25 90.40
CA GLY O 771 -95.76 -229.55 90.40
C GLY O 771 -94.37 -229.37 90.99
N ASP O 772 -93.40 -229.91 90.31
CA ASP O 772 -92.03 -229.83 90.73
C ASP O 772 -91.28 -228.80 89.92
N LYS O 773 -92.03 -228.03 89.14
CA LYS O 773 -91.43 -227.04 88.30
C LYS O 773 -91.40 -225.67 88.92
N LYS O 774 -90.20 -225.14 89.05
CA LYS O 774 -90.03 -223.82 89.56
C LYS O 774 -90.52 -222.89 88.46
N GLN O 775 -91.07 -221.73 88.81
CA GLN O 775 -91.60 -220.90 87.76
C GLN O 775 -90.86 -219.64 87.52
N LEU O 776 -90.05 -219.24 88.48
CA LEU O 776 -89.37 -217.99 88.29
C LEU O 776 -87.90 -218.09 88.40
N LEU O 777 -87.22 -217.34 87.57
CA LEU O 777 -85.78 -217.27 87.68
C LEU O 777 -85.42 -216.10 88.55
N THR O 778 -86.38 -215.22 88.75
CA THR O 778 -86.16 -214.04 89.53
C THR O 778 -87.39 -213.72 90.32
N PRO O 779 -87.20 -213.17 91.50
CA PRO O 779 -88.30 -212.81 92.38
C PRO O 779 -89.12 -211.64 91.84
N LEU O 780 -90.37 -211.62 92.24
CA LEU O 780 -91.30 -210.62 91.83
C LEU O 780 -91.06 -209.35 92.56
N ARG O 781 -90.73 -208.29 91.83
CA ARG O 781 -90.52 -207.06 92.53
C ARG O 781 -90.94 -205.78 91.90
N ASP O 782 -91.00 -204.81 92.81
CA ASP O 782 -91.41 -203.47 92.46
C ASP O 782 -90.40 -202.91 91.51
N GLN O 783 -90.87 -202.10 90.60
CA GLN O 783 -89.95 -201.50 89.69
C GLN O 783 -90.38 -200.10 89.42
N PHE O 784 -89.44 -199.18 89.52
CA PHE O 784 -89.78 -197.79 89.30
C PHE O 784 -89.08 -197.11 88.14
N THR O 785 -88.21 -197.82 87.45
CA THR O 785 -87.48 -197.18 86.38
C THR O 785 -87.70 -197.84 85.02
N ARG O 786 -87.06 -197.21 84.02
CA ARG O 786 -87.08 -197.77 82.69
C ARG O 786 -85.74 -197.58 82.00
N ALA O 787 -85.49 -198.42 80.99
CA ALA O 787 -84.32 -198.31 80.17
C ALA O 787 -84.63 -197.12 79.29
N PRO O 788 -83.97 -196.02 79.61
CA PRO O 788 -84.13 -194.73 79.01
C PRO O 788 -84.37 -194.71 77.53
N LEU O 789 -85.34 -193.90 77.15
CA LEU O 789 -85.60 -193.71 75.75
C LEU O 789 -84.68 -192.64 75.26
N ASP O 790 -84.63 -192.56 73.94
CA ASP O 790 -83.80 -191.52 73.36
C ASP O 790 -84.23 -190.20 73.94
N ASN O 791 -85.54 -190.03 73.97
CA ASN O 791 -86.12 -188.83 74.53
C ASN O 791 -85.75 -188.67 76.01
N ASP O 792 -85.59 -189.75 76.74
CA ASP O 792 -85.24 -189.60 78.14
C ASP O 792 -83.84 -189.07 78.34
N ILE O 793 -83.03 -189.29 77.31
CA ILE O 793 -81.64 -188.93 77.32
C ILE O 793 -81.32 -187.59 76.71
N GLY O 794 -81.91 -187.35 75.54
CA GLY O 794 -81.70 -186.11 74.84
C GLY O 794 -80.27 -185.99 74.38
N VAL O 795 -79.61 -184.96 74.85
CA VAL O 795 -78.25 -184.81 74.40
C VAL O 795 -77.25 -184.98 75.51
N SER O 796 -77.70 -185.58 76.58
CA SER O 796 -76.78 -185.80 77.66
C SER O 796 -75.70 -186.78 77.23
N GLU O 797 -74.49 -186.39 77.58
CA GLU O 797 -73.33 -187.18 77.28
C GLU O 797 -72.51 -187.34 78.51
N ALA O 798 -71.82 -188.47 78.55
CA ALA O 798 -70.95 -188.81 79.65
C ALA O 798 -70.02 -187.65 79.99
N THR O 799 -69.42 -187.12 78.93
CA THR O 799 -68.52 -186.01 79.00
C THR O 799 -69.28 -184.74 79.37
N ARG O 800 -70.35 -184.52 78.62
CA ARG O 800 -71.20 -183.37 78.76
C ARG O 800 -72.63 -183.72 79.10
N ILE O 801 -72.83 -183.82 80.39
CA ILE O 801 -74.11 -184.15 80.95
C ILE O 801 -75.13 -183.02 80.90
N ASP O 802 -76.39 -183.38 80.65
CA ASP O 802 -77.50 -182.46 80.63
C ASP O 802 -78.44 -182.74 81.79
N PRO O 803 -78.17 -182.00 82.84
CA PRO O 803 -78.87 -182.03 84.09
C PRO O 803 -80.38 -181.99 83.98
N ASN O 804 -80.94 -181.50 82.88
CA ASN O 804 -82.38 -181.53 82.89
C ASN O 804 -82.96 -182.76 82.27
N ALA O 805 -82.15 -183.52 81.59
CA ALA O 805 -82.66 -184.73 81.02
C ALA O 805 -83.20 -185.63 82.12
N TRP O 806 -84.33 -186.24 81.80
CA TRP O 806 -84.99 -187.12 82.71
C TRP O 806 -84.01 -188.11 83.27
N VAL O 807 -83.34 -188.75 82.34
CA VAL O 807 -82.39 -189.74 82.75
C VAL O 807 -81.41 -189.19 83.77
N GLU O 808 -80.97 -187.99 83.47
CA GLU O 808 -80.05 -187.35 84.34
C GLU O 808 -80.62 -187.18 85.72
N ARG O 809 -81.83 -186.74 85.74
CA ARG O 809 -82.47 -186.53 87.04
C ARG O 809 -82.72 -187.80 87.81
N TRP O 810 -83.16 -188.79 87.08
CA TRP O 810 -83.47 -190.03 87.68
C TRP O 810 -82.22 -190.60 88.32
N LYS O 811 -81.16 -190.44 87.55
CA LYS O 811 -79.87 -190.93 87.97
C LYS O 811 -79.46 -190.23 89.22
N ALA O 812 -79.43 -188.94 89.11
CA ALA O 812 -79.03 -188.16 90.24
C ALA O 812 -79.84 -188.42 91.47
N ALA O 813 -81.11 -188.77 91.26
CA ALA O 813 -81.98 -189.02 92.39
C ALA O 813 -81.71 -190.37 93.01
N GLY O 814 -81.00 -191.21 92.29
CA GLY O 814 -80.70 -192.50 92.82
C GLY O 814 -81.79 -193.49 92.49
N HIS O 815 -82.69 -193.08 91.60
CA HIS O 815 -83.75 -194.00 91.26
C HIS O 815 -83.21 -195.32 90.78
N TYR O 816 -82.18 -195.22 89.97
CA TYR O 816 -81.61 -196.40 89.40
C TYR O 816 -80.88 -197.23 90.40
N GLN O 817 -80.63 -196.69 91.58
CA GLN O 817 -79.90 -197.54 92.47
C GLN O 817 -80.34 -197.51 93.92
N ALA O 818 -81.62 -197.26 94.11
CA ALA O 818 -82.10 -197.23 95.44
C ALA O 818 -82.22 -198.62 95.94
N GLU O 819 -82.12 -198.68 97.23
CA GLU O 819 -82.16 -199.89 97.99
C GLU O 819 -83.45 -200.09 98.71
N ALA O 820 -84.05 -201.23 98.42
CA ALA O 820 -85.28 -201.56 99.10
C ALA O 820 -85.02 -202.00 100.55
N ALA O 821 -85.95 -201.71 101.43
CA ALA O 821 -85.82 -202.08 102.82
C ALA O 821 -87.13 -202.64 103.38
N LEU O 822 -87.08 -203.87 103.89
CA LEU O 822 -88.29 -204.42 104.43
C LEU O 822 -88.72 -203.67 105.66
N LEU O 823 -89.94 -203.22 105.63
CA LEU O 823 -90.44 -202.54 106.76
C LEU O 823 -91.29 -203.51 107.51
N GLN O 824 -91.90 -204.42 106.77
CA GLN O 824 -92.76 -205.37 107.41
C GLN O 824 -93.26 -206.43 106.47
N CYS O 825 -93.45 -207.61 107.06
CA CYS O 825 -93.87 -208.77 106.30
C CYS O 825 -94.61 -209.71 107.19
N THR O 826 -95.89 -209.93 106.90
CA THR O 826 -96.65 -210.81 107.75
C THR O 826 -97.56 -211.73 107.00
N ALA O 827 -97.86 -212.83 107.70
CA ALA O 827 -98.70 -213.86 107.17
C ALA O 827 -99.82 -214.16 108.11
N ASP O 828 -100.96 -214.51 107.54
CA ASP O 828 -102.13 -214.75 108.34
C ASP O 828 -103.08 -215.68 107.65
N THR O 829 -103.75 -216.48 108.47
CA THR O 829 -104.70 -217.42 107.94
C THR O 829 -106.10 -217.01 108.19
N LEU O 830 -106.78 -216.90 107.09
CA LEU O 830 -108.14 -216.53 107.15
C LEU O 830 -108.98 -217.74 106.92
N ALA O 831 -110.25 -217.55 107.07
CA ALA O 831 -111.12 -218.66 106.88
C ALA O 831 -111.10 -219.21 105.49
N ASP O 832 -110.85 -218.35 104.50
CA ASP O 832 -110.93 -218.83 103.14
C ASP O 832 -109.70 -218.66 102.34
N ALA O 833 -108.67 -218.11 102.97
CA ALA O 833 -107.44 -217.92 102.27
C ALA O 833 -106.31 -217.57 103.19
N VAL O 834 -105.17 -217.39 102.56
CA VAL O 834 -104.01 -216.97 103.26
C VAL O 834 -103.65 -215.57 102.83
N LEU O 835 -103.24 -214.80 103.82
CA LEU O 835 -102.95 -213.43 103.58
C LEU O 835 -101.58 -213.00 103.98
N ILE O 836 -100.90 -212.40 103.02
CA ILE O 836 -99.58 -211.89 103.26
C ILE O 836 -99.51 -210.40 103.10
N THR O 837 -98.79 -209.78 104.01
CA THR O 837 -98.64 -208.35 103.82
C THR O 837 -97.22 -207.88 103.99
N THR O 838 -96.84 -206.95 103.12
CA THR O 838 -95.51 -206.41 103.15
C THR O 838 -95.49 -204.91 103.02
N ALA O 839 -94.31 -204.39 103.33
CA ALA O 839 -94.09 -202.97 103.23
C ALA O 839 -92.63 -202.75 103.08
N HIS O 840 -92.27 -202.06 102.01
CA HIS O 840 -90.89 -201.77 101.78
C HIS O 840 -90.66 -200.32 101.55
N ALA O 841 -89.40 -199.93 101.65
CA ALA O 841 -89.06 -198.56 101.38
C ALA O 841 -87.82 -198.48 100.52
N TRP O 842 -87.86 -197.66 99.47
CA TRP O 842 -86.64 -197.53 98.73
C TRP O 842 -85.98 -196.26 99.16
N GLN O 843 -84.72 -196.38 99.52
CA GLN O 843 -84.04 -195.20 99.95
C GLN O 843 -82.75 -194.98 99.25
N HIS O 844 -82.30 -193.78 99.43
CA HIS O 844 -81.07 -193.43 98.82
C HIS O 844 -80.46 -192.29 99.54
N GLN O 845 -79.29 -192.56 100.07
CA GLN O 845 -78.60 -191.58 100.82
C GLN O 845 -79.47 -190.95 101.89
N GLY O 846 -80.18 -191.82 102.61
CA GLY O 846 -81.01 -191.35 103.70
C GLY O 846 -82.38 -190.84 103.29
N LYS O 847 -82.60 -190.68 102.01
CA LYS O 847 -83.90 -190.24 101.63
C LYS O 847 -84.77 -191.38 101.19
N THR O 848 -86.02 -191.27 101.55
CA THR O 848 -86.95 -192.29 101.16
C THR O 848 -87.68 -191.84 99.90
N LEU O 849 -87.48 -192.57 98.81
CA LEU O 849 -88.11 -192.23 97.55
C LEU O 849 -89.48 -192.80 97.45
N PHE O 850 -89.57 -194.09 97.70
CA PHE O 850 -90.86 -194.71 97.60
C PHE O 850 -91.17 -195.64 98.72
N ILE O 851 -92.46 -195.86 98.81
CA ILE O 851 -92.96 -196.79 99.76
C ILE O 851 -93.98 -197.66 99.10
N SER O 852 -93.74 -198.93 99.22
CA SER O 852 -94.60 -199.90 98.61
C SER O 852 -95.22 -200.83 99.64
N ARG O 853 -96.55 -200.79 99.65
CA ARG O 853 -97.28 -201.62 100.57
C ARG O 853 -98.16 -202.59 99.83
N LYS O 854 -97.99 -203.87 100.10
CA LYS O 854 -98.80 -204.84 99.39
C LYS O 854 -99.50 -205.84 100.26
N THR O 855 -100.41 -206.55 99.61
CA THR O 855 -101.11 -207.67 100.17
C THR O 855 -101.28 -208.71 99.11
N TYR O 856 -101.01 -209.93 99.55
CA TYR O 856 -101.14 -211.03 98.68
C TYR O 856 -102.13 -211.95 99.32
N ARG O 857 -103.12 -212.31 98.52
CA ARG O 857 -104.12 -213.16 99.07
C ARG O 857 -104.45 -214.31 98.16
N ILE O 858 -104.13 -215.47 98.70
CA ILE O 858 -104.30 -216.74 98.02
C ILE O 858 -105.42 -217.54 98.59
N ASP O 859 -106.36 -217.84 97.74
CA ASP O 859 -107.50 -218.59 98.16
C ASP O 859 -107.44 -220.01 97.71
N GLY O 860 -108.53 -220.67 98.05
CA GLY O 860 -108.71 -222.06 97.74
C GLY O 860 -108.91 -222.31 96.27
N SER O 861 -109.09 -221.26 95.49
CA SER O 861 -109.24 -221.52 94.09
C SER O 861 -107.88 -221.52 93.44
N GLY O 862 -106.87 -221.15 94.22
CA GLY O 862 -105.51 -221.13 93.71
C GLY O 862 -105.15 -219.82 93.01
N GLN O 863 -105.92 -218.78 93.26
CA GLN O 863 -105.59 -217.53 92.66
C GLN O 863 -104.91 -216.62 93.63
N MET O 864 -104.02 -215.86 93.11
CA MET O 864 -103.33 -214.93 93.94
C MET O 864 -103.67 -213.52 93.55
N ALA O 865 -104.25 -212.83 94.50
CA ALA O 865 -104.63 -211.47 94.27
C ALA O 865 -103.63 -210.57 94.93
N ILE O 866 -103.16 -209.64 94.15
CA ILE O 866 -102.18 -208.73 94.61
C ILE O 866 -102.68 -207.33 94.63
N THR O 867 -102.28 -206.66 95.66
CA THR O 867 -102.68 -205.32 95.83
C THR O 867 -101.52 -204.45 96.19
N VAL O 868 -101.39 -203.40 95.39
CA VAL O 868 -100.30 -202.49 95.57
C VAL O 868 -100.67 -201.06 95.75
N ASP O 869 -100.06 -200.49 96.77
CA ASP O 869 -100.23 -199.10 97.06
C ASP O 869 -98.91 -198.46 97.29
N VAL O 870 -98.62 -197.47 96.45
CA VAL O 870 -97.37 -196.76 96.51
C VAL O 870 -97.45 -195.29 96.82
N GLU O 871 -96.41 -194.85 97.53
CA GLU O 871 -96.27 -193.47 97.88
C GLU O 871 -94.96 -193.02 97.29
N VAL O 872 -95.00 -191.85 96.66
CA VAL O 872 -93.83 -191.28 96.07
C VAL O 872 -93.50 -189.92 96.64
N ALA O 873 -92.27 -189.74 97.08
CA ALA O 873 -91.92 -188.45 97.62
C ALA O 873 -92.19 -187.36 96.62
N SER O 874 -92.86 -186.37 97.09
CA SER O 874 -93.21 -185.28 96.23
C SER O 874 -91.97 -184.58 95.72
N ASP O 875 -90.89 -184.72 96.44
CA ASP O 875 -89.76 -183.99 95.95
C ASP O 875 -88.81 -184.79 95.13
N THR O 876 -89.22 -185.97 94.74
CA THR O 876 -88.35 -186.69 93.87
C THR O 876 -88.91 -186.56 92.47
N PRO O 877 -88.09 -186.79 91.48
CA PRO O 877 -88.54 -186.68 90.12
C PRO O 877 -89.53 -187.76 89.81
N HIS O 878 -90.56 -187.41 89.07
CA HIS O 878 -91.52 -188.43 88.75
C HIS O 878 -90.85 -189.56 88.05
N PRO O 879 -91.16 -190.71 88.55
CA PRO O 879 -90.65 -191.97 88.10
C PRO O 879 -91.23 -192.36 86.77
N ALA O 880 -90.42 -193.08 86.02
CA ALA O 880 -90.76 -193.56 84.70
C ALA O 880 -91.95 -194.46 84.72
N ARG O 881 -92.04 -195.19 85.81
CA ARG O 881 -93.11 -196.14 85.90
C ARG O 881 -93.29 -196.67 87.30
N ILE O 882 -94.40 -197.39 87.45
CA ILE O 882 -94.79 -198.01 88.70
C ILE O 882 -95.41 -199.37 88.46
N GLY O 883 -94.59 -200.39 88.78
CA GLY O 883 -95.01 -201.73 88.54
C GLY O 883 -94.14 -202.76 89.20
N LEU O 884 -94.24 -203.92 88.60
CA LEU O 884 -93.51 -205.04 89.08
C LEU O 884 -92.86 -205.76 87.97
N ASN O 885 -91.94 -206.59 88.37
CA ASN O 885 -91.30 -207.40 87.38
C ASN O 885 -90.68 -208.66 87.93
N CYS O 886 -90.39 -209.51 86.98
CA CYS O 886 -89.77 -210.75 87.32
C CYS O 886 -89.37 -211.47 86.06
N GLN O 887 -88.48 -212.44 86.27
CA GLN O 887 -87.99 -213.25 85.20
C GLN O 887 -88.62 -214.60 85.28
N LEU O 888 -89.48 -214.88 84.34
CA LEU O 888 -90.12 -216.16 84.34
C LEU O 888 -89.21 -217.22 83.79
N ALA O 889 -89.26 -218.38 84.42
CA ALA O 889 -88.45 -219.48 83.96
C ALA O 889 -88.90 -220.02 82.59
N GLN O 890 -90.17 -219.97 82.36
CA GLN O 890 -90.68 -220.47 81.11
C GLN O 890 -90.44 -219.52 79.94
N VAL O 891 -90.59 -220.10 78.75
CA VAL O 891 -90.45 -219.36 77.51
C VAL O 891 -91.43 -219.91 76.50
N ALA O 892 -92.40 -219.14 76.05
CA ALA O 892 -93.39 -219.63 75.11
C ALA O 892 -93.37 -218.98 73.76
N GLU O 893 -94.23 -219.49 72.91
CA GLU O 893 -94.31 -219.06 71.53
C GLU O 893 -95.15 -217.83 71.28
N ARG O 894 -96.31 -217.87 71.86
CA ARG O 894 -97.26 -216.82 71.68
C ARG O 894 -97.55 -216.04 72.94
N VAL O 895 -98.20 -214.92 72.68
CA VAL O 895 -98.63 -213.99 73.68
C VAL O 895 -100.04 -213.58 73.35
N ASN O 896 -100.88 -213.67 74.33
CA ASN O 896 -102.24 -213.39 74.07
C ASN O 896 -102.78 -212.49 75.13
N TRP O 897 -103.42 -211.45 74.66
CA TRP O 897 -103.97 -210.51 75.59
C TRP O 897 -105.18 -209.82 75.09
N LEU O 898 -105.86 -209.30 76.08
CA LEU O 898 -107.04 -208.55 75.90
C LEU O 898 -106.75 -207.15 76.41
N GLY O 899 -106.57 -206.26 75.43
CA GLY O 899 -106.22 -204.90 75.69
C GLY O 899 -105.93 -204.17 74.39
N LEU O 900 -105.11 -203.13 74.51
CA LEU O 900 -104.76 -202.30 73.39
C LEU O 900 -103.76 -202.93 72.49
N GLY O 901 -104.09 -203.04 71.22
CA GLY O 901 -103.14 -203.66 70.34
C GLY O 901 -103.41 -203.34 68.89
N PRO O 902 -102.62 -203.95 68.05
CA PRO O 902 -101.64 -204.93 68.45
C PRO O 902 -100.25 -204.38 68.63
N GLN O 903 -99.99 -203.21 68.09
CA GLN O 903 -98.63 -202.72 68.24
C GLN O 903 -98.31 -202.06 69.55
N GLU O 904 -97.02 -201.91 69.73
CA GLU O 904 -96.45 -201.19 70.85
C GLU O 904 -97.24 -199.90 71.03
N ASN O 905 -97.63 -199.58 72.27
CA ASN O 905 -98.35 -198.36 72.54
C ASN O 905 -98.04 -197.80 73.89
N TYR O 906 -98.02 -196.50 73.95
CA TYR O 906 -97.72 -195.83 75.19
C TYR O 906 -98.81 -194.84 75.53
N PRO O 907 -98.78 -194.42 76.77
CA PRO O 907 -99.76 -193.52 77.32
C PRO O 907 -100.00 -192.33 76.45
N ASP O 908 -98.93 -191.68 76.01
CA ASP O 908 -99.11 -190.54 75.15
C ASP O 908 -99.00 -190.92 73.69
N ARG O 909 -99.09 -192.21 73.39
CA ARG O 909 -99.06 -192.62 72.00
C ARG O 909 -99.87 -193.89 71.85
N LEU O 910 -101.20 -193.76 71.89
CA LEU O 910 -101.98 -194.98 71.80
C LEU O 910 -103.31 -194.81 71.10
N THR O 911 -103.57 -193.67 70.56
CA THR O 911 -104.84 -193.51 69.90
C THR O 911 -105.01 -194.45 68.74
N ALA O 912 -103.92 -194.87 68.15
CA ALA O 912 -104.14 -195.72 67.01
C ALA O 912 -104.44 -197.15 67.36
N ALA O 913 -104.13 -197.49 68.59
CA ALA O 913 -104.33 -198.87 69.08
C ALA O 913 -105.78 -199.23 69.31
N CME O 914 -106.12 -200.52 69.25
CA CME O 914 -107.45 -200.97 69.48
CB CME O 914 -108.16 -201.41 68.23
SG CME O 914 -108.49 -200.02 67.16
SD CME O 914 -108.64 -201.11 65.47
CE CME O 914 -106.89 -201.57 65.11
CZ CME O 914 -106.79 -202.19 63.70
OH CME O 914 -108.12 -202.60 63.32
C CME O 914 -107.59 -201.94 70.57
O CME O 914 -106.70 -202.75 70.88
N PHE O 915 -108.73 -201.83 71.18
CA PHE O 915 -109.02 -202.71 72.27
C PHE O 915 -109.63 -203.97 71.77
N ASP O 916 -108.88 -205.03 71.88
CA ASP O 916 -109.41 -206.28 71.43
C ASP O 916 -108.59 -207.43 72.01
N ARG O 917 -108.79 -208.60 71.40
CA ARG O 917 -108.03 -209.73 71.81
C ARG O 917 -106.92 -209.97 70.83
N TRP O 918 -105.70 -209.90 71.33
CA TRP O 918 -104.58 -210.06 70.46
C TRP O 918 -103.78 -211.28 70.81
N ASP O 919 -103.23 -211.86 69.77
CA ASP O 919 -102.39 -213.03 69.91
C ASP O 919 -101.25 -212.89 68.96
N LEU O 920 -100.04 -212.85 69.50
CA LEU O 920 -98.86 -212.73 68.68
C LEU O 920 -97.75 -213.58 69.22
N PRO O 921 -96.74 -213.64 68.42
CA PRO O 921 -95.57 -214.37 68.74
C PRO O 921 -94.68 -213.45 69.51
N LEU O 922 -94.09 -214.07 70.49
CA LEU O 922 -93.22 -213.41 71.40
C LEU O 922 -92.30 -212.38 70.75
N SER O 923 -91.81 -212.77 69.60
CA SER O 923 -90.89 -211.93 68.86
C SER O 923 -91.50 -210.57 68.53
N ASP O 924 -92.80 -210.62 68.28
CA ASP O 924 -93.48 -209.41 67.93
C ASP O 924 -93.66 -208.51 69.14
N MET O 925 -93.40 -209.03 70.31
CA MET O 925 -93.57 -208.16 71.42
C MET O 925 -92.31 -207.37 71.71
N TYR O 926 -91.42 -207.34 70.72
CA TYR O 926 -90.18 -206.62 70.88
C TYR O 926 -89.92 -205.65 69.77
N THR O 927 -89.44 -204.47 70.16
CA THR O 927 -89.16 -203.42 69.23
C THR O 927 -87.68 -203.11 69.21
N PRO O 928 -87.13 -203.61 68.12
CA PRO O 928 -85.75 -203.59 67.67
C PRO O 928 -85.24 -202.20 67.29
N TYR O 929 -85.45 -201.28 68.18
CA TYR O 929 -84.94 -199.96 67.96
C TYR O 929 -83.43 -200.14 67.88
N VAL O 930 -82.83 -199.62 66.83
CA VAL O 930 -81.39 -199.77 66.68
C VAL O 930 -80.65 -199.45 67.96
N PHE O 931 -80.98 -198.32 68.52
CA PHE O 931 -80.38 -197.98 69.78
C PHE O 931 -81.42 -198.43 70.79
N PRO O 932 -81.06 -199.39 71.63
CA PRO O 932 -82.01 -200.01 72.52
C PRO O 932 -82.44 -199.24 73.75
N SER O 933 -83.71 -199.51 74.14
CA SER O 933 -84.36 -198.91 75.32
C SER O 933 -85.70 -199.58 75.66
N GLU O 934 -86.36 -199.11 76.73
CA GLU O 934 -87.67 -199.63 77.05
C GLU O 934 -88.51 -199.65 75.78
N ASN O 935 -89.28 -200.70 75.53
CA ASN O 935 -90.09 -200.77 74.32
C ASN O 935 -91.11 -201.87 74.38
N GLY O 936 -91.92 -201.94 73.36
CA GLY O 936 -92.93 -202.98 73.23
C GLY O 936 -94.12 -202.92 74.17
N LEU O 937 -94.20 -201.89 74.99
CA LEU O 937 -95.33 -201.84 75.87
C LEU O 937 -96.70 -201.87 75.17
N ARG O 938 -97.65 -202.43 75.88
CA ARG O 938 -99.05 -202.39 75.47
C ARG O 938 -99.84 -201.98 76.70
N CYS O 939 -100.71 -200.99 76.55
CA CYS O 939 -101.49 -200.51 77.66
C CYS O 939 -102.92 -200.96 77.62
N GLY O 940 -103.62 -200.58 78.69
CA GLY O 940 -105.02 -200.85 78.85
C GLY O 940 -105.35 -202.31 78.75
N THR O 941 -104.55 -203.10 79.43
CA THR O 941 -104.74 -204.50 79.41
C THR O 941 -105.47 -205.00 80.61
N ARG O 942 -106.34 -205.93 80.29
CA ARG O 942 -107.18 -206.52 81.28
C ARG O 942 -106.91 -207.97 81.59
N GLU O 943 -106.39 -208.67 80.59
CA GLU O 943 -106.06 -210.08 80.71
C GLU O 943 -104.85 -210.37 79.86
N LEU O 944 -103.91 -211.08 80.48
CA LEU O 944 -102.67 -211.45 79.82
C LEU O 944 -102.38 -212.91 80.05
N ASN O 945 -102.06 -213.59 78.95
CA ASN O 945 -101.78 -215.01 78.96
C ASN O 945 -100.47 -215.39 78.34
N TYR O 946 -99.65 -216.10 79.10
CA TYR O 946 -98.37 -216.58 78.63
C TYR O 946 -98.08 -217.89 79.31
N GLY O 947 -98.03 -218.93 78.52
CA GLY O 947 -97.83 -220.25 79.08
C GLY O 947 -99.07 -220.59 79.86
N PRO O 948 -98.83 -221.25 80.96
CA PRO O 948 -99.85 -221.66 81.90
C PRO O 948 -100.34 -220.47 82.69
N HIS O 949 -99.67 -219.33 82.56
CA HIS O 949 -100.07 -218.17 83.32
C HIS O 949 -101.09 -217.27 82.72
N GLN O 950 -101.72 -216.60 83.66
CA GLN O 950 -102.73 -215.63 83.36
C GLN O 950 -102.74 -214.51 84.39
N TRP O 951 -102.77 -213.29 83.87
CA TRP O 951 -102.86 -212.18 84.76
C TRP O 951 -104.05 -211.36 84.44
N ARG O 952 -104.65 -210.85 85.50
CA ARG O 952 -105.80 -210.03 85.32
C ARG O 952 -105.82 -208.82 86.17
N GLY O 953 -106.35 -207.80 85.51
CA GLY O 953 -106.50 -206.51 86.13
C GLY O 953 -106.65 -205.41 85.12
N ASP O 954 -105.92 -204.36 85.39
CA ASP O 954 -105.93 -203.23 84.50
C ASP O 954 -104.55 -202.65 84.48
N PHE O 955 -103.76 -203.08 83.51
CA PHE O 955 -102.40 -202.62 83.53
C PHE O 955 -101.87 -202.54 82.14
N GLN O 956 -100.59 -202.26 82.13
CA GLN O 956 -99.81 -202.23 80.92
C GLN O 956 -98.63 -203.10 81.16
N PHE O 957 -98.10 -203.65 80.08
CA PHE O 957 -96.97 -204.52 80.25
C PHE O 957 -96.18 -204.64 79.01
N ASN O 958 -95.07 -205.31 79.20
CA ASN O 958 -94.17 -205.69 78.15
C ASN O 958 -93.57 -207.03 78.54
N ILE O 959 -93.14 -207.75 77.52
CA ILE O 959 -92.57 -209.05 77.73
C ILE O 959 -91.54 -209.43 76.66
N SER O 960 -90.35 -209.80 77.11
CA SER O 960 -89.31 -210.15 76.15
C SER O 960 -88.23 -210.96 76.84
N ARG O 961 -87.09 -211.11 76.15
CA ARG O 961 -85.97 -211.85 76.69
C ARG O 961 -84.88 -210.94 77.11
N TYR O 962 -85.19 -209.69 77.28
CA TYR O 962 -84.12 -208.82 77.68
C TYR O 962 -84.47 -208.03 78.88
N SER O 963 -83.59 -208.04 79.83
CA SER O 963 -83.85 -207.27 81.01
C SER O 963 -83.67 -205.82 80.62
N GLN O 964 -84.27 -204.96 81.45
CA GLN O 964 -84.14 -203.54 81.25
C GLN O 964 -82.66 -203.20 81.37
N GLN O 965 -82.01 -203.86 82.31
CA GLN O 965 -80.61 -203.59 82.46
C GLN O 965 -79.85 -203.91 81.19
N GLN O 966 -80.13 -205.03 80.60
CA GLN O 966 -79.41 -205.32 79.39
C GLN O 966 -79.60 -204.18 78.40
N LEU O 967 -80.87 -203.91 78.14
CA LEU O 967 -81.24 -202.87 77.19
C LEU O 967 -80.56 -201.57 77.49
N MET O 968 -80.52 -201.30 78.75
CA MET O 968 -79.95 -200.09 79.17
C MET O 968 -78.46 -200.06 78.98
N GLU O 969 -77.83 -201.20 79.10
CA GLU O 969 -76.40 -201.24 78.98
C GLU O 969 -75.86 -201.52 77.60
N THR O 970 -76.70 -201.88 76.66
CA THR O 970 -76.27 -202.16 75.29
C THR O 970 -76.53 -201.01 74.35
N SER O 971 -75.56 -200.71 73.49
CA SER O 971 -75.72 -199.59 72.57
C SER O 971 -76.27 -199.97 71.21
N HIS O 972 -76.15 -201.22 70.83
CA HIS O 972 -76.67 -201.54 69.53
C HIS O 972 -77.49 -202.75 69.65
N ARG O 973 -78.54 -202.77 68.86
CA ARG O 973 -79.43 -203.87 68.89
C ARG O 973 -78.74 -205.19 68.64
N HIS O 974 -77.82 -205.17 67.69
CA HIS O 974 -77.14 -206.38 67.30
C HIS O 974 -76.38 -207.02 68.44
N LEU O 975 -76.15 -206.29 69.51
CA LEU O 975 -75.45 -206.88 70.63
C LEU O 975 -76.33 -207.46 71.71
N LEU O 976 -77.60 -207.52 71.49
CA LEU O 976 -78.34 -208.08 72.57
C LEU O 976 -78.43 -209.55 72.39
N HIS O 977 -78.44 -210.20 73.52
CA HIS O 977 -78.57 -211.60 73.51
C HIS O 977 -79.71 -211.97 74.43
N ALA O 978 -80.52 -212.89 73.99
CA ALA O 978 -81.62 -213.29 74.81
C ALA O 978 -81.16 -213.81 76.15
N GLU O 979 -81.93 -213.53 77.19
CA GLU O 979 -81.60 -213.99 78.49
C GLU O 979 -82.31 -215.30 78.74
N GLU O 980 -81.98 -215.90 79.86
CA GLU O 980 -82.49 -217.18 80.23
C GLU O 980 -83.97 -217.47 80.10
N GLY O 981 -84.85 -216.66 80.67
CA GLY O 981 -86.22 -217.07 80.51
C GLY O 981 -86.97 -215.98 79.80
N THR O 982 -88.07 -215.56 80.41
CA THR O 982 -88.83 -214.47 79.87
C THR O 982 -88.97 -213.36 80.90
N TRP O 983 -88.59 -212.17 80.49
CA TRP O 983 -88.70 -211.01 81.34
C TRP O 983 -90.05 -210.35 81.19
N LEU O 984 -90.65 -210.13 82.34
CA LEU O 984 -91.95 -209.55 82.34
C LEU O 984 -92.11 -208.34 83.23
N ASN O 985 -92.59 -207.27 82.59
CA ASN O 985 -92.88 -206.05 83.30
C ASN O 985 -94.34 -205.71 83.22
N ILE O 986 -94.92 -205.63 84.41
CA ILE O 986 -96.30 -205.26 84.60
C ILE O 986 -96.39 -203.95 85.35
N ASP O 987 -96.91 -202.98 84.63
CA ASP O 987 -97.04 -201.67 85.15
C ASP O 987 -98.44 -201.25 85.48
N GLY O 988 -98.54 -200.68 86.68
CA GLY O 988 -99.80 -200.11 87.11
C GLY O 988 -99.86 -198.75 86.41
N PHE O 989 -98.69 -198.13 86.23
CA PHE O 989 -98.62 -196.86 85.58
C PHE O 989 -97.31 -196.68 84.91
N HIS O 990 -97.35 -195.91 83.83
CA HIS O 990 -96.17 -195.65 83.09
C HIS O 990 -96.15 -194.27 82.49
N MET O 991 -95.02 -193.61 82.62
CA MET O 991 -94.85 -192.25 82.11
C MET O 991 -94.95 -192.15 80.60
N GLY O 992 -95.28 -190.97 80.10
CA GLY O 992 -95.38 -190.83 78.65
C GLY O 992 -93.98 -190.88 78.03
N ILE O 993 -93.91 -190.86 76.70
CA ILE O 993 -92.62 -190.94 76.02
C ILE O 993 -92.17 -189.63 75.42
N GLY O 994 -93.10 -188.71 75.20
CA GLY O 994 -92.76 -187.41 74.66
C GLY O 994 -92.35 -187.50 73.21
N GLY O 995 -91.66 -186.46 72.77
CA GLY O 995 -91.18 -186.42 71.41
C GLY O 995 -91.30 -185.09 70.73
N ASP O 996 -91.90 -184.11 71.40
CA ASP O 996 -92.03 -182.79 70.75
C ASP O 996 -90.71 -182.37 70.14
N ASP O 997 -89.64 -182.81 70.80
CA ASP O 997 -88.27 -182.66 70.39
C ASP O 997 -87.47 -183.65 71.16
N SER O 998 -86.26 -183.90 70.69
CA SER O 998 -85.43 -184.89 71.36
C SER O 998 -84.22 -184.30 72.06
N TRP O 999 -84.26 -183.02 72.38
CA TRP O 999 -83.12 -182.48 73.07
C TRP O 999 -83.47 -181.62 74.27
N SER O 1000 -84.70 -181.85 74.74
CA SER O 1000 -85.30 -181.23 75.90
C SER O 1000 -86.43 -182.11 76.33
N PRO O 1001 -86.84 -181.87 77.56
CA PRO O 1001 -87.92 -182.64 78.13
C PRO O 1001 -89.19 -182.30 77.39
N SER O 1002 -89.80 -183.33 76.83
CA SER O 1002 -90.96 -183.13 76.02
C SER O 1002 -92.20 -183.87 76.49
N VAL O 1003 -92.14 -184.52 77.64
CA VAL O 1003 -93.34 -185.22 78.10
C VAL O 1003 -94.31 -184.29 78.79
N SER O 1004 -95.56 -184.21 78.33
CA SER O 1004 -96.45 -183.31 79.04
C SER O 1004 -96.91 -183.77 80.37
N ALA O 1005 -97.14 -182.75 81.15
CA ALA O 1005 -97.59 -182.93 82.49
C ALA O 1005 -98.65 -183.98 82.62
N GLU O 1006 -99.65 -183.98 81.74
CA GLU O 1006 -100.65 -185.02 81.90
C GLU O 1006 -100.04 -186.37 81.83
N PHE O 1007 -98.83 -186.49 81.33
CA PHE O 1007 -98.28 -187.82 81.27
C PHE O 1007 -97.24 -188.14 82.25
N GLN O 1008 -97.06 -187.28 83.23
CA GLN O 1008 -96.07 -187.52 84.24
C GLN O 1008 -96.73 -188.17 85.44
N LEU O 1009 -95.98 -189.05 86.12
CA LEU O 1009 -96.51 -189.75 87.29
C LEU O 1009 -96.28 -188.85 88.48
N SER O 1010 -97.12 -187.87 88.57
CA SER O 1010 -96.97 -186.89 89.61
C SER O 1010 -97.99 -186.95 90.75
N ALA O 1011 -98.86 -187.93 90.74
CA ALA O 1011 -99.89 -188.05 91.74
C ALA O 1011 -99.45 -188.23 93.18
N GLY O 1012 -98.28 -188.78 93.41
CA GLY O 1012 -97.90 -188.97 94.79
C GLY O 1012 -98.39 -190.30 95.35
N ARG O 1013 -99.58 -190.68 94.99
CA ARG O 1013 -100.04 -191.93 95.48
C ARG O 1013 -100.64 -192.74 94.40
N TYR O 1014 -100.27 -194.01 94.35
CA TYR O 1014 -100.80 -194.88 93.33
C TYR O 1014 -101.25 -196.20 93.89
N HIS O 1015 -102.29 -196.72 93.26
CA HIS O 1015 -102.86 -197.97 93.65
C HIS O 1015 -103.13 -198.89 92.47
N TYR O 1016 -102.88 -200.16 92.65
CA TYR O 1016 -103.20 -201.14 91.62
C TYR O 1016 -103.33 -202.54 92.14
N GLN O 1017 -104.09 -203.34 91.42
CA GLN O 1017 -104.37 -204.70 91.79
C GLN O 1017 -104.26 -205.68 90.69
N LEU O 1018 -103.98 -206.87 91.09
CA LEU O 1018 -103.75 -207.86 90.13
C LEU O 1018 -104.09 -209.24 90.53
N VAL O 1019 -104.35 -210.04 89.51
CA VAL O 1019 -104.63 -211.42 89.76
C VAL O 1019 -103.84 -212.39 88.94
N TRP O 1020 -103.21 -213.32 89.63
CA TRP O 1020 -102.37 -214.26 88.96
C TRP O 1020 -102.82 -215.72 89.18
N CME O 1021 -102.86 -216.46 88.11
CA CME O 1021 -103.20 -217.89 88.09
CB CME O 1021 -104.67 -218.13 88.01
SG CME O 1021 -105.49 -216.54 87.90
SD CME O 1021 -106.86 -216.97 86.54
CE CME O 1021 -105.89 -218.21 85.66
CZ CME O 1021 -106.37 -219.64 85.92
OH CME O 1021 -106.52 -220.29 84.68
C CME O 1021 -102.64 -218.65 86.94
O CME O 1021 -102.14 -218.10 85.99
N GLN O 1022 -102.78 -219.96 87.12
CA GLN O 1022 -102.34 -220.94 86.22
C GLN O 1022 -103.45 -221.78 85.73
N LYS O 1023 -103.22 -222.42 84.58
CA LYS O 1023 -104.17 -223.31 83.95
C LYS O 1023 -103.51 -224.68 83.82
N ILE P 3 -158.67 -127.61 79.50
CA ILE P 3 -159.45 -128.56 78.67
C ILE P 3 -158.61 -129.49 77.75
N THR P 4 -157.68 -128.86 77.09
CA THR P 4 -156.80 -129.60 76.25
C THR P 4 -155.77 -130.14 77.20
N ASP P 5 -155.82 -129.68 78.44
CA ASP P 5 -154.93 -130.17 79.47
C ASP P 5 -155.59 -131.37 80.13
N SER P 6 -156.73 -131.71 79.60
CA SER P 6 -157.50 -132.78 80.14
C SER P 6 -156.99 -134.16 79.81
N LEU P 7 -157.01 -135.00 80.82
CA LEU P 7 -156.64 -136.37 80.63
C LEU P 7 -157.34 -136.89 79.41
N ALA P 8 -158.62 -136.73 79.44
CA ALA P 8 -159.43 -137.23 78.38
C ALA P 8 -158.83 -136.98 77.03
N VAL P 9 -158.26 -135.80 76.96
CA VAL P 9 -157.67 -135.34 75.74
C VAL P 9 -156.23 -135.84 75.55
N VAL P 10 -155.41 -135.59 76.55
CA VAL P 10 -154.04 -136.02 76.51
C VAL P 10 -153.95 -137.52 76.20
N LEU P 11 -154.58 -138.31 76.99
CA LEU P 11 -154.49 -139.73 76.79
C LEU P 11 -155.11 -140.15 75.50
N GLN P 12 -155.67 -139.21 74.83
CA GLN P 12 -156.31 -139.61 73.62
C GLN P 12 -155.28 -140.25 72.70
N ARG P 13 -154.20 -139.51 72.53
CA ARG P 13 -153.16 -139.91 71.62
C ARG P 13 -152.43 -141.22 71.92
N ARG P 14 -152.29 -141.57 73.20
CA ARG P 14 -151.64 -142.83 73.47
C ARG P 14 -150.23 -142.84 72.93
N ASP P 15 -149.50 -141.85 73.38
CA ASP P 15 -148.13 -141.68 73.03
C ASP P 15 -147.29 -142.87 73.44
N TRP P 16 -147.73 -143.51 74.49
CA TRP P 16 -147.08 -144.67 75.03
C TRP P 16 -147.28 -145.90 74.18
N GLU P 17 -147.92 -145.75 73.04
CA GLU P 17 -148.04 -146.89 72.15
C GLU P 17 -147.58 -146.45 70.79
N ASN P 18 -146.60 -145.56 70.81
CA ASN P 18 -146.07 -145.05 69.59
C ASN P 18 -144.62 -144.68 69.65
N PRO P 19 -143.84 -145.59 69.08
CA PRO P 19 -142.40 -145.53 68.93
C PRO P 19 -142.01 -144.22 68.27
N GLY P 20 -142.97 -143.63 67.55
CA GLY P 20 -142.72 -142.37 66.91
C GLY P 20 -142.70 -141.27 67.97
N VAL P 21 -143.33 -141.52 69.10
CA VAL P 21 -143.26 -140.48 70.07
C VAL P 21 -142.52 -140.96 71.26
N THR P 22 -141.40 -140.32 71.49
CA THR P 22 -140.60 -140.75 72.60
C THR P 22 -140.44 -139.69 73.66
N GLN P 23 -140.88 -138.52 73.29
CA GLN P 23 -140.83 -137.41 74.20
C GLN P 23 -141.70 -136.29 73.66
N LEU P 24 -142.00 -135.32 74.51
CA LEU P 24 -142.80 -134.15 74.15
C LEU P 24 -142.33 -132.99 74.96
N ASN P 25 -141.85 -132.00 74.29
CA ASN P 25 -141.39 -130.82 75.00
C ASN P 25 -140.26 -131.04 75.98
N ARG P 26 -139.57 -132.14 75.83
CA ARG P 26 -138.44 -132.42 76.72
C ARG P 26 -137.25 -131.62 76.24
N LEU P 27 -136.48 -131.05 77.15
CA LEU P 27 -135.31 -130.29 76.73
C LEU P 27 -134.20 -131.20 76.26
N ALA P 28 -133.14 -130.59 75.75
CA ALA P 28 -131.99 -131.32 75.28
C ALA P 28 -131.06 -131.76 76.39
N ALA P 29 -130.41 -132.89 76.09
CA ALA P 29 -129.46 -133.57 76.95
C ALA P 29 -128.13 -132.84 77.10
N HIS P 30 -127.38 -133.09 78.15
CA HIS P 30 -126.11 -132.41 78.36
C HIS P 30 -125.53 -132.90 79.66
N PRO P 31 -124.31 -132.50 79.87
CA PRO P 31 -123.65 -132.85 81.07
C PRO P 31 -124.29 -132.07 82.22
N PRO P 32 -123.97 -132.52 83.35
CA PRO P 32 -124.44 -132.01 84.61
C PRO P 32 -124.10 -130.56 84.92
N PHE P 33 -125.18 -129.84 85.19
CA PHE P 33 -125.15 -128.44 85.57
C PHE P 33 -125.58 -128.20 87.01
N ALA P 34 -125.05 -127.11 87.57
CA ALA P 34 -125.37 -126.66 88.93
C ALA P 34 -125.72 -125.19 88.91
N SER P 35 -125.23 -124.52 87.89
CA SER P 35 -125.48 -123.12 87.76
C SER P 35 -124.90 -122.36 88.92
N TRP P 36 -123.71 -122.71 89.35
CA TRP P 36 -123.15 -121.95 90.43
C TRP P 36 -123.14 -120.52 90.00
N ARG P 37 -123.25 -119.66 90.99
CA ARG P 37 -123.20 -118.25 90.71
C ARG P 37 -121.94 -117.67 91.33
N ASN P 38 -121.06 -118.56 91.79
CA ASN P 38 -119.78 -118.18 92.35
C ASN P 38 -118.75 -119.20 91.96
N SER P 39 -117.64 -118.68 91.47
CA SER P 39 -116.56 -119.53 91.05
C SER P 39 -116.08 -120.53 92.11
N GLU P 40 -115.59 -119.99 93.21
CA GLU P 40 -115.08 -120.82 94.26
C GLU P 40 -115.94 -122.00 94.58
N GLU P 41 -117.22 -121.73 94.67
CA GLU P 41 -118.15 -122.78 94.97
C GLU P 41 -118.07 -123.88 93.95
N ALA P 42 -118.30 -123.46 92.73
CA ALA P 42 -118.21 -124.40 91.65
C ALA P 42 -116.87 -125.07 91.74
N ARG P 43 -115.86 -124.30 91.95
CA ARG P 43 -114.55 -124.87 92.01
C ARG P 43 -114.37 -125.95 93.03
N THR P 44 -114.95 -125.72 94.18
CA THR P 44 -114.80 -126.67 95.28
C THR P 44 -116.01 -127.54 95.36
N ASP P 45 -116.70 -127.59 94.25
CA ASP P 45 -117.86 -128.41 94.22
C ASP P 45 -118.76 -128.21 95.42
N ARG P 46 -119.07 -126.97 95.77
CA ARG P 46 -119.99 -126.83 96.87
C ARG P 46 -121.36 -127.11 96.34
N PRO P 47 -122.37 -126.68 97.06
CA PRO P 47 -123.70 -126.97 96.56
C PRO P 47 -124.34 -125.73 96.06
N SER P 48 -124.96 -125.84 94.90
CA SER P 48 -125.58 -124.69 94.34
C SER P 48 -127.02 -124.61 94.74
N GLN P 49 -127.41 -123.38 94.94
CA GLN P 49 -128.75 -123.10 95.33
C GLN P 49 -129.61 -122.99 94.10
N GLN P 50 -129.02 -122.96 92.90
CA GLN P 50 -129.92 -122.90 91.75
C GLN P 50 -130.39 -124.31 91.45
N LEU P 51 -129.93 -125.17 92.33
CA LEU P 51 -130.27 -126.55 92.27
C LEU P 51 -131.02 -126.98 93.50
N ARG P 52 -132.22 -127.50 93.28
CA ARG P 52 -133.03 -127.89 94.41
C ARG P 52 -133.65 -129.26 94.27
N SER P 53 -133.52 -130.05 95.34
CA SER P 53 -134.11 -131.37 95.30
C SER P 53 -135.55 -131.40 95.69
N LEU P 54 -136.31 -132.23 95.02
CA LEU P 54 -137.71 -132.37 95.32
C LEU P 54 -137.96 -133.72 95.91
N ASN P 55 -136.87 -134.33 96.29
CA ASN P 55 -137.01 -135.64 96.86
C ASN P 55 -137.57 -135.46 98.24
N GLY P 56 -138.42 -136.43 98.58
CA GLY P 56 -139.05 -136.48 99.87
C GLY P 56 -140.41 -137.09 99.79
N GLU P 57 -141.27 -136.61 100.67
CA GLU P 57 -142.61 -137.11 100.75
C GLU P 57 -143.46 -136.57 99.65
N TRP P 58 -144.19 -137.46 99.03
CA TRP P 58 -145.02 -137.06 97.92
C TRP P 58 -146.34 -137.79 98.04
N ARG P 59 -147.24 -137.51 97.14
CA ARG P 59 -148.50 -138.21 97.27
C ARG P 59 -148.72 -139.13 96.14
N PHE P 60 -149.08 -140.34 96.52
CA PHE P 60 -149.21 -141.36 95.53
C PHE P 60 -150.54 -142.03 95.46
N ALA P 61 -150.89 -142.46 94.27
CA ALA P 61 -152.10 -143.22 94.10
C ALA P 61 -151.96 -144.10 92.91
N TRP P 62 -152.43 -145.31 93.03
CA TRP P 62 -152.26 -146.28 92.00
C TRP P 62 -153.51 -146.70 91.27
N PHE P 63 -153.42 -146.96 89.98
CA PHE P 63 -154.57 -147.38 89.22
C PHE P 63 -154.15 -148.40 88.25
N PRO P 64 -155.03 -149.32 88.06
CA PRO P 64 -154.92 -150.44 87.14
C PRO P 64 -154.80 -150.00 85.68
N ALA P 65 -155.16 -148.76 85.40
CA ALA P 65 -155.08 -148.24 84.06
C ALA P 65 -155.13 -146.75 84.07
N PRO P 66 -154.56 -146.20 83.05
CA PRO P 66 -154.51 -144.77 82.89
C PRO P 66 -155.90 -144.17 82.77
N GLU P 67 -156.69 -144.82 81.93
CA GLU P 67 -158.07 -144.44 81.68
C GLU P 67 -158.87 -144.30 82.98
N ALA P 68 -158.55 -145.08 83.99
CA ALA P 68 -159.24 -144.96 85.25
C ALA P 68 -158.82 -143.72 86.05
N VAL P 69 -158.00 -142.85 85.51
CA VAL P 69 -157.69 -141.72 86.34
C VAL P 69 -158.77 -140.63 86.31
N PRO P 70 -158.84 -139.85 87.39
CA PRO P 70 -159.83 -138.82 87.59
C PRO P 70 -159.30 -137.42 87.43
N GLU P 71 -160.01 -136.74 86.56
CA GLU P 71 -159.72 -135.42 86.17
C GLU P 71 -159.43 -134.53 87.34
N SER P 72 -160.13 -134.82 88.38
CA SER P 72 -159.96 -134.11 89.63
C SER P 72 -158.52 -134.09 90.01
N TRP P 73 -157.90 -135.26 89.76
CA TRP P 73 -156.53 -135.50 90.10
C TRP P 73 -155.66 -134.34 89.71
N LEU P 74 -156.01 -133.79 88.55
CA LEU P 74 -155.28 -132.68 87.96
C LEU P 74 -155.32 -131.45 88.80
N GLU P 75 -156.50 -131.30 89.37
CA GLU P 75 -156.80 -130.16 90.19
C GLU P 75 -156.52 -130.42 91.62
N CYS P 76 -157.07 -131.51 92.06
CA CYS P 76 -157.00 -131.79 93.45
C CYS P 76 -156.40 -133.08 93.77
N ASP P 77 -155.68 -133.03 94.89
CA ASP P 77 -155.05 -134.21 95.45
C ASP P 77 -156.11 -135.21 95.81
N LEU P 78 -155.76 -136.46 95.89
CA LEU P 78 -156.83 -137.36 96.24
C LEU P 78 -156.96 -137.59 97.72
N PRO P 79 -158.10 -138.12 98.04
CA PRO P 79 -158.44 -138.41 99.40
C PRO P 79 -157.75 -139.70 99.79
N GLU P 80 -157.89 -140.64 98.86
CA GLU P 80 -157.33 -141.96 98.99
C GLU P 80 -155.85 -142.01 98.64
N ALA P 81 -155.29 -140.84 98.40
CA ALA P 81 -153.88 -140.78 98.10
C ALA P 81 -153.09 -141.11 99.35
N ASP P 82 -151.91 -141.70 99.15
CA ASP P 82 -151.04 -142.03 100.24
C ASP P 82 -149.84 -141.15 100.22
N THR P 83 -149.19 -141.08 101.33
CA THR P 83 -148.01 -140.29 101.32
C THR P 83 -146.85 -141.22 101.18
N VAL P 84 -146.00 -140.93 100.19
CA VAL P 84 -144.86 -141.77 99.86
C VAL P 84 -143.57 -141.02 99.71
N VAL P 85 -142.51 -141.78 99.84
CA VAL P 85 -141.20 -141.22 99.64
C VAL P 85 -140.71 -141.45 98.24
N VAL P 86 -140.14 -140.38 97.71
CA VAL P 86 -139.61 -140.38 96.40
C VAL P 86 -138.16 -139.96 96.50
N PRO P 87 -137.27 -140.66 95.76
CA PRO P 87 -137.64 -141.67 94.76
C PRO P 87 -137.89 -143.05 95.32
N SER P 88 -138.59 -143.83 94.50
CA SER P 88 -138.91 -145.18 94.91
C SER P 88 -139.60 -146.04 93.84
N ASN P 89 -139.71 -147.33 94.15
CA ASN P 89 -140.38 -148.25 93.24
C ASN P 89 -141.68 -148.66 93.87
N TRP P 90 -142.71 -148.34 93.16
CA TRP P 90 -143.97 -148.64 93.73
C TRP P 90 -144.23 -150.07 94.12
N GLN P 91 -143.63 -151.01 93.40
CA GLN P 91 -143.81 -152.42 93.76
C GLN P 91 -143.21 -152.65 95.12
N MET P 92 -142.26 -151.79 95.47
CA MET P 92 -141.61 -151.93 96.75
C MET P 92 -142.50 -151.51 97.89
N HIS P 93 -143.64 -150.91 97.54
CA HIS P 93 -144.58 -150.44 98.52
C HIS P 93 -145.84 -151.24 98.53
N GLY P 94 -145.79 -152.36 97.88
CA GLY P 94 -146.91 -153.24 97.83
C GLY P 94 -147.94 -152.85 96.82
N TYR P 95 -147.72 -151.79 96.05
CA TYR P 95 -148.77 -151.46 95.11
C TYR P 95 -149.16 -152.52 94.09
N ASP P 96 -148.16 -153.21 93.59
CA ASP P 96 -148.32 -154.33 92.67
C ASP P 96 -147.06 -155.12 92.79
N ALA P 97 -147.03 -156.20 91.99
CA ALA P 97 -145.88 -157.09 92.03
C ALA P 97 -144.74 -156.74 91.10
N PRO P 98 -143.55 -157.07 91.59
CA PRO P 98 -142.37 -156.93 90.81
C PRO P 98 -142.29 -158.23 90.04
N ILE P 99 -141.84 -158.14 88.81
CA ILE P 99 -141.72 -159.33 88.03
C ILE P 99 -140.29 -159.69 87.72
N TYR P 100 -140.11 -161.00 87.74
CA TYR P 100 -138.84 -161.54 87.41
C TYR P 100 -138.84 -162.56 86.28
N THR P 101 -138.62 -162.03 85.07
CA THR P 101 -138.36 -162.81 83.86
C THR P 101 -137.03 -162.30 83.34
N ASN P 102 -136.43 -163.13 82.50
CA ASN P 102 -135.14 -162.86 81.90
C ASN P 102 -135.24 -162.47 80.43
N VAL P 103 -135.70 -163.43 79.64
CA VAL P 103 -135.80 -163.20 78.22
C VAL P 103 -137.20 -162.81 77.82
N THR P 104 -138.12 -163.65 78.23
CA THR P 104 -139.50 -163.47 77.93
C THR P 104 -140.05 -162.16 78.43
N TYR P 105 -140.69 -161.45 77.52
CA TYR P 105 -141.28 -160.19 77.87
C TYR P 105 -142.39 -160.38 78.90
N PRO P 106 -142.44 -159.47 79.83
CA PRO P 106 -143.44 -159.47 80.86
C PRO P 106 -144.82 -159.29 80.24
N ILE P 107 -144.88 -158.64 79.10
CA ILE P 107 -146.16 -158.44 78.49
C ILE P 107 -146.23 -159.17 77.17
N THR P 108 -147.39 -159.13 76.58
CA THR P 108 -147.57 -159.80 75.31
C THR P 108 -146.84 -159.08 74.21
N VAL P 109 -146.26 -159.88 73.35
CA VAL P 109 -145.51 -159.29 72.28
C VAL P 109 -146.30 -158.80 71.09
N ASN P 110 -146.53 -157.51 71.09
CA ASN P 110 -147.27 -156.94 70.00
C ASN P 110 -147.01 -155.47 69.83
N PRO P 111 -145.77 -155.24 69.56
CA PRO P 111 -145.31 -153.91 69.35
C PRO P 111 -146.16 -153.27 68.26
N PRO P 112 -146.43 -152.03 68.51
CA PRO P 112 -145.89 -151.33 69.67
C PRO P 112 -146.90 -151.24 70.75
N PHE P 113 -147.72 -152.25 70.81
CA PHE P 113 -148.78 -152.26 71.78
C PHE P 113 -148.43 -152.83 73.09
N VAL P 114 -148.90 -152.09 74.06
CA VAL P 114 -148.83 -152.37 75.46
C VAL P 114 -150.24 -152.89 75.89
N PRO P 115 -150.34 -153.52 77.03
CA PRO P 115 -151.63 -154.05 77.49
C PRO P 115 -152.53 -153.01 78.13
N THR P 116 -153.80 -153.13 77.78
CA THR P 116 -154.87 -152.24 78.22
C THR P 116 -154.81 -151.96 79.72
N GLU P 117 -154.50 -153.00 80.48
CA GLU P 117 -154.36 -152.87 81.91
C GLU P 117 -152.94 -152.50 82.17
N ASN P 118 -152.73 -151.23 82.29
CA ASN P 118 -151.40 -150.82 82.49
C ASN P 118 -151.35 -149.92 83.68
N PRO P 119 -150.81 -150.50 84.66
CA PRO P 119 -150.65 -149.91 85.96
C PRO P 119 -150.13 -148.51 85.93
N THR P 120 -150.94 -147.60 86.43
CA THR P 120 -150.58 -146.23 86.47
C THR P 120 -150.30 -145.71 87.86
N GLY P 121 -149.28 -144.88 88.00
CA GLY P 121 -148.94 -144.36 89.30
C GLY P 121 -149.04 -142.86 89.28
N CYS P 122 -149.98 -142.30 90.03
CA CYS P 122 -150.15 -140.87 90.06
C CYS P 122 -149.41 -140.26 91.20
N TYR P 123 -148.38 -139.56 90.84
CA TYR P 123 -147.56 -138.90 91.82
C TYR P 123 -147.90 -137.45 91.79
N SER P 124 -147.83 -136.82 92.95
CA SER P 124 -148.18 -135.42 93.03
C SER P 124 -147.40 -134.71 94.09
N LEU P 125 -147.15 -133.47 93.81
CA LEU P 125 -146.41 -132.73 94.76
C LEU P 125 -146.60 -131.24 94.71
N THR P 126 -146.81 -130.76 95.92
CA THR P 126 -147.07 -129.38 96.14
C THR P 126 -145.89 -128.71 96.78
N PHE P 127 -145.48 -127.64 96.17
CA PHE P 127 -144.33 -126.97 96.68
C PHE P 127 -144.36 -125.52 96.33
N ASN P 128 -143.46 -124.90 97.05
CA ASN P 128 -143.26 -123.50 97.03
C ASN P 128 -142.06 -123.09 96.26
N VAL P 129 -142.21 -121.99 95.58
CA VAL P 129 -141.15 -121.46 94.78
C VAL P 129 -140.78 -120.07 95.18
N ASP P 130 -139.49 -119.82 95.35
CA ASP P 130 -139.11 -118.46 95.64
C ASP P 130 -139.50 -117.66 94.40
N GLU P 131 -139.91 -116.43 94.61
CA GLU P 131 -140.31 -115.68 93.46
C GLU P 131 -139.14 -115.06 92.75
N SER P 132 -138.07 -114.85 93.48
CA SER P 132 -136.93 -114.28 92.83
C SER P 132 -136.63 -115.07 91.57
N TRP P 133 -136.82 -116.37 91.70
CA TRP P 133 -136.64 -117.30 90.61
C TRP P 133 -137.66 -117.03 89.54
N LEU P 134 -138.80 -116.62 90.02
CA LEU P 134 -139.89 -116.36 89.15
C LEU P 134 -139.68 -115.09 88.36
N GLN P 135 -138.84 -114.22 88.90
CA GLN P 135 -138.60 -112.99 88.23
C GLN P 135 -137.79 -113.16 86.99
N GLU P 136 -136.52 -113.47 87.22
CA GLU P 136 -135.59 -113.65 86.13
C GLU P 136 -135.14 -115.10 85.94
N GLY P 137 -134.45 -115.34 84.82
CA GLY P 137 -133.90 -116.63 84.52
C GLY P 137 -134.89 -117.69 84.11
N GLN P 138 -134.38 -118.93 84.14
CA GLN P 138 -135.14 -120.08 83.76
C GLN P 138 -135.14 -121.19 84.76
N THR P 139 -136.33 -121.71 84.88
CA THR P 139 -136.55 -122.75 85.81
C THR P 139 -137.11 -124.00 85.19
N ARG P 140 -136.31 -125.03 85.43
CA ARG P 140 -136.67 -126.31 84.92
C ARG P 140 -136.56 -127.41 85.94
N ILE P 141 -137.34 -128.41 85.59
CA ILE P 141 -137.40 -129.56 86.40
C ILE P 141 -136.66 -130.72 85.75
N ILE P 142 -136.15 -131.57 86.63
CA ILE P 142 -135.40 -132.70 86.18
C ILE P 142 -135.67 -134.02 86.85
N PHE P 143 -136.08 -134.96 86.02
CA PHE P 143 -136.31 -136.31 86.45
C PHE P 143 -135.16 -137.20 86.09
N ASP P 144 -134.39 -137.58 87.09
CA ASP P 144 -133.27 -138.44 86.83
C ASP P 144 -133.64 -139.82 86.37
N GLY P 145 -134.84 -140.27 86.68
CA GLY P 145 -135.27 -141.57 86.27
C GLY P 145 -136.71 -141.92 86.66
N VAL P 146 -137.47 -142.23 85.61
CA VAL P 146 -138.89 -142.60 85.67
C VAL P 146 -139.18 -143.78 84.75
N ASN P 147 -139.63 -144.84 85.31
CA ASN P 147 -139.87 -146.03 84.53
C ASN P 147 -141.34 -146.39 84.49
N SER P 148 -141.88 -146.60 83.28
CA SER P 148 -141.15 -146.53 82.04
C SER P 148 -141.39 -145.27 81.23
N ALA P 149 -142.63 -144.80 81.25
CA ALA P 149 -143.05 -143.60 80.51
C ALA P 149 -143.89 -142.68 81.38
N PHE P 150 -144.07 -141.44 80.95
CA PHE P 150 -144.91 -140.56 81.76
C PHE P 150 -145.22 -139.21 81.18
N HIS P 151 -146.37 -138.69 81.66
CA HIS P 151 -146.96 -137.39 81.32
C HIS P 151 -146.80 -136.43 82.47
N LEU P 152 -146.74 -135.18 82.15
CA LEU P 152 -146.52 -134.28 83.25
C LEU P 152 -147.34 -133.00 83.22
N TRP P 153 -147.80 -132.62 84.42
CA TRP P 153 -148.58 -131.41 84.62
C TRP P 153 -148.07 -130.57 85.74
N CYS P 154 -148.23 -129.28 85.52
CA CYS P 154 -147.81 -128.33 86.50
C CYS P 154 -148.86 -127.26 86.64
N ASN P 155 -149.32 -127.16 87.90
CA ASN P 155 -150.34 -126.22 88.27
C ASN P 155 -151.52 -126.43 87.31
N GLY P 156 -151.89 -127.70 87.09
CA GLY P 156 -153.04 -128.02 86.26
C GLY P 156 -152.78 -128.02 84.78
N ARG P 157 -151.61 -127.52 84.43
CA ARG P 157 -151.27 -127.46 83.04
C ARG P 157 -150.40 -128.60 82.53
N TRP P 158 -150.82 -129.13 81.36
CA TRP P 158 -150.08 -130.20 80.72
C TRP P 158 -148.72 -129.72 80.24
N VAL P 159 -147.68 -130.49 80.53
CA VAL P 159 -146.36 -130.02 80.17
C VAL P 159 -145.61 -130.82 79.14
N GLY P 160 -145.47 -132.10 79.39
CA GLY P 160 -144.73 -132.89 78.44
C GLY P 160 -144.87 -134.36 78.74
N TYR P 161 -144.09 -135.09 77.94
CA TYR P 161 -144.06 -136.53 77.98
C TYR P 161 -142.65 -136.98 77.79
N GLY P 162 -142.35 -138.20 78.27
CA GLY P 162 -141.00 -138.77 78.16
C GLY P 162 -140.91 -140.30 78.18
N GLN P 163 -139.90 -140.84 77.48
CA GLN P 163 -139.62 -142.29 77.43
C GLN P 163 -138.14 -142.52 77.79
N ASP P 164 -137.76 -143.78 78.06
CA ASP P 164 -136.41 -144.18 78.44
C ASP P 164 -136.20 -144.05 79.93
N SER P 165 -136.45 -145.16 80.59
CA SER P 165 -136.31 -145.18 82.03
C SER P 165 -134.97 -144.86 82.57
N ARG P 166 -133.90 -144.93 81.77
CA ARG P 166 -132.61 -144.70 82.40
C ARG P 166 -131.91 -143.39 82.24
N LEU P 167 -132.49 -142.48 81.49
CA LEU P 167 -131.87 -141.17 81.37
C LEU P 167 -132.81 -140.07 81.84
N PRO P 168 -132.22 -138.94 82.16
CA PRO P 168 -132.92 -137.78 82.64
C PRO P 168 -133.86 -137.18 81.66
N SER P 169 -134.89 -136.53 82.22
CA SER P 169 -135.88 -135.83 81.46
C SER P 169 -135.99 -134.42 81.99
N GLU P 170 -135.86 -133.47 81.09
CA GLU P 170 -135.93 -132.12 81.55
C GLU P 170 -136.96 -131.30 80.86
N PHE P 171 -137.58 -130.48 81.72
CA PHE P 171 -138.56 -129.53 81.29
C PHE P 171 -138.46 -128.19 81.96
N ASP P 172 -138.76 -127.21 81.12
CA ASP P 172 -138.82 -125.80 81.44
C ASP P 172 -140.17 -125.51 82.02
N LEU P 173 -140.15 -125.13 83.29
CA LEU P 173 -141.37 -124.85 84.01
C LEU P 173 -141.76 -123.39 84.05
N SER P 174 -140.74 -122.61 83.72
CA SER P 174 -140.74 -121.16 83.69
C SER P 174 -142.11 -120.55 83.44
N ALA P 175 -142.83 -121.09 82.48
CA ALA P 175 -144.14 -120.55 82.19
C ALA P 175 -145.28 -121.12 83.00
N PHE P 176 -145.05 -122.04 83.94
CA PHE P 176 -146.19 -122.57 84.66
C PHE P 176 -146.11 -122.30 86.12
N LEU P 177 -145.05 -121.66 86.49
CA LEU P 177 -144.94 -121.42 87.87
C LEU P 177 -145.58 -120.16 88.34
N ARG P 178 -146.16 -120.28 89.53
CA ARG P 178 -146.79 -119.20 90.26
C ARG P 178 -145.92 -118.99 91.46
N ALA P 179 -145.97 -117.80 92.02
CA ALA P 179 -145.19 -117.64 93.22
C ALA P 179 -145.92 -118.39 94.33
N GLY P 180 -145.10 -118.87 95.25
CA GLY P 180 -145.63 -119.63 96.35
C GLY P 180 -145.93 -121.07 95.97
N GLU P 181 -147.17 -121.42 96.20
CA GLU P 181 -147.62 -122.77 96.00
C GLU P 181 -147.86 -123.26 94.61
N ASN P 182 -147.17 -124.36 94.30
CA ASN P 182 -147.36 -125.02 93.03
C ASN P 182 -147.56 -126.49 93.25
N ARG P 183 -148.19 -127.07 92.25
CA ARG P 183 -148.47 -128.48 92.28
C ARG P 183 -148.12 -129.20 91.00
N LEU P 184 -147.36 -130.30 91.20
CA LEU P 184 -146.96 -131.20 90.13
C LEU P 184 -147.79 -132.45 90.08
N ALA P 185 -148.16 -132.83 88.87
CA ALA P 185 -148.89 -134.07 88.70
C ALA P 185 -148.29 -134.89 87.60
N VAL P 186 -147.67 -135.97 88.06
CA VAL P 186 -146.99 -136.90 87.23
C VAL P 186 -147.65 -138.22 87.12
N MET P 187 -148.04 -138.52 85.92
CA MET P 187 -148.65 -139.78 85.72
C MET P 187 -147.65 -140.69 85.06
N VAL P 188 -147.27 -141.75 85.76
CA VAL P 188 -146.27 -142.72 85.33
C VAL P 188 -146.85 -144.04 84.86
N LEU P 189 -146.30 -144.62 83.78
CA LEU P 189 -146.85 -145.90 83.33
C LEU P 189 -145.89 -147.06 83.26
N ARG P 190 -146.40 -148.23 83.64
CA ARG P 190 -145.58 -149.43 83.61
C ARG P 190 -145.16 -149.73 82.22
N TRP P 191 -146.10 -150.11 81.38
CA TRP P 191 -145.75 -150.41 80.03
C TRP P 191 -145.83 -149.21 79.11
N SER P 192 -145.01 -149.24 78.06
CA SER P 192 -144.95 -148.22 77.01
C SER P 192 -144.23 -148.83 75.84
N ASP P 193 -144.19 -148.14 74.72
CA ASP P 193 -143.45 -148.74 73.62
C ASP P 193 -141.99 -148.93 74.03
N GLY P 194 -141.47 -148.03 74.90
CA GLY P 194 -140.11 -148.09 75.46
C GLY P 194 -139.78 -149.44 76.07
N SER P 195 -140.80 -150.04 76.60
CA SER P 195 -140.65 -151.33 77.21
C SER P 195 -140.08 -152.31 76.22
N TYR P 196 -140.54 -152.23 74.98
CA TYR P 196 -140.00 -153.15 74.01
C TYR P 196 -138.46 -153.07 73.92
N LEU P 197 -137.88 -151.94 74.32
CA LEU P 197 -136.45 -151.77 74.28
C LEU P 197 -135.83 -151.92 75.61
N GLU P 198 -136.60 -152.46 76.55
CA GLU P 198 -136.00 -152.59 77.86
C GLU P 198 -136.18 -153.98 78.44
N ASP P 199 -135.81 -154.99 77.66
CA ASP P 199 -136.00 -156.35 78.12
C ASP P 199 -134.89 -156.95 78.96
N GLN P 200 -134.17 -156.13 79.72
CA GLN P 200 -133.09 -156.68 80.55
C GLN P 200 -133.50 -157.75 81.53
N ASP P 201 -132.67 -158.79 81.69
CA ASP P 201 -132.94 -159.85 82.66
C ASP P 201 -132.69 -159.31 84.07
N MET P 202 -133.76 -158.73 84.60
CA MET P 202 -133.77 -158.11 85.91
C MET P 202 -135.21 -158.05 86.37
N TRP P 203 -135.39 -157.54 87.57
CA TRP P 203 -136.72 -157.40 88.10
C TRP P 203 -137.38 -156.28 87.33
N ARG P 204 -138.63 -156.51 86.98
CA ARG P 204 -139.38 -155.50 86.28
C ARG P 204 -140.17 -154.70 87.31
N MET P 205 -139.79 -153.45 87.47
CA MET P 205 -140.42 -152.58 88.41
C MET P 205 -140.89 -151.29 87.74
N SER P 206 -141.18 -150.25 88.55
CA SER P 206 -141.65 -148.96 88.02
C SER P 206 -141.76 -147.87 89.04
N GLY P 207 -141.83 -146.64 88.53
CA GLY P 207 -141.96 -145.47 89.38
C GLY P 207 -140.91 -144.41 89.16
N ILE P 208 -140.85 -143.50 90.13
CA ILE P 208 -139.88 -142.43 90.08
C ILE P 208 -138.79 -142.84 91.00
N PHE P 209 -137.86 -143.55 90.40
CA PHE P 209 -136.81 -144.18 91.14
C PHE P 209 -135.51 -143.44 91.18
N ARG P 210 -135.50 -142.27 90.57
CA ARG P 210 -134.30 -141.49 90.65
C ARG P 210 -134.68 -140.08 91.04
N ASP P 211 -133.69 -139.34 91.50
CA ASP P 211 -133.87 -137.97 91.93
C ASP P 211 -134.70 -137.09 91.04
N VAL P 212 -135.28 -136.07 91.73
CA VAL P 212 -136.08 -135.01 91.16
C VAL P 212 -135.57 -133.68 91.62
N SER P 213 -135.41 -132.76 90.66
CA SER P 213 -134.85 -131.49 91.03
C SER P 213 -135.28 -130.32 90.20
N LEU P 214 -134.84 -129.18 90.72
CA LEU P 214 -135.12 -127.93 90.09
C LEU P 214 -133.87 -127.18 89.88
N LEU P 215 -133.84 -126.67 88.68
CA LEU P 215 -132.70 -125.91 88.33
C LEU P 215 -133.05 -124.54 87.79
N HIS P 216 -132.35 -123.59 88.41
CA HIS P 216 -132.51 -122.22 88.08
C HIS P 216 -131.34 -121.73 87.29
N LYS P 217 -131.63 -121.39 86.04
CA LYS P 217 -130.57 -120.90 85.20
C LYS P 217 -130.89 -119.56 84.59
N PRO P 218 -129.83 -118.78 84.38
CA PRO P 218 -129.92 -117.48 83.75
C PRO P 218 -130.48 -117.62 82.36
N THR P 219 -131.07 -116.57 81.84
CA THR P 219 -131.66 -116.63 80.50
C THR P 219 -130.61 -116.82 79.43
N THR P 220 -129.50 -116.20 79.70
CA THR P 220 -128.35 -116.32 78.86
C THR P 220 -127.40 -117.20 79.64
N GLN P 221 -127.23 -118.43 79.17
CA GLN P 221 -126.45 -119.39 79.91
C GLN P 221 -125.63 -120.34 79.06
N ILE P 222 -124.82 -121.10 79.80
CA ILE P 222 -124.03 -122.16 79.25
C ILE P 222 -124.96 -123.31 78.94
N SER P 223 -125.04 -123.67 77.68
CA SER P 223 -125.95 -124.73 77.32
C SER P 223 -125.30 -126.11 77.25
N ASP P 224 -123.98 -126.11 77.09
CA ASP P 224 -123.27 -127.37 76.96
C ASP P 224 -121.78 -127.16 76.82
N PHE P 225 -121.02 -128.17 77.23
CA PHE P 225 -119.60 -128.09 77.08
C PHE P 225 -118.93 -129.45 77.02
N HIS P 226 -117.81 -129.53 76.31
CA HIS P 226 -117.04 -130.76 76.21
C HIS P 226 -115.60 -130.51 76.42
N VAL P 227 -115.00 -131.55 76.95
CA VAL P 227 -113.61 -131.52 77.24
C VAL P 227 -112.88 -132.60 76.52
N ALA P 228 -111.63 -132.31 76.15
CA ALA P 228 -110.79 -133.28 75.46
C ALA P 228 -109.33 -133.07 75.73
N THR P 229 -108.61 -134.19 75.84
CA THR P 229 -107.19 -134.13 76.08
C THR P 229 -106.36 -134.75 74.98
N ARG P 230 -105.30 -134.07 74.64
CA ARG P 230 -104.45 -134.58 73.61
C ARG P 230 -103.02 -134.64 74.11
N PHE P 231 -102.24 -135.61 73.67
CA PHE P 231 -100.88 -135.67 74.19
C PHE P 231 -99.78 -135.76 73.17
N ASN P 232 -98.57 -135.58 73.65
CA ASN P 232 -97.42 -135.76 72.81
C ASN P 232 -97.05 -137.22 72.93
N ASP P 233 -96.25 -137.69 72.02
CA ASP P 233 -95.86 -139.08 72.03
C ASP P 233 -95.47 -139.65 73.39
N ASP P 234 -95.03 -138.83 74.33
CA ASP P 234 -94.64 -139.45 75.58
C ASP P 234 -95.47 -138.99 76.74
N PHE P 235 -96.53 -138.26 76.45
CA PHE P 235 -97.37 -137.78 77.52
C PHE P 235 -96.65 -136.79 78.38
N SER P 236 -95.67 -136.14 77.83
CA SER P 236 -95.01 -135.17 78.65
C SER P 236 -95.73 -133.83 78.57
N ARG P 237 -96.64 -133.73 77.60
CA ARG P 237 -97.42 -132.53 77.39
C ARG P 237 -98.77 -132.81 76.80
N ALA P 238 -99.74 -132.10 77.34
CA ALA P 238 -101.10 -132.26 76.89
C ALA P 238 -101.79 -130.98 76.49
N VAL P 239 -102.92 -131.20 75.86
CA VAL P 239 -103.71 -130.10 75.52
C VAL P 239 -105.12 -130.31 75.95
N LEU P 240 -105.55 -129.41 76.80
CA LEU P 240 -106.91 -129.50 77.20
C LEU P 240 -107.71 -128.65 76.24
N GLU P 241 -108.70 -129.26 75.65
CA GLU P 241 -109.45 -128.50 74.74
C GLU P 241 -110.92 -128.55 75.10
N ALA P 242 -111.49 -127.36 75.30
CA ALA P 242 -112.87 -127.23 75.73
C ALA P 242 -113.75 -126.46 74.79
N GLU P 243 -114.90 -127.04 74.56
CA GLU P 243 -115.81 -126.38 73.69
C GLU P 243 -117.04 -126.07 74.47
N VAL P 244 -117.43 -124.82 74.33
CA VAL P 244 -118.56 -124.33 75.05
C VAL P 244 -119.63 -123.75 74.19
N GLN P 245 -120.83 -124.09 74.58
CA GLN P 245 -121.97 -123.57 73.89
C GLN P 245 -122.87 -122.83 74.84
N MET P 246 -123.45 -121.77 74.30
CA MET P 246 -124.35 -120.94 75.05
C MET P 246 -125.72 -120.85 74.43
N CYS P 247 -126.64 -120.52 75.29
CA CYS P 247 -128.01 -120.32 74.92
C CYS P 247 -128.35 -118.95 75.41
N GLY P 248 -129.18 -118.24 74.66
CA GLY P 248 -129.55 -116.91 75.11
C GLY P 248 -129.34 -115.76 74.14
N GLU P 249 -129.11 -114.62 74.75
CA GLU P 249 -128.92 -113.39 74.04
C GLU P 249 -127.48 -113.15 73.72
N LEU P 250 -127.15 -113.29 72.47
CA LEU P 250 -125.79 -113.08 72.11
C LEU P 250 -125.40 -111.63 72.12
N ARG P 251 -124.29 -111.34 72.80
CA ARG P 251 -123.76 -110.00 72.93
C ARG P 251 -122.27 -110.02 72.95
N ASP P 252 -121.71 -109.04 72.32
CA ASP P 252 -120.27 -108.93 72.23
C ASP P 252 -119.51 -108.72 73.54
N TYR P 253 -120.18 -108.54 74.66
CA TYR P 253 -119.36 -108.34 75.83
C TYR P 253 -119.23 -109.61 76.61
N LEU P 254 -119.79 -110.66 76.02
CA LEU P 254 -119.74 -111.95 76.64
C LEU P 254 -118.42 -112.58 76.48
N ARG P 255 -118.04 -113.25 77.54
CA ARG P 255 -116.80 -113.96 77.58
C ARG P 255 -116.90 -115.29 78.27
N VAL P 256 -115.86 -116.09 78.03
CA VAL P 256 -115.78 -117.37 78.63
C VAL P 256 -114.41 -117.61 79.13
N THR P 257 -114.38 -118.15 80.33
CA THR P 257 -113.12 -118.45 80.90
C THR P 257 -113.10 -119.84 81.45
N VAL P 258 -112.01 -120.48 81.09
CA VAL P 258 -111.82 -121.82 81.49
C VAL P 258 -110.53 -121.92 82.20
N SER P 259 -110.64 -122.45 83.39
CA SER P 259 -109.51 -122.57 84.26
C SER P 259 -109.35 -123.97 84.76
N LEU P 260 -108.10 -124.31 84.83
CA LEU P 260 -107.74 -125.59 85.26
C LEU P 260 -107.08 -125.53 86.57
N TRP P 261 -107.54 -126.40 87.41
CA TRP P 261 -107.01 -126.46 88.72
C TRP P 261 -106.55 -127.80 89.19
N GLN P 262 -105.49 -127.70 89.95
CA GLN P 262 -104.85 -128.79 90.59
C GLN P 262 -105.01 -128.59 92.07
N GLY P 263 -106.18 -128.94 92.50
CA GLY P 263 -106.47 -128.72 93.88
C GLY P 263 -106.50 -127.23 94.15
N GLU P 264 -105.48 -126.80 94.86
CA GLU P 264 -105.41 -125.41 95.23
C GLU P 264 -104.84 -124.54 94.16
N THR P 265 -104.02 -125.17 93.36
CA THR P 265 -103.37 -124.44 92.33
C THR P 265 -104.08 -124.34 91.01
N GLN P 266 -103.97 -123.15 90.48
CA GLN P 266 -104.52 -122.93 89.20
C GLN P 266 -103.42 -123.17 88.22
N VAL P 267 -103.67 -124.13 87.36
CA VAL P 267 -102.71 -124.60 86.38
C VAL P 267 -102.77 -123.92 85.05
N ALA P 268 -103.97 -123.52 84.69
CA ALA P 268 -104.14 -122.86 83.42
C ALA P 268 -105.48 -122.24 83.29
N SER P 269 -105.44 -121.16 82.54
CA SER P 269 -106.64 -120.44 82.27
C SER P 269 -106.65 -119.93 80.87
N GLY P 270 -107.86 -119.63 80.43
CA GLY P 270 -108.05 -119.12 79.11
C GLY P 270 -109.36 -118.38 79.04
N THR P 271 -109.31 -117.28 78.30
CA THR P 271 -110.51 -116.49 78.17
C THR P 271 -110.77 -116.11 76.77
N ALA P 272 -112.05 -116.06 76.41
CA ALA P 272 -112.39 -115.66 75.07
C ALA P 272 -113.85 -115.39 74.90
N PRO P 273 -114.12 -114.81 73.76
CA PRO P 273 -115.44 -114.40 73.35
C PRO P 273 -115.99 -115.42 72.40
N PHE P 274 -117.31 -115.45 72.29
CA PHE P 274 -117.93 -116.42 71.42
C PHE P 274 -117.57 -116.26 69.97
N GLY P 275 -117.83 -117.32 69.23
CA GLY P 275 -117.54 -117.31 67.82
C GLY P 275 -116.41 -118.27 67.51
N GLY P 276 -116.76 -119.28 66.70
CA GLY P 276 -115.87 -120.35 66.27
C GLY P 276 -115.17 -120.12 64.92
N GLU P 277 -114.38 -121.12 64.52
CA GLU P 277 -113.69 -121.04 63.27
C GLU P 277 -114.66 -121.45 62.21
N ILE P 278 -114.35 -121.08 60.98
CA ILE P 278 -115.21 -121.39 59.89
C ILE P 278 -115.33 -122.86 59.74
N ILE P 279 -116.51 -123.33 59.48
CA ILE P 279 -116.63 -124.75 59.35
C ILE P 279 -117.11 -125.12 57.97
N ASP P 280 -117.83 -124.23 57.35
CA ASP P 280 -118.27 -124.60 56.03
C ASP P 280 -118.55 -123.36 55.24
N GLU P 281 -119.21 -123.55 54.12
CA GLU P 281 -119.49 -122.42 53.28
C GLU P 281 -120.28 -121.28 53.95
N ARG P 282 -121.08 -121.58 54.99
CA ARG P 282 -121.87 -120.56 55.67
C ARG P 282 -121.19 -119.90 56.83
N GLY P 283 -120.05 -120.41 57.27
CA GLY P 283 -119.34 -119.79 58.38
C GLY P 283 -119.12 -120.78 59.49
N GLY P 284 -119.22 -120.25 60.73
CA GLY P 284 -119.06 -121.02 61.95
C GLY P 284 -120.21 -120.85 62.96
N TYR P 285 -119.93 -121.25 64.21
CA TYR P 285 -120.86 -121.14 65.31
C TYR P 285 -120.55 -119.88 66.09
N ALA P 286 -121.46 -118.95 66.01
CA ALA P 286 -121.35 -117.70 66.66
C ALA P 286 -121.51 -117.85 68.16
N ASP P 287 -122.30 -118.87 68.48
CA ASP P 287 -122.65 -119.20 69.82
C ASP P 287 -121.82 -120.32 70.37
N ARG P 288 -120.59 -120.45 69.91
CA ARG P 288 -119.76 -121.47 70.52
C ARG P 288 -118.39 -120.91 70.62
N VAL P 289 -117.59 -121.58 71.39
CA VAL P 289 -116.23 -121.16 71.52
C VAL P 289 -115.38 -122.32 72.02
N THR P 290 -114.13 -122.36 71.58
CA THR P 290 -113.29 -123.45 71.98
C THR P 290 -111.98 -123.02 72.56
N LEU P 291 -111.64 -123.49 73.73
CA LEU P 291 -110.37 -123.07 74.25
C LEU P 291 -109.41 -124.19 74.31
N ARG P 292 -108.16 -123.82 74.22
CA ARG P 292 -107.13 -124.82 74.27
C ARG P 292 -106.11 -124.51 75.32
N LEU P 293 -106.04 -125.35 76.35
CA LEU P 293 -105.07 -125.10 77.39
C LEU P 293 -103.93 -126.05 77.29
N ASN P 294 -102.75 -125.51 77.45
CA ASN P 294 -101.61 -126.36 77.40
C ASN P 294 -101.21 -126.77 78.78
N VAL P 295 -100.81 -128.03 78.91
CA VAL P 295 -100.36 -128.51 80.19
C VAL P 295 -99.09 -129.29 80.13
N GLU P 296 -98.11 -128.85 80.89
CA GLU P 296 -96.86 -129.55 80.92
C GLU P 296 -96.88 -130.60 81.99
N ASN P 297 -96.29 -131.74 81.68
CA ASN P 297 -96.20 -132.83 82.62
C ASN P 297 -97.45 -133.07 83.41
N PRO P 298 -98.53 -133.22 82.70
CA PRO P 298 -99.79 -133.48 83.32
C PRO P 298 -99.70 -134.76 84.10
N LYS P 299 -100.58 -134.85 85.08
CA LYS P 299 -100.71 -136.02 85.90
C LYS P 299 -101.80 -136.86 85.32
N LEU P 300 -101.43 -138.08 84.97
CA LEU P 300 -102.39 -138.92 84.32
C LEU P 300 -103.36 -139.62 85.19
N TRP P 301 -104.54 -139.80 84.64
CA TRP P 301 -105.53 -140.48 85.37
C TRP P 301 -105.53 -141.97 85.01
N SER P 302 -105.84 -142.83 85.96
CA SER P 302 -105.90 -144.26 85.67
C SER P 302 -106.60 -144.98 86.79
N ALA P 303 -107.03 -146.21 86.57
CA ALA P 303 -107.68 -146.88 87.68
C ALA P 303 -106.65 -147.06 88.77
N GLU P 304 -105.40 -147.19 88.36
CA GLU P 304 -104.30 -147.32 89.30
C GLU P 304 -104.13 -146.03 90.13
N ILE P 305 -104.24 -144.87 89.49
CA ILE P 305 -104.09 -143.59 90.17
C ILE P 305 -104.93 -142.58 89.49
N PRO P 306 -106.05 -142.39 90.08
CA PRO P 306 -107.03 -141.50 89.55
C PRO P 306 -106.67 -140.05 89.72
N ASN P 307 -105.58 -139.62 89.16
CA ASN P 307 -105.29 -138.23 89.31
C ASN P 307 -106.35 -137.41 88.64
N LEU P 308 -106.87 -136.42 89.38
CA LEU P 308 -107.87 -135.53 88.80
C LEU P 308 -107.53 -134.04 88.80
N TYR P 309 -108.22 -133.32 87.93
CA TYR P 309 -108.06 -131.89 87.86
C TYR P 309 -109.46 -131.31 87.88
N ARG P 310 -109.56 -130.03 88.20
CA ARG P 310 -110.85 -129.41 88.18
C ARG P 310 -110.92 -128.33 87.15
N ALA P 311 -112.05 -128.35 86.44
CA ALA P 311 -112.20 -127.38 85.41
C ALA P 311 -113.40 -126.51 85.63
N VAL P 312 -113.13 -125.22 85.41
CA VAL P 312 -114.16 -124.22 85.56
C VAL P 312 -114.42 -123.37 84.36
N VAL P 313 -115.71 -123.39 84.08
CA VAL P 313 -116.27 -122.68 82.99
C VAL P 313 -117.12 -121.55 83.48
N GLU P 314 -116.59 -120.37 83.26
CA GLU P 314 -117.27 -119.18 83.68
C GLU P 314 -117.65 -118.33 82.51
N LEU P 315 -118.95 -118.10 82.51
CA LEU P 315 -119.64 -117.30 81.55
C LEU P 315 -119.81 -115.92 82.15
N HIS P 316 -119.12 -114.96 81.60
CA HIS P 316 -119.22 -113.66 82.17
C HIS P 316 -119.10 -112.57 81.13
N THR P 317 -119.20 -111.34 81.60
CA THR P 317 -119.10 -110.20 80.74
C THR P 317 -117.69 -109.71 80.73
N ALA P 318 -117.42 -108.85 79.78
CA ALA P 318 -116.10 -108.30 79.64
C ALA P 318 -115.64 -107.54 80.87
N ASP P 319 -116.60 -106.82 81.49
CA ASP P 319 -116.30 -106.03 82.67
C ASP P 319 -115.80 -106.92 83.77
N GLY P 320 -116.26 -108.16 83.78
CA GLY P 320 -115.81 -109.09 84.79
C GLY P 320 -116.98 -109.65 85.59
N THR P 321 -118.14 -109.24 85.21
CA THR P 321 -119.28 -109.73 85.91
C THR P 321 -119.63 -111.14 85.52
N LEU P 322 -119.73 -112.00 86.50
CA LEU P 322 -120.03 -113.38 86.21
C LEU P 322 -121.51 -113.65 86.01
N ILE P 323 -121.85 -114.32 84.93
CA ILE P 323 -123.23 -114.68 84.73
C ILE P 323 -123.54 -116.01 85.43
N GLU P 324 -122.62 -116.95 85.29
CA GLU P 324 -122.78 -118.27 85.91
C GLU P 324 -121.58 -119.10 85.67
N ALA P 325 -121.56 -120.22 86.37
CA ALA P 325 -120.43 -121.13 86.25
C ALA P 325 -120.80 -122.59 86.30
N GLU P 326 -119.96 -123.35 85.62
CA GLU P 326 -120.12 -124.76 85.56
C GLU P 326 -118.76 -125.37 85.69
N ALA P 327 -118.78 -126.62 86.15
CA ALA P 327 -117.50 -127.23 86.32
C ALA P 327 -117.55 -128.73 86.19
N CYS P 328 -116.36 -129.32 86.24
CA CYS P 328 -116.22 -130.75 86.18
C CYS P 328 -114.82 -131.20 86.49
N ASP P 329 -114.77 -132.48 86.87
CA ASP P 329 -113.48 -133.04 87.17
C ASP P 329 -112.85 -133.52 85.89
N VAL P 330 -111.57 -133.35 85.79
CA VAL P 330 -110.92 -133.76 84.58
C VAL P 330 -109.80 -134.72 84.83
N GLY P 331 -109.73 -135.70 83.94
CA GLY P 331 -108.70 -136.71 83.99
C GLY P 331 -107.96 -136.82 82.68
N PHE P 332 -106.65 -136.75 82.78
CA PHE P 332 -105.84 -136.86 81.59
C PHE P 332 -105.51 -138.29 81.26
N ARG P 333 -106.09 -138.77 80.18
CA ARG P 333 -105.84 -140.13 79.75
C ARG P 333 -106.21 -140.29 78.33
N GLU P 334 -105.53 -141.23 77.72
CA GLU P 334 -105.75 -141.56 76.35
C GLU P 334 -106.06 -143.02 76.16
N VAL P 335 -107.16 -143.26 75.48
CA VAL P 335 -107.63 -144.59 75.22
C VAL P 335 -107.53 -144.87 73.76
N ARG P 336 -106.81 -145.91 73.41
CA ARG P 336 -106.75 -146.22 72.02
C ARG P 336 -106.45 -147.64 71.66
N ILE P 337 -106.97 -148.00 70.51
CA ILE P 337 -106.73 -149.33 70.02
C ILE P 337 -105.69 -149.27 68.97
N GLU P 338 -104.61 -149.94 69.23
CA GLU P 338 -103.59 -149.92 68.25
C GLU P 338 -102.97 -151.26 68.00
N ASN P 339 -102.93 -151.58 66.74
CA ASN P 339 -102.36 -152.83 66.37
C ASN P 339 -102.92 -154.02 67.10
N GLY P 340 -104.24 -154.06 67.25
CA GLY P 340 -104.89 -155.16 67.91
C GLY P 340 -104.94 -154.96 69.40
N LEU P 341 -104.38 -153.87 69.89
CA LEU P 341 -104.45 -153.74 71.32
C LEU P 341 -105.11 -152.53 71.86
N LEU P 342 -105.78 -152.76 72.96
CA LEU P 342 -106.42 -151.69 73.61
C LEU P 342 -105.44 -151.10 74.59
N LEU P 343 -105.17 -149.82 74.35
CA LEU P 343 -104.22 -149.14 75.16
C LEU P 343 -104.76 -148.02 75.94
N LEU P 344 -104.14 -147.90 77.09
CA LEU P 344 -104.43 -146.83 77.95
C LEU P 344 -103.18 -146.11 78.32
N ASN P 345 -103.17 -144.87 77.95
CA ASN P 345 -102.02 -144.05 78.21
C ASN P 345 -100.80 -144.76 77.72
N GLY P 346 -100.90 -145.40 76.59
CA GLY P 346 -99.72 -146.05 76.09
C GLY P 346 -99.61 -147.51 76.43
N LYS P 347 -100.17 -147.93 77.53
CA LYS P 347 -100.06 -149.33 77.83
C LYS P 347 -101.35 -150.06 77.56
N PRO P 348 -101.16 -151.32 77.47
CA PRO P 348 -102.17 -152.31 77.16
C PRO P 348 -102.80 -152.78 78.40
N LEU P 349 -104.09 -152.61 78.43
CA LEU P 349 -104.82 -152.97 79.59
C LEU P 349 -105.09 -154.44 79.74
N LEU P 350 -105.44 -154.75 80.97
CA LEU P 350 -105.88 -156.06 81.36
C LEU P 350 -107.08 -155.87 82.27
N ILE P 351 -108.23 -156.00 81.67
CA ILE P 351 -109.46 -155.76 82.35
C ILE P 351 -109.84 -156.82 83.34
N ARG P 352 -109.90 -156.40 84.60
CA ARG P 352 -110.38 -157.28 85.65
C ARG P 352 -111.76 -156.74 85.99
N GLY P 353 -112.71 -157.07 85.12
CA GLY P 353 -114.03 -156.50 85.25
C GLY P 353 -115.16 -157.34 85.74
N VAL P 354 -116.25 -156.62 85.96
CA VAL P 354 -117.48 -157.22 86.40
C VAL P 354 -118.66 -156.41 85.94
N ASN P 355 -119.75 -157.11 85.72
CA ASN P 355 -120.99 -156.48 85.31
C ASN P 355 -121.74 -156.17 86.57
N ARG P 356 -122.46 -155.08 86.59
CA ARG P 356 -123.18 -154.71 87.78
C ARG P 356 -124.50 -154.01 87.55
N HIS P 357 -125.53 -154.54 88.15
CA HIS P 357 -126.81 -153.90 88.05
C HIS P 357 -127.04 -152.95 89.21
N GLU P 358 -128.02 -152.07 89.05
CA GLU P 358 -128.38 -151.13 90.12
C GLU P 358 -129.48 -151.82 90.92
N HIS P 359 -129.10 -152.50 92.03
CA HIS P 359 -130.06 -153.28 92.82
C HIS P 359 -129.82 -153.30 94.31
N HIS P 360 -130.93 -153.08 95.01
CA HIS P 360 -131.01 -153.03 96.44
C HIS P 360 -132.13 -153.91 96.91
N PRO P 361 -131.76 -154.85 97.78
CA PRO P 361 -132.65 -155.86 98.37
C PRO P 361 -133.89 -155.24 99.01
N LEU P 362 -133.72 -153.98 99.48
CA LEU P 362 -134.77 -153.20 100.11
C LEU P 362 -135.34 -152.14 99.23
N HIS P 363 -134.50 -151.36 98.59
CA HIS P 363 -134.99 -150.30 97.77
C HIS P 363 -135.37 -150.65 96.37
N GLY P 364 -135.07 -151.86 95.94
CA GLY P 364 -135.37 -152.24 94.58
C GLY P 364 -134.32 -151.61 93.68
N GLN P 365 -134.76 -150.85 92.69
CA GLN P 365 -133.79 -150.22 91.80
C GLN P 365 -133.34 -148.84 92.20
N VAL P 366 -133.55 -148.49 93.45
CA VAL P 366 -133.15 -147.17 93.88
C VAL P 366 -131.75 -147.12 94.48
N MET P 367 -130.92 -146.23 93.96
CA MET P 367 -129.54 -146.17 94.44
C MET P 367 -129.16 -145.04 95.37
N ASP P 368 -128.08 -145.22 96.12
CA ASP P 368 -127.60 -144.17 96.99
C ASP P 368 -126.13 -144.24 97.23
N GLU P 369 -125.60 -143.07 97.51
CA GLU P 369 -124.19 -142.93 97.77
C GLU P 369 -123.58 -144.09 98.52
N GLN P 370 -124.12 -144.28 99.68
CA GLN P 370 -123.65 -145.31 100.53
C GLN P 370 -123.36 -146.64 99.85
N THR P 371 -124.41 -147.16 99.23
CA THR P 371 -124.31 -148.42 98.53
C THR P 371 -123.20 -148.40 97.49
N MET P 372 -123.34 -147.43 96.59
CA MET P 372 -122.38 -147.23 95.56
C MET P 372 -120.98 -147.36 96.13
N VAL P 373 -120.71 -146.54 97.11
CA VAL P 373 -119.40 -146.65 97.68
C VAL P 373 -119.07 -148.04 98.21
N GLN P 374 -120.04 -148.66 98.81
CA GLN P 374 -119.72 -149.97 99.30
C GLN P 374 -119.18 -150.82 98.18
N ASP P 375 -119.96 -150.85 97.12
CA ASP P 375 -119.58 -151.62 95.98
C ASP P 375 -118.18 -151.29 95.51
N ILE P 376 -117.98 -150.02 95.30
CA ILE P 376 -116.69 -149.64 94.83
C ILE P 376 -115.60 -150.15 95.72
N LEU P 377 -115.74 -149.90 97.00
CA LEU P 377 -114.69 -150.40 97.84
C LEU P 377 -114.47 -151.87 97.75
N LEU P 378 -115.54 -152.59 97.74
CA LEU P 378 -115.39 -154.01 97.63
C LEU P 378 -114.65 -154.43 96.40
N MET P 379 -115.13 -153.92 95.29
CA MET P 379 -114.49 -154.25 94.06
C MET P 379 -113.02 -153.99 94.13
N LYS P 380 -112.71 -152.77 94.49
CA LYS P 380 -111.32 -152.42 94.57
C LYS P 380 -110.60 -153.37 95.46
N GLN P 381 -111.23 -153.70 96.54
CA GLN P 381 -110.58 -154.61 97.46
C GLN P 381 -110.37 -156.00 96.93
N ASN P 382 -111.17 -156.40 95.97
CA ASN P 382 -111.01 -157.71 95.42
C ASN P 382 -110.34 -157.74 94.08
N ASN P 383 -109.54 -156.74 93.85
CA ASN P 383 -108.80 -156.69 92.63
C ASN P 383 -109.56 -156.48 91.36
N PHE P 384 -110.66 -155.77 91.42
CA PHE P 384 -111.33 -155.47 90.16
C PHE P 384 -110.89 -154.11 89.67
N ASN P 385 -110.94 -153.84 88.36
CA ASN P 385 -110.53 -152.50 87.94
C ASN P 385 -111.48 -151.90 86.99
N ALA P 386 -112.53 -152.63 86.72
CA ALA P 386 -113.44 -152.10 85.75
C ALA P 386 -114.83 -152.62 85.95
N VAL P 387 -115.76 -151.87 85.42
CA VAL P 387 -117.11 -152.32 85.55
C VAL P 387 -117.93 -151.96 84.34
N ARG P 388 -118.91 -152.79 84.08
CA ARG P 388 -119.79 -152.59 82.99
C ARG P 388 -121.19 -152.29 83.48
N CYS P 389 -121.76 -151.22 82.99
CA CYS P 389 -123.11 -150.80 83.36
C CYS P 389 -124.17 -151.64 82.69
N SER P 390 -124.25 -152.88 83.12
CA SER P 390 -125.26 -153.72 82.53
C SER P 390 -126.61 -153.27 83.03
N HIS P 391 -127.48 -152.78 82.17
CA HIS P 391 -127.30 -152.57 80.75
C HIS P 391 -128.07 -151.29 80.43
N TYR P 392 -127.65 -150.21 81.04
CA TYR P 392 -128.28 -148.93 80.90
C TYR P 392 -127.41 -148.00 81.66
N PRO P 393 -127.64 -146.75 81.41
CA PRO P 393 -126.84 -145.72 82.03
C PRO P 393 -127.12 -145.68 83.50
N ASN P 394 -126.12 -145.38 84.26
CA ASN P 394 -126.32 -145.39 85.68
C ASN P 394 -126.60 -144.04 86.29
N HIS P 395 -126.87 -144.13 87.56
CA HIS P 395 -127.05 -142.98 88.35
C HIS P 395 -125.74 -142.20 88.32
N PRO P 396 -125.92 -141.05 87.83
CA PRO P 396 -124.90 -140.05 87.63
C PRO P 396 -123.83 -140.05 88.69
N LEU P 397 -124.25 -140.12 89.91
CA LEU P 397 -123.23 -140.09 90.92
C LEU P 397 -122.13 -141.14 90.75
N TRP P 398 -122.57 -142.30 90.29
CA TRP P 398 -121.71 -143.42 90.03
C TRP P 398 -120.43 -143.03 89.34
N TYR P 399 -120.65 -142.40 88.17
CA TYR P 399 -119.55 -141.97 87.34
C TYR P 399 -118.57 -141.13 88.08
N THR P 400 -119.10 -140.29 88.91
CA THR P 400 -118.20 -139.46 89.65
C THR P 400 -117.33 -140.26 90.57
N LEU P 401 -118.01 -141.16 91.25
CA LEU P 401 -117.32 -141.96 92.18
C LEU P 401 -116.23 -142.74 91.51
N CYS P 402 -116.59 -143.29 90.35
CA CYS P 402 -115.58 -144.06 89.65
C CYS P 402 -114.45 -143.18 89.25
N ASP P 403 -114.80 -141.98 88.82
CA ASP P 403 -113.80 -141.04 88.41
C ASP P 403 -112.86 -140.82 89.57
N ARG P 404 -113.48 -140.70 90.74
CA ARG P 404 -112.71 -140.42 91.93
C ARG P 404 -111.94 -141.57 92.50
N TYR P 405 -112.59 -142.71 92.58
CA TYR P 405 -111.98 -143.88 93.15
C TYR P 405 -111.00 -144.61 92.28
N GLY P 406 -111.25 -144.59 90.96
CA GLY P 406 -110.40 -145.24 90.01
C GLY P 406 -110.96 -146.56 89.49
N LEU P 407 -111.92 -146.53 88.56
CA LEU P 407 -112.44 -147.75 87.98
C LEU P 407 -112.72 -147.54 86.51
N TYR P 408 -112.33 -148.46 85.65
CA TYR P 408 -112.66 -148.25 84.24
C TYR P 408 -114.10 -148.59 84.04
N VAL P 409 -114.78 -147.77 83.26
CA VAL P 409 -116.17 -148.03 83.03
C VAL P 409 -116.58 -148.08 81.58
N VAL P 410 -117.54 -148.98 81.39
CA VAL P 410 -118.17 -149.14 80.11
C VAL P 410 -119.59 -148.63 80.23
N ASP P 411 -119.87 -147.52 79.58
CA ASP P 411 -121.19 -146.92 79.59
C ASP P 411 -122.05 -147.57 78.53
N GLU P 412 -123.23 -148.04 78.90
CA GLU P 412 -124.03 -148.78 77.96
C GLU P 412 -125.42 -148.24 77.78
N ALA P 413 -125.81 -148.14 76.53
CA ALA P 413 -127.13 -147.64 76.21
C ALA P 413 -128.24 -148.59 76.66
N ASN P 414 -129.37 -147.98 77.04
CA ASN P 414 -130.53 -148.67 77.51
C ASN P 414 -131.32 -149.33 76.39
N ILE P 415 -130.77 -150.38 75.82
CA ILE P 415 -131.50 -151.10 74.80
C ILE P 415 -131.32 -152.60 74.84
N GLU P 416 -132.38 -153.35 75.14
CA GLU P 416 -132.33 -154.80 75.11
C GLU P 416 -133.65 -155.28 74.53
N THR P 417 -133.59 -156.08 73.48
CA THR P 417 -134.80 -156.60 72.87
C THR P 417 -134.72 -158.09 72.83
N HIS P 418 -134.08 -158.57 73.87
CA HIS P 418 -133.85 -159.97 74.00
C HIS P 418 -134.98 -160.88 73.57
N GLY P 419 -136.21 -160.60 73.98
CA GLY P 419 -137.36 -161.45 73.70
C GLY P 419 -137.85 -161.44 72.27
N MET P 420 -137.35 -160.54 71.45
CA MET P 420 -137.85 -160.55 70.10
C MET P 420 -137.47 -161.80 69.37
N VAL P 421 -138.01 -161.94 68.19
CA VAL P 421 -137.69 -163.10 67.38
C VAL P 421 -137.86 -162.83 65.91
N PRO P 422 -136.77 -162.86 65.16
CA PRO P 422 -135.47 -163.09 65.73
C PRO P 422 -135.08 -161.85 66.54
N MET P 423 -134.09 -162.04 67.39
CA MET P 423 -133.64 -160.99 68.24
C MET P 423 -133.52 -159.59 67.64
N ASN P 424 -133.21 -159.46 66.36
CA ASN P 424 -133.01 -158.12 65.81
C ASN P 424 -134.21 -157.49 65.06
N ARG P 425 -135.34 -158.12 65.28
CA ARG P 425 -136.56 -157.71 64.66
C ARG P 425 -136.78 -156.20 64.69
N LEU P 426 -136.52 -155.60 65.84
CA LEU P 426 -136.69 -154.17 65.93
C LEU P 426 -135.49 -153.38 65.44
N THR P 427 -134.30 -153.84 65.88
CA THR P 427 -133.01 -153.25 65.56
C THR P 427 -132.69 -153.15 64.10
N ASP P 428 -133.35 -154.02 63.37
CA ASP P 428 -133.16 -153.92 61.96
C ASP P 428 -134.26 -153.09 61.28
N ASP P 429 -135.02 -152.31 62.07
CA ASP P 429 -136.12 -151.56 61.51
C ASP P 429 -136.06 -150.09 61.80
N PRO P 430 -135.94 -149.46 60.65
CA PRO P 430 -135.81 -148.06 60.47
C PRO P 430 -136.80 -147.38 61.37
N ARG P 431 -137.99 -147.94 61.36
CA ARG P 431 -139.01 -147.38 62.21
C ARG P 431 -138.58 -147.21 63.63
N TRP P 432 -137.73 -148.10 64.12
CA TRP P 432 -137.31 -147.95 65.49
C TRP P 432 -136.03 -147.20 65.64
N LEU P 433 -135.50 -146.88 64.51
CA LEU P 433 -134.26 -146.19 64.56
C LEU P 433 -134.25 -145.00 65.53
N PRO P 434 -135.06 -144.04 65.24
CA PRO P 434 -135.17 -142.84 66.07
C PRO P 434 -135.25 -143.12 67.56
N ALA P 435 -136.08 -144.07 67.90
CA ALA P 435 -136.17 -144.45 69.29
C ALA P 435 -134.79 -144.83 69.81
N MET P 436 -134.18 -145.76 69.09
CA MET P 436 -132.86 -146.22 69.46
C MET P 436 -131.87 -145.08 69.53
N SER P 437 -131.94 -144.23 68.54
CA SER P 437 -131.00 -143.14 68.48
C SER P 437 -130.97 -142.36 69.74
N GLU P 438 -132.19 -142.00 70.14
CA GLU P 438 -132.34 -141.17 71.32
C GLU P 438 -131.61 -141.76 72.48
N ARG P 439 -131.78 -143.06 72.54
CA ARG P 439 -131.17 -143.82 73.58
C ARG P 439 -129.65 -143.73 73.57
N VAL P 440 -129.05 -143.64 72.40
CA VAL P 440 -127.60 -143.57 72.43
C VAL P 440 -127.08 -142.16 72.58
N THR P 441 -127.57 -141.33 71.70
CA THR P 441 -127.14 -139.97 71.64
C THR P 441 -127.16 -139.32 72.98
N ARG P 442 -128.30 -139.44 73.61
CA ARG P 442 -128.48 -138.85 74.91
C ARG P 442 -127.46 -139.30 75.94
N MET P 443 -127.17 -140.59 75.95
CA MET P 443 -126.19 -141.06 76.90
C MET P 443 -124.89 -140.33 76.71
N VAL P 444 -124.56 -140.26 75.46
CA VAL P 444 -123.29 -139.65 75.15
C VAL P 444 -123.20 -138.22 75.60
N GLN P 445 -124.25 -137.51 75.25
CA GLN P 445 -124.24 -136.12 75.63
C GLN P 445 -124.14 -135.95 77.11
N ARG P 446 -124.68 -136.90 77.81
CA ARG P 446 -124.61 -136.74 79.22
C ARG P 446 -123.26 -137.08 79.86
N ASP P 447 -122.72 -138.23 79.47
CA ASP P 447 -121.54 -138.75 80.15
C ASP P 447 -120.17 -138.55 79.59
N ARG P 448 -120.14 -138.00 78.42
CA ARG P 448 -118.88 -137.87 77.76
C ARG P 448 -117.75 -137.16 78.43
N ASN P 449 -117.97 -136.43 79.49
CA ASN P 449 -116.79 -135.80 80.03
C ASN P 449 -116.14 -136.56 81.18
N HIS P 450 -116.66 -137.72 81.52
CA HIS P 450 -116.05 -138.45 82.62
C HIS P 450 -114.89 -139.31 82.22
N PRO P 451 -113.73 -139.05 82.77
CA PRO P 451 -112.56 -139.85 82.45
C PRO P 451 -112.77 -141.35 82.69
N SER P 452 -113.55 -141.74 83.67
CA SER P 452 -113.71 -143.18 83.90
C SER P 452 -114.37 -143.92 82.77
N VAL P 453 -115.14 -143.20 81.97
CA VAL P 453 -115.78 -143.92 80.91
C VAL P 453 -114.76 -144.11 79.85
N ILE P 454 -114.51 -145.36 79.48
CA ILE P 454 -113.54 -145.56 78.43
C ILE P 454 -114.05 -146.27 77.22
N ILE P 455 -115.27 -146.77 77.30
CA ILE P 455 -115.83 -147.46 76.19
C ILE P 455 -117.31 -147.29 76.16
N TRP P 456 -117.81 -147.03 74.99
CA TRP P 456 -119.22 -146.89 74.82
C TRP P 456 -119.71 -148.23 74.31
N SER P 457 -120.92 -148.57 74.71
CA SER P 457 -121.58 -149.80 74.31
C SER P 457 -123.00 -149.51 73.85
N LEU P 458 -123.42 -150.10 72.73
CA LEU P 458 -124.74 -149.84 72.18
C LEU P 458 -125.86 -150.63 72.85
N GLY P 459 -125.59 -151.21 73.99
CA GLY P 459 -126.69 -151.96 74.55
C GLY P 459 -126.34 -153.40 74.72
N ASN P 460 -127.37 -154.23 74.71
CA ASN P 460 -127.23 -155.65 74.95
C ASN P 460 -128.33 -156.52 74.33
N GLU P 461 -127.99 -157.78 74.09
CA GLU P 461 -128.84 -158.77 73.49
C GLU P 461 -130.00 -158.28 72.64
N SER P 462 -129.67 -157.66 71.52
CA SER P 462 -130.69 -157.14 70.63
C SER P 462 -130.37 -157.49 69.19
N GLY P 463 -129.64 -158.59 69.04
CA GLY P 463 -129.23 -159.04 67.73
C GLY P 463 -128.31 -158.01 67.10
N HIS P 464 -128.34 -158.00 65.79
CA HIS P 464 -127.56 -157.05 65.06
C HIS P 464 -128.38 -156.50 63.93
N GLY P 465 -128.54 -155.18 63.91
CA GLY P 465 -129.33 -154.58 62.87
C GLY P 465 -128.71 -153.30 62.39
N ALA P 466 -129.16 -152.90 61.22
CA ALA P 466 -128.64 -151.70 60.62
C ALA P 466 -128.66 -150.54 61.58
N ASN P 467 -129.69 -150.53 62.40
CA ASN P 467 -129.79 -149.45 63.34
C ASN P 467 -128.49 -149.35 64.14
N HIS P 468 -127.95 -150.52 64.41
CA HIS P 468 -126.71 -150.57 65.17
C HIS P 468 -125.55 -149.92 64.44
N ASP P 469 -125.40 -150.35 63.21
CA ASP P 469 -124.35 -149.80 62.39
C ASP P 469 -124.39 -148.29 62.36
N ALA P 470 -125.58 -147.80 62.11
CA ALA P 470 -125.70 -146.36 62.05
C ALA P 470 -125.29 -145.72 63.36
N LEU P 471 -125.72 -146.30 64.45
CA LEU P 471 -125.40 -145.69 65.71
C LEU P 471 -123.94 -145.76 66.07
N TYR P 472 -123.40 -146.91 65.77
CA TYR P 472 -122.00 -147.10 65.98
C TYR P 472 -121.23 -145.97 65.31
N ARG P 473 -121.55 -145.79 64.07
CA ARG P 473 -120.90 -144.76 63.32
C ARG P 473 -121.04 -143.38 63.92
N TRP P 474 -122.27 -143.07 64.32
CA TRP P 474 -122.55 -141.79 64.87
C TRP P 474 -121.59 -141.49 65.99
N ILE P 475 -121.46 -142.44 66.86
CA ILE P 475 -120.59 -142.17 67.94
C ILE P 475 -119.20 -141.91 67.48
N LYS P 476 -118.75 -142.83 66.66
CA LYS P 476 -117.42 -142.73 66.16
C LYS P 476 -117.16 -141.32 65.71
N SER P 477 -118.14 -140.73 65.10
CA SER P 477 -117.92 -139.39 64.63
C SER P 477 -117.99 -138.38 65.71
N VAL P 478 -118.84 -138.59 66.62
CA VAL P 478 -118.95 -137.60 67.63
C VAL P 478 -117.88 -137.70 68.69
N ASP P 479 -117.53 -138.92 69.06
CA ASP P 479 -116.55 -139.14 70.08
C ASP P 479 -115.63 -140.25 69.69
N PRO P 480 -114.56 -139.75 69.19
CA PRO P 480 -113.50 -140.54 68.69
C PRO P 480 -112.54 -140.89 69.80
N SER P 481 -112.77 -140.38 70.98
CA SER P 481 -111.85 -140.66 72.07
C SER P 481 -112.01 -142.05 72.67
N ARG P 482 -113.15 -142.68 72.47
CA ARG P 482 -113.38 -143.99 73.00
C ARG P 482 -113.91 -144.92 71.95
N PRO P 483 -113.55 -146.15 72.15
CA PRO P 483 -113.95 -147.23 71.29
C PRO P 483 -115.36 -147.61 71.59
N VAL P 484 -115.94 -148.31 70.63
CA VAL P 484 -117.29 -148.74 70.78
C VAL P 484 -117.45 -150.24 70.69
N GLN P 485 -118.19 -150.82 71.60
CA GLN P 485 -118.40 -152.24 71.48
C GLN P 485 -119.86 -152.63 71.53
N TYR P 486 -120.15 -153.78 70.96
CA TYR P 486 -121.49 -154.32 70.95
C TYR P 486 -121.38 -155.79 70.63
N GLU P 487 -121.96 -156.62 71.47
CA GLU P 487 -121.86 -158.05 71.29
C GLU P 487 -122.89 -158.67 70.37
N GLY P 488 -124.03 -158.06 70.30
CA GLY P 488 -125.10 -158.64 69.54
C GLY P 488 -124.73 -159.16 68.16
N GLY P 489 -125.42 -160.22 67.82
CA GLY P 489 -125.28 -160.79 66.54
C GLY P 489 -123.97 -161.47 66.25
N GLY P 490 -123.29 -162.01 67.25
CA GLY P 490 -122.07 -162.72 66.93
C GLY P 490 -120.80 -162.20 67.55
N ALA P 491 -120.88 -161.05 68.21
CA ALA P 491 -119.77 -160.44 68.94
C ALA P 491 -118.61 -159.92 68.12
N ASP P 492 -118.70 -160.04 66.81
CA ASP P 492 -117.60 -159.57 66.01
C ASP P 492 -118.07 -158.85 64.77
N THR P 493 -119.27 -158.29 64.84
CA THR P 493 -119.85 -157.59 63.72
C THR P 493 -119.17 -156.30 63.42
N THR P 494 -119.68 -155.64 62.39
CA THR P 494 -119.15 -154.37 61.93
C THR P 494 -119.47 -153.32 62.94
N ALA P 495 -120.29 -153.68 63.87
CA ALA P 495 -120.68 -152.70 64.83
C ALA P 495 -119.83 -152.71 66.08
N THR P 496 -118.71 -153.42 66.10
CA THR P 496 -117.95 -153.39 67.34
C THR P 496 -116.48 -153.21 67.10
N ASP P 497 -115.83 -152.47 67.96
CA ASP P 497 -114.42 -152.26 67.79
C ASP P 497 -113.67 -153.35 68.50
N ILE P 498 -114.38 -154.16 69.27
CA ILE P 498 -113.73 -155.21 70.01
C ILE P 498 -114.52 -156.47 69.95
N ILE P 499 -113.85 -157.61 69.96
CA ILE P 499 -114.57 -158.85 69.99
C ILE P 499 -114.96 -159.03 71.43
N CYS P 500 -116.25 -158.95 71.69
CA CYS P 500 -116.73 -158.98 73.05
C CYS P 500 -117.82 -159.97 73.26
N PRO P 501 -117.47 -161.21 73.17
CA PRO P 501 -118.46 -162.23 73.38
C PRO P 501 -118.81 -162.37 74.84
N MET P 502 -119.78 -163.21 75.01
CA MET P 502 -120.23 -163.56 76.31
C MET P 502 -120.32 -165.06 76.42
N TYR P 503 -119.62 -165.60 77.40
CA TYR P 503 -119.64 -167.00 77.65
C TYR P 503 -118.90 -167.91 76.68
N ALA P 504 -117.97 -167.33 75.94
CA ALA P 504 -117.14 -168.16 75.10
C ALA P 504 -116.16 -168.94 76.01
N ARG P 505 -115.86 -170.16 75.64
CA ARG P 505 -114.98 -170.96 76.46
C ARG P 505 -113.53 -170.76 76.13
N VAL P 506 -112.68 -171.20 77.06
CA VAL P 506 -111.29 -170.99 76.83
C VAL P 506 -110.77 -171.81 75.67
N ASP P 507 -111.04 -173.08 75.72
CA ASP P 507 -110.52 -173.92 74.67
C ASP P 507 -111.57 -174.61 73.86
N GLU P 508 -112.80 -174.55 74.28
CA GLU P 508 -113.80 -175.29 73.56
C GLU P 508 -114.72 -174.41 72.77
N ASP P 509 -115.01 -174.82 71.56
CA ASP P 509 -115.88 -174.08 70.68
C ASP P 509 -117.30 -174.50 70.84
N GLN P 510 -118.20 -173.55 70.64
CA GLN P 510 -119.64 -173.76 70.69
C GLN P 510 -120.17 -173.10 69.45
N PRO P 511 -120.26 -173.96 68.49
CA PRO P 511 -120.61 -173.64 67.16
C PRO P 511 -122.08 -173.52 66.88
N PHE P 512 -122.71 -172.56 67.49
CA PHE P 512 -124.06 -172.41 67.11
C PHE P 512 -124.09 -171.79 65.75
N PRO P 513 -125.11 -172.20 65.06
CA PRO P 513 -125.42 -171.69 63.77
C PRO P 513 -125.58 -170.20 63.90
N ALA P 514 -125.07 -169.54 62.88
CA ALA P 514 -125.14 -168.11 62.78
C ALA P 514 -124.34 -167.38 63.83
N VAL P 515 -124.35 -167.83 65.04
CA VAL P 515 -123.64 -167.07 66.04
C VAL P 515 -122.93 -168.00 66.95
N PRO P 516 -121.97 -168.63 66.38
CA PRO P 516 -121.16 -169.58 67.11
C PRO P 516 -120.28 -168.85 68.10
N LYS P 517 -119.90 -169.55 69.15
CA LYS P 517 -118.97 -169.01 70.12
C LYS P 517 -117.69 -169.85 70.08
N TRP P 518 -116.68 -169.33 69.43
CA TRP P 518 -115.42 -170.04 69.34
C TRP P 518 -114.63 -170.01 70.61
N SER P 519 -113.72 -170.96 70.78
CA SER P 519 -112.83 -170.89 71.90
C SER P 519 -112.17 -169.52 71.73
N ILE P 520 -111.97 -168.85 72.84
CA ILE P 520 -111.42 -167.54 72.67
C ILE P 520 -110.06 -167.52 72.03
N LYS P 521 -109.26 -168.55 72.26
CA LYS P 521 -107.94 -168.52 71.62
C LYS P 521 -108.08 -168.67 70.13
N LYS P 522 -109.05 -169.44 69.72
CA LYS P 522 -109.19 -169.60 68.32
C LYS P 522 -109.76 -168.37 67.67
N TRP P 523 -110.72 -167.80 68.34
CA TRP P 523 -111.39 -166.68 67.77
C TRP P 523 -110.43 -165.66 67.29
N LEU P 524 -109.45 -165.41 68.10
CA LEU P 524 -108.50 -164.38 67.71
C LEU P 524 -107.85 -164.51 66.36
N SER P 525 -107.56 -165.75 65.99
CA SER P 525 -106.81 -166.17 64.82
C SER P 525 -107.61 -166.39 63.55
N LEU P 526 -108.91 -166.20 63.63
CA LEU P 526 -109.64 -166.41 62.42
C LEU P 526 -109.09 -165.50 61.34
N PRO P 527 -109.16 -166.02 60.14
CA PRO P 527 -108.64 -165.34 58.99
C PRO P 527 -109.23 -163.98 58.90
N GLY P 528 -108.34 -163.02 58.86
CA GLY P 528 -108.74 -161.65 58.76
C GLY P 528 -109.00 -160.99 60.10
N GLU P 529 -109.22 -161.75 61.18
CA GLU P 529 -109.49 -161.08 62.45
C GLU P 529 -108.29 -160.36 63.02
N THR P 530 -108.45 -159.17 63.59
CA THR P 530 -107.32 -158.44 64.14
C THR P 530 -107.59 -157.72 65.46
N ARG P 531 -108.86 -157.66 65.85
CA ARG P 531 -109.26 -156.95 67.03
C ARG P 531 -108.87 -157.59 68.32
N PRO P 532 -108.96 -156.81 69.37
CA PRO P 532 -108.68 -157.32 70.68
C PRO P 532 -109.92 -158.02 71.12
N LEU P 533 -109.78 -158.93 72.09
CA LEU P 533 -110.91 -159.61 72.62
C LEU P 533 -111.03 -159.46 74.11
N ILE P 534 -112.23 -159.05 74.51
CA ILE P 534 -112.59 -158.83 75.90
C ILE P 534 -113.98 -159.35 76.10
N LEU P 535 -114.15 -160.29 77.02
CA LEU P 535 -115.49 -160.81 77.14
C LEU P 535 -116.38 -159.87 77.88
N CYS P 536 -117.49 -159.58 77.26
CA CYS P 536 -118.42 -158.68 77.90
C CYS P 536 -119.08 -159.40 79.06
N GLU P 537 -119.16 -160.72 78.95
CA GLU P 537 -119.71 -161.49 80.06
C GLU P 537 -119.12 -162.86 80.09
N TYR P 538 -118.69 -163.23 81.30
CA TYR P 538 -118.13 -164.53 81.50
C TYR P 538 -118.12 -164.96 82.95
N ALA P 539 -117.94 -166.28 83.08
CA ALA P 539 -117.88 -166.96 84.37
C ALA P 539 -119.14 -166.72 85.17
N HIS P 540 -120.27 -167.25 84.70
CA HIS P 540 -121.56 -167.08 85.34
C HIS P 540 -121.54 -167.41 86.82
N ALA P 541 -121.59 -166.41 87.69
CA ALA P 541 -121.48 -166.70 89.11
C ALA P 541 -122.72 -167.13 89.89
N MET P 542 -123.55 -167.95 89.27
CA MET P 542 -124.78 -168.41 89.86
C MET P 542 -124.62 -169.52 90.91
N GLY P 543 -124.76 -169.12 92.16
CA GLY P 543 -124.69 -170.07 93.26
C GLY P 543 -123.29 -170.58 93.47
N ASN P 544 -123.19 -171.90 93.69
CA ASN P 544 -121.88 -172.50 93.87
C ASN P 544 -121.23 -172.61 92.49
N SER P 545 -120.54 -171.54 92.09
CA SER P 545 -119.97 -171.46 90.78
C SER P 545 -118.56 -170.91 90.75
N LEU P 546 -118.17 -170.50 89.56
CA LEU P 546 -116.85 -169.98 89.28
C LEU P 546 -115.80 -171.07 89.02
N GLY P 547 -116.24 -172.30 88.80
CA GLY P 547 -115.27 -173.33 88.51
C GLY P 547 -114.66 -173.03 87.16
N GLY P 548 -113.33 -173.11 87.05
CA GLY P 548 -112.68 -172.84 85.78
C GLY P 548 -112.12 -171.44 85.63
N PHE P 549 -112.46 -170.59 86.55
CA PHE P 549 -111.99 -169.24 86.49
C PHE P 549 -110.50 -169.09 86.14
N ALA P 550 -109.69 -169.86 86.81
CA ALA P 550 -108.27 -169.78 86.54
C ALA P 550 -107.85 -170.06 85.11
N LYS P 551 -108.58 -170.96 84.46
CA LYS P 551 -108.31 -171.24 83.08
C LYS P 551 -108.32 -169.95 82.26
N TYR P 552 -109.28 -169.08 82.51
CA TYR P 552 -109.36 -167.85 81.78
C TYR P 552 -108.18 -166.97 82.10
N TRP P 553 -107.95 -166.83 83.38
CA TRP P 553 -106.88 -165.97 83.75
C TRP P 553 -105.59 -166.38 83.16
N GLN P 554 -105.44 -167.65 83.04
CA GLN P 554 -104.20 -167.99 82.48
C GLN P 554 -104.11 -167.67 81.03
N ALA P 555 -105.19 -167.89 80.34
CA ALA P 555 -105.14 -167.57 78.94
C ALA P 555 -104.92 -166.10 78.79
N PHE P 556 -105.66 -165.35 79.59
CA PHE P 556 -105.56 -163.92 79.47
C PHE P 556 -104.13 -163.52 79.57
N ARG P 557 -103.48 -164.07 80.57
CA ARG P 557 -102.12 -163.72 80.76
C ARG P 557 -101.21 -164.18 79.65
N GLN P 558 -101.56 -165.22 78.94
CA GLN P 558 -100.64 -165.62 77.91
C GLN P 558 -100.88 -165.05 76.54
N TYR P 559 -102.07 -164.54 76.25
CA TYR P 559 -102.29 -164.02 74.94
C TYR P 559 -102.57 -162.55 74.97
N PRO P 560 -101.63 -161.86 74.41
CA PRO P 560 -101.63 -160.43 74.32
C PRO P 560 -102.95 -159.84 73.96
N ARG P 561 -103.56 -160.37 72.91
CA ARG P 561 -104.84 -159.86 72.47
C ARG P 561 -106.00 -160.29 73.33
N LEU P 562 -105.79 -161.13 74.31
CA LEU P 562 -106.92 -161.43 75.16
C LEU P 562 -106.79 -160.47 76.29
N GLN P 563 -107.58 -159.42 76.31
CA GLN P 563 -107.42 -158.43 77.34
C GLN P 563 -108.33 -158.46 78.55
N GLY P 564 -108.94 -159.61 78.86
CA GLY P 564 -109.77 -159.73 80.04
C GLY P 564 -111.27 -159.88 79.80
N GLY P 565 -112.05 -159.47 80.81
CA GLY P 565 -113.49 -159.55 80.68
C GLY P 565 -114.17 -159.09 81.95
N PHE P 566 -115.50 -159.14 81.89
CA PHE P 566 -116.35 -158.75 82.97
C PHE P 566 -117.16 -159.93 83.38
N VAL P 567 -116.98 -160.24 84.64
CA VAL P 567 -117.69 -161.33 85.21
C VAL P 567 -119.16 -161.03 85.32
N TRP P 568 -119.92 -162.10 85.26
CA TRP P 568 -121.34 -161.96 85.39
C TRP P 568 -121.85 -162.68 86.62
N ASP P 569 -122.25 -161.96 87.66
CA ASP P 569 -122.20 -160.51 87.79
C ASP P 569 -121.94 -160.14 89.26
N TRP P 570 -122.05 -158.87 89.61
CA TRP P 570 -121.74 -158.42 90.96
C TRP P 570 -122.54 -158.91 92.13
N VAL P 571 -123.83 -158.54 92.21
CA VAL P 571 -124.74 -158.92 93.31
C VAL P 571 -125.92 -159.75 92.89
N ASP P 572 -126.43 -160.50 93.87
CA ASP P 572 -127.62 -161.26 93.59
C ASP P 572 -128.78 -160.28 93.55
N GLN P 573 -129.73 -160.54 92.65
CA GLN P 573 -130.88 -159.68 92.54
C GLN P 573 -131.99 -160.28 93.36
N SER P 574 -131.74 -160.33 94.67
CA SER P 574 -132.73 -160.87 95.56
C SER P 574 -133.35 -159.78 96.39
N LEU P 575 -134.62 -160.04 96.67
CA LEU P 575 -135.40 -159.13 97.46
C LEU P 575 -135.80 -159.75 98.79
N ILE P 576 -136.09 -158.86 99.73
CA ILE P 576 -136.52 -159.28 101.03
C ILE P 576 -138.03 -159.40 101.16
N LYS P 577 -138.43 -160.39 101.93
CA LYS P 577 -139.82 -160.65 102.24
C LYS P 577 -139.88 -160.96 103.71
N TYR P 578 -141.10 -161.01 104.23
CA TYR P 578 -141.23 -161.33 105.63
C TYR P 578 -142.15 -162.47 105.93
N ASP P 579 -141.76 -163.18 106.97
CA ASP P 579 -142.62 -164.23 107.41
C ASP P 579 -143.51 -163.57 108.44
N GLU P 580 -144.54 -164.30 108.82
CA GLU P 580 -145.53 -163.86 109.81
C GLU P 580 -144.86 -163.40 111.11
N ASN P 581 -143.71 -163.98 111.42
CA ASN P 581 -143.02 -163.55 112.62
C ASN P 581 -142.21 -162.30 112.35
N GLY P 582 -142.54 -161.66 111.22
CA GLY P 582 -141.89 -160.45 110.76
C GLY P 582 -140.43 -160.70 110.48
N ASN P 583 -140.20 -161.92 110.00
CA ASN P 583 -138.87 -162.32 109.65
C ASN P 583 -138.65 -162.16 108.18
N PRO P 584 -137.54 -161.53 107.90
CA PRO P 584 -137.11 -161.21 106.56
C PRO P 584 -136.46 -162.41 105.91
N TRP P 585 -136.69 -162.55 104.63
CA TRP P 585 -136.05 -163.61 103.92
C TRP P 585 -135.90 -163.27 102.46
N SER P 586 -134.83 -163.80 101.88
CA SER P 586 -134.49 -163.55 100.50
C SER P 586 -135.36 -164.28 99.52
N ALA P 587 -135.96 -163.46 98.67
CA ALA P 587 -136.88 -163.90 97.67
C ALA P 587 -136.33 -163.78 96.24
N TYR P 588 -136.93 -164.60 95.39
CA TYR P 588 -136.56 -164.61 94.01
C TYR P 588 -137.74 -164.79 93.07
N GLY P 589 -137.44 -165.08 91.82
CA GLY P 589 -138.46 -165.27 90.82
C GLY P 589 -139.60 -166.12 91.33
N GLY P 590 -140.81 -165.61 91.07
CA GLY P 590 -142.07 -166.25 91.44
C GLY P 590 -142.49 -166.04 92.88
N ASP P 591 -141.60 -165.51 93.69
CA ASP P 591 -141.85 -165.27 95.10
C ASP P 591 -142.91 -164.21 95.37
N PHE P 592 -143.36 -163.50 94.32
CA PHE P 592 -144.38 -162.48 94.46
C PHE P 592 -145.57 -162.89 93.65
N GLY P 593 -145.62 -164.17 93.35
CA GLY P 593 -146.70 -164.68 92.54
C GLY P 593 -146.55 -164.17 91.12
N ASP P 594 -145.38 -163.53 90.89
CA ASP P 594 -145.04 -162.97 89.60
C ASP P 594 -144.95 -164.09 88.61
N THR P 595 -145.66 -163.90 87.52
CA THR P 595 -145.69 -164.86 86.45
C THR P 595 -145.79 -164.14 85.12
N PRO P 596 -145.01 -164.65 84.15
CA PRO P 596 -144.16 -165.82 84.35
C PRO P 596 -142.85 -165.42 85.04
N ASN P 597 -142.07 -166.38 85.44
CA ASN P 597 -140.84 -165.96 86.08
C ASN P 597 -139.70 -166.93 85.84
N ASP P 598 -138.49 -166.47 86.19
CA ASP P 598 -137.27 -167.23 86.00
C ASP P 598 -136.53 -167.63 87.27
N ARG P 599 -137.29 -167.95 88.30
CA ARG P 599 -136.75 -168.40 89.56
C ARG P 599 -135.48 -167.71 90.03
N GLN P 600 -134.47 -168.55 90.36
CA GLN P 600 -133.16 -168.13 90.87
C GLN P 600 -132.27 -167.42 89.86
N PHE P 601 -132.68 -167.47 88.59
CA PHE P 601 -131.88 -166.84 87.59
C PHE P 601 -131.46 -165.43 87.89
N CYS P 602 -132.20 -164.75 88.74
CA CYS P 602 -131.85 -163.39 89.10
C CYS P 602 -130.69 -163.41 90.10
N MET P 603 -130.23 -164.61 90.45
CA MET P 603 -129.14 -164.68 91.41
C MET P 603 -127.83 -165.20 90.85
N ASN P 604 -126.95 -164.26 90.47
CA ASN P 604 -125.69 -164.68 89.90
C ASN P 604 -124.50 -163.89 90.39
N GLY P 605 -124.61 -163.28 91.55
CA GLY P 605 -123.55 -162.43 92.01
C GLY P 605 -122.46 -163.09 92.78
N LEU P 606 -121.42 -162.29 92.94
CA LEU P 606 -120.28 -162.69 93.70
C LEU P 606 -120.54 -162.36 95.17
N VAL P 607 -121.53 -161.53 95.38
CA VAL P 607 -121.94 -161.18 96.70
C VAL P 607 -123.43 -161.27 96.82
N PHE P 608 -123.79 -161.41 98.06
CA PHE P 608 -125.16 -161.46 98.43
C PHE P 608 -125.68 -160.03 98.36
N ALA P 609 -126.99 -159.91 98.18
CA ALA P 609 -127.57 -158.57 98.09
C ALA P 609 -127.13 -157.65 99.22
N ASP P 610 -126.91 -158.21 100.40
CA ASP P 610 -126.48 -157.42 101.53
C ASP P 610 -125.04 -157.03 101.38
N ARG P 611 -124.50 -157.53 100.28
CA ARG P 611 -123.12 -157.29 99.99
C ARG P 611 -122.21 -158.15 100.82
N THR P 612 -122.67 -159.36 101.00
CA THR P 612 -121.81 -160.28 101.65
C THR P 612 -121.45 -161.27 100.62
N PRO P 613 -120.17 -161.42 100.59
CA PRO P 613 -119.43 -162.24 99.71
C PRO P 613 -119.85 -163.67 99.68
N HIS P 614 -119.74 -164.20 98.50
CA HIS P 614 -119.89 -165.58 98.24
C HIS P 614 -118.44 -166.05 98.28
N PRO P 615 -118.24 -167.32 98.46
CA PRO P 615 -116.86 -167.76 98.54
C PRO P 615 -116.11 -167.51 97.22
N ALA P 616 -116.82 -167.61 96.12
CA ALA P 616 -116.21 -167.42 94.82
C ALA P 616 -115.38 -166.14 94.73
N LEU P 617 -115.86 -165.12 95.38
CA LEU P 617 -115.21 -163.86 95.35
C LEU P 617 -113.72 -163.97 95.56
N THR P 618 -113.40 -164.85 96.44
CA THR P 618 -112.01 -165.04 96.77
C THR P 618 -111.18 -165.57 95.64
N GLU P 619 -111.74 -166.57 94.97
CA GLU P 619 -111.03 -167.12 93.85
C GLU P 619 -110.74 -165.96 92.93
N ALA P 620 -111.76 -165.14 92.75
CA ALA P 620 -111.55 -164.00 91.87
C ALA P 620 -110.42 -163.11 92.31
N LYS P 621 -110.51 -162.72 93.54
CA LYS P 621 -109.49 -161.84 94.05
C LYS P 621 -108.12 -162.41 93.80
N HIS P 622 -107.97 -163.66 94.10
CA HIS P 622 -106.68 -164.30 93.94
C HIS P 622 -106.20 -164.30 92.50
N GLN P 623 -107.05 -164.80 91.58
CA GLN P 623 -106.70 -164.85 90.18
C GLN P 623 -106.42 -163.47 89.60
N GLN P 624 -106.99 -162.43 90.20
CA GLN P 624 -106.81 -161.12 89.66
C GLN P 624 -105.69 -160.35 90.29
N GLN P 625 -104.98 -160.95 91.21
CA GLN P 625 -103.93 -160.18 91.84
C GLN P 625 -103.00 -159.50 90.89
N PHE P 626 -102.45 -158.40 91.35
CA PHE P 626 -101.55 -157.61 90.56
C PHE P 626 -100.14 -158.06 90.67
N PHE P 627 -99.86 -159.04 91.51
CA PHE P 627 -98.49 -159.49 91.61
C PHE P 627 -98.39 -160.93 91.35
N GLN P 628 -97.35 -161.31 90.65
CA GLN P 628 -97.14 -162.69 90.35
C GLN P 628 -95.79 -163.16 90.81
N PHE P 629 -95.80 -164.37 91.37
CA PHE P 629 -94.63 -164.99 91.93
C PHE P 629 -94.12 -166.23 91.28
N ARG P 630 -92.81 -166.33 91.36
CA ARG P 630 -92.09 -167.45 90.87
C ARG P 630 -91.10 -167.82 91.92
N LEU P 631 -90.98 -169.10 92.09
CA LEU P 631 -90.07 -169.58 93.07
C LEU P 631 -88.96 -170.36 92.46
N SER P 632 -87.76 -169.95 92.76
CA SER P 632 -86.62 -170.68 92.26
C SER P 632 -85.59 -170.88 93.33
N GLY P 633 -85.55 -172.11 93.79
CA GLY P 633 -84.63 -172.40 94.85
C GLY P 633 -84.97 -171.55 96.06
N GLN P 634 -84.12 -170.61 96.41
CA GLN P 634 -84.41 -169.82 97.59
C GLN P 634 -84.84 -168.44 97.18
N THR P 635 -85.09 -168.31 95.89
CA THR P 635 -85.45 -167.04 95.40
C THR P 635 -86.85 -166.90 94.93
N ILE P 636 -87.42 -165.81 95.37
CA ILE P 636 -88.71 -165.52 94.90
C ILE P 636 -88.67 -164.43 93.90
N GLU P 637 -89.28 -164.70 92.77
CA GLU P 637 -89.35 -163.70 91.75
C GLU P 637 -90.72 -163.06 91.75
N VAL P 638 -90.71 -161.73 91.80
CA VAL P 638 -91.96 -161.04 91.83
C VAL P 638 -92.15 -160.21 90.63
N THR P 639 -93.36 -160.28 90.11
CA THR P 639 -93.67 -159.53 88.94
C THR P 639 -94.88 -158.69 89.15
N SER P 640 -94.78 -157.43 88.68
CA SER P 640 -95.80 -156.42 88.81
C SER P 640 -96.66 -156.35 87.58
N GLU P 641 -97.96 -156.41 87.82
CA GLU P 641 -98.90 -156.27 86.75
C GLU P 641 -99.48 -154.88 86.78
N TYR P 642 -98.81 -153.98 87.50
CA TYR P 642 -99.27 -152.62 87.48
C TYR P 642 -98.64 -151.96 86.26
N LEU P 643 -99.37 -151.08 85.62
CA LEU P 643 -98.86 -150.45 84.42
C LEU P 643 -98.28 -149.13 84.76
N PHE P 644 -98.82 -148.54 85.80
CA PHE P 644 -98.41 -147.22 86.16
C PHE P 644 -97.83 -147.04 87.52
N ARG P 645 -98.20 -147.82 88.52
CA ARG P 645 -97.59 -147.50 89.80
C ARG P 645 -96.44 -148.32 90.23
N HIS P 646 -95.82 -147.81 91.26
CA HIS P 646 -94.72 -148.50 91.84
C HIS P 646 -95.19 -149.15 93.13
N SER P 647 -94.59 -150.27 93.56
CA SER P 647 -95.03 -150.96 94.77
C SER P 647 -94.79 -150.12 95.99
N ASP P 648 -95.43 -149.00 96.06
CA ASP P 648 -95.17 -148.12 97.16
C ASP P 648 -96.00 -148.29 98.42
N ASN P 649 -96.74 -149.37 98.54
CA ASN P 649 -97.48 -149.59 99.77
C ASN P 649 -97.55 -151.08 99.92
N GLU P 650 -96.38 -151.66 99.72
CA GLU P 650 -96.32 -153.09 99.73
C GLU P 650 -95.26 -153.78 100.56
N LEU P 651 -95.82 -154.64 101.37
CA LEU P 651 -95.05 -155.50 102.21
C LEU P 651 -95.25 -156.95 101.89
N LEU P 652 -94.14 -157.62 101.78
CA LEU P 652 -94.22 -159.01 101.51
C LEU P 652 -93.90 -159.87 102.71
N HIS P 653 -94.89 -160.59 103.20
CA HIS P 653 -94.66 -161.46 104.32
C HIS P 653 -94.52 -162.87 103.87
N TRP P 654 -93.51 -163.55 104.35
CA TRP P 654 -93.40 -164.92 103.95
C TRP P 654 -93.29 -165.78 105.16
N MET P 655 -93.47 -167.06 104.96
CA MET P 655 -93.38 -167.95 106.08
C MET P 655 -93.46 -169.42 105.76
N VAL P 656 -92.73 -170.18 106.56
CA VAL P 656 -92.60 -171.60 106.40
C VAL P 656 -93.19 -172.43 107.50
N ALA P 657 -93.88 -173.49 107.11
CA ALA P 657 -94.49 -174.35 108.08
C ALA P 657 -94.51 -175.79 107.67
N LEU P 658 -94.47 -176.61 108.70
CA LEU P 658 -94.46 -178.02 108.56
C LEU P 658 -95.78 -178.51 108.99
N ASP P 659 -96.53 -179.07 108.07
CA ASP P 659 -97.86 -179.50 108.43
C ASP P 659 -98.58 -178.50 109.32
N GLY P 660 -98.41 -177.22 109.04
CA GLY P 660 -99.13 -176.27 109.86
C GLY P 660 -98.28 -175.68 110.94
N LYS P 661 -97.12 -176.25 111.17
CA LYS P 661 -96.28 -175.71 112.19
C LYS P 661 -95.26 -174.82 111.56
N PRO P 662 -95.42 -173.60 111.94
CA PRO P 662 -94.64 -172.47 111.51
C PRO P 662 -93.25 -172.61 112.02
N LEU P 663 -92.30 -172.46 111.15
CA LEU P 663 -90.94 -172.58 111.54
C LEU P 663 -90.17 -171.32 111.29
N ALA P 664 -90.68 -170.47 110.41
CA ALA P 664 -89.99 -169.23 110.07
C ALA P 664 -90.89 -168.31 109.32
N SER P 665 -90.69 -167.02 109.58
CA SER P 665 -91.43 -165.94 108.98
C SER P 665 -90.48 -164.88 108.60
N GLY P 666 -90.92 -164.02 107.70
CA GLY P 666 -90.10 -162.94 107.23
C GLY P 666 -90.95 -161.84 106.66
N GLU P 667 -90.34 -160.68 106.58
CA GLU P 667 -91.02 -159.54 106.04
C GLU P 667 -90.17 -158.80 105.07
N VAL P 668 -90.67 -158.57 103.89
CA VAL P 668 -89.89 -157.82 102.97
C VAL P 668 -90.70 -156.88 102.14
N PRO P 669 -90.21 -155.69 102.19
CA PRO P 669 -90.76 -154.56 101.49
C PRO P 669 -90.50 -154.71 100.01
N LEU P 670 -91.56 -154.46 99.26
CA LEU P 670 -91.52 -154.53 97.82
C LEU P 670 -91.10 -153.25 97.15
N ASP P 671 -90.34 -153.45 96.11
CA ASP P 671 -89.87 -152.35 95.32
C ASP P 671 -89.93 -152.74 93.87
N VAL P 672 -91.10 -152.63 93.27
CA VAL P 672 -91.23 -153.01 91.89
C VAL P 672 -91.93 -152.00 91.04
N ALA P 673 -91.26 -151.76 89.93
CA ALA P 673 -91.81 -150.86 88.97
C ALA P 673 -92.89 -151.55 88.18
N PRO P 674 -93.86 -150.76 87.78
CA PRO P 674 -94.91 -151.30 86.97
C PRO P 674 -94.24 -152.16 85.94
N GLN P 675 -94.80 -153.34 85.79
CA GLN P 675 -94.31 -154.30 84.85
C GLN P 675 -92.92 -154.78 85.11
N GLY P 676 -92.41 -154.56 86.30
CA GLY P 676 -91.08 -155.02 86.59
C GLY P 676 -91.04 -156.27 87.46
N LYS P 677 -89.81 -156.70 87.70
CA LYS P 677 -89.52 -157.86 88.51
C LYS P 677 -88.67 -157.53 89.71
N GLN P 678 -88.86 -158.25 90.80
CA GLN P 678 -88.07 -158.06 91.99
C GLN P 678 -87.67 -159.44 92.48
N LEU P 679 -86.39 -159.54 92.82
CA LEU P 679 -85.85 -160.79 93.30
C LEU P 679 -85.77 -160.88 94.78
N ILE P 680 -86.23 -162.00 95.27
CA ILE P 680 -86.18 -162.08 96.67
C ILE P 680 -85.46 -163.24 97.18
N GLU P 681 -84.41 -162.86 97.86
CA GLU P 681 -83.49 -163.79 98.45
C GLU P 681 -83.87 -164.31 99.79
N LEU P 682 -83.99 -165.60 99.83
CA LEU P 682 -84.36 -166.20 101.06
C LEU P 682 -83.21 -166.64 101.92
N PRO P 683 -83.39 -166.32 103.17
CA PRO P 683 -82.47 -166.71 104.20
C PRO P 683 -82.51 -168.21 104.21
N GLU P 684 -81.46 -168.81 104.70
CA GLU P 684 -81.43 -170.24 104.74
C GLU P 684 -82.63 -170.85 105.42
N LEU P 685 -83.18 -171.80 104.71
CA LEU P 685 -84.35 -172.45 105.19
C LEU P 685 -84.07 -173.64 106.01
N PRO P 686 -84.98 -173.81 106.92
CA PRO P 686 -84.99 -174.87 107.88
C PRO P 686 -85.20 -176.22 107.22
N GLN P 687 -84.51 -177.23 107.76
CA GLN P 687 -84.63 -178.57 107.22
C GLN P 687 -85.00 -179.57 108.28
N PRO P 688 -86.24 -179.45 108.70
CA PRO P 688 -86.85 -180.31 109.69
C PRO P 688 -86.62 -181.78 109.38
N GLU P 689 -86.60 -182.54 110.43
CA GLU P 689 -86.38 -183.96 110.31
C GLU P 689 -87.67 -184.70 110.23
N SER P 690 -88.53 -184.27 111.13
CA SER P 690 -89.88 -184.76 111.31
C SER P 690 -90.56 -184.99 109.98
N ALA P 691 -91.50 -185.89 109.98
CA ALA P 691 -92.17 -186.16 108.76
C ALA P 691 -93.24 -185.14 108.54
N GLY P 692 -93.55 -184.94 107.26
CA GLY P 692 -94.56 -183.98 106.88
C GLY P 692 -94.21 -183.19 105.64
N GLN P 693 -95.14 -182.31 105.30
CA GLN P 693 -95.07 -181.43 104.16
C GLN P 693 -94.63 -180.06 104.57
N LEU P 694 -93.62 -179.62 103.88
CA LEU P 694 -93.08 -178.33 104.12
C LEU P 694 -93.61 -177.33 103.11
N TRP P 695 -94.21 -176.28 103.59
CA TRP P 695 -94.77 -175.32 102.67
C TRP P 695 -94.41 -173.89 102.90
N LEU P 696 -94.21 -173.22 101.77
CA LEU P 696 -93.89 -171.84 101.79
C LEU P 696 -95.06 -170.96 101.39
N THR P 697 -95.29 -169.92 102.17
CA THR P 697 -96.35 -169.02 101.83
C THR P 697 -96.01 -167.56 101.91
N VAL P 698 -96.40 -166.84 100.85
CA VAL P 698 -96.21 -165.40 100.79
C VAL P 698 -97.52 -164.64 100.70
N ARG P 699 -97.48 -163.47 101.30
CA ARG P 699 -98.60 -162.59 101.32
C ARG P 699 -98.17 -161.17 101.06
N VAL P 700 -99.07 -160.41 100.49
CA VAL P 700 -98.75 -159.03 100.24
C VAL P 700 -99.65 -158.12 101.01
N VAL P 701 -98.95 -157.26 101.76
CA VAL P 701 -99.67 -156.35 102.56
C VAL P 701 -99.44 -154.90 102.36
N GLN P 702 -100.56 -154.22 102.55
CA GLN P 702 -100.65 -152.80 102.47
C GLN P 702 -100.69 -152.22 103.84
N PRO P 703 -99.50 -151.84 104.25
CA PRO P 703 -99.23 -151.26 105.52
C PRO P 703 -100.11 -150.07 105.79
N ASN P 704 -100.15 -149.13 104.85
CA ASN P 704 -100.96 -147.94 105.04
C ASN P 704 -102.32 -148.03 104.41
N ALA P 705 -103.31 -147.43 105.04
CA ALA P 705 -104.62 -147.50 104.43
C ALA P 705 -104.68 -146.63 103.21
N THR P 706 -105.72 -146.83 102.43
CA THR P 706 -105.94 -146.09 101.21
C THR P 706 -107.35 -145.66 101.22
N ALA P 707 -107.68 -144.96 100.17
CA ALA P 707 -109.02 -144.50 100.10
C ALA P 707 -109.98 -145.62 99.98
N TRP P 708 -109.49 -146.78 99.58
CA TRP P 708 -110.44 -147.86 99.41
C TRP P 708 -110.09 -149.05 100.20
N SER P 709 -109.04 -148.92 100.99
CA SER P 709 -108.61 -150.03 101.78
C SER P 709 -108.00 -149.60 103.10
N GLU P 710 -108.18 -150.49 104.07
CA GLU P 710 -107.67 -150.35 105.42
C GLU P 710 -106.20 -150.63 105.50
N ALA P 711 -105.64 -150.29 106.63
CA ALA P 711 -104.25 -150.63 106.69
C ALA P 711 -104.13 -152.09 106.95
N GLY P 712 -103.04 -152.67 106.49
CA GLY P 712 -102.86 -154.10 106.66
C GLY P 712 -103.71 -154.95 105.72
N HIS P 713 -104.10 -154.38 104.60
CA HIS P 713 -104.88 -155.12 103.66
C HIS P 713 -104.02 -156.12 102.91
N ILE P 714 -104.60 -157.31 102.70
CA ILE P 714 -103.90 -158.34 101.94
C ILE P 714 -104.30 -158.25 100.50
N SER P 715 -103.34 -158.02 99.64
CA SER P 715 -103.69 -157.88 98.25
C SER P 715 -103.33 -159.05 97.39
N ALA P 716 -102.44 -159.88 97.89
CA ALA P 716 -102.06 -161.01 97.07
C ALA P 716 -101.35 -162.07 97.87
N TRP P 717 -101.48 -163.28 97.39
CA TRP P 717 -100.78 -164.32 98.05
C TRP P 717 -100.46 -165.44 97.13
N GLN P 718 -99.59 -166.30 97.61
CA GLN P 718 -99.20 -167.45 96.84
C GLN P 718 -98.46 -168.44 97.70
N GLN P 719 -98.64 -169.72 97.39
CA GLN P 719 -97.93 -170.65 98.22
C GLN P 719 -97.25 -171.80 97.47
N TRP P 720 -96.23 -172.40 98.06
CA TRP P 720 -95.57 -173.51 97.41
C TRP P 720 -95.21 -174.64 98.35
N ARG P 721 -95.13 -175.85 97.81
CA ARG P 721 -94.77 -176.95 98.67
C ARG P 721 -93.30 -177.21 98.55
N LEU P 722 -92.57 -176.98 99.61
CA LEU P 722 -91.15 -177.14 99.52
C LEU P 722 -90.67 -178.54 99.55
N ALA P 723 -91.08 -179.29 100.52
CA ALA P 723 -90.61 -180.64 100.57
C ALA P 723 -91.58 -181.54 101.25
N GLU P 724 -91.14 -182.78 101.28
CA GLU P 724 -91.90 -183.83 101.89
C GLU P 724 -91.03 -184.83 102.55
N ASN P 725 -91.40 -185.19 103.75
CA ASN P 725 -90.66 -186.19 104.47
C ASN P 725 -91.60 -187.31 104.70
N LEU P 726 -91.47 -188.34 103.91
CA LEU P 726 -92.34 -189.49 104.05
C LEU P 726 -92.13 -190.16 105.39
N SER P 727 -93.22 -190.57 106.02
CA SER P 727 -93.12 -191.22 107.31
C SER P 727 -92.88 -192.70 107.20
N VAL P 728 -91.75 -193.10 107.75
CA VAL P 728 -91.37 -194.48 107.71
C VAL P 728 -91.55 -195.12 109.06
N THR P 729 -92.35 -194.51 109.87
CA THR P 729 -92.45 -195.13 111.15
C THR P 729 -93.57 -196.08 111.30
N LEU P 730 -93.37 -196.86 112.34
CA LEU P 730 -94.27 -197.88 112.73
C LEU P 730 -94.87 -197.59 114.06
N PRO P 731 -96.13 -197.96 114.06
CA PRO P 731 -96.99 -197.88 115.20
C PRO P 731 -96.43 -198.86 116.22
N ALA P 732 -96.26 -198.35 117.43
CA ALA P 732 -95.75 -199.21 118.48
C ALA P 732 -96.80 -200.28 118.81
N ALA P 733 -96.31 -201.36 119.41
CA ALA P 733 -97.18 -202.45 119.78
C ALA P 733 -98.26 -202.04 120.76
N SER P 734 -99.34 -202.80 120.68
CA SER P 734 -100.49 -202.65 121.52
C SER P 734 -100.44 -203.81 122.47
N HIS P 735 -100.98 -203.61 123.66
CA HIS P 735 -100.92 -204.69 124.61
C HIS P 735 -102.11 -205.60 124.51
N ALA P 736 -102.97 -205.27 123.57
CA ALA P 736 -104.14 -206.08 123.43
C ALA P 736 -104.69 -205.96 122.07
N ILE P 737 -105.70 -206.74 121.82
CA ILE P 737 -106.30 -206.68 120.54
C ILE P 737 -107.78 -206.80 120.63
N PRO P 738 -108.41 -206.13 119.71
CA PRO P 738 -109.84 -206.10 119.69
C PRO P 738 -110.42 -207.48 119.80
N HIS P 739 -111.61 -207.48 120.31
CA HIS P 739 -112.24 -208.72 120.50
C HIS P 739 -113.52 -208.80 119.70
N LEU P 740 -113.48 -209.73 118.76
CA LEU P 740 -114.58 -209.95 117.85
C LEU P 740 -115.70 -210.75 118.46
N THR P 741 -116.90 -210.63 117.94
CA THR P 741 -118.01 -211.35 118.49
C THR P 741 -119.11 -211.45 117.48
N THR P 742 -119.34 -212.65 117.00
CA THR P 742 -120.37 -212.81 116.01
C THR P 742 -121.72 -212.90 116.64
N SER P 743 -122.72 -212.79 115.79
CA SER P 743 -124.11 -212.85 116.14
C SER P 743 -124.84 -213.08 114.84
N GLU P 744 -126.13 -213.15 114.85
CA GLU P 744 -126.75 -213.37 113.58
C GLU P 744 -126.83 -212.12 112.78
N MET P 745 -127.13 -211.07 113.54
CA MET P 745 -127.34 -209.76 113.03
C MET P 745 -126.09 -209.00 112.87
N ASP P 746 -125.07 -209.41 113.59
CA ASP P 746 -123.92 -208.59 113.40
C ASP P 746 -122.66 -209.12 113.96
N PHE P 747 -121.70 -208.23 113.87
CA PHE P 747 -120.38 -208.49 114.35
C PHE P 747 -120.02 -207.46 115.39
N CME P 748 -119.40 -207.88 116.50
CA CME P 748 -119.03 -206.94 117.52
CB CME P 748 -119.74 -207.01 118.84
SG CME P 748 -121.12 -205.91 118.67
SD CME P 748 -120.86 -204.41 119.90
CE CME P 748 -122.63 -204.01 119.99
CZ CME P 748 -123.12 -203.80 121.44
OH CME P 748 -124.33 -204.53 121.67
C CME P 748 -117.61 -206.81 117.82
O CME P 748 -116.94 -207.73 118.26
N ILE P 749 -117.17 -205.62 117.64
CA ILE P 749 -115.79 -205.42 117.95
C ILE P 749 -115.69 -204.57 119.16
N GLU P 750 -114.93 -205.08 120.09
CA GLU P 750 -114.75 -204.40 121.32
C GLU P 750 -113.32 -204.21 121.66
N LEU P 751 -113.06 -203.13 122.35
CA LEU P 751 -111.74 -202.80 122.80
C LEU P 751 -111.82 -201.72 123.84
N GLY P 752 -111.81 -202.11 125.09
CA GLY P 752 -111.92 -201.12 126.14
C GLY P 752 -113.34 -200.61 126.14
N ASN P 753 -113.45 -199.30 126.32
CA ASN P 753 -114.73 -198.63 126.29
C ASN P 753 -115.27 -198.55 124.87
N LYS P 754 -114.36 -198.71 123.91
CA LYS P 754 -114.73 -198.64 122.53
C LYS P 754 -115.37 -199.91 121.99
N ARG P 755 -116.39 -199.69 121.17
CA ARG P 755 -117.15 -200.74 120.53
C ARG P 755 -117.66 -200.32 119.16
N TRP P 756 -117.61 -201.26 118.22
CA TRP P 756 -118.06 -201.01 116.88
C TRP P 756 -118.99 -202.09 116.42
N GLN P 757 -120.04 -201.72 115.76
CA GLN P 757 -120.88 -202.77 115.28
C GLN P 757 -121.23 -202.73 113.79
N PHE P 758 -121.14 -203.89 113.15
CA PHE P 758 -121.48 -203.95 111.74
C PHE P 758 -122.69 -204.79 111.49
N ASN P 759 -123.72 -204.20 110.92
CA ASN P 759 -124.91 -204.96 110.64
C ASN P 759 -124.66 -205.94 109.52
N ARG P 760 -124.98 -207.17 109.79
CA ARG P 760 -124.76 -208.22 108.83
C ARG P 760 -125.73 -208.24 107.69
N GLN P 761 -126.82 -207.55 107.81
CA GLN P 761 -127.68 -207.64 106.66
C GLN P 761 -127.34 -206.57 105.66
N SER P 762 -127.01 -205.40 106.18
CA SER P 762 -126.73 -204.25 105.36
C SER P 762 -125.29 -204.22 104.97
N GLY P 763 -124.48 -204.82 105.81
CA GLY P 763 -123.09 -204.75 105.52
C GLY P 763 -122.47 -203.41 105.93
N PHE P 764 -123.13 -202.58 106.72
CA PHE P 764 -122.47 -201.36 107.10
C PHE P 764 -122.15 -201.27 108.53
N LEU P 765 -121.25 -200.36 108.82
CA LEU P 765 -120.91 -200.08 110.18
C LEU P 765 -122.09 -199.30 110.67
N SER P 766 -122.91 -199.95 111.48
CA SER P 766 -124.16 -199.39 112.00
C SER P 766 -124.06 -198.54 113.23
N GLN P 767 -123.14 -198.82 114.12
CA GLN P 767 -123.06 -198.00 115.29
C GLN P 767 -121.75 -198.17 115.94
N MET P 768 -121.44 -197.23 116.78
CA MET P 768 -120.25 -197.33 117.49
C MET P 768 -120.37 -196.55 118.76
N TRP P 769 -119.71 -197.03 119.81
CA TRP P 769 -119.80 -196.41 121.11
C TRP P 769 -118.51 -196.08 121.71
N ILE P 770 -118.58 -195.08 122.51
CA ILE P 770 -117.46 -194.71 123.33
C ILE P 770 -118.07 -194.67 124.67
N GLY P 771 -117.69 -195.66 125.47
CA GLY P 771 -118.33 -195.78 126.73
C GLY P 771 -119.72 -196.29 126.39
N ASP P 772 -120.71 -195.64 126.94
CA ASP P 772 -122.09 -196.01 126.75
C ASP P 772 -122.75 -195.07 125.76
N LYS P 773 -121.93 -194.25 125.12
CA LYS P 773 -122.45 -193.29 124.18
C LYS P 773 -122.39 -193.75 122.76
N LYS P 774 -123.57 -193.79 122.16
CA LYS P 774 -123.67 -194.15 120.77
C LYS P 774 -123.09 -192.98 120.00
N GLN P 775 -122.49 -193.24 118.85
CA GLN P 775 -121.89 -192.12 118.17
C GLN P 775 -122.53 -191.73 116.89
N LEU P 776 -123.34 -192.61 116.35
CA LEU P 776 -123.94 -192.27 115.09
C LEU P 776 -125.41 -192.34 115.09
N LEU P 777 -126.03 -191.41 114.39
CA LEU P 777 -127.45 -191.47 114.24
C LEU P 777 -127.77 -192.20 112.95
N THR P 778 -126.77 -192.33 112.12
CA THR P 778 -126.94 -192.99 110.85
C THR P 778 -125.70 -193.79 110.53
N PRO P 779 -125.90 -194.90 109.85
CA PRO P 779 -124.80 -195.76 109.46
C PRO P 779 -123.88 -195.14 108.39
N LEU P 780 -122.65 -195.58 108.42
CA LEU P 780 -121.65 -195.09 107.52
C LEU P 780 -121.84 -195.69 106.16
N ARG P 781 -122.08 -194.84 105.18
CA ARG P 781 -122.23 -195.39 103.87
C ARG P 781 -121.72 -194.64 102.68
N ASP P 782 -121.62 -195.45 101.62
CA ASP P 782 -121.12 -194.98 100.36
C ASP P 782 -122.06 -193.95 99.84
N GLN P 783 -121.52 -192.99 99.17
CA GLN P 783 -122.38 -191.98 98.61
C GLN P 783 -121.85 -191.58 97.27
N PHE P 784 -122.73 -191.55 96.29
CA PHE P 784 -122.31 -191.21 94.95
C PHE P 784 -122.93 -189.96 94.36
N THR P 785 -123.82 -189.31 95.09
CA THR P 785 -124.48 -188.16 94.52
C THR P 785 -124.26 -186.89 95.33
N ARG P 786 -124.84 -185.81 94.78
CA ARG P 786 -124.82 -184.55 95.47
C ARG P 786 -126.11 -183.78 95.27
N ALA P 787 -126.39 -182.87 96.21
CA ALA P 787 -127.54 -182.00 96.10
C ALA P 787 -127.12 -181.01 95.04
N PRO P 788 -127.73 -181.20 93.87
CA PRO P 788 -127.47 -180.46 92.67
C PRO P 788 -127.19 -179.00 92.82
N LEU P 789 -126.17 -178.57 92.11
CA LEU P 789 -125.85 -177.18 92.09
C LEU P 789 -126.70 -176.54 91.03
N ASP P 790 -126.71 -175.23 91.07
CA ASP P 790 -127.44 -174.51 90.07
C ASP P 790 -126.95 -174.96 88.71
N ASN P 791 -125.65 -175.02 88.61
CA ASN P 791 -124.99 -175.47 87.41
C ASN P 791 -125.40 -176.91 87.06
N ASP P 792 -125.64 -177.75 88.06
CA ASP P 792 -126.02 -179.11 87.73
C ASP P 792 -127.40 -179.21 87.11
N ILE P 793 -128.19 -178.17 87.38
CA ILE P 793 -129.56 -178.10 86.94
C ILE P 793 -129.78 -177.35 85.65
N GLY P 794 -129.14 -176.19 85.58
CA GLY P 794 -129.26 -175.36 84.41
C GLY P 794 -130.65 -174.83 84.26
N VAL P 795 -131.26 -175.17 83.14
CA VAL P 795 -132.60 -174.66 82.96
C VAL P 795 -133.64 -175.75 82.96
N SER P 796 -133.25 -176.89 83.47
CA SER P 796 -134.21 -177.96 83.51
C SER P 796 -135.34 -177.60 84.47
N GLU P 797 -136.53 -177.86 83.98
CA GLU P 797 -137.74 -177.59 84.72
C GLU P 797 -138.60 -178.82 84.70
N ALA P 798 -139.36 -178.94 85.77
CA ALA P 798 -140.27 -180.06 85.94
C ALA P 798 -141.15 -180.24 84.70
N THR P 799 -141.67 -179.11 84.26
CA THR P 799 -142.51 -179.02 83.10
C THR P 799 -141.68 -179.29 81.84
N ARG P 800 -140.56 -178.56 81.77
CA ARG P 800 -139.66 -178.61 80.65
C ARG P 800 -138.27 -179.03 81.05
N ILE P 801 -138.11 -180.33 81.04
CA ILE P 801 -136.87 -180.97 81.37
C ILE P 801 -135.78 -180.84 80.31
N ASP P 802 -134.53 -180.67 80.78
CA ASP P 802 -133.37 -180.59 79.93
C ASP P 802 -132.48 -181.81 80.14
N PRO P 803 -132.74 -182.76 79.28
CA PRO P 803 -132.08 -184.03 79.21
C PRO P 803 -130.57 -183.96 79.27
N ASN P 804 -129.95 -182.85 78.95
CA ASN P 804 -128.51 -182.90 79.06
C ASN P 804 -127.99 -182.43 80.37
N ALA P 805 -128.83 -181.81 81.15
CA ALA P 805 -128.37 -181.39 82.44
C ALA P 805 -127.92 -182.59 83.25
N TRP P 806 -126.82 -182.38 83.96
CA TRP P 806 -126.24 -183.39 84.78
C TRP P 806 -127.30 -184.01 85.65
N VAL P 807 -127.97 -183.13 86.33
CA VAL P 807 -129.00 -183.61 87.22
C VAL P 807 -129.97 -184.53 86.52
N GLU P 808 -130.32 -184.11 85.33
CA GLU P 808 -131.24 -184.87 84.54
C GLU P 808 -130.69 -186.24 84.26
N ARG P 809 -129.45 -186.26 83.89
CA ARG P 809 -128.85 -187.55 83.58
C ARG P 809 -128.70 -188.45 84.78
N TRP P 810 -128.29 -187.84 85.87
CA TRP P 810 -128.08 -188.58 87.05
C TRP P 810 -129.38 -189.23 87.47
N LYS P 811 -130.41 -188.42 87.34
CA LYS P 811 -131.74 -188.84 87.71
C LYS P 811 -132.13 -190.00 86.85
N ALA P 812 -132.07 -189.75 85.58
CA ALA P 812 -132.46 -190.78 84.67
C ALA P 812 -131.70 -192.06 84.85
N ALA P 813 -130.45 -191.93 85.28
CA ALA P 813 -129.63 -193.11 85.46
C ALA P 813 -130.00 -193.86 86.72
N GLY P 814 -130.74 -193.20 87.60
CA GLY P 814 -131.13 -193.86 88.81
C GLY P 814 -130.10 -193.66 89.88
N HIS P 815 -129.16 -192.77 89.62
CA HIS P 815 -128.14 -192.55 90.63
C HIS P 815 -128.75 -192.21 91.96
N TYR P 816 -129.74 -191.35 91.90
CA TYR P 816 -130.38 -190.89 93.09
C TYR P 816 -131.18 -191.93 93.76
N GLN P 817 -131.44 -193.04 93.09
CA GLN P 817 -132.24 -194.00 93.79
C GLN P 817 -131.83 -195.45 93.64
N ALA P 818 -130.55 -195.65 93.45
CA ALA P 818 -130.11 -197.00 93.30
C ALA P 818 -130.09 -197.63 94.64
N GLU P 819 -130.22 -198.92 94.56
CA GLU P 819 -130.28 -199.80 95.67
C GLU P 819 -129.03 -200.59 95.87
N ALA P 820 -128.49 -200.43 97.07
CA ALA P 820 -127.30 -201.19 97.40
C ALA P 820 -127.64 -202.65 97.67
N ALA P 821 -126.71 -203.54 97.34
CA ALA P 821 -126.89 -204.96 97.56
C ALA P 821 -125.63 -205.60 98.14
N LEU P 822 -125.78 -206.25 99.29
CA LEU P 822 -124.61 -206.88 99.87
C LEU P 822 -124.17 -208.04 99.00
N LEU P 823 -122.94 -208.00 98.64
CA LEU P 823 -122.42 -209.08 97.87
C LEU P 823 -121.65 -209.96 98.80
N GLN P 824 -121.08 -209.32 99.82
CA GLN P 824 -120.29 -210.08 100.74
C GLN P 824 -119.84 -209.28 101.93
N CYS P 825 -119.74 -210.00 103.06
CA CYS P 825 -119.37 -209.38 104.31
C CYS P 825 -118.72 -210.38 105.20
N THR P 826 -117.45 -210.16 105.52
CA THR P 826 -116.77 -211.12 106.35
C THR P 826 -115.89 -210.50 107.40
N ALA P 827 -115.69 -211.31 108.43
CA ALA P 827 -114.88 -210.92 109.55
C ALA P 827 -113.81 -211.93 109.82
N ASP P 828 -112.68 -211.44 110.30
CA ASP P 828 -111.55 -212.30 110.52
C ASP P 828 -110.65 -211.74 111.58
N THR P 829 -110.05 -212.66 112.31
CA THR P 829 -109.15 -212.26 113.36
C THR P 829 -107.73 -212.52 113.01
N LEU P 830 -107.01 -211.44 113.05
CA LEU P 830 -105.63 -211.50 112.75
C LEU P 830 -104.87 -211.43 114.04
N ALA P 831 -103.59 -211.59 113.91
CA ALA P 831 -102.79 -211.55 115.08
C ALA P 831 -102.80 -210.23 115.76
N ASP P 832 -102.97 -209.15 115.01
CA ASP P 832 -102.89 -207.85 115.63
C ASP P 832 -104.07 -206.99 115.47
N ALA P 833 -105.09 -207.52 114.79
CA ALA P 833 -106.29 -206.77 114.61
C ALA P 833 -107.42 -207.61 114.10
N VAL P 834 -108.53 -206.93 113.92
CA VAL P 834 -109.68 -207.54 113.36
C VAL P 834 -109.94 -206.95 111.99
N LEU P 835 -110.33 -207.84 111.11
CA LEU P 835 -110.53 -207.46 109.76
C LEU P 835 -111.88 -207.77 109.21
N ILE P 836 -112.49 -206.73 108.67
CA ILE P 836 -113.79 -206.87 108.06
C ILE P 836 -113.76 -206.55 106.60
N THR P 837 -114.45 -207.36 105.83
CA THR P 837 -114.51 -207.02 104.43
C THR P 837 -115.91 -207.10 103.85
N THR P 838 -116.20 -206.12 103.01
CA THR P 838 -117.50 -206.06 102.40
C THR P 838 -117.43 -205.77 100.91
N ALA P 839 -118.57 -205.98 100.29
CA ALA P 839 -118.70 -205.74 98.89
C ALA P 839 -120.15 -205.51 98.59
N HIS P 840 -120.43 -204.36 98.00
CA HIS P 840 -121.79 -204.07 97.66
C HIS P 840 -121.91 -203.67 96.22
N ALA P 841 -123.15 -203.68 95.75
CA ALA P 841 -123.42 -203.27 94.41
C ALA P 841 -124.62 -202.36 94.34
N TRP P 842 -124.50 -201.24 93.65
CA TRP P 842 -125.67 -200.44 93.52
C TRP P 842 -126.27 -200.73 92.18
N GLN P 843 -127.54 -201.05 92.19
CA GLN P 843 -128.17 -201.32 90.93
C GLN P 843 -129.42 -200.57 90.71
N HIS P 844 -129.80 -200.60 89.46
CA HIS P 844 -130.99 -199.92 89.11
C HIS P 844 -131.56 -200.49 87.87
N GLN P 845 -132.74 -201.02 88.02
CA GLN P 845 -133.39 -201.64 86.92
C GLN P 845 -132.51 -202.67 86.24
N GLY P 846 -131.87 -203.50 87.07
CA GLY P 846 -131.05 -204.55 86.52
C GLY P 846 -129.64 -204.15 86.15
N LYS P 847 -129.37 -202.85 86.13
CA LYS P 847 -128.04 -202.48 85.82
C LYS P 847 -127.24 -202.19 87.06
N THR P 848 -125.99 -202.58 86.98
CA THR P 848 -125.11 -202.34 88.09
C THR P 848 -124.32 -201.06 87.81
N LEU P 849 -124.54 -200.04 88.64
CA LEU P 849 -123.85 -198.78 88.47
C LEU P 849 -122.52 -198.77 89.12
N PHE P 850 -122.51 -199.16 90.39
CA PHE P 850 -121.27 -199.17 91.10
C PHE P 850 -121.05 -200.38 91.92
N ILE P 851 -119.77 -200.55 92.20
CA ILE P 851 -119.35 -201.61 93.05
C ILE P 851 -118.38 -201.06 94.04
N SER P 852 -118.70 -201.32 95.28
CA SER P 852 -117.88 -200.84 96.35
C SER P 852 -117.34 -201.97 97.20
N ARG P 853 -116.03 -202.04 97.24
CA ARG P 853 -115.38 -203.06 98.02
C ARG P 853 -114.52 -202.45 99.10
N LYS P 854 -114.79 -202.85 100.34
CA LYS P 854 -114.02 -202.27 101.42
C LYS P 854 -113.41 -203.26 102.36
N THR P 855 -112.53 -202.71 103.20
CA THR P 855 -111.91 -203.41 104.29
C THR P 855 -111.78 -202.48 105.45
N TYR P 856 -112.13 -203.03 106.58
CA TYR P 856 -112.05 -202.28 107.79
C TYR P 856 -111.14 -203.03 108.69
N ARG P 857 -110.14 -202.32 109.18
CA ARG P 857 -109.22 -202.98 110.03
C ARG P 857 -108.93 -202.21 111.28
N ILE P 858 -109.34 -202.86 112.37
CA ILE P 858 -109.22 -202.32 113.70
C ILE P 858 -108.18 -203.01 114.50
N ASP P 859 -107.24 -202.21 114.94
CA ASP P 859 -106.16 -202.75 115.71
C ASP P 859 -106.29 -202.46 117.16
N GLY P 860 -105.25 -202.89 117.84
CA GLY P 860 -105.16 -202.74 119.27
C GLY P 860 -104.93 -201.31 119.69
N SER P 861 -104.67 -200.44 118.74
CA SER P 861 -104.48 -199.07 119.15
C SER P 861 -105.84 -198.38 119.14
N GLY P 862 -106.84 -199.08 118.63
CA GLY P 862 -108.18 -198.52 118.59
C GLY P 862 -108.44 -197.69 117.33
N GLN P 863 -107.61 -197.86 116.32
CA GLN P 863 -107.85 -197.12 115.12
C GLN P 863 -108.48 -197.97 114.08
N MET P 864 -109.32 -197.33 113.32
CA MET P 864 -109.97 -198.04 112.28
C MET P 864 -109.54 -197.52 110.93
N ALA P 865 -108.94 -198.41 110.18
CA ALA P 865 -108.47 -198.06 108.88
C ALA P 865 -109.43 -198.58 107.86
N ILE P 866 -109.82 -197.69 106.99
CA ILE P 866 -110.75 -198.04 105.98
C ILE P 866 -110.17 -197.92 104.62
N THR P 867 -110.56 -198.87 103.83
CA THR P 867 -110.08 -198.91 102.50
C THR P 867 -111.19 -199.14 101.54
N VAL P 868 -111.23 -198.24 100.56
CA VAL P 868 -112.27 -198.27 99.58
C VAL P 868 -111.82 -198.32 98.17
N ASP P 869 -112.42 -199.25 97.45
CA ASP P 869 -112.17 -199.40 96.05
C ASP P 869 -113.46 -199.52 95.31
N VAL P 870 -113.67 -198.57 94.40
CA VAL P 870 -114.88 -198.53 93.62
C VAL P 870 -114.70 -198.68 92.13
N GLU P 871 -115.73 -199.30 91.57
CA GLU P 871 -115.81 -199.50 90.15
C GLU P 871 -117.06 -198.82 89.68
N VAL P 872 -116.93 -198.08 88.58
CA VAL P 872 -118.04 -197.40 88.02
C VAL P 872 -118.31 -197.82 86.59
N ALA P 873 -119.54 -198.19 86.29
CA ALA P 873 -119.82 -198.58 84.92
C ALA P 873 -119.45 -197.48 83.98
N SER P 874 -118.74 -197.87 82.98
CA SER P 874 -118.30 -196.90 82.01
C SER P 874 -119.47 -196.30 81.30
N ASP P 875 -120.58 -197.00 81.29
CA ASP P 875 -121.65 -196.39 80.55
C ASP P 875 -122.63 -195.62 81.39
N THR P 876 -122.28 -195.37 82.62
CA THR P 876 -123.17 -194.55 83.38
C THR P 876 -122.57 -193.17 83.42
N PRO P 877 -123.38 -192.18 83.70
CA PRO P 877 -122.88 -190.82 83.77
C PRO P 877 -121.95 -190.66 84.93
N HIS P 878 -120.88 -189.92 84.73
CA HIS P 878 -119.98 -189.74 85.83
C HIS P 878 -120.70 -189.14 86.98
N PRO P 879 -120.47 -189.77 88.08
CA PRO P 879 -121.05 -189.43 89.36
C PRO P 879 -120.45 -188.18 89.91
N ALA P 880 -121.29 -187.48 90.65
CA ALA P 880 -120.94 -186.22 91.29
C ALA P 880 -119.81 -186.37 92.25
N ARG P 881 -119.79 -187.54 92.87
CA ARG P 881 -118.78 -187.76 93.87
C ARG P 881 -118.68 -189.21 94.27
N ILE P 882 -117.62 -189.47 95.02
CA ILE P 882 -117.30 -190.80 95.53
C ILE P 882 -116.77 -190.72 96.94
N GLY P 883 -117.65 -191.11 97.87
CA GLY P 883 -117.31 -191.04 99.25
C GLY P 883 -118.26 -191.76 100.16
N LEU P 884 -118.21 -191.29 101.38
CA LEU P 884 -119.03 -191.86 102.39
C LEU P 884 -119.68 -190.80 103.19
N ASN P 885 -120.68 -191.26 103.91
CA ASN P 885 -121.34 -190.34 104.78
C ASN P 885 -122.05 -191.00 105.94
N CYS P 886 -122.35 -190.13 106.87
CA CYS P 886 -123.06 -190.58 108.03
C CYS P 886 -123.48 -189.38 108.86
N GLN P 887 -124.43 -189.66 109.75
CA GLN P 887 -124.93 -188.66 110.63
C GLN P 887 -124.39 -188.90 112.00
N LEU P 888 -123.52 -188.02 112.42
CA LEU P 888 -122.97 -188.19 113.74
C LEU P 888 -123.93 -187.72 114.79
N ALA P 889 -123.96 -188.46 115.88
CA ALA P 889 -124.82 -188.09 116.98
C ALA P 889 -124.38 -186.81 117.68
N GLN P 890 -123.10 -186.60 117.74
CA GLN P 890 -122.58 -185.43 118.38
C GLN P 890 -122.74 -184.17 117.56
N VAL P 891 -122.59 -183.04 118.25
CA VAL P 891 -122.65 -181.74 117.65
C VAL P 891 -121.68 -180.81 118.36
N ALA P 892 -120.65 -180.33 117.69
CA ALA P 892 -119.67 -179.48 118.35
C ALA P 892 -119.61 -178.06 117.84
N GLU P 893 -118.77 -177.30 118.48
CA GLU P 893 -118.62 -175.89 118.21
C GLU P 893 -117.70 -175.54 117.06
N ARG P 894 -116.56 -176.16 117.10
CA ARG P 894 -115.54 -175.92 116.14
C ARG P 894 -115.24 -177.09 115.24
N VAL P 895 -114.50 -176.74 114.19
CA VAL P 895 -114.05 -177.66 113.20
C VAL P 895 -112.61 -177.32 112.91
N ASN P 896 -111.81 -178.34 112.94
CA ASN P 896 -110.42 -178.09 112.78
C ASN P 896 -109.86 -179.08 111.80
N TRP P 897 -109.14 -178.52 110.85
CA TRP P 897 -108.56 -179.36 109.85
C TRP P 897 -107.29 -178.84 109.29
N LEU P 898 -106.61 -179.79 108.72
CA LEU P 898 -105.38 -179.57 108.05
C LEU P 898 -105.60 -179.93 106.60
N GLY P 899 -105.70 -178.86 105.81
CA GLY P 899 -105.97 -178.96 104.41
C GLY P 899 -106.18 -177.59 103.80
N LEU P 900 -106.94 -177.57 102.71
CA LEU P 900 -107.20 -176.36 101.98
C LEU P 900 -108.22 -175.49 102.64
N GLY P 901 -107.86 -174.26 102.91
CA GLY P 901 -108.82 -173.41 103.57
C GLY P 901 -108.49 -171.95 103.41
N PRO P 902 -109.29 -171.15 104.06
CA PRO P 902 -110.35 -171.62 104.94
C PRO P 902 -111.70 -171.68 104.28
N GLN P 903 -111.87 -171.02 103.17
CA GLN P 903 -113.19 -171.08 102.58
C GLN P 903 -113.52 -172.30 101.77
N GLU P 904 -114.80 -172.43 101.52
CA GLU P 904 -115.36 -173.44 100.66
C GLU P 904 -114.50 -173.52 99.40
N ASN P 905 -114.12 -174.73 98.98
CA ASN P 905 -113.32 -174.89 97.79
C ASN P 905 -113.65 -176.17 97.07
N TYR P 906 -113.59 -176.10 95.77
CA TYR P 906 -113.88 -177.24 94.96
C TYR P 906 -112.74 -177.51 94.00
N PRO P 907 -112.77 -178.70 93.45
CA PRO P 907 -111.75 -179.18 92.56
C PRO P 907 -111.42 -178.20 91.48
N ASP P 908 -112.43 -177.67 90.82
CA ASP P 908 -112.17 -176.69 89.78
C ASP P 908 -112.26 -175.28 90.32
N ARG P 909 -112.24 -175.13 91.63
CA ARG P 909 -112.25 -173.78 92.19
C ARG P 909 -111.52 -173.80 93.50
N LEU P 910 -110.19 -173.86 93.46
CA LEU P 910 -109.48 -173.93 94.72
C LEU P 910 -108.12 -173.26 94.71
N THR P 911 -107.78 -172.62 93.64
CA THR P 911 -106.48 -171.99 93.63
C THR P 911 -106.35 -170.93 94.69
N ALA P 912 -107.43 -170.35 95.11
CA ALA P 912 -107.24 -169.31 96.09
C ALA P 912 -107.03 -169.82 97.49
N ALA P 913 -107.40 -171.07 97.69
CA ALA P 913 -107.30 -171.71 99.01
C ALA P 913 -105.88 -172.02 99.42
N CME P 914 -105.62 -172.11 100.73
CA CME P 914 -104.32 -172.42 101.22
CB CME P 914 -103.62 -171.25 101.85
SG CME P 914 -103.18 -170.05 100.59
SD CME P 914 -103.05 -168.49 101.87
CE CME P 914 -104.81 -168.12 102.24
CZ CME P 914 -104.90 -166.79 103.02
OH CME P 914 -103.59 -166.50 103.54
C CME P 914 -104.28 -173.61 102.09
O CME P 914 -105.23 -173.97 102.80
N PHE P 915 -103.16 -174.25 101.99
CA PHE P 915 -102.95 -175.44 102.75
C PHE P 915 -102.41 -175.09 104.10
N ASP P 916 -103.22 -175.29 105.11
CA ASP P 916 -102.76 -174.98 106.42
C ASP P 916 -103.65 -175.65 107.45
N ARG P 917 -103.53 -175.17 108.68
CA ARG P 917 -104.36 -175.67 109.73
C ARG P 917 -105.45 -174.68 109.99
N TRP P 918 -106.67 -175.12 109.80
CA TRP P 918 -107.78 -174.25 109.98
C TRP P 918 -108.66 -174.70 111.10
N ASP P 919 -109.22 -173.69 111.77
CA ASP P 919 -110.14 -173.93 112.86
C ASP P 919 -111.24 -172.93 112.76
N LEU P 920 -112.46 -173.42 112.60
CA LEU P 920 -113.61 -172.55 112.49
C LEU P 920 -114.78 -173.14 113.21
N PRO P 921 -115.76 -172.32 113.30
CA PRO P 921 -117.00 -172.68 113.91
C PRO P 921 -117.84 -173.32 112.87
N LEU P 922 -118.50 -174.33 113.35
CA LEU P 922 -119.35 -175.13 112.55
C LEU P 922 -120.18 -174.35 111.54
N SER P 923 -120.66 -173.23 112.02
CA SER P 923 -121.51 -172.38 111.20
C SER P 923 -120.81 -171.94 109.93
N ASP P 924 -119.51 -171.74 110.07
CA ASP P 924 -118.75 -171.29 108.96
C ASP P 924 -118.55 -172.39 107.95
N MET P 925 -118.87 -173.61 108.33
CA MET P 925 -118.68 -174.64 107.36
C MET P 925 -119.90 -174.79 106.46
N TYR P 926 -120.76 -173.77 106.49
CA TYR P 926 -121.95 -173.82 105.68
C TYR P 926 -122.11 -172.60 104.82
N THR P 927 -122.53 -172.86 103.58
CA THR P 927 -122.72 -171.81 102.62
C THR P 927 -124.18 -171.72 102.22
N PRO P 928 -124.73 -170.67 102.81
CA PRO P 928 -126.09 -170.17 102.74
C PRO P 928 -126.50 -169.63 101.38
N TYR P 929 -126.25 -170.43 100.38
CA TYR P 929 -126.70 -170.05 99.07
C TYR P 929 -128.20 -169.94 99.18
N VAL P 930 -128.75 -168.82 98.72
CA VAL P 930 -130.18 -168.63 98.81
C VAL P 930 -130.94 -169.86 98.31
N PHE P 931 -130.55 -170.30 97.14
CA PHE P 931 -131.15 -171.49 96.65
C PHE P 931 -130.17 -172.58 97.04
N PRO P 932 -130.61 -173.50 97.88
CA PRO P 932 -129.73 -174.48 98.46
C PRO P 932 -129.30 -175.65 97.60
N SER P 933 -128.07 -176.11 97.90
CA SER P 933 -127.40 -177.24 97.23
C SER P 933 -126.11 -177.69 97.94
N GLU P 934 -125.46 -178.74 97.39
CA GLU P 934 -124.20 -179.16 97.94
C GLU P 934 -123.32 -177.91 98.14
N ASN P 935 -122.60 -177.80 99.27
CA ASN P 935 -121.77 -176.63 99.50
C ASN P 935 -120.82 -176.84 100.65
N GLY P 936 -119.99 -175.85 100.88
CA GLY P 936 -119.05 -175.87 101.97
C GLY P 936 -117.88 -176.84 101.89
N LEU P 937 -117.75 -177.54 100.79
CA LEU P 937 -116.65 -178.45 100.71
C LEU P 937 -115.28 -177.80 100.89
N ARG P 938 -114.38 -178.60 101.43
CA ARG P 938 -112.97 -178.24 101.51
C ARG P 938 -112.18 -179.45 101.04
N CYS P 939 -111.25 -179.23 100.12
CA CYS P 939 -110.48 -180.32 99.56
C CYS P 939 -109.07 -180.37 100.11
N GLY P 940 -108.38 -181.41 99.65
CA GLY P 940 -107.00 -181.63 99.99
C GLY P 940 -106.76 -181.71 101.47
N THR P 941 -107.62 -182.44 102.13
CA THR P 941 -107.53 -182.57 103.54
C THR P 941 -106.86 -183.84 103.95
N ARG P 942 -106.04 -183.64 104.96
CA ARG P 942 -105.27 -184.72 105.48
C ARG P 942 -105.63 -185.17 106.87
N GLU P 943 -106.17 -184.23 107.65
CA GLU P 943 -106.59 -184.47 109.00
C GLU P 943 -107.79 -183.63 109.33
N LEU P 944 -108.80 -184.27 109.90
CA LEU P 944 -110.03 -183.62 110.27
C LEU P 944 -110.41 -184.00 111.67
N ASN P 945 -110.74 -182.96 112.45
CA ASN P 945 -111.12 -183.12 113.83
C ASN P 945 -112.43 -182.49 114.20
N TYR P 946 -113.31 -183.29 114.78
CA TYR P 946 -114.61 -182.82 115.24
C TYR P 946 -115.00 -183.64 116.44
N GLY P 947 -115.09 -182.95 117.56
CA GLY P 947 -115.38 -183.62 118.80
C GLY P 947 -114.19 -184.49 119.13
N PRO P 948 -114.51 -185.64 119.66
CA PRO P 948 -113.54 -186.65 120.02
C PRO P 948 -112.99 -187.34 118.79
N HIS P 949 -113.58 -187.07 117.63
CA HIS P 949 -113.13 -187.70 116.42
C HIS P 949 -112.05 -187.06 115.64
N GLN P 950 -111.40 -187.94 114.92
CA GLN P 950 -110.33 -187.58 114.05
C GLN P 950 -110.28 -188.48 112.83
N TRP P 951 -110.15 -187.84 111.68
CA TRP P 951 -110.02 -188.62 110.48
C TRP P 951 -108.76 -188.26 109.78
N ARG P 952 -108.17 -189.27 109.19
CA ARG P 952 -106.97 -189.06 108.46
C ARG P 952 -106.90 -189.76 107.17
N GLY P 953 -106.29 -189.03 106.27
CA GLY P 953 -106.09 -189.52 104.92
C GLY P 953 -105.83 -188.40 103.96
N ASP P 954 -106.50 -188.53 102.83
CA ASP P 954 -106.39 -187.54 101.82
C ASP P 954 -107.73 -187.41 101.16
N PHE P 955 -108.52 -186.47 101.63
CA PHE P 955 -109.85 -186.39 101.10
C PHE P 955 -110.34 -184.98 101.14
N GLN P 956 -111.60 -184.90 100.78
CA GLN P 956 -112.35 -183.66 100.82
C GLN P 956 -113.58 -183.96 101.60
N PHE P 957 -114.12 -182.92 102.23
CA PHE P 957 -115.30 -183.14 103.02
C PHE P 957 -116.07 -181.89 103.21
N ASN P 958 -117.23 -182.12 103.78
CA ASN P 958 -118.12 -181.09 104.23
C ASN P 958 -118.80 -181.59 105.48
N ILE P 959 -119.26 -180.64 106.27
CA ILE P 959 -119.91 -180.95 107.51
C ILE P 959 -120.92 -179.90 107.94
N SER P 960 -122.14 -180.35 108.20
CA SER P 960 -123.18 -179.41 108.58
C SER P 960 -124.32 -180.13 109.25
N ARG P 961 -125.45 -179.41 109.41
CA ARG P 961 -126.64 -179.99 110.01
C ARG P 961 -127.69 -180.28 109.01
N TYR P 962 -127.29 -180.33 107.76
CA TYR P 962 -128.31 -180.59 106.80
C TYR P 962 -127.94 -181.72 105.91
N SER P 963 -128.85 -182.64 105.76
CA SER P 963 -128.59 -183.73 104.89
C SER P 963 -128.67 -183.20 103.47
N GLN P 964 -128.03 -183.95 102.57
CA GLN P 964 -128.08 -183.59 101.18
C GLN P 964 -129.53 -183.64 100.75
N GLN P 965 -130.24 -184.62 101.25
CA GLN P 965 -131.63 -184.69 100.90
C GLN P 965 -132.38 -183.45 101.29
N GLN P 966 -132.14 -182.97 102.49
CA GLN P 966 -132.84 -181.78 102.87
C GLN P 966 -132.55 -180.69 101.85
N LEU P 967 -131.27 -180.44 101.68
CA LEU P 967 -130.81 -179.41 100.76
C LEU P 967 -131.42 -179.54 99.41
N MET P 968 -131.47 -180.77 99.01
CA MET P 968 -131.99 -181.04 97.72
C MET P 968 -133.46 -180.80 97.63
N GLU P 969 -134.15 -181.01 98.72
CA GLU P 969 -135.59 -180.85 98.69
C GLU P 969 -136.10 -179.50 99.07
N THR P 970 -135.27 -178.62 99.58
CA THR P 970 -135.67 -177.27 99.97
C THR P 970 -135.32 -176.22 98.94
N SER P 971 -136.24 -175.31 98.67
CA SER P 971 -135.99 -174.28 97.67
C SER P 971 -135.42 -173.00 98.23
N HIS P 972 -135.61 -172.73 99.50
CA HIS P 972 -135.07 -171.50 99.99
C HIS P 972 -134.33 -171.77 101.23
N ARG P 973 -133.27 -171.01 101.38
CA ARG P 973 -132.45 -171.20 102.53
C ARG P 973 -133.21 -171.05 103.83
N HIS P 974 -134.10 -170.07 103.85
CA HIS P 974 -134.84 -169.79 105.05
C HIS P 974 -135.67 -170.97 105.53
N LEU P 975 -135.88 -171.94 104.67
CA LEU P 975 -136.65 -173.10 105.10
C LEU P 975 -135.85 -174.27 105.62
N LEU P 976 -134.57 -174.09 105.77
CA LEU P 976 -133.90 -175.25 106.26
C LEU P 976 -133.89 -175.23 107.75
N HIS P 977 -133.95 -176.41 108.27
CA HIS P 977 -133.92 -176.56 109.67
C HIS P 977 -132.83 -177.55 109.99
N ALA P 978 -132.06 -177.23 111.01
CA ALA P 978 -131.00 -178.13 111.39
C ALA P 978 -131.54 -179.49 111.73
N GLU P 979 -130.78 -180.52 111.39
CA GLU P 979 -131.18 -181.85 111.69
C GLU P 979 -130.55 -182.25 113.01
N GLU P 980 -130.95 -183.42 113.47
CA GLU P 980 -130.53 -183.94 114.73
C GLU P 980 -129.06 -183.90 115.11
N GLY P 981 -128.15 -184.41 114.31
CA GLY P 981 -126.80 -184.33 114.81
C GLY P 981 -125.98 -183.55 113.84
N THR P 982 -124.87 -184.13 113.44
CA THR P 982 -124.03 -183.53 112.45
C THR P 982 -123.86 -184.43 111.25
N TRP P 983 -124.15 -183.89 110.09
CA TRP P 983 -123.98 -184.62 108.85
C TRP P 983 -122.59 -184.45 108.30
N LEU P 984 -122.01 -185.60 107.98
CA LEU P 984 -120.67 -185.57 107.48
C LEU P 984 -120.46 -186.34 106.20
N ASN P 985 -119.91 -185.61 105.24
CA ASN P 985 -119.56 -186.19 103.97
C ASN P 985 -118.08 -186.13 103.73
N ILE P 986 -117.53 -187.33 103.55
CA ILE P 986 -116.14 -187.52 103.25
C ILE P 986 -115.98 -188.14 101.88
N ASP P 987 -115.39 -187.33 101.02
CA ASP P 987 -115.20 -187.73 99.67
C ASP P 987 -113.78 -188.06 99.31
N GLY P 988 -113.67 -189.19 98.61
CA GLY P 988 -112.40 -189.60 98.08
C GLY P 988 -112.24 -188.77 96.81
N PHE P 989 -113.35 -188.48 96.14
CA PHE P 989 -113.34 -187.70 94.94
C PHE P 989 -114.61 -186.98 94.76
N HIS P 990 -114.48 -185.83 94.11
CA HIS P 990 -115.63 -185.02 93.87
C HIS P 990 -115.55 -184.29 92.56
N MET P 991 -116.64 -184.31 91.81
CA MET P 991 -116.71 -183.66 90.52
C MET P 991 -116.55 -182.14 90.58
N GLY P 992 -116.15 -181.53 89.48
CA GLY P 992 -116.01 -180.09 89.49
C GLY P 992 -117.38 -179.43 89.53
N ILE P 993 -117.42 -178.10 89.64
CA ILE P 993 -118.68 -177.40 89.71
C ILE P 993 -119.04 -176.64 88.45
N GLY P 994 -118.05 -176.36 87.62
CA GLY P 994 -118.29 -175.68 86.37
C GLY P 994 -118.67 -174.23 86.58
N GLY P 995 -119.29 -173.67 85.55
CA GLY P 995 -119.72 -172.30 85.64
C GLY P 995 -119.50 -171.48 84.38
N ASP P 996 -118.85 -172.06 83.38
CA ASP P 996 -118.62 -171.30 82.16
C ASP P 996 -119.89 -170.59 81.72
N ASP P 997 -121.01 -171.26 82.02
CA ASP P 997 -122.36 -170.78 81.84
C ASP P 997 -123.24 -171.62 82.69
N SER P 998 -124.46 -171.15 82.92
CA SER P 998 -125.36 -171.90 83.78
C SER P 998 -126.54 -172.48 83.05
N TRP P 999 -126.43 -172.67 81.74
CA TRP P 999 -127.56 -173.26 81.06
C TRP P 999 -127.19 -174.38 80.12
N SER P 1000 -125.99 -174.91 80.36
CA SER P 1000 -125.38 -176.02 79.66
C SER P 1000 -124.32 -176.59 80.56
N PRO P 1001 -123.93 -177.78 80.21
CA PRO P 1001 -122.92 -178.47 80.98
C PRO P 1001 -121.61 -177.75 80.80
N SER P 1002 -121.05 -177.31 81.91
CA SER P 1002 -119.85 -176.53 81.87
C SER P 1002 -118.68 -177.11 82.63
N VAL P 1003 -118.81 -178.32 83.15
CA VAL P 1003 -117.67 -178.89 83.88
C VAL P 1003 -116.66 -179.52 82.92
N SER P 1004 -115.40 -179.09 82.96
CA SER P 1004 -114.47 -179.73 82.06
C SER P 1004 -114.08 -181.12 82.40
N ALA P 1005 -113.81 -181.80 81.31
CA ALA P 1005 -113.41 -183.17 81.38
C ALA P 1005 -112.42 -183.43 82.47
N GLU P 1006 -111.40 -182.59 82.62
CA GLU P 1006 -110.47 -182.90 83.71
C GLU P 1006 -111.16 -182.95 85.01
N PHE P 1007 -112.37 -182.42 85.11
CA PHE P 1007 -112.98 -182.49 86.40
C PHE P 1007 -114.07 -183.45 86.55
N GLN P 1008 -114.23 -184.33 85.58
CA GLN P 1008 -115.25 -185.33 85.67
C GLN P 1008 -114.67 -186.61 86.21
N LEU P 1009 -115.49 -187.34 86.97
CA LEU P 1009 -115.04 -188.61 87.58
C LEU P 1009 -115.25 -189.69 86.55
N SER P 1010 -114.35 -189.71 85.62
CA SER P 1010 -114.47 -190.63 84.52
C SER P 1010 -113.49 -191.80 84.53
N ALA P 1011 -112.68 -191.92 85.56
CA ALA P 1011 -111.68 -192.97 85.62
C ALA P 1011 -112.18 -194.40 85.63
N GLY P 1012 -113.37 -194.65 86.08
CA GLY P 1012 -113.81 -196.03 86.10
C GLY P 1012 -113.42 -196.74 87.38
N ARG P 1013 -112.24 -196.45 87.87
CA ARG P 1013 -111.88 -197.10 89.09
C ARG P 1013 -111.30 -196.12 90.04
N TYR P 1014 -111.74 -196.19 91.28
CA TYR P 1014 -111.24 -195.29 92.29
C TYR P 1014 -110.88 -195.98 93.58
N HIS P 1015 -109.87 -195.45 94.22
CA HIS P 1015 -109.38 -195.98 95.45
C HIS P 1015 -109.14 -194.91 96.50
N TYR P 1016 -109.48 -195.22 97.74
CA TYR P 1016 -109.18 -194.30 98.82
C TYR P 1016 -109.17 -194.97 100.17
N GLN P 1017 -108.43 -194.36 101.08
CA GLN P 1017 -108.24 -194.89 102.41
C GLN P 1017 -108.39 -193.89 103.49
N LEU P 1018 -108.75 -194.41 104.62
CA LEU P 1018 -109.01 -193.53 105.68
C LEU P 1018 -108.78 -194.08 107.04
N VAL P 1019 -108.53 -193.16 107.94
CA VAL P 1019 -108.34 -193.56 109.31
C VAL P 1019 -109.18 -192.82 110.31
N TRP P 1020 -109.87 -193.59 111.13
CA TRP P 1020 -110.75 -192.99 112.08
C TRP P 1020 -110.41 -193.37 113.53
N CME P 1021 -110.37 -192.39 114.38
CA CME P 1021 -110.13 -192.54 115.81
CB CME P 1021 -108.67 -192.53 116.15
SG CME P 1021 -107.75 -192.28 114.64
SD CME P 1021 -106.37 -191.01 115.28
CE CME P 1021 -107.40 -190.24 116.55
CZ CME P 1021 -107.01 -190.66 117.97
OH CME P 1021 -106.87 -189.49 118.76
C CME P 1021 -110.70 -191.45 116.67
O CME P 1021 -111.14 -190.42 116.20
N GLN P 1022 -110.65 -191.77 117.96
CA GLN P 1022 -111.12 -190.95 118.99
C GLN P 1022 -110.05 -190.59 119.95
N LYS P 1023 -110.30 -189.51 120.69
CA LYS P 1023 -109.38 -189.01 121.69
C LYS P 1023 -110.12 -188.99 123.03
C2 BGC Q . 101.34 195.27 -51.04
C3 BGC Q . 99.99 194.60 -50.70
C4 BGC Q . 100.03 193.10 -50.98
C5 BGC Q . 101.28 192.43 -50.41
C6 BGC Q . 101.46 191.04 -50.91
C1 BGC Q . 102.48 194.49 -50.38
O1 BGC Q . 103.68 195.04 -50.82
O2 BGC Q . 101.30 196.61 -50.64
O3 BGC Q . 98.98 195.24 -51.43
O4 BGC Q . 98.85 192.50 -50.35
O5 BGC Q . 102.46 193.13 -50.82
O6 BGC Q . 101.31 190.11 -49.86
C1 2FG Q . 97.68 192.42 -51.12
C2 2FG Q . 96.81 191.40 -50.42
F2 2FG Q . 97.52 190.21 -50.43
C3 2FG Q . 95.40 191.28 -51.01
O3 2FG Q . 94.64 190.28 -50.30
C4 2FG Q . 94.79 192.66 -50.89
O4 2FG Q . 94.68 192.99 -49.49
C5 2FG Q . 95.71 193.66 -51.63
O5 2FG Q . 97.05 193.68 -51.10
C6 2FG Q . 95.15 195.05 -51.58
O6 2FG Q . 94.05 195.19 -52.46
C2 BGC R . 101.81 159.30 -90.63
C3 BGC R . 103.08 158.79 -89.92
C4 BGC R . 102.94 158.94 -88.40
C5 BGC R . 101.62 158.42 -87.87
C6 BGC R . 101.37 158.81 -86.46
C1 BGC R . 100.56 158.68 -90.01
O1 BGC R . 99.46 159.25 -90.59
O2 BGC R . 101.92 159.01 -92.01
O3 BGC R . 104.19 159.50 -90.42
O4 BGC R . 104.03 158.17 -87.80
O5 BGC R . 100.53 158.98 -88.62
O6 BGC R . 101.38 157.66 -85.62
C1 2FG R . 105.26 158.83 -87.56
C2 2FG R . 105.99 157.99 -86.56
F2 2FG R . 105.20 157.94 -85.41
C3 2FG R . 107.43 158.45 -86.29
O3 2FG R . 108.06 157.59 -85.31
C4 2FG R . 108.13 158.40 -87.63
O4 2FG R . 108.16 157.04 -88.08
C5 2FG R . 107.34 159.30 -88.62
O5 2FG R . 105.97 158.87 -88.77
C6 2FG R . 107.99 159.33 -89.97
O6 2FG R . 109.16 160.14 -89.94
C2 BGC S . 109.72 116.00 -48.22
C3 BGC S . 108.48 116.37 -49.07
C4 BGC S . 108.08 117.84 -48.85
C5 BGC S . 109.28 118.79 -48.93
C6 BGC S . 108.96 120.16 -48.44
C1 BGC S . 110.82 117.04 -48.43
O1 BGC S . 111.85 116.73 -47.56
O2 BGC S . 110.12 114.70 -48.57
O3 BGC S . 107.43 115.50 -48.75
O4 BGC S . 107.13 118.20 -49.89
O5 BGC S . 110.34 118.33 -48.08
O6 BGC S . 109.00 121.09 -49.51
C1 2FG S . 105.77 117.99 -49.63
C2 2FG S . 105.01 118.83 -50.62
F2 2FG S . 105.39 120.15 -50.39
C3 2FG S . 103.51 118.62 -50.61
O3 2FG S . 102.86 119.46 -51.59
C4 2FG S . 103.29 117.15 -50.90
O4 2FG S . 103.77 116.88 -52.23
C5 2FG S . 104.06 116.33 -49.84
O5 2FG S . 105.47 116.63 -49.83
C6 2FG S . 103.88 114.85 -50.04
O6 2FG S . 102.59 114.45 -49.63
C2 BGC T . 87.56 149.29 -12.73
C3 BGC T . 88.86 150.09 -12.95
C4 BGC T . 89.34 150.00 -14.40
C5 BGC T . 88.21 150.26 -15.40
C6 BGC T . 88.59 149.89 -16.79
C1 BGC T . 86.53 149.67 -13.80
O1 BGC T . 85.43 148.84 -13.66
O2 BGC T . 87.08 149.52 -11.43
O3 BGC T . 89.83 149.62 -12.04
O4 BGC T . 90.37 151.02 -14.58
O5 BGC T . 87.08 149.43 -15.10
O6 BGC T . 88.67 151.05 -17.60
C1 2FG T . 91.71 150.65 -14.32
C2 2FG T . 92.56 151.68 -15.01
F2 2FG T . 92.26 151.61 -16.37
C3 2FG T . 94.04 151.56 -14.71
O3 2FG T . 94.79 152.58 -15.41
C4 2FG T . 94.18 151.69 -13.21
O4 2FG T . 93.74 153.00 -12.82
C5 2FG T . 93.30 150.59 -12.54
O5 2FG T . 91.91 150.69 -12.93
C6 2FG T . 93.40 150.63 -11.05
O6 2FG T . 94.63 150.10 -10.62
C2 BGC U . -47.36 -52.80 59.35
C3 BGC U . -46.02 -52.07 59.09
C4 BGC U . -45.59 -52.25 57.63
C5 BGC U . -46.71 -51.98 56.64
C6 BGC U . -46.38 -52.41 55.26
C1 BGC U . -48.38 -52.40 58.29
O1 BGC U . -49.53 -53.16 58.48
O2 BGC U . -47.79 -52.48 60.66
O3 BGC U . -45.06 -52.56 60.00
O4 BGC U . -44.49 -51.30 57.39
O5 BGC U . -47.87 -52.72 57.00
O6 BGC U . -46.25 -51.29 54.40
C1 2FG U . -43.17 -51.74 57.64
C2 2FG U . -42.28 -50.79 56.90
F2 2FG U . -42.61 -50.89 55.55
C3 2FG U . -40.79 -50.98 57.17
O3 2FG U . -40.01 -50.03 56.42
C4 2FG U . -40.63 -50.81 58.67
O4 2FG U . -40.98 -49.45 59.01
C5 2FG U . -41.55 -51.82 59.39
O5 2FG U . -42.95 -51.65 59.02
C6 2FG U . -41.42 -51.73 60.87
O6 2FG U . -40.21 -52.32 61.31
C2 BGC V . -27.71 -88.64 24.88
C3 BGC V . -28.95 -88.23 24.03
C4 BGC V . -29.25 -86.73 24.20
C5 BGC V . -28.00 -85.87 24.07
C6 BGC V . -28.24 -84.46 24.50
C1 BGC V . -26.56 -87.68 24.61
O1 BGC V . -25.53 -88.00 25.48
O2 BGC V . -27.39 -89.97 24.58
O3 BGC V . -30.04 -89.03 24.41
O4 BGC V . -30.21 -86.37 23.16
O5 BGC V . -26.96 -86.35 24.92
O6 BGC V . -28.16 -83.58 23.40
C1 2FG V . -31.58 -86.49 23.45
C2 2FG V . -32.29 -85.66 22.43
F2 2FG V . -31.84 -84.35 22.59
C3 2FG V . -33.81 -85.77 22.46
O3 2FG V . -34.42 -84.93 21.45
C4 2FG V . -34.11 -87.24 22.23
O4 2FG V . -33.65 -87.60 20.92
C5 2FG V . -33.37 -88.06 23.31
O5 2FG V . -31.94 -87.84 23.29
C6 2FG V . -33.64 -89.53 23.18
O6 2FG V . -34.95 -89.84 23.62
C2 BGC W . -34.23 -46.52 -19.08
C3 BGC W . -32.96 -47.06 -18.37
C4 BGC W . -33.06 -46.86 -16.85
C5 BGC W . -34.40 -47.30 -16.29
C6 BGC W . -34.62 -46.85 -14.88
C1 BGC W . -35.48 -47.08 -18.40
O1 BGC W . -36.58 -46.47 -18.98
O2 BGC W . -34.15 -46.86 -20.44
O3 BGC W . -31.84 -46.43 -18.92
O4 BGC W . -32.00 -47.66 -16.24
O5 BGC W . -35.48 -46.71 -17.02
O6 BGC W . -34.62 -47.96 -14.01
C1 2FG W . -30.74 -47.04 -16.05
C2 2FG W . -30.02 -47.88 -15.04
F2 2FG W . -30.79 -47.85 -13.88
C3 2FG W . -28.57 -47.48 -14.80
O3 2FG W . -27.96 -48.33 -13.81
C4 2FG W . -27.89 -47.60 -16.15
O4 2FG W . -27.93 -48.98 -16.56
C5 2FG W . -28.65 -46.71 -17.16
O5 2FG W . -30.06 -47.07 -17.28
C6 2FG W . -28.03 -46.75 -18.52
O6 2FG W . -26.84 -46.00 -18.54
C2 BGC X . -32.22 -9.09 19.19
C3 BGC X . -33.60 -9.68 19.58
C4 BGC X . -33.63 -11.19 19.35
C5 BGC X . -32.40 -11.89 19.91
C6 BGC X . -32.29 -13.31 19.46
C1 BGC X . -31.10 -9.88 19.84
O1 BGC X . -29.90 -9.41 19.36
O2 BGC X . -32.20 -7.73 19.54
O3 BGC X . -34.61 -9.00 18.84
O4 BGC X . -34.82 -11.71 20.02
O5 BGC X . -31.20 -11.25 19.45
O6 BGC X . -32.47 -14.19 20.54
C1 2FG X . -36.02 -11.76 19.29
C2 2FG X . -36.92 -12.70 20.03
F2 2FG X . -36.26 -13.94 20.05
C3 2FG X . -38.34 -12.79 19.48
O3 2FG X . -39.13 -13.73 20.24
C4 2FG X . -38.89 -11.38 19.57
O4 2FG X . -38.95 -11.00 20.95
C5 2FG X . -37.95 -10.45 18.78
O5 2FG X . -36.59 -10.47 19.28
C6 2FG X . -38.44 -9.03 18.78
O6 2FG X . -39.55 -8.88 17.92
C2 BGC Y . 17.04 79.18 -30.26
C3 BGC Y . 16.44 77.82 -30.70
C4 BGC Y . 17.50 76.72 -30.65
C5 BGC Y . 18.30 76.72 -29.35
C6 BGC Y . 19.50 75.85 -29.41
C1 BGC Y . 17.79 79.02 -28.94
O1 BGC Y . 18.42 80.21 -28.66
O2 BGC Y . 16.00 80.13 -30.18
O3 BGC Y . 15.88 77.97 -31.98
O4 BGC Y . 16.79 75.44 -30.77
O5 BGC Y . 18.81 78.04 -29.08
O6 BGC Y . 19.35 74.75 -28.54
C1 2FG Y . 16.59 74.92 -32.06
C2 2FG Y . 16.28 73.47 -31.88
F2 2FG Y . 17.40 72.90 -31.27
C3 2FG Y . 15.85 72.74 -33.16
O3 2FG Y . 15.59 71.35 -32.90
C4 2FG Y . 14.63 73.49 -33.65
O4 2FG Y . 13.59 73.33 -32.68
C5 2FG Y . 14.99 74.97 -33.85
O5 2FG Y . 15.48 75.58 -32.62
C6 2FG Y . 13.84 75.77 -34.37
O6 2FG Y . 13.62 75.49 -35.74
C2 BGC Z . 60.58 60.80 -55.29
C3 BGC Z . 61.21 60.91 -53.88
C4 BGC Z . 60.18 60.56 -52.80
C5 BGC Z . 59.42 59.28 -53.11
C6 BGC Z . 58.24 59.09 -52.21
C1 BGC Z . 59.86 59.46 -55.44
O1 BGC Z . 59.21 59.47 -56.66
O2 BGC Z . 61.59 60.99 -56.25
O3 BGC Z . 61.73 62.20 -53.72
O4 BGC Z . 60.92 60.38 -51.55
O5 BGC Z . 58.88 59.33 -54.43
O6 BGC Z . 58.44 57.97 -51.37
C1 2FG Z . 61.12 61.51 -50.73
C2 2FG Z . 61.48 60.99 -49.37
F2 2FG Z . 60.39 60.22 -48.94
C3 2FG Z . 61.89 62.06 -48.37
O3 2FG Z . 62.21 61.47 -47.09
C4 2FG Z . 63.08 62.75 -48.99
O4 2FG Z . 64.15 61.80 -49.11
C5 2FG Z . 62.67 63.29 -50.38
O5 2FG Z . 62.20 62.25 -51.26
C6 2FG Z . 63.80 64.03 -51.04
O6 2FG Z . 63.99 65.30 -50.45
C2 BGC AA . 66.21 19.47 -10.42
C3 BGC AA . 65.75 19.33 -11.89
C4 BGC AA . 64.56 20.23 -12.19
C5 BGC AA . 64.76 21.66 -11.68
C6 BGC AA . 63.50 22.46 -11.71
C1 BGC AA . 66.38 20.95 -10.07
O1 BGC AA . 66.66 21.05 -8.71
O2 BGC AA . 67.39 18.74 -10.24
O3 BGC AA . 65.47 17.98 -12.13
O4 BGC AA . 64.39 20.27 -13.63
O5 BGC AA . 65.15 21.64 -10.30
O6 BGC AA . 63.60 23.50 -12.65
C1 2FG AA . 63.56 19.30 -14.23
C2 2FG AA . 63.21 19.82 -15.59
F2 2FG AA . 62.54 21.03 -15.39
C3 2FG AA . 62.45 18.84 -16.47
O3 2FG AA . 62.14 19.42 -17.75
C4 2FG AA . 63.33 17.62 -16.59
O4 2FG AA . 64.54 18.01 -17.27
C5 2FG AA . 63.64 17.10 -15.16
O5 2FG AA . 64.29 18.11 -14.34
C6 2FG AA . 64.51 15.87 -15.19
O6 2FG AA . 63.75 14.75 -15.59
C2 BGC BA . 13.83 25.22 -1.36
C3 BGC BA . 14.24 26.61 -0.85
C4 BGC BA . 15.41 27.17 -1.69
C5 BGC BA . 15.18 27.03 -3.18
C6 BGC BA . 16.41 27.29 -3.98
C1 BGC BA . 13.62 25.24 -2.87
O1 BGC BA . 13.37 23.95 -3.29
O2 BGC BA . 12.67 24.82 -0.66
O3 BGC BA . 14.57 26.53 0.51
O4 BGC BA . 15.53 28.59 -1.36
O5 BGC BA . 14.82 25.67 -3.51
O6 BGC BA . 16.25 28.48 -4.75
C1 2FG BA . 16.38 28.95 -0.30
C2 2FG BA . 16.68 30.41 -0.47
F2 2FG BA . 17.32 30.55 -1.70
C3 2FG BA . 17.45 31.04 0.68
O3 2FG BA . 17.71 32.43 0.43
C4 2FG BA . 16.60 30.83 1.91
O4 2FG BA . 15.36 31.54 1.74
C5 2FG BA . 16.34 29.31 2.07
O5 2FG BA . 15.68 28.74 0.91
C6 2FG BA . 15.52 29.01 3.29
O6 2FG BA . 16.30 29.14 4.45
C2 BGC CA . -123.92 -117.65 46.08
C3 BGC CA . -124.62 -118.98 45.73
C4 BGC CA . -123.66 -120.16 45.83
C5 BGC CA . -122.86 -120.14 47.13
C6 BGC CA . -121.73 -121.12 47.13
C1 BGC CA . -123.17 -117.79 47.41
O1 BGC CA . -122.46 -116.63 47.63
O2 BGC CA . -124.88 -116.62 46.10
O3 BGC CA . -125.17 -118.86 44.44
O4 BGC CA . -124.46 -121.39 45.79
O5 BGC CA . -122.24 -118.86 47.32
O6 BGC CA . -121.96 -122.14 48.06
C1 2FG CA . -124.71 -121.95 44.53
C2 2FG CA . -125.14 -123.37 44.80
F2 2FG CA . -124.06 -123.99 45.45
C3 2FG CA . -125.62 -124.13 43.56
O3 2FG CA . -125.99 -125.48 43.90
C4 2FG CA . -126.78 -123.33 43.03
O4 2FG CA . -127.83 -123.34 44.01
C5 2FG CA . -126.30 -121.89 42.75
O5 2FG CA . -125.76 -121.24 43.94
C6 2FG CA . -127.40 -121.04 42.18
O6 2FG CA . -127.64 -121.37 40.83
C2 BGC DA . -82.40 -141.11 21.81
C3 BGC DA . -81.72 -140.98 23.19
C4 BGC DA . -82.74 -141.17 24.32
C5 BGC DA . -83.63 -142.38 24.10
C6 BGC DA . -84.79 -142.41 25.04
C1 BGC DA . -83.23 -142.39 21.76
O1 BGC DA . -83.92 -142.40 20.55
O2 BGC DA . -81.41 -141.08 20.82
O3 BGC DA . -81.08 -139.74 23.27
O4 BGC DA . -81.99 -141.34 25.56
O5 BGC DA . -84.21 -142.36 22.80
O6 BGC DA . -84.68 -143.49 25.95
C1 2FG DA . -81.67 -140.18 26.30
C2 2FG DA . -81.33 -140.65 27.68
F2 2FG DA . -82.46 -141.29 28.18
C3 2FG DA . -80.79 -139.57 28.61
O3 2FG DA . -80.49 -140.11 29.91
C4 2FG DA . -79.55 -139.03 27.92
O4 2FG DA . -78.58 -140.08 27.84
C5 2FG DA . -79.95 -138.54 26.51
O5 2FG DA . -80.54 -139.58 25.71
C6 2FG DA . -78.79 -137.96 25.78
O6 2FG DA . -78.46 -136.68 26.29
C2 BGC EA . -79.45 -179.78 69.33
C3 BGC EA . -79.95 -179.99 67.89
C4 BGC EA . -81.08 -179.01 67.55
C5 BGC EA . -80.74 -177.57 67.95
C6 BGC EA . -81.92 -176.67 67.89
C1 BGC EA . -79.15 -178.31 69.57
O1 BGC EA . -78.82 -178.14 70.90
O2 BGC EA . -78.33 -180.61 69.54
O3 BGC EA . -80.37 -181.33 67.74
O4 BGC EA . -81.28 -179.06 66.10
O5 BGC EA . -80.31 -177.52 69.32
O6 BGC EA . -81.75 -175.71 66.86
C1 2FG EA . -82.21 -179.99 65.60
C2 2FG EA . -82.55 -179.54 64.21
F2 2FG EA . -83.10 -178.26 64.33
C3 2FG EA . -83.42 -180.50 63.42
O3 2FG EA . -83.70 -179.98 62.10
C4 2FG EA . -82.63 -181.80 63.37
O4 2FG EA . -81.43 -181.57 62.63
C5 2FG EA . -82.34 -182.24 64.82
O5 2FG EA . -81.58 -181.24 65.55
C6 2FG EA . -81.59 -183.54 64.86
O6 2FG EA . -82.46 -184.62 64.56
C2 BGC FA . -130.95 -169.14 78.57
C3 BGC FA . -130.43 -167.75 78.96
C4 BGC FA . -129.22 -167.35 78.08
C5 BGC FA . -129.49 -167.58 76.60
C6 BGC FA . -128.25 -167.47 75.77
C1 BGC FA . -131.17 -169.21 77.07
O1 BGC FA . -131.52 -170.52 76.74
O2 BGC FA . -132.12 -169.40 79.31
O3 BGC FA . -130.09 -167.76 80.33
O4 BGC FA . -128.99 -165.92 78.30
O5 BGC FA . -129.96 -168.93 76.38
O6 BGC FA . -128.34 -166.35 74.92
C1 2FG FA . -128.12 -165.55 79.33
C2 2FG FA . -127.71 -164.13 79.04
F2 2FG FA . -127.08 -164.14 77.80
C3 2FG FA . -126.87 -163.48 80.14
O3 2FG FA . -126.53 -162.12 79.78
C4 2FG FA . -127.73 -163.54 81.39
O4 2FG FA . -128.91 -162.73 81.17
C5 2FG FA . -128.10 -165.01 81.66
O5 2FG FA . -128.80 -165.61 80.55
C6 2FG FA . -128.92 -165.16 82.90
O6 2FG FA . -128.12 -165.00 84.06
MG MG GA . 95.47 192.27 -45.87
MG MG HA . 91.53 190.02 -23.95
NA NA IA . 92.39 196.59 -51.02
NA NA JA . 89.54 172.88 -64.69
MG MG KA . 107.06 153.44 -87.77
MG MG LA . 109.22 131.17 -87.33
NA NA MA . 110.81 158.70 -91.37
NA NA NA . 112.90 169.93 -66.33
MG MG OA . 105.69 117.92 -55.31
MG MG PA . 109.81 120.39 -77.18
NA NA QA . 101.93 112.80 -51.55
NA NA RA . 89.12 134.63 -40.76
MG MG SA . 92.07 156.28 -13.64
MG MG TA . 89.30 178.49 -13.99
NA NA UA . 95.28 151.79 -8.73
NA NA VA . 108.91 142.57 -30.79
MG MG WA . -42.48 -46.11 58.09
MG MG XA . -44.00 -23.81 56.93
NA NA YA . -39.43 -50.60 63.12
NA NA ZA . -26.81 -61.42 41.19
MG MG AB . -31.72 -86.79 17.77
MG MG BB . -27.79 -85.45 -4.23
NA NA CB . -35.71 -91.53 21.79
NA NA DB . -47.13 -68.58 31.81
MG MG EB . -29.18 -52.52 -16.10
MG MG FB . -28.01 -74.84 -14.93
NA NA GB . -25.29 -47.56 -19.95
NA NA HB . -22.19 -35.59 4.64
MG MG IB . -38.10 -11.62 24.58
MG MG JB . -41.62 -12.96 46.64
NA NA KB . -41.10 -7.35 19.35
NA NA LB . -45.36 -31.35 6.58
MG MG MB . 12.42 72.28 -29.25
MG MG NB . -0.94 62.73 -14.03
NA NA OB . 11.02 75.35 -35.82
NA NA PB . 30.84 58.35 -44.49
MG MG QB . 65.43 58.25 -48.97
MG MG RB . 79.42 41.56 -43.81
NA NA SB . 66.59 65.41 -50.35
NA NA TB . 47.10 69.04 -31.25
MG MG UB . 66.82 20.66 -18.68
MG MG VB . 80.31 30.47 -33.61
NA NA WB . 65.41 13.56 -17.21
NA NA XB . 39.18 21.39 -20.05
MG MG YB . 12.97 33.49 -0.43
MG MG ZB . -1.21 49.94 -5.88
NA NA AC . 14.63 30.35 6.05
NA NA BC . 40.52 35.91 -1.44
MG MG CC . -129.07 -124.10 47.50
MG MG DC . -143.08 -131.64 63.24
NA NA EC . -130.25 -121.32 40.76
NA NA FC . -111.86 -140.31 33.11
MG MG GC . -77.63 -143.73 28.18
MG MG HC . -65.11 -161.32 34.06
NA NA IC . -75.85 -136.79 26.32
NA NA JC . -94.39 -130.21 45.56
MG MG KC . -78.96 -179.24 60.99
MG MG LC . -65.04 -171.74 45.14
NA NA MC . -80.94 -186.07 63.00
NA NA NC . -106.45 -176.13 60.12
MG MG OC . -131.18 -160.79 78.88
MG MG PC . -144.16 -143.78 72.28
NA NA QC . -129.68 -163.55 85.57
NA NA RC . -103.54 -160.51 77.50
#